data_3J8H
#
_entry.id   3J8H
#
_cell.length_a   1.000
_cell.length_b   1.000
_cell.length_c   1.000
_cell.angle_alpha   90.00
_cell.angle_beta   90.00
_cell.angle_gamma   90.00
#
_symmetry.space_group_name_H-M   'P 1'
#
loop_
_entity.id
_entity.type
_entity.pdbx_description
1 polymer 'Ryanodine receptor 1'
2 polymer 'Peptidyl-prolyl cis-trans isomerase FKBP1A'
3 non-polymer 'ZINC ION'
#
loop_
_entity_poly.entity_id
_entity_poly.type
_entity_poly.pdbx_seq_one_letter_code
_entity_poly.pdbx_strand_id
1 'polypeptide(L)'
;MGDGGEGEDEVQFLRTDDEVVLQCSATVLKEQLKLCLAAEGFGNRLCFLEPTSNAQNVPPDLAICCFTLEQSLSVRALQE
MLANTVEAGVESSQGGGHRTLLYGHAILLRHAHSRMYLSCLTTSRSMTDKLAFDVGLQEDATGEACWWTMHPASKQRSEG
EKVRVGDDLILVSVSSERYLHLSTASGELQVDASFMQTLWNMNPICSCCEEGYVTGGHVLRLFHGHMDECLTISAADSDD
QRRLVYYEGGAVCTHARSLWRLEPLRISWSGSHLRWGQPLRIRHVTTGRYLALTEDQGLVVVDACKAHTKATSFCFRVSK
EKLDTAPKRDVEGMGPPEIKYGESLCFVQHVASGLWLTYAAPDPKALRLGVLKKKAILHQEGHMDDALFLTRCQQEESQA
ARMIHSTAGLYNQFIKGLDSFSGKPRGSGPPAGPALPIEAVILSLQDLIGYFEPPSEELQHEEKQSKLRSLRNRQSLFQE
EGMLSLVLNCIDRLNVYTTAAHFAEYAGEEAAESWKEIVNLLYELLASLIRGNRANCALFSTNLDWVVSKLDRLEASSGI
LEVLYCVLIESPEVLNIIQENHIKSIISLLDKHGRNHKVLDVLCSLCVCNGVAVRSNQDLITENLLPGRELLLQTNLINY
VTSIRPNIFVGRAEGSTQYGKWYFEVMVDEVVPFLTAQATHLRVGWALTEGYSPYPGGGEGWGGNGVGDDLYSYGFDGLH
LWTGHVARPVTSPGQHLLAPEDVVSCCLDLSVPSISFRINGCPVQGVFEAFNLDGLFFPVVSFSAGVKVRFLLGGRHGEF
KFLPPPGYAPCHEAVLPRERLRLEPIKEYRREGPRGPHLVGPSRCLSHTDFVPCPVDTVQIVLPPHLERIREKLAENIHE
LWALTRIEQGWTYGPVRDDNKRLHPCLVNFHSLPEPERNYNLQMSGETLKTLLALGCHVGMADEKAEDNLKKTKLPKTYM
MSNGYKPAPLDLSHVRLTPAQTTLVDRLAENGHNVWARDRVAQGWSYSAVQDIPARRNPRLVPYRLLDEATKRSNRDSLC
QAVRTLLGYGYNIEPPDQEPSQVENQSRWDRVRIFRAEKSYTVQSGRWYFEFEAVTTGEMRVGWARPELRPDVELGADEL
AYVFNGHRGQRWHLGSEPFGRPWQSGDVVGCMIDLTENTIIFTLNGEVLMSDSGSETAFREIEIGDGFLPVCSLGPGQVG
HLNLGQDVSSLRFFAICGLQEGFEPFAINMQRPVTTWFSKSLPQFEPVPPEHPHYEVARMDGTVDTPPCLRLAHRTWGSQ
NSLVEMLFLRLSLPVQFHQHFRCTAGATPLAPPGLQPPAEDEARAAEPDPDYENLRRSAGGWGEAEGGKEGTAKEGTPGG
TPQPGVEAQPVRAENEKDATTEKNKKRGFLFKAKKAAMMTQPPATPALPRLPHDVVPADNRDDPEIILNTTTYYYSVRVF
AGQEPSCVWVGWVTPDYHQHDMNFDLSKVRAVTVTMGDEQGNVHSSLKCSN(UNK)(UNK)(UNK)(UNK)(UNK)SHTD
LVIGCLVDLATGLMTFTANGKESNTFFQVEPNTKLFPAVFVLPTHQNVIQFELGKQKNIMPLSAAMFLSERKNPAPQCPP
RLEVQMLMPVSWSRMPNHFLQVETRRAGERLGWAVQCQDPLTMMALHIPEENRCMDILELSERLDLQRFHSHTLRLYRAV
CALGNNRVAHALCSHVDQAQLLHALEDAHLPGPLRAGYYDLLISIHLESACRSRRSMLSEYIVPLTPETRAITLFPPGRK
GGNARRHGLPGVGVTTSLRPPHHFSPPCFVAALPAAGVAEAPARLSPAIPLEALRDKALRMLGEAVRDGGQHARDPVGGS
VEFQFVPVLKLVSTLLVMGIFGDEDVKQILKMIEPEVFTEEEEEEEEEEEEEEEEEEDEEEKEEDEEEEEKEDAEKEEEE
APEGEKEDLEEGLLQMKLPESVKLQMCNLLEYFCDQELQHRVESLAAFAERYVDKLQANQRSR(UNK)(UNK)(UNK)
(UNK)(UNK)(UNK)(UNK)(UNK)(UNK)(UNK)(UNK)(UNK)(UNK)(UNK)(UNK)TSLSSRLRSLLETVRLVKKK
EEKPEEELPAEEKKPQSLQELVSHMVVRWAQEDYVQSPELVRAMFSLLHRQYDGLGELLRALPRAYTISPSSVEDTMSLL
ECLGQIRSLLIVQMGPQEENLMIQSIGNIMNNKVFYQHPNLMRALGMHETVMEVMVNVLGGGETKEIRFPKMVTSCCRFL
CYFCRISRQNQRSMFDHLSYLLENSGIGLGMQGSTPLDVAAASVIDNNELALALQEQDLEKVVSYLAGCGLQSCPMLLAK
GYPDIGWNPCGGERYLDFLRFAVFVNGESVEENANVVVRLLIRKPECFGPALRGEGGSGLLAAIEEAIRISEDPARDGPG
VRRDRRREHFGEEPPEENRVHLGHAIMSFYAALIDLLGRCAPEMHLIQAGKGEALRIRAILRSL(UNK)(UNK)(UNK)
(UNK)(UNK)(UNK)(UNK)(UNK)(UNK)(UNK)(UNK)(UNK)(UNK)(UNK)FVPDHKASMVLFLDRVYGIENQDFL
LHVLDVGFLPDMRAAASLDTATFSTTEMALALNRYLCLAVLPLI(UNK)(UNK)(UNK)(UNK)(UNK)(UNK)(UNK)
(UNK)(UNK)(UNK)(UNK)(UNK)(UNK)(UNK)(UNK)(UNK)(UNK)(UNK)(UNK)(UNK)(UNK)(UNK)(UNK)
(UNK)(UNK)(UNK)(UNK)(UNK)(UNK)(UNK)(UNK)(UNK)(UNK)(UNK)(UNK)(UNK)(UNK)(UNK)(UNK)
(UNK)(UNK)(UNK)(UNK)(UNK)(UNK)(UNK)(UNK)(UNK)(UNK)(UNK)(UNK)(UNK)(UNK)(UNK)(UNK)
(UNK)(UNK)(UNK)(UNK)(UNK)(UNK)(UNK)(UNK)(UNK)(UNK)(UNK)(UNK)(UNK)(UNK)(UNK)(UNK)
(UNK)(UNK)(UNK)(UNK)(UNK)(UNK)(UNK)(UNK)(UNK)(UNK)(UNK)(UNK)(UNK)(UNK)(UNK)(UNK)
(UNK)(UNK)(UNK)(UNK)(UNK)(UNK)(UNK)(UNK)(UNK)(UNK)(UNK)(UNK)(UNK)(UNK)(UNK)(UNK)
(UNK)(UNK)(UNK)(UNK)(UNK)(UNK)(UNK)(UNK)(UNK)(UNK)(UNK)(UNK)(UNK)(UNK)(UNK)(UNK)
(UNK)(UNK)(UNK)(UNK)(UNK)NFDPRPVETLNVIIPEKLDSFINKFAEYTHEKWAFDKIQNNWSYGENVDEELKTH
PMLRPYKTFSEKDKEIYRWPIKESLKAMIAWEWTIEKAREGEEERTEKKKTRKISQTAQTYDPREGYNPQPPDLSGVTLS
RELQAMAEQLAENYHNTWGRKKKQELEAKGGGTHPLLVPYDTLTAKEKARDREKAQELLKFLQMNGYAVTRG(UNK)
(UNK)(UNK)(UNK)(UNK)(UNK)(UNK)(UNK)(UNK)(UNK)(UNK)(UNK)(UNK)(UNK)(UNK)(UNK)(UNK)
(UNK)(UNK)(UNK)(UNK)(UNK)(UNK)(UNK)(UNK)(UNK)(UNK)(UNK)(UNK)(UNK)(UNK)(UNK)(UNK)
(UNK)(UNK)(UNK)(UNK)(UNK)(UNK)(UNK)(UNK)(UNK)(UNK)(UNK)(UNK)(UNK)(UNK)(UNK)(UNK)
(UNK)(UNK)(UNK)(UNK)(UNK)(UNK)(UNK)(UNK)(UNK)(UNK)(UNK)(UNK)(UNK)(UNK)(UNK)(UNK)
(UNK)(UNK)(UNK)(UNK)(UNK)(UNK)(UNK)(UNK)(UNK)(UNK)(UNK)(UNK)(UNK)(UNK)(UNK)(UNK)
(UNK)(UNK)(UNK)(UNK)(UNK)(UNK)(UNK)(UNK)(UNK)(UNK)(UNK)(UNK)(UNK)(UNK)(UNK)(UNK)
(UNK)(UNK)(UNK)(UNK)(UNK)(UNK)(UNK)(UNK)(UNK)(UNK)(UNK)(UNK)(UNK)(UNK)(UNK)(UNK)
(UNK)(UNK)(UNK)(UNK)(UNK)(UNK)(UNK)(UNK)(UNK)(UNK)(UNK)(UNK)(UNK)(UNK)(UNK)(UNK)
(UNK)(UNK)(UNK)(UNK)(UNK)(UNK)(UNK)(UNK)(UNK)(UNK)(UNK)(UNK)(UNK)(UNK)(UNK)(UNK)
(UNK)(UNK)(UNK)(UNK)(UNK)(UNK)(UNK)(UNK)(UNK)(UNK)(UNK)(UNK)(UNK)(UNK)(UNK)(UNK)
(UNK)(UNK)(UNK)(UNK)(UNK)(UNK)(UNK)(UNK)(UNK)(UNK)(UNK)(UNK)(UNK)(UNK)(UNK)(UNK)
(UNK)(UNK)(UNK)(UNK)(UNK)(UNK)(UNK)(UNK)(UNK)(UNK)(UNK)(UNK)(UNK)(UNK)(UNK)(UNK)
(UNK)(UNK)(UNK)(UNK)(UNK)(UNK)(UNK)(UNK)(UNK)(UNK)(UNK)(UNK)(UNK)(UNK)(UNK)(UNK)
(UNK)(UNK)(UNK)(UNK)(UNK)(UNK)(UNK)(UNK)(UNK)(UNK)(UNK)(UNK)(UNK)(UNK)(UNK)(UNK)
(UNK)(UNK)(UNK)(UNK)(UNK)(UNK)(UNK)(UNK)(UNK)(UNK)(UNK)(UNK)(UNK)(UNK)(UNK)(UNK)
(UNK)(UNK)(UNK)(UNK)(UNK)(UNK)(UNK)(UNK)(UNK)(UNK)(UNK)(UNK)(UNK)(UNK)(UNK)(UNK)
(UNK)(UNK)(UNK)(UNK)(UNK)(UNK)(UNK)(UNK)(UNK)(UNK)(UNK)(UNK)(UNK)(UNK)(UNK)(UNK)
(UNK)(UNK)(UNK)(UNK)(UNK)(UNK)(UNK)(UNK)(UNK)(UNK)(UNK)(UNK)(UNK)(UNK)(UNK)(UNK)
(UNK)(UNK)(UNK)(UNK)(UNK)(UNK)(UNK)(UNK)(UNK)(UNK)(UNK)(UNK)(UNK)(UNK)(UNK)(UNK)
(UNK)(UNK)(UNK)(UNK)(UNK)(UNK)(UNK)(UNK)(UNK)(UNK)(UNK)(UNK)(UNK)(UNK)(UNK)(UNK)
(UNK)(UNK)(UNK)(UNK)(UNK)(UNK)(UNK)(UNK)(UNK)(UNK)(UNK)(UNK)(UNK)(UNK)(UNK)(UNK)
(UNK)(UNK)(UNK)(UNK)(UNK)(UNK)(UNK)(UNK)(UNK)(UNK)(UNK)(UNK)(UNK)(UNK)(UNK)(UNK)
(UNK)(UNK)(UNK)(UNK)(UNK)(UNK)(UNK)(UNK)(UNK)(UNK)(UNK)(UNK)(UNK)(UNK)(UNK)(UNK)
(UNK)(UNK)(UNK)(UNK)(UNK)(UNK)(UNK)(UNK)(UNK)(UNK)(UNK)(UNK)(UNK)(UNK)(UNK)(UNK)
(UNK)(UNK)(UNK)(UNK)(UNK)(UNK)(UNK)(UNK)(UNK)(UNK)(UNK)(UNK)(UNK)(UNK)(UNK)(UNK)
(UNK)(UNK)(UNK)(UNK)(UNK)(UNK)(UNK)(UNK)(UNK)PTHRACNMFLESYKAAWILTEDHSFEDRMIDDLSK
AGEQEEEEEEVEEKKPDPLHQLVLHFSRTALTEKSKLDEDYLYMAYADIMAKSCHLEEGGENGEAEEEEVEVSFEEKEME
KQRLLYQQSRLHTRGAAEMVLQMISACKGETGAMVSSTLKLGISILNGGNAEVQQKMLDYLKDKKEVGFFQSIQALMQTC
SVLDLNAFERQNKAEGLGMVNEDGTVINRQNGEKVMADDEFTQDLFRFLQLLCEGHNNDFQNYLRTQTGNTTTINIIICT
VDYLLRLQESISDFYWYYSGKDVIEEQGKRNFSKAMSVAKQVFNSLTEYIQGPCTGNQQSLAHSRLWDAVVGFLHVFAHM
MMKLAQDSSQIELLKELLDLQKDMVVMLLSLLEGNVVNGMIARQMVDMLVESSSNVEMILKFFDMFLKLKDIVGSEAFQD
YVTDPRGLISKKDFQKAMDSQKQFTGPEIQFLLSCSEADENEMINFEEFANRFQEPARDIGFNVAVLLTNLSEHVPHDPR
LRNFLELAESILEYFRPYLGRIEIMGASRRIERIYFEISETNRAQWEMPQVKESKRQFIFDVVNEGGEAEKMELFVSFCE
DTIFEMQIAAQISEPEGEPEADEDEGMGEAAAEGAEEGAAGAEGAAGTVAAGATARLAAAAARALRGLSYRSLRRRVRRL
RRLTAREAATALAALLWAVVARAGAAGAGAAAGALRLLWGSLFGGGLVEGAKKVTVTELLAGMPDPTSDEVHGEQPAGPG
GDADGAGEGEGEGDAAEGDGDEEVAGHEAGPGGAEGVVAVADGGPFRPEGAGGLGDMGDTTPAEPPTPEGSPILKRKLGV
DGEEEELVPEPEPEPEPEPEKADEENGEKEEVPEAPPEPPKKAPPSPPAKKEEAGGAGMEFWGELEVQRVKFLNYLSRNF
YTLRFLALFLAFAINFILLFYKVSDSPPGEDDMEGSAAGDLAGAGSGGGSGWGSGAGEEAEGDEDENMVYYFLEESTGYM
EPALWCLSLLHTLVAFLCIIGYNCLKVPLVIFKREKELARKLEFDGLYITEQPGDDDVKGQWDRLVLNTPSFPSNYWDKF
VKRKVLDKHGDIFGRERIAELLGMDLASLEITAHNERKPDPPPGLLTWLMSIDVKYQIWKFGVIFTDNSFLYLGWYMVMS
LLGHYNNFFFAAHLLDIAMGVKTLRTILSSVTHNGKQLVMTVGLLAVVVYLYTVVAFNFFRKFYNKSEDEDEPDMKCDDM
MTCYLFHMYVGVRAGGGIGDEIEDPAGDEYELYRVVFDITFFFFVIVILLAIIQGLIIDAFGELRDQQEQVKEDMETKCF
ICGIGSDYFDTTPHGFETHTLEEHNLANYMFFLMYLINKDETEHTGQESYVWKMYQERCWDFFPAGDCFRKQYEDQLS
;
A,C,E,G
2 'polypeptide(L)'
;GVQVETISPGDGRTFPKRGQTCVVHYTGMLEDGKKFDSSRDRNKPFKFMLGKQEVIRGWEEGVAQMSVGQRAKLTISPDY
AYGATGHPGIIPPHATLVFDVELLKLE
;
B,D,F,H
#
loop_
_chem_comp.id
_chem_comp.type
_chem_comp.name
_chem_comp.formula
ZN non-polymer 'ZINC ION' 'Zn 2'
#
# COMPACT_ATOMS: atom_id res chain seq x y z
N GLN A 12 -6.32 29.70 6.65
CA GLN A 12 -7.77 29.89 6.54
C GLN A 12 -8.19 31.32 6.87
N PHE A 13 -8.05 31.70 8.14
CA PHE A 13 -8.49 33.03 8.56
C PHE A 13 -7.45 33.77 9.39
N LEU A 14 -7.40 35.08 9.22
CA LEU A 14 -6.57 35.93 10.07
C LEU A 14 -7.24 36.17 11.41
N ARG A 15 -6.43 36.37 12.45
CA ARG A 15 -6.92 36.44 13.82
C ARG A 15 -6.09 37.42 14.65
N THR A 16 -6.55 37.72 15.84
CA THR A 16 -5.84 38.64 16.72
C THR A 16 -4.45 38.08 17.04
N ASP A 17 -3.46 38.98 17.08
CA ASP A 17 -2.06 38.65 17.31
C ASP A 17 -1.44 37.78 16.21
N ASP A 18 -2.16 37.59 15.10
CA ASP A 18 -1.52 37.03 13.93
C ASP A 18 -0.53 38.03 13.36
N GLU A 19 0.61 37.56 12.88
CA GLU A 19 1.58 38.45 12.30
C GLU A 19 1.47 38.42 10.77
N VAL A 20 1.27 39.59 10.17
CA VAL A 20 0.98 39.70 8.75
C VAL A 20 1.62 40.93 8.13
N VAL A 21 2.21 40.78 6.95
CA VAL A 21 2.60 41.95 6.19
C VAL A 21 1.39 42.54 5.48
N LEU A 22 1.37 43.86 5.33
CA LEU A 22 0.52 44.47 4.32
C LEU A 22 1.20 44.31 2.97
N GLN A 23 0.41 44.24 1.91
CA GLN A 23 0.99 44.10 0.58
C GLN A 23 0.02 44.58 -0.48
N CYS A 24 0.54 45.07 -1.59
CA CYS A 24 -0.33 45.52 -2.67
C CYS A 24 0.28 45.21 -4.02
N SER A 25 -0.56 44.84 -4.97
CA SER A 25 -0.13 44.66 -6.34
C SER A 25 0.31 46.02 -6.90
N ALA A 26 1.37 46.02 -7.68
CA ALA A 26 1.92 47.26 -8.21
C ALA A 26 2.63 47.04 -9.52
N THR A 27 1.91 47.19 -10.62
CA THR A 27 2.52 47.08 -11.93
C THR A 27 3.55 48.19 -12.12
N VAL A 28 4.68 47.84 -12.72
CA VAL A 28 5.80 48.77 -12.90
C VAL A 28 6.51 48.48 -14.20
N LEU A 29 6.57 49.47 -15.08
CA LEU A 29 7.19 49.32 -16.40
C LEU A 29 6.60 48.13 -17.14
N LYS A 30 5.28 48.09 -17.19
CA LYS A 30 4.53 47.02 -17.87
C LYS A 30 4.86 45.63 -17.32
N GLU A 31 5.03 45.55 -16.01
CA GLU A 31 5.17 44.26 -15.33
C GLU A 31 4.77 44.38 -13.88
N GLN A 32 4.22 43.30 -13.33
CA GLN A 32 3.83 43.28 -11.92
C GLN A 32 5.05 43.41 -11.02
N LEU A 33 4.89 44.14 -9.90
CA LEU A 33 5.94 44.27 -8.93
C LEU A 33 5.30 44.48 -7.56
N LYS A 34 4.74 43.42 -7.01
CA LYS A 34 4.06 43.49 -5.72
C LYS A 34 5.03 43.89 -4.64
N LEU A 35 4.56 44.70 -3.70
CA LEU A 35 5.45 45.23 -2.68
C LEU A 35 4.75 45.40 -1.33
N CYS A 36 5.47 45.03 -0.27
CA CYS A 36 4.97 45.19 1.09
C CYS A 36 5.00 46.64 1.56
N LEU A 37 4.07 47.00 2.43
CA LEU A 37 4.20 48.21 3.22
C LEU A 37 5.33 48.02 4.22
N ALA A 38 6.14 49.05 4.46
CA ALA A 38 7.25 48.87 5.39
C ALA A 38 7.76 50.17 5.98
N ALA A 39 7.32 50.49 7.19
CA ALA A 39 7.99 51.48 8.01
C ALA A 39 9.32 50.90 8.49
N GLU A 40 10.34 51.73 8.59
CA GLU A 40 11.60 51.29 9.17
C GLU A 40 11.48 51.29 10.70
N GLY A 41 10.42 51.95 11.18
CA GLY A 41 10.22 52.09 12.61
C GLY A 41 10.92 53.31 13.17
N PHE A 42 11.92 53.06 14.02
CA PHE A 42 12.61 54.13 14.73
C PHE A 42 13.36 55.06 13.80
N GLY A 43 13.25 56.35 14.06
CA GLY A 43 14.06 57.34 13.39
C GLY A 43 13.50 57.67 12.03
N ASN A 44 12.44 56.98 11.66
CA ASN A 44 11.70 57.30 10.46
C ASN A 44 10.25 56.96 10.67
N ARG A 45 9.45 57.94 11.09
CA ARG A 45 8.05 57.70 11.42
C ARG A 45 7.27 57.21 10.21
N LEU A 46 7.57 57.76 9.04
CA LEU A 46 6.81 57.45 7.84
C LEU A 46 7.07 56.05 7.33
N CYS A 47 6.01 55.41 6.86
CA CYS A 47 6.14 54.13 6.18
C CYS A 47 6.67 54.32 4.78
N PHE A 48 7.34 53.31 4.23
CA PHE A 48 7.82 53.39 2.87
C PHE A 48 7.59 52.09 2.11
N LEU A 49 7.60 52.21 0.79
CA LEU A 49 7.38 51.07 -0.10
C LEU A 49 8.49 50.04 0.01
N GLU A 50 8.11 48.77 -0.08
CA GLU A 50 9.07 47.68 0.03
C GLU A 50 8.93 46.67 -1.09
N PRO A 51 9.53 46.97 -2.26
CA PRO A 51 9.43 46.00 -3.34
C PRO A 51 10.07 44.67 -2.93
N THR A 52 9.48 43.56 -3.36
CA THR A 52 9.88 42.24 -2.89
C THR A 52 9.71 41.18 -3.96
N SER A 53 9.12 41.55 -5.08
CA SER A 53 8.74 40.58 -6.10
C SER A 53 9.94 39.87 -6.71
N ASN A 54 11.08 40.53 -6.72
CA ASN A 54 12.30 39.91 -7.20
C ASN A 54 13.04 39.24 -6.05
N ALA A 55 12.39 38.26 -5.42
CA ALA A 55 13.04 37.51 -4.35
C ALA A 55 14.23 36.72 -4.89
N GLN A 56 14.15 36.35 -6.16
CA GLN A 56 15.17 35.53 -6.80
C GLN A 56 16.53 36.22 -6.92
N ASN A 57 16.53 37.55 -7.02
CA ASN A 57 17.77 38.26 -7.28
C ASN A 57 17.99 39.51 -6.44
N VAL A 58 16.90 40.16 -6.03
CA VAL A 58 17.00 41.37 -5.23
C VAL A 58 16.10 41.19 -4.01
N PRO A 59 16.59 40.40 -3.05
CA PRO A 59 15.82 39.91 -1.90
C PRO A 59 15.28 40.99 -0.98
N PRO A 60 14.08 40.77 -0.42
CA PRO A 60 13.29 41.65 0.47
C PRO A 60 13.92 41.98 1.82
N ASP A 61 13.69 43.19 2.29
CA ASP A 61 13.93 43.51 3.70
C ASP A 61 12.66 43.18 4.50
N LEU A 62 12.38 41.88 4.63
CA LEU A 62 11.12 41.41 5.20
C LEU A 62 11.03 41.62 6.71
N ALA A 63 12.17 41.89 7.34
CA ALA A 63 12.24 41.95 8.80
C ALA A 63 11.35 43.03 9.41
N ILE A 64 11.17 44.13 8.69
CA ILE A 64 10.32 45.22 9.14
C ILE A 64 8.89 45.14 8.62
N CYS A 65 8.70 44.40 7.53
CA CYS A 65 7.42 44.40 6.83
C CYS A 65 6.28 43.85 7.68
N CYS A 66 6.62 42.97 8.63
CA CYS A 66 5.62 42.30 9.46
C CYS A 66 4.89 43.25 10.42
N PHE A 67 3.59 42.98 10.61
CA PHE A 67 2.77 43.69 11.59
C PHE A 67 2.04 42.72 12.51
N THR A 68 1.80 43.13 13.75
CA THR A 68 1.00 42.31 14.65
C THR A 68 -0.39 42.93 14.83
N LEU A 69 -1.42 42.09 14.84
CA LEU A 69 -2.79 42.55 15.02
C LEU A 69 -3.16 42.64 16.50
N GLU A 70 -2.77 43.74 17.15
CA GLU A 70 -2.96 43.84 18.59
C GLU A 70 -4.43 43.82 19.03
N GLN A 71 -5.33 44.28 18.19
CA GLN A 71 -6.74 44.29 18.54
C GLN A 71 -7.64 44.55 17.35
N SER A 72 -8.85 43.97 17.38
CA SER A 72 -9.82 44.19 16.32
C SER A 72 -11.21 44.36 16.92
N LEU A 73 -11.95 45.34 16.41
CA LEU A 73 -13.24 45.71 17.00
C LEU A 73 -14.17 46.34 15.96
N SER A 74 -15.47 46.14 16.14
CA SER A 74 -16.48 46.78 15.31
C SER A 74 -16.41 48.28 15.53
N VAL A 75 -16.73 49.06 14.51
CA VAL A 75 -16.45 50.49 14.54
C VAL A 75 -17.18 51.19 15.67
N ARG A 76 -18.40 50.74 15.95
CA ARG A 76 -19.14 51.32 17.05
C ARG A 76 -18.48 50.92 18.37
N ALA A 77 -17.96 49.68 18.42
CA ALA A 77 -17.22 49.22 19.58
C ALA A 77 -15.94 50.02 19.71
N LEU A 78 -15.40 50.45 18.58
CA LEU A 78 -14.21 51.26 18.61
C LEU A 78 -14.50 52.62 19.20
N GLN A 79 -15.61 53.21 18.79
CA GLN A 79 -16.01 54.50 19.29
C GLN A 79 -16.21 54.35 20.80
N GLU A 80 -16.78 53.22 21.20
CA GLU A 80 -16.99 52.97 22.61
C GLU A 80 -15.68 52.83 23.39
N MET A 81 -14.66 52.29 22.74
CA MET A 81 -13.38 52.11 23.40
C MET A 81 -12.68 53.45 23.56
N LEU A 82 -12.68 54.22 22.48
CA LEU A 82 -12.05 55.52 22.43
C LEU A 82 -12.77 56.49 23.36
N ALA A 83 -14.06 56.23 23.59
CA ALA A 83 -14.83 57.04 24.51
C ALA A 83 -14.31 56.90 25.94
N ASN A 84 -13.68 55.77 26.22
CA ASN A 84 -13.15 55.50 27.55
C ASN A 84 -11.63 55.69 27.60
N GLY A 97 -7.16 34.41 23.46
CA GLY A 97 -7.98 35.58 23.22
C GLY A 97 -7.85 36.09 21.80
N HIS A 98 -7.57 35.18 20.87
CA HIS A 98 -7.43 35.55 19.47
C HIS A 98 -8.76 35.66 18.76
N ARG A 99 -9.45 36.78 18.94
CA ARG A 99 -10.69 36.99 18.22
C ARG A 99 -10.35 37.05 16.74
N THR A 100 -11.16 36.38 15.92
CA THR A 100 -10.96 36.38 14.49
C THR A 100 -11.22 37.78 13.94
N LEU A 101 -10.44 38.20 12.95
CA LEU A 101 -10.76 39.43 12.25
C LEU A 101 -12.10 39.29 11.54
N LEU A 102 -12.91 40.33 11.58
CA LEU A 102 -14.12 40.35 10.78
C LEU A 102 -14.11 41.62 9.96
N TYR A 103 -14.58 41.53 8.72
CA TYR A 103 -14.51 42.69 7.83
C TYR A 103 -15.33 43.84 8.37
N GLY A 104 -14.78 45.04 8.21
CA GLY A 104 -15.41 46.25 8.69
C GLY A 104 -15.07 46.56 10.13
N HIS A 105 -14.35 45.64 10.79
CA HIS A 105 -13.73 46.01 12.06
C HIS A 105 -12.53 46.92 11.88
N ALA A 106 -12.35 47.83 12.82
CA ALA A 106 -11.10 48.56 12.94
C ALA A 106 -10.05 47.64 13.54
N ILE A 107 -8.80 47.83 13.17
CA ILE A 107 -7.72 46.99 13.69
C ILE A 107 -6.49 47.81 14.08
N LEU A 108 -5.80 47.34 15.10
CA LEU A 108 -4.59 47.99 15.58
C LEU A 108 -3.33 47.28 15.07
N LEU A 109 -2.71 47.86 14.05
CA LEU A 109 -1.53 47.27 13.42
C LEU A 109 -0.20 47.69 14.08
N ARG A 110 0.24 46.93 15.07
CA ARG A 110 1.57 47.14 15.64
C ARG A 110 2.67 46.83 14.63
N HIS A 111 3.72 47.63 14.62
CA HIS A 111 4.89 47.29 13.82
C HIS A 111 5.54 46.08 14.48
N ALA A 112 6.01 45.10 13.71
CA ALA A 112 6.63 43.92 14.33
C ALA A 112 7.92 44.24 15.05
N HIS A 113 8.60 45.28 14.57
CA HIS A 113 9.90 45.68 15.09
C HIS A 113 9.81 46.75 16.16
N SER A 114 9.66 47.98 15.71
CA SER A 114 9.65 49.16 16.57
C SER A 114 8.47 49.10 17.52
N ARG A 115 7.46 48.34 17.11
CA ARG A 115 6.23 48.19 17.86
C ARG A 115 5.49 49.51 18.03
N MET A 116 5.87 50.51 17.24
CA MET A 116 5.02 51.67 17.07
C MET A 116 3.81 51.21 16.28
N TYR A 117 2.62 51.65 16.68
CA TYR A 117 1.40 51.30 15.97
C TYR A 117 1.29 52.03 14.65
N LEU A 118 0.75 51.37 13.62
CA LEU A 118 0.55 52.03 12.33
C LEU A 118 -0.55 53.09 12.44
N SER A 119 -0.39 54.21 11.74
CA SER A 119 -1.34 55.32 11.87
C SER A 119 -1.38 56.25 10.67
N CYS A 120 -2.44 57.05 10.58
CA CYS A 120 -2.52 58.10 9.55
C CYS A 120 -2.00 59.43 10.07
N LEU A 121 -0.71 59.69 9.86
CA LEU A 121 -0.08 60.92 10.33
C LEU A 121 -0.64 62.18 9.66
N THR A 122 -0.75 63.25 10.43
CA THR A 122 -1.31 64.51 9.96
C THR A 122 -0.44 65.24 8.92
N THR A 123 0.85 64.93 8.88
CA THR A 123 1.74 65.60 7.93
C THR A 123 1.39 65.31 6.47
N SER A 124 1.39 66.35 5.65
CA SER A 124 1.26 66.22 4.20
C SER A 124 2.57 65.78 3.54
N ARG A 125 2.47 65.06 2.43
CA ARG A 125 3.64 64.59 1.72
C ARG A 125 3.48 64.76 0.22
N LYS A 130 -2.46 65.83 -4.23
CA LYS A 130 -1.74 65.10 -3.19
C LYS A 130 -1.98 65.72 -1.82
N LEU A 131 -3.24 66.07 -1.55
CA LEU A 131 -3.63 66.64 -0.27
C LEU A 131 -3.78 65.54 0.79
N ALA A 132 -3.74 64.29 0.36
CA ALA A 132 -3.91 63.15 1.25
C ALA A 132 -2.82 63.06 2.30
N PHE A 133 -3.21 62.71 3.52
CA PHE A 133 -2.27 62.58 4.63
C PHE A 133 -1.27 61.44 4.44
N ASP A 134 -0.04 61.68 4.87
CA ASP A 134 0.97 60.63 4.91
C ASP A 134 0.63 59.56 5.93
N VAL A 135 0.84 58.31 5.54
CA VAL A 135 0.80 57.20 6.47
C VAL A 135 2.10 57.16 7.27
N GLY A 136 2.05 56.69 8.51
CA GLY A 136 3.25 56.51 9.30
C GLY A 136 2.97 56.02 10.70
N LEU A 137 4.02 55.61 11.40
CA LEU A 137 3.87 55.10 12.76
C LEU A 137 3.61 56.15 13.83
N GLN A 138 2.90 55.71 14.87
CA GLN A 138 2.65 56.49 16.07
C GLN A 138 3.14 55.70 17.27
N GLU A 139 3.63 56.39 18.30
CA GLU A 139 4.29 55.72 19.41
C GLU A 139 3.32 55.10 20.42
N ASP A 140 2.03 55.38 20.27
CA ASP A 140 1.05 54.86 21.21
C ASP A 140 -0.29 54.63 20.56
N ALA A 141 -1.06 53.71 21.13
CA ALA A 141 -2.35 53.30 20.59
C ALA A 141 -3.39 54.41 20.67
N THR A 142 -3.19 55.36 21.57
CA THR A 142 -4.19 56.38 21.82
C THR A 142 -4.46 57.19 20.56
N GLY A 143 -5.73 57.50 20.36
CA GLY A 143 -6.18 58.24 19.19
C GLY A 143 -6.70 57.34 18.10
N GLU A 144 -7.57 57.91 17.27
CA GLU A 144 -8.22 57.19 16.19
C GLU A 144 -7.28 56.75 15.08
N ALA A 145 -6.20 57.50 14.91
CA ALA A 145 -5.35 57.33 13.73
C ALA A 145 -4.71 55.95 13.67
N CYS A 146 -4.42 55.36 14.82
CA CYS A 146 -3.80 54.04 14.85
C CYS A 146 -4.71 52.96 14.30
N TRP A 147 -6.01 53.15 14.46
CA TRP A 147 -6.99 52.16 14.03
C TRP A 147 -7.18 52.15 12.51
N TRP A 148 -7.55 50.98 11.98
CA TRP A 148 -7.78 50.83 10.55
C TRP A 148 -8.94 49.87 10.28
N THR A 149 -10.11 50.41 9.94
CA THR A 149 -11.22 49.57 9.51
C THR A 149 -10.90 48.85 8.19
N MET A 150 -11.20 47.56 8.13
CA MET A 150 -11.12 46.81 6.89
C MET A 150 -12.33 47.01 5.98
N HIS A 151 -12.12 46.89 4.67
CA HIS A 151 -13.21 46.91 3.70
C HIS A 151 -12.92 46.05 2.49
N PRO A 152 -13.47 44.83 2.45
CA PRO A 152 -13.20 43.93 1.33
C PRO A 152 -13.68 44.52 0.01
N ALA A 153 -12.92 44.29 -1.06
CA ALA A 153 -13.21 44.93 -2.33
C ALA A 153 -14.34 44.25 -3.11
N SER A 154 -14.29 42.93 -3.15
CA SER A 154 -15.30 42.11 -3.80
C SER A 154 -16.65 42.20 -3.12
N LYS A 155 -17.70 42.29 -3.92
CA LYS A 155 -19.04 42.37 -3.38
C LYS A 155 -19.40 41.11 -2.60
N GLN A 156 -19.02 39.96 -3.14
CA GLN A 156 -19.48 38.69 -2.63
C GLN A 156 -19.03 38.47 -1.19
N ARG A 157 -17.80 38.84 -0.88
CA ARG A 157 -17.34 38.84 0.50
C ARG A 157 -18.16 39.89 1.25
N SER A 158 -18.53 39.60 2.50
CA SER A 158 -19.37 40.53 3.24
C SER A 158 -18.83 40.82 4.61
N GLU A 159 -19.17 42.00 5.11
CA GLU A 159 -18.73 42.47 6.42
C GLU A 159 -19.29 41.58 7.49
N GLY A 160 -18.49 41.32 8.52
CA GLY A 160 -18.85 40.37 9.56
C GLY A 160 -18.47 38.95 9.23
N GLU A 161 -17.72 38.79 8.14
CA GLU A 161 -17.25 37.48 7.68
C GLU A 161 -15.76 37.33 7.95
N LYS A 162 -15.39 36.20 8.54
CA LYS A 162 -14.04 35.99 9.04
C LYS A 162 -13.10 36.33 7.90
N VAL A 163 -12.00 37.01 8.19
CA VAL A 163 -11.13 37.47 7.10
C VAL A 163 -10.28 36.34 6.55
N ARG A 164 -10.52 35.99 5.29
CA ARG A 164 -9.81 34.92 4.61
C ARG A 164 -8.39 35.27 4.21
N VAL A 165 -7.51 34.28 4.27
CA VAL A 165 -6.10 34.46 3.92
C VAL A 165 -5.92 34.89 2.47
N GLY A 166 -5.03 35.85 2.25
CA GLY A 166 -4.62 36.22 0.90
C GLY A 166 -5.59 37.16 0.19
N ASP A 167 -6.66 37.53 0.86
CA ASP A 167 -7.70 38.33 0.21
C ASP A 167 -7.28 39.76 -0.12
N ASP A 168 -7.67 40.22 -1.30
CA ASP A 168 -7.67 41.64 -1.61
C ASP A 168 -8.57 42.31 -0.59
N LEU A 169 -8.13 43.43 -0.03
CA LEU A 169 -8.99 44.22 0.85
C LEU A 169 -8.47 45.64 1.01
N ILE A 170 -9.40 46.59 0.99
CA ILE A 170 -9.09 47.99 1.22
C ILE A 170 -8.90 48.24 2.72
N LEU A 171 -8.04 49.18 3.08
CA LEU A 171 -7.94 49.63 4.46
C LEU A 171 -8.32 51.10 4.60
N VAL A 172 -8.93 51.45 5.72
CA VAL A 172 -9.43 52.81 5.93
C VAL A 172 -9.09 53.32 7.33
N SER A 173 -8.42 54.47 7.42
CA SER A 173 -8.16 55.07 8.72
C SER A 173 -9.48 55.49 9.36
N VAL A 174 -9.62 55.19 10.65
CA VAL A 174 -10.80 55.63 11.38
C VAL A 174 -10.79 57.14 11.59
N SER A 175 -9.60 57.73 11.65
CA SER A 175 -9.49 59.14 12.00
C SER A 175 -9.66 60.04 10.80
N SER A 176 -8.80 59.85 9.81
CA SER A 176 -8.82 60.69 8.63
C SER A 176 -9.84 60.22 7.61
N GLU A 177 -10.46 59.07 7.87
CA GLU A 177 -11.46 58.49 6.96
C GLU A 177 -10.91 58.33 5.56
N ARG A 178 -9.61 58.11 5.47
CA ARG A 178 -8.95 58.00 4.19
C ARG A 178 -8.41 56.60 3.95
N TYR A 179 -8.63 56.12 2.73
CA TYR A 179 -8.24 54.78 2.32
C TYR A 179 -6.72 54.66 2.31
N LEU A 180 -6.19 53.53 2.78
CA LEU A 180 -4.77 53.27 2.66
C LEU A 180 -4.45 53.15 1.16
N HIS A 181 -3.32 53.69 0.71
CA HIS A 181 -3.12 53.85 -0.73
C HIS A 181 -1.69 53.86 -1.24
N LEU A 182 -1.50 53.28 -2.42
CA LEU A 182 -0.24 53.25 -3.13
C LEU A 182 -0.07 54.48 -4.04
N SER A 183 0.27 55.63 -3.46
CA SER A 183 0.46 56.82 -4.28
C SER A 183 1.67 56.68 -5.19
N THR A 184 1.57 57.21 -6.40
CA THR A 184 2.66 57.16 -7.36
C THR A 184 3.67 58.28 -7.09
N LEU A 189 7.02 54.96 -6.01
CA LEU A 189 5.70 54.76 -5.43
C LEU A 189 5.66 55.08 -3.94
N GLN A 190 4.67 55.88 -3.56
CA GLN A 190 4.55 56.44 -2.25
C GLN A 190 3.24 55.96 -1.66
N VAL A 191 3.31 55.65 -0.37
CA VAL A 191 2.12 55.15 0.30
C VAL A 191 1.59 56.24 1.19
N ASP A 192 0.25 56.48 1.14
CA ASP A 192 -0.42 57.60 1.79
C ASP A 192 -1.90 57.29 1.96
N ALA A 193 -2.57 58.03 2.83
CA ALA A 193 -4.00 57.86 3.01
C ALA A 193 -4.81 58.67 1.99
N SER A 194 -4.80 58.20 0.75
CA SER A 194 -5.52 58.86 -0.33
C SER A 194 -7.02 58.64 -0.29
N PHE A 195 -7.77 59.53 -0.91
CA PHE A 195 -9.17 59.29 -1.08
C PHE A 195 -9.27 58.03 -1.93
N MET A 196 -8.38 57.91 -2.90
CA MET A 196 -8.39 56.76 -3.78
C MET A 196 -8.32 55.47 -2.95
N GLN A 197 -9.02 54.43 -3.39
CA GLN A 197 -8.81 53.09 -2.84
C GLN A 197 -7.54 52.43 -3.36
N THR A 198 -6.98 51.52 -2.57
CA THR A 198 -5.96 50.61 -3.06
C THR A 198 -6.15 49.23 -2.44
N LEU A 199 -6.04 48.21 -3.28
CA LEU A 199 -6.13 46.83 -2.80
C LEU A 199 -4.94 46.56 -1.88
N TRP A 200 -5.17 45.79 -0.83
CA TRP A 200 -4.09 45.40 0.06
C TRP A 200 -4.22 43.96 0.51
N ASN A 201 -3.41 43.09 -0.08
CA ASN A 201 -3.29 41.74 0.44
C ASN A 201 -2.71 41.81 1.84
N MET A 202 -3.27 41.01 2.75
CA MET A 202 -2.77 40.98 4.11
C MET A 202 -2.21 39.59 4.34
N ASN A 203 -1.11 39.30 3.67
CA ASN A 203 -0.53 37.97 3.69
C ASN A 203 -0.06 37.60 5.08
N PRO A 204 -0.53 36.46 5.59
CA PRO A 204 -0.06 36.02 6.90
C PRO A 204 1.43 35.73 6.88
N ILE A 205 2.10 36.02 7.99
CA ILE A 205 3.49 35.64 8.14
C ILE A 205 3.55 34.48 9.09
N CYS A 206 2.82 34.59 10.19
CA CYS A 206 2.63 33.48 11.11
C CYS A 206 1.45 33.73 12.03
N SER A 207 0.82 32.65 12.47
CA SER A 207 -0.09 32.72 13.60
C SER A 207 0.76 32.51 14.84
N CYS A 208 0.15 32.11 15.95
CA CYS A 208 0.96 31.76 17.11
C CYS A 208 1.80 30.53 16.79
N CYS A 209 3.07 30.58 17.16
CA CYS A 209 3.95 29.43 17.01
C CYS A 209 3.69 28.40 18.11
N GLU A 210 3.93 27.13 17.80
CA GLU A 210 4.00 26.14 18.87
C GLU A 210 5.19 26.54 19.73
N GLU A 211 5.04 26.44 21.04
CA GLU A 211 6.01 27.04 21.95
C GLU A 211 7.38 26.37 21.89
N GLY A 212 8.43 27.20 21.91
CA GLY A 212 9.79 26.74 22.05
C GLY A 212 10.42 26.27 20.76
N TYR A 213 9.67 26.35 19.67
CA TYR A 213 10.16 25.90 18.37
C TYR A 213 10.66 27.06 17.53
N VAL A 214 11.74 26.85 16.79
CA VAL A 214 12.25 27.86 15.88
C VAL A 214 11.27 28.13 14.75
N THR A 215 11.12 29.39 14.40
CA THR A 215 10.32 29.79 13.26
C THR A 215 11.18 30.62 12.33
N GLY A 216 10.88 30.59 11.03
CA GLY A 216 11.61 31.44 10.11
C GLY A 216 11.24 32.87 10.39
N GLY A 217 12.18 33.77 10.15
CA GLY A 217 11.96 35.19 10.34
C GLY A 217 12.22 35.59 11.78
N HIS A 218 12.49 34.60 12.62
CA HIS A 218 12.95 34.85 13.96
C HIS A 218 14.38 35.35 13.92
N VAL A 219 14.77 36.15 14.90
CA VAL A 219 16.19 36.45 15.07
C VAL A 219 16.75 35.59 16.19
N LEU A 220 17.87 34.94 15.92
CA LEU A 220 18.46 34.02 16.88
C LEU A 220 19.94 33.76 16.61
N ARG A 221 20.65 33.42 17.68
CA ARG A 221 22.04 32.95 17.58
C ARG A 221 22.16 31.51 17.10
N LEU A 222 23.26 31.21 16.43
CA LEU A 222 23.52 29.87 15.92
C LEU A 222 24.67 29.21 16.67
N PHE A 223 24.38 28.67 17.85
CA PHE A 223 25.45 28.10 18.66
C PHE A 223 26.15 26.89 18.07
N HIS A 224 27.46 26.88 18.24
CA HIS A 224 28.33 25.84 17.72
C HIS A 224 28.41 24.62 18.64
N GLY A 225 27.90 24.76 19.85
CA GLY A 225 27.99 23.70 20.84
C GLY A 225 28.40 24.22 22.21
N GLU A 229 29.93 28.60 22.55
CA GLU A 229 30.40 29.09 21.26
C GLU A 229 29.23 29.24 20.28
N CYS A 230 29.31 30.24 19.42
CA CYS A 230 28.23 30.51 18.48
C CYS A 230 28.72 31.18 17.21
N LEU A 231 27.97 31.00 16.12
CA LEU A 231 28.30 31.61 14.84
C LEU A 231 28.22 33.13 14.94
N THR A 232 29.15 33.82 14.28
CA THR A 232 29.22 35.28 14.34
C THR A 232 30.10 35.84 13.23
N ILE A 233 30.09 37.16 13.04
CA ILE A 233 31.05 37.77 12.12
C ILE A 233 32.02 38.68 12.87
N SER A 234 32.95 39.28 12.12
CA SER A 234 34.03 40.07 12.69
C SER A 234 33.55 41.38 13.34
N ALA A 235 34.32 41.85 14.30
CA ALA A 235 34.02 43.08 15.03
C ALA A 235 34.07 44.31 14.14
N ALA A 236 33.31 45.32 14.50
CA ALA A 236 33.11 46.50 13.65
C ALA A 236 34.39 47.25 13.39
N ASP A 237 34.44 47.91 12.23
CA ASP A 237 35.64 48.57 11.72
C ASP A 237 36.75 47.56 11.50
N SER A 238 36.36 46.35 11.10
CA SER A 238 37.30 45.32 10.69
C SER A 238 37.94 45.66 9.35
N ASP A 239 39.16 45.17 9.16
CA ASP A 239 39.80 45.22 7.85
C ASP A 239 39.01 44.36 6.87
N ASP A 240 38.28 43.41 7.42
CA ASP A 240 37.44 42.49 6.65
C ASP A 240 36.31 43.20 5.93
N GLN A 241 35.98 44.39 6.43
CA GLN A 241 34.71 45.05 6.16
C GLN A 241 33.58 44.12 6.61
N ARG A 242 33.87 43.37 7.68
CA ARG A 242 32.89 42.50 8.31
C ARG A 242 32.25 41.51 7.35
N ARG A 243 33.02 41.07 6.35
CA ARG A 243 32.54 40.11 5.38
C ARG A 243 32.82 38.66 5.78
N LEU A 244 33.92 38.45 6.50
CA LEU A 244 34.33 37.11 6.91
C LEU A 244 33.46 36.53 8.02
N VAL A 245 33.31 35.22 8.02
CA VAL A 245 32.46 34.54 9.00
C VAL A 245 33.31 33.72 9.99
N TYR A 246 32.92 33.73 11.26
CA TYR A 246 33.68 33.06 12.32
C TYR A 246 32.79 32.34 13.32
N TYR A 247 33.02 31.06 13.58
CA TYR A 247 32.55 30.48 14.82
C TYR A 247 33.32 31.13 15.95
N GLU A 248 32.67 31.46 17.06
CA GLU A 248 33.42 32.02 18.18
C GLU A 248 32.68 31.92 19.51
N GLY A 249 33.43 31.63 20.57
CA GLY A 249 32.90 31.63 21.92
C GLY A 249 33.14 32.94 22.63
N GLY A 250 32.97 32.92 23.95
CA GLY A 250 33.21 34.11 24.75
C GLY A 250 32.16 35.20 24.64
N ALA A 251 32.60 36.45 24.82
CA ALA A 251 31.73 37.59 24.99
C ALA A 251 30.85 37.86 23.77
N VAL A 252 31.26 37.32 22.62
CA VAL A 252 30.49 37.48 21.40
C VAL A 252 29.11 36.85 21.57
N CYS A 253 29.01 35.90 22.49
CA CYS A 253 27.76 35.21 22.74
C CYS A 253 26.64 36.17 23.16
N THR A 254 27.01 37.24 23.84
CA THR A 254 26.04 38.28 24.18
C THR A 254 25.98 39.37 23.13
N HIS A 255 27.03 39.47 22.32
CA HIS A 255 27.12 40.53 21.32
C HIS A 255 26.07 40.40 20.24
N ALA A 256 25.59 41.55 19.76
CA ALA A 256 24.54 41.60 18.75
C ALA A 256 25.00 41.05 17.41
N ARG A 257 26.29 41.10 17.15
CA ARG A 257 26.85 40.59 15.90
C ARG A 257 26.62 39.09 15.77
N SER A 258 26.52 38.41 16.91
CA SER A 258 26.26 36.99 16.92
C SER A 258 24.90 36.64 16.32
N LEU A 259 23.96 37.58 16.39
CA LEU A 259 22.59 37.35 15.96
C LEU A 259 22.47 37.08 14.45
N TRP A 260 21.52 36.22 14.09
CA TRP A 260 21.22 35.98 12.67
C TRP A 260 19.71 35.90 12.49
N ARG A 261 19.21 36.50 11.42
CA ARG A 261 17.80 36.39 11.07
C ARG A 261 17.54 35.37 9.96
N LEU A 262 16.77 34.34 10.27
CA LEU A 262 16.36 33.38 9.26
C LEU A 262 15.39 34.02 8.26
N GLU A 263 15.58 33.73 6.99
CA GLU A 263 14.72 34.25 5.93
C GLU A 263 14.25 33.18 4.95
N PRO A 264 13.17 32.47 5.31
CA PRO A 264 12.67 31.45 4.39
C PRO A 264 12.25 32.08 3.07
N LEU A 265 12.45 31.37 1.98
CA LEU A 265 12.32 31.98 0.65
C LEU A 265 10.87 32.10 0.24
N ARG A 266 10.11 32.86 1.02
CA ARG A 266 8.71 33.13 0.75
C ARG A 266 8.35 34.48 1.34
N ILE A 267 7.48 35.23 0.69
CA ILE A 267 6.91 36.39 1.37
C ILE A 267 5.81 35.89 2.31
N SER A 268 4.97 35.00 1.79
CA SER A 268 3.93 34.38 2.61
C SER A 268 4.53 33.41 3.62
N TRP A 269 3.97 33.41 4.83
CA TRP A 269 4.30 32.44 5.86
C TRP A 269 5.78 32.23 6.13
N SER A 270 6.57 33.29 6.08
CA SER A 270 7.98 33.18 6.45
C SER A 270 8.08 32.85 7.94
N GLY A 271 7.06 33.25 8.70
CA GLY A 271 7.04 33.05 10.14
C GLY A 271 6.54 31.68 10.50
N SER A 272 6.21 30.90 9.48
CA SER A 272 5.79 29.52 9.67
C SER A 272 6.95 28.73 10.24
N HIS A 273 6.64 27.67 10.98
CA HIS A 273 7.69 26.92 11.67
C HIS A 273 8.70 26.45 10.66
N LEU A 274 9.98 26.60 11.00
CA LEU A 274 11.03 26.19 10.09
C LEU A 274 10.99 24.69 9.90
N ARG A 275 11.11 24.25 8.65
CA ARG A 275 11.10 22.83 8.34
C ARG A 275 12.49 22.37 7.94
N TRP A 276 12.82 21.12 8.25
CA TRP A 276 14.11 20.60 7.86
C TRP A 276 14.18 20.60 6.36
N GLY A 277 15.36 20.97 5.86
CA GLY A 277 15.68 20.87 4.45
C GLY A 277 15.12 21.94 3.53
N GLN A 278 14.33 22.86 4.05
CA GLN A 278 13.78 23.92 3.20
C GLN A 278 14.77 25.09 3.03
N PRO A 279 15.02 25.48 1.77
CA PRO A 279 16.01 26.52 1.46
C PRO A 279 15.64 27.88 2.05
N LEU A 280 16.64 28.65 2.46
CA LEU A 280 16.41 29.99 2.99
C LEU A 280 17.66 30.85 3.02
N ARG A 281 17.46 32.16 2.93
CA ARG A 281 18.54 33.11 3.17
C ARG A 281 18.83 33.21 4.66
N ILE A 282 20.08 33.48 5.03
CA ILE A 282 20.40 33.76 6.42
C ILE A 282 20.95 35.18 6.55
N ARG A 283 20.06 36.13 6.84
CA ARG A 283 20.45 37.51 7.02
C ARG A 283 21.35 37.69 8.23
N HIS A 284 22.44 38.44 8.10
CA HIS A 284 23.05 39.00 9.29
C HIS A 284 22.23 40.18 9.76
N VAL A 285 22.16 40.41 11.05
CA VAL A 285 21.29 41.47 11.54
C VAL A 285 21.98 42.84 11.54
N THR A 286 23.09 42.93 12.26
CA THR A 286 23.74 44.21 12.50
C THR A 286 24.33 44.91 11.27
N THR A 287 24.78 44.15 10.29
CA THR A 287 25.22 44.76 9.02
C THR A 287 24.09 44.77 8.03
N GLY A 288 23.21 43.77 8.17
CA GLY A 288 22.06 43.63 7.30
C GLY A 288 22.41 42.89 6.03
N ARG A 289 23.68 42.54 5.88
CA ARG A 289 24.13 41.75 4.75
C ARG A 289 23.67 40.30 4.87
N TYR A 290 23.39 39.66 3.74
CA TYR A 290 23.00 38.26 3.74
C TYR A 290 24.22 37.35 3.63
N LEU A 291 24.26 36.32 4.46
CA LEU A 291 25.30 35.30 4.35
C LEU A 291 25.16 34.55 3.02
N ALA A 292 26.28 34.30 2.34
CA ALA A 292 26.18 33.69 1.01
C ALA A 292 27.47 33.05 0.51
N LEU A 293 27.33 32.03 -0.32
CA LEU A 293 28.46 31.50 -1.07
C LEU A 293 28.94 32.52 -2.09
N THR A 294 30.25 32.60 -2.29
CA THR A 294 30.81 33.39 -3.37
C THR A 294 31.94 32.60 -4.01
N GLU A 295 31.85 32.37 -5.31
CA GLU A 295 32.87 31.57 -5.98
C GLU A 295 34.23 32.26 -5.91
N ASP A 296 34.20 33.59 -5.87
CA ASP A 296 35.42 34.38 -5.82
C ASP A 296 36.24 34.25 -4.53
N GLN A 297 35.57 33.96 -3.41
CA GLN A 297 36.24 34.10 -2.12
C GLN A 297 35.63 33.17 -1.06
N GLY A 298 35.06 32.05 -1.50
CA GLY A 298 34.46 31.10 -0.59
C GLY A 298 33.17 31.65 0.01
N LEU A 299 32.73 31.07 1.12
CA LEU A 299 31.60 31.62 1.86
C LEU A 299 31.94 32.99 2.45
N VAL A 300 31.03 33.94 2.31
CA VAL A 300 31.14 35.28 2.89
C VAL A 300 29.77 35.91 3.09
N VAL A 301 29.62 36.72 4.13
CA VAL A 301 28.47 37.58 4.25
C VAL A 301 28.62 38.69 3.21
N VAL A 302 27.52 39.16 2.62
CA VAL A 302 27.64 40.08 1.49
C VAL A 302 26.38 40.93 1.30
N ASP A 303 26.51 42.07 0.63
CA ASP A 303 25.41 43.02 0.46
C ASP A 303 24.23 42.40 -0.26
N ALA A 304 23.03 42.84 0.12
CA ALA A 304 21.80 42.20 -0.30
C ALA A 304 21.58 42.23 -1.81
N CYS A 305 22.02 43.30 -2.47
CA CYS A 305 21.88 43.38 -3.91
C CYS A 305 22.70 42.31 -4.63
N LYS A 306 23.85 41.98 -4.06
CA LYS A 306 24.67 40.89 -4.57
C LYS A 306 24.04 39.54 -4.28
N ALA A 307 23.21 39.50 -3.25
CA ALA A 307 22.70 38.23 -2.75
C ALA A 307 21.51 37.75 -3.58
N HIS A 308 21.76 37.38 -4.82
CA HIS A 308 20.76 36.68 -5.61
C HIS A 308 20.60 35.29 -5.01
N THR A 309 19.42 34.71 -5.15
CA THR A 309 19.02 33.57 -4.34
C THR A 309 19.92 32.35 -4.53
N LYS A 310 20.48 32.20 -5.73
CA LYS A 310 21.36 31.06 -5.98
C LYS A 310 22.65 31.15 -5.16
N ALA A 311 23.24 32.34 -5.10
CA ALA A 311 24.47 32.54 -4.34
C ALA A 311 24.27 32.39 -2.84
N THR A 312 23.06 32.71 -2.38
CA THR A 312 22.82 32.84 -0.96
C THR A 312 21.92 31.76 -0.35
N SER A 313 21.46 30.83 -1.17
CA SER A 313 20.54 29.81 -0.68
C SER A 313 21.20 28.90 0.35
N PHE A 314 20.49 28.64 1.44
CA PHE A 314 20.96 27.81 2.55
C PHE A 314 19.80 27.00 3.10
N CYS A 315 20.12 25.86 3.72
CA CYS A 315 19.09 25.06 4.36
C CYS A 315 19.66 24.21 5.47
N PHE A 316 18.90 24.09 6.55
CA PHE A 316 19.29 23.26 7.68
C PHE A 316 19.12 21.78 7.37
N ARG A 317 19.95 20.97 8.01
CA ARG A 317 19.91 19.53 7.80
C ARG A 317 20.09 18.80 9.13
N VAL A 318 19.39 17.69 9.30
CA VAL A 318 19.50 16.86 10.50
C VAL A 318 20.89 16.21 10.64
N SER A 319 21.52 15.92 9.51
CA SER A 319 22.76 15.15 9.49
C SER A 319 23.49 15.36 8.18
N LYS A 320 24.69 14.80 8.07
CA LYS A 320 25.53 14.99 6.90
C LYS A 320 25.06 14.19 5.68
N GLU A 321 24.08 13.32 5.90
CA GLU A 321 23.52 12.52 4.81
C GLU A 321 22.88 13.40 3.74
N LYS A 322 23.16 13.09 2.47
CA LYS A 322 22.55 13.78 1.35
C LYS A 322 21.05 13.50 1.25
N LEU A 323 20.65 12.33 1.76
CA LEU A 323 19.29 11.78 1.58
C LEU A 323 18.72 12.04 0.19
N LYS A 328 10.07 20.20 -0.77
CA LYS A 328 8.66 20.04 -1.06
C LYS A 328 7.95 21.38 -1.11
N ARG A 329 6.80 21.44 -1.79
CA ARG A 329 6.01 22.66 -1.88
C ARG A 329 5.51 23.05 -0.49
N ASP A 330 5.52 24.36 -0.23
CA ASP A 330 5.17 24.87 1.09
C ASP A 330 3.74 24.61 1.53
N VAL A 331 3.57 24.25 2.80
CA VAL A 331 2.26 24.28 3.44
C VAL A 331 1.84 25.73 3.60
N GLU A 332 0.56 26.03 3.35
CA GLU A 332 0.04 27.37 3.61
C GLU A 332 -0.45 27.47 5.04
N GLY A 333 0.49 27.52 5.97
CA GLY A 333 0.17 27.51 7.39
C GLY A 333 1.47 27.53 8.18
N MET A 334 1.38 27.36 9.49
CA MET A 334 2.56 27.43 10.32
C MET A 334 3.51 26.33 9.86
N GLY A 335 2.93 25.19 9.50
CA GLY A 335 3.70 24.01 9.18
C GLY A 335 3.83 23.16 10.42
N PRO A 336 4.33 21.92 10.27
CA PRO A 336 4.56 21.11 11.47
C PRO A 336 5.60 21.74 12.38
N PRO A 337 5.41 21.63 13.70
CA PRO A 337 6.46 22.01 14.65
C PRO A 337 7.68 21.14 14.48
N GLU A 338 8.88 21.68 14.66
CA GLU A 338 10.09 20.87 14.57
C GLU A 338 11.22 21.35 15.47
N ILE A 339 11.88 22.41 15.03
CA ILE A 339 13.19 22.77 15.57
C ILE A 339 13.08 23.51 16.89
N LYS A 340 13.30 22.79 17.98
CA LYS A 340 13.39 23.37 19.31
C LYS A 340 14.59 24.30 19.35
N TYR A 341 14.46 25.44 20.04
CA TYR A 341 15.65 26.22 20.33
C TYR A 341 16.51 25.36 21.25
N GLY A 342 17.81 25.32 20.99
CA GLY A 342 18.72 24.54 21.82
C GLY A 342 18.76 23.05 21.53
N GLU A 343 17.70 22.32 21.88
CA GLU A 343 17.72 20.87 21.79
C GLU A 343 17.76 20.32 20.37
N SER A 344 17.32 21.10 19.39
CA SER A 344 17.28 20.63 18.01
C SER A 344 18.56 20.96 17.23
N LEU A 345 19.49 20.01 17.18
CA LEU A 345 20.74 20.18 16.44
C LEU A 345 20.50 20.29 14.94
N CYS A 346 21.32 21.07 14.23
CA CYS A 346 21.11 21.30 12.80
C CYS A 346 22.40 21.53 12.01
N PHE A 347 22.31 21.30 10.70
CA PHE A 347 23.44 21.41 9.78
C PHE A 347 23.12 22.28 8.56
N VAL A 348 23.77 23.44 8.47
CA VAL A 348 23.62 24.31 7.31
C VAL A 348 24.17 23.68 6.04
N GLN A 349 23.48 23.89 4.92
CA GLN A 349 23.97 23.43 3.62
C GLN A 349 23.53 24.33 2.48
N HIS A 350 24.49 24.90 1.76
CA HIS A 350 24.17 25.74 0.61
C HIS A 350 23.51 24.89 -0.47
N VAL A 351 22.50 25.43 -1.13
CA VAL A 351 21.76 24.64 -2.11
C VAL A 351 22.43 24.56 -3.47
N ALA A 352 22.90 25.71 -3.97
CA ALA A 352 23.46 25.75 -5.32
C ALA A 352 24.73 24.93 -5.46
N SER A 353 25.54 24.86 -4.41
CA SER A 353 26.75 24.06 -4.44
C SER A 353 26.59 22.71 -3.77
N GLY A 354 25.71 22.66 -2.76
CA GLY A 354 25.53 21.46 -1.96
C GLY A 354 26.54 21.37 -0.84
N LEU A 355 27.43 22.35 -0.77
CA LEU A 355 28.49 22.35 0.23
C LEU A 355 27.95 22.50 1.64
N TRP A 356 28.51 21.72 2.56
CA TRP A 356 28.19 21.86 3.98
C TRP A 356 28.91 23.06 4.60
N LEU A 357 28.29 23.67 5.59
CA LEU A 357 28.93 24.73 6.36
C LEU A 357 30.09 24.18 7.19
N THR A 358 31.20 24.92 7.25
CA THR A 358 32.32 24.55 8.12
C THR A 358 33.30 25.69 8.38
N TYR A 359 34.52 25.33 8.76
CA TYR A 359 35.50 26.30 9.25
C TYR A 359 36.93 25.96 8.87
N ALA A 360 37.80 26.97 8.89
CA ALA A 360 39.22 26.77 8.64
C ALA A 360 39.93 26.26 9.88
N ALA A 361 40.78 27.11 10.45
CA ALA A 361 41.54 26.78 11.66
C ALA A 361 42.04 28.03 12.35
N VAL A 371 40.66 33.21 22.26
CA VAL A 371 41.60 33.58 21.21
C VAL A 371 41.15 33.01 19.86
N LEU A 372 40.38 31.93 19.90
CA LEU A 372 39.91 31.30 18.68
C LEU A 372 39.01 32.25 17.91
N LYS A 373 39.16 32.24 16.59
CA LYS A 373 38.45 33.17 15.72
C LYS A 373 38.49 32.54 14.34
N LYS A 374 38.15 31.25 14.29
CA LYS A 374 38.33 30.44 13.09
C LYS A 374 37.51 30.93 11.91
N LYS A 375 38.14 30.99 10.75
CA LYS A 375 37.47 31.42 9.52
C LYS A 375 36.45 30.37 9.11
N ALA A 376 35.29 30.80 8.64
CA ALA A 376 34.27 29.87 8.19
C ALA A 376 34.21 29.81 6.67
N ILE A 377 34.00 28.61 6.13
CA ILE A 377 33.87 28.38 4.70
C ILE A 377 32.94 27.22 4.41
N LEU A 378 32.33 27.22 3.23
CA LEU A 378 31.63 26.04 2.75
C LEU A 378 32.63 24.98 2.28
N HIS A 379 32.26 23.71 2.42
CA HIS A 379 33.15 22.60 2.07
C HIS A 379 32.36 21.31 1.92
N GLN A 380 32.85 20.40 1.06
CA GLN A 380 32.10 19.20 0.70
C GLN A 380 31.82 18.24 1.85
N GLU A 381 32.72 18.17 2.82
CA GLU A 381 32.59 17.16 3.86
C GLU A 381 32.06 17.74 5.16
N GLY A 382 32.90 18.50 5.85
CA GLY A 382 32.52 19.15 7.09
C GLY A 382 32.89 18.33 8.30
N HIS A 383 33.38 19.00 9.33
CA HIS A 383 33.77 18.36 10.58
C HIS A 383 32.54 18.00 11.42
N MET A 384 32.71 17.00 12.28
CA MET A 384 31.63 16.50 13.13
C MET A 384 31.11 17.55 14.12
N ASP A 385 31.93 18.55 14.43
CA ASP A 385 31.57 19.57 15.40
C ASP A 385 30.64 20.63 14.80
N ASP A 386 30.41 20.53 13.49
CA ASP A 386 29.65 21.52 12.75
C ASP A 386 28.17 21.46 13.07
N ALA A 387 27.78 20.46 13.84
CA ALA A 387 26.42 20.42 14.35
C ALA A 387 26.16 21.70 15.12
N LEU A 388 25.01 22.29 14.90
CA LEU A 388 24.70 23.60 15.45
C LEU A 388 23.35 23.54 16.13
N PHE A 389 23.16 24.31 17.19
CA PHE A 389 21.83 24.46 17.72
C PHE A 389 21.44 25.93 17.82
N LEU A 390 20.27 26.21 17.28
CA LEU A 390 19.71 27.55 17.27
C LEU A 390 19.27 27.93 18.67
N THR A 391 19.42 29.20 19.03
CA THR A 391 18.85 29.66 20.30
C THR A 391 18.35 31.09 20.16
N ARG A 392 17.14 31.31 20.68
CA ARG A 392 16.40 32.55 20.45
C ARG A 392 17.02 33.80 21.06
N CYS A 393 16.99 34.89 20.30
CA CYS A 393 17.34 36.21 20.79
C CYS A 393 16.24 36.80 21.68
N GLN A 394 16.64 37.65 22.63
CA GLN A 394 15.66 38.45 23.37
C GLN A 394 15.03 39.46 22.42
N GLN A 395 13.73 39.72 22.58
CA GLN A 395 13.04 40.63 21.69
C GLN A 395 13.60 42.05 21.77
N GLU A 396 13.98 42.45 22.98
CA GLU A 396 14.58 43.75 23.18
C GLU A 396 15.93 43.79 22.49
N GLU A 397 16.59 42.65 22.48
CA GLU A 397 17.93 42.56 21.95
C GLU A 397 17.92 42.57 20.43
N SER A 398 17.02 41.78 19.84
CA SER A 398 16.87 41.79 18.39
C SER A 398 16.38 43.13 17.89
N GLN A 399 15.52 43.78 18.67
CA GLN A 399 15.07 45.11 18.33
C GLN A 399 16.25 46.06 18.36
N ALA A 400 17.12 45.85 19.35
CA ALA A 400 18.29 46.69 19.51
C ALA A 400 19.23 46.52 18.34
N ALA A 401 19.28 45.30 17.81
CA ALA A 401 20.22 44.97 16.75
C ALA A 401 19.73 45.47 15.39
N ARG A 402 18.45 45.29 15.11
CA ARG A 402 17.90 45.82 13.89
C ARG A 402 18.03 47.33 13.90
N MET A 403 17.88 47.87 15.11
CA MET A 403 18.09 49.30 15.27
C MET A 403 19.56 49.63 15.03
N ILE A 404 20.46 48.72 15.36
CA ILE A 404 21.87 48.96 15.08
C ILE A 404 22.05 49.08 13.59
N HIS A 405 21.28 48.29 12.86
CA HIS A 405 21.39 48.33 11.42
C HIS A 405 20.89 49.63 10.83
N SER A 406 19.66 50.01 11.17
CA SER A 406 19.11 51.22 10.57
C SER A 406 19.89 52.45 11.00
N THR A 407 20.35 52.41 12.24
CA THR A 407 21.10 53.51 12.82
C THR A 407 22.45 53.67 12.14
N ALA A 408 23.15 52.56 12.01
CA ALA A 408 24.46 52.61 11.40
C ALA A 408 24.36 53.01 9.94
N GLY A 409 23.32 52.55 9.24
CA GLY A 409 23.23 52.88 7.83
C GLY A 409 22.89 54.34 7.64
N LEU A 410 22.04 54.84 8.53
CA LEU A 410 21.65 56.24 8.44
C LEU A 410 22.83 57.15 8.74
N TYR A 411 23.57 56.84 9.80
CA TYR A 411 24.72 57.69 10.10
C TYR A 411 25.85 57.52 9.09
N ASN A 412 25.94 56.37 8.43
CA ASN A 412 26.96 56.24 7.40
C ASN A 412 26.64 57.08 6.18
N GLN A 413 25.40 57.00 5.69
CA GLN A 413 25.06 57.83 4.55
C GLN A 413 25.12 59.30 4.94
N PHE A 414 24.83 59.58 6.21
CA PHE A 414 24.92 60.96 6.69
C PHE A 414 26.35 61.45 6.71
N ILE A 415 27.29 60.61 7.14
CA ILE A 415 28.70 60.97 7.11
C ILE A 415 29.20 61.13 5.69
N LYS A 416 28.66 60.33 4.77
CA LYS A 416 29.00 60.52 3.37
C LYS A 416 28.50 61.87 2.90
N GLY A 417 27.36 62.29 3.47
CA GLY A 417 26.81 63.58 3.11
C GLY A 417 27.67 64.72 3.64
N LEU A 418 28.22 64.53 4.84
CA LEU A 418 29.16 65.50 5.38
C LEU A 418 30.44 65.54 4.57
N ASP A 419 30.81 64.40 4.00
CA ASP A 419 31.93 64.35 3.08
C ASP A 419 31.61 65.02 1.76
N SER A 420 30.33 65.13 1.42
CA SER A 420 29.93 65.69 0.14
C SER A 420 30.31 67.15 -0.04
N PHE A 421 30.42 67.90 1.05
CA PHE A 421 30.72 69.32 0.97
C PHE A 421 31.86 69.75 1.89
N SER A 422 32.59 68.77 2.43
CA SER A 422 33.69 69.08 3.33
C SER A 422 34.82 69.85 2.64
N GLY A 423 35.01 69.59 1.34
CA GLY A 423 36.04 70.28 0.57
C GLY A 423 35.52 71.37 -0.33
N LYS A 424 34.20 71.53 -0.39
CA LYS A 424 33.58 72.44 -1.35
C LYS A 424 32.55 73.37 -0.74
N PRO A 425 33.01 74.45 -0.08
CA PRO A 425 32.08 75.47 0.41
C PRO A 425 31.32 76.10 -0.76
N ARG A 426 30.06 76.45 -0.55
CA ARG A 426 29.24 77.02 -1.62
C ARG A 426 29.56 78.48 -1.87
N LEU A 436 21.97 65.65 2.18
CA LEU A 436 21.98 65.52 3.63
C LEU A 436 20.64 65.09 4.18
N PRO A 437 20.57 63.90 4.78
CA PRO A 437 19.37 63.42 5.48
C PRO A 437 19.20 64.07 6.85
N ILE A 438 19.08 65.40 6.91
CA ILE A 438 19.11 66.09 8.19
C ILE A 438 18.00 65.66 9.15
N GLU A 439 16.77 65.75 8.67
CA GLU A 439 15.61 65.50 9.52
C GLU A 439 15.52 64.07 10.02
N ALA A 440 15.93 63.12 9.17
CA ALA A 440 15.93 61.73 9.57
C ALA A 440 16.97 61.48 10.65
N VAL A 441 18.07 62.22 10.58
CA VAL A 441 19.12 62.06 11.57
C VAL A 441 18.68 62.68 12.88
N ILE A 442 18.04 63.84 12.81
CA ILE A 442 17.56 64.48 14.03
C ILE A 442 16.51 63.61 14.71
N LEU A 443 15.73 62.94 13.87
CA LEU A 443 14.63 62.12 14.37
C LEU A 443 15.18 60.86 15.01
N SER A 444 16.18 60.26 14.37
CA SER A 444 16.85 59.09 14.93
C SER A 444 17.61 59.42 16.21
N LEU A 445 18.11 60.65 16.30
CA LEU A 445 18.74 61.11 17.52
C LEU A 445 17.75 61.24 18.66
N GLN A 446 16.63 61.91 18.39
CA GLN A 446 15.64 62.06 19.45
C GLN A 446 15.10 60.71 19.88
N ASP A 447 14.99 59.81 18.90
CA ASP A 447 14.31 58.57 19.14
C ASP A 447 15.23 57.60 19.87
N LEU A 448 16.52 57.60 19.51
CA LEU A 448 17.50 56.89 20.33
C LEU A 448 17.67 57.48 21.73
N ILE A 449 17.57 58.79 21.87
CA ILE A 449 17.68 59.37 23.19
C ILE A 449 16.51 58.94 24.05
N GLY A 450 15.35 58.77 23.43
CA GLY A 450 14.23 58.24 24.18
C GLY A 450 14.47 56.78 24.46
N TYR A 451 15.11 56.12 23.51
CA TYR A 451 15.39 54.69 23.58
C TYR A 451 16.38 54.35 24.69
N PHE A 452 17.28 55.28 24.98
CA PHE A 452 18.25 55.09 26.06
C PHE A 452 17.99 55.88 27.32
N GLU A 453 16.85 56.52 27.39
CA GLU A 453 16.61 57.40 28.52
C GLU A 453 16.58 56.61 29.82
N PRO A 454 17.38 57.02 30.81
CA PRO A 454 17.59 56.32 32.07
C PRO A 454 16.34 56.18 32.91
N PRO A 455 16.20 55.06 33.64
CA PRO A 455 15.00 54.84 34.44
C PRO A 455 14.81 55.91 35.52
N SER A 456 13.56 56.29 35.76
CA SER A 456 13.25 57.28 36.78
C SER A 456 13.42 56.71 38.17
N GLU A 457 13.80 57.56 39.12
CA GLU A 457 13.86 57.15 40.52
C GLU A 457 12.46 56.82 41.03
N GLU A 458 11.46 57.42 40.39
CA GLU A 458 10.07 57.27 40.79
C GLU A 458 9.60 55.82 40.65
N LEU A 459 10.14 55.12 39.66
CA LEU A 459 9.83 53.71 39.46
C LEU A 459 10.40 52.90 40.62
N GLN A 460 9.69 51.86 41.02
CA GLN A 460 10.14 51.03 42.14
C GLN A 460 11.39 50.24 41.79
N HIS A 461 12.18 49.94 42.81
CA HIS A 461 13.57 49.54 42.63
C HIS A 461 13.78 48.27 41.82
N GLU A 462 12.84 47.33 41.88
CA GLU A 462 13.02 46.10 41.13
C GLU A 462 12.85 46.35 39.64
N GLU A 463 11.74 47.01 39.29
CA GLU A 463 11.46 47.37 37.91
C GLU A 463 12.49 48.37 37.40
N LYS A 464 12.92 49.25 38.29
CA LYS A 464 13.96 50.22 37.96
C LYS A 464 15.26 49.52 37.66
N GLN A 465 15.50 48.41 38.35
CA GLN A 465 16.76 47.73 38.24
C GLN A 465 16.80 46.87 37.01
N SER A 466 15.67 46.22 36.70
CA SER A 466 15.55 45.50 35.44
C SER A 466 15.59 46.42 34.24
N LYS A 467 15.01 47.61 34.40
CA LYS A 467 14.97 48.59 33.32
C LYS A 467 16.36 49.11 33.07
N LEU A 468 17.06 49.37 34.17
CA LEU A 468 18.44 49.81 34.13
C LEU A 468 19.33 48.72 33.56
N ARG A 469 18.96 47.47 33.80
CA ARG A 469 19.71 46.33 33.30
C ARG A 469 19.56 46.26 31.80
N SER A 470 18.35 46.52 31.33
CA SER A 470 18.07 46.57 29.91
C SER A 470 18.81 47.72 29.26
N LEU A 471 19.00 48.80 30.00
CA LEU A 471 19.75 49.95 29.48
C LEU A 471 21.24 49.67 29.38
N ARG A 472 21.78 49.02 30.43
CA ARG A 472 23.18 48.69 30.46
C ARG A 472 23.41 47.82 29.24
N ASN A 473 22.57 46.80 29.15
CA ASN A 473 22.74 45.79 28.12
C ASN A 473 22.55 46.32 26.71
N ARG A 474 21.61 47.23 26.51
CA ARG A 474 21.44 47.82 25.19
C ARG A 474 22.58 48.74 24.80
N GLN A 475 23.12 49.49 25.76
CA GLN A 475 24.27 50.33 25.45
C GLN A 475 25.45 49.43 25.09
N SER A 476 25.54 48.30 25.76
CA SER A 476 26.56 47.34 25.46
C SER A 476 26.34 46.80 24.05
N LEU A 477 25.07 46.67 23.68
CA LEU A 477 24.72 46.22 22.34
C LEU A 477 25.08 47.21 21.26
N PHE A 478 25.03 48.51 21.53
CA PHE A 478 25.58 49.40 20.52
C PHE A 478 27.09 49.47 20.59
N GLN A 479 27.67 49.01 21.69
CA GLN A 479 29.11 49.11 21.84
C GLN A 479 29.96 48.33 20.84
N GLU A 480 29.61 47.08 20.57
CA GLU A 480 30.47 46.22 19.75
C GLU A 480 30.54 46.71 18.30
N GLU A 481 29.47 47.36 17.85
CA GLU A 481 29.38 47.83 16.48
C GLU A 481 30.05 49.18 16.29
N GLY A 482 30.63 49.71 17.36
CA GLY A 482 31.40 50.93 17.25
C GLY A 482 30.50 52.11 17.05
N MET A 483 29.27 52.01 17.55
CA MET A 483 28.32 53.10 17.42
C MET A 483 28.85 54.34 18.12
N LEU A 484 29.61 54.17 19.19
CA LEU A 484 30.28 55.33 19.77
C LEU A 484 31.29 55.90 18.79
N SER A 485 31.95 55.02 18.05
CA SER A 485 32.90 55.49 17.04
C SER A 485 32.19 56.23 15.92
N LEU A 486 30.98 55.80 15.61
CA LEU A 486 30.21 56.38 14.53
C LEU A 486 29.69 57.76 14.93
N VAL A 487 29.13 57.82 16.12
CA VAL A 487 28.62 59.05 16.67
C VAL A 487 29.76 60.05 16.86
N LEU A 488 30.92 59.56 17.27
CA LEU A 488 32.10 60.41 17.37
C LEU A 488 32.65 60.90 16.04
N ASN A 489 32.59 60.07 15.00
CA ASN A 489 32.98 60.57 13.69
C ASN A 489 32.02 61.65 13.24
N CYS A 490 30.74 61.49 13.59
CA CYS A 490 29.78 62.55 13.30
C CYS A 490 30.10 63.81 14.09
N ILE A 491 30.61 63.62 15.31
CA ILE A 491 31.00 64.76 16.12
C ILE A 491 32.19 65.45 15.49
N ASP A 492 33.01 64.66 14.81
CA ASP A 492 34.20 65.20 14.18
C ASP A 492 33.77 66.05 13.00
N ARG A 493 33.16 65.41 12.01
CA ARG A 493 32.81 66.12 10.79
C ARG A 493 31.78 67.24 10.98
N LEU A 494 30.84 67.09 11.91
CA LEU A 494 29.92 68.20 12.21
C LEU A 494 30.56 69.43 12.86
N ASN A 495 31.59 69.22 13.68
CA ASN A 495 32.10 70.31 14.51
C ASN A 495 33.22 71.17 13.96
N VAL A 496 33.63 70.92 12.72
CA VAL A 496 34.58 71.82 12.09
C VAL A 496 33.94 73.20 12.01
N TYR A 497 32.61 73.20 11.88
CA TYR A 497 31.83 74.42 11.79
C TYR A 497 31.68 75.13 13.13
N THR A 498 31.58 76.45 13.08
CA THR A 498 31.22 77.24 14.26
C THR A 498 29.87 77.93 14.05
N THR A 499 29.23 77.64 12.93
CA THR A 499 27.98 78.31 12.56
C THR A 499 26.84 77.31 12.39
N TYR A 506 29.08 76.74 2.81
CA TYR A 506 29.26 75.30 2.88
C TYR A 506 27.99 74.58 2.46
N ALA A 507 27.45 73.81 3.39
CA ALA A 507 26.12 73.23 3.22
C ALA A 507 25.11 74.36 3.20
N GLY A 508 24.02 74.18 2.47
CA GLY A 508 23.01 75.22 2.32
C GLY A 508 22.51 75.63 3.69
N GLU A 509 22.42 76.94 3.92
CA GLU A 509 22.23 77.46 5.26
C GLU A 509 20.94 76.99 5.90
N GLU A 510 19.91 76.76 5.08
CA GLU A 510 18.66 76.23 5.60
C GLU A 510 18.84 74.83 6.17
N ALA A 511 19.70 74.05 5.54
CA ALA A 511 20.08 72.76 6.08
C ALA A 511 20.87 72.91 7.37
N ALA A 512 21.62 74.00 7.46
CA ALA A 512 22.48 74.25 8.61
C ALA A 512 21.72 74.86 9.77
N GLU A 513 20.48 75.26 9.52
CA GLU A 513 19.66 75.85 10.58
C GLU A 513 19.42 74.83 11.68
N SER A 514 19.35 73.56 11.28
CA SER A 514 19.13 72.48 12.22
C SER A 514 20.38 72.08 12.98
N TRP A 515 21.54 72.53 12.51
CA TRP A 515 22.80 71.99 12.99
C TRP A 515 23.08 72.19 14.47
N LYS A 516 22.65 73.33 15.01
CA LYS A 516 22.85 73.58 16.42
C LYS A 516 22.04 72.60 17.26
N GLU A 517 20.84 72.28 16.77
CA GLU A 517 20.03 71.24 17.38
C GLU A 517 20.68 69.88 17.20
N ILE A 518 21.33 69.69 16.06
CA ILE A 518 21.82 68.37 15.70
C ILE A 518 22.98 67.98 16.58
N VAL A 519 23.96 68.87 16.67
CA VAL A 519 25.15 68.57 17.43
C VAL A 519 24.86 68.43 18.93
N ASN A 520 23.92 69.22 19.44
CA ASN A 520 23.61 69.21 20.86
C ASN A 520 22.83 67.96 21.19
N LEU A 521 21.86 67.67 20.35
CA LEU A 521 21.03 66.50 20.52
C LEU A 521 21.91 65.27 20.40
N LEU A 522 22.98 65.41 19.63
CA LEU A 522 23.85 64.29 19.34
C LEU A 522 24.82 64.01 20.48
N TYR A 523 25.36 65.06 21.11
CA TYR A 523 26.11 64.81 22.34
C TYR A 523 25.18 64.30 23.43
N GLU A 524 23.93 64.75 23.41
CA GLU A 524 23.00 64.25 24.40
C GLU A 524 22.79 62.76 24.21
N LEU A 525 22.76 62.35 22.96
CA LEU A 525 22.67 60.93 22.62
C LEU A 525 23.93 60.23 23.09
N LEU A 526 25.05 60.94 22.99
CA LEU A 526 26.32 60.31 23.27
C LEU A 526 26.42 60.00 24.75
N ALA A 527 26.13 60.99 25.57
CA ALA A 527 26.15 60.79 27.01
C ALA A 527 25.10 59.77 27.37
N SER A 528 24.01 59.77 26.61
CA SER A 528 22.95 58.81 26.88
C SER A 528 23.42 57.39 26.66
N LEU A 529 24.39 57.21 25.76
CA LEU A 529 25.03 55.91 25.62
C LEU A 529 26.04 55.64 26.74
N ILE A 530 26.85 56.66 27.06
CA ILE A 530 27.88 56.50 28.08
C ILE A 530 27.43 56.29 29.54
N ARG A 531 26.24 56.76 29.91
CA ARG A 531 25.89 56.81 31.33
C ARG A 531 25.90 55.47 32.04
N GLY A 532 25.54 54.41 31.33
CA GLY A 532 25.43 53.10 31.94
C GLY A 532 26.67 52.25 32.21
N ASN A 533 27.70 52.34 31.38
CA ASN A 533 28.77 51.36 31.47
C ASN A 533 30.11 51.94 31.85
N ARG A 534 30.85 51.20 32.67
CA ARG A 534 32.24 51.52 32.88
C ARG A 534 32.99 51.35 31.57
N ALA A 535 32.53 50.39 30.77
CA ALA A 535 33.22 50.01 29.54
C ALA A 535 33.24 51.08 28.45
N ASN A 536 32.14 51.82 28.30
CA ASN A 536 32.11 52.84 27.26
C ASN A 536 33.10 53.94 27.61
N CYS A 537 33.14 54.27 28.90
CA CYS A 537 34.05 55.28 29.40
C CYS A 537 35.49 54.79 29.27
N ALA A 538 35.66 53.49 29.43
CA ALA A 538 36.96 52.87 29.30
C ALA A 538 37.41 52.97 27.86
N LEU A 539 36.45 52.96 26.95
CA LEU A 539 36.78 53.16 25.55
C LEU A 539 36.86 54.63 25.16
N PHE A 540 36.45 55.53 26.05
CA PHE A 540 36.91 56.92 25.97
C PHE A 540 38.18 57.20 26.76
N SER A 541 38.75 56.19 27.40
CA SER A 541 39.88 56.44 28.29
C SER A 541 41.06 57.11 27.59
N THR A 542 41.49 56.56 26.47
CA THR A 542 42.46 57.24 25.61
C THR A 542 41.83 58.45 24.93
N ASN A 543 40.53 58.37 24.73
CA ASN A 543 39.81 59.25 23.82
C ASN A 543 39.40 60.55 24.53
N LEU A 544 39.65 60.63 25.83
CA LEU A 544 39.19 61.79 26.61
C LEU A 544 39.80 63.11 26.17
N ASP A 545 41.04 63.08 25.68
CA ASP A 545 41.70 64.30 25.26
C ASP A 545 40.92 64.98 24.14
N TRP A 546 40.32 64.13 23.30
CA TRP A 546 39.39 64.59 22.30
C TRP A 546 38.12 65.22 22.87
N VAL A 547 37.65 64.67 24.00
CA VAL A 547 36.40 65.15 24.59
C VAL A 547 36.62 66.52 25.19
N VAL A 548 37.73 66.66 25.90
CA VAL A 548 38.10 67.95 26.45
C VAL A 548 38.36 68.91 25.30
N SER A 549 38.87 68.37 24.20
CA SER A 549 39.11 69.21 23.04
C SER A 549 37.81 69.74 22.44
N LYS A 550 36.74 68.95 22.50
CA LYS A 550 35.46 69.38 21.94
C LYS A 550 34.70 70.20 22.98
N LEU A 551 35.21 70.18 24.20
CA LEU A 551 34.56 70.85 25.32
C LEU A 551 34.52 72.37 25.22
N ASP A 552 35.50 72.96 24.56
CA ASP A 552 35.63 74.41 24.53
C ASP A 552 34.81 75.03 23.38
N ARG A 553 34.18 74.19 22.57
CA ARG A 553 33.47 74.69 21.39
C ARG A 553 32.27 75.57 21.72
N LEU A 554 31.52 75.23 22.76
CA LEU A 554 30.41 76.07 23.17
C LEU A 554 29.44 76.34 22.01
N GLU A 555 29.26 75.37 21.12
CA GLU A 555 28.17 75.44 20.15
C GLU A 555 26.87 75.05 20.86
N ALA A 556 26.96 73.90 21.52
CA ALA A 556 26.01 73.43 22.52
C ALA A 556 26.86 72.73 23.57
N SER A 557 27.60 73.50 24.36
CA SER A 557 28.63 72.93 25.20
C SER A 557 28.11 71.95 26.24
N SER A 558 26.97 72.25 26.83
CA SER A 558 26.57 71.57 28.04
C SER A 558 26.49 70.09 27.78
N GLY A 559 25.87 69.72 26.67
CA GLY A 559 25.81 68.31 26.37
C GLY A 559 27.17 67.64 26.41
N ILE A 560 28.20 68.35 25.95
CA ILE A 560 29.56 67.83 26.02
C ILE A 560 29.94 67.68 27.48
N LEU A 561 29.40 68.59 28.27
CA LEU A 561 29.75 68.67 29.66
C LEU A 561 29.14 67.49 30.40
N GLU A 562 27.89 67.19 30.08
CA GLU A 562 27.25 66.02 30.66
C GLU A 562 27.95 64.76 30.17
N VAL A 563 28.46 64.80 28.95
CA VAL A 563 29.17 63.64 28.41
C VAL A 563 30.40 63.38 29.25
N LEU A 564 31.19 64.42 29.46
CA LEU A 564 32.46 64.26 30.15
C LEU A 564 32.21 63.90 31.61
N TYR A 565 31.13 64.42 32.18
CA TYR A 565 30.78 64.10 33.55
C TYR A 565 30.44 62.63 33.70
N CYS A 566 29.64 62.13 32.76
CA CYS A 566 29.29 60.72 32.76
C CYS A 566 30.52 59.85 32.51
N VAL A 567 31.45 60.35 31.71
CA VAL A 567 32.69 59.65 31.48
C VAL A 567 33.51 59.55 32.75
N LEU A 568 33.43 60.57 33.57
CA LEU A 568 34.25 60.59 34.77
C LEU A 568 33.66 59.78 35.91
N ILE A 569 32.36 59.92 36.12
CA ILE A 569 31.72 59.26 37.24
C ILE A 569 31.76 57.73 37.13
N GLU A 570 31.70 57.22 35.90
CA GLU A 570 31.64 55.78 35.68
C GLU A 570 33.00 55.05 35.61
N SER A 571 34.11 55.78 35.59
CA SER A 571 35.38 55.16 35.23
C SER A 571 36.62 55.68 35.95
N PRO A 572 37.03 54.99 37.02
CA PRO A 572 38.24 55.38 37.75
C PRO A 572 39.53 55.41 36.93
N GLU A 573 39.67 54.50 35.97
CA GLU A 573 40.90 54.42 35.19
C GLU A 573 41.08 55.65 34.31
N VAL A 574 39.95 56.16 33.81
CA VAL A 574 39.97 57.38 33.03
C VAL A 574 40.41 58.53 33.91
N LEU A 575 40.02 58.49 35.18
CA LEU A 575 40.50 59.47 36.13
C LEU A 575 41.98 59.33 36.37
N ASN A 576 42.48 58.09 36.29
CA ASN A 576 43.91 57.89 36.40
C ASN A 576 44.66 58.51 35.22
N ILE A 577 44.05 58.46 34.04
CA ILE A 577 44.71 58.99 32.84
C ILE A 577 44.95 60.51 32.78
N ILE A 578 44.05 61.30 33.34
CA ILE A 578 43.95 62.72 32.97
C ILE A 578 45.18 63.59 33.26
N GLN A 579 45.49 64.46 32.30
CA GLN A 579 46.62 65.39 32.36
C GLN A 579 46.22 66.80 32.80
N GLU A 580 47.23 67.62 33.09
CA GLU A 580 47.00 68.97 33.63
C GLU A 580 46.21 69.87 32.69
N ASN A 581 46.43 69.71 31.40
CA ASN A 581 45.82 70.58 30.40
C ASN A 581 44.31 70.42 30.38
N HIS A 582 43.86 69.20 30.65
CA HIS A 582 42.45 68.90 30.54
C HIS A 582 41.70 69.59 31.67
N ILE A 583 42.25 69.46 32.87
CA ILE A 583 41.68 70.10 34.03
C ILE A 583 41.75 71.60 33.92
N LYS A 584 42.83 72.10 33.33
CA LYS A 584 42.93 73.54 33.14
C LYS A 584 41.88 74.01 32.15
N SER A 585 41.53 73.13 31.21
CA SER A 585 40.49 73.45 30.25
C SER A 585 39.10 73.44 30.86
N ILE A 586 38.83 72.47 31.71
CA ILE A 586 37.53 72.38 32.36
C ILE A 586 37.33 73.55 33.31
N ILE A 587 38.38 73.87 34.05
CA ILE A 587 38.35 75.01 34.93
C ILE A 587 38.25 76.30 34.14
N SER A 588 38.82 76.30 32.94
CA SER A 588 38.64 77.45 32.07
C SER A 588 37.18 77.56 31.67
N LEU A 589 36.53 76.41 31.50
CA LEU A 589 35.11 76.42 31.18
C LEU A 589 34.33 76.99 32.35
N LEU A 590 34.79 76.70 33.56
CA LEU A 590 34.14 77.29 34.72
C LEU A 590 34.37 78.79 34.75
N ASP A 591 35.56 79.22 34.36
CA ASP A 591 35.79 80.65 34.29
C ASP A 591 34.89 81.23 33.21
N LYS A 592 34.85 80.53 32.09
CA LYS A 592 34.08 80.97 30.93
C LYS A 592 32.56 81.01 31.12
N HIS A 593 32.01 79.96 31.71
CA HIS A 593 30.57 79.80 31.73
C HIS A 593 29.94 80.26 33.02
N GLY A 594 30.74 80.86 33.88
CA GLY A 594 30.25 81.30 35.17
C GLY A 594 30.09 80.02 35.94
N ARG A 595 29.45 80.07 37.10
CA ARG A 595 29.18 78.84 37.81
C ARG A 595 28.19 78.04 36.98
N ASN A 596 28.52 76.76 36.85
CA ASN A 596 27.59 75.69 36.57
C ASN A 596 27.74 74.64 37.65
N HIS A 597 26.63 74.27 38.26
CA HIS A 597 26.70 73.33 39.37
C HIS A 597 27.30 72.06 38.82
N LYS A 598 26.91 71.70 37.61
CA LYS A 598 27.43 70.48 37.02
C LYS A 598 28.93 70.64 36.89
N VAL A 599 29.35 71.83 36.50
CA VAL A 599 30.75 72.02 36.22
C VAL A 599 31.55 71.77 37.48
N LEU A 600 31.07 72.27 38.60
CA LEU A 600 31.79 72.04 39.84
C LEU A 600 31.81 70.55 40.18
N ASP A 601 30.67 69.93 39.99
CA ASP A 601 30.42 68.52 40.25
C ASP A 601 31.30 67.64 39.38
N VAL A 602 31.65 68.12 38.20
CA VAL A 602 32.53 67.36 37.32
C VAL A 602 33.92 67.33 37.91
N LEU A 603 34.35 68.46 38.45
CA LEU A 603 35.63 68.52 39.13
C LEU A 603 35.61 67.63 40.36
N CYS A 604 34.45 67.59 40.99
CA CYS A 604 34.28 66.72 42.15
C CYS A 604 34.41 65.27 41.73
N SER A 605 33.94 64.94 40.54
CA SER A 605 34.11 63.60 40.00
C SER A 605 35.57 63.32 39.63
N LEU A 606 36.29 64.34 39.19
CA LEU A 606 37.72 64.20 38.93
C LEU A 606 38.45 63.90 40.22
N CYS A 607 37.96 64.47 41.30
CA CYS A 607 38.62 64.32 42.57
C CYS A 607 38.65 62.88 43.09
N VAL A 608 37.58 62.14 42.82
CA VAL A 608 37.41 60.83 43.43
C VAL A 608 36.75 59.85 42.48
N CYS A 609 37.21 58.60 42.53
CA CYS A 609 36.71 57.55 41.66
C CYS A 609 35.39 57.01 42.20
N ASN A 610 35.12 55.74 41.93
CA ASN A 610 33.96 55.07 42.49
C ASN A 610 34.05 55.01 44.01
N GLY A 611 35.29 55.00 44.49
CA GLY A 611 35.55 55.03 45.92
C GLY A 611 36.96 55.51 46.20
N VAL A 612 37.92 54.92 45.48
CA VAL A 612 39.32 55.29 45.66
C VAL A 612 39.63 56.72 45.25
N ALA A 613 40.48 57.38 46.03
CA ALA A 613 40.98 58.71 45.71
C ALA A 613 42.08 58.67 44.65
N VAL A 614 42.21 59.77 43.90
CA VAL A 614 43.31 59.95 42.95
C VAL A 614 44.06 61.25 43.25
N ARG A 615 45.06 61.13 44.11
CA ARG A 615 45.61 62.28 44.82
C ARG A 615 46.18 63.38 43.93
N SER A 616 46.98 63.01 42.92
CA SER A 616 47.61 64.03 42.08
C SER A 616 46.57 64.81 41.29
N ASN A 617 45.50 64.13 40.93
CA ASN A 617 44.42 64.71 40.18
C ASN A 617 43.75 65.80 40.99
N GLN A 618 43.80 65.61 42.31
CA GLN A 618 43.16 66.48 43.27
C GLN A 618 44.05 67.68 43.57
N ASP A 619 45.32 67.36 43.79
CA ASP A 619 46.31 68.37 44.12
C ASP A 619 46.40 69.30 42.95
N LEU A 620 46.18 68.77 41.75
CA LEU A 620 46.21 69.59 40.57
C LEU A 620 45.05 70.59 40.60
N ILE A 621 43.91 70.13 41.11
CA ILE A 621 42.74 70.98 41.23
C ILE A 621 43.06 72.11 42.18
N THR A 622 43.81 71.77 43.21
CA THR A 622 44.23 72.80 44.16
C THR A 622 45.26 73.72 43.55
N GLU A 623 45.98 73.24 42.54
CA GLU A 623 46.97 74.06 41.87
C GLU A 623 46.31 74.93 40.81
N ASN A 624 45.05 74.68 40.51
CA ASN A 624 44.36 75.56 39.56
C ASN A 624 43.23 76.41 40.15
N LEU A 625 42.15 75.78 40.62
CA LEU A 625 41.02 76.55 41.14
C LEU A 625 41.37 77.43 42.32
N LEU A 626 41.79 76.77 43.39
CA LEU A 626 41.96 77.41 44.69
C LEU A 626 42.90 78.62 44.76
N PRO A 627 44.14 78.52 44.20
CA PRO A 627 45.07 79.62 44.43
C PRO A 627 44.56 80.97 43.92
N GLY A 628 43.80 80.94 42.83
CA GLY A 628 43.42 82.16 42.15
C GLY A 628 42.30 82.93 42.80
N ARG A 629 41.62 82.31 43.76
CA ARG A 629 40.58 82.98 44.55
C ARG A 629 39.41 83.52 43.71
N GLU A 630 39.74 84.08 42.56
CA GLU A 630 38.86 84.89 41.73
C GLU A 630 37.66 84.13 41.14
N LEU A 631 37.80 82.83 40.94
CA LEU A 631 36.79 82.07 40.20
C LEU A 631 35.62 81.60 41.05
N LEU A 632 35.86 80.54 41.83
CA LEU A 632 34.87 80.04 42.76
C LEU A 632 34.71 80.99 43.94
N LEU A 633 33.53 80.97 44.56
CA LEU A 633 33.23 81.91 45.64
C LEU A 633 34.20 81.81 46.80
N GLN A 634 34.66 82.97 47.27
CA GLN A 634 35.50 83.02 48.45
C GLN A 634 34.66 83.48 49.63
N THR A 635 35.02 83.06 50.83
CA THR A 635 34.20 83.35 51.99
C THR A 635 34.98 83.48 53.29
N ASN A 636 34.53 84.40 54.14
CA ASN A 636 35.14 84.58 55.46
C ASN A 636 34.21 85.33 56.40
N LEU A 637 34.29 85.01 57.69
CA LEU A 637 33.52 85.72 58.70
C LEU A 637 34.05 87.14 58.82
N ILE A 638 33.14 88.09 59.04
CA ILE A 638 33.51 89.50 59.09
C ILE A 638 32.81 90.19 60.26
N ASN A 639 33.53 91.09 60.93
CA ASN A 639 32.93 91.94 61.93
C ASN A 639 32.02 92.97 61.26
N TYR A 640 30.86 93.27 61.84
CA TYR A 640 30.00 94.32 61.31
C TYR A 640 30.57 95.72 61.47
N VAL A 641 30.38 96.55 60.45
CA VAL A 641 30.75 97.95 60.51
C VAL A 641 29.53 98.82 60.79
N THR A 642 29.69 99.84 61.63
CA THR A 642 28.57 100.70 62.01
C THR A 642 29.10 102.13 62.11
N SER A 643 28.27 103.14 61.86
CA SER A 643 28.80 104.51 61.80
C SER A 643 27.82 105.57 62.26
N ILE A 644 28.35 106.70 62.71
CA ILE A 644 27.50 107.83 63.07
C ILE A 644 27.85 109.16 62.40
N ARG A 645 26.82 109.80 61.87
CA ARG A 645 26.85 111.22 61.53
C ARG A 645 26.25 112.06 62.67
N PRO A 646 27.03 113.00 63.21
CA PRO A 646 26.46 114.01 64.10
C PRO A 646 25.44 114.84 63.33
N ASN A 647 24.39 115.29 64.01
CA ASN A 647 23.07 115.49 63.41
C ASN A 647 22.93 116.42 62.21
N ILE A 648 23.72 117.48 62.11
CA ILE A 648 23.49 118.39 60.99
C ILE A 648 24.59 118.41 59.94
N PHE A 649 24.13 118.38 58.69
CA PHE A 649 24.97 118.25 57.51
C PHE A 649 25.75 119.54 57.28
N VAL A 650 26.99 119.43 56.84
CA VAL A 650 27.68 120.58 56.27
C VAL A 650 27.12 120.92 54.88
N GLY A 651 27.04 122.20 54.56
CA GLY A 651 26.51 122.63 53.27
C GLY A 651 27.52 123.41 52.46
N GLY A 660 31.16 126.39 52.64
CA GLY A 660 32.20 127.10 53.36
C GLY A 660 33.19 126.20 54.06
N LYS A 661 34.16 126.82 54.73
CA LYS A 661 35.12 126.10 55.56
C LYS A 661 34.42 125.48 56.78
N TRP A 662 34.86 124.29 57.17
CA TRP A 662 34.29 123.58 58.32
C TRP A 662 35.30 122.64 58.97
N TYR A 663 35.07 122.34 60.24
CA TYR A 663 36.01 121.58 61.07
C TYR A 663 35.32 120.91 62.26
N PHE A 664 35.82 119.75 62.67
CA PHE A 664 35.32 119.14 63.90
C PHE A 664 36.33 118.17 64.49
N GLU A 665 36.27 118.00 65.80
CA GLU A 665 37.15 117.05 66.47
C GLU A 665 36.47 115.72 66.74
N VAL A 666 37.31 114.70 66.88
CA VAL A 666 36.91 113.35 67.23
C VAL A 666 37.84 112.82 68.31
N MET A 667 37.40 112.94 69.56
CA MET A 667 38.04 112.24 70.66
C MET A 667 37.90 110.75 70.43
N VAL A 668 38.97 110.00 70.68
CA VAL A 668 38.82 108.56 70.82
C VAL A 668 38.67 108.30 72.31
N ASP A 669 37.64 107.58 72.70
CA ASP A 669 37.44 107.26 74.10
C ASP A 669 38.19 106.01 74.52
N GLU A 670 38.09 104.96 73.70
CA GLU A 670 38.73 103.69 73.98
C GLU A 670 38.75 102.81 72.74
N VAL A 671 39.77 101.98 72.60
CA VAL A 671 39.84 101.00 71.52
C VAL A 671 40.47 99.71 72.02
N VAL A 672 39.89 98.58 71.63
CA VAL A 672 40.55 97.29 71.78
C VAL A 672 40.68 96.72 70.37
N PRO A 673 41.88 96.83 69.79
CA PRO A 673 42.11 96.63 68.36
C PRO A 673 41.71 95.25 67.84
N PHE A 674 41.85 94.21 68.66
CA PHE A 674 41.66 92.84 68.19
C PHE A 674 40.71 91.97 68.99
N LEU A 675 39.70 92.55 69.61
CA LEU A 675 38.60 91.70 70.03
C LEU A 675 37.99 91.25 68.69
N THR A 676 37.64 89.98 68.57
CA THR A 676 37.43 89.32 67.27
C THR A 676 38.67 89.42 66.37
N ALA A 677 38.73 88.56 65.35
CA ALA A 677 39.94 88.40 64.56
C ALA A 677 40.37 89.63 63.76
N GLN A 678 39.40 90.41 63.28
CA GLN A 678 39.74 91.63 62.54
C GLN A 678 40.26 92.74 63.44
N ALA A 679 41.07 93.59 62.90
CA ALA A 679 41.28 94.77 63.63
C ALA A 679 39.91 95.44 63.46
N THR A 680 39.49 95.97 64.60
CA THR A 680 38.25 96.68 64.62
C THR A 680 38.82 97.68 63.69
N HIS A 681 38.00 98.21 62.81
CA HIS A 681 38.45 99.22 61.90
C HIS A 681 37.74 100.44 62.43
N LEU A 682 38.35 101.60 62.27
CA LEU A 682 37.66 102.82 62.57
C LEU A 682 38.04 103.77 61.45
N ARG A 683 37.09 104.34 60.73
CA ARG A 683 37.42 105.30 59.69
C ARG A 683 36.72 106.62 59.99
N VAL A 684 37.44 107.74 59.97
CA VAL A 684 36.76 109.00 60.27
C VAL A 684 36.79 109.91 59.07
N GLY A 685 35.64 110.38 58.61
CA GLY A 685 35.71 111.32 57.50
C GLY A 685 34.37 111.74 56.91
N TRP A 686 34.42 112.61 55.91
CA TRP A 686 33.22 113.21 55.32
C TRP A 686 32.43 112.27 54.41
N ALA A 687 31.13 112.50 54.29
CA ALA A 687 30.30 111.82 53.30
C ALA A 687 29.05 112.60 52.89
N LEU A 688 28.77 112.60 51.58
CA LEU A 688 27.59 113.23 51.00
C LEU A 688 26.29 112.47 51.24
N THR A 689 25.18 113.20 51.32
CA THR A 689 23.88 112.61 51.56
C THR A 689 23.36 111.69 50.45
N GLU A 690 23.77 111.95 49.22
CA GLU A 690 23.14 111.31 48.07
C GLU A 690 23.93 110.11 47.53
N GLY A 691 24.43 109.28 48.43
CA GLY A 691 25.15 108.10 48.01
C GLY A 691 25.61 107.20 49.14
N TYR A 692 25.98 107.79 50.26
CA TYR A 692 26.46 107.00 51.38
C TYR A 692 25.31 106.32 52.10
N SER A 693 25.20 105.01 51.87
CA SER A 693 24.14 104.22 52.45
C SER A 693 24.75 102.97 53.09
N PRO A 694 25.34 103.15 54.28
CA PRO A 694 26.09 102.11 54.97
C PRO A 694 25.19 101.02 55.51
N TYR A 695 24.62 100.21 54.63
CA TYR A 695 23.79 99.12 55.10
C TYR A 695 24.67 98.16 55.90
N PRO A 696 24.21 97.78 57.10
CA PRO A 696 24.96 97.07 58.14
C PRO A 696 25.51 95.74 57.69
N GLY A 697 24.83 95.06 56.78
CA GLY A 697 25.31 93.79 56.27
C GLY A 697 26.46 94.03 55.31
N GLY A 698 26.62 95.28 54.91
CA GLY A 698 27.77 95.70 54.13
C GLY A 698 27.66 95.53 52.63
N GLY A 699 28.72 95.92 51.93
CA GLY A 699 28.78 95.82 50.49
C GLY A 699 30.20 95.99 50.00
N GLU A 700 30.41 95.70 48.72
CA GLU A 700 31.72 95.81 48.07
C GLU A 700 32.83 95.07 48.82
N GLY A 701 33.92 95.78 49.09
CA GLY A 701 35.14 95.16 49.61
C GLY A 701 35.09 94.80 51.08
N TRP A 702 34.42 93.70 51.38
CA TRP A 702 34.30 93.19 52.75
C TRP A 702 33.73 94.27 53.67
N GLY A 703 32.90 95.15 53.10
CA GLY A 703 32.21 96.18 53.87
C GLY A 703 33.07 97.35 54.31
N GLY A 704 32.56 98.10 55.28
CA GLY A 704 33.27 99.20 55.89
C GLY A 704 33.17 100.55 55.22
N ASN A 705 33.79 101.55 55.85
CA ASN A 705 33.82 102.93 55.36
C ASN A 705 34.74 103.07 54.15
N GLY A 706 34.47 104.07 53.33
CA GLY A 706 35.32 104.38 52.19
C GLY A 706 34.97 103.58 50.95
N VAL A 707 33.97 102.72 51.05
CA VAL A 707 33.57 101.89 49.91
C VAL A 707 33.04 102.70 48.75
N GLY A 708 32.45 103.86 49.03
CA GLY A 708 31.97 104.71 47.96
C GLY A 708 32.96 105.78 47.55
N ASP A 709 32.87 106.22 46.30
CA ASP A 709 33.54 107.44 45.89
C ASP A 709 32.88 108.57 46.66
N ASP A 710 31.61 108.38 47.00
CA ASP A 710 30.86 109.31 47.81
C ASP A 710 31.46 109.43 49.21
N LEU A 711 31.99 108.33 49.70
CA LEU A 711 32.78 108.32 50.94
C LEU A 711 34.14 108.99 50.88
N TYR A 712 34.48 109.69 51.96
CA TYR A 712 35.76 110.36 52.09
C TYR A 712 36.25 110.11 53.52
N SER A 713 37.36 109.39 53.70
CA SER A 713 37.65 108.89 55.05
C SER A 713 39.12 108.73 55.45
N TYR A 714 39.31 108.64 56.76
CA TYR A 714 40.62 108.60 57.40
C TYR A 714 40.54 107.85 58.73
N GLY A 715 41.65 107.28 59.19
CA GLY A 715 41.67 106.59 60.46
C GLY A 715 42.14 105.16 60.35
N PHE A 716 41.66 104.35 61.30
CA PHE A 716 41.85 102.91 61.35
C PHE A 716 43.32 102.51 61.32
N ASP A 717 43.59 101.55 60.45
CA ASP A 717 44.92 101.03 60.21
C ASP A 717 45.83 102.10 59.61
N GLY A 718 47.07 102.13 60.07
CA GLY A 718 48.10 102.86 59.34
C GLY A 718 47.75 104.32 59.20
N LEU A 719 46.71 104.75 59.91
CA LEU A 719 46.05 106.02 59.66
C LEU A 719 45.64 106.09 58.19
N HIS A 720 46.11 107.14 57.51
CA HIS A 720 45.93 107.36 56.07
C HIS A 720 44.48 107.20 55.58
N LEU A 721 44.27 107.21 54.27
CA LEU A 721 42.94 107.46 53.70
C LEU A 721 42.30 106.38 52.82
N TRP A 722 40.97 106.39 52.80
CA TRP A 722 40.17 105.42 52.05
C TRP A 722 39.12 106.03 51.13
N THR A 723 39.13 105.63 49.86
CA THR A 723 38.05 105.96 48.92
C THR A 723 37.82 104.88 47.88
N GLY A 724 36.56 104.55 47.59
CA GLY A 724 36.27 103.51 46.63
C GLY A 724 36.60 102.17 47.26
N HIS A 725 36.65 102.17 48.59
CA HIS A 725 37.21 101.07 49.38
C HIS A 725 38.63 100.79 48.90
N VAL A 726 39.35 101.86 48.58
CA VAL A 726 40.77 101.77 48.27
C VAL A 726 41.54 102.56 49.33
N ALA A 727 42.30 101.83 50.15
CA ALA A 727 43.23 102.46 51.06
C ALA A 727 44.37 103.09 50.28
N ARG A 728 44.78 104.27 50.73
CA ARG A 728 45.98 104.89 50.22
C ARG A 728 46.77 105.36 51.43
N PRO A 729 48.11 105.33 51.32
CA PRO A 729 48.95 105.45 52.51
C PRO A 729 49.55 106.82 52.79
N VAL A 730 48.73 107.82 53.09
CA VAL A 730 49.25 109.11 53.51
C VAL A 730 50.01 108.96 54.83
N THR A 731 51.18 109.57 54.91
CA THR A 731 51.99 109.56 56.13
C THR A 731 51.48 110.54 57.19
N SER A 732 51.77 110.22 58.45
CA SER A 732 51.58 111.18 59.53
C SER A 732 52.86 111.23 60.37
N PRO A 733 53.15 112.39 60.97
CA PRO A 733 54.42 112.59 61.68
C PRO A 733 54.66 111.59 62.82
N GLY A 734 53.60 111.19 63.53
CA GLY A 734 53.73 110.20 64.57
C GLY A 734 53.51 108.79 64.09
N GLN A 735 52.98 108.66 62.87
CA GLN A 735 52.59 107.38 62.29
C GLN A 735 51.65 106.61 63.20
N HIS A 736 50.80 107.31 63.95
CA HIS A 736 49.93 106.66 64.93
C HIS A 736 48.51 106.38 64.44
N LEU A 737 48.03 105.15 64.65
CA LEU A 737 46.70 104.76 64.23
C LEU A 737 45.71 105.59 65.01
N LEU A 738 44.68 104.92 65.54
CA LEU A 738 43.77 105.58 66.45
C LEU A 738 43.85 104.91 67.81
N ALA A 739 44.89 105.28 68.56
CA ALA A 739 45.05 104.85 69.93
C ALA A 739 43.95 105.48 70.76
N PRO A 740 43.57 104.83 71.87
CA PRO A 740 42.46 105.35 72.68
C PRO A 740 42.69 106.78 73.15
N GLU A 741 43.94 107.14 73.42
CA GLU A 741 44.25 108.51 73.83
C GLU A 741 44.32 109.50 72.67
N ASP A 742 44.32 108.99 71.44
CA ASP A 742 44.43 109.84 70.25
C ASP A 742 43.21 110.71 70.01
N VAL A 743 43.42 111.87 69.42
CA VAL A 743 42.33 112.79 69.12
C VAL A 743 42.40 113.23 67.65
N VAL A 744 41.63 112.55 66.80
CA VAL A 744 41.57 112.89 65.38
C VAL A 744 40.81 114.20 65.25
N SER A 745 41.06 115.00 64.22
CA SER A 745 40.29 116.23 64.01
C SER A 745 40.15 116.60 62.53
N CYS A 746 38.99 116.27 61.96
CA CYS A 746 38.73 116.45 60.54
C CYS A 746 38.47 117.91 60.14
N CYS A 747 38.82 118.25 58.90
CA CYS A 747 38.54 119.59 58.36
C CYS A 747 38.31 119.55 56.84
N LEU A 748 37.41 120.40 56.35
CA LEU A 748 37.15 120.51 54.92
C LEU A 748 36.53 121.84 54.49
N ASP A 749 37.01 122.35 53.35
CA ASP A 749 36.48 123.57 52.76
C ASP A 749 35.52 123.28 51.62
N LEU A 750 34.62 124.21 51.33
CA LEU A 750 33.95 124.23 50.04
C LEU A 750 34.79 125.14 49.14
N SER A 751 34.53 125.09 47.83
CA SER A 751 35.34 125.72 46.79
C SER A 751 36.68 125.01 46.72
N VAL A 752 37.55 125.25 47.69
CA VAL A 752 38.73 124.40 47.83
C VAL A 752 38.24 123.05 48.35
N PRO A 753 38.57 121.97 47.62
CA PRO A 753 38.10 120.62 47.95
C PRO A 753 39.06 119.82 48.82
N SER A 754 39.88 120.51 49.60
CA SER A 754 40.94 119.87 50.36
C SER A 754 40.52 119.40 51.74
N ILE A 755 40.06 118.17 51.86
CA ILE A 755 39.93 117.57 53.18
C ILE A 755 41.32 117.45 53.79
N SER A 756 41.41 117.67 55.09
CA SER A 756 42.67 117.47 55.80
C SER A 756 42.39 117.01 57.22
N PHE A 757 43.35 116.30 57.79
CA PHE A 757 43.13 115.67 59.08
C PHE A 757 44.25 116.03 60.03
N ARG A 758 43.94 116.08 61.32
CA ARG A 758 44.94 116.41 62.33
C ARG A 758 44.78 115.58 63.60
N ILE A 759 45.50 114.46 63.69
CA ILE A 759 45.50 113.71 64.94
C ILE A 759 46.13 114.55 66.04
N ASN A 760 45.49 114.58 67.21
CA ASN A 760 46.05 115.21 68.40
C ASN A 760 46.52 116.64 68.15
N GLY A 761 45.92 117.30 67.18
CA GLY A 761 46.31 118.65 66.80
C GLY A 761 47.48 118.67 65.83
N CYS A 762 47.99 117.49 65.50
CA CYS A 762 49.11 117.36 64.57
C CYS A 762 48.64 117.09 63.14
N PRO A 763 49.00 117.96 62.20
CA PRO A 763 48.54 117.87 60.81
C PRO A 763 49.01 116.59 60.12
N VAL A 764 48.17 116.05 59.24
CA VAL A 764 48.42 114.76 58.62
C VAL A 764 48.49 114.95 57.10
N GLN A 765 49.00 116.12 56.69
CA GLN A 765 49.33 116.40 55.29
C GLN A 765 48.09 116.51 54.38
N GLY A 766 48.20 117.32 53.33
CA GLY A 766 47.11 117.48 52.38
C GLY A 766 46.78 116.19 51.64
N VAL A 767 45.50 115.91 51.46
CA VAL A 767 45.11 114.63 50.88
C VAL A 767 44.01 114.77 49.82
N PHE A 768 42.75 114.78 50.25
CA PHE A 768 41.60 114.72 49.35
C PHE A 768 41.44 115.97 48.47
N GLU A 769 40.98 115.78 47.23
CA GLU A 769 40.85 116.87 46.25
C GLU A 769 39.75 116.67 45.19
N ALA A 770 39.39 117.78 44.57
CA ALA A 770 38.55 117.84 43.37
C ALA A 770 37.18 117.17 43.50
N PHE A 771 36.59 117.26 44.68
CA PHE A 771 35.28 116.67 44.92
C PHE A 771 34.09 117.37 44.27
N ASN A 772 33.13 116.56 43.86
CA ASN A 772 31.80 117.05 43.47
C ASN A 772 31.03 117.56 44.68
N LEU A 773 30.24 118.61 44.50
CA LEU A 773 29.21 118.93 45.48
C LEU A 773 27.90 118.31 45.04
N ASP A 774 27.19 117.73 45.99
CA ASP A 774 25.79 117.36 45.81
C ASP A 774 25.20 117.14 47.20
N GLY A 775 23.93 117.50 47.36
CA GLY A 775 23.30 117.39 48.67
C GLY A 775 24.03 118.22 49.70
N LEU A 776 24.28 117.62 50.86
CA LEU A 776 25.04 118.26 51.93
C LEU A 776 26.02 117.24 52.54
N PHE A 777 27.18 117.71 53.00
CA PHE A 777 28.24 116.80 53.45
C PHE A 777 28.31 116.54 54.95
N PHE A 778 27.63 115.49 55.40
CA PHE A 778 27.72 115.12 56.81
C PHE A 778 29.04 114.45 57.16
N PRO A 779 29.62 114.83 58.31
CA PRO A 779 30.75 114.16 58.97
C PRO A 779 30.41 112.74 59.41
N VAL A 780 31.38 111.83 59.39
CA VAL A 780 31.14 110.43 59.71
C VAL A 780 32.20 109.83 60.62
N VAL A 781 31.76 109.00 61.55
CA VAL A 781 32.67 108.16 62.31
C VAL A 781 32.21 106.71 62.23
N SER A 782 32.84 105.98 61.31
CA SER A 782 32.68 104.53 61.22
C SER A 782 33.51 103.84 62.29
N PHE A 783 33.08 102.65 62.68
CA PHE A 783 33.67 101.95 63.80
C PHE A 783 33.12 100.53 63.89
N SER A 784 33.70 99.77 64.80
CA SER A 784 33.23 98.43 65.10
C SER A 784 33.64 98.00 66.51
N ALA A 785 33.02 96.93 66.99
CA ALA A 785 33.37 96.29 68.25
C ALA A 785 33.26 97.18 69.48
N GLY A 786 34.22 97.02 70.40
CA GLY A 786 34.16 97.65 71.70
C GLY A 786 34.67 99.06 71.67
N VAL A 787 35.10 99.50 70.49
CA VAL A 787 35.62 100.83 70.29
C VAL A 787 34.55 101.88 70.61
N LYS A 788 34.98 102.97 71.24
CA LYS A 788 34.09 104.06 71.61
C LYS A 788 34.82 105.38 71.44
N VAL A 789 34.09 106.43 71.06
CA VAL A 789 34.69 107.73 70.76
C VAL A 789 33.74 108.89 71.08
N ARG A 790 34.30 110.04 71.42
CA ARG A 790 33.50 111.26 71.51
C ARG A 790 33.56 112.09 70.24
N PHE A 791 32.42 112.66 69.85
CA PHE A 791 32.41 113.80 68.95
C PHE A 791 32.77 115.08 69.69
N LEU A 792 33.37 116.02 68.96
CA LEU A 792 33.50 117.39 69.42
C LEU A 792 33.25 118.35 68.27
N LEU A 793 31.97 118.51 67.94
CA LEU A 793 31.54 119.48 66.95
C LEU A 793 31.63 120.89 67.53
N GLY A 794 31.74 120.96 68.85
CA GLY A 794 31.90 122.23 69.54
C GLY A 794 30.76 122.52 70.51
N GLU A 799 33.57 122.53 72.32
CA GLU A 799 34.48 121.93 73.29
C GLU A 799 35.76 121.43 72.63
N PHE A 800 36.21 122.14 71.60
CA PHE A 800 37.40 121.72 70.87
C PHE A 800 38.65 121.72 71.76
N LYS A 801 39.43 120.66 71.65
CA LYS A 801 40.71 120.58 72.35
C LYS A 801 41.80 121.27 71.52
N PHE A 802 41.46 121.61 70.27
CA PHE A 802 42.44 122.15 69.34
C PHE A 802 41.78 122.88 68.18
N LEU A 803 41.80 124.21 68.23
CA LEU A 803 41.23 125.02 67.16
C LEU A 803 42.30 125.53 66.20
N PRO A 804 42.20 125.09 64.96
CA PRO A 804 43.15 125.47 63.91
C PRO A 804 42.75 126.82 63.36
N PRO A 805 43.67 127.77 63.43
CA PRO A 805 43.43 129.11 62.86
C PRO A 805 42.81 129.00 61.48
N PRO A 806 42.99 127.83 60.84
CA PRO A 806 42.37 127.52 59.56
C PRO A 806 40.94 128.06 59.53
N GLY A 807 40.79 129.27 59.01
CA GLY A 807 39.51 129.95 58.94
C GLY A 807 38.36 129.01 58.66
N TYR A 808 37.92 128.31 59.70
CA TYR A 808 36.81 127.39 59.55
C TYR A 808 35.57 127.85 60.30
N ALA A 809 34.42 127.35 59.88
CA ALA A 809 33.22 127.42 60.68
C ALA A 809 33.10 126.15 61.51
N PRO A 810 33.06 126.28 62.83
CA PRO A 810 32.89 125.10 63.70
C PRO A 810 31.56 124.41 63.46
N CYS A 811 31.53 123.08 63.56
CA CYS A 811 30.30 122.32 63.33
C CYS A 811 29.23 122.63 64.37
N HIS A 812 29.65 123.15 65.52
CA HIS A 812 28.69 123.58 66.53
C HIS A 812 27.85 124.72 65.98
N GLU A 813 28.42 125.45 65.03
CA GLU A 813 27.71 126.52 64.35
C GLU A 813 26.81 126.00 63.23
N ALA A 814 26.90 124.71 62.94
CA ALA A 814 26.00 124.08 61.98
C ALA A 814 24.64 123.80 62.61
N VAL A 815 24.58 123.95 63.93
CA VAL A 815 23.42 123.56 64.73
C VAL A 815 22.16 124.35 64.43
N LEU A 816 22.31 125.52 63.81
CA LEU A 816 21.31 126.57 63.85
C LEU A 816 19.85 126.29 63.43
N PRO A 817 19.63 125.61 62.27
CA PRO A 817 18.30 125.82 61.67
C PRO A 817 17.06 125.48 62.51
N ARG A 818 17.10 124.43 63.34
CA ARG A 818 16.12 124.23 64.41
C ARG A 818 16.39 122.96 65.21
N GLU A 819 16.69 121.87 64.51
CA GLU A 819 16.74 120.54 65.10
C GLU A 819 17.81 120.42 66.18
N ARG A 820 17.49 119.70 67.25
CA ARG A 820 18.46 119.44 68.29
C ARG A 820 19.58 118.56 67.75
N LEU A 821 20.80 118.88 68.16
CA LEU A 821 21.95 118.07 67.78
C LEU A 821 21.87 116.70 68.44
N ARG A 822 22.28 115.67 67.71
CA ARG A 822 22.22 114.29 68.18
C ARG A 822 22.93 113.35 67.21
N LEU A 823 23.89 112.59 67.72
CA LEU A 823 24.60 111.63 66.88
C LEU A 823 23.63 110.55 66.41
N GLU A 824 23.70 110.21 65.12
CA GLU A 824 22.74 109.29 64.51
C GLU A 824 23.36 108.30 63.50
N PRO A 825 22.72 107.14 63.31
CA PRO A 825 23.14 105.97 62.51
C PRO A 825 23.43 106.17 61.02
N ILE A 826 22.74 107.11 60.36
CA ILE A 826 22.73 107.30 58.90
C ILE A 826 21.76 106.34 58.24
N LYS A 827 20.86 106.87 57.43
CA LYS A 827 19.57 106.27 57.09
C LYS A 827 19.08 105.16 58.03
N GLU A 828 19.58 103.94 57.91
CA GLU A 828 19.12 102.90 58.83
C GLU A 828 17.68 102.46 58.58
N TYR A 829 17.46 101.16 58.66
CA TYR A 829 16.12 100.59 58.54
C TYR A 829 15.53 100.11 59.86
N ARG A 830 16.26 100.23 60.96
CA ARG A 830 15.73 99.77 62.24
C ARG A 830 16.29 100.43 63.50
N ARG A 831 15.50 101.25 64.16
CA ARG A 831 15.75 101.51 65.58
C ARG A 831 15.37 100.31 66.43
N GLU A 832 16.12 100.06 67.49
CA GLU A 832 15.72 99.05 68.47
C GLU A 832 14.81 99.68 69.54
N GLY A 833 13.55 99.86 69.18
CA GLY A 833 12.58 100.46 70.07
C GLY A 833 12.20 99.57 71.24
N PRO A 834 11.70 100.18 72.33
CA PRO A 834 11.26 99.44 73.51
C PRO A 834 10.17 98.41 73.23
N ARG A 835 9.28 98.71 72.29
CA ARG A 835 8.26 97.76 71.87
C ARG A 835 8.87 96.58 71.16
N GLY A 836 10.02 96.81 70.55
CA GLY A 836 10.66 95.82 69.71
C GLY A 836 11.39 96.51 68.58
N PRO A 837 11.67 95.78 67.49
CA PRO A 837 12.42 96.35 66.37
C PRO A 837 11.63 97.40 65.57
N HIS A 838 11.65 98.65 66.01
CA HIS A 838 11.05 99.73 65.24
C HIS A 838 11.76 99.91 63.92
N LEU A 839 11.01 100.18 62.86
CA LEU A 839 11.58 100.14 61.51
C LEU A 839 11.62 101.51 60.84
N VAL A 840 12.76 102.18 60.96
CA VAL A 840 12.96 103.53 60.45
C VAL A 840 13.27 103.64 58.96
N GLY A 841 13.08 104.84 58.42
CA GLY A 841 13.57 105.20 57.11
C GLY A 841 12.62 105.06 55.94
N PRO A 842 13.10 105.42 54.73
CA PRO A 842 14.44 105.96 54.48
C PRO A 842 14.61 107.47 54.74
N SER A 843 14.67 107.87 56.00
CA SER A 843 15.05 109.22 56.41
C SER A 843 14.29 110.34 55.71
N ARG A 844 15.04 111.25 55.09
CA ARG A 844 14.42 112.33 54.32
C ARG A 844 15.45 113.01 53.44
N CYS A 845 16.23 113.90 54.05
CA CYS A 845 17.27 114.64 53.36
C CYS A 845 18.27 115.21 54.36
N PHE A 851 17.30 123.29 50.31
CA PHE A 851 18.27 123.51 49.24
C PHE A 851 18.64 124.99 49.13
N VAL A 852 19.80 125.33 49.68
CA VAL A 852 20.28 126.71 49.65
C VAL A 852 19.12 127.66 49.33
N PRO A 853 18.89 128.67 50.18
CA PRO A 853 17.79 129.61 50.00
C PRO A 853 17.90 130.44 48.73
N CYS A 854 16.76 130.74 48.11
CA CYS A 854 16.72 131.53 46.89
C CYS A 854 15.34 132.14 46.68
N PRO A 855 15.21 133.45 46.93
CA PRO A 855 13.95 134.17 46.81
C PRO A 855 13.38 134.18 45.40
N VAL A 856 12.05 134.14 45.29
CA VAL A 856 11.38 134.38 44.02
C VAL A 856 11.58 135.85 43.64
N ASP A 857 11.71 136.11 42.34
CA ASP A 857 11.92 137.47 41.85
C ASP A 857 10.72 138.36 42.19
N THR A 858 11.00 139.58 42.62
CA THR A 858 9.94 140.51 43.08
C THR A 858 10.13 141.93 42.59
N VAL A 859 11.38 142.36 42.46
CA VAL A 859 11.69 143.75 42.14
C VAL A 859 11.16 144.12 40.75
N GLN A 860 11.06 143.12 39.89
CA GLN A 860 10.54 143.31 38.53
C GLN A 860 9.09 143.77 38.53
N ILE A 861 8.34 143.37 39.56
CA ILE A 861 6.95 143.79 39.69
C ILE A 861 6.87 145.30 39.90
N VAL A 862 5.88 145.94 39.29
CA VAL A 862 5.70 147.38 39.41
C VAL A 862 4.24 147.74 39.65
N LEU A 863 3.89 148.02 40.90
CA LEU A 863 2.52 148.36 41.26
C LEU A 863 2.10 149.73 40.73
N PRO A 864 0.91 149.79 40.10
CA PRO A 864 0.28 151.06 39.71
C PRO A 864 -0.02 151.91 40.94
N PRO A 865 0.06 153.24 40.79
CA PRO A 865 0.02 154.17 41.92
C PRO A 865 -1.25 154.07 42.77
N HIS A 866 -2.39 153.76 42.14
CA HIS A 866 -3.62 153.63 42.89
C HIS A 866 -3.57 152.49 43.90
N LEU A 867 -2.87 151.41 43.54
CA LEU A 867 -2.57 150.35 44.49
C LEU A 867 -1.60 150.86 45.54
N GLU A 868 -0.69 151.73 45.10
CA GLU A 868 0.36 152.24 45.96
C GLU A 868 -0.16 153.12 47.08
N ARG A 869 -1.29 153.79 46.85
CA ARG A 869 -1.88 154.58 47.92
C ARG A 869 -2.38 153.68 49.05
N ILE A 870 -3.03 152.58 48.67
CA ILE A 870 -3.47 151.61 49.65
C ILE A 870 -2.25 150.98 50.32
N ARG A 871 -1.15 150.89 49.57
CA ARG A 871 0.08 150.41 50.15
C ARG A 871 0.57 151.38 51.22
N GLU A 872 0.38 152.68 50.96
CA GLU A 872 0.74 153.70 51.94
C GLU A 872 -0.15 153.64 53.17
N LYS A 873 -1.40 153.24 52.98
CA LYS A 873 -2.32 153.17 54.11
C LYS A 873 -2.02 151.97 54.99
N LEU A 874 -1.89 150.81 54.36
CA LEU A 874 -1.58 149.59 55.10
C LEU A 874 -0.21 149.67 55.74
N ALA A 875 0.73 150.32 55.07
CA ALA A 875 2.03 150.59 55.67
C ALA A 875 1.92 151.57 56.82
N GLU A 876 0.98 152.51 56.74
CA GLU A 876 0.77 153.43 57.84
C GLU A 876 0.25 152.67 59.05
N ASN A 877 -0.59 151.68 58.79
CA ASN A 877 -1.16 150.89 59.87
C ASN A 877 -0.11 149.98 60.50
N ILE A 878 0.69 149.33 59.66
CA ILE A 878 1.75 148.48 60.16
C ILE A 878 2.81 149.29 60.92
N HIS A 879 3.07 150.51 60.47
CA HIS A 879 3.96 151.39 61.19
C HIS A 879 3.36 151.79 62.53
N GLU A 880 2.02 151.92 62.55
CA GLU A 880 1.32 152.14 63.81
C GLU A 880 1.48 150.93 64.73
N LEU A 881 1.60 149.75 64.13
CA LEU A 881 1.77 148.53 64.90
C LEU A 881 3.17 148.42 65.50
N TRP A 882 4.19 148.71 64.67
CA TRP A 882 5.56 148.70 65.15
C TRP A 882 5.77 149.79 66.19
N ALA A 883 5.05 150.90 66.03
CA ALA A 883 5.13 151.98 67.00
C ALA A 883 4.49 151.55 68.30
N LEU A 884 3.32 150.91 68.19
CA LEU A 884 2.59 150.46 69.37
C LEU A 884 3.35 149.41 70.15
N THR A 885 4.13 148.61 69.42
CA THR A 885 4.87 147.50 70.03
C THR A 885 5.88 148.00 71.05
N ARG A 886 6.45 149.17 70.80
CA ARG A 886 7.36 149.77 71.76
C ARG A 886 6.66 150.76 72.70
N ILE A 887 5.67 151.49 72.18
CA ILE A 887 4.96 152.50 72.97
C ILE A 887 4.20 151.84 74.11
N GLU A 888 3.85 150.57 73.95
CA GLU A 888 3.23 149.81 75.03
C GLU A 888 4.21 149.69 76.20
N GLN A 889 5.50 149.75 75.88
CA GLN A 889 6.57 149.63 76.87
C GLN A 889 6.99 150.98 77.45
N GLY A 890 6.24 152.04 77.12
CA GLY A 890 6.59 153.39 77.55
C GLY A 890 7.54 154.15 76.62
N TRP A 891 7.90 153.51 75.51
CA TRP A 891 8.64 154.17 74.43
C TRP A 891 7.84 155.33 73.84
N THR A 892 8.52 156.40 73.44
CA THR A 892 7.84 157.60 72.95
C THR A 892 8.68 158.35 71.91
N TYR A 893 8.06 159.31 71.24
CA TYR A 893 8.72 160.07 70.18
C TYR A 893 9.88 160.91 70.70
N GLY A 894 10.94 161.00 69.90
CA GLY A 894 12.11 161.78 70.24
C GLY A 894 13.25 161.44 69.31
N PRO A 895 13.96 162.47 68.81
CA PRO A 895 14.93 162.35 67.70
C PRO A 895 16.07 161.37 67.94
N VAL A 896 16.54 161.23 69.18
CA VAL A 896 17.66 160.33 69.46
C VAL A 896 17.30 158.87 69.19
N ARG A 897 18.25 158.13 68.61
CA ARG A 897 18.02 156.75 68.23
C ARG A 897 18.89 155.79 69.02
N ASP A 898 18.33 155.22 70.08
CA ASP A 898 19.04 154.21 70.87
C ASP A 898 18.04 153.38 71.66
N ASP A 899 18.35 152.10 71.85
CA ASP A 899 17.53 151.24 72.68
C ASP A 899 17.54 151.69 74.13
N ASN A 900 18.70 152.23 74.54
CA ASN A 900 18.85 152.75 75.90
C ASN A 900 18.00 153.99 76.16
N LYS A 901 17.72 154.74 75.10
CA LYS A 901 17.05 156.03 75.21
C LYS A 901 15.62 155.93 75.72
N ARG A 902 14.99 154.78 75.48
CA ARG A 902 13.55 154.60 75.71
C ARG A 902 12.79 155.67 74.94
N LEU A 903 13.32 156.03 73.77
CA LEU A 903 12.77 157.07 72.93
C LEU A 903 13.36 156.96 71.52
N HIS A 904 12.51 156.85 70.50
CA HIS A 904 13.02 156.72 69.15
C HIS A 904 12.28 157.67 68.20
N PRO A 905 12.98 158.22 67.19
CA PRO A 905 12.40 159.14 66.21
C PRO A 905 11.23 158.58 65.40
N CYS A 906 11.26 157.27 65.13
CA CYS A 906 10.24 156.65 64.28
C CYS A 906 8.97 156.35 65.05
N LEU A 907 9.01 156.56 66.37
CA LEU A 907 7.85 156.30 67.21
C LEU A 907 6.84 157.42 67.07
N VAL A 908 6.20 157.47 65.91
CA VAL A 908 5.25 158.53 65.57
C VAL A 908 4.38 158.07 64.41
N ASN A 909 3.35 158.83 64.09
CA ASN A 909 2.48 158.50 62.98
C ASN A 909 3.26 158.52 61.67
N PHE A 910 2.94 157.59 60.77
CA PHE A 910 3.63 157.51 59.50
C PHE A 910 3.43 158.77 58.66
N HIS A 911 2.26 159.39 58.81
CA HIS A 911 2.01 160.67 58.16
C HIS A 911 2.92 161.77 58.72
N SER A 912 3.23 161.69 60.01
CA SER A 912 4.16 162.62 60.63
C SER A 912 5.58 162.38 60.12
N LEU A 913 5.86 161.14 59.74
CA LEU A 913 7.17 160.76 59.22
C LEU A 913 7.42 161.36 57.84
N PRO A 914 8.64 161.87 57.62
CA PRO A 914 9.03 162.27 56.26
C PRO A 914 9.04 161.09 55.30
N GLU A 915 8.70 161.34 54.03
CA GLU A 915 8.52 160.28 53.05
C GLU A 915 9.75 159.38 52.89
N PRO A 916 10.94 159.98 52.79
CA PRO A 916 12.14 159.14 52.70
C PRO A 916 12.30 158.22 53.90
N GLU A 917 11.88 158.69 55.08
CA GLU A 917 11.82 157.82 56.25
C GLU A 917 10.53 157.01 56.29
N ARG A 918 9.57 157.38 55.44
CA ARG A 918 8.34 156.60 55.30
C ARG A 918 8.59 155.39 54.42
N ASN A 919 9.74 155.39 53.76
CA ASN A 919 10.18 154.23 52.99
C ASN A 919 10.40 153.03 53.91
N TYR A 920 10.72 153.31 55.17
CA TYR A 920 11.07 152.28 56.14
C TYR A 920 9.90 151.34 56.39
N ASN A 921 8.68 151.81 56.13
CA ASN A 921 7.50 150.97 56.20
C ASN A 921 6.86 150.76 54.82
N LEU A 922 6.58 151.86 54.14
CA LEU A 922 5.90 151.81 52.86
C LEU A 922 6.68 151.08 51.76
N GLN A 923 8.00 151.19 51.77
CA GLN A 923 8.77 150.56 50.70
C GLN A 923 8.84 149.06 50.89
N MET A 924 9.13 148.62 52.10
CA MET A 924 9.20 147.17 52.36
C MET A 924 7.85 146.51 52.22
N SER A 925 6.79 147.19 52.67
CA SER A 925 5.44 146.67 52.49
C SER A 925 5.04 146.64 51.03
N GLY A 926 5.52 147.62 50.27
CA GLY A 926 5.20 147.67 48.86
C GLY A 926 5.91 146.57 48.11
N GLU A 927 7.15 146.29 48.52
CA GLU A 927 7.90 145.16 48.01
C GLU A 927 7.26 143.85 48.42
N THR A 928 6.57 143.88 49.55
CA THR A 928 5.87 142.69 50.03
C THR A 928 4.66 142.40 49.17
N LEU A 929 3.87 143.42 48.85
CA LEU A 929 2.77 143.22 47.91
C LEU A 929 3.26 142.91 46.49
N LYS A 930 4.42 143.46 46.13
CA LYS A 930 5.02 143.10 44.85
C LYS A 930 5.39 141.64 44.87
N THR A 931 5.80 141.16 46.04
CA THR A 931 6.04 139.75 46.24
C THR A 931 4.75 138.95 46.16
N LEU A 932 3.64 139.57 46.57
CA LEU A 932 2.34 138.91 46.43
C LEU A 932 1.99 138.73 44.97
N LEU A 933 2.34 139.73 44.15
CA LEU A 933 2.21 139.58 42.71
C LEU A 933 3.20 138.57 42.14
N ALA A 934 4.34 138.43 42.83
CA ALA A 934 5.44 137.61 42.35
C ALA A 934 5.10 136.13 42.31
N LEU A 935 4.22 135.70 43.23
CA LEU A 935 3.80 134.31 43.28
C LEU A 935 2.71 134.05 42.24
N GLY A 936 2.22 135.12 41.63
CA GLY A 936 1.12 135.04 40.70
C GLY A 936 -0.20 135.08 41.43
N CYS A 937 -0.12 135.19 42.75
CA CYS A 937 -1.31 135.26 43.59
C CYS A 937 -2.10 136.54 43.30
N HIS A 938 -3.42 136.43 43.27
CA HIS A 938 -4.27 137.60 43.06
C HIS A 938 -4.15 138.58 44.22
N VAL A 939 -4.02 139.86 43.89
CA VAL A 939 -4.05 140.92 44.90
C VAL A 939 -5.25 141.82 44.66
N GLY A 940 -6.14 141.39 43.79
CA GLY A 940 -7.24 142.23 43.32
C GLY A 940 -8.31 142.47 44.36
N MET A 941 -9.08 143.54 44.15
CA MET A 941 -10.11 143.96 45.08
C MET A 941 -11.23 142.93 45.24
N ALA A 942 -11.71 142.78 46.46
CA ALA A 942 -12.89 141.95 46.74
C ALA A 942 -13.90 142.74 47.56
N ASP A 943 -13.40 143.74 48.28
CA ASP A 943 -14.23 144.59 49.14
C ASP A 943 -13.64 145.98 49.25
N GLU A 944 -14.46 146.94 49.67
CA GLU A 944 -14.00 148.32 49.86
C GLU A 944 -12.95 148.40 50.96
N LYS A 945 -11.97 149.28 50.76
CA LYS A 945 -10.84 149.38 51.68
C LYS A 945 -11.20 150.17 52.94
N ALA A 946 -11.25 149.47 54.06
CA ALA A 946 -11.56 150.09 55.34
C ALA A 946 -10.40 149.90 56.32
N TYR A 959 -8.31 150.00 75.53
CA TYR A 959 -7.09 150.55 74.94
C TYR A 959 -6.47 151.60 75.84
N MET A 960 -5.25 151.35 76.30
CA MET A 960 -4.55 152.24 77.21
C MET A 960 -4.25 153.59 76.57
N MET A 961 -4.35 154.66 77.37
CA MET A 961 -4.02 156.00 76.91
C MET A 961 -2.53 156.27 77.05
N SER A 962 -1.74 155.67 76.16
CA SER A 962 -0.29 155.80 76.20
C SER A 962 0.19 157.20 75.80
N ASN A 963 1.35 157.59 76.31
CA ASN A 963 1.96 158.87 75.97
C ASN A 963 2.32 158.94 74.49
N GLY A 964 2.18 160.12 73.89
CA GLY A 964 2.44 160.27 72.47
C GLY A 964 1.29 159.77 71.61
N TYR A 965 1.56 159.59 70.32
CA TYR A 965 0.52 159.18 69.36
C TYR A 965 -0.06 157.82 69.73
N LYS A 966 -1.38 157.71 69.60
CA LYS A 966 -2.12 156.54 70.08
C LYS A 966 -3.10 156.00 69.05
N PRO A 967 -2.60 155.29 68.02
CA PRO A 967 -3.54 154.77 67.02
C PRO A 967 -4.54 153.79 67.61
N ALA A 968 -5.76 153.81 67.10
CA ALA A 968 -6.77 152.84 67.50
C ALA A 968 -7.48 152.26 66.29
N PRO A 969 -6.77 151.38 65.55
CA PRO A 969 -7.30 150.80 64.31
C PRO A 969 -8.54 149.94 64.55
N LEU A 970 -9.47 149.95 63.61
CA LEU A 970 -10.59 149.02 63.66
C LEU A 970 -10.00 147.62 63.56
N ASP A 971 -10.55 146.68 64.32
CA ASP A 971 -9.83 145.44 64.59
C ASP A 971 -9.54 144.63 63.33
N LEU A 972 -8.30 144.15 63.25
CA LEU A 972 -7.85 143.33 62.14
C LEU A 972 -8.08 141.85 62.44
N SER A 973 -8.01 141.51 63.72
CA SER A 973 -8.13 140.14 64.18
C SER A 973 -9.52 139.56 63.94
N HIS A 974 -10.52 140.43 63.87
CA HIS A 974 -11.90 139.98 63.71
C HIS A 974 -12.08 139.25 62.39
N VAL A 975 -11.27 139.62 61.40
CA VAL A 975 -11.27 138.93 60.12
C VAL A 975 -10.81 137.49 60.27
N ARG A 976 -11.50 136.58 59.60
CA ARG A 976 -11.05 135.20 59.50
C ARG A 976 -10.34 135.00 58.17
N LEU A 977 -9.02 135.16 58.17
CA LEU A 977 -8.24 135.01 56.94
C LEU A 977 -8.36 133.60 56.39
N THR A 978 -8.45 133.49 55.08
CA THR A 978 -8.45 132.18 54.44
C THR A 978 -7.07 131.56 54.62
N PRO A 979 -7.02 130.23 54.80
CA PRO A 979 -5.73 129.57 55.06
C PRO A 979 -4.73 129.81 53.94
N ALA A 980 -5.23 129.91 52.72
CA ALA A 980 -4.37 130.19 51.57
C ALA A 980 -3.74 131.58 51.69
N GLN A 981 -4.45 132.51 52.32
CA GLN A 981 -3.94 133.86 52.48
C GLN A 981 -2.79 133.90 53.48
N THR A 982 -2.98 133.25 54.64
CA THR A 982 -1.93 133.18 55.63
C THR A 982 -0.75 132.36 55.14
N THR A 983 -1.02 131.34 54.33
CA THR A 983 0.05 130.55 53.74
C THR A 983 0.85 131.39 52.75
N LEU A 984 0.14 132.24 52.00
CA LEU A 984 0.80 133.17 51.11
C LEU A 984 1.64 134.17 51.89
N VAL A 985 1.15 134.54 53.07
CA VAL A 985 1.90 135.43 53.93
C VAL A 985 3.16 134.77 54.46
N ASP A 986 3.07 133.48 54.74
CA ASP A 986 4.26 132.73 55.16
C ASP A 986 5.25 132.62 54.01
N ARG A 987 4.72 132.53 52.79
CA ARG A 987 5.57 132.53 51.61
C ARG A 987 6.25 133.88 51.43
N LEU A 988 5.54 134.94 51.82
CA LEU A 988 6.09 136.28 51.75
C LEU A 988 7.22 136.43 52.74
N ALA A 989 6.99 135.89 53.94
CA ALA A 989 7.99 135.95 54.98
C ALA A 989 9.22 135.13 54.60
N GLU A 990 8.99 134.00 53.94
CA GLU A 990 10.09 133.18 53.44
C GLU A 990 10.84 133.91 52.35
N ASN A 991 10.12 134.70 51.58
CA ASN A 991 10.69 135.40 50.45
C ASN A 991 11.57 136.57 50.88
N GLY A 992 11.07 137.34 51.84
CA GLY A 992 11.83 138.45 52.37
C GLY A 992 12.95 137.93 53.25
N HIS A 993 12.73 136.79 53.87
CA HIS A 993 13.79 136.10 54.60
C HIS A 993 14.88 135.58 53.67
N ASN A 994 14.52 135.27 52.44
CA ASN A 994 15.50 134.81 51.47
C ASN A 994 16.26 135.94 50.80
N VAL A 995 15.57 137.04 50.50
CA VAL A 995 16.30 138.22 50.02
C VAL A 995 17.21 138.75 51.12
N TRP A 996 16.72 138.68 52.35
CA TRP A 996 17.52 139.03 53.50
C TRP A 996 18.66 138.03 53.66
N ALA A 997 18.42 136.79 53.22
CA ALA A 997 19.45 135.77 53.25
C ALA A 997 20.56 136.10 52.25
N ARG A 998 20.17 136.67 51.11
CA ARG A 998 21.17 137.17 50.17
C ARG A 998 21.91 138.35 50.78
N ASP A 999 21.18 139.13 51.57
CA ASP A 999 21.77 140.26 52.27
C ASP A 999 22.76 139.80 53.33
N ARG A 1000 22.53 138.62 53.87
CA ARG A 1000 23.35 138.08 54.94
C ARG A 1000 24.56 137.37 54.36
N VAL A 1001 24.37 136.78 53.19
CA VAL A 1001 25.47 136.25 52.41
C VAL A 1001 26.36 137.40 52.00
N ALA A 1002 25.73 138.57 51.84
CA ALA A 1002 26.44 139.82 51.61
C ALA A 1002 26.93 140.42 52.91
N GLN A 1003 26.50 139.85 54.04
CA GLN A 1003 26.84 140.38 55.36
C GLN A 1003 27.66 139.42 56.21
N ARG A 1016 30.00 136.31 62.95
CA ARG A 1016 30.15 134.96 63.52
C ARG A 1016 29.44 133.86 62.73
N ARG A 1017 28.14 133.73 62.94
CA ARG A 1017 27.32 132.82 62.15
C ARG A 1017 25.84 133.13 62.35
N ASN A 1018 25.19 133.62 61.29
CA ASN A 1018 23.76 133.82 61.35
C ASN A 1018 23.02 132.50 61.39
N PRO A 1019 22.10 132.38 62.34
CA PRO A 1019 21.13 131.29 62.39
C PRO A 1019 20.18 131.31 61.20
N ARG A 1020 19.79 132.51 60.79
CA ARG A 1020 18.66 132.75 59.89
C ARG A 1020 18.96 132.63 58.40
N LEU A 1021 20.21 132.32 58.05
CA LEU A 1021 20.60 132.14 56.66
C LEU A 1021 19.84 130.99 55.99
N VAL A 1022 19.61 129.92 56.74
CA VAL A 1022 18.92 128.75 56.22
C VAL A 1022 17.48 129.06 55.81
N PRO A 1023 17.03 128.46 54.71
CA PRO A 1023 15.70 128.76 54.18
C PRO A 1023 14.68 128.84 55.31
N TYR A 1024 13.70 129.72 55.15
CA TYR A 1024 12.73 130.01 56.21
C TYR A 1024 11.91 128.79 56.59
N ARG A 1025 11.71 127.88 55.64
CA ARG A 1025 10.94 126.67 55.91
C ARG A 1025 11.64 125.77 56.93
N LEU A 1026 12.96 125.79 56.95
CA LEU A 1026 13.70 124.94 57.88
C LEU A 1026 13.97 125.57 59.25
N LEU A 1027 13.81 126.89 59.35
CA LEU A 1027 14.05 127.55 60.63
C LEU A 1027 12.90 127.28 61.60
N ASP A 1028 13.20 127.32 62.89
CA ASP A 1028 12.24 126.93 63.92
C ASP A 1028 11.00 127.81 63.89
N GLU A 1029 9.86 127.20 64.16
CA GLU A 1029 8.58 127.89 64.04
C GLU A 1029 8.47 129.07 65.00
N ALA A 1030 9.12 128.97 66.15
CA ALA A 1030 9.13 130.10 67.07
C ALA A 1030 9.87 131.28 66.45
N THR A 1031 10.92 130.98 65.68
CA THR A 1031 11.58 132.00 64.87
C THR A 1031 10.70 132.42 63.70
N LYS A 1032 9.84 131.52 63.24
CA LYS A 1032 8.89 131.86 62.19
C LYS A 1032 7.88 132.87 62.69
N ARG A 1033 7.64 132.86 64.00
CA ARG A 1033 6.51 133.57 64.57
C ARG A 1033 6.55 135.09 64.40
N SER A 1034 7.73 135.68 64.31
CA SER A 1034 7.82 137.13 64.19
C SER A 1034 7.49 137.62 62.78
N ASN A 1035 8.15 137.04 61.79
CA ASN A 1035 7.88 137.37 60.41
C ASN A 1035 6.47 136.97 60.03
N ARG A 1036 6.02 135.88 60.64
CA ARG A 1036 4.65 135.43 60.45
C ARG A 1036 3.68 136.42 61.07
N ASP A 1037 4.07 137.02 62.19
CA ASP A 1037 3.22 138.03 62.81
C ASP A 1037 3.13 139.27 61.95
N SER A 1038 4.25 139.63 61.32
CA SER A 1038 4.27 140.84 60.49
C SER A 1038 3.47 140.64 59.21
N LEU A 1039 3.71 139.51 58.55
CA LEU A 1039 3.05 139.22 57.29
C LEU A 1039 1.57 138.95 57.49
N CYS A 1040 1.22 138.15 58.49
CA CYS A 1040 -0.18 137.89 58.78
C CYS A 1040 -0.91 139.13 59.29
N GLN A 1041 -0.21 140.02 59.99
CA GLN A 1041 -0.86 141.25 60.42
C GLN A 1041 -1.12 142.16 59.23
N ALA A 1042 -0.13 142.24 58.33
CA ALA A 1042 -0.31 143.05 57.14
C ALA A 1042 -1.41 142.49 56.25
N VAL A 1043 -1.51 141.17 56.20
CA VAL A 1043 -2.61 140.51 55.49
C VAL A 1043 -3.95 140.75 56.16
N ARG A 1044 -3.94 140.87 57.48
CA ARG A 1044 -5.16 141.22 58.20
C ARG A 1044 -5.57 142.63 57.86
N THR A 1045 -4.58 143.49 57.60
CA THR A 1045 -4.84 144.81 57.06
C THR A 1045 -5.37 144.72 55.63
N LEU A 1046 -4.93 143.70 54.90
CA LEU A 1046 -5.33 143.55 53.51
C LEU A 1046 -6.78 143.10 53.37
N LEU A 1047 -7.20 142.16 54.21
CA LEU A 1047 -8.61 141.78 54.23
C LEU A 1047 -9.40 142.78 55.03
N GLY A 1048 -8.69 143.64 55.77
CA GLY A 1048 -9.31 144.78 56.40
C GLY A 1048 -9.56 145.81 55.32
N TYR A 1049 -8.76 145.76 54.27
CA TYR A 1049 -9.04 146.48 53.03
C TYR A 1049 -9.98 145.65 52.18
N GLY A 1050 -10.19 144.41 52.59
CA GLY A 1050 -11.08 143.49 51.91
C GLY A 1050 -10.48 142.73 50.75
N TYR A 1051 -9.21 142.99 50.46
CA TYR A 1051 -8.56 142.38 49.31
C TYR A 1051 -8.40 140.86 49.44
N ASN A 1052 -8.67 140.16 48.35
CA ASN A 1052 -8.39 138.72 48.25
C ASN A 1052 -6.91 138.45 48.02
N ILE A 1053 -6.44 137.27 48.46
CA ILE A 1053 -5.05 136.88 48.21
C ILE A 1053 -4.92 135.37 47.99
N GLU A 1054 -5.19 134.93 46.78
CA GLU A 1054 -5.01 133.53 46.41
C GLU A 1054 -4.27 133.41 45.07
N PRO A 1055 -3.59 132.28 44.86
CA PRO A 1055 -2.82 131.96 43.64
C PRO A 1055 -3.62 132.17 42.35
N ARG A 1071 14.04 106.72 48.44
CA ARG A 1071 12.96 106.02 47.75
C ARG A 1071 11.96 105.46 48.75
N VAL A 1072 11.62 104.17 48.61
CA VAL A 1072 10.71 103.50 49.54
C VAL A 1072 11.17 102.07 49.80
N ARG A 1073 11.67 101.77 51.01
CA ARG A 1073 12.01 100.39 51.36
C ARG A 1073 10.78 99.49 51.40
N ILE A 1074 10.94 98.24 50.99
CA ILE A 1074 9.89 97.25 51.15
C ILE A 1074 10.34 96.05 51.98
N PHE A 1075 9.98 96.09 53.26
CA PHE A 1075 10.20 95.00 54.19
C PHE A 1075 9.38 93.76 53.85
N ARG A 1076 9.99 92.59 53.97
CA ARG A 1076 9.28 91.34 53.77
C ARG A 1076 9.96 90.15 54.43
N ALA A 1077 9.16 89.16 54.82
CA ALA A 1077 9.66 87.94 55.45
C ALA A 1077 10.41 87.05 54.46
N GLU A 1078 11.31 86.23 54.99
CA GLU A 1078 12.06 85.29 54.18
C GLU A 1078 11.17 84.22 53.53
N LYS A 1079 11.51 83.82 52.31
CA LYS A 1079 10.68 82.91 51.52
C LYS A 1079 10.53 81.53 52.16
N SER A 1080 11.50 81.13 52.97
CA SER A 1080 11.39 79.88 53.70
C SER A 1080 10.22 79.96 54.68
N TYR A 1081 9.88 81.16 55.09
CA TYR A 1081 8.86 81.38 56.10
C TYR A 1081 7.44 81.51 55.53
N THR A 1082 7.28 81.36 54.22
CA THR A 1082 5.95 81.57 53.62
C THR A 1082 4.89 80.65 54.21
N VAL A 1083 3.74 81.24 54.53
CA VAL A 1083 2.57 80.45 54.85
C VAL A 1083 2.04 79.89 53.54
N GLN A 1084 1.41 78.73 53.58
CA GLN A 1084 0.86 78.17 52.35
C GLN A 1084 -0.30 77.25 52.69
N SER A 1085 -0.56 77.08 53.99
CA SER A 1085 -1.70 76.32 54.45
C SER A 1085 -2.20 76.82 55.80
N GLY A 1086 -3.52 76.82 55.97
CA GLY A 1086 -4.13 77.17 57.24
C GLY A 1086 -4.32 78.66 57.44
N ARG A 1087 -5.05 79.03 58.49
CA ARG A 1087 -5.21 80.43 58.85
C ARG A 1087 -3.92 80.96 59.46
N TRP A 1088 -3.65 82.25 59.27
CA TRP A 1088 -2.39 82.87 59.73
C TRP A 1088 -2.57 84.35 60.00
N TYR A 1089 -1.64 84.94 60.73
CA TYR A 1089 -1.81 86.34 61.12
C TYR A 1089 -0.52 87.08 61.52
N PHE A 1090 -0.22 88.18 60.85
CA PHE A 1090 0.95 88.96 61.26
C PHE A 1090 0.51 90.37 61.63
N GLU A 1091 1.46 91.22 62.01
CA GLU A 1091 1.11 92.48 62.68
C GLU A 1091 1.96 93.68 62.33
N PHE A 1092 1.45 94.85 62.68
CA PHE A 1092 2.16 96.09 62.44
C PHE A 1092 1.80 97.17 63.46
N GLU A 1093 2.62 97.32 64.50
CA GLU A 1093 2.49 98.48 65.37
C GLU A 1093 2.88 99.75 64.60
N ALA A 1094 2.13 100.83 64.77
CA ALA A 1094 2.37 102.04 63.99
C ALA A 1094 3.22 103.07 64.75
N VAL A 1095 4.54 103.00 64.56
CA VAL A 1095 5.44 103.96 65.18
C VAL A 1095 5.21 105.39 64.68
N THR A 1096 4.78 105.52 63.42
CA THR A 1096 4.56 106.85 62.86
C THR A 1096 3.44 106.89 61.83
N THR A 1097 2.66 107.95 61.87
CA THR A 1097 1.60 108.17 60.89
C THR A 1097 2.16 108.46 59.51
N GLY A 1098 1.47 107.97 58.48
CA GLY A 1098 1.89 108.21 57.11
C GLY A 1098 1.39 107.13 56.16
N GLU A 1099 1.88 107.16 54.93
CA GLU A 1099 1.47 106.18 53.92
C GLU A 1099 2.25 104.88 54.04
N MET A 1100 2.02 104.16 55.13
CA MET A 1100 2.54 102.80 55.27
C MET A 1100 1.77 101.85 54.38
N ARG A 1101 2.44 100.79 53.92
CA ARG A 1101 1.77 99.79 53.10
C ARG A 1101 1.92 98.41 53.70
N VAL A 1102 1.00 98.04 54.59
CA VAL A 1102 1.09 96.77 55.31
C VAL A 1102 0.13 95.72 54.77
N GLY A 1103 0.61 94.49 54.62
CA GLY A 1103 -0.24 93.38 54.22
C GLY A 1103 0.53 92.20 53.65
N TRP A 1104 -0.19 91.13 53.36
CA TRP A 1104 0.39 89.94 52.75
C TRP A 1104 0.84 90.20 51.32
N ALA A 1105 1.91 89.55 50.89
CA ALA A 1105 2.35 89.64 49.51
C ALA A 1105 3.20 88.44 49.10
N ARG A 1106 3.18 88.16 47.82
CA ARG A 1106 3.88 87.01 47.26
C ARG A 1106 5.40 87.18 47.27
N PRO A 1107 6.13 86.08 47.49
CA PRO A 1107 7.59 86.05 47.52
C PRO A 1107 8.21 86.55 46.21
N GLU A 1108 7.52 86.31 45.11
CA GLU A 1108 8.03 86.60 43.78
C GLU A 1108 8.31 88.08 43.54
N LEU A 1109 7.69 88.96 44.33
CA LEU A 1109 7.57 90.37 43.95
C LEU A 1109 8.89 91.09 43.71
N ARG A 1110 8.90 91.92 42.68
CA ARG A 1110 10.02 92.81 42.42
C ARG A 1110 10.07 93.94 43.43
N PRO A 1111 11.26 94.20 43.97
CA PRO A 1111 11.49 95.44 44.70
C PRO A 1111 11.23 96.66 43.82
N ASP A 1112 11.53 96.52 42.53
CA ASP A 1112 11.58 97.65 41.61
C ASP A 1112 10.22 97.86 40.98
N VAL A 1113 9.20 97.76 41.83
CA VAL A 1113 7.82 97.99 41.44
C VAL A 1113 7.12 98.65 42.62
N GLU A 1114 6.20 99.57 42.35
CA GLU A 1114 5.44 100.19 43.42
C GLU A 1114 4.67 99.08 44.11
N LEU A 1115 4.67 99.08 45.43
CA LEU A 1115 4.08 97.95 46.15
C LEU A 1115 2.59 97.90 45.88
N GLY A 1116 2.07 96.72 45.60
CA GLY A 1116 0.64 96.52 45.43
C GLY A 1116 0.16 96.86 44.04
N ALA A 1117 1.07 97.36 43.21
CA ALA A 1117 0.74 97.69 41.83
C ALA A 1117 0.52 96.44 41.00
N ASP A 1118 1.07 95.33 41.47
CA ASP A 1118 1.08 94.10 40.69
C ASP A 1118 0.25 92.98 41.31
N GLU A 1119 0.29 91.82 40.67
CA GLU A 1119 -0.41 90.63 41.12
C GLU A 1119 0.19 90.12 42.42
N LEU A 1120 1.40 90.55 42.71
CA LEU A 1120 2.24 89.96 43.74
C LEU A 1120 2.01 90.48 45.16
N ALA A 1121 1.09 91.42 45.35
CA ALA A 1121 0.91 92.02 46.68
C ALA A 1121 -0.54 92.27 47.09
N TYR A 1122 -0.77 92.30 48.39
CA TYR A 1122 -2.09 92.52 49.00
C TYR A 1122 -1.98 93.38 50.27
N VAL A 1123 -2.26 94.68 50.16
CA VAL A 1123 -2.07 95.59 51.28
C VAL A 1123 -3.12 96.71 51.28
N PHE A 1124 -3.24 97.42 52.40
CA PHE A 1124 -3.95 98.71 52.39
C PHE A 1124 -2.98 99.77 52.87
N ASN A 1125 -3.04 100.97 52.29
CA ASN A 1125 -2.18 102.07 52.75
C ASN A 1125 -2.55 102.49 54.16
N GLY A 1126 -1.54 102.81 54.98
CA GLY A 1126 -1.80 103.25 56.34
C GLY A 1126 -2.48 104.60 56.38
N HIS A 1127 -2.08 105.47 55.47
CA HIS A 1127 -2.82 106.69 55.16
C HIS A 1127 -3.99 106.32 54.26
N ARG A 1128 -5.06 107.12 54.31
CA ARG A 1128 -6.26 106.90 53.48
C ARG A 1128 -6.97 105.58 53.79
N GLY A 1129 -6.20 104.50 53.91
CA GLY A 1129 -6.74 103.20 54.27
C GLY A 1129 -7.25 102.39 53.10
N GLN A 1130 -7.13 102.95 51.90
CA GLN A 1130 -7.48 102.21 50.70
C GLN A 1130 -6.57 101.00 50.48
N ARG A 1131 -7.20 99.85 50.25
CA ARG A 1131 -6.50 98.60 50.02
C ARG A 1131 -5.88 98.65 48.64
N TRP A 1132 -4.69 98.07 48.50
CA TRP A 1132 -4.03 98.07 47.21
C TRP A 1132 -3.74 96.68 46.68
N HIS A 1133 -4.30 96.38 45.52
CA HIS A 1133 -3.83 95.29 44.69
C HIS A 1133 -4.10 95.64 43.24
N LEU A 1134 -3.13 95.43 42.36
CA LEU A 1134 -3.38 95.67 40.95
C LEU A 1134 -3.91 97.08 40.74
N GLY A 1135 -3.32 98.04 41.44
CA GLY A 1135 -3.84 99.39 41.52
C GLY A 1135 -4.80 99.62 42.67
N SER A 1136 -4.96 100.89 43.01
CA SER A 1136 -5.74 101.29 44.19
C SER A 1136 -7.24 101.01 44.12
N GLU A 1137 -7.79 100.60 45.25
CA GLU A 1137 -9.22 100.72 45.51
C GLU A 1137 -9.44 101.21 46.94
N PRO A 1138 -10.52 101.97 47.18
CA PRO A 1138 -10.90 102.41 48.53
C PRO A 1138 -11.24 101.24 49.46
N PHE A 1139 -10.93 101.36 50.74
CA PHE A 1139 -11.26 100.32 51.70
C PHE A 1139 -11.60 100.92 53.07
N GLY A 1140 -10.64 100.92 54.00
CA GLY A 1140 -10.90 101.40 55.34
C GLY A 1140 -10.54 102.84 55.61
N ARG A 1141 -11.00 103.35 56.75
CA ARG A 1141 -10.58 104.65 57.26
C ARG A 1141 -9.16 104.55 57.84
N PRO A 1142 -8.29 105.52 57.53
CA PRO A 1142 -6.92 105.45 58.04
C PRO A 1142 -6.86 105.49 59.56
N TRP A 1143 -5.92 104.76 60.13
CA TRP A 1143 -5.67 104.80 61.56
C TRP A 1143 -5.11 106.10 62.09
N GLN A 1144 -5.51 106.43 63.32
CA GLN A 1144 -4.90 107.48 64.12
C GLN A 1144 -3.51 107.00 64.53
N SER A 1145 -2.61 107.95 64.78
CA SER A 1145 -1.23 107.57 65.07
C SER A 1145 -1.17 106.64 66.27
N GLY A 1146 -0.30 105.63 66.17
CA GLY A 1146 -0.06 104.70 67.24
C GLY A 1146 -1.04 103.53 67.30
N ASP A 1147 -2.00 103.50 66.37
CA ASP A 1147 -2.92 102.37 66.30
C ASP A 1147 -2.21 101.10 65.84
N VAL A 1148 -2.60 99.97 66.41
CA VAL A 1148 -1.96 98.71 66.11
C VAL A 1148 -2.64 98.00 64.93
N VAL A 1149 -2.07 98.19 63.74
CA VAL A 1149 -2.56 97.53 62.54
C VAL A 1149 -2.35 96.02 62.61
N GLY A 1150 -3.29 95.24 62.09
CA GLY A 1150 -3.15 93.80 62.04
C GLY A 1150 -3.50 93.23 60.68
N CYS A 1151 -2.92 92.08 60.35
CA CYS A 1151 -3.15 91.48 59.03
C CYS A 1151 -3.35 89.97 59.08
N MET A 1152 -4.62 89.59 59.16
CA MET A 1152 -5.06 88.21 59.04
C MET A 1152 -5.03 87.70 57.61
N ILE A 1153 -4.90 86.40 57.47
CA ILE A 1153 -5.26 85.72 56.24
C ILE A 1153 -5.91 84.37 56.55
N ASP A 1154 -6.97 84.06 55.82
CA ASP A 1154 -7.59 82.75 55.90
C ASP A 1154 -7.25 81.97 54.64
N LEU A 1155 -6.49 80.89 54.80
CA LEU A 1155 -6.29 79.95 53.71
C LEU A 1155 -7.43 78.94 53.79
N THR A 1156 -7.55 78.12 52.74
CA THR A 1156 -8.73 77.28 52.48
C THR A 1156 -9.89 78.19 52.06
N GLU A 1157 -10.47 78.90 53.01
CA GLU A 1157 -11.37 80.01 52.67
C GLU A 1157 -10.53 81.25 52.44
N ASN A 1158 -10.20 81.51 51.18
CA ASN A 1158 -9.13 82.43 50.83
C ASN A 1158 -9.49 83.90 50.89
N THR A 1159 -9.28 84.50 52.06
CA THR A 1159 -9.57 85.92 52.28
C THR A 1159 -8.54 86.54 53.22
N ILE A 1160 -8.38 87.85 53.13
CA ILE A 1160 -7.38 88.56 53.93
C ILE A 1160 -8.00 89.67 54.76
N ILE A 1161 -8.31 89.35 56.01
CA ILE A 1161 -8.83 90.32 56.97
C ILE A 1161 -7.76 91.35 57.35
N PHE A 1162 -8.17 92.60 57.56
CA PHE A 1162 -7.27 93.62 58.09
C PHE A 1162 -7.82 94.30 59.34
N THR A 1163 -7.52 93.74 60.50
CA THR A 1163 -7.95 94.32 61.77
C THR A 1163 -7.25 95.65 62.08
N LEU A 1164 -7.99 96.55 62.73
CA LEU A 1164 -7.41 97.77 63.28
C LEU A 1164 -7.78 97.87 64.75
N ASN A 1165 -6.84 97.51 65.62
CA ASN A 1165 -7.10 97.41 67.05
C ASN A 1165 -8.31 96.52 67.33
N GLY A 1166 -8.39 95.41 66.60
CA GLY A 1166 -9.47 94.45 66.76
C GLY A 1166 -10.70 94.76 65.93
N GLU A 1167 -10.66 95.86 65.19
CA GLU A 1167 -11.74 96.20 64.27
C GLU A 1167 -11.50 95.65 62.88
N VAL A 1168 -12.16 94.54 62.57
CA VAL A 1168 -12.19 94.07 61.19
C VAL A 1168 -12.91 95.12 60.38
N LEU A 1169 -12.41 95.41 59.17
CA LEU A 1169 -13.03 96.39 58.30
C LEU A 1169 -13.82 95.67 57.22
N ALA A 1178 -11.51 91.82 53.22
CA ALA A 1178 -10.92 92.64 52.17
C ALA A 1178 -10.71 91.84 50.90
N PHE A 1179 -9.45 91.48 50.64
CA PHE A 1179 -9.12 90.67 49.48
C PHE A 1179 -9.77 89.31 49.67
N ARG A 1180 -10.26 88.72 48.59
CA ARG A 1180 -11.08 87.52 48.71
C ARG A 1180 -10.82 86.55 47.56
N GLU A 1181 -11.05 85.26 47.84
CA GLU A 1181 -10.98 84.21 46.84
C GLU A 1181 -9.62 84.14 46.14
N ILE A 1182 -8.59 84.61 46.82
CA ILE A 1182 -7.22 84.59 46.29
C ILE A 1182 -6.64 83.17 46.14
N GLU A 1183 -5.95 82.92 45.04
CA GLU A 1183 -5.24 81.67 44.87
C GLU A 1183 -3.94 81.63 45.70
N ILE A 1184 -3.58 80.43 46.18
CA ILE A 1184 -2.30 80.26 46.87
C ILE A 1184 -1.26 79.81 45.84
N GLY A 1185 -0.73 80.74 45.07
CA GLY A 1185 0.16 80.38 43.99
C GLY A 1185 1.52 79.86 44.45
N ASP A 1186 2.03 80.43 45.53
CA ASP A 1186 3.32 80.04 46.10
C ASP A 1186 3.26 80.05 47.61
N GLY A 1187 2.16 80.58 48.13
CA GLY A 1187 2.07 80.91 49.54
C GLY A 1187 2.52 82.35 49.73
N PHE A 1188 2.27 82.92 50.90
CA PHE A 1188 2.40 84.37 51.08
C PHE A 1188 3.30 84.77 52.25
N LEU A 1189 3.72 86.02 52.24
CA LEU A 1189 4.60 86.58 53.26
C LEU A 1189 4.06 87.85 53.84
N PRO A 1190 4.37 88.14 55.11
CA PRO A 1190 4.10 89.50 55.57
C PRO A 1190 4.94 90.48 54.78
N VAL A 1191 4.42 91.66 54.52
CA VAL A 1191 5.16 92.70 53.81
C VAL A 1191 4.69 94.06 54.29
N CYS A 1192 5.62 95.00 54.41
CA CYS A 1192 5.29 96.37 54.77
C CYS A 1192 6.17 97.30 53.96
N SER A 1193 5.67 98.48 53.63
CA SER A 1193 6.62 99.45 53.08
C SER A 1193 6.44 100.81 53.73
N LEU A 1194 7.58 101.30 54.23
CA LEU A 1194 7.71 102.61 54.85
C LEU A 1194 7.57 103.76 53.86
N GLY A 1195 6.97 104.84 54.31
CA GLY A 1195 7.09 106.10 53.59
C GLY A 1195 8.49 106.60 53.91
N PRO A 1196 8.99 107.58 53.14
CA PRO A 1196 10.37 108.00 53.35
C PRO A 1196 10.66 108.51 54.76
N GLY A 1197 9.70 109.18 55.38
CA GLY A 1197 9.89 109.65 56.74
C GLY A 1197 9.23 108.76 57.78
N GLN A 1198 8.39 107.86 57.32
CA GLN A 1198 7.62 106.99 58.20
C GLN A 1198 8.41 105.86 58.82
N VAL A 1199 7.97 105.46 60.01
CA VAL A 1199 8.62 104.39 60.77
C VAL A 1199 7.52 103.47 61.27
N GLY A 1200 7.76 102.16 61.25
CA GLY A 1200 6.71 101.22 61.64
C GLY A 1200 7.17 99.89 62.21
N HIS A 1201 6.91 99.69 63.49
CA HIS A 1201 7.26 98.46 64.18
C HIS A 1201 6.48 97.28 63.61
N LEU A 1202 7.13 96.12 63.52
CA LEU A 1202 6.48 94.90 63.07
C LEU A 1202 6.62 93.81 64.13
N ASN A 1203 5.63 92.94 64.20
CA ASN A 1203 5.66 91.86 65.16
C ASN A 1203 5.25 90.53 64.54
N LEU A 1204 5.80 89.45 65.09
CA LEU A 1204 5.51 88.11 64.63
C LEU A 1204 5.55 87.14 65.80
N GLY A 1205 4.39 86.89 66.40
CA GLY A 1205 4.29 85.99 67.54
C GLY A 1205 4.79 86.52 68.87
N GLN A 1206 5.17 85.59 69.75
CA GLN A 1206 5.45 85.86 71.16
C GLN A 1206 4.20 86.42 71.82
N ASP A 1207 3.52 85.56 72.58
CA ASP A 1207 2.19 85.86 73.08
C ASP A 1207 2.13 87.06 74.03
N VAL A 1208 3.22 87.33 74.75
CA VAL A 1208 3.27 88.54 75.57
C VAL A 1208 3.24 89.76 74.68
N SER A 1209 3.81 89.63 73.48
CA SER A 1209 3.78 90.69 72.50
C SER A 1209 2.46 90.69 71.75
N SER A 1210 1.65 89.66 71.95
CA SER A 1210 0.36 89.57 71.27
C SER A 1210 -0.65 90.46 71.98
N LEU A 1211 -0.59 91.75 71.70
CA LEU A 1211 -1.33 92.74 72.47
C LEU A 1211 -2.75 92.90 71.90
N ARG A 1212 -3.19 94.12 71.62
CA ARG A 1212 -4.59 94.36 71.25
C ARG A 1212 -4.97 93.65 69.95
N PHE A 1213 -3.98 93.49 69.09
CA PHE A 1213 -4.22 92.96 67.75
C PHE A 1213 -4.69 91.51 67.64
N PHE A 1214 -4.32 90.65 68.58
CA PHE A 1214 -4.55 89.22 68.40
C PHE A 1214 -5.52 88.61 69.39
N ALA A 1215 -5.24 88.76 70.68
CA ALA A 1215 -6.07 88.10 71.68
C ALA A 1215 -7.50 88.62 71.64
N ILE A 1216 -7.66 89.89 71.27
CA ILE A 1216 -8.98 90.46 71.09
C ILE A 1216 -9.74 89.84 69.91
N CYS A 1217 -8.99 89.37 68.91
CA CYS A 1217 -9.64 88.93 67.68
C CYS A 1217 -8.99 87.70 67.00
N GLY A 1218 -7.68 87.55 67.09
CA GLY A 1218 -7.01 86.48 66.39
C GLY A 1218 -7.20 85.10 66.97
N LEU A 1219 -7.42 85.02 68.28
CA LEU A 1219 -7.80 83.76 68.91
C LEU A 1219 -9.18 83.32 68.47
N GLN A 1220 -10.01 84.31 68.14
CA GLN A 1220 -11.43 84.08 67.93
C GLN A 1220 -11.73 83.13 66.77
N GLU A 1221 -10.92 83.21 65.72
CA GLU A 1221 -11.16 82.41 64.52
C GLU A 1221 -10.09 81.37 64.30
N GLY A 1222 -9.09 81.34 65.18
CA GLY A 1222 -7.96 80.46 64.98
C GLY A 1222 -6.94 81.09 64.05
N PHE A 1223 -5.86 81.60 64.64
CA PHE A 1223 -4.75 82.15 63.86
C PHE A 1223 -3.43 81.86 64.57
N GLU A 1224 -2.38 81.66 63.77
CA GLU A 1224 -1.05 81.44 64.32
C GLU A 1224 -0.07 82.55 63.93
N PRO A 1225 0.27 83.41 64.89
CA PRO A 1225 1.42 84.28 64.74
C PRO A 1225 2.68 83.42 64.63
N PHE A 1226 3.67 83.86 63.85
CA PHE A 1226 4.73 82.96 63.43
C PHE A 1226 5.65 82.42 64.53
N ALA A 1227 5.78 83.13 65.64
CA ALA A 1227 6.74 82.73 66.68
C ALA A 1227 6.38 81.42 67.36
N ILE A 1228 5.10 81.04 67.32
CA ILE A 1228 4.71 79.75 67.87
C ILE A 1228 5.43 78.64 67.10
N ASN A 1229 5.63 78.88 65.81
CA ASN A 1229 6.39 77.96 64.97
C ASN A 1229 7.87 77.88 65.35
N MET A 1230 8.42 78.98 65.85
CA MET A 1230 9.88 79.15 65.79
C MET A 1230 10.50 79.84 67.00
N GLN A 1231 11.70 79.41 67.35
CA GLN A 1231 12.47 80.05 68.41
C GLN A 1231 13.22 81.27 67.92
N ARG A 1232 13.82 81.15 66.74
CA ARG A 1232 14.64 82.21 66.19
C ARG A 1232 13.75 83.38 65.81
N PRO A 1233 14.23 84.61 66.01
CA PRO A 1233 13.43 85.72 65.49
C PRO A 1233 13.32 85.59 63.99
N VAL A 1234 12.17 85.92 63.43
CA VAL A 1234 12.00 85.75 62.00
C VAL A 1234 12.95 86.67 61.25
N THR A 1235 13.64 86.15 60.24
CA THR A 1235 14.42 87.00 59.38
C THR A 1235 13.46 87.73 58.46
N THR A 1236 13.78 88.97 58.11
CA THR A 1236 12.99 89.70 57.15
C THR A 1236 13.92 90.22 56.06
N TRP A 1237 13.37 90.95 55.10
CA TRP A 1237 14.17 91.41 53.97
C TRP A 1237 13.88 92.87 53.70
N PHE A 1238 14.79 93.55 53.02
CA PHE A 1238 14.43 94.87 52.52
C PHE A 1238 15.19 95.18 51.26
N SER A 1239 14.52 95.85 50.33
CA SER A 1239 15.17 96.34 49.13
C SER A 1239 16.19 97.41 49.48
N LYS A 1240 17.38 97.34 48.90
CA LYS A 1240 18.29 98.48 48.96
C LYS A 1240 18.10 99.41 47.76
N SER A 1241 18.25 100.71 48.02
CA SER A 1241 18.18 101.72 46.98
C SER A 1241 19.40 101.63 46.08
N LEU A 1242 20.45 100.96 46.56
CA LEU A 1242 21.69 100.84 45.80
C LEU A 1242 21.47 100.02 44.54
N PRO A 1243 21.87 100.58 43.40
CA PRO A 1243 21.94 99.77 42.18
C PRO A 1243 22.94 98.66 42.32
N GLN A 1244 22.64 97.51 41.72
CA GLN A 1244 23.55 96.38 41.64
C GLN A 1244 23.20 95.68 40.35
N PHE A 1245 24.15 95.01 39.72
CA PHE A 1245 23.87 94.43 38.42
C PHE A 1245 22.83 93.32 38.52
N GLU A 1246 21.87 93.34 37.61
CA GLU A 1246 20.93 92.24 37.45
C GLU A 1246 20.96 91.78 35.99
N PRO A 1247 21.49 90.58 35.71
CA PRO A 1247 21.63 90.16 34.32
C PRO A 1247 20.26 90.11 33.66
N VAL A 1248 20.17 90.49 32.38
CA VAL A 1248 18.87 90.77 31.82
C VAL A 1248 18.03 89.51 31.72
N PRO A 1249 16.84 89.53 32.34
CA PRO A 1249 15.80 88.52 32.20
C PRO A 1249 15.26 88.48 30.78
N PRO A 1250 14.88 87.29 30.29
CA PRO A 1250 14.31 87.24 28.94
C PRO A 1250 13.07 88.13 28.80
N GLU A 1251 12.28 88.22 29.87
CA GLU A 1251 11.24 89.24 29.98
C GLU A 1251 11.85 90.57 30.39
N HIS A 1252 11.26 91.67 29.94
CA HIS A 1252 11.61 92.99 30.46
C HIS A 1252 10.55 93.92 29.87
N PRO A 1253 10.45 95.16 30.38
CA PRO A 1253 9.63 96.10 29.59
C PRO A 1253 10.18 96.17 28.17
N HIS A 1254 11.50 96.03 28.07
CA HIS A 1254 12.17 95.22 27.06
C HIS A 1254 13.40 95.90 26.51
N TYR A 1255 14.55 95.37 26.90
CA TYR A 1255 15.83 95.76 26.33
C TYR A 1255 16.47 94.49 25.82
N GLU A 1256 16.36 94.24 24.52
CA GLU A 1256 16.60 92.91 23.98
C GLU A 1256 18.07 92.55 23.82
N VAL A 1257 18.62 91.89 24.83
CA VAL A 1257 19.98 91.36 24.74
C VAL A 1257 20.04 90.31 23.62
N ALA A 1258 21.13 90.30 22.88
CA ALA A 1258 21.25 89.39 21.75
C ALA A 1258 22.70 88.98 21.50
N ARG A 1259 23.06 87.79 21.96
CA ARG A 1259 24.38 87.23 21.69
C ARG A 1259 24.52 87.04 20.19
N MET A 1260 25.69 87.36 19.64
CA MET A 1260 25.84 87.40 18.19
C MET A 1260 27.30 87.23 17.77
N ASP A 1261 27.50 86.70 16.56
CA ASP A 1261 28.84 86.55 16.00
C ASP A 1261 28.80 86.73 14.48
N LEU A 1272 32.98 89.32 12.84
CA LEU A 1272 33.53 89.34 14.19
C LEU A 1272 32.43 89.23 15.23
N ALA A 1273 32.74 88.60 16.37
CA ALA A 1273 31.78 88.51 17.46
C ALA A 1273 31.48 89.89 18.02
N HIS A 1274 30.20 90.14 18.24
CA HIS A 1274 29.75 91.42 18.77
C HIS A 1274 28.31 91.23 19.21
N ARG A 1275 27.78 92.14 20.02
CA ARG A 1275 26.38 92.00 20.39
C ARG A 1275 25.56 93.25 20.05
N THR A 1276 24.39 93.01 19.48
CA THR A 1276 23.49 94.07 19.03
C THR A 1276 22.25 94.15 19.90
N TRP A 1277 21.80 95.36 20.24
CA TRP A 1277 20.50 95.53 20.87
C TRP A 1277 19.67 96.59 20.19
N GLY A 1278 18.37 96.31 20.10
CA GLY A 1278 17.35 97.31 19.85
C GLY A 1278 16.56 97.49 21.12
N SER A 1279 15.33 98.02 20.99
CA SER A 1279 14.41 98.11 22.11
C SER A 1279 12.98 98.09 21.59
N GLN A 1280 12.36 96.91 21.66
CA GLN A 1280 11.05 96.68 21.05
C GLN A 1280 9.92 97.51 21.68
N ASN A 1281 10.04 97.85 22.95
CA ASN A 1281 8.99 98.61 23.61
C ASN A 1281 9.56 99.81 24.34
N SER A 1282 8.83 100.91 24.31
CA SER A 1282 9.37 102.20 24.74
C SER A 1282 9.24 102.50 26.23
N LEU A 1283 10.02 101.84 27.08
CA LEU A 1283 10.21 102.35 28.43
C LEU A 1283 11.02 103.64 28.27
N VAL A 1284 10.65 104.65 29.04
CA VAL A 1284 11.14 106.00 28.77
C VAL A 1284 12.63 106.28 28.96
N GLU A 1285 13.33 105.59 29.85
CA GLU A 1285 14.57 106.17 30.32
C GLU A 1285 15.60 105.22 30.97
N MET A 1286 16.88 105.58 30.79
CA MET A 1286 18.03 105.00 31.50
C MET A 1286 18.33 103.53 31.28
N LEU A 1287 19.54 103.29 30.76
CA LEU A 1287 20.15 101.97 30.73
C LEU A 1287 21.56 102.08 31.29
N PHE A 1288 21.87 101.35 32.35
CA PHE A 1288 23.20 101.39 32.94
C PHE A 1288 23.92 100.07 32.74
N LEU A 1289 24.46 99.90 31.54
CA LEU A 1289 24.85 98.59 31.05
C LEU A 1289 26.29 98.20 31.39
N ARG A 1290 26.53 97.75 32.61
CA ARG A 1290 27.79 97.09 32.93
C ARG A 1290 27.89 95.70 32.30
N LEU A 1291 29.06 95.36 31.77
CA LEU A 1291 29.34 93.98 31.43
C LEU A 1291 29.70 93.27 32.73
N SER A 1292 29.51 91.95 32.79
CA SER A 1292 29.67 91.21 34.04
C SER A 1292 31.13 90.89 34.40
N LEU A 1293 32.04 91.17 33.48
CA LEU A 1293 33.40 90.63 33.54
C LEU A 1293 34.52 91.67 33.41
N PRO A 1294 34.84 92.36 34.52
CA PRO A 1294 35.80 93.46 34.65
C PRO A 1294 37.25 93.08 34.35
N VAL A 1295 37.99 94.02 33.77
CA VAL A 1295 39.42 93.85 33.49
C VAL A 1295 40.28 93.84 34.74
N GLN A 1296 41.43 93.18 34.67
CA GLN A 1296 42.41 93.23 35.75
C GLN A 1296 43.77 93.71 35.26
N PHE A 1297 44.51 94.41 36.11
CA PHE A 1297 45.83 94.92 35.77
C PHE A 1297 46.93 94.14 36.48
N THR A 1432 45.96 98.25 25.93
CA THR A 1432 46.42 96.95 25.47
C THR A 1432 45.20 96.11 25.09
N TYR A 1433 44.02 96.59 25.45
CA TYR A 1433 42.77 95.90 25.10
C TYR A 1433 41.66 96.89 24.74
N TYR A 1434 41.27 96.90 23.47
CA TYR A 1434 40.22 97.79 22.98
C TYR A 1434 38.84 97.30 23.40
N TYR A 1435 37.90 98.24 23.52
CA TYR A 1435 36.50 97.90 23.77
C TYR A 1435 35.59 98.72 22.87
N SER A 1436 35.45 98.27 21.63
CA SER A 1436 34.64 98.97 20.64
C SER A 1436 33.15 98.97 21.01
N VAL A 1437 32.48 100.08 20.72
CA VAL A 1437 31.04 100.20 21.00
C VAL A 1437 30.33 100.86 19.83
N ARG A 1438 29.77 100.06 18.93
CA ARG A 1438 29.02 100.60 17.79
C ARG A 1438 27.65 101.09 18.25
N VAL A 1439 27.11 102.10 17.56
CA VAL A 1439 25.75 102.57 17.81
C VAL A 1439 25.01 102.79 16.50
N PHE A 1440 23.93 102.02 16.28
CA PHE A 1440 23.21 102.08 15.02
C PHE A 1440 22.60 103.45 14.77
N ALA A 1441 22.24 104.12 15.84
CA ALA A 1441 21.64 105.45 15.79
C ALA A 1441 21.27 105.90 17.20
N CYS A 1447 21.02 110.79 25.20
CA CYS A 1447 22.31 110.36 24.70
C CYS A 1447 22.72 108.99 25.23
N VAL A 1448 23.97 108.62 25.04
CA VAL A 1448 24.46 107.33 25.51
C VAL A 1448 25.94 107.37 25.86
N TRP A 1449 26.24 107.65 27.12
CA TRP A 1449 27.61 107.69 27.61
C TRP A 1449 28.27 106.32 27.53
N VAL A 1450 29.55 106.30 27.19
CA VAL A 1450 30.27 105.04 27.03
C VAL A 1450 31.59 105.06 27.80
N GLY A 1451 31.90 103.97 28.52
CA GLY A 1451 33.18 103.89 29.19
C GLY A 1451 33.37 102.82 30.25
N TRP A 1452 34.57 102.78 30.81
CA TRP A 1452 34.91 101.87 31.89
C TRP A 1452 34.32 102.33 33.21
N VAL A 1453 34.08 101.39 34.13
CA VAL A 1453 33.48 101.70 35.41
C VAL A 1453 34.13 100.91 36.55
N THR A 1454 34.27 101.57 37.69
CA THR A 1454 34.86 101.00 38.91
C THR A 1454 33.88 99.91 39.37
N PRO A 1455 34.39 98.82 39.99
CA PRO A 1455 33.47 97.71 40.26
C PRO A 1455 32.26 98.05 41.12
N ASP A 1456 32.40 98.95 42.08
CA ASP A 1456 31.23 99.56 42.67
C ASP A 1456 30.58 100.56 41.71
N TYR A 1457 29.25 100.61 41.71
CA TYR A 1457 28.56 101.72 41.09
C TYR A 1457 27.16 101.72 41.67
N HIS A 1458 26.62 102.92 41.92
CA HIS A 1458 25.35 103.04 42.61
C HIS A 1458 24.67 104.35 42.27
N GLN A 1459 25.13 105.01 41.23
CA GLN A 1459 24.67 106.35 40.90
C GLN A 1459 23.53 106.34 39.89
N HIS A 1460 22.42 105.70 40.23
CA HIS A 1460 21.27 105.76 39.36
C HIS A 1460 20.80 107.21 39.27
N ASP A 1461 20.54 107.68 38.05
CA ASP A 1461 20.20 109.08 37.75
C ASP A 1461 20.44 109.39 36.27
N MET A 1462 19.61 110.27 35.72
CA MET A 1462 19.86 110.84 34.40
C MET A 1462 21.11 111.71 34.42
N ASN A 1463 21.29 112.42 35.53
CA ASN A 1463 22.07 113.64 35.63
C ASN A 1463 23.57 113.45 35.42
N PHE A 1464 23.95 112.96 34.26
CA PHE A 1464 25.35 112.79 33.91
C PHE A 1464 26.02 114.12 33.51
N ASP A 1465 27.32 114.24 33.75
CA ASP A 1465 28.12 113.18 34.34
C ASP A 1465 29.07 113.69 35.41
N LEU A 1466 29.50 112.78 36.27
CA LEU A 1466 30.33 113.15 37.41
C LEU A 1466 31.11 111.97 37.98
N SER A 1467 32.21 112.27 38.66
CA SER A 1467 33.12 111.31 39.30
C SER A 1467 33.13 109.92 38.67
N VAL A 1472 37.23 112.30 42.12
CA VAL A 1472 37.82 112.04 43.43
C VAL A 1472 39.32 111.87 43.26
N THR A 1473 40.09 112.53 44.12
CA THR A 1473 41.54 112.60 43.94
C THR A 1473 42.28 112.70 45.27
N VAL A 1474 43.54 112.30 45.27
CA VAL A 1474 44.31 112.24 46.51
C VAL A 1474 45.73 112.79 46.35
N THR A 1475 45.93 114.03 46.83
CA THR A 1475 47.26 114.57 47.00
C THR A 1475 47.96 113.88 48.16
N MET A 1476 49.28 113.79 48.09
CA MET A 1476 50.05 113.25 49.20
C MET A 1476 51.26 114.14 49.49
N GLY A 1477 50.98 115.30 50.07
CA GLY A 1477 52.03 116.26 50.39
C GLY A 1477 52.99 115.66 51.40
N ASP A 1478 54.28 115.95 51.23
CA ASP A 1478 55.29 115.45 52.14
C ASP A 1478 55.95 116.62 52.89
N GLU A 1479 55.63 116.67 54.18
CA GLU A 1479 56.21 117.55 55.19
C GLU A 1479 56.60 118.92 54.68
N GLN A 1480 57.12 118.96 53.46
CA GLN A 1480 57.49 120.22 52.89
C GLN A 1480 56.22 121.04 52.77
N GLY A 1481 55.14 120.36 52.40
CA GLY A 1481 53.94 121.00 51.93
C GLY A 1481 54.10 121.35 50.46
N ASN A 1482 55.27 121.04 49.91
CA ASN A 1482 55.55 121.17 48.50
C ASN A 1482 54.64 120.21 47.78
N VAL A 1483 54.44 119.04 48.37
CA VAL A 1483 53.55 118.07 47.72
C VAL A 1483 54.31 117.09 46.82
N HIS A 1484 53.89 115.83 46.87
CA HIS A 1484 54.42 114.80 45.99
C HIS A 1484 53.62 114.76 44.70
N SER A 1485 52.67 115.68 44.60
CA SER A 1485 51.60 115.70 43.59
C SER A 1485 50.63 114.54 43.84
N SER A 1486 49.45 114.62 43.23
CA SER A 1486 48.40 113.65 43.51
C SER A 1486 48.84 112.25 43.09
N LEU A 1487 48.60 111.28 43.95
CA LEU A 1487 49.02 109.90 43.70
C LEU A 1487 48.15 109.21 42.66
N LYS A 1488 46.84 109.49 42.72
CA LYS A 1488 45.86 108.84 41.86
C LYS A 1488 44.67 109.76 41.63
N CYS A 1489 43.98 109.55 40.51
CA CYS A 1489 42.83 110.36 40.14
C CYS A 1489 41.75 109.48 39.52
N SER A 1490 40.64 110.09 39.13
CA SER A 1490 39.58 109.43 38.36
C SER A 1490 39.02 108.17 39.03
N ASN A 1491 38.78 108.26 40.33
CA ASN A 1491 38.21 107.13 41.06
C ASN A 1491 36.70 107.09 40.89
N UNK A 1492 32.85 106.57 36.43
CA UNK A 1492 33.93 106.06 35.62
C UNK A 1492 34.05 106.80 34.30
N UNK A 1493 34.78 106.20 33.35
CA UNK A 1493 35.01 106.83 32.06
C UNK A 1493 33.71 107.03 31.29
N UNK A 1494 33.59 108.15 30.59
CA UNK A 1494 32.38 108.44 29.84
C UNK A 1494 32.64 109.44 28.71
N UNK A 1495 31.77 109.40 27.71
CA UNK A 1495 31.72 110.42 26.67
C UNK A 1495 30.32 110.46 26.07
N UNK A 1496 29.80 111.66 25.82
CA UNK A 1496 28.46 111.78 25.29
C UNK A 1496 28.35 111.18 23.89
N SER A 1497 21.97 110.23 10.75
CA SER A 1497 21.85 108.92 11.36
C SER A 1497 23.10 108.08 11.16
N HIS A 1498 24.25 108.76 11.02
CA HIS A 1498 25.52 108.07 10.83
C HIS A 1498 25.89 107.25 12.07
N THR A 1499 26.41 106.05 11.82
CA THR A 1499 26.83 105.15 12.89
C THR A 1499 28.07 105.66 13.63
N ASP A 1500 28.09 105.51 14.94
CA ASP A 1500 29.30 105.76 15.72
C ASP A 1500 29.99 104.44 16.06
N LEU A 1501 31.30 104.49 16.27
CA LEU A 1501 32.06 103.32 16.67
C LEU A 1501 33.05 103.65 17.78
N VAL A 1502 32.50 103.90 18.97
CA VAL A 1502 33.31 104.39 20.08
C VAL A 1502 34.19 103.29 20.67
N ILE A 1503 35.42 103.20 20.17
CA ILE A 1503 36.39 102.26 20.72
C ILE A 1503 36.84 102.69 22.11
N GLY A 1504 37.11 101.72 22.97
CA GLY A 1504 37.54 102.02 24.32
C GLY A 1504 38.79 101.25 24.73
N CYS A 1505 39.94 101.71 24.25
CA CYS A 1505 41.21 101.07 24.58
C CYS A 1505 41.54 101.20 26.06
N LEU A 1506 42.20 100.20 26.62
CA LEU A 1506 42.57 100.23 28.03
C LEU A 1506 43.86 99.45 28.27
N VAL A 1507 44.55 99.79 29.37
CA VAL A 1507 45.81 99.15 29.77
C VAL A 1507 46.89 99.32 28.71
N GLY A 1512 48.44 101.32 33.80
CA GLY A 1512 47.33 101.34 32.85
C GLY A 1512 47.10 102.66 32.15
N LEU A 1513 46.19 102.64 31.19
CA LEU A 1513 45.77 103.82 30.45
C LEU A 1513 44.43 103.54 29.78
N MET A 1514 43.61 104.57 29.63
CA MET A 1514 42.35 104.44 28.93
C MET A 1514 42.34 105.46 27.81
N THR A 1515 42.08 104.98 26.60
CA THR A 1515 41.92 105.90 25.48
C THR A 1515 40.68 105.63 24.65
N PHE A 1516 39.79 106.60 24.59
CA PHE A 1516 38.64 106.55 23.69
C PHE A 1516 39.04 106.79 22.26
N THR A 1517 38.27 106.22 21.34
CA THR A 1517 38.49 106.42 19.91
C THR A 1517 37.17 106.48 19.16
N ALA A 1518 36.62 107.68 19.02
CA ALA A 1518 35.32 107.86 18.37
C ALA A 1518 35.35 107.46 16.91
N ASN A 1519 34.32 106.72 16.50
CA ASN A 1519 34.12 106.28 15.12
C ASN A 1519 35.39 105.57 14.61
N GLY A 1520 36.19 105.09 15.55
CA GLY A 1520 37.37 104.30 15.25
C GLY A 1520 38.60 105.19 15.07
N LYS A 1521 38.36 106.48 14.82
CA LYS A 1521 39.43 107.47 14.80
C LYS A 1521 39.90 107.74 16.22
N GLU A 1522 41.20 107.98 16.41
CA GLU A 1522 41.71 108.30 17.73
C GLU A 1522 41.16 109.63 18.23
N SER A 1523 40.77 109.65 19.50
CA SER A 1523 40.32 110.88 20.14
C SER A 1523 41.30 111.26 21.23
N ASN A 1524 42.43 110.55 21.25
CA ASN A 1524 43.43 110.63 22.31
C ASN A 1524 42.85 110.23 23.67
N THR A 1525 43.72 109.97 24.63
CA THR A 1525 43.26 109.58 25.96
C THR A 1525 42.49 110.70 26.62
N PHE A 1526 41.43 110.32 27.32
CA PHE A 1526 40.69 111.26 28.13
C PHE A 1526 41.05 111.31 29.62
N PHE A 1527 41.08 110.16 30.29
CA PHE A 1527 41.58 109.98 31.65
C PHE A 1527 42.18 108.57 31.50
N GLN A 1528 43.37 108.32 32.04
CA GLN A 1528 43.93 106.98 31.91
C GLN A 1528 44.65 106.48 33.15
N VAL A 1529 43.93 106.18 34.22
CA VAL A 1529 44.59 105.69 35.42
C VAL A 1529 44.04 104.40 36.02
N GLU A 1530 44.92 103.43 36.24
CA GLU A 1530 44.63 102.30 37.10
C GLU A 1530 45.87 101.93 37.90
N PRO A 1531 45.69 101.93 39.30
CA PRO A 1531 46.86 101.40 40.02
C PRO A 1531 47.07 99.95 39.62
N ASN A 1532 45.97 99.24 39.44
CA ASN A 1532 45.92 97.83 39.02
C ASN A 1532 44.64 97.20 39.53
N THR A 1533 43.51 97.81 39.18
CA THR A 1533 42.23 97.47 39.76
C THR A 1533 41.19 97.10 38.73
N LYS A 1534 40.20 96.33 39.18
CA LYS A 1534 39.11 95.83 38.34
C LYS A 1534 38.31 96.96 37.71
N LEU A 1535 37.84 96.75 36.48
CA LEU A 1535 36.97 97.72 35.81
C LEU A 1535 36.00 97.07 34.84
N PHE A 1536 34.71 97.09 35.18
CA PHE A 1536 33.70 96.59 34.25
C PHE A 1536 33.64 97.51 33.05
N PRO A 1537 33.72 96.96 31.83
CA PRO A 1537 33.30 97.79 30.69
C PRO A 1537 31.83 98.13 30.82
N ALA A 1538 31.40 99.32 30.39
CA ALA A 1538 30.00 99.70 30.56
C ALA A 1538 29.53 100.80 29.62
N VAL A 1539 28.22 100.85 29.40
CA VAL A 1539 27.62 101.94 28.62
C VAL A 1539 26.29 102.36 29.19
N PHE A 1540 26.22 103.61 29.64
CA PHE A 1540 24.97 104.21 30.07
C PHE A 1540 24.21 104.70 28.84
N VAL A 1541 22.89 104.60 28.85
CA VAL A 1541 22.08 104.89 27.67
C VAL A 1541 20.69 105.42 27.98
N LEU A 1542 20.23 106.35 27.16
CA LEU A 1542 18.83 106.65 26.99
C LEU A 1542 18.58 106.20 25.57
N PRO A 1543 17.66 105.25 25.39
CA PRO A 1543 17.43 104.67 24.07
C PRO A 1543 16.69 105.55 23.06
N THR A 1544 17.08 105.43 21.79
CA THR A 1544 16.38 106.06 20.68
C THR A 1544 15.26 105.15 20.20
N HIS A 1545 15.11 104.02 20.88
CA HIS A 1545 14.15 102.95 20.60
C HIS A 1545 14.59 102.05 19.45
N GLN A 1546 14.91 102.64 18.30
CA GLN A 1546 15.40 101.83 17.18
C GLN A 1546 16.87 101.46 17.35
N ASN A 1547 17.15 100.15 17.29
CA ASN A 1547 18.51 99.61 17.27
C ASN A 1547 19.49 100.30 18.24
N VAL A 1548 19.19 100.23 19.53
CA VAL A 1548 19.80 101.10 20.52
C VAL A 1548 21.32 101.03 20.73
N ILE A 1549 21.95 99.87 20.59
CA ILE A 1549 23.35 99.79 21.04
C ILE A 1549 24.11 98.59 20.45
N GLN A 1550 25.44 98.65 20.50
CA GLN A 1550 26.29 97.53 20.09
C GLN A 1550 27.64 97.49 20.79
N PHE A 1551 28.08 96.27 21.13
CA PHE A 1551 29.42 96.07 21.69
C PHE A 1551 30.25 95.18 20.79
N GLU A 1552 31.56 95.40 20.79
CA GLU A 1552 32.48 94.63 19.98
C GLU A 1552 33.83 94.47 20.67
N ALA A 1564 46.19 95.23 19.80
CA ALA A 1564 45.59 94.73 21.03
C ALA A 1564 44.91 93.39 20.86
N ALA A 1565 45.10 92.53 21.85
CA ALA A 1565 44.37 91.28 21.93
C ALA A 1565 42.94 91.59 22.30
N MET A 1566 42.03 90.70 21.92
CA MET A 1566 40.62 90.91 22.19
C MET A 1566 40.36 91.00 23.68
N PHE A 1567 39.34 91.78 24.04
CA PHE A 1567 38.94 91.94 25.43
C PHE A 1567 38.56 90.60 26.04
N LEU A 1568 38.05 89.72 25.19
CA LEU A 1568 37.72 88.38 25.59
C LEU A 1568 38.96 87.62 26.03
N SER A 1569 40.08 87.89 25.37
CA SER A 1569 41.35 87.33 25.78
C SER A 1569 41.81 87.89 27.11
N GLU A 1570 41.45 89.14 27.38
CA GLU A 1570 41.93 89.80 28.60
C GLU A 1570 41.19 89.25 29.80
N ARG A 1571 39.88 89.13 29.65
CA ARG A 1571 39.06 88.80 30.79
C ARG A 1571 39.18 87.33 31.17
N LYS A 1572 39.13 86.48 30.16
CA LYS A 1572 39.26 85.05 30.39
C LYS A 1572 40.68 84.73 30.79
N ASN A 1573 40.84 83.66 31.57
CA ASN A 1573 42.15 83.27 32.10
C ASN A 1573 43.23 83.06 31.03
N PRO A 1574 42.92 82.30 29.95
CA PRO A 1574 44.02 82.02 29.02
C PRO A 1574 44.61 83.27 28.37
N ALA A 1575 45.91 83.27 28.18
CA ALA A 1575 46.61 84.34 27.48
C ALA A 1575 47.70 83.76 26.57
N PRO A 1576 48.07 84.47 25.50
CA PRO A 1576 47.45 85.65 24.88
C PRO A 1576 46.00 85.44 24.44
N GLN A 1577 45.66 84.22 24.01
CA GLN A 1577 44.31 83.88 23.59
C GLN A 1577 43.75 84.84 22.53
N CYS A 1578 44.53 85.11 21.49
CA CYS A 1578 44.28 86.22 20.57
C CYS A 1578 42.89 86.29 19.90
N PRO A 1579 42.37 85.16 19.34
CA PRO A 1579 41.08 85.30 18.67
C PRO A 1579 39.92 85.70 19.60
N PRO A 1580 38.98 86.50 19.10
CA PRO A 1580 37.80 86.91 19.87
C PRO A 1580 36.67 85.88 19.85
N ARG A 1581 36.31 85.36 21.02
CA ARG A 1581 35.21 84.41 21.13
C ARG A 1581 34.31 84.74 22.31
N LEU A 1582 33.13 85.29 22.03
CA LEU A 1582 32.17 85.58 23.08
C LEU A 1582 31.74 84.29 23.77
N GLU A 1583 31.54 84.38 25.07
CA GLU A 1583 31.29 83.18 25.87
C GLU A 1583 30.18 83.48 26.87
N VAL A 1584 29.52 82.43 27.36
CA VAL A 1584 28.17 82.54 27.86
C VAL A 1584 28.00 83.49 29.06
N GLN A 1585 29.04 83.61 29.84
CA GLN A 1585 29.03 84.48 31.01
C GLN A 1585 28.80 85.92 30.58
N MET A 1586 29.35 86.27 29.43
CA MET A 1586 29.46 87.66 28.99
C MET A 1586 28.09 88.35 29.04
N LEU A 1587 27.52 88.39 30.24
CA LEU A 1587 26.21 88.96 30.49
C LEU A 1587 26.24 90.48 30.43
N MET A 1588 25.08 91.09 30.17
CA MET A 1588 24.95 92.54 30.22
C MET A 1588 23.82 93.02 31.10
N PRO A 1589 24.02 92.95 32.42
CA PRO A 1589 23.04 93.41 33.40
C PRO A 1589 22.76 94.92 33.33
N VAL A 1590 21.51 95.30 33.55
CA VAL A 1590 21.19 96.66 33.95
C VAL A 1590 21.46 96.76 35.45
N SER A 1591 21.82 97.94 35.94
CA SER A 1591 21.95 98.13 37.38
C SER A 1591 20.60 98.52 37.98
N TRP A 1592 19.77 97.52 38.29
CA TRP A 1592 18.43 97.80 38.81
C TRP A 1592 18.47 98.51 40.14
N SER A 1593 17.52 99.43 40.32
CA SER A 1593 17.50 100.35 41.44
C SER A 1593 17.34 99.70 42.81
N ARG A 1594 16.71 98.53 42.88
CA ARG A 1594 16.32 98.01 44.18
C ARG A 1594 16.71 96.54 44.40
N MET A 1595 17.34 96.28 45.55
CA MET A 1595 17.96 94.98 45.85
C MET A 1595 17.59 94.36 47.20
N PRO A 1596 16.51 93.58 47.27
CA PRO A 1596 16.12 93.05 48.58
C PRO A 1596 17.21 92.16 49.14
N ASN A 1597 17.43 92.20 50.45
CA ASN A 1597 18.46 91.41 51.14
C ASN A 1597 18.16 91.24 52.63
N HIS A 1598 18.96 90.38 53.26
CA HIS A 1598 18.71 89.84 54.60
C HIS A 1598 18.70 90.92 55.68
N PHE A 1599 17.83 90.74 56.67
CA PHE A 1599 17.56 91.77 57.67
C PHE A 1599 18.63 91.88 58.74
N LEU A 1600 19.53 90.91 58.80
CA LEU A 1600 20.52 90.81 59.87
C LEU A 1600 19.82 90.63 61.21
N GLN A 1601 19.66 89.38 61.61
CA GLN A 1601 18.83 89.03 62.76
C GLN A 1601 19.35 89.63 64.06
N VAL A 1602 20.68 89.78 64.14
CA VAL A 1602 21.32 90.41 65.28
C VAL A 1602 22.45 91.27 64.74
N GLU A 1603 22.31 92.59 64.84
CA GLU A 1603 23.14 93.49 64.03
C GLU A 1603 23.78 94.70 64.71
N THR A 1604 23.13 95.30 65.70
CA THR A 1604 23.61 96.58 66.22
C THR A 1604 23.69 96.67 67.73
N ARG A 1605 24.67 97.42 68.20
CA ARG A 1605 24.87 97.67 69.63
C ARG A 1605 25.25 99.13 69.90
N ARG A 1606 24.81 100.04 69.04
CA ARG A 1606 25.19 101.45 69.14
C ARG A 1606 24.68 102.07 70.44
N ALA A 1607 25.46 102.97 71.02
CA ALA A 1607 25.08 103.62 72.28
C ALA A 1607 25.75 104.98 72.46
N GLY A 1608 25.18 106.01 71.84
CA GLY A 1608 25.68 107.38 71.99
C GLY A 1608 25.12 108.07 73.21
N GLU A 1609 25.55 109.32 73.44
CA GLU A 1609 25.12 110.09 74.59
C GLU A 1609 24.99 111.58 74.26
N ARG A 1610 24.02 112.24 74.88
CA ARG A 1610 23.85 113.69 74.76
C ARG A 1610 24.83 114.50 75.62
N LEU A 1611 25.09 115.73 75.20
CA LEU A 1611 25.87 116.70 76.00
C LEU A 1611 27.25 116.19 76.38
N GLY A 1612 27.97 115.65 75.41
CA GLY A 1612 29.30 115.10 75.63
C GLY A 1612 29.61 114.22 74.44
N TRP A 1613 28.55 113.60 73.94
CA TRP A 1613 28.56 112.87 72.68
C TRP A 1613 29.60 111.76 72.60
N ALA A 1614 29.87 111.12 73.73
CA ALA A 1614 30.55 109.84 73.68
C ALA A 1614 29.61 108.84 73.03
N VAL A 1615 30.15 107.96 72.20
CA VAL A 1615 29.35 106.90 71.62
C VAL A 1615 30.11 105.59 71.83
N GLN A 1616 29.37 104.50 72.01
CA GLN A 1616 29.99 103.27 72.46
C GLN A 1616 29.25 102.02 71.99
N CYS A 1617 29.98 100.92 71.86
CA CYS A 1617 29.40 99.61 71.62
C CYS A 1617 30.13 98.57 72.44
N GLN A 1618 29.40 97.57 72.94
CA GLN A 1618 30.00 96.58 73.83
C GLN A 1618 30.64 95.39 73.12
N ASP A 1619 29.95 94.85 72.13
CA ASP A 1619 30.44 93.66 71.43
C ASP A 1619 30.30 93.78 69.92
N PRO A 1620 31.22 93.14 69.19
CA PRO A 1620 31.18 92.97 67.74
C PRO A 1620 30.52 91.67 67.29
N LEU A 1621 29.34 91.84 66.72
CA LEU A 1621 28.62 90.77 66.05
C LEU A 1621 29.39 90.43 64.79
N THR A 1622 29.35 89.17 64.37
CA THR A 1622 30.14 88.75 63.22
C THR A 1622 29.32 88.32 62.01
N MET A 1623 29.63 88.91 60.86
CA MET A 1623 29.02 88.51 59.60
C MET A 1623 29.45 87.10 59.26
N MET A 1624 28.55 86.32 58.68
CA MET A 1624 28.97 85.15 57.93
C MET A 1624 29.01 85.56 56.46
N ALA A 1625 29.94 86.46 56.15
CA ALA A 1625 30.10 87.02 54.82
C ALA A 1625 30.80 86.12 53.81
N LEU A 1626 30.52 86.36 52.53
CA LEU A 1626 31.34 85.90 51.43
C LEU A 1626 31.26 86.98 50.37
N HIS A 1627 32.05 86.86 49.31
CA HIS A 1627 31.92 87.80 48.20
C HIS A 1627 32.00 87.03 46.89
N ILE A 1628 31.69 87.70 45.80
CA ILE A 1628 31.97 87.18 44.48
C ILE A 1628 32.99 88.07 43.78
N PRO A 1629 34.25 87.63 43.77
CA PRO A 1629 35.41 88.40 43.31
C PRO A 1629 35.31 88.86 41.86
N GLU A 1630 34.67 88.06 41.01
CA GLU A 1630 34.51 88.46 39.62
C GLU A 1630 33.64 89.71 39.51
N GLU A 1631 32.81 89.94 40.52
CA GLU A 1631 32.01 91.16 40.60
C GLU A 1631 31.74 91.49 42.06
N ASN A 1632 32.73 92.06 42.73
CA ASN A 1632 32.79 92.07 44.18
C ASN A 1632 31.64 92.79 44.89
N ARG A 1633 31.12 92.14 45.93
CA ARG A 1633 30.18 92.71 46.89
C ARG A 1633 30.27 91.94 48.19
N CYS A 1634 29.86 92.55 49.30
CA CYS A 1634 29.57 91.75 50.49
C CYS A 1634 28.37 90.87 50.18
N MET A 1635 28.39 89.65 50.69
CA MET A 1635 27.40 88.67 50.29
C MET A 1635 27.28 87.62 51.38
N ASP A 1636 26.79 88.02 52.54
CA ASP A 1636 26.70 87.08 53.66
C ASP A 1636 25.78 85.93 53.33
N ILE A 1637 26.16 84.73 53.77
CA ILE A 1637 25.51 83.51 53.32
C ILE A 1637 24.04 83.46 53.74
N LEU A 1638 23.71 84.10 54.85
CA LEU A 1638 22.32 84.14 55.27
C LEU A 1638 21.46 84.82 54.22
N GLU A 1639 21.98 85.89 53.63
CA GLU A 1639 21.35 86.48 52.45
C GLU A 1639 21.47 85.56 51.25
N LEU A 1640 22.52 84.76 51.20
CA LEU A 1640 22.74 83.91 50.03
C LEU A 1640 21.66 82.86 49.94
N SER A 1641 21.07 82.54 51.09
CA SER A 1641 19.96 81.61 51.14
C SER A 1641 18.72 82.06 50.39
N GLU A 1642 18.47 83.37 50.35
CA GLU A 1642 17.22 83.85 49.78
C GLU A 1642 17.15 83.64 48.28
N ARG A 1643 18.31 83.65 47.64
CA ARG A 1643 18.39 83.35 46.23
C ARG A 1643 19.22 82.09 46.06
N LEU A 1644 18.49 80.99 45.93
CA LEU A 1644 19.00 79.66 46.15
C LEU A 1644 20.01 79.16 45.12
N ASP A 1645 20.04 79.75 43.92
CA ASP A 1645 20.90 79.18 42.90
C ASP A 1645 22.39 79.29 43.29
N LEU A 1646 22.75 80.41 43.91
CA LEU A 1646 24.10 80.55 44.45
C LEU A 1646 24.30 79.62 45.63
N GLN A 1647 23.22 79.31 46.31
CA GLN A 1647 23.26 78.33 47.38
C GLN A 1647 23.62 76.97 46.83
N ARG A 1648 23.17 76.72 45.60
CA ARG A 1648 23.45 75.47 44.93
C ARG A 1648 24.90 75.44 44.51
N PHE A 1649 25.34 76.52 43.86
CA PHE A 1649 26.72 76.56 43.40
C PHE A 1649 27.72 76.51 44.54
N HIS A 1650 27.36 77.10 45.67
CA HIS A 1650 28.28 77.19 46.78
C HIS A 1650 28.24 75.90 47.57
N SER A 1651 27.07 75.28 47.66
CA SER A 1651 26.99 73.98 48.30
C SER A 1651 27.78 72.96 47.51
N HIS A 1652 27.78 73.10 46.20
CA HIS A 1652 28.71 72.32 45.39
C HIS A 1652 30.17 72.74 45.56
N THR A 1653 30.44 74.01 45.89
CA THR A 1653 31.82 74.35 46.19
C THR A 1653 32.24 73.59 47.43
N LEU A 1654 31.29 73.42 48.35
CA LEU A 1654 31.49 72.59 49.53
C LEU A 1654 31.59 71.10 49.20
N ARG A 1655 30.92 70.68 48.12
CA ARG A 1655 31.09 69.31 47.65
C ARG A 1655 32.51 69.14 47.19
N LEU A 1656 33.08 70.21 46.64
CA LEU A 1656 34.43 70.12 46.11
C LEU A 1656 35.45 70.19 47.22
N TYR A 1657 35.26 71.08 48.19
CA TYR A 1657 36.22 71.14 49.29
C TYR A 1657 36.16 69.85 50.08
N ARG A 1658 34.95 69.30 50.21
CA ARG A 1658 34.76 68.03 50.88
C ARG A 1658 35.42 66.91 50.11
N ALA A 1659 35.40 67.03 48.79
CA ALA A 1659 35.93 65.97 47.96
C ALA A 1659 37.44 65.96 47.97
N VAL A 1660 38.04 67.14 47.85
CA VAL A 1660 39.47 67.26 47.62
C VAL A 1660 40.32 66.74 48.78
N CYS A 1661 39.80 66.84 50.00
CA CYS A 1661 40.54 66.30 51.13
C CYS A 1661 40.55 64.77 51.03
N ALA A 1662 39.59 64.24 50.28
CA ALA A 1662 39.74 62.95 49.62
C ALA A 1662 40.12 61.77 50.50
N LEU A 1663 39.51 61.68 51.67
CA LEU A 1663 39.72 60.56 52.57
C LEU A 1663 41.21 60.40 52.87
N GLY A 1664 41.71 61.23 53.78
CA GLY A 1664 43.08 61.16 54.22
C GLY A 1664 44.11 61.94 53.41
N ASN A 1665 43.68 62.59 52.34
CA ASN A 1665 44.58 63.55 51.70
C ASN A 1665 44.79 64.66 52.70
N ASN A 1666 46.01 65.18 52.79
CA ASN A 1666 46.35 66.02 53.93
C ASN A 1666 47.11 67.30 53.59
N ARG A 1667 48.22 67.16 52.88
CA ARG A 1667 49.05 68.32 52.58
C ARG A 1667 48.17 69.26 51.79
N VAL A 1668 47.37 68.66 50.91
CA VAL A 1668 46.36 69.39 50.16
C VAL A 1668 45.32 70.08 51.05
N ALA A 1669 45.01 69.47 52.19
CA ALA A 1669 43.94 69.97 53.05
C ALA A 1669 44.26 71.33 53.66
N HIS A 1670 45.55 71.60 53.86
CA HIS A 1670 45.98 72.84 54.48
C HIS A 1670 45.58 74.03 53.61
N ALA A 1671 45.58 73.80 52.31
CA ALA A 1671 45.15 74.83 51.38
C ALA A 1671 43.68 75.16 51.59
N LEU A 1672 42.90 74.12 51.86
CA LEU A 1672 41.49 74.33 52.16
C LEU A 1672 41.35 75.07 53.48
N CYS A 1673 42.29 74.81 54.39
CA CYS A 1673 42.27 75.51 55.66
C CYS A 1673 42.53 76.99 55.42
N SER A 1674 43.37 77.29 54.43
CA SER A 1674 43.54 78.68 54.02
C SER A 1674 42.28 79.24 53.37
N HIS A 1675 41.55 78.38 52.67
CA HIS A 1675 40.37 78.82 51.92
C HIS A 1675 39.06 78.90 52.68
N VAL A 1676 39.02 78.41 53.92
CA VAL A 1676 37.76 78.48 54.65
C VAL A 1676 37.99 78.73 56.13
N ASP A 1677 39.17 78.40 56.63
CA ASP A 1677 39.61 78.83 57.96
C ASP A 1677 38.85 78.23 59.15
N GLN A 1678 39.57 77.97 60.24
CA GLN A 1678 39.00 77.29 61.40
C GLN A 1678 37.84 78.03 62.06
N ALA A 1679 38.06 79.30 62.36
CA ALA A 1679 37.07 80.09 63.08
C ALA A 1679 35.80 80.24 62.29
N GLN A 1680 35.93 80.32 60.97
CA GLN A 1680 34.77 80.40 60.10
C GLN A 1680 33.97 79.11 60.14
N LEU A 1681 34.66 77.99 60.30
CA LEU A 1681 33.97 76.73 60.50
C LEU A 1681 33.27 76.72 61.85
N LEU A 1682 33.91 77.28 62.88
CA LEU A 1682 33.27 77.29 64.18
C LEU A 1682 32.02 78.16 64.19
N HIS A 1683 32.07 79.26 63.45
CA HIS A 1683 30.89 80.08 63.25
C HIS A 1683 29.86 79.33 62.41
N ALA A 1684 30.34 78.47 61.52
CA ALA A 1684 29.44 77.64 60.73
C ALA A 1684 28.71 76.66 61.64
N LEU A 1685 29.35 76.32 62.75
CA LEU A 1685 28.68 75.56 63.80
C LEU A 1685 27.68 76.41 64.56
N GLU A 1686 28.13 77.60 64.97
CA GLU A 1686 27.32 78.44 65.86
C GLU A 1686 26.00 78.94 65.27
N ASP A 1687 26.00 79.25 63.98
CA ASP A 1687 24.81 79.84 63.36
C ASP A 1687 23.69 78.81 63.14
N ALA A 1688 22.45 79.28 63.20
CA ALA A 1688 21.30 78.43 63.01
C ALA A 1688 20.36 79.01 61.97
N HIS A 1689 20.65 80.25 61.56
CA HIS A 1689 19.88 80.88 60.50
C HIS A 1689 20.40 80.39 59.16
N LEU A 1690 21.51 79.65 59.22
CA LEU A 1690 22.23 79.19 58.04
C LEU A 1690 21.38 78.18 57.27
N PRO A 1691 21.34 78.31 55.93
CA PRO A 1691 20.59 77.40 55.08
C PRO A 1691 21.11 75.97 55.13
N GLY A 1692 20.20 75.01 55.01
CA GLY A 1692 20.49 73.63 55.34
C GLY A 1692 21.64 72.93 54.64
N PRO A 1693 21.57 72.78 53.30
CA PRO A 1693 22.63 72.03 52.62
C PRO A 1693 24.00 72.65 52.83
N LEU A 1694 24.07 73.97 52.94
CA LEU A 1694 25.31 74.63 53.31
C LEU A 1694 25.72 74.33 54.74
N ARG A 1695 24.75 74.22 55.64
CA ARG A 1695 25.04 73.90 57.04
C ARG A 1695 25.63 72.51 57.22
N ALA A 1696 25.05 71.56 56.48
CA ALA A 1696 25.54 70.20 56.40
C ALA A 1696 26.86 70.18 55.67
N GLY A 1697 27.02 71.12 54.75
CA GLY A 1697 28.23 71.19 53.96
C GLY A 1697 29.41 71.62 54.79
N TYR A 1698 29.27 72.71 55.54
CA TYR A 1698 30.36 73.12 56.43
C TYR A 1698 30.62 72.11 57.52
N TYR A 1699 29.59 71.46 58.04
CA TYR A 1699 29.85 70.43 59.02
C TYR A 1699 30.63 69.29 58.38
N ASP A 1700 30.30 68.99 57.13
CA ASP A 1700 31.00 67.95 56.40
C ASP A 1700 32.43 68.38 56.08
N LEU A 1701 32.67 69.68 56.02
CA LEU A 1701 34.03 70.14 55.79
C LEU A 1701 34.84 69.96 57.05
N LEU A 1702 34.24 70.36 58.17
CA LEU A 1702 34.95 70.29 59.43
C LEU A 1702 35.23 68.83 59.70
N ILE A 1703 34.39 67.94 59.19
CA ILE A 1703 34.75 66.54 59.27
C ILE A 1703 35.89 66.22 58.30
N SER A 1704 35.73 66.62 57.05
CA SER A 1704 36.63 66.20 56.00
C SER A 1704 37.98 66.89 56.07
N ILE A 1705 37.96 68.20 56.22
CA ILE A 1705 39.17 68.99 56.22
C ILE A 1705 40.02 68.61 57.43
N HIS A 1706 39.35 68.15 58.47
CA HIS A 1706 40.03 67.88 59.72
C HIS A 1706 39.88 66.45 60.23
N LEU A 1707 38.72 66.17 60.81
CA LEU A 1707 38.52 64.95 61.59
C LEU A 1707 38.61 63.66 60.78
N GLU A 1708 38.29 63.76 59.50
CA GLU A 1708 37.98 62.57 58.71
C GLU A 1708 39.14 61.61 58.57
N SER A 1709 40.37 62.11 58.52
CA SER A 1709 41.50 61.21 58.33
C SER A 1709 41.78 60.43 59.61
N ALA A 1710 41.80 61.16 60.72
CA ALA A 1710 42.08 60.54 62.00
C ALA A 1710 41.01 59.53 62.33
N CYS A 1711 39.76 59.85 62.00
CA CYS A 1711 38.71 58.85 62.15
C CYS A 1711 38.91 57.69 61.19
N ARG A 1712 39.43 57.99 60.01
CA ARG A 1712 39.56 57.01 58.95
C ARG A 1712 40.56 55.94 59.35
N SER A 1713 41.58 56.33 60.10
CA SER A 1713 42.50 55.33 60.61
C SER A 1713 41.94 54.70 61.88
N ARG A 1714 41.32 55.55 62.71
CA ARG A 1714 40.91 55.15 64.04
C ARG A 1714 39.83 54.08 64.03
N ARG A 1715 39.00 54.09 62.99
CA ARG A 1715 37.93 53.09 62.82
C ARG A 1715 38.43 51.66 62.59
N SER A 1716 39.45 51.51 61.75
CA SER A 1716 40.09 50.23 61.51
C SER A 1716 41.00 49.84 62.67
N MET A 1717 41.65 50.83 63.28
CA MET A 1717 42.49 50.53 64.42
C MET A 1717 41.64 50.05 65.59
N LEU A 1718 40.43 50.58 65.68
CA LEU A 1718 39.47 50.10 66.65
C LEU A 1718 39.07 48.68 66.31
N SER A 1719 39.03 48.36 65.02
CA SER A 1719 38.72 46.99 64.62
C SER A 1719 39.84 46.00 64.92
N GLU A 1720 41.08 46.48 65.03
CA GLU A 1720 42.19 45.55 65.31
C GLU A 1720 42.15 44.90 66.70
N TYR A 1721 41.65 45.62 67.70
CA TYR A 1721 41.46 45.14 69.08
C TYR A 1721 42.66 44.52 69.81
N ILE A 1722 43.89 44.87 69.44
CA ILE A 1722 45.05 44.36 70.17
C ILE A 1722 45.21 45.06 71.53
N VAL A 1723 45.76 44.36 72.52
CA VAL A 1723 45.81 44.90 73.88
C VAL A 1723 47.18 44.72 74.58
N PRO A 1724 47.59 45.72 75.39
CA PRO A 1724 48.67 45.74 76.39
C PRO A 1724 48.51 44.82 77.60
N LEU A 1725 49.63 44.34 78.13
CA LEU A 1725 49.67 43.64 79.42
C LEU A 1725 49.95 44.54 80.63
N THR A 1726 49.76 45.85 80.49
CA THR A 1726 50.00 46.75 81.62
C THR A 1726 49.04 46.40 82.75
N PRO A 1727 49.46 46.59 84.02
CA PRO A 1727 48.69 46.07 85.15
C PRO A 1727 47.27 46.63 85.21
N GLU A 1728 47.10 47.86 84.76
CA GLU A 1728 45.77 48.46 84.73
C GLU A 1728 44.85 47.69 83.79
N THR A 1729 45.42 47.13 82.72
CA THR A 1729 44.63 46.29 81.82
C THR A 1729 44.18 45.03 82.55
N ARG A 1730 45.01 44.53 83.47
CA ARG A 1730 44.60 43.44 84.33
C ARG A 1730 43.48 43.91 85.25
N ALA A 1731 43.54 45.20 85.57
CA ALA A 1731 42.62 45.81 86.53
C ALA A 1731 41.28 46.20 85.92
N ILE A 1732 41.15 46.12 84.59
CA ILE A 1732 39.95 46.60 83.92
C ILE A 1732 38.65 45.91 84.33
N THR A 1733 38.71 44.61 84.62
CA THR A 1733 37.52 43.80 84.92
C THR A 1733 36.45 43.93 83.84
N LEU A 1734 35.21 43.55 84.16
CA LEU A 1734 34.13 43.60 83.19
C LEU A 1734 32.95 44.37 83.78
N PHE A 1735 32.20 43.71 84.66
CA PHE A 1735 31.17 44.39 85.44
C PHE A 1735 31.80 45.35 86.43
N PRO A 1736 31.20 46.55 86.54
CA PRO A 1736 31.58 47.50 87.58
C PRO A 1736 31.28 46.91 88.95
N PRO A 1737 32.11 47.20 89.95
CA PRO A 1737 31.94 46.67 91.31
C PRO A 1737 30.80 47.34 92.06
N GLY A 1748 26.30 47.72 83.39
CA GLY A 1748 27.11 47.91 82.21
C GLY A 1748 27.51 49.35 82.00
N LEU A 1749 26.94 49.97 80.97
CA LEU A 1749 27.27 51.35 80.59
C LEU A 1749 28.29 51.37 79.46
N PRO A 1750 27.86 52.03 78.29
CA PRO A 1750 28.87 51.99 77.21
C PRO A 1750 30.15 52.75 77.57
N GLY A 1751 29.98 53.87 78.25
CA GLY A 1751 31.08 54.75 78.58
C GLY A 1751 32.55 54.93 78.92
N VAL A 1752 33.00 54.15 79.89
CA VAL A 1752 34.35 54.21 80.46
C VAL A 1752 35.65 54.40 79.71
N GLY A 1753 36.54 55.19 80.30
CA GLY A 1753 37.77 55.60 79.69
C GLY A 1753 38.83 54.57 79.36
N VAL A 1754 39.06 53.61 80.26
CA VAL A 1754 40.25 52.78 80.12
C VAL A 1754 40.43 52.17 78.73
N THR A 1755 39.33 51.74 78.15
CA THR A 1755 39.39 50.98 76.89
C THR A 1755 40.82 50.81 76.41
N THR A 1756 41.69 51.74 76.78
CA THR A 1756 43.14 51.61 76.58
C THR A 1756 43.53 51.07 75.21
N SER A 1757 43.71 49.75 75.14
CA SER A 1757 44.18 49.07 73.94
C SER A 1757 45.46 49.73 73.46
N LEU A 1758 45.55 49.94 72.15
CA LEU A 1758 46.66 50.71 71.60
C LEU A 1758 46.17 51.81 70.67
N ARG A 1759 46.10 51.49 69.37
CA ARG A 1759 45.65 52.41 68.32
C ARG A 1759 46.28 53.80 68.42
N PRO A 1760 47.23 54.09 67.52
CA PRO A 1760 48.12 55.24 67.72
C PRO A 1760 47.34 56.54 67.78
N PRO A 1761 47.77 57.47 68.63
CA PRO A 1761 46.98 58.68 68.85
C PRO A 1761 46.86 59.48 67.57
N HIS A 1762 45.70 60.08 67.36
CA HIS A 1762 45.56 61.03 66.27
C HIS A 1762 46.41 62.24 66.58
N HIS A 1763 47.05 62.78 65.56
CA HIS A 1763 47.93 63.92 65.75
C HIS A 1763 47.95 64.75 64.49
N PHE A 1764 48.22 66.05 64.65
CA PHE A 1764 48.09 66.95 63.52
C PHE A 1764 49.16 68.03 63.58
N SER A 1765 49.73 68.36 62.43
CA SER A 1765 50.57 69.54 62.32
C SER A 1765 49.69 70.77 62.41
N PRO A 1766 50.19 71.85 63.04
CA PRO A 1766 49.44 73.09 62.98
C PRO A 1766 49.35 73.57 61.53
N PRO A 1767 48.24 74.18 61.14
CA PRO A 1767 48.10 74.62 59.75
C PRO A 1767 48.89 75.89 59.48
N CYS A 1768 50.17 75.86 59.80
CA CYS A 1768 51.07 76.97 59.47
C CYS A 1768 51.19 77.11 57.96
N PHE A 1769 51.20 78.35 57.49
CA PHE A 1769 51.26 78.57 56.05
C PHE A 1769 52.62 79.10 55.57
N VAL A 1770 53.53 79.37 56.51
CA VAL A 1770 54.90 79.65 56.12
C VAL A 1770 55.78 78.41 56.35
N ALA A 1771 56.80 78.27 55.51
CA ALA A 1771 57.69 77.11 55.60
C ALA A 1771 59.11 77.48 55.20
N LEU A 1785 51.09 68.02 56.48
CA LEU A 1785 50.13 66.92 56.55
C LEU A 1785 49.30 66.98 57.84
N SER A 1786 48.01 66.66 57.72
CA SER A 1786 47.09 66.60 58.85
C SER A 1786 47.01 67.92 59.62
N PRO A 1787 46.08 68.82 59.21
CA PRO A 1787 45.86 70.11 59.87
C PRO A 1787 45.42 69.99 61.33
N ALA A 1788 45.89 70.91 62.16
CA ALA A 1788 45.53 70.95 63.57
C ALA A 1788 44.12 71.48 63.78
N ILE A 1789 43.51 71.07 64.90
CA ILE A 1789 42.20 71.55 65.30
C ILE A 1789 42.27 71.93 66.78
N PRO A 1790 41.44 72.89 67.22
CA PRO A 1790 41.24 72.99 68.67
C PRO A 1790 40.32 71.87 69.15
N LEU A 1791 40.90 70.81 69.70
CA LEU A 1791 40.15 69.59 69.99
C LEU A 1791 39.02 69.82 71.00
N GLU A 1792 39.39 70.17 72.22
CA GLU A 1792 38.42 70.30 73.28
C GLU A 1792 37.42 71.43 73.03
N ALA A 1793 37.87 72.48 72.35
CA ALA A 1793 36.96 73.54 71.97
C ALA A 1793 35.91 72.99 71.03
N LEU A 1794 36.34 72.08 70.16
CA LEU A 1794 35.46 71.53 69.16
C LEU A 1794 34.45 70.57 69.78
N ARG A 1795 34.93 69.75 70.71
CA ARG A 1795 34.02 68.85 71.40
C ARG A 1795 33.05 69.66 72.25
N ASP A 1796 33.49 70.82 72.70
CA ASP A 1796 32.62 71.67 73.51
C ASP A 1796 31.50 72.22 72.64
N LYS A 1797 31.87 72.75 71.47
CA LYS A 1797 30.88 73.33 70.58
C LYS A 1797 29.91 72.25 70.15
N ALA A 1798 30.45 71.06 69.94
CA ALA A 1798 29.65 69.96 69.42
C ALA A 1798 28.65 69.48 70.45
N LEU A 1799 29.13 69.25 71.67
CA LEU A 1799 28.24 68.77 72.71
C LEU A 1799 27.18 69.81 73.07
N ARG A 1800 27.56 71.09 73.04
CA ARG A 1800 26.57 72.11 73.35
C ARG A 1800 25.52 72.17 72.25
N MET A 1801 25.97 71.99 71.02
CA MET A 1801 25.05 71.94 69.89
C MET A 1801 24.14 70.74 70.00
N LEU A 1802 24.63 69.67 70.60
CA LEU A 1802 23.82 68.48 70.80
C LEU A 1802 22.74 68.68 71.82
N GLY A 1803 23.12 69.20 72.98
CA GLY A 1803 22.16 69.31 74.06
C GLY A 1803 21.14 70.36 73.69
N GLU A 1804 21.60 71.41 73.02
CA GLU A 1804 20.70 72.43 72.54
C GLU A 1804 19.79 71.87 71.44
N ALA A 1805 20.31 70.90 70.69
CA ALA A 1805 19.53 70.32 69.59
C ALA A 1805 18.42 69.41 70.07
N VAL A 1806 18.72 68.55 71.04
CA VAL A 1806 17.67 67.73 71.63
C VAL A 1806 16.71 68.62 72.40
N ARG A 1807 17.24 69.70 72.97
CA ARG A 1807 16.40 70.53 73.82
C ARG A 1807 15.38 71.32 73.02
N ASP A 1808 15.84 72.06 72.01
CA ASP A 1808 14.89 72.78 71.18
C ASP A 1808 14.10 71.80 70.30
N GLY A 1809 14.67 70.63 70.06
CA GLY A 1809 14.00 69.63 69.26
C GLY A 1809 12.81 69.03 69.98
N GLY A 1810 12.92 68.89 71.30
CA GLY A 1810 11.82 68.38 72.09
C GLY A 1810 10.79 69.44 72.35
N GLN A 1811 11.17 70.69 72.12
CA GLN A 1811 10.26 71.82 72.22
C GLN A 1811 9.43 71.90 70.94
N HIS A 1812 9.85 71.14 69.94
CA HIS A 1812 9.16 71.00 68.67
C HIS A 1812 8.93 72.35 67.99
N ALA A 1813 9.86 73.29 68.20
CA ALA A 1813 9.87 74.51 67.39
C ALA A 1813 10.23 74.11 65.96
N ARG A 1814 9.63 74.79 64.99
CA ARG A 1814 9.84 74.39 63.60
C ARG A 1814 10.42 75.49 62.69
N ASP A 1815 11.54 76.06 63.10
CA ASP A 1815 12.29 76.94 62.20
C ASP A 1815 12.63 76.14 60.93
N PRO A 1816 13.18 74.91 61.07
CA PRO A 1816 13.87 74.24 62.18
C PRO A 1816 15.38 74.29 61.99
N VAL A 1817 15.99 75.40 62.37
CA VAL A 1817 17.43 75.61 62.23
C VAL A 1817 17.88 75.46 60.78
N GLY A 1818 17.99 74.23 60.31
CA GLY A 1818 18.48 73.96 58.97
C GLY A 1818 17.40 74.05 57.91
N GLY A 1819 16.17 74.33 58.33
CA GLY A 1819 15.04 74.33 57.43
C GLY A 1819 14.47 72.93 57.31
N SER A 1820 15.10 72.00 58.01
CA SER A 1820 14.60 70.63 58.14
C SER A 1820 15.23 70.01 59.37
N VAL A 1821 14.53 69.05 59.97
CA VAL A 1821 15.08 68.36 61.13
C VAL A 1821 16.32 67.57 60.73
N GLU A 1822 16.30 67.03 59.51
CA GLU A 1822 17.40 66.21 59.07
C GLU A 1822 18.65 67.05 59.04
N PHE A 1823 18.52 68.26 58.53
CA PHE A 1823 19.63 69.19 58.54
C PHE A 1823 19.98 69.54 59.97
N GLN A 1824 18.95 69.67 60.80
CA GLN A 1824 19.14 70.11 62.18
C GLN A 1824 20.01 69.13 62.96
N PHE A 1825 19.81 67.84 62.73
CA PHE A 1825 20.64 66.83 63.40
C PHE A 1825 21.68 66.11 62.54
N VAL A 1826 21.23 65.52 61.43
CA VAL A 1826 22.11 64.62 60.68
C VAL A 1826 23.55 65.12 60.59
N PRO A 1827 23.76 66.39 60.17
CA PRO A 1827 25.15 66.86 60.17
C PRO A 1827 25.81 66.81 61.54
N VAL A 1828 25.01 67.07 62.58
CA VAL A 1828 25.53 67.22 63.93
C VAL A 1828 25.82 65.86 64.55
N LEU A 1829 24.90 64.92 64.34
CA LEU A 1829 25.12 63.56 64.77
C LEU A 1829 26.28 62.96 64.00
N LYS A 1830 26.48 63.43 62.78
CA LYS A 1830 27.62 62.99 61.99
C LYS A 1830 28.92 63.48 62.60
N LEU A 1831 28.93 64.78 62.91
CA LEU A 1831 30.14 65.39 63.43
C LEU A 1831 30.49 64.78 64.76
N VAL A 1832 29.47 64.52 65.57
CA VAL A 1832 29.68 63.87 66.85
C VAL A 1832 30.07 62.42 66.68
N SER A 1833 29.63 61.79 65.59
CA SER A 1833 29.97 60.40 65.40
C SER A 1833 31.45 60.29 65.07
N THR A 1834 31.90 61.09 64.11
CA THR A 1834 33.32 61.08 63.77
C THR A 1834 34.20 61.57 64.91
N LEU A 1835 33.70 62.54 65.67
CA LEU A 1835 34.44 63.08 66.80
C LEU A 1835 34.58 62.06 67.90
N LEU A 1836 33.57 61.20 68.02
CA LEU A 1836 33.50 60.21 69.08
C LEU A 1836 34.30 58.97 68.74
N VAL A 1837 34.25 58.57 67.48
CA VAL A 1837 35.05 57.45 67.00
C VAL A 1837 36.52 57.82 67.09
N MET A 1838 36.78 59.12 66.96
CA MET A 1838 38.14 59.65 66.88
C MET A 1838 38.97 59.38 68.13
N GLY A 1839 38.31 59.30 69.28
CA GLY A 1839 39.00 59.14 70.54
C GLY A 1839 38.98 60.42 71.35
N ILE A 1840 37.81 61.03 71.41
CA ILE A 1840 37.68 62.34 72.04
C ILE A 1840 36.60 62.32 73.08
N PHE A 1841 36.79 63.15 74.10
CA PHE A 1841 35.91 63.30 75.24
C PHE A 1841 36.33 62.32 76.31
N GLY A 1842 35.99 62.66 77.54
CA GLY A 1842 36.06 61.72 78.63
C GLY A 1842 34.81 60.89 78.50
N ASP A 1843 34.72 59.82 79.26
CA ASP A 1843 33.53 59.01 79.24
C ASP A 1843 32.44 59.99 79.64
N GLU A 1844 32.80 60.90 80.55
CA GLU A 1844 31.85 61.83 81.10
C GLU A 1844 31.16 62.62 79.99
N ASP A 1845 31.86 63.09 78.97
CA ASP A 1845 31.05 63.67 77.90
C ASP A 1845 30.30 62.56 77.18
N VAL A 1846 30.89 61.37 77.11
CA VAL A 1846 30.17 60.24 76.56
C VAL A 1846 28.96 59.93 77.44
N LYS A 1847 29.11 60.12 78.75
CA LYS A 1847 27.98 59.96 79.64
C LYS A 1847 26.94 61.04 79.34
N GLN A 1848 27.42 62.20 78.93
CA GLN A 1848 26.52 63.26 78.51
C GLN A 1848 25.77 62.86 77.27
N ILE A 1849 26.41 62.03 76.44
CA ILE A 1849 25.76 61.58 75.22
C ILE A 1849 24.72 60.52 75.52
N LEU A 1850 25.09 59.58 76.39
CA LEU A 1850 24.21 58.48 76.77
C LEU A 1850 22.97 59.04 77.45
N LYS A 1851 23.16 60.03 78.30
CA LYS A 1851 22.04 60.69 78.97
C LYS A 1851 21.31 61.64 78.02
N MET A 1852 22.00 62.02 76.95
CA MET A 1852 21.34 62.66 75.81
C MET A 1852 20.42 61.68 75.11
N ILE A 1853 20.72 60.39 75.21
CA ILE A 1853 20.02 59.39 74.41
C ILE A 1853 18.91 58.61 75.10
N GLU A 1854 19.23 57.88 76.17
CA GLU A 1854 18.26 56.94 76.75
C GLU A 1854 16.95 57.64 77.15
N PRO A 1855 17.02 58.76 77.91
CA PRO A 1855 17.97 59.21 78.93
C PRO A 1855 17.92 58.27 80.14
N GLU A 1856 19.06 58.04 80.79
CA GLU A 1856 19.11 57.22 82.01
C GLU A 1856 20.53 57.20 82.56
N GLY A 1912 15.62 62.43 75.52
CA GLY A 1912 16.35 61.46 74.71
C GLY A 1912 16.10 61.64 73.23
N LEU A 1913 17.17 61.84 72.48
CA LEU A 1913 17.05 61.98 71.04
C LEU A 1913 16.49 60.71 70.41
N LEU A 1914 16.86 59.58 70.98
CA LEU A 1914 16.37 58.28 70.52
C LEU A 1914 14.87 58.14 70.74
N GLN A 1915 14.36 58.77 71.80
CA GLN A 1915 12.94 58.79 72.09
C GLN A 1915 12.16 59.60 71.05
N MET A 1916 12.83 60.56 70.43
CA MET A 1916 12.19 61.51 69.53
C MET A 1916 11.65 60.90 68.26
N LYS A 1917 10.59 61.48 67.72
CA LYS A 1917 10.21 61.22 66.34
C LYS A 1917 11.30 61.73 65.42
N LEU A 1918 11.64 60.95 64.40
CA LEU A 1918 12.72 61.32 63.50
C LEU A 1918 12.37 61.17 62.02
N PRO A 1919 12.94 62.06 61.19
CA PRO A 1919 13.17 61.88 59.75
C PRO A 1919 14.21 60.79 59.53
N GLU A 1920 14.14 60.08 58.40
CA GLU A 1920 14.94 58.88 58.21
C GLU A 1920 16.45 59.09 58.39
N SER A 1921 17.00 60.13 57.78
CA SER A 1921 18.46 60.27 57.80
C SER A 1921 19.00 60.44 59.20
N VAL A 1922 18.24 61.11 60.05
CA VAL A 1922 18.65 61.27 61.43
C VAL A 1922 18.68 59.90 62.11
N LYS A 1923 17.74 59.04 61.72
CA LYS A 1923 17.73 57.68 62.25
C LYS A 1923 18.96 56.95 61.78
N LEU A 1924 19.42 57.30 60.58
CA LEU A 1924 20.56 56.60 60.01
C LEU A 1924 21.85 56.98 60.73
N GLN A 1925 22.11 58.27 60.83
CA GLN A 1925 23.33 58.72 61.46
C GLN A 1925 23.32 58.37 62.95
N MET A 1926 22.13 58.45 63.55
CA MET A 1926 21.97 58.07 64.95
C MET A 1926 22.26 56.60 65.13
N CYS A 1927 21.87 55.83 64.13
CA CYS A 1927 22.14 54.41 64.15
C CYS A 1927 23.62 54.17 64.07
N ASN A 1928 24.33 55.00 63.30
CA ASN A 1928 25.78 54.86 63.25
C ASN A 1928 26.41 55.20 64.60
N LEU A 1929 25.81 56.16 65.29
CA LEU A 1929 26.33 56.60 66.57
C LEU A 1929 26.20 55.48 67.61
N LEU A 1930 25.01 54.92 67.64
CA LEU A 1930 24.70 53.81 68.53
C LEU A 1930 25.58 52.63 68.15
N GLU A 1931 25.91 52.55 66.87
CA GLU A 1931 26.78 51.50 66.39
C GLU A 1931 28.17 51.66 66.99
N TYR A 1932 28.64 52.90 67.09
CA TYR A 1932 29.91 53.11 67.79
C TYR A 1932 29.79 52.74 69.25
N PHE A 1933 28.63 52.99 69.85
CA PHE A 1933 28.48 52.61 71.25
C PHE A 1933 28.56 51.11 71.49
N CYS A 1934 27.79 50.35 70.73
CA CYS A 1934 27.83 48.91 70.90
C CYS A 1934 29.19 48.36 70.54
N ASP A 1935 29.84 48.99 69.56
CA ASP A 1935 31.14 48.51 69.12
C ASP A 1935 32.18 48.70 70.21
N GLN A 1936 32.18 49.90 70.81
CA GLN A 1936 33.12 50.18 71.89
C GLN A 1936 32.81 49.31 73.10
N GLU A 1937 31.53 49.01 73.31
CA GLU A 1937 31.17 48.13 74.41
C GLU A 1937 31.73 46.74 74.17
N LEU A 1938 31.72 46.33 72.90
CA LEU A 1938 32.35 45.07 72.55
C LEU A 1938 33.83 45.13 72.79
N GLN A 1939 34.43 46.29 72.59
CA GLN A 1939 35.84 46.41 72.91
C GLN A 1939 36.08 46.25 74.40
N HIS A 1940 35.16 46.77 75.20
CA HIS A 1940 35.28 46.63 76.64
C HIS A 1940 35.16 45.17 77.03
N ARG A 1941 34.32 44.46 76.28
CA ARG A 1941 34.06 43.07 76.62
C ARG A 1941 35.26 42.19 76.29
N VAL A 1942 35.75 42.32 75.05
CA VAL A 1942 36.87 41.51 74.61
C VAL A 1942 38.12 41.86 75.41
N GLU A 1943 38.28 43.14 75.68
CA GLU A 1943 39.44 43.58 76.44
C GLU A 1943 39.36 43.05 77.87
N SER A 1944 38.14 42.96 78.40
CA SER A 1944 37.98 42.36 79.71
C SER A 1944 38.35 40.89 79.67
N LEU A 1945 38.05 40.24 78.54
CA LEU A 1945 38.39 38.83 78.42
C LEU A 1945 39.90 38.72 78.39
N ALA A 1946 40.56 39.74 77.85
CA ALA A 1946 42.01 39.84 77.92
C ALA A 1946 42.50 40.07 79.35
N ALA A 1947 41.72 40.77 80.17
CA ALA A 1947 42.08 40.91 81.58
C ALA A 1947 42.02 39.55 82.25
N PHE A 1948 41.06 38.74 81.80
CA PHE A 1948 40.98 37.36 82.23
C PHE A 1948 42.25 36.67 81.78
N ALA A 1949 42.70 37.01 80.58
CA ALA A 1949 43.91 36.43 80.03
C ALA A 1949 45.12 36.80 80.89
N GLU A 1950 45.08 38.00 81.46
CA GLU A 1950 46.03 38.45 82.45
C GLU A 1950 45.90 37.66 83.74
N ARG A 1951 44.63 37.52 84.18
CA ARG A 1951 44.21 36.80 85.41
C ARG A 1951 44.24 35.25 85.57
N TYR A 1952 43.75 34.49 84.60
CA TYR A 1952 43.84 33.03 84.67
C TYR A 1952 45.21 32.53 84.29
N VAL A 1953 45.75 33.12 83.22
CA VAL A 1953 47.05 32.69 82.73
C VAL A 1953 48.11 32.78 83.81
N ASP A 1954 48.11 33.86 84.59
CA ASP A 1954 49.10 33.91 85.67
C ASP A 1954 48.85 32.80 86.68
N LYS A 1955 47.59 32.60 87.01
CA LYS A 1955 47.23 31.56 87.97
C LYS A 1955 47.51 30.15 87.46
N LEU A 1956 47.44 29.98 86.16
CA LEU A 1956 47.61 28.66 85.55
C LEU A 1956 49.07 28.32 85.36
N GLN A 1957 49.90 29.30 85.01
CA GLN A 1957 51.33 29.05 85.04
C GLN A 1957 51.77 28.80 86.47
N ALA A 1958 51.09 29.47 87.40
CA ALA A 1958 51.34 29.25 88.81
C ALA A 1958 50.95 27.82 89.19
N ASN A 1959 49.96 27.28 88.49
CA ASN A 1959 49.54 25.91 88.73
C ASN A 1959 50.54 24.93 88.12
N GLN A 1960 51.03 25.23 86.92
CA GLN A 1960 51.98 24.35 86.26
C GLN A 1960 53.30 24.28 87.01
N ARG A 1961 53.67 25.37 87.65
CA ARG A 1961 54.94 25.37 88.37
C ARG A 1961 54.85 24.58 89.67
N SER A 1962 53.63 24.33 90.14
CA SER A 1962 53.40 23.39 91.22
C SER A 1962 53.69 21.96 90.77
N ARG A 1963 53.61 21.74 89.46
CA ARG A 1963 53.72 20.40 88.89
C ARG A 1963 55.10 20.18 88.28
N UNK A 1964 52.72 25.02 72.16
CA UNK A 1964 53.16 23.66 71.88
C UNK A 1964 52.41 22.65 72.75
N UNK A 1965 53.15 21.88 73.54
CA UNK A 1965 52.54 21.00 74.52
C UNK A 1965 51.80 21.82 75.58
N UNK A 1966 52.30 23.03 75.82
CA UNK A 1966 51.63 23.94 76.73
C UNK A 1966 50.27 24.35 76.17
N UNK A 1967 50.16 24.39 74.85
CA UNK A 1967 48.87 24.60 74.22
C UNK A 1967 47.94 23.42 74.49
N UNK A 1968 48.53 22.23 74.57
CA UNK A 1968 47.77 21.06 74.97
C UNK A 1968 47.34 21.17 76.43
N UNK A 1969 48.15 21.85 77.23
CA UNK A 1969 47.73 22.19 78.59
C UNK A 1969 46.59 23.19 78.58
N UNK A 1970 46.57 24.05 77.57
CA UNK A 1970 45.44 24.94 77.39
C UNK A 1970 44.21 24.12 77.02
N UNK A 1971 44.43 23.02 76.31
CA UNK A 1971 43.36 22.06 76.07
C UNK A 1971 42.94 21.37 77.38
N UNK A 1972 43.88 21.24 78.31
CA UNK A 1972 43.53 20.75 79.63
C UNK A 1972 42.64 21.77 80.34
N UNK A 1973 42.87 23.05 80.05
CA UNK A 1973 41.96 24.09 80.53
C UNK A 1973 40.61 23.95 79.83
N UNK A 1974 40.66 23.47 78.59
CA UNK A 1974 39.44 23.22 77.81
C UNK A 1974 38.65 22.06 78.39
N UNK A 1975 39.34 21.17 79.10
CA UNK A 1975 38.73 19.99 79.67
C UNK A 1975 37.71 20.35 80.74
N UNK A 1976 37.86 21.54 81.30
CA UNK A 1976 37.05 22.00 82.42
C UNK A 1976 35.58 22.20 82.05
N UNK A 1977 35.29 22.29 80.75
CA UNK A 1977 33.94 22.55 80.29
C UNK A 1977 32.95 21.47 80.71
N UNK A 1978 33.45 20.25 80.87
CA UNK A 1978 32.60 19.13 81.28
C UNK A 1978 33.41 18.06 81.99
N THR A 1979 42.10 23.03 91.53
CA THR A 1979 41.48 23.37 90.26
C THR A 1979 40.21 24.19 90.47
N SER A 1980 40.20 25.00 91.51
CA SER A 1980 39.13 25.98 91.73
C SER A 1980 39.19 27.05 90.64
N LEU A 1981 40.35 27.15 90.02
CA LEU A 1981 40.58 28.14 88.98
C LEU A 1981 39.61 27.89 87.83
N SER A 1982 39.25 26.62 87.63
CA SER A 1982 38.25 26.28 86.64
C SER A 1982 36.89 26.85 87.03
N SER A 1983 36.60 26.87 88.33
CA SER A 1983 35.38 27.52 88.80
C SER A 1983 35.45 29.02 88.58
N ARG A 1984 36.65 29.57 88.68
CA ARG A 1984 36.83 30.99 88.46
C ARG A 1984 36.59 31.35 87.00
N LEU A 1985 37.09 30.50 86.10
CA LEU A 1985 36.79 30.65 84.69
C LEU A 1985 35.31 30.46 84.38
N ARG A 1986 34.68 29.54 85.12
CA ARG A 1986 33.26 29.29 84.93
C ARG A 1986 32.48 30.53 85.32
N SER A 1987 33.00 31.23 86.32
CA SER A 1987 32.35 32.43 86.82
C SER A 1987 32.53 33.57 85.84
N LEU A 1988 33.76 33.73 85.36
CA LEU A 1988 34.08 34.80 84.42
C LEU A 1988 33.26 34.61 83.16
N LEU A 1989 33.13 33.35 82.73
CA LEU A 1989 32.29 33.04 81.58
C LEU A 1989 30.83 33.34 81.88
N GLU A 1990 30.43 33.14 83.12
CA GLU A 1990 29.05 33.42 83.48
C GLU A 1990 28.83 34.92 83.31
N THR A 1991 29.87 35.70 83.61
CA THR A 1991 29.84 37.12 83.34
C THR A 1991 29.91 37.44 81.84
N VAL A 1992 30.52 36.55 81.07
CA VAL A 1992 30.64 36.75 79.62
C VAL A 1992 29.30 36.43 78.94
N ARG A 1993 28.41 35.76 79.67
CA ARG A 1993 27.07 35.53 79.14
C ARG A 1993 26.37 36.85 78.88
N LEU A 1994 26.72 37.88 79.65
CA LEU A 1994 26.19 39.21 79.44
C LEU A 1994 27.27 40.26 79.61
N SER A 2015 21.52 48.42 80.32
CA SER A 2015 20.76 47.51 79.47
C SER A 2015 20.66 48.05 78.05
N LEU A 2016 21.80 48.44 77.49
CA LEU A 2016 21.83 49.04 76.16
C LEU A 2016 21.35 48.08 75.08
N GLN A 2017 21.58 46.80 75.29
CA GLN A 2017 21.22 45.80 74.29
C GLN A 2017 19.72 45.82 74.07
N GLU A 2018 19.00 46.06 75.16
CA GLU A 2018 17.56 46.07 75.11
C GLU A 2018 17.02 47.34 74.46
N LEU A 2019 17.60 48.50 74.77
CA LEU A 2019 17.12 49.71 74.12
C LEU A 2019 17.40 49.64 72.63
N VAL A 2020 18.51 49.01 72.27
CA VAL A 2020 18.86 48.90 70.87
C VAL A 2020 17.89 47.98 70.17
N SER A 2021 17.64 46.82 70.78
CA SER A 2021 16.80 45.85 70.12
C SER A 2021 15.37 46.37 70.01
N HIS A 2022 14.82 46.82 71.13
CA HIS A 2022 13.45 47.31 71.12
C HIS A 2022 13.28 48.55 70.25
N MET A 2023 14.27 49.43 70.18
CA MET A 2023 14.05 50.62 69.37
C MET A 2023 14.31 50.38 67.90
N VAL A 2024 15.26 49.52 67.55
CA VAL A 2024 15.39 49.15 66.15
C VAL A 2024 14.13 48.42 65.70
N VAL A 2025 13.52 47.65 66.59
CA VAL A 2025 12.23 47.07 66.29
C VAL A 2025 11.17 48.17 66.13
N ARG A 2026 11.27 49.25 66.90
CA ARG A 2026 10.30 50.32 66.77
C ARG A 2026 10.41 51.00 65.41
N TRP A 2027 11.64 51.27 64.99
CA TRP A 2027 11.89 51.93 63.73
C TRP A 2027 11.47 51.06 62.57
N ALA A 2028 11.75 49.77 62.70
CA ALA A 2028 11.42 48.83 61.66
C ALA A 2028 9.93 48.55 61.62
N GLN A 2029 9.24 48.89 62.71
CA GLN A 2029 7.81 48.63 62.80
C GLN A 2029 6.98 49.82 62.32
N GLU A 2030 7.05 50.92 63.07
CA GLU A 2030 6.16 52.05 62.82
C GLU A 2030 6.34 52.73 61.46
N ASP A 2031 7.56 52.71 60.95
CA ASP A 2031 7.91 53.60 59.84
C ASP A 2031 7.87 53.03 58.42
N TYR A 2032 8.09 51.73 58.27
CA TYR A 2032 8.48 51.15 56.98
C TYR A 2032 9.66 51.95 56.45
N VAL A 2033 10.83 51.70 57.01
CA VAL A 2033 12.04 52.42 56.62
C VAL A 2033 12.43 52.15 55.18
N GLN A 2034 13.01 53.17 54.55
CA GLN A 2034 13.50 53.05 53.18
C GLN A 2034 14.73 53.94 53.04
N SER A 2035 15.42 53.81 51.91
CA SER A 2035 16.83 54.16 51.74
C SER A 2035 17.65 53.15 52.54
N PRO A 2036 18.26 52.20 51.82
CA PRO A 2036 18.80 50.93 52.30
C PRO A 2036 19.88 51.00 53.37
N GLU A 2037 20.72 52.03 53.35
CA GLU A 2037 21.86 52.07 54.26
C GLU A 2037 21.39 52.08 55.70
N LEU A 2038 20.27 52.75 55.92
CA LEU A 2038 19.66 52.79 57.23
C LEU A 2038 19.20 51.41 57.67
N VAL A 2039 18.73 50.64 56.71
CA VAL A 2039 18.21 49.32 57.01
C VAL A 2039 19.37 48.42 57.39
N ARG A 2040 20.42 48.49 56.58
CA ARG A 2040 21.60 47.67 56.77
C ARG A 2040 22.26 48.00 58.09
N ALA A 2041 22.17 49.27 58.48
CA ALA A 2041 22.78 49.68 59.74
C ALA A 2041 21.95 49.17 60.92
N MET A 2042 20.63 49.31 60.79
CA MET A 2042 19.72 48.86 61.83
C MET A 2042 19.93 47.40 62.12
N PHE A 2043 19.84 46.60 61.06
CA PHE A 2043 19.98 45.16 61.20
C PHE A 2043 21.40 44.73 61.55
N SER A 2044 22.38 45.53 61.17
CA SER A 2044 23.75 45.23 61.57
C SER A 2044 23.82 45.29 63.07
N LEU A 2045 23.30 46.38 63.63
CA LEU A 2045 23.25 46.50 65.08
C LEU A 2045 22.34 45.50 65.75
N LEU A 2046 21.32 45.05 65.03
CA LEU A 2046 20.32 44.21 65.64
C LEU A 2046 20.90 42.81 65.83
N HIS A 2047 21.57 42.30 64.80
CA HIS A 2047 22.32 41.07 64.99
C HIS A 2047 23.44 41.29 65.98
N ARG A 2048 23.99 42.50 65.97
CA ARG A 2048 25.11 42.80 66.84
C ARG A 2048 24.65 42.73 68.29
N GLN A 2049 23.35 42.92 68.52
CA GLN A 2049 22.82 42.76 69.86
C GLN A 2049 22.38 41.34 70.19
N TYR A 2050 21.68 40.67 69.27
CA TYR A 2050 21.20 39.31 69.57
C TYR A 2050 22.30 38.29 69.76
N ASP A 2051 23.47 38.52 69.16
CA ASP A 2051 24.58 37.61 69.36
C ASP A 2051 25.89 38.36 69.48
N GLY A 2052 26.09 39.05 70.59
CA GLY A 2052 27.33 39.73 70.82
C GLY A 2052 28.39 38.75 71.28
N LEU A 2053 27.97 37.54 71.64
CA LEU A 2053 28.90 36.50 72.06
C LEU A 2053 29.63 35.88 70.86
N GLY A 2054 28.87 35.55 69.82
CA GLY A 2054 29.49 35.01 68.62
C GLY A 2054 30.15 36.13 67.86
N GLU A 2055 29.65 37.34 68.07
CA GLU A 2055 30.32 38.52 67.56
C GLU A 2055 31.67 38.69 68.26
N LEU A 2056 31.70 38.32 69.53
CA LEU A 2056 32.96 38.29 70.25
C LEU A 2056 33.81 37.20 69.64
N LEU A 2057 33.17 36.15 69.14
CA LEU A 2057 33.92 35.05 68.53
C LEU A 2057 34.62 35.52 67.26
N ARG A 2058 33.90 36.24 66.40
CA ARG A 2058 34.52 36.77 65.20
C ARG A 2058 35.56 37.83 65.56
N ALA A 2059 35.31 38.53 66.68
CA ALA A 2059 36.26 39.52 67.18
C ALA A 2059 37.60 38.94 67.68
N LEU A 2060 37.55 37.74 68.24
CA LEU A 2060 38.73 37.17 68.91
C LEU A 2060 40.00 37.04 68.07
N PRO A 2061 39.90 36.52 66.83
CA PRO A 2061 41.15 36.34 66.09
C PRO A 2061 41.91 37.66 65.89
N ARG A 2062 41.17 38.75 65.74
CA ARG A 2062 41.80 40.07 65.70
C ARG A 2062 42.45 40.46 67.03
N ALA A 2063 41.89 40.00 68.14
CA ALA A 2063 42.47 40.30 69.45
C ALA A 2063 43.84 39.63 69.59
N TYR A 2064 44.77 40.31 70.26
CA TYR A 2064 46.09 39.73 70.48
C TYR A 2064 46.80 40.49 71.60
N THR A 2065 47.12 39.81 72.69
CA THR A 2065 47.77 40.46 73.82
C THR A 2065 49.23 40.83 73.49
N ILE A 2066 49.75 41.87 74.15
CA ILE A 2066 51.09 42.34 73.85
C ILE A 2066 51.86 42.68 75.12
N SER A 2067 53.14 42.33 75.17
CA SER A 2067 53.98 42.63 76.32
C SER A 2067 54.12 44.15 76.47
N PRO A 2068 53.84 44.67 77.66
CA PRO A 2068 53.71 46.12 77.84
C PRO A 2068 54.96 46.91 77.46
N SER A 2069 56.14 46.36 77.71
CA SER A 2069 57.36 47.09 77.46
C SER A 2069 57.51 47.36 75.97
N SER A 2070 56.94 46.45 75.19
CA SER A 2070 56.98 46.54 73.74
C SER A 2070 55.89 47.41 73.13
N VAL A 2071 54.91 47.83 73.92
CA VAL A 2071 53.67 48.31 73.27
C VAL A 2071 53.91 49.53 72.38
N GLU A 2072 54.87 50.37 72.74
CA GLU A 2072 55.10 51.57 71.98
C GLU A 2072 55.52 51.22 70.56
N ASP A 2073 56.31 50.15 70.41
CA ASP A 2073 56.74 49.75 69.09
C ASP A 2073 55.52 49.33 68.30
N THR A 2074 54.59 48.64 68.97
CA THR A 2074 53.40 48.17 68.31
C THR A 2074 52.61 49.37 67.86
N MET A 2075 52.68 50.43 68.67
CA MET A 2075 51.94 51.62 68.32
C MET A 2075 52.51 52.14 67.04
N SER A 2076 53.84 52.19 66.98
CA SER A 2076 54.50 52.68 65.79
C SER A 2076 54.19 51.73 64.65
N LEU A 2077 54.05 50.46 64.99
CA LEU A 2077 53.74 49.47 63.98
C LEU A 2077 52.36 49.77 63.44
N LEU A 2078 51.44 50.05 64.34
CA LEU A 2078 50.10 50.41 63.94
C LEU A 2078 50.15 51.75 63.24
N GLU A 2079 51.13 52.57 63.61
CA GLU A 2079 51.24 53.87 62.97
C GLU A 2079 51.58 53.66 61.51
N CYS A 2080 52.32 52.59 61.24
CA CYS A 2080 52.60 52.22 59.86
C CYS A 2080 51.35 51.76 59.12
N LEU A 2081 50.43 51.12 59.84
CA LEU A 2081 49.16 50.75 59.25
C LEU A 2081 48.23 51.95 59.15
N GLY A 2082 48.58 53.01 59.86
CA GLY A 2082 47.83 54.24 59.77
C GLY A 2082 48.25 54.96 58.51
N GLN A 2083 49.32 54.45 57.92
CA GLN A 2083 49.83 54.98 56.67
C GLN A 2083 49.35 54.13 55.51
N ILE A 2084 49.83 52.89 55.46
CA ILE A 2084 49.54 52.01 54.33
C ILE A 2084 48.07 51.64 54.14
N ARG A 2085 47.34 51.43 55.23
CA ARG A 2085 45.94 51.12 55.06
C ARG A 2085 45.29 52.31 54.40
N SER A 2086 45.66 53.51 54.85
CA SER A 2086 45.13 54.72 54.27
C SER A 2086 45.48 54.80 52.79
N LEU A 2087 46.65 54.25 52.46
CA LEU A 2087 47.10 54.22 51.07
C LEU A 2087 46.28 53.23 50.25
N LEU A 2088 45.67 52.26 50.94
CA LEU A 2088 44.91 51.21 50.27
C LEU A 2088 43.74 51.78 49.48
N ILE A 2089 43.17 52.86 50.00
CA ILE A 2089 42.04 53.52 49.38
C ILE A 2089 42.52 54.52 48.33
N VAL A 2090 43.84 54.74 48.29
CA VAL A 2090 44.41 55.61 47.27
C VAL A 2090 44.80 54.83 46.01
N GLN A 2095 55.13 59.82 44.59
CA GLN A 2095 54.68 60.53 45.78
C GLN A 2095 54.11 59.56 46.81
N GLU A 2096 53.11 58.80 46.38
CA GLU A 2096 52.44 57.83 47.22
C GLU A 2096 53.41 56.74 47.65
N GLU A 2097 54.07 56.20 46.64
CA GLU A 2097 54.93 55.04 46.77
C GLU A 2097 56.21 55.27 47.56
N ASN A 2098 56.70 56.50 47.59
CA ASN A 2098 57.86 56.79 48.43
C ASN A 2098 57.47 56.70 49.90
N LEU A 2099 56.29 57.24 50.21
CA LEU A 2099 55.77 57.14 51.56
C LEU A 2099 55.48 55.69 51.90
N MET A 2100 55.06 54.93 50.89
CA MET A 2100 54.75 53.54 51.16
C MET A 2100 56.01 52.76 51.46
N ILE A 2101 57.04 52.93 50.63
CA ILE A 2101 58.28 52.21 50.80
C ILE A 2101 58.96 52.61 52.11
N GLN A 2102 58.81 53.89 52.48
CA GLN A 2102 59.37 54.33 53.74
C GLN A 2102 58.64 53.71 54.92
N SER A 2103 57.32 53.61 54.81
CA SER A 2103 56.54 53.02 55.88
C SER A 2103 56.85 51.53 56.01
N ILE A 2104 57.01 50.87 54.88
CA ILE A 2104 57.34 49.46 54.83
C ILE A 2104 58.73 49.21 55.39
N GLY A 2105 59.63 50.18 55.19
CA GLY A 2105 60.96 50.04 55.74
C GLY A 2105 60.90 50.18 57.24
N ASN A 2106 60.01 51.07 57.70
CA ASN A 2106 59.84 51.22 59.14
C ASN A 2106 59.25 49.95 59.74
N ILE A 2107 58.42 49.27 58.96
CA ILE A 2107 57.85 47.99 59.34
C ILE A 2107 58.90 46.89 59.41
N MET A 2108 59.86 46.96 58.49
CA MET A 2108 60.97 46.03 58.49
C MET A 2108 61.80 46.26 59.74
N ASN A 2109 61.87 47.52 60.16
CA ASN A 2109 62.62 47.88 61.35
C ASN A 2109 62.06 47.33 62.66
N ASN A 2110 60.75 47.10 62.70
CA ASN A 2110 60.09 46.69 63.94
C ASN A 2110 60.52 45.32 64.45
N LYS A 2111 60.69 45.21 65.77
CA LYS A 2111 61.07 43.95 66.39
C LYS A 2111 59.84 43.13 66.75
N VAL A 2112 58.74 43.82 67.03
CA VAL A 2112 57.47 43.17 67.34
C VAL A 2112 56.98 42.40 66.11
N PHE A 2113 57.41 42.87 64.95
CA PHE A 2113 57.11 42.21 63.69
C PHE A 2113 57.72 40.81 63.68
N TYR A 2114 58.82 40.65 64.40
CA TYR A 2114 59.50 39.37 64.50
C TYR A 2114 58.98 38.60 65.71
N GLN A 2115 58.94 39.31 66.83
CA GLN A 2115 58.53 38.74 68.10
C GLN A 2115 57.07 38.31 68.12
N HIS A 2116 56.23 38.98 67.34
CA HIS A 2116 54.83 38.62 67.32
C HIS A 2116 54.29 38.52 65.90
N PRO A 2117 54.70 37.48 65.15
CA PRO A 2117 54.17 37.28 63.80
C PRO A 2117 52.65 37.12 63.76
N ASN A 2118 52.12 36.48 64.80
CA ASN A 2118 50.71 36.18 64.85
C ASN A 2118 49.90 37.46 64.91
N LEU A 2119 50.49 38.47 65.53
CA LEU A 2119 49.90 39.79 65.53
C LEU A 2119 49.80 40.33 64.13
N MET A 2120 50.80 40.01 63.32
CA MET A 2120 50.88 40.59 62.00
C MET A 2120 49.87 39.93 61.09
N ARG A 2121 49.78 38.61 61.16
CA ARG A 2121 48.76 37.92 60.37
C ARG A 2121 47.36 38.26 60.88
N ALA A 2122 47.25 38.53 62.18
CA ALA A 2122 45.98 38.96 62.77
C ALA A 2122 45.57 40.35 62.28
N LEU A 2123 46.57 41.18 61.97
CA LEU A 2123 46.29 42.50 61.44
C LEU A 2123 45.61 42.43 60.09
N GLY A 2124 45.87 41.35 59.37
CA GLY A 2124 45.35 41.22 58.02
C GLY A 2124 46.22 42.03 57.10
N MET A 2125 47.39 42.43 57.61
CA MET A 2125 48.25 43.38 56.91
C MET A 2125 48.70 42.87 55.55
N HIS A 2126 49.02 41.59 55.46
CA HIS A 2126 49.55 41.06 54.21
C HIS A 2126 48.53 41.19 53.10
N GLU A 2127 47.26 41.04 53.44
CA GLU A 2127 46.18 41.22 52.51
C GLU A 2127 46.11 42.67 52.06
N THR A 2128 46.47 43.58 52.97
CA THR A 2128 46.50 45.00 52.67
C THR A 2128 47.60 45.35 51.69
N VAL A 2129 48.81 44.86 51.98
CA VAL A 2129 49.96 45.17 51.17
C VAL A 2129 49.82 44.54 49.79
N MET A 2130 49.31 43.32 49.75
CA MET A 2130 49.03 42.68 48.47
C MET A 2130 47.94 43.40 47.71
N GLU A 2131 46.96 43.94 48.43
CA GLU A 2131 45.88 44.63 47.75
C GLU A 2131 46.44 45.89 47.10
N VAL A 2132 47.34 46.54 47.83
CA VAL A 2132 48.00 47.74 47.33
C VAL A 2132 48.86 47.39 46.14
N MET A 2133 49.43 46.19 46.15
CA MET A 2133 50.14 45.70 44.99
C MET A 2133 49.24 45.53 43.77
N VAL A 2134 48.04 45.01 44.02
CA VAL A 2134 47.09 44.82 42.93
C VAL A 2134 46.68 46.17 42.37
N ASN A 2135 46.58 47.16 43.25
CA ASN A 2135 46.31 48.52 42.80
C ASN A 2135 47.46 49.12 42.01
N VAL A 2136 48.69 48.77 42.39
CA VAL A 2136 49.86 49.25 41.67
C VAL A 2136 49.92 48.65 40.27
N LEU A 2137 49.43 47.42 40.15
CA LEU A 2137 49.43 46.75 38.85
C LEU A 2137 48.51 47.42 37.83
N GLY A 2138 47.50 48.13 38.32
CA GLY A 2138 46.57 48.82 37.46
C GLY A 2138 47.15 50.08 36.85
N PRO A 2148 56.21 51.06 40.20
CA PRO A 2148 57.55 50.77 39.70
C PRO A 2148 58.39 50.08 40.79
N LYS A 2149 59.24 50.87 41.45
CA LYS A 2149 60.06 50.36 42.55
C LYS A 2149 59.18 49.92 43.72
N MET A 2150 57.99 50.49 43.78
CA MET A 2150 57.05 50.18 44.84
C MET A 2150 56.69 48.70 44.80
N VAL A 2151 56.63 48.14 43.59
CA VAL A 2151 56.42 46.71 43.45
C VAL A 2151 57.57 45.93 44.06
N THR A 2152 58.76 46.50 43.95
CA THR A 2152 59.94 45.80 44.42
C THR A 2152 59.96 45.80 45.93
N SER A 2153 59.78 46.96 46.55
CA SER A 2153 59.80 47.01 48.01
C SER A 2153 58.63 46.23 48.59
N CYS A 2154 57.52 46.25 47.88
CA CYS A 2154 56.33 45.52 48.30
C CYS A 2154 56.62 44.04 48.33
N CYS A 2155 57.25 43.56 47.27
CA CYS A 2155 57.61 42.16 47.19
C CYS A 2155 58.71 41.78 48.18
N ARG A 2156 59.55 42.75 48.55
CA ARG A 2156 60.54 42.51 49.58
C ARG A 2156 59.80 42.21 50.87
N PHE A 2157 58.87 43.10 51.20
CA PHE A 2157 58.14 42.93 52.45
C PHE A 2157 57.28 41.68 52.45
N LEU A 2158 56.75 41.31 51.29
CA LEU A 2158 55.88 40.15 51.26
C LEU A 2158 56.68 38.85 51.33
N CYS A 2159 57.81 38.79 50.64
CA CYS A 2159 58.66 37.61 50.71
C CYS A 2159 59.21 37.44 52.12
N TYR A 2160 59.65 38.56 52.70
CA TYR A 2160 60.23 38.50 54.02
C TYR A 2160 59.12 38.16 55.00
N PHE A 2161 57.91 38.57 54.67
CA PHE A 2161 56.75 38.27 55.48
C PHE A 2161 56.46 36.77 55.44
N CYS A 2162 56.75 36.16 54.29
CA CYS A 2162 56.72 34.72 54.18
C CYS A 2162 57.81 34.07 55.01
N ARG A 2163 58.93 34.77 55.15
CA ARG A 2163 60.09 34.19 55.83
C ARG A 2163 59.89 33.90 57.31
N ILE A 2164 59.11 34.73 58.00
CA ILE A 2164 59.11 34.71 59.46
C ILE A 2164 58.55 33.46 60.13
N SER A 2165 57.56 32.81 59.52
CA SER A 2165 57.01 31.56 60.07
C SER A 2165 56.16 30.83 59.03
N ARG A 2166 56.17 29.50 59.06
CA ARG A 2166 55.39 28.73 58.10
C ARG A 2166 53.89 28.93 58.26
N GLN A 2167 53.44 29.11 59.49
CA GLN A 2167 52.02 29.30 59.73
C GLN A 2167 51.53 30.60 59.09
N ASN A 2168 52.39 31.62 59.12
CA ASN A 2168 52.15 32.85 58.39
C ASN A 2168 52.23 32.60 56.89
N GLN A 2169 53.12 31.67 56.55
CA GLN A 2169 53.40 31.36 55.17
C GLN A 2169 52.19 30.72 54.50
N ARG A 2170 51.37 30.02 55.29
CA ARG A 2170 50.10 29.53 54.75
C ARG A 2170 49.19 30.69 54.44
N SER A 2171 49.23 31.69 55.32
CA SER A 2171 48.36 32.85 55.15
C SER A 2171 48.73 33.58 53.89
N MET A 2172 50.02 33.63 53.57
CA MET A 2172 50.40 34.10 52.25
C MET A 2172 50.00 33.13 51.15
N PHE A 2173 50.02 31.85 51.51
CA PHE A 2173 49.85 30.77 50.54
C PHE A 2173 48.45 30.73 49.94
N ASP A 2174 47.47 31.19 50.71
CA ASP A 2174 46.09 31.18 50.23
C ASP A 2174 45.89 32.12 49.04
N HIS A 2175 46.74 33.13 48.96
CA HIS A 2175 46.56 34.23 48.01
C HIS A 2175 47.24 34.02 46.66
N LEU A 2176 47.79 32.84 46.44
CA LEU A 2176 48.53 32.58 45.21
C LEU A 2176 47.64 32.75 44.00
N SER A 2177 46.33 32.55 44.13
CA SER A 2177 45.48 32.72 42.97
C SER A 2177 45.54 34.16 42.41
N TYR A 2178 45.44 35.14 43.32
CA TYR A 2178 45.56 36.56 42.97
C TYR A 2178 46.97 36.91 42.48
N LEU A 2179 47.93 36.37 43.24
CA LEU A 2179 49.33 36.68 43.08
C LEU A 2179 49.87 36.26 41.73
N LEU A 2180 49.47 35.08 41.28
CA LEU A 2180 50.02 34.61 40.01
C LEU A 2180 49.43 35.35 38.82
N GLU A 2181 48.12 35.50 38.86
CA GLU A 2181 47.41 36.19 37.79
C GLU A 2181 47.91 37.63 37.77
N ASN A 2182 48.23 38.12 38.96
CA ASN A 2182 48.91 39.38 39.12
C ASN A 2182 50.34 39.38 38.57
N SER A 2183 50.98 38.22 38.61
CA SER A 2183 52.39 38.10 38.23
C SER A 2183 52.53 37.71 36.77
N GLY A 2184 51.41 37.67 36.04
CA GLY A 2184 51.47 37.25 34.66
C GLY A 2184 52.10 38.31 33.78
N ILE A 2185 52.23 39.52 34.30
CA ILE A 2185 52.96 40.58 33.62
C ILE A 2185 54.46 40.44 33.84
N THR A 2193 59.45 41.48 42.40
CA THR A 2193 58.56 40.71 41.53
C THR A 2193 57.53 39.94 42.34
N PRO A 2194 56.25 40.09 41.98
CA PRO A 2194 55.14 39.44 42.70
C PRO A 2194 55.29 37.93 42.73
N LEU A 2195 55.85 37.37 41.67
CA LEU A 2195 56.06 35.94 41.61
C LEU A 2195 57.01 35.46 42.69
N ASP A 2196 57.95 36.32 43.06
CA ASP A 2196 58.91 35.99 44.10
C ASP A 2196 58.19 35.78 45.42
N VAL A 2197 57.11 36.51 45.62
CA VAL A 2197 56.33 36.38 46.83
C VAL A 2197 55.70 35.00 46.91
N ALA A 2198 55.34 34.48 45.73
CA ALA A 2198 54.73 33.17 45.65
C ALA A 2198 55.78 32.10 45.89
N ALA A 2199 56.94 32.25 45.26
CA ALA A 2199 57.98 31.26 45.43
C ALA A 2199 58.44 31.20 46.88
N ALA A 2200 58.51 32.37 47.51
CA ALA A 2200 58.86 32.45 48.92
C ALA A 2200 57.76 31.83 49.76
N SER A 2201 56.53 31.94 49.27
CA SER A 2201 55.40 31.30 49.93
C SER A 2201 55.51 29.79 49.84
N VAL A 2202 56.18 29.30 48.80
CA VAL A 2202 56.26 27.86 48.57
C VAL A 2202 57.46 27.16 49.21
N ILE A 2203 58.62 27.83 49.25
CA ILE A 2203 59.88 27.11 49.49
C ILE A 2203 60.02 26.37 50.82
N ASP A 2204 59.59 27.00 51.91
CA ASP A 2204 59.87 26.45 53.24
C ASP A 2204 59.14 25.14 53.51
N ASN A 2205 57.96 24.95 52.91
CA ASN A 2205 57.08 23.89 53.36
C ASN A 2205 56.81 22.78 52.35
N ASN A 2206 57.14 21.55 52.73
CA ASN A 2206 56.74 20.40 51.94
C ASN A 2206 55.23 20.29 51.96
N GLU A 2207 54.64 20.66 53.09
CA GLU A 2207 53.20 20.54 53.26
C GLU A 2207 52.47 21.54 52.37
N LEU A 2208 52.94 22.78 52.36
CA LEU A 2208 52.35 23.78 51.49
C LEU A 2208 52.62 23.45 50.04
N ALA A 2209 53.77 22.84 49.77
CA ALA A 2209 54.09 22.46 48.40
C ALA A 2209 53.11 21.42 47.91
N LEU A 2210 52.71 20.51 48.80
CA LEU A 2210 51.62 19.61 48.49
C LEU A 2210 50.29 20.35 48.36
N ALA A 2211 50.14 21.42 49.14
CA ALA A 2211 48.85 22.10 49.25
C ALA A 2211 48.41 22.79 47.97
N LEU A 2212 49.36 23.22 47.15
CA LEU A 2212 49.04 24.01 45.98
C LEU A 2212 48.20 23.26 44.95
N GLN A 2213 47.25 23.97 44.35
CA GLN A 2213 46.39 23.40 43.33
C GLN A 2213 47.11 23.23 42.01
N GLU A 2214 46.71 22.24 41.22
CA GLU A 2214 47.28 22.06 39.90
C GLU A 2214 46.93 23.25 39.00
N GLN A 2215 45.84 23.93 39.32
CA GLN A 2215 45.38 25.08 38.55
C GLN A 2215 46.38 26.24 38.57
N ASP A 2216 47.08 26.38 39.69
CA ASP A 2216 48.06 27.46 39.83
C ASP A 2216 49.24 27.21 38.91
N LEU A 2217 49.74 25.98 38.96
CA LEU A 2217 50.86 25.58 38.14
C LEU A 2217 50.43 25.64 36.70
N GLU A 2218 49.14 25.41 36.46
CA GLU A 2218 48.57 25.53 35.14
C GLU A 2218 48.59 26.97 34.65
N LYS A 2219 48.37 27.91 35.56
CA LYS A 2219 48.50 29.31 35.20
C LYS A 2219 49.95 29.63 34.89
N VAL A 2220 50.87 29.00 35.62
CA VAL A 2220 52.27 29.31 35.43
C VAL A 2220 52.78 28.79 34.10
N VAL A 2221 52.45 27.55 33.79
CA VAL A 2221 52.83 26.97 32.51
C VAL A 2221 52.09 27.67 31.37
N SER A 2222 50.89 28.18 31.64
CA SER A 2222 50.22 28.97 30.62
C SER A 2222 50.99 30.26 30.35
N TYR A 2223 51.55 30.84 31.42
CA TYR A 2223 52.39 32.01 31.24
C TYR A 2223 53.66 31.66 30.48
N LEU A 2224 54.14 30.44 30.69
CA LEU A 2224 55.27 29.94 29.90
C LEU A 2224 54.87 29.80 28.44
N ALA A 2225 53.61 29.48 28.21
CA ALA A 2225 53.09 29.41 26.85
C ALA A 2225 53.08 30.82 26.29
N GLY A 2226 52.92 31.80 27.18
CA GLY A 2226 53.05 33.18 26.76
C GLY A 2226 54.49 33.62 26.67
N CYS A 2227 55.40 32.82 27.21
CA CYS A 2227 56.83 33.11 27.18
C CYS A 2227 57.49 32.59 25.90
N GLY A 2228 56.72 31.92 25.05
CA GLY A 2228 57.29 31.27 23.89
C GLY A 2228 57.57 32.25 22.77
N LEU A 2229 57.07 33.47 22.91
CA LEU A 2229 57.34 34.52 21.93
C LEU A 2229 58.79 34.98 22.01
N PRO A 2247 62.05 34.33 27.30
CA PRO A 2247 62.96 35.30 27.91
C PRO A 2247 62.93 35.28 29.43
N CYS A 2248 63.14 36.45 30.05
CA CYS A 2248 63.29 36.53 31.51
C CYS A 2248 62.03 36.11 32.27
N GLY A 2249 60.87 36.35 31.67
CA GLY A 2249 59.64 36.00 32.35
C GLY A 2249 59.58 34.49 32.48
N GLY A 2250 60.09 33.80 31.46
CA GLY A 2250 60.09 32.37 31.51
C GLY A 2250 61.07 31.80 32.51
N GLU A 2251 62.24 32.42 32.66
CA GLU A 2251 63.17 31.93 33.67
C GLU A 2251 62.61 32.21 35.05
N ARG A 2252 61.80 33.26 35.17
CA ARG A 2252 61.15 33.53 36.45
C ARG A 2252 60.10 32.47 36.77
N TYR A 2253 59.23 32.19 35.81
CA TYR A 2253 58.15 31.24 36.07
C TYR A 2253 58.73 29.85 36.31
N LEU A 2254 59.78 29.53 35.57
CA LEU A 2254 60.48 28.28 35.78
C LEU A 2254 61.17 28.27 37.12
N ASP A 2255 61.60 29.43 37.60
CA ASP A 2255 62.16 29.49 38.93
C ASP A 2255 61.08 29.19 39.96
N PHE A 2256 59.86 29.64 39.66
CA PHE A 2256 58.76 29.36 40.56
C PHE A 2256 58.40 27.89 40.60
N LEU A 2257 58.42 27.24 39.43
CA LEU A 2257 58.19 25.80 39.42
C LEU A 2257 59.32 25.08 40.15
N ARG A 2258 60.50 25.66 40.00
CA ARG A 2258 61.73 25.15 40.56
C ARG A 2258 61.70 25.15 42.07
N PHE A 2259 61.05 26.15 42.63
CA PHE A 2259 60.80 26.17 44.06
C PHE A 2259 59.54 25.39 44.41
N ALA A 2260 58.71 25.12 43.40
CA ALA A 2260 57.45 24.40 43.60
C ALA A 2260 57.59 22.88 43.58
N VAL A 2261 58.76 22.37 43.19
CA VAL A 2261 58.88 20.91 43.12
C VAL A 2261 59.99 20.31 44.00
N PHE A 2262 61.17 20.92 44.00
CA PHE A 2262 62.30 20.33 44.73
C PHE A 2262 62.06 20.36 46.23
N VAL A 2263 61.32 21.38 46.66
CA VAL A 2263 61.06 21.70 48.07
C VAL A 2263 62.33 21.49 48.92
N ASN A 2264 62.21 20.98 50.14
CA ASN A 2264 63.33 20.92 51.08
C ASN A 2264 64.48 20.01 50.64
N GLY A 2265 64.17 18.98 49.87
CA GLY A 2265 65.18 18.03 49.46
C GLY A 2265 64.67 17.02 48.45
N GLU A 2266 63.92 16.04 48.91
CA GLU A 2266 63.29 15.10 48.01
C GLU A 2266 62.31 15.86 47.13
N SER A 2267 62.27 15.53 45.84
CA SER A 2267 61.30 16.14 44.96
C SER A 2267 59.91 15.70 45.35
N VAL A 2268 58.93 16.60 45.27
CA VAL A 2268 57.55 16.20 45.49
C VAL A 2268 56.95 15.73 44.18
N GLU A 2269 56.93 14.40 44.01
CA GLU A 2269 56.45 13.80 42.78
C GLU A 2269 54.98 14.12 42.55
N GLU A 2270 54.24 14.36 43.62
CA GLU A 2270 52.82 14.70 43.49
C GLU A 2270 52.65 16.02 42.75
N ASN A 2271 53.59 16.94 42.93
CA ASN A 2271 53.62 18.16 42.14
C ASN A 2271 54.38 17.99 40.85
N ALA A 2272 55.53 17.32 40.93
CA ALA A 2272 56.47 17.26 39.83
C ALA A 2272 55.87 16.55 38.64
N ASN A 2273 55.01 15.57 38.92
CA ASN A 2273 54.35 14.84 37.85
C ASN A 2273 53.44 15.77 37.07
N VAL A 2274 52.59 16.52 37.77
CA VAL A 2274 51.68 17.44 37.11
C VAL A 2274 52.43 18.56 36.39
N VAL A 2275 53.57 18.96 36.95
CA VAL A 2275 54.36 20.01 36.31
C VAL A 2275 54.91 19.51 35.00
N VAL A 2276 55.42 18.29 35.01
CA VAL A 2276 55.93 17.68 33.78
C VAL A 2276 54.82 17.46 32.77
N ARG A 2277 53.63 17.13 33.24
CA ARG A 2277 52.51 16.87 32.34
C ARG A 2277 52.13 18.16 31.65
N LEU A 2278 52.07 19.24 32.41
CA LEU A 2278 51.77 20.55 31.83
C LEU A 2278 52.87 21.06 30.91
N LEU A 2279 54.12 20.74 31.24
CA LEU A 2279 55.25 21.21 30.44
C LEU A 2279 55.46 20.39 29.18
N ILE A 2280 54.83 19.23 29.11
CA ILE A 2280 54.90 18.45 27.89
C ILE A 2280 53.63 18.63 27.07
N ARG A 2281 52.54 18.98 27.73
CA ARG A 2281 51.33 19.34 27.01
C ARG A 2281 51.33 20.79 26.55
N LYS A 2282 52.30 21.59 27.00
CA LYS A 2282 52.35 23.00 26.58
C LYS A 2282 53.67 23.61 26.02
N PRO A 2283 54.72 22.80 25.73
CA PRO A 2283 55.84 23.47 25.03
C PRO A 2283 55.39 24.08 23.71
N GLU A 2284 54.41 23.40 23.11
CA GLU A 2284 53.81 23.69 21.81
C GLU A 2284 53.87 25.15 21.38
N GLY A 2297 70.07 20.27 18.29
CA GLY A 2297 68.80 20.62 18.90
C GLY A 2297 68.93 21.76 19.88
N LEU A 2298 68.57 21.50 21.14
CA LEU A 2298 68.66 22.51 22.19
C LEU A 2298 70.11 22.92 22.39
N LEU A 2299 71.02 21.98 22.18
CA LEU A 2299 72.44 22.26 22.35
C LEU A 2299 72.92 23.28 21.34
N ALA A 2300 72.34 23.25 20.14
CA ALA A 2300 72.68 24.25 19.14
C ALA A 2300 72.22 25.63 19.62
N ALA A 2301 71.08 25.66 20.30
CA ALA A 2301 70.58 26.90 20.86
C ALA A 2301 71.52 27.37 21.96
N ILE A 2302 72.11 26.41 22.66
CA ILE A 2302 73.08 26.70 23.68
C ILE A 2302 74.36 27.30 23.09
N GLU A 2303 74.76 26.82 21.93
CA GLU A 2303 75.97 27.32 21.30
C GLU A 2303 75.74 28.72 20.74
N GLU A 2304 74.59 28.90 20.10
CA GLU A 2304 74.24 30.19 19.55
C GLU A 2304 74.08 31.21 20.68
N ALA A 2305 73.61 30.74 21.82
CA ALA A 2305 73.58 31.57 23.02
C ALA A 2305 74.98 31.90 23.54
N ILE A 2306 75.90 30.96 23.39
CA ILE A 2306 77.29 31.20 23.79
C ILE A 2306 77.94 32.25 22.91
N ARG A 2307 77.53 32.29 21.64
CA ARG A 2307 78.13 33.22 20.69
C ARG A 2307 77.51 34.62 20.76
N ILE A 2308 76.43 34.77 21.52
CA ILE A 2308 75.81 36.07 21.71
C ILE A 2308 76.31 36.74 22.98
N GLY A 2341 70.02 37.76 24.99
CA GLY A 2341 70.79 36.59 24.60
C GLY A 2341 71.07 35.67 25.77
N HIS A 2342 71.67 36.21 26.82
CA HIS A 2342 71.91 35.45 28.03
C HIS A 2342 70.63 34.98 28.73
N ALA A 2343 69.56 35.73 28.56
CA ALA A 2343 68.29 35.39 29.18
C ALA A 2343 67.73 34.08 28.64
N ILE A 2344 68.02 33.81 27.38
CA ILE A 2344 67.55 32.58 26.75
C ILE A 2344 68.34 31.38 27.24
N MET A 2345 69.66 31.55 27.30
CA MET A 2345 70.53 30.48 27.79
C MET A 2345 70.22 30.17 29.25
N SER A 2346 69.92 31.21 30.00
CA SER A 2346 69.47 31.06 31.37
C SER A 2346 68.08 30.44 31.43
N PHE A 2347 67.29 30.66 30.40
CA PHE A 2347 65.95 30.10 30.34
C PHE A 2347 65.98 28.59 30.15
N TYR A 2348 66.76 28.13 29.18
CA TYR A 2348 66.98 26.71 29.01
C TYR A 2348 67.75 26.12 30.17
N ALA A 2349 68.55 26.93 30.84
CA ALA A 2349 69.26 26.44 32.01
C ALA A 2349 68.28 26.14 33.14
N ALA A 2350 67.39 27.09 33.42
CA ALA A 2350 66.38 26.90 34.45
C ALA A 2350 65.43 25.79 34.05
N LEU A 2351 65.20 25.65 32.75
CA LEU A 2351 64.25 24.66 32.26
C LEU A 2351 64.80 23.26 32.42
N ILE A 2352 66.04 23.05 31.99
CA ILE A 2352 66.65 21.74 32.14
C ILE A 2352 66.87 21.44 33.61
N ASP A 2353 67.15 22.48 34.39
CA ASP A 2353 67.36 22.32 35.81
C ASP A 2353 66.07 21.84 36.43
N LEU A 2354 64.97 22.33 35.88
CA LEU A 2354 63.65 21.98 36.39
C LEU A 2354 63.29 20.56 36.02
N LEU A 2355 63.56 20.20 34.78
CA LEU A 2355 63.28 18.85 34.31
C LEU A 2355 64.13 17.82 35.03
N GLY A 2356 65.33 18.18 35.44
CA GLY A 2356 66.07 17.25 36.29
C GLY A 2356 65.53 17.27 37.70
N ARG A 2357 65.08 18.45 38.11
CA ARG A 2357 64.68 18.67 39.49
C ARG A 2357 63.39 17.94 39.85
N CYS A 2358 62.56 17.71 38.85
CA CYS A 2358 61.30 16.99 39.04
C CYS A 2358 61.49 15.49 39.03
N ALA A 2359 62.69 15.03 38.72
CA ALA A 2359 62.96 13.60 38.62
C ALA A 2359 62.79 12.90 39.97
N GLU A 2371 55.01 4.37 39.00
CA GLU A 2371 54.65 5.10 37.79
C GLU A 2371 55.64 6.23 37.52
N ALA A 2372 56.60 6.42 38.42
CA ALA A 2372 57.60 7.46 38.28
C ALA A 2372 58.63 7.10 37.22
N LEU A 2373 58.82 5.81 36.97
CA LEU A 2373 59.81 5.39 36.00
C LEU A 2373 59.52 5.87 34.58
N ARG A 2374 58.24 5.93 34.23
CA ARG A 2374 57.86 6.34 32.88
C ARG A 2374 58.08 7.83 32.68
N ILE A 2375 57.73 8.62 33.69
CA ILE A 2375 58.01 10.05 33.62
C ILE A 2375 59.52 10.28 33.67
N ARG A 2376 60.24 9.39 34.34
CA ARG A 2376 61.69 9.50 34.34
C ARG A 2376 62.21 9.26 32.93
N ALA A 2377 61.50 8.39 32.20
CA ALA A 2377 61.89 8.09 30.84
C ALA A 2377 61.58 9.26 29.90
N ILE A 2378 60.40 9.86 30.05
CA ILE A 2378 60.02 10.96 29.19
C ILE A 2378 60.93 12.15 29.49
N LEU A 2379 61.40 12.22 30.73
CA LEU A 2379 62.47 13.13 31.10
C LEU A 2379 63.80 12.78 30.45
N ARG A 2380 64.04 11.49 30.21
CA ARG A 2380 65.24 11.11 29.50
C ARG A 2380 65.20 11.55 28.04
N SER A 2381 63.99 11.74 27.53
CA SER A 2381 63.77 12.19 26.16
C SER A 2381 64.31 13.60 25.93
N LEU A 2382 64.35 14.38 27.00
CA LEU A 2382 64.71 15.79 26.90
C LEU A 2382 66.09 16.05 27.50
N UNK A 2383 71.04 10.94 27.72
CA UNK A 2383 72.12 11.89 27.55
C UNK A 2383 71.85 12.81 26.37
N UNK A 2384 70.59 13.22 26.22
CA UNK A 2384 70.20 14.14 25.16
C UNK A 2384 70.89 15.48 25.32
N UNK A 2385 71.19 15.83 26.58
CA UNK A 2385 72.00 17.00 26.87
C UNK A 2385 73.45 16.58 27.02
N UNK A 2386 73.85 16.31 28.26
CA UNK A 2386 75.16 15.72 28.56
C UNK A 2386 76.32 16.52 27.99
N UNK A 2387 76.47 16.44 26.67
CA UNK A 2387 77.53 17.15 25.96
C UNK A 2387 77.36 18.65 26.11
N UNK A 2388 76.13 19.08 26.38
CA UNK A 2388 75.88 20.49 26.61
C UNK A 2388 76.63 20.98 27.85
N UNK A 2389 76.80 20.11 28.83
CA UNK A 2389 77.61 20.48 29.97
C UNK A 2389 79.05 20.68 29.51
N UNK A 2390 79.48 19.86 28.56
CA UNK A 2390 80.78 20.05 27.95
C UNK A 2390 80.77 21.35 27.16
N UNK A 2391 79.63 21.69 26.58
CA UNK A 2391 79.51 22.98 25.92
C UNK A 2391 79.64 24.07 26.97
N UNK A 2392 79.13 23.80 28.17
CA UNK A 2392 79.30 24.75 29.26
C UNK A 2392 80.77 24.80 29.64
N UNK A 2393 81.47 23.69 29.45
CA UNK A 2393 82.91 23.68 29.65
C UNK A 2393 83.61 24.53 28.60
N UNK A 2394 82.99 24.64 27.42
CA UNK A 2394 83.56 25.46 26.36
C UNK A 2394 83.52 26.94 26.71
N UNK A 2395 82.57 27.29 27.58
CA UNK A 2395 82.40 28.67 28.01
C UNK A 2395 83.58 29.15 28.86
N UNK A 2396 84.29 28.19 29.47
CA UNK A 2396 85.43 28.51 30.32
C UNK A 2396 86.54 29.19 29.51
N PHE A 2397 77.65 33.87 34.29
CA PHE A 2397 77.26 33.14 33.09
C PHE A 2397 77.57 31.66 33.22
N VAL A 2398 78.85 31.32 33.14
CA VAL A 2398 79.28 29.94 32.97
C VAL A 2398 78.82 28.94 34.04
N PRO A 2399 79.03 29.23 35.35
CA PRO A 2399 78.68 28.22 36.35
C PRO A 2399 77.22 27.77 36.39
N ASP A 2400 76.29 28.67 36.11
CA ASP A 2400 74.88 28.40 36.35
C ASP A 2400 74.34 27.32 35.44
N HIS A 2401 74.70 27.42 34.17
CA HIS A 2401 74.10 26.57 33.17
C HIS A 2401 74.59 25.15 33.39
N LYS A 2402 75.88 25.03 33.64
CA LYS A 2402 76.46 23.73 33.93
C LYS A 2402 75.92 23.20 35.25
N ALA A 2403 75.57 24.08 36.18
CA ALA A 2403 74.99 23.62 37.43
C ALA A 2403 73.64 22.97 37.17
N SER A 2404 72.91 23.55 36.23
CA SER A 2404 71.64 22.97 35.84
C SER A 2404 71.88 21.64 35.14
N MET A 2405 72.93 21.59 34.34
CA MET A 2405 73.24 20.38 33.58
C MET A 2405 73.64 19.24 34.51
N VAL A 2406 74.27 19.59 35.62
CA VAL A 2406 74.73 18.59 36.56
C VAL A 2406 73.61 18.13 37.47
N LEU A 2407 72.73 19.03 37.89
CA LEU A 2407 71.57 18.56 38.64
C LEU A 2407 70.67 17.68 37.77
N PHE A 2408 70.60 18.02 36.49
CA PHE A 2408 69.80 17.22 35.59
C PHE A 2408 70.43 15.86 35.37
N LEU A 2409 71.74 15.87 35.14
CA LEU A 2409 72.46 14.65 34.87
C LEU A 2409 72.47 13.71 36.08
N ASP A 2410 72.48 14.29 37.27
CA ASP A 2410 72.52 13.48 38.47
C ASP A 2410 71.14 12.93 38.79
N ARG A 2411 70.14 13.80 38.78
CA ARG A 2411 68.78 13.36 39.11
C ARG A 2411 68.17 12.41 38.08
N VAL A 2412 68.51 12.58 36.80
CA VAL A 2412 67.91 11.77 35.75
C VAL A 2412 68.77 10.56 35.41
N TYR A 2413 70.08 10.72 35.55
CA TYR A 2413 71.00 9.69 35.11
C TYR A 2413 71.97 9.28 36.21
N ASN A 2417 79.09 2.43 33.50
CA ASN A 2417 78.80 3.78 33.94
C ASN A 2417 80.05 4.61 34.11
N GLN A 2418 81.12 3.99 34.62
CA GLN A 2418 82.33 4.73 34.95
C GLN A 2418 83.02 5.35 33.73
N ASP A 2419 82.88 4.73 32.56
CA ASP A 2419 83.45 5.34 31.36
C ASP A 2419 82.76 6.66 31.05
N PHE A 2420 81.46 6.71 31.34
CA PHE A 2420 80.71 7.94 31.19
C PHE A 2420 81.18 8.97 32.20
N LEU A 2421 81.59 8.49 33.37
CA LEU A 2421 82.02 9.36 34.45
C LEU A 2421 83.35 10.01 34.11
N LEU A 2422 84.27 9.19 33.61
CA LEU A 2422 85.55 9.70 33.17
C LEU A 2422 85.36 10.62 31.98
N HIS A 2423 84.35 10.31 31.17
CA HIS A 2423 84.03 11.19 30.05
C HIS A 2423 83.53 12.55 30.52
N VAL A 2424 82.83 12.58 31.65
CA VAL A 2424 82.31 13.83 32.21
C VAL A 2424 83.41 14.79 32.67
N LEU A 2425 84.54 14.23 33.09
CA LEU A 2425 85.61 14.99 33.75
C LEU A 2425 86.05 16.23 32.97
N VAL A 2427 86.99 19.37 31.76
CA VAL A 2427 87.32 20.75 32.09
C VAL A 2427 87.25 21.07 33.58
N GLY A 2428 86.80 20.11 34.40
CA GLY A 2428 86.71 20.37 35.82
C GLY A 2428 88.10 20.67 36.39
N PHE A 2429 89.12 20.06 35.81
CA PHE A 2429 90.49 20.39 36.14
C PHE A 2429 90.83 21.82 35.73
N LEU A 2430 90.24 22.28 34.63
CA LEU A 2430 90.43 23.66 34.22
C LEU A 2430 89.78 24.58 35.24
N PRO A 2431 88.68 24.13 35.84
CA PRO A 2431 88.08 24.86 36.96
C PRO A 2431 89.00 24.84 38.17
N ASP A 2432 89.75 23.75 38.34
CA ASP A 2432 90.73 23.70 39.40
C ASP A 2432 91.83 24.74 39.15
N MET A 2433 92.15 24.95 37.88
CA MET A 2433 93.06 26.03 37.51
C MET A 2433 92.40 27.37 37.79
N ARG A 2434 91.08 27.42 37.63
CA ARG A 2434 90.32 28.63 37.87
C ARG A 2434 90.31 28.97 39.35
N ALA A 2435 90.54 27.98 40.20
CA ALA A 2435 90.62 28.23 41.63
C ALA A 2435 91.80 29.15 41.94
N ALA A 2436 92.84 29.06 41.14
CA ALA A 2436 94.01 29.94 41.28
C ALA A 2436 93.68 31.38 40.91
N ALA A 2437 92.66 31.56 40.06
CA ALA A 2437 92.32 32.86 39.52
C ALA A 2437 91.85 33.84 40.60
N SER A 2438 91.30 33.29 41.69
CA SER A 2438 90.85 34.12 42.80
C SER A 2438 92.02 34.84 43.46
N LEU A 2439 93.21 34.25 43.37
CA LEU A 2439 94.40 34.85 43.94
C LEU A 2439 95.17 35.66 42.90
N THR A 2447 86.57 37.31 42.00
CA THR A 2447 85.69 37.73 40.92
C THR A 2447 84.47 36.81 40.82
N GLU A 2448 83.72 36.94 39.73
CA GLU A 2448 82.55 36.11 39.51
C GLU A 2448 82.96 34.64 39.39
N MET A 2449 84.16 34.43 38.86
CA MET A 2449 84.66 33.09 38.65
C MET A 2449 84.94 32.37 39.96
N ALA A 2450 85.19 33.12 41.03
CA ALA A 2450 85.32 32.52 42.35
C ALA A 2450 83.98 31.93 42.81
N LEU A 2451 82.91 32.65 42.53
CA LEU A 2451 81.59 32.15 42.83
C LEU A 2451 81.36 30.93 41.96
N ALA A 2452 81.91 30.99 40.76
CA ALA A 2452 81.82 29.88 39.84
C ALA A 2452 82.57 28.65 40.34
N LEU A 2453 83.66 28.86 41.09
CA LEU A 2453 84.44 27.72 41.57
C LEU A 2453 83.80 27.16 42.82
N ASN A 2454 83.10 28.01 43.57
CA ASN A 2454 82.30 27.47 44.67
C ASN A 2454 81.16 26.61 44.14
N ARG A 2455 80.47 27.14 43.13
CA ARG A 2455 79.35 26.42 42.57
C ARG A 2455 79.86 25.13 41.91
N TYR A 2456 81.05 25.20 41.33
CA TYR A 2456 81.72 24.01 40.80
C TYR A 2456 82.27 23.06 41.83
N LEU A 2457 82.48 23.52 43.06
CA LEU A 2457 82.91 22.56 44.05
C LEU A 2457 81.69 21.84 44.58
N CYS A 2458 80.56 22.53 44.69
CA CYS A 2458 79.33 21.82 45.04
C CYS A 2458 78.93 20.84 43.93
N LEU A 2459 79.10 21.29 42.70
CA LEU A 2459 78.86 20.45 41.55
C LEU A 2459 79.86 19.32 41.53
N ALA A 2460 81.05 19.55 42.07
CA ALA A 2460 82.01 18.47 42.27
C ALA A 2460 81.55 17.47 43.31
N VAL A 2461 80.84 17.96 44.33
CA VAL A 2461 80.30 17.07 45.35
C VAL A 2461 79.19 16.18 44.78
N LEU A 2462 78.43 16.72 43.83
CA LEU A 2462 77.31 15.94 43.27
C LEU A 2462 77.61 14.56 42.64
N PRO A 2463 78.63 14.44 41.76
CA PRO A 2463 78.96 13.21 41.03
C PRO A 2463 79.28 12.05 41.95
N LEU A 2464 79.80 12.35 43.13
CA LEU A 2464 80.56 11.41 43.95
C LEU A 2464 79.80 10.14 44.27
N ILE A 2465 78.48 10.25 44.35
CA ILE A 2465 77.63 9.10 44.62
C ILE A 2465 77.91 7.93 43.67
N UNK A 2466 93.55 5.16 30.42
CA UNK A 2466 92.31 4.91 31.11
C UNK A 2466 92.36 5.42 32.54
N UNK A 2467 93.03 4.66 33.40
CA UNK A 2467 93.15 5.02 34.81
C UNK A 2467 93.96 6.31 35.00
N UNK A 2468 94.86 6.58 34.07
CA UNK A 2468 95.70 7.77 34.16
C UNK A 2468 94.88 9.06 34.11
N UNK A 2469 93.79 9.05 33.36
CA UNK A 2469 92.87 10.19 33.36
C UNK A 2469 92.24 10.36 34.74
N UNK A 2470 91.97 9.24 35.41
CA UNK A 2470 91.47 9.28 36.77
C UNK A 2470 92.53 9.84 37.70
N UNK A 2471 93.78 9.58 37.37
CA UNK A 2471 94.90 10.16 38.10
C UNK A 2471 94.95 11.66 37.87
N UNK A 2472 94.52 12.09 36.68
CA UNK A 2472 94.51 13.50 36.36
C UNK A 2472 93.40 14.21 37.12
N UNK A 2473 92.22 13.62 37.15
CA UNK A 2473 91.11 14.19 37.90
C UNK A 2473 91.42 14.18 39.39
N UNK A 2474 92.13 13.15 39.86
CA UNK A 2474 92.57 13.10 41.23
C UNK A 2474 93.59 14.19 41.51
N UNK A 2475 94.41 14.51 40.52
CA UNK A 2475 95.34 15.61 40.62
C UNK A 2475 94.60 16.94 40.67
N UNK A 2476 93.45 16.98 40.02
CA UNK A 2476 92.65 18.19 39.99
C UNK A 2476 91.97 18.43 41.32
N UNK A 2477 91.38 17.38 41.88
CA UNK A 2477 90.75 17.48 43.18
C UNK A 2477 91.80 17.75 44.25
N UNK A 2478 92.99 17.18 44.07
CA UNK A 2478 94.09 17.46 44.97
C UNK A 2478 94.49 18.91 44.87
N UNK A 2479 94.40 19.46 43.65
CA UNK A 2479 94.69 20.87 43.46
C UNK A 2479 93.64 21.72 44.15
N UNK A 2480 92.40 21.23 44.17
CA UNK A 2480 91.33 21.92 44.88
C UNK A 2480 91.59 21.87 46.37
N UNK A 2481 92.20 20.79 46.83
CA UNK A 2481 92.58 20.69 48.23
C UNK A 2481 93.69 21.67 48.54
N UNK A 2482 94.61 21.84 47.59
CA UNK A 2482 95.70 22.79 47.75
C UNK A 2482 95.17 24.22 47.80
N UNK A 2483 94.13 24.48 47.02
CA UNK A 2483 93.42 25.76 47.09
C UNK A 2483 92.71 25.90 48.44
N UNK A 2484 92.28 24.76 48.97
CA UNK A 2484 91.59 24.71 50.25
C UNK A 2484 92.57 24.76 51.42
N UNK A 2485 93.85 24.60 51.12
CA UNK A 2485 94.88 24.53 52.15
C UNK A 2485 95.25 25.93 52.66
N UNK A 2486 81.88 28.59 51.34
CA UNK A 2486 83.31 28.65 51.06
C UNK A 2486 84.09 27.67 51.93
N UNK A 2487 84.26 28.00 53.20
CA UNK A 2487 85.02 27.17 54.11
C UNK A 2487 84.36 25.82 54.38
N UNK A 2488 83.07 25.85 54.71
CA UNK A 2488 82.32 24.60 54.85
C UNK A 2488 82.24 23.91 53.50
N UNK A 2489 82.17 24.72 52.45
CA UNK A 2489 82.21 24.20 51.09
C UNK A 2489 83.56 23.56 50.81
N UNK A 2490 84.61 24.14 51.39
CA UNK A 2490 85.94 23.54 51.30
C UNK A 2490 85.99 22.22 52.05
N UNK A 2491 85.23 22.13 53.13
CA UNK A 2491 85.11 20.87 53.85
C UNK A 2491 84.38 19.85 52.99
N UNK A 2492 83.44 20.33 52.18
CA UNK A 2492 82.76 19.44 51.26
C UNK A 2492 83.70 18.93 50.17
N UNK A 2493 84.57 19.82 49.68
CA UNK A 2493 85.57 19.38 48.71
C UNK A 2493 86.57 18.41 49.33
N UNK A 2494 86.87 18.62 50.61
CA UNK A 2494 87.74 17.70 51.33
C UNK A 2494 87.07 16.35 51.46
N UNK A 2495 85.74 16.37 51.62
CA UNK A 2495 84.96 15.14 51.62
C UNK A 2495 85.00 14.49 50.26
N UNK A 2496 85.07 15.30 49.21
CA UNK A 2496 85.19 14.77 47.87
C UNK A 2496 86.53 14.09 47.69
N UNK A 2497 87.54 14.62 48.38
CA UNK A 2497 88.87 14.05 48.27
C UNK A 2497 88.97 12.74 49.05
N UNK A 2498 88.42 12.74 50.26
CA UNK A 2498 88.41 11.54 51.08
C UNK A 2498 87.56 10.44 50.45
N UNK A 2499 86.52 10.85 49.75
CA UNK A 2499 85.62 9.90 49.09
C UNK A 2499 86.27 9.33 47.85
N UNK A 2500 86.89 10.20 47.05
CA UNK A 2500 87.57 9.74 45.85
C UNK A 2500 88.73 8.82 46.23
N UNK A 2501 89.38 9.14 47.34
CA UNK A 2501 90.42 8.27 47.89
C UNK A 2501 89.83 6.96 48.36
N UNK A 2502 88.59 7.01 48.87
CA UNK A 2502 87.92 5.79 49.29
C UNK A 2502 87.62 4.91 48.08
N UNK A 2503 87.38 5.57 46.94
CA UNK A 2503 87.09 4.86 45.69
C UNK A 2503 88.31 4.13 45.17
N UNK A 2504 89.50 4.60 45.56
CA UNK A 2504 90.74 4.03 45.07
C UNK A 2504 91.91 4.43 45.97
N UNK A 2505 96.00 5.23 38.79
CA UNK A 2505 95.81 4.10 39.70
C UNK A 2505 96.10 4.51 41.13
N UNK A 2506 96.06 3.54 42.05
CA UNK A 2506 96.29 3.82 43.45
C UNK A 2506 97.71 4.32 43.70
N UNK A 2507 98.66 3.88 42.87
CA UNK A 2507 100.02 4.40 42.95
C UNK A 2507 100.07 5.88 42.54
N UNK A 2508 99.28 6.24 41.54
CA UNK A 2508 99.18 7.64 41.13
C UNK A 2508 98.52 8.44 42.23
N UNK A 2509 97.61 7.79 42.94
CA UNK A 2509 96.97 8.37 44.10
C UNK A 2509 98.00 8.58 45.19
N UNK A 2510 99.03 7.72 45.20
CA UNK A 2510 100.14 7.87 46.13
C UNK A 2510 101.15 8.90 45.64
N UNK A 2511 101.06 9.28 44.37
CA UNK A 2511 101.83 10.42 43.88
C UNK A 2511 101.16 11.73 44.28
N UNK A 2512 99.84 11.76 44.14
CA UNK A 2512 99.08 12.90 44.60
C UNK A 2512 99.19 13.00 46.10
N UNK A 2513 99.34 11.85 46.74
CA UNK A 2513 99.56 11.77 48.18
C UNK A 2513 101.02 11.98 48.52
N UNK A 2514 101.87 12.01 47.49
CA UNK A 2514 103.25 12.42 47.69
C UNK A 2514 103.30 13.94 47.74
N UNK A 2515 102.56 14.58 46.85
CA UNK A 2515 102.41 16.02 46.92
C UNK A 2515 101.68 16.41 48.21
N UNK A 2516 100.74 15.57 48.59
CA UNK A 2516 100.03 15.73 49.85
C UNK A 2516 100.97 15.45 51.02
N UNK A 2517 102.00 14.66 50.76
CA UNK A 2517 102.97 14.32 51.79
C UNK A 2517 103.89 15.50 52.07
N UNK A 2518 104.37 16.13 51.00
CA UNK A 2518 105.17 17.32 51.18
C UNK A 2518 104.32 18.45 51.73
N UNK A 2519 103.04 18.47 51.36
CA UNK A 2519 102.12 19.43 51.97
C UNK A 2519 101.96 19.14 53.45
N UNK A 2520 102.03 17.87 53.81
CA UNK A 2520 102.02 17.47 55.21
C UNK A 2520 103.29 17.93 55.92
N UNK A 2521 104.39 17.95 55.18
CA UNK A 2521 105.62 18.52 55.72
C UNK A 2521 105.46 20.02 55.92
N UNK A 2522 104.67 20.64 55.06
CA UNK A 2522 104.33 22.05 55.20
C UNK A 2522 103.40 22.29 56.39
N UNK A 2523 102.65 21.26 56.76
CA UNK A 2523 101.65 21.37 57.82
C UNK A 2523 102.27 21.68 59.18
N UNK A 2524 103.51 21.23 59.37
CA UNK A 2524 104.21 21.46 60.62
C UNK A 2524 105.69 21.13 60.49
N UNK A 2525 95.76 26.65 56.86
CA UNK A 2525 96.90 25.79 57.20
C UNK A 2525 96.41 24.48 57.80
N UNK A 2526 95.44 24.57 58.70
CA UNK A 2526 94.88 23.38 59.34
C UNK A 2526 94.16 22.47 58.35
N UNK A 2527 93.64 23.06 57.27
CA UNK A 2527 92.96 22.27 56.25
C UNK A 2527 93.95 21.32 55.58
N UNK A 2528 95.21 21.74 55.49
CA UNK A 2528 96.25 20.87 55.01
C UNK A 2528 96.44 19.69 55.96
N UNK A 2529 96.27 19.95 57.25
CA UNK A 2529 96.30 18.88 58.24
C UNK A 2529 95.10 17.94 58.07
N UNK A 2530 93.97 18.49 57.64
CA UNK A 2530 92.82 17.65 57.32
C UNK A 2530 93.12 16.78 56.11
N UNK A 2531 93.89 17.34 55.18
CA UNK A 2531 94.33 16.58 54.02
C UNK A 2531 95.28 15.48 54.47
N UNK A 2532 96.04 15.77 55.53
CA UNK A 2532 96.90 14.79 56.15
C UNK A 2532 96.08 13.71 56.85
N UNK A 2533 94.87 14.07 57.28
CA UNK A 2533 94.00 13.11 57.95
C UNK A 2533 93.37 12.16 56.94
N UNK A 2534 92.89 12.71 55.83
CA UNK A 2534 92.35 11.86 54.77
C UNK A 2534 93.46 11.02 54.18
N UNK A 2535 94.65 11.60 54.12
CA UNK A 2535 95.83 10.89 53.65
C UNK A 2535 96.23 9.82 54.65
N UNK A 2536 95.84 10.01 55.90
CA UNK A 2536 96.15 9.06 56.95
C UNK A 2536 95.23 7.86 56.90
N UNK A 2537 93.93 8.10 56.78
CA UNK A 2537 92.99 6.99 56.65
C UNK A 2537 93.26 6.25 55.34
N UNK A 2538 93.64 7.00 54.31
CA UNK A 2538 94.05 6.39 53.06
C UNK A 2538 95.34 5.59 53.24
N UNK A 2539 96.21 6.07 54.12
CA UNK A 2539 97.45 5.37 54.41
C UNK A 2539 97.18 4.07 55.16
N UNK A 2540 96.09 4.07 55.91
CA UNK A 2540 95.72 2.89 56.69
C UNK A 2540 95.06 1.86 55.80
N UNK A 2541 94.18 2.31 54.92
CA UNK A 2541 93.57 1.41 53.97
C UNK A 2541 94.61 0.85 53.03
N UNK A 2542 95.59 1.69 52.69
CA UNK A 2542 96.74 1.24 51.91
C UNK A 2542 97.59 0.26 52.70
N UNK A 2543 97.63 0.43 54.01
CA UNK A 2543 98.34 -0.54 54.85
C UNK A 2543 97.60 -1.86 54.81
N UNK A 2544 96.29 -1.82 54.68
CA UNK A 2544 95.52 -3.02 54.42
C UNK A 2544 95.87 -3.59 53.06
N UNK A 2545 96.12 -2.70 52.10
CA UNK A 2545 96.64 -3.11 50.80
C UNK A 2545 98.07 -3.63 50.90
N UNK A 2546 98.80 -3.11 51.89
CA UNK A 2546 100.17 -3.55 52.13
C UNK A 2546 100.18 -4.85 52.92
N UNK A 2547 99.02 -5.23 53.42
CA UNK A 2547 98.89 -6.43 54.25
C UNK A 2547 97.50 -7.03 54.16
N UNK A 2548 110.01 2.07 46.94
CA UNK A 2548 109.86 3.17 46.00
C UNK A 2548 109.58 4.49 46.73
N UNK A 2549 108.45 5.10 46.40
CA UNK A 2549 108.06 6.37 47.01
C UNK A 2549 107.61 6.16 48.45
N UNK A 2550 107.34 4.90 48.80
CA UNK A 2550 106.87 4.59 50.15
C UNK A 2550 107.92 4.94 51.20
N UNK A 2551 109.20 4.85 50.82
CA UNK A 2551 110.27 5.30 51.71
C UNK A 2551 110.20 6.81 51.90
N UNK A 2552 109.79 7.52 50.86
CA UNK A 2552 109.57 8.96 50.98
C UNK A 2552 108.39 9.21 51.89
N UNK A 2553 107.43 8.30 51.89
CA UNK A 2553 106.33 8.37 52.84
C UNK A 2553 106.82 8.13 54.27
N UNK A 2554 107.84 7.30 54.41
CA UNK A 2554 108.47 7.12 55.71
C UNK A 2554 109.18 8.39 56.13
N UNK A 2555 109.71 9.12 55.15
CA UNK A 2555 110.29 10.42 55.42
C UNK A 2555 109.21 11.38 55.85
N UNK A 2556 108.02 11.21 55.30
CA UNK A 2556 106.85 11.95 55.73
C UNK A 2556 106.46 11.58 57.16
N UNK A 2557 106.78 10.36 57.56
CA UNK A 2557 106.50 9.91 58.92
C UNK A 2557 107.49 10.51 59.92
N UNK A 2558 108.78 10.52 59.57
CA UNK A 2558 109.76 11.16 60.43
C UNK A 2558 109.48 12.67 60.49
N UNK A 2559 109.02 13.21 59.37
CA UNK A 2559 108.60 14.61 59.32
C UNK A 2559 107.38 14.83 60.20
N UNK A 2560 106.53 13.81 60.29
CA UNK A 2560 105.42 13.85 61.23
C UNK A 2560 105.90 13.83 62.66
N UNK A 2561 107.01 13.14 62.92
CA UNK A 2561 107.63 13.20 64.24
C UNK A 2561 108.15 14.60 64.52
N UNK A 2562 108.63 15.25 63.46
CA UNK A 2562 109.03 16.65 63.56
C UNK A 2562 107.81 17.51 63.85
N UNK A 2563 106.66 17.10 63.32
CA UNK A 2563 105.41 17.78 63.62
C UNK A 2563 105.03 17.58 65.08
N UNK A 2564 105.38 16.42 65.63
CA UNK A 2564 105.18 16.17 67.05
C UNK A 2564 106.10 17.07 67.87
N UNK A 2565 107.27 17.35 67.32
CA UNK A 2565 108.17 18.34 67.92
C UNK A 2565 107.60 19.75 67.82
N UNK A 2566 106.81 19.99 66.78
CA UNK A 2566 106.29 21.33 66.51
C UNK A 2566 105.31 21.81 67.57
N UNK A 2567 104.66 20.86 68.25
CA UNK A 2567 103.68 21.19 69.28
C UNK A 2567 104.05 20.54 70.60
N UNK A 2568 94.71 20.85 71.08
CA UNK A 2568 93.68 19.82 71.09
C UNK A 2568 93.54 19.16 69.72
N UNK A 2569 93.54 19.98 68.67
CA UNK A 2569 93.53 19.47 67.31
C UNK A 2569 94.82 18.72 67.02
N UNK A 2570 95.88 19.11 67.74
CA UNK A 2570 97.17 18.46 67.64
C UNK A 2570 97.10 17.00 68.07
N UNK A 2571 96.13 16.68 68.92
CA UNK A 2571 95.91 15.30 69.32
C UNK A 2571 95.35 14.46 68.17
N UNK A 2572 94.35 14.99 67.47
CA UNK A 2572 93.81 14.30 66.30
C UNK A 2572 94.87 14.21 65.21
N UNK A 2573 95.69 15.25 65.12
CA UNK A 2573 96.81 15.24 64.18
C UNK A 2573 97.81 14.17 64.57
N UNK A 2574 97.94 13.94 65.89
CA UNK A 2574 98.77 12.87 66.42
C UNK A 2574 98.17 11.50 66.10
N UNK A 2575 96.85 11.45 65.97
CA UNK A 2575 96.18 10.21 65.62
C UNK A 2575 96.41 9.89 64.15
N UNK A 2576 96.26 10.90 63.30
CA UNK A 2576 96.52 10.71 61.87
C UNK A 2576 97.99 10.41 61.63
N UNK A 2577 98.85 11.02 62.44
CA UNK A 2577 100.27 10.73 62.38
C UNK A 2577 100.55 9.32 62.85
N UNK A 2578 99.74 8.84 63.79
CA UNK A 2578 99.84 7.46 64.24
C UNK A 2578 99.43 6.50 63.14
N UNK A 2579 98.45 6.90 62.34
CA UNK A 2579 98.04 6.10 61.20
C UNK A 2579 99.15 6.08 60.15
N UNK A 2580 99.81 7.23 59.98
CA UNK A 2580 100.93 7.31 59.06
C UNK A 2580 102.09 6.44 59.54
N UNK A 2581 102.22 6.34 60.86
CA UNK A 2581 103.26 5.53 61.46
C UNK A 2581 102.96 4.05 61.26
N UNK A 2582 101.69 3.70 61.38
CA UNK A 2582 101.27 2.33 61.13
C UNK A 2582 101.48 1.97 59.66
N UNK A 2583 101.28 2.95 58.79
CA UNK A 2583 101.52 2.73 57.37
C UNK A 2583 103.01 2.57 57.09
N UNK A 2584 103.84 3.34 57.79
CA UNK A 2584 105.28 3.24 57.61
C UNK A 2584 105.81 1.90 58.11
N UNK A 2585 105.24 1.43 59.22
CA UNK A 2585 105.57 0.11 59.73
C UNK A 2585 105.07 -0.97 58.78
N UNK A 2586 103.95 -0.70 58.11
CA UNK A 2586 103.45 -1.60 57.09
C UNK A 2586 104.41 -1.67 55.92
N UNK A 2587 105.09 -0.56 55.64
CA UNK A 2587 106.19 -0.55 54.70
C UNK A 2587 107.38 -1.31 55.26
N UNK A 2588 107.50 -1.31 56.58
CA UNK A 2588 108.61 -1.97 57.26
C UNK A 2588 108.38 -3.47 57.44
N UNK A 2589 107.17 -3.92 57.13
CA UNK A 2589 106.79 -5.31 57.31
C UNK A 2589 107.51 -6.23 56.34
N ASN A 2590 102.21 27.58 47.43
CA ASN A 2590 103.24 28.51 47.87
C ASN A 2590 104.62 27.84 47.91
N PHE A 2591 105.02 27.31 46.76
CA PHE A 2591 106.31 26.65 46.63
C PHE A 2591 107.49 27.61 46.86
N ASP A 2592 108.47 27.14 47.62
CA ASP A 2592 109.59 27.97 48.06
C ASP A 2592 110.93 27.28 47.85
N PRO A 2593 111.41 27.26 46.60
CA PRO A 2593 112.64 26.52 46.29
C PRO A 2593 113.85 27.07 47.02
N ARG A 2594 114.77 26.20 47.42
CA ARG A 2594 116.02 26.65 48.02
C ARG A 2594 117.22 25.90 47.44
N PRO A 2595 117.59 26.20 46.19
CA PRO A 2595 118.86 25.66 45.69
C PRO A 2595 120.03 26.18 46.51
N VAL A 2596 121.05 25.35 46.71
CA VAL A 2596 122.23 25.79 47.44
C VAL A 2596 122.96 26.85 46.63
N GLU A 2597 123.56 27.84 47.31
CA GLU A 2597 124.40 28.80 46.62
C GLU A 2597 125.58 28.08 46.02
N THR A 2598 125.96 28.45 44.80
CA THR A 2598 127.01 27.74 44.09
C THR A 2598 128.03 28.68 43.45
N LEU A 2599 127.58 29.88 43.07
CA LEU A 2599 128.46 30.81 42.37
C LEU A 2599 129.65 31.22 43.25
N ASN A 2600 129.41 31.29 44.56
CA ASN A 2600 130.48 31.54 45.52
C ASN A 2600 131.49 30.40 45.63
N VAL A 2601 131.03 29.18 45.34
CA VAL A 2601 131.84 27.98 45.55
C VAL A 2601 133.08 27.96 44.65
N ILE A 2602 134.20 27.50 45.20
CA ILE A 2602 135.46 27.47 44.45
C ILE A 2602 135.87 26.05 44.07
N ILE A 2603 135.63 25.68 42.81
CA ILE A 2603 136.11 24.39 42.30
C ILE A 2603 137.63 24.41 42.12
N PRO A 2604 138.32 23.39 42.64
CA PRO A 2604 139.76 23.22 42.42
C PRO A 2604 140.07 23.01 40.94
N GLU A 2605 141.21 23.54 40.48
CA GLU A 2605 141.57 23.44 39.08
C GLU A 2605 141.77 22.01 38.61
N LYS A 2606 142.16 21.13 39.53
CA LYS A 2606 142.39 19.73 39.19
C LYS A 2606 141.10 19.06 38.74
N LEU A 2607 139.97 19.50 39.29
CA LEU A 2607 138.67 19.01 38.84
C LEU A 2607 138.34 19.46 37.43
N ASP A 2608 138.90 20.58 37.00
CA ASP A 2608 138.61 21.11 35.67
C ASP A 2608 139.12 20.19 34.57
N SER A 2609 140.21 19.48 34.84
CA SER A 2609 140.72 18.51 33.88
C SER A 2609 139.75 17.36 33.68
N PHE A 2610 139.04 17.02 34.75
CA PHE A 2610 137.97 16.04 34.69
C PHE A 2610 136.71 16.62 34.01
N ILE A 2611 136.51 17.92 34.20
CA ILE A 2611 135.40 18.60 33.56
C ILE A 2611 135.62 18.58 32.07
N ASN A 2612 136.88 18.54 31.66
CA ASN A 2612 137.19 18.42 30.24
C ASN A 2612 136.67 17.10 29.71
N LYS A 2613 136.72 16.07 30.56
CA LYS A 2613 136.28 14.75 30.18
C LYS A 2613 134.76 14.64 30.16
N PHE A 2614 134.11 15.08 31.23
CA PHE A 2614 132.65 14.96 31.28
C PHE A 2614 131.98 15.87 30.26
N ALA A 2615 132.63 17.00 29.94
CA ALA A 2615 132.09 17.91 28.95
C ALA A 2615 132.36 17.41 27.53
N GLU A 2616 133.55 16.86 27.29
CA GLU A 2616 133.82 16.29 25.98
C GLU A 2616 132.87 15.12 25.74
N TYR A 2617 132.58 14.37 26.78
CA TYR A 2617 131.57 13.32 26.70
C TYR A 2617 130.20 13.90 26.49
N THR A 2618 129.95 15.08 27.07
CA THR A 2618 128.64 15.68 26.96
C THR A 2618 128.40 16.06 25.51
N HIS A 2619 129.45 16.56 24.85
CA HIS A 2619 129.36 16.81 23.42
C HIS A 2619 129.28 15.50 22.64
N GLU A 2620 129.90 14.44 23.16
CA GLU A 2620 129.81 13.15 22.47
C GLU A 2620 128.38 12.63 22.46
N LYS A 2621 127.65 12.89 23.54
CA LYS A 2621 126.30 12.37 23.67
C LYS A 2621 125.32 13.29 22.95
N TRP A 2622 125.59 14.59 23.05
CA TRP A 2622 124.76 15.60 22.38
C TRP A 2622 124.87 15.47 20.87
N ALA A 2623 126.05 15.06 20.40
CA ALA A 2623 126.25 14.86 18.98
C ALA A 2623 125.74 13.50 18.54
N PHE A 2624 126.05 12.46 19.32
CA PHE A 2624 125.64 11.11 18.95
C PHE A 2624 124.12 10.95 18.92
N ASP A 2625 123.43 11.64 19.82
CA ASP A 2625 121.98 11.56 19.82
C ASP A 2625 121.39 12.20 18.57
N LYS A 2626 122.00 13.28 18.11
CA LYS A 2626 121.61 13.87 16.83
C LYS A 2626 121.96 12.95 15.66
N ILE A 2627 123.05 12.21 15.82
CA ILE A 2627 123.47 11.23 14.81
C ILE A 2627 122.48 10.08 14.71
N GLN A 2628 121.83 9.74 15.82
CA GLN A 2628 120.85 8.66 15.83
C GLN A 2628 119.65 9.02 14.95
N ASN A 2629 119.37 10.31 14.84
CA ASN A 2629 118.31 10.78 13.96
C ASN A 2629 118.90 11.31 12.65
N ASN A 2630 120.18 11.00 12.44
CA ASN A 2630 120.93 11.39 11.25
C ASN A 2630 121.02 12.89 11.00
N TRP A 2631 121.12 13.66 12.08
CA TRP A 2631 121.43 15.08 11.97
C TRP A 2631 122.89 15.26 11.53
N SER A 2632 123.19 16.35 10.83
CA SER A 2632 124.53 16.54 10.27
C SER A 2632 124.95 18.01 10.19
N TYR A 2633 126.23 18.24 9.91
CA TYR A 2633 126.75 19.60 9.81
C TYR A 2633 126.13 20.39 8.67
N GLY A 2634 125.90 21.69 8.90
CA GLY A 2634 125.31 22.55 7.89
C GLY A 2634 125.45 24.03 8.18
N GLU A 2635 125.13 24.86 7.19
CA GLU A 2635 125.28 26.31 7.28
C GLU A 2635 124.38 26.97 8.32
N ASN A 2636 123.22 26.37 8.57
CA ASN A 2636 122.18 27.00 9.39
C ASN A 2636 121.29 26.01 10.12
N VAL A 2637 120.56 26.49 11.12
CA VAL A 2637 119.69 25.64 11.93
C VAL A 2637 118.38 25.41 11.17
N ASP A 2638 118.47 24.61 10.11
CA ASP A 2638 117.29 24.23 9.35
C ASP A 2638 116.82 22.85 9.82
N GLU A 2639 115.84 22.83 10.72
CA GLU A 2639 115.36 21.59 11.31
C GLU A 2639 114.76 20.68 10.25
N GLU A 2640 114.15 21.28 9.23
CA GLU A 2640 113.57 20.54 8.12
C GLU A 2640 114.65 19.83 7.27
N LEU A 2641 115.84 20.41 7.24
CA LEU A 2641 116.92 19.92 6.41
C LEU A 2641 117.68 18.77 7.05
N LYS A 2642 117.32 18.46 8.30
CA LYS A 2642 118.02 17.45 9.09
C LYS A 2642 119.50 17.78 9.23
N THR A 2643 119.79 19.04 9.55
CA THR A 2643 121.18 19.48 9.71
C THR A 2643 121.31 20.65 10.69
N HIS A 2644 122.40 20.68 11.45
CA HIS A 2644 122.67 21.79 12.35
C HIS A 2644 124.16 22.18 12.31
N PRO A 2645 124.47 23.48 12.45
CA PRO A 2645 125.83 24.02 12.50
C PRO A 2645 126.74 23.49 13.62
N MET A 2646 126.17 23.17 14.78
CA MET A 2646 126.98 22.84 15.96
C MET A 2646 127.46 21.39 15.95
N LEU A 2647 127.01 20.61 14.98
CA LEU A 2647 127.40 19.21 14.92
C LEU A 2647 128.82 19.09 14.39
N ARG A 2648 129.75 19.61 15.19
CA ARG A 2648 131.17 19.67 14.85
C ARG A 2648 132.00 19.21 16.05
N PRO A 2649 133.22 18.71 15.81
CA PRO A 2649 134.00 18.04 16.85
C PRO A 2649 134.33 18.93 18.05
N TYR A 2650 134.34 18.32 19.23
CA TYR A 2650 134.57 19.06 20.48
C TYR A 2650 135.96 19.69 20.50
N LYS A 2651 136.90 19.06 19.81
CA LYS A 2651 138.26 19.58 19.70
C LYS A 2651 138.30 20.90 18.94
N THR A 2652 137.37 21.06 18.00
CA THR A 2652 137.29 22.30 17.22
C THR A 2652 136.88 23.49 18.10
N PHE A 2653 136.18 23.20 19.18
CA PHE A 2653 135.66 24.25 20.06
C PHE A 2653 136.75 25.08 20.71
N SER A 2654 136.48 26.38 20.82
CA SER A 2654 137.19 27.25 21.74
C SER A 2654 136.71 26.91 23.13
N GLU A 2655 137.53 27.17 24.15
CA GLU A 2655 137.16 26.80 25.51
C GLU A 2655 135.87 27.47 25.95
N LYS A 2656 135.63 28.68 25.45
CA LYS A 2656 134.38 29.37 25.73
C LYS A 2656 133.17 28.64 25.15
N ASP A 2657 133.35 27.99 23.99
CA ASP A 2657 132.29 27.14 23.45
C ASP A 2657 132.07 25.93 24.34
N LYS A 2658 133.16 25.46 24.95
CA LYS A 2658 133.11 24.36 25.90
C LYS A 2658 132.35 24.77 27.16
N GLU A 2659 132.41 26.07 27.47
CA GLU A 2659 131.75 26.60 28.66
C GLU A 2659 130.24 26.46 28.56
N ILE A 2660 129.71 26.43 27.35
CA ILE A 2660 128.27 26.35 27.14
C ILE A 2660 127.72 25.04 27.70
N TYR A 2661 128.52 23.98 27.62
CA TYR A 2661 128.16 22.71 28.23
C TYR A 2661 128.67 22.59 29.65
N ARG A 2662 129.87 23.12 29.90
CA ARG A 2662 130.48 23.02 31.22
C ARG A 2662 129.73 23.74 32.33
N TRP A 2663 129.07 24.85 31.99
CA TRP A 2663 128.52 25.72 33.04
C TRP A 2663 127.52 25.05 33.99
N PRO A 2664 126.48 24.37 33.46
CA PRO A 2664 125.64 23.61 34.40
C PRO A 2664 126.42 22.57 35.18
N ILE A 2665 127.42 21.98 34.52
CA ILE A 2665 128.23 20.93 35.13
C ILE A 2665 129.05 21.49 36.27
N LYS A 2666 129.64 22.67 36.01
CA LYS A 2666 130.39 23.35 37.04
C LYS A 2666 129.50 23.78 38.19
N GLU A 2667 128.26 24.17 37.87
CA GLU A 2667 127.31 24.50 38.92
C GLU A 2667 126.95 23.27 39.73
N SER A 2668 127.01 22.10 39.10
CA SER A 2668 126.73 20.85 39.80
C SER A 2668 127.88 20.49 40.74
N LEU A 2669 129.11 20.61 40.25
CA LEU A 2669 130.26 20.31 41.09
C LEU A 2669 130.39 21.31 42.23
N LYS A 2670 129.99 22.56 41.96
CA LYS A 2670 129.90 23.55 43.02
C LYS A 2670 128.79 23.20 43.99
N ALA A 2671 127.74 22.58 43.47
CA ALA A 2671 126.65 22.13 44.31
C ALA A 2671 127.09 21.02 45.24
N MET A 2672 128.05 20.22 44.78
CA MET A 2672 128.56 19.14 45.62
C MET A 2672 129.58 19.66 46.62
N ILE A 2673 130.46 20.55 46.18
CA ILE A 2673 131.46 21.14 47.07
C ILE A 2673 130.83 22.03 48.15
N ALA A 2674 129.73 22.70 47.83
CA ALA A 2674 128.99 23.46 48.83
C ALA A 2674 128.38 22.52 49.87
N TRP A 2675 128.00 21.34 49.38
CA TRP A 2675 127.53 20.24 50.21
C TRP A 2675 128.72 19.45 50.74
N GLU A 2676 129.91 19.83 50.26
CA GLU A 2676 131.17 19.23 50.66
C GLU A 2676 131.22 17.73 50.42
N TRP A 2677 130.52 17.29 49.39
CA TRP A 2677 130.55 15.88 49.00
C TRP A 2677 131.93 15.50 48.47
N THR A 2678 132.40 14.32 48.90
CA THR A 2678 133.66 13.79 48.40
C THR A 2678 133.59 13.43 46.92
N ILE A 2679 134.64 13.83 46.20
CA ILE A 2679 134.85 13.52 44.79
C ILE A 2679 136.36 13.40 44.59
N GLU A 2680 136.93 12.24 44.92
CA GLU A 2680 138.39 12.18 45.04
C GLU A 2680 139.00 10.91 44.43
N LYS A 2681 140.26 11.01 44.06
CA LYS A 2681 140.93 9.97 43.27
C LYS A 2681 141.02 8.64 43.99
N ALA A 2682 140.82 7.56 43.24
CA ALA A 2682 140.89 6.21 43.78
C ALA A 2682 141.06 5.19 42.65
N ARG A 2683 139.94 4.58 42.26
CA ARG A 2683 139.93 3.60 41.17
C ARG A 2683 140.30 4.24 39.84
N GLU A 2684 141.03 3.50 39.01
CA GLU A 2684 141.42 3.96 37.68
C GLU A 2684 140.21 4.16 36.77
N GLY A 2685 140.28 5.17 35.91
CA GLY A 2685 139.19 5.46 35.00
C GLY A 2685 139.56 5.30 33.54
N GLU A 2686 138.85 4.42 32.83
CA GLU A 2686 139.10 4.18 31.42
C GLU A 2686 138.31 5.14 30.55
N TYR A 2705 123.23 0.03 13.35
CA TYR A 2705 123.70 1.41 13.41
C TYR A 2705 124.82 1.67 12.40
N ASP A 2706 124.45 2.16 11.23
CA ASP A 2706 125.41 2.59 10.22
C ASP A 2706 126.10 3.88 10.66
N PRO A 2707 127.41 3.98 10.43
CA PRO A 2707 128.14 5.22 10.74
C PRO A 2707 127.64 6.40 9.90
N ARG A 2708 127.65 7.59 10.49
CA ARG A 2708 127.24 8.80 9.77
C ARG A 2708 128.45 9.62 9.30
N GLU A 2709 128.24 10.42 8.26
CA GLU A 2709 129.27 11.34 7.78
C GLU A 2709 129.44 12.47 8.79
N GLY A 2710 130.62 13.07 8.85
CA GLY A 2710 130.92 14.07 9.85
C GLY A 2710 131.39 13.44 11.15
N TYR A 2711 131.53 14.26 12.19
CA TYR A 2711 132.07 13.81 13.47
C TYR A 2711 131.24 12.66 14.06
N ASN A 2712 131.93 11.64 14.55
CA ASN A 2712 131.31 10.39 14.98
C ASN A 2712 131.75 9.91 16.34
N PRO A 2713 131.21 10.53 17.41
CA PRO A 2713 131.51 10.10 18.77
C PRO A 2713 131.02 8.68 19.02
N GLN A 2714 131.77 7.93 19.84
CA GLN A 2714 131.40 6.56 20.19
C GLN A 2714 131.46 6.46 21.70
N PRO A 2715 130.45 7.03 22.38
CA PRO A 2715 130.50 7.28 23.82
C PRO A 2715 130.61 6.03 24.68
N PRO A 2716 131.34 6.12 25.80
CA PRO A 2716 131.37 5.09 26.84
C PRO A 2716 129.99 4.92 27.45
N ASP A 2717 129.63 3.70 27.82
CA ASP A 2717 128.29 3.42 28.30
C ASP A 2717 128.10 3.80 29.76
N LEU A 2718 127.93 5.09 30.02
CA LEU A 2718 127.67 5.59 31.37
C LEU A 2718 126.37 5.08 31.96
N SER A 2719 125.39 4.82 31.10
CA SER A 2719 124.07 4.39 31.55
C SER A 2719 124.12 3.02 32.22
N GLY A 2720 125.08 2.20 31.81
CA GLY A 2720 125.20 0.86 32.35
C GLY A 2720 125.92 0.84 33.69
N VAL A 2721 126.54 1.96 34.05
CA VAL A 2721 127.14 2.09 35.37
C VAL A 2721 126.01 2.05 36.39
N THR A 2722 126.24 1.39 37.52
CA THR A 2722 125.22 1.29 38.55
C THR A 2722 125.65 1.98 39.84
N LEU A 2723 125.06 3.14 40.12
CA LEU A 2723 125.30 3.82 41.38
C LEU A 2723 124.79 3.00 42.54
N SER A 2724 125.52 3.02 43.65
CA SER A 2724 125.04 2.44 44.90
C SER A 2724 123.90 3.30 45.42
N ARG A 2725 123.02 2.71 46.22
CA ARG A 2725 121.81 3.40 46.66
C ARG A 2725 122.14 4.68 47.40
N GLU A 2726 123.30 4.72 48.05
CA GLU A 2726 123.82 5.98 48.56
C GLU A 2726 124.10 6.98 47.44
N LEU A 2727 124.85 6.53 46.44
CA LEU A 2727 125.13 7.39 45.29
C LEU A 2727 123.89 7.67 44.45
N GLN A 2728 122.94 6.73 44.44
CA GLN A 2728 121.67 6.99 43.79
C GLN A 2728 120.88 8.08 44.51
N ALA A 2729 121.00 8.08 45.84
CA ALA A 2729 120.43 9.16 46.64
C ALA A 2729 121.14 10.47 46.35
N MET A 2730 122.43 10.37 46.07
CA MET A 2730 123.22 11.55 45.74
C MET A 2730 122.77 12.15 44.40
N ALA A 2731 122.48 11.28 43.44
CA ALA A 2731 121.92 11.72 42.17
C ALA A 2731 120.52 12.29 42.38
N GLU A 2732 119.81 11.73 43.35
CA GLU A 2732 118.47 12.19 43.68
C GLU A 2732 118.53 13.61 44.23
N GLN A 2733 119.60 13.90 44.95
CA GLN A 2733 119.75 15.17 45.63
C GLN A 2733 120.32 16.24 44.70
N LEU A 2734 121.24 15.84 43.82
CA LEU A 2734 121.70 16.75 42.79
C LEU A 2734 120.60 17.08 41.79
N ALA A 2735 119.76 16.09 41.49
CA ALA A 2735 118.58 16.34 40.67
C ALA A 2735 117.61 17.23 41.42
N GLU A 2736 117.58 17.08 42.74
CA GLU A 2736 116.76 17.94 43.57
C GLU A 2736 117.27 19.38 43.49
N ASN A 2737 118.59 19.52 43.39
CA ASN A 2737 119.16 20.84 43.18
C ASN A 2737 118.89 21.39 41.79
N TYR A 2738 118.80 20.52 40.80
CA TYR A 2738 118.42 20.97 39.46
C TYR A 2738 116.97 21.46 39.47
N HIS A 2739 116.17 20.81 40.30
CA HIS A 2739 114.75 21.14 40.40
C HIS A 2739 114.58 22.47 41.12
N ASN A 2740 115.27 22.64 42.25
CA ASN A 2740 115.22 23.89 42.98
C ASN A 2740 115.87 25.05 42.24
N THR A 2741 116.87 24.76 41.42
CA THR A 2741 117.56 25.82 40.69
C THR A 2741 116.77 26.26 39.47
N TRP A 2742 116.35 25.29 38.66
CA TRP A 2742 115.59 25.63 37.47
C TRP A 2742 114.24 26.19 37.88
N GLY A 2743 113.72 25.71 39.01
CA GLY A 2743 112.45 26.20 39.53
C GLY A 2743 112.52 27.55 40.20
N ARG A 2744 113.64 27.85 40.86
CA ARG A 2744 113.78 29.17 41.48
C ARG A 2744 114.03 30.20 40.40
N LYS A 2745 114.84 29.83 39.42
CA LYS A 2745 115.05 30.71 38.28
C LYS A 2745 113.76 30.89 37.50
N LYS A 2746 112.95 29.83 37.46
CA LYS A 2746 111.64 29.90 36.83
C LYS A 2746 110.67 30.81 37.59
N LYS A 2747 110.78 30.84 38.91
CA LYS A 2747 109.89 31.67 39.70
C LYS A 2747 110.30 33.13 39.66
N GLN A 2748 111.59 33.37 39.74
CA GLN A 2748 112.12 34.73 39.62
C GLN A 2748 111.88 35.25 38.22
N GLU A 2749 111.85 34.35 37.24
CA GLU A 2749 111.59 34.72 35.86
C GLU A 2749 110.12 35.05 35.64
N LEU A 2750 109.23 34.22 36.17
CA LEU A 2750 107.80 34.51 36.07
C LEU A 2750 107.44 35.78 36.83
N GLU A 2751 108.14 36.04 37.94
CA GLU A 2751 107.93 37.28 38.68
C GLU A 2751 108.63 38.45 38.01
N ALA A 2752 109.54 38.17 37.08
CA ALA A 2752 110.17 39.22 36.30
C ALA A 2752 109.27 39.64 35.15
N LYS A 2753 108.68 38.67 34.46
CA LYS A 2753 107.77 38.94 33.37
C LYS A 2753 106.34 39.22 33.86
N GLY A 2754 106.08 38.96 35.14
CA GLY A 2754 104.74 39.13 35.66
C GLY A 2754 103.83 37.98 35.26
N GLY A 2755 104.43 36.90 34.79
CA GLY A 2755 103.67 35.80 34.22
C GLY A 2755 103.06 34.85 35.22
N GLY A 2756 102.31 33.87 34.70
CA GLY A 2756 101.53 32.98 35.53
C GLY A 2756 102.32 31.94 36.31
N THR A 2757 102.20 30.68 35.91
CA THR A 2757 102.78 29.58 36.68
C THR A 2757 103.10 28.35 35.83
N HIS A 2758 103.90 27.45 36.37
CA HIS A 2758 104.36 26.27 35.63
C HIS A 2758 104.08 25.01 36.46
N PRO A 2759 103.82 23.88 35.78
CA PRO A 2759 103.56 22.59 36.44
C PRO A 2759 104.68 22.09 37.35
N LEU A 2760 105.92 22.38 36.99
CA LEU A 2760 107.07 21.89 37.75
C LEU A 2760 107.33 22.72 39.01
N LEU A 2761 106.60 23.81 39.19
CA LEU A 2761 106.80 24.64 40.36
C LEU A 2761 106.21 23.99 41.62
N VAL A 2762 106.65 22.77 41.89
CA VAL A 2762 106.24 22.01 43.06
C VAL A 2762 107.47 21.39 43.72
N PRO A 2763 107.41 21.10 45.03
CA PRO A 2763 108.56 20.56 45.76
C PRO A 2763 109.03 19.21 45.21
N TYR A 2764 110.33 18.97 45.24
CA TYR A 2764 110.93 17.88 44.48
C TYR A 2764 110.39 16.52 44.91
N ASP A 2765 110.05 16.38 46.19
CA ASP A 2765 109.39 15.18 46.70
C ASP A 2765 107.93 15.04 46.23
N THR A 2766 107.28 16.16 45.89
CA THR A 2766 105.93 16.12 45.35
C THR A 2766 105.90 15.47 43.97
N LEU A 2767 107.03 15.53 43.28
CA LEU A 2767 107.11 15.09 41.91
C LEU A 2767 106.80 13.61 41.79
N THR A 2768 106.08 13.24 40.74
CA THR A 2768 105.89 11.84 40.39
C THR A 2768 107.27 11.32 40.02
N ALA A 2769 107.52 10.03 40.25
CA ALA A 2769 108.87 9.51 40.10
C ALA A 2769 109.38 9.68 38.67
N LYS A 2770 108.46 9.64 37.70
CA LYS A 2770 108.83 9.97 36.33
C LYS A 2770 109.26 11.43 36.16
N GLU A 2771 108.61 12.34 36.88
CA GLU A 2771 109.04 13.74 36.88
C GLU A 2771 110.41 13.92 37.54
N LYS A 2772 110.69 13.09 38.53
CA LYS A 2772 111.99 13.10 39.18
C LYS A 2772 113.07 12.61 38.21
N ALA A 2773 112.68 11.73 37.28
CA ALA A 2773 113.64 11.08 36.42
C ALA A 2773 114.45 12.01 35.50
N ARG A 2774 113.80 13.01 34.91
CA ARG A 2774 114.45 13.77 33.83
C ARG A 2774 115.72 14.54 34.19
N ASP A 2775 115.69 15.27 35.31
CA ASP A 2775 116.91 15.90 35.83
C ASP A 2775 117.86 14.83 36.33
N ARG A 2776 117.27 13.83 36.96
CA ARG A 2776 117.98 12.72 37.60
C ARG A 2776 118.85 12.01 36.58
N GLU A 2777 118.33 11.86 35.36
CA GLU A 2777 119.10 11.19 34.32
C GLU A 2777 120.34 12.01 33.99
N LYS A 2778 120.25 13.32 34.16
CA LYS A 2778 121.45 14.14 34.03
C LYS A 2778 122.32 13.97 35.26
N ALA A 2779 121.72 13.98 36.44
CA ALA A 2779 122.50 13.87 37.66
C ALA A 2779 123.16 12.50 37.72
N GLN A 2780 122.41 11.48 37.32
CA GLN A 2780 122.97 10.14 37.24
C GLN A 2780 124.05 10.10 36.17
N GLU A 2781 123.90 10.92 35.14
N GLU A 2781 123.90 10.91 35.14
CA GLU A 2781 124.91 10.99 34.10
CA GLU A 2781 124.92 10.98 34.10
C GLU A 2781 126.21 11.54 34.67
C GLU A 2781 126.22 11.54 34.67
N LEU A 2782 126.08 12.37 35.71
CA LEU A 2782 127.26 12.97 36.33
C LEU A 2782 127.97 11.95 37.20
N LEU A 2783 127.28 11.49 38.25
CA LEU A 2783 127.93 10.63 39.24
C LEU A 2783 128.41 9.31 38.66
N LYS A 2784 127.67 8.76 37.70
CA LYS A 2784 128.11 7.52 37.07
C LYS A 2784 129.41 7.77 36.30
N PHE A 2785 129.53 8.97 35.72
CA PHE A 2785 130.73 9.29 34.97
C PHE A 2785 131.88 9.37 35.96
N LEU A 2786 131.56 9.73 37.20
CA LEU A 2786 132.55 9.69 38.27
C LEU A 2786 132.91 8.24 38.54
N GLN A 2787 131.90 7.39 38.66
CA GLN A 2787 132.11 5.99 38.97
C GLN A 2787 132.85 5.28 37.84
N MET A 2788 132.60 5.71 36.60
CA MET A 2788 133.34 5.18 35.47
C MET A 2788 134.80 5.60 35.55
N ASN A 2789 135.04 6.79 36.09
CA ASN A 2789 136.40 7.27 36.28
C ASN A 2789 136.98 6.76 37.58
N GLY A 2790 136.13 6.12 38.38
CA GLY A 2790 136.57 5.41 39.56
C GLY A 2790 136.78 6.25 40.81
N TYR A 2791 136.46 7.54 40.74
CA TYR A 2791 136.61 8.40 41.91
C TYR A 2791 135.69 7.95 43.04
N ALA A 2792 136.19 7.98 44.26
CA ALA A 2792 135.32 7.85 45.42
C ALA A 2792 134.40 9.07 45.44
N VAL A 2793 133.12 8.84 45.66
CA VAL A 2793 132.11 9.90 45.55
C VAL A 2793 131.02 9.68 46.59
N THR A 2794 130.97 10.54 47.61
CA THR A 2794 130.04 10.31 48.73
C THR A 2794 129.50 11.61 49.29
N ARG A 2795 128.39 11.54 50.03
CA ARG A 2795 127.85 12.74 50.68
C ARG A 2795 128.83 13.25 51.75
N GLY A 2796 129.62 12.33 52.31
CA GLY A 2796 130.61 12.68 53.30
C GLY A 2796 130.02 13.26 54.57
N UNK A 2797 111.41 0.65 57.17
CA UNK A 2797 112.25 -0.52 57.40
C UNK A 2797 113.01 -0.39 58.72
N UNK A 2798 114.28 -0.77 58.71
CA UNK A 2798 115.12 -0.69 59.90
C UNK A 2798 115.32 0.76 60.33
N UNK A 2799 115.21 1.67 59.37
CA UNK A 2799 115.36 3.09 59.65
C UNK A 2799 114.27 3.55 60.60
N UNK A 2800 113.11 2.91 60.52
CA UNK A 2800 112.04 3.16 61.48
C UNK A 2800 112.44 2.69 62.88
N UNK A 2801 113.29 1.67 62.93
CA UNK A 2801 113.76 1.15 64.21
C UNK A 2801 114.83 2.05 64.82
N UNK A 2802 115.75 2.54 64.00
CA UNK A 2802 116.72 3.51 64.49
C UNK A 2802 116.02 4.80 64.90
N UNK A 2803 114.94 5.12 64.18
CA UNK A 2803 114.08 6.24 64.54
C UNK A 2803 113.41 5.95 65.86
N UNK A 2804 113.11 4.67 66.11
CA UNK A 2804 112.58 4.26 67.40
C UNK A 2804 113.62 4.44 68.50
N UNK A 2805 114.90 4.27 68.15
CA UNK A 2805 115.98 4.60 69.09
C UNK A 2805 116.05 6.09 69.35
N UNK A 2806 115.75 6.89 68.32
CA UNK A 2806 115.65 8.32 68.52
C UNK A 2806 114.49 8.64 69.45
N UNK A 2807 113.44 7.84 69.34
CA UNK A 2807 112.31 7.92 70.24
C UNK A 2807 112.72 7.50 71.65
N UNK A 2808 113.70 6.61 71.75
CA UNK A 2808 114.28 6.29 73.04
C UNK A 2808 115.05 7.48 73.60
N UNK A 2809 115.65 8.27 72.72
CA UNK A 2809 116.34 9.48 73.17
C UNK A 2809 115.34 10.52 73.67
N UNK A 2810 114.24 10.64 72.94
CA UNK A 2810 113.17 11.53 73.35
C UNK A 2810 112.56 11.03 74.65
N UNK A 2811 112.57 9.72 74.83
CA UNK A 2811 112.16 9.10 76.09
C UNK A 2811 113.12 9.43 77.21
N UNK A 2812 114.40 9.58 76.89
CA UNK A 2812 115.37 10.03 77.89
C UNK A 2812 115.07 11.46 78.27
N UNK A 2813 114.62 12.24 77.29
CA UNK A 2813 114.16 13.60 77.57
C UNK A 2813 112.91 13.55 78.45
N UNK A 2814 112.10 12.51 78.25
CA UNK A 2814 110.93 12.29 79.09
C UNK A 2814 111.32 11.95 80.52
N UNK A 2815 112.44 11.25 80.67
CA UNK A 2815 113.00 11.01 81.99
C UNK A 2815 113.50 12.31 82.61
N UNK A 2816 114.03 13.20 81.76
CA UNK A 2816 114.45 14.50 82.24
C UNK A 2816 113.24 15.30 82.72
N UNK A 2817 112.11 15.12 82.04
CA UNK A 2817 110.85 15.66 82.52
C UNK A 2817 110.40 15.00 83.82
N UNK A 2818 110.72 13.72 83.96
CA UNK A 2818 110.37 12.95 85.15
C UNK A 2818 111.14 13.47 86.36
N UNK A 2819 112.32 14.01 86.10
CA UNK A 2819 113.12 14.62 87.14
C UNK A 2819 112.42 15.86 87.71
N UNK A 2820 111.59 16.48 86.87
CA UNK A 2820 110.85 17.67 87.29
C UNK A 2820 109.52 17.29 87.94
N UNK A 2821 104.88 21.28 78.27
CA UNK A 2821 104.05 21.21 77.07
C UNK A 2821 104.48 20.04 76.19
N UNK A 2822 105.78 19.79 76.14
CA UNK A 2822 106.33 18.72 75.31
C UNK A 2822 105.86 17.34 75.76
N UNK A 2823 105.55 17.22 77.06
CA UNK A 2823 105.24 15.91 77.62
C UNK A 2823 103.99 15.27 77.02
N UNK A 2824 103.01 16.08 76.65
CA UNK A 2824 101.84 15.53 75.96
C UNK A 2824 102.23 14.98 74.59
N UNK A 2825 103.20 15.63 73.94
CA UNK A 2825 103.75 15.13 72.69
C UNK A 2825 104.51 13.83 72.93
N UNK A 2826 105.12 13.72 74.10
CA UNK A 2826 105.78 12.48 74.50
C UNK A 2826 104.74 11.38 74.71
N UNK A 2827 103.55 11.76 75.13
CA UNK A 2827 102.47 10.81 75.34
C UNK A 2827 101.91 10.33 74.01
N UNK A 2828 101.72 11.26 73.08
CA UNK A 2828 101.27 10.88 71.75
C UNK A 2828 102.33 10.04 71.06
N UNK A 2829 103.59 10.33 71.36
CA UNK A 2829 104.69 9.50 70.89
C UNK A 2829 104.67 8.12 71.51
N UNK A 2830 104.21 8.03 72.76
CA UNK A 2830 104.01 6.73 73.39
C UNK A 2830 102.89 5.97 72.70
N UNK A 2831 101.89 6.71 72.22
CA UNK A 2831 100.78 6.09 71.51
C UNK A 2831 101.25 5.56 70.17
N UNK A 2832 102.09 6.34 69.50
CA UNK A 2832 102.69 5.91 68.24
C UNK A 2832 103.60 4.71 68.47
N UNK A 2833 104.24 4.68 69.63
CA UNK A 2833 105.07 3.54 70.02
C UNK A 2833 104.22 2.30 70.25
N UNK A 2834 102.99 2.52 70.72
CA UNK A 2834 102.08 1.41 70.96
C UNK A 2834 101.56 0.85 69.66
N UNK A 2835 101.16 1.74 68.76
CA UNK A 2835 100.69 1.31 67.45
C UNK A 2835 101.81 0.64 66.67
N UNK A 2836 103.03 1.14 66.85
CA UNK A 2836 104.19 0.51 66.22
C UNK A 2836 104.44 -0.85 66.84
N UNK A 2837 104.14 -0.99 68.12
CA UNK A 2837 104.27 -2.27 68.81
C UNK A 2837 103.26 -3.26 68.26
N UNK A 2838 102.10 -2.74 67.87
CA UNK A 2838 101.07 -3.58 67.26
C UNK A 2838 101.54 -4.08 65.89
N UNK A 2839 102.40 -3.28 65.25
CA UNK A 2839 102.90 -3.61 63.93
C UNK A 2839 104.02 -4.64 63.99
N UNK A 2840 104.50 -4.91 65.19
CA UNK A 2840 105.59 -5.87 65.38
C UNK A 2840 105.05 -7.23 65.79
N UNK A 2841 118.42 -6.79 63.61
CA UNK A 2841 117.29 -7.26 64.41
C UNK A 2841 117.56 -7.07 65.90
N UNK A 2842 118.83 -7.09 66.27
CA UNK A 2842 119.23 -6.88 67.66
C UNK A 2842 118.88 -5.45 68.10
N UNK A 2843 118.83 -4.54 67.15
CA UNK A 2843 118.47 -3.16 67.45
C UNK A 2843 117.05 -3.08 67.98
N UNK A 2844 116.18 -3.98 67.52
CA UNK A 2844 114.84 -4.08 68.07
C UNK A 2844 114.87 -4.53 69.54
N UNK A 2845 115.81 -5.40 69.86
CA UNK A 2845 116.02 -5.79 71.25
C UNK A 2845 116.53 -4.61 72.05
N UNK A 2846 117.30 -3.74 71.40
CA UNK A 2846 117.73 -2.51 72.06
C UNK A 2846 116.55 -1.59 72.29
N UNK A 2847 115.58 -1.63 71.39
CA UNK A 2847 114.33 -0.90 71.60
C UNK A 2847 113.56 -1.51 72.77
N UNK A 2848 113.68 -2.82 72.93
CA UNK A 2848 113.10 -3.48 74.10
C UNK A 2848 113.79 -2.99 75.36
N UNK A 2849 115.09 -2.73 75.26
CA UNK A 2849 115.84 -2.16 76.38
C UNK A 2849 115.37 -0.73 76.66
N UNK A 2850 115.01 -0.01 75.61
CA UNK A 2850 114.43 1.32 75.78
C UNK A 2850 113.09 1.21 76.49
N UNK A 2851 112.37 0.13 76.19
CA UNK A 2851 111.12 -0.14 76.87
C UNK A 2851 111.38 -0.46 78.33
N UNK A 2852 112.52 -1.08 78.61
CA UNK A 2852 112.95 -1.31 79.98
C UNK A 2852 113.28 0.00 80.69
N UNK A 2853 113.80 0.96 79.93
CA UNK A 2853 114.14 2.26 80.51
C UNK A 2853 112.90 3.06 80.84
N UNK A 2854 111.95 3.07 79.92
CA UNK A 2854 110.66 3.71 80.17
C UNK A 2854 109.93 2.99 81.29
N UNK A 2855 110.16 1.68 81.39
CA UNK A 2855 109.64 0.88 82.49
C UNK A 2855 110.26 1.28 83.81
N UNK A 2856 111.51 1.73 83.77
CA UNK A 2856 112.20 2.18 84.97
C UNK A 2856 111.69 3.56 85.39
N UNK A 2857 111.55 4.46 84.43
CA UNK A 2857 111.05 5.79 84.74
C UNK A 2857 109.60 5.71 85.22
N UNK A 2858 108.84 4.77 84.67
CA UNK A 2858 107.52 4.46 85.19
C UNK A 2858 107.59 3.83 86.57
N UNK A 2859 108.66 3.07 86.80
CA UNK A 2859 108.86 2.40 88.08
C UNK A 2859 109.11 3.42 89.18
N UNK A 2860 109.68 4.56 88.81
CA UNK A 2860 109.90 5.63 89.78
C UNK A 2860 108.56 6.18 90.28
N UNK A 2861 107.57 6.17 89.40
CA UNK A 2861 106.23 6.65 89.76
C UNK A 2861 105.38 5.57 90.42
N UNK A 2862 105.87 4.34 90.42
CA UNK A 2862 105.11 3.20 90.92
C UNK A 2862 104.81 3.28 92.42
N UNK A 2863 105.68 3.96 93.15
CA UNK A 2863 105.53 4.11 94.60
C UNK A 2863 106.35 5.28 95.13
N UNK A 2864 98.59 13.91 82.13
CA UNK A 2864 98.12 13.67 83.48
C UNK A 2864 98.07 12.18 83.79
N UNK A 2865 97.09 11.77 84.59
CA UNK A 2865 96.92 10.37 84.93
C UNK A 2865 96.57 9.53 83.71
N UNK A 2866 95.89 10.14 82.74
CA UNK A 2866 95.56 9.44 81.50
C UNK A 2866 96.83 9.09 80.74
N UNK A 2867 97.84 9.95 80.85
CA UNK A 2867 99.14 9.66 80.28
C UNK A 2867 99.78 8.48 81.00
N UNK A 2868 99.52 8.35 82.30
CA UNK A 2868 99.97 7.18 83.03
C UNK A 2868 99.26 5.91 82.55
N UNK A 2869 97.99 6.05 82.19
CA UNK A 2869 97.25 4.94 81.61
C UNK A 2869 97.84 4.56 80.26
N UNK A 2870 98.30 5.58 79.53
CA UNK A 2870 98.99 5.35 78.28
C UNK A 2870 100.30 4.64 78.52
N UNK A 2871 100.92 4.95 79.66
CA UNK A 2871 102.13 4.26 80.08
C UNK A 2871 101.84 2.81 80.43
N UNK A 2872 100.61 2.55 80.88
CA UNK A 2872 100.23 1.18 81.22
C UNK A 2872 99.97 0.35 79.96
N UNK A 2873 99.25 0.93 79.01
CA UNK A 2873 99.02 0.23 77.74
C UNK A 2873 100.35 0.06 77.00
N UNK A 2874 101.22 1.06 77.14
CA UNK A 2874 102.56 0.97 76.58
C UNK A 2874 103.37 -0.11 77.28
N UNK A 2875 103.10 -0.31 78.57
CA UNK A 2875 103.71 -1.41 79.30
C UNK A 2875 103.21 -2.74 78.77
N UNK A 2876 101.95 -2.79 78.36
CA UNK A 2876 101.44 -4.00 77.71
C UNK A 2876 102.15 -4.19 76.38
N UNK A 2877 102.47 -3.07 75.72
CA UNK A 2877 103.23 -3.14 74.48
C UNK A 2877 104.65 -3.65 74.74
N UNK A 2878 105.18 -3.31 75.90
CA UNK A 2878 106.47 -3.85 76.31
C UNK A 2878 106.36 -5.35 76.59
N UNK A 2879 105.20 -5.77 77.06
CA UNK A 2879 104.94 -7.19 77.23
C UNK A 2879 104.91 -7.89 75.87
N UNK A 2880 104.38 -7.17 74.87
CA UNK A 2880 104.43 -7.67 73.52
C UNK A 2880 105.87 -7.73 73.00
N UNK A 2881 106.69 -6.79 73.45
CA UNK A 2881 108.11 -6.81 73.11
C UNK A 2881 108.81 -8.00 73.74
N UNK A 2882 108.34 -8.39 74.92
CA UNK A 2882 108.78 -9.62 75.55
C UNK A 2882 108.28 -10.83 74.77
N UNK A 2883 107.14 -10.65 74.11
CA UNK A 2883 106.56 -11.72 73.30
C UNK A 2883 107.21 -11.80 71.93
N UNK A 2884 108.01 -10.80 71.59
CA UNK A 2884 108.67 -10.75 70.27
C UNK A 2884 109.67 -11.89 70.10
N UNK A 2885 110.24 -12.36 71.21
CA UNK A 2885 111.24 -13.42 71.18
C UNK A 2885 110.71 -14.70 71.83
N UNK A 2886 118.83 -4.71 81.03
CA UNK A 2886 118.88 -6.16 80.82
C UNK A 2886 118.60 -6.90 82.14
N UNK A 2887 119.63 -7.04 82.96
CA UNK A 2887 119.50 -7.71 84.24
C UNK A 2887 118.82 -6.80 85.26
N UNK A 2888 118.73 -5.51 84.95
CA UNK A 2888 118.21 -4.52 85.87
C UNK A 2888 116.75 -4.80 86.21
N UNK A 2889 116.05 -5.43 85.29
CA UNK A 2889 114.65 -5.77 85.51
C UNK A 2889 114.51 -6.74 86.68
N UNK A 2890 115.53 -7.58 86.89
CA UNK A 2890 115.50 -8.49 88.00
C UNK A 2890 115.46 -7.71 89.31
N UNK A 2891 116.15 -6.57 89.32
CA UNK A 2891 116.17 -5.71 90.50
C UNK A 2891 114.79 -5.18 90.77
N UNK A 2892 114.00 -5.02 89.71
CA UNK A 2892 112.63 -4.55 89.87
C UNK A 2892 111.82 -5.56 90.68
N UNK A 2893 112.15 -6.83 90.55
CA UNK A 2893 111.49 -7.83 91.39
C UNK A 2893 111.86 -7.63 92.84
N UNK A 2894 113.12 -7.23 93.07
CA UNK A 2894 113.66 -7.14 94.42
C UNK A 2894 112.92 -6.10 95.24
N UNK A 2895 112.46 -5.05 94.56
CA UNK A 2895 111.62 -4.05 95.21
C UNK A 2895 110.18 -4.54 95.26
N UNK A 2896 109.74 -5.20 94.20
CA UNK A 2896 108.34 -5.62 94.11
C UNK A 2896 107.97 -6.65 95.16
N UNK A 2897 108.93 -7.49 95.53
CA UNK A 2897 108.67 -8.52 96.53
C UNK A 2897 108.80 -7.98 97.94
N UNK A 2898 109.86 -7.23 98.19
CA UNK A 2898 110.10 -6.70 99.53
C UNK A 2898 109.01 -5.70 99.93
N UNK A 2899 108.51 -4.94 98.95
CA UNK A 2899 107.41 -4.03 99.21
C UNK A 2899 106.17 -4.85 99.56
N UNK A 2900 106.07 -6.02 98.95
CA UNK A 2900 104.97 -6.92 99.27
C UNK A 2900 105.09 -7.40 100.71
N UNK A 2901 106.33 -7.51 101.20
CA UNK A 2901 106.49 -7.85 102.61
C UNK A 2901 105.93 -6.71 103.45
N UNK A 2902 106.10 -5.47 102.97
CA UNK A 2902 105.51 -4.33 103.65
C UNK A 2902 103.99 -4.43 103.55
N UNK A 2903 103.54 -5.02 102.45
CA UNK A 2903 102.10 -5.22 102.25
C UNK A 2903 101.58 -6.22 103.27
N UNK A 2904 102.47 -7.07 103.78
CA UNK A 2904 102.06 -8.00 104.83
C UNK A 2904 101.65 -7.24 106.09
N UNK A 2905 102.23 -6.05 106.28
CA UNK A 2905 101.88 -5.23 107.42
C UNK A 2905 100.43 -4.76 107.34
N UNK A 2906 99.91 -4.67 106.12
CA UNK A 2906 98.54 -4.22 105.91
C UNK A 2906 97.54 -5.29 106.32
N UNK A 2907 100.58 3.11 95.63
CA UNK A 2907 100.90 1.77 96.12
C UNK A 2907 100.53 0.70 95.10
N UNK A 2908 99.31 0.80 94.57
CA UNK A 2908 98.80 -0.18 93.63
C UNK A 2908 99.59 -0.18 92.32
N UNK A 2909 100.19 0.97 91.98
CA UNK A 2909 100.90 1.09 90.72
C UNK A 2909 102.09 0.15 90.63
N UNK A 2910 102.74 -0.11 91.77
CA UNK A 2910 103.82 -1.09 91.79
C UNK A 2910 103.27 -2.49 91.49
N UNK A 2911 102.05 -2.75 91.95
CA UNK A 2911 101.38 -4.00 91.62
C UNK A 2911 101.02 -4.05 90.14
N UNK A 2912 100.80 -2.88 89.56
CA UNK A 2912 100.47 -2.81 88.13
C UNK A 2912 101.69 -3.10 87.28
N UNK A 2913 102.82 -2.49 87.63
CA UNK A 2913 104.07 -2.76 86.93
C UNK A 2913 104.49 -4.21 87.15
N UNK A 2914 104.19 -4.73 88.33
CA UNK A 2914 104.45 -6.14 88.63
C UNK A 2914 103.57 -7.04 87.78
N UNK A 2915 102.37 -6.55 87.46
CA UNK A 2915 101.42 -7.31 86.67
C UNK A 2915 101.83 -7.36 85.21
N UNK A 2916 102.22 -6.20 84.67
CA UNK A 2916 102.70 -6.15 83.29
C UNK A 2916 104.00 -6.94 83.16
N UNK A 2917 104.83 -6.90 84.21
CA UNK A 2917 106.03 -7.70 84.22
C UNK A 2917 105.70 -9.18 84.28
N UNK A 2918 104.59 -9.51 84.96
CA UNK A 2918 104.12 -10.88 84.98
C UNK A 2918 103.65 -11.33 83.60
N UNK A 2919 103.05 -10.40 82.86
CA UNK A 2919 102.66 -10.68 81.49
C UNK A 2919 103.90 -10.89 80.64
N UNK A 2920 104.96 -10.15 80.96
CA UNK A 2920 106.23 -10.36 80.27
C UNK A 2920 106.80 -11.73 80.61
N UNK A 2921 106.55 -12.18 81.84
CA UNK A 2921 106.93 -13.53 82.25
C UNK A 2921 106.13 -14.58 81.49
N UNK A 2922 104.87 -14.27 81.19
CA UNK A 2922 104.07 -15.15 80.35
C UNK A 2922 104.63 -15.17 78.94
N UNK A 2923 105.16 -14.03 78.51
CA UNK A 2923 105.83 -13.97 77.21
C UNK A 2923 107.09 -14.81 77.21
N UNK A 2924 107.75 -14.87 78.37
CA UNK A 2924 108.88 -15.76 78.55
C UNK A 2924 108.43 -17.22 78.50
N UNK A 2925 107.22 -17.47 78.98
CA UNK A 2925 106.64 -18.80 78.89
C UNK A 2925 106.36 -19.15 77.43
N UNK A 2926 106.07 -18.13 76.63
CA UNK A 2926 105.94 -18.33 75.18
C UNK A 2926 107.29 -18.69 74.57
N UNK A 2927 108.36 -18.26 75.23
CA UNK A 2927 109.72 -18.50 74.73
C UNK A 2927 110.37 -19.68 75.44
N UNK A 2928 120.32 -14.93 87.33
CA UNK A 2928 119.03 -14.76 86.68
C UNK A 2928 117.93 -15.49 87.43
N UNK A 2929 118.21 -16.74 87.80
CA UNK A 2929 117.26 -17.55 88.57
C UNK A 2929 117.03 -16.97 89.97
N UNK A 2930 118.02 -16.22 90.47
CA UNK A 2930 117.91 -15.63 91.79
C UNK A 2930 116.75 -14.64 91.86
N UNK A 2931 116.46 -13.99 90.74
CA UNK A 2931 115.29 -13.13 90.66
C UNK A 2931 114.01 -13.96 90.82
N UNK A 2932 114.04 -15.18 90.29
CA UNK A 2932 112.94 -16.11 90.49
C UNK A 2932 112.87 -16.54 91.95
N UNK A 2933 114.02 -16.58 92.61
CA UNK A 2933 114.03 -16.83 94.05
C UNK A 2933 113.39 -15.65 94.79
N UNK A 2934 113.56 -14.44 94.25
CA UNK A 2934 112.87 -13.28 94.80
C UNK A 2934 111.37 -13.41 94.54
N UNK A 2935 111.01 -14.04 93.43
CA UNK A 2935 109.61 -14.34 93.16
C UNK A 2935 109.10 -15.35 94.19
N UNK A 2936 109.98 -16.24 94.62
CA UNK A 2936 109.64 -17.16 95.69
C UNK A 2936 109.45 -16.40 97.00
N UNK A 2937 110.21 -15.31 97.16
CA UNK A 2937 110.00 -14.44 98.31
C UNK A 2937 108.65 -13.76 98.22
N UNK A 2938 108.21 -13.47 97.01
CA UNK A 2938 106.85 -12.97 96.82
C UNK A 2938 105.83 -14.06 97.15
N UNK A 2939 106.20 -15.31 96.88
CA UNK A 2939 105.33 -16.43 97.21
C UNK A 2939 105.20 -16.57 98.71
N UNK A 2940 106.28 -16.29 99.43
CA UNK A 2940 106.22 -16.22 100.89
C UNK A 2940 105.39 -15.03 101.32
N UNK A 2941 105.45 -13.95 100.53
CA UNK A 2941 104.69 -12.75 100.82
C UNK A 2941 103.19 -12.99 100.72
N UNK A 2942 102.79 -13.86 99.81
CA UNK A 2942 101.37 -14.17 99.64
C UNK A 2942 100.89 -15.29 100.56
N UNK A 2943 101.69 -16.34 100.68
CA UNK A 2943 101.31 -17.50 101.48
C UNK A 2943 101.22 -17.21 102.98
N UNK A 2944 102.04 -16.26 103.44
CA UNK A 2944 102.11 -15.94 104.87
C UNK A 2944 100.82 -15.32 105.37
N UNK A 2945 100.09 -14.65 104.49
CA UNK A 2945 98.85 -13.97 104.87
C UNK A 2945 97.63 -14.81 104.50
N UNK A 2946 91.60 -8.79 95.64
CA UNK A 2946 92.63 -7.81 95.33
C UNK A 2946 94.00 -8.48 95.26
N UNK A 2947 94.38 -9.15 96.33
CA UNK A 2947 95.65 -9.85 96.40
C UNK A 2947 95.69 -11.02 95.41
N UNK A 2948 94.52 -11.53 95.06
CA UNK A 2948 94.43 -12.67 94.16
C UNK A 2948 94.95 -12.38 92.75
N UNK A 2949 94.81 -11.14 92.30
CA UNK A 2949 95.39 -10.75 91.03
C UNK A 2949 96.92 -10.80 91.09
N UNK A 2950 97.46 -10.40 92.24
CA UNK A 2950 98.89 -10.51 92.50
C UNK A 2950 99.30 -11.97 92.57
N UNK A 2951 98.35 -12.81 92.99
CA UNK A 2951 98.60 -14.24 93.10
C UNK A 2951 98.69 -14.87 91.72
N UNK A 2952 97.76 -14.51 90.84
CA UNK A 2952 97.79 -14.98 89.47
C UNK A 2952 99.01 -14.44 88.73
N UNK A 2953 99.40 -13.21 89.06
CA UNK A 2953 100.62 -12.64 88.49
C UNK A 2953 101.84 -13.42 88.97
N UNK A 2954 101.78 -13.89 90.22
CA UNK A 2954 102.82 -14.75 90.75
C UNK A 2954 102.83 -16.08 90.02
N UNK A 2955 101.65 -16.54 89.61
CA UNK A 2955 101.56 -17.75 88.81
C UNK A 2955 102.19 -17.52 87.44
N UNK A 2956 102.07 -16.31 86.92
CA UNK A 2956 102.77 -15.95 85.70
C UNK A 2956 104.27 -15.95 85.93
N UNK A 2957 104.67 -15.56 87.14
CA UNK A 2957 106.08 -15.56 87.52
C UNK A 2957 106.61 -16.99 87.68
N UNK A 2958 105.71 -17.92 87.95
CA UNK A 2958 106.07 -19.29 88.28
C UNK A 2958 106.74 -20.01 87.11
N UNK A 2959 106.41 -19.59 85.89
CA UNK A 2959 106.96 -20.23 84.70
C UNK A 2959 108.38 -19.73 84.41
N UNK A 2960 113.66 -27.44 92.60
CA UNK A 2960 112.33 -27.01 92.99
C UNK A 2960 111.55 -28.16 93.63
N UNK A 2961 112.28 -29.11 94.22
CA UNK A 2961 111.65 -30.22 94.91
C UNK A 2961 110.86 -29.74 96.12
N UNK A 2962 111.33 -28.64 96.72
CA UNK A 2962 110.62 -28.05 97.85
C UNK A 2962 109.27 -27.52 97.40
N UNK A 2963 109.20 -27.04 96.15
CA UNK A 2963 107.94 -26.66 95.54
C UNK A 2963 107.05 -27.86 95.33
N UNK A 2964 107.65 -29.04 95.13
CA UNK A 2964 106.87 -30.26 94.93
C UNK A 2964 106.28 -30.76 96.25
N UNK A 2965 107.09 -30.77 97.31
CA UNK A 2965 106.57 -31.14 98.62
C UNK A 2965 105.55 -30.12 99.10
N UNK A 2966 105.77 -28.85 98.75
CA UNK A 2966 104.82 -27.81 99.06
C UNK A 2966 103.53 -28.02 98.27
N UNK A 2967 103.67 -28.55 97.05
CA UNK A 2967 102.51 -28.91 96.25
C UNK A 2967 101.75 -30.07 96.88
N UNK A 2968 102.48 -30.98 97.53
CA UNK A 2968 101.84 -32.06 98.26
C UNK A 2968 101.09 -31.49 99.44
N UNK A 2969 101.65 -30.46 100.05
CA UNK A 2969 100.96 -29.76 101.12
C UNK A 2969 99.70 -29.05 100.59
N UNK A 2970 99.78 -28.58 99.36
CA UNK A 2970 98.64 -27.98 98.68
C UNK A 2970 97.56 -29.02 98.41
N UNK A 2971 97.99 -30.26 98.19
CA UNK A 2971 97.06 -31.35 97.94
C UNK A 2971 96.36 -31.76 99.23
N UNK A 2972 97.14 -31.86 100.30
CA UNK A 2972 96.55 -32.18 101.59
C UNK A 2972 95.62 -31.08 102.05
N UNK A 2973 95.98 -29.84 101.72
CA UNK A 2973 95.11 -28.70 101.99
C UNK A 2973 93.84 -28.77 101.15
N UNK A 2974 93.98 -29.30 99.94
CA UNK A 2974 92.83 -29.49 99.07
C UNK A 2974 91.90 -30.54 99.66
N UNK A 2975 92.49 -31.52 100.34
CA UNK A 2975 91.73 -32.58 100.98
C UNK A 2975 90.95 -32.07 102.19
N UNK A 2976 91.41 -30.96 102.76
CA UNK A 2976 90.89 -30.48 104.04
C UNK A 2976 89.43 -30.06 104.00
N UNK A 2977 88.96 -29.65 102.82
CA UNK A 2977 87.59 -29.18 102.69
C UNK A 2977 86.74 -30.19 101.92
N UNK A 2978 86.36 -20.93 104.92
CA UNK A 2978 87.65 -21.56 104.70
C UNK A 2978 88.07 -21.46 103.24
N UNK A 2979 87.14 -21.04 102.40
CA UNK A 2979 87.40 -20.93 100.97
C UNK A 2979 88.49 -19.91 100.66
N UNK A 2980 88.59 -18.89 101.50
CA UNK A 2980 89.61 -17.85 101.30
C UNK A 2980 91.02 -18.42 101.45
N UNK A 2981 91.18 -19.37 102.36
CA UNK A 2981 92.46 -20.05 102.50
C UNK A 2981 92.76 -20.89 101.26
N UNK A 2982 91.72 -21.47 100.68
CA UNK A 2982 91.87 -22.22 99.45
C UNK A 2982 92.30 -21.30 98.32
N UNK A 2983 91.81 -20.07 98.36
CA UNK A 2983 92.27 -19.05 97.42
C UNK A 2983 93.72 -18.69 97.70
N UNK A 2984 94.11 -18.72 98.98
CA UNK A 2984 95.49 -18.44 99.34
C UNK A 2984 96.45 -19.51 98.84
N UNK A 2985 95.96 -20.75 98.78
CA UNK A 2985 96.74 -21.85 98.23
C UNK A 2985 96.60 -21.94 96.72
N UNK A 2986 95.62 -21.22 96.17
CA UNK A 2986 95.31 -21.33 94.75
C UNK A 2986 96.45 -20.84 93.88
N UNK A 2987 97.19 -19.83 94.35
CA UNK A 2987 98.37 -19.38 93.64
C UNK A 2987 99.43 -20.46 93.59
N UNK A 2988 99.54 -21.22 94.68
CA UNK A 2988 100.43 -22.36 94.74
C UNK A 2988 99.97 -23.46 93.79
N UNK A 2989 98.65 -23.54 93.61
CA UNK A 2989 98.11 -24.56 92.72
C UNK A 2989 98.37 -24.22 91.27
N UNK A 2990 98.15 -22.97 90.91
CA UNK A 2990 98.44 -22.50 89.56
C UNK A 2990 99.94 -22.56 89.28
N UNK A 2991 100.75 -22.31 90.31
CA UNK A 2991 102.18 -22.46 90.18
C UNK A 2991 102.55 -23.92 89.97
N UNK A 2992 101.77 -24.81 90.58
CA UNK A 2992 101.94 -26.23 90.34
C UNK A 2992 101.57 -26.58 88.90
N UNK A 2993 100.60 -25.86 88.37
CA UNK A 2993 100.26 -26.02 86.96
C UNK A 2993 101.40 -25.53 86.07
N UNK A 2994 102.11 -24.52 86.55
CA UNK A 2994 103.32 -24.06 85.87
C UNK A 2994 104.42 -25.11 85.96
N UNK A 2995 104.40 -25.88 87.04
CA UNK A 2995 105.39 -26.92 87.27
C UNK A 2995 105.24 -28.07 86.28
N UNK A 2996 104.04 -28.21 85.73
CA UNK A 2996 103.74 -29.26 84.76
C UNK A 2996 104.57 -29.08 83.49
N UNK A 2997 104.94 -27.84 83.21
CA UNK A 2997 105.72 -27.53 82.01
C UNK A 2997 107.19 -27.85 82.20
N UNK A 2998 104.12 -37.90 82.86
CA UNK A 2998 104.96 -38.42 83.93
C UNK A 2998 104.35 -38.13 85.30
N UNK A 2999 105.13 -37.52 86.18
CA UNK A 2999 104.64 -37.11 87.49
C UNK A 2999 103.58 -36.03 87.34
N UNK A 3000 103.65 -35.31 86.22
CA UNK A 3000 102.71 -34.24 85.93
C UNK A 3000 101.30 -34.77 85.75
N UNK A 3001 101.18 -36.04 85.37
CA UNK A 3001 99.86 -36.65 85.23
C UNK A 3001 99.20 -36.91 86.58
N UNK A 3002 99.94 -37.50 87.51
CA UNK A 3002 99.41 -37.72 88.85
C UNK A 3002 99.20 -36.40 89.57
N UNK A 3003 100.07 -35.43 89.28
CA UNK A 3003 99.88 -34.09 89.81
C UNK A 3003 98.62 -33.48 89.23
N UNK A 3004 98.33 -33.84 87.98
CA UNK A 3004 97.08 -33.43 87.35
C UNK A 3004 95.89 -34.09 88.03
N UNK A 3005 96.08 -35.32 88.52
CA UNK A 3005 95.04 -35.95 89.31
C UNK A 3005 94.85 -35.21 90.63
N UNK A 3006 95.95 -34.69 91.18
CA UNK A 3006 95.84 -33.85 92.37
C UNK A 3006 95.11 -32.56 92.05
N UNK A 3007 95.28 -32.08 90.83
CA UNK A 3007 94.53 -30.92 90.35
C UNK A 3007 93.06 -31.27 90.20
N UNK A 3008 92.78 -32.53 89.88
CA UNK A 3008 91.42 -33.03 89.82
C UNK A 3008 90.83 -33.11 91.22
N UNK A 3009 91.69 -33.32 92.22
CA UNK A 3009 91.27 -33.34 93.61
C UNK A 3009 90.95 -31.94 94.11
N UNK A 3010 91.82 -30.99 93.80
CA UNK A 3010 91.58 -29.60 94.17
C UNK A 3010 90.35 -29.07 93.44
N UNK A 3011 90.17 -29.54 92.21
CA UNK A 3011 88.97 -29.23 91.45
C UNK A 3011 87.74 -29.87 92.09
N UNK A 3012 87.92 -31.04 92.70
CA UNK A 3012 86.85 -31.68 93.45
C UNK A 3012 86.48 -30.87 94.69
N UNK A 3013 87.48 -30.21 95.28
CA UNK A 3013 87.25 -29.40 96.47
C UNK A 3013 86.55 -28.09 96.11
N UNK A 3014 87.01 -27.48 95.02
CA UNK A 3014 86.37 -26.28 94.51
C UNK A 3014 84.96 -26.61 94.05
N UNK A 3015 84.77 -27.84 93.57
CA UNK A 3015 83.43 -28.34 93.26
C UNK A 3015 82.60 -28.51 94.52
N UNK A 3016 83.26 -28.87 95.62
CA UNK A 3016 82.56 -28.95 96.89
C UNK A 3016 82.11 -27.57 97.31
N UNK A 3017 82.91 -26.56 96.97
CA UNK A 3017 82.49 -25.18 97.10
C UNK A 3017 81.34 -24.87 96.14
N UNK A 3018 81.34 -25.54 94.99
CA UNK A 3018 80.34 -25.30 93.96
C UNK A 3018 79.00 -25.93 94.32
N UNK A 3019 79.02 -26.83 95.30
CA UNK A 3019 77.80 -27.43 95.80
C UNK A 3019 76.92 -26.34 96.44
N UNK A 3020 77.58 -25.30 96.93
CA UNK A 3020 76.88 -24.17 97.52
C UNK A 3020 76.75 -23.02 96.52
N UNK A 3021 82.48 -15.18 94.96
CA UNK A 3021 82.27 -14.06 94.05
C UNK A 3021 83.42 -13.93 93.06
N UNK A 3022 84.12 -12.80 93.11
CA UNK A 3022 85.27 -12.59 92.24
C UNK A 3022 86.39 -13.56 92.56
N UNK A 3023 86.49 -13.97 93.83
CA UNK A 3023 87.45 -14.99 94.20
C UNK A 3023 87.10 -16.31 93.54
N UNK A 3024 85.81 -16.56 93.36
CA UNK A 3024 85.36 -17.72 92.62
C UNK A 3024 85.74 -17.59 91.15
N UNK A 3025 85.78 -16.37 90.64
CA UNK A 3025 86.29 -16.13 89.30
C UNK A 3025 87.78 -16.42 89.24
N UNK A 3026 88.48 -16.17 90.35
CA UNK A 3026 89.88 -16.56 90.45
C UNK A 3026 90.00 -18.08 90.45
N UNK A 3027 88.99 -18.75 91.02
CA UNK A 3027 88.92 -20.20 90.93
C UNK A 3027 88.67 -20.64 89.49
N UNK A 3028 87.95 -19.82 88.73
CA UNK A 3028 87.80 -20.04 87.30
C UNK A 3028 89.13 -19.86 86.58
N UNK A 3029 89.96 -18.95 87.09
CA UNK A 3029 91.31 -18.81 86.56
C UNK A 3029 92.12 -20.06 86.89
N UNK A 3030 91.82 -20.66 88.03
CA UNK A 3030 92.39 -21.95 88.38
C UNK A 3030 91.88 -23.03 87.43
N UNK A 3031 90.65 -22.87 86.95
CA UNK A 3031 90.12 -23.75 85.92
C UNK A 3031 90.84 -23.55 84.60
N UNK A 3032 91.35 -22.34 84.37
CA UNK A 3032 92.12 -22.05 83.17
C UNK A 3032 93.50 -22.68 83.26
N UNK A 3033 94.12 -22.57 84.43
CA UNK A 3033 95.42 -23.21 84.65
C UNK A 3033 95.25 -24.72 84.59
N UNK A 3034 94.08 -25.19 85.01
CA UNK A 3034 93.73 -26.60 84.85
C UNK A 3034 93.56 -26.97 83.39
N UNK A 3035 93.07 -26.01 82.59
CA UNK A 3035 92.96 -26.23 81.15
C UNK A 3035 94.34 -26.34 80.54
N UNK A 3036 95.29 -25.61 81.12
CA UNK A 3036 96.69 -25.80 80.78
C UNK A 3036 97.20 -27.16 81.27
N UNK A 3037 96.59 -27.64 82.36
CA UNK A 3037 97.01 -28.88 83.02
C UNK A 3037 96.43 -30.11 82.35
N UNK A 3038 95.53 -29.90 81.39
CA UNK A 3038 94.84 -30.98 80.70
C UNK A 3038 95.81 -32.02 80.13
N UNK A 3039 92.32 -41.59 84.92
CA UNK A 3039 91.64 -40.39 84.46
C UNK A 3039 90.14 -40.59 84.40
N UNK A 3040 89.72 -41.79 83.97
CA UNK A 3040 88.30 -42.09 83.87
C UNK A 3040 87.61 -42.06 85.24
N UNK A 3041 88.33 -42.45 86.29
CA UNK A 3041 87.81 -42.32 87.64
C UNK A 3041 87.67 -40.85 88.04
N UNK A 3042 88.60 -40.03 87.56
CA UNK A 3042 88.54 -38.60 87.79
C UNK A 3042 87.33 -38.02 87.05
N UNK A 3043 87.00 -38.65 85.94
CA UNK A 3043 85.81 -38.29 85.17
C UNK A 3043 84.57 -38.88 85.81
N UNK A 3044 84.75 -39.81 86.74
CA UNK A 3044 83.63 -40.35 87.50
C UNK A 3044 83.29 -39.44 88.67
N UNK A 3045 84.31 -38.97 89.38
CA UNK A 3045 84.08 -37.96 90.40
C UNK A 3045 83.60 -36.67 89.75
N UNK A 3046 84.12 -36.39 88.56
CA UNK A 3046 83.65 -35.26 87.78
C UNK A 3046 82.22 -35.50 87.33
N UNK A 3047 81.87 -36.77 87.11
CA UNK A 3047 80.49 -37.10 86.80
C UNK A 3047 79.60 -36.83 88.01
N UNK A 3048 80.13 -37.06 89.21
CA UNK A 3048 79.40 -36.71 90.41
C UNK A 3048 79.25 -35.19 90.57
N UNK A 3049 80.26 -34.46 90.10
CA UNK A 3049 80.25 -33.00 90.22
C UNK A 3049 79.28 -32.38 89.24
N UNK A 3050 79.33 -32.86 87.99
CA UNK A 3050 78.40 -32.43 86.97
C UNK A 3050 76.99 -32.89 87.29
N UNK A 3051 76.87 -34.02 87.96
CA UNK A 3051 75.58 -34.45 88.45
C UNK A 3051 75.08 -33.52 89.54
N UNK A 3052 76.00 -32.98 90.33
CA UNK A 3052 75.62 -31.95 91.30
C UNK A 3052 75.16 -30.70 90.57
N UNK A 3053 75.81 -30.42 89.44
CA UNK A 3053 75.40 -29.29 88.61
C UNK A 3053 74.03 -29.52 87.99
N UNK A 3054 73.70 -30.78 87.75
CA UNK A 3054 72.43 -31.14 87.13
C UNK A 3054 71.30 -31.09 88.15
N UNK A 3055 71.56 -31.61 89.34
CA UNK A 3055 70.61 -31.52 90.44
C UNK A 3055 70.40 -30.07 90.84
N UNK A 3056 71.46 -29.28 90.73
CA UNK A 3056 71.38 -27.86 91.06
C UNK A 3056 70.62 -27.08 90.00
N UNK A 3057 70.86 -27.41 88.74
CA UNK A 3057 70.13 -26.79 87.63
C UNK A 3057 68.66 -27.18 87.63
N UNK A 3058 68.39 -28.39 88.11
CA UNK A 3058 67.02 -28.91 88.17
C UNK A 3058 66.27 -28.32 89.34
N UNK A 3059 66.95 -28.20 90.47
CA UNK A 3059 66.38 -27.52 91.63
C UNK A 3059 66.17 -26.05 91.30
N UNK A 3060 67.06 -25.51 90.47
CA UNK A 3060 66.89 -24.16 89.95
C UNK A 3060 65.70 -24.07 89.01
N UNK A 3061 65.44 -25.17 88.29
CA UNK A 3061 64.23 -25.24 87.46
C UNK A 3061 63.01 -25.25 88.35
N UNK A 3062 63.14 -25.87 89.52
CA UNK A 3062 62.09 -25.84 90.53
C UNK A 3062 61.94 -24.44 91.10
N UNK A 3063 63.03 -23.67 91.08
CA UNK A 3063 63.02 -22.30 91.58
C UNK A 3063 62.32 -21.37 90.60
N UNK A 3064 62.59 -21.56 89.31
CA UNK A 3064 61.85 -20.84 88.28
C UNK A 3064 60.40 -21.28 88.30
N UNK A 3065 60.16 -22.55 88.65
CA UNK A 3065 58.81 -23.03 88.83
C UNK A 3065 58.13 -22.31 89.99
N UNK A 3066 58.91 -22.00 91.02
CA UNK A 3066 58.42 -21.16 92.12
C UNK A 3066 58.15 -19.76 91.64
N UNK A 3067 58.93 -19.30 90.67
CA UNK A 3067 58.72 -18.00 90.06
C UNK A 3067 57.41 -18.00 89.28
N UNK A 3068 57.04 -19.16 88.77
CA UNK A 3068 55.80 -19.29 88.02
C UNK A 3068 54.59 -19.05 88.92
N UNK A 3069 54.76 -19.31 90.21
CA UNK A 3069 53.70 -19.12 91.18
C UNK A 3069 54.24 -18.59 92.51
N UNK A 3070 64.32 -15.42 93.40
CA UNK A 3070 64.29 -16.88 93.34
C UNK A 3070 65.42 -17.40 92.46
N UNK A 3071 65.22 -17.36 91.16
CA UNK A 3071 66.22 -17.86 90.20
C UNK A 3071 67.50 -17.03 90.23
N UNK A 3072 67.38 -15.78 90.64
CA UNK A 3072 68.54 -14.88 90.64
C UNK A 3072 69.63 -15.36 91.58
N UNK A 3073 69.24 -16.00 92.68
CA UNK A 3073 70.21 -16.63 93.56
C UNK A 3073 70.87 -17.82 92.88
N UNK A 3074 70.12 -18.47 91.98
CA UNK A 3074 70.64 -19.62 91.26
C UNK A 3074 71.47 -19.22 90.05
N UNK A 3075 71.44 -17.94 89.69
CA UNK A 3075 72.17 -17.47 88.52
C UNK A 3075 73.68 -17.59 88.68
N UNK A 3076 74.18 -17.17 89.83
CA UNK A 3076 75.62 -17.29 90.10
C UNK A 3076 76.05 -18.75 90.16
N UNK A 3077 75.16 -19.60 90.67
CA UNK A 3077 75.42 -21.03 90.68
C UNK A 3077 75.47 -21.58 89.25
N UNK A 3078 74.64 -21.00 88.38
CA UNK A 3078 74.67 -21.34 86.97
C UNK A 3078 75.98 -20.88 86.33
N UNK A 3079 76.53 -19.79 86.86
CA UNK A 3079 77.78 -19.26 86.34
C UNK A 3079 78.96 -20.14 86.75
N UNK A 3080 79.00 -20.53 88.02
CA UNK A 3080 80.03 -21.42 88.49
C UNK A 3080 79.92 -22.78 87.80
N UNK A 3081 78.68 -23.18 87.53
CA UNK A 3081 78.44 -24.40 86.79
C UNK A 3081 78.93 -24.26 85.35
N UNK A 3082 78.83 -23.05 84.80
CA UNK A 3082 79.41 -22.79 83.49
C UNK A 3082 80.93 -22.86 83.54
N UNK A 3083 81.51 -22.48 84.67
CA UNK A 3083 82.94 -22.64 84.87
C UNK A 3083 83.30 -24.12 84.94
N UNK A 3084 82.40 -24.91 85.51
CA UNK A 3084 82.57 -26.34 85.54
C UNK A 3084 82.47 -26.91 84.13
N UNK A 3085 81.65 -26.28 83.30
CA UNK A 3085 81.58 -26.65 81.89
C UNK A 3085 82.86 -26.29 81.18
N UNK A 3086 83.52 -25.22 81.61
CA UNK A 3086 84.83 -24.89 81.11
C UNK A 3086 85.85 -25.93 81.55
N UNK A 3087 85.66 -26.47 82.73
CA UNK A 3087 86.51 -27.57 83.19
C UNK A 3087 86.28 -28.79 82.34
N UNK A 3088 85.04 -28.98 81.89
CA UNK A 3088 84.74 -30.04 80.95
C UNK A 3088 85.40 -29.78 79.61
N UNK A 3089 85.51 -28.51 79.25
CA UNK A 3089 86.21 -28.13 78.03
C UNK A 3089 87.68 -28.44 78.14
N UNK A 3090 88.22 -28.33 79.35
CA UNK A 3090 89.61 -28.73 79.59
C UNK A 3090 89.74 -30.24 79.43
N UNK A 3091 88.67 -30.95 79.79
CA UNK A 3091 88.65 -32.41 79.74
C UNK A 3091 88.24 -32.93 78.38
N UNK A 3092 87.86 -32.04 77.47
CA UNK A 3092 87.05 -32.42 76.31
C UNK A 3092 87.81 -33.21 75.24
N UNK A 3093 89.19 -37.34 76.28
CA UNK A 3093 87.76 -37.72 76.34
C UNK A 3093 87.11 -38.20 75.05
N UNK A 3094 86.88 -37.32 74.09
CA UNK A 3094 86.11 -37.69 72.91
C UNK A 3094 86.78 -38.79 72.10
N UNK A 3095 88.11 -38.77 72.04
CA UNK A 3095 88.81 -39.85 71.35
C UNK A 3095 88.60 -41.14 72.12
N UNK A 3096 88.63 -41.04 73.45
CA UNK A 3096 88.32 -42.17 74.30
C UNK A 3096 86.86 -42.57 74.10
N UNK A 3097 86.03 -41.59 73.77
CA UNK A 3097 84.63 -41.88 73.52
C UNK A 3097 84.52 -42.75 72.28
N UNK A 3098 85.47 -42.62 71.36
CA UNK A 3098 85.46 -43.48 70.18
C UNK A 3098 85.69 -44.93 70.59
N UNK A 3099 86.46 -45.11 71.67
CA UNK A 3099 86.65 -46.44 72.24
C UNK A 3099 85.36 -46.97 72.88
N UNK A 3100 84.51 -46.06 73.33
CA UNK A 3100 83.30 -46.42 74.05
C UNK A 3100 82.33 -47.21 73.18
N UNK A 3101 82.39 -46.97 71.88
CA UNK A 3101 81.49 -47.64 70.94
C UNK A 3101 81.86 -49.11 70.78
N UNK A 3102 80.71 -46.76 77.76
CA UNK A 3102 79.31 -46.47 77.52
C UNK A 3102 78.72 -45.56 78.59
N UNK A 3103 79.24 -45.69 79.81
CA UNK A 3103 78.78 -44.86 80.92
C UNK A 3103 79.12 -43.40 80.69
N UNK A 3104 80.19 -43.15 79.95
CA UNK A 3104 80.58 -41.78 79.62
C UNK A 3104 79.50 -41.12 78.77
N UNK A 3105 78.84 -41.93 77.95
CA UNK A 3105 77.71 -41.46 77.16
C UNK A 3105 76.53 -41.11 78.07
N UNK A 3106 76.45 -41.78 79.21
CA UNK A 3106 75.38 -41.51 80.16
C UNK A 3106 75.63 -40.23 80.94
N UNK A 3107 76.88 -40.03 81.35
CA UNK A 3107 77.25 -38.77 81.99
C UNK A 3107 77.10 -37.61 81.00
N UNK A 3108 77.37 -37.91 79.74
CA UNK A 3108 77.13 -36.94 78.67
C UNK A 3108 75.64 -36.68 78.53
N UNK A 3109 74.83 -37.70 78.79
CA UNK A 3109 73.39 -37.55 78.80
C UNK A 3109 72.96 -36.66 79.97
N UNK A 3110 73.72 -36.72 81.06
CA UNK A 3110 73.42 -35.87 82.21
C UNK A 3110 73.77 -34.42 81.92
N UNK A 3111 74.95 -34.19 81.34
CA UNK A 3111 75.35 -32.84 80.99
C UNK A 3111 74.46 -32.26 79.90
N UNK A 3112 73.98 -33.13 79.02
CA UNK A 3112 73.10 -32.73 77.94
C UNK A 3112 71.71 -32.39 78.44
N UNK A 3113 71.20 -33.21 79.36
CA UNK A 3113 69.91 -32.91 79.97
C UNK A 3113 69.99 -31.63 80.78
N UNK A 3114 71.14 -31.40 81.40
CA UNK A 3114 71.38 -30.14 82.10
C UNK A 3114 71.41 -28.98 81.12
N UNK A 3115 71.94 -29.24 79.93
CA UNK A 3115 71.93 -28.22 78.89
C UNK A 3115 70.52 -27.94 78.42
N UNK A 3116 69.68 -28.96 78.45
CA UNK A 3116 68.26 -28.79 78.15
C UNK A 3116 67.61 -27.96 79.24
N UNK A 3117 68.09 -28.11 80.47
CA UNK A 3117 67.61 -27.25 81.54
C UNK A 3117 68.05 -25.82 81.31
N UNK A 3118 69.23 -25.65 80.71
CA UNK A 3118 69.69 -24.32 80.31
C UNK A 3118 68.81 -23.76 79.19
N UNK A 3119 68.29 -24.66 78.37
CA UNK A 3119 67.43 -24.29 77.25
C UNK A 3119 66.09 -23.75 77.73
N UNK A 3120 65.69 -24.16 78.93
CA UNK A 3120 64.41 -23.78 79.50
C UNK A 3120 64.33 -22.28 79.75
N UNK A 3121 64.37 -19.58 81.44
CA UNK A 3121 64.43 -18.70 80.27
C UNK A 3121 65.20 -17.43 80.58
N UNK A 3122 64.67 -16.63 81.49
CA UNK A 3122 65.30 -15.37 81.88
C UNK A 3122 66.63 -15.61 82.57
N UNK A 3123 66.78 -16.77 83.20
CA UNK A 3123 68.00 -17.09 83.92
C UNK A 3123 69.20 -17.16 82.98
N UNK A 3124 68.99 -17.60 81.74
CA UNK A 3124 70.05 -17.56 80.75
C UNK A 3124 70.46 -16.14 80.45
N UNK A 3125 69.48 -15.23 80.46
CA UNK A 3125 69.77 -13.82 80.30
C UNK A 3125 70.56 -13.30 81.50
N UNK A 3126 70.28 -13.86 82.67
CA UNK A 3126 71.05 -13.52 83.86
C UNK A 3126 72.48 -14.00 83.72
N UNK A 3127 72.66 -15.13 83.04
CA UNK A 3127 74.00 -15.60 82.71
C UNK A 3127 74.66 -14.66 81.72
N UNK A 3128 73.86 -14.07 80.84
CA UNK A 3128 74.39 -13.13 79.85
C UNK A 3128 74.87 -11.85 80.51
N UNK A 3129 74.09 -11.35 81.47
CA UNK A 3129 74.49 -10.20 82.26
C UNK A 3129 75.69 -10.55 83.14
N UNK A 3130 75.76 -11.81 83.55
CA UNK A 3130 76.88 -12.30 84.33
C UNK A 3130 78.15 -12.28 83.50
N UNK A 3131 77.98 -12.49 82.20
CA UNK A 3131 79.11 -12.44 81.27
C UNK A 3131 79.50 -11.01 80.97
N UNK A 3132 78.49 -10.16 80.80
CA UNK A 3132 78.71 -8.75 80.51
C UNK A 3132 79.40 -8.06 81.68
N UNK A 3133 79.14 -8.55 82.89
CA UNK A 3133 79.75 -7.99 84.09
C UNK A 3133 81.16 -8.53 84.29
N UNK A 3134 81.52 -9.55 83.51
CA UNK A 3134 82.82 -10.18 83.65
C UNK A 3134 83.74 -9.78 82.50
N UNK A 3135 81.01 -26.40 74.00
CA UNK A 3135 79.71 -26.43 74.64
C UNK A 3135 79.16 -27.86 74.73
N UNK A 3136 77.89 -28.01 74.41
CA UNK A 3136 77.22 -29.31 74.51
C UNK A 3136 77.47 -30.18 73.29
N UNK A 3137 78.15 -29.64 72.29
CA UNK A 3137 78.27 -30.31 71.00
C UNK A 3137 79.02 -31.65 71.10
N UNK A 3138 79.97 -31.74 72.02
CA UNK A 3138 80.65 -33.01 72.24
C UNK A 3138 79.66 -34.05 72.79
N UNK A 3139 78.72 -33.58 73.61
CA UNK A 3139 77.66 -34.43 74.09
C UNK A 3139 76.74 -34.85 72.95
N UNK A 3140 76.60 -33.99 71.95
CA UNK A 3140 75.90 -34.37 70.74
C UNK A 3140 76.67 -35.45 69.98
N UNK A 3141 78.00 -35.39 70.07
CA UNK A 3141 78.82 -36.46 69.50
C UNK A 3141 78.57 -37.74 70.27
N UNK A 3142 78.31 -37.60 71.57
CA UNK A 3142 77.90 -38.74 72.37
C UNK A 3142 76.51 -39.23 71.94
N UNK A 3143 75.68 -38.33 71.45
CA UNK A 3143 74.39 -38.71 70.88
C UNK A 3143 74.61 -39.50 69.60
N UNK A 3144 75.67 -39.16 68.87
CA UNK A 3144 76.06 -39.97 67.73
C UNK A 3144 76.56 -41.33 68.20
N UNK A 3145 77.18 -41.36 69.38
CA UNK A 3145 77.61 -42.60 69.99
C UNK A 3145 76.42 -43.47 70.42
N UNK A 3146 75.30 -42.83 70.71
CA UNK A 3146 74.11 -43.51 71.21
C UNK A 3146 73.53 -44.47 70.19
N UNK A 3147 73.76 -44.19 68.91
CA UNK A 3147 73.26 -45.02 67.83
C UNK A 3147 73.90 -46.41 67.85
N UNK A 3148 75.11 -46.49 68.38
CA UNK A 3148 75.84 -47.74 68.44
C UNK A 3148 75.24 -48.70 69.47
N UNK A 3149 81.23 -50.94 68.15
CA UNK A 3149 81.83 -49.90 67.32
C UNK A 3149 81.65 -50.21 65.84
N UNK A 3150 81.75 -51.48 65.50
CA UNK A 3150 81.56 -51.92 64.11
C UNK A 3150 80.13 -51.68 63.64
N UNK A 3151 79.20 -51.62 64.59
CA UNK A 3151 77.81 -51.39 64.26
C UNK A 3151 77.64 -50.01 63.63
N UNK A 3152 78.48 -49.05 64.02
CA UNK A 3152 78.49 -47.76 63.36
C UNK A 3152 78.99 -47.88 61.93
N UNK A 3153 79.90 -48.81 61.68
CA UNK A 3153 80.34 -49.06 60.31
C UNK A 3153 79.19 -49.66 59.52
N UNK A 3154 78.36 -50.44 60.20
CA UNK A 3154 77.14 -50.96 59.61
C UNK A 3154 76.17 -49.82 59.33
N UNK A 3155 76.25 -48.77 60.16
CA UNK A 3155 75.38 -47.61 59.96
C UNK A 3155 75.80 -46.84 58.72
N UNK A 3156 77.11 -46.66 58.55
CA UNK A 3156 77.60 -46.03 57.33
C UNK A 3156 77.30 -46.88 56.12
N UNK A 3157 77.33 -48.19 56.30
CA UNK A 3157 76.96 -49.13 55.25
C UNK A 3157 75.48 -49.04 54.89
N UNK A 3158 74.67 -48.67 55.88
CA UNK A 3158 73.22 -48.62 55.71
C UNK A 3158 72.77 -47.33 55.02
N UNK A 3159 73.67 -46.38 54.89
CA UNK A 3159 73.36 -45.09 54.29
C UNK A 3159 73.15 -45.23 52.79
N UNK A 3160 72.41 -47.96 61.58
CA UNK A 3160 71.12 -47.81 60.93
C UNK A 3160 70.07 -47.31 61.91
N UNK A 3161 70.30 -47.54 63.19
CA UNK A 3161 69.37 -47.14 64.24
C UNK A 3161 69.26 -45.63 64.33
N UNK A 3162 70.30 -44.92 63.90
CA UNK A 3162 70.35 -43.47 64.03
C UNK A 3162 69.25 -42.77 63.25
N UNK A 3163 68.85 -43.35 62.11
CA UNK A 3163 67.69 -42.81 61.39
C UNK A 3163 66.42 -42.96 62.21
N UNK A 3164 66.32 -44.06 62.95
CA UNK A 3164 65.20 -44.26 63.85
C UNK A 3164 65.26 -43.24 64.97
N UNK A 3165 66.48 -42.86 65.34
CA UNK A 3165 66.67 -41.77 66.29
C UNK A 3165 66.21 -40.45 65.70
N UNK A 3166 66.36 -40.28 64.40
CA UNK A 3166 65.82 -39.12 63.73
C UNK A 3166 64.29 -39.15 63.75
N UNK A 3167 63.74 -40.36 63.68
CA UNK A 3167 62.30 -40.52 63.86
C UNK A 3167 61.90 -40.14 65.28
N UNK A 3168 62.81 -40.40 66.22
CA UNK A 3168 62.61 -39.96 67.59
C UNK A 3168 62.66 -38.44 67.68
N UNK A 3169 63.45 -37.81 66.81
CA UNK A 3169 63.44 -36.36 66.70
C UNK A 3169 62.10 -35.90 66.13
N UNK A 3170 61.51 -36.71 65.25
CA UNK A 3170 60.16 -36.42 64.77
C UNK A 3170 59.17 -36.51 65.91
N UNK A 3171 59.43 -37.42 66.85
CA UNK A 3171 58.67 -37.45 68.09
C UNK A 3171 58.94 -36.21 68.93
N UNK A 3172 60.14 -35.65 68.78
CA UNK A 3172 60.55 -34.47 69.53
C UNK A 3172 59.98 -33.21 68.91
N UNK A 3173 59.42 -33.35 67.71
CA UNK A 3173 58.76 -32.23 67.05
C UNK A 3173 57.55 -31.79 67.86
N UNK A 3174 56.98 -32.73 68.61
CA UNK A 3174 55.84 -32.45 69.48
C UNK A 3174 56.25 -31.55 70.64
N UNK A 3175 59.73 -36.52 76.91
CA UNK A 3175 59.84 -37.32 75.70
C UNK A 3175 59.31 -38.73 75.92
N UNK A 3176 58.55 -38.90 77.00
CA UNK A 3176 57.98 -40.20 77.34
C UNK A 3176 56.99 -40.69 76.29
N UNK A 3177 56.36 -39.75 75.60
CA UNK A 3177 55.39 -40.10 74.56
C UNK A 3177 56.09 -40.86 73.43
N UNK A 3178 57.36 -40.54 73.19
CA UNK A 3178 58.15 -41.30 72.23
C UNK A 3178 58.35 -42.73 72.71
N UNK A 3179 58.49 -42.91 74.03
CA UNK A 3179 58.56 -44.24 74.60
C UNK A 3179 57.24 -44.97 74.42
N UNK A 3180 56.15 -44.22 74.47
CA UNK A 3180 54.84 -44.79 74.19
C UNK A 3180 54.72 -45.21 72.73
N UNK A 3181 55.42 -44.48 71.87
CA UNK A 3181 55.38 -44.74 70.43
C UNK A 3181 56.00 -46.08 70.06
N UNK A 3182 56.91 -46.56 70.90
CA UNK A 3182 57.63 -47.80 70.64
C UNK A 3182 56.69 -48.99 70.51
N UNK A 3183 62.27 -52.59 75.82
CA UNK A 3183 63.06 -51.73 74.95
C UNK A 3183 63.16 -50.32 75.52
N UNK A 3184 63.12 -50.22 76.84
CA UNK A 3184 63.15 -48.92 77.50
C UNK A 3184 64.46 -48.18 77.29
N UNK A 3185 65.57 -48.92 77.15
CA UNK A 3185 66.85 -48.28 76.90
C UNK A 3185 66.89 -47.58 75.55
N UNK A 3186 66.23 -48.18 74.56
CA UNK A 3186 66.10 -47.55 73.25
C UNK A 3186 65.27 -46.29 73.36
N UNK A 3187 64.28 -46.33 74.25
CA UNK A 3187 63.46 -45.16 74.54
C UNK A 3187 64.28 -44.09 75.23
N UNK A 3188 65.31 -44.51 75.96
CA UNK A 3188 66.16 -43.57 76.68
C UNK A 3188 67.11 -42.86 75.73
N UNK A 3189 67.74 -43.64 74.85
CA UNK A 3189 68.62 -43.04 73.85
C UNK A 3189 67.82 -42.17 72.90
N UNK A 3190 66.59 -42.60 72.61
CA UNK A 3190 65.67 -41.81 71.78
C UNK A 3190 65.26 -40.53 72.50
N UNK A 3191 65.22 -40.61 73.83
CA UNK A 3191 64.82 -39.46 74.63
C UNK A 3191 65.93 -38.42 74.69
N UNK A 3192 67.16 -38.88 74.93
CA UNK A 3192 68.30 -37.98 74.92
C UNK A 3192 68.53 -37.39 73.53
N UNK A 3193 68.27 -38.20 72.50
CA UNK A 3193 68.36 -37.69 71.13
C UNK A 3193 67.26 -36.67 70.86
N UNK A 3194 66.12 -36.87 71.52
CA UNK A 3194 64.99 -35.95 71.36
C UNK A 3194 65.28 -34.62 72.02
N UNK A 3195 65.86 -34.67 73.22
CA UNK A 3195 66.27 -33.46 73.91
C UNK A 3195 67.38 -32.76 73.15
N UNK A 3196 68.22 -33.55 72.48
CA UNK A 3196 69.23 -32.99 71.61
C UNK A 3196 68.59 -32.30 70.41
N UNK A 3197 67.44 -32.82 70.00
CA UNK A 3197 66.71 -32.26 68.86
C UNK A 3197 66.03 -30.95 69.21
N UNK A 3198 65.37 -30.91 70.37
CA UNK A 3198 64.78 -29.66 70.84
C UNK A 3198 65.87 -28.64 71.14
N UNK A 3199 67.02 -29.12 71.59
CA UNK A 3199 68.17 -28.26 71.79
C UNK A 3199 68.68 -27.73 70.46
N UNK A 3200 68.56 -28.54 69.41
CA UNK A 3200 68.85 -28.08 68.07
C UNK A 3200 67.83 -27.03 67.62
N UNK A 3201 66.60 -27.16 68.10
CA UNK A 3201 65.59 -26.14 67.85
C UNK A 3201 65.98 -24.86 68.55
N UNK A 3202 66.62 -24.98 69.70
CA UNK A 3202 67.21 -23.82 70.35
C UNK A 3202 68.37 -23.28 69.52
N UNK A 3203 69.06 -24.18 68.82
CA UNK A 3203 70.18 -23.81 67.98
C UNK A 3203 69.72 -23.09 66.72
N UNK A 3204 68.45 -23.27 66.38
CA UNK A 3204 67.86 -22.60 65.22
C UNK A 3204 67.87 -21.08 65.41
N UNK A 3205 67.84 -20.65 66.67
CA UNK A 3205 67.92 -19.24 67.00
C UNK A 3205 69.26 -18.64 66.58
N UNK A 3206 70.29 -19.47 66.53
CA UNK A 3206 71.62 -19.04 66.14
C UNK A 3206 71.75 -18.93 64.63
N PRO A 3207 56.91 33.62 79.14
CA PRO A 3207 56.21 34.47 78.18
C PRO A 3207 54.73 34.57 78.48
N THR A 3208 54.36 35.37 79.48
CA THR A 3208 52.97 35.41 79.92
C THR A 3208 52.01 35.90 78.84
N HIS A 3209 52.45 36.83 78.00
CA HIS A 3209 51.60 37.33 76.92
C HIS A 3209 51.31 36.27 75.86
N ARG A 3210 52.30 35.41 75.61
CA ARG A 3210 52.13 34.33 74.65
C ARG A 3210 51.09 33.36 75.17
N ALA A 3211 51.16 33.10 76.47
CA ALA A 3211 50.20 32.22 77.12
C ALA A 3211 48.84 32.88 77.16
N CYS A 3212 48.81 34.21 77.16
CA CYS A 3212 47.54 34.92 77.13
C CYS A 3212 46.87 34.71 75.79
N ASN A 3213 47.64 34.92 74.71
CA ASN A 3213 47.08 34.72 73.38
C ASN A 3213 46.72 33.28 73.07
N MET A 3214 47.53 32.35 73.57
CA MET A 3214 47.19 30.94 73.41
C MET A 3214 45.96 30.59 74.22
N PHE A 3215 45.79 31.25 75.36
CA PHE A 3215 44.58 31.10 76.14
C PHE A 3215 43.38 31.66 75.40
N LEU A 3216 43.62 32.67 74.57
CA LEU A 3216 42.54 33.22 73.75
C LEU A 3216 42.15 32.20 72.69
N GLU A 3217 43.17 31.66 72.03
CA GLU A 3217 42.99 30.72 70.93
C GLU A 3217 42.32 29.44 71.40
N SER A 3218 42.60 29.05 72.64
CA SER A 3218 42.03 27.84 73.19
C SER A 3218 40.63 28.09 73.74
N TYR A 3219 40.46 29.21 74.43
CA TYR A 3219 39.17 29.53 75.03
C TYR A 3219 38.12 29.80 73.97
N LYS A 3220 38.55 30.31 72.81
CA LYS A 3220 37.60 30.55 71.73
C LYS A 3220 36.98 29.26 71.20
N ALA A 3221 37.76 28.19 71.19
CA ALA A 3221 37.29 26.92 70.65
C ALA A 3221 36.63 26.08 71.74
N ALA A 3222 37.09 26.28 72.97
CA ALA A 3222 36.67 25.42 74.07
C ALA A 3222 35.30 25.73 74.62
N TRP A 3223 35.03 27.01 74.89
CA TRP A 3223 33.83 27.34 75.67
C TRP A 3223 32.89 28.30 74.97
N ILE A 3224 33.39 29.07 74.03
CA ILE A 3224 32.57 30.07 73.35
C ILE A 3224 31.44 29.38 72.59
N LEU A 3225 31.68 28.15 72.14
CA LEU A 3225 30.60 27.37 71.54
C LEU A 3225 29.56 27.12 72.62
N THR A 3226 28.28 27.31 72.30
CA THR A 3226 27.23 27.40 73.31
C THR A 3226 25.83 27.07 72.79
N GLU A 3227 24.87 27.04 73.71
CA GLU A 3227 23.46 26.89 73.42
C GLU A 3227 22.87 28.24 73.03
N ASP A 3228 23.73 29.24 72.94
CA ASP A 3228 23.35 30.64 72.74
C ASP A 3228 22.58 30.89 71.46
N HIS A 3229 22.90 30.14 70.42
CA HIS A 3229 22.40 30.38 69.08
C HIS A 3229 20.88 30.20 69.05
N SER A 3230 20.35 29.72 70.15
CA SER A 3230 18.92 29.48 70.31
C SER A 3230 18.19 30.79 70.09
N PHE A 3231 18.91 31.89 70.26
CA PHE A 3231 18.30 33.21 70.25
C PHE A 3231 17.56 33.51 68.96
N GLU A 3232 18.04 32.98 67.85
CA GLU A 3232 17.51 33.41 66.57
C GLU A 3232 16.02 33.17 66.66
N ASP A 3233 15.62 32.15 67.40
CA ASP A 3233 14.21 31.82 67.52
C ASP A 3233 13.51 32.96 68.24
N ARG A 3234 14.20 33.56 69.22
CA ARG A 3234 13.69 34.75 69.87
C ARG A 3234 13.71 35.94 68.92
N MET A 3235 14.67 35.92 68.00
CA MET A 3235 14.92 37.05 67.13
C MET A 3235 13.95 37.08 65.96
N ILE A 3236 13.77 35.93 65.33
CA ILE A 3236 12.85 35.82 64.20
C ILE A 3236 11.44 36.11 64.66
N ASP A 3237 11.15 35.78 65.91
CA ASP A 3237 9.87 36.14 66.47
C ASP A 3237 9.81 37.64 66.68
N ASP A 3238 10.88 38.20 67.24
CA ASP A 3238 10.85 39.61 67.62
C ASP A 3238 10.70 40.49 66.37
N LEU A 3239 11.33 40.08 65.27
CA LEU A 3239 11.18 40.78 64.00
C LEU A 3239 9.80 40.62 63.37
N SER A 3240 9.11 39.53 63.73
CA SER A 3240 7.82 39.20 63.15
C SER A 3240 6.64 39.80 63.92
N LYS A 3241 6.92 40.51 65.01
CA LYS A 3241 5.87 40.95 65.92
C LYS A 3241 4.86 41.89 65.29
N ALA A 3242 5.30 42.64 64.28
CA ALA A 3242 4.45 43.59 63.58
C ALA A 3242 3.80 44.59 64.53
N LYS A 3256 4.18 49.63 55.98
CA LYS A 3256 3.06 48.70 56.08
C LYS A 3256 3.46 47.28 56.47
N PRO A 3257 4.54 46.73 55.88
CA PRO A 3257 4.88 45.36 56.29
C PRO A 3257 5.58 45.25 57.65
N ASP A 3258 6.52 44.33 57.76
CA ASP A 3258 7.06 43.92 59.07
C ASP A 3258 8.59 43.98 59.06
N PRO A 3259 9.20 44.16 60.24
CA PRO A 3259 10.66 44.28 60.26
C PRO A 3259 11.42 43.11 59.65
N LEU A 3260 10.91 41.90 59.84
CA LEU A 3260 11.54 40.76 59.21
C LEU A 3260 11.30 40.87 57.73
N HIS A 3261 10.11 41.35 57.38
CA HIS A 3261 9.79 41.61 56.00
C HIS A 3261 10.64 42.75 55.44
N GLN A 3262 11.00 43.71 56.30
CA GLN A 3262 11.86 44.81 55.88
C GLN A 3262 13.20 44.24 55.52
N LEU A 3263 13.57 43.21 56.26
CA LEU A 3263 14.89 42.65 56.19
C LEU A 3263 15.00 41.80 54.93
N VAL A 3264 13.98 41.00 54.72
CA VAL A 3264 13.87 40.18 53.53
C VAL A 3264 13.79 41.03 52.27
N LEU A 3265 12.95 42.06 52.30
CA LEU A 3265 12.81 42.92 51.15
C LEU A 3265 14.12 43.67 50.90
N HIS A 3266 14.85 43.94 51.98
CA HIS A 3266 16.14 44.58 51.81
C HIS A 3266 17.15 43.68 51.13
N PHE A 3267 17.22 42.43 51.56
CA PHE A 3267 18.14 41.53 50.86
C PHE A 3267 17.69 41.28 49.44
N SER A 3268 16.39 41.34 49.20
CA SER A 3268 15.90 41.21 47.84
C SER A 3268 16.42 42.38 47.03
N ARG A 3269 16.44 43.56 47.64
CA ARG A 3269 17.01 44.71 46.97
C ARG A 3269 18.50 44.54 46.73
N THR A 3270 19.20 43.91 47.67
CA THR A 3270 20.63 43.68 47.48
C THR A 3270 20.89 42.69 46.36
N ALA A 3271 19.95 41.76 46.18
CA ALA A 3271 20.09 40.74 45.17
C ALA A 3271 19.80 41.29 43.79
N LEU A 3272 18.76 42.10 43.70
CA LEU A 3272 18.35 42.65 42.42
C LEU A 3272 19.39 43.59 41.80
N THR A 3273 20.12 44.30 42.64
CA THR A 3273 21.20 45.16 42.14
C THR A 3273 22.29 44.29 41.53
N GLU A 3274 22.88 44.74 40.43
CA GLU A 3274 23.97 43.99 39.83
C GLU A 3274 25.34 44.55 40.26
N LYS A 3275 25.98 43.83 41.17
CA LYS A 3275 27.36 44.10 41.53
C LYS A 3275 28.28 43.27 40.64
N SER A 3276 27.68 42.59 39.67
CA SER A 3276 28.34 41.53 38.90
C SER A 3276 28.75 40.44 39.89
N LYS A 3277 30.01 40.40 40.26
CA LYS A 3277 30.38 39.55 41.39
C LYS A 3277 29.68 40.13 42.62
N LEU A 3278 29.07 39.28 43.43
CA LEU A 3278 28.34 39.78 44.58
C LEU A 3278 29.21 40.19 45.75
N ASP A 3279 28.72 41.15 46.51
CA ASP A 3279 29.34 41.55 47.75
C ASP A 3279 29.26 40.37 48.72
N GLU A 3280 30.29 40.19 49.54
CA GLU A 3280 30.26 39.11 50.53
C GLU A 3280 29.11 39.29 51.52
N ASP A 3281 28.80 40.56 51.82
CA ASP A 3281 27.70 40.93 52.71
C ASP A 3281 27.56 40.00 53.90
N TYR A 3282 28.47 40.14 54.87
CA TYR A 3282 28.53 39.19 55.98
C TYR A 3282 27.24 39.29 56.78
N LEU A 3283 26.60 40.45 56.72
CA LEU A 3283 25.32 40.62 57.36
C LEU A 3283 24.29 39.67 56.76
N TYR A 3284 24.38 39.43 55.45
CA TYR A 3284 23.54 38.43 54.82
C TYR A 3284 23.90 37.02 55.26
N MET A 3285 25.17 36.80 55.55
CA MET A 3285 25.61 35.49 56.01
C MET A 3285 24.88 35.23 57.30
N ALA A 3286 24.89 36.27 58.11
CA ALA A 3286 24.38 36.19 59.45
C ALA A 3286 22.88 35.98 59.46
N TYR A 3287 22.14 36.86 58.79
CA TYR A 3287 20.69 36.67 58.76
C TYR A 3287 20.20 35.46 58.00
N ALA A 3288 20.90 35.05 56.97
CA ALA A 3288 20.49 33.84 56.28
C ALA A 3288 20.71 32.63 57.18
N ASP A 3289 21.81 32.63 57.94
CA ASP A 3289 22.03 31.57 58.91
C ASP A 3289 21.02 31.60 60.04
N ILE A 3290 20.58 32.81 60.37
CA ILE A 3290 19.61 33.01 61.43
C ILE A 3290 18.25 32.47 61.05
N MET A 3291 17.78 32.85 59.86
CA MET A 3291 16.52 32.33 59.38
C MET A 3291 16.61 30.83 59.12
N ALA A 3292 17.80 30.37 58.72
CA ALA A 3292 17.99 28.94 58.54
C ALA A 3292 17.88 28.19 59.86
N LYS A 3293 18.31 28.85 60.93
CA LYS A 3293 18.17 28.27 62.27
C LYS A 3293 16.81 28.53 62.89
N SER A 3294 16.00 29.36 62.24
CA SER A 3294 14.65 29.64 62.73
C SER A 3294 13.80 28.39 62.67
N CYS A 3295 14.12 27.49 61.75
CA CYS A 3295 13.36 26.26 61.58
C CYS A 3295 13.97 25.11 62.37
N GLU A 3312 -0.31 6.83 70.12
CA GLU A 3312 0.08 7.70 69.02
C GLU A 3312 0.49 9.09 69.51
N VAL A 3313 0.83 9.20 70.78
CA VAL A 3313 1.22 10.49 71.34
C VAL A 3313 2.48 11.01 70.65
N SER A 3314 3.39 10.10 70.29
CA SER A 3314 4.56 10.46 69.51
C SER A 3314 4.16 10.93 68.13
N PHE A 3315 3.08 10.34 67.61
CA PHE A 3315 2.56 10.75 66.31
C PHE A 3315 1.93 12.13 66.36
N GLU A 3316 1.12 12.38 67.38
CA GLU A 3316 0.51 13.70 67.52
C GLU A 3316 1.53 14.78 67.80
N GLU A 3317 2.55 14.46 68.59
CA GLU A 3317 3.64 15.40 68.80
C GLU A 3317 4.44 15.62 67.53
N LYS A 3318 4.57 14.58 66.72
CA LYS A 3318 5.23 14.72 65.43
C LYS A 3318 4.43 15.64 64.52
N GLU A 3319 3.11 15.55 64.63
CA GLU A 3319 2.22 16.43 63.89
C GLU A 3319 2.30 17.85 64.37
N MET A 3320 2.45 18.04 65.68
CA MET A 3320 2.56 19.38 66.21
C MET A 3320 3.87 19.99 65.77
N GLU A 3321 4.91 19.16 65.69
CA GLU A 3321 6.19 19.59 65.16
C GLU A 3321 6.11 19.90 63.67
N LYS A 3322 5.23 19.20 62.98
CA LYS A 3322 5.10 19.40 61.54
C LYS A 3322 4.38 20.70 61.25
N GLN A 3323 3.29 20.94 61.98
CA GLN A 3323 2.55 22.18 61.88
C GLN A 3323 3.39 23.36 62.38
N ARG A 3324 4.28 23.08 63.33
CA ARG A 3324 5.17 24.11 63.86
C ARG A 3324 6.21 24.50 62.82
N LEU A 3325 6.82 23.49 62.20
CA LEU A 3325 7.79 23.75 61.15
C LEU A 3325 7.10 24.47 60.03
N LEU A 3326 5.84 24.11 59.82
CA LEU A 3326 4.99 24.77 58.84
C LEU A 3326 4.81 26.20 59.27
N TYR A 3327 4.90 26.45 60.57
CA TYR A 3327 4.72 27.81 61.05
C TYR A 3327 5.95 28.69 60.92
N GLN A 3328 7.14 28.20 61.28
CA GLN A 3328 8.30 29.06 61.07
C GLN A 3328 8.51 29.24 59.57
N GLN A 3329 8.29 28.16 58.82
CA GLN A 3329 8.44 28.25 57.38
C GLN A 3329 7.40 29.18 56.81
N SER A 3330 6.22 29.23 57.42
CA SER A 3330 5.25 30.22 57.01
C SER A 3330 5.69 31.63 57.35
N ARG A 3331 6.42 31.75 58.46
CA ARG A 3331 6.93 33.04 58.91
C ARG A 3331 7.91 33.60 57.91
N LEU A 3332 8.78 32.75 57.41
CA LEU A 3332 9.72 33.14 56.37
C LEU A 3332 9.00 33.29 55.02
N HIS A 3333 7.95 32.50 54.84
CA HIS A 3333 7.18 32.49 53.60
C HIS A 3333 6.38 33.73 53.29
N THR A 3334 5.60 34.21 54.25
CA THR A 3334 4.72 35.33 54.02
C THR A 3334 5.52 36.60 53.83
N ARG A 3335 6.74 36.59 54.35
CA ARG A 3335 7.60 37.76 54.35
C ARG A 3335 8.40 37.84 53.06
N GLY A 3336 8.19 36.85 52.19
CA GLY A 3336 8.84 36.84 50.89
C GLY A 3336 10.25 36.31 50.84
N ALA A 3337 10.69 35.66 51.92
CA ALA A 3337 12.03 35.07 51.95
C ALA A 3337 12.14 33.98 50.89
N ALA A 3338 11.00 33.38 50.54
CA ALA A 3338 10.98 32.34 49.54
C ALA A 3338 11.44 32.88 48.21
N GLU A 3339 11.18 34.16 47.96
CA GLU A 3339 11.64 34.80 46.75
C GLU A 3339 13.10 35.21 46.82
N MET A 3340 13.52 35.77 47.96
CA MET A 3340 14.89 36.25 48.08
C MET A 3340 15.87 35.09 48.02
N VAL A 3341 15.46 33.90 48.46
CA VAL A 3341 16.37 32.78 48.40
C VAL A 3341 16.70 32.49 46.96
N LEU A 3342 15.73 32.73 46.10
CA LEU A 3342 15.89 32.46 44.69
C LEU A 3342 16.68 33.59 44.04
N GLN A 3343 16.35 34.82 44.41
CA GLN A 3343 17.00 35.98 43.82
C GLN A 3343 18.49 36.05 44.16
N MET A 3344 18.85 35.62 45.37
CA MET A 3344 20.26 35.63 45.76
C MET A 3344 21.03 34.64 44.91
N ILE A 3345 20.41 33.51 44.61
CA ILE A 3345 21.07 32.50 43.80
C ILE A 3345 21.20 33.02 42.38
N SER A 3346 20.16 33.68 41.91
CA SER A 3346 20.15 34.18 40.55
C SER A 3346 21.22 35.26 40.38
N ALA A 3347 21.50 35.98 41.46
CA ALA A 3347 22.58 36.96 41.43
C ALA A 3347 23.94 36.30 41.51
N CYS A 3348 24.07 35.28 42.36
CA CYS A 3348 25.35 34.65 42.64
C CYS A 3348 25.94 33.94 41.42
N LYS A 3349 25.07 33.61 40.48
CA LYS A 3349 25.44 32.99 39.20
C LYS A 3349 26.49 31.89 39.36
N GLY A 3350 27.60 31.98 38.64
CA GLY A 3350 28.54 30.87 38.57
C GLY A 3350 29.45 30.73 39.79
N GLU A 3351 29.43 31.73 40.65
CA GLU A 3351 30.24 31.68 41.87
C GLU A 3351 29.79 30.58 42.83
N THR A 3352 30.75 29.98 43.52
CA THR A 3352 30.46 29.06 44.60
C THR A 3352 30.90 29.66 45.93
N GLY A 3353 30.50 30.90 46.18
CA GLY A 3353 30.88 31.58 47.40
C GLY A 3353 30.20 30.97 48.60
N ALA A 3354 30.75 31.24 49.78
CA ALA A 3354 30.15 30.74 51.01
C ALA A 3354 28.77 31.34 51.20
N MET A 3355 28.58 32.54 50.67
CA MET A 3355 27.29 33.19 50.77
C MET A 3355 26.23 32.43 50.00
N VAL A 3356 26.63 31.75 48.93
CA VAL A 3356 25.67 30.93 48.21
C VAL A 3356 25.22 29.77 49.09
N SER A 3357 26.16 29.25 49.88
CA SER A 3357 25.82 28.22 50.84
C SER A 3357 24.89 28.78 51.89
N SER A 3358 25.10 30.06 52.22
CA SER A 3358 24.26 30.72 53.20
C SER A 3358 22.86 30.85 52.65
N THR A 3359 22.75 30.96 51.33
CA THR A 3359 21.45 31.06 50.70
C THR A 3359 20.77 29.71 50.73
N LEU A 3360 21.48 28.67 50.29
CA LEU A 3360 20.88 27.35 50.24
C LEU A 3360 20.52 26.78 51.60
N LYS A 3361 21.24 27.17 52.65
CA LYS A 3361 20.85 26.75 53.97
C LYS A 3361 19.46 27.30 54.24
N LEU A 3362 19.27 28.55 53.87
CA LEU A 3362 17.98 29.20 54.04
C LEU A 3362 16.89 28.60 53.16
N GLY A 3363 17.27 28.13 51.98
CA GLY A 3363 16.27 27.55 51.09
C GLY A 3363 15.80 26.21 51.63
N ILE A 3364 16.77 25.40 52.04
CA ILE A 3364 16.48 24.10 52.61
C ILE A 3364 15.68 24.26 53.88
N SER A 3365 15.95 25.34 54.61
CA SER A 3365 15.24 25.57 55.86
C SER A 3365 13.80 26.01 55.59
N ILE A 3366 13.60 26.89 54.64
CA ILE A 3366 12.24 27.35 54.33
C ILE A 3366 11.42 26.21 53.72
N LEU A 3367 12.08 25.29 53.04
CA LEU A 3367 11.39 24.11 52.54
C LEU A 3367 11.40 22.97 53.57
N ASN A 3368 12.53 22.30 53.69
CA ASN A 3368 12.65 21.27 54.68
C ASN A 3368 11.48 20.34 54.52
N GLY A 3369 11.28 19.90 53.29
CA GLY A 3369 10.26 18.92 53.00
C GLY A 3369 8.98 19.48 52.45
N GLY A 3370 9.01 19.71 51.15
CA GLY A 3370 7.84 19.82 50.32
C GLY A 3370 6.74 20.80 50.70
N ASN A 3371 7.09 22.01 51.09
CA ASN A 3371 6.05 22.99 51.36
C ASN A 3371 5.32 23.19 50.06
N ALA A 3372 4.01 23.15 50.06
CA ALA A 3372 3.31 23.50 48.83
C ALA A 3372 3.33 25.00 48.61
N GLU A 3373 3.31 25.76 49.69
CA GLU A 3373 3.17 27.20 49.57
C GLU A 3373 4.45 27.83 49.08
N VAL A 3374 5.56 27.46 49.72
CA VAL A 3374 6.83 28.05 49.38
C VAL A 3374 7.23 27.63 47.98
N GLN A 3375 7.01 26.36 47.68
CA GLN A 3375 7.35 25.84 46.36
C GLN A 3375 6.47 26.47 45.28
N GLN A 3376 5.24 26.81 45.66
CA GLN A 3376 4.32 27.41 44.71
C GLN A 3376 4.63 28.88 44.42
N LYS A 3377 4.92 29.66 45.46
CA LYS A 3377 5.42 31.01 45.20
C LYS A 3377 6.78 30.98 44.53
N MET A 3378 7.53 29.92 44.76
CA MET A 3378 8.85 29.81 44.17
C MET A 3378 8.69 29.70 42.67
N LEU A 3379 7.89 28.72 42.27
CA LEU A 3379 7.64 28.48 40.86
C LEU A 3379 6.90 29.63 40.21
N ASP A 3380 6.03 30.27 40.97
CA ASP A 3380 5.29 31.40 40.44
C ASP A 3380 6.26 32.55 40.19
N TYR A 3381 7.24 32.70 41.07
CA TYR A 3381 8.21 33.76 40.91
C TYR A 3381 9.04 33.46 39.67
N LEU A 3382 9.34 32.18 39.47
CA LEU A 3382 10.07 31.79 38.27
C LEU A 3382 9.30 31.97 36.96
N LYS A 3383 7.99 31.83 37.01
CA LYS A 3383 7.18 32.09 35.82
C LYS A 3383 6.79 33.56 35.68
N ASP A 3384 7.11 34.36 36.69
CA ASP A 3384 6.81 35.78 36.58
C ASP A 3384 8.02 36.57 36.10
N LYS A 3385 8.97 36.78 37.00
CA LYS A 3385 10.14 37.60 36.68
C LYS A 3385 11.00 36.96 35.60
N LYS A 3386 10.98 35.63 35.53
CA LYS A 3386 11.57 34.85 34.42
C LYS A 3386 12.96 35.33 34.01
N GLU A 3387 13.82 35.54 35.00
CA GLU A 3387 15.10 36.21 34.80
C GLU A 3387 16.18 35.32 34.21
N VAL A 3388 15.89 34.03 34.07
CA VAL A 3388 16.70 33.09 33.30
C VAL A 3388 18.03 32.75 33.99
N GLY A 3389 18.61 33.72 34.67
CA GLY A 3389 19.96 33.56 35.17
C GLY A 3389 20.00 32.78 36.47
N PHE A 3390 18.84 32.44 37.01
CA PHE A 3390 18.80 31.55 38.16
C PHE A 3390 19.22 30.13 37.82
N PHE A 3391 18.65 29.56 36.76
CA PHE A 3391 19.13 28.27 36.29
C PHE A 3391 20.49 28.34 35.65
N GLN A 3392 20.84 29.51 35.13
CA GLN A 3392 22.20 29.71 34.66
C GLN A 3392 23.11 29.63 35.86
N SER A 3393 22.60 30.06 37.00
CA SER A 3393 23.37 30.05 38.22
C SER A 3393 23.56 28.64 38.72
N ILE A 3394 22.46 27.90 38.80
CA ILE A 3394 22.55 26.53 39.29
C ILE A 3394 23.38 25.67 38.34
N GLN A 3395 23.31 25.97 37.04
CA GLN A 3395 24.10 25.20 36.10
C GLN A 3395 25.58 25.51 36.19
N ALA A 3396 25.90 26.80 36.15
CA ALA A 3396 27.29 27.19 36.14
C ALA A 3396 27.94 26.79 37.45
N LEU A 3397 27.17 26.86 38.52
CA LEU A 3397 27.64 26.42 39.82
C LEU A 3397 27.83 24.90 39.84
N MET A 3398 26.93 24.18 39.19
CA MET A 3398 26.99 22.72 39.16
C MET A 3398 28.19 22.26 38.35
N GLN A 3399 28.63 23.07 37.42
CA GLN A 3399 29.80 22.69 36.67
C GLN A 3399 30.89 22.58 37.69
N THR A 3400 30.89 23.51 38.63
CA THR A 3400 31.95 23.61 39.62
C THR A 3400 31.60 23.11 41.00
N CYS A 3401 30.46 22.45 41.17
CA CYS A 3401 29.98 22.22 42.52
C CYS A 3401 31.00 21.43 43.31
N SER A 3402 31.55 20.39 42.71
CA SER A 3402 32.63 19.64 43.34
C SER A 3402 32.91 18.35 42.61
N VAL A 3403 33.88 17.62 43.13
CA VAL A 3403 34.16 16.25 42.73
C VAL A 3403 34.96 15.63 43.84
N LEU A 3404 35.18 14.33 43.75
CA LEU A 3404 35.92 13.59 44.77
C LEU A 3404 37.42 13.73 44.51
N ASP A 3405 37.76 13.90 43.24
CA ASP A 3405 39.10 14.34 42.81
C ASP A 3405 40.20 13.52 43.46
N LEU A 3406 40.51 12.37 42.87
CA LEU A 3406 41.48 11.45 43.46
C LEU A 3406 42.87 12.03 43.62
N ASN A 3407 43.27 12.87 42.68
CA ASN A 3407 44.63 13.38 42.69
C ASN A 3407 44.81 14.24 43.93
N ALA A 3408 43.73 14.92 44.31
CA ALA A 3408 43.71 15.70 45.54
C ALA A 3408 43.84 14.79 46.75
N PHE A 3409 43.34 13.57 46.63
CA PHE A 3409 43.37 12.67 47.76
C PHE A 3409 44.75 12.05 47.95
N GLU A 3410 45.40 11.69 46.85
CA GLU A 3410 46.78 11.23 46.95
C GLU A 3410 47.67 12.38 47.43
N ARG A 3411 47.32 13.59 46.99
CA ARG A 3411 48.04 14.79 47.37
C ARG A 3411 47.90 15.11 48.85
N GLN A 3412 46.75 14.77 49.42
CA GLN A 3412 46.49 15.07 50.83
C GLN A 3412 46.93 13.91 51.73
N ASN A 3413 47.09 12.74 51.13
CA ASN A 3413 47.44 11.54 51.86
C ASN A 3413 48.84 11.68 52.48
N LYS A 3414 49.67 12.48 51.83
CA LYS A 3414 51.06 12.64 52.25
C LYS A 3414 51.31 13.99 52.90
N ASP A 3439 34.68 19.90 50.75
CA ASP A 3439 33.93 21.08 50.36
C ASP A 3439 32.70 20.72 49.53
N ASP A 3440 32.20 19.50 49.73
CA ASP A 3440 31.04 19.02 49.01
C ASP A 3440 29.73 19.09 49.80
N GLU A 3441 29.82 19.52 51.06
CA GLU A 3441 28.63 19.60 51.90
C GLU A 3441 27.65 20.61 51.31
N PHE A 3442 28.21 21.64 50.68
CA PHE A 3442 27.45 22.59 49.90
C PHE A 3442 26.73 21.98 48.71
N THR A 3443 27.35 20.97 48.13
CA THR A 3443 26.78 20.33 46.97
C THR A 3443 25.60 19.50 47.41
N GLN A 3444 25.78 18.79 48.51
CA GLN A 3444 24.74 17.97 49.09
C GLN A 3444 23.59 18.89 49.48
N ASP A 3445 23.92 20.09 49.93
CA ASP A 3445 22.91 21.11 50.19
C ASP A 3445 22.20 21.55 48.95
N LEU A 3446 22.91 21.56 47.83
CA LEU A 3446 22.29 22.05 46.61
C LEU A 3446 21.32 21.05 46.05
N PHE A 3447 21.75 19.79 45.95
CA PHE A 3447 20.86 18.76 45.48
C PHE A 3447 19.73 18.49 46.45
N ARG A 3448 20.00 18.68 47.74
CA ARG A 3448 18.93 18.61 48.72
C ARG A 3448 17.95 19.74 48.44
N PHE A 3449 18.49 20.86 47.99
CA PHE A 3449 17.66 22.02 47.72
C PHE A 3449 16.74 21.75 46.56
N LEU A 3450 17.28 21.22 45.46
CA LEU A 3450 16.44 20.90 44.32
C LEU A 3450 15.44 19.80 44.64
N GLN A 3451 15.86 18.85 45.46
CA GLN A 3451 14.97 17.77 45.81
C GLN A 3451 13.79 18.30 46.59
N LEU A 3452 14.06 19.27 47.45
CA LEU A 3452 13.02 19.98 48.17
C LEU A 3452 12.17 20.81 47.22
N LEU A 3453 12.79 21.28 46.15
CA LEU A 3453 12.02 21.95 45.09
C LEU A 3453 11.07 21.02 44.37
N CYS A 3454 11.36 19.72 44.33
CA CYS A 3454 10.42 18.82 43.66
C CYS A 3454 9.51 17.98 44.57
N GLU A 3455 9.71 18.04 45.89
CA GLU A 3455 8.85 17.26 46.79
C GLU A 3455 7.44 17.84 46.85
N GLY A 3456 6.47 16.99 47.16
CA GLY A 3456 5.07 17.34 47.03
C GLY A 3456 4.56 17.06 45.63
N HIS A 3457 5.45 16.53 44.80
CA HIS A 3457 5.12 16.09 43.44
C HIS A 3457 4.51 17.18 42.55
N ASN A 3458 5.11 18.36 42.53
CA ASN A 3458 4.63 19.41 41.64
C ASN A 3458 5.08 19.19 40.21
N ASN A 3459 4.24 18.49 39.44
CA ASN A 3459 4.59 18.05 38.11
C ASN A 3459 4.89 19.23 37.20
N ASP A 3460 4.18 20.33 37.43
CA ASP A 3460 4.42 21.55 36.68
C ASP A 3460 5.80 22.09 36.97
N PHE A 3461 6.25 21.88 38.20
CA PHE A 3461 7.54 22.43 38.59
C PHE A 3461 8.65 21.54 38.06
N GLN A 3462 8.42 20.23 38.07
CA GLN A 3462 9.41 19.31 37.53
C GLN A 3462 9.58 19.54 36.04
N ASN A 3463 8.46 19.73 35.36
CA ASN A 3463 8.51 20.06 33.95
C ASN A 3463 9.18 21.40 33.78
N TYR A 3464 8.98 22.28 34.74
CA TYR A 3464 9.62 23.58 34.63
C TYR A 3464 11.13 23.41 34.70
N LEU A 3465 11.60 22.47 35.51
CA LEU A 3465 13.02 22.19 35.56
C LEU A 3465 13.46 21.55 34.25
N ARG A 3466 12.55 20.84 33.61
CA ARG A 3466 12.90 20.24 32.33
C ARG A 3466 13.13 21.26 31.23
N THR A 3467 12.18 22.17 31.10
CA THR A 3467 12.03 22.87 29.83
C THR A 3467 11.96 24.39 29.94
N GLN A 3468 11.73 24.91 31.14
CA GLN A 3468 11.98 26.31 31.43
C GLN A 3468 11.26 27.20 30.41
N THR A 3469 9.97 26.93 30.20
CA THR A 3469 9.28 27.42 29.01
C THR A 3469 9.20 28.92 28.80
N GLY A 3470 9.09 29.69 29.88
CA GLY A 3470 9.01 31.13 29.71
C GLY A 3470 10.34 31.73 29.30
N ASN A 3471 11.42 31.15 29.83
CA ASN A 3471 12.75 31.71 29.63
C ASN A 3471 13.29 31.50 28.22
N THR A 3472 14.08 32.46 27.75
CA THR A 3472 14.61 32.40 26.40
C THR A 3472 15.57 31.23 26.19
N THR A 3473 16.26 30.81 27.25
CA THR A 3473 17.15 29.67 27.16
C THR A 3473 16.66 28.53 28.06
N THR A 3474 16.30 27.41 27.44
CA THR A 3474 15.75 26.27 28.15
C THR A 3474 16.80 25.32 28.72
N ILE A 3475 17.51 25.80 29.76
CA ILE A 3475 18.48 24.97 30.44
C ILE A 3475 17.82 23.75 31.09
N ASN A 3476 18.45 22.60 30.99
CA ASN A 3476 17.89 21.39 31.58
C ASN A 3476 18.73 20.95 32.76
N ILE A 3477 18.28 21.32 33.96
CA ILE A 3477 19.02 21.02 35.17
C ILE A 3477 19.15 19.51 35.35
N ILE A 3478 18.17 18.77 34.88
CA ILE A 3478 18.18 17.33 35.05
C ILE A 3478 19.34 16.68 34.31
N ILE A 3479 19.59 17.15 33.10
CA ILE A 3479 20.74 16.66 32.35
C ILE A 3479 22.02 17.07 33.06
N CYS A 3480 21.98 18.21 33.73
CA CYS A 3480 23.16 18.73 34.39
C CYS A 3480 23.54 17.88 35.59
N THR A 3481 22.55 17.56 36.42
CA THR A 3481 22.79 16.68 37.55
C THR A 3481 23.11 15.27 37.11
N VAL A 3482 22.58 14.84 35.96
CA VAL A 3482 23.01 13.55 35.44
C VAL A 3482 24.49 13.58 35.09
N ASP A 3483 24.92 14.69 34.50
CA ASP A 3483 26.33 14.84 34.16
C ASP A 3483 27.16 14.86 35.43
N TYR A 3484 26.57 15.42 36.47
CA TYR A 3484 27.24 15.44 37.76
C TYR A 3484 27.36 14.04 38.32
N LEU A 3485 26.39 13.17 38.03
CA LEU A 3485 26.56 11.74 38.31
C LEU A 3485 27.64 11.14 37.49
N LEU A 3486 27.87 11.69 36.31
CA LEU A 3486 28.92 11.13 35.49
C LEU A 3486 30.28 11.46 36.10
N ARG A 3487 30.53 12.73 36.40
CA ARG A 3487 31.82 13.07 36.96
C ARG A 3487 32.02 12.47 38.36
N LEU A 3488 30.95 12.46 39.15
CA LEU A 3488 31.03 11.91 40.49
C LEU A 3488 31.25 10.40 40.37
N GLN A 3489 30.72 9.82 39.30
CA GLN A 3489 31.01 8.43 38.98
C GLN A 3489 32.47 8.20 38.74
N GLU A 3490 33.04 9.00 37.85
CA GLU A 3490 34.40 8.76 37.42
C GLU A 3490 35.30 8.94 38.63
N SER A 3491 34.87 9.81 39.54
CA SER A 3491 35.58 9.98 40.79
C SER A 3491 35.51 8.75 41.70
N ILE A 3492 34.31 8.23 41.91
CA ILE A 3492 34.18 7.07 42.79
C ILE A 3492 34.89 5.85 42.23
N SER A 3493 34.86 5.73 40.91
CA SER A 3493 35.41 4.57 40.23
C SER A 3493 36.92 4.62 40.22
N ASP A 3494 37.46 5.80 39.92
CA ASP A 3494 38.89 5.95 39.95
C ASP A 3494 39.37 5.74 41.37
N PHE A 3495 38.55 6.17 42.33
CA PHE A 3495 38.89 6.00 43.73
C PHE A 3495 38.96 4.51 44.04
N TYR A 3496 38.06 3.76 43.40
CA TYR A 3496 38.08 2.32 43.56
C TYR A 3496 39.36 1.74 43.03
N TRP A 3497 39.70 2.06 41.79
CA TRP A 3497 40.89 1.45 41.21
C TRP A 3497 42.13 1.85 41.98
N TYR A 3498 42.13 3.04 42.58
CA TYR A 3498 43.21 3.38 43.49
C TYR A 3498 43.22 2.51 44.75
N TYR A 3499 42.04 2.12 45.23
CA TYR A 3499 41.99 1.12 46.31
C TYR A 3499 41.68 -0.29 45.87
N SER A 3500 41.61 -0.52 44.57
CA SER A 3500 41.36 -1.88 44.08
C SER A 3500 42.47 -2.85 44.46
N GLY A 3501 43.70 -2.36 44.53
CA GLY A 3501 44.82 -3.20 44.89
C GLY A 3501 45.27 -3.18 46.33
N LYS A 3502 44.82 -2.18 47.08
CA LYS A 3502 45.31 -1.98 48.44
C LYS A 3502 44.36 -2.50 49.53
N ASP A 3503 43.38 -3.29 49.12
CA ASP A 3503 42.29 -3.82 49.98
C ASP A 3503 42.01 -3.02 51.26
N VAL A 3504 42.91 -3.08 52.23
CA VAL A 3504 42.73 -2.34 53.49
C VAL A 3504 42.70 -0.84 53.21
N ILE A 3505 41.83 -0.11 53.91
CA ILE A 3505 41.59 1.29 53.58
C ILE A 3505 41.80 2.23 54.77
N GLU A 3506 42.32 3.42 54.47
CA GLU A 3506 42.59 4.46 55.46
C GLU A 3506 41.32 4.98 56.08
N GLU A 3507 41.41 5.40 57.34
CA GLU A 3507 40.28 6.04 57.99
C GLU A 3507 39.92 7.34 57.28
N GLN A 3508 40.93 8.04 56.76
CA GLN A 3508 40.68 9.22 55.93
C GLN A 3508 39.98 8.85 54.64
N GLY A 3509 40.31 7.68 54.09
CA GLY A 3509 39.66 7.25 52.88
C GLY A 3509 38.28 6.73 53.20
N LYS A 3510 38.10 6.33 54.46
CA LYS A 3510 36.80 5.87 54.91
C LYS A 3510 35.86 7.04 55.02
N ARG A 3511 36.32 8.10 55.69
CA ARG A 3511 35.51 9.30 55.83
C ARG A 3511 35.30 9.99 54.49
N ASN A 3512 36.30 9.89 53.61
CA ASN A 3512 36.16 10.55 52.32
C ASN A 3512 35.20 9.82 51.42
N PHE A 3513 35.36 8.51 51.32
CA PHE A 3513 34.50 7.72 50.46
C PHE A 3513 33.07 7.72 51.01
N SER A 3514 32.94 7.76 52.33
CA SER A 3514 31.63 7.89 52.96
C SER A 3514 31.01 9.24 52.68
N LYS A 3515 31.86 10.26 52.57
CA LYS A 3515 31.38 11.61 52.29
C LYS A 3515 30.86 11.69 50.86
N ALA A 3516 31.65 11.15 49.94
CA ALA A 3516 31.27 11.14 48.54
C ALA A 3516 30.02 10.30 48.35
N MET A 3517 29.88 9.26 49.16
CA MET A 3517 28.62 8.52 49.22
C MET A 3517 27.48 9.31 49.84
N SER A 3518 27.76 10.25 50.74
CA SER A 3518 26.69 11.09 51.23
C SER A 3518 26.18 11.98 50.10
N VAL A 3519 27.13 12.44 49.29
CA VAL A 3519 26.77 13.33 48.19
C VAL A 3519 25.97 12.56 47.16
N ALA A 3520 26.51 11.42 46.77
CA ALA A 3520 25.88 10.60 45.76
C ALA A 3520 24.54 10.11 46.27
N LYS A 3521 24.42 9.93 47.58
CA LYS A 3521 23.15 9.54 48.14
C LYS A 3521 22.13 10.65 47.95
N GLN A 3522 22.54 11.86 48.28
CA GLN A 3522 21.61 12.99 48.19
C GLN A 3522 21.21 13.23 46.74
N VAL A 3523 22.14 12.93 45.83
CA VAL A 3523 21.92 13.25 44.43
C VAL A 3523 21.11 12.18 43.71
N PHE A 3524 21.36 10.91 44.04
CA PHE A 3524 20.48 9.85 43.59
C PHE A 3524 19.09 10.03 44.16
N ASN A 3525 18.99 10.57 45.37
CA ASN A 3525 17.67 10.97 45.84
C ASN A 3525 17.09 12.09 45.00
N SER A 3526 17.94 13.00 44.54
CA SER A 3526 17.44 14.08 43.72
C SER A 3526 16.89 13.53 42.41
N LEU A 3527 17.54 12.51 41.89
CA LEU A 3527 17.07 11.89 40.67
C LEU A 3527 15.93 10.93 40.93
N THR A 3528 15.72 10.55 42.18
CA THR A 3528 14.47 9.91 42.49
C THR A 3528 13.44 10.98 42.29
N GLU A 3529 13.80 12.19 42.69
CA GLU A 3529 12.79 13.18 42.97
C GLU A 3529 12.30 13.90 41.72
N TYR A 3530 13.18 14.16 40.77
CA TYR A 3530 12.76 14.78 39.52
C TYR A 3530 11.79 13.87 38.81
N ILE A 3531 12.02 12.58 39.01
CA ILE A 3531 11.37 11.53 38.25
C ILE A 3531 10.27 10.91 39.10
N GLN A 3532 10.26 11.26 40.38
CA GLN A 3532 9.46 10.55 41.35
C GLN A 3532 8.06 10.69 40.90
N GLY A 3533 7.71 11.90 40.51
CA GLY A 3533 6.40 12.13 39.93
C GLY A 3533 6.43 11.32 38.66
N PRO A 3534 5.22 10.72 38.28
CA PRO A 3534 5.34 9.96 37.03
C PRO A 3534 5.25 10.99 35.95
N CYS A 3535 6.26 11.84 35.89
CA CYS A 3535 6.28 12.88 34.88
C CYS A 3535 6.84 12.19 33.67
N THR A 3536 5.97 12.00 32.68
CA THR A 3536 6.32 11.23 31.52
C THR A 3536 7.47 11.87 30.79
N GLY A 3537 7.44 13.19 30.70
CA GLY A 3537 8.39 13.91 29.89
C GLY A 3537 9.69 14.11 30.64
N ASN A 3538 9.64 13.99 31.95
CA ASN A 3538 10.84 14.09 32.75
C ASN A 3538 11.63 12.80 32.63
N GLN A 3539 10.91 11.68 32.61
CA GLN A 3539 11.55 10.40 32.43
C GLN A 3539 12.13 10.30 31.04
N GLN A 3540 11.33 10.70 30.05
CA GLN A 3540 11.75 10.61 28.67
C GLN A 3540 12.91 11.55 28.39
N SER A 3541 12.92 12.70 29.06
CA SER A 3541 14.03 13.64 28.94
C SER A 3541 15.31 13.08 29.53
N LEU A 3542 15.17 12.27 30.57
CA LEU A 3542 16.31 11.71 31.25
C LEU A 3542 16.73 10.36 30.66
N ALA A 3543 15.80 9.63 30.07
CA ALA A 3543 16.16 8.35 29.48
C ALA A 3543 17.12 8.54 28.31
N HIS A 3544 16.93 9.63 27.57
CA HIS A 3544 17.90 10.03 26.56
C HIS A 3544 19.18 10.58 27.18
N SER A 3545 19.08 11.06 28.42
CA SER A 3545 20.22 11.65 29.11
C SER A 3545 21.24 10.57 29.43
N ARG A 3546 22.49 10.99 29.57
CA ARG A 3546 23.61 10.08 29.58
C ARG A 3546 23.72 9.43 30.96
N LEU A 3547 22.56 9.21 31.56
CA LEU A 3547 22.47 8.59 32.87
C LEU A 3547 23.03 7.19 32.88
N TRP A 3548 22.86 6.50 31.76
CA TRP A 3548 23.08 5.07 31.74
C TRP A 3548 24.54 4.75 31.99
N ASP A 3549 25.41 5.59 31.43
CA ASP A 3549 26.85 5.41 31.57
C ASP A 3549 27.22 5.53 33.04
N ALA A 3550 26.42 6.28 33.78
CA ALA A 3550 26.57 6.30 35.21
C ALA A 3550 25.95 5.07 35.87
N VAL A 3551 24.72 4.75 35.51
CA VAL A 3551 24.02 3.72 36.26
C VAL A 3551 24.67 2.35 36.04
N VAL A 3552 25.23 2.15 34.85
CA VAL A 3552 26.02 0.95 34.61
C VAL A 3552 27.24 1.05 35.49
N GLY A 3553 27.91 2.18 35.40
CA GLY A 3553 29.22 2.33 35.97
C GLY A 3553 29.25 2.35 37.48
N PHE A 3554 28.20 2.85 38.08
CA PHE A 3554 28.12 2.84 39.52
C PHE A 3554 28.14 1.41 39.98
N LEU A 3555 27.48 0.56 39.22
CA LEU A 3555 27.40 -0.83 39.62
C LEU A 3555 28.81 -1.42 39.62
N HIS A 3556 29.66 -0.94 38.70
CA HIS A 3556 31.02 -1.46 38.63
C HIS A 3556 31.78 -1.09 39.88
N VAL A 3557 31.39 0.03 40.47
CA VAL A 3557 31.86 0.38 41.79
C VAL A 3557 31.12 -0.40 42.85
N PHE A 3558 29.80 -0.50 42.72
CA PHE A 3558 29.01 -1.13 43.78
C PHE A 3558 29.15 -2.62 43.76
N ALA A 3559 29.71 -3.18 42.70
CA ALA A 3559 30.00 -4.60 42.73
C ALA A 3559 31.18 -4.88 43.65
N HIS A 3560 32.37 -4.51 43.20
CA HIS A 3560 33.59 -4.90 43.88
C HIS A 3560 33.68 -4.29 45.27
N MET A 3561 33.19 -3.07 45.41
CA MET A 3561 33.15 -2.42 46.70
C MET A 3561 32.25 -3.15 47.67
N MET A 3562 31.20 -3.81 47.17
CA MET A 3562 30.28 -4.45 48.08
C MET A 3562 30.83 -5.84 48.34
N MET A 3563 31.94 -6.15 47.69
CA MET A 3563 32.64 -7.40 47.88
C MET A 3563 33.89 -7.27 48.76
N LYS A 3564 34.89 -6.53 48.30
CA LYS A 3564 36.12 -6.39 49.08
C LYS A 3564 35.92 -5.62 50.38
N LEU A 3565 34.90 -4.78 50.46
CA LEU A 3565 34.57 -4.18 51.74
C LEU A 3565 33.81 -5.15 52.66
N ALA A 3566 33.31 -6.25 52.10
CA ALA A 3566 32.50 -7.19 52.89
C ALA A 3566 33.30 -7.89 53.98
N GLN A 3567 34.61 -7.94 53.75
CA GLN A 3567 35.54 -8.83 54.42
C GLN A 3567 35.67 -8.60 55.92
N ASP A 3568 35.71 -7.35 56.35
CA ASP A 3568 35.98 -7.09 57.75
C ASP A 3568 34.92 -6.22 58.37
N SER A 3569 34.79 -6.34 59.68
CA SER A 3569 33.77 -5.62 60.42
C SER A 3569 33.94 -4.11 60.32
N SER A 3570 35.18 -3.66 60.47
CA SER A 3570 35.49 -2.26 60.35
C SER A 3570 35.14 -1.86 58.93
N GLN A 3571 35.42 -2.77 58.01
CA GLN A 3571 35.20 -2.51 56.60
C GLN A 3571 33.74 -2.25 56.29
N ILE A 3572 32.85 -3.00 56.94
CA ILE A 3572 31.42 -2.89 56.61
C ILE A 3572 30.72 -1.56 56.91
N GLU A 3573 30.90 -0.99 58.10
CA GLU A 3573 30.10 0.18 58.41
C GLU A 3573 29.96 1.08 57.19
N LEU A 3574 31.08 1.29 56.51
CA LEU A 3574 31.06 2.03 55.25
C LEU A 3574 30.29 1.28 54.20
N LEU A 3575 30.40 -0.03 54.23
CA LEU A 3575 29.72 -0.84 53.25
C LEU A 3575 28.23 -0.66 53.44
N LYS A 3576 27.82 -0.43 54.67
CA LYS A 3576 26.42 -0.16 54.95
C LYS A 3576 25.94 1.15 54.31
N GLU A 3577 26.84 2.14 54.27
CA GLU A 3577 26.51 3.41 53.63
C GLU A 3577 26.35 3.15 52.15
N LEU A 3578 27.23 2.29 51.65
CA LEU A 3578 27.21 1.94 50.25
C LEU A 3578 25.93 1.20 49.91
N LEU A 3579 25.42 0.44 50.88
CA LEU A 3579 24.22 -0.35 50.68
C LEU A 3579 23.02 0.55 50.65
N ASP A 3580 22.96 1.49 51.59
CA ASP A 3580 21.84 2.41 51.63
C ASP A 3580 21.83 3.23 50.34
N LEU A 3581 23.01 3.63 49.89
CA LEU A 3581 23.07 4.40 48.66
C LEU A 3581 22.62 3.55 47.50
N GLN A 3582 22.94 2.26 47.56
CA GLN A 3582 22.52 1.36 46.51
C GLN A 3582 21.01 1.24 46.49
N LYS A 3583 20.42 1.32 47.69
CA LYS A 3583 18.98 1.30 47.81
C LYS A 3583 18.42 2.55 47.18
N ASP A 3584 19.08 3.67 47.36
CA ASP A 3584 18.62 4.90 46.72
C ASP A 3584 18.78 4.88 45.21
N MET A 3585 19.76 4.10 44.74
CA MET A 3585 20.01 3.98 43.32
C MET A 3585 18.92 3.16 42.65
N VAL A 3586 18.68 1.98 43.22
CA VAL A 3586 17.64 1.12 42.70
C VAL A 3586 16.30 1.81 42.88
N VAL A 3587 16.16 2.64 43.90
CA VAL A 3587 14.96 3.44 44.05
C VAL A 3587 14.80 4.53 43.00
N MET A 3588 15.87 5.23 42.61
CA MET A 3588 15.68 6.23 41.56
C MET A 3588 15.33 5.52 40.29
N LEU A 3589 15.83 4.29 40.17
CA LEU A 3589 15.70 3.56 38.93
C LEU A 3589 14.29 2.97 38.80
N LEU A 3590 13.78 2.44 39.90
CA LEU A 3590 12.39 2.02 40.02
C LEU A 3590 11.42 3.17 39.85
N SER A 3591 11.82 4.34 40.34
CA SER A 3591 10.99 5.52 40.22
C SER A 3591 11.15 6.07 38.82
N LEU A 3592 12.13 5.52 38.12
CA LEU A 3592 12.35 5.86 36.72
C LEU A 3592 11.42 5.03 35.85
N LEU A 3593 11.19 3.77 36.23
CA LEU A 3593 10.35 2.89 35.40
C LEU A 3593 8.83 3.00 35.47
N GLU A 3594 8.28 3.71 36.45
CA GLU A 3594 6.90 3.41 36.86
C GLU A 3594 5.92 3.72 35.74
N GLY A 3595 6.35 4.55 34.80
CA GLY A 3595 5.52 4.99 33.70
C GLY A 3595 5.47 4.07 32.49
N ASN A 3596 6.13 2.92 32.56
CA ASN A 3596 6.32 2.06 31.39
C ASN A 3596 5.06 1.57 30.68
N VAL A 3597 5.17 1.50 29.36
CA VAL A 3597 4.27 0.73 28.52
C VAL A 3597 4.96 -0.64 28.46
N VAL A 3598 4.57 -1.54 27.56
CA VAL A 3598 5.29 -2.80 27.44
C VAL A 3598 6.71 -2.54 26.99
N ASN A 3599 6.91 -2.40 25.68
CA ASN A 3599 8.25 -2.14 25.19
C ASN A 3599 8.55 -0.65 25.27
N GLY A 3600 8.57 -0.14 26.49
CA GLY A 3600 8.97 1.23 26.73
C GLY A 3600 10.41 1.38 26.31
N MET A 3601 10.70 2.46 25.59
CA MET A 3601 12.05 2.66 25.07
C MET A 3601 13.02 2.79 26.22
N ILE A 3602 12.55 3.34 27.32
CA ILE A 3602 13.35 3.47 28.52
C ILE A 3602 13.71 2.10 29.11
N ALA A 3603 12.73 1.20 29.16
CA ALA A 3603 12.99 -0.14 29.66
C ALA A 3603 13.95 -0.85 28.74
N ARG A 3604 13.89 -0.54 27.44
CA ARG A 3604 14.85 -1.09 26.50
C ARG A 3604 16.24 -0.57 26.79
N GLN A 3605 16.31 0.70 27.18
CA GLN A 3605 17.60 1.31 27.51
C GLN A 3605 18.15 0.56 28.70
N MET A 3606 17.25 0.10 29.56
CA MET A 3606 17.69 -0.56 30.77
C MET A 3606 18.07 -2.02 30.62
N VAL A 3607 17.35 -2.76 29.78
CA VAL A 3607 17.77 -4.11 29.51
C VAL A 3607 19.12 -4.00 28.83
N ASP A 3608 19.28 -2.94 28.04
CA ASP A 3608 20.56 -2.70 27.39
C ASP A 3608 21.67 -2.43 28.39
N MET A 3609 21.39 -1.63 29.42
CA MET A 3609 22.44 -1.39 30.40
C MET A 3609 22.75 -2.65 31.18
N LEU A 3610 21.74 -3.46 31.46
CA LEU A 3610 21.97 -4.70 32.20
C LEU A 3610 22.80 -5.69 31.40
N VAL A 3611 22.63 -5.68 30.07
CA VAL A 3611 23.55 -6.45 29.23
C VAL A 3611 24.93 -5.84 29.24
N GLU A 3612 24.98 -4.51 29.25
CA GLU A 3612 26.25 -3.80 29.33
C GLU A 3612 26.91 -3.99 30.69
N SER A 3613 26.10 -4.27 31.70
CA SER A 3613 26.60 -4.46 33.06
C SER A 3613 26.40 -5.89 33.53
N SER A 3614 26.35 -6.83 32.57
CA SER A 3614 25.91 -8.18 32.88
C SER A 3614 26.79 -8.94 33.86
N SER A 3615 28.09 -8.95 33.64
CA SER A 3615 29.01 -9.63 34.57
C SER A 3615 29.07 -8.88 35.89
N ASN A 3616 28.80 -7.58 35.81
CA ASN A 3616 28.84 -6.70 36.96
C ASN A 3616 27.65 -6.91 37.92
N VAL A 3617 26.45 -6.90 37.34
CA VAL A 3617 25.26 -7.18 38.12
C VAL A 3617 25.33 -8.65 38.48
N GLU A 3618 26.06 -9.41 37.69
CA GLU A 3618 26.34 -10.79 38.02
C GLU A 3618 27.03 -10.83 39.36
N MET A 3619 28.07 -10.02 39.51
CA MET A 3619 28.78 -10.00 40.78
C MET A 3619 27.93 -9.50 41.93
N ILE A 3620 27.06 -8.52 41.69
CA ILE A 3620 26.29 -8.07 42.85
C ILE A 3620 25.29 -9.15 43.26
N LEU A 3621 24.65 -9.77 42.27
CA LEU A 3621 23.67 -10.81 42.56
C LEU A 3621 24.33 -12.00 43.21
N LYS A 3622 25.60 -12.24 42.86
CA LYS A 3622 26.36 -13.24 43.56
C LYS A 3622 26.56 -12.81 45.00
N PHE A 3623 26.71 -11.52 45.26
CA PHE A 3623 26.79 -11.11 46.66
C PHE A 3623 25.45 -11.22 47.39
N PHE A 3624 24.33 -11.12 46.70
CA PHE A 3624 23.05 -11.08 47.43
C PHE A 3624 22.62 -12.45 47.96
N ASP A 3625 23.26 -13.50 47.47
CA ASP A 3625 22.93 -14.85 47.93
C ASP A 3625 23.42 -15.13 49.34
N MET A 3626 24.34 -14.29 49.83
CA MET A 3626 24.82 -14.35 51.20
C MET A 3626 23.69 -14.49 52.22
N ILE A 3633 19.50 -15.92 56.72
CA ILE A 3633 19.62 -16.55 58.03
C ILE A 3633 19.36 -18.05 57.94
N VAL A 3634 19.05 -18.53 56.74
CA VAL A 3634 18.91 -19.96 56.50
C VAL A 3634 20.25 -20.65 56.71
N GLY A 3635 21.32 -19.89 56.49
CA GLY A 3635 22.65 -20.45 56.65
C GLY A 3635 22.99 -20.62 58.10
N SER A 3636 22.28 -19.91 58.98
CA SER A 3636 22.39 -20.17 60.41
C SER A 3636 21.84 -21.55 60.74
N GLU A 3637 20.76 -21.92 60.04
CA GLU A 3637 20.23 -23.26 60.14
C GLU A 3637 21.23 -24.23 59.51
N ALA A 3638 21.98 -23.76 58.53
CA ALA A 3638 23.06 -24.58 57.98
C ALA A 3638 24.15 -24.80 59.03
N PHE A 3639 24.38 -23.82 59.90
CA PHE A 3639 25.23 -24.04 61.07
C PHE A 3639 24.59 -25.02 62.04
N GLN A 3640 23.26 -25.00 62.10
CA GLN A 3640 22.54 -25.95 62.97
C GLN A 3640 22.72 -27.37 62.46
N ASP A 3641 22.94 -27.50 61.15
CA ASP A 3641 23.12 -28.80 60.53
C ASP A 3641 24.37 -29.51 61.04
N TYR A 3642 25.38 -28.75 61.43
CA TYR A 3642 26.62 -29.33 61.91
C TYR A 3642 27.26 -28.55 63.06
N VAL A 3643 26.44 -27.95 63.92
CA VAL A 3643 26.97 -27.17 65.03
C VAL A 3643 27.74 -28.08 65.97
N THR A 3644 28.90 -27.63 66.44
CA THR A 3644 29.68 -28.44 67.38
C THR A 3644 29.95 -27.79 68.75
N ASP A 3645 30.61 -26.63 68.74
CA ASP A 3645 31.02 -25.97 69.98
C ASP A 3645 29.83 -25.56 70.84
N PRO A 3646 28.81 -25.03 70.18
CA PRO A 3646 27.58 -24.55 70.82
C PRO A 3646 27.76 -23.18 71.47
N ARG A 3647 28.92 -22.57 71.26
CA ARG A 3647 29.16 -21.19 71.64
C ARG A 3647 28.62 -20.26 70.55
N GLY A 3648 28.15 -20.86 69.47
CA GLY A 3648 27.80 -20.16 68.26
C GLY A 3648 29.02 -20.01 67.39
N LEU A 3649 30.15 -20.47 67.91
CA LEU A 3649 31.40 -20.58 67.18
C LEU A 3649 31.37 -21.79 66.25
N ILE A 3650 32.15 -21.74 65.18
CA ILE A 3650 32.30 -22.90 64.30
C ILE A 3650 33.66 -22.90 63.60
N SER A 3651 34.22 -24.09 63.43
CA SER A 3651 35.48 -24.25 62.71
C SER A 3651 35.31 -23.83 61.25
N LYS A 3652 36.31 -23.13 60.72
CA LYS A 3652 36.24 -22.64 59.35
C LYS A 3652 36.50 -23.74 58.33
N LYS A 3653 37.56 -24.50 58.53
CA LYS A 3653 37.90 -25.57 57.60
C LYS A 3653 36.84 -26.65 57.60
N ASP A 3654 36.24 -26.91 58.77
CA ASP A 3654 35.11 -27.82 58.84
C ASP A 3654 33.91 -27.23 58.12
N PHE A 3655 33.79 -25.91 58.20
CA PHE A 3655 32.67 -25.21 57.57
C PHE A 3655 32.77 -25.29 56.06
N GLN A 3656 33.99 -25.35 55.54
CA GLN A 3656 34.17 -25.36 54.09
C GLN A 3656 33.59 -26.63 53.49
N LYS A 3657 33.96 -27.77 54.07
CA LYS A 3657 33.47 -29.05 53.60
C LYS A 3657 32.01 -29.29 53.97
N ALA A 3658 31.62 -28.88 55.18
CA ALA A 3658 30.25 -29.07 55.62
C ALA A 3658 29.27 -28.26 54.79
N MET A 3659 29.71 -27.10 54.32
CA MET A 3659 28.82 -26.23 53.56
C MET A 3659 28.96 -26.44 52.05
N ASP A 3660 30.08 -27.01 51.61
CA ASP A 3660 30.21 -27.32 50.19
C ASP A 3660 29.23 -28.43 49.79
N SER A 3661 28.86 -29.26 50.76
CA SER A 3661 27.97 -30.40 50.52
C SER A 3661 26.55 -29.99 50.13
N GLN A 3662 26.12 -28.82 50.59
CA GLN A 3662 24.74 -28.40 50.35
C GLN A 3662 24.61 -27.74 48.99
N GLN A 3664 25.02 -25.92 46.40
CA GLN A 3664 26.21 -26.00 45.55
C GLN A 3664 26.98 -24.69 45.51
N PHE A 3665 27.05 -24.01 46.65
CA PHE A 3665 27.87 -22.82 46.77
C PHE A 3665 29.33 -23.21 46.57
N THR A 3666 30.05 -22.42 45.78
CA THR A 3666 31.47 -22.71 45.52
C THR A 3666 32.24 -22.59 46.82
N GLY A 3667 33.23 -23.46 47.00
CA GLY A 3667 33.97 -23.47 48.24
C GLY A 3667 34.75 -22.18 48.41
N PRO A 3668 35.28 -21.64 47.30
CA PRO A 3668 35.85 -20.29 47.43
C PRO A 3668 34.83 -19.26 47.92
N GLU A 3669 33.58 -19.38 47.51
CA GLU A 3669 32.57 -18.46 48.01
C GLU A 3669 32.33 -18.66 49.48
N ILE A 3670 32.37 -19.91 49.93
CA ILE A 3670 32.18 -20.19 51.35
C ILE A 3670 33.34 -19.62 52.14
N GLN A 3671 34.52 -19.63 51.53
CA GLN A 3671 35.68 -18.99 52.10
C GLN A 3671 35.45 -17.49 52.16
N PHE A 3672 34.72 -16.97 51.18
CA PHE A 3672 34.31 -15.58 51.22
C PHE A 3672 33.32 -15.32 52.35
N LEU A 3673 32.52 -16.32 52.69
CA LEU A 3673 31.59 -16.20 53.81
C LEU A 3673 32.37 -16.10 55.10
N LEU A 3674 33.31 -17.01 55.26
CA LEU A 3674 34.10 -17.05 56.49
C LEU A 3674 34.93 -15.79 56.60
N SER A 3675 35.39 -15.30 55.45
CA SER A 3675 36.11 -14.05 55.37
C SER A 3675 35.18 -12.88 55.72
N CYS A 3676 33.90 -13.04 55.40
CA CYS A 3676 32.91 -12.01 55.67
C CYS A 3676 32.48 -12.10 57.13
N SER A 3677 32.89 -13.17 57.79
CA SER A 3677 32.50 -13.40 59.17
C SER A 3677 33.46 -12.73 60.13
N GLU A 3678 34.38 -13.50 60.71
CA GLU A 3678 35.36 -12.97 61.63
C GLU A 3678 36.65 -13.78 61.59
N ALA A 3679 36.50 -15.10 61.57
CA ALA A 3679 37.65 -16.01 61.61
C ALA A 3679 38.53 -15.68 62.80
N ASP A 3680 37.91 -15.43 63.94
CA ASP A 3680 38.63 -14.98 65.13
C ASP A 3680 39.62 -16.02 65.62
N GLU A 3681 40.79 -15.54 66.07
CA GLU A 3681 41.86 -16.39 66.56
C GLU A 3681 42.19 -17.50 65.56
N ASN A 3682 41.80 -18.73 65.91
CA ASN A 3682 41.97 -19.86 65.01
C ASN A 3682 40.83 -19.96 64.00
N GLU A 3683 40.12 -21.08 64.03
CA GLU A 3683 39.00 -21.33 63.12
C GLU A 3683 37.68 -20.71 63.58
N MET A 3684 37.68 -20.17 64.80
CA MET A 3684 36.45 -19.76 65.48
C MET A 3684 35.67 -18.68 64.72
N ILE A 3685 34.35 -18.85 64.65
CA ILE A 3685 33.48 -17.97 63.86
C ILE A 3685 32.04 -17.91 64.42
N ASN A 3686 31.64 -16.73 64.90
CA ASN A 3686 30.25 -16.53 65.34
C ASN A 3686 29.28 -16.62 64.17
N PHE A 3687 28.17 -17.32 64.38
CA PHE A 3687 27.09 -17.37 63.41
C PHE A 3687 26.33 -16.06 63.24
N GLU A 3688 26.23 -15.27 64.31
CA GLU A 3688 25.31 -14.14 64.32
C GLU A 3688 25.89 -12.87 63.70
N GLU A 3689 27.15 -12.58 64.03
CA GLU A 3689 27.82 -11.42 63.46
C GLU A 3689 27.93 -11.61 61.95
N PHE A 3690 28.13 -12.86 61.55
CA PHE A 3690 28.02 -13.23 60.16
C PHE A 3690 26.59 -13.11 59.64
N ALA A 3691 25.62 -13.37 60.52
CA ALA A 3691 24.21 -13.32 60.14
C ALA A 3691 23.77 -11.89 59.80
N ASN A 3692 24.44 -10.92 60.41
CA ASN A 3692 24.14 -9.52 60.15
C ASN A 3692 24.43 -9.12 58.71
N ARG A 3693 25.37 -9.82 58.08
CA ARG A 3693 25.75 -9.53 56.70
C ARG A 3693 26.03 -10.81 55.93
N PRO A 3697 18.61 -6.09 56.62
CA PRO A 3697 19.76 -5.18 56.50
C PRO A 3697 20.03 -4.78 55.05
N ALA A 3698 20.85 -5.56 54.35
CA ALA A 3698 21.15 -5.29 52.96
C ALA A 3698 19.99 -5.71 52.05
N ARG A 3699 19.05 -6.45 52.63
CA ARG A 3699 17.98 -7.08 51.87
C ARG A 3699 17.12 -6.08 51.11
N ASP A 3700 17.00 -4.87 51.64
CA ASP A 3700 16.17 -3.87 51.02
C ASP A 3700 16.68 -3.57 49.62
N ILE A 3701 17.98 -3.73 49.40
CA ILE A 3701 18.49 -3.58 48.06
C ILE A 3701 18.01 -4.68 47.16
N GLY A 3702 18.16 -5.92 47.62
CA GLY A 3702 18.00 -7.08 46.77
C GLY A 3702 16.56 -7.19 46.36
N PHE A 3703 15.68 -6.85 47.29
CA PHE A 3703 14.27 -6.85 47.00
C PHE A 3703 14.02 -5.93 45.82
N ASN A 3704 14.55 -4.72 45.91
CA ASN A 3704 14.35 -3.78 44.83
C ASN A 3704 15.00 -4.32 43.57
N VAL A 3705 16.12 -5.00 43.74
CA VAL A 3705 16.79 -5.54 42.57
C VAL A 3705 15.89 -6.61 41.99
N ALA A 3706 15.29 -7.39 42.89
CA ALA A 3706 14.40 -8.44 42.44
C ALA A 3706 13.24 -7.78 41.76
N VAL A 3707 12.83 -6.62 42.29
CA VAL A 3707 11.69 -5.95 41.72
C VAL A 3707 12.03 -5.61 40.30
N LEU A 3708 13.26 -5.13 40.10
CA LEU A 3708 13.67 -4.75 38.75
C LEU A 3708 13.68 -5.92 37.83
N LEU A 3709 14.12 -7.06 38.36
CA LEU A 3709 14.27 -8.21 37.51
C LEU A 3709 12.88 -8.65 37.12
N THR A 3710 11.92 -8.38 38.00
CA THR A 3710 10.53 -8.58 37.65
C THR A 3710 10.06 -7.42 36.82
N ASN A 3711 10.42 -6.21 37.26
CA ASN A 3711 9.79 -5.01 36.73
C ASN A 3711 10.11 -4.81 35.27
N LEU A 3712 11.25 -5.32 34.83
CA LEU A 3712 11.50 -5.35 33.40
C LEU A 3712 10.85 -6.56 32.74
N SER A 3713 11.04 -7.72 33.35
CA SER A 3713 10.66 -8.98 32.70
C SER A 3713 9.18 -9.01 32.46
N GLU A 3714 8.44 -8.34 33.33
CA GLU A 3714 7.01 -8.19 33.14
C GLU A 3714 6.70 -7.05 32.17
N HIS A 3715 7.33 -5.89 32.32
CA HIS A 3715 7.13 -4.84 31.33
C HIS A 3715 7.70 -5.16 29.96
N VAL A 3716 8.79 -5.91 29.89
CA VAL A 3716 9.32 -6.19 28.56
C VAL A 3716 9.61 -7.68 28.33
N PRO A 3717 8.54 -8.46 28.12
CA PRO A 3717 8.62 -9.84 27.65
C PRO A 3717 9.23 -9.87 26.26
N HIS A 3718 9.94 -10.95 25.94
CA HIS A 3718 10.60 -11.20 24.65
C HIS A 3718 11.94 -10.48 24.61
N ASP A 3719 12.70 -10.67 25.68
CA ASP A 3719 14.09 -10.26 25.80
C ASP A 3719 14.95 -11.42 26.26
N PRO A 3720 15.37 -12.27 25.32
CA PRO A 3720 16.10 -13.50 25.62
C PRO A 3720 17.36 -13.18 26.41
N ARG A 3721 17.98 -12.04 26.14
CA ARG A 3721 19.04 -11.53 26.99
C ARG A 3721 18.57 -11.27 28.44
N LEU A 3722 17.48 -10.53 28.58
CA LEU A 3722 16.90 -10.30 29.89
C LEU A 3722 16.35 -11.59 30.47
N ARG A 3723 15.88 -12.46 29.59
CA ARG A 3723 15.33 -13.73 30.04
C ARG A 3723 16.41 -14.57 30.67
N ASN A 3724 17.59 -14.59 30.05
CA ASN A 3724 18.72 -15.31 30.60
C ASN A 3724 19.20 -14.66 31.87
N PHE A 3725 19.06 -13.34 31.92
CA PHE A 3725 19.62 -12.61 33.03
C PHE A 3725 18.79 -12.88 34.29
N LEU A 3726 17.48 -12.83 34.13
CA LEU A 3726 16.58 -13.24 35.19
C LEU A 3726 16.73 -14.72 35.48
N GLU A 3727 17.04 -15.50 34.46
CA GLU A 3727 17.17 -16.94 34.64
C GLU A 3727 18.31 -17.22 35.59
N LEU A 3728 19.36 -16.41 35.50
CA LEU A 3728 20.43 -16.50 36.49
C LEU A 3728 20.01 -15.83 37.80
N ALA A 3729 19.05 -14.91 37.72
CA ALA A 3729 18.65 -14.13 38.90
C ALA A 3729 17.63 -14.86 39.78
N GLU A 3730 17.19 -16.02 39.29
CA GLU A 3730 16.03 -16.69 39.87
C GLU A 3730 16.31 -17.11 41.31
N SER A 3731 17.58 -17.36 41.62
CA SER A 3731 17.97 -17.71 42.98
C SER A 3731 17.70 -16.57 43.95
N ILE A 3732 17.79 -15.34 43.46
CA ILE A 3732 17.43 -14.19 44.27
C ILE A 3732 15.93 -13.98 44.24
N LEU A 3733 15.32 -14.20 43.08
CA LEU A 3733 13.89 -13.99 42.97
C LEU A 3733 13.05 -14.94 43.82
N GLU A 3734 13.54 -16.15 44.07
CA GLU A 3734 12.76 -17.11 44.84
C GLU A 3734 12.52 -16.67 46.27
N TYR A 3735 13.51 -15.99 46.85
CA TYR A 3735 13.39 -15.53 48.22
C TYR A 3735 12.35 -14.42 48.35
N PHE A 3736 12.18 -13.64 47.30
CA PHE A 3736 11.30 -12.48 47.35
C PHE A 3736 9.97 -12.72 46.67
N ARG A 3737 9.83 -13.90 46.06
CA ARG A 3737 8.56 -14.32 45.50
C ARG A 3737 7.43 -14.33 46.52
N PRO A 3738 7.64 -14.92 47.72
CA PRO A 3738 6.49 -15.01 48.63
C PRO A 3738 5.87 -13.67 48.98
N TYR A 3739 6.68 -12.62 49.06
CA TYR A 3739 6.15 -11.35 49.56
C TYR A 3739 6.60 -10.08 48.86
N LEU A 3740 6.73 -10.12 47.54
CA LEU A 3740 6.65 -8.89 46.78
C LEU A 3740 5.33 -9.04 46.07
N GLY A 3741 4.40 -8.15 46.35
CA GLY A 3741 3.06 -8.25 45.80
C GLY A 3741 2.87 -7.04 44.92
N ARG A 3742 2.32 -7.30 43.74
CA ARG A 3742 2.05 -6.30 42.71
C ARG A 3742 0.56 -6.05 42.53
N ILE A 3743 0.20 -4.78 42.57
CA ILE A 3743 -1.18 -4.40 42.32
C ILE A 3743 -1.21 -3.60 41.03
N GLU A 3744 -2.16 -3.98 40.18
CA GLU A 3744 -2.36 -3.35 38.90
C GLU A 3744 -3.44 -2.31 39.07
N ILE A 3745 -3.06 -1.08 38.79
CA ILE A 3745 -3.91 0.10 38.95
C ILE A 3745 -3.80 1.06 37.78
N MET A 3746 -4.91 1.67 37.36
CA MET A 3746 -4.82 2.68 36.31
C MET A 3746 -4.07 3.92 36.79
N GLY A 3747 -3.20 4.43 35.94
CA GLY A 3747 -2.38 5.57 36.27
C GLY A 3747 -3.06 6.88 35.96
N ALA A 3748 -2.36 7.98 36.22
CA ALA A 3748 -2.83 9.30 35.83
C ALA A 3748 -2.87 9.37 34.30
N SER A 3749 -2.03 8.56 33.66
CA SER A 3749 -2.00 8.46 32.21
C SER A 3749 -3.15 7.59 31.72
N ARG A 3750 -3.82 6.95 32.67
CA ARG A 3750 -5.01 6.13 32.46
C ARG A 3750 -4.67 4.79 31.79
N ARG A 3751 -3.50 4.68 31.20
CA ARG A 3751 -2.99 3.37 30.84
C ARG A 3751 -2.70 2.66 32.16
N ILE A 3752 -3.07 1.39 32.27
CA ILE A 3752 -2.81 0.66 33.50
C ILE A 3752 -1.33 0.53 33.78
N GLU A 3753 -0.97 0.76 35.03
CA GLU A 3753 0.35 0.51 35.55
C GLU A 3753 0.21 -0.53 36.65
N ARG A 3754 0.69 -1.75 36.39
CA ARG A 3754 0.84 -2.69 37.49
C ARG A 3754 1.98 -2.16 38.32
N ILE A 3755 1.93 -2.30 39.63
CA ILE A 3755 2.99 -1.72 40.44
C ILE A 3755 3.47 -2.67 41.52
N TYR A 3756 4.77 -2.65 41.76
CA TYR A 3756 5.41 -3.66 42.58
C TYR A 3756 5.59 -3.25 44.03
N PHE A 3757 4.50 -3.36 44.78
CA PHE A 3757 4.47 -3.08 46.21
C PHE A 3757 5.19 -4.16 47.03
N GLU A 3758 5.70 -3.76 48.19
CA GLU A 3758 6.41 -4.65 49.11
C GLU A 3758 5.52 -5.16 50.25
N ILE A 3759 5.05 -6.40 50.16
CA ILE A 3759 4.32 -7.04 51.27
C ILE A 3759 5.24 -7.35 52.45
N SER A 3760 4.78 -7.12 53.68
CA SER A 3760 5.51 -7.61 54.85
C SER A 3760 5.42 -9.13 55.00
N GLU A 3761 6.52 -9.76 55.41
CA GLU A 3761 6.47 -11.18 55.75
C GLU A 3761 5.58 -11.42 56.96
N THR A 3762 5.57 -10.45 57.87
CA THR A 3762 4.68 -10.54 59.01
C THR A 3762 3.23 -10.46 58.58
N ASN A 3763 2.97 -9.67 57.54
CA ASN A 3763 1.63 -9.55 57.01
C ASN A 3763 1.27 -10.79 56.20
N ARG A 3764 2.22 -11.25 55.40
CA ARG A 3764 1.99 -12.39 54.53
C ARG A 3764 1.71 -13.62 55.37
N ALA A 3765 2.33 -13.67 56.55
CA ALA A 3765 2.06 -14.73 57.51
C ALA A 3765 0.73 -14.50 58.20
N GLN A 3766 0.45 -13.24 58.51
CA GLN A 3766 -0.76 -12.89 59.26
C GLN A 3766 -2.05 -13.14 58.49
N TRP A 3767 -1.98 -13.08 57.17
CA TRP A 3767 -3.19 -13.16 56.36
C TRP A 3767 -3.66 -14.61 56.16
N GLU A 3768 -2.83 -15.55 56.57
CA GLU A 3768 -3.09 -16.95 56.26
C GLU A 3768 -3.89 -17.68 57.32
N MET A 3769 -3.24 -17.95 58.45
CA MET A 3769 -3.74 -18.86 59.49
C MET A 3769 -5.12 -18.59 60.13
N PRO A 3770 -5.40 -17.34 60.54
CA PRO A 3770 -6.39 -17.23 61.60
C PRO A 3770 -7.84 -17.12 61.15
N GLN A 3771 -8.58 -16.30 61.89
CA GLN A 3771 -9.96 -15.96 61.59
C GLN A 3771 -10.05 -15.21 60.26
N VAL A 3772 -8.97 -14.54 59.89
CA VAL A 3772 -9.00 -13.58 58.80
C VAL A 3772 -9.36 -14.19 57.44
N LYS A 3773 -8.92 -15.43 57.20
CA LYS A 3773 -9.28 -16.06 55.94
C LYS A 3773 -10.78 -16.34 55.89
N GLU A 3774 -11.32 -16.72 57.03
CA GLU A 3774 -12.76 -16.92 57.14
C GLU A 3774 -13.48 -15.59 56.99
N SER A 3775 -12.82 -14.52 57.41
CA SER A 3775 -13.38 -13.19 57.19
C SER A 3775 -13.40 -12.88 55.70
N LYS A 3776 -12.42 -13.39 54.97
CA LYS A 3776 -12.42 -13.28 53.52
C LYS A 3776 -13.55 -14.08 52.92
N ARG A 3777 -13.87 -15.20 53.55
CA ARG A 3777 -14.96 -16.04 53.05
C ARG A 3777 -16.28 -15.33 53.24
N GLN A 3778 -16.51 -14.83 54.44
CA GLN A 3778 -17.73 -14.11 54.75
C GLN A 3778 -17.84 -12.84 53.96
N PHE A 3779 -16.71 -12.21 53.68
CA PHE A 3779 -16.71 -11.02 52.85
C PHE A 3779 -17.11 -11.28 51.42
N ILE A 3780 -16.42 -12.22 50.78
CA ILE A 3780 -16.69 -12.48 49.39
C ILE A 3780 -18.09 -13.01 49.24
N PHE A 3781 -18.53 -13.78 50.23
CA PHE A 3781 -19.92 -14.21 50.25
C PHE A 3781 -20.90 -13.06 50.46
N ASP A 3782 -20.50 -12.02 51.19
CA ASP A 3782 -21.37 -10.88 51.43
C ASP A 3782 -21.35 -9.87 50.29
N VAL A 3783 -20.43 -10.05 49.36
CA VAL A 3783 -20.37 -9.14 48.21
C VAL A 3783 -20.96 -9.81 46.98
N VAL A 3784 -20.52 -11.02 46.68
CA VAL A 3784 -21.00 -11.71 45.50
C VAL A 3784 -22.51 -11.96 45.60
N ASN A 3785 -22.94 -12.24 46.81
CA ASN A 3785 -24.35 -12.42 47.09
C ASN A 3785 -25.13 -11.13 46.85
N GLU A 3786 -24.58 -10.00 47.29
CA GLU A 3786 -25.33 -8.76 47.22
C GLU A 3786 -24.66 -7.64 46.44
N GLY A 3787 -23.40 -7.34 46.78
CA GLY A 3787 -22.71 -6.21 46.20
C GLY A 3787 -22.52 -6.35 44.71
N GLY A 3788 -22.71 -5.26 43.98
CA GLY A 3788 -22.64 -5.32 42.52
C GLY A 3788 -21.79 -4.25 41.87
N GLU A 3789 -22.13 -2.99 42.13
CA GLU A 3789 -21.48 -1.86 41.49
C GLU A 3789 -20.44 -1.15 42.38
N ALA A 3790 -20.74 0.04 42.88
CA ALA A 3790 -19.79 0.75 43.72
C ALA A 3790 -19.51 -0.03 44.99
N GLU A 3791 -20.49 -0.80 45.43
CA GLU A 3791 -20.33 -1.62 46.62
C GLU A 3791 -19.27 -2.71 46.42
N LYS A 3792 -19.11 -3.17 45.19
CA LYS A 3792 -18.24 -4.31 44.90
C LYS A 3792 -16.80 -3.97 45.26
N MET A 3793 -16.48 -2.69 45.25
CA MET A 3793 -15.14 -2.23 45.56
C MET A 3793 -15.07 -1.43 46.86
N GLU A 3794 -16.03 -0.53 47.07
CA GLU A 3794 -16.03 0.25 48.30
C GLU A 3794 -16.22 -0.62 49.52
N LEU A 3795 -17.09 -1.62 49.42
CA LEU A 3795 -17.23 -2.58 50.50
C LEU A 3795 -15.95 -3.37 50.61
N PHE A 3796 -15.30 -3.58 49.47
CA PHE A 3796 -14.07 -4.31 49.51
C PHE A 3796 -12.96 -3.64 50.26
N VAL A 3797 -12.91 -2.31 50.16
CA VAL A 3797 -11.82 -1.62 50.80
C VAL A 3797 -12.26 -1.31 52.22
N SER A 3798 -13.56 -1.44 52.44
CA SER A 3798 -14.07 -1.40 53.80
C SER A 3798 -13.54 -2.64 54.52
N PHE A 3799 -13.66 -3.78 53.85
CA PHE A 3799 -13.08 -5.02 54.34
C PHE A 3799 -11.57 -4.99 54.43
N CYS A 3800 -10.93 -4.27 53.53
CA CYS A 3800 -9.49 -4.19 53.56
C CYS A 3800 -9.07 -3.44 54.79
N GLU A 3801 -9.77 -2.35 55.09
CA GLU A 3801 -9.50 -1.57 56.29
C GLU A 3801 -9.84 -2.31 57.59
N ASP A 3802 -10.85 -3.18 57.52
CA ASP A 3802 -11.16 -4.02 58.66
C ASP A 3802 -10.05 -5.03 58.90
N THR A 3803 -9.55 -5.60 57.80
CA THR A 3803 -8.47 -6.55 57.92
C THR A 3803 -7.20 -5.84 58.39
N ILE A 3804 -7.09 -4.56 58.04
CA ILE A 3804 -5.98 -3.76 58.52
C ILE A 3804 -6.04 -3.62 60.00
N PHE A 3805 -7.23 -3.28 60.49
CA PHE A 3805 -7.33 -3.03 61.91
C PHE A 3805 -7.09 -4.34 62.63
N GLU A 3806 -7.47 -5.45 62.01
CA GLU A 3806 -7.23 -6.76 62.59
C GLU A 3806 -5.76 -7.10 62.67
N MET A 3807 -5.03 -6.89 61.58
CA MET A 3807 -3.61 -7.17 61.59
C MET A 3807 -2.89 -6.26 62.55
N GLN A 3808 -3.38 -5.04 62.69
CA GLN A 3808 -2.85 -4.13 63.68
C GLN A 3808 -3.10 -4.68 65.07
N ILE A 3809 -4.25 -5.34 65.26
CA ILE A 3809 -4.52 -6.00 66.52
C ILE A 3809 -3.53 -7.14 66.73
N ALA A 3810 -3.14 -7.81 65.66
CA ALA A 3810 -2.15 -8.86 65.77
C ALA A 3810 -0.79 -8.28 66.16
N ALA A 3811 -0.53 -7.07 65.68
CA ALA A 3811 0.67 -6.34 66.05
C ALA A 3811 0.62 -5.97 67.53
N GLN A 3812 -0.59 -5.77 68.02
CA GLN A 3812 -0.82 -5.45 69.41
C GLN A 3812 -0.78 -6.72 70.26
N ILE A 3813 -0.77 -7.86 69.59
CA ILE A 3813 -0.66 -9.15 70.25
C ILE A 3813 0.55 -9.92 69.73
N GLU A 4107 1.75 -2.43 85.63
CA GLU A 4107 0.50 -2.45 84.88
C GLU A 4107 0.70 -3.12 83.52
N VAL A 4108 1.95 -3.22 83.10
CA VAL A 4108 2.27 -3.83 81.81
C VAL A 4108 1.84 -5.30 81.80
N GLN A 4109 1.92 -5.94 82.96
CA GLN A 4109 1.51 -7.33 83.10
C GLN A 4109 0.02 -7.47 82.81
N ARG A 4110 -0.74 -6.43 83.12
CA ARG A 4110 -2.17 -6.44 82.84
C ARG A 4110 -2.41 -6.48 81.36
N VAL A 4111 -1.72 -5.60 80.63
CA VAL A 4111 -1.86 -5.54 79.18
C VAL A 4111 -1.37 -6.82 78.52
N LYS A 4112 -0.34 -7.43 79.11
CA LYS A 4112 0.22 -8.63 78.52
C LYS A 4112 -0.69 -9.84 78.70
N PHE A 4113 -1.16 -10.01 79.94
CA PHE A 4113 -2.07 -11.11 80.23
C PHE A 4113 -3.39 -10.91 79.50
N LEU A 4114 -3.77 -9.65 79.33
CA LEU A 4114 -4.95 -9.31 78.54
C LEU A 4114 -4.76 -9.63 77.07
N ASN A 4115 -3.52 -9.51 76.59
CA ASN A 4115 -3.23 -9.82 75.20
C ASN A 4115 -3.22 -11.32 74.94
N TYR A 4116 -2.60 -12.08 75.83
CA TYR A 4116 -2.67 -13.52 75.70
C TYR A 4116 -4.11 -13.98 75.87
N LEU A 4117 -4.83 -13.26 76.71
CA LEU A 4117 -6.24 -13.57 76.96
C LEU A 4117 -7.05 -13.30 75.70
N SER A 4118 -6.58 -12.33 74.91
CA SER A 4118 -7.27 -11.97 73.69
C SER A 4118 -6.97 -12.93 72.53
N ARG A 4119 -5.70 -13.32 72.40
CA ARG A 4119 -5.30 -14.23 71.33
C ARG A 4119 -5.88 -15.63 71.54
N ASN A 4120 -6.17 -15.97 72.79
CA ASN A 4120 -6.65 -17.29 73.15
C ASN A 4120 -8.18 -17.37 73.14
N PHE A 4121 -8.81 -16.30 72.67
CA PHE A 4121 -10.25 -16.10 72.84
C PHE A 4121 -11.15 -17.19 72.25
N TYR A 4122 -10.75 -17.79 71.14
CA TYR A 4122 -11.59 -18.84 70.55
C TYR A 4122 -11.48 -20.16 71.30
N THR A 4123 -10.26 -20.52 71.68
CA THR A 4123 -10.06 -21.71 72.49
C THR A 4123 -10.74 -21.50 73.83
N LEU A 4124 -10.76 -20.25 74.26
CA LEU A 4124 -11.45 -19.86 75.48
C LEU A 4124 -12.96 -20.02 75.38
N ARG A 4125 -13.49 -19.68 74.22
CA ARG A 4125 -14.92 -19.76 73.98
C ARG A 4125 -15.34 -21.22 73.92
N PHE A 4126 -14.53 -22.00 73.21
CA PHE A 4126 -14.79 -23.43 73.07
C PHE A 4126 -14.67 -24.09 74.42
N LEU A 4127 -13.76 -23.59 75.25
CA LEU A 4127 -13.63 -24.06 76.61
C LEU A 4127 -14.87 -23.73 77.43
N ALA A 4128 -15.47 -22.58 77.17
CA ALA A 4128 -16.70 -22.23 77.88
C ALA A 4128 -17.82 -23.17 77.48
N LEU A 4129 -17.86 -23.50 76.20
CA LEU A 4129 -18.86 -24.44 75.71
C LEU A 4129 -18.66 -25.83 76.31
N PHE A 4130 -17.39 -26.20 76.50
CA PHE A 4130 -17.05 -27.48 77.10
C PHE A 4130 -17.48 -27.52 78.56
N LEU A 4131 -17.29 -26.41 79.25
CA LEU A 4131 -17.73 -26.31 80.62
C LEU A 4131 -19.24 -26.40 80.66
N ALA A 4132 -19.89 -25.89 79.62
CA ALA A 4132 -21.34 -25.96 79.58
C ALA A 4132 -21.80 -27.40 79.44
N PHE A 4133 -21.22 -28.15 78.51
CA PHE A 4133 -21.61 -29.55 78.37
C PHE A 4133 -21.32 -30.36 79.61
N ALA A 4134 -20.17 -30.12 80.23
CA ALA A 4134 -19.79 -30.96 81.35
C ALA A 4134 -20.64 -30.65 82.57
N ILE A 4135 -20.75 -29.37 82.89
CA ILE A 4135 -21.49 -28.97 84.07
C ILE A 4135 -22.95 -29.33 83.93
N ASN A 4136 -23.52 -29.01 82.77
CA ASN A 4136 -24.94 -29.29 82.60
C ASN A 4136 -25.17 -30.80 82.57
N PHE A 4137 -24.17 -31.54 82.10
CA PHE A 4137 -24.26 -32.99 82.17
C PHE A 4137 -24.28 -33.46 83.62
N ILE A 4138 -23.58 -32.73 84.48
CA ILE A 4138 -23.70 -33.01 85.91
C ILE A 4138 -25.10 -32.61 86.41
N LEU A 4139 -25.71 -31.62 85.75
CA LEU A 4139 -27.09 -31.23 86.06
C LEU A 4139 -28.07 -32.32 85.67
N LEU A 4140 -27.65 -33.20 84.77
CA LEU A 4140 -28.52 -34.28 84.32
C LEU A 4140 -28.86 -35.25 85.46
N PHE A 4141 -28.07 -35.23 86.53
CA PHE A 4141 -28.28 -36.12 87.67
C PHE A 4141 -29.28 -35.68 88.76
N TYR A 4142 -29.92 -34.53 88.61
CA TYR A 4142 -30.82 -33.98 89.63
C TYR A 4142 -32.04 -34.83 89.93
N LYS A 4143 -32.52 -34.75 91.17
CA LYS A 4143 -33.59 -35.60 91.68
C LYS A 4143 -34.34 -34.86 92.81
N VAL A 4144 -35.54 -35.31 93.15
CA VAL A 4144 -36.33 -34.65 94.19
C VAL A 4144 -36.90 -35.65 95.20
N SER A 4145 -37.03 -35.21 96.46
CA SER A 4145 -37.63 -36.03 97.50
C SER A 4145 -38.74 -35.27 98.23
N VAL A 4190 -38.43 -30.22 97.33
CA VAL A 4190 -37.04 -30.16 97.76
C VAL A 4190 -36.10 -30.71 96.69
N TYR A 4191 -35.48 -29.82 95.93
CA TYR A 4191 -34.54 -30.21 94.88
C TYR A 4191 -33.32 -30.86 95.51
N TYR A 4192 -32.77 -31.87 94.84
CA TYR A 4192 -31.65 -32.62 95.39
C TYR A 4192 -30.70 -33.10 94.30
N PHE A 4193 -29.43 -33.21 94.63
CA PHE A 4193 -28.42 -33.67 93.69
C PHE A 4193 -28.10 -35.14 93.91
N LEU A 4194 -28.77 -36.02 93.17
CA LEU A 4194 -28.60 -37.46 93.35
C LEU A 4194 -27.39 -37.97 92.59
N GLU A 4195 -26.21 -37.68 93.12
CA GLU A 4195 -24.97 -38.15 92.55
C GLU A 4195 -24.84 -39.67 92.60
N GLU A 4196 -24.39 -40.25 91.49
CA GLU A 4196 -23.99 -41.65 91.46
C GLU A 4196 -22.58 -41.75 92.04
N SER A 4197 -22.27 -42.88 92.68
CA SER A 4197 -20.92 -43.14 93.21
C SER A 4197 -20.36 -42.01 94.08
N THR A 4198 -19.36 -41.30 93.54
CA THR A 4198 -18.57 -40.35 94.31
C THR A 4198 -19.37 -39.17 94.86
N GLY A 4199 -19.05 -38.79 96.09
CA GLY A 4199 -19.67 -37.64 96.73
C GLY A 4199 -19.05 -36.28 96.48
N TYR A 4200 -17.83 -36.25 95.93
CA TYR A 4200 -17.14 -34.98 95.72
C TYR A 4200 -17.52 -34.30 94.41
N MET A 4201 -18.27 -35.01 93.58
CA MET A 4201 -18.67 -34.43 92.30
C MET A 4201 -19.61 -33.24 92.48
N GLU A 4202 -20.42 -33.25 93.54
CA GLU A 4202 -21.27 -32.10 93.83
C GLU A 4202 -20.41 -30.84 94.09
N PRO A 4203 -19.37 -30.94 94.95
CA PRO A 4203 -18.43 -29.82 95.00
C PRO A 4203 -17.78 -29.53 93.65
N ALA A 4204 -17.56 -30.56 92.85
CA ALA A 4204 -16.97 -30.33 91.54
C ALA A 4204 -17.89 -29.48 90.67
N LEU A 4205 -19.20 -29.60 90.88
CA LEU A 4205 -20.16 -28.73 90.21
C LEU A 4205 -19.96 -27.28 90.64
N TRP A 4206 -19.59 -27.09 91.90
CA TRP A 4206 -19.36 -25.76 92.44
C TRP A 4206 -18.11 -25.15 91.83
N CYS A 4207 -17.06 -25.95 91.76
CA CYS A 4207 -15.79 -25.49 91.23
C CYS A 4207 -15.92 -25.18 89.75
N LEU A 4208 -16.54 -26.09 89.02
CA LEU A 4208 -16.77 -25.89 87.60
C LEU A 4208 -17.71 -24.73 87.34
N SER A 4209 -18.64 -24.48 88.24
CA SER A 4209 -19.59 -23.39 88.05
C SER A 4209 -18.90 -22.05 88.24
N LEU A 4210 -18.15 -21.91 89.32
CA LEU A 4210 -17.44 -20.64 89.55
C LEU A 4210 -16.43 -20.43 88.44
N LEU A 4211 -15.82 -21.53 88.03
CA LEU A 4211 -14.83 -21.47 86.98
C LEU A 4211 -15.48 -21.10 85.66
N HIS A 4212 -16.75 -21.45 85.52
CA HIS A 4212 -17.48 -21.15 84.30
C HIS A 4212 -17.86 -19.70 84.24
N THR A 4213 -18.33 -19.16 85.37
CA THR A 4213 -18.66 -17.74 85.40
C THR A 4213 -17.38 -16.96 85.16
N LEU A 4214 -16.29 -17.52 85.66
CA LEU A 4214 -14.99 -16.92 85.48
C LEU A 4214 -14.60 -16.89 84.01
N VAL A 4215 -14.82 -18.00 83.31
CA VAL A 4215 -14.54 -18.08 81.89
C VAL A 4215 -15.47 -17.16 81.10
N ALA A 4216 -16.67 -16.94 81.62
CA ALA A 4216 -17.63 -16.10 80.93
C ALA A 4216 -17.21 -14.64 81.00
N PHE A 4217 -16.92 -14.16 82.20
CA PHE A 4217 -16.45 -12.79 82.31
C PHE A 4217 -15.10 -12.61 81.62
N LEU A 4218 -14.28 -13.64 81.70
CA LEU A 4218 -12.97 -13.58 81.10
C LEU A 4218 -13.06 -13.53 79.58
N CYS A 4219 -14.11 -14.14 79.03
CA CYS A 4219 -14.22 -14.15 77.58
C CYS A 4219 -14.93 -12.90 77.11
N ILE A 4220 -15.88 -12.36 77.88
CA ILE A 4220 -16.43 -11.07 77.45
C ILE A 4220 -15.39 -9.97 77.55
N ILE A 4221 -14.55 -10.02 78.59
CA ILE A 4221 -13.50 -9.02 78.71
C ILE A 4221 -12.45 -9.26 77.64
N GLY A 4222 -12.31 -10.51 77.18
CA GLY A 4222 -11.42 -10.75 76.07
C GLY A 4222 -11.96 -10.23 74.76
N TYR A 4223 -13.27 -10.32 74.61
CA TYR A 4223 -13.96 -9.80 73.44
C TYR A 4223 -13.85 -8.29 73.44
N ASN A 4224 -13.79 -7.72 74.64
CA ASN A 4224 -13.73 -6.29 74.81
C ASN A 4224 -12.45 -5.69 74.26
N CYS A 4225 -11.40 -6.49 74.24
CA CYS A 4225 -10.10 -6.01 73.79
C CYS A 4225 -9.69 -6.63 72.46
N LEU A 4226 -10.64 -7.27 71.80
CA LEU A 4226 -10.35 -7.89 70.51
C LEU A 4226 -11.25 -7.32 69.43
N LYS A 4227 -12.40 -7.94 69.21
CA LYS A 4227 -13.33 -7.48 68.18
C LYS A 4227 -13.98 -6.13 68.48
N VAL A 4228 -14.15 -5.79 69.75
CA VAL A 4228 -14.78 -4.52 70.12
C VAL A 4228 -14.06 -3.31 69.54
N PRO A 4229 -12.72 -3.25 69.68
CA PRO A 4229 -12.05 -2.13 69.01
C PRO A 4229 -12.30 -2.13 67.51
N LEU A 4230 -12.44 -3.30 66.90
CA LEU A 4230 -12.81 -3.33 65.49
C LEU A 4230 -14.20 -2.78 65.22
N VAL A 4231 -15.14 -2.99 66.13
CA VAL A 4231 -16.48 -2.47 65.94
C VAL A 4231 -16.47 -0.96 66.04
N ILE A 4232 -15.71 -0.49 67.03
CA ILE A 4232 -15.55 0.94 67.20
C ILE A 4232 -14.89 1.51 65.97
N PHE A 4233 -13.99 0.73 65.41
CA PHE A 4233 -13.31 1.12 64.19
C PHE A 4233 -14.26 1.23 63.03
N LYS A 4234 -15.26 0.37 62.99
CA LYS A 4234 -16.17 0.37 61.88
C LYS A 4234 -17.13 1.52 61.99
N ARG A 4235 -17.69 1.75 63.17
CA ARG A 4235 -18.61 2.88 63.30
C ARG A 4235 -17.89 4.22 63.19
N GLU A 4236 -16.66 4.32 63.69
CA GLU A 4236 -15.87 5.53 63.48
C GLU A 4236 -15.53 5.70 62.02
N LYS A 4237 -15.37 4.59 61.32
CA LYS A 4237 -15.01 4.65 59.91
C LYS A 4237 -16.17 5.16 59.09
N GLU A 4238 -17.33 4.55 59.30
CA GLU A 4238 -18.51 4.94 58.58
C GLU A 4238 -18.90 6.36 58.95
N LEU A 4239 -18.68 6.72 60.21
CA LEU A 4239 -19.11 8.03 60.65
C LEU A 4239 -18.22 9.08 60.05
N ALA A 4240 -16.91 8.85 60.12
CA ALA A 4240 -15.96 9.82 59.60
C ALA A 4240 -16.09 9.96 58.09
N ARG A 4241 -16.41 8.86 57.42
CA ARG A 4241 -16.66 8.93 56.00
C ARG A 4241 -17.94 9.71 55.72
N LYS A 4242 -18.94 9.55 56.58
CA LYS A 4242 -20.18 10.31 56.46
C LYS A 4242 -20.02 11.79 56.69
N LEU A 4243 -19.08 12.19 57.53
CA LEU A 4243 -18.79 13.60 57.71
C LEU A 4243 -17.95 14.15 56.58
N GLU A 4244 -16.94 13.39 56.19
CA GLU A 4244 -15.98 13.83 55.20
C GLU A 4244 -16.60 13.97 53.82
N PHE A 4245 -17.60 13.15 53.53
CA PHE A 4245 -18.30 13.20 52.26
C PHE A 4245 -19.80 13.41 52.42
N ASP A 4246 -20.41 12.57 53.27
CA ASP A 4246 -21.85 12.58 53.48
C ASP A 4246 -22.35 13.90 54.07
N GLY A 4247 -21.61 14.43 55.03
CA GLY A 4247 -22.03 15.64 55.71
C GLY A 4247 -23.39 15.48 56.34
N LEU A 4248 -23.64 14.30 56.91
CA LEU A 4248 -24.93 13.99 57.51
C LEU A 4248 -25.21 14.92 58.68
N TYR A 4249 -24.18 15.19 59.49
CA TYR A 4249 -24.31 16.13 60.58
C TYR A 4249 -24.14 17.53 60.05
N ILE A 4250 -23.18 17.72 59.15
CA ILE A 4250 -23.00 19.03 58.54
C ILE A 4250 -24.21 19.39 57.71
N THR A 4251 -24.74 18.43 56.96
CA THR A 4251 -25.99 18.66 56.23
C THR A 4251 -27.16 17.74 56.61
N GLU A 4252 -26.95 16.44 56.53
CA GLU A 4252 -28.04 15.45 56.57
C GLU A 4252 -28.87 15.36 57.84
N GLN A 4253 -28.22 15.37 59.01
CA GLN A 4253 -28.93 15.28 60.29
C GLN A 4253 -29.36 13.83 60.62
N PRO A 4254 -30.09 13.68 61.82
CA PRO A 4254 -30.54 12.31 62.06
C PRO A 4254 -32.06 12.20 61.97
N GLY A 4255 -32.58 11.23 61.22
CA GLY A 4255 -34.02 11.14 61.01
C GLY A 4255 -34.75 9.86 61.35
N ASP A 4256 -35.86 10.02 62.07
CA ASP A 4256 -36.90 9.00 62.24
C ASP A 4256 -36.32 7.59 62.18
N ASP A 4257 -35.21 7.45 61.45
CA ASP A 4257 -34.46 6.22 61.39
C ASP A 4257 -33.02 6.53 61.73
N ASP A 4258 -32.13 5.54 61.59
CA ASP A 4258 -30.71 5.72 61.89
C ASP A 4258 -30.53 6.19 63.33
N VAL A 4259 -31.24 5.56 64.25
CA VAL A 4259 -31.21 5.99 65.65
C VAL A 4259 -29.82 5.85 66.24
N LYS A 4260 -29.04 4.89 65.74
CA LYS A 4260 -27.64 4.77 66.15
C LYS A 4260 -26.87 5.98 65.63
N GLY A 4261 -27.29 6.51 64.49
CA GLY A 4261 -26.68 7.71 63.96
C GLY A 4261 -27.08 8.93 64.76
N GLN A 4262 -28.30 8.89 65.30
CA GLN A 4262 -28.73 9.93 66.23
C GLN A 4262 -27.89 9.86 67.49
N TRP A 4263 -27.49 8.63 67.84
CA TRP A 4263 -26.56 8.38 68.93
C TRP A 4263 -25.16 8.88 68.59
N ASP A 4264 -24.87 8.93 67.29
CA ASP A 4264 -23.52 9.25 66.83
C ASP A 4264 -23.14 10.71 67.02
N ARG A 4265 -24.10 11.56 67.31
CA ARG A 4265 -23.82 12.97 67.48
C ARG A 4265 -22.85 13.11 68.64
N LEU A 4266 -23.05 12.27 69.66
CA LEU A 4266 -22.32 12.38 70.90
C LEU A 4266 -20.80 12.29 70.76
N VAL A 4267 -20.31 11.57 69.77
CA VAL A 4267 -18.88 11.31 69.69
C VAL A 4267 -18.12 12.37 68.89
N LEU A 4268 -18.81 13.04 67.98
CA LEU A 4268 -18.16 14.02 67.11
C LEU A 4268 -17.59 15.20 67.90
N ASN A 4269 -18.19 15.47 69.05
CA ASN A 4269 -17.69 16.52 69.94
C ASN A 4269 -16.32 16.14 70.49
N THR A 4270 -16.06 14.85 70.61
CA THR A 4270 -14.88 14.33 71.29
C THR A 4270 -13.55 14.59 70.57
N PRO A 4271 -12.56 15.12 71.30
CA PRO A 4271 -11.17 15.28 70.84
C PRO A 4271 -10.50 13.96 70.44
N SER A 4272 -10.88 12.87 71.10
CA SER A 4272 -10.27 11.56 70.90
C SER A 4272 -10.96 10.75 69.81
N PHE A 4273 -11.77 11.42 69.00
CA PHE A 4273 -12.68 10.76 68.07
C PHE A 4273 -12.04 9.72 67.13
N PRO A 4274 -10.91 10.04 66.48
CA PRO A 4274 -10.30 8.93 65.72
C PRO A 4274 -9.47 7.99 66.61
N SER A 4275 -10.06 7.47 67.68
CA SER A 4275 -9.30 6.67 68.66
C SER A 4275 -8.74 5.36 68.11
N ASN A 4276 -9.40 4.78 67.13
CA ASN A 4276 -8.99 3.49 66.59
C ASN A 4276 -8.94 3.50 65.08
N TYR A 4277 -9.31 4.63 64.50
CA TYR A 4277 -9.42 4.75 63.07
C TYR A 4277 -8.06 5.10 62.47
N TRP A 4278 -7.05 5.24 63.34
CA TRP A 4278 -5.65 5.44 62.96
C TRP A 4278 -5.40 6.55 61.95
N ASP A 4279 -6.31 7.50 61.85
CA ASP A 4279 -6.11 8.60 60.92
C ASP A 4279 -6.68 9.87 61.52
N LYS A 4280 -5.88 10.46 62.40
CA LYS A 4280 -6.32 11.51 63.31
C LYS A 4280 -6.75 12.79 62.58
N PHE A 4281 -6.23 12.98 61.38
CA PHE A 4281 -6.36 14.25 60.67
C PHE A 4281 -7.80 14.60 60.33
N VAL A 4282 -8.63 13.57 60.18
CA VAL A 4282 -9.91 13.69 59.50
C VAL A 4282 -10.72 14.83 60.05
N LYS A 4283 -10.67 14.97 61.36
CA LYS A 4283 -11.52 15.94 62.03
C LYS A 4283 -11.25 17.32 61.45
N ARG A 4284 -10.00 17.75 61.47
CA ARG A 4284 -9.72 19.09 60.98
C ARG A 4284 -10.06 19.15 59.51
N LYS A 4285 -9.77 18.05 58.82
CA LYS A 4285 -9.93 18.05 57.39
C LYS A 4285 -11.41 18.21 57.06
N VAL A 4286 -12.27 17.78 57.96
CA VAL A 4286 -13.69 17.88 57.67
C VAL A 4286 -14.11 19.34 57.52
N LEU A 4287 -13.52 20.22 58.31
CA LEU A 4287 -13.94 21.61 58.20
C LEU A 4287 -13.51 22.14 56.84
N ASP A 4288 -12.37 21.66 56.34
CA ASP A 4288 -11.90 22.07 55.03
C ASP A 4288 -12.87 21.61 53.96
N LYS A 4289 -13.52 20.49 54.21
CA LYS A 4289 -14.47 19.97 53.24
C LYS A 4289 -15.81 20.67 53.39
N HIS A 4290 -16.00 21.38 54.50
CA HIS A 4290 -17.35 21.82 54.84
C HIS A 4290 -17.50 23.18 55.51
N GLY A 4291 -16.41 23.73 56.06
CA GLY A 4291 -16.54 24.97 56.79
C GLY A 4291 -16.76 26.14 55.86
N ASP A 4292 -16.37 25.96 54.60
CA ASP A 4292 -16.65 26.94 53.56
C ASP A 4292 -18.14 27.03 53.25
N ILE A 4293 -18.85 25.92 53.42
CA ILE A 4293 -20.23 25.81 52.97
C ILE A 4293 -21.18 26.75 53.72
N PHE A 4294 -20.90 27.00 55.00
CA PHE A 4294 -21.79 27.82 55.80
C PHE A 4294 -21.19 28.38 57.09
N GLY A 4295 -20.36 27.59 57.77
CA GLY A 4295 -19.83 28.03 59.05
C GLY A 4295 -18.54 27.37 59.43
N ARG A 4296 -17.43 28.08 59.21
CA ARG A 4296 -16.13 27.58 59.63
C ARG A 4296 -16.06 27.43 61.14
N GLU A 4297 -16.45 28.48 61.85
CA GLU A 4297 -16.47 28.43 63.31
C GLU A 4297 -17.52 27.46 63.82
N ARG A 4298 -18.60 27.29 63.08
CA ARG A 4298 -19.67 26.41 63.53
C ARG A 4298 -19.19 24.97 63.57
N ILE A 4299 -18.55 24.54 62.48
CA ILE A 4299 -17.96 23.21 62.43
C ILE A 4299 -16.77 23.12 63.39
N ALA A 4300 -16.11 24.25 63.59
CA ALA A 4300 -14.95 24.28 64.48
C ALA A 4300 -15.39 23.98 65.91
N GLU A 4301 -16.62 24.38 66.23
CA GLU A 4301 -17.21 24.07 67.51
C GLU A 4301 -17.78 22.67 67.51
N LEU A 4302 -18.38 22.27 66.40
CA LEU A 4302 -19.04 20.98 66.30
C LEU A 4302 -18.04 19.84 66.47
N LEU A 4303 -16.82 20.02 65.98
CA LEU A 4303 -15.78 19.03 66.16
C LEU A 4303 -14.84 19.41 67.30
N GLY A 4304 -15.13 20.52 67.96
CA GLY A 4304 -14.30 20.99 69.06
C GLY A 4304 -12.97 21.52 68.58
N LEU A 4327 -4.26 8.03 89.95
CA LEU A 4327 -3.18 8.73 89.25
C LEU A 4327 -3.74 9.82 88.33
N THR A 4328 -2.89 10.30 87.44
CA THR A 4328 -3.29 11.31 86.45
C THR A 4328 -4.32 10.73 85.48
N TRP A 4329 -4.29 9.41 85.35
CA TRP A 4329 -5.15 8.69 84.41
C TRP A 4329 -6.61 8.95 84.72
N LEU A 4330 -6.90 9.20 85.99
CA LEU A 4330 -8.28 9.42 86.43
C LEU A 4330 -8.87 10.62 85.72
N MET A 4331 -8.03 11.58 85.37
CA MET A 4331 -8.49 12.74 84.62
C MET A 4331 -8.35 12.56 83.11
N SER A 4332 -7.46 11.65 82.70
CA SER A 4332 -7.04 11.58 81.31
C SER A 4332 -8.13 11.20 80.31
N ILE A 4333 -9.06 10.36 80.74
CA ILE A 4333 -10.11 9.86 79.85
C ILE A 4333 -11.15 10.92 79.47
N ASP A 4334 -11.60 10.87 78.23
CA ASP A 4334 -12.75 11.64 77.80
C ASP A 4334 -14.03 11.04 78.33
N VAL A 4335 -15.04 11.88 78.55
CA VAL A 4335 -16.29 11.42 79.14
C VAL A 4335 -17.28 10.95 78.07
N LYS A 4336 -17.61 11.81 77.13
CA LYS A 4336 -18.61 11.50 76.12
C LYS A 4336 -18.21 10.35 75.21
N TYR A 4337 -16.91 10.25 74.90
CA TYR A 4337 -16.45 9.18 74.03
C TYR A 4337 -16.61 7.82 74.66
N GLN A 4338 -16.49 7.75 75.97
CA GLN A 4338 -16.61 6.47 76.65
C GLN A 4338 -18.04 6.03 76.79
N ILE A 4339 -18.94 6.99 76.98
CA ILE A 4339 -20.36 6.68 77.05
C ILE A 4339 -20.86 6.25 75.69
N TRP A 4340 -20.45 7.01 74.67
CA TRP A 4340 -20.79 6.68 73.30
C TRP A 4340 -20.19 5.35 72.89
N LYS A 4341 -19.01 5.06 73.41
CA LYS A 4341 -18.34 3.81 73.09
C LYS A 4341 -19.06 2.65 73.75
N PHE A 4342 -19.52 2.85 74.97
CA PHE A 4342 -20.30 1.83 75.65
C PHE A 4342 -21.61 1.61 74.91
N GLY A 4343 -22.13 2.65 74.30
CA GLY A 4343 -23.32 2.46 73.49
C GLY A 4343 -23.03 1.70 72.22
N VAL A 4344 -21.88 1.96 71.60
CA VAL A 4344 -21.53 1.23 70.38
C VAL A 4344 -21.30 -0.24 70.69
N ILE A 4345 -20.78 -0.48 71.89
CA ILE A 4345 -20.48 -1.83 72.33
C ILE A 4345 -21.76 -2.60 72.65
N PHE A 4346 -22.64 -1.95 73.41
CA PHE A 4346 -23.91 -2.60 73.77
C PHE A 4346 -24.82 -2.81 72.56
N THR A 4347 -24.77 -1.90 71.60
CA THR A 4347 -25.58 -2.07 70.39
C THR A 4347 -25.08 -3.23 69.53
N ASP A 4348 -23.81 -3.59 69.66
CA ASP A 4348 -23.30 -4.73 68.89
C ASP A 4348 -24.04 -5.97 69.36
N ASN A 4349 -24.49 -6.78 68.40
CA ASN A 4349 -25.25 -7.97 68.75
C ASN A 4349 -24.41 -9.02 69.48
N SER A 4350 -23.14 -9.10 69.12
CA SER A 4350 -22.29 -10.17 69.63
C SER A 4350 -21.97 -9.96 71.10
N PHE A 4351 -21.57 -8.73 71.46
CA PHE A 4351 -21.27 -8.45 72.84
C PHE A 4351 -22.53 -8.52 73.69
N LEU A 4352 -23.66 -8.18 73.11
CA LEU A 4352 -24.91 -8.30 73.82
C LEU A 4352 -25.19 -9.77 74.09
N TYR A 4353 -24.78 -10.62 73.16
CA TYR A 4353 -25.00 -12.05 73.35
C TYR A 4353 -24.08 -12.64 74.40
N LEU A 4354 -22.79 -12.33 74.33
CA LEU A 4354 -21.84 -12.84 75.30
C LEU A 4354 -22.13 -12.28 76.69
N GLY A 4355 -22.62 -11.05 76.74
CA GLY A 4355 -22.97 -10.44 78.00
C GLY A 4355 -24.21 -11.07 78.59
N TRP A 4356 -25.16 -11.42 77.73
CA TRP A 4356 -26.33 -12.15 78.18
C TRP A 4356 -25.92 -13.53 78.70
N TYR A 4357 -24.91 -14.08 78.05
CA TYR A 4357 -24.36 -15.37 78.43
C TYR A 4357 -23.71 -15.27 79.80
N MET A 4358 -23.14 -14.09 80.08
CA MET A 4358 -22.54 -13.84 81.36
C MET A 4358 -23.58 -13.68 82.45
N VAL A 4359 -24.61 -12.88 82.18
CA VAL A 4359 -25.60 -12.63 83.21
C VAL A 4359 -26.36 -13.92 83.49
N MET A 4360 -26.51 -14.77 82.47
CA MET A 4360 -26.99 -16.13 82.72
C MET A 4360 -26.00 -16.99 83.49
N SER A 4361 -24.70 -16.73 83.35
CA SER A 4361 -23.76 -17.43 84.22
C SER A 4361 -23.93 -17.00 85.68
N LEU A 4362 -24.23 -15.72 85.89
CA LEU A 4362 -24.51 -15.20 87.21
C LEU A 4362 -25.80 -15.76 87.78
N LEU A 4363 -26.77 -15.97 86.91
CA LEU A 4363 -28.00 -16.63 87.33
C LEU A 4363 -27.69 -18.10 87.59
N GLY A 4364 -26.60 -18.57 87.01
CA GLY A 4364 -26.10 -19.90 87.32
C GLY A 4364 -25.52 -19.92 88.71
N HIS A 4365 -24.91 -18.80 89.11
CA HIS A 4365 -24.51 -18.64 90.49
C HIS A 4365 -25.74 -18.57 91.39
N TYR A 4366 -26.84 -18.06 90.85
CA TYR A 4366 -28.10 -18.04 91.61
C TYR A 4366 -28.80 -19.39 91.59
N ASN A 4367 -28.80 -20.04 90.43
CA ASN A 4367 -29.47 -21.32 90.28
C ASN A 4367 -28.90 -22.08 89.09
N ASN A 4368 -28.77 -23.39 89.23
CA ASN A 4368 -28.10 -24.18 88.22
C ASN A 4368 -28.87 -24.35 86.91
N PHE A 4369 -30.18 -24.15 86.93
CA PHE A 4369 -30.98 -24.36 85.72
C PHE A 4369 -31.08 -23.19 84.76
N PHE A 4370 -30.99 -21.97 85.27
CA PHE A 4370 -30.78 -20.83 84.39
C PHE A 4370 -29.41 -20.94 83.75
N PHE A 4371 -28.52 -21.62 84.48
CA PHE A 4371 -27.17 -21.91 84.04
C PHE A 4371 -27.18 -22.86 82.84
N ALA A 4372 -28.26 -23.61 82.74
CA ALA A 4372 -28.40 -24.69 81.76
C ALA A 4372 -28.80 -24.17 80.39
N ALA A 4373 -29.08 -22.87 80.30
CA ALA A 4373 -29.45 -22.23 79.05
C ALA A 4373 -28.22 -22.01 78.19
N HIS A 4374 -27.06 -22.28 78.76
CA HIS A 4374 -25.79 -22.10 78.07
C HIS A 4374 -25.54 -23.11 76.96
N LEU A 4375 -26.33 -24.17 76.92
CA LEU A 4375 -26.24 -25.11 75.81
C LEU A 4375 -26.60 -24.42 74.51
N LEU A 4376 -27.35 -23.33 74.62
CA LEU A 4376 -27.73 -22.52 73.48
C LEU A 4376 -26.51 -21.92 72.82
N ASP A 4377 -25.39 -21.88 73.55
CA ASP A 4377 -24.14 -21.38 73.01
C ASP A 4377 -23.74 -22.23 71.80
N ILE A 4378 -24.17 -23.49 71.78
CA ILE A 4378 -23.82 -24.37 70.67
C ILE A 4378 -24.45 -23.87 69.38
N ALA A 4379 -25.53 -23.10 69.50
CA ALA A 4379 -26.26 -22.58 68.35
C ALA A 4379 -25.37 -21.64 67.54
N MET A 4380 -24.41 -21.02 68.19
CA MET A 4380 -23.42 -20.23 67.49
C MET A 4380 -22.02 -20.59 67.96
N GLY A 4381 -21.89 -21.79 68.52
CA GLY A 4381 -20.60 -22.30 68.94
C GLY A 4381 -19.88 -22.96 67.78
N VAL A 4382 -20.23 -24.21 67.51
CA VAL A 4382 -19.65 -24.92 66.38
C VAL A 4382 -20.05 -24.25 65.07
N LYS A 4383 -19.11 -24.15 64.15
CA LYS A 4383 -19.37 -23.48 62.89
C LYS A 4383 -20.37 -24.25 62.04
N THR A 4384 -20.37 -25.58 62.18
CA THR A 4384 -21.20 -26.43 61.33
C THR A 4384 -22.70 -26.28 61.55
N LEU A 4385 -23.10 -25.95 62.77
CA LEU A 4385 -24.51 -25.89 63.09
C LEU A 4385 -25.06 -24.49 62.84
N ARG A 4386 -24.16 -23.52 62.87
CA ARG A 4386 -24.56 -22.14 62.66
C ARG A 4386 -25.13 -22.00 61.27
N THR A 4387 -24.60 -22.79 60.34
CA THR A 4387 -25.09 -22.77 58.97
C THR A 4387 -26.52 -23.28 58.94
N ILE A 4388 -26.83 -24.21 59.84
CA ILE A 4388 -28.15 -24.81 59.86
C ILE A 4388 -29.19 -23.88 60.48
N LEU A 4389 -28.89 -23.35 61.66
CA LEU A 4389 -29.83 -22.39 62.24
C LEU A 4389 -29.94 -21.10 61.44
N SER A 4390 -28.84 -20.68 60.82
CA SER A 4390 -28.89 -19.52 59.96
C SER A 4390 -29.71 -19.85 58.75
N SER A 4391 -29.67 -21.12 58.34
CA SER A 4391 -30.48 -21.57 57.23
C SER A 4391 -31.93 -21.41 57.63
N VAL A 4392 -32.19 -21.69 58.90
CA VAL A 4392 -33.53 -21.53 59.44
C VAL A 4392 -33.97 -20.06 59.49
N THR A 4393 -33.02 -19.17 59.73
CA THR A 4393 -33.39 -17.80 60.05
C THR A 4393 -33.36 -16.80 58.90
N HIS A 4394 -32.51 -17.01 57.90
CA HIS A 4394 -32.36 -15.98 56.88
C HIS A 4394 -33.66 -15.84 56.12
N ASN A 4395 -34.38 -16.95 56.04
CA ASN A 4395 -35.70 -16.97 55.42
C ASN A 4395 -36.77 -16.83 56.48
N GLY A 4396 -36.35 -16.60 57.72
CA GLY A 4396 -37.22 -16.79 58.85
C GLY A 4396 -38.28 -15.75 59.17
N LYS A 4397 -38.21 -14.57 58.58
CA LYS A 4397 -39.31 -13.62 58.78
C LYS A 4397 -40.57 -14.19 58.15
N GLN A 4398 -40.36 -14.89 57.04
CA GLN A 4398 -41.43 -15.55 56.31
C GLN A 4398 -42.00 -16.62 57.21
N LEU A 4399 -41.12 -17.21 58.02
CA LEU A 4399 -41.49 -18.32 58.88
C LEU A 4399 -42.31 -17.89 60.08
N VAL A 4400 -41.87 -16.81 60.72
CA VAL A 4400 -42.58 -16.30 61.87
C VAL A 4400 -43.93 -15.77 61.43
N MET A 4401 -43.93 -15.04 60.32
CA MET A 4401 -45.18 -14.48 59.86
C MET A 4401 -46.10 -15.61 59.42
N THR A 4402 -45.51 -16.70 58.93
CA THR A 4402 -46.30 -17.89 58.61
C THR A 4402 -46.92 -18.50 59.86
N VAL A 4403 -46.18 -18.44 60.96
CA VAL A 4403 -46.74 -18.91 62.23
C VAL A 4403 -47.91 -18.03 62.65
N GLY A 4404 -47.80 -16.74 62.35
CA GLY A 4404 -48.85 -15.83 62.72
C GLY A 4404 -50.08 -16.15 61.88
N LEU A 4405 -49.83 -16.51 60.62
CA LEU A 4405 -50.89 -16.91 59.73
C LEU A 4405 -51.55 -18.19 60.21
N LEU A 4406 -50.76 -19.06 60.82
CA LEU A 4406 -51.33 -20.27 61.39
C LEU A 4406 -52.24 -19.91 62.55
N ALA A 4407 -51.80 -18.94 63.36
CA ALA A 4407 -52.63 -18.52 64.47
C ALA A 4407 -53.93 -17.90 63.97
N VAL A 4408 -53.85 -17.21 62.84
CA VAL A 4408 -55.01 -16.54 62.29
C VAL A 4408 -56.02 -17.51 61.69
N VAL A 4409 -55.54 -18.45 60.89
CA VAL A 4409 -56.44 -19.42 60.29
C VAL A 4409 -57.08 -20.27 61.36
N VAL A 4410 -56.27 -20.63 62.35
CA VAL A 4410 -56.79 -21.42 63.45
C VAL A 4410 -57.81 -20.59 64.20
N TYR A 4411 -57.61 -19.29 64.24
CA TYR A 4411 -58.60 -18.43 64.85
C TYR A 4411 -59.90 -18.34 64.04
N LEU A 4412 -59.82 -18.44 62.72
CA LEU A 4412 -61.04 -18.40 61.93
C LEU A 4412 -61.82 -19.67 62.24
N TYR A 4413 -61.08 -20.77 62.32
CA TYR A 4413 -61.72 -22.02 62.68
C TYR A 4413 -62.24 -22.06 64.11
N THR A 4414 -61.60 -21.35 65.04
CA THR A 4414 -62.14 -21.27 66.38
C THR A 4414 -63.35 -20.36 66.38
N VAL A 4415 -63.47 -19.49 65.39
CA VAL A 4415 -64.69 -18.70 65.29
C VAL A 4415 -65.84 -19.59 64.86
N VAL A 4416 -65.63 -20.31 63.76
CA VAL A 4416 -66.74 -21.12 63.24
C VAL A 4416 -67.11 -22.23 64.23
N ALA A 4417 -66.09 -22.76 64.91
CA ALA A 4417 -66.32 -23.74 65.97
C ALA A 4417 -67.02 -23.09 67.15
N PHE A 4418 -66.72 -21.82 67.39
CA PHE A 4418 -67.34 -21.11 68.50
C PHE A 4418 -68.82 -20.98 68.23
N ASN A 4419 -69.16 -20.91 66.96
CA ASN A 4419 -70.57 -20.90 66.61
C ASN A 4419 -71.15 -22.28 66.49
N PHE A 4420 -71.07 -22.82 65.28
CA PHE A 4420 -71.92 -23.94 64.87
C PHE A 4420 -71.65 -25.24 65.62
N PHE A 4421 -70.41 -25.40 66.09
CA PHE A 4421 -69.93 -26.72 66.50
C PHE A 4421 -69.62 -26.79 68.00
N ARG A 4422 -70.22 -25.87 68.75
CA ARG A 4422 -69.91 -25.70 70.17
C ARG A 4422 -70.26 -26.90 71.04
N LYS A 4423 -71.28 -27.65 70.66
CA LYS A 4423 -71.74 -28.80 71.44
C LYS A 4423 -70.71 -29.93 71.44
N PHE A 4424 -69.82 -29.90 70.45
CA PHE A 4424 -68.88 -30.98 70.18
C PHE A 4424 -67.60 -30.99 71.05
N TYR A 4425 -67.40 -29.96 71.86
CA TYR A 4425 -66.18 -29.86 72.66
C TYR A 4425 -66.28 -30.32 74.11
N ASN A 4426 -66.90 -31.47 74.32
CA ASN A 4426 -66.96 -32.06 75.65
C ASN A 4426 -65.58 -32.45 76.17
N LYS A 4427 -65.33 -32.17 77.45
CA LYS A 4427 -64.12 -32.62 78.12
C LYS A 4427 -64.43 -33.83 78.99
N SER A 4428 -65.63 -34.38 78.80
CA SER A 4428 -66.16 -35.40 79.69
C SER A 4428 -65.35 -36.69 79.68
N GLU A 4429 -64.49 -36.85 80.68
CA GLU A 4429 -63.81 -38.11 80.89
C GLU A 4429 -64.87 -39.15 81.22
N ASP A 4430 -64.76 -40.33 80.62
CA ASP A 4430 -65.73 -41.41 80.80
C ASP A 4430 -67.17 -40.98 80.47
N GLU A 4431 -68.12 -41.88 80.70
CA GLU A 4431 -69.52 -41.61 80.39
C GLU A 4431 -70.20 -40.55 81.28
N ASP A 4432 -71.02 -39.71 80.64
CA ASP A 4432 -72.04 -38.90 81.29
C ASP A 4432 -71.63 -38.08 82.50
N GLU A 4433 -70.36 -37.66 82.56
CA GLU A 4433 -69.94 -36.74 83.60
C GLU A 4433 -70.44 -35.32 83.33
N PRO A 4434 -70.71 -34.56 84.39
CA PRO A 4434 -70.75 -33.12 84.16
C PRO A 4434 -69.34 -32.71 83.72
N ASP A 4435 -69.22 -31.75 82.82
CA ASP A 4435 -67.94 -31.59 82.15
C ASP A 4435 -67.63 -30.19 81.67
N MET A 4436 -66.34 -29.90 81.53
CA MET A 4436 -65.90 -28.74 80.80
C MET A 4436 -66.27 -28.92 79.34
N LYS A 4437 -66.66 -27.82 78.71
CA LYS A 4437 -66.87 -27.78 77.28
C LYS A 4437 -66.54 -26.36 76.89
N CYS A 4438 -65.45 -26.17 76.18
CA CYS A 4438 -64.91 -24.83 76.02
C CYS A 4438 -65.93 -23.94 75.34
N ASP A 4439 -66.12 -22.77 75.92
CA ASP A 4439 -67.21 -21.87 75.56
C ASP A 4439 -66.70 -20.44 75.60
N ASP A 4440 -65.72 -20.19 76.46
CA ASP A 4440 -65.00 -18.95 76.36
C ASP A 4440 -64.27 -19.01 75.03
N MET A 4441 -64.33 -17.93 74.27
CA MET A 4441 -63.70 -17.89 72.97
C MET A 4441 -62.20 -18.05 73.12
N MET A 4442 -61.68 -17.52 74.23
CA MET A 4442 -60.27 -17.62 74.54
C MET A 4442 -59.87 -19.05 74.86
N THR A 4443 -60.67 -19.72 75.68
CA THR A 4443 -60.37 -21.09 76.03
C THR A 4443 -60.52 -22.00 74.81
N CYS A 4444 -61.43 -21.64 73.93
CA CYS A 4444 -61.67 -22.47 72.75
C CYS A 4444 -60.51 -22.35 71.77
N TYR A 4445 -60.13 -21.11 71.47
CA TYR A 4445 -59.00 -20.86 70.59
C TYR A 4445 -57.72 -21.43 71.15
N LEU A 4446 -57.58 -21.35 72.47
CA LEU A 4446 -56.42 -21.91 73.12
C LEU A 4446 -56.46 -23.42 73.00
N PHE A 4447 -57.67 -23.98 73.01
CA PHE A 4447 -57.84 -25.41 72.79
C PHE A 4447 -57.48 -25.81 71.37
N HIS A 4448 -57.68 -24.90 70.42
CA HIS A 4448 -57.35 -25.22 69.05
C HIS A 4448 -55.85 -25.14 68.78
N MET A 4449 -55.19 -24.10 69.30
CA MET A 4449 -53.74 -24.09 69.17
C MET A 4449 -53.08 -25.20 69.99
N TYR A 4450 -53.69 -25.58 71.11
CA TYR A 4450 -53.07 -26.54 72.01
C TYR A 4450 -53.32 -27.96 71.54
N VAL A 4451 -54.24 -28.13 70.61
CA VAL A 4451 -54.65 -29.47 70.20
C VAL A 4451 -54.75 -29.61 68.69
N GLY A 4452 -55.57 -28.78 68.06
CA GLY A 4452 -55.83 -28.96 66.65
C GLY A 4452 -54.60 -28.71 65.80
N VAL A 4453 -53.79 -27.74 66.19
CA VAL A 4453 -52.49 -27.56 65.54
C VAL A 4453 -51.57 -28.73 65.85
N ARG A 4454 -51.67 -29.22 67.08
CA ARG A 4454 -50.80 -30.28 67.60
C ARG A 4454 -51.25 -31.71 67.42
N ALA A 4455 -52.43 -31.84 66.81
CA ALA A 4455 -53.14 -33.08 66.64
C ALA A 4455 -52.36 -34.06 65.80
N GLY A 4456 -51.63 -33.55 64.80
CA GLY A 4456 -50.96 -34.46 63.91
C GLY A 4456 -52.00 -35.37 63.29
N GLY A 4457 -52.97 -34.76 62.65
CA GLY A 4457 -54.11 -35.46 62.11
C GLY A 4457 -55.42 -34.82 62.52
N GLY A 4458 -55.40 -33.49 62.51
CA GLY A 4458 -56.60 -32.70 62.45
C GLY A 4458 -57.23 -32.48 63.80
N ILE A 4459 -58.18 -31.55 63.84
CA ILE A 4459 -58.95 -31.33 65.04
C ILE A 4459 -59.81 -32.54 65.39
N GLY A 4460 -60.41 -33.16 64.38
CA GLY A 4460 -61.51 -34.06 64.61
C GLY A 4460 -61.08 -35.26 65.39
N ASP A 4461 -59.78 -35.33 65.65
CA ASP A 4461 -59.21 -36.31 66.55
C ASP A 4461 -59.77 -36.04 67.93
N GLU A 4462 -59.96 -34.78 68.26
CA GLU A 4462 -60.38 -34.40 69.59
C GLU A 4462 -61.63 -33.55 69.49
N ILE A 4463 -62.70 -34.19 69.07
CA ILE A 4463 -64.02 -33.62 69.11
C ILE A 4463 -64.82 -34.89 69.06
N GLU A 4464 -66.07 -34.85 69.49
CA GLU A 4464 -66.86 -36.06 69.44
C GLU A 4464 -67.43 -36.12 68.04
N ASP A 4465 -67.01 -37.14 67.30
CA ASP A 4465 -67.19 -37.15 65.87
C ASP A 4465 -68.67 -37.07 65.58
N PRO A 4466 -69.03 -36.17 64.57
CA PRO A 4466 -70.48 -36.06 64.42
C PRO A 4466 -71.07 -37.39 64.02
N ALA A 4467 -72.12 -37.79 64.73
CA ALA A 4467 -72.94 -38.89 64.31
C ALA A 4467 -74.37 -38.38 64.30
N GLY A 4468 -75.04 -38.50 63.18
CA GLY A 4468 -76.44 -38.17 63.11
C GLY A 4468 -76.77 -36.69 63.13
N ASP A 4469 -75.77 -35.81 62.99
CA ASP A 4469 -76.12 -34.41 62.83
C ASP A 4469 -75.96 -33.97 61.38
N GLU A 4470 -76.76 -33.02 60.92
CA GLU A 4470 -76.47 -32.34 59.67
C GLU A 4470 -75.19 -31.52 59.86
N TYR A 4471 -75.04 -31.02 61.09
CA TYR A 4471 -73.85 -30.30 61.49
C TYR A 4471 -72.65 -31.23 61.57
N GLU A 4472 -72.93 -32.52 61.70
CA GLU A 4472 -71.91 -33.54 61.56
C GLU A 4472 -71.37 -33.49 60.15
N LEU A 4473 -72.28 -33.27 59.19
CA LEU A 4473 -71.91 -33.27 57.79
C LEU A 4473 -71.17 -32.00 57.45
N TYR A 4474 -71.63 -30.87 57.96
CA TYR A 4474 -70.86 -29.64 57.74
C TYR A 4474 -69.51 -29.68 58.43
N ARG A 4475 -69.43 -30.31 59.59
CA ARG A 4475 -68.15 -30.22 60.27
C ARG A 4475 -67.22 -31.29 59.76
N VAL A 4476 -67.70 -32.22 58.95
CA VAL A 4476 -66.71 -33.06 58.29
C VAL A 4476 -65.93 -32.17 57.33
N VAL A 4477 -66.64 -31.26 56.67
CA VAL A 4477 -65.99 -30.28 55.81
C VAL A 4477 -65.12 -29.36 56.64
N PHE A 4478 -65.57 -29.06 57.86
CA PHE A 4478 -64.78 -28.20 58.74
C PHE A 4478 -63.47 -28.86 59.13
N ASP A 4479 -63.57 -30.11 59.56
CA ASP A 4479 -62.45 -30.91 60.01
C ASP A 4479 -61.48 -31.18 58.87
N ILE A 4480 -62.01 -31.36 57.66
CA ILE A 4480 -61.14 -31.62 56.52
C ILE A 4480 -60.41 -30.37 56.07
N THR A 4481 -61.14 -29.25 55.98
CA THR A 4481 -60.47 -28.02 55.60
C THR A 4481 -59.47 -27.61 56.65
N PHE A 4482 -59.77 -27.89 57.91
CA PHE A 4482 -58.81 -27.62 58.97
C PHE A 4482 -57.61 -28.54 58.85
N PHE A 4483 -57.87 -29.79 58.47
CA PHE A 4483 -56.80 -30.76 58.35
C PHE A 4483 -55.88 -30.43 57.20
N PHE A 4484 -56.41 -29.76 56.19
CA PHE A 4484 -55.57 -29.34 55.08
C PHE A 4484 -54.85 -28.04 55.39
N PHE A 4485 -55.62 -26.97 55.59
CA PHE A 4485 -55.02 -25.63 55.68
C PHE A 4485 -54.08 -25.48 56.86
N VAL A 4486 -54.40 -26.12 57.98
CA VAL A 4486 -53.59 -25.96 59.18
C VAL A 4486 -52.49 -27.01 59.27
N ILE A 4487 -52.82 -28.23 58.86
CA ILE A 4487 -51.89 -29.34 59.02
C ILE A 4487 -51.18 -29.67 57.71
N VAL A 4488 -51.96 -30.08 56.71
CA VAL A 4488 -51.40 -30.47 55.42
C VAL A 4488 -50.73 -29.30 54.71
N ILE A 4489 -51.19 -28.08 54.98
CA ILE A 4489 -50.64 -26.93 54.27
C ILE A 4489 -49.66 -26.07 55.08
N LEU A 4490 -50.13 -25.33 56.07
CA LEU A 4490 -49.24 -24.38 56.75
C LEU A 4490 -48.06 -25.02 57.47
N LEU A 4491 -48.28 -26.21 58.05
CA LEU A 4491 -47.16 -26.93 58.64
C LEU A 4491 -46.21 -27.33 57.54
N ALA A 4492 -46.77 -27.72 56.39
CA ALA A 4492 -45.95 -28.02 55.23
C ALA A 4492 -45.27 -26.77 54.71
N ILE A 4493 -45.95 -25.62 54.82
CA ILE A 4493 -45.35 -24.37 54.38
C ILE A 4493 -44.14 -24.05 55.23
N ILE A 4494 -44.19 -24.42 56.51
CA ILE A 4494 -43.02 -24.28 57.35
C ILE A 4494 -41.92 -25.25 56.99
N GLN A 4495 -42.30 -26.51 56.86
CA GLN A 4495 -41.35 -27.60 56.68
C GLN A 4495 -40.57 -27.39 55.41
N GLY A 4496 -41.25 -26.84 54.41
CA GLY A 4496 -40.59 -26.51 53.17
C GLY A 4496 -40.05 -25.10 53.07
N LEU A 4497 -40.48 -24.23 53.97
CA LEU A 4497 -39.86 -22.92 54.02
C LEU A 4497 -38.44 -23.10 54.47
N ILE A 4498 -38.25 -24.03 55.40
CA ILE A 4498 -36.91 -24.34 55.87
C ILE A 4498 -36.08 -24.92 54.74
N ILE A 4499 -36.73 -25.71 53.89
CA ILE A 4499 -36.04 -26.41 52.83
C ILE A 4499 -35.61 -25.46 51.75
N ASP A 4500 -36.52 -24.59 51.37
CA ASP A 4500 -36.23 -23.61 50.34
C ASP A 4500 -35.14 -22.71 50.90
N ALA A 4501 -35.15 -22.50 52.22
CA ALA A 4501 -34.04 -21.78 52.83
C ALA A 4501 -32.72 -22.52 52.71
N PHE A 4502 -32.76 -23.86 52.78
CA PHE A 4502 -31.55 -24.65 52.58
C PHE A 4502 -31.01 -24.49 51.18
N GLY A 4503 -31.90 -24.62 50.21
CA GLY A 4503 -31.49 -24.59 48.83
C GLY A 4503 -31.04 -23.20 48.42
N GLU A 4504 -31.70 -22.17 48.94
CA GLU A 4504 -31.25 -20.80 48.65
C GLU A 4504 -29.90 -20.52 49.30
N LEU A 4505 -29.72 -21.05 50.51
CA LEU A 4505 -28.49 -20.74 51.21
C LEU A 4505 -27.31 -21.39 50.52
N ARG A 4506 -27.43 -22.67 50.17
CA ARG A 4506 -26.33 -23.26 49.42
C ARG A 4506 -26.20 -22.64 48.03
N ASP A 4507 -27.32 -22.25 47.43
CA ASP A 4507 -27.27 -21.73 46.07
C ASP A 4507 -26.47 -20.45 46.06
N GLN A 4508 -26.54 -19.67 47.14
CA GLN A 4508 -25.71 -18.48 47.21
C GLN A 4508 -24.24 -18.85 47.26
N GLN A 4509 -23.91 -19.95 47.93
CA GLN A 4509 -22.55 -20.44 47.97
C GLN A 4509 -22.10 -20.85 46.59
N GLU A 4510 -23.06 -21.38 45.84
CA GLU A 4510 -22.79 -21.87 44.51
C GLU A 4510 -22.51 -20.71 43.57
N GLN A 4511 -23.30 -19.65 43.67
CA GLN A 4511 -23.06 -18.47 42.86
C GLN A 4511 -21.77 -17.77 43.26
N VAL A 4512 -21.39 -17.85 44.54
CA VAL A 4512 -20.12 -17.28 44.94
C VAL A 4512 -18.97 -18.06 44.33
N LYS A 4513 -19.07 -19.38 44.38
CA LYS A 4513 -18.03 -20.20 43.78
C LYS A 4513 -17.99 -20.03 42.27
N GLU A 4514 -19.14 -19.79 41.64
CA GLU A 4514 -19.18 -19.60 40.20
C GLU A 4514 -18.56 -18.29 39.79
N ASP A 4515 -18.93 -17.23 40.49
CA ASP A 4515 -18.34 -15.94 40.18
C ASP A 4515 -16.85 -15.94 40.47
N MET A 4516 -16.42 -16.70 41.48
CA MET A 4516 -14.98 -16.89 41.63
C MET A 4516 -14.35 -17.68 40.48
N GLU A 4517 -15.08 -18.66 39.95
CA GLU A 4517 -14.56 -19.46 38.85
C GLU A 4517 -14.44 -18.70 37.54
N THR A 4518 -15.27 -17.68 37.36
CA THR A 4518 -15.36 -17.02 36.07
C THR A 4518 -14.86 -15.59 36.11
N LYS A 4519 -15.77 -14.67 36.44
CA LYS A 4519 -15.43 -13.26 36.50
C LYS A 4519 -14.37 -12.99 37.57
N CYS A 4520 -13.36 -12.20 37.25
CA CYS A 4520 -12.41 -11.77 38.27
C CYS A 4520 -13.14 -10.87 39.25
N PHE A 4521 -12.80 -10.98 40.54
CA PHE A 4521 -13.51 -10.21 41.54
C PHE A 4521 -13.30 -8.71 41.37
N ILE A 4522 -12.16 -8.34 40.79
CA ILE A 4522 -11.79 -6.93 40.71
C ILE A 4522 -12.00 -6.37 39.31
N CYS A 4523 -11.10 -6.74 38.39
CA CYS A 4523 -11.19 -6.26 37.02
C CYS A 4523 -12.41 -6.82 36.31
N GLY A 4524 -12.90 -7.96 36.76
CA GLY A 4524 -14.04 -8.59 36.12
C GLY A 4524 -13.64 -9.46 34.95
N ILE A 4525 -13.84 -8.95 33.74
CA ILE A 4525 -13.43 -9.61 32.50
C ILE A 4525 -14.05 -10.99 32.31
N GLY A 4526 -13.73 -11.92 33.20
CA GLY A 4526 -14.18 -13.29 33.09
C GLY A 4526 -13.06 -14.25 32.75
N SER A 4527 -13.19 -15.47 33.24
CA SER A 4527 -12.12 -16.45 33.17
C SER A 4527 -11.76 -16.84 31.76
N ASP A 4528 -12.73 -16.82 30.87
CA ASP A 4528 -12.52 -17.30 29.52
C ASP A 4528 -11.46 -16.48 28.78
N TYR A 4529 -11.40 -15.19 29.06
CA TYR A 4529 -10.42 -14.35 28.39
C TYR A 4529 -8.98 -14.70 28.77
N PHE A 4530 -8.78 -15.08 30.03
CA PHE A 4530 -7.42 -15.28 30.53
C PHE A 4530 -6.92 -16.70 30.29
N ASP A 4531 -7.82 -17.56 29.84
CA ASP A 4531 -7.41 -18.92 29.52
C ASP A 4531 -6.79 -18.97 28.13
N THR A 4532 -6.88 -17.88 27.40
CA THR A 4532 -6.30 -17.84 26.06
C THR A 4532 -4.79 -18.02 26.12
N THR A 4533 -4.16 -17.48 27.16
CA THR A 4533 -2.83 -17.92 27.55
C THR A 4533 -2.98 -19.21 28.34
N PRO A 4534 -2.04 -20.16 28.18
CA PRO A 4534 -2.26 -21.40 28.92
C PRO A 4534 -2.27 -21.20 30.42
N HIS A 4535 -3.13 -21.93 31.12
CA HIS A 4535 -3.20 -21.97 32.57
C HIS A 4535 -3.30 -20.55 33.15
N GLY A 4536 -3.83 -19.64 32.34
CA GLY A 4536 -3.71 -18.24 32.68
C GLY A 4536 -4.60 -17.59 33.73
N PHE A 4537 -5.84 -18.04 33.89
CA PHE A 4537 -6.72 -17.33 34.80
C PHE A 4537 -6.29 -17.46 36.25
N GLU A 4538 -5.74 -18.61 36.60
CA GLU A 4538 -5.28 -18.81 37.96
C GLU A 4538 -4.15 -17.85 38.28
N THR A 4539 -3.32 -17.59 37.28
CA THR A 4539 -2.28 -16.58 37.41
C THR A 4539 -2.87 -15.17 37.44
N HIS A 4540 -3.94 -14.94 36.69
CA HIS A 4540 -4.56 -13.63 36.68
C HIS A 4540 -5.13 -13.32 38.04
N THR A 4541 -5.51 -14.36 38.76
CA THR A 4541 -5.90 -14.16 40.14
C THR A 4541 -4.64 -13.99 40.97
N LEU A 4542 -3.92 -15.10 41.14
CA LEU A 4542 -2.84 -15.18 42.10
C LEU A 4542 -1.70 -14.20 41.87
N GLU A 4543 -1.52 -13.77 40.63
CA GLU A 4543 -0.46 -12.82 40.34
C GLU A 4543 -1.02 -11.42 40.11
N GLU A 4544 -1.86 -11.29 39.08
CA GLU A 4544 -2.33 -9.99 38.62
C GLU A 4544 -3.19 -9.25 39.65
N HIS A 4545 -3.90 -9.99 40.49
CA HIS A 4545 -4.79 -9.35 41.45
C HIS A 4545 -4.75 -9.99 42.81
N ASN A 4546 -4.99 -11.31 42.84
CA ASN A 4546 -5.23 -12.10 44.06
C ASN A 4546 -5.71 -11.29 45.23
N LEU A 4547 -6.57 -10.33 44.92
CA LEU A 4547 -7.45 -9.70 45.88
C LEU A 4547 -6.69 -9.10 47.05
N ALA A 4548 -5.97 -9.97 47.77
CA ALA A 4548 -5.21 -9.57 48.94
C ALA A 4548 -4.06 -8.60 48.66
N ASN A 4549 -3.45 -8.65 47.48
CA ASN A 4549 -2.35 -7.73 47.22
C ASN A 4549 -2.78 -6.28 47.23
N TYR A 4550 -4.01 -6.01 46.80
CA TYR A 4550 -4.55 -4.68 46.96
C TYR A 4550 -4.63 -4.35 48.42
N MET A 4551 -4.92 -5.36 49.23
CA MET A 4551 -5.10 -5.13 50.64
C MET A 4551 -3.78 -4.73 51.28
N PHE A 4552 -2.73 -5.50 51.00
CA PHE A 4552 -1.43 -5.17 51.60
C PHE A 4552 -0.93 -3.84 51.06
N PHE A 4553 -1.26 -3.59 49.81
CA PHE A 4553 -0.88 -2.35 49.20
C PHE A 4553 -1.56 -1.22 49.92
N LEU A 4554 -2.75 -1.47 50.44
CA LEU A 4554 -3.34 -0.52 51.35
C LEU A 4554 -2.60 -0.51 52.70
N MET A 4555 -2.02 -1.66 53.12
CA MET A 4555 -1.33 -1.70 54.41
C MET A 4555 -0.27 -0.63 54.39
N TYR A 4556 0.47 -0.73 53.29
CA TYR A 4556 1.57 0.10 52.89
C TYR A 4556 1.19 1.55 52.62
N LEU A 4557 0.11 1.78 51.89
CA LEU A 4557 -0.31 3.14 51.58
C LEU A 4557 -0.56 3.84 52.89
N ILE A 4558 -1.06 3.08 53.85
CA ILE A 4558 -1.18 3.64 55.17
C ILE A 4558 0.18 3.77 55.85
N ASN A 4559 1.04 2.78 55.64
CA ASN A 4559 2.27 2.66 56.42
C ASN A 4559 3.44 3.54 55.94
N LYS A 4560 3.37 4.08 54.73
CA LYS A 4560 4.40 5.00 54.26
C LYS A 4560 4.30 6.34 54.95
N ASP A 4561 5.44 7.00 55.17
CA ASP A 4561 5.41 8.41 55.50
C ASP A 4561 4.87 9.10 54.27
N GLU A 4562 4.07 10.15 54.45
CA GLU A 4562 3.46 10.80 53.30
C GLU A 4562 4.53 11.39 52.40
N THR A 4563 5.66 11.76 52.99
CA THR A 4563 6.82 12.15 52.21
C THR A 4563 7.38 10.99 51.39
N GLU A 4564 7.23 9.77 51.90
CA GLU A 4564 7.87 8.61 51.29
C GLU A 4564 7.15 8.00 50.10
N HIS A 4565 5.92 8.43 49.82
CA HIS A 4565 5.18 7.83 48.72
C HIS A 4565 5.85 8.03 47.37
N THR A 4566 5.88 6.96 46.58
CA THR A 4566 6.25 7.04 45.18
C THR A 4566 5.08 7.66 44.43
N GLY A 4567 5.35 8.25 43.28
CA GLY A 4567 4.34 9.02 42.58
C GLY A 4567 3.14 8.20 42.21
N GLN A 4568 3.35 6.92 41.92
CA GLN A 4568 2.23 6.00 41.79
C GLN A 4568 1.53 5.77 43.12
N GLU A 4569 2.30 5.49 44.16
CA GLU A 4569 1.71 5.30 45.47
C GLU A 4569 1.08 6.59 45.99
N SER A 4570 1.69 7.73 45.70
CA SER A 4570 1.10 9.00 46.09
C SER A 4570 -0.19 9.22 45.32
N TYR A 4571 -0.21 8.74 44.08
CA TYR A 4571 -1.39 8.92 43.26
C TYR A 4571 -2.55 8.10 43.76
N VAL A 4572 -2.28 6.82 44.03
CA VAL A 4572 -3.30 5.94 44.55
C VAL A 4572 -3.75 6.38 45.92
N TRP A 4573 -2.83 6.92 46.71
CA TRP A 4573 -3.17 7.45 48.01
C TRP A 4573 -4.04 8.68 47.88
N LYS A 4574 -3.86 9.42 46.79
CA LYS A 4574 -4.67 10.59 46.54
C LYS A 4574 -6.08 10.19 46.11
N MET A 4575 -6.15 9.18 45.25
CA MET A 4575 -7.43 8.68 44.73
C MET A 4575 -8.21 8.03 45.86
N TYR A 4576 -7.45 7.48 46.80
CA TYR A 4576 -8.01 6.77 47.95
C TYR A 4576 -8.50 7.69 49.03
N GLN A 4577 -7.72 8.73 49.31
CA GLN A 4577 -8.07 9.63 50.38
C GLN A 4577 -9.36 10.36 50.01
N GLU A 4578 -9.55 10.57 48.72
CA GLU A 4578 -10.74 11.29 48.24
C GLU A 4578 -11.85 10.27 47.97
N ARG A 4579 -11.52 8.99 48.07
CA ARG A 4579 -12.45 7.93 47.70
C ARG A 4579 -12.87 8.05 46.24
N CYS A 4580 -11.92 8.33 45.34
CA CYS A 4580 -12.24 8.33 43.92
C CYS A 4580 -12.59 6.93 43.42
N TRP A 4581 -11.78 5.97 43.85
CA TRP A 4581 -11.90 4.56 43.51
C TRP A 4581 -11.96 4.34 42.01
N ASP A 4582 -11.31 5.21 41.24
CA ASP A 4582 -11.10 4.92 39.83
C ASP A 4582 -9.86 4.06 39.61
N PHE A 4583 -9.02 3.91 40.61
CA PHE A 4583 -7.71 3.32 40.37
C PHE A 4583 -7.71 1.79 40.31
N PHE A 4584 -8.80 1.15 40.72
CA PHE A 4584 -8.96 -0.26 40.41
C PHE A 4584 -9.21 -0.40 38.93
N PRO A 4585 -8.69 -1.46 38.31
CA PRO A 4585 -9.22 -1.71 36.97
C PRO A 4585 -10.69 -2.01 37.11
N ALA A 4586 -11.51 -1.58 36.17
CA ALA A 4586 -12.92 -1.87 36.27
C ALA A 4586 -13.34 -2.74 35.11
N GLY A 4587 -12.36 -3.16 34.33
CA GLY A 4587 -12.60 -4.02 33.19
C GLY A 4587 -11.55 -3.86 32.11
N ASP A 4588 -10.30 -3.68 32.53
CA ASP A 4588 -9.23 -3.48 31.56
C ASP A 4588 -8.06 -4.44 31.75
N CYS A 4589 -7.54 -4.54 32.96
CA CYS A 4589 -6.39 -5.38 33.33
C CYS A 4589 -5.15 -5.19 32.43
N PHE A 4590 -4.01 -5.67 32.90
CA PHE A 4590 -2.73 -5.39 32.25
C PHE A 4590 -2.63 -6.05 30.88
N ARG A 4591 -2.99 -7.33 30.84
CA ARG A 4591 -2.82 -8.12 29.62
C ARG A 4591 -3.73 -7.62 28.51
N LYS A 4592 -4.97 -7.32 28.84
CA LYS A 4592 -5.87 -6.72 27.87
C LYS A 4592 -5.44 -5.29 27.54
N GLN A 4593 -4.80 -4.63 28.50
CA GLN A 4593 -4.30 -3.27 28.29
C GLN A 4593 -3.22 -3.24 27.24
N TYR A 4594 -2.50 -4.35 27.13
CA TYR A 4594 -1.39 -4.38 26.19
C TYR A 4594 -1.55 -5.44 25.11
N GLU A 4595 -1.66 -6.70 25.52
CA GLU A 4595 -1.84 -7.82 24.60
C GLU A 4595 -0.77 -7.83 23.50
N GLY B 1 63.26 94.67 48.30
CA GLY B 1 62.28 93.60 48.22
C GLY B 1 61.28 93.67 49.35
N VAL B 2 61.58 92.98 50.44
CA VAL B 2 60.74 93.02 51.63
C VAL B 2 60.71 94.43 52.19
N GLN B 3 59.53 94.89 52.59
CA GLN B 3 59.37 96.26 53.05
C GLN B 3 58.43 96.31 54.26
N VAL B 4 58.90 95.79 55.38
CA VAL B 4 58.12 95.80 56.60
C VAL B 4 57.81 97.23 57.01
N GLU B 5 56.56 97.48 57.37
CA GLU B 5 56.13 98.82 57.72
C GLU B 5 55.51 98.86 59.11
N THR B 6 55.91 99.85 59.90
CA THR B 6 55.36 100.00 61.24
C THR B 6 53.88 100.32 61.16
N ILE B 7 53.09 99.66 61.98
CA ILE B 7 51.69 100.01 62.13
C ILE B 7 51.53 100.81 63.42
N SER B 8 51.69 100.13 64.56
CA SER B 8 51.68 100.84 65.84
C SER B 8 52.92 100.46 66.64
N PRO B 9 53.48 101.43 67.38
CA PRO B 9 54.73 101.26 68.12
C PRO B 9 54.68 100.21 69.21
N GLY B 10 55.79 99.51 69.40
CA GLY B 10 55.96 98.58 70.50
C GLY B 10 56.81 99.23 71.58
N ASP B 11 57.61 98.43 72.27
CA ASP B 11 58.53 98.96 73.27
C ASP B 11 59.60 99.85 72.63
N GLY B 12 59.86 99.61 71.35
CA GLY B 12 60.87 100.36 70.63
C GLY B 12 62.26 99.87 71.00
N ARG B 13 62.31 98.71 71.62
CA ARG B 13 63.55 98.20 72.19
C ARG B 13 63.90 96.80 71.67
N THR B 14 63.22 95.80 72.21
CA THR B 14 63.66 94.42 72.06
C THR B 14 63.33 93.85 70.68
N PHE B 15 64.26 94.03 69.76
CA PHE B 15 64.18 93.43 68.44
C PHE B 15 64.55 91.95 68.52
N PRO B 16 63.99 91.13 67.63
CA PRO B 16 64.26 89.68 67.62
C PRO B 16 65.72 89.35 67.37
N LYS B 17 66.19 88.28 68.01
CA LYS B 17 67.58 87.86 67.89
C LYS B 17 67.66 86.39 67.49
N ARG B 18 68.88 85.89 67.34
CA ARG B 18 69.06 84.47 67.06
C ARG B 18 68.54 83.64 68.22
N GLY B 19 67.76 82.61 67.90
CA GLY B 19 67.37 81.61 68.87
C GLY B 19 66.18 81.99 69.74
N GLN B 20 65.74 83.23 69.64
CA GLN B 20 64.56 83.67 70.39
C GLN B 20 63.28 83.04 69.86
N THR B 21 62.39 82.66 70.77
CA THR B 21 61.09 82.13 70.39
C THR B 21 60.11 83.27 70.16
N CYS B 22 60.08 83.78 68.93
CA CYS B 22 59.20 84.87 68.56
C CYS B 22 57.73 84.45 68.68
N VAL B 23 56.91 85.30 69.27
CA VAL B 23 55.50 84.97 69.45
C VAL B 23 54.62 86.10 68.95
N VAL B 24 53.81 85.79 67.93
CA VAL B 24 52.99 86.78 67.24
C VAL B 24 51.58 86.26 66.89
N HIS B 25 50.57 87.07 67.14
CA HIS B 25 49.32 86.93 66.39
C HIS B 25 49.48 87.62 65.05
N TYR B 26 48.80 87.13 64.03
CA TYR B 26 48.92 87.74 62.71
C TYR B 26 47.81 87.29 61.77
N THR B 27 47.80 87.88 60.59
CA THR B 27 46.97 87.41 59.49
C THR B 27 47.79 87.56 58.22
N GLY B 28 47.37 86.86 57.17
CA GLY B 28 48.09 86.91 55.91
C GLY B 28 47.17 87.14 54.74
N MET B 29 47.38 88.24 54.03
CA MET B 29 46.58 88.56 52.86
C MET B 29 47.44 88.89 51.64
N LEU B 30 46.92 88.62 50.46
CA LEU B 30 47.61 88.91 49.21
C LEU B 30 47.59 90.39 48.87
N GLU B 31 48.26 90.76 47.79
CA GLU B 31 48.29 92.14 47.33
C GLU B 31 46.88 92.65 47.09
N ASP B 32 46.01 91.75 46.66
CA ASP B 32 44.65 92.09 46.30
C ASP B 32 43.83 92.47 47.53
N GLY B 33 44.32 92.05 48.69
CA GLY B 33 43.60 92.23 49.94
C GLY B 33 42.84 90.97 50.32
N LYS B 34 42.81 90.00 49.40
CA LYS B 34 42.26 88.70 49.71
C LYS B 34 43.11 88.05 50.79
N LYS B 35 42.46 87.50 51.82
CA LYS B 35 43.19 86.81 52.88
C LYS B 35 43.54 85.38 52.49
N PHE B 36 44.60 84.86 53.10
CA PHE B 36 44.92 83.44 53.00
C PHE B 36 45.27 82.86 54.36
N ASP B 37 45.52 83.71 55.33
CA ASP B 37 45.90 83.18 56.61
C ASP B 37 45.56 84.10 57.75
N SER B 38 45.14 83.53 58.87
CA SER B 38 44.95 84.31 60.09
C SER B 38 45.56 83.61 61.28
N SER B 39 46.42 84.30 62.01
CA SER B 39 46.88 83.78 63.28
C SER B 39 45.75 83.71 64.30
N ARG B 40 44.97 84.79 64.40
CA ARG B 40 43.91 84.91 65.40
C ARG B 40 42.74 83.93 65.29
N ASP B 41 42.27 83.70 64.07
CA ASP B 41 41.16 82.80 63.79
C ASP B 41 41.35 81.51 64.56
N ARG B 42 42.60 81.08 64.64
CA ARG B 42 42.98 79.96 65.48
C ARG B 42 42.91 80.35 66.95
N ASN B 43 43.07 81.65 67.19
CA ASN B 43 43.21 82.23 68.52
C ASN B 43 44.45 81.73 69.26
N LYS B 44 45.19 80.84 68.62
CA LYS B 44 46.49 80.39 69.11
C LYS B 44 47.58 81.37 68.69
N PRO B 45 48.36 81.85 69.66
CA PRO B 45 49.54 82.64 69.31
C PRO B 45 50.49 81.81 68.46
N PHE B 46 51.14 82.44 67.48
CA PHE B 46 52.05 81.70 66.62
C PHE B 46 53.48 81.85 67.12
N LYS B 47 54.21 80.73 67.18
CA LYS B 47 55.53 80.72 67.78
C LYS B 47 56.59 80.20 66.82
N PHE B 48 57.69 80.92 66.67
CA PHE B 48 58.77 80.47 65.80
C PHE B 48 60.13 80.98 66.27
N MET B 49 61.12 80.10 66.37
CA MET B 49 62.49 80.54 66.57
C MET B 49 62.94 81.29 65.32
N LEU B 50 63.57 82.44 65.49
CA LEU B 50 63.99 83.22 64.33
C LEU B 50 65.40 82.81 63.92
N GLY B 51 65.64 82.78 62.62
CA GLY B 51 66.91 82.34 62.09
C GLY B 51 67.00 80.83 61.98
N LYS B 52 65.89 80.17 62.32
CA LYS B 52 65.82 78.71 62.30
C LYS B 52 65.57 78.22 60.88
N GLN B 53 65.26 79.15 59.99
CA GLN B 53 64.97 78.86 58.58
C GLN B 53 63.81 77.90 58.43
N GLU B 54 62.90 77.93 59.40
CA GLU B 54 61.69 77.12 59.37
C GLU B 54 60.57 77.82 58.62
N VAL B 55 60.81 79.06 58.23
CA VAL B 55 59.78 79.88 57.60
C VAL B 55 60.26 80.47 56.29
N ILE B 56 59.38 81.18 55.60
CA ILE B 56 59.74 81.90 54.38
C ILE B 56 60.75 82.99 54.74
N ARG B 57 61.66 83.26 53.81
CA ARG B 57 62.81 84.11 54.09
C ARG B 57 62.42 85.52 54.51
N GLY B 58 61.33 86.04 53.94
CA GLY B 58 60.90 87.38 54.26
C GLY B 58 60.37 87.46 55.68
N TRP B 59 59.70 86.41 56.12
CA TRP B 59 59.24 86.31 57.50
C TRP B 59 60.43 86.19 58.43
N GLU B 60 61.44 85.45 58.00
CA GLU B 60 62.63 85.21 58.80
C GLU B 60 63.46 86.49 58.96
N GLU B 61 63.37 87.37 57.97
CA GLU B 61 64.20 88.57 57.96
C GLU B 61 63.47 89.77 58.56
N GLY B 62 62.26 90.02 58.08
CA GLY B 62 61.55 91.25 58.40
C GLY B 62 60.92 91.34 59.77
N VAL B 63 60.68 90.21 60.41
CA VAL B 63 60.13 90.23 61.77
C VAL B 63 61.18 90.82 62.72
N ALA B 64 62.44 90.63 62.38
CA ALA B 64 63.54 91.11 63.21
C ALA B 64 63.53 92.62 63.35
N GLN B 65 62.98 93.29 62.34
CA GLN B 65 62.87 94.75 62.37
C GLN B 65 61.86 95.23 63.41
N MET B 66 60.90 94.38 63.74
CA MET B 66 59.84 94.74 64.69
C MET B 66 60.30 94.78 66.13
N SER B 67 59.65 95.61 66.92
CA SER B 67 59.88 95.66 68.37
C SER B 67 58.81 94.83 69.08
N VAL B 68 59.08 94.44 70.33
CA VAL B 68 58.09 93.71 71.11
C VAL B 68 56.87 94.58 71.37
N GLY B 69 55.68 94.00 71.17
CA GLY B 69 54.44 94.70 71.40
C GLY B 69 54.04 95.55 70.21
N GLN B 70 54.93 95.62 69.23
CA GLN B 70 54.67 96.37 68.01
C GLN B 70 53.67 95.66 67.11
N ARG B 71 52.82 96.44 66.46
CA ARG B 71 52.05 95.94 65.33
C ARG B 71 52.70 96.48 64.06
N ALA B 72 52.84 95.63 63.05
CA ALA B 72 53.51 96.04 61.83
C ALA B 72 53.04 95.25 60.62
N LYS B 73 53.12 95.89 59.46
CA LYS B 73 52.74 95.25 58.21
C LYS B 73 53.96 94.70 57.48
N LEU B 74 53.92 93.40 57.19
CA LEU B 74 54.98 92.77 56.42
C LEU B 74 54.57 92.63 54.96
N THR B 75 55.02 93.58 54.13
CA THR B 75 54.76 93.51 52.70
C THR B 75 55.92 92.72 52.07
N ILE B 76 56.03 91.46 52.46
CA ILE B 76 57.15 90.62 52.01
C ILE B 76 57.13 90.36 50.52
N SER B 77 58.30 90.51 49.90
CA SER B 77 58.47 90.23 48.48
C SER B 77 58.39 88.73 48.23
N PRO B 78 57.78 88.33 47.09
CA PRO B 78 57.62 86.91 46.79
C PRO B 78 58.93 86.14 46.74
N ASP B 79 60.00 86.79 46.28
CA ASP B 79 61.30 86.13 46.24
C ASP B 79 61.77 85.77 47.64
N TYR B 80 61.35 86.58 48.60
CA TYR B 80 61.63 86.31 50.00
C TYR B 80 60.59 85.37 50.59
N ALA B 81 59.59 85.04 49.78
CA ALA B 81 58.59 84.05 50.15
C ALA B 81 58.68 82.85 49.23
N TYR B 82 57.52 82.26 48.92
CA TYR B 82 57.48 81.11 48.02
C TYR B 82 57.89 81.46 46.59
N GLY B 83 57.64 82.71 46.21
CA GLY B 83 58.05 83.21 44.91
C GLY B 83 57.47 82.52 43.69
N ALA B 84 58.33 82.24 42.72
CA ALA B 84 57.91 81.61 41.47
C ALA B 84 57.36 80.22 41.73
N THR B 85 57.83 79.60 42.81
CA THR B 85 57.30 78.31 43.22
C THR B 85 55.84 78.46 43.65
N GLY B 86 55.59 79.44 44.52
CA GLY B 86 54.27 79.66 45.07
C GLY B 86 54.03 78.66 46.18
N HIS B 87 53.07 78.93 47.05
CA HIS B 87 52.74 77.96 48.08
C HIS B 87 51.65 77.10 47.50
N PRO B 88 51.94 75.80 47.32
CA PRO B 88 51.02 74.98 46.53
C PRO B 88 49.65 74.93 47.16
N GLY B 89 48.61 75.06 46.35
CA GLY B 89 47.25 74.99 46.82
C GLY B 89 46.75 76.27 47.46
N ILE B 90 47.65 77.22 47.74
CA ILE B 90 47.27 78.45 48.42
C ILE B 90 47.73 79.68 47.66
N ILE B 91 49.02 79.95 47.71
CA ILE B 91 49.57 81.16 47.14
C ILE B 91 50.03 80.94 45.72
N PRO B 92 49.41 81.66 44.78
CA PRO B 92 49.83 81.65 43.37
C PRO B 92 51.23 82.20 43.24
N PRO B 93 52.01 81.70 42.27
CA PRO B 93 53.39 82.12 42.08
C PRO B 93 53.50 83.61 41.76
N HIS B 94 54.56 84.24 42.24
CA HIS B 94 54.79 85.67 42.07
C HIS B 94 53.69 86.50 42.70
N ALA B 95 53.58 86.42 44.02
CA ALA B 95 52.58 87.18 44.75
C ALA B 95 53.14 87.73 46.06
N THR B 96 53.28 89.04 46.14
CA THR B 96 53.76 89.69 47.35
C THR B 96 52.79 89.46 48.51
N LEU B 97 53.34 89.12 49.66
CA LEU B 97 52.52 88.84 50.83
C LEU B 97 52.38 90.08 51.71
N VAL B 98 51.25 90.17 52.41
CA VAL B 98 50.98 91.29 53.31
C VAL B 98 50.47 90.77 54.64
N PHE B 99 51.29 90.91 55.67
CA PHE B 99 50.96 90.37 56.99
C PHE B 99 50.62 91.47 57.98
N ASP B 100 49.53 91.29 58.73
CA ASP B 100 49.22 92.19 59.84
C ASP B 100 49.79 91.61 61.12
N VAL B 101 51.11 91.63 61.22
CA VAL B 101 51.80 91.01 62.35
C VAL B 101 51.64 91.84 63.62
N GLU B 102 51.56 91.15 64.76
CA GLU B 102 51.67 91.80 66.06
C GLU B 102 52.63 90.99 66.94
N LEU B 103 53.81 91.53 67.20
CA LEU B 103 54.81 90.80 67.96
C LEU B 103 54.46 90.80 69.44
N LEU B 104 53.74 89.76 69.87
CA LEU B 104 53.30 89.64 71.25
C LEU B 104 54.48 89.62 72.20
N LYS B 105 55.41 88.70 71.96
CA LYS B 105 56.54 88.55 72.86
C LYS B 105 57.68 87.70 72.30
N LEU B 106 58.88 88.26 72.31
CA LEU B 106 60.07 87.47 72.09
C LEU B 106 60.31 86.57 73.28
N GLU B 107 60.76 85.34 73.03
CA GLU B 107 60.99 84.38 74.10
C GLU B 107 62.24 83.56 73.85
N GLN C 12 -21.58 1.11 -22.35
CA GLN C 12 -22.02 -0.25 -22.62
C GLN C 12 -23.10 -0.31 -23.69
N PHE C 13 -24.28 0.20 -23.37
CA PHE C 13 -25.40 0.13 -24.31
C PHE C 13 -26.13 1.46 -24.48
N LEU C 14 -26.60 1.71 -25.70
CA LEU C 14 -27.45 2.86 -25.96
C LEU C 14 -28.88 2.60 -25.50
N ARG C 15 -29.58 3.65 -25.11
CA ARG C 15 -30.90 3.53 -24.49
C ARG C 15 -31.79 4.70 -24.88
N THR C 16 -33.06 4.61 -24.54
CA THR C 16 -34.01 5.67 -24.85
C THR C 16 -33.58 6.97 -24.16
N ASP C 17 -33.75 8.09 -24.88
CA ASP C 17 -33.35 9.42 -24.43
C ASP C 17 -31.84 9.58 -24.22
N ASP C 18 -31.06 8.59 -24.64
CA ASP C 18 -29.63 8.81 -24.73
C ASP C 18 -29.34 9.80 -25.85
N GLU C 19 -28.38 10.69 -25.65
CA GLU C 19 -28.02 11.65 -26.67
C GLU C 19 -26.79 11.15 -27.43
N VAL C 20 -26.90 11.04 -28.75
CA VAL C 20 -25.87 10.43 -29.58
C VAL C 20 -25.76 11.13 -30.93
N VAL C 21 -24.53 11.38 -31.38
CA VAL C 21 -24.35 11.78 -32.76
C VAL C 21 -24.41 10.57 -33.68
N LEU C 22 -24.92 10.75 -34.88
CA LEU C 22 -24.64 9.82 -35.96
C LEU C 22 -23.25 10.10 -36.49
N GLN C 23 -22.57 9.09 -37.00
CA GLN C 23 -21.23 9.29 -37.54
C GLN C 23 -20.89 8.20 -38.52
N CYS C 24 -20.04 8.51 -39.50
CA CYS C 24 -19.63 7.51 -40.46
C CYS C 24 -18.19 7.71 -40.87
N SER C 25 -17.48 6.61 -41.07
CA SER C 25 -16.13 6.65 -41.60
C SER C 25 -16.19 7.19 -43.03
N ALA C 26 -15.22 8.01 -43.39
CA ALA C 26 -15.22 8.64 -44.71
C ALA C 26 -13.81 8.96 -45.16
N THR C 27 -13.19 8.03 -45.88
CA THR C 27 -11.87 8.27 -46.43
C THR C 27 -11.94 9.42 -47.44
N VAL C 28 -10.93 10.28 -47.40
CA VAL C 28 -10.89 11.48 -48.25
C VAL C 28 -9.46 11.78 -48.64
N LEU C 29 -9.19 11.82 -49.94
CA LEU C 29 -7.84 12.06 -50.46
C LEU C 29 -6.84 11.10 -49.84
N LYS C 30 -7.18 9.81 -49.88
CA LYS C 30 -6.34 8.74 -49.34
C LYS C 30 -6.03 8.92 -47.85
N GLU C 31 -7.02 9.39 -47.10
CA GLU C 31 -6.92 9.45 -45.65
C GLU C 31 -8.30 9.44 -45.02
N GLN C 32 -8.41 8.85 -43.84
CA GLN C 32 -9.68 8.82 -43.11
C GLN C 32 -10.11 10.22 -42.71
N LEU C 33 -11.43 10.47 -42.78
CA LEU C 33 -11.98 11.73 -42.36
C LEU C 33 -13.40 11.50 -41.86
N LYS C 34 -13.51 10.90 -40.69
CA LYS C 34 -14.82 10.58 -40.12
C LYS C 34 -15.61 11.84 -39.87
N LEU C 35 -16.91 11.77 -40.10
CA LEU C 35 -17.74 12.95 -40.00
C LEU C 35 -19.14 12.65 -39.48
N CYS C 36 -19.62 13.52 -38.60
CA CYS C 36 -20.97 13.41 -38.06
C CYS C 36 -22.04 13.82 -39.07
N LEU C 37 -23.21 13.21 -38.97
CA LEU C 37 -24.40 13.75 -39.59
C LEU C 37 -24.79 15.03 -38.87
N ALA C 38 -25.24 16.06 -39.60
CA ALA C 38 -25.58 17.30 -38.94
C ALA C 38 -26.54 18.17 -39.73
N ALA C 39 -27.82 18.10 -39.41
CA ALA C 39 -28.77 19.13 -39.81
C ALA C 39 -28.48 20.40 -39.01
N GLU C 40 -28.65 21.55 -39.64
CA GLU C 40 -28.54 22.81 -38.91
C GLU C 40 -29.84 23.07 -38.15
N GLY C 41 -30.87 22.30 -38.50
CA GLY C 41 -32.18 22.48 -37.90
C GLY C 41 -33.01 23.51 -38.63
N PHE C 42 -33.29 24.62 -37.95
CA PHE C 42 -34.18 25.65 -38.47
C PHE C 42 -33.62 26.30 -39.72
N GLY C 43 -34.49 26.51 -40.70
CA GLY C 43 -34.16 27.30 -41.86
C GLY C 43 -33.37 26.49 -42.87
N ASN C 44 -33.06 25.27 -42.50
CA ASN C 44 -32.45 24.34 -43.42
C ASN C 44 -32.90 22.94 -43.07
N ARG C 45 -33.95 22.47 -43.73
CA ARG C 45 -34.53 21.17 -43.41
C ARG C 45 -33.54 20.04 -43.63
N LEU C 46 -32.74 20.15 -44.69
CA LEU C 46 -31.83 19.08 -45.07
C LEU C 46 -30.67 18.94 -44.12
N CYS C 47 -30.30 17.70 -43.85
CA CYS C 47 -29.09 17.41 -43.09
C CYS C 47 -27.86 17.62 -43.95
N PHE C 48 -26.72 17.94 -43.33
CA PHE C 48 -25.49 18.08 -44.08
C PHE C 48 -24.32 17.43 -43.37
N LEU C 49 -23.28 17.15 -44.14
CA LEU C 49 -22.06 16.51 -43.63
C LEU C 49 -21.33 17.40 -42.64
N GLU C 50 -20.76 16.78 -41.61
CA GLU C 50 -20.05 17.52 -40.58
C GLU C 50 -18.68 16.92 -40.30
N PRO C 51 -17.68 17.27 -41.13
CA PRO C 51 -16.35 16.73 -40.85
C PRO C 51 -15.86 17.20 -39.47
N THR C 52 -15.15 16.32 -38.76
CA THR C 52 -14.79 16.57 -37.37
C THR C 52 -13.45 15.95 -37.01
N SER C 53 -12.89 15.19 -37.94
CA SER C 53 -11.70 14.39 -37.64
C SER C 53 -10.49 15.26 -37.28
N ASN C 54 -10.45 16.47 -37.82
CA ASN C 54 -9.39 17.40 -37.49
C ASN C 54 -9.80 18.26 -36.29
N ALA C 55 -10.05 17.61 -35.16
CA ALA C 55 -10.37 18.34 -33.94
C ALA C 55 -9.19 19.20 -33.49
N GLN C 56 -7.99 18.75 -33.82
CA GLN C 56 -6.76 19.41 -33.41
C GLN C 56 -6.58 20.81 -34.01
N ASN C 57 -7.13 21.03 -35.20
CA ASN C 57 -6.88 22.28 -35.90
C ASN C 57 -8.10 22.92 -36.54
N VAL C 58 -9.08 22.11 -36.93
CA VAL C 58 -10.29 22.62 -37.55
C VAL C 58 -11.48 22.03 -36.81
N PRO C 59 -11.75 22.58 -35.62
CA PRO C 59 -12.69 22.03 -34.64
C PRO C 59 -14.14 21.94 -35.12
N PRO C 60 -14.86 20.89 -34.70
CA PRO C 60 -16.25 20.52 -35.03
C PRO C 60 -17.33 21.51 -34.59
N ASP C 61 -18.37 21.63 -35.40
CA ASP C 61 -19.61 22.25 -34.95
C ASP C 61 -20.49 21.18 -34.30
N LEU C 62 -20.07 20.71 -33.13
CA LEU C 62 -20.69 19.55 -32.48
C LEU C 62 -22.06 19.87 -31.89
N ALA C 63 -22.37 21.15 -31.76
CA ALA C 63 -23.59 21.59 -31.06
C ALA C 63 -24.87 21.09 -31.71
N ILE C 64 -24.85 20.95 -33.03
CA ILE C 64 -26.00 20.46 -33.76
C ILE C 64 -25.97 18.95 -34.02
N CYS C 65 -24.77 18.37 -33.95
CA CYS C 65 -24.59 16.98 -34.35
C CYS C 65 -25.37 16.00 -33.49
N CYS C 66 -25.63 16.39 -32.23
CA CYS C 66 -26.30 15.51 -31.28
C CYS C 66 -27.76 15.22 -31.63
N PHE C 67 -28.19 13.99 -31.34
CA PHE C 67 -29.58 13.57 -31.49
C PHE C 67 -30.10 12.92 -30.21
N THR C 68 -31.39 13.07 -29.94
CA THR C 68 -31.98 12.37 -28.81
C THR C 68 -32.85 11.20 -29.30
N LEU C 69 -32.76 10.07 -28.61
CA LEU C 69 -33.55 8.89 -28.97
C LEU C 69 -34.93 8.91 -28.31
N GLU C 70 -35.87 9.65 -28.90
CA GLU C 70 -37.16 9.83 -28.25
C GLU C 70 -37.96 8.54 -28.07
N GLN C 71 -37.76 7.57 -28.94
CA GLN C 71 -38.48 6.31 -28.81
C GLN C 71 -37.90 5.21 -29.68
N SER C 72 -38.01 3.96 -29.21
CA SER C 72 -37.54 2.82 -29.98
C SER C 72 -38.53 1.67 -29.87
N LEU C 73 -38.80 1.03 -31.00
CA LEU C 73 -39.85 0.01 -31.07
C LEU C 73 -39.58 -1.01 -32.17
N SER C 74 -40.03 -2.24 -31.96
CA SER C 74 -39.95 -3.28 -32.97
C SER C 74 -40.83 -2.89 -34.14
N VAL C 75 -40.46 -3.29 -35.35
CA VAL C 75 -41.08 -2.75 -36.55
C VAL C 75 -42.57 -3.05 -36.60
N ARG C 76 -42.96 -4.23 -36.12
CA ARG C 76 -44.37 -4.55 -36.08
C ARG C 76 -45.06 -3.68 -35.03
N ALA C 77 -44.35 -3.41 -33.93
CA ALA C 77 -44.86 -2.50 -32.91
C ALA C 77 -44.97 -1.11 -33.48
N LEU C 78 -44.08 -0.78 -34.41
CA LEU C 78 -44.13 0.51 -35.05
C LEU C 78 -45.35 0.63 -35.93
N GLN C 79 -45.63 -0.42 -36.68
CA GLN C 79 -46.79 -0.44 -37.55
C GLN C 79 -48.01 -0.29 -36.66
N GLU C 80 -47.98 -0.95 -35.51
CA GLU C 80 -49.08 -0.85 -34.58
C GLU C 80 -49.26 0.56 -34.01
N MET C 81 -48.16 1.28 -33.84
CA MET C 81 -48.24 2.62 -33.30
C MET C 81 -48.79 3.58 -34.34
N LEU C 82 -48.27 3.45 -35.55
CA LEU C 82 -48.66 4.28 -36.67
C LEU C 82 -50.11 4.00 -37.05
N ALA C 83 -50.56 2.78 -36.76
CA ALA C 83 -51.95 2.42 -37.02
C ALA C 83 -52.90 3.24 -36.15
N ASN C 84 -52.40 3.69 -35.01
CA ASN C 84 -53.21 4.47 -34.08
C ASN C 84 -52.88 5.97 -34.15
N GLY C 97 -37.95 5.27 -17.84
CA GLY C 97 -38.55 4.64 -18.99
C GLY C 97 -37.59 4.52 -20.15
N HIS C 98 -36.31 4.39 -19.83
CA HIS C 98 -35.29 4.26 -20.86
C HIS C 98 -35.16 2.83 -21.37
N ARG C 99 -36.04 2.43 -22.26
CA ARG C 99 -35.93 1.11 -22.86
C ARG C 99 -34.63 1.09 -23.65
N THR C 100 -33.88 0.00 -23.53
CA THR C 100 -32.64 -0.16 -24.25
C THR C 100 -32.93 -0.28 -25.74
N LEU C 101 -32.08 0.30 -26.58
CA LEU C 101 -32.19 0.05 -28.01
C LEU C 101 -31.94 -1.42 -28.30
N LEU C 102 -32.72 -1.99 -29.20
CA LEU C 102 -32.44 -3.33 -29.68
C LEU C 102 -32.36 -3.28 -31.18
N TYR C 103 -31.44 -4.05 -31.76
CA TYR C 103 -31.24 -3.98 -33.20
C TYR C 103 -32.48 -4.42 -33.95
N GLY C 104 -32.76 -3.71 -35.04
CA GLY C 104 -33.92 -3.97 -35.86
C GLY C 104 -35.15 -3.23 -35.37
N HIS C 105 -35.04 -2.56 -34.22
CA HIS C 105 -36.07 -1.59 -33.86
C HIS C 105 -36.00 -0.33 -34.69
N ALA C 106 -37.16 0.24 -34.99
CA ALA C 106 -37.22 1.60 -35.51
C ALA C 106 -36.96 2.57 -34.37
N ILE C 107 -36.36 3.71 -34.68
CA ILE C 107 -36.07 4.70 -33.65
C ILE C 107 -36.41 6.12 -34.11
N LEU C 108 -36.81 6.94 -33.16
CA LEU C 108 -37.16 8.34 -33.42
C LEU C 108 -36.01 9.27 -33.02
N LEU C 109 -35.26 9.72 -34.02
CA LEU C 109 -34.10 10.59 -33.80
C LEU C 109 -34.44 12.09 -33.76
N ARG C 110 -34.76 12.61 -32.59
CA ARG C 110 -34.93 14.05 -32.43
C ARG C 110 -33.62 14.79 -32.64
N HIS C 111 -33.67 15.95 -33.29
CA HIS C 111 -32.50 16.80 -33.36
C HIS C 111 -32.27 17.35 -31.95
N ALA C 112 -31.03 17.43 -31.49
CA ALA C 112 -30.78 17.96 -30.14
C ALA C 112 -31.14 19.42 -30.00
N HIS C 113 -31.03 20.14 -31.11
CA HIS C 113 -31.26 21.58 -31.14
C HIS C 113 -32.68 21.95 -31.52
N SER C 114 -32.94 21.93 -32.81
CA SER C 114 -34.22 22.35 -33.38
C SER C 114 -35.33 21.44 -32.89
N ARG C 115 -34.93 20.24 -32.48
CA ARG C 115 -35.85 19.22 -32.02
C ARG C 115 -36.85 18.80 -33.09
N MET C 116 -36.56 19.17 -34.34
CA MET C 116 -37.23 18.53 -35.45
C MET C 116 -36.72 17.09 -35.51
N TYR C 117 -37.63 16.15 -35.73
CA TYR C 117 -37.25 14.74 -35.83
C TYR C 117 -36.54 14.44 -37.15
N LEU C 118 -35.53 13.57 -37.12
CA LEU C 118 -34.85 13.19 -38.35
C LEU C 118 -35.78 12.37 -39.26
N SER C 119 -35.68 12.55 -40.57
CA SER C 119 -36.61 11.89 -41.49
C SER C 119 -36.08 11.74 -42.90
N CYS C 120 -36.70 10.86 -43.68
CA CYS C 120 -36.38 10.72 -45.10
C CYS C 120 -37.28 11.59 -45.96
N LEU C 121 -36.85 12.82 -46.24
CA LEU C 121 -37.63 13.76 -47.04
C LEU C 121 -37.85 13.30 -48.49
N THR C 122 -39.03 13.58 -49.01
CA THR C 122 -39.41 13.17 -50.36
C THR C 122 -38.64 13.88 -51.48
N THR C 123 -38.07 15.04 -51.19
CA THR C 123 -37.34 15.78 -52.22
C THR C 123 -36.10 15.04 -52.72
N SER C 124 -35.92 15.04 -54.04
CA SER C 124 -34.69 14.54 -54.67
C SER C 124 -33.55 15.55 -54.58
N ARG C 125 -32.32 15.05 -54.53
CA ARG C 125 -31.15 15.90 -54.45
C ARG C 125 -30.05 15.42 -55.37
N LYS C 130 -28.69 8.89 -58.78
CA LYS C 130 -28.98 9.69 -57.60
C LYS C 130 -30.48 9.91 -57.44
N LEU C 131 -31.25 8.83 -57.65
CA LEU C 131 -32.70 8.88 -57.50
C LEU C 131 -33.09 8.79 -56.02
N ALA C 132 -32.12 8.49 -55.16
CA ALA C 132 -32.37 8.33 -53.74
C ALA C 132 -32.86 9.61 -53.08
N PHE C 133 -33.82 9.47 -52.17
CA PHE C 133 -34.39 10.61 -51.46
C PHE C 133 -33.39 11.30 -50.54
N ASP C 134 -33.48 12.62 -50.47
CA ASP C 134 -32.71 13.39 -49.52
C ASP C 134 -33.14 13.12 -48.09
N VAL C 135 -32.15 12.99 -47.21
CA VAL C 135 -32.40 12.97 -45.78
C VAL C 135 -32.65 14.40 -45.29
N GLY C 136 -33.47 14.56 -44.25
CA GLY C 136 -33.67 15.86 -43.65
C GLY C 136 -34.68 15.84 -42.53
N LEU C 137 -34.74 16.93 -41.78
CA LEU C 137 -35.66 17.03 -40.65
C LEU C 137 -37.12 17.23 -41.01
N GLN C 138 -37.99 16.73 -40.13
CA GLN C 138 -39.43 16.92 -40.20
C GLN C 138 -39.89 17.54 -38.88
N GLU C 139 -40.92 18.38 -38.93
CA GLU C 139 -41.32 19.15 -37.76
C GLU C 139 -42.14 18.35 -36.76
N ASP C 140 -42.55 17.14 -37.12
CA ASP C 140 -43.37 16.34 -36.23
C ASP C 140 -43.14 14.86 -36.43
N ALA C 141 -43.39 14.10 -35.36
CA ALA C 141 -43.15 12.66 -35.34
C ALA C 141 -44.05 11.90 -36.29
N THR C 142 -45.19 12.48 -36.64
CA THR C 142 -46.19 11.78 -37.43
C THR C 142 -45.62 11.37 -38.77
N GLY C 143 -45.98 10.17 -39.19
CA GLY C 143 -45.51 9.60 -40.44
C GLY C 143 -44.33 8.66 -40.25
N GLU C 144 -44.19 7.75 -41.19
CA GLU C 144 -43.15 6.73 -41.14
C GLU C 144 -41.74 7.28 -41.31
N ALA C 145 -41.63 8.41 -42.00
CA ALA C 145 -40.32 8.90 -42.41
C ALA C 145 -39.41 9.23 -41.23
N CYS C 146 -39.99 9.69 -40.13
CA CYS C 146 -39.20 10.03 -38.96
C CYS C 146 -38.51 8.83 -38.34
N TRP C 147 -39.13 7.66 -38.48
CA TRP C 147 -38.59 6.45 -37.89
C TRP C 147 -37.39 5.89 -38.66
N TRP C 148 -36.51 5.20 -37.94
CA TRP C 148 -35.33 4.60 -38.55
C TRP C 148 -35.00 3.26 -37.91
N THR C 149 -35.32 2.16 -38.59
CA THR C 149 -34.91 0.84 -38.13
C THR C 149 -33.38 0.70 -38.17
N MET C 150 -32.81 0.15 -37.11
CA MET C 150 -31.40 -0.21 -37.10
C MET C 150 -31.11 -1.55 -37.78
N HIS C 151 -29.92 -1.68 -38.34
CA HIS C 151 -29.45 -2.96 -38.89
C HIS C 151 -27.95 -3.13 -38.76
N PRO C 152 -27.51 -3.89 -37.75
CA PRO C 152 -26.06 -4.07 -37.54
C PRO C 152 -25.41 -4.74 -38.74
N ALA C 153 -24.19 -4.32 -39.06
CA ALA C 153 -23.53 -4.78 -40.27
C ALA C 153 -22.91 -6.18 -40.13
N SER C 154 -22.22 -6.38 -39.01
CA SER C 154 -21.61 -7.65 -38.68
C SER C 154 -22.62 -8.76 -38.46
N LYS C 155 -22.32 -9.94 -38.99
CA LYS C 155 -23.21 -11.07 -38.84
C LYS C 155 -23.36 -11.45 -37.37
N GLN C 156 -22.25 -11.43 -36.64
CA GLN C 156 -22.20 -11.98 -35.30
C GLN C 156 -23.15 -11.25 -34.36
N ARG C 157 -23.21 -9.93 -34.48
CA ARG C 157 -24.21 -9.17 -33.75
C ARG C 157 -25.58 -9.56 -34.30
N SER C 158 -26.58 -9.67 -33.43
CA SER C 158 -27.89 -10.12 -33.88
C SER C 158 -29.00 -9.22 -33.41
N GLU C 159 -30.08 -9.20 -34.19
CA GLU C 159 -31.25 -8.38 -33.90
C GLU C 159 -31.88 -8.82 -32.60
N GLY C 160 -32.35 -7.85 -31.83
CA GLY C 160 -32.87 -8.13 -30.50
C GLY C 160 -31.80 -8.11 -29.43
N GLU C 161 -30.60 -7.68 -29.81
CA GLU C 161 -29.46 -7.60 -28.91
C GLU C 161 -29.15 -6.14 -28.59
N LYS C 162 -29.00 -5.85 -27.31
CA LYS C 162 -28.89 -4.48 -26.82
C LYS C 162 -27.82 -3.80 -27.66
N VAL C 163 -28.05 -2.56 -28.05
CA VAL C 163 -27.12 -1.91 -28.97
C VAL C 163 -25.87 -1.44 -28.25
N ARG C 164 -24.74 -2.05 -28.60
CA ARG C 164 -23.45 -1.73 -28.00
C ARG C 164 -22.85 -0.41 -28.45
N VAL C 165 -22.16 0.26 -27.54
CA VAL C 165 -21.54 1.55 -27.81
C VAL C 165 -20.49 1.45 -28.92
N GLY C 166 -20.49 2.43 -29.82
CA GLY C 166 -19.44 2.56 -30.82
C GLY C 166 -19.59 1.64 -32.02
N ASP C 167 -20.65 0.85 -32.04
CA ASP C 167 -20.80 -0.15 -33.10
C ASP C 167 -21.09 0.43 -34.48
N ASP C 168 -20.45 -0.14 -35.49
CA ASP C 168 -20.88 0.06 -36.87
C ASP C 168 -22.31 -0.43 -36.96
N LEU C 169 -23.18 0.33 -37.62
CA LEU C 169 -24.53 -0.13 -37.88
C LEU C 169 -25.19 0.67 -38.99
N ILE C 170 -25.91 -0.04 -39.86
CA ILE C 170 -26.67 0.57 -40.93
C ILE C 170 -27.97 1.16 -40.37
N LEU C 171 -28.46 2.24 -40.97
CA LEU C 171 -29.79 2.75 -40.64
C LEU C 171 -30.71 2.70 -41.85
N VAL C 172 -31.99 2.45 -41.60
CA VAL C 172 -32.97 2.28 -42.67
C VAL C 172 -34.26 3.04 -42.39
N SER C 173 -34.68 3.91 -43.30
CA SER C 173 -35.95 4.58 -43.14
C SER C 173 -37.09 3.57 -43.23
N VAL C 174 -38.05 3.68 -42.32
CA VAL C 174 -39.22 2.83 -42.36
C VAL C 174 -40.11 3.16 -43.56
N SER C 175 -40.08 4.42 -43.98
CA SER C 175 -41.01 4.88 -45.01
C SER C 175 -40.50 4.59 -46.40
N SER C 176 -39.34 5.13 -46.71
CA SER C 176 -38.76 4.98 -48.04
C SER C 176 -38.01 3.67 -48.20
N GLU C 177 -37.86 2.93 -47.10
CA GLU C 177 -37.14 1.65 -47.11
C GLU C 177 -35.74 1.81 -47.66
N ARG C 178 -35.17 2.99 -47.47
CA ARG C 178 -33.85 3.28 -48.00
C ARG C 178 -32.82 3.48 -46.90
N TYR C 179 -31.66 2.89 -47.12
CA TYR C 179 -30.56 2.92 -46.16
C TYR C 179 -30.04 4.33 -46.01
N LEU C 180 -29.72 4.74 -44.78
CA LEU C 180 -29.07 6.02 -44.57
C LEU C 180 -27.69 5.93 -45.22
N HIS C 181 -27.22 7.00 -45.87
CA HIS C 181 -26.06 6.86 -46.74
C HIS C 181 -25.21 8.11 -46.95
N LEU C 182 -23.90 7.89 -47.05
CA LEU C 182 -22.92 8.93 -47.34
C LEU C 182 -22.71 9.09 -48.85
N SER C 183 -23.63 9.77 -49.53
CA SER C 183 -23.46 9.98 -50.97
C SER C 183 -22.28 10.89 -51.26
N THR C 184 -21.56 10.59 -52.34
CA THR C 184 -20.42 11.39 -52.74
C THR C 184 -20.86 12.62 -53.53
N LEU C 189 -19.16 15.46 -50.00
CA LEU C 189 -19.94 14.30 -49.58
C LEU C 189 -21.34 14.69 -49.10
N GLN C 190 -22.33 13.98 -49.63
CA GLN C 190 -23.71 14.29 -49.44
C GLN C 190 -24.37 13.10 -48.77
N VAL C 191 -25.27 13.42 -47.85
CA VAL C 191 -25.95 12.35 -47.13
C VAL C 191 -27.35 12.27 -47.63
N ASP C 192 -27.83 11.03 -47.91
CA ASP C 192 -29.11 10.75 -48.57
C ASP C 192 -29.54 9.32 -48.27
N ALA C 193 -30.82 9.03 -48.49
CA ALA C 193 -31.32 7.68 -48.29
C ALA C 193 -31.11 6.82 -49.54
N SER C 194 -29.86 6.44 -49.78
CA SER C 194 -29.51 5.61 -50.92
C SER C 194 -29.89 4.16 -50.77
N PHE C 195 -30.03 3.46 -51.88
CA PHE C 195 -30.19 2.04 -51.81
C PHE C 195 -28.93 1.50 -51.17
N MET C 196 -27.79 2.10 -51.53
CA MET C 196 -26.52 1.66 -50.99
C MET C 196 -26.57 1.69 -49.46
N GLN C 197 -25.93 0.72 -48.81
CA GLN C 197 -25.68 0.80 -47.37
C GLN C 197 -24.55 1.76 -47.03
N THR C 198 -24.60 2.32 -45.82
CA THR C 198 -23.45 3.01 -45.25
C THR C 198 -23.36 2.71 -43.76
N LEU C 199 -22.14 2.43 -43.31
CA LEU C 199 -21.91 2.20 -41.88
C LEU C 199 -22.18 3.51 -41.13
N TRP C 200 -22.75 3.40 -39.94
CA TRP C 200 -22.97 4.57 -39.11
C TRP C 200 -22.69 4.29 -37.65
N ASN C 201 -21.54 4.75 -37.17
CA ASN C 201 -21.29 4.74 -35.74
C ASN C 201 -22.30 5.64 -35.07
N MET C 202 -22.84 5.18 -33.94
CA MET C 202 -23.79 5.99 -33.19
C MET C 202 -23.16 6.31 -31.86
N ASN C 203 -22.13 7.14 -31.91
CA ASN C 203 -21.33 7.45 -30.74
C ASN C 203 -22.16 8.17 -29.70
N PRO C 204 -22.18 7.63 -28.47
CA PRO C 204 -22.91 8.31 -27.40
C PRO C 204 -22.30 9.67 -27.11
N ILE C 205 -23.15 10.63 -26.77
CA ILE C 205 -22.67 11.92 -26.32
C ILE C 205 -22.88 12.00 -24.82
N CYS C 206 -24.07 11.59 -24.39
CA CYS C 206 -24.35 11.42 -22.98
C CYS C 206 -25.59 10.57 -22.76
N SER C 207 -25.63 9.87 -21.63
CA SER C 207 -26.87 9.30 -21.14
C SER C 207 -27.53 10.36 -20.30
N CYS C 208 -28.44 9.97 -19.41
CA CYS C 208 -28.99 10.97 -18.49
C CYS C 208 -27.88 11.46 -17.57
N CYS C 209 -27.82 12.77 -17.38
CA CYS C 209 -26.89 13.35 -16.43
C CYS C 209 -27.38 13.18 -15.00
N GLU C 210 -26.45 13.10 -14.05
CA GLU C 210 -26.83 13.24 -12.65
C GLU C 210 -27.37 14.65 -12.51
N GLU C 211 -28.45 14.81 -11.76
CA GLU C 211 -29.19 16.07 -11.77
C GLU C 211 -28.41 17.23 -11.18
N GLY C 212 -28.51 18.39 -11.84
CA GLY C 212 -27.99 19.63 -11.32
C GLY C 212 -26.51 19.83 -11.56
N TYR C 213 -25.87 18.87 -12.21
CA TYR C 213 -24.44 18.94 -12.47
C TYR C 213 -24.15 19.42 -13.88
N VAL C 214 -23.11 20.24 -14.03
CA VAL C 214 -22.69 20.70 -15.35
C VAL C 214 -22.19 19.54 -16.18
N THR C 215 -22.54 19.55 -17.46
CA THR C 215 -22.04 18.58 -18.42
C THR C 215 -21.40 19.32 -19.57
N GLY C 216 -20.41 18.73 -20.22
CA GLY C 216 -19.84 19.35 -21.39
C GLY C 216 -20.86 19.33 -22.49
N GLY C 217 -20.81 20.34 -23.35
CA GLY C 217 -21.71 20.44 -24.48
C GLY C 217 -23.01 21.11 -24.08
N HIS C 218 -23.15 21.38 -22.79
CA HIS C 218 -24.23 22.19 -22.30
C HIS C 218 -24.01 23.63 -22.70
N VAL C 219 -25.08 24.39 -22.87
CA VAL C 219 -24.93 25.83 -22.99
C VAL C 219 -25.27 26.49 -21.65
N LEU C 220 -24.40 27.37 -21.19
CA LEU C 220 -24.57 27.99 -19.89
C LEU C 220 -23.78 29.29 -19.74
N ARG C 221 -24.29 30.16 -18.88
CA ARG C 221 -23.56 31.37 -18.48
C ARG C 221 -22.44 31.10 -17.48
N LEU C 222 -21.41 31.94 -17.52
CA LEU C 222 -20.27 31.80 -16.62
C LEU C 222 -20.23 32.96 -15.63
N PHE C 223 -21.03 32.88 -14.58
CA PHE C 223 -21.10 33.98 -13.63
C PHE C 223 -19.82 34.27 -12.86
N HIS C 224 -19.56 35.57 -12.72
CA HIS C 224 -18.37 36.08 -12.05
C HIS C 224 -18.53 36.15 -10.53
N GLY C 225 -19.75 35.98 -10.05
CA GLY C 225 -20.03 36.11 -8.64
C GLY C 225 -21.28 36.92 -8.37
N GLU C 229 -23.19 39.28 -11.90
CA GLU C 229 -22.22 39.50 -12.96
C GLU C 229 -21.83 38.18 -13.63
N CYS C 230 -21.58 38.23 -14.93
CA CYS C 230 -21.26 37.03 -15.69
C CYS C 230 -20.38 37.32 -16.89
N LEU C 231 -19.63 36.30 -17.32
CA LEU C 231 -18.76 36.42 -18.49
C LEU C 231 -19.59 36.65 -19.74
N THR C 232 -19.10 37.50 -20.64
CA THR C 232 -19.82 37.86 -21.86
C THR C 232 -18.91 38.53 -22.88
N ILE C 233 -19.38 38.73 -24.10
CA ILE C 233 -18.63 39.53 -25.06
C ILE C 233 -19.39 40.80 -25.43
N SER C 234 -18.78 41.62 -26.29
CA SER C 234 -19.30 42.93 -26.63
C SER C 234 -20.60 42.88 -27.44
N ALA C 235 -21.39 43.93 -27.33
CA ALA C 235 -22.67 44.05 -28.02
C ALA C 235 -22.49 44.11 -29.53
N ALA C 236 -23.51 43.66 -30.25
CA ALA C 236 -23.43 43.48 -31.70
C ALA C 236 -23.19 44.79 -32.43
N ASP C 237 -22.54 44.67 -33.59
CA ASP C 237 -22.06 45.81 -34.37
C ASP C 237 -21.06 46.63 -33.56
N SER C 238 -20.27 45.94 -32.75
CA SER C 238 -19.16 46.54 -32.04
C SER C 238 -18.02 46.90 -32.98
N ASP C 239 -17.26 47.91 -32.62
CA ASP C 239 -16.01 48.22 -33.31
C ASP C 239 -15.03 47.07 -33.11
N ASP C 240 -15.25 46.32 -32.03
CA ASP C 240 -14.43 45.16 -31.67
C ASP C 240 -14.52 44.05 -32.69
N GLN C 241 -15.60 44.08 -33.47
CA GLN C 241 -16.08 42.92 -34.22
C GLN C 241 -16.35 41.78 -33.24
N ARG C 242 -16.78 42.18 -32.03
CA ARG C 242 -17.19 41.24 -31.00
C ARG C 242 -16.11 40.21 -30.66
N ARG C 243 -14.85 40.63 -30.77
CA ARG C 243 -13.73 39.75 -30.46
C ARG C 243 -13.29 39.84 -29.00
N LEU C 244 -13.45 41.03 -28.41
CA LEU C 244 -13.03 41.27 -27.03
C LEU C 244 -13.93 40.59 -26.01
N VAL C 245 -13.35 40.21 -24.88
CA VAL C 245 -14.08 39.51 -23.83
C VAL C 245 -14.25 40.41 -22.59
N TYR C 246 -15.42 40.35 -21.96
CA TYR C 246 -15.75 41.21 -20.82
C TYR C 246 -16.50 40.45 -19.72
N TYR C 247 -16.03 40.51 -18.48
CA TYR C 247 -16.91 40.26 -17.36
C TYR C 247 -17.92 41.38 -17.32
N GLU C 248 -19.19 41.09 -17.06
CA GLU C 248 -20.16 42.18 -16.94
C GLU C 248 -21.44 41.78 -16.20
N GLY C 249 -21.94 42.70 -15.38
CA GLY C 249 -23.21 42.52 -14.71
C GLY C 249 -24.36 43.16 -15.46
N GLY C 250 -25.49 43.32 -14.78
CA GLY C 250 -26.64 43.96 -15.38
C GLY C 250 -27.39 43.14 -16.42
N ALA C 251 -28.00 43.84 -17.37
CA ALA C 251 -28.96 43.25 -18.30
C ALA C 251 -28.34 42.18 -19.19
N VAL C 252 -27.01 42.19 -19.30
CA VAL C 252 -26.32 41.19 -20.09
C VAL C 252 -26.56 39.80 -19.52
N CYS C 253 -26.90 39.75 -18.24
CA CYS C 253 -27.16 38.49 -17.56
C CYS C 253 -28.30 37.71 -18.21
N THR C 254 -29.26 38.42 -18.78
CA THR C 254 -30.33 37.77 -19.52
C THR C 254 -30.01 37.67 -21.00
N HIS C 255 -29.07 38.48 -21.47
CA HIS C 255 -28.72 38.54 -22.88
C HIS C 255 -28.09 37.24 -23.36
N ALA C 256 -28.39 36.88 -24.61
CA ALA C 256 -27.90 35.65 -25.21
C ALA C 256 -26.38 35.65 -25.40
N ARG C 257 -25.80 36.84 -25.53
CA ARG C 257 -24.36 36.97 -25.71
C ARG C 257 -23.61 36.44 -24.49
N SER C 258 -24.25 36.50 -23.34
CA SER C 258 -23.67 35.98 -22.12
C SER C 258 -23.42 34.48 -22.18
N LEU C 259 -24.21 33.78 -22.98
CA LEU C 259 -24.15 32.32 -23.06
C LEU C 259 -22.82 31.79 -23.60
N TRP C 260 -22.39 30.64 -23.09
CA TRP C 260 -21.20 29.97 -23.61
C TRP C 260 -21.47 28.47 -23.70
N ARG C 261 -21.03 27.85 -24.78
CA ARG C 261 -21.11 26.40 -24.91
C ARG C 261 -19.79 25.70 -24.62
N LEU C 262 -19.79 24.85 -23.60
CA LEU C 262 -18.62 24.03 -23.31
C LEU C 262 -18.40 22.99 -24.41
N GLU C 263 -17.15 22.80 -24.80
CA GLU C 263 -16.78 21.83 -25.82
C GLU C 263 -15.61 20.93 -25.43
N PRO C 264 -15.89 19.87 -24.67
CA PRO C 264 -14.80 18.98 -24.28
C PRO C 264 -14.14 18.37 -25.51
N LEU C 265 -12.84 18.17 -25.45
CA LEU C 265 -12.07 17.84 -26.66
C LEU C 265 -12.23 16.38 -27.03
N ARG C 266 -13.46 15.99 -27.31
CA ARG C 266 -13.79 14.64 -27.73
C ARG C 266 -15.04 14.69 -28.60
N ILE C 267 -15.13 13.85 -29.61
CA ILE C 267 -16.41 13.68 -30.28
C ILE C 267 -17.28 12.77 -29.42
N SER C 268 -16.69 11.68 -28.95
CA SER C 268 -17.38 10.77 -28.04
C SER C 268 -17.57 11.41 -26.67
N TRP C 269 -18.73 11.17 -26.07
CA TRP C 269 -19.02 11.54 -24.70
C TRP C 269 -18.69 12.98 -24.32
N SER C 270 -18.92 13.92 -25.23
CA SER C 270 -18.75 15.33 -24.89
C SER C 270 -19.79 15.73 -23.84
N GLY C 271 -20.91 15.02 -23.83
CA GLY C 271 -22.01 15.32 -22.93
C GLY C 271 -21.80 14.66 -21.59
N SER C 272 -20.69 13.96 -21.45
CA SER C 272 -20.32 13.34 -20.19
C SER C 272 -20.06 14.44 -19.18
N HIS C 273 -20.26 14.13 -17.89
CA HIS C 273 -20.16 15.16 -16.86
C HIS C 273 -18.78 15.79 -16.93
N LEU C 274 -18.75 17.12 -16.85
CA LEU C 274 -17.48 17.82 -16.92
C LEU C 274 -16.62 17.46 -15.72
N ARG C 275 -15.35 17.18 -15.98
CA ARG C 275 -14.41 16.84 -14.92
C ARG C 275 -13.44 17.98 -14.68
N TRP C 276 -13.00 18.13 -13.43
CA TRP C 276 -12.05 19.16 -13.14
C TRP C 276 -10.78 18.88 -13.90
N GLY C 277 -10.19 19.93 -14.44
CA GLY C 277 -8.88 19.89 -15.05
C GLY C 277 -8.80 19.34 -16.47
N GLN C 278 -9.91 18.88 -17.02
CA GLN C 278 -9.89 18.35 -18.39
C GLN C 278 -10.01 19.46 -19.43
N PRO C 279 -9.08 19.47 -20.40
CA PRO C 279 -9.02 20.54 -21.42
C PRO C 279 -10.26 20.58 -22.30
N LEU C 280 -10.67 21.78 -22.71
CA LEU C 280 -11.81 21.93 -23.60
C LEU C 280 -11.87 23.29 -24.28
N ARG C 281 -12.48 23.32 -25.45
CA ARG C 281 -12.81 24.58 -26.11
C ARG C 281 -14.00 25.24 -25.42
N ILE C 282 -14.05 26.57 -25.41
CA ILE C 282 -15.24 27.26 -24.94
C ILE C 282 -15.86 28.08 -26.06
N ARG C 283 -16.81 27.48 -26.77
CA ARG C 283 -17.50 28.15 -27.85
C ARG C 283 -18.32 29.33 -27.34
N HIS C 284 -18.24 30.48 -28.02
CA HIS C 284 -19.31 31.46 -27.87
C HIS C 284 -20.50 31.01 -28.67
N VAL C 285 -21.70 31.30 -28.21
CA VAL C 285 -22.87 30.79 -28.91
C VAL C 285 -23.31 31.69 -30.05
N THR C 286 -23.61 32.94 -29.72
CA THR C 286 -24.23 33.86 -30.67
C THR C 286 -23.37 34.25 -31.88
N THR C 287 -22.06 34.30 -31.71
CA THR C 287 -21.17 34.53 -32.87
C THR C 287 -20.70 33.21 -33.43
N GLY C 288 -20.61 32.22 -32.53
CA GLY C 288 -20.18 30.89 -32.90
C GLY C 288 -18.66 30.78 -32.90
N ARG C 289 -17.99 31.89 -32.63
CA ARG C 289 -16.54 31.90 -32.51
C ARG C 289 -16.09 31.22 -31.22
N TYR C 290 -14.94 30.56 -31.26
CA TYR C 290 -14.39 29.93 -30.07
C TYR C 290 -13.49 30.89 -29.30
N LEU C 291 -13.67 30.94 -27.99
CA LEU C 291 -12.78 31.71 -27.13
C LEU C 291 -11.37 31.12 -27.17
N ALA C 292 -10.35 31.97 -27.27
CA ALA C 292 -8.99 31.45 -27.42
C ALA C 292 -7.88 32.43 -27.08
N LEU C 293 -6.75 31.91 -26.63
CA LEU C 293 -5.53 32.71 -26.52
C LEU C 293 -5.04 33.10 -27.90
N THR C 294 -4.51 34.32 -28.02
CA THR C 294 -3.84 34.74 -29.23
C THR C 294 -2.59 35.52 -28.83
N GLU C 295 -1.43 35.07 -29.30
CA GLU C 295 -0.18 35.73 -28.92
C GLU C 295 -0.16 37.17 -29.42
N ASP C 296 -0.84 37.40 -30.54
CA ASP C 296 -0.89 38.72 -31.16
C ASP C 296 -1.64 39.79 -30.35
N GLN C 297 -2.63 39.37 -29.56
CA GLN C 297 -3.56 40.34 -28.99
C GLN C 297 -4.18 39.84 -27.67
N GLY C 298 -3.45 38.99 -26.95
CA GLY C 298 -3.93 38.46 -25.70
C GLY C 298 -5.08 37.48 -25.91
N LEU C 299 -5.84 37.22 -24.87
CA LEU C 299 -7.06 36.42 -25.00
C LEU C 299 -8.10 37.14 -25.87
N VAL C 300 -8.71 36.42 -26.79
CA VAL C 300 -9.80 36.92 -27.63
C VAL C 300 -10.68 35.78 -28.13
N VAL C 301 -11.96 36.03 -28.30
CA VAL C 301 -12.83 35.13 -29.02
C VAL C 301 -12.45 35.23 -30.50
N VAL C 302 -12.52 34.13 -31.25
CA VAL C 302 -11.99 34.14 -32.61
C VAL C 302 -12.63 33.05 -33.48
N ASP C 303 -12.58 33.23 -34.80
CA ASP C 303 -13.22 32.32 -35.75
C ASP C 303 -12.69 30.90 -35.62
N ALA C 304 -13.58 29.94 -35.85
CA ALA C 304 -13.30 28.54 -35.57
C ALA C 304 -12.13 27.97 -36.37
N CYS C 305 -11.97 28.42 -37.61
CA CYS C 305 -10.86 27.96 -38.42
C CYS C 305 -9.51 28.37 -37.83
N LYS C 306 -9.48 29.55 -37.22
CA LYS C 306 -8.28 30.00 -36.52
C LYS C 306 -8.07 29.22 -35.23
N ALA C 307 -9.15 28.66 -34.69
CA ALA C 307 -9.11 28.06 -33.37
C ALA C 307 -8.56 26.64 -33.43
N HIS C 308 -7.28 26.51 -33.74
CA HIS C 308 -6.60 25.24 -33.57
C HIS C 308 -6.48 24.97 -32.08
N THR C 309 -6.45 23.70 -31.70
CA THR C 309 -6.69 23.31 -30.32
C THR C 309 -5.67 23.89 -29.34
N LYS C 310 -4.45 24.11 -29.80
CA LYS C 310 -3.43 24.68 -28.92
C LYS C 310 -3.76 26.12 -28.52
N ALA C 311 -4.19 26.91 -29.50
CA ALA C 311 -4.54 28.31 -29.23
C ALA C 311 -5.77 28.45 -28.34
N THR C 312 -6.67 27.47 -28.43
CA THR C 312 -7.98 27.61 -27.82
C THR C 312 -8.24 26.70 -26.62
N SER C 313 -7.26 25.89 -26.26
CA SER C 313 -7.46 24.94 -25.17
C SER C 313 -7.66 25.65 -23.84
N PHE C 314 -8.66 25.18 -23.08
CA PHE C 314 -9.03 25.75 -21.78
C PHE C 314 -9.45 24.63 -20.85
N CYS C 315 -9.32 24.87 -19.54
CA CYS C 315 -9.79 23.89 -18.58
C CYS C 315 -10.12 24.55 -17.25
N PHE C 316 -11.18 24.06 -16.62
CA PHE C 316 -11.60 24.56 -15.32
C PHE C 316 -10.69 24.04 -14.21
N ARG C 317 -10.57 24.84 -13.16
CA ARG C 317 -9.73 24.48 -12.03
C ARG C 317 -10.43 24.84 -10.71
N VAL C 318 -10.25 24.00 -9.70
CA VAL C 318 -10.80 24.25 -8.37
C VAL C 318 -10.19 25.48 -7.69
N SER C 319 -8.93 25.75 -7.99
CA SER C 319 -8.17 26.79 -7.30
C SER C 319 -6.96 27.20 -8.12
N LYS C 320 -6.25 28.22 -7.65
CA LYS C 320 -5.11 28.77 -8.38
C LYS C 320 -3.88 27.88 -8.33
N GLU C 321 -3.93 26.84 -7.50
CA GLU C 321 -2.83 25.89 -7.40
C GLU C 321 -2.55 25.19 -8.72
N LYS C 322 -1.27 25.10 -9.09
CA LYS C 322 -0.86 24.36 -10.29
C LYS C 322 -1.10 22.86 -10.16
N LEU C 323 -1.08 22.38 -8.91
CA LEU C 323 -1.09 20.95 -8.58
C LEU C 323 -0.24 20.12 -9.53
N LYS C 328 -5.96 13.16 -17.36
CA LYS C 328 -6.07 11.72 -17.42
C LYS C 328 -6.89 11.28 -18.63
N ARG C 329 -6.70 10.03 -19.06
CA ARG C 329 -7.45 9.48 -20.19
C ARG C 329 -8.93 9.42 -19.84
N ASP C 330 -9.77 9.73 -20.83
CA ASP C 330 -11.21 9.82 -20.61
C ASP C 330 -11.88 8.51 -20.21
N VAL C 331 -12.81 8.59 -19.25
CA VAL C 331 -13.74 7.50 -19.00
C VAL C 331 -14.70 7.41 -20.19
N GLU C 332 -15.02 6.19 -20.61
CA GLU C 332 -16.03 6.01 -21.65
C GLU C 332 -17.41 5.90 -21.03
N GLY C 333 -17.92 7.03 -20.56
CA GLY C 333 -19.17 7.07 -19.84
C GLY C 333 -19.45 8.50 -19.41
N MET C 334 -20.47 8.70 -18.59
CA MET C 334 -20.83 10.03 -18.18
C MET C 334 -19.65 10.63 -17.44
N GLY C 335 -18.98 9.78 -16.67
CA GLY C 335 -17.91 10.21 -15.78
C GLY C 335 -18.49 10.48 -14.42
N PRO C 336 -17.62 10.68 -13.41
CA PRO C 336 -18.16 11.04 -12.10
C PRO C 336 -18.90 12.37 -12.13
N PRO C 337 -19.99 12.50 -11.37
CA PRO C 337 -20.63 13.79 -11.17
C PRO C 337 -19.71 14.75 -10.46
N GLU C 338 -19.75 16.04 -10.79
CA GLU C 338 -18.93 17.02 -10.09
C GLU C 338 -19.55 18.40 -10.00
N ILE C 339 -19.50 19.12 -11.11
CA ILE C 339 -19.72 20.56 -11.09
C ILE C 339 -21.20 20.91 -11.07
N LYS C 340 -21.68 21.25 -9.88
CA LYS C 340 -23.03 21.78 -9.69
C LYS C 340 -23.15 23.10 -10.42
N TYR C 341 -24.30 23.36 -11.06
CA TYR C 341 -24.55 24.70 -11.53
C TYR C 341 -24.63 25.58 -10.29
N GLY C 342 -24.01 26.75 -10.34
CA GLY C 342 -24.05 27.67 -9.21
C GLY C 342 -23.08 27.37 -8.08
N GLU C 343 -23.35 26.30 -7.32
CA GLU C 343 -22.57 26.03 -6.11
C GLU C 343 -21.12 25.62 -6.36
N SER C 344 -20.82 25.11 -7.55
CA SER C 344 -19.46 24.65 -7.85
C SER C 344 -18.59 25.75 -8.49
N LEU C 345 -17.82 26.44 -7.67
CA LEU C 345 -16.92 27.49 -8.14
C LEU C 345 -15.80 26.90 -9.02
N CYS C 346 -15.34 27.67 -10.01
CA CYS C 346 -14.34 27.17 -10.95
C CYS C 346 -13.40 28.24 -11.50
N PHE C 347 -12.24 27.80 -11.98
CA PHE C 347 -11.19 28.67 -12.49
C PHE C 347 -10.70 28.23 -13.87
N VAL C 348 -10.98 29.05 -14.90
CA VAL C 348 -10.49 28.79 -16.24
C VAL C 348 -8.96 28.88 -16.33
N GLN C 349 -8.36 27.99 -17.11
CA GLN C 349 -6.92 28.06 -17.36
C GLN C 349 -6.54 27.53 -18.73
N HIS C 350 -5.92 28.38 -19.55
CA HIS C 350 -5.47 27.96 -20.87
C HIS C 350 -4.38 26.91 -20.72
N VAL C 351 -4.39 25.89 -21.56
CA VAL C 351 -3.44 24.80 -21.41
C VAL C 351 -2.07 25.09 -22.01
N ALA C 352 -2.07 25.63 -23.24
CA ALA C 352 -0.80 25.84 -23.94
C ALA C 352 0.09 26.87 -23.26
N SER C 353 -0.50 27.88 -22.63
CA SER C 353 0.28 28.88 -21.92
C SER C 353 0.32 28.63 -20.41
N GLY C 354 -0.75 28.04 -19.89
CA GLY C 354 -0.89 27.83 -18.46
C GLY C 354 -1.47 29.05 -17.77
N LEU C 355 -1.73 30.10 -18.54
CA LEU C 355 -2.23 31.35 -18.00
C LEU C 355 -3.63 31.20 -17.42
N TRP C 356 -3.85 31.81 -16.26
CA TRP C 356 -5.18 31.88 -15.66
C TRP C 356 -6.05 32.93 -16.35
N LEU C 357 -7.34 32.69 -16.39
CA LEU C 357 -8.29 33.69 -16.88
C LEU C 357 -8.37 34.89 -15.95
N THR C 358 -8.43 36.10 -16.51
CA THR C 358 -8.64 37.31 -15.71
C THR C 358 -9.09 38.52 -16.52
N TYR C 359 -8.87 39.70 -15.97
CA TYR C 359 -9.44 40.93 -16.51
C TYR C 359 -8.53 42.15 -16.35
N ALA C 360 -8.76 43.17 -17.18
CA ALA C 360 -8.03 44.42 -17.09
C ALA C 360 -8.60 45.30 -15.99
N ALA C 361 -9.21 46.41 -16.39
CA ALA C 361 -9.82 47.36 -15.46
C ALA C 361 -10.84 48.24 -16.16
N VAL C 371 -21.90 50.29 -15.60
CA VAL C 371 -20.92 51.00 -16.42
C VAL C 371 -19.68 50.14 -16.63
N LEU C 372 -19.43 49.21 -15.71
CA LEU C 372 -18.26 48.35 -15.81
C LEU C 372 -18.36 47.49 -17.06
N LYS C 373 -17.22 47.30 -17.72
CA LYS C 373 -17.16 46.59 -18.99
C LYS C 373 -15.71 46.17 -19.16
N LYS C 374 -15.15 45.60 -18.08
CA LYS C 374 -13.73 45.34 -18.00
C LYS C 374 -13.24 44.36 -19.05
N LYS C 375 -12.11 44.68 -19.68
CA LYS C 375 -11.51 43.84 -20.69
C LYS C 375 -10.97 42.57 -20.04
N ALA C 376 -11.15 41.43 -20.69
CA ALA C 376 -10.64 40.18 -20.16
C ALA C 376 -9.38 39.74 -20.89
N ILE C 377 -8.42 39.18 -20.15
CA ILE C 377 -7.17 38.67 -20.69
C ILE C 377 -6.66 37.50 -19.87
N LEU C 378 -5.86 36.64 -20.49
CA LEU C 378 -5.12 35.63 -19.76
C LEU C 378 -3.93 36.28 -19.04
N HIS C 379 -3.55 35.72 -17.89
CA HIS C 379 -2.46 36.27 -17.09
C HIS C 379 -1.95 35.24 -16.09
N GLN C 380 -0.67 35.33 -15.73
CA GLN C 380 -0.02 34.31 -14.91
C GLN C 380 -0.60 34.14 -13.51
N GLU C 381 -1.09 35.22 -12.92
CA GLU C 381 -1.51 35.17 -11.53
C GLU C 381 -3.02 35.08 -11.38
N GLY C 382 -3.69 36.19 -11.65
CA GLY C 382 -5.14 36.24 -11.59
C GLY C 382 -5.64 36.74 -10.25
N HIS C 383 -6.65 37.58 -10.28
CA HIS C 383 -7.27 38.13 -9.08
C HIS C 383 -8.16 37.10 -8.38
N MET C 384 -8.33 37.28 -7.08
CA MET C 384 -9.13 36.36 -6.26
C MET C 384 -10.60 36.30 -6.68
N ASP C 385 -11.09 37.35 -7.34
CA ASP C 385 -12.48 37.43 -7.74
C ASP C 385 -12.77 36.60 -8.99
N ASP C 386 -11.72 36.05 -9.58
CA ASP C 386 -11.81 35.33 -10.84
C ASP C 386 -12.49 33.98 -10.68
N ALA C 387 -12.77 33.61 -9.44
CA ALA C 387 -13.58 32.43 -9.20
C ALA C 387 -14.91 32.61 -9.91
N LEU C 388 -15.36 31.56 -10.58
CA LEU C 388 -16.53 31.65 -11.43
C LEU C 388 -17.47 30.52 -11.09
N PHE C 389 -18.77 30.74 -11.22
CA PHE C 389 -19.69 29.63 -11.12
C PHE C 389 -20.58 29.55 -12.34
N LEU C 390 -20.63 28.36 -12.91
CA LEU C 390 -21.43 28.07 -14.09
C LEU C 390 -22.90 28.07 -13.72
N THR C 391 -23.76 28.53 -14.61
CA THR C 391 -25.19 28.38 -14.38
C THR C 391 -25.92 28.13 -15.70
N ARG C 392 -26.82 27.16 -15.67
CA ARG C 392 -27.44 26.62 -16.88
C ARG C 392 -28.36 27.59 -17.62
N CYS C 393 -28.26 27.59 -18.94
CA CYS C 393 -29.19 28.28 -19.81
C CYS C 393 -30.53 27.56 -19.91
N GLN C 394 -31.60 28.32 -20.13
CA GLN C 394 -32.89 27.72 -20.48
C GLN C 394 -32.78 27.08 -21.86
N GLN C 395 -33.43 25.93 -22.05
CA GLN C 395 -33.34 25.23 -23.31
C GLN C 395 -33.91 26.04 -24.47
N GLU C 396 -34.99 26.77 -24.18
CA GLU C 396 -35.59 27.64 -25.17
C GLU C 396 -34.64 28.76 -25.51
N GLU C 397 -33.88 29.17 -24.51
CA GLU C 397 -33.00 30.31 -24.65
C GLU C 397 -31.75 29.93 -25.43
N SER C 398 -31.16 28.79 -25.09
CA SER C 398 -30.01 28.30 -25.85
C SER C 398 -30.39 27.95 -27.27
N GLN C 399 -31.60 27.44 -27.46
CA GLN C 399 -32.09 27.18 -28.80
C GLN C 399 -32.21 28.49 -29.55
N ALA C 400 -32.67 29.51 -28.84
CA ALA C 400 -32.84 30.83 -29.43
C ALA C 400 -31.51 31.41 -29.84
N ALA C 401 -30.48 31.10 -29.06
CA ALA C 401 -29.17 31.67 -29.29
C ALA C 401 -28.43 30.98 -30.43
N ARG C 402 -28.50 29.65 -30.47
CA ARG C 402 -27.91 28.93 -31.57
C ARG C 402 -28.61 29.34 -32.86
N MET C 403 -29.91 29.58 -32.71
CA MET C 403 -30.65 30.10 -33.84
C MET C 403 -30.17 31.49 -34.20
N ILE C 404 -29.73 32.27 -33.20
CA ILE C 404 -29.19 33.59 -33.51
C ILE C 404 -27.97 33.42 -34.36
N HIS C 405 -27.22 32.36 -34.09
CA HIS C 405 -26.01 32.13 -34.85
C HIS C 405 -26.30 31.75 -36.29
N SER C 406 -27.13 30.73 -36.49
CA SER C 406 -27.39 30.28 -37.86
C SER C 406 -28.09 31.36 -38.66
N THR C 407 -28.95 32.09 -37.98
CA THR C 407 -29.74 33.15 -38.60
C THR C 407 -28.84 34.30 -39.03
N ALA C 408 -27.99 34.73 -38.12
CA ALA C 408 -27.11 35.84 -38.42
C ALA C 408 -26.13 35.47 -39.51
N GLY C 409 -25.65 34.22 -39.52
CA GLY C 409 -24.67 33.86 -40.52
C GLY C 409 -25.32 33.76 -41.89
N LEU C 410 -26.55 33.26 -41.90
CA LEU C 410 -27.26 33.12 -43.16
C LEU C 410 -27.58 34.49 -43.74
N TYR C 411 -28.08 35.39 -42.91
CA TYR C 411 -28.39 36.72 -43.44
C TYR C 411 -27.14 37.52 -43.76
N ASN C 412 -26.01 37.24 -43.11
CA ASN C 412 -24.79 37.93 -43.49
C ASN C 412 -24.28 37.49 -44.85
N GLN C 413 -24.22 36.17 -45.07
CA GLN C 413 -23.77 35.73 -46.38
C GLN C 413 -24.78 36.15 -47.45
N PHE C 414 -26.05 36.23 -47.05
CA PHE C 414 -27.08 36.70 -47.98
C PHE C 414 -26.89 38.15 -48.34
N ILE C 415 -26.56 38.99 -47.36
CA ILE C 415 -26.29 40.40 -47.63
C ILE C 415 -25.04 40.56 -48.47
N LYS C 416 -24.06 39.68 -48.28
CA LYS C 416 -22.89 39.70 -49.14
C LYS C 416 -23.31 39.35 -50.57
N GLY C 417 -24.32 38.49 -50.68
CA GLY C 417 -24.80 38.12 -51.99
C GLY C 417 -25.53 39.27 -52.66
N LEU C 418 -26.25 40.05 -51.87
CA LEU C 418 -26.88 41.25 -52.40
C LEU C 418 -25.85 42.29 -52.79
N ASP C 419 -24.72 42.29 -52.09
CA ASP C 419 -23.59 43.13 -52.47
C ASP C 419 -22.92 42.63 -53.73
N SER C 420 -23.09 41.34 -54.05
CA SER C 420 -22.41 40.75 -55.20
C SER C 420 -22.85 41.35 -56.54
N PHE C 421 -24.08 41.86 -56.61
CA PHE C 421 -24.59 42.39 -57.87
C PHE C 421 -25.21 43.77 -57.72
N SER C 422 -24.97 44.42 -56.58
CA SER C 422 -25.53 45.74 -56.34
C SER C 422 -24.98 46.79 -57.31
N GLY C 423 -23.73 46.61 -57.75
CA GLY C 423 -23.11 47.54 -58.69
C GLY C 423 -23.05 47.02 -60.11
N LYS C 424 -23.47 45.78 -60.32
CA LYS C 424 -23.30 45.13 -61.62
C LYS C 424 -24.56 44.47 -62.15
N PRO C 425 -25.48 45.27 -62.72
CA PRO C 425 -26.65 44.69 -63.38
C PRO C 425 -26.22 43.80 -64.55
N ARG C 426 -26.94 42.72 -64.79
CA ARG C 426 -26.59 41.78 -65.85
C ARG C 426 -26.98 42.30 -67.23
N LEU C 436 -26.49 33.66 -54.42
CA LEU C 436 -27.62 34.01 -53.57
C LEU C 436 -28.28 32.77 -52.98
N PRO C 437 -28.22 32.63 -51.65
CA PRO C 437 -28.94 31.57 -50.93
C PRO C 437 -30.43 31.87 -50.79
N ILE C 438 -31.15 32.01 -51.90
CA ILE C 438 -32.53 32.48 -51.84
C ILE C 438 -33.44 31.57 -51.02
N GLU C 439 -33.47 30.30 -51.39
CA GLU C 439 -34.40 29.36 -50.79
C GLU C 439 -34.15 29.13 -49.31
N ALA C 440 -32.88 29.13 -48.91
CA ALA C 440 -32.55 28.97 -47.51
C ALA C 440 -33.00 30.18 -46.71
N VAL C 441 -32.96 31.35 -47.33
CA VAL C 441 -33.38 32.55 -46.65
C VAL C 441 -34.89 32.57 -46.53
N ILE C 442 -35.59 32.16 -47.59
CA ILE C 442 -37.04 32.12 -47.53
C ILE C 442 -37.50 31.12 -46.48
N LEU C 443 -36.73 30.04 -46.36
CA LEU C 443 -37.08 28.97 -45.45
C LEU C 443 -36.84 29.41 -44.02
N SER C 444 -35.72 30.10 -43.79
CA SER C 444 -35.43 30.65 -42.47
C SER C 444 -36.41 31.75 -42.08
N LEU C 445 -36.92 32.48 -43.07
CA LEU C 445 -37.95 33.46 -42.81
C LEU C 445 -39.25 32.81 -42.38
N GLN C 446 -39.69 31.80 -43.13
CA GLN C 446 -40.94 31.14 -42.76
C GLN C 446 -40.81 30.49 -41.40
N ASP C 447 -39.61 29.98 -41.13
CA ASP C 447 -39.41 29.15 -39.97
C ASP C 447 -39.27 30.03 -38.73
N LEU C 448 -38.60 31.17 -38.87
CA LEU C 448 -38.63 32.17 -37.80
C LEU C 448 -40.01 32.78 -37.58
N ILE C 449 -40.79 32.96 -38.65
CA ILE C 449 -42.12 33.50 -38.45
C ILE C 449 -42.98 32.51 -37.69
N GLY C 450 -42.74 31.22 -37.91
CA GLY C 450 -43.44 30.24 -37.11
C GLY C 450 -42.90 30.26 -35.71
N TYR C 451 -41.61 30.52 -35.61
CA TYR C 451 -40.90 30.54 -34.34
C TYR C 451 -41.36 31.68 -33.44
N PHE C 452 -41.76 32.79 -34.05
CA PHE C 452 -42.27 33.93 -33.30
C PHE C 452 -43.76 34.14 -33.34
N GLU C 453 -44.48 33.19 -33.90
CA GLU C 453 -45.90 33.40 -34.09
C GLU C 453 -46.60 33.54 -32.74
N PRO C 454 -47.37 34.62 -32.56
CA PRO C 454 -48.01 34.99 -31.30
C PRO C 454 -49.02 33.97 -30.80
N PRO C 455 -49.13 33.81 -29.48
CA PRO C 455 -50.05 32.82 -28.92
C PRO C 455 -51.51 33.10 -29.30
N SER C 456 -52.26 32.04 -29.54
CA SER C 456 -53.67 32.17 -29.89
C SER C 456 -54.50 32.57 -28.68
N GLU C 457 -55.57 33.32 -28.91
CA GLU C 457 -56.51 33.64 -27.84
C GLU C 457 -57.20 32.37 -27.35
N GLU C 458 -57.26 31.37 -28.24
CA GLU C 458 -57.94 30.11 -27.95
C GLU C 458 -57.27 29.37 -26.79
N LEU C 459 -55.96 29.51 -26.68
CA LEU C 459 -55.22 28.90 -25.59
C LEU C 459 -55.61 29.58 -24.27
N GLN C 460 -55.66 28.80 -23.20
CA GLN C 460 -56.05 29.34 -21.90
C GLN C 460 -55.01 30.31 -21.36
N HIS C 461 -55.47 31.25 -20.54
CA HIS C 461 -54.71 32.46 -20.24
C HIS C 461 -53.37 32.22 -19.56
N GLU C 462 -53.25 31.17 -18.76
CA GLU C 462 -51.99 30.92 -18.07
C GLU C 462 -50.93 30.45 -19.05
N GLU C 463 -51.30 29.44 -19.84
CA GLU C 463 -50.42 28.91 -20.86
C GLU C 463 -50.16 29.94 -21.95
N LYS C 464 -51.19 30.73 -22.23
CA LYS C 464 -51.06 31.82 -23.19
C LYS C 464 -50.08 32.86 -22.70
N GLN C 465 -50.05 33.04 -21.38
CA GLN C 465 -49.26 34.10 -20.81
C GLN C 465 -47.82 33.67 -20.70
N SER C 466 -47.59 32.41 -20.34
CA SER C 466 -46.24 31.85 -20.37
C SER C 466 -45.68 31.76 -21.78
N LYS C 467 -46.55 31.48 -22.73
CA LYS C 467 -46.15 31.36 -24.13
C LYS C 467 -45.76 32.72 -24.65
N LEU C 468 -46.59 33.70 -24.28
CA LEU C 468 -46.35 35.08 -24.63
C LEU C 468 -45.09 35.59 -23.95
N ARG C 469 -44.81 35.07 -22.77
CA ARG C 469 -43.62 35.45 -22.02
C ARG C 469 -42.39 34.92 -22.74
N SER C 470 -42.49 33.71 -23.24
CA SER C 470 -41.43 33.11 -24.02
C SER C 470 -41.22 33.88 -25.31
N LEU C 471 -42.29 34.43 -25.85
CA LEU C 471 -42.18 35.23 -27.07
C LEU C 471 -41.52 36.59 -26.82
N ARG C 472 -41.90 37.22 -25.72
CA ARG C 472 -41.34 38.51 -25.36
C ARG C 472 -39.86 38.27 -25.23
N ASN C 473 -39.55 37.25 -24.43
CA ASN C 473 -38.17 36.98 -24.09
C ASN C 473 -37.32 36.56 -25.27
N ARG C 474 -37.87 35.78 -26.19
CA ARG C 474 -37.11 35.41 -27.38
C ARG C 474 -36.88 36.58 -28.33
N GLN C 475 -37.87 37.46 -28.46
CA GLN C 475 -37.67 38.64 -29.29
C GLN C 475 -36.58 39.51 -28.66
N SER C 476 -36.58 39.54 -27.34
CA SER C 476 -35.56 40.26 -26.63
C SER C 476 -34.21 39.61 -26.90
N LEU C 477 -34.22 38.29 -27.02
CA LEU C 477 -33.01 37.54 -27.33
C LEU C 477 -32.48 37.81 -28.72
N PHE C 478 -33.34 38.07 -29.70
CA PHE C 478 -32.76 38.51 -30.96
C PHE C 478 -32.40 39.98 -30.93
N GLN C 479 -32.91 40.72 -29.94
CA GLN C 479 -32.64 42.15 -29.91
C GLN C 479 -31.19 42.56 -29.72
N GLU C 480 -30.48 41.93 -28.79
CA GLU C 480 -29.13 42.39 -28.44
C GLU C 480 -28.15 42.20 -29.59
N GLU C 481 -28.41 41.19 -30.43
CA GLU C 481 -27.53 40.86 -31.53
C GLU C 481 -27.82 41.71 -32.77
N GLY C 482 -28.78 42.62 -32.65
CA GLY C 482 -29.03 43.55 -33.72
C GLY C 482 -29.71 42.86 -34.88
N MET C 483 -30.45 41.80 -34.58
CA MET C 483 -31.15 41.07 -35.62
C MET C 483 -32.15 41.97 -36.31
N LEU C 484 -32.72 42.92 -35.59
CA LEU C 484 -33.55 43.92 -36.26
C LEU C 484 -32.71 44.75 -37.21
N SER C 485 -31.48 45.03 -36.81
CA SER C 485 -30.59 45.78 -37.69
C SER C 485 -30.23 44.97 -38.93
N LEU C 486 -30.14 43.66 -38.76
CA LEU C 486 -29.76 42.78 -39.84
C LEU C 486 -30.90 42.64 -40.85
N VAL C 487 -32.08 42.40 -40.31
CA VAL C 487 -33.28 42.28 -41.10
C VAL C 487 -33.57 43.59 -41.82
N LEU C 488 -33.32 44.70 -41.14
CA LEU C 488 -33.45 46.01 -41.78
C LEU C 488 -32.42 46.30 -42.86
N ASN C 489 -31.18 45.85 -42.68
CA ASN C 489 -30.23 45.99 -43.77
C ASN C 489 -30.66 45.16 -44.97
N CYS C 490 -31.26 44.00 -44.69
CA CYS C 490 -31.82 43.22 -45.78
C CYS C 490 -32.97 43.95 -46.45
N ILE C 491 -33.73 44.69 -45.65
CA ILE C 491 -34.83 45.47 -46.20
C ILE C 491 -34.28 46.58 -47.07
N ASP C 492 -33.09 47.05 -46.71
CA ASP C 492 -32.47 48.13 -47.44
C ASP C 492 -32.03 47.60 -48.80
N ARG C 493 -31.10 46.65 -48.77
CA ARG C 493 -30.53 46.16 -50.02
C ARG C 493 -31.53 45.43 -50.92
N LEU C 494 -32.51 44.73 -50.35
CA LEU C 494 -33.57 44.14 -51.19
C LEU C 494 -34.50 45.14 -51.89
N ASN C 495 -34.76 46.27 -51.25
CA ASN C 495 -35.82 47.16 -51.74
C ASN C 495 -35.44 48.26 -52.71
N VAL C 496 -34.17 48.30 -53.12
CA VAL C 496 -33.79 49.22 -54.18
C VAL C 496 -34.58 48.85 -55.43
N TYR C 497 -34.87 47.55 -55.55
CA TYR C 497 -35.62 47.01 -56.67
C TYR C 497 -37.10 47.32 -56.60
N THR C 498 -37.73 47.46 -57.77
CA THR C 498 -39.19 47.55 -57.86
C THR C 498 -39.76 46.34 -58.61
N THR C 499 -38.89 45.40 -58.96
CA THR C 499 -39.28 44.26 -59.76
C THR C 499 -39.01 42.94 -59.03
N TYR C 506 -30.15 42.65 -63.36
CA TYR C 506 -29.47 42.58 -62.08
C TYR C 506 -29.17 41.13 -61.73
N ALA C 507 -29.72 40.69 -60.60
CA ALA C 507 -29.71 39.28 -60.25
C ALA C 507 -30.54 38.53 -61.27
N GLY C 508 -30.18 37.27 -61.52
CA GLY C 508 -30.86 36.47 -62.53
C GLY C 508 -32.34 36.40 -62.20
N GLU C 509 -33.17 36.62 -63.22
CA GLU C 509 -34.59 36.86 -62.98
C GLU C 509 -35.29 35.70 -62.30
N GLU C 510 -34.81 34.48 -62.56
CA GLU C 510 -35.37 33.31 -61.89
C GLU C 510 -35.11 33.36 -60.39
N ALA C 511 -33.96 33.88 -60.01
CA ALA C 511 -33.67 34.13 -58.61
C ALA C 511 -34.57 35.23 -58.05
N ALA C 512 -34.94 36.17 -58.91
CA ALA C 512 -35.74 37.31 -58.51
C ALA C 512 -37.22 36.98 -58.46
N GLU C 513 -37.59 35.81 -58.98
CA GLU C 513 -38.98 35.40 -58.98
C GLU C 513 -39.48 35.25 -57.55
N SER C 514 -38.57 34.85 -56.67
CA SER C 514 -38.89 34.66 -55.27
C SER C 514 -38.95 35.96 -54.49
N TRP C 515 -38.42 37.03 -55.07
CA TRP C 515 -38.18 38.25 -54.31
C TRP C 515 -39.41 38.91 -53.72
N LYS C 516 -40.53 38.85 -54.44
CA LYS C 516 -41.75 39.43 -53.92
C LYS C 516 -42.22 38.67 -52.69
N GLU C 517 -42.03 37.35 -52.71
CA GLU C 517 -42.28 36.53 -51.53
C GLU C 517 -41.29 36.86 -50.43
N ILE C 518 -40.06 37.17 -50.82
CA ILE C 518 -38.98 37.30 -49.86
C ILE C 518 -39.17 38.54 -49.03
N VAL C 519 -39.38 39.66 -49.72
CA VAL C 519 -39.50 40.93 -49.02
C VAL C 519 -40.75 40.99 -48.14
N ASN C 520 -41.84 40.36 -48.60
CA ASN C 520 -43.10 40.41 -47.88
C ASN C 520 -43.01 39.52 -46.66
N LEU C 521 -42.47 38.33 -46.88
CA LEU C 521 -42.31 37.36 -45.82
C LEU C 521 -41.35 37.94 -44.79
N LEU C 522 -40.46 38.80 -45.26
CA LEU C 522 -39.42 39.35 -44.41
C LEU C 522 -39.94 40.50 -43.56
N TYR C 523 -40.79 41.36 -44.12
CA TYR C 523 -41.46 42.33 -43.25
C TYR C 523 -42.39 41.61 -42.29
N GLU C 524 -42.98 40.50 -42.73
CA GLU C 524 -43.84 39.76 -41.83
C GLU C 524 -43.03 39.24 -40.65
N LEU C 525 -41.81 38.82 -40.95
CA LEU C 525 -40.89 38.40 -39.90
C LEU C 525 -40.55 39.58 -39.02
N LEU C 526 -40.47 40.76 -39.63
CA LEU C 526 -40.02 41.92 -38.90
C LEU C 526 -41.06 42.31 -37.87
N ALA C 527 -42.30 42.42 -38.31
CA ALA C 527 -43.38 42.75 -37.41
C ALA C 527 -43.51 41.65 -36.39
N SER C 528 -43.22 40.42 -36.81
CA SER C 528 -43.30 39.30 -35.89
C SER C 528 -42.29 39.43 -34.77
N LEU C 529 -41.17 40.11 -35.04
CA LEU C 529 -40.24 40.44 -33.97
C LEU C 529 -40.74 41.62 -33.13
N ILE C 530 -41.24 42.66 -33.80
CA ILE C 530 -41.69 43.86 -33.10
C ILE C 530 -42.93 43.74 -32.20
N ARG C 531 -43.82 42.79 -32.46
CA ARG C 531 -45.13 42.81 -31.79
C ARG C 531 -45.06 42.74 -30.28
N GLY C 532 -44.08 42.02 -29.74
CA GLY C 532 -44.00 41.83 -28.31
C GLY C 532 -43.44 42.91 -27.39
N ASN C 533 -42.49 43.71 -27.86
CA ASN C 533 -41.77 44.57 -26.93
C ASN C 533 -41.95 46.05 -27.18
N ARG C 534 -42.05 46.81 -26.10
CA ARG C 534 -41.96 48.24 -26.22
C ARG C 534 -40.56 48.61 -26.71
N ALA C 535 -39.59 47.80 -26.31
CA ALA C 535 -38.18 48.09 -26.59
C ALA C 535 -37.79 48.04 -28.06
N ASN C 536 -38.35 47.09 -28.82
CA ASN C 536 -37.99 47.01 -30.23
C ASN C 536 -38.50 48.24 -30.95
N CYS C 537 -39.71 48.64 -30.58
CA CYS C 537 -40.33 49.83 -31.15
C CYS C 537 -39.56 51.07 -30.74
N ALA C 538 -39.02 51.03 -29.54
CA ALA C 538 -38.22 52.13 -29.02
C ALA C 538 -36.94 52.22 -29.82
N LEU C 539 -36.47 51.08 -30.32
CA LEU C 539 -35.31 51.09 -31.20
C LEU C 539 -35.67 51.35 -32.66
N PHE C 540 -36.96 51.34 -32.99
CA PHE C 540 -37.42 52.02 -34.20
C PHE C 540 -37.82 53.48 -34.00
N SER C 541 -37.69 53.99 -32.78
CA SER C 541 -38.20 55.33 -32.49
C SER C 541 -37.59 56.40 -33.39
N THR C 542 -36.27 56.44 -33.46
CA THR C 542 -35.60 57.28 -34.45
C THR C 542 -35.80 56.74 -35.86
N ASN C 543 -36.00 55.43 -35.95
CA ASN C 543 -35.88 54.70 -37.20
C ASN C 543 -37.21 54.72 -37.97
N LEU C 544 -38.25 55.29 -37.36
CA LEU C 544 -39.58 55.26 -37.97
C LEU C 544 -39.67 55.98 -39.31
N ASP C 545 -38.87 57.02 -39.49
CA ASP C 545 -38.91 57.79 -40.73
C ASP C 545 -38.54 56.90 -41.91
N TRP C 546 -37.63 55.97 -41.63
CA TRP C 546 -37.30 54.92 -42.57
C TRP C 546 -38.46 53.97 -42.87
N VAL C 547 -39.27 53.69 -41.84
CA VAL C 547 -40.36 52.74 -42.00
C VAL C 547 -41.45 53.34 -42.86
N VAL C 548 -41.76 54.60 -42.58
CA VAL C 548 -42.72 55.33 -43.38
C VAL C 548 -42.15 55.48 -44.78
N SER C 549 -40.83 55.60 -44.87
CA SER C 549 -40.20 55.69 -46.17
C SER C 549 -40.36 54.41 -46.98
N LYS C 550 -40.35 53.26 -46.31
CA LYS C 550 -40.48 51.99 -47.02
C LYS C 550 -41.96 51.67 -47.23
N LEU C 551 -42.81 52.44 -46.56
CA LEU C 551 -44.25 52.22 -46.59
C LEU C 551 -44.90 52.44 -47.95
N ASP C 552 -44.34 53.32 -48.75
CA ASP C 552 -44.97 53.71 -50.01
C ASP C 552 -44.56 52.76 -51.16
N ARG C 553 -43.68 51.81 -50.88
CA ARG C 553 -43.17 50.94 -51.94
C ARG C 553 -44.23 50.04 -52.57
N LEU C 554 -45.14 49.52 -51.77
CA LEU C 554 -46.22 48.72 -52.33
C LEU C 554 -45.69 47.57 -53.19
N GLU C 555 -44.54 47.00 -52.82
CA GLU C 555 -44.11 45.74 -53.42
C GLU C 555 -44.90 44.60 -52.76
N ALA C 556 -44.87 44.63 -51.44
CA ALA C 556 -45.76 43.88 -50.56
C ALA C 556 -46.03 44.82 -49.39
N SER C 557 -46.82 45.85 -49.62
CA SER C 557 -46.94 46.93 -48.66
C SER C 557 -47.48 46.51 -47.31
N SER C 558 -48.46 45.62 -47.31
CA SER C 558 -49.25 45.41 -46.12
C SER C 558 -48.36 44.99 -44.98
N GLY C 559 -47.45 44.07 -45.26
CA GLY C 559 -46.55 43.67 -44.20
C GLY C 559 -45.85 44.85 -43.55
N ILE C 560 -45.50 45.85 -44.36
CA ILE C 560 -44.89 47.07 -43.83
C ILE C 560 -45.91 47.75 -42.94
N LEU C 561 -47.16 47.60 -43.34
CA LEU C 561 -48.24 48.27 -42.69
C LEU C 561 -48.47 47.67 -41.31
N GLU C 562 -48.44 46.34 -41.26
CA GLU C 562 -48.55 45.65 -39.99
C GLU C 562 -47.34 45.97 -39.13
N VAL C 563 -46.20 46.16 -39.77
CA VAL C 563 -44.99 46.50 -39.03
C VAL C 563 -45.18 47.82 -38.32
N LEU C 564 -45.61 48.82 -39.08
CA LEU C 564 -45.72 50.16 -38.54
C LEU C 564 -46.83 50.21 -37.50
N TYR C 565 -47.87 49.41 -37.70
CA TYR C 565 -48.96 49.36 -36.73
C TYR C 565 -48.48 48.79 -35.41
N CYS C 566 -47.71 47.71 -35.49
CA CYS C 566 -47.14 47.12 -34.29
C CYS C 566 -46.15 48.06 -33.62
N VAL C 567 -45.45 48.85 -34.42
CA VAL C 567 -44.54 49.85 -33.89
C VAL C 567 -45.29 50.92 -33.13
N LEU C 568 -46.49 51.23 -33.59
CA LEU C 568 -47.23 52.31 -32.96
C LEU C 568 -47.97 51.87 -31.71
N ILE C 569 -48.60 50.70 -31.77
CA ILE C 569 -49.40 50.24 -30.65
C ILE C 569 -48.57 49.97 -29.39
N GLU C 570 -47.32 49.53 -29.58
CA GLU C 570 -46.48 49.15 -28.46
C GLU C 570 -45.66 50.28 -27.82
N SER C 571 -45.66 51.47 -28.42
CA SER C 571 -44.68 52.48 -28.02
C SER C 571 -45.15 53.93 -28.05
N PRO C 572 -45.57 54.46 -26.90
CA PRO C 572 -45.99 55.86 -26.81
C PRO C 572 -44.94 56.89 -27.21
N GLU C 573 -43.68 56.62 -26.92
CA GLU C 573 -42.62 57.59 -27.19
C GLU C 573 -42.43 57.78 -28.70
N VAL C 574 -42.60 56.68 -29.43
CA VAL C 574 -42.53 56.74 -30.88
C VAL C 574 -43.68 57.58 -31.40
N LEU C 575 -44.82 57.51 -30.73
CA LEU C 575 -45.93 58.37 -31.06
C LEU C 575 -45.61 59.82 -30.77
N ASN C 576 -44.80 60.04 -29.73
CA ASN C 576 -44.36 61.39 -29.45
C ASN C 576 -43.47 61.93 -30.56
N ILE C 577 -42.65 61.06 -31.14
CA ILE C 577 -41.71 61.50 -32.18
C ILE C 577 -42.31 62.00 -33.50
N ILE C 578 -43.43 61.42 -33.93
CA ILE C 578 -43.83 61.50 -35.34
C ILE C 578 -44.11 62.91 -35.89
N GLN C 579 -43.64 63.13 -37.12
CA GLN C 579 -43.79 64.39 -37.84
C GLN C 579 -44.95 64.38 -38.85
N GLU C 580 -45.27 65.56 -39.37
CA GLU C 580 -46.43 65.73 -40.25
C GLU C 580 -46.33 64.91 -41.54
N ASN C 581 -45.12 64.79 -42.05
CA ASN C 581 -44.90 64.12 -43.33
C ASN C 581 -45.26 62.65 -43.27
N HIS C 582 -45.04 62.06 -42.10
CA HIS C 582 -45.23 60.63 -41.95
C HIS C 582 -46.72 60.32 -41.99
N ILE C 583 -47.48 61.11 -41.25
CA ILE C 583 -48.91 60.97 -41.22
C ILE C 583 -49.52 61.28 -42.58
N LYS C 584 -48.94 62.27 -43.26
CA LYS C 584 -49.45 62.60 -44.58
C LYS C 584 -49.17 61.43 -45.53
N SER C 585 -48.09 60.71 -45.27
CA SER C 585 -47.75 59.55 -46.08
C SER C 585 -48.68 58.37 -45.81
N ILE C 586 -49.00 58.13 -44.55
CA ILE C 586 -49.89 57.03 -44.19
C ILE C 586 -51.29 57.29 -44.73
N ILE C 587 -51.73 58.53 -44.58
CA ILE C 587 -53.01 58.93 -45.10
C ILE C 587 -53.00 58.89 -46.62
N SER C 588 -51.84 59.14 -47.21
CA SER C 588 -51.73 58.97 -48.65
C SER C 588 -51.89 57.50 -49.00
N LEU C 589 -51.40 56.63 -48.13
CA LEU C 589 -51.57 55.20 -48.35
C LEU C 589 -53.04 54.85 -48.28
N LEU C 590 -53.77 55.52 -47.39
CA LEU C 590 -55.20 55.30 -47.33
C LEU C 590 -55.87 55.79 -48.59
N ASP C 591 -55.40 56.92 -49.12
CA ASP C 591 -55.95 57.38 -50.37
C ASP C 591 -55.61 56.38 -51.45
N LYS C 592 -54.37 55.92 -51.44
CA LYS C 592 -53.85 55.00 -52.43
C LYS C 592 -54.48 53.61 -52.42
N HIS C 593 -54.64 53.04 -51.24
CA HIS C 593 -55.01 51.64 -51.15
C HIS C 593 -56.49 51.44 -50.92
N GLY C 594 -57.24 52.52 -50.95
CA GLY C 594 -58.66 52.44 -50.70
C GLY C 594 -58.74 52.24 -49.21
N ARG C 595 -59.91 51.93 -48.68
CA ARG C 595 -59.99 51.61 -47.27
C ARG C 595 -59.22 50.31 -47.04
N ASN C 596 -58.41 50.36 -46.00
CA ASN C 596 -57.95 49.20 -45.26
C ASN C 596 -58.29 49.41 -43.80
N HIS C 597 -58.95 48.44 -43.21
CA HIS C 597 -59.40 48.59 -41.83
C HIS C 597 -58.16 48.80 -41.01
N LYS C 598 -57.11 48.07 -41.32
CA LYS C 598 -55.88 48.20 -40.56
C LYS C 598 -55.40 49.62 -40.71
N VAL C 599 -55.51 50.15 -41.92
CA VAL C 599 -54.95 51.45 -42.17
C VAL C 599 -55.62 52.46 -41.28
N LEU C 600 -56.94 52.38 -41.16
CA LEU C 600 -57.63 53.32 -40.29
C LEU C 600 -57.19 53.14 -38.84
N ASP C 601 -57.08 51.89 -38.45
CA ASP C 601 -56.70 51.46 -37.12
C ASP C 601 -55.30 51.93 -36.76
N VAL C 602 -54.44 52.06 -37.78
CA VAL C 602 -53.10 52.54 -37.54
C VAL C 602 -53.14 54.00 -37.15
N LEU C 603 -54.00 54.75 -37.83
CA LEU C 603 -54.20 56.15 -37.49
C LEU C 603 -54.80 56.26 -36.10
N CYS C 604 -55.65 55.30 -35.79
CA CYS C 604 -56.24 55.26 -34.46
C CYS C 604 -55.16 55.01 -33.41
N SER C 605 -54.17 54.21 -33.76
CA SER C 605 -53.03 54.00 -32.88
C SER C 605 -52.15 55.24 -32.77
N LEU C 606 -52.06 56.01 -33.85
CA LEU C 606 -51.34 57.29 -33.80
C LEU C 606 -52.03 58.24 -32.86
N CYS C 607 -53.35 58.13 -32.82
CA CYS C 607 -54.13 59.05 -32.01
C CYS C 607 -53.86 58.93 -30.51
N VAL C 608 -53.60 57.72 -30.05
CA VAL C 608 -53.54 57.46 -28.61
C VAL C 608 -52.48 56.41 -28.29
N CYS C 609 -51.79 56.63 -27.18
CA CYS C 609 -50.72 55.74 -26.74
C CYS C 609 -51.31 54.52 -26.04
N ASN C 610 -50.56 53.96 -25.10
CA ASN C 610 -51.05 52.87 -24.29
C ASN C 610 -52.25 53.31 -23.45
N GLY C 611 -52.27 54.60 -23.15
CA GLY C 611 -53.38 55.20 -22.44
C GLY C 611 -53.41 56.71 -22.65
N VAL C 612 -52.25 57.34 -22.48
CA VAL C 612 -52.15 58.78 -22.65
C VAL C 612 -52.40 59.24 -24.08
N ALA C 613 -53.11 60.36 -24.21
CA ALA C 613 -53.32 61.01 -25.51
C ALA C 613 -52.10 61.79 -25.97
N VAL C 614 -51.96 61.94 -27.29
CA VAL C 614 -50.93 62.79 -27.89
C VAL C 614 -51.58 63.82 -28.82
N ARG C 615 -51.92 64.96 -28.24
CA ARG C 615 -52.89 65.86 -28.84
C ARG C 615 -52.51 66.40 -30.22
N SER C 616 -51.26 66.85 -30.39
CA SER C 616 -50.86 67.43 -31.67
C SER C 616 -50.90 66.39 -32.79
N ASN C 617 -50.60 65.16 -32.42
CA ASN C 617 -50.58 64.06 -33.35
C ASN C 617 -51.98 63.83 -33.90
N GLN C 618 -52.96 64.15 -33.05
CA GLN C 618 -54.36 63.94 -33.34
C GLN C 618 -54.91 65.08 -34.18
N ASP C 619 -54.55 66.29 -33.75
CA ASP C 619 -55.01 67.50 -34.40
C ASP C 619 -54.46 67.47 -35.80
N LEU C 620 -53.29 66.87 -35.96
CA LEU C 620 -52.69 66.77 -37.27
C LEU C 620 -53.54 65.85 -38.16
N ILE C 621 -54.09 64.81 -37.55
CA ILE C 621 -54.96 63.88 -38.25
C ILE C 621 -56.18 64.62 -38.73
N THR C 622 -56.64 65.53 -37.89
CA THR C 622 -57.78 66.35 -38.27
C THR C 622 -57.41 67.35 -39.33
N GLU C 623 -56.13 67.71 -39.41
CA GLU C 623 -55.67 68.64 -40.42
C GLU C 623 -55.41 67.92 -41.74
N ASN C 624 -55.43 66.60 -41.72
CA ASN C 624 -55.27 65.87 -42.98
C ASN C 624 -56.51 65.10 -43.45
N LEU C 625 -56.92 64.07 -42.71
CA LEU C 625 -58.05 63.26 -43.15
C LEU C 625 -59.35 64.04 -43.29
N LEU C 626 -59.78 64.58 -42.16
CA LEU C 626 -61.11 65.18 -42.04
C LEU C 626 -61.46 66.32 -43.01
N PRO C 627 -60.58 67.34 -43.16
CA PRO C 627 -61.01 68.49 -43.96
C PRO C 627 -61.39 68.13 -45.40
N GLY C 628 -60.71 67.13 -45.95
CA GLY C 628 -60.84 66.84 -47.36
C GLY C 628 -62.08 66.07 -47.74
N ARG C 629 -62.79 65.53 -46.75
CA ARG C 629 -64.08 64.87 -46.95
C ARG C 629 -64.00 63.65 -47.89
N GLU C 630 -63.21 63.80 -48.94
CA GLU C 630 -63.18 62.90 -50.09
C GLU C 630 -62.70 61.47 -49.79
N LEU C 631 -61.87 61.32 -48.77
CA LEU C 631 -61.20 60.04 -48.54
C LEU C 631 -62.03 59.04 -47.74
N LEU C 632 -62.09 59.25 -46.43
CA LEU C 632 -62.92 58.45 -45.55
C LEU C 632 -64.40 58.76 -45.78
N LEU C 633 -65.26 57.78 -45.49
CA LEU C 633 -66.69 57.93 -45.76
C LEU C 633 -67.30 59.12 -45.03
N GLN C 634 -68.11 59.88 -45.77
CA GLN C 634 -68.85 60.98 -45.19
C GLN C 634 -70.29 60.55 -45.01
N THR C 635 -70.98 61.11 -44.02
CA THR C 635 -72.33 60.66 -43.71
C THR C 635 -73.22 61.74 -43.13
N ASN C 636 -74.50 61.69 -43.50
CA ASN C 636 -75.48 62.62 -42.96
C ASN C 636 -76.90 62.11 -43.16
N LEU C 637 -77.78 62.43 -42.21
CA LEU C 637 -79.19 62.07 -42.34
C LEU C 637 -79.81 62.87 -43.48
N ILE C 638 -80.72 62.24 -44.21
CA ILE C 638 -81.32 62.86 -45.39
C ILE C 638 -82.83 62.61 -45.41
N ASN C 639 -83.59 63.63 -45.81
CA ASN C 639 -85.01 63.45 -46.05
C ASN C 639 -85.22 62.62 -47.32
N TYR C 640 -86.19 61.71 -47.31
CA TYR C 640 -86.51 60.96 -48.52
C TYR C 640 -87.14 61.80 -49.62
N VAL C 641 -86.76 61.53 -50.85
CA VAL C 641 -87.37 62.15 -52.02
C VAL C 641 -88.38 61.22 -52.67
N THR C 642 -89.51 61.76 -53.11
CA THR C 642 -90.58 60.95 -53.70
C THR C 642 -91.18 61.74 -54.85
N SER C 643 -91.70 61.08 -55.88
CA SER C 643 -92.15 61.83 -57.06
C SER C 643 -93.33 61.20 -57.78
N ILE C 644 -94.08 62.02 -58.50
CA ILE C 644 -95.18 61.51 -59.32
C ILE C 644 -95.15 61.93 -60.79
N ARG C 645 -95.33 60.94 -61.65
CA ARG C 645 -95.72 61.16 -63.04
C ARG C 645 -97.25 61.01 -63.20
N PRO C 646 -97.90 62.07 -63.71
CA PRO C 646 -99.29 61.92 -64.14
C PRO C 646 -99.36 60.92 -65.29
N ASN C 647 -100.45 60.16 -65.37
CA ASN C 647 -100.45 58.80 -65.89
C ASN C 647 -99.95 58.55 -67.31
N ILE C 648 -100.14 59.48 -68.24
CA ILE C 648 -99.72 59.16 -69.61
C ILE C 648 -98.53 59.95 -70.11
N PHE C 649 -97.62 59.21 -70.74
CA PHE C 649 -96.34 59.70 -71.21
C PHE C 649 -96.53 60.63 -72.40
N VAL C 650 -95.73 61.68 -72.49
CA VAL C 650 -95.61 62.41 -73.74
C VAL C 650 -94.79 61.61 -74.75
N GLY C 651 -95.16 61.69 -76.03
CA GLY C 651 -94.46 60.96 -77.08
C GLY C 651 -93.86 61.86 -78.12
N GLY C 660 -94.33 65.93 -80.45
CA GLY C 660 -94.94 67.23 -80.66
C GLY C 660 -94.79 68.17 -79.48
N LYS C 661 -95.35 69.37 -79.64
CA LYS C 661 -95.40 70.35 -78.55
C LYS C 661 -96.32 69.87 -77.43
N TRP C 662 -95.94 70.16 -76.19
CA TRP C 662 -96.72 69.76 -75.02
C TRP C 662 -96.50 70.71 -73.84
N TYR C 663 -97.48 70.73 -72.94
CA TYR C 663 -97.51 71.69 -71.83
C TYR C 663 -98.39 71.20 -70.67
N PHE C 664 -98.02 71.56 -69.45
CA PHE C 664 -98.90 71.26 -68.31
C PHE C 664 -98.61 72.19 -67.14
N GLU C 665 -99.63 72.42 -66.32
CA GLU C 665 -99.46 73.24 -65.14
C GLU C 665 -99.25 72.41 -63.88
N VAL C 666 -98.63 73.06 -62.90
CA VAL C 666 -98.40 72.51 -61.58
C VAL C 666 -98.75 73.56 -60.53
N MET C 667 -99.97 73.46 -60.01
CA MET C 667 -100.35 74.21 -58.83
C MET C 667 -99.49 73.74 -57.67
N VAL C 668 -99.02 74.68 -56.86
CA VAL C 668 -98.49 74.31 -55.56
C VAL C 668 -99.64 74.48 -54.58
N ASP C 669 -99.93 73.45 -53.80
CA ASP C 669 -101.00 73.54 -52.82
C ASP C 669 -100.52 74.12 -51.50
N GLU C 670 -99.36 73.64 -51.03
CA GLU C 670 -98.80 74.08 -49.76
C GLU C 670 -97.35 73.63 -49.64
N VAL C 671 -96.53 74.42 -48.96
CA VAL C 671 -95.15 74.05 -48.67
C VAL C 671 -94.75 74.52 -47.28
N VAL C 672 -94.07 73.66 -46.53
CA VAL C 672 -93.38 74.08 -45.32
C VAL C 672 -91.90 73.76 -45.54
N PRO C 673 -91.11 74.78 -45.90
CA PRO C 673 -89.77 74.62 -46.45
C PRO C 673 -88.80 73.86 -45.54
N PHE C 674 -88.94 73.99 -44.22
CA PHE C 674 -87.95 73.45 -43.29
C PHE C 674 -88.48 72.57 -42.17
N LEU C 675 -89.58 71.87 -42.39
CA LEU C 675 -89.86 70.77 -41.49
C LEU C 675 -88.72 69.78 -41.82
N THR C 676 -88.12 69.18 -40.79
CA THR C 676 -86.79 68.54 -40.90
C THR C 676 -85.72 69.52 -41.40
N ALA C 677 -84.46 69.17 -41.18
CA ALA C 677 -83.36 70.11 -41.40
C ALA C 677 -83.15 70.54 -42.85
N GLN C 678 -83.43 69.66 -43.81
CA GLN C 678 -83.30 70.03 -45.22
C GLN C 678 -84.41 70.95 -45.69
N ALA C 679 -84.13 71.75 -46.66
CA ALA C 679 -85.23 72.34 -47.30
C ALA C 679 -85.82 71.12 -48.01
N THR C 680 -87.14 71.09 -47.90
CA THR C 680 -87.88 70.05 -48.55
C THR C 680 -87.41 70.55 -49.86
N HIS C 681 -87.18 69.66 -50.80
CA HIS C 681 -86.78 70.05 -52.11
C HIS C 681 -88.02 69.74 -52.91
N LEU C 682 -88.25 70.49 -53.97
CA LEU C 682 -89.30 70.13 -54.89
C LEU C 682 -88.71 70.41 -56.26
N ARG C 683 -88.67 69.43 -57.16
CA ARG C 683 -88.18 69.67 -58.50
C ARG C 683 -89.26 69.32 -59.51
N VAL C 684 -89.56 70.21 -60.45
CA VAL C 684 -90.62 69.87 -61.40
C VAL C 684 -90.06 69.78 -62.80
N GLY C 685 -90.25 68.66 -63.48
CA GLY C 685 -89.76 68.63 -64.85
C GLY C 685 -89.88 67.30 -65.57
N TRP C 686 -89.46 67.26 -66.82
CA TRP C 686 -89.62 66.09 -67.68
C TRP C 686 -88.66 64.94 -67.37
N ALA C 687 -89.07 63.71 -67.68
CA ALA C 687 -88.17 62.56 -67.63
C ALA C 687 -88.59 61.41 -68.56
N LEU C 688 -87.59 60.83 -69.23
CA LEU C 688 -87.78 59.69 -70.12
C LEU C 688 -87.99 58.36 -69.39
N THR C 689 -88.75 57.46 -70.03
CA THR C 689 -89.06 56.17 -69.44
C THR C 689 -87.87 55.23 -69.24
N GLU C 690 -86.85 55.38 -70.07
CA GLU C 690 -85.79 54.38 -70.14
C GLU C 690 -84.53 54.78 -69.36
N GLY C 691 -84.72 55.32 -68.16
CA GLY C 691 -83.59 55.68 -67.33
C GLY C 691 -83.95 56.23 -65.97
N TYR C 692 -85.05 56.96 -65.89
CA TYR C 692 -85.45 57.54 -64.62
C TYR C 692 -86.07 56.50 -63.71
N SER C 693 -85.29 56.08 -62.72
CA SER C 693 -85.71 55.07 -61.78
C SER C 693 -85.46 55.57 -60.36
N PRO C 694 -86.35 56.45 -59.88
CA PRO C 694 -86.19 57.15 -58.60
C PRO C 694 -86.39 56.22 -57.42
N TYR C 695 -85.45 55.31 -57.19
CA TYR C 695 -85.57 54.43 -56.05
C TYR C 695 -85.50 55.28 -54.79
N PRO C 696 -86.45 55.07 -53.87
CA PRO C 696 -86.75 55.90 -52.70
C PRO C 696 -85.57 56.07 -51.76
N GLY C 697 -84.70 55.07 -51.67
CA GLY C 697 -83.53 55.17 -50.82
C GLY C 697 -82.51 56.07 -51.47
N GLY C 698 -82.72 56.37 -52.75
CA GLY C 698 -81.93 57.35 -53.46
C GLY C 698 -80.64 56.85 -54.09
N GLY C 699 -79.93 57.76 -54.74
CA GLY C 699 -78.68 57.46 -55.39
C GLY C 699 -77.92 58.72 -55.73
N GLU C 700 -76.66 58.55 -56.12
CA GLU C 700 -75.79 59.67 -56.50
C GLU C 700 -75.72 60.77 -55.44
N GLY C 701 -75.95 62.01 -55.86
CA GLY C 701 -75.71 63.17 -55.03
C GLY C 701 -76.77 63.41 -53.97
N TRP C 702 -76.70 62.65 -52.90
CA TRP C 702 -77.61 62.77 -51.76
C TRP C 702 -79.06 62.65 -52.24
N GLY C 703 -79.26 61.88 -53.32
CA GLY C 703 -80.59 61.61 -53.84
C GLY C 703 -81.26 62.75 -54.58
N GLY C 704 -82.57 62.63 -54.76
CA GLY C 704 -83.39 63.66 -55.36
C GLY C 704 -83.51 63.66 -56.87
N ASN C 705 -84.31 64.59 -57.38
CA ASN C 705 -84.56 64.76 -58.81
C ASN C 705 -83.35 65.36 -59.51
N GLY C 706 -83.23 65.09 -60.80
CA GLY C 706 -82.19 65.68 -61.62
C GLY C 706 -80.89 64.90 -61.59
N VAL C 707 -80.86 63.81 -60.83
CA VAL C 707 -79.65 63.00 -60.72
C VAL C 707 -79.24 62.37 -62.03
N GLY C 708 -80.20 62.09 -62.90
CA GLY C 708 -79.87 61.53 -64.20
C GLY C 708 -79.74 62.58 -65.28
N ASP C 709 -78.95 62.27 -66.30
CA ASP C 709 -78.99 63.03 -67.53
C ASP C 709 -80.36 62.81 -68.14
N ASP C 710 -80.94 61.65 -67.84
CA ASP C 710 -82.28 61.30 -68.26
C ASP C 710 -83.31 62.22 -67.63
N LEU C 711 -83.02 62.66 -66.40
CA LEU C 711 -83.81 63.70 -65.74
C LEU C 711 -83.67 65.10 -66.29
N TYR C 712 -84.79 65.82 -66.33
CA TYR C 712 -84.83 67.20 -66.79
C TYR C 712 -85.73 67.96 -65.82
N SER C 713 -85.21 68.93 -65.08
CA SER C 713 -86.00 69.43 -63.95
C SER C 713 -85.80 70.90 -63.54
N TYR C 714 -86.78 71.38 -62.79
CA TYR C 714 -86.89 72.78 -62.38
C TYR C 714 -87.66 72.88 -61.06
N GLY C 715 -87.43 73.94 -60.30
CA GLY C 715 -88.14 74.14 -59.05
C GLY C 715 -87.23 74.30 -57.86
N PHE C 716 -87.77 73.92 -56.70
CA PHE C 716 -87.06 73.85 -55.43
C PHE C 716 -86.40 75.16 -55.04
N ASP C 717 -85.14 75.03 -54.65
CA ASP C 717 -84.30 76.15 -54.28
C ASP C 717 -84.04 77.06 -55.47
N GLY C 718 -84.05 78.36 -55.22
CA GLY C 718 -83.49 79.30 -56.18
C GLY C 718 -84.18 79.20 -57.52
N LEU C 719 -85.28 78.47 -57.56
CA LEU C 719 -85.88 78.02 -58.80
C LEU C 719 -84.82 77.28 -59.64
N HIS C 720 -84.63 77.76 -60.86
CA HIS C 720 -83.60 77.28 -61.80
C HIS C 720 -83.56 75.75 -61.97
N LEU C 721 -82.54 75.25 -62.64
CA LEU C 721 -82.60 73.89 -63.20
C LEU C 721 -81.55 72.86 -62.75
N TRP C 722 -81.94 71.59 -62.82
CA TRP C 722 -81.10 70.46 -62.40
C TRP C 722 -80.95 69.36 -63.44
N THR C 723 -79.71 68.98 -63.75
CA THR C 723 -79.42 67.79 -64.55
C THR C 723 -78.11 67.11 -64.16
N GLY C 724 -78.10 65.79 -64.07
CA GLY C 724 -76.90 65.08 -63.68
C GLY C 724 -76.68 65.30 -62.19
N HIS C 725 -77.76 65.67 -61.51
CA HIS C 725 -77.72 66.19 -60.14
C HIS C 725 -76.76 67.38 -60.09
N VAL C 726 -76.78 68.18 -61.15
CA VAL C 726 -76.06 69.44 -61.17
C VAL C 726 -77.07 70.58 -61.28
N ALA C 727 -77.17 71.36 -60.21
CA ALA C 727 -77.94 72.59 -60.25
C ALA C 727 -77.26 73.60 -61.14
N ARG C 728 -78.06 74.32 -61.91
CA ARG C 728 -77.58 75.46 -62.66
C ARG C 728 -78.56 76.59 -62.42
N PRO C 729 -78.05 77.83 -62.40
CA PRO C 729 -78.83 78.95 -61.86
C PRO C 729 -79.54 79.84 -62.87
N VAL C 730 -80.51 79.31 -63.62
CA VAL C 730 -81.32 80.15 -64.48
C VAL C 730 -82.10 81.16 -63.65
N THR C 731 -82.10 82.42 -64.08
CA THR C 731 -82.86 83.48 -63.42
C THR C 731 -84.36 83.43 -63.74
N SER C 732 -85.15 83.95 -62.81
CA SER C 732 -86.57 84.21 -63.09
C SER C 732 -86.89 85.64 -62.66
N PRO C 733 -87.85 86.28 -63.34
CA PRO C 733 -88.15 87.70 -63.09
C PRO C 733 -88.54 88.02 -61.65
N GLY C 734 -89.26 87.11 -60.98
CA GLY C 734 -89.60 87.31 -59.59
C GLY C 734 -88.60 86.70 -58.64
N GLN C 735 -87.69 85.89 -59.17
CA GLN C 735 -86.72 85.13 -58.38
C GLN C 735 -87.39 84.31 -57.29
N HIS C 736 -88.60 83.82 -57.54
CA HIS C 736 -89.36 83.10 -56.51
C HIS C 736 -89.25 81.58 -56.58
N LEU C 737 -88.98 80.95 -55.43
CA LEU C 737 -88.86 79.50 -55.36
C LEU C 737 -90.19 78.90 -55.71
N LEU C 738 -90.62 77.93 -54.91
CA LEU C 738 -91.97 77.41 -55.04
C LEU C 738 -92.74 77.69 -53.77
N ALA C 739 -93.22 78.92 -53.67
CA ALA C 739 -94.10 79.33 -52.58
C ALA C 739 -95.42 78.60 -52.74
N PRO C 740 -96.13 78.38 -51.63
CA PRO C 740 -97.38 77.63 -51.71
C PRO C 740 -98.39 78.22 -52.69
N GLU C 741 -98.40 79.55 -52.82
CA GLU C 741 -99.30 80.19 -53.77
C GLU C 741 -98.80 80.17 -55.21
N ASP C 742 -97.54 79.77 -55.40
CA ASP C 742 -96.93 79.75 -56.74
C ASP C 742 -97.51 78.68 -57.65
N VAL C 743 -97.52 78.96 -58.95
CA VAL C 743 -98.04 78.02 -59.93
C VAL C 743 -97.02 77.81 -61.05
N VAL C 744 -96.23 76.75 -60.93
CA VAL C 744 -95.24 76.41 -61.95
C VAL C 744 -95.98 75.90 -63.17
N SER C 745 -95.44 76.04 -64.38
CA SER C 745 -96.09 75.48 -65.56
C SER C 745 -95.09 75.06 -66.65
N CYS C 746 -94.81 73.76 -66.70
CA CYS C 746 -93.81 73.20 -67.59
C CYS C 746 -94.25 73.13 -69.05
N CYS C 747 -93.28 73.22 -69.97
CA CYS C 747 -93.56 73.08 -71.40
C CYS C 747 -92.36 72.48 -72.16
N LEU C 748 -92.64 71.66 -73.17
CA LEU C 748 -91.58 71.09 -74.01
C LEU C 748 -92.06 70.64 -75.40
N ASP C 749 -91.22 70.92 -76.40
CA ASP C 749 -91.47 70.50 -77.77
C ASP C 749 -90.68 69.25 -78.14
N LEU C 750 -91.16 68.50 -79.12
CA LEU C 750 -90.31 67.55 -79.81
C LEU C 750 -89.74 68.30 -81.03
N SER C 751 -88.72 67.73 -81.66
CA SER C 751 -87.91 68.37 -82.71
C SER C 751 -87.12 69.49 -82.08
N VAL C 752 -87.77 70.61 -81.75
CA VAL C 752 -87.12 71.59 -80.91
C VAL C 752 -87.05 71.01 -79.50
N PRO C 753 -85.84 70.95 -78.94
CA PRO C 753 -85.60 70.32 -77.63
C PRO C 753 -85.65 71.30 -76.46
N SER C 754 -86.37 72.40 -76.63
CA SER C 754 -86.37 73.47 -75.64
C SER C 754 -87.42 73.32 -74.55
N ILE C 755 -87.06 72.69 -73.45
CA ILE C 755 -87.91 72.77 -72.26
C ILE C 755 -87.93 74.21 -71.80
N SER C 756 -89.08 74.66 -71.32
CA SER C 756 -89.19 75.99 -70.74
C SER C 756 -90.22 75.98 -69.63
N PHE C 757 -90.07 76.90 -68.69
CA PHE C 757 -90.90 76.89 -67.50
C PHE C 757 -91.51 78.26 -67.27
N ARG C 758 -92.70 78.28 -66.68
CA ARG C 758 -93.38 79.54 -66.40
C ARG C 758 -94.08 79.54 -65.05
N ILE C 759 -93.40 80.04 -64.02
CA ILE C 759 -94.07 80.20 -62.73
C ILE C 759 -95.19 81.22 -62.86
N ASN C 760 -96.36 80.90 -62.32
CA ASN C 760 -97.48 81.84 -62.23
C ASN C 760 -97.82 82.50 -63.57
N GLY C 761 -97.51 81.81 -64.66
CA GLY C 761 -97.72 82.34 -65.99
C GLY C 761 -96.58 83.23 -66.46
N CYS C 762 -95.59 83.41 -65.60
CA CYS C 762 -94.42 84.22 -65.92
C CYS C 762 -93.25 83.38 -66.43
N PRO C 763 -92.79 83.66 -67.65
CA PRO C 763 -91.73 82.87 -68.30
C PRO C 763 -90.41 82.91 -67.53
N VAL C 764 -89.68 81.80 -67.55
CA VAL C 764 -88.48 81.65 -66.75
C VAL C 764 -87.29 81.39 -67.69
N GLN C 765 -87.36 81.98 -68.88
CA GLN C 765 -86.24 82.01 -69.83
C GLN C 765 -85.92 80.64 -70.43
N GLY C 766 -85.41 80.63 -71.66
CA GLY C 766 -85.02 79.39 -72.33
C GLY C 766 -83.91 78.66 -71.61
N VAL C 767 -84.01 77.34 -71.51
CA VAL C 767 -83.04 76.60 -70.72
C VAL C 767 -82.56 75.32 -71.43
N PHE C 768 -83.30 74.22 -71.27
CA PHE C 768 -82.88 72.91 -71.72
C PHE C 768 -82.80 72.76 -73.25
N GLU C 769 -81.83 71.99 -73.73
CA GLU C 769 -81.58 71.84 -75.17
C GLU C 769 -80.94 70.50 -75.58
N ALA C 770 -81.07 70.21 -76.87
CA ALA C 770 -80.35 69.13 -77.56
C ALA C 770 -80.56 67.74 -76.97
N PHE C 771 -81.76 67.47 -76.47
CA PHE C 771 -82.07 66.17 -75.89
C PHE C 771 -82.23 65.02 -76.87
N ASN C 772 -81.80 63.85 -76.42
CA ASN C 772 -82.11 62.59 -77.09
C ASN C 772 -83.59 62.24 -76.94
N LEU C 773 -84.18 61.64 -77.96
CA LEU C 773 -85.45 60.95 -77.78
C LEU C 773 -85.19 59.48 -77.52
N ASP C 774 -85.92 58.92 -76.56
CA ASP C 774 -86.01 57.48 -76.38
C ASP C 774 -87.23 57.21 -75.51
N GLY C 775 -87.92 56.12 -75.79
CA GLY C 775 -89.14 55.80 -75.05
C GLY C 775 -90.17 56.91 -75.21
N LEU C 776 -90.76 57.31 -74.09
CA LEU C 776 -91.71 58.42 -74.06
C LEU C 776 -91.43 59.31 -72.84
N PHE C 777 -91.68 60.61 -72.97
CA PHE C 777 -91.30 61.56 -71.91
C PHE C 777 -92.39 61.94 -70.92
N PHE C 778 -92.47 61.20 -69.81
CA PHE C 778 -93.43 61.56 -68.77
C PHE C 778 -93.00 62.78 -67.96
N PRO C 779 -93.95 63.68 -67.68
CA PRO C 779 -93.84 64.79 -66.73
C PRO C 779 -93.62 64.31 -65.30
N VAL C 780 -92.87 65.06 -64.49
CA VAL C 780 -92.54 64.65 -63.13
C VAL C 780 -92.68 65.77 -62.12
N VAL C 781 -93.19 65.43 -60.94
CA VAL C 781 -93.14 66.31 -59.79
C VAL C 781 -92.53 65.58 -58.61
N SER C 782 -91.23 65.83 -58.43
CA SER C 782 -90.50 65.39 -57.24
C SER C 782 -90.81 66.31 -56.07
N PHE C 783 -90.69 65.77 -54.86
CA PHE C 783 -91.10 66.47 -53.66
C PHE C 783 -90.67 65.71 -52.42
N SER C 784 -90.88 66.34 -51.28
CA SER C 784 -90.63 65.71 -50.00
C SER C 784 -91.46 66.36 -48.89
N ALA C 785 -91.54 65.69 -47.74
CA ALA C 785 -92.16 66.21 -46.53
C ALA C 785 -93.63 66.57 -46.68
N GLY C 786 -94.02 67.67 -46.04
CA GLY C 786 -95.41 68.05 -45.91
C GLY C 786 -95.91 68.79 -47.12
N VAL C 787 -95.01 68.99 -48.09
CA VAL C 787 -95.33 69.69 -49.31
C VAL C 787 -96.42 68.94 -50.09
N LYS C 788 -97.33 69.70 -50.69
CA LYS C 788 -98.42 69.15 -51.47
C LYS C 788 -98.70 70.05 -52.66
N VAL C 789 -99.10 69.46 -53.78
CA VAL C 789 -99.29 70.20 -55.03
C VAL C 789 -100.40 69.59 -55.90
N ARG C 790 -101.06 70.42 -56.70
CA ARG C 790 -101.96 69.90 -57.73
C ARG C 790 -101.29 69.81 -59.09
N PHE C 791 -101.58 68.74 -59.81
CA PHE C 791 -101.39 68.72 -61.26
C PHE C 791 -102.50 69.48 -61.97
N LEU C 792 -102.16 70.05 -63.12
CA LEU C 792 -103.16 70.54 -64.06
C LEU C 792 -102.74 70.20 -65.48
N LEU C 793 -102.94 68.94 -65.83
CA LEU C 793 -102.71 68.47 -67.19
C LEU C 793 -103.84 68.95 -68.10
N GLY C 794 -104.93 69.40 -67.48
CA GLY C 794 -106.06 69.95 -68.21
C GLY C 794 -107.34 69.15 -68.01
N GLU C 799 -107.99 72.27 -66.98
CA GLU C 799 -108.22 73.26 -65.94
C GLU C 799 -107.05 74.22 -65.80
N PHE C 800 -106.41 74.53 -66.92
CA PHE C 800 -105.24 75.42 -66.89
C PHE C 800 -105.60 76.81 -66.39
N LYS C 801 -104.77 77.34 -65.50
CA LYS C 801 -104.91 78.71 -65.02
C LYS C 801 -104.23 79.68 -66.00
N PHE C 802 -103.47 79.11 -66.94
CA PHE C 802 -102.66 79.92 -67.85
C PHE C 802 -102.25 79.15 -69.09
N LEU C 803 -102.92 79.43 -70.21
CA LEU C 803 -102.60 78.78 -71.47
C LEU C 803 -101.73 79.66 -72.36
N PRO C 804 -100.52 79.18 -72.62
CA PRO C 804 -99.55 79.90 -73.44
C PRO C 804 -99.87 79.64 -74.90
N PRO C 805 -100.10 80.71 -75.65
CA PRO C 805 -100.34 80.60 -77.09
C PRO C 805 -99.33 79.65 -77.73
N PRO C 806 -98.20 79.45 -77.05
CA PRO C 806 -97.18 78.48 -77.46
C PRO C 806 -97.84 77.22 -77.99
N GLY C 807 -98.04 77.18 -79.30
CA GLY C 807 -98.69 76.07 -79.97
C GLY C 807 -98.36 74.73 -79.35
N TYR C 808 -99.02 74.43 -78.23
CA TYR C 808 -98.79 73.17 -77.56
C TYR C 808 -100.01 72.25 -77.62
N ALA C 809 -99.77 70.97 -77.44
CA ALA C 809 -100.83 70.03 -77.15
C ALA C 809 -100.94 69.87 -75.63
N PRO C 810 -102.11 70.18 -75.07
CA PRO C 810 -102.31 70.02 -73.63
C PRO C 810 -102.19 68.56 -73.20
N CYS C 811 -101.64 68.30 -72.02
CA CYS C 811 -101.46 66.94 -71.52
C CYS C 811 -102.79 66.24 -71.30
N HIS C 812 -103.86 67.00 -71.14
CA HIS C 812 -105.19 66.42 -71.03
C HIS C 812 -105.53 65.69 -72.32
N GLU C 813 -104.92 66.14 -73.41
CA GLU C 813 -105.09 65.50 -74.71
C GLU C 813 -104.19 64.28 -74.87
N ALA C 814 -103.31 64.05 -73.90
CA ALA C 814 -102.49 62.85 -73.89
C ALA C 814 -103.28 61.65 -73.38
N VAL C 815 -104.46 61.94 -72.83
CA VAL C 815 -105.29 60.96 -72.14
C VAL C 815 -105.80 59.83 -73.02
N LEU C 816 -105.80 60.04 -74.33
CA LEU C 816 -106.65 59.29 -75.25
C LEU C 816 -106.60 57.75 -75.28
N PRO C 817 -105.40 57.13 -75.30
CA PRO C 817 -105.40 55.76 -75.83
C PRO C 817 -106.31 54.72 -75.16
N ARG C 818 -106.47 54.76 -73.83
CA ARG C 818 -107.56 54.05 -73.15
C ARG C 818 -107.53 54.27 -71.64
N GLU C 819 -106.34 54.18 -71.05
CA GLU C 819 -106.19 54.12 -69.61
C GLU C 819 -106.68 55.38 -68.91
N ARG C 820 -107.32 55.20 -67.76
CA ARG C 820 -107.77 56.32 -66.96
C ARG C 820 -106.56 57.10 -66.45
N LEU C 821 -106.68 58.42 -66.47
CA LEU C 821 -105.63 59.27 -65.92
C LEU C 821 -105.55 59.10 -64.40
N ARG C 822 -104.32 59.13 -63.88
CA ARG C 822 -104.08 58.93 -62.45
C ARG C 822 -102.61 59.19 -62.12
N LEU C 823 -102.37 60.09 -61.17
CA LEU C 823 -101.01 60.38 -60.75
C LEU C 823 -100.40 59.14 -60.10
N GLU C 824 -99.16 58.83 -60.46
CA GLU C 824 -98.51 57.60 -60.02
C GLU C 824 -97.01 57.76 -59.66
N PRO C 825 -96.49 56.89 -58.78
CA PRO C 825 -95.15 56.88 -58.17
C PRO C 825 -93.93 56.83 -59.09
N ILE C 826 -94.04 56.19 -60.27
CA ILE C 826 -92.93 55.86 -61.18
C ILE C 826 -92.22 54.60 -60.72
N LYS C 827 -92.08 53.64 -61.63
CA LYS C 827 -91.90 52.21 -61.34
C LYS C 827 -92.30 51.78 -59.92
N GLU C 828 -91.46 52.00 -58.91
CA GLU C 828 -91.86 51.59 -57.57
C GLU C 828 -91.89 50.08 -57.38
N TYR C 829 -91.40 49.64 -56.22
CA TYR C 829 -91.43 48.24 -55.85
C TYR C 829 -92.47 47.90 -54.79
N ARG C 830 -93.21 48.89 -54.30
CA ARG C 830 -94.21 48.60 -53.27
C ARG C 830 -95.39 49.56 -53.17
N ARG C 831 -96.57 49.12 -53.57
CA ARG C 831 -97.79 49.76 -53.06
C ARG C 831 -98.03 49.37 -51.60
N GLU C 832 -98.56 50.30 -50.82
CA GLU C 832 -99.01 49.97 -49.47
C GLU C 832 -100.46 49.48 -49.50
N GLY C 833 -100.63 48.22 -49.88
CA GLY C 833 -101.95 47.63 -49.98
C GLY C 833 -102.61 47.39 -48.63
N PRO C 834 -103.94 47.28 -48.62
CA PRO C 834 -104.70 47.02 -47.40
C PRO C 834 -104.31 45.72 -46.70
N ARG C 835 -103.95 44.69 -47.47
CA ARG C 835 -103.46 43.45 -46.91
C ARG C 835 -102.12 43.64 -46.23
N GLY C 836 -101.38 44.63 -46.69
CA GLY C 836 -100.02 44.85 -46.25
C GLY C 836 -99.19 45.40 -47.40
N PRO C 837 -97.87 45.27 -47.31
CA PRO C 837 -96.99 45.81 -48.35
C PRO C 837 -97.07 45.07 -49.68
N HIS C 838 -98.02 45.43 -50.54
CA HIS C 838 -98.09 44.86 -51.88
C HIS C 838 -96.86 45.26 -52.68
N LEU C 839 -96.34 44.34 -53.48
CA LEU C 839 -95.04 44.55 -54.12
C LEU C 839 -95.13 44.67 -55.63
N VAL C 840 -95.20 45.92 -56.10
CA VAL C 840 -95.37 46.23 -57.52
C VAL C 840 -94.10 46.18 -58.36
N GLY C 841 -94.28 46.10 -59.67
CA GLY C 841 -93.23 46.32 -60.63
C GLY C 841 -92.48 45.11 -61.15
N PRO C 842 -91.51 45.34 -62.06
CA PRO C 842 -91.16 46.65 -62.60
C PRO C 842 -92.04 47.16 -63.76
N SER C 843 -93.25 47.59 -63.45
CA SER C 843 -94.12 48.31 -64.38
C SER C 843 -94.30 47.62 -65.74
N ARG C 844 -94.00 48.35 -66.80
CA ARG C 844 -94.07 47.78 -68.15
C ARG C 844 -93.36 48.68 -69.14
N CYS C 845 -94.05 49.73 -69.57
CA CYS C 845 -93.52 50.69 -70.52
C CYS C 845 -94.31 51.99 -70.46
N PHE C 851 -95.13 51.59 -79.50
CA PHE C 851 -94.06 52.29 -80.20
C PHE C 851 -94.56 52.89 -81.51
N VAL C 852 -94.82 54.20 -81.49
CA VAL C 852 -95.31 54.90 -82.67
C VAL C 852 -95.85 53.90 -83.69
N PRO C 853 -97.10 54.08 -84.13
CA PRO C 853 -97.74 53.16 -85.07
C PRO C 853 -97.05 53.11 -86.43
N CYS C 854 -97.03 51.93 -87.05
CA CYS C 854 -96.41 51.74 -88.35
C CYS C 854 -96.94 50.49 -89.03
N PRO C 855 -97.82 50.68 -90.03
CA PRO C 855 -98.45 49.58 -90.76
C PRO C 855 -97.46 48.69 -91.51
N VAL C 856 -97.76 47.40 -91.58
CA VAL C 856 -97.03 46.50 -92.46
C VAL C 856 -97.35 46.87 -93.91
N ASP C 857 -96.37 46.73 -94.80
CA ASP C 857 -96.55 47.06 -96.21
C ASP C 857 -97.62 46.17 -96.84
N THR C 858 -98.47 46.76 -97.67
CA THR C 858 -99.60 46.04 -98.26
C THR C 858 -99.82 46.36 -99.73
N VAL C 859 -99.55 47.60 -100.12
CA VAL C 859 -99.85 48.07 -101.46
C VAL C 859 -99.04 47.31 -102.51
N GLN C 860 -97.88 46.81 -102.10
CA GLN C 860 -97.02 46.03 -102.97
C GLN C 860 -97.67 44.74 -103.42
N ILE C 861 -98.56 44.19 -102.59
CA ILE C 861 -99.29 42.98 -102.93
C ILE C 861 -100.21 43.24 -104.12
N VAL C 862 -100.31 42.26 -105.02
CA VAL C 862 -101.15 42.39 -106.20
C VAL C 862 -101.96 41.12 -106.44
N LEU C 863 -103.23 41.14 -106.05
CA LEU C 863 -104.10 39.99 -106.22
C LEU C 863 -104.45 39.71 -107.68
N PRO C 864 -104.32 38.44 -108.10
CA PRO C 864 -104.80 37.98 -109.41
C PRO C 864 -106.30 38.16 -109.53
N PRO C 865 -106.79 38.44 -110.74
CA PRO C 865 -108.18 38.85 -110.97
C PRO C 865 -109.22 37.82 -110.49
N HIS C 866 -108.90 36.54 -110.59
CA HIS C 866 -109.83 35.51 -110.15
C HIS C 866 -110.09 35.61 -108.64
N LEU C 867 -109.07 35.97 -107.88
CA LEU C 867 -109.26 36.30 -106.47
C LEU C 867 -110.08 37.58 -106.33
N GLU C 868 -109.86 38.49 -107.27
CA GLU C 868 -110.48 39.80 -107.23
C GLU C 868 -111.99 39.73 -107.43
N ARG C 869 -112.46 38.73 -108.17
CA ARG C 869 -113.90 38.56 -108.33
C ARG C 869 -114.55 38.20 -106.99
N ILE C 870 -113.91 37.29 -106.26
CA ILE C 870 -114.39 36.92 -104.95
C ILE C 870 -114.27 38.13 -104.02
N ARG C 871 -113.28 38.97 -104.28
CA ARG C 871 -113.16 40.20 -103.53
C ARG C 871 -114.35 41.10 -103.80
N GLU C 872 -114.82 41.10 -105.05
CA GLU C 872 -116.00 41.87 -105.42
C GLU C 872 -117.25 41.31 -104.77
N LYS C 873 -117.29 40.00 -104.57
CA LYS C 873 -118.47 39.39 -103.97
C LYS C 873 -118.53 39.66 -102.47
N LEU C 874 -117.42 39.42 -101.80
CA LEU C 874 -117.35 39.66 -100.36
C LEU C 874 -117.50 41.14 -100.04
N ALA C 875 -116.97 41.99 -100.91
CA ALA C 875 -117.21 43.42 -100.79
C ALA C 875 -118.65 43.79 -101.04
N GLU C 876 -119.32 43.05 -101.93
CA GLU C 876 -120.73 43.28 -102.16
C GLU C 876 -121.53 42.94 -100.91
N ASN C 877 -121.09 41.89 -100.23
CA ASN C 877 -121.78 41.45 -99.02
C ASN C 877 -121.55 42.44 -97.88
N ILE C 878 -120.30 42.88 -97.72
CA ILE C 878 -119.99 43.86 -96.69
C ILE C 878 -120.67 45.20 -96.96
N HIS C 879 -120.81 45.56 -98.22
CA HIS C 879 -121.55 46.76 -98.58
C HIS C 879 -123.03 46.57 -98.27
N GLU C 880 -123.52 45.33 -98.41
CA GLU C 880 -124.88 45.01 -97.98
C GLU C 880 -125.00 45.16 -96.47
N LEU C 881 -123.91 44.90 -95.76
CA LEU C 881 -123.91 45.03 -94.31
C LEU C 881 -123.92 46.49 -93.86
N TRP C 882 -123.08 47.31 -94.49
CA TRP C 882 -123.05 48.73 -94.18
C TRP C 882 -124.37 49.38 -94.58
N ALA C 883 -124.98 48.86 -95.65
CA ALA C 883 -126.27 49.38 -96.07
C ALA C 883 -127.33 49.00 -95.06
N LEU C 884 -127.29 47.75 -94.61
CA LEU C 884 -128.28 47.25 -93.65
C LEU C 884 -128.18 47.97 -92.32
N THR C 885 -126.96 48.38 -91.98
CA THR C 885 -126.72 49.03 -90.68
C THR C 885 -127.49 50.33 -90.56
N ARG C 886 -127.66 51.03 -91.67
CA ARG C 886 -128.47 52.24 -91.66
C ARG C 886 -129.93 51.99 -92.06
N ILE C 887 -130.15 51.05 -92.98
CA ILE C 887 -131.50 50.77 -93.47
C ILE C 887 -132.36 50.19 -92.35
N GLU C 888 -131.72 49.58 -91.36
CA GLU C 888 -132.43 49.11 -90.18
C GLU C 888 -133.05 50.30 -89.44
N GLN C 889 -132.43 51.47 -89.61
CA GLN C 889 -132.86 52.70 -88.95
C GLN C 889 -133.85 53.49 -89.80
N GLY C 890 -134.31 52.90 -90.91
CA GLY C 890 -135.21 53.58 -91.84
C GLY C 890 -134.52 54.40 -92.93
N TRP C 891 -133.18 54.36 -92.93
CA TRP C 891 -132.38 54.92 -94.02
C TRP C 891 -132.70 54.23 -95.36
N THR C 892 -132.67 54.98 -96.45
CA THR C 892 -133.04 54.44 -97.76
C THR C 892 -132.29 55.13 -98.90
N TYR C 893 -132.38 54.56 -100.09
CA TYR C 893 -131.67 55.07 -101.26
C TYR C 893 -132.15 56.46 -101.67
N GLY C 894 -131.22 57.29 -102.11
CA GLY C 894 -131.51 58.64 -102.56
C GLY C 894 -130.24 59.43 -102.71
N PRO C 895 -130.10 60.18 -103.82
CA PRO C 895 -128.83 60.81 -104.24
C PRO C 895 -128.21 61.78 -103.23
N VAL C 896 -129.03 62.49 -102.47
CA VAL C 896 -128.49 63.46 -101.51
C VAL C 896 -127.68 62.78 -100.41
N ARG C 897 -126.57 63.40 -100.04
CA ARG C 897 -125.66 62.83 -99.05
C ARG C 897 -125.59 63.68 -97.79
N ASP C 898 -126.36 63.30 -96.78
CA ASP C 898 -126.32 63.98 -95.48
C ASP C 898 -126.88 63.06 -94.40
N ASP C 899 -126.32 63.16 -93.19
CA ASP C 899 -126.85 62.42 -92.06
C ASP C 899 -128.25 62.88 -91.71
N ASN C 900 -128.51 64.16 -91.92
CA ASN C 900 -129.83 64.74 -91.67
C ASN C 900 -130.89 64.22 -92.63
N LYS C 901 -130.46 63.84 -93.83
CA LYS C 901 -131.37 63.47 -94.91
C LYS C 901 -132.17 62.21 -94.61
N ARG C 902 -131.62 61.34 -93.77
CA ARG C 902 -132.16 60.00 -93.55
C ARG C 902 -132.26 59.28 -94.90
N LEU C 903 -131.31 59.57 -95.78
CA LEU C 903 -131.28 59.03 -97.13
C LEU C 903 -129.89 59.23 -97.73
N HIS C 904 -129.25 58.16 -98.19
CA HIS C 904 -127.92 58.29 -98.75
C HIS C 904 -127.82 57.54 -100.07
N PRO C 905 -127.03 58.06 -101.03
CA PRO C 905 -126.84 57.44 -102.35
C PRO C 905 -126.26 56.02 -102.32
N CYS C 906 -125.40 55.74 -101.34
CA CYS C 906 -124.72 54.46 -101.28
C CYS C 906 -125.59 53.37 -100.68
N LEU C 907 -126.77 53.77 -100.18
CA LEU C 907 -127.68 52.83 -99.57
C LEU C 907 -128.42 52.03 -100.64
N VAL C 908 -127.68 51.15 -101.30
CA VAL C 908 -128.19 50.37 -102.42
C VAL C 908 -127.27 49.17 -102.65
N ASN C 909 -127.69 48.25 -103.51
CA ASN C 909 -126.87 47.09 -103.83
C ASN C 909 -125.56 47.52 -104.48
N PHE C 910 -124.48 46.83 -104.16
CA PHE C 910 -123.18 47.16 -104.71
C PHE C 910 -123.15 47.01 -106.23
N HIS C 911 -123.93 46.05 -106.73
CA HIS C 911 -124.08 45.89 -108.17
C HIS C 911 -124.79 47.09 -108.80
N SER C 912 -125.72 47.68 -108.06
CA SER C 912 -126.39 48.89 -108.50
C SER C 912 -125.43 50.08 -108.50
N LEU C 913 -124.44 50.02 -107.62
CA LEU C 913 -123.43 51.08 -107.51
C LEU C 913 -122.50 51.09 -108.72
N PRO C 914 -122.19 52.29 -109.22
CA PRO C 914 -121.15 52.41 -110.25
C PRO C 914 -119.79 51.96 -109.72
N GLU C 915 -118.96 51.38 -110.60
CA GLU C 915 -117.70 50.78 -110.20
C GLU C 915 -116.77 51.75 -109.46
N PRO C 916 -116.62 52.96 -109.99
CA PRO C 916 -115.77 53.92 -109.27
C PRO C 916 -116.28 54.20 -107.85
N GLU C 917 -117.60 54.17 -107.67
CA GLU C 917 -118.18 54.23 -106.33
C GLU C 917 -118.21 52.86 -105.67
N ARG C 918 -117.98 51.81 -106.45
CA ARG C 918 -117.86 50.46 -105.90
C ARG C 918 -116.48 50.27 -105.30
N ASN C 919 -115.58 51.20 -105.59
CA ASN C 919 -114.26 51.21 -104.97
C ASN C 919 -114.39 51.43 -103.47
N TYR C 920 -115.46 52.09 -103.05
CA TYR C 920 -115.66 52.46 -101.66
C TYR C 920 -115.77 51.23 -100.76
N ASN C 921 -116.15 50.10 -101.35
CA ASN C 921 -116.16 48.84 -100.63
C ASN C 921 -115.12 47.86 -101.18
N LEU C 922 -115.17 47.63 -102.49
CA LEU C 922 -114.30 46.66 -103.13
C LEU C 922 -112.81 47.00 -103.03
N GLN C 923 -112.46 48.28 -103.07
CA GLN C 923 -111.05 48.63 -103.05
C GLN C 923 -110.46 48.47 -101.66
N MET C 924 -111.17 48.96 -100.65
CA MET C 924 -110.67 48.82 -99.27
C MET C 924 -110.65 47.37 -98.83
N SER C 925 -111.66 46.60 -99.22
CA SER C 925 -111.68 45.18 -98.91
C SER C 925 -110.58 44.43 -99.65
N GLY C 926 -110.28 44.89 -100.86
CA GLY C 926 -109.23 44.25 -101.64
C GLY C 926 -107.87 44.55 -101.05
N GLU C 927 -107.71 45.77 -100.55
CA GLU C 927 -106.51 46.15 -99.82
C GLU C 927 -106.42 45.40 -98.51
N THR C 928 -107.58 45.01 -97.98
CA THR C 928 -107.62 44.25 -96.74
C THR C 928 -107.13 42.83 -96.97
N LEU C 929 -107.60 42.19 -98.05
CA LEU C 929 -107.06 40.88 -98.40
C LEU C 929 -105.59 40.95 -98.84
N LYS C 930 -105.21 42.06 -99.45
CA LYS C 930 -103.80 42.26 -99.77
C LYS C 930 -103.00 42.34 -98.49
N THR C 931 -103.62 42.93 -97.47
CA THR C 931 -103.04 42.95 -96.14
C THR C 931 -102.98 41.55 -95.55
N LEU C 932 -103.95 40.70 -95.92
CA LEU C 932 -103.91 39.31 -95.47
C LEU C 932 -102.73 38.59 -96.07
N LEU C 933 -102.42 38.92 -97.33
CA LEU C 933 -101.20 38.41 -97.95
C LEU C 933 -99.96 39.03 -97.33
N ALA C 934 -100.11 40.25 -96.82
CA ALA C 934 -98.98 41.03 -96.32
C ALA C 934 -98.35 40.42 -95.08
N LEU C 935 -99.17 39.73 -94.28
CA LEU C 935 -98.68 39.08 -93.07
C LEU C 935 -98.03 37.75 -93.42
N GLY C 936 -98.18 37.34 -94.67
CA GLY C 936 -97.70 36.05 -95.12
C GLY C 936 -98.73 34.97 -94.83
N CYS C 937 -99.85 35.38 -94.25
CA CYS C 937 -100.93 34.47 -93.93
C CYS C 937 -101.55 33.89 -95.20
N HIS C 938 -101.87 32.60 -95.17
CA HIS C 938 -102.51 31.96 -96.32
C HIS C 938 -103.89 32.55 -96.56
N VAL C 939 -104.20 32.81 -97.82
CA VAL C 939 -105.55 33.23 -98.21
C VAL C 939 -106.14 32.19 -99.16
N GLY C 940 -105.48 31.05 -99.27
CA GLY C 940 -105.83 30.06 -100.27
C GLY C 940 -107.13 29.33 -99.98
N MET C 941 -107.70 28.75 -101.04
CA MET C 941 -108.99 28.07 -100.97
C MET C 941 -108.96 26.85 -100.05
N ALA C 942 -110.04 26.66 -99.30
CA ALA C 942 -110.23 25.45 -98.50
C ALA C 942 -111.59 24.84 -98.79
N ASP C 943 -112.51 25.67 -99.27
CA ASP C 943 -113.88 25.24 -99.58
C ASP C 943 -114.46 26.10 -100.70
N GLU C 944 -115.51 25.59 -101.34
CA GLU C 944 -116.19 26.33 -102.41
C GLU C 944 -116.81 27.61 -101.88
N LYS C 945 -116.77 28.66 -102.70
CA LYS C 945 -117.23 29.98 -102.28
C LYS C 945 -118.76 30.09 -102.32
N ALA C 946 -119.37 30.18 -101.15
CA ALA C 946 -120.81 30.31 -101.04
C ALA C 946 -121.18 31.62 -100.33
N TYR C 959 -136.43 38.28 -90.52
CA TYR C 959 -135.84 39.39 -91.25
C TYR C 959 -136.90 40.40 -91.67
N MET C 960 -136.78 41.63 -91.18
CA MET C 960 -137.75 42.68 -91.45
C MET C 960 -137.78 43.06 -92.92
N MET C 961 -138.98 43.36 -93.43
CA MET C 961 -139.14 43.81 -94.81
C MET C 961 -138.93 45.31 -94.92
N SER C 962 -137.67 45.74 -94.82
CA SER C 962 -137.33 47.16 -94.86
C SER C 962 -137.52 47.77 -96.25
N ASN C 963 -137.78 49.07 -96.27
CA ASN C 963 -137.93 49.81 -97.53
C ASN C 963 -136.63 49.81 -98.33
N GLY C 964 -136.74 49.75 -99.65
CA GLY C 964 -135.56 49.68 -100.50
C GLY C 964 -134.96 48.29 -100.55
N TYR C 965 -133.73 48.19 -101.05
CA TYR C 965 -133.06 46.90 -101.22
C TYR C 965 -132.89 46.18 -99.89
N LYS C 966 -133.12 44.88 -99.91
CA LYS C 966 -133.18 44.07 -98.69
C LYS C 966 -132.38 42.79 -98.79
N PRO C 967 -131.04 42.88 -98.69
CA PRO C 967 -130.25 41.65 -98.79
C PRO C 967 -130.57 40.66 -97.68
N ALA C 968 -130.53 39.37 -98.00
CA ALA C 968 -130.70 38.32 -97.01
C ALA C 968 -129.64 37.25 -97.15
N PRO C 969 -128.39 37.58 -96.75
CA PRO C 969 -127.26 36.67 -96.91
C PRO C 969 -127.42 35.39 -96.10
N LEU C 970 -126.93 34.27 -96.62
CA LEU C 970 -126.86 33.05 -95.84
C LEU C 970 -125.94 33.33 -94.66
N ASP C 971 -126.28 32.81 -93.48
CA ASP C 971 -125.70 33.33 -92.25
C ASP C 971 -124.18 33.16 -92.19
N LEU C 972 -123.51 34.22 -91.78
CA LEU C 972 -122.06 34.23 -91.62
C LEU C 972 -121.68 33.81 -90.21
N SER C 973 -122.55 34.12 -89.26
CA SER C 973 -122.31 33.87 -87.84
C SER C 973 -122.26 32.37 -87.52
N HIS C 974 -122.92 31.57 -88.35
CA HIS C 974 -122.99 30.13 -88.10
C HIS C 974 -121.60 29.50 -88.15
N VAL C 975 -120.72 30.11 -88.94
CA VAL C 975 -119.34 29.66 -89.01
C VAL C 975 -118.63 29.88 -87.68
N ARG C 976 -117.85 28.89 -87.25
CA ARG C 976 -116.97 29.03 -86.11
C ARG C 976 -115.57 29.35 -86.59
N LEU C 977 -115.24 30.64 -86.68
CA LEU C 977 -113.92 31.05 -87.15
C LEU C 977 -112.83 30.55 -86.22
N THR C 978 -111.72 30.12 -86.80
CA THR C 978 -110.57 29.72 -86.00
C THR C 978 -110.01 30.96 -85.32
N PRO C 979 -109.51 30.81 -84.09
CA PRO C 979 -109.01 31.98 -83.34
C PRO C 979 -107.90 32.70 -84.08
N ALA C 980 -107.09 31.95 -84.82
CA ALA C 980 -106.02 32.54 -85.61
C ALA C 980 -106.59 33.43 -86.71
N GLN C 981 -107.77 33.08 -87.22
CA GLN C 981 -108.39 33.86 -88.28
C GLN C 981 -108.89 35.20 -87.75
N THR C 982 -109.59 35.17 -86.61
CA THR C 982 -110.06 36.41 -86.01
C THR C 982 -108.90 37.26 -85.51
N THR C 983 -107.83 36.62 -85.06
CA THR C 983 -106.64 37.35 -84.64
C THR C 983 -105.98 38.03 -85.84
N LEU C 984 -105.99 37.33 -86.98
CA LEU C 984 -105.49 37.91 -88.20
C LEU C 984 -106.37 39.08 -88.63
N VAL C 985 -107.66 38.97 -88.36
CA VAL C 985 -108.58 40.06 -88.66
C VAL C 985 -108.31 41.27 -87.78
N ASP C 986 -107.95 41.01 -86.53
CA ASP C 986 -107.58 42.10 -85.63
C ASP C 986 -106.28 42.74 -86.08
N ARG C 987 -105.39 41.93 -86.65
CA ARG C 987 -104.16 42.45 -87.22
C ARG C 987 -104.45 43.31 -88.45
N LEU C 988 -105.49 42.92 -89.18
CA LEU C 988 -105.91 43.67 -90.36
C LEU C 988 -106.46 45.02 -89.93
N ALA C 989 -107.26 44.99 -88.86
CA ALA C 989 -107.84 46.21 -88.34
C ALA C 989 -106.76 47.13 -87.78
N GLU C 990 -105.75 46.55 -87.16
CA GLU C 990 -104.61 47.32 -86.67
C GLU C 990 -103.83 47.91 -87.82
N ASN C 991 -103.80 47.18 -88.92
CA ASN C 991 -103.02 47.58 -90.09
C ASN C 991 -103.67 48.74 -90.84
N GLY C 992 -104.98 48.64 -91.03
CA GLY C 992 -105.72 49.70 -91.68
C GLY C 992 -105.86 50.88 -90.74
N HIS C 993 -105.89 50.61 -89.45
CA HIS C 993 -105.84 51.67 -88.45
C HIS C 993 -104.50 52.39 -88.44
N ASN C 994 -103.44 51.69 -88.81
CA ASN C 994 -102.12 52.30 -88.87
C ASN C 994 -101.88 53.07 -90.16
N VAL C 995 -102.36 52.55 -91.28
CA VAL C 995 -102.31 53.34 -92.51
C VAL C 995 -103.20 54.57 -92.37
N TRP C 996 -104.33 54.39 -91.70
CA TRP C 996 -105.20 55.50 -91.38
C TRP C 996 -104.51 56.43 -90.40
N ALA C 997 -103.63 55.87 -89.57
CA ALA C 997 -102.86 56.67 -88.64
C ALA C 997 -101.85 57.55 -89.39
N ARG C 998 -101.30 57.01 -90.47
CA ARG C 998 -100.46 57.82 -91.35
C ARG C 998 -101.30 58.89 -92.02
N ASP C 999 -102.55 58.54 -92.32
CA ASP C 999 -103.49 59.48 -92.91
C ASP C 999 -103.85 60.60 -91.93
N ARG C 1000 -103.79 60.28 -90.65
CA ARG C 1000 -104.17 61.23 -89.61
C ARG C 1000 -102.99 62.10 -89.25
N VAL C 1001 -101.80 61.53 -89.35
CA VAL C 1001 -100.57 62.29 -89.25
C VAL C 1001 -100.51 63.25 -90.42
N ALA C 1002 -101.13 62.83 -91.53
CA ALA C 1002 -101.32 63.69 -92.68
C ALA C 1002 -102.53 64.58 -92.52
N GLN C 1003 -103.32 64.34 -91.47
CA GLN C 1003 -104.56 65.07 -91.24
C GLN C 1003 -104.55 65.89 -89.94
N ARG C 1016 -107.92 69.17 -83.74
CA ARG C 1016 -107.70 69.20 -82.29
C ARG C 1016 -106.74 68.12 -81.78
N ARG C 1017 -107.25 66.91 -81.60
CA ARG C 1017 -106.41 65.77 -81.26
C ARG C 1017 -107.16 64.47 -81.47
N ASN C 1018 -106.72 63.69 -82.46
CA ASN C 1018 -107.30 62.38 -82.66
C ASN C 1018 -106.92 61.43 -81.53
N PRO C 1019 -107.93 60.77 -80.99
CA PRO C 1019 -107.75 59.65 -80.05
C PRO C 1019 -107.07 58.46 -80.72
N ARG C 1020 -107.41 58.22 -81.97
CA ARG C 1020 -107.13 56.96 -82.68
C ARG C 1020 -105.75 56.87 -83.33
N LEU C 1021 -104.94 57.91 -83.19
CA LEU C 1021 -103.58 57.92 -83.74
C LEU C 1021 -102.71 56.82 -83.12
N VAL C 1022 -102.89 56.58 -81.83
CA VAL C 1022 -102.12 55.58 -81.11
C VAL C 1022 -102.36 54.16 -81.64
N PRO C 1023 -101.30 53.35 -81.71
CA PRO C 1023 -101.41 52.02 -82.28
C PRO C 1023 -102.69 51.34 -81.81
N TYR C 1024 -103.28 50.52 -82.69
CA TYR C 1024 -104.58 49.92 -82.43
C TYR C 1024 -104.56 49.00 -81.22
N ARG C 1025 -103.40 48.41 -80.94
CA ARG C 1025 -103.28 47.52 -79.79
C ARG C 1025 -103.48 48.26 -78.46
N LEU C 1026 -103.11 49.53 -78.42
CA LEU C 1026 -103.24 50.30 -77.19
C LEU C 1026 -104.59 51.00 -77.02
N LEU C 1027 -105.35 51.12 -78.11
CA LEU C 1027 -106.65 51.78 -78.01
C LEU C 1027 -107.67 50.87 -77.33
N ASP C 1028 -108.66 51.48 -76.69
CA ASP C 1028 -109.62 50.74 -75.87
C ASP C 1028 -110.39 49.72 -76.69
N GLU C 1029 -110.67 48.58 -76.07
CA GLU C 1029 -111.29 47.46 -76.77
C GLU C 1029 -112.67 47.81 -77.29
N ALA C 1030 -113.38 48.69 -76.59
CA ALA C 1030 -114.67 49.13 -77.09
C ALA C 1030 -114.50 49.91 -78.40
N THR C 1031 -113.41 50.66 -78.50
CA THR C 1031 -113.03 51.29 -79.76
C THR C 1031 -112.52 50.25 -80.76
N LYS C 1032 -111.98 49.15 -80.25
CA LYS C 1032 -111.56 48.05 -81.11
C LYS C 1032 -112.76 47.40 -81.76
N ARG C 1033 -113.91 47.49 -81.09
CA ARG C 1033 -115.06 46.68 -81.45
C ARG C 1033 -115.63 46.95 -82.84
N SER C 1034 -115.48 48.17 -83.35
CA SER C 1034 -116.05 48.49 -84.65
C SER C 1034 -115.22 47.93 -85.81
N ASN C 1035 -113.93 48.22 -85.79
CA ASN C 1035 -113.03 47.68 -86.79
C ASN C 1035 -112.95 46.17 -86.69
N ARG C 1036 -113.07 45.69 -85.47
CA ARG C 1036 -113.12 44.25 -85.22
C ARG C 1036 -114.40 43.66 -85.79
N ASP C 1037 -115.49 44.42 -85.73
CA ASP C 1037 -116.74 43.95 -86.30
C ASP C 1037 -116.64 43.89 -87.82
N SER C 1038 -115.96 44.87 -88.41
CA SER C 1038 -115.85 44.91 -89.86
C SER C 1038 -114.94 43.80 -90.38
N LEU C 1039 -113.78 43.66 -89.74
CA LEU C 1039 -112.81 42.68 -90.16
C LEU C 1039 -113.28 41.26 -89.88
N CYS C 1040 -113.83 41.03 -88.70
CA CYS C 1040 -114.38 39.71 -88.37
C CYS C 1040 -115.61 39.36 -89.21
N GLN C 1041 -116.40 40.37 -89.59
CA GLN C 1041 -117.54 40.09 -90.45
C GLN C 1041 -117.06 39.72 -91.85
N ALA C 1042 -116.06 40.46 -92.34
CA ALA C 1042 -115.53 40.15 -93.65
C ALA C 1042 -114.85 38.78 -93.67
N VAL C 1043 -114.21 38.43 -92.56
CA VAL C 1043 -113.65 37.09 -92.40
C VAL C 1043 -114.72 36.02 -92.32
N ARG C 1044 -115.87 36.37 -91.74
CA ARG C 1044 -117.00 35.45 -91.72
C ARG C 1044 -117.51 35.23 -93.13
N THR C 1045 -117.41 36.28 -93.95
CA THR C 1045 -117.67 36.14 -95.37
C THR C 1045 -116.61 35.28 -96.05
N LEU C 1046 -115.39 35.33 -95.53
CA LEU C 1046 -114.29 34.58 -96.13
C LEU C 1046 -114.40 33.08 -95.87
N LEU C 1047 -114.77 32.71 -94.65
CA LEU C 1047 -115.03 31.31 -94.36
C LEU C 1047 -116.41 30.94 -94.84
N GLY C 1048 -117.22 31.95 -95.17
CA GLY C 1048 -118.47 31.72 -95.86
C GLY C 1048 -118.15 31.41 -97.30
N TYR C 1049 -117.01 31.91 -97.76
CA TYR C 1049 -116.42 31.48 -99.02
C TYR C 1049 -115.60 30.22 -98.79
N GLY C 1050 -115.42 29.89 -97.52
CA GLY C 1050 -114.69 28.71 -97.11
C GLY C 1050 -113.19 28.86 -97.03
N TYR C 1051 -112.68 30.05 -97.35
CA TYR C 1051 -111.25 30.27 -97.39
C TYR C 1051 -110.57 30.18 -96.01
N ASN C 1052 -109.42 29.53 -95.98
CA ASN C 1052 -108.57 29.50 -94.78
C ASN C 1052 -107.81 30.80 -94.61
N ILE C 1053 -107.46 31.13 -93.36
CA ILE C 1053 -106.65 32.33 -93.09
C ILE C 1053 -105.71 32.12 -91.90
N GLU C 1054 -104.58 31.48 -92.16
CA GLU C 1054 -103.55 31.31 -91.14
C GLU C 1054 -102.16 31.66 -91.69
N PRO C 1055 -101.24 32.05 -90.80
CA PRO C 1055 -99.85 32.43 -91.12
C PRO C 1055 -99.14 31.39 -91.99
N ARG C 1071 -86.66 44.94 -66.36
CA ARG C 1071 -86.08 43.63 -66.14
C ARG C 1071 -86.94 42.81 -65.19
N VAL C 1072 -86.32 42.21 -64.17
CA VAL C 1072 -87.03 41.45 -63.15
C VAL C 1072 -86.42 41.68 -61.77
N ARG C 1073 -87.13 42.40 -60.88
CA ARG C 1073 -86.66 42.54 -59.51
C ARG C 1073 -86.63 41.21 -58.76
N ILE C 1074 -85.65 41.04 -57.89
CA ILE C 1074 -85.62 39.89 -57.00
C ILE C 1074 -85.60 40.30 -55.53
N PHE C 1075 -86.78 40.27 -54.92
CA PHE C 1075 -86.96 40.51 -53.50
C PHE C 1075 -86.35 39.41 -52.64
N ARG C 1076 -85.70 39.80 -51.55
CA ARG C 1076 -85.15 38.83 -50.61
C ARG C 1076 -84.92 39.43 -49.22
N ALA C 1077 -85.01 38.58 -48.20
CA ALA C 1077 -84.80 38.98 -46.81
C ALA C 1077 -83.33 39.29 -46.53
N GLU C 1078 -83.10 40.12 -45.51
CA GLU C 1078 -81.75 40.47 -45.09
C GLU C 1078 -80.98 39.27 -44.54
N LYS C 1079 -79.68 39.22 -44.81
CA LYS C 1079 -78.85 38.06 -44.46
C LYS C 1079 -78.76 37.82 -42.96
N SER C 1080 -78.95 38.86 -42.16
CA SER C 1080 -78.98 38.70 -40.72
C SER C 1080 -80.18 37.84 -40.33
N TYR C 1081 -81.20 37.84 -41.17
CA TYR C 1081 -82.44 37.15 -40.88
C TYR C 1081 -82.47 35.69 -41.33
N THR C 1082 -81.36 35.19 -41.88
CA THR C 1082 -81.37 33.82 -42.41
C THR C 1082 -81.74 32.79 -41.37
N VAL C 1083 -82.63 31.87 -41.75
CA VAL C 1083 -82.87 30.69 -40.95
C VAL C 1083 -81.69 29.76 -41.16
N GLN C 1084 -81.35 28.97 -40.17
CA GLN C 1084 -80.24 28.03 -40.34
C GLN C 1084 -80.43 26.84 -39.42
N SER C 1085 -81.51 26.88 -38.62
CA SER C 1085 -81.87 25.76 -37.77
C SER C 1085 -83.37 25.70 -37.53
N GLY C 1086 -83.91 24.49 -37.50
CA GLY C 1086 -85.31 24.28 -37.17
C GLY C 1086 -86.24 24.43 -38.36
N ARG C 1087 -87.50 24.04 -38.16
CA ARG C 1087 -88.52 24.24 -39.19
C ARG C 1087 -88.89 25.72 -39.29
N TRP C 1088 -89.27 26.17 -40.48
CA TRP C 1088 -89.56 27.59 -40.72
C TRP C 1088 -90.54 27.77 -41.87
N TYR C 1089 -91.15 28.94 -41.96
CA TYR C 1089 -92.18 29.13 -42.97
C TYR C 1089 -92.47 30.59 -43.35
N PHE C 1090 -92.36 30.92 -44.64
CA PHE C 1090 -92.72 32.28 -45.05
C PHE C 1090 -93.83 32.21 -46.09
N GLU C 1091 -94.26 33.37 -46.58
CA GLU C 1091 -95.52 33.43 -47.33
C GLU C 1091 -95.55 34.38 -48.52
N PHE C 1092 -96.54 34.20 -49.36
CA PHE C 1092 -96.73 35.05 -50.52
C PHE C 1092 -98.20 35.15 -50.94
N GLU C 1093 -98.87 36.21 -50.51
CA GLU C 1093 -100.19 36.51 -51.07
C GLU C 1093 -100.03 36.94 -52.54
N ALA C 1094 -100.92 36.47 -53.39
CA ALA C 1094 -100.79 36.73 -54.83
C ALA C 1094 -101.64 37.91 -55.29
N VAL C 1095 -101.05 39.11 -55.28
CA VAL C 1095 -101.75 40.29 -55.75
C VAL C 1095 -102.09 40.22 -57.24
N THR C 1096 -101.25 39.53 -58.02
CA THR C 1096 -101.48 39.44 -59.46
C THR C 1096 -100.99 38.13 -60.05
N THR C 1097 -101.77 37.59 -60.98
CA THR C 1097 -101.39 36.38 -61.71
C THR C 1097 -100.22 36.64 -62.65
N GLY C 1098 -99.34 35.64 -62.77
CA GLY C 1098 -98.20 35.75 -63.66
C GLY C 1098 -97.05 34.85 -63.24
N GLU C 1099 -95.90 35.03 -63.88
CA GLU C 1099 -94.73 34.21 -63.57
C GLU C 1099 -93.97 34.73 -62.36
N MET C 1100 -94.60 34.65 -61.19
CA MET C 1100 -93.91 34.92 -59.93
C MET C 1100 -92.94 33.80 -59.60
N ARG C 1101 -91.86 34.12 -58.90
CA ARG C 1101 -90.91 33.10 -58.49
C ARG C 1101 -90.69 33.13 -56.99
N VAL C 1102 -91.53 32.40 -56.25
CA VAL C 1102 -91.49 32.43 -54.79
C VAL C 1102 -90.84 31.19 -54.20
N GLY C 1103 -89.98 31.38 -53.20
CA GLY C 1103 -89.38 30.27 -52.48
C GLY C 1103 -88.12 30.64 -51.74
N TRP C 1104 -87.58 29.69 -50.99
CA TRP C 1104 -86.33 29.87 -50.26
C TRP C 1104 -85.14 30.00 -51.20
N ALA C 1105 -84.16 30.79 -50.82
CA ALA C 1105 -82.93 30.90 -51.59
C ALA C 1105 -81.76 31.38 -50.73
N ARG C 1106 -80.57 31.01 -51.15
CA ARG C 1106 -79.34 31.32 -50.42
C ARG C 1106 -78.98 32.81 -50.50
N PRO C 1107 -78.41 33.34 -49.42
CA PRO C 1107 -77.98 34.74 -49.32
C PRO C 1107 -76.95 35.11 -50.39
N GLU C 1108 -76.14 34.14 -50.77
CA GLU C 1108 -75.03 34.36 -51.69
C GLU C 1108 -75.45 34.84 -53.07
N LEU C 1109 -76.71 34.60 -53.44
CA LEU C 1109 -77.11 34.66 -54.85
C LEU C 1109 -76.85 35.99 -55.54
N ARG C 1110 -76.39 35.90 -56.79
CA ARG C 1110 -76.27 37.07 -57.64
C ARG C 1110 -77.62 37.58 -58.09
N PRO C 1111 -77.83 38.89 -57.99
CA PRO C 1111 -78.96 39.51 -58.68
C PRO C 1111 -78.90 39.28 -60.18
N ASP C 1112 -77.67 39.23 -60.71
CA ASP C 1112 -77.44 39.27 -62.15
C ASP C 1112 -77.43 37.85 -62.70
N VAL C 1113 -78.40 37.07 -62.22
CA VAL C 1113 -78.60 35.70 -62.67
C VAL C 1113 -80.10 35.45 -62.66
N GLU C 1114 -80.59 34.68 -63.62
CA GLU C 1114 -82.01 34.33 -63.64
C GLU C 1114 -82.27 33.55 -62.37
N LEU C 1115 -83.37 33.88 -61.68
CA LEU C 1115 -83.60 33.28 -60.37
C LEU C 1115 -83.80 31.78 -60.53
N GLY C 1116 -83.17 31.00 -59.67
CA GLY C 1116 -83.36 29.56 -59.64
C GLY C 1116 -82.52 28.83 -60.67
N ALA C 1117 -81.80 29.59 -61.48
CA ALA C 1117 -80.92 29.01 -62.49
C ALA C 1117 -79.71 28.36 -61.85
N ASP C 1118 -79.40 28.79 -60.63
CA ASP C 1118 -78.16 28.39 -59.97
C ASP C 1118 -78.39 27.54 -58.72
N GLU C 1119 -77.30 27.21 -58.06
CA GLU C 1119 -77.31 26.42 -56.83
C GLU C 1119 -77.96 27.21 -55.70
N LEU C 1120 -78.04 28.52 -55.88
CA LEU C 1120 -78.35 29.46 -54.81
C LEU C 1120 -79.84 29.68 -54.54
N ALA C 1121 -80.73 29.03 -55.29
CA ALA C 1121 -82.16 29.29 -55.13
C ALA C 1121 -83.06 28.05 -55.19
N TYR C 1122 -84.22 28.16 -54.56
CA TYR C 1122 -85.22 27.09 -54.48
C TYR C 1122 -86.65 27.66 -54.57
N VAL C 1123 -87.26 27.60 -55.75
CA VAL C 1123 -88.57 28.23 -55.96
C VAL C 1123 -89.42 27.43 -56.95
N PHE C 1124 -90.72 27.71 -57.01
CA PHE C 1124 -91.54 27.28 -58.14
C PHE C 1124 -92.14 28.52 -58.77
N ASN C 1125 -92.26 28.55 -60.10
CA ASN C 1125 -92.91 29.68 -60.77
C ASN C 1125 -94.38 29.75 -60.43
N GLY C 1126 -94.91 30.96 -60.25
CA GLY C 1126 -96.31 31.13 -59.94
C GLY C 1126 -97.20 30.75 -61.10
N HIS C 1127 -96.74 31.07 -62.30
CA HIS C 1127 -97.29 30.52 -63.53
C HIS C 1127 -96.73 29.11 -63.72
N ARG C 1128 -97.47 28.25 -64.42
CA ARG C 1128 -97.05 26.87 -64.71
C ARG C 1128 -96.89 26.03 -63.44
N GLY C 1129 -96.24 26.59 -62.42
CA GLY C 1129 -96.08 25.92 -61.14
C GLY C 1129 -94.88 25.00 -61.06
N GLN C 1130 -94.12 24.93 -62.16
CA GLN C 1130 -92.88 24.15 -62.15
C GLN C 1130 -91.85 24.76 -61.18
N ARG C 1131 -91.30 23.88 -60.34
CA ARG C 1131 -90.30 24.25 -59.36
C ARG C 1131 -89.00 24.53 -60.08
N TRP C 1132 -88.25 25.51 -59.61
CA TRP C 1132 -86.99 25.82 -60.25
C TRP C 1132 -85.80 25.72 -59.31
N HIS C 1133 -84.86 24.86 -59.66
CA HIS C 1133 -83.52 24.89 -59.13
C HIS C 1133 -82.57 24.36 -60.19
N LEU C 1134 -81.45 25.03 -60.41
CA LEU C 1134 -80.48 24.49 -61.36
C LEU C 1134 -81.14 24.20 -62.69
N GLY C 1135 -82.00 25.11 -63.13
CA GLY C 1135 -82.86 24.88 -64.27
C GLY C 1135 -84.21 24.29 -63.92
N SER C 1136 -85.15 24.46 -64.84
CA SER C 1136 -86.55 24.08 -64.62
C SER C 1136 -86.81 22.58 -64.47
N GLU C 1137 -87.72 22.25 -63.56
CA GLU C 1137 -88.42 20.97 -63.58
C GLU C 1137 -89.90 21.20 -63.28
N PRO C 1138 -90.79 20.37 -63.85
CA PRO C 1138 -92.23 20.42 -63.56
C PRO C 1138 -92.54 20.10 -62.09
N PHE C 1139 -93.56 20.73 -61.52
CA PHE C 1139 -93.95 20.45 -60.15
C PHE C 1139 -95.47 20.58 -59.98
N GLY C 1140 -95.95 21.71 -59.47
CA GLY C 1140 -97.36 21.87 -59.20
C GLY C 1140 -98.16 22.56 -60.29
N ARG C 1141 -99.49 22.49 -60.16
CA ARG C 1141 -100.40 23.26 -61.00
C ARG C 1141 -100.40 24.72 -60.57
N PRO C 1142 -100.35 25.66 -61.53
CA PRO C 1142 -100.31 27.07 -61.15
C PRO C 1142 -101.57 27.50 -60.41
N TRP C 1143 -101.41 28.41 -59.46
CA TRP C 1143 -102.53 29.00 -58.74
C TRP C 1143 -103.42 29.91 -59.57
N GLN C 1144 -104.72 29.88 -59.24
CA GLN C 1144 -105.69 30.85 -59.71
C GLN C 1144 -105.38 32.18 -59.04
N SER C 1145 -105.76 33.28 -59.69
CA SER C 1145 -105.40 34.58 -59.17
C SER C 1145 -105.93 34.76 -57.75
N GLY C 1146 -105.10 35.38 -56.90
CA GLY C 1146 -105.47 35.69 -55.54
C GLY C 1146 -105.25 34.56 -54.55
N ASP C 1147 -104.77 33.42 -55.03
CA ASP C 1147 -104.45 32.31 -54.14
C ASP C 1147 -103.25 32.64 -53.25
N VAL C 1148 -103.30 32.19 -52.01
CA VAL C 1148 -102.25 32.49 -51.05
C VAL C 1148 -101.14 31.44 -51.07
N VAL C 1149 -100.08 31.72 -51.82
CA VAL C 1149 -98.92 30.84 -51.89
C VAL C 1149 -98.20 30.78 -50.54
N GLY C 1150 -97.68 29.61 -50.18
CA GLY C 1150 -96.91 29.46 -48.96
C GLY C 1150 -95.62 28.69 -49.18
N CYS C 1151 -94.62 28.96 -48.35
CA CYS C 1151 -93.32 28.31 -48.50
C CYS C 1151 -92.70 27.85 -47.19
N MET C 1152 -92.97 26.59 -46.87
CA MET C 1152 -92.35 25.87 -45.77
C MET C 1152 -90.92 25.47 -46.06
N ILE C 1153 -90.14 25.32 -45.01
CA ILE C 1153 -88.91 24.55 -45.07
C ILE C 1153 -88.71 23.76 -43.77
N ASP C 1154 -88.29 22.52 -43.92
CA ASP C 1154 -87.91 21.70 -42.78
C ASP C 1154 -86.40 21.57 -42.74
N LEU C 1155 -85.79 22.13 -41.70
CA LEU C 1155 -84.38 21.88 -41.44
C LEU C 1155 -84.31 20.63 -40.58
N THR C 1156 -83.09 20.11 -40.42
CA THR C 1156 -82.83 18.76 -39.88
C THR C 1156 -83.27 17.72 -40.91
N GLU C 1157 -84.56 17.53 -41.06
CA GLU C 1157 -85.09 16.81 -42.22
C GLU C 1157 -85.23 17.78 -43.37
N ASN C 1158 -84.22 17.84 -44.23
CA ASN C 1158 -84.05 18.95 -45.15
C ASN C 1158 -84.91 18.89 -46.40
N THR C 1159 -86.10 19.48 -46.31
CA THR C 1159 -87.04 19.53 -47.42
C THR C 1159 -87.80 20.85 -47.44
N ILE C 1160 -88.30 21.22 -48.61
CA ILE C 1160 -89.00 22.50 -48.77
C ILE C 1160 -90.40 22.31 -49.32
N ILE C 1161 -91.38 22.26 -48.42
CA ILE C 1161 -92.79 22.18 -48.78
C ILE C 1161 -93.27 23.48 -49.43
N PHE C 1162 -94.17 23.38 -50.41
CA PHE C 1162 -94.81 24.56 -50.98
C PHE C 1162 -96.34 24.46 -50.95
N THR C 1163 -96.93 24.92 -49.86
CA THR C 1163 -98.39 24.93 -49.73
C THR C 1163 -99.07 25.91 -50.68
N LEU C 1164 -100.26 25.54 -51.15
CA LEU C 1164 -101.12 26.45 -51.90
C LEU C 1164 -102.49 26.47 -51.25
N ASN C 1165 -102.75 27.51 -50.46
CA ASN C 1165 -103.97 27.59 -49.65
C ASN C 1165 -104.14 26.34 -48.79
N GLY C 1166 -103.03 25.88 -48.21
CA GLY C 1166 -103.03 24.72 -47.34
C GLY C 1166 -102.87 23.40 -48.09
N GLU C 1167 -102.77 23.46 -49.41
CA GLU C 1167 -102.50 22.27 -50.21
C GLU C 1167 -101.01 22.06 -50.43
N VAL C 1168 -100.43 21.15 -49.66
CA VAL C 1168 -99.08 20.70 -49.97
C VAL C 1168 -99.13 20.02 -51.32
N LEU C 1169 -98.12 20.26 -52.16
CA LEU C 1169 -98.06 19.63 -53.47
C LEU C 1169 -97.06 18.49 -53.44
N ALA C 1178 -91.22 19.00 -52.08
CA ALA C 1178 -90.57 19.47 -53.30
C ALA C 1178 -89.07 19.21 -53.26
N PHE C 1179 -88.31 20.27 -53.04
CA PHE C 1179 -86.87 20.16 -52.92
C PHE C 1179 -86.57 19.33 -51.68
N ARG C 1180 -85.55 18.50 -51.74
CA ARG C 1180 -85.32 17.52 -50.69
C ARG C 1180 -83.83 17.31 -50.43
N GLU C 1181 -83.52 16.92 -49.19
CA GLU C 1181 -82.16 16.55 -48.79
C GLU C 1181 -81.14 17.66 -49.04
N ILE C 1182 -81.62 18.90 -49.05
CA ILE C 1182 -80.76 20.06 -49.25
C ILE C 1182 -79.78 20.32 -48.09
N GLU C 1183 -78.54 20.66 -48.42
CA GLU C 1183 -77.59 21.08 -47.39
C GLU C 1183 -77.87 22.49 -46.89
N ILE C 1184 -77.58 22.73 -45.60
CA ILE C 1184 -77.67 24.08 -45.05
C ILE C 1184 -76.30 24.74 -45.15
N GLY C 1185 -75.95 25.23 -46.33
CA GLY C 1185 -74.61 25.76 -46.54
C GLY C 1185 -74.34 27.06 -45.81
N ASP C 1186 -75.34 27.92 -45.72
CA ASP C 1186 -75.23 29.21 -45.04
C ASP C 1186 -76.51 29.52 -44.29
N GLY C 1187 -77.52 28.70 -44.52
CA GLY C 1187 -78.87 29.01 -44.09
C GLY C 1187 -79.58 29.76 -45.20
N PHE C 1188 -80.89 29.91 -45.11
CA PHE C 1188 -81.69 30.34 -46.26
C PHE C 1188 -82.57 31.56 -45.96
N LEU C 1189 -83.03 32.19 -47.03
CA LEU C 1189 -83.87 33.38 -46.95
C LEU C 1189 -85.13 33.24 -47.77
N PRO C 1190 -86.21 33.90 -47.36
CA PRO C 1190 -87.32 34.01 -48.30
C PRO C 1190 -86.89 34.80 -49.51
N VAL C 1191 -87.39 34.45 -50.68
CA VAL C 1191 -87.09 35.18 -51.91
C VAL C 1191 -88.27 35.10 -52.84
N CYS C 1192 -88.53 36.20 -53.56
CA CYS C 1192 -89.58 36.22 -54.56
C CYS C 1192 -89.10 37.03 -55.74
N SER C 1193 -89.54 36.70 -56.95
CA SER C 1193 -89.26 37.65 -58.02
C SER C 1193 -90.50 37.89 -58.86
N LEU C 1194 -90.80 39.19 -58.99
CA LEU C 1194 -91.89 39.71 -59.79
C LEU C 1194 -91.67 39.55 -61.29
N GLY C 1195 -92.75 39.28 -62.02
CA GLY C 1195 -92.72 39.46 -63.45
C GLY C 1195 -92.79 40.96 -63.67
N PRO C 1196 -92.47 41.44 -64.88
CA PRO C 1196 -92.43 42.88 -65.08
C PRO C 1196 -93.75 43.60 -64.79
N GLY C 1197 -94.87 42.96 -65.09
CA GLY C 1197 -96.16 43.55 -64.78
C GLY C 1197 -96.79 43.02 -63.51
N GLN C 1198 -96.24 41.93 -63.01
CA GLN C 1198 -96.79 41.25 -61.84
C GLN C 1198 -96.51 41.94 -60.53
N VAL C 1199 -97.43 41.74 -59.59
CA VAL C 1199 -97.36 42.34 -58.26
C VAL C 1199 -97.66 41.24 -57.25
N GLY C 1200 -96.95 41.22 -56.13
CA GLY C 1200 -97.13 40.14 -55.17
C GLY C 1200 -96.83 40.47 -53.72
N HIS C 1201 -97.87 40.49 -52.90
CA HIS C 1201 -97.75 40.77 -51.47
C HIS C 1201 -96.95 39.66 -50.78
N LEU C 1202 -96.13 40.05 -49.81
CA LEU C 1202 -95.37 39.09 -49.02
C LEU C 1202 -95.68 39.28 -47.53
N ASN C 1203 -95.62 38.19 -46.78
CA ASN C 1203 -95.89 38.25 -45.36
C ASN C 1203 -94.87 37.46 -44.55
N LEU C 1204 -94.64 37.92 -43.33
CA LEU C 1204 -93.71 37.28 -42.42
C LEU C 1204 -94.20 37.42 -40.99
N GLY C 1205 -94.93 36.42 -40.51
CA GLY C 1205 -95.47 36.43 -39.16
C GLY C 1205 -96.67 37.32 -38.91
N GLN C 1206 -96.83 37.72 -37.65
CA GLN C 1206 -98.04 38.39 -37.16
C GLN C 1206 -99.23 37.46 -37.35
N ASP C 1207 -99.65 36.84 -36.24
CA ASP C 1207 -100.61 35.75 -36.30
C ASP C 1207 -101.98 36.14 -36.85
N VAL C 1208 -102.38 37.40 -36.67
CA VAL C 1208 -103.61 37.88 -37.28
C VAL C 1208 -103.47 37.86 -38.79
N SER C 1209 -102.25 38.09 -39.26
CA SER C 1209 -101.96 38.01 -40.68
C SER C 1209 -101.74 36.58 -41.11
N SER C 1210 -101.65 35.66 -40.16
CA SER C 1210 -101.44 34.25 -40.48
C SER C 1210 -102.76 33.63 -40.92
N LEU C 1211 -103.13 33.86 -42.17
CA LEU C 1211 -104.46 33.53 -42.65
C LEU C 1211 -104.49 32.06 -43.13
N ARG C 1212 -104.98 31.80 -44.34
CA ARG C 1212 -105.21 30.43 -44.79
C ARG C 1212 -103.91 29.62 -44.86
N PHE C 1213 -102.83 30.32 -45.13
CA PHE C 1213 -101.54 29.68 -45.36
C PHE C 1213 -100.91 28.93 -44.19
N PHE C 1214 -101.16 29.35 -42.96
CA PHE C 1214 -100.39 28.82 -41.84
C PHE C 1214 -101.21 28.02 -40.84
N ALA C 1215 -102.26 28.63 -40.30
CA ALA C 1215 -103.03 27.96 -39.25
C ALA C 1215 -103.67 26.68 -39.77
N ILE C 1216 -104.02 26.67 -41.06
CA ILE C 1216 -104.55 25.48 -41.69
C ILE C 1216 -103.51 24.36 -41.79
N CYS C 1217 -102.23 24.74 -41.87
CA CYS C 1217 -101.20 23.75 -42.14
C CYS C 1217 -99.86 23.97 -41.42
N GLY C 1218 -99.47 25.21 -41.19
CA GLY C 1218 -98.17 25.48 -40.60
C GLY C 1218 -98.05 25.18 -39.12
N LEU C 1219 -99.16 25.28 -38.39
CA LEU C 1219 -99.19 24.83 -37.01
C LEU C 1219 -99.04 23.33 -36.90
N GLN C 1220 -99.49 22.64 -37.95
CA GLN C 1220 -99.64 21.20 -37.92
C GLN C 1220 -98.32 20.45 -37.71
N GLU C 1221 -97.25 20.98 -38.28
CA GLU C 1221 -95.95 20.32 -38.21
C GLU C 1221 -94.94 21.09 -37.39
N GLY C 1222 -95.35 22.25 -36.88
CA GLY C 1222 -94.42 23.11 -36.18
C GLY C 1222 -93.65 23.98 -37.15
N PHE C 1223 -94.05 25.25 -37.26
CA PHE C 1223 -93.34 26.22 -38.08
C PHE C 1223 -93.38 27.59 -37.43
N GLU C 1224 -92.31 28.36 -37.63
CA GLU C 1224 -92.25 29.72 -37.11
C GLU C 1224 -92.16 30.77 -38.21
N PRO C 1225 -93.27 31.47 -38.45
CA PRO C 1225 -93.21 32.70 -39.23
C PRO C 1225 -92.33 33.71 -38.51
N PHE C 1226 -91.59 34.54 -39.25
CA PHE C 1226 -90.49 35.30 -38.64
C PHE C 1226 -90.87 36.33 -37.58
N ALA C 1227 -92.08 36.85 -37.63
CA ALA C 1227 -92.46 37.95 -36.71
C ALA C 1227 -92.51 37.52 -35.25
N ILE C 1228 -92.68 36.23 -35.00
CA ILE C 1228 -92.63 35.75 -33.62
C ILE C 1228 -91.25 36.04 -33.03
N ASN C 1229 -90.23 35.97 -33.88
CA ASN C 1229 -88.88 36.31 -33.50
C ASN C 1229 -88.70 37.80 -33.18
N MET C 1230 -89.48 38.65 -33.85
CA MET C 1230 -89.07 40.05 -33.98
C MET C 1230 -90.20 41.07 -33.92
N GLN C 1231 -89.92 42.22 -33.33
CA GLN C 1231 -90.87 43.32 -33.31
C GLN C 1231 -90.82 44.15 -34.58
N ARG C 1232 -89.61 44.41 -35.05
CA ARG C 1232 -89.42 45.26 -36.21
C ARG C 1232 -89.93 44.53 -37.45
N PRO C 1233 -90.53 45.26 -38.38
CA PRO C 1233 -90.88 44.59 -39.63
C PRO C 1233 -89.61 44.09 -40.29
N VAL C 1234 -89.66 42.93 -40.91
CA VAL C 1234 -88.45 42.38 -41.49
C VAL C 1234 -87.98 43.28 -42.63
N THR C 1235 -86.69 43.59 -42.67
CA THR C 1235 -86.15 44.29 -43.82
C THR C 1235 -86.03 43.29 -44.94
N THR C 1236 -86.24 43.74 -46.18
CA THR C 1236 -86.03 42.89 -47.32
C THR C 1236 -85.10 43.61 -48.29
N TRP C 1237 -84.82 42.99 -49.43
CA TRP C 1237 -83.87 43.55 -50.38
C TRP C 1237 -84.43 43.49 -51.78
N PHE C 1238 -83.92 44.32 -52.67
CA PHE C 1238 -84.25 44.10 -54.08
C PHE C 1238 -83.12 44.58 -54.96
N SER C 1239 -82.88 43.84 -56.04
CA SER C 1239 -81.93 44.26 -57.05
C SER C 1239 -82.42 45.52 -57.75
N LYS C 1240 -81.55 46.50 -57.94
CA LYS C 1240 -81.86 47.59 -58.85
C LYS C 1240 -81.37 47.29 -60.27
N SER C 1241 -82.17 47.74 -61.25
CA SER C 1241 -81.82 47.61 -62.65
C SER C 1241 -80.66 48.53 -62.99
N LEU C 1242 -80.42 49.52 -62.13
CA LEU C 1242 -79.36 50.50 -62.36
C LEU C 1242 -78.00 49.83 -62.31
N PRO C 1243 -77.19 50.04 -63.36
CA PRO C 1243 -75.78 49.66 -63.29
C PRO C 1243 -75.07 50.45 -62.22
N GLN C 1244 -74.11 49.80 -61.55
CA GLN C 1244 -73.23 50.43 -60.59
C GLN C 1244 -71.94 49.66 -60.67
N PHE C 1245 -70.81 50.29 -60.37
CA PHE C 1245 -69.54 49.60 -60.55
C PHE C 1245 -69.42 48.42 -59.58
N GLU C 1246 -68.97 47.29 -60.10
CA GLU C 1246 -68.59 46.15 -59.28
C GLU C 1246 -67.16 45.75 -59.63
N PRO C 1247 -66.20 45.96 -58.71
CA PRO C 1247 -64.81 45.68 -59.06
C PRO C 1247 -64.65 44.20 -59.41
N VAL C 1248 -63.81 43.88 -60.39
CA VAL C 1248 -63.87 42.56 -60.96
C VAL C 1248 -63.43 41.50 -59.97
N PRO C 1249 -64.33 40.53 -59.71
CA PRO C 1249 -64.04 39.31 -58.96
C PRO C 1249 -63.01 38.45 -59.67
N PRO C 1250 -62.16 37.74 -58.91
CA PRO C 1250 -61.19 36.86 -59.58
C PRO C 1250 -61.87 35.81 -60.46
N GLU C 1251 -63.04 35.34 -60.02
CA GLU C 1251 -63.93 34.57 -60.88
C GLU C 1251 -64.72 35.49 -61.80
N HIS C 1252 -65.05 35.02 -62.99
CA HIS C 1252 -66.00 35.73 -63.84
C HIS C 1252 -66.29 34.75 -64.98
N PRO C 1253 -67.33 35.00 -65.81
CA PRO C 1253 -67.38 34.21 -67.03
C PRO C 1253 -66.07 34.41 -67.80
N HIS C 1254 -65.52 35.62 -67.68
CA HIS C 1254 -64.09 35.85 -67.47
C HIS C 1254 -63.60 37.02 -68.29
N TYR C 1255 -63.32 38.11 -67.60
CA TYR C 1255 -62.65 39.26 -68.18
C TYR C 1255 -61.42 39.52 -67.32
N GLU C 1256 -60.27 39.05 -67.77
CA GLU C 1256 -59.11 38.90 -66.89
C GLU C 1256 -58.37 40.20 -66.62
N VAL C 1257 -58.71 40.84 -65.51
CA VAL C 1257 -57.97 42.01 -65.05
C VAL C 1257 -56.54 41.61 -64.72
N ALA C 1258 -55.58 42.46 -65.05
CA ALA C 1258 -54.18 42.14 -64.83
C ALA C 1258 -53.34 43.38 -64.56
N ARG C 1259 -53.04 43.61 -63.29
CA ARG C 1259 -52.16 44.70 -62.89
C ARG C 1259 -50.78 44.43 -63.50
N MET C 1260 -50.13 45.47 -64.00
CA MET C 1260 -48.91 45.28 -64.77
C MET C 1260 -48.03 46.52 -64.79
N ASP C 1261 -46.73 46.33 -64.95
CA ASP C 1261 -45.79 47.44 -65.05
C ASP C 1261 -44.64 47.07 -65.98
N LEU C 1272 -43.25 51.13 -68.89
CA LEU C 1272 -44.21 51.99 -68.20
C LEU C 1272 -45.34 51.17 -67.61
N ALA C 1273 -45.89 51.62 -66.48
CA ALA C 1273 -47.03 50.96 -65.87
C ALA C 1273 -48.24 51.06 -66.78
N HIS C 1274 -48.94 49.95 -66.94
CA HIS C 1274 -50.12 49.88 -67.78
C HIS C 1274 -50.83 48.59 -67.46
N ARG C 1275 -52.09 48.44 -67.83
CA ARG C 1275 -52.75 47.17 -67.58
C ARG C 1275 -53.32 46.55 -68.86
N THR C 1276 -53.09 45.24 -68.99
CA THR C 1276 -53.50 44.48 -70.16
C THR C 1276 -54.63 43.52 -69.83
N TRP C 1277 -55.62 43.40 -70.72
CA TRP C 1277 -56.62 42.35 -70.58
C TRP C 1277 -56.82 41.59 -71.88
N GLY C 1278 -57.00 40.28 -71.73
CA GLY C 1278 -57.58 39.44 -72.76
C GLY C 1278 -58.96 39.02 -72.30
N SER C 1279 -59.47 37.92 -72.86
CA SER C 1279 -60.72 37.33 -72.40
C SER C 1279 -60.72 35.84 -72.70
N GLN C 1280 -60.39 35.04 -71.68
CA GLN C 1280 -60.18 33.61 -71.84
C GLN C 1280 -61.43 32.84 -72.28
N ASN C 1281 -62.61 33.33 -71.91
CA ASN C 1281 -63.83 32.62 -72.27
C ASN C 1281 -64.84 33.57 -72.91
N SER C 1282 -65.56 33.07 -73.90
CA SER C 1282 -66.36 33.92 -74.77
C SER C 1282 -67.78 34.22 -74.26
N LEU C 1283 -67.92 35.05 -73.23
CA LEU C 1283 -69.22 35.65 -72.97
C LEU C 1283 -69.46 36.62 -74.13
N VAL C 1284 -70.69 36.64 -74.62
CA VAL C 1284 -70.97 37.30 -75.90
C VAL C 1284 -70.81 38.81 -75.99
N GLU C 1285 -71.00 39.56 -74.91
CA GLU C 1285 -71.29 40.97 -75.12
C GLU C 1285 -71.06 41.93 -73.94
N MET C 1286 -70.70 43.17 -74.29
CA MET C 1286 -70.65 44.33 -73.38
C MET C 1286 -69.68 44.29 -72.22
N LEU C 1287 -68.77 45.27 -72.24
CA LEU C 1287 -67.93 45.60 -71.09
C LEU C 1287 -68.02 47.10 -70.85
N PHE C 1288 -68.45 47.52 -69.66
CA PHE C 1288 -68.55 48.93 -69.35
C PHE C 1288 -67.54 49.33 -68.29
N LEU C 1289 -66.30 49.51 -68.74
CA LEU C 1289 -65.16 49.52 -67.85
C LEU C 1289 -64.81 50.90 -67.29
N ARG C 1290 -65.54 51.34 -66.26
CA ARG C 1290 -65.10 52.50 -65.48
C ARG C 1290 -63.89 52.18 -64.61
N LEU C 1291 -62.93 53.10 -64.55
CA LEU C 1291 -61.91 53.04 -63.53
C LEU C 1291 -62.53 53.56 -62.23
N SER C 1292 -62.01 53.13 -61.08
CA SER C 1292 -62.64 53.47 -59.80
C SER C 1292 -62.34 54.88 -59.29
N LEU C 1293 -61.44 55.57 -59.97
CA LEU C 1293 -60.82 56.79 -59.42
C LEU C 1293 -60.87 58.01 -60.34
N PRO C 1294 -62.02 58.72 -60.35
CA PRO C 1294 -62.36 59.87 -61.19
C PRO C 1294 -61.49 61.10 -60.96
N VAL C 1295 -61.23 61.85 -62.04
CA VAL C 1295 -60.49 63.10 -61.98
C VAL C 1295 -61.26 64.23 -61.30
N GLN C 1296 -60.54 65.18 -60.72
CA GLN C 1296 -61.16 66.38 -60.18
C GLN C 1296 -60.57 67.65 -60.79
N PHE C 1297 -61.38 68.69 -60.93
CA PHE C 1297 -60.94 69.96 -61.49
C PHE C 1297 -60.83 71.04 -60.42
N THR C 1432 -54.38 68.32 -69.38
CA THR C 1432 -53.24 68.41 -68.47
C THR C 1432 -52.89 67.00 -67.99
N TYR C 1433 -53.77 66.05 -68.27
CA TYR C 1433 -53.54 64.65 -67.91
C TYR C 1433 -54.05 63.69 -68.98
N TYR C 1434 -53.12 63.01 -69.65
CA TYR C 1434 -53.46 62.06 -70.70
C TYR C 1434 -54.00 60.75 -70.12
N TYR C 1435 -54.83 60.06 -70.90
CA TYR C 1435 -55.29 58.73 -70.54
C TYR C 1435 -55.23 57.79 -71.73
N SER C 1436 -54.03 57.27 -71.99
CA SER C 1436 -53.79 56.40 -73.12
C SER C 1436 -54.54 55.07 -72.99
N VAL C 1437 -55.04 54.56 -74.11
CA VAL C 1437 -55.76 53.29 -74.14
C VAL C 1437 -55.33 52.45 -75.33
N ARG C 1438 -54.37 51.55 -75.12
CA ARG C 1438 -53.92 50.66 -76.19
C ARG C 1438 -54.95 49.56 -76.44
N VAL C 1439 -55.02 49.07 -77.67
CA VAL C 1439 -55.87 47.91 -77.99
C VAL C 1439 -55.11 46.94 -78.88
N PHE C 1440 -54.90 45.71 -78.38
CA PHE C 1440 -54.10 44.73 -79.10
C PHE C 1440 -54.73 44.35 -80.43
N ALA C 1441 -56.05 44.39 -80.47
CA ALA C 1441 -56.82 44.05 -81.66
C ALA C 1441 -58.31 44.12 -81.34
N CYS C 1447 -67.32 46.73 -81.46
CA CYS C 1447 -66.31 47.76 -81.30
C CYS C 1447 -65.97 48.02 -79.83
N VAL C 1448 -65.26 49.10 -79.57
CA VAL C 1448 -64.88 49.44 -78.20
C VAL C 1448 -64.74 50.94 -78.00
N TRP C 1449 -65.82 51.58 -77.58
CA TRP C 1449 -65.83 53.02 -77.32
C TRP C 1449 -64.91 53.36 -76.16
N VAL C 1450 -64.23 54.50 -76.26
CA VAL C 1450 -63.28 54.91 -75.24
C VAL C 1450 -63.53 56.36 -74.81
N GLY C 1451 -63.50 56.62 -73.50
CA GLY C 1451 -63.63 57.99 -73.04
C GLY C 1451 -63.94 58.23 -71.57
N TRP C 1452 -64.01 59.50 -71.20
CA TRP C 1452 -64.37 59.92 -69.86
C TRP C 1452 -65.86 59.76 -69.60
N VAL C 1453 -66.24 59.58 -68.33
CA VAL C 1453 -67.63 59.37 -67.97
C VAL C 1453 -67.99 60.12 -66.68
N THR C 1454 -69.21 60.66 -66.66
CA THR C 1454 -69.76 61.40 -65.53
C THR C 1454 -69.92 60.39 -64.38
N PRO C 1455 -69.75 60.81 -63.12
CA PRO C 1455 -69.72 59.81 -62.06
C PRO C 1455 -70.96 58.92 -61.96
N ASP C 1456 -72.14 59.45 -62.24
CA ASP C 1456 -73.27 58.59 -62.50
C ASP C 1456 -73.16 57.92 -63.88
N TYR C 1457 -73.58 56.67 -63.97
CA TYR C 1457 -73.81 56.07 -65.26
C TYR C 1457 -74.71 54.87 -65.03
N HIS C 1458 -75.65 54.65 -65.94
CA HIS C 1458 -76.66 53.62 -65.74
C HIS C 1458 -77.22 53.14 -67.07
N GLN C 1459 -76.53 53.45 -68.15
CA GLN C 1459 -77.04 53.18 -69.49
C GLN C 1459 -76.55 51.85 -70.04
N HIS C 1460 -76.86 50.75 -69.36
CA HIS C 1460 -76.52 49.45 -69.90
C HIS C 1460 -77.29 49.26 -71.21
N ASP C 1461 -76.58 48.80 -72.24
CA ASP C 1461 -77.10 48.67 -73.61
C ASP C 1461 -75.96 48.60 -74.62
N MET C 1462 -76.17 47.84 -75.70
CA MET C 1462 -75.28 47.86 -76.85
C MET C 1462 -75.33 49.21 -77.53
N ASN C 1463 -76.54 49.79 -77.57
CA ASN C 1463 -76.96 50.79 -78.54
C ASN C 1463 -76.25 52.13 -78.43
N PHE C 1464 -74.93 52.12 -78.58
CA PHE C 1464 -74.14 53.33 -78.57
C PHE C 1464 -74.25 54.12 -79.88
N ASP C 1465 -74.11 55.44 -79.81
CA ASP C 1465 -73.85 56.15 -78.58
C ASP C 1465 -74.68 57.40 -78.43
N LEU C 1466 -74.83 57.85 -77.18
CA LEU C 1466 -75.70 58.99 -76.89
C LEU C 1466 -75.36 59.65 -75.56
N SER C 1467 -75.74 60.92 -75.43
CA SER C 1467 -75.53 61.76 -74.24
C SER C 1467 -74.35 61.36 -73.37
N VAL C 1472 -77.09 66.54 -73.49
CA VAL C 1472 -77.86 67.37 -72.58
C VAL C 1472 -77.19 68.73 -72.46
N THR C 1473 -77.98 69.79 -72.57
CA THR C 1473 -77.42 71.14 -72.66
C THR C 1473 -78.34 72.18 -72.04
N VAL C 1474 -77.77 73.31 -71.64
CA VAL C 1474 -78.53 74.34 -70.94
C VAL C 1474 -78.23 75.75 -71.44
N THR C 1475 -79.16 76.28 -72.24
CA THR C 1475 -79.15 77.70 -72.57
C THR C 1475 -79.57 78.51 -71.36
N MET C 1476 -79.07 79.74 -71.27
CA MET C 1476 -79.49 80.64 -70.21
C MET C 1476 -79.79 82.03 -70.78
N GLY C 1477 -80.91 82.12 -71.49
CA GLY C 1477 -81.32 83.37 -72.11
C GLY C 1477 -81.57 84.42 -71.04
N ASP C 1478 -81.18 85.66 -71.33
CA ASP C 1478 -81.38 86.75 -70.40
C ASP C 1478 -82.36 87.77 -70.99
N GLU C 1479 -83.55 87.79 -70.38
CA GLU C 1479 -84.62 88.75 -70.61
C GLU C 1479 -84.73 89.26 -72.02
N GLN C 1480 -83.60 89.46 -72.66
CA GLN C 1480 -83.62 89.92 -74.03
C GLN C 1480 -84.29 88.83 -74.84
N GLY C 1481 -83.98 87.59 -74.48
CA GLY C 1481 -84.27 86.45 -75.32
C GLY C 1481 -83.17 86.31 -76.37
N ASN C 1482 -82.22 87.23 -76.33
CA ASN C 1482 -81.03 87.18 -77.15
C ASN C 1482 -80.26 85.96 -76.74
N VAL C 1483 -80.25 85.69 -75.43
CA VAL C 1483 -79.52 84.52 -74.97
C VAL C 1483 -78.07 84.83 -74.56
N HIS C 1484 -77.64 84.21 -73.47
CA HIS C 1484 -76.27 84.31 -73.01
C HIS C 1484 -75.42 83.24 -73.67
N SER C 1485 -76.06 82.47 -74.55
CA SER C 1485 -75.56 81.22 -75.12
C SER C 1485 -75.51 80.14 -74.04
N SER C 1486 -75.40 78.88 -74.46
CA SER C 1486 -75.49 77.77 -73.52
C SER C 1486 -74.35 77.82 -72.52
N LEU C 1487 -74.66 77.62 -71.25
CA LEU C 1487 -73.67 77.71 -70.18
C LEU C 1487 -72.75 76.49 -70.15
N LYS C 1488 -73.33 75.32 -70.41
CA LYS C 1488 -72.61 74.05 -70.33
C LYS C 1488 -73.22 73.03 -71.28
N CYS C 1489 -72.40 72.07 -71.70
CA CYS C 1489 -72.83 71.03 -72.63
C CYS C 1489 -72.22 69.69 -72.23
N SER C 1490 -72.54 68.64 -73.00
CA SER C 1490 -71.90 67.34 -72.86
C SER C 1490 -72.02 66.73 -71.46
N ASN C 1491 -73.21 66.83 -70.88
CA ASN C 1491 -73.45 66.26 -69.56
C ASN C 1491 -73.74 64.77 -69.67
N UNK C 1492 -70.98 59.93 -71.65
CA UNK C 1492 -69.74 60.67 -71.58
C UNK C 1492 -68.97 60.60 -72.89
N UNK C 1493 -67.68 60.95 -72.83
CA UNK C 1493 -66.85 60.97 -74.02
C UNK C 1493 -66.70 59.58 -74.64
N UNK C 1494 -66.70 59.51 -75.96
CA UNK C 1494 -66.58 58.23 -76.64
C UNK C 1494 -66.05 58.39 -78.07
N UNK C 1495 -65.47 57.31 -78.58
CA UNK C 1495 -65.11 57.21 -79.99
C UNK C 1495 -65.06 55.73 -80.38
N UNK C 1496 -65.59 55.41 -81.56
CA UNK C 1496 -65.62 54.02 -81.98
C UNK C 1496 -64.20 53.47 -82.19
N SER C 1497 -54.84 44.03 -88.33
CA SER C 1497 -54.76 43.83 -86.90
C SER C 1497 -53.82 44.81 -86.23
N HIS C 1498 -53.68 46.00 -86.84
CA HIS C 1498 -52.81 47.03 -86.30
C HIS C 1498 -53.32 47.53 -84.95
N THR C 1499 -52.39 47.74 -84.02
CA THR C 1499 -52.71 48.23 -82.69
C THR C 1499 -53.19 49.69 -82.70
N ASP C 1500 -54.20 50.00 -81.90
CA ASP C 1500 -54.59 51.39 -81.67
C ASP C 1500 -54.03 51.88 -80.34
N LEU C 1501 -53.83 53.19 -80.23
CA LEU C 1501 -53.37 53.79 -78.99
C LEU C 1501 -54.15 55.06 -78.67
N VAL C 1502 -55.41 54.88 -78.28
CA VAL C 1502 -56.31 56.00 -78.12
C VAL C 1502 -56.01 56.78 -76.84
N ILE C 1503 -55.18 57.82 -76.97
CA ILE C 1503 -54.89 58.70 -75.84
C ILE C 1503 -56.11 59.54 -75.49
N GLY C 1504 -56.28 59.82 -74.20
CA GLY C 1504 -57.41 60.62 -73.75
C GLY C 1504 -56.99 61.76 -72.84
N CYS C 1505 -56.47 62.83 -73.43
CA CYS C 1505 -56.05 64.00 -72.67
C CYS C 1505 -57.23 64.70 -72.01
N LEU C 1506 -57.01 65.27 -70.84
CA LEU C 1506 -58.08 65.97 -70.13
C LEU C 1506 -57.52 67.12 -69.29
N VAL C 1507 -58.38 68.10 -68.99
CA VAL C 1507 -58.02 69.28 -68.19
C VAL C 1507 -56.89 70.09 -68.83
N GLY C 1512 -61.59 73.16 -67.89
CA GLY C 1512 -61.15 71.88 -68.44
C GLY C 1512 -61.27 71.73 -69.93
N LEU C 1513 -60.74 70.63 -70.44
CA LEU C 1513 -60.82 70.27 -71.86
C LEU C 1513 -60.55 68.78 -72.01
N MET C 1514 -61.16 68.16 -73.00
CA MET C 1514 -60.91 66.77 -73.29
C MET C 1514 -60.47 66.67 -74.74
N THR C 1515 -59.32 66.04 -74.96
CA THR C 1515 -58.88 65.79 -76.32
C THR C 1515 -58.44 64.35 -76.56
N PHE C 1516 -59.13 63.67 -77.46
CA PHE C 1516 -58.71 62.35 -77.92
C PHE C 1516 -57.52 62.43 -78.85
N THR C 1517 -56.72 61.37 -78.86
CA THR C 1517 -55.58 61.27 -79.75
C THR C 1517 -55.39 59.84 -80.23
N ALA C 1518 -56.01 59.51 -81.36
CA ALA C 1518 -55.96 58.15 -81.89
C ALA C 1518 -54.55 57.75 -82.29
N ASN C 1519 -54.17 56.53 -81.91
CA ASN C 1519 -52.88 55.93 -82.25
C ASN C 1519 -51.74 56.88 -81.84
N GLY C 1520 -52.04 57.78 -80.92
CA GLY C 1520 -51.06 58.68 -80.36
C GLY C 1520 -50.96 59.98 -81.17
N LYS C 1521 -51.45 59.93 -82.41
CA LYS C 1521 -51.58 61.13 -83.22
C LYS C 1521 -52.74 61.97 -82.71
N GLU C 1522 -52.61 63.29 -82.77
CA GLU C 1522 -53.70 64.16 -82.35
C GLU C 1522 -54.91 64.00 -83.26
N SER C 1523 -56.09 63.94 -82.65
CA SER C 1523 -57.34 63.89 -83.39
C SER C 1523 -58.12 65.17 -83.12
N ASN C 1524 -57.46 66.12 -82.46
CA ASN C 1524 -58.07 67.34 -81.95
C ASN C 1524 -59.18 67.04 -80.93
N THR C 1525 -59.58 68.06 -80.18
CA THR C 1525 -60.63 67.87 -79.19
C THR C 1525 -61.95 67.51 -79.85
N PHE C 1526 -62.66 66.59 -79.20
CA PHE C 1526 -64.00 66.26 -79.62
C PHE C 1526 -65.15 66.97 -78.89
N PHE C 1527 -65.14 66.94 -77.55
CA PHE C 1527 -66.03 67.72 -76.69
C PHE C 1527 -65.05 67.99 -75.53
N GLN C 1528 -65.01 69.21 -75.00
CA GLN C 1528 -64.09 69.46 -73.89
C GLN C 1528 -64.66 70.36 -72.80
N VAL C 1529 -65.61 69.87 -72.03
CA VAL C 1529 -66.18 70.70 -70.97
C VAL C 1529 -66.22 70.08 -69.57
N GLU C 1530 -65.67 70.79 -68.59
CA GLU C 1530 -65.93 70.51 -67.19
C GLU C 1530 -66.04 71.82 -66.42
N PRO C 1531 -67.24 71.99 -65.71
CA PRO C 1531 -67.24 73.17 -64.84
C PRO C 1531 -66.14 73.01 -63.80
N ASN C 1532 -65.99 71.78 -63.32
CA ASN C 1532 -64.99 71.38 -62.33
C ASN C 1532 -65.49 70.16 -61.57
N THR C 1533 -65.84 69.12 -62.32
CA THR C 1533 -66.55 67.97 -61.77
C THR C 1533 -65.83 66.66 -62.02
N LYS C 1534 -66.14 65.69 -61.17
CA LYS C 1534 -65.53 64.35 -61.21
C LYS C 1534 -65.80 63.65 -62.53
N LEU C 1535 -64.83 62.86 -63.00
CA LEU C 1535 -65.00 62.05 -64.21
C LEU C 1535 -64.18 60.77 -64.18
N PHE C 1536 -64.86 59.63 -64.08
CA PHE C 1536 -64.16 58.35 -64.17
C PHE C 1536 -63.63 58.17 -65.57
N PRO C 1537 -62.34 57.86 -65.72
CA PRO C 1537 -61.92 57.34 -67.02
C PRO C 1537 -62.63 56.03 -67.31
N ALA C 1538 -62.98 55.74 -68.57
CA ALA C 1538 -63.72 54.51 -68.85
C ALA C 1538 -63.61 54.04 -70.30
N VAL C 1539 -63.85 52.75 -70.51
CA VAL C 1539 -63.91 52.20 -71.86
C VAL C 1539 -64.99 51.14 -71.99
N PHE C 1540 -65.98 51.42 -72.83
CA PHE C 1540 -67.00 50.44 -73.18
C PHE C 1540 -66.45 49.52 -74.25
N VAL C 1541 -66.81 48.24 -74.20
CA VAL C 1541 -66.21 47.24 -75.09
C VAL C 1541 -67.14 46.08 -75.44
N LEU C 1542 -67.05 45.63 -76.68
CA LEU C 1542 -67.47 44.31 -77.07
C LEU C 1542 -66.17 43.64 -77.43
N PRO C 1543 -65.85 42.55 -76.73
CA PRO C 1543 -64.55 41.90 -76.92
C PRO C 1543 -64.37 41.11 -78.22
N THR C 1544 -63.14 41.16 -78.75
CA THR C 1544 -62.74 40.35 -79.88
C THR C 1544 -62.24 38.99 -79.39
N HIS C 1545 -62.31 38.80 -78.08
CA HIS C 1545 -61.86 37.61 -77.34
C HIS C 1545 -60.35 37.59 -77.14
N GLN C 1546 -59.58 37.72 -78.22
CA GLN C 1546 -58.13 37.77 -78.08
C GLN C 1546 -57.64 39.14 -77.62
N ASN C 1547 -56.89 39.15 -76.52
CA ASN C 1547 -56.20 40.35 -76.00
C ASN C 1547 -57.03 41.63 -76.08
N VAL C 1548 -58.15 41.65 -75.36
CA VAL C 1548 -59.20 42.63 -75.58
C VAL C 1548 -58.88 44.12 -75.36
N ILE C 1549 -58.02 44.47 -74.40
CA ILE C 1549 -57.92 45.90 -74.05
C ILE C 1549 -56.64 46.26 -73.30
N GLN C 1550 -56.31 47.55 -73.27
CA GLN C 1550 -55.17 48.04 -72.49
C GLN C 1550 -55.32 49.49 -72.05
N PHE C 1551 -54.89 49.77 -70.81
CA PHE C 1551 -54.84 51.14 -70.29
C PHE C 1551 -53.43 51.55 -69.96
N GLU C 1552 -53.14 52.84 -70.10
CA GLU C 1552 -51.83 53.38 -69.81
C GLU C 1552 -51.91 54.79 -69.27
N ALA C 1564 -47.81 66.49 -69.90
CA ALA C 1564 -48.77 66.14 -68.86
C ALA C 1564 -48.19 65.19 -67.83
N ALA C 1565 -48.54 65.45 -66.58
CA ALA C 1565 -48.23 64.55 -65.49
C ALA C 1565 -49.12 63.32 -65.63
N MET C 1566 -48.65 62.21 -65.09
CA MET C 1566 -49.40 60.96 -65.18
C MET C 1566 -50.76 61.09 -64.51
N PHE C 1567 -51.73 60.36 -65.03
CA PHE C 1567 -53.08 60.34 -64.47
C PHE C 1567 -53.05 59.88 -63.03
N LEU C 1568 -52.09 59.03 -62.73
CA LEU C 1568 -51.88 58.55 -61.38
C LEU C 1568 -51.51 59.70 -60.46
N SER C 1569 -50.75 60.66 -60.99
CA SER C 1569 -50.43 61.86 -60.25
C SER C 1569 -51.66 62.73 -60.03
N GLU C 1570 -52.59 62.69 -60.97
CA GLU C 1570 -53.76 63.56 -60.90
C GLU C 1570 -54.72 63.04 -59.85
N ARG C 1571 -54.93 61.73 -59.87
CA ARG C 1571 -55.97 61.17 -59.03
C ARG C 1571 -55.54 61.10 -57.57
N LYS C 1572 -54.31 60.65 -57.36
CA LYS C 1572 -53.78 60.56 -56.01
C LYS C 1572 -53.53 61.96 -55.48
N ASN C 1573 -53.61 62.10 -54.16
CA ASN C 1573 -53.47 63.40 -53.50
C ASN C 1573 -52.16 64.13 -53.83
N PRO C 1574 -51.00 63.43 -53.74
CA PRO C 1574 -49.77 64.21 -53.93
C PRO C 1574 -49.65 64.84 -55.31
N ALA C 1575 -49.09 66.04 -55.37
CA ALA C 1575 -48.81 66.72 -56.61
C ALA C 1575 -47.46 67.44 -56.54
N PRO C 1576 -46.80 67.66 -57.69
CA PRO C 1576 -47.05 67.14 -59.03
C PRO C 1576 -47.02 65.62 -59.13
N GLN C 1577 -46.18 64.96 -58.32
CA GLN C 1577 -46.08 63.51 -58.29
C GLN C 1577 -45.84 62.90 -59.68
N CYS C 1578 -44.87 63.44 -60.41
CA CYS C 1578 -44.73 63.18 -61.84
C CYS C 1578 -44.63 61.72 -62.30
N PRO C 1579 -43.78 60.88 -61.64
CA PRO C 1579 -43.68 59.51 -62.15
C PRO C 1579 -44.99 58.72 -62.06
N PRO C 1580 -45.25 57.83 -63.04
CA PRO C 1580 -46.44 56.97 -63.05
C PRO C 1580 -46.27 55.70 -62.21
N ARG C 1581 -47.10 55.55 -61.18
CA ARG C 1581 -47.06 54.35 -60.35
C ARG C 1581 -48.47 53.84 -60.07
N LEU C 1582 -48.86 52.75 -60.73
CA LEU C 1582 -50.16 52.15 -60.47
C LEU C 1582 -50.24 51.66 -59.04
N GLU C 1583 -51.42 51.80 -58.44
CA GLU C 1583 -51.58 51.54 -57.02
C GLU C 1583 -52.88 50.77 -56.81
N VAL C 1584 -52.98 50.07 -55.68
CA VAL C 1584 -53.86 48.92 -55.57
C VAL C 1584 -55.35 49.23 -55.78
N GLN C 1585 -55.74 50.44 -55.45
CA GLN C 1585 -57.13 50.87 -55.60
C GLN C 1585 -57.53 50.81 -57.06
N MET C 1586 -56.58 51.12 -57.93
CA MET C 1586 -56.85 51.38 -59.34
C MET C 1586 -57.63 50.21 -59.96
N LEU C 1587 -58.81 49.97 -59.41
CA LEU C 1587 -59.69 48.89 -59.81
C LEU C 1587 -60.35 49.18 -61.15
N MET C 1588 -60.78 48.13 -61.85
CA MET C 1588 -61.55 48.29 -63.07
C MET C 1588 -62.85 47.51 -63.08
N PRO C 1589 -63.84 48.01 -62.34
CA PRO C 1589 -65.17 47.40 -62.27
C PRO C 1589 -65.91 47.40 -63.61
N VAL C 1590 -66.66 46.34 -63.88
CA VAL C 1590 -67.74 46.38 -64.85
C VAL C 1590 -68.94 47.01 -64.16
N SER C 1591 -69.80 47.70 -64.90
CA SER C 1591 -71.03 48.20 -64.33
C SER C 1591 -72.12 47.14 -64.41
N TRP C 1592 -72.16 46.24 -63.43
CA TRP C 1592 -73.12 45.14 -63.45
C TRP C 1592 -74.55 45.63 -63.38
N SER C 1593 -75.42 44.94 -64.11
CA SER C 1593 -76.79 45.37 -64.33
C SER C 1593 -77.66 45.43 -63.08
N ARG C 1594 -77.35 44.63 -62.06
CA ARG C 1594 -78.29 44.47 -60.96
C ARG C 1594 -77.65 44.61 -59.57
N MET C 1595 -78.29 45.45 -58.74
CA MET C 1595 -77.73 45.87 -57.45
C MET C 1595 -78.65 45.73 -56.24
N PRO C 1596 -78.68 44.57 -55.58
CA PRO C 1596 -79.61 44.42 -54.46
C PRO C 1596 -79.32 45.43 -53.37
N ASN C 1597 -80.36 45.96 -52.73
CA ASN C 1597 -80.24 46.95 -51.67
C ASN C 1597 -81.47 47.01 -50.76
N HIS C 1598 -81.34 47.76 -49.67
CA HIS C 1598 -82.26 47.75 -48.53
C HIS C 1598 -83.67 48.20 -48.91
N PHE C 1599 -84.66 47.58 -48.28
CA PHE C 1599 -86.07 47.75 -48.66
C PHE C 1599 -86.68 49.05 -48.18
N LEU C 1600 -85.99 49.74 -47.27
CA LEU C 1600 -86.52 50.92 -46.61
C LEU C 1600 -87.75 50.55 -45.79
N GLN C 1601 -87.54 50.26 -44.52
CA GLN C 1601 -88.57 49.68 -43.66
C GLN C 1601 -89.77 50.61 -43.49
N VAL C 1602 -89.50 51.91 -43.53
CA VAL C 1602 -90.55 52.93 -43.47
C VAL C 1602 -90.18 54.03 -44.44
N GLU C 1603 -90.94 54.17 -45.53
CA GLU C 1603 -90.44 54.92 -46.68
C GLU C 1603 -91.38 55.92 -47.35
N THR C 1604 -92.69 55.66 -47.38
CA THR C 1604 -93.58 56.48 -48.20
C THR C 1604 -94.85 56.94 -47.50
N ARG C 1605 -95.30 58.13 -47.87
CA ARG C 1605 -96.54 58.71 -47.34
C ARG C 1605 -97.33 59.41 -48.44
N ARG C 1606 -97.20 58.94 -49.68
CA ARG C 1606 -97.83 59.59 -50.83
C ARG C 1606 -99.36 59.54 -50.72
N ALA C 1607 -100.03 60.59 -51.16
CA ALA C 1607 -101.49 60.65 -51.09
C ALA C 1607 -102.09 61.59 -52.14
N GLY C 1608 -102.25 61.08 -53.37
CA GLY C 1608 -102.87 61.85 -54.44
C GLY C 1608 -104.37 61.74 -54.44
N GLU C 1609 -105.03 62.45 -55.37
CA GLU C 1609 -106.48 62.45 -55.46
C GLU C 1609 -106.96 62.53 -56.92
N ARG C 1610 -108.08 61.88 -57.21
CA ARG C 1610 -108.72 61.96 -58.52
C ARG C 1610 -109.52 63.25 -58.73
N LEU C 1611 -109.68 63.63 -60.00
CA LEU C 1611 -110.57 64.74 -60.39
C LEU C 1611 -110.22 66.06 -59.71
N GLY C 1612 -108.95 66.40 -59.71
CA GLY C 1612 -108.46 67.62 -59.08
C GLY C 1612 -106.97 67.46 -58.91
N TRP C 1613 -106.58 66.22 -58.68
CA TRP C 1613 -105.19 65.79 -58.70
C TRP C 1613 -104.28 66.55 -57.74
N ALA C 1614 -104.82 66.96 -56.61
CA ALA C 1614 -103.97 67.36 -55.51
C ALA C 1614 -103.23 66.12 -55.02
N VAL C 1615 -101.96 66.27 -54.66
CA VAL C 1615 -101.22 65.17 -54.08
C VAL C 1615 -100.55 65.70 -52.82
N GLN C 1616 -100.39 64.84 -51.82
CA GLN C 1616 -99.99 65.31 -50.51
C GLN C 1616 -99.23 64.25 -49.70
N CYS C 1617 -98.38 64.72 -48.79
CA CYS C 1617 -97.72 63.86 -47.82
C CYS C 1617 -97.68 64.57 -46.48
N GLN C 1618 -97.84 63.80 -45.40
CA GLN C 1618 -97.93 64.40 -44.07
C GLN C 1618 -96.58 64.62 -43.39
N ASP C 1619 -95.71 63.62 -43.46
CA ASP C 1619 -94.42 63.70 -42.77
C ASP C 1619 -93.27 63.22 -43.65
N PRO C 1620 -92.08 63.80 -43.44
CA PRO C 1620 -90.81 63.38 -44.03
C PRO C 1620 -90.02 62.41 -43.17
N LEU C 1621 -90.00 61.17 -43.66
CA LEU C 1621 -89.15 60.13 -43.11
C LEU C 1621 -87.71 60.49 -43.43
N THR C 1622 -86.78 60.12 -42.56
CA THR C 1622 -85.39 60.51 -42.76
C THR C 1622 -84.44 59.36 -43.04
N MET C 1623 -83.68 59.48 -44.12
CA MET C 1623 -82.63 58.52 -44.44
C MET C 1623 -81.54 58.59 -43.39
N MET C 1624 -80.97 57.45 -43.05
CA MET C 1624 -79.66 57.45 -42.42
C MET C 1624 -78.63 57.21 -43.51
N ALA C 1625 -78.52 58.19 -44.42
CA ALA C 1625 -77.65 58.12 -45.57
C ALA C 1625 -76.17 58.38 -45.29
N LEU C 1626 -75.32 57.85 -46.16
CA LEU C 1626 -73.94 58.28 -46.29
C LEU C 1626 -73.61 58.14 -47.77
N HIS C 1627 -72.44 58.61 -48.18
CA HIS C 1627 -72.01 58.40 -49.55
C HIS C 1627 -70.54 58.01 -49.55
N ILE C 1628 -70.05 57.58 -50.70
CA ILE C 1628 -68.63 57.44 -50.92
C ILE C 1628 -68.17 58.40 -52.00
N PRO C 1629 -67.57 59.52 -51.58
CA PRO C 1629 -67.21 60.65 -52.43
C PRO C 1629 -66.26 60.29 -53.57
N GLU C 1630 -65.37 59.32 -53.35
CA GLU C 1630 -64.46 58.91 -54.41
C GLU C 1630 -65.23 58.29 -55.57
N GLU C 1631 -66.43 57.78 -55.28
CA GLU C 1631 -67.32 57.27 -56.32
C GLU C 1631 -68.76 57.42 -55.87
N ASN C 1632 -69.29 58.63 -55.98
CA ASN C 1632 -70.47 59.05 -55.24
C ASN C 1632 -71.74 58.26 -55.54
N ARG C 1633 -72.46 57.90 -54.47
CA ARG C 1633 -73.80 57.34 -54.50
C ARG C 1633 -74.48 57.59 -53.18
N CYS C 1634 -75.81 57.59 -53.14
CA CYS C 1634 -76.50 57.45 -51.86
C CYS C 1634 -76.19 56.06 -51.31
N MET C 1635 -76.02 55.98 -50.01
CA MET C 1635 -75.52 54.76 -49.40
C MET C 1635 -75.95 54.71 -47.95
N ASP C 1636 -77.25 54.60 -47.71
CA ASP C 1636 -77.75 54.62 -46.34
C ASP C 1636 -77.21 53.44 -45.56
N ILE C 1637 -76.88 53.69 -44.29
CA ILE C 1637 -76.12 52.74 -43.50
C ILE C 1637 -76.89 51.43 -43.29
N LEU C 1638 -78.22 51.50 -43.29
CA LEU C 1638 -79.00 50.28 -43.16
C LEU C 1638 -78.72 49.34 -44.31
N GLU C 1639 -78.59 49.89 -45.52
CA GLU C 1639 -78.08 49.12 -46.64
C GLU C 1639 -76.62 48.77 -46.47
N LEU C 1640 -75.88 49.61 -45.77
CA LEU C 1640 -74.44 49.38 -45.63
C LEU C 1640 -74.19 48.13 -44.81
N SER C 1641 -75.17 47.78 -43.97
CA SER C 1641 -75.10 46.57 -43.18
C SER C 1641 -75.07 45.28 -44.01
N GLU C 1642 -75.74 45.28 -45.15
CA GLU C 1642 -75.89 44.04 -45.92
C GLU C 1642 -74.56 43.58 -46.49
N ARG C 1643 -73.69 44.53 -46.78
CA ARG C 1643 -72.36 44.21 -47.25
C ARG C 1643 -71.36 44.72 -46.22
N LEU C 1644 -70.96 43.79 -45.37
CA LEU C 1644 -70.34 44.08 -44.10
C LEU C 1644 -68.95 44.70 -44.16
N ASP C 1645 -68.24 44.55 -45.27
CA ASP C 1645 -66.86 45.02 -45.27
C ASP C 1645 -66.79 46.55 -45.12
N LEU C 1646 -67.72 47.26 -45.75
CA LEU C 1646 -67.82 48.69 -45.55
C LEU C 1646 -68.29 48.99 -44.13
N GLN C 1647 -69.04 48.07 -43.55
CA GLN C 1647 -69.43 48.19 -42.16
C GLN C 1647 -68.22 48.15 -41.27
N ARG C 1648 -67.23 47.38 -41.70
CA ARG C 1648 -65.99 47.25 -40.95
C ARG C 1648 -65.19 48.52 -41.09
N PHE C 1649 -65.04 48.98 -42.33
CA PHE C 1649 -64.26 50.19 -42.56
C PHE C 1649 -64.87 51.41 -41.89
N HIS C 1650 -66.19 51.45 -41.83
CA HIS C 1650 -66.87 52.60 -41.31
C HIS C 1650 -66.92 52.52 -39.80
N SER C 1651 -67.05 51.31 -39.26
CA SER C 1651 -66.99 51.16 -37.82
C SER C 1651 -65.61 51.53 -37.32
N HIS C 1652 -64.59 51.24 -38.11
CA HIS C 1652 -63.27 51.78 -37.81
C HIS C 1652 -63.17 53.29 -38.03
N THR C 1653 -63.97 53.86 -38.94
CA THR C 1653 -63.96 55.32 -39.04
C THR C 1653 -64.49 55.87 -37.73
N LEU C 1654 -65.46 55.16 -37.15
CA LEU C 1654 -65.97 55.48 -35.83
C LEU C 1654 -64.96 55.22 -34.72
N ARG C 1655 -64.07 54.24 -34.93
CA ARG C 1655 -62.98 54.04 -33.99
C ARG C 1655 -62.09 55.24 -34.02
N LEU C 1656 -61.98 55.85 -35.20
CA LEU C 1656 -61.09 56.99 -35.34
C LEU C 1656 -61.72 58.25 -34.79
N TYR C 1657 -63.00 58.47 -35.07
CA TYR C 1657 -63.65 59.66 -34.53
C TYR C 1657 -63.70 59.54 -33.01
N ARG C 1658 -63.92 58.33 -32.53
CA ARG C 1658 -63.92 58.07 -31.10
C ARG C 1658 -62.55 58.30 -30.50
N ALA C 1659 -61.53 57.99 -31.28
CA ALA C 1659 -60.17 58.10 -30.78
C ALA C 1659 -59.72 59.54 -30.71
N VAL C 1660 -60.00 60.29 -31.76
CA VAL C 1660 -59.44 61.62 -31.92
C VAL C 1660 -59.89 62.62 -30.86
N CYS C 1661 -61.10 62.44 -30.33
CA CYS C 1661 -61.55 63.32 -29.26
C CYS C 1661 -60.73 63.02 -28.00
N ALA C 1662 -60.15 61.82 -27.97
CA ALA C 1662 -58.95 61.56 -27.19
C ALA C 1662 -58.99 61.92 -25.71
N LEU C 1663 -60.10 61.60 -25.06
CA LEU C 1663 -60.25 61.81 -23.63
C LEU C 1663 -59.97 63.28 -23.28
N GLY C 1664 -60.96 64.12 -23.51
CA GLY C 1664 -60.88 65.53 -23.17
C GLY C 1664 -60.27 66.44 -24.22
N ASN C 1665 -59.82 65.91 -25.35
CA ASN C 1665 -59.48 66.79 -26.46
C ASN C 1665 -60.78 67.44 -26.89
N ASN C 1666 -60.73 68.72 -27.25
CA ASN C 1666 -61.96 69.47 -27.38
C ASN C 1666 -62.06 70.35 -28.62
N ARG C 1667 -61.08 71.21 -28.82
CA ARG C 1667 -61.13 72.14 -29.94
C ARG C 1667 -61.19 71.29 -31.18
N VAL C 1668 -60.42 70.21 -31.15
CA VAL C 1668 -60.46 69.20 -32.19
C VAL C 1668 -61.84 68.55 -32.37
N ALA C 1669 -62.58 68.42 -31.27
CA ALA C 1669 -63.86 67.70 -31.30
C ALA C 1669 -64.91 68.40 -32.15
N HIS C 1670 -64.82 69.73 -32.23
CA HIS C 1670 -65.79 70.52 -32.96
C HIS C 1670 -65.75 70.15 -34.45
N ALA C 1671 -64.57 69.79 -34.91
CA ALA C 1671 -64.43 69.34 -36.29
C ALA C 1671 -65.21 68.07 -36.52
N LEU C 1672 -65.17 67.19 -35.52
CA LEU C 1672 -65.95 65.97 -35.60
C LEU C 1672 -67.43 66.29 -35.56
N CYS C 1673 -67.77 67.35 -34.84
CA CYS C 1673 -69.16 67.78 -34.80
C CYS C 1673 -69.59 68.24 -36.18
N SER C 1674 -68.66 68.85 -36.91
CA SER C 1674 -68.93 69.18 -38.30
C SER C 1674 -69.05 67.92 -39.16
N HIS C 1675 -68.28 66.89 -38.82
CA HIS C 1675 -68.23 65.67 -39.61
C HIS C 1675 -69.29 64.62 -39.34
N VAL C 1676 -70.09 64.79 -38.29
CA VAL C 1676 -71.11 63.79 -38.03
C VAL C 1676 -72.38 64.40 -37.48
N ASP C 1677 -72.28 65.59 -36.89
CA ASP C 1677 -73.45 66.42 -36.56
C ASP C 1677 -74.38 65.86 -35.47
N GLN C 1678 -74.93 66.77 -34.67
CA GLN C 1678 -75.73 66.38 -33.51
C GLN C 1678 -76.98 65.58 -33.85
N ALA C 1679 -77.77 66.09 -34.79
CA ALA C 1679 -79.03 65.48 -35.12
C ALA C 1679 -78.84 64.09 -35.72
N GLN C 1680 -77.75 63.91 -36.45
CA GLN C 1680 -77.43 62.61 -37.00
C GLN C 1680 -77.08 61.62 -35.91
N LEU C 1681 -76.47 62.11 -34.84
CA LEU C 1681 -76.25 61.26 -33.68
C LEU C 1681 -77.57 60.92 -33.01
N LEU C 1682 -78.49 61.88 -32.94
CA LEU C 1682 -79.76 61.60 -32.31
C LEU C 1682 -80.56 60.57 -33.10
N HIS C 1683 -80.47 60.64 -34.42
CA HIS C 1683 -81.05 59.62 -35.27
C HIS C 1683 -80.31 58.29 -35.10
N ALA C 1684 -79.02 58.38 -34.79
CA ALA C 1684 -78.25 57.18 -34.52
C ALA C 1684 -78.74 56.52 -33.24
N LEU C 1685 -79.30 57.34 -32.35
CA LEU C 1685 -80.01 56.80 -31.19
C LEU C 1685 -81.35 56.20 -31.58
N GLU C 1686 -82.12 56.94 -32.37
CA GLU C 1686 -83.50 56.55 -32.66
C GLU C 1686 -83.65 55.24 -33.44
N ASP C 1687 -82.73 54.98 -34.38
CA ASP C 1687 -82.87 53.81 -35.24
C ASP C 1687 -82.53 52.50 -34.51
N ALA C 1688 -83.18 51.43 -34.93
CA ALA C 1688 -82.97 50.12 -34.34
C ALA C 1688 -82.67 49.09 -35.41
N HIS C 1689 -82.84 49.49 -36.66
CA HIS C 1689 -82.49 48.62 -37.78
C HIS C 1689 -81.00 48.70 -38.03
N LEU C 1690 -80.36 49.63 -37.32
CA LEU C 1690 -78.95 49.94 -37.49
C LEU C 1690 -78.09 48.76 -37.05
N PRO C 1691 -77.06 48.43 -37.86
CA PRO C 1691 -76.15 47.33 -37.54
C PRO C 1691 -75.35 47.58 -36.26
N GLY C 1692 -75.07 46.51 -35.53
CA GLY C 1692 -74.59 46.61 -34.16
C GLY C 1692 -73.33 47.40 -33.88
N PRO C 1693 -72.18 46.98 -34.44
CA PRO C 1693 -70.94 47.68 -34.11
C PRO C 1693 -70.99 49.15 -34.47
N LEU C 1694 -71.69 49.49 -35.55
CA LEU C 1694 -71.94 50.89 -35.88
C LEU C 1694 -72.85 51.57 -34.88
N ARG C 1695 -73.83 50.85 -34.35
CA ARG C 1695 -74.75 51.40 -33.36
C ARG C 1695 -74.05 51.74 -32.05
N ALA C 1696 -73.16 50.84 -31.63
CA ALA C 1696 -72.30 51.03 -30.49
C ALA C 1696 -71.29 52.10 -30.80
N GLY C 1697 -70.93 52.21 -32.07
CA GLY C 1697 -69.95 53.19 -32.48
C GLY C 1697 -70.49 54.59 -32.39
N TYR C 1698 -71.67 54.84 -32.94
CA TYR C 1698 -72.26 56.17 -32.80
C TYR C 1698 -72.60 56.50 -31.36
N TYR C 1699 -73.03 55.52 -30.58
CA TYR C 1699 -73.27 55.82 -29.18
C TYR C 1699 -71.96 56.19 -28.50
N ASP C 1700 -70.88 55.52 -28.90
CA ASP C 1700 -69.57 55.82 -28.35
C ASP C 1700 -69.09 57.17 -28.82
N LEU C 1701 -69.58 57.63 -29.96
CA LEU C 1701 -69.20 58.96 -30.43
C LEU C 1701 -69.91 60.00 -29.60
N LEU C 1702 -71.20 59.77 -29.39
CA LEU C 1702 -71.99 60.73 -28.67
C LEU C 1702 -71.44 60.81 -27.25
N ILE C 1703 -70.85 59.71 -26.79
CA ILE C 1703 -70.13 59.81 -25.53
C ILE C 1703 -68.84 60.61 -25.71
N SER C 1704 -68.04 60.23 -26.70
CA SER C 1704 -66.70 60.75 -26.84
C SER C 1704 -66.68 62.18 -27.34
N ILE C 1705 -67.44 62.44 -28.40
CA ILE C 1705 -67.45 63.74 -29.03
C ILE C 1705 -68.01 64.77 -28.05
N HIS C 1706 -68.84 64.30 -27.15
CA HIS C 1706 -69.55 65.20 -26.25
C HIS C 1706 -69.33 64.91 -24.77
N LEU C 1707 -70.02 63.90 -24.27
CA LEU C 1707 -70.15 63.67 -22.84
C LEU C 1707 -68.84 63.33 -22.14
N GLU C 1708 -67.92 62.71 -22.89
CA GLU C 1708 -66.80 62.01 -22.28
C GLU C 1708 -65.87 62.91 -21.49
N SER C 1709 -65.70 64.16 -21.90
CA SER C 1709 -64.77 65.03 -21.18
C SER C 1709 -65.37 65.46 -19.85
N ALA C 1710 -66.62 65.88 -19.90
CA ALA C 1710 -67.30 66.34 -18.70
C ALA C 1710 -67.42 65.21 -17.71
N CYS C 1711 -67.67 64.00 -18.20
CA CYS C 1711 -67.64 62.85 -17.31
C CYS C 1711 -66.23 62.60 -16.79
N ARG C 1712 -65.25 62.87 -17.64
CA ARG C 1712 -63.86 62.54 -17.33
C ARG C 1712 -63.37 63.39 -16.17
N SER C 1713 -63.87 64.62 -16.08
CA SER C 1713 -63.54 65.44 -14.93
C SER C 1713 -64.46 65.09 -13.76
N ARG C 1714 -65.73 64.86 -14.09
CA ARG C 1714 -66.76 64.72 -13.08
C ARG C 1714 -66.57 63.49 -12.21
N ARG C 1715 -65.97 62.44 -12.78
CA ARG C 1715 -65.67 61.20 -12.05
C ARG C 1715 -64.65 61.35 -10.91
N SER C 1716 -63.57 62.09 -11.18
CA SER C 1716 -62.57 62.41 -10.17
C SER C 1716 -63.07 63.48 -9.21
N MET C 1717 -63.85 64.43 -9.73
CA MET C 1717 -64.39 65.45 -8.85
C MET C 1717 -65.39 64.84 -7.88
N LEU C 1718 -66.07 63.80 -8.34
CA LEU C 1718 -66.94 63.04 -7.47
C LEU C 1718 -66.10 62.31 -6.43
N SER C 1719 -64.90 61.90 -6.82
CA SER C 1719 -64.01 61.25 -5.86
C SER C 1719 -63.45 62.21 -4.81
N GLU C 1720 -63.39 63.51 -5.12
CA GLU C 1720 -62.84 64.45 -4.14
C GLU C 1720 -63.69 64.63 -2.86
N TYR C 1721 -65.00 64.53 -3.00
CA TYR C 1721 -65.97 64.59 -1.89
C TYR C 1721 -65.91 65.80 -0.94
N ILE C 1722 -65.40 66.94 -1.38
CA ILE C 1722 -65.41 68.14 -0.52
C ILE C 1722 -66.82 68.75 -0.43
N VAL C 1723 -67.13 69.38 0.70
CA VAL C 1723 -68.50 69.86 0.94
C VAL C 1723 -68.58 71.29 1.50
N PRO C 1724 -69.59 72.06 1.07
CA PRO C 1724 -70.11 73.34 1.60
C PRO C 1724 -70.71 73.31 3.01
N LEU C 1725 -70.58 74.42 3.74
CA LEU C 1725 -71.30 74.64 4.99
C LEU C 1725 -72.64 75.36 4.86
N THR C 1726 -73.21 75.39 3.66
CA THR C 1726 -74.50 76.07 3.46
C THR C 1726 -75.56 75.36 4.30
N PRO C 1727 -76.56 76.10 4.80
CA PRO C 1727 -77.48 75.54 5.80
C PRO C 1727 -78.22 74.31 5.30
N GLU C 1728 -78.50 74.26 4.01
CA GLU C 1728 -79.16 73.10 3.43
C GLU C 1728 -78.29 71.86 3.57
N THR C 1729 -76.97 72.04 3.52
CA THR C 1729 -76.07 70.92 3.76
C THR C 1729 -76.20 70.42 5.19
N ARG C 1730 -76.48 71.34 6.13
CA ARG C 1730 -76.79 70.95 7.48
C ARG C 1730 -78.11 70.21 7.51
N ALA C 1731 -78.97 70.58 6.57
CA ALA C 1731 -80.33 70.05 6.50
C ALA C 1731 -80.42 68.70 5.80
N ILE C 1732 -79.33 68.24 5.19
CA ILE C 1732 -79.37 67.02 4.38
C ILE C 1732 -79.77 65.75 5.14
N THR C 1733 -79.37 65.64 6.41
CA THR C 1733 -79.59 64.43 7.21
C THR C 1733 -79.08 63.17 6.50
N LEU C 1734 -79.55 62.00 6.95
CA LEU C 1734 -79.10 60.74 6.37
C LEU C 1734 -80.31 59.90 5.97
N PHE C 1735 -80.95 59.28 6.96
CA PHE C 1735 -82.22 58.62 6.72
C PHE C 1735 -83.31 59.63 6.43
N PRO C 1736 -84.15 59.32 5.44
CA PRO C 1736 -85.35 60.10 5.17
C PRO C 1736 -86.29 60.04 6.37
N PRO C 1737 -87.01 61.13 6.65
CA PRO C 1737 -87.92 61.20 7.80
C PRO C 1737 -89.21 60.41 7.56
N GLY C 1748 -83.60 54.10 2.64
CA GLY C 1748 -82.47 54.62 1.90
C GLY C 1748 -82.87 55.21 0.56
N LEU C 1749 -82.49 54.54 -0.51
CA LEU C 1749 -82.73 55.02 -1.88
C LEU C 1749 -81.50 55.72 -2.43
N PRO C 1750 -80.98 55.16 -3.61
CA PRO C 1750 -79.76 55.85 -4.09
C PRO C 1750 -80.04 57.29 -4.51
N GLY C 1751 -81.18 57.51 -5.13
CA GLY C 1751 -81.54 58.80 -5.68
C GLY C 1751 -81.46 60.31 -5.60
N VAL C 1752 -81.75 60.83 -4.42
CA VAL C 1752 -81.84 62.27 -4.12
C VAL C 1752 -80.92 63.36 -4.63
N GLY C 1753 -81.52 64.49 -4.97
CA GLY C 1753 -80.83 65.60 -5.59
C GLY C 1753 -79.75 66.33 -4.83
N VAL C 1754 -79.96 66.59 -3.54
CA VAL C 1754 -79.10 67.53 -2.85
C VAL C 1754 -77.60 67.25 -3.03
N THR C 1755 -77.24 65.99 -3.00
CA THR C 1755 -75.84 65.60 -2.99
C THR C 1755 -74.92 66.81 -3.03
N THR C 1756 -75.40 67.90 -3.62
CA THR C 1756 -74.74 69.22 -3.54
C THR C 1756 -73.24 69.15 -3.77
N SER C 1757 -72.49 69.07 -2.66
CA SER C 1757 -71.03 69.10 -2.68
C SER C 1757 -70.56 70.32 -3.44
N LEU C 1758 -69.56 70.13 -4.29
CA LEU C 1758 -69.14 71.20 -5.18
C LEU C 1758 -69.04 70.71 -6.62
N ARG C 1759 -67.84 70.27 -7.01
CA ARG C 1759 -67.55 69.75 -8.36
C ARG C 1759 -68.10 70.64 -9.48
N PRO C 1760 -67.21 71.38 -10.15
CA PRO C 1760 -67.66 72.49 -11.00
C PRO C 1760 -68.56 72.00 -12.11
N PRO C 1761 -69.58 72.79 -12.46
CA PRO C 1761 -70.58 72.32 -13.42
C PRO C 1761 -69.94 72.04 -14.77
N HIS C 1762 -70.40 71.00 -15.44
CA HIS C 1762 -70.00 70.77 -16.81
C HIS C 1762 -70.58 71.88 -17.66
N HIS C 1763 -69.80 72.35 -18.63
CA HIS C 1763 -70.23 73.44 -19.47
C HIS C 1763 -69.58 73.32 -20.83
N PHE C 1764 -70.25 73.85 -21.85
CA PHE C 1764 -69.79 73.63 -23.20
C PHE C 1764 -70.03 74.85 -24.06
N SER C 1765 -69.07 75.18 -24.91
CA SER C 1765 -69.29 76.17 -25.95
C SER C 1765 -70.22 75.58 -26.99
N PRO C 1766 -71.10 76.42 -27.58
CA PRO C 1766 -71.87 75.92 -28.71
C PRO C 1766 -70.93 75.59 -29.85
N PRO C 1767 -71.24 74.53 -30.62
CA PRO C 1767 -70.34 74.15 -31.72
C PRO C 1767 -70.49 75.07 -32.91
N CYS C 1768 -70.34 76.36 -32.68
CA CYS C 1768 -70.34 77.34 -33.76
C CYS C 1768 -69.12 77.12 -34.65
N PHE C 1769 -69.32 77.24 -35.96
CA PHE C 1769 -68.22 77.00 -36.88
C PHE C 1769 -67.67 78.27 -37.52
N VAL C 1770 -68.29 79.41 -37.24
CA VAL C 1770 -67.70 80.68 -37.63
C VAL C 1770 -67.02 81.34 -36.42
N ALA C 1771 -65.96 82.09 -36.69
CA ALA C 1771 -65.20 82.74 -35.62
C ALA C 1771 -64.63 84.06 -36.08
N LEU C 1785 -63.59 74.97 -27.61
CA LEU C 1785 -63.41 73.88 -26.66
C LEU C 1785 -64.75 73.41 -26.09
N SER C 1786 -64.89 72.09 -25.92
CA SER C 1786 -66.08 71.48 -25.33
C SER C 1786 -67.37 71.83 -26.08
N PRO C 1787 -67.74 71.01 -27.09
CA PRO C 1787 -68.96 71.20 -27.86
C PRO C 1787 -70.25 71.12 -27.04
N ALA C 1788 -71.23 71.94 -27.38
CA ALA C 1788 -72.52 71.93 -26.72
C ALA C 1788 -73.38 70.74 -27.11
N ILE C 1789 -74.29 70.36 -26.22
CA ILE C 1789 -75.24 69.30 -26.47
C ILE C 1789 -76.63 69.79 -26.04
N PRO C 1790 -77.69 69.29 -26.67
CA PRO C 1790 -79.00 69.48 -26.01
C PRO C 1790 -79.14 68.50 -24.85
N LEU C 1791 -78.91 68.99 -23.63
CA LEU C 1791 -78.80 68.12 -22.47
C LEU C 1791 -80.07 67.33 -22.19
N GLU C 1792 -81.14 68.04 -21.85
CA GLU C 1792 -82.38 67.40 -21.46
C GLU C 1792 -83.01 66.60 -22.60
N ALA C 1793 -82.81 67.06 -23.83
CA ALA C 1793 -83.28 66.29 -24.97
C ALA C 1793 -82.56 64.95 -25.02
N LEU C 1794 -81.28 64.99 -24.67
CA LEU C 1794 -80.46 63.81 -24.73
C LEU C 1794 -80.81 62.83 -23.63
N ARG C 1795 -81.05 63.35 -22.43
CA ARG C 1795 -81.46 62.49 -21.34
C ARG C 1795 -82.84 61.92 -21.64
N ASP C 1796 -83.64 62.66 -22.39
CA ASP C 1796 -84.97 62.18 -22.74
C ASP C 1796 -84.86 61.01 -23.70
N LYS C 1797 -84.03 61.18 -24.74
CA LYS C 1797 -83.88 60.12 -25.73
C LYS C 1797 -83.30 58.90 -25.06
N ALA C 1798 -82.39 59.15 -24.11
CA ALA C 1798 -81.68 58.05 -23.47
C ALA C 1798 -82.61 57.26 -22.58
N LEU C 1799 -83.35 57.97 -21.73
CA LEU C 1799 -84.26 57.28 -20.82
C LEU C 1799 -85.37 56.56 -21.57
N ARG C 1800 -85.84 57.15 -22.67
CA ARG C 1800 -86.88 56.47 -23.43
C ARG C 1800 -86.32 55.22 -24.09
N MET C 1801 -85.08 55.31 -24.54
CA MET C 1801 -84.41 54.15 -25.11
C MET C 1801 -84.20 53.08 -24.06
N LEU C 1802 -84.04 53.51 -22.81
CA LEU C 1802 -83.87 52.56 -21.72
C LEU C 1802 -85.14 51.82 -21.41
N GLY C 1803 -86.23 52.55 -21.24
CA GLY C 1803 -87.47 51.92 -20.83
C GLY C 1803 -87.97 51.05 -21.96
N GLU C 1804 -87.79 51.53 -23.18
CA GLU C 1804 -88.15 50.74 -24.34
C GLU C 1804 -87.25 49.51 -24.45
N ALA C 1805 -86.00 49.64 -23.99
CA ALA C 1805 -85.06 48.53 -24.08
C ALA C 1805 -85.36 47.41 -23.10
N VAL C 1806 -85.65 47.77 -21.85
CA VAL C 1806 -86.07 46.76 -20.89
C VAL C 1806 -87.42 46.20 -21.29
N ARG C 1807 -88.24 47.04 -21.91
CA ARG C 1807 -89.59 46.61 -22.21
C ARG C 1807 -89.63 45.59 -23.34
N ASP C 1808 -89.00 45.91 -24.47
CA ASP C 1808 -88.94 44.95 -25.56
C ASP C 1808 -87.99 43.80 -25.20
N GLY C 1809 -87.06 44.07 -24.29
CA GLY C 1809 -86.13 43.05 -23.86
C GLY C 1809 -86.80 41.97 -23.03
N GLY C 1810 -87.79 42.38 -22.23
CA GLY C 1810 -88.53 41.43 -21.43
C GLY C 1810 -89.57 40.69 -22.25
N GLN C 1811 -89.85 41.24 -23.43
CA GLN C 1811 -90.75 40.60 -24.38
C GLN C 1811 -89.99 39.52 -25.13
N HIS C 1812 -88.67 39.54 -24.97
CA HIS C 1812 -87.76 38.55 -25.53
C HIS C 1812 -87.92 38.42 -27.05
N ALA C 1813 -88.26 39.53 -27.71
CA ALA C 1813 -88.17 39.57 -29.17
C ALA C 1813 -86.69 39.49 -29.54
N ARG C 1814 -86.39 38.82 -30.65
CA ARG C 1814 -85.00 38.60 -31.01
C ARG C 1814 -84.60 39.14 -32.39
N ASP C 1815 -84.86 40.41 -32.63
CA ASP C 1815 -84.31 41.07 -33.81
C ASP C 1815 -82.78 40.94 -33.77
N PRO C 1816 -82.15 41.27 -32.62
CA PRO C 1816 -82.53 42.07 -31.45
C PRO C 1816 -81.94 43.47 -31.53
N VAL C 1817 -82.60 44.35 -32.27
CA VAL C 1817 -82.15 45.73 -32.47
C VAL C 1817 -80.74 45.78 -33.07
N GLY C 1818 -79.74 45.54 -32.24
CA GLY C 1818 -78.36 45.63 -32.68
C GLY C 1818 -77.85 44.36 -33.33
N GLY C 1819 -78.70 43.35 -33.40
CA GLY C 1819 -78.30 42.05 -33.91
C GLY C 1819 -77.70 41.22 -32.79
N SER C 1820 -77.65 41.81 -31.61
CA SER C 1820 -77.26 41.11 -30.39
C SER C 1820 -77.78 41.89 -29.20
N VAL C 1821 -78.04 41.20 -28.10
CA VAL C 1821 -78.49 41.87 -26.89
C VAL C 1821 -77.41 42.81 -26.37
N GLU C 1822 -76.15 42.39 -26.53
CA GLU C 1822 -75.06 43.18 -26.01
C GLU C 1822 -75.06 44.52 -26.69
N PHE C 1823 -75.26 44.50 -28.00
CA PHE C 1823 -75.38 45.73 -28.75
C PHE C 1823 -76.61 46.48 -28.31
N GLN C 1824 -77.68 45.73 -28.04
CA GLN C 1824 -78.97 46.32 -27.70
C GLN C 1824 -78.88 47.16 -26.43
N PHE C 1825 -78.13 46.67 -25.45
CA PHE C 1825 -77.95 47.44 -24.21
C PHE C 1825 -76.59 48.08 -23.99
N VAL C 1826 -75.53 47.27 -24.06
CA VAL C 1826 -74.21 47.76 -23.64
C VAL C 1826 -73.93 49.21 -24.06
N PRO C 1827 -74.13 49.54 -25.35
CA PRO C 1827 -73.94 50.95 -25.71
C PRO C 1827 -74.85 51.90 -24.94
N VAL C 1828 -76.07 51.44 -24.66
CA VAL C 1828 -77.09 52.29 -24.08
C VAL C 1828 -76.86 52.45 -22.60
N LEU C 1829 -76.52 51.36 -21.93
CA LEU C 1829 -76.17 51.42 -20.53
C LEU C 1829 -74.89 52.22 -20.36
N LYS C 1830 -74.04 52.21 -21.38
CA LYS C 1830 -72.83 53.02 -21.36
C LYS C 1830 -73.18 54.49 -21.42
N LEU C 1831 -74.05 54.84 -22.38
CA LEU C 1831 -74.41 56.22 -22.59
C LEU C 1831 -75.11 56.76 -21.37
N VAL C 1832 -75.97 55.94 -20.78
CA VAL C 1832 -76.65 56.33 -19.56
C VAL C 1832 -75.69 56.38 -18.38
N SER C 1833 -74.63 55.58 -18.42
CA SER C 1833 -73.70 55.61 -17.31
C SER C 1833 -72.94 56.92 -17.33
N THR C 1834 -72.39 57.26 -18.49
CA THR C 1834 -71.67 58.52 -18.60
C THR C 1834 -72.58 59.73 -18.40
N LEU C 1835 -73.82 59.61 -18.87
CA LEU C 1835 -74.79 60.69 -18.73
C LEU C 1835 -75.16 60.92 -17.27
N LEU C 1836 -75.16 59.81 -16.52
CA LEU C 1836 -75.58 59.82 -15.13
C LEU C 1836 -74.46 60.27 -14.21
N VAL C 1837 -73.24 59.84 -14.51
CA VAL C 1837 -72.08 60.28 -13.77
C VAL C 1837 -71.88 61.77 -13.98
N MET C 1838 -72.32 62.22 -15.15
CA MET C 1838 -72.09 63.60 -15.59
C MET C 1838 -72.74 64.64 -14.70
N GLY C 1839 -73.85 64.28 -14.07
CA GLY C 1839 -74.61 65.21 -13.26
C GLY C 1839 -75.89 65.63 -13.94
N ILE C 1840 -76.59 64.65 -14.48
CA ILE C 1840 -77.77 64.91 -15.29
C ILE C 1840 -78.95 64.13 -14.78
N PHE C 1841 -80.13 64.71 -14.97
CA PHE C 1841 -81.40 64.18 -14.54
C PHE C 1841 -81.69 64.65 -13.14
N GLY C 1842 -82.97 64.70 -12.82
CA GLY C 1842 -83.40 64.85 -11.45
C GLY C 1842 -83.28 63.48 -10.85
N ASP C 1843 -83.42 63.37 -9.54
CA ASP C 1843 -83.38 62.08 -8.90
C ASP C 1843 -84.50 61.33 -9.58
N GLU C 1844 -85.58 62.06 -9.88
CA GLU C 1844 -86.77 61.45 -10.45
C GLU C 1844 -86.44 60.68 -11.71
N ASP C 1845 -85.61 61.18 -12.61
CA ASP C 1845 -85.25 60.27 -13.69
C ASP C 1845 -84.36 59.17 -13.13
N VAL C 1846 -83.55 59.49 -12.12
CA VAL C 1846 -82.77 58.46 -11.46
C VAL C 1846 -83.72 57.47 -10.79
N LYS C 1847 -84.84 57.96 -10.27
CA LYS C 1847 -85.84 57.07 -9.73
C LYS C 1847 -86.42 56.21 -10.84
N GLN C 1848 -86.49 56.78 -12.04
CA GLN C 1848 -86.93 56.02 -13.20
C GLN C 1848 -85.94 54.93 -13.51
N ILE C 1849 -84.67 55.19 -13.20
CA ILE C 1849 -83.64 54.20 -13.45
C ILE C 1849 -83.70 53.07 -12.43
N LEU C 1850 -83.85 53.46 -11.17
CA LEU C 1850 -83.91 52.51 -10.07
C LEU C 1850 -85.11 51.60 -10.24
N LYS C 1851 -86.23 52.18 -10.66
CA LYS C 1851 -87.43 51.39 -10.92
C LYS C 1851 -87.33 50.64 -12.25
N MET C 1852 -86.42 51.11 -13.10
CA MET C 1852 -85.99 50.33 -14.25
C MET C 1852 -85.22 49.09 -13.81
N ILE C 1853 -84.59 49.17 -12.64
CA ILE C 1853 -83.66 48.12 -12.22
C ILE C 1853 -84.20 47.09 -11.23
N GLU C 1854 -84.64 47.52 -10.04
CA GLU C 1854 -84.95 46.56 -8.98
C GLU C 1854 -86.03 45.54 -9.43
N PRO C 1855 -87.16 45.98 -10.00
CA PRO C 1855 -87.93 47.23 -9.83
C PRO C 1855 -88.49 47.29 -8.40
N GLU C 1856 -88.58 48.50 -7.83
CA GLU C 1856 -89.17 48.69 -6.50
C GLU C 1856 -89.19 50.17 -6.15
N GLY C 1912 -87.37 44.77 -14.42
CA GLY C 1912 -86.02 45.08 -13.98
C GLY C 1912 -84.96 44.52 -14.90
N LEU C 1913 -84.11 45.39 -15.41
CA LEU C 1913 -83.02 44.96 -16.28
C LEU C 1913 -82.07 44.03 -15.53
N LEU C 1914 -81.88 44.32 -14.25
CA LEU C 1914 -81.03 43.50 -13.39
C LEU C 1914 -81.61 42.09 -13.21
N GLN C 1915 -82.93 42.00 -13.22
CA GLN C 1915 -83.61 40.71 -13.15
C GLN C 1915 -83.37 39.86 -14.41
N MET C 1916 -83.11 40.53 -15.52
CA MET C 1916 -83.03 39.88 -16.83
C MET C 1916 -81.85 38.94 -16.97
N LYS C 1917 -82.00 37.91 -17.79
CA LYS C 1917 -80.86 37.16 -18.28
C LYS C 1917 -80.01 38.08 -19.14
N LEU C 1918 -78.70 38.01 -18.99
CA LEU C 1918 -77.80 38.89 -19.73
C LEU C 1918 -76.61 38.17 -20.36
N PRO C 1919 -76.18 38.67 -21.53
CA PRO C 1919 -74.84 38.51 -22.10
C PRO C 1919 -73.82 39.25 -21.24
N GLU C 1920 -72.58 38.78 -21.21
CA GLU C 1920 -71.60 39.27 -20.25
C GLU C 1920 -71.39 40.79 -20.27
N SER C 1921 -71.22 41.36 -21.46
CA SER C 1921 -70.86 42.78 -21.52
C SER C 1921 -71.94 43.67 -20.93
N VAL C 1922 -73.19 43.27 -21.10
CA VAL C 1922 -74.27 44.03 -20.51
C VAL C 1922 -74.17 43.96 -18.99
N LYS C 1923 -73.72 42.82 -18.48
CA LYS C 1923 -73.51 42.68 -17.04
C LYS C 1923 -72.41 43.61 -16.61
N LEU C 1924 -71.44 43.82 -17.51
CA LEU C 1924 -70.30 44.63 -17.16
C LEU C 1924 -70.68 46.11 -17.06
N GLN C 1925 -71.30 46.61 -18.11
CA GLN C 1925 -71.67 48.01 -18.13
C GLN C 1925 -72.73 48.30 -17.07
N MET C 1926 -73.62 47.33 -16.87
CA MET C 1926 -74.65 47.45 -15.84
C MET C 1926 -74.00 47.49 -14.48
N CYS C 1927 -72.92 46.73 -14.34
CA CYS C 1927 -72.18 46.72 -13.10
C CYS C 1927 -71.55 48.08 -12.87
N ASN C 1928 -71.10 48.72 -13.95
CA ASN C 1928 -70.55 50.06 -13.81
C ASN C 1928 -71.64 51.05 -13.39
N LEU C 1929 -72.84 50.83 -13.88
CA LEU C 1929 -73.96 51.72 -13.58
C LEU C 1929 -74.32 51.63 -12.09
N LEU C 1930 -74.44 50.40 -11.64
CA LEU C 1930 -74.73 50.12 -10.25
C LEU C 1930 -73.59 50.64 -9.39
N GLU C 1931 -72.40 50.63 -9.97
CA GLU C 1931 -71.23 51.15 -9.28
C GLU C 1931 -71.38 52.65 -9.06
N TYR C 1932 -71.92 53.35 -10.05
CA TYR C 1932 -72.21 54.76 -9.83
C TYR C 1932 -73.27 54.94 -8.77
N PHE C 1933 -74.25 54.02 -8.72
CA PHE C 1933 -75.26 54.15 -7.68
C PHE C 1933 -74.72 54.01 -6.27
N CYS C 1934 -73.96 52.95 -6.03
CA CYS C 1934 -73.41 52.76 -4.71
C CYS C 1934 -72.43 53.86 -4.37
N ASP C 1935 -71.73 54.36 -5.39
CA ASP C 1935 -70.74 55.41 -5.15
C ASP C 1935 -71.42 56.70 -4.72
N GLN C 1936 -72.48 57.07 -5.44
CA GLN C 1936 -73.23 58.27 -5.10
C GLN C 1936 -73.90 58.11 -3.74
N GLU C 1937 -74.32 56.88 -3.43
CA GLU C 1937 -74.92 56.64 -2.12
C GLU C 1937 -73.89 56.86 -1.03
N LEU C 1938 -72.64 56.47 -1.32
CA LEU C 1938 -71.56 56.74 -0.40
C LEU C 1938 -71.34 58.23 -0.27
N GLN C 1939 -71.54 58.96 -1.35
CA GLN C 1939 -71.44 60.40 -1.23
C GLN C 1939 -72.52 60.96 -0.33
N HIS C 1940 -73.71 60.38 -0.40
CA HIS C 1940 -74.80 60.82 0.47
C HIS C 1940 -74.45 60.52 1.91
N ARG C 1941 -73.75 59.41 2.11
CA ARG C 1941 -73.44 58.99 3.47
C ARG C 1941 -72.38 59.89 4.10
N VAL C 1942 -71.28 60.08 3.37
CA VAL C 1942 -70.19 60.89 3.88
C VAL C 1942 -70.64 62.33 4.04
N GLU C 1943 -71.42 62.80 3.08
CA GLU C 1943 -71.91 64.17 3.14
C GLU C 1943 -72.86 64.33 4.32
N SER C 1944 -73.62 63.29 4.62
CA SER C 1944 -74.46 63.34 5.80
C SER C 1944 -73.62 63.40 7.06
N LEU C 1945 -72.47 62.72 7.03
CA LEU C 1945 -71.60 62.76 8.18
C LEU C 1945 -71.06 64.17 8.33
N ALA C 1946 -70.90 64.85 7.20
CA ALA C 1946 -70.57 66.27 7.21
C ALA C 1946 -71.71 67.13 7.76
N ALA C 1947 -72.96 66.72 7.54
CA ALA C 1947 -74.07 67.42 8.16
C ALA C 1947 -73.99 67.28 9.67
N PHE C 1948 -73.53 66.10 10.10
CA PHE C 1948 -73.25 65.87 11.50
C PHE C 1948 -72.16 66.84 11.91
N ALA C 1949 -71.20 67.04 11.02
CA ALA C 1949 -70.10 67.96 11.29
C ALA C 1949 -70.62 69.39 11.45
N GLU C 1950 -71.68 69.70 10.70
CA GLU C 1950 -72.42 70.94 10.86
C GLU C 1950 -73.15 70.98 12.20
N ARG C 1951 -73.83 69.86 12.49
CA ARG C 1951 -74.63 69.61 13.72
C ARG C 1951 -74.01 69.39 15.14
N TYR C 1952 -72.99 68.55 15.27
CA TYR C 1952 -72.33 68.38 16.57
C TYR C 1952 -71.36 69.50 16.86
N VAL C 1953 -70.60 69.86 15.83
CA VAL C 1953 -69.60 70.90 16.00
C VAL C 1953 -70.20 72.20 16.51
N ASP C 1954 -71.37 72.59 15.99
CA ASP C 1954 -71.98 73.80 16.53
C ASP C 1954 -72.36 73.60 17.98
N LYS C 1955 -72.92 72.44 18.28
CA LYS C 1955 -73.33 72.13 19.65
C LYS C 1955 -72.15 72.02 20.61
N LEU C 1956 -71.01 71.60 20.09
CA LEU C 1956 -69.83 71.37 20.91
C LEU C 1956 -69.06 72.65 21.17
N GLN C 1957 -68.99 73.54 20.18
CA GLN C 1957 -68.46 74.86 20.46
C GLN C 1957 -69.40 75.58 21.42
N ALA C 1958 -70.69 75.28 21.30
CA ALA C 1958 -71.67 75.82 22.22
C ALA C 1958 -71.42 75.28 23.62
N ASN C 1959 -70.88 74.06 23.68
CA ASN C 1959 -70.55 73.46 24.98
C ASN C 1959 -69.28 74.09 25.55
N GLN C 1960 -68.28 74.33 24.70
CA GLN C 1960 -67.03 74.91 25.15
C GLN C 1960 -67.21 76.33 25.64
N ARG C 1961 -68.15 77.04 25.05
CA ARG C 1961 -68.36 78.42 25.46
C ARG C 1961 -69.08 78.50 26.80
N SER C 1962 -69.72 77.41 27.20
CA SER C 1962 -70.23 77.28 28.56
C SER C 1962 -69.09 77.17 29.57
N ARG C 1963 -67.93 76.74 29.08
CA ARG C 1963 -66.79 76.46 29.95
C ARG C 1963 -65.76 77.59 29.88
N UNK C 1964 -55.49 72.32 17.40
CA UNK C 1964 -54.48 72.42 18.43
C UNK C 1964 -54.95 71.72 19.71
N UNK C 1965 -55.00 72.48 20.81
CA UNK C 1965 -55.58 71.97 22.05
C UNK C 1965 -57.06 71.68 21.86
N UNK C 1966 -57.69 72.44 20.95
CA UNK C 1966 -59.08 72.18 20.61
C UNK C 1966 -59.22 70.83 19.92
N UNK C 1967 -58.19 70.41 19.21
CA UNK C 1967 -58.16 69.07 18.66
C UNK C 1967 -58.10 68.03 19.78
N UNK C 1968 -57.42 68.39 20.86
CA UNK C 1968 -57.42 67.55 22.04
C UNK C 1968 -58.81 67.51 22.67
N UNK C 1969 -59.55 68.61 22.53
CA UNK C 1969 -60.96 68.60 22.92
C UNK C 1969 -61.77 67.69 22.01
N UNK C 1970 -61.36 67.59 20.76
CA UNK C 1970 -61.98 66.63 19.86
C UNK C 1970 -61.65 65.22 20.32
N UNK C 1971 -60.47 65.06 20.92
CA UNK C 1971 -60.14 63.80 21.58
C UNK C 1971 -61.02 63.60 22.82
N UNK C 1972 -61.44 64.69 23.45
CA UNK C 1972 -62.40 64.58 24.53
C UNK C 1972 -63.74 64.09 23.97
N UNK C 1973 -64.05 64.49 22.74
CA UNK C 1973 -65.21 63.93 22.06
C UNK C 1973 -64.97 62.45 21.77
N UNK C 1974 -63.71 62.10 21.55
CA UNK C 1974 -63.32 60.71 21.32
C UNK C 1974 -63.48 59.87 22.58
N UNK C 1975 -63.43 60.54 23.74
CA UNK C 1975 -63.53 59.88 25.02
C UNK C 1975 -64.89 59.23 25.22
N UNK C 1976 -65.88 59.73 24.48
CA UNK C 1976 -67.27 59.32 24.63
C UNK C 1976 -67.50 57.87 24.22
N UNK C 1977 -66.56 57.30 23.47
CA UNK C 1977 -66.71 55.94 22.95
C UNK C 1977 -66.84 54.90 24.06
N UNK C 1978 -66.24 55.18 25.21
CA UNK C 1978 -66.30 54.27 26.35
C UNK C 1978 -66.12 55.02 27.66
N THR C 1979 -73.74 66.52 28.60
CA THR C 1979 -73.04 65.69 27.63
C THR C 1979 -73.99 64.68 26.99
N SER C 1980 -75.24 65.07 26.82
CA SER C 1980 -76.21 64.30 26.05
C SER C 1980 -75.80 64.28 24.58
N LEU C 1981 -74.98 65.26 24.22
CA LEU C 1981 -74.54 65.41 22.85
C LEU C 1981 -73.76 64.16 22.44
N SER C 1982 -73.10 63.53 23.42
CA SER C 1982 -72.42 62.28 23.16
C SER C 1982 -73.43 61.18 22.82
N SER C 1983 -74.59 61.22 23.46
CA SER C 1983 -75.67 60.30 23.10
C SER C 1983 -76.18 60.59 21.70
N ARG C 1984 -76.16 61.86 21.32
CA ARG C 1984 -76.61 62.24 19.99
C ARG C 1984 -75.64 61.73 18.93
N LEU C 1985 -74.35 61.83 19.21
CA LEU C 1985 -73.34 61.23 18.35
C LEU C 1985 -73.45 59.71 18.31
N ARG C 1986 -73.81 59.12 19.45
CA ARG C 1986 -73.96 57.68 19.51
C ARG C 1986 -75.11 57.26 18.61
N SER C 1987 -76.12 58.12 18.55
CA SER C 1987 -77.29 57.84 17.74
C SER C 1987 -76.98 58.00 16.27
N LEU C 1988 -76.29 59.08 15.94
CA LEU C 1988 -75.93 59.36 14.55
C LEU C 1988 -75.04 58.24 14.04
N LEU C 1989 -74.13 57.77 14.89
CA LEU C 1989 -73.28 56.64 14.55
C LEU C 1989 -74.11 55.37 14.38
N GLU C 1990 -75.17 55.26 15.18
CA GLU C 1990 -76.01 54.08 15.06
C GLU C 1990 -76.66 54.12 13.69
N THR C 1991 -76.96 55.33 13.21
CA THR C 1991 -77.43 55.48 11.84
C THR C 1991 -76.32 55.26 10.81
N VAL C 1992 -75.07 55.48 11.20
CA VAL C 1992 -73.93 55.28 10.29
C VAL C 1992 -73.63 53.78 10.17
N ARG C 1993 -74.18 52.98 11.08
CA ARG C 1993 -74.04 51.54 10.96
C ARG C 1993 -74.67 51.05 9.67
N LEU C 1994 -75.68 51.77 9.19
CA LEU C 1994 -76.31 51.46 7.92
C LEU C 1994 -76.62 52.72 7.14
N SER C 2015 -82.85 48.93 0.29
CA SER C 2015 -81.95 47.84 0.60
C SER C 2015 -81.06 47.50 -0.59
N LEU C 2016 -80.44 48.53 -1.17
CA LEU C 2016 -79.62 48.35 -2.36
C LEU C 2016 -78.42 47.44 -2.11
N GLN C 2017 -77.91 47.47 -0.89
CA GLN C 2017 -76.72 46.71 -0.56
C GLN C 2017 -76.99 45.23 -0.74
N GLU C 2018 -78.23 44.85 -0.42
CA GLU C 2018 -78.63 43.47 -0.52
C GLU C 2018 -78.86 43.03 -1.95
N LEU C 2019 -79.49 43.87 -2.77
CA LEU C 2019 -79.69 43.48 -4.16
C LEU C 2019 -78.33 43.38 -4.85
N VAL C 2020 -77.40 44.23 -4.44
CA VAL C 2020 -76.09 44.21 -5.06
C VAL C 2020 -75.36 42.94 -4.66
N SER C 2021 -75.39 42.64 -3.37
CA SER C 2021 -74.64 41.49 -2.90
C SER C 2021 -75.22 40.21 -3.46
N HIS C 2022 -76.53 40.04 -3.30
CA HIS C 2022 -77.18 38.82 -3.77
C HIS C 2022 -77.10 38.68 -5.29
N MET C 2023 -77.16 39.77 -6.04
CA MET C 2023 -77.14 39.59 -7.49
C MET C 2023 -75.72 39.43 -8.02
N VAL C 2024 -74.74 40.09 -7.42
CA VAL C 2024 -73.37 39.81 -7.81
C VAL C 2024 -73.03 38.36 -7.47
N VAL C 2025 -73.58 37.85 -6.37
CA VAL C 2025 -73.45 36.44 -6.08
C VAL C 2025 -74.16 35.60 -7.14
N ARG C 2026 -75.28 36.09 -7.67
CA ARG C 2026 -75.98 35.32 -8.70
C ARG C 2026 -75.15 35.23 -9.97
N TRP C 2027 -74.56 36.35 -10.37
CA TRP C 2027 -73.75 36.40 -11.58
C TRP C 2027 -72.52 35.57 -11.43
N ALA C 2028 -71.92 35.62 -10.25
CA ALA C 2028 -70.71 34.88 -9.98
C ALA C 2028 -71.00 33.40 -9.83
N GLN C 2029 -72.27 33.07 -9.59
CA GLN C 2029 -72.65 31.68 -9.37
C GLN C 2029 -73.08 31.00 -10.66
N GLU C 2030 -74.19 31.45 -11.23
CA GLU C 2030 -74.80 30.75 -12.35
C GLU C 2030 -73.95 30.72 -13.63
N ASP C 2031 -73.14 31.76 -13.83
CA ASP C 2031 -72.55 31.99 -15.15
C ASP C 2031 -71.12 31.50 -15.39
N TYR C 2032 -70.31 31.43 -14.33
CA TYR C 2032 -68.85 31.38 -14.49
C TYR C 2032 -68.44 32.53 -15.40
N VAL C 2033 -68.42 33.73 -14.85
CA VAL C 2033 -68.08 34.92 -15.62
C VAL C 2033 -66.65 34.89 -16.11
N GLN C 2034 -66.44 35.48 -17.29
CA GLN C 2034 -65.10 35.59 -17.87
C GLN C 2034 -65.04 36.90 -18.65
N SER C 2035 -63.84 37.26 -19.09
CA SER C 2035 -63.44 38.63 -19.43
C SER C 2035 -63.37 39.41 -18.12
N PRO C 2036 -62.14 39.64 -17.65
CA PRO C 2036 -61.76 40.03 -16.29
C PRO C 2036 -62.35 41.34 -15.77
N GLU C 2037 -62.57 42.32 -16.63
CA GLU C 2037 -63.00 43.63 -16.15
C GLU C 2037 -64.33 43.54 -15.44
N LEU C 2038 -65.17 42.65 -15.95
CA LEU C 2038 -66.46 42.39 -15.34
C LEU C 2038 -66.30 41.81 -13.95
N VAL C 2039 -65.28 40.98 -13.79
CA VAL C 2039 -65.05 40.31 -12.52
C VAL C 2039 -64.59 41.34 -11.51
N ARG C 2040 -63.63 42.16 -11.95
CA ARG C 2040 -63.04 43.17 -11.11
C ARG C 2040 -64.09 44.19 -10.69
N ALA C 2041 -65.04 44.43 -11.58
CA ALA C 2041 -66.10 45.39 -11.27
C ALA C 2041 -67.07 44.79 -10.25
N MET C 2042 -67.43 43.53 -10.50
CA MET C 2042 -68.36 42.83 -9.61
C MET C 2042 -67.83 42.82 -8.20
N PHE C 2043 -66.61 42.34 -8.06
CA PHE C 2043 -65.99 42.24 -6.75
C PHE C 2043 -65.64 43.59 -6.14
N SER C 2044 -65.41 44.58 -6.99
CA SER C 2044 -65.18 45.93 -6.48
C SER C 2044 -66.43 46.38 -5.75
N LEU C 2045 -67.57 46.21 -6.42
CA LEU C 2045 -68.84 46.54 -5.79
C LEU C 2045 -69.19 45.65 -4.62
N LEU C 2046 -68.69 44.42 -4.64
CA LEU C 2046 -69.10 43.46 -3.65
C LEU C 2046 -68.40 43.79 -2.33
N HIS C 2047 -67.11 44.09 -2.39
CA HIS C 2047 -66.45 44.62 -1.21
C HIS C 2047 -67.03 45.97 -0.85
N ARG C 2048 -67.43 46.72 -1.87
CA ARG C 2048 -67.96 48.04 -1.64
C ARG C 2048 -69.26 47.95 -0.85
N GLN C 2049 -69.94 46.80 -0.95
CA GLN C 2049 -71.13 46.59 -0.15
C GLN C 2049 -70.85 45.99 1.22
N TYR C 2050 -69.99 44.97 1.29
CA TYR C 2050 -69.74 44.34 2.60
C TYR C 2050 -69.07 45.25 3.62
N ASP C 2051 -68.33 46.25 3.16
CA ASP C 2051 -67.72 47.19 4.08
C ASP C 2051 -67.78 48.60 3.55
N GLY C 2052 -68.96 49.19 3.53
CA GLY C 2052 -69.10 50.56 3.12
C GLY C 2052 -68.70 51.50 4.24
N LEU C 2053 -68.54 50.95 5.44
CA LEU C 2053 -68.11 51.75 6.58
C LEU C 2053 -66.61 52.03 6.52
N GLY C 2054 -65.82 51.00 6.25
CA GLY C 2054 -64.38 51.20 6.12
C GLY C 2054 -64.09 51.85 4.79
N GLU C 2055 -64.99 51.65 3.84
CA GLU C 2055 -64.93 52.39 2.60
C GLU C 2055 -65.19 53.86 2.85
N LEU C 2056 -66.05 54.14 3.83
CA LEU C 2056 -66.24 55.51 4.27
C LEU C 2056 -64.96 55.97 4.93
N LEU C 2057 -64.24 55.04 5.55
CA LEU C 2057 -62.99 55.41 6.21
C LEU C 2057 -61.95 55.85 5.19
N ARG C 2058 -61.80 55.09 4.11
CA ARG C 2058 -60.88 55.49 3.06
C ARG C 2058 -61.37 56.76 2.37
N ALA C 2059 -62.70 56.93 2.33
CA ALA C 2059 -63.30 58.14 1.77
C ALA C 2059 -63.03 59.42 2.57
N LEU C 2060 -62.93 59.29 3.89
CA LEU C 2060 -62.86 60.47 4.76
C LEU C 2060 -61.72 61.46 4.50
N PRO C 2061 -60.47 60.96 4.31
CA PRO C 2061 -59.40 61.95 4.13
C PRO C 2061 -59.64 62.86 2.92
N ARG C 2062 -60.26 62.33 1.88
CA ARG C 2062 -60.67 63.15 0.75
C ARG C 2062 -61.75 64.17 1.12
N ALA C 2063 -62.61 63.82 2.06
CA ALA C 2063 -63.66 64.75 2.50
C ALA C 2063 -63.05 65.96 3.20
N TYR C 2064 -63.64 67.14 2.99
CA TYR C 2064 -63.14 68.34 3.65
C TYR C 2064 -64.21 69.42 3.59
N THR C 2065 -64.69 69.87 4.75
CA THR C 2065 -65.74 70.88 4.80
C THR C 2065 -65.20 72.26 4.36
N ILE C 2066 -66.08 73.10 3.83
CA ILE C 2066 -65.66 74.40 3.32
C ILE C 2066 -66.63 75.50 3.71
N SER C 2067 -66.11 76.67 4.08
CA SER C 2067 -66.96 77.80 4.44
C SER C 2067 -67.76 78.26 3.22
N PRO C 2068 -69.08 78.38 3.38
CA PRO C 2068 -69.95 78.56 2.22
C PRO C 2068 -69.64 79.81 1.39
N SER C 2069 -69.23 80.89 2.03
CA SER C 2069 -69.00 82.13 1.33
C SER C 2069 -67.86 81.95 0.33
N SER C 2070 -66.95 81.06 0.70
CA SER C 2070 -65.78 80.77 -0.11
C SER C 2070 -66.03 79.74 -1.21
N VAL C 2071 -67.18 79.07 -1.22
CA VAL C 2071 -67.25 77.83 -2.00
C VAL C 2071 -67.02 78.07 -3.49
N GLU C 2072 -67.43 79.23 -3.99
CA GLU C 2072 -67.30 79.49 -5.41
C GLU C 2072 -65.84 79.47 -5.82
N ASP C 2073 -64.96 79.99 -4.94
CA ASP C 2073 -63.55 80.01 -5.26
C ASP C 2073 -63.07 78.57 -5.35
N THR C 2074 -63.58 77.73 -4.45
CA THR C 2074 -63.16 76.34 -4.43
C THR C 2074 -63.61 75.71 -5.72
N MET C 2075 -64.76 76.16 -6.22
CA MET C 2075 -65.27 75.59 -7.44
C MET C 2075 -64.28 75.93 -8.52
N SER C 2076 -63.86 77.19 -8.54
CA SER C 2076 -62.91 77.62 -9.55
C SER C 2076 -61.61 76.87 -9.33
N LEU C 2077 -61.33 76.58 -8.06
CA LEU C 2077 -60.11 75.86 -7.74
C LEU C 2077 -60.23 74.47 -8.33
N LEU C 2078 -61.39 73.86 -8.14
CA LEU C 2078 -61.63 72.56 -8.71
C LEU C 2078 -61.68 72.69 -10.22
N GLU C 2079 -62.08 73.86 -10.69
CA GLU C 2079 -62.14 74.05 -12.13
C GLU C 2079 -60.73 73.99 -12.68
N CYS C 2080 -59.77 74.43 -11.87
CA CYS C 2080 -58.37 74.29 -12.25
C CYS C 2080 -57.92 72.84 -12.29
N LEU C 2081 -58.49 72.02 -11.40
CA LEU C 2081 -58.21 70.59 -11.43
C LEU C 2081 -58.98 69.91 -12.55
N GLY C 2082 -59.97 70.61 -13.09
CA GLY C 2082 -60.72 70.10 -14.22
C GLY C 2082 -59.89 70.33 -15.46
N GLN C 2083 -58.83 71.11 -15.29
CA GLN C 2083 -57.90 71.39 -16.36
C GLN C 2083 -56.68 70.50 -16.24
N ILE C 2084 -55.91 70.71 -15.18
CA ILE C 2084 -54.64 70.00 -15.01
C ILE C 2084 -54.75 68.48 -14.86
N ARG C 2085 -55.77 68.01 -14.15
CA ARG C 2085 -55.91 66.58 -14.01
C ARG C 2085 -56.13 66.03 -15.41
N SER C 2086 -56.96 66.71 -16.18
CA SER C 2086 -57.22 66.29 -17.55
C SER C 2086 -55.93 66.28 -18.35
N LEU C 2087 -55.04 67.22 -18.01
CA LEU C 2087 -53.75 67.30 -18.67
C LEU C 2087 -52.85 66.14 -18.27
N LEU C 2088 -53.13 65.54 -17.12
CA LEU C 2088 -52.31 64.46 -16.58
C LEU C 2088 -52.28 63.26 -17.52
N ILE C 2089 -53.41 63.05 -18.20
CA ILE C 2089 -53.55 61.95 -19.12
C ILE C 2089 -53.02 62.33 -20.50
N VAL C 2090 -52.69 63.61 -20.67
CA VAL C 2090 -52.09 64.08 -21.91
C VAL C 2090 -50.56 64.00 -21.87
N GLN C 2095 -48.65 74.42 -26.49
CA GLN C 2095 -50.10 74.42 -26.51
C GLN C 2095 -50.66 73.94 -25.17
N GLU C 2096 -50.25 72.74 -24.78
CA GLU C 2096 -50.68 72.12 -23.54
C GLU C 2096 -50.22 72.95 -22.35
N GLU C 2097 -48.93 73.23 -22.37
CA GLU C 2097 -48.22 73.87 -21.28
C GLU C 2097 -48.59 75.32 -21.02
N ASN C 2098 -49.05 76.03 -22.04
CA ASN C 2098 -49.54 77.39 -21.82
C ASN C 2098 -50.82 77.35 -21.01
N LEU C 2099 -51.69 76.41 -21.35
CA LEU C 2099 -52.92 76.21 -20.60
C LEU C 2099 -52.59 75.75 -19.20
N MET C 2100 -51.53 74.96 -19.08
CA MET C 2100 -51.18 74.48 -17.75
C MET C 2100 -50.67 75.60 -16.88
N ILE C 2101 -49.76 76.41 -17.42
CA ILE C 2101 -49.18 77.51 -16.66
C ILE C 2101 -50.24 78.54 -16.31
N GLN C 2102 -51.20 78.73 -17.23
CA GLN C 2102 -52.28 79.65 -16.94
C GLN C 2102 -53.19 79.13 -15.83
N SER C 2103 -53.44 77.82 -15.85
CA SER C 2103 -54.28 77.23 -14.82
C SER C 2103 -53.59 77.28 -13.46
N ILE C 2104 -52.28 77.03 -13.48
CA ILE C 2104 -51.47 77.07 -12.28
C ILE C 2104 -51.39 78.49 -11.73
N GLY C 2105 -51.42 79.48 -12.62
CA GLY C 2105 -51.40 80.85 -12.17
C GLY C 2105 -52.73 81.18 -11.52
N ASN C 2106 -53.80 80.62 -12.08
CA ASN C 2106 -55.11 80.82 -11.49
C ASN C 2106 -55.17 80.18 -10.11
N ILE C 2107 -54.46 79.06 -9.96
CA ILE C 2107 -54.34 78.38 -8.69
C ILE C 2107 -53.55 79.19 -7.67
N MET C 2108 -52.53 79.89 -8.17
CA MET C 2108 -51.76 80.78 -7.32
C MET C 2108 -52.65 81.92 -6.85
N ASN C 2109 -53.58 82.32 -7.71
CA ASN C 2109 -54.50 83.39 -7.39
C ASN C 2109 -55.48 83.07 -6.27
N ASN C 2110 -55.80 81.79 -6.10
CA ASN C 2110 -56.83 81.38 -5.13
C ASN C 2110 -56.46 81.66 -3.69
N LYS C 2111 -57.45 82.12 -2.91
CA LYS C 2111 -57.25 82.40 -1.50
C LYS C 2111 -57.52 81.16 -0.65
N VAL C 2112 -58.42 80.30 -1.14
CA VAL C 2112 -58.75 79.04 -0.48
C VAL C 2112 -57.52 78.15 -0.47
N PHE C 2113 -56.65 78.36 -1.45
CA PHE C 2113 -55.38 77.65 -1.53
C PHE C 2113 -54.53 77.97 -0.31
N TYR C 2114 -54.71 79.17 0.24
CA TYR C 2114 -53.98 79.60 1.42
C TYR C 2114 -54.76 79.25 2.67
N GLN C 2115 -56.04 79.61 2.63
CA GLN C 2115 -56.94 79.42 3.75
C GLN C 2115 -57.19 77.96 4.08
N HIS C 2116 -57.12 77.10 3.08
CA HIS C 2116 -57.36 75.69 3.32
C HIS C 2116 -56.30 74.81 2.66
N PRO C 2117 -55.06 74.83 3.19
CA PRO C 2117 -54.01 73.96 2.64
C PRO C 2117 -54.37 72.47 2.70
N ASN C 2118 -55.08 72.10 3.76
CA ASN C 2118 -55.41 70.71 4.00
C ASN C 2118 -56.31 70.19 2.90
N LEU C 2119 -57.12 71.10 2.37
CA LEU C 2119 -57.94 70.77 1.21
C LEU C 2119 -57.07 70.45 0.03
N MET C 2120 -55.95 71.14 -0.07
CA MET C 2120 -55.11 71.01 -1.24
C MET C 2120 -54.35 69.70 -1.18
N ARG C 2121 -53.80 69.38 -0.01
CA ARG C 2121 -53.13 68.09 0.13
C ARG C 2121 -54.14 66.95 0.05
N ALA C 2122 -55.37 67.21 0.49
CA ALA C 2122 -56.45 66.22 0.37
C ALA C 2122 -56.83 65.98 -1.09
N LEU C 2123 -56.67 67.00 -1.92
CA LEU C 2123 -56.95 66.86 -3.34
C LEU C 2123 -56.00 65.87 -3.99
N GLY C 2124 -54.82 65.74 -3.43
CA GLY C 2124 -53.80 64.90 -4.02
C GLY C 2124 -53.17 65.65 -5.16
N MET C 2125 -53.42 66.96 -5.19
CA MET C 2125 -53.04 67.79 -6.33
C MET C 2125 -51.54 67.79 -6.57
N HIS C 2126 -50.76 67.84 -5.51
CA HIS C 2126 -49.31 67.95 -5.67
C HIS C 2126 -48.76 66.73 -6.39
N GLU C 2127 -49.36 65.58 -6.13
CA GLU C 2127 -49.00 64.35 -6.81
C GLU C 2127 -49.35 64.45 -8.29
N THR C 2128 -50.42 65.18 -8.59
CA THR C 2128 -50.85 65.40 -9.96
C THR C 2128 -49.87 66.28 -10.72
N VAL C 2129 -49.51 67.40 -10.10
CA VAL C 2129 -48.64 68.36 -10.74
C VAL C 2129 -47.24 67.78 -10.91
N MET C 2130 -46.79 67.06 -9.91
CA MET C 2130 -45.51 66.37 -10.01
C MET C 2130 -45.55 65.27 -11.07
N GLU C 2131 -46.70 64.61 -11.20
CA GLU C 2131 -46.80 63.55 -12.18
C GLU C 2131 -46.70 64.16 -13.57
N VAL C 2132 -47.33 65.32 -13.73
CA VAL C 2132 -47.30 66.04 -14.98
C VAL C 2132 -45.88 66.51 -15.26
N MET C 2133 -45.15 66.83 -14.21
CA MET C 2133 -43.74 67.14 -14.35
C MET C 2133 -42.92 65.95 -14.86
N VAL C 2134 -43.24 64.77 -14.33
CA VAL C 2134 -42.55 63.57 -14.76
C VAL C 2134 -42.85 63.30 -16.22
N ASN C 2135 -44.08 63.59 -16.63
CA ASN C 2135 -44.44 63.48 -18.04
C ASN C 2135 -43.73 64.50 -18.91
N VAL C 2136 -43.51 65.70 -18.37
CA VAL C 2136 -42.78 66.73 -19.10
C VAL C 2136 -41.33 66.33 -19.30
N LEU C 2137 -40.79 65.61 -18.33
CA LEU C 2137 -39.39 65.17 -18.42
C LEU C 2137 -39.16 64.17 -19.55
N GLY C 2138 -40.20 63.46 -19.94
CA GLY C 2138 -40.10 62.49 -21.01
C GLY C 2138 -40.03 63.13 -22.39
N PRO C 2148 -40.51 72.76 -21.17
CA PRO C 2148 -39.56 73.86 -21.12
C PRO C 2148 -39.87 74.79 -19.95
N LYS C 2149 -40.54 75.91 -20.25
CA LYS C 2149 -40.95 76.86 -19.22
C LYS C 2149 -41.97 76.23 -18.28
N MET C 2150 -42.65 75.21 -18.79
CA MET C 2150 -43.66 74.51 -18.01
C MET C 2150 -43.04 73.89 -16.77
N VAL C 2151 -41.79 73.44 -16.91
CA VAL C 2151 -41.05 72.93 -15.77
C VAL C 2151 -40.84 74.03 -14.74
N THR C 2152 -40.65 75.25 -15.24
CA THR C 2152 -40.36 76.35 -14.36
C THR C 2152 -41.59 76.74 -13.58
N SER C 2153 -42.71 76.93 -14.27
CA SER C 2153 -43.93 77.31 -13.56
C SER C 2153 -44.40 76.19 -12.64
N CYS C 2154 -44.15 74.96 -13.06
CA CYS C 2154 -44.51 73.80 -12.27
C CYS C 2154 -43.74 73.80 -10.97
N CYS C 2155 -42.45 74.06 -11.08
CA CYS C 2155 -41.60 74.13 -9.90
C CYS C 2155 -41.91 75.34 -9.03
N ARG C 2156 -42.42 76.41 -9.64
CA ARG C 2156 -42.85 77.56 -8.86
C ARG C 2156 -44.00 77.11 -7.98
N PHE C 2157 -44.98 76.47 -8.61
CA PHE C 2157 -46.15 76.05 -7.85
C PHE C 2157 -45.82 75.00 -6.81
N LEU C 2158 -44.84 74.14 -7.11
CA LEU C 2158 -44.52 73.09 -6.16
C LEU C 2158 -43.72 73.62 -4.98
N CYS C 2159 -42.78 74.52 -5.24
CA CYS C 2159 -42.02 75.13 -4.16
C CYS C 2159 -42.93 75.96 -3.27
N TYR C 2160 -43.81 76.73 -3.92
CA TYR C 2160 -44.69 77.59 -3.17
C TYR C 2160 -45.68 76.72 -2.41
N PHE C 2161 -45.96 75.55 -2.99
CA PHE C 2161 -46.84 74.59 -2.35
C PHE C 2161 -46.18 74.03 -1.11
N CYS C 2162 -44.86 73.91 -1.15
CA CYS C 2162 -44.08 73.58 0.03
C CYS C 2162 -44.13 74.70 1.05
N ARG C 2163 -44.24 75.93 0.56
CA ARG C 2163 -44.17 77.09 1.45
C ARG C 2163 -45.32 77.20 2.45
N ILE C 2164 -46.52 76.78 2.06
CA ILE C 2164 -47.71 77.13 2.82
C ILE C 2164 -47.84 76.53 4.22
N SER C 2165 -47.33 75.32 4.43
CA SER C 2165 -47.34 74.70 5.76
C SER C 2165 -46.40 73.49 5.82
N ARG C 2166 -45.79 73.27 6.98
CA ARG C 2166 -44.86 72.16 7.12
C ARG C 2166 -45.54 70.80 6.98
N GLN C 2167 -46.79 70.70 7.43
CA GLN C 2167 -47.50 69.44 7.34
C GLN C 2167 -47.74 69.06 5.87
N ASN C 2168 -47.99 70.08 5.05
CA ASN C 2168 -48.05 69.90 3.61
C ASN C 2168 -46.67 69.57 3.06
N GLN C 2169 -45.67 70.16 3.72
CA GLN C 2169 -44.30 70.04 3.29
C GLN C 2169 -43.81 68.61 3.46
N ARG C 2170 -44.38 67.88 4.42
CA ARG C 2170 -44.09 66.46 4.53
C ARG C 2170 -44.66 65.72 3.34
N SER C 2171 -45.85 66.16 2.92
CA SER C 2171 -46.52 65.51 1.81
C SER C 2171 -45.72 65.69 0.56
N MET C 2172 -45.09 66.85 0.40
CA MET C 2172 -44.11 66.98 -0.67
C MET C 2172 -42.86 66.15 -0.41
N PHE C 2173 -42.54 66.02 0.87
CA PHE C 2173 -41.28 65.42 1.29
C PHE C 2173 -41.19 63.94 0.97
N ASP C 2174 -42.34 63.29 0.94
CA ASP C 2174 -42.36 61.85 0.65
C ASP C 2174 -41.89 61.54 -0.77
N HIS C 2175 -42.04 62.52 -1.66
CA HIS C 2175 -41.84 62.32 -3.09
C HIS C 2175 -40.42 62.60 -3.58
N LEU C 2176 -39.51 62.86 -2.65
CA LEU C 2176 -38.15 63.21 -3.03
C LEU C 2176 -37.50 62.10 -3.83
N SER C 2177 -37.91 60.85 -3.64
CA SER C 2177 -37.29 59.79 -4.42
C SER C 2177 -37.50 59.99 -5.93
N TYR C 2178 -38.75 60.29 -6.32
CA TYR C 2178 -39.10 60.59 -7.71
C TYR C 2178 -38.44 61.87 -8.20
N LEU C 2179 -38.51 62.87 -7.32
CA LEU C 2179 -38.10 64.23 -7.61
C LEU C 2179 -36.63 64.35 -7.92
N LEU C 2180 -35.81 63.62 -7.15
CA LEU C 2180 -34.37 63.75 -7.38
C LEU C 2180 -33.93 63.05 -8.64
N GLU C 2181 -34.43 61.83 -8.80
CA GLU C 2181 -34.09 61.03 -9.96
C GLU C 2181 -34.60 61.76 -11.19
N ASN C 2182 -35.72 62.45 -10.99
CA ASN C 2182 -36.26 63.37 -11.97
C ASN C 2182 -35.37 64.59 -12.20
N SER C 2183 -34.66 65.00 -11.15
CA SER C 2183 -33.85 66.22 -11.19
C SER C 2183 -32.42 65.93 -11.60
N GLY C 2184 -32.14 64.69 -11.98
CA GLY C 2184 -30.79 64.33 -12.32
C GLY C 2184 -30.38 64.91 -13.66
N ILE C 2185 -31.35 65.39 -14.43
CA ILE C 2185 -31.06 66.12 -15.66
C ILE C 2185 -30.72 67.58 -15.37
N THR C 2193 -36.77 74.59 -11.69
CA THR C 2193 -35.96 73.39 -11.51
C THR C 2193 -36.57 72.46 -10.48
N PRO C 2194 -36.73 71.18 -10.84
CA PRO C 2194 -37.35 70.18 -9.96
C PRO C 2194 -36.61 70.04 -8.63
N LEU C 2195 -35.30 70.23 -8.68
CA LEU C 2195 -34.50 70.14 -7.47
C LEU C 2195 -34.88 71.21 -6.47
N ASP C 2196 -35.31 72.36 -6.99
CA ASP C 2196 -35.71 73.47 -6.13
C ASP C 2196 -36.92 73.06 -5.30
N VAL C 2197 -37.76 72.22 -5.87
CA VAL C 2197 -38.93 71.74 -5.17
C VAL C 2197 -38.53 70.91 -3.97
N ALA C 2198 -37.42 70.18 -4.14
CA ALA C 2198 -36.91 69.34 -3.08
C ALA C 2198 -36.28 70.19 -2.00
N ALA C 2199 -35.49 71.17 -2.40
CA ALA C 2199 -34.83 72.02 -1.43
C ALA C 2199 -35.86 72.80 -0.62
N ALA C 2200 -36.92 73.24 -1.29
CA ALA C 2200 -38.02 73.92 -0.63
C ALA C 2200 -38.74 72.97 0.29
N SER C 2201 -38.77 71.70 -0.10
CA SER C 2201 -39.35 70.66 0.74
C SER C 2201 -38.52 70.46 2.00
N VAL C 2202 -37.23 70.76 1.91
CA VAL C 2202 -36.32 70.51 3.03
C VAL C 2202 -36.15 71.68 4.01
N ILE C 2203 -36.15 72.92 3.50
CA ILE C 2203 -35.63 74.04 4.28
C ILE C 2203 -36.33 74.36 5.60
N ASP C 2204 -37.66 74.33 5.61
CA ASP C 2204 -38.41 74.81 6.76
C ASP C 2204 -38.22 73.94 8.00
N ASN C 2205 -38.00 72.64 7.81
CA ASN C 2205 -38.13 71.71 8.93
C ASN C 2205 -36.85 71.01 9.35
N ASN C 2206 -36.47 71.18 10.61
CA ASN C 2206 -35.39 70.40 11.18
C ASN C 2206 -35.82 68.94 11.23
N GLU C 2207 -37.10 68.72 11.47
CA GLU C 2207 -37.62 67.37 11.60
C GLU C 2207 -37.59 66.65 10.26
N LEU C 2208 -38.03 67.32 9.21
CA LEU C 2208 -37.97 66.74 7.88
C LEU C 2208 -36.53 66.58 7.43
N ALA C 2209 -35.66 67.50 7.86
CA ALA C 2209 -34.26 67.40 7.50
C ALA C 2209 -33.66 66.15 8.11
N LEU C 2210 -34.08 65.82 9.32
CA LEU C 2210 -33.72 64.54 9.90
C LEU C 2210 -34.37 63.38 9.14
N ALA C 2211 -35.57 63.63 8.62
CA ALA C 2211 -36.38 62.55 8.05
C ALA C 2211 -35.79 61.95 6.78
N LEU C 2212 -35.02 62.73 6.03
CA LEU C 2212 -34.53 62.29 4.74
C LEU C 2212 -33.58 61.11 4.83
N GLN C 2213 -33.71 60.19 3.88
CA GLN C 2213 -32.86 59.02 3.81
C GLN C 2213 -31.47 59.35 3.31
N GLU C 2214 -30.47 58.58 3.74
CA GLU C 2214 -29.12 58.78 3.25
C GLU C 2214 -29.05 58.46 1.75
N GLN C 2215 -29.97 57.62 1.29
CA GLN C 2215 -30.02 57.22 -0.11
C GLN C 2215 -30.29 58.38 -1.06
N ASP C 2216 -31.07 59.35 -0.59
CA ASP C 2216 -31.41 60.51 -1.40
C ASP C 2216 -30.17 61.37 -1.61
N LEU C 2217 -29.48 61.63 -0.51
CA LEU C 2217 -28.26 62.42 -0.54
C LEU C 2217 -27.24 61.67 -1.35
N GLU C 2218 -27.32 60.35 -1.32
CA GLU C 2218 -26.47 59.50 -2.12
C GLU C 2218 -26.73 59.68 -3.61
N LYS C 2219 -28.00 59.86 -3.96
CA LYS C 2219 -28.34 60.15 -5.34
C LYS C 2219 -27.80 61.52 -5.72
N VAL C 2220 -27.82 62.46 -4.77
CA VAL C 2220 -27.39 63.80 -5.08
C VAL C 2220 -25.89 63.87 -5.30
N VAL C 2221 -25.14 63.25 -4.40
CA VAL C 2221 -23.69 63.19 -4.54
C VAL C 2221 -23.31 62.34 -5.75
N SER C 2222 -24.14 61.36 -6.10
CA SER C 2222 -23.88 60.62 -7.33
C SER C 2222 -24.04 61.53 -8.54
N TYR C 2223 -25.03 62.44 -8.47
CA TYR C 2223 -25.18 63.40 -9.53
C TYR C 2223 -24.00 64.36 -9.57
N LEU C 2224 -23.45 64.65 -8.40
CA LEU C 2224 -22.22 65.43 -8.34
C LEU C 2224 -21.07 64.68 -8.97
N ALA C 2225 -21.11 63.36 -8.86
CA ALA C 2225 -20.11 62.52 -9.52
C ALA C 2225 -20.32 62.64 -11.01
N GLY C 2226 -21.57 62.89 -11.41
CA GLY C 2226 -21.85 63.16 -12.81
C GLY C 2226 -21.55 64.60 -13.18
N CYS C 2227 -21.34 65.44 -12.17
CA CYS C 2227 -21.01 66.85 -12.38
C CYS C 2227 -19.51 67.08 -12.56
N GLY C 2228 -18.73 66.02 -12.46
CA GLY C 2228 -17.29 66.16 -12.47
C GLY C 2228 -16.74 66.33 -13.87
N LEU C 2229 -17.59 66.11 -14.87
CA LEU C 2229 -17.20 66.33 -16.26
C LEU C 2229 -17.05 67.82 -16.56
N PRO C 2247 -20.12 72.08 -13.17
CA PRO C 2247 -20.81 73.28 -13.66
C PRO C 2247 -22.07 73.61 -12.87
N CYS C 2248 -23.06 74.18 -13.54
CA CYS C 2248 -24.26 74.69 -12.87
C CYS C 2248 -25.07 73.60 -12.16
N GLY C 2249 -25.04 72.40 -12.72
CA GLY C 2249 -25.80 71.32 -12.12
C GLY C 2249 -25.21 71.01 -10.76
N GLY C 2250 -23.89 71.12 -10.67
CA GLY C 2250 -23.24 70.87 -9.41
C GLY C 2250 -23.50 71.94 -8.38
N GLU C 2251 -23.56 73.20 -8.78
CA GLU C 2251 -23.88 74.25 -7.81
C GLU C 2251 -25.33 74.10 -7.37
N ARG C 2252 -26.17 73.55 -8.24
CA ARG C 2252 -27.56 73.29 -7.85
C ARG C 2252 -27.62 72.17 -6.81
N TYR C 2253 -26.97 71.06 -7.09
CA TYR C 2253 -27.05 69.92 -6.19
C TYR C 2253 -26.41 70.26 -4.85
N LEU C 2254 -25.34 71.03 -4.91
CA LEU C 2254 -24.70 71.52 -3.71
C LEU C 2254 -25.59 72.49 -2.98
N ASP C 2255 -26.40 73.24 -3.72
CA ASP C 2255 -27.37 74.10 -3.07
C ASP C 2255 -28.40 73.26 -2.33
N PHE C 2256 -28.73 72.11 -2.92
CA PHE C 2256 -29.67 71.24 -2.25
C PHE C 2256 -29.11 70.63 -0.98
N LEU C 2257 -27.84 70.24 -1.02
CA LEU C 2257 -27.21 69.74 0.19
C LEU C 2257 -27.13 70.87 1.23
N ARG C 2258 -26.92 72.07 0.70
CA ARG C 2258 -26.76 73.28 1.48
C ARG C 2258 -28.02 73.62 2.25
N PHE C 2259 -29.16 73.31 1.65
CA PHE C 2259 -30.43 73.43 2.35
C PHE C 2259 -30.72 72.17 3.15
N ALA C 2260 -30.01 71.08 2.84
CA ALA C 2260 -30.21 69.80 3.51
C ALA C 2260 -29.43 69.65 4.81
N VAL C 2261 -28.51 70.56 5.09
CA VAL C 2261 -27.72 70.39 6.31
C VAL C 2261 -27.83 71.55 7.32
N PHE C 2262 -27.76 72.79 6.85
CA PHE C 2262 -27.73 73.93 7.76
C PHE C 2262 -29.06 74.08 8.50
N VAL C 2263 -30.12 73.66 7.82
CA VAL C 2263 -31.52 73.81 8.25
C VAL C 2263 -31.73 75.18 8.91
N ASN C 2264 -32.53 75.27 9.97
CA ASN C 2264 -32.94 76.56 10.55
C ASN C 2264 -31.79 77.38 11.14
N GLY C 2265 -30.76 76.70 11.62
CA GLY C 2265 -29.66 77.39 12.27
C GLY C 2265 -28.50 76.47 12.59
N GLU C 2266 -28.64 75.68 13.65
CA GLU C 2266 -27.64 74.69 13.97
C GLU C 2266 -27.57 73.69 12.83
N SER C 2267 -26.37 73.28 12.45
CA SER C 2267 -26.23 72.26 11.44
C SER C 2267 -26.76 70.94 11.97
N VAL C 2268 -27.42 70.16 11.12
CA VAL C 2268 -27.83 68.83 11.52
C VAL C 2268 -26.70 67.85 11.23
N GLU C 2269 -25.94 67.54 12.29
CA GLU C 2269 -24.77 66.67 12.15
C GLU C 2269 -25.18 65.27 11.71
N GLU C 2270 -26.41 64.88 12.02
CA GLU C 2270 -26.90 63.56 11.61
C GLU C 2270 -26.96 63.46 10.08
N ASN C 2271 -27.26 64.57 9.43
CA ASN C 2271 -27.19 64.63 7.97
C ASN C 2271 -25.81 65.02 7.49
N ALA C 2272 -25.22 66.00 8.15
CA ALA C 2272 -23.99 66.62 7.67
C ALA C 2272 -22.85 65.63 7.66
N ASN C 2273 -22.87 64.70 8.61
CA ASN C 2273 -21.84 63.68 8.66
C ASN C 2273 -21.92 62.80 7.43
N VAL C 2274 -23.11 62.29 7.11
CA VAL C 2274 -23.28 61.44 5.95
C VAL C 2274 -22.99 62.19 4.65
N VAL C 2275 -23.30 63.48 4.63
CA VAL C 2275 -23.04 64.27 3.44
C VAL C 2275 -21.55 64.39 3.21
N VAL C 2276 -20.82 64.65 4.29
CA VAL C 2276 -19.37 64.73 4.20
C VAL C 2276 -18.76 63.38 3.83
N ARG C 2277 -19.35 62.30 4.31
CA ARG C 2277 -18.82 60.98 4.04
C ARG C 2277 -18.99 60.68 2.56
N LEU C 2278 -20.15 61.01 2.01
CA LEU C 2278 -20.39 60.83 0.59
C LEU C 2278 -19.53 61.75 -0.28
N LEU C 2279 -19.28 62.96 0.21
CA LEU C 2279 -18.50 63.92 -0.57
C LEU C 2279 -17.01 63.67 -0.49
N ILE C 2280 -16.58 62.83 0.44
CA ILE C 2280 -15.18 62.46 0.49
C ILE C 2280 -14.98 61.08 -0.13
N ARG C 2281 -16.02 60.27 -0.13
CA ARG C 2281 -15.97 59.01 -0.86
C ARG C 2281 -16.28 59.17 -2.34
N LYS C 2282 -16.74 60.36 -2.76
CA LYS C 2282 -17.05 60.57 -4.18
C LYS C 2282 -16.48 61.79 -4.94
N PRO C 2283 -15.53 62.57 -4.36
CA PRO C 2283 -14.94 63.60 -5.24
C PRO C 2283 -14.28 62.96 -6.46
N GLU C 2284 -13.75 61.76 -6.22
CA GLU C 2284 -13.01 60.93 -7.15
C GLU C 2284 -13.33 61.15 -8.63
N GLY C 2297 -3.55 74.92 -5.40
CA GLY C 2297 -4.59 73.93 -5.44
C GLY C 2297 -5.91 74.50 -5.91
N LEU C 2298 -6.94 74.41 -5.06
CA LEU C 2298 -8.25 74.94 -5.38
C LEU C 2298 -8.17 76.45 -5.58
N LEU C 2299 -7.28 77.08 -4.84
CA LEU C 2299 -7.12 78.53 -4.94
C LEU C 2299 -6.63 78.93 -6.32
N ALA C 2300 -5.80 78.09 -6.93
CA ALA C 2300 -5.35 78.35 -8.29
C ALA C 2300 -6.55 78.29 -9.25
N ALA C 2301 -7.47 77.38 -8.96
CA ALA C 2301 -8.67 77.26 -9.76
C ALA C 2301 -9.52 78.51 -9.57
N ILE C 2302 -9.46 79.06 -8.36
CA ILE C 2302 -10.15 80.30 -8.05
C ILE C 2302 -9.56 81.48 -8.82
N GLU C 2303 -8.25 81.49 -8.99
CA GLU C 2303 -7.60 82.58 -9.69
C GLU C 2303 -7.88 82.49 -11.19
N GLU C 2304 -7.78 81.27 -11.71
CA GLU C 2304 -8.05 81.05 -13.12
C GLU C 2304 -9.52 81.35 -13.42
N ALA C 2305 -10.38 81.10 -12.45
CA ALA C 2305 -11.77 81.52 -12.55
C ALA C 2305 -11.93 83.03 -12.52
N ILE C 2306 -11.08 83.70 -11.75
CA ILE C 2306 -11.11 85.17 -11.70
C ILE C 2306 -10.69 85.77 -13.03
N ARG C 2307 -9.78 85.08 -13.72
CA ARG C 2307 -9.27 85.59 -14.99
C ARG C 2307 -10.18 85.28 -16.17
N ILE C 2308 -11.20 84.46 -15.96
CA ILE C 2308 -12.17 84.16 -17.00
C ILE C 2308 -13.39 85.07 -16.91
N GLY C 2341 -17.43 79.75 -16.99
CA GLY C 2341 -16.32 80.18 -16.16
C GLY C 2341 -16.76 80.54 -14.77
N HIS C 2342 -17.71 81.47 -14.67
CA HIS C 2342 -18.27 81.86 -13.39
C HIS C 2342 -19.00 80.72 -12.68
N ALA C 2343 -19.55 79.80 -13.45
CA ALA C 2343 -20.28 78.68 -12.89
C ALA C 2343 -19.38 77.77 -12.06
N ILE C 2344 -18.12 77.69 -12.46
CA ILE C 2344 -17.15 76.86 -11.74
C ILE C 2344 -16.76 77.51 -10.43
N MET C 2345 -16.48 78.82 -10.49
CA MET C 2345 -16.11 79.56 -9.30
C MET C 2345 -17.26 79.56 -8.29
N SER C 2346 -18.47 79.65 -8.82
CA SER C 2346 -19.67 79.52 -8.00
C SER C 2346 -19.84 78.10 -7.49
N PHE C 2347 -19.33 77.14 -8.24
CA PHE C 2347 -19.42 75.74 -7.84
C PHE C 2347 -18.53 75.45 -6.63
N TYR C 2348 -17.28 75.88 -6.71
CA TYR C 2348 -16.39 75.77 -5.57
C TYR C 2348 -16.84 76.67 -4.43
N ALA C 2349 -17.53 77.76 -4.77
CA ALA C 2349 -18.05 78.62 -3.72
C ALA C 2349 -19.14 77.91 -2.91
N ALA C 2350 -20.09 77.30 -3.63
CA ALA C 2350 -21.15 76.56 -2.97
C ALA C 2350 -20.58 75.34 -2.26
N LEU C 2351 -19.51 74.79 -2.82
CA LEU C 2351 -18.92 73.58 -2.25
C LEU C 2351 -18.22 73.88 -0.95
N ILE C 2352 -17.39 74.92 -0.94
CA ILE C 2352 -16.70 75.29 0.29
C ILE C 2352 -17.70 75.80 1.31
N ASP C 2353 -18.76 76.44 0.82
CA ASP C 2353 -19.79 76.96 1.69
C ASP C 2353 -20.46 75.79 2.37
N LEU C 2354 -20.57 74.70 1.63
CA LEU C 2354 -21.24 73.50 2.13
C LEU C 2354 -20.36 72.81 3.16
N LEU C 2355 -19.08 72.70 2.84
CA LEU C 2355 -18.14 72.07 3.75
C LEU C 2355 -17.98 72.86 5.03
N GLY C 2356 -18.13 74.18 4.98
CA GLY C 2356 -18.16 74.90 6.24
C GLY C 2356 -19.49 74.74 6.92
N ARG C 2357 -20.53 74.63 6.11
CA ARG C 2357 -21.89 74.61 6.60
C ARG C 2357 -22.23 73.35 7.37
N CYS C 2358 -21.55 72.27 7.02
CA CYS C 2358 -21.74 70.98 7.68
C CYS C 2358 -20.96 70.88 8.98
N ALA C 2359 -20.12 71.87 9.26
CA ALA C 2359 -19.28 71.83 10.45
C ALA C 2359 -20.11 71.86 11.73
N GLU C 2371 -17.60 62.63 18.26
CA GLU C 2371 -17.05 62.14 17.00
C GLU C 2371 -17.07 63.22 15.93
N ALA C 2372 -17.61 64.39 16.27
CA ALA C 2372 -17.69 65.50 15.34
C ALA C 2372 -16.33 66.16 15.15
N LEU C 2373 -15.45 66.04 16.14
CA LEU C 2373 -14.15 66.67 16.04
C LEU C 2373 -13.29 66.14 14.89
N ARG C 2374 -13.43 64.84 14.61
CA ARG C 2374 -12.62 64.24 13.55
C ARG C 2374 -13.11 64.68 12.18
N ILE C 2375 -14.42 64.73 12.00
CA ILE C 2375 -14.96 65.25 10.75
C ILE C 2375 -14.65 66.74 10.64
N ARG C 2376 -14.56 67.42 11.77
CA ARG C 2376 -14.18 68.83 11.73
C ARG C 2376 -12.74 68.93 11.24
N ALA C 2377 -11.94 67.92 11.58
CA ALA C 2377 -10.55 67.91 11.16
C ALA C 2377 -10.44 67.60 9.66
N ILE C 2378 -11.20 66.62 9.18
CA ILE C 2378 -11.13 66.26 7.78
C ILE C 2378 -11.67 67.42 6.96
N LEU C 2379 -12.59 68.18 7.54
CA LEU C 2379 -13.00 69.46 6.99
C LEU C 2379 -11.89 70.50 7.01
N ARG C 2380 -11.01 70.43 8.00
CA ARG C 2380 -9.87 71.34 8.02
C ARG C 2380 -8.89 71.02 6.89
N SER C 2381 -8.93 69.78 6.42
CA SER C 2381 -8.08 69.33 5.33
C SER C 2381 -8.40 70.05 4.02
N LEU C 2382 -9.65 70.49 3.89
CA LEU C 2382 -10.13 71.07 2.65
C LEU C 2382 -10.33 72.57 2.78
N UNK C 2383 -6.57 76.39 7.47
CA UNK C 2383 -6.55 77.56 6.61
C UNK C 2383 -6.11 77.19 5.20
N UNK C 2384 -6.56 76.03 4.72
CA UNK C 2384 -6.24 75.57 3.38
C UNK C 2384 -6.81 76.52 2.34
N UNK C 2385 -7.92 77.17 2.69
CA UNK C 2385 -8.47 78.23 1.87
C UNK C 2385 -7.96 79.57 2.36
N UNK C 2386 -8.73 80.20 3.24
CA UNK C 2386 -8.29 81.41 3.95
C UNK C 2386 -7.86 82.51 3.01
N UNK C 2387 -6.69 82.33 2.42
CA UNK C 2387 -6.11 83.30 1.48
C UNK C 2387 -7.01 83.46 0.26
N UNK C 2388 -7.81 82.43 -0.01
CA UNK C 2388 -8.75 82.51 -1.12
C UNK C 2388 -9.78 83.62 -0.88
N UNK C 2389 -10.13 83.85 0.38
CA UNK C 2389 -10.99 84.97 0.68
C UNK C 2389 -10.27 86.27 0.32
N UNK C 2390 -8.97 86.29 0.56
CA UNK C 2390 -8.16 87.42 0.13
C UNK C 2390 -8.13 87.47 -1.38
N UNK C 2391 -8.16 86.30 -2.02
CA UNK C 2391 -8.27 86.27 -3.47
C UNK C 2391 -9.61 86.85 -3.87
N UNK C 2392 -10.63 86.60 -3.04
CA UNK C 2392 -11.93 87.20 -3.29
C UNK C 2392 -11.83 88.70 -3.09
N UNK C 2393 -10.93 89.11 -2.20
CA UNK C 2393 -10.65 90.53 -2.04
C UNK C 2393 -9.98 91.10 -3.28
N UNK C 2394 -9.25 90.25 -3.99
CA UNK C 2394 -8.58 90.69 -5.22
C UNK C 2394 -9.60 91.01 -6.31
N UNK C 2395 -10.77 90.38 -6.21
CA UNK C 2395 -11.84 90.58 -7.18
C UNK C 2395 -12.41 92.00 -7.11
N UNK C 2396 -12.24 92.63 -5.96
CA UNK C 2396 -12.75 93.99 -5.75
C UNK C 2396 -12.07 94.98 -6.70
N PHE C 2397 -20.94 88.55 -8.61
CA PHE C 2397 -19.72 87.75 -8.62
C PHE C 2397 -19.02 87.80 -7.26
N VAL C 2398 -18.40 88.94 -6.97
CA VAL C 2398 -17.48 89.04 -5.85
C VAL C 2398 -18.02 88.68 -4.47
N PRO C 2399 -19.17 89.25 -4.04
CA PRO C 2399 -19.63 88.97 -2.67
C PRO C 2399 -19.89 87.51 -2.32
N ASP C 2400 -20.36 86.72 -3.27
CA ASP C 2400 -20.86 85.39 -2.97
C ASP C 2400 -19.76 84.45 -2.52
N HIS C 2401 -18.65 84.51 -3.24
CA HIS C 2401 -17.60 83.54 -3.05
C HIS C 2401 -16.96 83.79 -1.70
N LYS C 2402 -16.72 85.07 -1.42
CA LYS C 2402 -16.16 85.44 -0.14
C LYS C 2402 -17.16 85.14 0.98
N ALA C 2403 -18.45 85.20 0.68
CA ALA C 2403 -19.44 84.87 1.69
C ALA C 2403 -19.32 83.40 2.06
N SER C 2404 -19.04 82.58 1.06
CA SER C 2404 -18.82 81.17 1.31
C SER C 2404 -17.55 80.98 2.11
N MET C 2405 -16.54 81.78 1.78
CA MET C 2405 -15.25 81.66 2.44
C MET C 2405 -15.34 82.06 3.91
N VAL C 2406 -16.24 82.99 4.20
CA VAL C 2406 -16.40 83.47 5.56
C VAL C 2406 -17.26 82.53 6.37
N LEU C 2407 -18.31 81.97 5.78
CA LEU C 2407 -19.06 80.96 6.53
C LEU C 2407 -18.19 79.73 6.80
N PHE C 2408 -17.32 79.41 5.85
CA PHE C 2408 -16.43 78.28 6.05
C PHE C 2408 -15.42 78.58 7.13
N LEU C 2409 -14.83 79.76 7.05
CA LEU C 2409 -13.81 80.17 7.99
C LEU C 2409 -14.35 80.29 9.41
N ASP C 2410 -15.62 80.70 9.52
CA ASP C 2410 -16.21 80.87 10.84
C ASP C 2410 -16.62 79.53 11.42
N ARG C 2411 -17.33 78.74 10.63
CA ARG C 2411 -17.80 77.45 11.13
C ARG C 2411 -16.68 76.44 11.39
N VAL C 2412 -15.60 76.49 10.60
CA VAL C 2412 -14.54 75.51 10.74
C VAL C 2412 -13.42 76.02 11.64
N TYR C 2413 -13.21 77.33 11.62
CA TYR C 2413 -12.08 77.91 12.32
C TYR C 2413 -12.50 79.02 13.27
N ASN C 2417 -4.83 83.88 18.04
CA ASN C 2417 -5.93 83.95 17.09
C ASN C 2417 -6.09 85.35 16.51
N GLN C 2418 -5.89 86.36 17.34
CA GLN C 2418 -6.15 87.74 16.92
C GLN C 2418 -5.23 88.21 15.80
N ASP C 2419 -4.01 87.68 15.72
CA ASP C 2419 -3.15 88.05 14.61
C ASP C 2419 -3.73 87.56 13.29
N PHE C 2420 -4.38 86.41 13.35
CA PHE C 2420 -5.07 85.89 12.18
C PHE C 2420 -6.25 86.77 11.83
N LEU C 2421 -6.87 87.35 12.86
CA LEU C 2421 -8.04 88.18 12.68
C LEU C 2421 -7.67 89.49 12.00
N LEU C 2422 -6.58 90.09 12.48
CA LEU C 2422 -6.08 91.30 11.87
C LEU C 2422 -5.59 91.00 10.46
N HIS C 2423 -5.09 89.79 10.27
CA HIS C 2423 -4.67 89.37 8.94
C HIS C 2423 -5.86 89.26 7.99
N VAL C 2424 -7.02 88.88 8.51
CA VAL C 2424 -8.24 88.75 7.71
C VAL C 2424 -8.75 90.08 7.16
N LEU C 2425 -8.48 91.16 7.90
CA LEU C 2425 -9.06 92.48 7.62
C LEU C 2425 -8.88 92.94 6.18
N VAL C 2427 -9.10 94.13 2.90
CA VAL C 2427 -9.93 94.78 1.89
C VAL C 2427 -11.33 95.13 2.38
N GLY C 2428 -11.68 94.73 3.60
CA GLY C 2428 -13.01 95.03 4.11
C GLY C 2428 -13.20 96.55 4.19
N PHE C 2429 -12.12 97.27 4.46
CA PHE C 2429 -12.14 98.71 4.40
C PHE C 2429 -12.38 99.20 2.97
N LEU C 2430 -11.87 98.46 1.99
CA LEU C 2430 -12.14 98.79 0.60
C LEU C 2430 -13.62 98.59 0.31
N PRO C 2431 -14.22 97.61 0.97
CA PRO C 2431 -15.67 97.44 0.88
C PRO C 2431 -16.39 98.61 1.56
N ASP C 2432 -15.78 99.16 2.61
CA ASP C 2432 -16.34 100.35 3.23
C ASP C 2432 -16.29 101.52 2.25
N MET C 2433 -15.24 101.56 1.43
CA MET C 2433 -15.18 102.54 0.34
C MET C 2433 -16.25 102.23 -0.69
N ARG C 2434 -16.54 100.94 -0.85
CA ARG C 2434 -17.55 100.49 -1.81
C ARG C 2434 -18.94 100.92 -1.34
N ALA C 2435 -19.09 101.15 -0.04
CA ALA C 2435 -20.37 101.62 0.47
C ALA C 2435 -20.71 102.99 -0.11
N ALA C 2436 -19.69 103.77 -0.41
CA ALA C 2436 -19.88 105.08 -1.05
C ALA C 2436 -20.35 104.94 -2.49
N ALA C 2437 -20.05 103.80 -3.11
CA ALA C 2437 -20.33 103.58 -4.53
C ALA C 2437 -21.83 103.59 -4.82
N SER C 2438 -22.63 103.23 -3.82
CA SER C 2438 -24.08 103.22 -3.98
C SER C 2438 -24.61 104.63 -4.21
N LEU C 2439 -23.89 105.62 -3.71
CA LEU C 2439 -24.29 107.02 -3.89
C LEU C 2439 -23.59 107.65 -5.08
N THR C 2447 -26.24 99.54 -7.29
CA THR C 2447 -25.82 98.52 -8.24
C THR C 2447 -25.66 97.17 -7.54
N GLU C 2448 -25.05 96.21 -8.24
CA GLU C 2448 -24.82 94.89 -7.69
C GLU C 2448 -23.90 94.97 -6.47
N MET C 2449 -23.00 95.95 -6.52
CA MET C 2449 -22.03 96.13 -5.45
C MET C 2449 -22.69 96.58 -4.16
N ALA C 2450 -23.85 97.21 -4.24
CA ALA C 2450 -24.61 97.54 -3.04
C ALA C 2450 -25.12 96.28 -2.35
N LEU C 2451 -25.56 95.32 -3.16
CA LEU C 2451 -25.97 94.04 -2.62
C LEU C 2451 -24.74 93.38 -2.03
N ALA C 2452 -23.60 93.63 -2.67
CA ALA C 2452 -22.34 93.11 -2.19
C ALA C 2452 -21.95 93.72 -0.85
N LEU C 2453 -22.33 94.98 -0.61
CA LEU C 2453 -21.95 95.62 0.64
C LEU C 2453 -22.91 95.21 1.74
N ASN C 2454 -24.14 94.89 1.37
CA ASN C 2454 -25.03 94.30 2.37
C ASN C 2454 -24.53 92.92 2.79
N ARG C 2455 -24.16 92.12 1.79
CA ARG C 2455 -23.69 90.78 2.08
C ARG C 2455 -22.38 90.86 2.87
N TYR C 2456 -21.57 91.87 2.56
CA TYR C 2456 -20.36 92.16 3.33
C TYR C 2456 -20.60 92.76 4.70
N LEU C 2457 -21.77 93.33 4.94
CA LEU C 2457 -22.00 93.81 6.29
C LEU C 2457 -22.45 92.64 7.13
N CYS C 2458 -23.22 91.72 6.54
CA CYS C 2458 -23.54 90.50 7.29
C CYS C 2458 -22.28 89.67 7.55
N LEU C 2459 -21.43 89.62 6.54
CA LEU C 2459 -20.15 88.95 6.67
C LEU C 2459 -19.29 89.69 7.66
N ALA C 2460 -19.49 91.00 7.79
CA ALA C 2460 -18.84 91.76 8.85
C ALA C 2460 -19.36 91.39 10.23
N VAL C 2461 -20.65 91.05 10.30
CA VAL C 2461 -21.23 90.61 11.56
C VAL C 2461 -20.68 89.26 11.99
N LEU C 2462 -20.38 88.40 11.02
CA LEU C 2462 -19.89 87.05 11.36
C LEU C 2462 -18.61 86.93 12.24
N PRO C 2463 -17.53 87.66 11.92
CA PRO C 2463 -16.24 87.58 12.62
C PRO C 2463 -16.34 87.89 14.10
N LEU C 2464 -17.30 88.73 14.47
CA LEU C 2464 -17.30 89.47 15.72
C LEU C 2464 -17.19 88.59 16.95
N ILE C 2465 -17.70 87.37 16.84
CA ILE C 2465 -17.63 86.42 17.94
C ILE C 2465 -16.21 86.23 18.46
N UNK C 2466 0.78 97.41 14.66
CA UNK C 2466 -0.05 96.34 15.18
C UNK C 2466 -1.45 96.84 15.48
N UNK C 2467 -1.60 97.54 16.60
CA UNK C 2467 -2.89 98.06 17.01
C UNK C 2467 -3.42 99.11 16.03
N UNK C 2468 -2.51 99.80 15.36
CA UNK C 2468 -2.90 100.84 14.42
C UNK C 2468 -3.72 100.29 13.26
N UNK C 2469 -3.43 99.07 12.84
CA UNK C 2469 -4.25 98.42 11.83
C UNK C 2469 -5.66 98.17 12.36
N UNK C 2470 -5.76 97.87 13.65
CA UNK C 2470 -7.05 97.73 14.29
C UNK C 2470 -7.77 99.07 14.33
N UNK C 2471 -6.99 100.13 14.43
CA UNK C 2471 -7.53 101.49 14.34
C UNK C 2471 -8.04 101.76 12.94
N UNK C 2472 -7.40 101.13 11.96
CA UNK C 2472 -7.81 101.30 10.56
C UNK C 2472 -9.11 100.57 10.31
N UNK C 2473 -9.21 99.34 10.79
CA UNK C 2473 -10.44 98.58 10.64
C UNK C 2473 -11.57 99.22 11.42
N UNK C 2474 -11.25 99.82 12.57
CA UNK C 2474 -12.23 100.57 13.34
C UNK C 2474 -12.67 101.80 12.58
N UNK C 2475 -11.75 102.41 11.83
CA UNK C 2475 -12.08 103.52 10.97
C UNK C 2475 -12.98 103.09 9.83
N UNK C 2476 -12.81 101.83 9.41
CA UNK C 2476 -13.60 101.28 8.33
C UNK C 2476 -15.02 101.01 8.78
N UNK C 2477 -15.16 100.38 9.94
CA UNK C 2477 -16.47 100.12 10.50
C UNK C 2477 -17.17 101.43 10.85
N UNK C 2478 -16.39 102.41 11.30
CA UNK C 2478 -16.93 103.73 11.56
C UNK C 2478 -17.42 104.37 10.28
N UNK C 2479 -16.70 104.08 9.19
CA UNK C 2479 -17.13 104.57 7.88
C UNK C 2479 -18.43 103.89 7.46
N UNK C 2480 -18.58 102.63 7.84
CA UNK C 2480 -19.82 101.91 7.57
C UNK C 2480 -20.95 102.50 8.39
N UNK C 2481 -20.63 103.00 9.58
CA UNK C 2481 -21.62 103.68 10.39
C UNK C 2481 -22.01 105.00 9.76
N UNK C 2482 -21.03 105.68 9.16
CA UNK C 2482 -21.29 106.92 8.46
C UNK C 2482 -22.17 106.70 7.24
N UNK C 2483 -21.97 105.57 6.58
CA UNK C 2483 -22.85 105.15 5.49
C UNK C 2483 -24.24 104.83 6.03
N UNK C 2484 -24.26 104.33 7.27
CA UNK C 2484 -25.51 103.97 7.94
C UNK C 2484 -26.20 105.20 8.53
N UNK C 2485 -25.48 106.31 8.56
CA UNK C 2485 -25.99 107.53 9.18
C UNK C 2485 -26.96 108.27 8.26
N UNK C 2486 -31.19 95.72 4.79
CA UNK C 2486 -30.56 97.02 4.65
C UNK C 2486 -30.58 97.79 5.97
N UNK C 2487 -31.73 98.32 6.34
CA UNK C 2487 -31.85 99.11 7.55
C UNK C 2487 -31.63 98.29 8.82
N UNK C 2488 -32.31 97.15 8.91
CA UNK C 2488 -32.05 96.24 10.03
C UNK C 2488 -30.64 95.72 9.93
N UNK C 2489 -30.18 95.54 8.70
CA UNK C 2489 -28.80 95.16 8.45
C UNK C 2489 -27.85 96.25 8.91
N UNK C 2490 -28.29 97.50 8.75
CA UNK C 2490 -27.52 98.63 9.26
C UNK C 2490 -27.50 98.61 10.78
N UNK C 2491 -28.57 98.13 11.39
CA UNK C 2491 -28.61 97.96 12.83
C UNK C 2491 -27.63 96.87 13.24
N UNK C 2492 -27.47 95.87 12.38
CA UNK C 2492 -26.49 94.83 12.64
C UNK C 2492 -25.06 95.37 12.56
N UNK C 2493 -24.82 96.24 11.58
CA UNK C 2493 -23.51 96.88 11.49
C UNK C 2493 -23.26 97.80 12.69
N UNK C 2494 -24.33 98.43 13.17
CA UNK C 2494 -24.21 99.26 14.36
C UNK C 2494 -23.88 98.41 15.56
N UNK C 2495 -24.43 97.19 15.57
CA UNK C 2495 -24.07 96.23 16.61
C UNK C 2495 -22.63 95.80 16.47
N UNK C 2496 -22.13 95.77 15.24
CA UNK C 2496 -20.73 95.45 15.01
C UNK C 2496 -19.85 96.56 15.55
N UNK C 2497 -20.37 97.79 15.49
CA UNK C 2497 -19.60 98.92 15.98
C UNK C 2497 -19.59 98.96 17.50
N UNK C 2498 -20.75 98.74 18.10
CA UNK C 2498 -20.86 98.70 19.55
C UNK C 2498 -20.07 97.53 20.14
N UNK C 2499 -20.02 96.44 19.39
CA UNK C 2499 -19.28 95.26 19.84
C UNK C 2499 -17.79 95.46 19.71
N UNK C 2500 -17.36 96.04 18.59
CA UNK C 2500 -15.94 96.30 18.39
C UNK C 2500 -15.47 97.32 19.42
N UNK C 2501 -16.34 98.27 19.74
CA UNK C 2501 -16.06 99.23 20.80
C UNK C 2501 -16.00 98.54 22.15
N UNK C 2502 -16.82 97.49 22.31
CA UNK C 2502 -16.79 96.73 23.56
C UNK C 2502 -15.46 95.99 23.68
N UNK C 2503 -14.91 95.60 22.53
CA UNK C 2503 -13.63 94.90 22.49
C UNK C 2503 -12.48 95.80 22.89
N UNK C 2504 -12.67 97.11 22.73
CA UNK C 2504 -11.62 98.07 23.01
C UNK C 2504 -12.20 99.47 23.17
N UNK C 2505 -5.41 101.78 18.98
CA UNK C 2505 -5.68 101.61 20.40
C UNK C 2505 -6.97 102.31 20.80
N UNK C 2506 -7.28 102.31 22.10
CA UNK C 2506 -8.49 102.93 22.59
C UNK C 2506 -8.51 104.42 22.33
N UNK C 2507 -7.33 105.04 22.33
CA UNK C 2507 -7.23 106.45 21.96
C UNK C 2507 -7.58 106.68 20.49
N UNK C 2508 -7.17 105.76 19.63
CA UNK C 2508 -7.53 105.82 18.22
C UNK C 2508 -9.02 105.61 18.08
N UNK C 2509 -9.57 104.79 18.96
CA UNK C 2509 -11.01 104.57 19.03
C UNK C 2509 -11.69 105.86 19.45
N UNK C 2510 -10.97 106.67 20.23
CA UNK C 2510 -11.47 107.99 20.62
C UNK C 2510 -11.26 109.02 19.52
N UNK C 2511 -10.43 108.70 18.54
CA UNK C 2511 -10.32 109.52 17.34
C UNK C 2511 -11.48 109.23 16.40
N UNK C 2512 -11.78 107.95 16.24
CA UNK C 2512 -12.94 107.54 15.47
C UNK C 2512 -14.19 108.03 16.16
N UNK C 2513 -14.12 108.11 17.48
CA UNK C 2513 -15.20 108.65 18.29
C UNK C 2513 -15.14 110.17 18.34
N UNK C 2514 -14.05 110.73 17.83
CA UNK C 2514 -14.00 112.17 17.62
C UNK C 2514 -14.74 112.52 16.34
N UNK C 2515 -14.54 111.71 15.31
CA UNK C 2515 -15.34 111.86 14.11
C UNK C 2515 -16.80 111.55 14.40
N UNK C 2516 -17.00 110.58 15.29
CA UNK C 2516 -18.33 110.24 15.76
C UNK C 2516 -18.87 111.37 16.64
N UNK C 2517 -17.98 112.14 17.22
CA UNK C 2517 -18.37 113.25 18.08
C UNK C 2517 -18.88 114.41 17.24
N UNK C 2518 -18.15 114.73 16.18
CA UNK C 2518 -18.63 115.76 15.27
C UNK C 2518 -19.89 115.29 14.55
N UNK C 2519 -19.98 113.99 14.29
CA UNK C 2519 -21.21 113.43 13.75
C UNK C 2519 -22.35 113.60 14.75
N UNK C 2520 -22.01 113.51 16.03
CA UNK C 2520 -22.98 113.76 17.09
C UNK C 2520 -23.40 115.22 17.10
N UNK C 2521 -22.47 116.10 16.74
CA UNK C 2521 -22.81 117.51 16.58
C UNK C 2521 -23.75 117.69 15.39
N UNK C 2522 -23.56 116.84 14.38
CA UNK C 2522 -24.46 116.82 13.23
C UNK C 2522 -25.84 116.25 13.60
N UNK C 2523 -25.87 115.44 14.65
CA UNK C 2523 -27.10 114.76 15.05
C UNK C 2523 -28.19 115.74 15.51
N UNK C 2524 -27.76 116.88 16.04
CA UNK C 2524 -28.68 117.90 16.51
C UNK C 2524 -27.97 119.22 16.78
N UNK C 2525 -30.62 109.91 9.81
CA UNK C 2525 -30.15 110.91 10.76
C UNK C 2525 -30.16 110.35 12.18
N UNK C 2526 -31.24 109.66 12.52
CA UNK C 2526 -31.38 109.06 13.85
C UNK C 2526 -30.34 107.96 14.10
N UNK C 2527 -29.89 107.32 13.02
CA UNK C 2527 -28.87 106.28 13.15
C UNK C 2527 -27.56 106.88 13.66
N UNK C 2528 -27.32 108.13 13.29
CA UNK C 2528 -26.18 108.85 13.84
C UNK C 2528 -26.35 109.04 15.35
N UNK C 2529 -27.59 109.24 15.78
CA UNK C 2529 -27.88 109.30 17.20
C UNK C 2529 -27.65 107.95 17.88
N UNK C 2530 -27.91 106.87 17.14
CA UNK C 2530 -27.59 105.54 17.66
C UNK C 2530 -26.08 105.38 17.80
N UNK C 2531 -25.35 105.98 16.86
CA UNK C 2531 -23.90 105.99 16.95
C UNK C 2531 -23.46 106.80 18.16
N UNK C 2532 -24.25 107.82 18.48
CA UNK C 2532 -24.02 108.62 19.67
C UNK C 2532 -24.34 107.80 20.93
N UNK C 2533 -25.23 106.82 20.79
CA UNK C 2533 -25.59 105.98 21.93
C UNK C 2533 -24.49 104.96 22.20
N UNK C 2534 -23.99 104.33 21.14
CA UNK C 2534 -22.87 103.41 21.31
C UNK C 2534 -21.64 104.16 21.77
N UNK C 2535 -21.51 105.39 21.29
CA UNK C 2535 -20.42 106.27 21.70
C UNK C 2535 -20.61 106.69 23.15
N UNK C 2536 -21.86 106.65 23.61
CA UNK C 2536 -22.17 107.03 24.97
C UNK C 2536 -21.84 105.91 25.95
N UNK C 2537 -22.25 104.69 25.62
CA UNK C 2537 -21.90 103.56 26.47
C UNK C 2537 -20.39 103.36 26.45
N UNK C 2538 -19.78 103.62 25.30
CA UNK C 2538 -18.32 103.59 25.20
C UNK C 2538 -17.70 104.71 26.03
N UNK C 2539 -18.39 105.84 26.10
CA UNK C 2539 -17.93 106.97 26.90
C UNK C 2539 -18.00 106.64 28.38
N UNK C 2540 -18.96 105.79 28.73
CA UNK C 2540 -19.15 105.41 30.12
C UNK C 2540 -18.12 104.37 30.53
N UNK C 2541 -17.88 103.40 29.65
CA UNK C 2541 -16.85 102.42 29.92
C UNK C 2541 -15.48 103.09 29.96
N UNK C 2542 -15.31 104.09 29.11
CA UNK C 2542 -14.10 104.91 29.13
C UNK C 2542 -14.03 105.74 30.41
N UNK C 2543 -15.18 106.13 30.95
CA UNK C 2543 -15.19 106.82 32.22
C UNK C 2543 -14.75 105.86 33.32
N UNK C 2544 -15.07 104.59 33.16
CA UNK C 2544 -14.52 103.57 34.03
C UNK C 2544 -13.01 103.46 33.84
N UNK C 2545 -12.57 103.64 32.59
CA UNK C 2545 -11.14 103.74 32.30
C UNK C 2545 -10.55 105.03 32.85
N UNK C 2546 -11.39 106.06 32.94
CA UNK C 2546 -10.96 107.34 33.49
C UNK C 2546 -10.99 107.30 35.01
N UNK C 2547 -11.57 106.24 35.55
CA UNK C 2547 -11.73 106.10 37.00
C UNK C 2547 -11.78 104.63 37.41
N UNK C 2548 -6.38 116.50 26.39
CA UNK C 2548 -6.19 116.34 24.96
C UNK C 2548 -7.49 116.49 24.19
N UNK C 2549 -7.86 115.45 23.44
CA UNK C 2549 -9.09 115.47 22.66
C UNK C 2549 -10.32 115.34 23.56
N UNK C 2550 -10.08 114.94 24.80
CA UNK C 2550 -11.19 114.76 25.74
C UNK C 2550 -11.90 116.08 26.02
N UNK C 2551 -11.16 117.19 25.95
CA UNK C 2551 -11.78 118.50 26.05
C UNK C 2551 -12.68 118.76 24.86
N UNK C 2552 -12.29 118.26 23.70
CA UNK C 2552 -13.14 118.35 22.52
C UNK C 2552 -14.37 117.48 22.72
N UNK C 2553 -14.22 116.40 23.47
CA UNK C 2553 -15.38 115.60 23.86
C UNK C 2553 -16.30 116.36 24.80
N UNK C 2554 -15.70 117.22 25.63
CA UNK C 2554 -16.50 118.10 26.47
C UNK C 2554 -17.24 119.11 25.62
N UNK C 2555 -16.61 119.52 24.52
CA UNK C 2555 -17.28 120.38 23.56
C UNK C 2555 -18.42 119.63 22.91
N UNK C 2556 -18.25 118.33 22.74
CA UNK C 2556 -19.31 117.46 22.27
C UNK C 2556 -20.43 117.37 23.30
N UNK C 2557 -20.08 117.54 24.57
CA UNK C 2557 -21.07 117.52 25.64
C UNK C 2557 -21.88 118.82 25.67
N UNK C 2558 -21.21 119.96 25.54
CA UNK C 2558 -21.93 121.22 25.46
C UNK C 2558 -22.78 121.25 24.19
N UNK C 2559 -22.25 120.64 23.13
CA UNK C 2559 -23.01 120.49 21.90
C UNK C 2559 -24.21 119.59 22.11
N UNK C 2560 -24.06 118.61 22.99
CA UNK C 2560 -25.18 117.78 23.40
C UNK C 2560 -26.21 118.58 24.17
N UNK C 2561 -25.76 119.58 24.94
CA UNK C 2561 -26.69 120.49 25.58
C UNK C 2561 -27.43 121.32 24.54
N UNK C 2562 -26.72 121.64 23.46
CA UNK C 2562 -27.35 122.30 22.32
C UNK C 2562 -28.37 121.37 21.69
N UNK C 2563 -28.09 120.07 21.72
CA UNK C 2563 -29.04 119.08 21.25
C UNK C 2563 -30.26 119.04 22.15
N UNK C 2564 -30.06 119.29 23.44
CA UNK C 2564 -31.17 119.39 24.37
C UNK C 2564 -31.99 120.63 24.05
N UNK C 2565 -31.32 121.67 23.57
CA UNK C 2565 -32.01 122.85 23.07
C UNK C 2565 -32.78 122.55 21.78
N UNK C 2566 -32.28 121.60 21.01
CA UNK C 2566 -32.85 121.27 19.70
C UNK C 2566 -34.25 120.69 19.80
N UNK C 2567 -34.55 120.06 20.93
CA UNK C 2567 -35.86 119.44 21.14
C UNK C 2567 -36.53 119.99 22.39
N UNK C 2568 -39.89 111.27 22.01
CA UNK C 2568 -39.72 110.10 22.87
C UNK C 2568 -38.33 109.51 22.73
N UNK C 2569 -37.85 109.41 21.48
CA UNK C 2569 -36.49 108.98 21.22
C UNK C 2569 -35.50 110.00 21.77
N UNK C 2570 -35.96 111.25 21.85
CA UNK C 2570 -35.17 112.33 22.40
C UNK C 2570 -34.85 112.10 23.87
N UNK C 2571 -35.70 111.32 24.55
CA UNK C 2571 -35.43 110.95 25.93
C UNK C 2571 -34.25 109.98 26.04
N UNK C 2572 -34.23 108.96 25.19
CA UNK C 2572 -33.10 108.04 25.17
C UNK C 2572 -31.84 108.76 24.73
N UNK C 2573 -32.01 109.72 23.81
CA UNK C 2573 -30.89 110.56 23.39
C UNK C 2573 -30.40 111.41 24.55
N UNK C 2574 -31.33 111.80 25.42
CA UNK C 2574 -31.01 112.52 26.64
C UNK C 2574 -30.28 111.62 27.63
N UNK C 2575 -30.55 110.32 27.56
CA UNK C 2575 -29.86 109.38 28.42
C UNK C 2575 -28.43 109.17 27.94
N UNK C 2576 -28.26 109.01 26.64
CA UNK C 2576 -26.91 108.87 26.08
C UNK C 2576 -26.12 110.16 26.28
N UNK C 2577 -26.82 111.29 26.20
CA UNK C 2577 -26.21 112.58 26.47
C UNK C 2577 -25.83 112.69 27.93
N UNK C 2578 -26.63 112.06 28.80
CA UNK C 2578 -26.31 112.00 30.21
C UNK C 2578 -25.07 111.18 30.46
N UNK C 2579 -24.90 110.12 29.67
CA UNK C 2579 -23.70 109.30 29.75
C UNK C 2579 -22.49 110.10 29.28
N UNK C 2580 -22.69 110.91 28.24
CA UNK C 2580 -21.64 111.77 27.73
C UNK C 2580 -21.26 112.82 28.77
N UNK C 2581 -22.26 113.25 29.53
CA UNK C 2581 -22.05 114.23 30.58
C UNK C 2581 -21.28 113.62 31.73
N UNK C 2582 -21.59 112.37 32.05
CA UNK C 2582 -20.86 111.66 33.08
C UNK C 2582 -19.42 111.44 32.65
N UNK C 2583 -19.22 111.22 31.35
CA UNK C 2583 -17.87 111.06 30.82
C UNK C 2583 -17.11 112.38 30.88
N UNK C 2584 -17.81 113.49 30.60
CA UNK C 2584 -17.18 114.80 30.65
C UNK C 2584 -16.79 115.17 32.08
N UNK C 2585 -17.66 114.81 33.03
CA UNK C 2585 -17.34 115.01 34.44
C UNK C 2585 -16.20 114.10 34.86
N UNK C 2586 -16.11 112.92 34.24
CA UNK C 2586 -14.99 112.03 34.48
C UNK C 2586 -13.69 112.66 33.98
N UNK C 2587 -13.80 113.43 32.90
CA UNK C 2587 -12.69 114.25 32.46
C UNK C 2587 -12.42 115.38 33.44
N UNK C 2588 -13.48 115.82 34.12
CA UNK C 2588 -13.40 116.92 35.07
C UNK C 2588 -12.90 116.46 36.44
N UNK C 2589 -12.79 115.15 36.63
CA UNK C 2589 -12.39 114.58 37.90
C UNK C 2589 -10.93 114.85 38.22
N ASN C 2590 -21.34 113.94 4.44
CA ASN C 2590 -21.83 115.21 3.90
C ASN C 2590 -21.12 116.40 4.54
N PHE C 2591 -19.80 116.41 4.43
CA PHE C 2591 -18.99 117.48 4.98
C PHE C 2591 -19.27 118.83 4.32
N ASP C 2592 -19.39 119.87 5.14
CA ASP C 2592 -19.81 121.19 4.70
C ASP C 2592 -18.89 122.29 5.24
N PRO C 2593 -17.71 122.44 4.64
CA PRO C 2593 -16.72 123.40 5.16
C PRO C 2593 -17.23 124.83 5.10
N ARG C 2594 -16.86 125.64 6.10
CA ARG C 2594 -17.19 127.06 6.06
C ARG C 2594 -15.99 127.92 6.45
N PRO C 2595 -14.99 128.03 5.57
CA PRO C 2595 -13.94 129.02 5.83
C PRO C 2595 -14.51 130.42 5.84
N VAL C 2596 -13.97 131.29 6.69
CA VAL C 2596 -14.42 132.68 6.74
C VAL C 2596 -14.04 133.37 5.44
N GLU C 2597 -14.89 134.29 4.96
CA GLU C 2597 -14.53 135.10 3.81
C GLU C 2597 -13.32 135.95 4.17
N THR C 2598 -12.38 136.08 3.24
CA THR C 2598 -11.14 136.78 3.53
C THR C 2598 -10.76 137.77 2.43
N LEU C 2599 -11.15 137.47 1.20
CA LEU C 2599 -10.76 138.32 0.07
C LEU C 2599 -11.31 139.74 0.22
N ASN C 2600 -12.50 139.84 0.81
CA ASN C 2600 -13.08 141.14 1.13
C ASN C 2600 -12.33 141.91 2.20
N VAL C 2601 -11.64 141.18 3.08
CA VAL C 2601 -10.99 141.78 4.25
C VAL C 2601 -9.87 142.73 3.86
N ILE C 2602 -9.77 143.85 4.57
CA ILE C 2602 -8.76 144.86 4.27
C ILE C 2602 -7.64 144.90 5.31
N ILE C 2603 -6.50 144.29 4.98
CA ILE C 2603 -5.31 144.39 5.84
C ILE C 2603 -4.71 145.80 5.78
N PRO C 2604 -4.45 146.39 6.95
CA PRO C 2604 -3.74 147.68 7.04
C PRO C 2604 -2.33 147.58 6.48
N GLU C 2605 -1.86 148.65 5.84
CA GLU C 2605 -0.55 148.63 5.21
C GLU C 2605 0.59 148.44 6.21
N LYS C 2606 0.36 148.87 7.45
CA LYS C 2606 1.38 148.75 8.49
C LYS C 2606 1.68 147.28 8.79
N LEU C 2607 0.68 146.43 8.64
CA LEU C 2607 0.88 144.98 8.79
C LEU C 2607 1.74 144.41 7.67
N ASP C 2608 1.72 145.05 6.51
CA ASP C 2608 2.48 144.56 5.36
C ASP C 2608 3.99 144.60 5.61
N SER C 2609 4.43 145.57 6.40
CA SER C 2609 5.84 145.65 6.76
C SER C 2609 6.25 144.46 7.61
N PHE C 2610 5.32 143.99 8.42
CA PHE C 2610 5.51 142.76 9.19
C PHE C 2610 5.42 141.51 8.30
N ILE C 2611 4.58 141.60 7.27
CA ILE C 2611 4.44 140.52 6.31
C ILE C 2611 5.75 140.36 5.58
N ASN C 2612 6.49 141.46 5.45
CA ASN C 2612 7.81 141.39 4.84
C ASN C 2612 8.73 140.52 5.69
N LYS C 2613 8.53 140.58 7.00
CA LYS C 2613 9.34 139.83 7.93
C LYS C 2613 8.95 138.36 7.96
N PHE C 2614 7.66 138.07 8.10
CA PHE C 2614 7.23 136.68 8.17
C PHE C 2614 7.44 135.96 6.84
N ALA C 2615 7.36 136.71 5.74
CA ALA C 2615 7.58 136.12 4.42
C ALA C 2615 9.07 135.94 4.15
N GLU C 2616 9.89 136.91 4.54
CA GLU C 2616 11.32 136.75 4.37
C GLU C 2616 11.80 135.57 5.21
N TYR C 2617 11.21 135.41 6.38
CA TYR C 2617 11.47 134.23 7.20
C TYR C 2617 10.94 132.98 6.54
N THR C 2618 9.83 133.11 5.82
CA THR C 2618 9.24 131.94 5.19
C THR C 2618 10.18 131.44 4.12
N HIS C 2619 10.80 132.37 3.39
CA HIS C 2619 11.84 131.99 2.45
C HIS C 2619 13.08 131.47 3.16
N GLU C 2620 13.35 131.99 4.37
CA GLU C 2620 14.50 131.50 5.11
C GLU C 2620 14.33 130.04 5.51
N LYS C 2621 13.09 129.65 5.81
CA LYS C 2621 12.82 128.30 6.27
C LYS C 2621 12.68 127.37 5.07
N TRP C 2622 12.05 127.89 4.02
CA TRP C 2622 11.88 127.13 2.78
C TRP C 2622 13.22 126.84 2.12
N ALA C 2623 14.16 127.77 2.28
CA ALA C 2623 15.49 127.58 1.73
C ALA C 2623 16.34 126.74 2.65
N PHE C 2624 16.30 127.03 3.95
CA PHE C 2624 17.12 126.30 4.91
C PHE C 2624 16.76 124.82 4.98
N ASP C 2625 15.48 124.50 4.82
CA ASP C 2625 15.08 123.11 4.83
C ASP C 2625 15.62 122.36 3.62
N LYS C 2626 15.68 123.03 2.48
CA LYS C 2626 16.33 122.46 1.31
C LYS C 2626 17.84 122.34 1.51
N ILE C 2627 18.40 123.28 2.27
CA ILE C 2627 19.82 123.25 2.61
C ILE C 2627 20.16 122.07 3.51
N GLN C 2628 19.20 121.66 4.35
CA GLN C 2628 19.41 120.53 5.24
C GLN C 2628 19.60 119.24 4.44
N ASN C 2629 18.99 119.18 3.26
CA ASN C 2629 19.17 118.05 2.37
C ASN C 2629 20.18 118.39 1.27
N ASN C 2630 20.88 119.50 1.47
CA ASN C 2630 21.91 120.00 0.56
C ASN C 2630 21.42 120.29 -0.86
N TRP C 2631 20.20 120.81 -0.96
CA TRP C 2631 19.70 121.34 -2.23
C TRP C 2631 20.42 122.65 -2.55
N SER C 2632 20.57 122.98 -3.83
CA SER C 2632 21.35 124.15 -4.23
C SER C 2632 20.84 124.80 -5.52
N TYR C 2633 21.34 126.00 -5.81
CA TYR C 2633 20.95 126.73 -7.00
C TYR C 2633 21.31 126.00 -8.29
N GLY C 2634 20.43 126.08 -9.30
CA GLY C 2634 20.68 125.44 -10.57
C GLY C 2634 19.77 125.92 -11.69
N GLU C 2635 20.10 125.53 -12.92
CA GLU C 2635 19.37 125.96 -14.12
C GLU C 2635 17.93 125.47 -14.19
N ASN C 2636 17.66 124.31 -13.59
CA ASN C 2636 16.37 123.65 -13.76
C ASN C 2636 15.97 122.79 -12.56
N VAL C 2637 14.69 122.42 -12.50
CA VAL C 2637 14.17 121.64 -11.38
C VAL C 2637 14.51 120.16 -11.62
N ASP C 2638 15.80 119.84 -11.47
CA ASP C 2638 16.25 118.46 -11.58
C ASP C 2638 16.37 117.87 -10.17
N GLU C 2639 15.34 117.15 -9.73
CA GLU C 2639 15.30 116.61 -8.39
C GLU C 2639 16.43 115.61 -8.16
N GLU C 2640 16.80 114.89 -9.22
CA GLU C 2640 17.90 113.94 -9.18
C GLU C 2640 19.25 114.62 -8.96
N LEU C 2641 19.36 115.86 -9.43
CA LEU C 2641 20.62 116.60 -9.39
C LEU C 2641 20.86 117.26 -8.05
N LYS C 2642 19.87 117.17 -7.16
CA LYS C 2642 19.91 117.84 -5.86
C LYS C 2642 20.09 119.34 -6.02
N THR C 2643 19.32 119.93 -6.93
CA THR C 2643 19.39 121.37 -7.17
C THR C 2643 18.07 121.95 -7.67
N HIS C 2644 17.76 123.18 -7.26
CA HIS C 2644 16.56 123.86 -7.74
C HIS C 2644 16.86 125.34 -8.05
N PRO C 2645 16.22 125.91 -9.08
CA PRO C 2645 16.34 127.32 -9.46
C PRO C 2645 15.94 128.36 -8.40
N MET C 2646 14.96 128.04 -7.56
CA MET C 2646 14.39 129.02 -6.65
C MET C 2646 15.23 129.21 -5.38
N LEU C 2647 16.27 128.41 -5.22
CA LEU C 2647 17.11 128.50 -4.04
C LEU C 2647 18.04 129.71 -4.15
N ARG C 2648 17.41 130.88 -4.15
CA ARG C 2648 18.09 132.16 -4.33
C ARG C 2648 17.57 133.16 -3.29
N PRO C 2649 18.38 134.17 -2.93
CA PRO C 2649 18.07 135.04 -1.79
C PRO C 2649 16.76 135.81 -1.93
N TYR C 2650 16.08 136.00 -0.81
CA TYR C 2650 14.77 136.64 -0.79
C TYR C 2650 14.87 138.09 -1.27
N LYS C 2651 16.02 138.71 -1.04
CA LYS C 2651 16.27 140.07 -1.50
C LYS C 2651 16.29 140.17 -3.02
N THR C 2652 16.70 139.09 -3.68
CA THR C 2652 16.73 139.06 -5.14
C THR C 2652 15.32 139.10 -5.73
N PHE C 2653 14.34 138.64 -4.95
CA PHE C 2653 12.97 138.55 -5.42
C PHE C 2653 12.35 139.90 -5.76
N SER C 2654 11.57 139.91 -6.84
CA SER C 2654 10.61 140.98 -7.09
C SER C 2654 9.48 140.79 -6.10
N GLU C 2655 8.76 141.86 -5.77
CA GLU C 2655 7.70 141.78 -4.77
C GLU C 2655 6.63 140.78 -5.18
N LYS C 2656 6.39 140.65 -6.47
CA LYS C 2656 5.45 139.66 -6.97
C LYS C 2656 5.92 138.23 -6.69
N ASP C 2657 7.23 138.00 -6.72
CA ASP C 2657 7.76 136.70 -6.31
C ASP C 2657 7.55 136.48 -4.81
N LYS C 2658 7.59 137.58 -4.06
CA LYS C 2658 7.32 137.56 -2.63
C LYS C 2658 5.86 137.22 -2.37
N GLU C 2659 5.00 137.59 -3.32
CA GLU C 2659 3.57 137.35 -3.20
C GLU C 2659 3.25 135.86 -3.18
N ILE C 2660 4.11 135.06 -3.80
CA ILE C 2660 3.89 133.62 -3.89
C ILE C 2660 3.88 132.99 -2.50
N TYR C 2661 4.69 133.53 -1.60
CA TYR C 2661 4.69 133.10 -0.21
C TYR C 2661 3.72 133.91 0.64
N ARG C 2662 3.63 135.21 0.35
CA ARG C 2662 2.77 136.09 1.14
C ARG C 2662 1.29 135.78 1.05
N TRP C 2663 0.84 135.27 -0.09
CA TRP C 2663 -0.60 135.18 -0.32
C TRP C 2663 -1.37 134.32 0.70
N PRO C 2664 -0.93 133.08 0.97
CA PRO C 2664 -1.59 132.36 2.07
C PRO C 2664 -1.51 133.10 3.40
N ILE C 2665 -0.38 133.79 3.60
CA ILE C 2665 -0.13 134.51 4.84
C ILE C 2665 -1.09 135.67 4.98
N LYS C 2666 -1.26 136.38 3.86
CA LYS C 2666 -2.21 137.48 3.82
C LYS C 2666 -3.63 136.99 4.01
N GLU C 2667 -3.93 135.80 3.47
CA GLU C 2667 -5.24 135.21 3.68
C GLU C 2667 -5.43 134.83 5.14
N SER C 2668 -4.33 134.52 5.83
CA SER C 2668 -4.40 134.20 7.25
C SER C 2668 -4.66 135.45 8.08
N LEU C 2669 -3.93 136.52 7.77
CA LEU C 2669 -4.14 137.76 8.50
C LEU C 2669 -5.52 138.35 8.23
N LYS C 2670 -6.01 138.14 7.01
CA LYS C 2670 -7.38 138.49 6.69
C LYS C 2670 -8.35 137.60 7.44
N ALA C 2671 -7.94 136.36 7.67
CA ALA C 2671 -8.76 135.43 8.44
C ALA C 2671 -8.86 135.88 9.89
N MET C 2672 -7.81 136.54 10.38
CA MET C 2672 -7.83 137.03 11.76
C MET C 2672 -8.59 138.34 11.86
N ILE C 2673 -8.39 139.23 10.90
CA ILE C 2673 -9.10 140.51 10.89
C ILE C 2673 -10.61 140.34 10.66
N ALA C 2674 -10.99 139.34 9.87
CA ALA C 2674 -12.41 139.02 9.71
C ALA C 2674 -13.00 138.51 11.01
N TRP C 2675 -12.15 137.81 11.77
CA TRP C 2675 -12.46 137.36 13.12
C TRP C 2675 -12.15 138.48 14.11
N GLU C 2676 -11.58 139.56 13.58
CA GLU C 2676 -11.24 140.75 14.35
C GLU C 2676 -10.31 140.45 15.52
N TRP C 2677 -9.46 139.46 15.35
CA TRP C 2677 -8.46 139.13 16.36
C TRP C 2677 -7.42 140.25 16.47
N THR C 2678 -7.07 140.58 17.71
CA THR C 2678 -6.02 141.56 17.96
C THR C 2678 -4.66 141.06 17.51
N ILE C 2679 -3.93 141.97 16.85
CA ILE C 2679 -2.55 141.76 16.39
C ILE C 2679 -1.88 143.13 16.45
N GLU C 2680 -1.42 143.54 17.64
CA GLU C 2680 -1.05 144.95 17.81
C GLU C 2680 0.24 145.14 18.61
N LYS C 2681 0.89 146.28 18.38
CA LYS C 2681 2.23 146.53 18.90
C LYS C 2681 2.30 146.55 20.42
N ALA C 2682 3.38 145.97 20.95
CA ALA C 2682 3.60 145.92 22.39
C ALA C 2682 5.06 145.61 22.69
N ARG C 2683 5.34 144.34 22.98
CA ARG C 2683 6.70 143.88 23.26
C ARG C 2683 7.61 144.03 22.04
N GLU C 2684 8.87 144.39 22.28
CA GLU C 2684 9.86 144.53 21.22
C GLU C 2684 10.15 143.19 20.54
N GLY C 2685 10.40 143.23 19.24
CA GLY C 2685 10.69 142.03 18.48
C GLY C 2685 12.08 142.01 17.88
N GLU C 2686 12.86 140.99 18.26
CA GLU C 2686 14.22 140.84 17.75
C GLU C 2686 14.24 140.06 16.45
N TYR C 2705 26.30 120.58 11.47
CA TYR C 2705 25.73 121.30 10.33
C TYR C 2705 26.78 122.17 9.64
N ASP C 2706 27.40 121.62 8.61
CA ASP C 2706 28.32 122.38 7.76
C ASP C 2706 27.55 123.38 6.91
N PRO C 2707 28.08 124.60 6.75
CA PRO C 2707 27.46 125.60 5.87
C PRO C 2707 27.44 125.14 4.41
N ARG C 2708 26.39 125.50 3.68
CA ARG C 2708 26.28 125.17 2.26
C ARG C 2708 26.63 126.36 1.37
N GLU C 2709 27.06 126.06 0.14
CA GLU C 2709 27.32 127.09 -0.85
C GLU C 2709 26.00 127.71 -1.30
N GLY C 2710 26.02 128.96 -1.74
CA GLY C 2710 24.81 129.68 -2.08
C GLY C 2710 24.18 130.32 -0.86
N TYR C 2711 22.97 130.85 -1.02
CA TYR C 2711 22.30 131.60 0.04
C TYR C 2711 22.11 130.74 1.29
N ASN C 2712 22.40 131.32 2.45
CA ASN C 2712 22.45 130.60 3.71
C ASN C 2712 21.69 131.26 4.84
N PRO C 2713 20.36 131.12 4.83
CA PRO C 2713 19.52 131.65 5.91
C PRO C 2713 19.85 130.98 7.24
N GLN C 2714 19.76 131.75 8.32
CA GLN C 2714 20.01 131.23 9.67
C GLN C 2714 18.83 131.64 10.53
N PRO C 2715 17.70 130.95 10.35
CA PRO C 2715 16.40 131.39 10.88
C PRO C 2715 16.33 131.47 12.39
N PRO C 2716 15.57 132.46 12.91
CA PRO C 2716 15.22 132.54 14.33
C PRO C 2716 14.38 131.35 14.74
N ASP C 2717 14.55 130.87 15.96
CA ASP C 2717 13.88 129.65 16.39
C ASP C 2717 12.44 129.89 16.81
N LEU C 2718 11.56 130.03 15.83
CA LEU C 2718 10.13 130.21 16.08
C LEU C 2718 9.49 129.02 16.77
N SER C 2719 10.02 127.82 16.51
CA SER C 2719 9.46 126.60 17.06
C SER C 2719 9.57 126.56 18.58
N GLY C 2720 10.60 127.22 19.11
CA GLY C 2720 10.83 127.22 20.55
C GLY C 2720 9.95 128.22 21.27
N VAL C 2721 9.31 129.11 20.52
CA VAL C 2721 8.34 130.02 21.10
C VAL C 2721 7.17 129.18 21.62
N THR C 2722 6.62 129.55 22.77
CA THR C 2722 5.51 128.81 23.34
C THR C 2722 4.25 129.66 23.42
N LEU C 2723 3.28 129.38 22.55
CA LEU C 2723 2.00 130.05 22.62
C LEU C 2723 1.27 129.68 23.90
N SER C 2724 0.57 130.65 24.47
CA SER C 2724 -0.32 130.39 25.60
C SER C 2724 -1.51 129.59 25.08
N ARG C 2725 -2.16 128.84 25.96
CA ARG C 2725 -3.21 127.92 25.55
C ARG C 2725 -4.34 128.65 24.84
N GLU C 2726 -4.54 129.92 25.19
CA GLU C 2726 -5.41 130.78 24.38
C GLU C 2726 -4.88 130.95 22.97
N LEU C 2727 -3.61 131.34 22.86
CA LEU C 2727 -2.98 131.50 21.56
C LEU C 2727 -2.80 130.16 20.83
N GLN C 2728 -2.63 129.08 21.59
CA GLN C 2728 -2.60 127.75 21.00
C GLN C 2728 -3.96 127.39 20.40
N ALA C 2729 -5.02 127.82 21.08
CA ALA C 2729 -6.37 127.67 20.54
C ALA C 2729 -6.54 128.52 19.30
N MET C 2730 -5.87 129.67 19.28
CA MET C 2730 -5.92 130.55 18.13
C MET C 2730 -5.24 129.92 16.92
N ALA C 2731 -4.12 129.24 17.16
CA ALA C 2731 -3.45 128.49 16.11
C ALA C 2731 -4.32 127.31 15.68
N GLU C 2732 -5.06 126.76 16.63
CA GLU C 2732 -5.97 125.66 16.35
C GLU C 2732 -7.08 126.11 15.41
N GLN C 2733 -7.49 127.36 15.58
CA GLN C 2733 -8.61 127.89 14.83
C GLN C 2733 -8.18 128.42 13.47
N LEU C 2734 -6.99 129.01 13.40
CA LEU C 2734 -6.43 129.37 12.10
C LEU C 2734 -6.09 128.14 11.26
N ALA C 2735 -5.64 127.08 11.93
CA ALA C 2735 -5.43 125.81 11.25
C ALA C 2735 -6.77 125.23 10.83
N GLU C 2736 -7.80 125.48 11.64
CA GLU C 2736 -9.14 125.07 11.29
C GLU C 2736 -9.60 125.80 10.04
N ASN C 2737 -9.19 127.06 9.91
CA ASN C 2737 -9.48 127.80 8.69
C ASN C 2737 -8.67 127.30 7.50
N TYR C 2738 -7.47 126.82 7.74
CA TYR C 2738 -6.69 126.21 6.65
C TYR C 2738 -7.37 124.93 6.18
N HIS C 2739 -7.99 124.25 7.14
CA HIS C 2739 -8.66 122.99 6.85
C HIS C 2739 -9.94 123.24 6.06
N ASN C 2740 -10.74 124.20 6.53
CA ASN C 2740 -11.96 124.57 5.83
C ASN C 2740 -11.71 125.22 4.47
N THR C 2741 -10.59 125.93 4.34
CA THR C 2741 -10.28 126.60 3.08
C THR C 2741 -9.72 125.64 2.05
N TRP C 2742 -8.72 124.86 2.45
CA TRP C 2742 -8.14 123.91 1.53
C TRP C 2742 -9.15 122.82 1.20
N GLY C 2743 -10.01 122.52 2.17
CA GLY C 2743 -11.06 121.53 1.97
C GLY C 2743 -12.24 122.00 1.15
N ARG C 2744 -12.58 123.29 1.27
CA ARG C 2744 -13.68 123.81 0.47
C ARG C 2744 -13.21 123.98 -0.96
N LYS C 2745 -11.97 124.45 -1.11
CA LYS C 2745 -11.39 124.55 -2.44
C LYS C 2745 -11.23 123.15 -3.04
N LYS C 2746 -10.93 122.17 -2.19
CA LYS C 2746 -10.84 120.79 -2.62
C LYS C 2746 -12.19 120.22 -3.05
N LYS C 2747 -13.26 120.65 -2.40
CA LYS C 2747 -14.58 120.14 -2.74
C LYS C 2747 -15.13 120.80 -3.99
N GLN C 2748 -14.92 122.09 -4.11
CA GLN C 2748 -15.31 122.81 -5.32
C GLN C 2748 -14.47 122.35 -6.49
N GLU C 2749 -13.24 121.92 -6.22
CA GLU C 2749 -12.35 121.41 -7.25
C GLU C 2749 -12.78 120.01 -7.71
N LEU C 2750 -13.09 119.14 -6.76
CA LEU C 2750 -13.58 117.81 -7.11
C LEU C 2750 -14.92 117.88 -7.82
N GLU C 2751 -15.74 118.86 -7.45
CA GLU C 2751 -17.01 119.07 -8.15
C GLU C 2751 -16.81 119.80 -9.47
N ALA C 2752 -15.63 120.39 -9.67
CA ALA C 2752 -15.30 121.00 -10.95
C ALA C 2752 -14.83 119.94 -11.93
N LYS C 2753 -13.97 119.03 -11.47
CA LYS C 2753 -13.48 117.94 -12.29
C LYS C 2753 -14.44 116.76 -12.34
N GLY C 2754 -15.45 116.76 -11.48
CA GLY C 2754 -16.37 115.65 -11.40
C GLY C 2754 -15.77 114.47 -10.66
N GLY C 2755 -14.68 114.73 -9.95
CA GLY C 2755 -13.91 113.67 -9.32
C GLY C 2755 -14.48 113.15 -8.01
N GLY C 2756 -13.81 112.13 -7.47
CA GLY C 2756 -14.31 111.42 -6.31
C GLY C 2756 -14.21 112.17 -4.99
N THR C 2757 -13.31 111.72 -4.12
CA THR C 2757 -13.25 112.25 -2.75
C THR C 2757 -11.86 112.12 -2.13
N HIS C 2758 -11.63 112.85 -1.04
CA HIS C 2758 -10.32 112.89 -0.39
C HIS C 2758 -10.49 112.59 1.10
N PRO C 2759 -9.47 111.97 1.72
CA PRO C 2759 -9.48 111.63 3.15
C PRO C 2759 -9.64 112.83 4.09
N LEU C 2760 -9.11 113.98 3.71
CA LEU C 2760 -9.16 115.16 4.56
C LEU C 2760 -10.52 115.87 4.50
N LEU C 2761 -11.41 115.43 3.63
CA LEU C 2761 -12.71 116.05 3.52
C LEU C 2761 -13.62 115.67 4.69
N VAL C 2762 -13.12 115.93 5.90
CA VAL C 2762 -13.84 115.68 7.14
C VAL C 2762 -13.72 116.90 8.06
N PRO C 2763 -14.69 117.11 8.97
CA PRO C 2763 -14.68 118.28 9.85
C PRO C 2763 -13.44 118.34 10.75
N TYR C 2764 -12.96 119.55 11.02
CA TYR C 2764 -11.63 119.72 11.59
C TYR C 2764 -11.50 119.06 12.96
N ASP C 2765 -12.59 119.02 13.71
CA ASP C 2765 -12.63 118.29 14.98
C ASP C 2765 -12.62 116.76 14.81
N THR C 2766 -13.07 116.28 13.65
CA THR C 2766 -13.02 114.84 13.35
C THR C 2766 -11.58 114.36 13.20
N LEU C 2767 -10.70 115.28 12.85
CA LEU C 2767 -9.33 114.95 12.52
C LEU C 2767 -8.62 114.35 13.73
N THR C 2768 -7.79 113.34 13.48
CA THR C 2768 -6.90 112.82 14.49
C THR C 2768 -5.93 113.94 14.80
N ALA C 2769 -5.42 114.00 16.03
CA ALA C 2769 -4.64 115.14 16.46
C ALA C 2769 -3.39 115.32 15.60
N LYS C 2770 -2.85 114.20 15.10
CA LYS C 2770 -1.76 114.28 14.14
C LYS C 2770 -2.19 114.92 12.81
N GLU C 2771 -3.42 114.65 12.37
CA GLU C 2771 -3.95 115.32 11.19
C GLU C 2771 -4.17 116.81 11.42
N LYS C 2772 -4.50 117.16 12.65
CA LYS C 2772 -4.65 118.57 13.02
C LYS C 2772 -3.29 119.26 12.99
N ALA C 2773 -2.23 118.50 13.25
CA ALA C 2773 -0.91 119.09 13.41
C ALA C 2773 -0.35 119.81 12.17
N ARG C 2774 -0.53 119.24 10.99
CA ARG C 2774 0.18 119.72 9.80
C ARG C 2774 -0.10 121.17 9.38
N ASP C 2775 -1.37 121.56 9.32
CA ASP C 2775 -1.73 122.96 9.09
C ASP C 2775 -1.35 123.79 10.31
N ARG C 2776 -1.57 123.19 11.47
CA ARG C 2776 -1.35 123.81 12.77
C ARG C 2776 0.09 124.26 12.89
N GLU C 2777 1.01 123.45 12.38
CA GLU C 2777 2.42 123.81 12.45
C GLU C 2777 2.68 125.05 11.62
N LYS C 2778 1.89 125.26 10.58
CA LYS C 2778 1.96 126.51 9.85
C LYS C 2778 1.29 127.62 10.66
N ALA C 2779 0.14 127.33 11.23
CA ALA C 2779 -0.58 128.35 11.98
C ALA C 2779 0.22 128.74 13.21
N GLN C 2780 0.81 127.74 13.86
CA GLN C 2780 1.69 128.00 14.99
C GLN C 2780 2.91 128.77 14.52
N GLU C 2781 3.33 128.53 13.28
N GLU C 2781 3.33 128.52 13.29
CA GLU C 2781 4.46 129.25 12.73
CA GLU C 2781 4.47 129.25 12.74
C GLU C 2781 4.12 130.72 12.60
C GLU C 2781 4.12 130.73 12.60
N LEU C 2782 2.83 131.01 12.41
CA LEU C 2782 2.38 132.39 12.26
C LEU C 2782 2.37 133.09 13.60
N LEU C 2783 1.51 132.60 14.51
CA LEU C 2783 1.30 133.29 15.78
C LEU C 2783 2.56 133.37 16.63
N LYS C 2784 3.39 132.33 16.59
CA LYS C 2784 4.63 132.37 17.35
C LYS C 2784 5.54 133.46 16.79
N PHE C 2785 5.49 133.66 15.47
CA PHE C 2785 6.32 134.68 14.85
C PHE C 2785 5.81 136.04 15.33
N LEU C 2786 4.52 136.09 15.64
CA LEU C 2786 3.96 137.28 16.27
C LEU C 2786 4.53 137.43 17.67
N GLN C 2787 4.53 136.33 18.41
CA GLN C 2787 5.01 136.35 19.79
C GLN C 2787 6.50 136.65 19.85
N MET C 2788 7.24 136.19 18.83
CA MET C 2788 8.65 136.53 18.74
C MET C 2788 8.83 138.01 18.47
N ASN C 2789 7.89 138.59 17.73
CA ASN C 2789 7.92 140.02 17.47
C ASN C 2789 7.26 140.80 18.60
N GLY C 2790 6.65 140.06 19.52
CA GLY C 2790 6.15 140.63 20.76
C GLY C 2790 4.79 141.29 20.68
N TYR C 2791 4.13 141.21 19.53
CA TYR C 2791 2.80 141.80 19.39
C TYR C 2791 1.81 141.11 20.32
N ALA C 2792 0.93 141.88 20.94
CA ALA C 2792 -0.23 141.31 21.60
C ALA C 2792 -1.10 140.67 20.53
N VAL C 2793 -1.56 139.46 20.80
CA VAL C 2793 -2.29 138.67 19.80
C VAL C 2793 -3.36 137.84 20.47
N THR C 2794 -4.64 138.20 20.25
CA THR C 2794 -5.73 137.54 20.98
C THR C 2794 -6.98 137.41 20.14
N ARG C 2795 -7.89 136.51 20.53
CA ARG C 2795 -9.16 136.38 19.81
C ARG C 2795 -9.99 137.67 19.96
N GLY C 2796 -9.78 138.38 21.06
CA GLY C 2796 -10.46 139.64 21.30
C GLY C 2796 -11.96 139.49 21.43
N UNK C 2797 -13.72 120.05 32.88
CA UNK C 2797 -13.10 120.69 34.04
C UNK C 2797 -14.02 121.75 34.63
N UNK C 2798 -13.44 122.89 35.01
CA UNK C 2798 -14.21 123.99 35.57
C UNK C 2798 -15.19 124.56 34.55
N UNK C 2799 -14.87 124.39 33.28
CA UNK C 2799 -15.74 124.87 32.21
C UNK C 2799 -17.07 124.15 32.26
N UNK C 2800 -17.05 122.90 32.72
CA UNK C 2800 -18.29 122.16 32.96
C UNK C 2800 -19.09 122.79 34.09
N UNK C 2801 -18.39 123.42 35.03
CA UNK C 2801 -19.06 124.08 36.15
C UNK C 2801 -19.66 125.42 35.73
N UNK C 2802 -18.94 126.19 34.92
CA UNK C 2802 -19.52 127.41 34.37
C UNK C 2802 -20.68 127.07 33.44
N UNK C 2803 -20.56 125.94 32.76
CA UNK C 2803 -21.66 125.42 31.95
C UNK C 2803 -22.81 125.04 32.85
N UNK C 2804 -22.50 124.58 34.06
CA UNK C 2804 -23.53 124.31 35.05
C UNK C 2804 -24.20 125.60 35.50
N UNK C 2805 -23.45 126.71 35.52
CA UNK C 2805 -24.05 128.01 35.76
C UNK C 2805 -24.96 128.42 34.61
N UNK C 2806 -24.58 128.03 33.39
CA UNK C 2806 -25.46 128.26 32.26
C UNK C 2806 -26.74 127.44 32.42
N UNK C 2807 -26.58 126.26 33.01
CA UNK C 2807 -27.70 125.42 33.36
C UNK C 2807 -28.54 126.07 34.45
N UNK C 2808 -27.90 126.87 35.31
CA UNK C 2808 -28.63 127.67 36.27
C UNK C 2808 -29.43 128.76 35.56
N UNK C 2809 -28.90 129.26 34.45
CA UNK C 2809 -29.64 130.25 33.66
C UNK C 2809 -30.85 129.61 32.99
N UNK C 2810 -30.64 128.41 32.47
CA UNK C 2810 -31.73 127.66 31.88
C UNK C 2810 -32.75 127.30 32.95
N UNK C 2811 -32.27 127.11 34.17
CA UNK C 2811 -33.13 126.91 35.33
C UNK C 2811 -33.92 128.16 35.65
N UNK C 2812 -33.34 129.33 35.41
CA UNK C 2812 -34.09 130.57 35.57
C UNK C 2812 -35.18 130.65 34.52
N UNK C 2813 -34.87 130.12 33.34
CA UNK C 2813 -35.90 130.01 32.30
C UNK C 2813 -36.98 129.03 32.74
N UNK C 2814 -36.57 128.01 33.50
CA UNK C 2814 -37.51 127.06 34.07
C UNK C 2814 -38.40 127.71 35.11
N UNK C 2815 -37.85 128.69 35.83
CA UNK C 2815 -38.66 129.50 36.73
C UNK C 2815 -39.64 130.36 35.95
N UNK C 2816 -39.20 130.83 34.78
CA UNK C 2816 -40.09 131.58 33.92
C UNK C 2816 -41.24 130.70 33.43
N UNK C 2817 -40.93 129.42 33.20
CA UNK C 2817 -41.97 128.44 32.93
C UNK C 2817 -42.86 128.21 34.14
N UNK C 2818 -42.27 128.31 35.33
CA UNK C 2818 -42.98 128.12 36.58
C UNK C 2818 -44.00 129.24 36.78
N UNK C 2819 -43.69 130.40 36.23
CA UNK C 2819 -44.60 131.53 36.27
C UNK C 2819 -45.86 131.23 35.48
N UNK C 2820 -45.72 130.35 34.48
CA UNK C 2820 -46.86 129.97 33.64
C UNK C 2820 -47.62 128.79 34.25
N UNK C 2821 -42.95 122.78 25.71
CA UNK C 2821 -42.18 121.68 25.12
C UNK C 2821 -40.77 121.65 25.69
N UNK C 2822 -40.21 122.83 25.93
CA UNK C 2822 -38.85 122.96 26.44
C UNK C 2822 -38.71 122.38 27.85
N UNK C 2823 -39.81 122.36 28.60
CA UNK C 2823 -39.75 121.96 30.00
C UNK C 2823 -39.32 120.51 30.20
N UNK C 2824 -39.70 119.63 29.28
CA UNK C 2824 -39.22 118.25 29.35
C UNK C 2824 -37.71 118.19 29.14
N UNK C 2825 -37.19 119.07 28.28
CA UNK C 2825 -35.76 119.20 28.09
C UNK C 2825 -35.10 119.74 29.36
N UNK C 2826 -35.83 120.59 30.07
CA UNK C 2826 -35.37 121.08 31.37
C UNK C 2826 -35.33 119.94 32.38
N UNK C 2827 -36.22 118.97 32.23
CA UNK C 2827 -36.27 117.82 33.11
C UNK C 2827 -35.11 116.87 32.82
N UNK C 2828 -34.84 116.65 31.54
CA UNK C 2828 -33.70 115.82 31.16
C UNK C 2828 -32.41 116.51 31.58
N UNK C 2829 -32.41 117.84 31.54
CA UNK C 2829 -31.30 118.62 32.04
C UNK C 2829 -31.15 118.49 33.55
N UNK C 2830 -32.28 118.33 34.24
CA UNK C 2830 -32.24 118.05 35.67
C UNK C 2830 -31.65 116.68 35.93
N UNK C 2831 -31.91 115.75 35.01
CA UNK C 2831 -31.37 114.41 35.14
C UNK C 2831 -29.86 114.43 34.93
N UNK C 2832 -29.43 115.22 33.94
CA UNK C 2832 -28.01 115.40 33.70
C UNK C 2832 -27.35 116.10 34.88
N UNK C 2833 -28.09 116.98 35.52
CA UNK C 2833 -27.62 117.66 36.73
C UNK C 2833 -27.48 116.68 37.88
N UNK C 2834 -28.34 115.66 37.89
CA UNK C 2834 -28.28 114.64 38.93
C UNK C 2834 -27.10 113.72 38.72
N UNK C 2835 -26.91 113.30 37.48
CA UNK C 2835 -25.76 112.45 37.17
C UNK C 2835 -24.46 113.20 37.38
N UNK C 2836 -24.47 114.50 37.09
CA UNK C 2836 -23.31 115.34 37.36
C UNK C 2836 -23.09 115.47 38.85
N UNK C 2837 -24.17 115.47 39.61
CA UNK C 2837 -24.09 115.52 41.06
C UNK C 2837 -23.47 114.24 41.60
N UNK C 2838 -23.75 113.14 40.91
CA UNK C 2838 -23.15 111.86 41.28
C UNK C 2838 -21.65 111.88 41.03
N UNK C 2839 -21.24 112.69 40.05
CA UNK C 2839 -19.84 112.78 39.68
C UNK C 2839 -19.06 113.68 40.64
N UNK C 2840 -19.78 114.38 41.50
CA UNK C 2840 -19.14 115.27 42.46
C UNK C 2840 -18.99 114.61 43.82
N UNK C 2841 -13.36 126.90 42.83
CA UNK C 2841 -14.13 125.93 43.60
C UNK C 2841 -15.37 126.58 44.21
N UNK C 2842 -15.29 127.88 44.47
CA UNK C 2842 -16.41 128.63 45.01
C UNK C 2842 -17.56 128.67 44.00
N UNK C 2843 -17.22 128.56 42.72
CA UNK C 2843 -18.24 128.55 41.68
C UNK C 2843 -19.15 127.34 41.83
N UNK C 2844 -18.60 126.23 42.34
CA UNK C 2844 -19.41 125.07 42.65
C UNK C 2844 -20.40 125.37 43.79
N UNK C 2845 -19.96 126.18 44.73
CA UNK C 2845 -20.86 126.65 45.79
C UNK C 2845 -21.93 127.55 45.20
N UNK C 2846 -21.58 128.29 44.15
CA UNK C 2846 -22.57 129.08 43.45
C UNK C 2846 -23.57 128.19 42.73
N UNK C 2847 -23.10 127.03 42.27
CA UNK C 2847 -23.99 126.03 41.70
C UNK C 2847 -24.90 125.47 42.79
N UNK C 2848 -24.37 125.37 44.01
CA UNK C 2848 -25.20 124.99 45.15
C UNK C 2848 -26.27 126.04 45.40
N UNK C 2849 -25.92 127.30 45.17
CA UNK C 2849 -26.88 128.39 45.28
C UNK C 2849 -27.93 128.28 44.18
N UNK C 2850 -27.52 127.81 43.01
CA UNK C 2850 -28.48 127.55 41.94
C UNK C 2850 -29.42 126.43 42.34
N UNK C 2851 -28.87 125.47 43.09
CA UNK C 2851 -29.68 124.39 43.62
C UNK C 2851 -30.65 124.93 44.66
N UNK C 2852 -30.24 125.97 45.38
CA UNK C 2852 -31.13 126.67 46.29
C UNK C 2852 -32.25 127.40 45.53
N UNK C 2853 -31.92 127.88 44.34
CA UNK C 2853 -32.91 128.59 43.53
C UNK C 2853 -33.94 127.64 42.96
N UNK C 2854 -33.48 126.51 42.46
CA UNK C 2854 -34.38 125.47 41.98
C UNK C 2854 -35.17 124.91 43.15
N UNK C 2855 -34.57 124.91 44.33
CA UNK C 2855 -35.25 124.53 45.56
C UNK C 2855 -36.34 125.52 45.92
N UNK C 2856 -36.14 126.78 45.56
CA UNK C 2856 -37.14 127.81 45.80
C UNK C 2856 -38.30 127.68 44.82
N UNK C 2857 -37.98 127.48 43.55
CA UNK C 2857 -39.02 127.33 42.54
C UNK C 2857 -39.82 126.06 42.81
N UNK C 2858 -39.15 125.02 43.30
CA UNK C 2858 -39.82 123.83 43.79
C UNK C 2858 -40.64 124.12 45.04
N UNK C 2859 -40.15 125.05 45.85
CA UNK C 2859 -40.83 125.43 47.08
C UNK C 2859 -42.14 126.12 46.78
N UNK C 2860 -42.21 126.79 45.64
CA UNK C 2860 -43.45 127.42 45.22
C UNK C 2860 -44.53 126.38 44.95
N UNK C 2861 -44.11 125.22 44.47
CA UNK C 2861 -45.03 124.12 44.19
C UNK C 2861 -45.33 123.27 45.42
N UNK C 2862 -44.58 123.50 46.50
CA UNK C 2862 -44.68 122.69 47.70
C UNK C 2862 -46.05 122.78 48.39
N UNK C 2863 -46.72 123.92 48.21
CA UNK C 2863 -48.03 124.15 48.82
C UNK C 2863 -48.77 125.27 48.12
N UNK C 2864 -44.52 116.35 33.77
CA UNK C 2864 -45.67 116.18 34.65
C UNK C 2864 -45.22 115.93 36.08
N UNK C 2865 -45.98 115.11 36.81
CA UNK C 2865 -45.65 114.77 38.17
C UNK C 2865 -44.35 113.99 38.27
N UNK C 2866 -44.04 113.22 37.22
CA UNK C 2866 -42.79 112.48 37.17
C UNK C 2866 -41.60 113.43 37.13
N UNK C 2867 -41.80 114.58 36.48
CA UNK C 2867 -40.80 115.63 36.50
C UNK C 2867 -40.64 116.20 37.90
N UNK C 2868 -41.72 116.23 38.66
CA UNK C 2868 -41.63 116.62 40.06
C UNK C 2868 -40.85 115.59 40.88
N UNK C 2869 -41.00 114.31 40.52
CA UNK C 2869 -40.22 113.28 41.16
C UNK C 2869 -38.74 113.44 40.81
N UNK C 2870 -38.49 113.89 39.59
CA UNK C 2870 -37.14 114.20 39.16
C UNK C 2870 -36.60 115.38 39.95
N UNK C 2871 -37.50 116.30 40.29
CA UNK C 2871 -37.15 117.43 41.14
C UNK C 2871 -36.84 116.96 42.56
N UNK C 2872 -37.45 115.85 42.96
CA UNK C 2872 -37.20 115.31 44.29
C UNK C 2872 -35.84 114.61 44.35
N UNK C 2873 -35.55 113.80 43.35
CA UNK C 2873 -34.24 113.15 43.29
C UNK C 2873 -33.15 114.21 43.10
N UNK C 2874 -33.47 115.26 42.35
CA UNK C 2874 -32.56 116.38 42.19
C UNK C 2874 -32.38 117.12 43.51
N UNK C 2875 -33.43 117.13 44.33
CA UNK C 2875 -33.32 117.68 45.67
C UNK C 2875 -32.40 116.84 46.53
N UNK C 2876 -32.42 115.53 46.31
CA UNK C 2876 -31.47 114.66 47.00
C UNK C 2876 -30.06 114.97 46.51
N UNK C 2877 -29.95 115.33 45.22
CA UNK C 2877 -28.67 115.74 44.68
C UNK C 2877 -28.20 117.05 45.30
N UNK C 2878 -29.17 117.92 45.63
CA UNK C 2878 -28.86 119.14 46.35
C UNK C 2878 -28.40 118.82 47.77
N UNK C 2879 -28.94 117.75 48.33
CA UNK C 2879 -28.48 117.28 49.63
C UNK C 2879 -27.04 116.79 49.52
N UNK C 2880 -26.71 116.18 48.38
CA UNK C 2880 -25.34 115.81 48.12
C UNK C 2880 -24.46 117.04 47.96
N UNK C 2881 -25.03 118.11 47.42
CA UNK C 2881 -24.30 119.38 47.31
C UNK C 2881 -24.04 119.97 48.68
N UNK C 2882 -24.97 119.74 49.60
CA UNK C 2882 -24.77 120.08 51.00
C UNK C 2882 -23.71 119.19 51.61
N UNK C 2883 -23.59 117.97 51.08
CA UNK C 2883 -22.59 117.03 51.56
C UNK C 2883 -21.22 117.30 50.96
N UNK C 2884 -21.17 118.17 49.96
CA UNK C 2884 -19.92 118.48 49.27
C UNK C 2884 -18.92 119.19 50.19
N UNK C 2885 -19.45 119.91 51.19
CA UNK C 2885 -18.61 120.65 52.11
C UNK C 2885 -18.70 120.08 53.53
N UNK C 2886 -28.59 131.89 49.97
CA UNK C 2886 -27.72 131.61 51.10
C UNK C 2886 -28.53 131.53 52.40
N UNK C 2887 -28.83 132.69 52.98
CA UNK C 2887 -29.61 132.74 54.20
C UNK C 2887 -31.09 132.52 53.92
N UNK C 2888 -31.47 132.59 52.65
CA UNK C 2888 -32.87 132.50 52.25
C UNK C 2888 -33.45 131.15 52.60
N UNK C 2889 -32.60 130.13 52.66
CA UNK C 2889 -33.05 128.80 53.01
C UNK C 2889 -33.59 128.76 54.43
N UNK C 2890 -33.06 129.63 55.29
CA UNK C 2890 -33.55 129.70 56.65
C UNK C 2890 -35.02 130.13 56.64
N UNK C 2891 -35.36 131.00 55.69
CA UNK C 2891 -36.74 131.46 55.57
C UNK C 2891 -37.63 130.30 55.18
N UNK C 2892 -37.07 129.33 54.49
CA UNK C 2892 -37.84 128.16 54.11
C UNK C 2892 -38.27 127.39 55.36
N UNK C 2893 -37.46 127.43 56.40
CA UNK C 2893 -37.87 126.82 57.66
C UNK C 2893 -39.05 127.57 58.25
N UNK C 2894 -39.05 128.89 58.06
CA UNK C 2894 -40.05 129.75 58.70
C UNK C 2894 -41.44 129.44 58.19
N UNK C 2895 -41.52 129.03 56.93
CA UNK C 2895 -42.78 128.57 56.37
C UNK C 2895 -43.03 127.13 56.76
N UNK C 2896 -41.98 126.32 56.77
CA UNK C 2896 -42.12 124.90 57.03
C UNK C 2896 -42.61 124.61 58.44
N UNK C 2897 -42.22 125.45 59.39
CA UNK C 2897 -42.63 125.26 60.77
C UNK C 2897 -44.02 125.82 61.03
N UNK C 2898 -44.26 127.03 60.56
CA UNK C 2898 -45.55 127.68 60.79
C UNK C 2898 -46.68 126.93 60.10
N UNK C 2899 -46.39 126.36 58.93
CA UNK C 2899 -47.37 125.54 58.24
C UNK C 2899 -47.65 124.29 59.07
N UNK C 2900 -46.61 123.82 59.76
CA UNK C 2900 -46.78 122.69 60.65
C UNK C 2900 -47.71 123.07 61.81
N UNK C 2901 -47.68 124.34 62.21
CA UNK C 2901 -48.63 124.78 63.22
C UNK C 2901 -50.04 124.66 62.65
N UNK C 2902 -50.18 124.94 61.35
CA UNK C 2902 -51.47 124.75 60.70
C UNK C 2902 -51.79 123.26 60.67
N UNK C 2903 -50.74 122.45 60.60
CA UNK C 2903 -50.92 121.00 60.61
C UNK C 2903 -51.44 120.56 61.97
N UNK C 2904 -51.19 121.37 63.00
CA UNK C 2904 -51.73 121.06 64.31
C UNK C 2904 -53.26 121.13 64.30
N UNK C 2905 -53.80 121.94 63.39
CA UNK C 2905 -55.25 122.03 63.25
C UNK C 2905 -55.85 120.72 62.76
N UNK C 2906 -55.03 119.95 62.04
CA UNK C 2906 -55.49 118.68 61.49
C UNK C 2906 -55.62 117.62 62.58
N UNK C 2907 -49.90 119.50 50.02
CA UNK C 2907 -49.56 119.67 51.43
C UNK C 2907 -48.32 118.87 51.81
N UNK C 2908 -48.30 117.61 51.41
CA UNK C 2908 -47.21 116.71 51.75
C UNK C 2908 -45.89 117.14 51.11
N UNK C 2909 -45.99 117.84 49.98
CA UNK C 2909 -44.78 118.24 49.25
C UNK C 2909 -43.91 119.17 50.06
N UNK C 2910 -44.52 120.02 50.89
CA UNK C 2910 -43.74 120.87 51.78
C UNK C 2910 -43.00 120.02 52.81
N UNK C 2911 -43.61 118.92 53.22
CA UNK C 2911 -42.96 117.96 54.10
C UNK C 2911 -41.82 117.26 53.38
N UNK C 2912 -41.96 117.12 52.07
CA UNK C 2912 -40.92 116.48 51.26
C UNK C 2912 -39.70 117.38 51.12
N UNK C 2913 -39.95 118.66 50.82
CA UNK C 2913 -38.86 119.62 50.75
C UNK C 2913 -38.22 119.81 52.12
N UNK C 2914 -39.03 119.71 53.16
CA UNK C 2914 -38.53 119.77 54.53
C UNK C 2914 -37.68 118.55 54.83
N UNK C 2915 -38.00 117.43 54.21
CA UNK C 2915 -37.28 116.19 54.42
C UNK C 2915 -35.93 116.22 53.73
N UNK C 2916 -35.92 116.67 52.47
CA UNK C 2916 -34.66 116.80 51.75
C UNK C 2916 -33.78 117.87 52.41
N UNK C 2917 -34.41 118.91 52.93
CA UNK C 2917 -33.67 119.92 53.67
C UNK C 2917 -33.12 119.34 54.97
N UNK C 2918 -33.85 118.40 55.55
CA UNK C 2918 -33.36 117.69 56.72
C UNK C 2918 -32.16 116.82 56.38
N UNK C 2919 -32.17 116.24 55.19
CA UNK C 2919 -31.02 115.49 54.71
C UNK C 2919 -29.84 116.43 54.50
N UNK C 2920 -30.14 117.65 54.08
CA UNK C 2920 -29.09 118.65 53.95
C UNK C 2920 -28.54 119.03 55.32
N UNK C 2921 -29.41 119.00 56.33
CA UNK C 2921 -28.99 119.21 57.71
C UNK C 2921 -28.10 118.07 58.19
N UNK C 2922 -28.38 116.85 57.73
CA UNK C 2922 -27.51 115.73 58.03
C UNK C 2922 -26.17 115.91 57.34
N UNK C 2923 -26.20 116.53 56.16
CA UNK C 2923 -24.96 116.86 55.47
C UNK C 2923 -24.18 117.91 56.25
N UNK C 2924 -24.90 118.80 56.91
CA UNK C 2924 -24.29 119.76 57.81
C UNK C 2924 -23.69 119.05 59.02
N UNK C 2925 -24.32 117.96 59.44
CA UNK C 2925 -23.79 117.14 60.51
C UNK C 2925 -22.51 116.46 60.05
N UNK C 2926 -22.42 116.17 58.76
CA UNK C 2926 -21.17 115.66 58.18
C UNK C 2926 -20.08 116.73 58.22
N UNK C 2927 -20.51 118.00 58.24
CA UNK C 2927 -19.57 119.12 58.24
C UNK C 2927 -19.40 119.70 59.64
N UNK C 2928 -28.46 132.93 62.02
CA UNK C 2928 -28.39 131.58 61.49
C UNK C 2928 -29.00 130.58 62.45
N UNK C 2929 -28.62 130.69 63.73
CA UNK C 2929 -29.16 129.83 64.78
C UNK C 2929 -30.66 130.06 65.00
N UNK C 2930 -31.13 131.25 64.64
CA UNK C 2930 -32.54 131.58 64.80
C UNK C 2930 -33.41 130.68 63.95
N UNK C 2931 -32.89 130.25 62.80
CA UNK C 2931 -33.59 129.28 61.98
C UNK C 2931 -33.71 127.95 62.73
N UNK C 2932 -32.68 127.62 63.51
CA UNK C 2932 -32.73 126.45 64.37
C UNK C 2932 -33.75 126.65 65.48
N UNK C 2933 -33.94 127.90 65.90
CA UNK C 2933 -35.01 128.21 66.84
C UNK C 2933 -36.37 128.01 66.18
N UNK C 2934 -36.45 128.26 64.88
CA UNK C 2934 -37.66 127.95 64.13
C UNK C 2934 -37.85 126.43 64.06
N UNK C 2935 -36.73 125.71 64.01
CA UNK C 2935 -36.79 124.26 64.08
C UNK C 2935 -37.31 123.82 65.45
N UNK C 2936 -36.98 124.60 66.47
CA UNK C 2936 -37.52 124.38 67.81
C UNK C 2936 -39.02 124.65 67.81
N UNK C 2937 -39.45 125.61 66.98
CA UNK C 2937 -40.87 125.86 66.82
C UNK C 2937 -41.54 124.67 66.14
N UNK C 2938 -40.80 124.02 65.24
CA UNK C 2938 -41.29 122.77 64.67
C UNK C 2938 -41.36 121.67 65.74
N UNK C 2939 -40.43 121.72 66.69
CA UNK C 2939 -40.43 120.77 67.78
C UNK C 2939 -41.65 120.98 68.67
N UNK C 2940 -42.04 122.23 68.84
CA UNK C 2940 -43.30 122.54 69.51
C UNK C 2940 -44.47 122.08 68.68
N UNK C 2941 -44.31 122.14 67.36
CA UNK C 2941 -45.36 121.72 66.45
C UNK C 2941 -45.62 120.22 66.54
N UNK C 2942 -44.57 119.46 66.81
CA UNK C 2942 -44.71 118.01 66.93
C UNK C 2942 -45.09 117.56 68.35
N UNK C 2943 -44.44 118.16 69.35
CA UNK C 2943 -44.66 117.77 70.73
C UNK C 2943 -46.06 118.11 71.24
N UNK C 2944 -46.65 119.18 70.69
CA UNK C 2944 -47.96 119.64 71.16
C UNK C 2944 -49.06 118.65 70.83
N UNK C 2945 -48.87 117.87 69.78
CA UNK C 2945 -49.88 116.91 69.34
C UNK C 2945 -49.55 115.50 69.83
N UNK C 2946 -46.94 108.72 59.90
CA UNK C 2946 -46.84 109.83 58.95
C UNK C 2946 -46.05 110.99 59.53
N UNK C 2947 -46.50 111.48 60.67
CA UNK C 2947 -45.83 112.57 61.35
C UNK C 2947 -44.45 112.16 61.86
N UNK C 2948 -44.27 110.86 62.07
CA UNK C 2948 -43.01 110.34 62.58
C UNK C 2948 -41.83 110.56 61.63
N UNK C 2949 -42.10 110.54 60.33
CA UNK C 2949 -41.06 110.87 59.37
C UNK C 2949 -40.62 112.33 59.50
N UNK C 2950 -41.59 113.19 59.77
CA UNK C 2950 -41.32 114.60 60.04
C UNK C 2950 -40.56 114.73 61.35
N UNK C 2951 -40.79 113.78 62.25
CA UNK C 2951 -40.12 113.77 63.55
C UNK C 2951 -38.66 113.41 63.39
N UNK C 2952 -38.39 112.37 62.60
CA UNK C 2952 -37.02 111.99 62.30
C UNK C 2952 -36.30 113.07 61.50
N UNK C 2953 -37.04 113.74 60.63
CA UNK C 2953 -36.48 114.87 59.90
C UNK C 2953 -36.13 116.01 60.85
N UNK C 2954 -36.95 116.17 61.90
CA UNK C 2954 -36.66 117.12 62.95
C UNK C 2954 -35.43 116.71 63.72
N UNK C 2955 -35.22 115.40 63.85
CA UNK C 2955 -34.02 114.90 64.48
C UNK C 2955 -32.81 115.21 63.61
N UNK C 2956 -32.99 115.19 62.30
CA UNK C 2956 -31.94 115.64 61.39
C UNK C 2956 -31.68 117.12 61.56
N UNK C 2957 -32.74 117.86 61.86
CA UNK C 2957 -32.63 119.29 62.12
C UNK C 2957 -31.91 119.58 63.44
N UNK C 2958 -31.97 118.61 64.35
CA UNK C 2958 -31.47 118.78 65.70
C UNK C 2958 -29.96 118.99 65.75
N UNK C 2959 -29.26 118.47 64.76
CA UNK C 2959 -27.81 118.59 64.72
C UNK C 2959 -27.38 119.96 64.19
N UNK C 2960 -28.85 125.54 75.20
CA UNK C 2960 -29.79 124.44 74.98
C UNK C 2960 -30.00 123.65 76.27
N UNK C 2961 -29.81 124.30 77.41
CA UNK C 2961 -30.03 123.66 78.69
C UNK C 2961 -31.51 123.30 78.87
N UNK C 2962 -32.38 124.09 78.25
CA UNK C 2962 -33.81 123.80 78.29
C UNK C 2962 -34.10 122.50 77.55
N UNK C 2963 -33.32 122.23 76.50
CA UNK C 2963 -33.38 120.95 75.81
C UNK C 2963 -32.90 119.82 76.70
N UNK C 2964 -32.00 120.13 77.64
CA UNK C 2964 -31.48 119.11 78.55
C UNK C 2964 -32.51 118.77 79.63
N UNK C 2965 -33.13 119.79 80.21
CA UNK C 2965 -34.20 119.56 81.18
C UNK C 2965 -35.39 118.89 80.52
N UNK C 2966 -35.64 119.25 79.26
CA UNK C 2966 -36.68 118.61 78.49
C UNK C 2966 -36.32 117.16 78.21
N UNK C 2967 -35.02 116.89 78.05
CA UNK C 2967 -34.53 115.53 77.91
C UNK C 2967 -34.73 114.74 79.20
N UNK C 2968 -34.61 115.43 80.33
CA UNK C 2968 -34.89 114.79 81.61
C UNK C 2968 -36.37 114.47 81.70
N UNK C 2969 -37.19 115.34 81.15
CA UNK C 2969 -38.62 115.07 81.06
C UNK C 2969 -38.90 113.88 80.14
N UNK C 2970 -38.08 113.74 79.10
CA UNK C 2970 -38.16 112.60 78.20
C UNK C 2970 -37.77 111.32 78.91
N UNK C 2971 -36.87 111.44 79.88
CA UNK C 2971 -36.42 110.30 80.66
C UNK C 2971 -37.49 109.86 81.64
N UNK C 2972 -38.10 110.84 82.31
CA UNK C 2972 -39.18 110.54 83.22
C UNK C 2972 -40.37 109.97 82.47
N UNK C 2973 -40.58 110.46 81.25
CA UNK C 2973 -41.61 109.91 80.38
C UNK C 2973 -41.27 108.49 79.96
N UNK C 2974 -39.97 108.22 79.80
CA UNK C 2974 -39.52 106.88 79.48
C UNK C 2974 -39.78 105.95 80.64
N UNK C 2975 -39.69 106.49 81.85
CA UNK C 2975 -39.95 105.72 83.07
C UNK C 2975 -41.42 105.37 83.21
N UNK C 2976 -42.29 106.15 82.58
CA UNK C 2976 -43.73 106.06 82.79
C UNK C 2976 -44.34 104.73 82.35
N UNK C 2977 -43.70 104.08 81.38
CA UNK C 2977 -44.23 102.83 80.86
C UNK C 2977 -43.38 101.64 81.31
N UNK C 2978 -50.39 103.74 74.86
CA UNK C 2978 -49.51 104.79 75.35
C UNK C 2978 -48.23 104.86 74.53
N UNK C 2979 -48.02 103.84 73.70
CA UNK C 2979 -46.81 103.76 72.89
C UNK C 2979 -46.72 104.92 71.90
N UNK C 2980 -47.87 105.41 71.45
CA UNK C 2980 -47.89 106.52 70.50
C UNK C 2980 -47.32 107.79 71.12
N UNK C 2981 -47.56 107.99 72.40
CA UNK C 2981 -46.96 109.11 73.11
C UNK C 2981 -45.45 108.95 73.21
N UNK C 2982 -45.01 107.70 73.37
CA UNK C 2982 -43.59 107.41 73.39
C UNK C 2982 -42.97 107.72 72.04
N UNK C 2983 -43.74 107.50 70.98
CA UNK C 2983 -43.31 107.90 69.65
C UNK C 2983 -43.27 109.42 69.54
N UNK C 2984 -44.20 110.08 70.23
CA UNK C 2984 -44.21 111.54 70.23
C UNK C 2984 -42.99 112.13 70.92
N UNK C 2985 -42.50 111.42 71.95
CA UNK C 2985 -41.29 111.83 72.64
C UNK C 2985 -40.04 111.31 71.93
N UNK C 2986 -40.23 110.38 71.00
CA UNK C 2986 -39.10 109.72 70.35
C UNK C 2986 -38.27 110.69 69.53
N UNK C 2987 -38.92 111.69 68.94
CA UNK C 2987 -38.18 112.73 68.23
C UNK C 2987 -37.31 113.52 69.17
N UNK C 2988 -37.82 113.75 70.39
CA UNK C 2988 -37.05 114.40 71.43
C UNK C 2988 -35.88 113.53 71.87
N UNK C 2989 -36.09 112.21 71.80
CA UNK C 2989 -35.04 111.29 72.20
C UNK C 2989 -33.92 111.25 71.18
N UNK C 2990 -34.29 111.19 69.90
CA UNK C 2990 -33.30 111.23 68.83
C UNK C 2990 -32.59 112.58 68.79
N UNK C 2991 -33.33 113.64 69.13
CA UNK C 2991 -32.71 114.95 69.25
C UNK C 2991 -31.73 114.97 70.41
N UNK C 2992 -32.04 114.21 71.46
CA UNK C 2992 -31.11 114.06 72.56
C UNK C 2992 -29.87 113.29 72.11
N UNK C 2993 -30.07 112.37 71.18
CA UNK C 2993 -28.93 111.67 70.59
C UNK C 2993 -28.09 112.64 69.76
N UNK C 2994 -28.75 113.61 69.16
CA UNK C 2994 -28.04 114.69 68.46
C UNK C 2994 -27.29 115.55 69.45
N UNK C 2995 -27.82 115.67 70.67
CA UNK C 2995 -27.21 116.47 71.72
C UNK C 2995 -25.89 115.87 72.19
N UNK C 2996 -25.73 114.56 71.99
CA UNK C 2996 -24.52 113.86 72.38
C UNK C 2996 -23.30 114.37 71.61
N UNK C 2997 -23.55 114.88 70.41
CA UNK C 2997 -22.47 115.39 69.56
C UNK C 2997 -22.03 116.78 69.99
N UNK C 2998 -18.71 112.15 78.84
CA UNK C 2998 -19.09 113.11 79.87
C UNK C 2998 -20.54 112.91 80.30
N UNK C 2999 -21.32 113.99 80.25
CA UNK C 2999 -22.75 113.91 80.55
C UNK C 2999 -23.46 113.07 79.50
N UNK C 3000 -22.86 113.00 78.32
CA UNK C 3000 -23.42 112.23 77.22
C UNK C 3000 -23.45 110.75 77.53
N UNK C 3001 -22.56 110.30 78.41
CA UNK C 3001 -22.55 108.90 78.82
C UNK C 3001 -23.74 108.54 79.71
N UNK C 3002 -24.00 109.37 80.72
CA UNK C 3002 -25.16 109.14 81.57
C UNK C 3002 -26.46 109.37 80.80
N UNK C 3003 -26.41 110.30 79.85
CA UNK C 3003 -27.55 110.50 78.96
C UNK C 3003 -27.74 109.28 78.09
N UNK C 3004 -26.63 108.62 77.75
CA UNK C 3004 -26.68 107.36 77.03
C UNK C 3004 -27.28 106.27 77.90
N UNK C 3005 -27.05 106.34 79.21
CA UNK C 3005 -27.71 105.42 80.12
C UNK C 3005 -29.21 105.70 80.16
N UNK C 3006 -29.58 106.98 80.02
CA UNK C 3006 -30.99 107.32 79.91
C UNK C 3006 -31.57 106.78 78.61
N UNK C 3007 -30.74 106.74 77.58
CA UNK C 3007 -31.12 106.13 76.31
C UNK C 3007 -31.28 104.62 76.48
N UNK C 3008 -30.50 104.04 77.38
CA UNK C 3008 -30.63 102.64 77.74
C UNK C 3008 -31.92 102.40 78.50
N UNK C 3009 -32.38 103.43 79.21
CA UNK C 3009 -33.64 103.36 79.93
C UNK C 3009 -34.82 103.43 78.97
N UNK C 3010 -34.76 104.37 78.03
CA UNK C 3010 -35.81 104.49 77.02
C UNK C 3010 -35.83 103.24 76.14
N UNK C 3011 -34.64 102.68 75.91
CA UNK C 3011 -34.52 101.41 75.21
C UNK C 3011 -35.12 100.27 76.04
N UNK C 3012 -35.01 100.39 77.37
CA UNK C 3012 -35.64 99.43 78.26
C UNK C 3012 -37.16 99.52 78.18
N UNK C 3013 -37.67 100.74 77.96
CA UNK C 3013 -39.10 100.95 77.86
C UNK C 3013 -39.64 100.44 76.52
N UNK C 3014 -38.90 100.73 75.46
CA UNK C 3014 -39.25 100.23 74.15
C UNK C 3014 -39.14 98.71 74.14
N UNK C 3015 -38.21 98.18 74.94
CA UNK C 3015 -38.12 96.74 75.16
C UNK C 3015 -39.33 96.22 75.92
N UNK C 3016 -39.87 97.05 76.82
CA UNK C 3016 -41.09 96.67 77.51
C UNK C 3016 -42.23 96.61 76.52
N UNK C 3017 -42.18 97.47 75.51
CA UNK C 3017 -43.09 97.36 74.37
C UNK C 3017 -42.79 96.09 73.57
N UNK C 3018 -41.52 95.69 73.56
CA UNK C 3018 -41.09 94.53 72.79
C UNK C 3018 -41.49 93.23 73.46
N UNK C 3019 -41.86 93.32 74.74
CA UNK C 3019 -42.36 92.16 75.46
C UNK C 3019 -43.67 91.69 74.83
N UNK C 3020 -44.37 92.62 74.20
CA UNK C 3020 -45.61 92.31 73.51
C UNK C 3020 -45.37 92.16 72.01
N UNK C 3021 -46.09 98.70 64.70
CA UNK C 3021 -45.94 98.48 63.26
C UNK C 3021 -44.84 99.36 62.68
N UNK C 3022 -45.21 100.25 61.77
CA UNK C 3022 -44.24 101.18 61.18
C UNK C 3022 -43.70 102.14 62.22
N UNK C 3023 -44.52 102.47 63.23
CA UNK C 3023 -44.05 103.28 64.33
C UNK C 3023 -42.98 102.55 65.12
N UNK C 3024 -43.11 101.22 65.19
CA UNK C 3024 -42.08 100.39 65.79
C UNK C 3024 -40.81 100.43 64.94
N UNK C 3025 -40.97 100.57 63.63
CA UNK C 3025 -39.82 100.77 62.76
C UNK C 3025 -39.18 102.13 63.04
N UNK C 3026 -40.00 103.11 63.41
CA UNK C 3026 -39.47 104.39 63.86
C UNK C 3026 -38.71 104.22 65.17
N UNK C 3027 -39.17 103.28 65.99
CA UNK C 3027 -38.42 102.92 67.19
C UNK C 3027 -37.10 102.25 66.83
N UNK C 3028 -37.09 101.53 65.70
CA UNK C 3028 -35.85 101.01 65.15
C UNK C 3028 -34.94 102.13 64.69
N UNK C 3029 -35.53 103.22 64.19
CA UNK C 3029 -34.76 104.40 63.85
C UNK C 3029 -34.19 105.01 65.12
N UNK C 3030 -34.93 104.89 66.21
CA UNK C 3030 -34.43 105.29 67.52
C UNK C 3030 -33.29 104.37 67.95
N UNK C 3031 -33.34 103.11 67.51
CA UNK C 3031 -32.23 102.19 67.73
C UNK C 3031 -31.02 102.60 66.90
N UNK C 3032 -31.26 103.25 65.77
CA UNK C 3032 -30.17 103.74 64.93
C UNK C 3032 -29.52 104.97 65.57
N UNK C 3033 -30.36 105.86 66.10
CA UNK C 3033 -29.84 107.03 66.81
C UNK C 3033 -29.12 106.57 68.07
N UNK C 3034 -29.59 105.47 68.65
CA UNK C 3034 -28.90 104.84 69.77
C UNK C 3034 -27.56 104.26 69.32
N UNK C 3035 -27.51 103.78 68.07
CA UNK C 3035 -26.26 103.28 67.52
C UNK C 3035 -25.28 104.43 67.36
N UNK C 3036 -25.82 105.61 67.06
CA UNK C 3036 -25.02 106.82 67.11
C UNK C 3036 -24.63 107.17 68.54
N UNK C 3037 -25.48 106.76 69.49
CA UNK C 3037 -25.30 107.10 70.90
C UNK C 3037 -24.34 106.15 71.60
N UNK C 3038 -23.92 105.10 70.90
CA UNK C 3038 -23.04 104.07 71.45
C UNK C 3038 -21.79 104.67 72.08
N UNK C 3039 -22.23 100.73 82.62
CA UNK C 3039 -22.63 100.19 81.32
C UNK C 3039 -22.93 98.70 81.41
N UNK C 3040 -22.14 97.98 82.20
CA UNK C 3040 -22.34 96.55 82.36
C UNK C 3040 -23.68 96.23 83.01
N UNK C 3041 -24.15 97.09 83.91
CA UNK C 3041 -25.49 96.95 84.46
C UNK C 3041 -26.56 97.19 83.40
N UNK C 3042 -26.27 98.11 82.48
CA UNK C 3042 -27.16 98.37 81.37
C UNK C 3042 -27.20 97.15 80.45
N UNK C 3043 -26.08 96.45 80.41
CA UNK C 3043 -25.98 95.20 79.66
C UNK C 3043 -26.60 94.06 80.45
N UNK C 3044 -26.87 94.29 81.73
CA UNK C 3044 -27.57 93.30 82.54
C UNK C 3044 -29.08 93.43 82.34
N UNK C 3045 -29.58 94.67 82.35
CA UNK C 3045 -30.97 94.88 81.99
C UNK C 3045 -31.20 94.50 80.53
N UNK C 3046 -30.19 94.76 79.70
CA UNK C 3046 -30.23 94.34 78.31
C UNK C 3046 -30.17 92.82 78.24
N UNK C 3047 -29.50 92.20 79.20
CA UNK C 3047 -29.50 90.75 79.28
C UNK C 3047 -30.89 90.25 79.62
N UNK C 3048 -31.61 90.99 80.46
CA UNK C 3048 -33.00 90.66 80.74
C UNK C 3048 -33.89 90.83 79.51
N UNK C 3049 -33.55 91.82 78.68
CA UNK C 3049 -34.35 92.11 77.49
C UNK C 3049 -34.13 91.06 76.42
N UNK C 3050 -32.86 90.72 76.19
CA UNK C 3050 -32.50 89.68 75.27
C UNK C 3050 -32.97 88.32 75.77
N UNK C 3051 -33.02 88.16 77.08
CA UNK C 3051 -33.61 86.97 77.66
C UNK C 3051 -35.11 86.92 77.39
N UNK C 3052 -35.74 88.09 77.36
CA UNK C 3052 -37.14 88.16 76.96
C UNK C 3052 -37.28 87.79 75.50
N UNK C 3053 -36.29 88.16 74.70
CA UNK C 3053 -36.26 87.79 73.30
C UNK C 3053 -36.05 86.29 73.12
N UNK C 3054 -35.36 85.68 74.08
CA UNK C 3054 -35.06 84.26 74.02
C UNK C 3054 -36.27 83.44 74.45
N UNK C 3055 -36.92 83.88 75.52
CA UNK C 3055 -38.16 83.25 75.97
C UNK C 3055 -39.25 83.42 74.92
N UNK C 3056 -39.21 84.56 74.22
CA UNK C 3056 -40.19 84.82 73.16
C UNK C 3056 -39.91 83.99 71.92
N UNK C 3057 -38.64 83.85 71.57
CA UNK C 3057 -38.24 83.00 70.45
C UNK C 3057 -38.50 81.53 70.73
N UNK C 3058 -38.41 81.16 72.00
CA UNK C 3058 -38.62 79.78 72.42
C UNK C 3058 -40.09 79.46 72.49
N UNK C 3059 -40.88 80.39 73.00
CA UNK C 3059 -42.33 80.26 72.98
C UNK C 3059 -42.82 80.25 71.54
N UNK C 3060 -42.13 81.00 70.68
CA UNK C 3060 -42.39 80.97 69.25
C UNK C 3060 -42.02 79.62 68.65
N UNK C 3061 -40.99 78.99 69.21
CA UNK C 3061 -40.64 77.64 68.81
C UNK C 3061 -41.73 76.68 69.23
N UNK C 3062 -42.36 76.97 70.36
CA UNK C 3062 -43.53 76.22 70.81
C UNK C 3062 -44.71 76.48 69.89
N UNK C 3063 -44.73 77.66 69.26
CA UNK C 3063 -45.79 78.02 68.34
C UNK C 3063 -45.65 77.29 67.02
N UNK C 3064 -44.42 77.20 66.53
CA UNK C 3064 -44.13 76.38 65.36
C UNK C 3064 -44.38 74.91 65.68
N UNK C 3065 -44.13 74.55 66.95
CA UNK C 3065 -44.46 73.21 67.40
C UNK C 3065 -45.96 72.98 67.35
N UNK C 3066 -46.73 74.03 67.64
CA UNK C 3066 -48.18 73.98 67.47
C UNK C 3066 -48.54 73.87 66.00
N UNK C 3067 -47.72 74.47 65.15
CA UNK C 3067 -47.90 74.36 63.71
C UNK C 3067 -47.66 72.93 63.26
N UNK C 3068 -46.79 72.23 63.98
CA UNK C 3068 -46.49 70.84 63.67
C UNK C 3068 -47.71 69.96 63.87
N UNK C 3069 -48.60 70.38 64.76
CA UNK C 3069 -49.82 69.64 65.06
C UNK C 3069 -51.00 70.57 65.30
N UNK C 3070 -50.19 80.98 63.41
CA UNK C 3070 -49.45 80.67 64.63
C UNK C 3070 -48.14 81.44 64.68
N UNK C 3071 -47.14 80.94 63.97
CA UNK C 3071 -45.81 81.56 63.94
C UNK C 3071 -45.85 82.94 63.30
N UNK C 3072 -46.82 83.16 62.43
CA UNK C 3072 -46.89 84.43 61.69
C UNK C 3072 -47.11 85.61 62.63
N UNK C 3073 -47.83 85.38 63.73
CA UNK C 3073 -47.96 86.40 64.76
C UNK C 3073 -46.63 86.64 65.46
N UNK C 3074 -45.81 85.60 65.53
CA UNK C 3074 -44.51 85.69 66.16
C UNK C 3074 -43.45 86.27 65.23
N UNK C 3075 -43.78 86.40 63.96
CA UNK C 3075 -42.81 86.89 62.98
C UNK C 3075 -42.43 88.35 63.22
N UNK C 3076 -43.43 89.19 63.47
CA UNK C 3076 -43.15 90.59 63.76
C UNK C 3076 -42.38 90.74 65.06
N UNK C 3077 -42.66 89.87 66.02
CA UNK C 3077 -41.91 89.85 67.26
C UNK C 3077 -40.46 89.45 67.01
N UNK C 3078 -40.26 88.56 66.03
CA UNK C 3078 -38.92 88.18 65.60
C UNK C 3078 -38.23 89.35 64.93
N UNK C 3079 -39.01 90.21 64.28
CA UNK C 3079 -38.45 91.38 63.61
C UNK C 3079 -38.02 92.44 64.62
N UNK C 3080 -38.87 92.71 65.61
CA UNK C 3080 -38.52 93.64 66.65
C UNK C 3080 -37.34 93.11 67.46
N UNK C 3081 -37.30 91.79 67.62
CA UNK C 3081 -36.18 91.16 68.28
C UNK C 3081 -34.91 91.30 67.44
N UNK C 3082 -35.06 91.30 66.13
CA UNK C 3082 -33.93 91.58 65.25
C UNK C 3082 -33.47 93.03 65.40
N UNK C 3083 -34.42 93.92 65.67
CA UNK C 3083 -34.07 95.30 65.96
C UNK C 3083 -33.31 95.39 67.28
N UNK C 3084 -33.68 94.52 68.22
CA UNK C 3084 -32.96 94.42 69.47
C UNK C 3084 -31.56 93.89 69.23
N UNK C 3085 -31.43 93.02 68.24
CA UNK C 3085 -30.11 92.54 67.83
C UNK C 3085 -29.31 93.66 67.21
N UNK C 3086 -29.98 94.59 66.54
CA UNK C 3086 -29.32 95.78 66.04
C UNK C 3086 -28.88 96.66 67.20
N UNK C 3087 -29.65 96.67 68.27
CA UNK C 3087 -29.25 97.38 69.47
C UNK C 3087 -28.04 96.73 70.08
N UNK C 3088 -27.95 95.40 69.96
CA UNK C 3088 -26.76 94.69 70.38
C UNK C 3088 -25.58 95.04 69.50
N UNK C 3089 -25.86 95.30 68.22
CA UNK C 3089 -24.82 95.74 67.30
C UNK C 3089 -24.31 97.11 67.68
N UNK C 3090 -25.20 97.94 68.23
CA UNK C 3090 -24.79 99.23 68.74
C UNK C 3090 -23.90 99.05 69.97
N UNK C 3091 -24.17 98.00 70.73
CA UNK C 3091 -23.44 97.69 71.94
C UNK C 3091 -22.19 96.87 71.68
N UNK C 3092 -21.99 96.45 70.44
CA UNK C 3092 -21.10 95.33 70.14
C UNK C 3092 -19.61 95.64 70.30
N UNK C 3093 -18.07 96.44 74.43
CA UNK C 3093 -18.38 95.02 74.74
C UNK C 3093 -17.28 94.00 74.46
N UNK C 3094 -16.98 93.71 73.20
CA UNK C 3094 -16.06 92.63 72.90
C UNK C 3094 -14.66 92.87 73.44
N UNK C 3095 -14.22 94.12 73.45
CA UNK C 3095 -12.92 94.42 74.05
C UNK C 3095 -13.00 94.16 75.54
N UNK C 3096 -14.14 94.53 76.14
CA UNK C 3096 -14.40 94.23 77.54
C UNK C 3096 -14.49 92.73 77.72
N UNK C 3097 -14.93 92.04 76.68
CA UNK C 3097 -15.01 90.58 76.75
C UNK C 3097 -13.60 90.02 76.86
N UNK C 3098 -12.62 90.72 76.31
CA UNK C 3098 -11.24 90.27 76.44
C UNK C 3098 -10.82 90.32 77.90
N UNK C 3099 -11.38 91.28 78.64
CA UNK C 3099 -11.16 91.35 80.09
C UNK C 3099 -11.83 90.18 80.82
N UNK C 3100 -12.90 89.64 80.23
CA UNK C 3100 -13.68 88.60 80.87
C UNK C 3100 -12.89 87.31 81.05
N UNK C 3101 -11.91 87.11 80.19
CA UNK C 3101 -11.09 85.90 80.26
C UNK C 3101 -10.14 85.95 81.45
N UNK C 3102 -17.37 86.97 82.95
CA UNK C 3102 -17.73 85.63 82.52
C UNK C 3102 -19.23 85.50 82.27
N UNK C 3103 -20.01 86.27 83.03
CA UNK C 3103 -21.46 86.26 82.87
C UNK C 3103 -21.87 86.79 81.51
N UNK C 3104 -21.05 87.68 80.95
CA UNK C 3104 -21.32 88.23 79.62
C UNK C 3104 -21.26 87.11 78.59
N UNK C 3105 -20.40 86.14 78.83
CA UNK C 3105 -20.31 84.95 77.98
C UNK C 3105 -21.58 84.12 78.10
N UNK C 3106 -22.23 84.19 79.26
CA UNK C 3106 -23.47 83.45 79.48
C UNK C 3106 -24.64 84.12 78.78
N UNK C 3107 -24.70 85.45 78.86
CA UNK C 3107 -25.72 86.19 78.12
C UNK C 3107 -25.50 86.02 76.62
N UNK C 3108 -24.23 85.92 76.24
CA UNK C 3108 -23.89 85.61 74.86
C UNK C 3108 -24.34 84.21 74.50
N UNK C 3109 -24.32 83.31 75.48
CA UNK C 3109 -24.84 81.97 75.30
C UNK C 3109 -26.36 82.00 75.12
N UNK C 3110 -26.99 82.98 75.75
CA UNK C 3110 -28.44 83.14 75.60
C UNK C 3110 -28.79 83.66 74.22
N UNK C 3111 -28.06 84.69 73.77
CA UNK C 3111 -28.29 85.24 72.45
C UNK C 3111 -27.94 84.24 71.36
N UNK C 3112 -26.95 83.40 71.64
CA UNK C 3112 -26.51 82.38 70.71
C UNK C 3112 -27.51 81.24 70.62
N UNK C 3113 -28.03 80.82 71.77
CA UNK C 3113 -29.07 79.80 71.78
C UNK C 3113 -30.33 80.30 71.09
N UNK C 3114 -30.59 81.60 71.26
CA UNK C 3114 -31.70 82.23 70.55
C UNK C 3114 -31.44 82.24 69.05
N UNK C 3115 -30.18 82.41 68.68
CA UNK C 3115 -29.81 82.34 67.28
C UNK C 3115 -29.98 80.93 66.74
N UNK C 3116 -29.77 79.94 67.61
CA UNK C 3116 -30.03 78.56 67.26
C UNK C 3116 -31.53 78.35 67.07
N UNK C 3117 -32.33 79.08 67.85
CA UNK C 3117 -33.77 79.04 67.64
C UNK C 3117 -34.13 79.68 66.30
N UNK C 3118 -33.36 80.68 65.90
CA UNK C 3118 -33.52 81.27 64.57
C UNK C 3118 -33.13 80.27 63.48
N UNK C 3119 -32.18 79.40 63.82
CA UNK C 3119 -31.70 78.38 62.89
C UNK C 3119 -32.75 77.32 62.63
N UNK C 3120 -33.67 77.16 63.58
CA UNK C 3120 -34.71 76.14 63.49
C UNK C 3120 -35.66 76.41 62.33
N UNK C 3121 -38.33 77.36 60.87
CA UNK C 3121 -37.76 77.30 59.53
C UNK C 3121 -38.39 78.35 58.63
N UNK C 3122 -39.69 78.21 58.38
CA UNK C 3122 -40.42 79.13 57.52
C UNK C 3122 -40.47 80.53 58.13
N UNK C 3123 -40.39 80.60 59.46
CA UNK C 3123 -40.46 81.88 60.14
C UNK C 3123 -39.29 82.78 59.77
N UNK C 3124 -38.12 82.20 59.51
CA UNK C 3124 -37.00 82.98 59.01
C UNK C 3124 -37.31 83.56 57.64
N UNK C 3125 -38.05 82.80 56.84
CA UNK C 3125 -38.50 83.30 55.55
C UNK C 3125 -39.51 84.44 55.75
N UNK C 3126 -40.28 84.35 56.82
CA UNK C 3126 -41.20 85.43 57.16
C UNK C 3126 -40.41 86.67 57.56
N UNK C 3127 -39.26 86.47 58.19
CA UNK C 3127 -38.36 87.58 58.47
C UNK C 3127 -37.79 88.15 57.18
N UNK C 3128 -37.59 87.28 56.20
CA UNK C 3128 -37.06 87.71 54.91
C UNK C 3128 -38.07 88.57 54.16
N UNK C 3129 -39.34 88.15 54.19
CA UNK C 3129 -40.42 88.95 53.63
C UNK C 3129 -40.61 90.23 54.42
N UNK C 3130 -40.33 90.16 55.71
CA UNK C 3130 -40.40 91.32 56.57
C UNK C 3130 -39.33 92.34 56.19
N UNK C 3131 -38.21 91.83 55.69
CA UNK C 3131 -37.13 92.68 55.22
C UNK C 3131 -37.44 93.25 53.85
N UNK C 3132 -38.02 92.40 53.00
CA UNK C 3132 -38.39 92.81 51.65
C UNK C 3132 -39.47 93.88 51.68
N UNK C 3133 -40.32 93.83 52.70
CA UNK C 3133 -41.39 94.80 52.86
C UNK C 3133 -40.87 96.10 53.48
N UNK C 3134 -39.63 96.05 53.97
CA UNK C 3134 -39.05 97.21 54.63
C UNK C 3134 -38.01 97.88 53.74
N UNK C 3135 -23.89 90.14 63.56
CA UNK C 3135 -24.80 89.04 63.86
C UNK C 3135 -24.36 88.28 65.11
N UNK C 3136 -24.40 86.96 65.04
CA UNK C 3136 -24.07 86.11 66.18
C UNK C 3136 -22.58 85.89 66.31
N UNK C 3137 -21.80 86.40 65.36
CA UNK C 3137 -20.38 86.07 65.29
C UNK C 3137 -19.60 86.57 66.51
N UNK C 3138 -20.02 87.67 67.09
CA UNK C 3138 -19.40 88.14 68.33
C UNK C 3138 -19.65 87.14 69.46
N UNK C 3139 -20.84 86.53 69.44
CA UNK C 3139 -21.15 85.47 70.38
C UNK C 3139 -20.29 84.24 70.12
N UNK C 3140 -19.91 84.03 68.86
CA UNK C 3140 -18.94 82.99 68.54
C UNK C 3140 -17.57 83.35 69.11
N UNK C 3141 -17.27 84.64 69.16
CA UNK C 3141 -16.04 85.09 69.81
C UNK C 3141 -16.14 84.80 71.30
N UNK C 3142 -17.35 84.90 71.83
CA UNK C 3142 -17.60 84.47 73.21
C UNK C 3142 -17.43 82.97 73.36
N UNK C 3143 -17.71 82.22 72.30
CA UNK C 3143 -17.45 80.79 72.29
C UNK C 3143 -15.95 80.54 72.32
N UNK C 3144 -15.18 81.43 71.70
CA UNK C 3144 -13.74 81.38 71.82
C UNK C 3144 -13.33 81.71 73.25
N UNK C 3145 -14.10 82.58 73.90
CA UNK C 3145 -13.88 82.91 75.30
C UNK C 3145 -14.18 81.73 76.21
N UNK C 3146 -15.07 80.84 75.76
CA UNK C 3146 -15.52 79.71 76.57
C UNK C 3146 -14.39 78.73 76.84
N UNK C 3147 -13.40 78.69 75.96
CA UNK C 3147 -12.26 77.80 76.10
C UNK C 3147 -11.42 78.16 77.33
N UNK C 3148 -11.45 79.42 77.72
CA UNK C 3148 -10.68 79.91 78.86
C UNK C 3148 -11.26 79.40 80.18
N UNK C 3149 -7.29 84.36 81.65
CA UNK C 3149 -6.92 84.93 80.36
C UNK C 3149 -5.60 84.34 79.86
N UNK C 3150 -4.68 84.10 80.78
CA UNK C 3150 -3.39 83.52 80.44
C UNK C 3150 -3.55 82.08 79.94
N UNK C 3151 -4.63 81.44 80.34
CA UNK C 3151 -4.90 80.07 79.91
C UNK C 3151 -5.09 80.02 78.40
N UNK C 3152 -5.62 81.10 77.82
CA UNK C 3152 -5.69 81.19 76.37
C UNK C 3152 -4.29 81.29 75.76
N UNK C 3153 -3.37 81.93 76.46
CA UNK C 3153 -1.98 81.96 75.99
C UNK C 3153 -1.40 80.57 76.07
N UNK C 3154 -1.83 79.80 77.05
CA UNK C 3154 -1.47 78.40 77.15
C UNK C 3154 -2.08 77.62 76.00
N UNK C 3155 -3.23 78.09 75.52
CA UNK C 3155 -3.89 77.43 74.39
C UNK C 3155 -3.11 77.68 73.11
N UNK C 3156 -2.66 78.91 72.92
CA UNK C 3156 -1.81 79.21 71.77
C UNK C 3156 -0.49 78.46 71.87
N UNK C 3157 -0.01 78.29 73.09
CA UNK C 3157 1.20 77.52 73.34
C UNK C 3157 1.00 76.04 73.02
N UNK C 3158 -0.24 75.57 73.18
CA UNK C 3158 -0.56 74.15 73.00
C UNK C 3158 -0.74 73.80 71.52
N UNK C 3159 -0.81 74.81 70.67
CA UNK C 3159 -1.03 74.60 69.25
C UNK C 3159 0.21 74.01 68.59
N UNK C 3160 -5.96 74.93 75.40
CA UNK C 3160 -5.88 73.57 74.89
C UNK C 3160 -7.25 72.91 74.92
N UNK C 3161 -8.12 73.39 75.79
CA UNK C 3161 -9.46 72.83 75.94
C UNK C 3161 -10.29 73.03 74.68
N UNK C 3162 -9.96 74.05 73.90
CA UNK C 3162 -10.75 74.40 72.73
C UNK C 3162 -10.77 73.29 71.67
N UNK C 3163 -9.68 72.53 71.58
CA UNK C 3163 -9.69 71.35 70.71
C UNK C 3163 -10.68 70.31 71.20
N UNK C 3164 -10.80 70.19 72.53
CA UNK C 3164 -11.79 69.30 73.12
C UNK C 3164 -13.17 69.82 72.81
N UNK C 3165 -13.29 71.15 72.72
CA UNK C 3165 -14.54 71.75 72.28
C UNK C 3165 -14.83 71.42 70.82
N UNK C 3166 -13.78 71.28 70.02
CA UNK C 3166 -13.96 70.81 68.65
C UNK C 3166 -14.41 69.36 68.64
N UNK C 3167 -13.95 68.59 69.63
CA UNK C 3167 -14.46 67.23 69.80
C UNK C 3167 -15.92 67.27 70.18
N UNK C 3168 -16.30 68.31 70.92
CA UNK C 3168 -17.70 68.54 71.24
C UNK C 3168 -18.49 68.89 69.97
N UNK C 3169 -17.83 69.56 69.03
CA UNK C 3169 -18.43 69.78 67.72
C UNK C 3169 -18.59 68.46 66.98
N UNK C 3170 -17.66 67.54 67.21
CA UNK C 3170 -17.81 66.19 66.65
C UNK C 3170 -19.00 65.50 67.28
N UNK C 3171 -19.27 65.81 68.55
CA UNK C 3171 -20.50 65.38 69.18
C UNK C 3171 -21.72 66.07 68.56
N UNK C 3172 -21.49 67.27 68.05
CA UNK C 3172 -22.55 68.08 67.44
C UNK C 3172 -22.81 67.61 66.01
N UNK C 3173 -21.93 66.76 65.50
CA UNK C 3173 -22.12 66.18 64.18
C UNK C 3173 -23.36 65.31 64.16
N UNK C 3174 -23.71 64.77 65.34
CA UNK C 3174 -24.90 63.95 65.49
C UNK C 3174 -26.16 64.78 65.32
N UNK C 3175 -27.91 68.69 72.93
CA UNK C 3175 -26.49 68.36 73.00
C UNK C 3175 -26.16 67.64 74.31
N UNK C 3176 -27.20 67.15 74.98
CA UNK C 3176 -27.03 66.45 76.25
C UNK C 3176 -26.24 65.16 76.09
N UNK C 3177 -26.30 64.56 74.90
CA UNK C 3177 -25.57 63.33 74.64
C UNK C 3177 -24.07 63.58 74.74
N UNK C 3178 -23.64 64.79 74.39
CA UNK C 3178 -22.24 65.16 74.59
C UNK C 3178 -21.90 65.21 76.07
N UNK C 3179 -22.86 65.62 76.89
CA UNK C 3179 -22.67 65.59 78.33
C UNK C 3179 -22.57 64.15 78.82
N UNK C 3180 -23.30 63.26 78.16
CA UNK C 3180 -23.20 61.84 78.46
C UNK C 3180 -21.83 61.30 78.07
N UNK C 3181 -21.25 61.89 77.02
CA UNK C 3181 -19.96 61.45 76.51
C UNK C 3181 -18.83 61.71 77.50
N UNK C 3182 -19.01 62.69 78.38
CA UNK C 3182 -17.99 63.07 79.33
C UNK C 3182 -17.59 61.93 80.26
N UNK C 3183 -18.57 67.85 86.27
CA UNK C 3183 -18.02 68.56 85.12
C UNK C 3183 -19.13 69.06 84.20
N UNK C 3184 -20.29 69.35 84.79
CA UNK C 3184 -21.44 69.78 84.01
C UNK C 3184 -21.22 71.12 83.32
N UNK C 3185 -20.42 72.00 83.92
CA UNK C 3185 -20.13 73.29 83.30
C UNK C 3185 -19.34 73.11 82.00
N UNK C 3186 -18.43 72.14 81.99
CA UNK C 3186 -17.69 71.83 80.78
C UNK C 3186 -18.64 71.29 79.72
N UNK C 3187 -19.65 70.56 80.17
CA UNK C 3187 -20.69 70.06 79.28
C UNK C 3187 -21.53 71.21 78.74
N UNK C 3188 -21.62 72.29 79.52
CA UNK C 3188 -22.40 73.44 79.11
C UNK C 3188 -21.67 74.26 78.06
N UNK C 3189 -20.38 74.50 78.29
CA UNK C 3189 -19.58 75.21 77.30
C UNK C 3189 -19.45 74.37 76.04
N UNK C 3190 -19.38 73.06 76.21
CA UNK C 3190 -19.35 72.13 75.08
C UNK C 3190 -20.68 72.15 74.34
N UNK C 3191 -21.75 72.41 75.07
CA UNK C 3191 -23.09 72.44 74.48
C UNK C 3191 -23.29 73.71 73.66
N UNK C 3192 -22.89 74.85 74.23
CA UNK C 3192 -22.97 76.10 73.49
C UNK C 3192 -22.04 76.09 72.29
N UNK C 3193 -20.88 75.45 72.44
CA UNK C 3193 -19.97 75.29 71.31
C UNK C 3193 -20.57 74.37 70.26
N UNK C 3194 -21.36 73.41 70.72
CA UNK C 3194 -22.01 72.46 69.81
C UNK C 3194 -23.10 73.15 69.01
N UNK C 3195 -23.89 73.98 69.69
CA UNK C 3195 -24.91 74.77 69.02
C UNK C 3195 -24.28 75.77 68.07
N UNK C 3196 -23.10 76.26 68.44
CA UNK C 3196 -22.35 77.12 67.55
C UNK C 3196 -21.88 76.34 66.33
N UNK C 3197 -21.64 75.05 66.51
CA UNK C 3197 -21.19 74.19 65.43
C UNK C 3197 -22.31 73.86 64.45
N UNK C 3198 -23.48 73.52 64.98
CA UNK C 3198 -24.65 73.31 64.14
C UNK C 3198 -25.05 74.61 63.45
N UNK C 3199 -24.85 75.72 64.14
CA UNK C 3199 -25.07 77.03 63.54
C UNK C 3199 -24.07 77.29 62.42
N UNK C 3200 -22.86 76.77 62.58
CA UNK C 3200 -21.88 76.81 61.51
C UNK C 3200 -22.32 75.93 60.35
N UNK C 3201 -23.03 74.84 60.66
CA UNK C 3201 -23.61 74.01 59.61
C UNK C 3201 -24.68 74.79 58.87
N UNK C 3202 -25.38 75.66 59.60
CA UNK C 3202 -26.30 76.59 58.96
C UNK C 3202 -25.52 77.61 58.12
N UNK C 3203 -24.30 77.92 58.55
CA UNK C 3203 -23.44 78.85 57.85
C UNK C 3203 -22.89 78.24 56.57
N UNK C 3204 -22.91 76.91 56.50
CA UNK C 3204 -22.45 76.20 55.31
C UNK C 3204 -23.33 76.54 54.11
N UNK C 3205 -24.58 76.89 54.38
CA UNK C 3205 -25.50 77.31 53.33
C UNK C 3205 -25.04 78.60 52.66
N UNK C 3206 -24.29 79.41 53.40
CA UNK C 3206 -23.77 80.66 52.87
C UNK C 3206 -22.54 80.44 52.01
N PRO C 3207 -64.09 79.61 13.73
CA PRO C 3207 -63.91 78.86 12.49
C PRO C 3207 -64.66 77.54 12.50
N THR C 3208 -65.98 77.58 12.30
CA THR C 3208 -66.78 76.37 12.44
C THR C 3208 -66.41 75.29 11.44
N HIS C 3209 -66.04 75.67 10.22
CA HIS C 3209 -65.64 74.70 9.22
C HIS C 3209 -64.34 73.97 9.57
N ARG C 3210 -63.43 74.69 10.21
CA ARG C 3210 -62.18 74.09 10.65
C ARG C 3210 -62.45 73.05 11.71
N ALA C 3211 -63.38 73.38 12.60
CA ALA C 3211 -63.79 72.46 13.65
C ALA C 3211 -64.55 71.30 13.05
N CYS C 3212 -65.19 71.51 11.91
CA CYS C 3212 -65.89 70.43 11.23
C CYS C 3212 -64.89 69.43 10.70
N ASN C 3213 -63.87 69.94 10.01
CA ASN C 3213 -62.85 69.05 9.47
C ASN C 3213 -62.01 68.36 10.54
N MET C 3214 -61.73 69.08 11.62
CA MET C 3214 -61.03 68.46 12.74
C MET C 3214 -61.90 67.42 13.41
N PHE C 3215 -63.21 67.66 13.41
CA PHE C 3215 -64.15 66.66 13.90
C PHE C 3215 -64.17 65.44 12.99
N LEU C 3216 -63.90 65.66 11.71
CA LEU C 3216 -63.81 64.53 10.78
C LEU C 3216 -62.57 63.71 11.10
N GLU C 3217 -61.45 64.43 11.27
CA GLU C 3217 -60.16 63.81 11.50
C GLU C 3217 -60.13 63.06 12.82
N SER C 3218 -60.88 63.55 13.79
CA SER C 3218 -60.93 62.91 15.09
C SER C 3218 -61.93 61.76 15.11
N TYR C 3219 -63.08 61.97 14.49
CA TYR C 3219 -64.12 60.95 14.47
C TYR C 3219 -63.69 59.74 13.66
N LYS C 3220 -62.85 59.96 12.65
CA LYS C 3220 -62.37 58.84 11.85
C LYS C 3220 -61.50 57.88 12.67
N ALA C 3221 -60.74 58.43 13.61
CA ALA C 3221 -59.83 57.62 14.40
C ALA C 3221 -60.53 57.10 15.65
N ALA C 3222 -61.50 57.86 16.13
CA ALA C 3222 -62.12 57.57 17.42
C ALA C 3222 -63.14 56.46 17.38
N TRP C 3223 -64.06 56.50 16.41
CA TRP C 3223 -65.22 55.62 16.48
C TRP C 3223 -65.39 54.72 15.26
N ILE C 3224 -64.82 55.12 14.13
CA ILE C 3224 -64.99 54.37 12.91
C ILE C 3224 -64.38 52.97 13.05
N LEU C 3225 -63.34 52.86 13.89
CA LEU C 3225 -62.80 51.54 14.21
C LEU C 3225 -63.90 50.77 14.95
N THR C 3226 -64.10 49.51 14.57
CA THR C 3226 -65.30 48.76 14.96
C THR C 3226 -65.13 47.25 14.93
N GLU C 3227 -66.18 46.56 15.39
CA GLU C 3227 -66.29 45.11 15.31
C GLU C 3227 -66.79 44.70 13.94
N ASP C 3228 -66.94 45.69 13.07
CA ASP C 3228 -67.55 45.54 11.75
C ASP C 3228 -66.85 44.54 10.85
N HIS C 3229 -65.54 44.46 10.98
CA HIS C 3229 -64.69 43.70 10.07
C HIS C 3229 -65.04 42.21 10.15
N SER C 3230 -65.89 41.88 11.10
CA SER C 3230 -66.33 40.52 11.34
C SER C 3230 -67.00 40.01 10.07
N PHE C 3231 -67.45 40.94 9.24
CA PHE C 3231 -68.25 40.60 8.08
C PHE C 3231 -67.56 39.64 7.13
N GLU C 3232 -66.24 39.73 7.04
CA GLU C 3232 -65.56 39.00 6.00
C GLU C 3232 -65.97 37.55 6.19
N ASP C 3233 -66.22 37.17 7.43
CA ASP C 3233 -66.58 35.79 7.72
C ASP C 3233 -67.93 35.51 7.08
N ARG C 3234 -68.81 36.52 7.10
CA ARG C 3234 -70.07 36.41 6.38
C ARG C 3234 -69.85 36.42 4.88
N MET C 3235 -68.79 37.10 4.46
CA MET C 3235 -68.54 37.34 3.06
C MET C 3235 -67.88 36.14 2.40
N ILE C 3236 -66.87 35.61 3.05
CA ILE C 3236 -66.16 34.44 2.54
C ILE C 3236 -67.11 33.26 2.47
N ASP C 3237 -68.07 33.22 3.39
CA ASP C 3237 -69.09 32.20 3.31
C ASP C 3237 -70.00 32.48 2.12
N ASP C 3238 -70.40 33.74 1.97
CA ASP C 3238 -71.40 34.06 0.95
C ASP C 3238 -70.84 33.79 -0.44
N LEU C 3239 -69.54 34.03 -0.63
CA LEU C 3239 -68.87 33.72 -1.88
C LEU C 3239 -68.69 32.22 -2.12
N SER C 3240 -68.68 31.46 -1.03
CA SER C 3240 -68.44 30.02 -1.09
C SER C 3240 -69.71 29.19 -1.26
N LYS C 3241 -70.86 29.85 -1.30
CA LYS C 3241 -72.15 29.16 -1.25
C LYS C 3241 -72.38 28.22 -2.42
N ALA C 3242 -71.78 28.54 -3.57
CA ALA C 3242 -71.91 27.73 -4.77
C ALA C 3242 -73.36 27.53 -5.17
N LYS C 3256 -68.60 26.76 -13.85
CA LYS C 3256 -68.58 25.54 -13.04
C LYS C 3256 -68.10 25.76 -11.61
N PRO C 3257 -67.02 26.54 -11.40
CA PRO C 3257 -66.61 26.70 -10.00
C PRO C 3257 -67.47 27.68 -9.19
N ASP C 3258 -66.83 28.44 -8.30
CA ASP C 3258 -67.55 29.19 -7.27
C ASP C 3258 -67.11 30.65 -7.26
N PRO C 3259 -67.98 31.56 -6.78
CA PRO C 3259 -67.61 32.97 -6.82
C PRO C 3259 -66.32 33.33 -6.10
N LEU C 3260 -66.05 32.67 -4.98
CA LEU C 3260 -64.80 32.91 -4.30
C LEU C 3260 -63.71 32.34 -5.16
N HIS C 3261 -64.01 31.20 -5.80
CA HIS C 3261 -63.09 30.62 -6.75
C HIS C 3261 -62.92 31.50 -7.97
N GLN C 3262 -63.98 32.23 -8.34
CA GLN C 3262 -63.89 33.15 -9.47
C GLN C 3262 -62.92 34.24 -9.11
N LEU C 3263 -62.93 34.58 -7.84
CA LEU C 3263 -62.19 35.71 -7.35
C LEU C 3263 -60.72 35.36 -7.25
N VAL C 3264 -60.48 34.18 -6.71
CA VAL C 3264 -59.13 33.64 -6.62
C VAL C 3264 -58.53 33.42 -7.99
N LEU C 3265 -59.30 32.81 -8.89
CA LEU C 3265 -58.80 32.56 -10.23
C LEU C 3265 -58.56 33.88 -10.95
N HIS C 3266 -59.35 34.89 -10.60
CA HIS C 3266 -59.13 36.20 -11.20
C HIS C 3266 -57.84 36.83 -10.73
N PHE C 3267 -57.57 36.77 -9.43
CA PHE C 3267 -56.29 37.31 -8.98
C PHE C 3267 -55.13 36.49 -9.51
N SER C 3268 -55.35 35.21 -9.73
CA SER C 3268 -54.32 34.38 -10.34
C SER C 3268 -54.05 34.90 -11.74
N ARG C 3269 -55.12 35.29 -12.43
CA ARG C 3269 -54.93 35.88 -13.74
C ARG C 3269 -54.20 37.21 -13.66
N THR C 3270 -54.47 37.99 -12.62
CA THR C 3270 -53.77 39.26 -12.46
C THR C 3270 -52.30 39.05 -12.17
N ALA C 3271 -51.99 37.94 -11.50
CA ALA C 3271 -50.62 37.64 -11.14
C ALA C 3271 -49.84 37.13 -12.32
N LEU C 3272 -50.46 36.27 -13.11
CA LEU C 3272 -49.79 35.68 -14.26
C LEU C 3272 -49.42 36.69 -15.33
N THR C 3273 -50.23 37.72 -15.49
CA THR C 3273 -49.90 38.79 -16.44
C THR C 3273 -48.65 39.52 -15.97
N GLU C 3274 -47.78 39.88 -16.90
CA GLU C 3274 -46.60 40.66 -16.50
C GLU C 3274 -46.81 42.16 -16.72
N LYS C 3275 -47.01 42.86 -15.61
CA LYS C 3275 -47.02 44.31 -15.61
C LYS C 3275 -45.62 44.82 -15.32
N SER C 3276 -44.67 43.89 -15.25
CA SER C 3276 -43.33 44.13 -14.70
C SER C 3276 -43.51 44.55 -13.25
N LYS C 3277 -43.41 45.84 -12.97
CA LYS C 3277 -43.82 46.31 -11.65
C LYS C 3277 -45.32 46.05 -11.55
N LEU C 3278 -45.77 45.50 -10.43
CA LEU C 3278 -47.18 45.18 -10.31
C LEU C 3278 -48.07 46.37 -10.02
N ASP C 3279 -49.31 46.25 -10.48
CA ASP C 3279 -50.34 47.22 -10.16
C ASP C 3279 -50.60 47.16 -8.66
N GLU C 3280 -50.88 48.31 -8.04
CA GLU C 3280 -51.19 48.32 -6.61
C GLU C 3280 -52.44 47.50 -6.31
N ASP C 3281 -53.38 47.51 -7.25
CA ASP C 3281 -54.63 46.75 -7.16
C ASP C 3281 -55.21 46.73 -5.76
N TYR C 3282 -55.79 47.86 -5.35
CA TYR C 3282 -56.25 48.01 -3.96
C TYR C 3282 -57.34 46.99 -3.69
N LEU C 3283 -58.04 46.58 -4.74
CA LEU C 3283 -59.04 45.55 -4.61
C LEU C 3283 -58.40 44.25 -4.14
N TYR C 3284 -57.18 43.97 -4.60
CA TYR C 3284 -56.44 42.83 -4.09
C TYR C 3284 -56.01 43.02 -2.64
N MET C 3285 -55.76 44.26 -2.25
CA MET C 3285 -55.39 44.54 -0.88
C MET C 3285 -56.54 44.12 -0.02
N ALA C 3286 -57.71 44.51 -0.50
CA ALA C 3286 -58.93 44.34 0.23
C ALA C 3286 -59.29 42.87 0.36
N TYR C 3287 -59.39 42.17 -0.77
CA TYR C 3287 -59.71 40.75 -0.68
C TYR C 3287 -58.66 39.87 -0.04
N ALA C 3288 -57.39 40.21 -0.19
CA ALA C 3288 -56.38 39.43 0.48
C ALA C 3288 -56.47 39.63 1.99
N ASP C 3289 -56.76 40.86 2.42
CA ASP C 3289 -56.99 41.11 3.84
C ASP C 3289 -58.24 40.42 4.34
N ILE C 3290 -59.23 40.31 3.46
CA ILE C 3290 -60.49 39.68 3.79
C ILE C 3290 -60.33 38.19 4.01
N MET C 3291 -59.67 37.53 3.05
CA MET C 3291 -59.41 36.12 3.21
C MET C 3291 -58.45 35.86 4.37
N ALA C 3292 -57.54 36.81 4.60
CA ALA C 3292 -56.65 36.68 5.75
C ALA C 3292 -57.42 36.75 7.06
N LYS C 3293 -58.49 37.54 7.06
CA LYS C 3293 -59.36 37.63 8.24
C LYS C 3293 -60.40 36.52 8.28
N SER C 3294 -60.51 35.76 7.20
CA SER C 3294 -61.45 34.65 7.16
C SER C 3294 -61.07 33.58 8.17
N CYS C 3295 -59.78 33.50 8.49
CA CYS C 3295 -59.29 32.51 9.43
C CYS C 3295 -59.20 33.07 10.84
N GLU C 3312 -61.19 17.94 29.96
CA GLU C 3312 -60.58 18.21 28.66
C GLU C 3312 -61.52 18.98 27.74
N VAL C 3313 -62.52 19.63 28.30
CA VAL C 3313 -63.48 20.37 27.49
C VAL C 3313 -62.78 21.51 26.75
N SER C 3314 -61.78 22.11 27.38
CA SER C 3314 -60.94 23.11 26.72
C SER C 3314 -60.15 22.48 25.59
N PHE C 3315 -59.77 21.22 25.78
CA PHE C 3315 -59.05 20.48 24.75
C PHE C 3315 -59.94 20.15 23.57
N GLU C 3316 -61.15 19.68 23.84
CA GLU C 3316 -62.08 19.37 22.76
C GLU C 3316 -62.52 20.61 22.01
N GLU C 3317 -62.71 21.71 22.73
CA GLU C 3317 -63.00 22.98 22.08
C GLU C 3317 -61.81 23.48 21.26
N LYS C 3318 -60.61 23.21 21.75
CA LYS C 3318 -59.41 23.55 20.99
C LYS C 3318 -59.34 22.74 19.71
N GLU C 3319 -59.78 21.50 19.80
CA GLU C 3319 -59.86 20.63 18.63
C GLU C 3319 -60.92 21.09 17.65
N MET C 3320 -62.04 21.58 18.16
CA MET C 3320 -63.09 22.07 17.29
C MET C 3320 -62.62 23.32 16.59
N GLU C 3321 -61.84 24.14 17.30
CA GLU C 3321 -61.22 25.31 16.71
C GLU C 3321 -60.17 24.93 15.68
N LYS C 3322 -59.53 23.79 15.90
CA LYS C 3322 -58.48 23.35 14.99
C LYS C 3322 -59.08 22.84 13.69
N GLN C 3323 -60.12 22.03 13.82
CA GLN C 3323 -60.86 21.53 12.67
C GLN C 3323 -61.58 22.67 11.95
N ARG C 3324 -61.96 23.70 12.71
CA ARG C 3324 -62.62 24.86 12.12
C ARG C 3324 -61.63 25.67 11.30
N LEU C 3325 -60.46 25.91 11.87
CA LEU C 3325 -59.42 26.64 11.15
C LEU C 3325 -59.04 25.84 9.93
N LEU C 3326 -59.08 24.52 10.09
CA LEU C 3326 -58.84 23.61 9.00
C LEU C 3326 -59.94 23.79 7.97
N TYR C 3327 -61.10 24.24 8.42
CA TYR C 3327 -62.21 24.44 7.50
C TYR C 3327 -62.14 25.75 6.72
N GLN C 3328 -61.85 26.88 7.37
CA GLN C 3328 -61.73 28.09 6.57
C GLN C 3328 -60.52 27.96 5.66
N GLN C 3329 -59.45 27.37 6.20
CA GLN C 3329 -58.26 27.18 5.39
C GLN C 3329 -58.55 26.22 4.25
N SER C 3330 -59.43 25.26 4.48
CA SER C 3330 -59.86 24.41 3.38
C SER C 3330 -60.68 25.18 2.37
N ARG C 3331 -61.43 26.17 2.86
CA ARG C 3331 -62.26 27.00 2.00
C ARG C 3331 -61.41 27.79 1.04
N LEU C 3332 -60.33 28.36 1.56
CA LEU C 3332 -59.37 29.06 0.72
C LEU C 3332 -58.55 28.08 -0.13
N HIS C 3333 -58.35 26.88 0.41
CA HIS C 3333 -57.54 25.85 -0.23
C HIS C 3333 -58.13 25.24 -1.49
N THR C 3334 -59.38 24.83 -1.44
CA THR C 3334 -60.00 24.14 -2.56
C THR C 3334 -60.20 25.09 -3.72
N ARG C 3335 -60.26 26.38 -3.39
CA ARG C 3335 -60.55 27.41 -4.36
C ARG C 3335 -59.29 27.88 -5.06
N GLY C 3336 -58.16 27.29 -4.67
CA GLY C 3336 -56.89 27.59 -5.30
C GLY C 3336 -56.16 28.82 -4.80
N ALA C 3337 -56.61 29.38 -3.68
CA ALA C 3337 -55.95 30.55 -3.11
C ALA C 3337 -54.52 30.20 -2.71
N ALA C 3338 -54.29 28.92 -2.41
CA ALA C 3338 -52.97 28.46 -2.04
C ALA C 3338 -52.00 28.68 -3.17
N GLU C 3339 -52.48 28.61 -4.39
CA GLU C 3339 -51.65 28.87 -5.55
C GLU C 3339 -51.46 30.36 -5.81
N MET C 3340 -52.54 31.13 -5.70
CA MET C 3340 -52.45 32.56 -5.99
C MET C 3340 -51.55 33.26 -5.00
N VAL C 3341 -51.48 32.76 -3.76
CA VAL C 3341 -50.61 33.40 -2.79
C VAL C 3341 -49.18 33.32 -3.27
N LEU C 3342 -48.89 32.22 -3.95
CA LEU C 3342 -47.55 31.99 -4.43
C LEU C 3342 -47.30 32.79 -5.70
N GLN C 3343 -48.30 32.80 -6.58
CA GLN C 3343 -48.17 33.49 -7.85
C GLN C 3343 -48.03 35.00 -7.69
N MET C 3344 -48.72 35.55 -6.69
CA MET C 3344 -48.62 36.99 -6.44
C MET C 3344 -47.21 37.34 -5.99
N ILE C 3345 -46.61 36.46 -5.20
CA ILE C 3345 -45.26 36.71 -4.73
C ILE C 3345 -44.30 36.59 -5.89
N SER C 3346 -44.55 35.60 -6.74
CA SER C 3346 -43.66 35.36 -7.87
C SER C 3346 -43.72 36.53 -8.84
N ALA C 3347 -44.87 37.20 -8.89
CA ALA C 3347 -44.98 38.40 -9.71
C ALA C 3347 -44.32 39.60 -9.05
N CYS C 3348 -44.49 39.73 -7.73
CA CYS C 3348 -44.03 40.91 -7.00
C CYS C 3348 -42.51 41.04 -7.00
N LYS C 3349 -41.84 39.92 -7.23
CA LYS C 3349 -40.38 39.85 -7.33
C LYS C 3349 -39.66 40.68 -6.27
N GLY C 3350 -38.78 41.58 -6.66
CA GLY C 3350 -37.91 42.25 -5.72
C GLY C 3350 -38.57 43.39 -4.94
N GLU C 3351 -39.77 43.76 -5.35
CA GLU C 3351 -40.50 44.82 -4.66
C GLU C 3351 -40.91 44.42 -3.25
N THR C 3352 -40.89 45.39 -2.34
CA THR C 3352 -41.44 45.21 -1.01
C THR C 3352 -42.68 46.06 -0.83
N GLY C 3353 -43.60 45.96 -1.77
CA GLY C 3353 -44.82 46.76 -1.73
C GLY C 3353 -45.73 46.28 -0.61
N ALA C 3354 -46.66 47.14 -0.22
CA ALA C 3354 -47.61 46.78 0.82
C ALA C 3354 -48.48 45.62 0.35
N MET C 3355 -48.68 45.53 -0.96
CA MET C 3355 -49.46 44.45 -1.52
C MET C 3355 -48.78 43.11 -1.30
N VAL C 3356 -47.45 43.10 -1.25
CA VAL C 3356 -46.75 41.87 -0.95
C VAL C 3356 -47.07 41.43 0.48
N SER C 3357 -47.18 42.42 1.36
CA SER C 3357 -47.59 42.14 2.73
C SER C 3357 -49.00 41.61 2.75
N SER C 3358 -49.82 42.13 1.83
CA SER C 3358 -51.20 41.70 1.74
C SER C 3358 -51.24 40.25 1.28
N THR C 3359 -50.23 39.85 0.51
CA THR C 3359 -50.15 38.47 0.05
C THR C 3359 -49.74 37.59 1.21
N LEU C 3360 -48.66 37.96 1.89
CA LEU C 3360 -48.17 37.13 2.98
C LEU C 3360 -49.13 37.01 4.15
N LYS C 3361 -49.96 38.03 4.38
CA LYS C 3361 -50.98 37.88 5.40
C LYS C 3361 -51.88 36.73 5.01
N LEU C 3362 -52.23 36.70 3.74
CA LEU C 3362 -53.07 35.63 3.23
C LEU C 3362 -52.39 34.27 3.25
N GLY C 3363 -51.07 34.25 3.06
CA GLY C 3363 -50.36 32.98 3.07
C GLY C 3363 -50.31 32.42 4.47
N ILE C 3364 -49.97 33.29 5.42
CA ILE C 3364 -49.90 32.91 6.82
C ILE C 3364 -51.28 32.49 7.29
N SER C 3365 -52.31 33.12 6.76
CA SER C 3365 -53.66 32.79 7.16
C SER C 3365 -54.09 31.44 6.61
N ILE C 3366 -53.79 31.16 5.34
CA ILE C 3366 -54.16 29.89 4.74
C ILE C 3366 -53.37 28.75 5.38
N LEU C 3367 -52.16 29.05 5.85
CA LEU C 3367 -51.40 28.05 6.58
C LEU C 3367 -51.70 28.09 8.08
N ASN C 3368 -51.14 29.07 8.76
CA ASN C 3368 -51.42 29.23 10.16
C ASN C 3368 -51.20 27.91 10.83
N GLY C 3369 -50.03 27.35 10.58
CA GLY C 3369 -49.64 26.12 11.23
C GLY C 3369 -49.84 24.87 10.42
N GLY C 3370 -48.87 24.63 9.55
CA GLY C 3370 -48.59 23.32 9.00
C GLY C 3370 -49.70 22.56 8.31
N ASN C 3371 -50.51 23.21 7.48
CA ASN C 3371 -51.51 22.47 6.74
C ASN C 3371 -50.74 21.50 5.87
N ALA C 3372 -51.13 20.23 5.85
CA ALA C 3372 -50.50 19.34 4.90
C ALA C 3372 -51.02 19.58 3.50
N GLU C 3373 -52.28 19.97 3.40
CA GLU C 3373 -52.91 20.07 2.10
C GLU C 3373 -52.42 21.29 1.35
N VAL C 3374 -52.44 22.43 2.04
CA VAL C 3374 -52.05 23.68 1.41
C VAL C 3374 -50.58 23.64 1.07
N GLN C 3375 -49.79 23.11 1.98
CA GLN C 3375 -48.35 23.02 1.78
C GLN C 3375 -48.03 22.05 0.66
N GLN C 3376 -48.87 21.03 0.51
CA GLN C 3376 -48.65 20.03 -0.52
C GLN C 3376 -49.02 20.53 -1.92
N LYS C 3377 -50.17 21.21 -2.05
CA LYS C 3377 -50.45 21.87 -3.33
C LYS C 3377 -49.47 22.99 -3.59
N MET C 3378 -48.92 23.56 -2.53
CA MET C 3378 -47.99 24.66 -2.69
C MET C 3378 -46.74 24.13 -3.36
N LEU C 3379 -46.19 23.08 -2.76
CA LEU C 3379 -44.99 22.46 -3.29
C LEU C 3379 -45.22 21.82 -4.63
N ASP C 3380 -46.42 21.29 -4.83
CA ASP C 3380 -46.75 20.67 -6.10
C ASP C 3380 -46.79 21.74 -7.18
N TYR C 3381 -47.30 22.91 -6.82
CA TYR C 3381 -47.37 24.00 -7.77
C TYR C 3381 -45.96 24.43 -8.11
N LEU C 3382 -45.09 24.43 -7.11
CA LEU C 3382 -43.69 24.76 -7.36
C LEU C 3382 -42.93 23.75 -8.21
N LYS C 3383 -43.30 22.48 -8.12
CA LYS C 3383 -42.69 21.48 -8.98
C LYS C 3383 -43.39 21.35 -10.32
N ASP C 3384 -44.51 22.04 -10.49
CA ASP C 3384 -45.19 22.00 -11.77
C ASP C 3384 -44.81 23.17 -12.65
N LYS C 3385 -45.37 24.34 -12.33
CA LYS C 3385 -45.14 25.53 -13.16
C LYS C 3385 -43.68 25.97 -13.13
N LYS C 3386 -42.99 25.68 -12.02
CA LYS C 3386 -41.53 25.83 -11.89
C LYS C 3386 -40.99 27.14 -12.47
N GLU C 3387 -41.66 28.24 -12.10
CA GLU C 3387 -41.42 29.54 -12.73
C GLU C 3387 -40.18 30.26 -12.23
N VAL C 3388 -39.53 29.70 -11.21
CA VAL C 3388 -38.21 30.12 -10.76
C VAL C 3388 -38.21 31.48 -10.07
N GLY C 3389 -39.06 32.39 -10.53
CA GLY C 3389 -38.99 33.76 -10.09
C GLY C 3389 -39.67 33.97 -8.75
N PHE C 3390 -40.30 32.93 -8.23
CA PHE C 3390 -40.84 33.01 -6.88
C PHE C 3390 -39.75 33.06 -5.81
N PHE C 3391 -38.78 32.16 -5.89
CA PHE C 3391 -37.64 32.26 -5.00
C PHE C 3391 -36.73 33.41 -5.34
N GLN C 3392 -36.75 33.84 -6.60
CA GLN C 3392 -36.05 35.06 -6.96
C GLN C 3392 -36.72 36.20 -6.24
N SER C 3393 -38.02 36.07 -6.05
CA SER C 3393 -38.80 37.10 -5.38
C SER C 3393 -38.48 37.13 -3.91
N ILE C 3394 -38.52 35.97 -3.28
CA ILE C 3394 -38.24 35.91 -1.85
C ILE C 3394 -36.80 36.32 -1.56
N GLN C 3395 -35.89 35.99 -2.48
CA GLN C 3395 -34.51 36.37 -2.28
C GLN C 3395 -34.29 37.86 -2.44
N ALA C 3396 -34.77 38.39 -3.56
CA ALA C 3396 -34.53 39.79 -3.84
C ALA C 3396 -35.22 40.66 -2.80
N LEU C 3397 -36.37 40.19 -2.35
CA LEU C 3397 -37.09 40.87 -1.29
C LEU C 3397 -36.32 40.78 0.03
N MET C 3398 -35.71 39.62 0.28
CA MET C 3398 -34.98 39.41 1.53
C MET C 3398 -33.72 40.27 1.56
N GLN C 3399 -33.20 40.61 0.40
CA GLN C 3399 -32.05 41.47 0.38
C GLN C 3399 -32.52 42.74 1.04
N THR C 3400 -33.73 43.14 0.72
CA THR C 3400 -34.27 44.41 1.18
C THR C 3400 -35.29 44.31 2.31
N CYS C 3401 -35.45 43.14 2.92
CA CYS C 3401 -36.60 42.97 3.79
C CYS C 3401 -36.56 43.99 4.90
N SER C 3402 -35.40 44.18 5.52
CA SER C 3402 -35.24 45.22 6.52
C SER C 3402 -33.94 45.06 7.26
N VAL C 3403 -33.73 45.98 8.20
CA VAL C 3403 -32.65 45.90 9.18
C VAL C 3403 -33.03 46.81 10.31
N LEU C 3404 -32.27 46.75 11.38
CA LEU C 3404 -32.53 47.57 12.57
C LEU C 3404 -31.93 48.95 12.37
N ASP C 3405 -30.86 49.01 11.59
CA ASP C 3405 -30.31 50.26 11.05
C ASP C 3405 -30.13 51.31 12.12
N LEU C 3406 -29.00 51.25 12.83
CA LEU C 3406 -28.75 52.14 13.95
C LEU C 3406 -28.74 53.62 13.59
N ASN C 3407 -28.24 53.93 12.40
CA ASN C 3407 -28.08 55.32 12.02
C ASN C 3407 -29.46 55.95 11.92
N ALA C 3408 -30.43 55.14 11.49
CA ALA C 3408 -31.82 55.57 11.46
C ALA C 3408 -32.34 55.82 12.86
N PHE C 3409 -31.81 55.08 13.82
CA PHE C 3409 -32.31 55.22 15.18
C PHE C 3409 -31.75 56.46 15.86
N GLU C 3410 -30.47 56.75 15.63
CA GLU C 3410 -29.92 58.00 16.12
C GLU C 3410 -30.59 59.17 15.42
N ARG C 3411 -30.92 58.96 14.14
CA ARG C 3411 -31.58 59.96 13.34
C ARG C 3411 -33.00 60.25 13.81
N GLN C 3412 -33.65 59.23 14.35
CA GLN C 3412 -35.04 59.38 14.80
C GLN C 3412 -35.09 59.79 16.27
N ASN C 3413 -33.99 59.58 16.97
CA ASN C 3413 -33.92 59.87 18.40
C ASN C 3413 -34.07 61.38 18.64
N LYS C 3414 -33.67 62.17 17.65
CA LYS C 3414 -33.66 63.62 17.79
C LYS C 3414 -34.77 64.27 16.97
N ASP C 3439 -40.86 49.00 10.16
CA ASP C 3439 -41.33 48.42 8.92
C ASP C 3439 -40.84 46.98 8.76
N ASP C 3440 -40.58 46.33 9.90
CA ASP C 3440 -40.10 44.95 9.89
C ASP C 3440 -41.19 43.92 10.18
N GLU C 3441 -42.40 44.38 10.47
CA GLU C 3441 -43.49 43.47 10.78
C GLU C 3441 -43.79 42.58 9.57
N PHE C 3442 -43.59 43.15 8.39
CA PHE C 3442 -43.63 42.41 7.14
C PHE C 3442 -42.58 41.33 7.03
N THR C 3443 -41.43 41.59 7.63
CA THR C 3443 -40.33 40.65 7.56
C THR C 3443 -40.66 39.47 8.45
N GLN C 3444 -41.17 39.79 9.63
CA GLN C 3444 -41.58 38.78 10.59
C GLN C 3444 -42.69 37.95 9.96
N ASP C 3445 -43.53 38.60 9.17
CA ASP C 3445 -44.54 37.89 8.40
C ASP C 3445 -43.94 36.99 7.35
N LEU C 3446 -42.80 37.40 6.80
CA LEU C 3446 -42.22 36.61 5.73
C LEU C 3446 -41.58 35.36 6.27
N PHE C 3447 -40.76 35.52 7.31
CA PHE C 3447 -40.15 34.35 7.92
C PHE C 3447 -41.17 33.47 8.61
N ARG C 3448 -42.24 34.07 9.11
CA ARG C 3448 -43.34 33.28 9.63
C ARG C 3448 -43.94 32.49 8.49
N PHE C 3449 -43.94 33.10 7.31
CA PHE C 3449 -44.53 32.47 6.14
C PHE C 3449 -43.72 31.26 5.76
N LEU C 3450 -42.39 31.42 5.67
CA LEU C 3450 -41.56 30.27 5.33
C LEU C 3450 -41.60 29.19 6.40
N GLN C 3451 -41.69 29.61 7.65
CA GLN C 3451 -41.74 28.64 8.73
C GLN C 3451 -42.99 27.81 8.62
N LEU C 3452 -44.08 28.46 8.24
CA LEU C 3452 -45.32 27.77 7.96
C LEU C 3452 -45.20 26.89 6.72
N LEU C 3453 -44.35 27.30 5.79
CA LEU C 3453 -44.03 26.44 4.65
C LEU C 3453 -43.28 25.19 5.05
N CYS C 3454 -42.54 25.21 6.15
CA CYS C 3454 -41.84 23.99 6.55
C CYS C 3454 -42.47 23.19 7.70
N GLU C 3455 -43.52 23.70 8.33
CA GLU C 3455 -44.15 22.96 9.42
C GLU C 3455 -44.90 21.74 8.91
N GLY C 3456 -45.05 20.73 9.75
CA GLY C 3456 -45.54 19.43 9.33
C GLY C 3456 -44.40 18.56 8.84
N HIS C 3457 -43.19 19.11 8.90
CA HIS C 3457 -41.96 18.38 8.57
C HIS C 3457 -41.93 17.79 7.16
N ASN C 3458 -42.30 18.58 6.17
CA ASN C 3458 -42.21 18.09 4.78
C ASN C 3458 -40.79 18.14 4.27
N ASN C 3459 -40.08 17.02 4.44
CA ASN C 3459 -38.66 16.95 4.15
C ASN C 3459 -38.39 17.23 2.69
N ASP C 3460 -39.31 16.82 1.83
CA ASP C 3460 -39.20 17.09 0.41
C ASP C 3460 -39.29 18.58 0.14
N PHE C 3461 -40.06 19.27 0.98
CA PHE C 3461 -40.25 20.69 0.75
C PHE C 3461 -39.06 21.46 1.28
N GLN C 3462 -38.51 21.00 2.40
CA GLN C 3462 -37.33 21.64 2.96
C GLN C 3462 -36.15 21.48 2.00
N ASN C 3463 -36.02 20.28 1.45
CA ASN C 3463 -35.00 20.05 0.45
C ASN C 3463 -35.29 20.90 -0.76
N TYR C 3464 -36.57 21.10 -1.04
CA TYR C 3464 -36.91 21.93 -2.18
C TYR C 3464 -36.43 23.34 -1.95
N LEU C 3465 -36.51 23.82 -0.71
CA LEU C 3465 -35.98 25.13 -0.39
C LEU C 3465 -34.46 25.12 -0.49
N ARG C 3466 -33.87 23.96 -0.24
CA ARG C 3466 -32.42 23.87 -0.37
C ARG C 3466 -31.93 24.01 -1.80
N THR C 3467 -32.55 23.25 -2.69
CA THR C 3467 -31.88 22.92 -3.94
C THR C 3467 -32.72 23.17 -5.19
N GLN C 3468 -34.02 23.34 -5.03
CA GLN C 3468 -34.86 23.91 -6.07
C GLN C 3468 -34.66 23.15 -7.39
N THR C 3469 -34.74 21.82 -7.31
CA THR C 3469 -34.20 20.96 -8.37
C THR C 3469 -34.78 21.11 -9.77
N GLY C 3470 -36.07 21.41 -9.88
CA GLY C 3470 -36.64 21.56 -11.20
C GLY C 3470 -36.19 22.84 -11.88
N ASN C 3471 -36.02 23.89 -11.07
CA ASN C 3471 -35.72 25.21 -11.60
C ASN C 3471 -34.29 25.35 -12.12
N THR C 3472 -34.13 26.16 -13.15
CA THR C 3472 -32.82 26.33 -13.78
C THR C 3472 -31.80 26.98 -12.84
N THR C 3473 -32.26 27.81 -11.92
CA THR C 3473 -31.37 28.42 -10.94
C THR C 3473 -31.72 27.96 -9.53
N THR C 3474 -30.79 27.27 -8.90
CA THR C 3474 -30.99 26.70 -7.58
C THR C 3474 -30.69 27.66 -6.43
N ILE C 3475 -31.56 28.67 -6.28
CA ILE C 3475 -31.43 29.61 -5.18
C ILE C 3475 -31.59 28.90 -3.84
N ASN C 3476 -30.76 29.27 -2.87
CA ASN C 3476 -30.84 28.66 -1.55
C ASN C 3476 -31.35 29.66 -0.53
N ILE C 3477 -32.66 29.59 -0.26
CA ILE C 3477 -33.28 30.53 0.65
C ILE C 3477 -32.67 30.43 2.04
N ILE C 3478 -32.23 29.23 2.39
CA ILE C 3478 -31.68 29.02 3.73
C ILE C 3478 -30.41 29.83 3.95
N ILE C 3479 -29.55 29.86 2.93
CA ILE C 3479 -28.35 30.68 3.01
C ILE C 3479 -28.75 32.14 3.07
N CYS C 3480 -29.86 32.48 2.43
CA CYS C 3480 -30.29 33.86 2.37
C CYS C 3480 -30.77 34.35 3.73
N THR C 3481 -31.59 33.56 4.39
CA THR C 3481 -32.04 33.89 5.73
C THR C 3481 -30.90 33.83 6.73
N VAL C 3482 -29.91 32.97 6.49
CA VAL C 3482 -28.73 33.01 7.35
C VAL C 3482 -28.01 34.33 7.20
N ASP C 3483 -27.92 34.82 5.97
CA ASP C 3483 -27.29 36.10 5.72
C ASP C 3483 -28.09 37.21 6.38
N TYR C 3484 -29.40 36.99 6.41
CA TYR C 3484 -30.27 37.95 7.07
C TYR C 3484 -30.02 37.93 8.57
N LEU C 3485 -29.66 36.78 9.13
CA LEU C 3485 -29.16 36.75 10.50
C LEU C 3485 -27.86 37.47 10.64
N LEU C 3486 -27.09 37.50 9.57
CA LEU C 3486 -25.82 38.20 9.68
C LEU C 3486 -26.07 39.70 9.76
N ARG C 3487 -26.86 40.25 8.83
CA ARG C 3487 -27.09 41.68 8.87
C ARG C 3487 -27.90 42.09 10.11
N LEU C 3488 -28.87 41.26 10.48
CA LEU C 3488 -29.68 41.56 11.64
C LEU C 3488 -28.80 41.46 12.88
N GLN C 3489 -27.80 40.59 12.81
CA GLN C 3489 -26.78 40.53 13.86
C GLN C 3489 -26.04 41.82 13.99
N GLU C 3490 -25.51 42.30 12.87
CA GLU C 3490 -24.63 43.44 12.90
C GLU C 3490 -25.43 44.63 13.41
N SER C 3491 -26.73 44.60 13.10
CA SER C 3491 -27.63 45.61 13.63
C SER C 3491 -27.82 45.53 15.14
N ILE C 3492 -28.10 44.34 15.66
CA ILE C 3492 -28.32 44.22 17.09
C ILE C 3492 -27.05 44.53 17.88
N SER C 3493 -25.92 44.16 17.31
CA SER C 3493 -24.64 44.30 17.98
C SER C 3493 -24.20 45.75 17.99
N ASP C 3494 -24.35 46.41 16.84
CA ASP C 3494 -24.02 47.81 16.79
C ASP C 3494 -24.94 48.57 17.71
N PHE C 3495 -26.18 48.10 17.80
CA PHE C 3495 -27.15 48.73 18.68
C PHE C 3495 -26.68 48.59 20.12
N TYR C 3496 -26.07 47.44 20.40
CA TYR C 3496 -25.50 47.23 21.72
C TYR C 3496 -24.40 48.22 22.00
N TRP C 3497 -23.43 48.30 21.10
CA TRP C 3497 -22.29 49.17 21.37
C TRP C 3497 -22.75 50.63 21.46
N TYR C 3498 -23.81 50.99 20.75
CA TYR C 3498 -24.39 52.30 20.97
C TYR C 3498 -25.02 52.45 22.35
N TYR C 3499 -25.58 51.37 22.89
CA TYR C 3499 -26.01 51.40 24.29
C TYR C 3499 -25.07 50.73 25.28
N SER C 3500 -23.90 50.31 24.80
CA SER C 3500 -22.93 49.70 25.71
C SER C 3500 -22.45 50.67 26.78
N GLY C 3501 -22.36 51.95 26.44
CA GLY C 3501 -21.92 52.95 27.39
C GLY C 3501 -22.99 53.73 28.13
N LYS C 3502 -24.22 53.67 27.63
CA LYS C 3502 -25.28 54.49 28.18
C LYS C 3502 -26.23 53.76 29.14
N ASP C 3503 -25.80 52.58 29.57
CA ASP C 3503 -26.59 51.66 30.43
C ASP C 3503 -28.11 51.84 30.39
N VAL C 3504 -28.61 52.93 30.97
CA VAL C 3504 -30.05 53.19 30.97
C VAL C 3504 -30.56 53.38 29.53
N ILE C 3505 -31.74 52.85 29.24
CA ILE C 3505 -32.21 52.81 27.86
C ILE C 3505 -33.58 53.47 27.66
N GLU C 3506 -33.74 54.12 26.51
CA GLU C 3506 -34.97 54.81 26.13
C GLU C 3506 -36.12 53.84 25.95
N GLU C 3507 -37.33 54.31 26.24
CA GLU C 3507 -38.51 53.51 25.98
C GLU C 3507 -38.66 53.24 24.48
N GLN C 3508 -38.26 54.20 23.65
CA GLN C 3508 -38.22 53.99 22.21
C GLN C 3508 -37.18 52.94 21.84
N GLY C 3509 -36.08 52.90 22.58
CA GLY C 3509 -35.06 51.91 22.31
C GLY C 3509 -35.50 50.58 22.86
N LYS C 3510 -36.40 50.64 23.84
CA LYS C 3510 -36.95 49.42 24.42
C LYS C 3510 -37.88 48.77 23.43
N ARG C 3511 -38.80 49.56 22.88
CA ARG C 3511 -39.73 49.06 21.89
C ARG C 3511 -39.02 48.66 20.61
N ASN C 3512 -37.95 49.38 20.28
CA ASN C 3512 -37.24 49.06 19.05
C ASN C 3512 -36.44 47.79 19.18
N PHE C 3513 -35.68 47.67 20.27
CA PHE C 3513 -34.86 46.49 20.47
C PHE C 3513 -35.74 45.27 20.69
N SER C 3514 -36.89 45.47 21.34
CA SER C 3514 -37.87 44.40 21.49
C SER C 3514 -38.47 44.00 20.16
N LYS C 3515 -38.61 44.97 19.27
CA LYS C 3515 -39.16 44.70 17.94
C LYS C 3515 -38.19 43.87 17.12
N ALA C 3516 -36.93 44.30 17.15
CA ALA C 3516 -35.88 43.59 16.42
C ALA C 3516 -35.71 42.20 17.00
N MET C 3517 -35.92 42.08 18.31
CA MET C 3517 -36.00 40.75 18.92
C MET C 3517 -37.23 39.96 18.52
N SER C 3518 -38.33 40.62 18.18
CA SER C 3518 -39.47 39.87 17.67
C SER C 3518 -39.11 39.28 16.31
N VAL C 3519 -38.38 40.08 15.54
CA VAL C 3519 -38.00 39.63 14.20
C VAL C 3519 -37.03 38.48 14.30
N ALA C 3520 -36.00 38.69 15.11
CA ALA C 3520 -34.96 37.69 15.26
C ALA C 3520 -35.56 36.45 15.89
N LYS C 3521 -36.59 36.61 16.72
CA LYS C 3521 -37.25 35.47 17.29
C LYS C 3521 -37.93 34.65 16.20
N GLN C 3522 -38.66 35.35 15.34
CA GLN C 3522 -39.40 34.66 14.29
C GLN C 3522 -38.44 33.97 13.33
N VAL C 3523 -37.27 34.58 13.16
CA VAL C 3523 -36.34 34.09 12.16
C VAL C 3523 -35.47 32.95 12.68
N PHE C 3524 -35.07 33.03 13.95
CA PHE C 3524 -34.45 31.89 14.60
C PHE C 3524 -35.43 30.73 14.68
N ASN C 3525 -36.72 31.03 14.82
CA ASN C 3525 -37.69 29.96 14.67
C ASN C 3525 -37.72 29.41 13.26
N SER C 3526 -37.51 30.28 12.28
CA SER C 3526 -37.50 29.80 10.91
C SER C 3526 -36.32 28.86 10.69
N LEU C 3527 -35.21 29.17 11.33
CA LEU C 3527 -34.05 28.30 11.22
C LEU C 3527 -34.15 27.11 12.14
N THR C 3528 -35.07 27.14 13.10
CA THR C 3528 -35.40 25.90 13.76
C THR C 3528 -36.05 25.08 12.70
N GLU C 3529 -36.85 25.74 11.87
CA GLU C 3529 -37.86 25.03 11.13
C GLU C 3529 -37.33 24.39 9.84
N TYR C 3530 -36.40 25.05 9.17
CA TYR C 3530 -35.79 24.47 7.99
C TYR C 3530 -35.06 23.20 8.37
N ILE C 3531 -34.53 23.23 9.59
CA ILE C 3531 -33.61 22.23 10.08
C ILE C 3531 -34.35 21.27 11.00
N GLN C 3532 -35.57 21.64 11.36
CA GLN C 3532 -36.27 20.98 12.43
C GLN C 3532 -36.40 19.56 12.03
N GLY C 3533 -36.76 19.35 10.77
CA GLY C 3533 -36.79 18.02 10.24
C GLY C 3533 -35.34 17.58 10.28
N PRO C 3534 -35.11 16.22 10.56
CA PRO C 3534 -33.68 15.90 10.58
C PRO C 3534 -33.31 15.74 9.14
N CYS C 3535 -33.36 16.85 8.41
CA CYS C 3535 -33.01 16.82 7.01
C CYS C 3535 -31.52 16.93 7.00
N THR C 3536 -30.88 15.83 6.62
CA THR C 3536 -29.44 15.73 6.71
C THR C 3536 -28.80 16.77 5.83
N GLY C 3537 -29.37 16.97 4.64
CA GLY C 3537 -28.76 17.81 3.65
C GLY C 3537 -29.07 19.26 3.90
N ASN C 3538 -30.11 19.52 4.68
CA ASN C 3538 -30.45 20.87 5.04
C ASN C 3538 -29.50 21.35 6.12
N GLN C 3539 -29.17 20.45 7.05
CA GLN C 3539 -28.22 20.78 8.08
C GLN C 3539 -26.84 20.98 7.48
N GLN C 3540 -26.47 20.05 6.60
CA GLN C 3540 -25.15 20.10 5.99
C GLN C 3540 -25.02 21.31 5.08
N SER C 3541 -26.12 21.70 4.43
CA SER C 3541 -26.13 22.90 3.61
C SER C 3541 -25.97 24.16 4.44
N LEU C 3542 -26.48 24.12 5.66
CA LEU C 3542 -26.42 25.27 6.54
C LEU C 3542 -25.17 25.28 7.40
N ALA C 3543 -24.62 24.11 7.70
CA ALA C 3543 -23.41 24.08 8.51
C ALA C 3543 -22.24 24.74 7.78
N HIS C 3544 -22.21 24.59 6.47
CA HIS C 3544 -21.27 25.34 5.64
C HIS C 3544 -21.66 26.81 5.53
N SER C 3545 -22.95 27.10 5.76
CA SER C 3545 -23.45 28.46 5.65
C SER C 3545 -22.88 29.31 6.77
N ARG C 3546 -22.82 30.61 6.53
CA ARG C 3546 -22.06 31.52 7.36
C ARG C 3546 -22.86 31.83 8.62
N LEU C 3547 -23.60 30.84 9.08
CA LEU C 3547 -24.41 30.95 10.27
C LEU C 3547 -23.58 31.22 11.50
N TRP C 3548 -22.38 30.66 11.52
CA TRP C 3548 -21.61 30.60 12.74
C TRP C 3548 -21.22 31.99 13.20
N ASP C 3549 -20.90 32.85 12.23
CA ASP C 3549 -20.49 34.21 12.51
C ASP C 3549 -21.64 34.94 13.17
N ALA C 3550 -22.86 34.50 12.88
CA ALA C 3550 -24.00 35.00 13.60
C ALA C 3550 -24.15 34.34 14.96
N VAL C 3551 -24.07 33.01 15.00
CA VAL C 3551 -24.41 32.33 16.25
C VAL C 3551 -23.37 32.65 17.33
N VAL C 3552 -22.13 32.85 16.92
CA VAL C 3552 -21.12 33.33 17.86
C VAL C 3552 -21.52 34.72 18.27
N GLY C 3553 -21.78 35.55 17.28
CA GLY C 3553 -21.93 36.96 17.50
C GLY C 3553 -23.17 37.36 18.25
N PHE C 3554 -24.23 36.60 18.08
CA PHE C 3554 -25.43 36.87 18.83
C PHE C 3554 -25.13 36.73 20.29
N LEU C 3555 -24.29 35.77 20.61
CA LEU C 3555 -23.98 35.53 22.01
C LEU C 3555 -23.27 36.75 22.56
N HIS C 3556 -22.49 37.43 21.71
CA HIS C 3556 -21.77 38.61 22.17
C HIS C 3556 -22.75 39.71 22.52
N VAL C 3557 -23.88 39.69 21.85
CA VAL C 3557 -25.00 40.52 22.24
C VAL C 3557 -25.73 39.93 23.42
N PHE C 3558 -25.97 38.62 23.40
CA PHE C 3558 -26.78 38.01 24.45
C PHE C 3558 -26.01 37.86 25.72
N ALA C 3559 -24.71 38.03 25.68
CA ALA C 3559 -23.96 38.05 26.93
C ALA C 3559 -24.23 39.34 27.68
N HIS C 3560 -23.67 40.44 27.17
CA HIS C 3560 -23.68 41.69 27.91
C HIS C 3560 -25.09 42.23 28.10
N MET C 3561 -25.94 42.02 27.10
CA MET C 3561 -27.32 42.42 27.20
C MET C 3561 -28.05 41.66 28.29
N MET C 3562 -27.64 40.41 28.56
CA MET C 3562 -28.37 39.64 29.54
C MET C 3562 -27.75 39.97 30.89
N MET C 3563 -26.72 40.81 30.86
CA MET C 3563 -26.07 41.29 32.07
C MET C 3563 -26.48 42.72 32.45
N LYS C 3564 -26.15 43.70 31.61
CA LYS C 3564 -26.49 45.08 31.94
C LYS C 3564 -27.99 45.35 31.93
N LEU C 3565 -28.77 44.55 31.22
CA LEU C 3565 -30.21 44.66 31.35
C LEU C 3565 -30.73 43.98 32.62
N ALA C 3566 -29.90 43.16 33.26
CA ALA C 3566 -30.35 42.41 34.43
C ALA C 3566 -30.67 43.31 35.62
N GLN C 3567 -30.06 44.49 35.60
CA GLN C 3567 -29.91 45.37 36.74
C GLN C 3567 -31.21 45.90 37.32
N ASP C 3568 -32.15 46.27 36.47
CA ASP C 3568 -33.35 46.91 36.96
C ASP C 3568 -34.60 46.22 36.49
N SER C 3569 -35.66 46.38 37.26
CA SER C 3569 -36.92 45.72 36.98
C SER C 3569 -37.51 46.16 35.64
N SER C 3570 -37.47 47.45 35.38
CA SER C 3570 -37.95 47.98 34.13
C SER C 3570 -37.08 47.38 33.05
N GLN C 3571 -35.80 47.25 33.36
CA GLN C 3571 -34.82 46.75 32.42
C GLN C 3571 -35.13 45.33 31.98
N ILE C 3572 -35.58 44.50 32.92
CA ILE C 3572 -35.79 43.08 32.61
C ILE C 3572 -36.89 42.73 31.59
N GLU C 3573 -38.08 43.30 31.71
CA GLU C 3573 -39.15 42.83 30.83
C GLU C 3573 -38.61 42.57 29.44
N LEU C 3574 -37.81 43.51 28.94
CA LEU C 3574 -37.14 43.32 27.67
C LEU C 3574 -36.14 42.19 27.74
N LEU C 3575 -35.50 42.06 28.90
CA LEU C 3575 -34.51 41.03 29.06
C LEU C 3575 -35.21 39.69 28.95
N LYS C 3576 -36.46 39.64 29.37
CA LYS C 3576 -37.25 38.42 29.22
C LYS C 3576 -37.49 38.07 27.76
N GLU C 3577 -37.66 39.08 26.91
CA GLU C 3577 -37.83 38.85 25.49
C GLU C 3577 -36.54 38.30 24.95
N LEU C 3578 -35.45 38.85 25.46
CA LEU C 3578 -34.13 38.43 25.04
C LEU C 3578 -33.88 36.99 25.46
N LEU C 3579 -34.48 36.60 26.59
CA LEU C 3579 -34.30 35.26 27.12
C LEU C 3579 -35.07 34.27 26.28
N ASP C 3580 -36.31 34.63 25.96
CA ASP C 3580 -37.12 33.73 25.14
C ASP C 3580 -36.45 33.57 23.78
N LEU C 3581 -35.91 34.65 23.26
CA LEU C 3581 -35.25 34.56 21.96
C LEU C 3581 -34.03 33.69 22.09
N GLN C 3582 -33.36 33.76 23.23
CA GLN C 3582 -32.19 32.94 23.45
C GLN C 3582 -32.58 31.48 23.49
N LYS C 3583 -33.78 31.23 24.01
CA LYS C 3583 -34.31 29.88 24.03
C LYS C 3583 -34.55 29.43 22.62
N ASP C 3584 -35.04 30.32 21.77
CA ASP C 3584 -35.24 29.94 20.37
C ASP C 3584 -33.93 29.73 19.63
N MET C 3585 -32.88 30.40 20.09
CA MET C 3585 -31.57 30.28 19.48
C MET C 3585 -30.95 28.93 19.80
N VAL C 3586 -30.94 28.62 21.10
CA VAL C 3586 -30.41 27.34 21.53
C VAL C 3586 -31.29 26.23 20.98
N VAL C 3587 -32.58 26.51 20.78
CA VAL C 3587 -33.44 25.54 20.12
C VAL C 3587 -33.14 25.34 18.65
N MET C 3588 -32.83 26.39 17.89
CA MET C 3588 -32.50 26.14 16.48
C MET C 3588 -31.22 25.37 16.43
N LEU C 3589 -30.38 25.59 17.44
CA LEU C 3589 -29.05 25.04 17.43
C LEU C 3589 -29.09 23.55 17.82
N LEU C 3590 -29.91 23.24 18.82
CA LEU C 3590 -30.22 21.86 19.19
C LEU C 3590 -30.93 21.10 18.08
N SER C 3591 -31.76 21.82 17.34
CA SER C 3591 -32.48 21.21 16.22
C SER C 3591 -31.53 21.15 15.05
N LEU C 3592 -30.40 21.80 15.20
CA LEU C 3592 -29.35 21.73 14.21
C LEU C 3592 -28.51 20.48 14.43
N LEU C 3593 -28.29 20.12 15.70
CA LEU C 3593 -27.44 18.96 16.00
C LEU C 3593 -28.01 17.55 15.88
N GLU C 3594 -29.33 17.40 15.76
CA GLU C 3594 -29.94 16.13 16.17
C GLU C 3594 -29.46 14.98 15.30
N GLY C 3595 -28.95 15.31 14.12
CA GLY C 3595 -28.50 14.34 13.15
C GLY C 3595 -27.08 13.82 13.32
N ASN C 3596 -26.39 14.26 14.37
CA ASN C 3596 -24.96 13.99 14.51
C ASN C 3596 -24.52 12.54 14.53
N VAL C 3597 -23.36 12.31 13.91
CA VAL C 3597 -22.58 11.10 14.11
C VAL C 3597 -21.67 11.49 15.28
N VAL C 3598 -20.61 10.73 15.58
CA VAL C 3598 -19.69 11.15 16.63
C VAL C 3598 -19.01 12.45 16.23
N ASN C 3599 -17.95 12.35 15.44
CA ASN C 3599 -17.26 13.55 15.02
C ASN C 3599 -17.94 14.14 13.80
N GLY C 3600 -19.19 14.54 13.98
CA GLY C 3600 -19.92 15.24 12.94
C GLY C 3600 -19.21 16.54 12.65
N MET C 3601 -19.04 16.84 11.37
CA MET C 3601 -18.30 18.03 10.98
C MET C 3601 -19.01 19.26 11.50
N ILE C 3602 -20.33 19.18 11.57
CA ILE C 3602 -21.13 20.26 12.10
C ILE C 3602 -20.86 20.49 13.59
N ALA C 3603 -20.77 19.40 14.35
CA ALA C 3603 -20.46 19.52 15.77
C ALA C 3603 -19.07 20.08 15.95
N ARG C 3604 -18.17 19.76 15.02
CA ARG C 3604 -16.84 20.35 15.04
C ARG C 3604 -16.91 21.84 14.80
N GLN C 3605 -17.82 22.24 13.91
CA GLN C 3605 -17.99 23.66 13.61
C GLN C 3605 -18.44 24.33 14.87
N MET C 3606 -19.20 23.60 15.67
CA MET C 3606 -19.75 24.18 16.87
C MET C 3606 -18.82 24.24 18.07
N VAL C 3607 -17.99 23.21 18.25
CA VAL C 3607 -17.00 23.30 19.29
C VAL C 3607 -16.07 24.44 18.90
N ASP C 3608 -15.88 24.60 17.59
CA ASP C 3608 -15.07 25.70 17.10
C ASP C 3608 -15.69 27.05 17.42
N MET C 3609 -17.01 27.18 17.24
CA MET C 3609 -17.61 28.46 17.58
C MET C 3609 -17.56 28.72 19.08
N LEU C 3610 -17.71 27.67 19.88
CA LEU C 3610 -17.66 27.84 21.32
C LEU C 3610 -16.28 28.25 21.79
N VAL C 3611 -15.24 27.77 21.10
CA VAL C 3611 -13.90 28.29 21.37
C VAL C 3611 -13.78 29.73 20.90
N GLU C 3612 -14.41 30.02 19.77
CA GLU C 3612 -14.43 31.39 19.25
C GLU C 3612 -15.26 32.31 20.13
N SER C 3613 -16.21 31.73 20.86
CA SER C 3613 -17.08 32.50 21.74
C SER C 3613 -16.84 32.16 23.20
N SER C 3614 -15.63 31.70 23.51
CA SER C 3614 -15.36 31.11 24.81
C SER C 3614 -15.55 32.04 26.00
N SER C 3615 -14.96 33.23 25.95
CA SER C 3615 -15.13 34.20 27.04
C SER C 3615 -16.56 34.71 27.07
N ASN C 3616 -17.19 34.69 25.91
CA ASN C 3616 -18.55 35.15 25.74
C ASN C 3616 -19.60 34.22 26.36
N VAL C 3617 -19.49 32.94 26.01
CA VAL C 3617 -20.36 31.95 26.60
C VAL C 3617 -19.94 31.82 28.05
N GLU C 3618 -18.70 32.18 28.33
CA GLU C 3618 -18.23 32.27 29.70
C GLU C 3618 -19.10 33.25 30.44
N MET C 3619 -19.30 34.43 29.86
CA MET C 3619 -20.14 35.42 30.52
C MET C 3619 -21.59 34.98 30.65
N ILE C 3620 -22.12 34.27 29.65
CA ILE C 3620 -23.53 33.90 29.82
C ILE C 3620 -23.65 32.85 30.92
N LEU C 3621 -22.74 31.88 30.93
CA LEU C 3621 -22.77 30.83 31.93
C LEU C 3621 -22.54 31.40 33.31
N LYS C 3622 -21.76 32.47 33.38
CA LYS C 3622 -21.62 33.18 34.63
C LYS C 3622 -22.96 33.80 35.01
N PHE C 3623 -23.74 34.25 34.04
CA PHE C 3623 -25.06 34.74 34.40
C PHE C 3623 -26.02 33.62 34.82
N PHE C 3624 -25.84 32.39 34.33
CA PHE C 3624 -26.85 31.37 34.63
C PHE C 3624 -26.76 30.83 36.05
N ASP C 3625 -25.66 31.13 36.74
CA ASP C 3625 -25.50 30.66 38.12
C ASP C 3625 -26.38 31.42 39.09
N MET C 3626 -26.90 32.57 38.66
CA MET C 3626 -27.86 33.36 39.43
C MET C 3626 -28.97 32.50 40.03
N ILE C 3633 -33.27 29.33 43.40
CA ILE C 3633 -34.01 29.65 44.61
C ILE C 3633 -33.31 29.10 45.85
N VAL C 3634 -32.19 28.43 45.63
CA VAL C 3634 -31.34 27.97 46.73
C VAL C 3634 -30.78 29.16 47.48
N GLY C 3635 -30.64 30.27 46.76
CA GLY C 3635 -30.09 31.47 47.37
C GLY C 3635 -31.12 32.11 48.27
N SER C 3636 -32.40 31.78 48.08
CA SER C 3636 -33.41 32.19 49.04
C SER C 3636 -33.19 31.48 50.38
N GLU C 3637 -32.77 30.22 50.29
CA GLU C 3637 -32.36 29.49 51.48
C GLU C 3637 -31.08 30.11 52.03
N ALA C 3638 -30.27 30.67 51.15
CA ALA C 3638 -29.11 31.42 51.61
C ALA C 3638 -29.53 32.66 52.38
N PHE C 3639 -30.65 33.28 51.99
CA PHE C 3639 -31.25 34.33 52.81
C PHE C 3639 -31.78 33.77 54.12
N GLN C 3640 -32.24 32.52 54.09
CA GLN C 3640 -32.72 31.87 55.32
C GLN C 3640 -31.57 31.66 56.28
N ASP C 3641 -30.36 31.53 55.73
CA ASP C 3641 -29.17 31.30 56.54
C ASP C 3641 -28.87 32.49 57.46
N TYR C 3642 -29.26 33.68 57.04
CA TYR C 3642 -29.00 34.88 57.84
C TYR C 3642 -30.12 35.90 57.77
N VAL C 3643 -31.36 35.44 57.67
CA VAL C 3643 -32.49 36.37 57.59
C VAL C 3643 -32.61 37.15 58.88
N THR C 3644 -32.85 38.46 58.78
CA THR C 3644 -33.01 39.28 59.98
C THR C 3644 -34.36 39.98 60.13
N ASP C 3645 -34.71 40.83 59.16
CA ASP C 3645 -35.93 41.64 59.24
C ASP C 3645 -37.19 40.79 59.28
N PRO C 3646 -37.21 39.76 58.45
CA PRO C 3646 -38.34 38.83 58.32
C PRO C 3646 -39.47 39.42 57.48
N ARG C 3647 -39.23 40.58 56.90
CA ARG C 3647 -40.14 41.16 55.92
C ARG C 3647 -39.85 40.56 54.54
N GLY C 3648 -38.81 39.74 54.49
CA GLY C 3648 -38.25 39.24 53.25
C GLY C 3648 -37.23 40.22 52.72
N LEU C 3649 -37.11 41.33 53.43
CA LEU C 3649 -36.07 42.32 53.20
C LEU C 3649 -34.73 41.85 53.76
N ILE C 3650 -33.64 42.34 53.20
CA ILE C 3650 -32.32 42.06 53.75
C ILE C 3650 -31.33 43.18 53.45
N SER C 3651 -30.45 43.46 54.40
CA SER C 3651 -29.40 44.45 54.21
C SER C 3651 -28.44 44.01 53.11
N LYS C 3652 -28.04 44.97 52.27
CA LYS C 3652 -27.17 44.66 51.15
C LYS C 3652 -25.72 44.44 51.57
N LYS C 3653 -25.20 45.37 52.38
CA LYS C 3653 -23.82 45.27 52.83
C LYS C 3653 -23.63 44.06 53.72
N ASP C 3654 -24.65 43.73 54.51
CA ASP C 3654 -24.61 42.50 55.29
C ASP C 3654 -24.66 41.29 54.37
N PHE C 3655 -25.40 41.44 53.28
CA PHE C 3655 -25.55 40.35 52.31
C PHE C 3655 -24.24 40.07 51.61
N GLN C 3656 -23.41 41.09 51.44
CA GLN C 3656 -22.16 40.91 50.71
C GLN C 3656 -21.23 39.97 51.48
N LYS C 3657 -21.05 40.26 52.77
CA LYS C 3657 -20.20 39.43 53.61
C LYS C 3657 -20.84 38.09 53.95
N ALA C 3658 -22.14 38.09 54.20
CA ALA C 3658 -22.83 36.86 54.54
C ALA C 3658 -22.84 35.87 53.38
N MET C 3659 -22.87 36.40 52.16
CA MET C 3659 -22.92 35.52 50.99
C MET C 3659 -21.54 35.25 50.40
N ASP C 3660 -20.56 36.10 50.71
CA ASP C 3660 -19.20 35.82 50.26
C ASP C 3660 -18.64 34.59 50.97
N SER C 3661 -19.16 34.32 52.17
CA SER C 3661 -18.68 33.21 52.98
C SER C 3661 -18.98 31.83 52.38
N GLN C 3662 -20.05 31.75 51.59
CA GLN C 3662 -20.48 30.46 51.06
C GLN C 3662 -19.71 30.13 49.79
N GLN C 3664 -18.31 30.23 46.92
CA GLN C 3664 -17.22 31.14 46.60
C GLN C 3664 -17.58 32.11 45.49
N PHE C 3665 -18.82 32.58 45.49
CA PHE C 3665 -19.24 33.61 44.56
C PHE C 3665 -18.44 34.88 44.84
N THR C 3666 -17.95 35.52 43.79
CA THR C 3666 -17.17 36.75 43.96
C THR C 3666 -18.07 37.83 44.55
N GLY C 3667 -17.50 38.65 45.42
CA GLY C 3667 -18.29 39.65 46.09
C GLY C 3667 -18.81 40.68 45.10
N PRO C 3668 -18.00 41.01 44.09
CA PRO C 3668 -18.57 41.84 43.03
C PRO C 3668 -19.78 41.18 42.35
N GLU C 3669 -19.76 39.87 42.19
CA GLU C 3669 -20.92 39.19 41.63
C GLU C 3669 -22.11 39.29 42.54
N ILE C 3670 -21.87 39.20 43.85
CA ILE C 3670 -22.97 39.31 44.80
C ILE C 3670 -23.54 40.72 44.76
N GLN C 3671 -22.67 41.68 44.50
CA GLN C 3671 -23.10 43.05 44.28
C GLN C 3671 -23.93 43.12 43.02
N PHE C 3672 -23.59 42.28 42.05
CA PHE C 3672 -24.41 42.17 40.85
C PHE C 3672 -25.77 41.54 41.18
N LEU C 3673 -25.82 40.68 42.18
CA LEU C 3673 -27.08 40.09 42.61
C LEU C 3673 -27.96 41.16 43.21
N LEU C 3674 -27.37 41.93 44.12
CA LEU C 3674 -28.12 42.97 44.80
C LEU C 3674 -28.57 44.02 43.81
N SER C 3675 -27.71 44.27 42.83
CA SER C 3675 -28.02 45.16 41.73
C SER C 3675 -29.15 44.59 40.87
N CYS C 3676 -29.20 43.27 40.80
CA CYS C 3676 -30.22 42.57 40.02
C CYS C 3676 -31.51 42.50 40.81
N SER C 3677 -31.42 42.85 42.09
CA SER C 3677 -32.56 42.77 42.98
C SER C 3677 -33.39 44.05 42.93
N GLU C 3678 -33.21 44.91 43.92
CA GLU C 3678 -33.93 46.17 43.97
C GLU C 3678 -33.12 47.23 44.69
N ALA C 3679 -32.52 46.84 45.82
CA ALA C 3679 -31.77 47.78 46.66
C ALA C 3679 -32.63 48.98 47.03
N ASP C 3680 -33.89 48.70 47.36
CA ASP C 3680 -34.87 49.76 47.61
C ASP C 3680 -34.48 50.63 48.80
N GLU C 3681 -34.72 51.94 48.66
CA GLU C 3681 -34.39 52.92 49.68
C GLU C 3681 -32.94 52.78 50.13
N ASN C 3682 -32.76 52.27 51.35
CA ASN C 3682 -31.43 52.00 51.87
C ASN C 3682 -30.89 50.66 51.39
N GLU C 3683 -30.60 49.78 52.35
CA GLU C 3683 -30.06 48.45 52.06
C GLU C 3683 -31.14 47.42 51.72
N MET C 3684 -32.41 47.81 51.87
CA MET C 3684 -33.53 46.88 51.81
C MET C 3684 -33.65 46.16 50.47
N ILE C 3685 -33.92 44.85 50.53
CA ILE C 3685 -33.96 43.99 49.34
C ILE C 3685 -34.87 42.77 49.52
N ASN C 3686 -35.95 42.72 48.74
CA ASN C 3686 -36.84 41.54 48.74
C ASN C 3686 -36.13 40.32 48.18
N PHE C 3687 -36.30 39.18 48.84
CA PHE C 3687 -35.80 37.91 48.35
C PHE C 3687 -36.51 37.39 47.11
N GLU C 3688 -37.80 37.70 46.97
CA GLU C 3688 -38.63 37.03 45.98
C GLU C 3688 -38.55 37.67 44.59
N GLU C 3689 -38.59 39.00 44.56
CA GLU C 3689 -38.46 39.72 43.29
C GLU C 3689 -37.10 39.42 42.69
N PHE C 3690 -36.11 39.28 43.57
CA PHE C 3690 -34.81 38.78 43.17
C PHE C 3690 -34.88 37.31 42.75
N ALA C 3691 -35.77 36.55 43.38
CA ALA C 3691 -35.91 35.13 43.09
C ALA C 3691 -36.45 34.89 41.68
N ASN C 3692 -37.21 35.86 41.17
CA ASN C 3692 -37.76 35.76 39.82
C ASN C 3692 -36.67 35.77 38.76
N ARG C 3693 -35.53 36.39 39.07
CA ARG C 3693 -34.42 36.47 38.13
C ARG C 3693 -33.09 36.31 38.86
N PRO C 3697 -38.16 30.30 34.88
CA PRO C 3697 -38.15 31.52 34.07
C PRO C 3697 -37.06 31.50 32.99
N ALA C 3698 -35.86 31.97 33.34
CA ALA C 3698 -34.75 31.97 32.41
C ALA C 3698 -34.15 30.57 32.26
N ARG C 3699 -34.56 29.68 33.16
CA ARG C 3699 -33.95 28.35 33.27
C ARG C 3699 -34.07 27.54 31.99
N ASP C 3700 -35.12 27.78 31.22
CA ASP C 3700 -35.33 27.02 30.01
C ASP C 3700 -34.17 27.23 29.05
N ILE C 3701 -33.52 28.38 29.14
CA ILE C 3701 -32.33 28.57 28.33
C ILE C 3701 -31.20 27.69 28.80
N GLY C 3702 -30.95 27.72 30.11
CA GLY C 3702 -29.74 27.14 30.66
C GLY C 3702 -29.79 25.65 30.50
N PHE C 3703 -30.98 25.10 30.65
CA PHE C 3703 -31.18 23.69 30.44
C PHE C 3703 -30.72 23.33 29.04
N ASN C 3704 -31.21 24.09 28.07
CA ASN C 3704 -30.83 23.81 26.70
C ASN C 3704 -29.33 24.02 26.55
N VAL C 3705 -28.80 25.00 27.26
CA VAL C 3705 -27.38 25.25 27.15
C VAL C 3705 -26.66 24.06 27.74
N ALA C 3706 -27.21 23.57 28.85
CA ALA C 3706 -26.61 22.42 29.48
C ALA C 3706 -26.72 21.26 28.52
N VAL C 3707 -27.83 21.22 27.79
CA VAL C 3707 -28.03 20.12 26.88
C VAL C 3707 -26.92 20.17 25.87
N LEU C 3708 -26.61 21.37 25.40
CA LEU C 3708 -25.56 21.51 24.40
C LEU C 3708 -24.23 21.08 24.94
N LEU C 3709 -23.99 21.42 26.20
CA LEU C 3709 -22.69 21.14 26.76
C LEU C 3709 -22.58 19.63 26.89
N THR C 3710 -23.73 18.99 27.07
CA THR C 3710 -23.77 17.54 27.01
C THR C 3710 -23.78 17.11 25.57
N ASN C 3711 -24.61 17.78 24.77
CA ASN C 3711 -24.94 17.28 23.44
C ASN C 3711 -23.73 17.27 22.54
N LEU C 3712 -22.78 18.15 22.79
CA LEU C 3712 -21.51 18.04 22.10
C LEU C 3712 -20.58 17.03 22.78
N SER C 3713 -20.48 17.14 24.10
CA SER C 3713 -19.46 16.40 24.83
C SER C 3713 -19.69 14.91 24.67
N GLU C 3714 -20.95 14.55 24.52
CA GLU C 3714 -21.30 13.17 24.23
C GLU C 3714 -21.14 12.85 22.75
N HIS C 3715 -21.63 13.71 21.85
CA HIS C 3715 -21.37 13.47 20.44
C HIS C 3715 -19.92 13.62 20.04
N VAL C 3716 -19.17 14.50 20.69
CA VAL C 3716 -17.78 14.63 20.27
C VAL C 3716 -16.79 14.57 21.44
N PRO C 3717 -16.57 13.36 21.96
CA PRO C 3717 -15.50 13.06 22.91
C PRO C 3717 -14.15 13.31 22.25
N HIS C 3718 -13.16 13.71 23.04
CA HIS C 3718 -11.78 13.97 22.61
C HIS C 3718 -11.68 15.37 22.03
N ASP C 3719 -12.24 16.32 22.77
CA ASP C 3719 -12.11 17.75 22.53
C ASP C 3719 -11.68 18.47 23.80
N PRO C 3720 -10.37 18.48 24.05
CA PRO C 3720 -9.81 19.02 25.30
C PRO C 3720 -10.23 20.47 25.47
N ARG C 3721 -10.37 21.20 24.37
CA ARG C 3721 -10.99 22.52 24.42
C ARG C 3721 -12.45 22.46 24.92
N LEU C 3722 -13.25 21.60 24.31
CA LEU C 3722 -14.62 21.41 24.76
C LEU C 3722 -14.65 20.79 26.14
N ARG C 3723 -13.65 19.96 26.42
CA ARG C 3723 -13.58 19.31 27.72
C ARG C 3723 -13.37 20.34 28.81
N ASN C 3724 -12.49 21.30 28.55
CA ASN C 3724 -12.26 22.39 29.49
C ASN C 3724 -13.48 23.27 29.60
N PHE C 3725 -14.18 23.39 28.49
CA PHE C 3725 -15.28 24.33 28.45
C PHE C 3725 -16.44 23.80 29.29
N LEU C 3726 -16.73 22.52 29.12
CA LEU C 3726 -17.68 21.84 29.98
C LEU C 3726 -17.17 21.77 31.41
N GLU C 3727 -15.86 21.68 31.57
CA GLU C 3727 -15.28 21.58 32.90
C GLU C 3727 -15.58 22.85 33.68
N LEU C 3728 -15.58 23.98 32.97
CA LEU C 3728 -16.03 25.22 33.59
C LEU C 3728 -17.56 25.25 33.67
N ALA C 3729 -18.23 24.50 32.80
CA ALA C 3729 -19.69 24.54 32.72
C ALA C 3729 -20.37 23.65 33.76
N GLU C 3730 -19.55 22.89 34.49
CA GLU C 3730 -20.06 21.81 35.32
C GLU C 3730 -20.96 22.35 36.42
N SER C 3731 -20.71 23.58 36.84
CA SER C 3731 -21.55 24.22 37.85
C SER C 3731 -22.98 24.40 37.37
N ILE C 3732 -23.14 24.60 36.06
CA ILE C 3732 -24.46 24.67 35.47
C ILE C 3732 -24.99 23.27 35.22
N LEU C 3733 -24.11 22.37 34.79
CA LEU C 3733 -24.55 21.02 34.50
C LEU C 3733 -25.06 20.25 35.72
N GLU C 3734 -24.54 20.55 36.90
CA GLU C 3734 -24.95 19.81 38.08
C GLU C 3734 -26.41 20.02 38.43
N TYR C 3735 -26.91 21.23 38.19
CA TYR C 3735 -28.30 21.53 38.49
C TYR C 3735 -29.26 20.78 37.56
N PHE C 3736 -28.81 20.50 36.34
CA PHE C 3736 -29.67 19.90 35.34
C PHE C 3736 -29.39 18.42 35.15
N ARG C 3737 -28.38 17.92 35.85
CA ARG C 3737 -28.10 16.50 35.87
C ARG C 3737 -29.28 15.66 36.36
N PRO C 3738 -29.92 16.05 37.49
CA PRO C 3738 -30.98 15.16 37.98
C PRO C 3738 -32.10 14.90 36.99
N TYR C 3739 -32.42 15.88 36.16
CA TYR C 3739 -33.59 15.74 35.31
C TYR C 3739 -33.48 16.23 33.87
N LEU C 3740 -32.34 16.03 33.24
CA LEU C 3740 -32.33 15.99 31.80
C LEU C 3740 -32.07 14.54 31.51
N GLY C 3741 -33.01 13.89 30.85
CA GLY C 3741 -32.91 12.47 30.60
C GLY C 3741 -32.82 12.30 29.11
N ARG C 3742 -31.89 11.43 28.71
CA ARG C 3742 -31.60 11.12 27.32
C ARG C 3742 -32.01 9.70 26.95
N ILE C 3743 -32.77 9.60 25.87
CA ILE C 3743 -33.16 8.30 25.36
C ILE C 3743 -32.49 8.11 24.02
N GLU C 3744 -31.90 6.92 23.87
CA GLU C 3744 -31.20 6.54 22.67
C GLU C 3744 -32.16 5.75 21.82
N ILE C 3745 -32.41 6.27 20.64
CA ILE C 3745 -33.35 5.72 19.67
C ILE C 3745 -32.82 5.72 18.25
N MET C 3746 -33.10 4.67 17.47
CA MET C 3746 -32.69 4.70 16.07
C MET C 3746 -33.45 5.75 15.28
N GLY C 3747 -32.73 6.47 14.44
CA GLY C 3747 -33.29 7.55 13.66
C GLY C 3747 -33.87 7.07 12.35
N ALA C 3748 -34.40 8.00 11.57
CA ALA C 3748 -34.85 7.70 10.22
C ALA C 3748 -33.64 7.31 9.38
N SER C 3749 -32.47 7.81 9.78
CA SER C 3749 -31.21 7.47 9.11
C SER C 3749 -30.74 6.09 9.57
N ARG C 3750 -31.42 5.56 10.59
CA ARG C 3750 -31.22 4.23 11.13
C ARG C 3750 -29.92 4.14 11.96
N ARG C 3751 -29.03 5.09 11.79
CA ARG C 3751 -27.96 5.24 12.75
C ARG C 3751 -28.62 5.71 14.05
N ILE C 3752 -28.21 5.15 15.19
CA ILE C 3752 -28.80 5.55 16.45
C ILE C 3752 -28.51 7.01 16.76
N GLU C 3753 -29.55 7.69 17.21
CA GLU C 3753 -29.46 9.03 17.74
C GLU C 3753 -29.91 8.97 19.19
N ARG C 3754 -28.98 9.14 20.12
CA ARG C 3754 -29.38 9.37 21.50
C ARG C 3754 -29.97 10.76 21.51
N ILE C 3755 -31.00 11.01 22.31
CA ILE C 3755 -31.63 12.31 22.25
C ILE C 3755 -31.92 12.85 23.64
N TYR C 3756 -31.73 14.15 23.80
CA TYR C 3756 -31.74 14.78 25.11
C TYR C 3756 -33.07 15.38 25.51
N PHE C 3757 -33.96 14.50 25.94
CA PHE C 3757 -35.29 14.87 26.43
C PHE C 3757 -35.23 15.55 27.80
N GLU C 3758 -36.23 16.39 28.07
CA GLU C 3758 -36.34 17.12 29.33
C GLU C 3758 -37.31 16.46 30.32
N ILE C 3759 -36.79 15.75 31.32
CA ILE C 3759 -37.62 15.21 32.41
C ILE C 3759 -38.16 16.32 33.32
N SER C 3760 -39.42 16.22 33.73
CA SER C 3760 -39.94 17.10 34.78
C SER C 3760 -39.36 16.77 36.15
N GLU C 3761 -39.06 17.80 36.95
CA GLU C 3761 -38.68 17.57 38.34
C GLU C 3761 -39.84 16.97 39.12
N THR C 3762 -41.05 17.37 38.77
CA THR C 3762 -42.22 16.78 39.38
C THR C 3762 -42.34 15.30 39.04
N ASN C 3763 -41.94 14.95 37.82
CA ASN C 3763 -41.97 13.57 37.40
C ASN C 3763 -40.82 12.80 38.03
N ARG C 3764 -39.65 13.42 38.05
CA ARG C 3764 -38.46 12.79 38.58
C ARG C 3764 -38.65 12.49 40.06
N ALA C 3765 -39.41 13.35 40.73
CA ALA C 3765 -39.77 13.14 42.12
C ALA C 3765 -40.86 12.08 42.22
N GLN C 3766 -41.80 12.13 41.29
CA GLN C 3766 -42.95 11.21 41.33
C GLN C 3766 -42.59 9.75 41.10
N TRP C 3767 -41.51 9.52 40.37
CA TRP C 3767 -41.17 8.15 39.98
C TRP C 3767 -40.46 7.39 41.10
N GLU C 3768 -40.09 8.10 42.15
CA GLU C 3768 -39.25 7.52 43.19
C GLU C 3768 -40.02 6.87 44.33
N MET C 3769 -40.62 7.71 45.16
CA MET C 3769 -41.20 7.32 46.45
C MET C 3769 -42.27 6.21 46.50
N PRO C 3770 -43.29 6.28 45.63
CA PRO C 3770 -44.52 5.61 46.04
C PRO C 3770 -44.63 4.14 45.65
N GLN C 3771 -45.86 3.77 45.30
CA GLN C 3771 -46.19 2.44 44.80
C GLN C 3771 -45.48 2.19 43.48
N VAL C 3772 -45.17 3.25 42.75
CA VAL C 3772 -44.74 3.13 41.37
C VAL C 3772 -43.44 2.34 41.19
N LYS C 3773 -42.51 2.47 42.14
CA LYS C 3773 -41.28 1.71 42.03
C LYS C 3773 -41.56 0.22 42.18
N GLU C 3774 -42.48 -0.10 43.07
CA GLU C 3774 -42.91 -1.47 43.25
C GLU C 3774 -43.64 -1.94 42.00
N SER C 3775 -44.31 -1.02 41.32
CA SER C 3775 -44.92 -1.36 40.04
C SER C 3775 -43.85 -1.68 39.02
N LYS C 3776 -42.71 -1.02 39.12
CA LYS C 3776 -41.56 -1.35 38.28
C LYS C 3776 -41.04 -2.72 38.61
N ARG C 3777 -41.11 -3.07 39.90
CA ARG C 3777 -40.62 -4.39 40.31
C ARG C 3777 -41.52 -5.48 39.75
N GLN C 3778 -42.82 -5.30 39.93
CA GLN C 3778 -43.79 -6.27 39.43
C GLN C 3778 -43.78 -6.32 37.92
N PHE C 3779 -43.50 -5.19 37.29
CA PHE C 3779 -43.39 -5.18 35.84
C PHE C 3779 -42.21 -5.95 35.32
N ILE C 3780 -41.03 -5.62 35.82
CA ILE C 3780 -39.83 -6.26 35.32
C ILE C 3780 -39.88 -7.74 35.65
N PHE C 3781 -40.47 -8.06 36.80
CA PHE C 3781 -40.70 -9.46 37.13
C PHE C 3781 -41.72 -10.12 36.21
N ASP C 3782 -42.69 -9.37 35.71
CA ASP C 3782 -43.70 -9.93 34.82
C ASP C 3782 -43.23 -10.00 33.37
N VAL C 3783 -42.10 -9.38 33.08
CA VAL C 3783 -41.57 -9.44 31.72
C VAL C 3783 -40.42 -10.42 31.63
N VAL C 3784 -39.46 -10.30 32.54
CA VAL C 3784 -38.30 -11.17 32.51
C VAL C 3784 -38.72 -12.62 32.72
N ASN C 3785 -39.71 -12.80 33.57
CA ASN C 3785 -40.29 -14.10 33.80
C ASN C 3785 -40.93 -14.66 32.55
N GLU C 3786 -41.68 -13.82 31.83
CA GLU C 3786 -42.43 -14.33 30.69
C GLU C 3786 -42.12 -13.66 29.36
N GLY C 3787 -42.17 -12.33 29.33
CA GLY C 3787 -42.02 -11.60 28.08
C GLY C 3787 -40.66 -11.81 27.45
N GLY C 3788 -40.64 -11.96 26.13
CA GLY C 3788 -39.39 -12.26 25.44
C GLY C 3788 -39.11 -11.41 24.22
N GLU C 3789 -40.03 -11.44 23.26
CA GLU C 3789 -39.83 -10.76 21.98
C GLU C 3789 -40.59 -9.43 21.87
N ALA C 3790 -41.67 -9.37 21.09
CA ALA C 3790 -42.41 -8.13 20.94
C ALA C 3790 -43.00 -7.70 22.28
N GLU C 3791 -43.30 -8.67 23.13
CA GLU C 3791 -43.83 -8.38 24.44
C GLU C 3791 -42.84 -7.62 25.32
N LYS C 3792 -41.55 -7.85 25.09
CA LYS C 3792 -40.50 -7.30 25.95
C LYS C 3792 -40.52 -5.79 25.90
N MET C 3793 -41.03 -5.25 24.81
CA MET C 3793 -41.10 -3.81 24.63
C MET C 3793 -42.53 -3.28 24.61
N GLU C 3794 -43.42 -3.98 23.90
CA GLU C 3794 -44.81 -3.53 23.86
C GLU C 3794 -45.46 -3.58 25.23
N LEU C 3795 -45.16 -4.62 25.99
CA LEU C 3795 -45.64 -4.66 27.37
C LEU C 3795 -44.96 -3.57 28.15
N PHE C 3796 -43.73 -3.27 27.78
CA PHE C 3796 -43.04 -2.22 28.47
C PHE C 3796 -43.64 -0.86 28.32
N VAL C 3797 -44.18 -0.59 27.13
CA VAL C 3797 -44.71 0.74 26.91
C VAL C 3797 -46.16 0.72 27.34
N SER C 3798 -46.68 -0.49 27.52
CA SER C 3798 -47.97 -0.64 28.16
C SER C 3798 -47.81 -0.19 29.61
N PHE C 3799 -46.75 -0.68 30.24
CA PHE C 3799 -46.39 -0.24 31.58
C PHE C 3799 -46.02 1.22 31.66
N CYS C 3800 -45.42 1.75 30.60
CA CYS C 3800 -45.05 3.14 30.61
C CYS C 3800 -46.30 3.99 30.61
N GLU C 3801 -47.27 3.59 29.80
CA GLU C 3801 -48.55 4.28 29.75
C GLU C 3801 -49.38 4.13 31.04
N ASP C 3802 -49.21 2.99 31.71
CA ASP C 3802 -49.85 2.81 33.00
C ASP C 3802 -49.22 3.75 34.03
N THR C 3803 -47.89 3.85 33.99
CA THR C 3803 -47.20 4.73 34.91
C THR C 3803 -47.55 6.18 34.57
N ILE C 3804 -47.85 6.44 33.31
CA ILE C 3804 -48.28 7.78 32.91
C ILE C 3804 -49.59 8.09 33.54
N PHE C 3805 -50.52 7.14 33.46
CA PHE C 3805 -51.84 7.43 33.96
C PHE C 3805 -51.73 7.59 35.47
N GLU C 3806 -50.81 6.87 36.08
CA GLU C 3806 -50.59 7.00 37.52
C GLU C 3806 -50.04 8.36 37.91
N MET C 3807 -49.02 8.83 37.20
CA MET C 3807 -48.47 10.14 37.50
C MET C 3807 -49.48 11.23 37.23
N GLN C 3808 -50.32 11.01 36.24
CA GLN C 3808 -51.41 11.93 35.98
C GLN C 3808 -52.37 11.92 37.16
N ILE C 3809 -52.56 10.75 37.77
CA ILE C 3809 -53.37 10.67 38.98
C ILE C 3809 -52.70 11.45 40.10
N ALA C 3810 -51.38 11.44 40.13
CA ALA C 3810 -50.67 12.22 41.14
C ALA C 3810 -50.85 13.71 40.89
N ALA C 3811 -50.96 14.07 39.61
CA ALA C 3811 -51.24 15.44 39.23
C ALA C 3811 -52.66 15.82 39.66
N GLN C 3812 -53.52 14.81 39.69
CA GLN C 3812 -54.90 15.01 40.12
C GLN C 3812 -54.98 15.01 41.64
N ILE C 3813 -53.88 14.64 42.28
CA ILE C 3813 -53.77 14.67 43.73
C ILE C 3813 -52.61 15.55 44.18
N GLU C 4107 -68.94 21.93 45.91
CA GLU C 4107 -68.69 20.56 45.50
C GLU C 4107 -67.19 20.29 45.39
N VAL C 4108 -66.41 21.36 45.30
CA VAL C 4108 -64.96 21.24 45.19
C VAL C 4108 -64.38 20.56 46.43
N GLN C 4109 -65.01 20.80 47.57
CA GLN C 4109 -64.59 20.18 48.82
C GLN C 4109 -64.73 18.67 48.74
N ARG C 4110 -65.71 18.21 47.97
CA ARG C 4110 -65.91 16.79 47.78
C ARG C 4110 -64.74 16.18 47.05
N VAL C 4111 -64.35 16.83 45.95
CA VAL C 4111 -63.23 16.36 45.16
C VAL C 4111 -61.93 16.42 45.93
N LYS C 4112 -61.80 17.43 46.79
CA LYS C 4112 -60.57 17.60 47.55
C LYS C 4112 -60.42 16.56 48.64
N PHE C 4113 -61.50 16.38 49.41
CA PHE C 4113 -61.49 15.37 50.46
C PHE C 4113 -61.39 13.98 49.87
N LEU C 4114 -61.97 13.81 48.69
CA LEU C 4114 -61.84 12.56 47.95
C LEU C 4114 -60.41 12.32 47.48
N ASN C 4115 -59.70 13.40 47.17
CA ASN C 4115 -58.31 13.30 46.74
C ASN C 4115 -57.38 12.96 47.89
N TYR C 4116 -57.57 13.63 49.03
CA TYR C 4116 -56.79 13.25 50.20
C TYR C 4116 -57.15 11.84 50.62
N LEU C 4117 -58.40 11.49 50.41
CA LEU C 4117 -58.89 10.16 50.74
C LEU C 4117 -58.22 9.13 49.84
N SER C 4118 -57.89 9.56 48.62
CA SER C 4118 -57.26 8.68 47.66
C SER C 4118 -55.76 8.51 47.90
N ARG C 4119 -55.08 9.61 48.22
CA ARG C 4119 -53.64 9.55 48.47
C ARG C 4119 -53.32 8.80 49.76
N ASN C 4120 -54.28 8.77 50.68
CA ASN C 4120 -54.10 8.15 51.98
C ASN C 4120 -54.51 6.67 51.98
N PHE C 4121 -54.82 6.16 50.80
CA PHE C 4121 -55.50 4.87 50.66
C PHE C 4121 -54.77 3.67 51.26
N TYR C 4122 -53.44 3.66 51.23
CA TYR C 4122 -52.71 2.53 51.79
C TYR C 4122 -52.66 2.57 53.31
N THR C 4123 -52.43 3.76 53.86
CA THR C 4123 -52.47 3.92 55.31
C THR C 4123 -53.88 3.64 55.78
N LEU C 4124 -54.84 3.96 54.93
CA LEU C 4124 -56.24 3.66 55.20
C LEU C 4124 -56.53 2.17 55.22
N ARG C 4125 -55.90 1.45 54.32
CA ARG C 4125 -56.10 0.02 54.21
C ARG C 4125 -55.48 -0.67 55.42
N PHE C 4126 -54.28 -0.22 55.75
CA PHE C 4126 -53.56 -0.77 56.90
C PHE C 4126 -54.33 -0.45 58.16
N LEU C 4127 -54.97 0.71 58.19
CA LEU C 4127 -55.83 1.08 59.30
C LEU C 4127 -57.04 0.16 59.38
N ALA C 4128 -57.56 -0.26 58.24
CA ALA C 4128 -58.67 -1.19 58.26
C ALA C 4128 -58.24 -2.53 58.82
N LEU C 4129 -57.04 -2.95 58.45
CA LEU C 4129 -56.49 -4.19 58.97
C LEU C 4129 -56.25 -4.11 60.47
N PHE C 4130 -55.86 -2.92 60.93
CA PHE C 4130 -55.64 -2.69 62.35
C PHE C 4130 -56.95 -2.76 63.12
N LEU C 4131 -57.99 -2.20 62.52
CA LEU C 4131 -59.31 -2.27 63.12
C LEU C 4131 -59.75 -3.72 63.16
N ALA C 4132 -59.33 -4.49 62.17
CA ALA C 4132 -59.70 -5.90 62.15
C ALA C 4132 -59.04 -6.64 63.30
N PHE C 4133 -57.74 -6.45 63.49
CA PHE C 4133 -57.07 -7.11 64.60
C PHE C 4133 -57.62 -6.69 65.95
N ALA C 4134 -57.91 -5.40 66.10
CA ALA C 4134 -58.31 -4.92 67.41
C ALA C 4134 -59.72 -5.38 67.74
N ILE C 4135 -60.63 -5.17 66.79
CA ILE C 4135 -62.02 -5.51 67.02
C ILE C 4135 -62.17 -7.01 67.21
N ASN C 4136 -61.54 -7.77 66.32
CA ASN C 4136 -61.70 -9.21 66.42
C ASN C 4136 -61.02 -9.72 67.70
N PHE C 4137 -59.98 -9.02 68.13
CA PHE C 4137 -59.37 -9.36 69.40
C PHE C 4137 -60.35 -9.12 70.54
N ILE C 4138 -61.19 -8.10 70.39
CA ILE C 4138 -62.28 -7.93 71.35
C ILE C 4138 -63.30 -9.06 71.21
N LEU C 4139 -63.41 -9.61 70.00
CA LEU C 4139 -64.27 -10.78 69.77
C LEU C 4139 -63.73 -12.01 70.47
N LEU C 4140 -62.44 -12.00 70.78
CA LEU C 4140 -61.81 -13.14 71.45
C LEU C 4140 -62.40 -13.37 72.84
N PHE C 4141 -63.05 -12.35 73.41
CA PHE C 4141 -63.63 -12.44 74.75
C PHE C 4141 -65.04 -13.04 74.89
N TYR C 4142 -65.66 -13.48 73.79
CA TYR C 4142 -67.04 -13.98 73.81
C TYR C 4142 -67.25 -15.24 74.65
N LYS C 4143 -68.45 -15.37 75.20
CA LYS C 4143 -68.79 -16.43 76.15
C LYS C 4143 -70.30 -16.73 76.06
N VAL C 4144 -70.73 -17.88 76.58
CA VAL C 4144 -72.14 -18.25 76.51
C VAL C 4144 -72.68 -18.73 77.86
N SER C 4145 -73.96 -18.47 78.12
CA SER C 4145 -74.61 -18.95 79.34
C SER C 4145 -75.91 -19.68 79.02
N VAL C 4190 -77.49 -18.67 74.23
CA VAL C 4190 -77.46 -17.23 74.45
C VAL C 4190 -76.02 -16.70 74.42
N TYR C 4191 -75.63 -16.13 73.29
CA TYR C 4191 -74.30 -15.56 73.12
C TYR C 4191 -74.13 -14.36 74.05
N TYR C 4192 -72.93 -14.19 74.59
CA TYR C 4192 -72.69 -13.13 75.56
C TYR C 4192 -71.27 -12.58 75.45
N PHE C 4193 -71.11 -11.30 75.76
CA PHE C 4193 -69.80 -10.66 75.71
C PHE C 4193 -69.19 -10.58 77.11
N LEU C 4194 -68.36 -11.55 77.45
CA LEU C 4194 -67.77 -11.62 78.78
C LEU C 4194 -66.53 -10.75 78.88
N GLU C 4195 -66.76 -9.44 78.95
CA GLU C 4195 -65.68 -8.48 79.11
C GLU C 4195 -64.96 -8.63 80.45
N GLU C 4196 -63.63 -8.58 80.39
CA GLU C 4196 -62.81 -8.47 81.59
C GLU C 4196 -62.82 -7.00 82.03
N SER C 4197 -62.71 -6.76 83.34
CA SER C 4197 -62.62 -5.40 83.89
C SER C 4197 -63.70 -4.44 83.38
N THR C 4198 -63.29 -3.49 82.53
CA THR C 4198 -64.14 -2.37 82.14
C THR C 4198 -65.40 -2.79 81.38
N GLY C 4199 -66.51 -2.11 81.69
CA GLY C 4199 -67.77 -2.33 81.01
C GLY C 4199 -68.02 -1.55 79.73
N TYR C 4200 -67.22 -0.52 79.48
CA TYR C 4200 -67.44 0.33 78.31
C TYR C 4200 -66.80 -0.23 77.04
N MET C 4201 -66.00 -1.27 77.19
CA MET C 4201 -65.34 -1.85 76.03
C MET C 4201 -66.34 -2.48 75.06
N GLU C 4202 -67.46 -3.00 75.58
CA GLU C 4202 -68.51 -3.52 74.71
C GLU C 4202 -69.06 -2.41 73.80
N PRO C 4203 -69.40 -1.23 74.36
CA PRO C 4203 -69.70 -0.11 73.46
C PRO C 4203 -68.53 0.23 72.54
N ALA C 4204 -67.31 0.06 73.03
CA ALA C 4204 -66.16 0.35 72.18
C ALA C 4204 -66.13 -0.58 70.97
N LEU C 4205 -66.64 -1.80 71.13
CA LEU C 4205 -66.79 -2.71 70.00
C LEU C 4205 -67.78 -2.16 68.99
N TRP C 4206 -68.79 -1.46 69.49
CA TRP C 4206 -69.81 -0.86 68.63
C TRP C 4206 -69.22 0.29 67.84
N CYS C 4207 -68.46 1.12 68.53
CA CYS C 4207 -67.85 2.29 67.91
C CYS C 4207 -66.83 1.88 66.88
N LEU C 4208 -65.97 0.94 67.27
CA LEU C 4208 -64.97 0.40 66.37
C LEU C 4208 -65.59 -0.34 65.20
N SER C 4209 -66.74 -0.95 65.41
CA SER C 4209 -67.38 -1.70 64.34
C SER C 4209 -67.98 -0.75 63.31
N LEU C 4210 -68.71 0.25 63.77
CA LEU C 4210 -69.29 1.21 62.83
C LEU C 4210 -68.17 1.95 62.12
N LEU C 4211 -67.12 2.23 62.87
CA LEU C 4211 -65.98 2.93 62.33
C LEU C 4211 -65.27 2.05 61.30
N HIS C 4212 -65.37 0.75 61.49
CA HIS C 4212 -64.73 -0.18 60.58
C HIS C 4212 -65.49 -0.29 59.29
N THR C 4213 -66.82 -0.37 59.38
CA THR C 4213 -67.62 -0.41 58.17
C THR C 4213 -67.41 0.90 57.42
N LEU C 4214 -67.22 1.96 58.21
CA LEU C 4214 -66.96 3.26 57.64
C LEU C 4214 -65.65 3.28 56.89
N VAL C 4215 -64.61 2.69 57.47
CA VAL C 4215 -63.31 2.60 56.82
C VAL C 4215 -63.38 1.70 55.59
N ALA C 4216 -64.29 0.72 55.62
CA ALA C 4216 -64.41 -0.20 54.51
C ALA C 4216 -65.04 0.49 53.31
N PHE C 4217 -66.16 1.14 53.52
CA PHE C 4217 -66.77 1.87 52.42
C PHE C 4217 -65.88 3.02 51.97
N LEU C 4218 -65.20 3.63 52.92
CA LEU C 4218 -64.34 4.75 52.61
C LEU C 4218 -63.13 4.30 51.79
N CYS C 4219 -62.71 3.06 52.00
CA CYS C 4219 -61.54 2.60 51.26
C CYS C 4219 -61.96 2.04 49.91
N ILE C 4220 -63.14 1.42 49.81
CA ILE C 4220 -63.57 1.03 48.47
C ILE C 4220 -63.87 2.25 47.61
N ILE C 4221 -64.44 3.29 48.22
CA ILE C 4221 -64.70 4.52 47.47
C ILE C 4221 -63.39 5.21 47.16
N GLY C 4222 -62.37 4.99 48.00
CA GLY C 4222 -61.07 5.53 47.67
C GLY C 4222 -60.40 4.80 46.54
N TYR C 4223 -60.63 3.49 46.48
CA TYR C 4223 -60.12 2.65 45.42
C TYR C 4223 -60.81 3.04 44.13
N ASN C 4224 -62.05 3.49 44.25
CA ASN C 4224 -62.86 3.86 43.11
C ASN C 4224 -62.31 5.06 42.36
N CYS C 4225 -61.58 5.90 43.08
CA CYS C 4225 -61.05 7.12 42.48
C CYS C 4225 -59.53 7.07 42.35
N LEU C 4226 -58.97 5.89 42.54
CA LEU C 4226 -57.53 5.73 42.42
C LEU C 4226 -57.18 4.72 41.34
N LYS C 4227 -57.04 3.46 41.71
CA LYS C 4227 -56.70 2.41 40.76
C LYS C 4227 -57.79 2.12 39.73
N VAL C 4228 -59.05 2.32 40.08
CA VAL C 4228 -60.15 2.04 39.15
C VAL C 4228 -60.03 2.83 37.84
N PRO C 4229 -59.77 4.14 37.92
CA PRO C 4229 -59.55 4.83 36.64
C PRO C 4229 -58.39 4.22 35.86
N LEU C 4230 -57.37 3.73 36.55
CA LEU C 4230 -56.30 3.03 35.84
C LEU C 4230 -56.77 1.74 35.18
N VAL C 4231 -57.71 1.03 35.79
CA VAL C 4231 -58.20 -0.20 35.19
C VAL C 4231 -59.00 0.11 33.95
N ILE C 4232 -59.81 1.17 34.07
CA ILE C 4232 -60.59 1.62 32.94
C ILE C 4232 -59.64 2.06 31.85
N PHE C 4233 -58.53 2.64 32.27
CA PHE C 4233 -57.51 3.06 31.34
C PHE C 4233 -56.89 1.90 30.61
N LYS C 4234 -56.75 0.78 31.30
CA LYS C 4234 -56.11 -0.36 30.69
C LYS C 4234 -57.04 -1.03 29.72
N ARG C 4235 -58.29 -1.24 30.11
CA ARG C 4235 -59.22 -1.87 29.17
C ARG C 4235 -59.56 -0.96 27.99
N GLU C 4236 -59.64 0.35 28.21
CA GLU C 4236 -59.80 1.27 27.09
C GLU C 4236 -58.57 1.28 26.21
N LYS C 4237 -57.42 1.06 26.81
CA LYS C 4237 -56.18 1.07 26.05
C LYS C 4237 -56.10 -0.14 25.15
N GLU C 4238 -56.33 -1.30 25.74
CA GLU C 4238 -56.28 -2.53 24.99
C GLU C 4238 -57.38 -2.55 23.95
N LEU C 4239 -58.52 -1.97 24.29
CA LEU C 4239 -59.65 -2.02 23.38
C LEU C 4239 -59.38 -1.13 22.19
N ALA C 4240 -58.93 0.09 22.48
CA ALA C 4240 -58.68 1.05 21.42
C ALA C 4240 -57.55 0.58 20.53
N ARG C 4241 -56.56 -0.08 21.12
CA ARG C 4241 -55.50 -0.66 20.32
C ARG C 4241 -56.03 -1.79 19.45
N LYS C 4242 -56.97 -2.57 19.99
CA LYS C 4242 -57.60 -3.64 19.24
C LYS C 4242 -58.45 -3.15 18.08
N LEU C 4243 -59.05 -1.98 18.21
CA LEU C 4243 -59.79 -1.40 17.10
C LEU C 4243 -58.86 -0.77 16.08
N GLU C 4244 -57.87 -0.05 16.58
CA GLU C 4244 -56.98 0.71 15.73
C GLU C 4244 -56.09 -0.19 14.87
N PHE C 4245 -55.76 -1.36 15.40
CA PHE C 4245 -54.95 -2.33 14.67
C PHE C 4245 -55.64 -3.68 14.53
N ASP C 4246 -56.12 -4.20 15.66
CA ASP C 4246 -56.73 -5.53 15.70
C ASP C 4246 -58.00 -5.62 14.85
N GLY C 4247 -58.83 -4.58 14.91
CA GLY C 4247 -60.09 -4.59 14.20
C GLY C 4247 -60.94 -5.77 14.61
N LEU C 4248 -60.92 -6.08 15.91
CA LEU C 4248 -61.67 -7.22 16.44
C LEU C 4248 -63.16 -7.04 16.22
N TYR C 4249 -63.64 -5.81 16.44
CA TYR C 4249 -65.03 -5.49 16.19
C TYR C 4249 -65.21 -5.20 14.72
N ILE C 4250 -64.27 -4.47 14.13
CA ILE C 4250 -64.34 -4.20 12.70
C ILE C 4250 -64.19 -5.48 11.92
N THR C 4251 -63.27 -6.34 12.34
CA THR C 4251 -63.16 -7.67 11.72
C THR C 4251 -63.39 -8.87 12.66
N GLU C 4252 -62.64 -8.92 13.75
CA GLU C 4252 -62.53 -10.14 14.57
C GLU C 4252 -63.79 -10.64 15.27
N GLN C 4253 -64.55 -9.74 15.88
CA GLN C 4253 -65.78 -10.12 16.59
C GLN C 4253 -65.50 -10.71 17.99
N PRO C 4254 -66.63 -11.15 18.70
CA PRO C 4254 -66.31 -11.77 19.99
C PRO C 4254 -66.65 -13.26 19.98
N GLY C 4255 -65.73 -14.12 20.41
CA GLY C 4255 -65.94 -15.56 20.33
C GLY C 4255 -65.84 -16.42 21.57
N ASP C 4256 -66.84 -17.27 21.76
CA ASP C 4256 -66.81 -18.40 22.68
C ASP C 4256 -65.91 -18.13 23.88
N ASP C 4257 -64.91 -17.29 23.66
CA ASP C 4257 -64.04 -16.80 24.73
C ASP C 4257 -64.03 -15.29 24.68
N ASP C 4258 -63.18 -14.66 25.50
CA ASP C 4258 -63.09 -13.21 25.55
C ASP C 4258 -64.44 -12.59 25.89
N VAL C 4259 -65.11 -13.16 26.87
CA VAL C 4259 -66.46 -12.72 27.22
C VAL C 4259 -66.46 -11.28 27.70
N LYS C 4260 -65.36 -10.84 28.30
CA LYS C 4260 -65.21 -9.43 28.65
C LYS C 4260 -65.12 -8.59 27.39
N GLY C 4261 -64.56 -9.17 26.33
CA GLY C 4261 -64.52 -8.48 25.06
C GLY C 4261 -65.88 -8.46 24.40
N GLN C 4262 -66.68 -9.49 24.66
CA GLN C 4262 -68.07 -9.49 24.23
C GLN C 4262 -68.82 -8.39 24.97
N TRP C 4263 -68.40 -8.16 26.21
CA TRP C 4263 -68.90 -7.05 27.03
C TRP C 4263 -68.43 -5.71 26.47
N ASP C 4264 -67.30 -5.74 25.78
CA ASP C 4264 -66.66 -4.51 25.32
C ASP C 4264 -67.40 -3.82 24.17
N ARG C 4265 -68.34 -4.51 23.55
CA ARG C 4265 -69.07 -3.94 22.44
C ARG C 4265 -69.80 -2.71 22.95
N LEU C 4266 -70.29 -2.81 24.19
CA LEU C 4266 -71.15 -1.79 24.76
C LEU C 4266 -70.53 -0.40 24.82
N VAL C 4267 -69.22 -0.31 24.95
CA VAL C 4267 -68.60 0.99 25.19
C VAL C 4267 -68.22 1.72 23.89
N LEU C 4268 -67.99 0.96 22.82
CA LEU C 4268 -67.55 1.55 21.57
C LEU C 4268 -68.58 2.51 20.98
N ASN C 4269 -69.85 2.26 21.31
CA ASN C 4269 -70.93 3.15 20.89
C ASN C 4269 -70.79 4.52 21.55
N THR C 4270 -70.19 4.55 22.73
CA THR C 4270 -70.15 5.75 23.56
C THR C 4270 -69.28 6.89 23.02
N PRO C 4271 -69.83 8.11 22.98
CA PRO C 4271 -69.11 9.34 22.66
C PRO C 4271 -67.94 9.64 23.61
N SER C 4272 -68.08 9.24 24.87
CA SER C 4272 -67.11 9.52 25.92
C SER C 4272 -66.03 8.46 26.03
N PHE C 4273 -65.93 7.62 25.00
CA PHE C 4273 -65.12 6.40 25.07
C PHE C 4273 -63.65 6.59 25.50
N PRO C 4274 -62.93 7.57 24.94
CA PRO C 4274 -61.59 7.75 25.53
C PRO C 4274 -61.62 8.59 26.82
N SER C 4275 -62.44 8.18 27.80
CA SER C 4275 -62.63 9.00 29.00
C SER C 4275 -61.39 9.15 29.87
N ASN C 4276 -60.50 8.18 29.84
CA ASN C 4276 -59.31 8.20 30.69
C ASN C 4276 -58.05 7.89 29.91
N TYR C 4277 -58.23 7.60 28.64
CA TYR C 4277 -57.14 7.17 27.79
C TYR C 4277 -56.39 8.39 27.24
N TRP C 4278 -56.88 9.59 27.60
CA TRP C 4278 -56.24 10.87 27.29
C TRP C 4278 -55.86 11.07 25.83
N ASP C 4279 -56.51 10.35 24.93
CA ASP C 4279 -56.20 10.52 23.51
C ASP C 4279 -57.48 10.36 22.72
N LYS C 4280 -58.25 11.45 22.68
CA LYS C 4280 -59.63 11.44 22.23
C LYS C 4280 -59.77 11.09 20.75
N PHE C 4281 -58.71 11.34 19.99
CA PHE C 4281 -58.77 11.28 18.52
C PHE C 4281 -59.09 9.89 18.00
N VAL C 4282 -58.73 8.87 18.78
CA VAL C 4282 -58.61 7.51 18.28
C VAL C 4282 -59.85 7.08 17.55
N LYS C 4283 -60.99 7.47 18.10
CA LYS C 4283 -62.26 7.01 17.57
C LYS C 4283 -62.36 7.38 16.10
N ARG C 4284 -62.21 8.65 15.79
CA ARG C 4284 -62.36 9.05 14.40
C ARG C 4284 -61.27 8.39 13.58
N LYS C 4285 -60.09 8.28 14.18
CA LYS C 4285 -58.96 7.78 13.45
C LYS C 4285 -59.21 6.33 13.09
N VAL C 4286 -60.01 5.64 13.89
CA VAL C 4286 -60.25 4.24 13.60
C VAL C 4286 -60.95 4.08 12.26
N LEU C 4287 -61.85 5.00 11.92
CA LEU C 4287 -62.54 4.83 10.65
C LEU C 4287 -61.54 5.01 9.52
N ASP C 4288 -60.56 5.89 9.73
CA ASP C 4288 -59.53 6.09 8.72
C ASP C 4288 -58.72 4.83 8.53
N LYS C 4289 -58.59 4.06 9.59
CA LYS C 4289 -57.83 2.82 9.51
C LYS C 4289 -58.70 1.71 8.93
N HIS C 4290 -60.01 1.93 8.88
CA HIS C 4290 -60.91 0.80 8.63
C HIS C 4290 -62.15 1.08 7.80
N GLY C 4291 -62.54 2.35 7.65
CA GLY C 4291 -63.77 2.64 6.96
C GLY C 4291 -63.63 2.41 5.47
N ASP C 4292 -62.39 2.45 4.99
CA ASP C 4292 -62.08 2.12 3.61
C ASP C 4292 -62.32 0.64 3.31
N ILE C 4293 -62.14 -0.20 4.33
CA ILE C 4293 -62.14 -1.65 4.13
C ILE C 4293 -63.50 -2.19 3.68
N PHE C 4294 -64.58 -1.57 4.13
CA PHE C 4294 -65.91 -2.07 3.80
C PHE C 4294 -67.05 -1.08 4.00
N GLY C 4295 -66.99 -0.28 5.06
CA GLY C 4295 -68.09 0.61 5.35
C GLY C 4295 -67.70 1.82 6.17
N ARG C 4296 -67.53 2.95 5.49
CA ARG C 4296 -67.23 4.20 6.17
C ARG C 4296 -68.38 4.61 7.08
N GLU C 4297 -69.59 4.60 6.53
CA GLU C 4297 -70.78 4.92 7.32
C GLU C 4297 -71.06 3.87 8.37
N ARG C 4298 -70.70 2.63 8.10
CA ARG C 4298 -70.97 1.55 9.04
C ARG C 4298 -70.16 1.76 10.32
N ILE C 4299 -68.87 2.02 10.15
CA ILE C 4299 -68.01 2.32 11.29
C ILE C 4299 -68.40 3.67 11.90
N ALA C 4300 -68.90 4.57 11.07
CA ALA C 4300 -69.30 5.88 11.54
C ALA C 4300 -70.47 5.75 12.51
N GLU C 4301 -71.30 4.74 12.28
CA GLU C 4301 -72.39 4.42 13.18
C GLU C 4301 -71.89 3.62 14.36
N LEU C 4302 -70.96 2.71 14.11
CA LEU C 4302 -70.46 1.82 15.14
C LEU C 4302 -69.76 2.59 16.25
N LEU C 4303 -69.08 3.67 15.89
CA LEU C 4303 -68.44 4.52 16.87
C LEU C 4303 -69.27 5.77 17.16
N GLY C 4304 -70.44 5.85 16.54
CA GLY C 4304 -71.31 7.00 16.73
C GLY C 4304 -70.77 8.25 16.08
N LEU C 4327 -79.31 19.20 38.91
CA LEU C 4327 -78.75 20.19 38.00
C LEU C 4327 -78.68 19.64 36.57
N THR C 4328 -77.91 20.33 35.73
CA THR C 4328 -77.70 19.89 34.35
C THR C 4328 -76.94 18.57 34.31
N TRP C 4329 -76.19 18.32 35.38
CA TRP C 4329 -75.33 17.14 35.48
C TRP C 4329 -76.15 15.86 35.36
N LEU C 4330 -77.41 15.94 35.78
CA LEU C 4330 -78.29 14.78 35.77
C LEU C 4330 -78.46 14.27 34.35
N MET C 4331 -78.38 15.17 33.38
CA MET C 4331 -78.44 14.75 31.98
C MET C 4331 -77.07 14.49 31.37
N SER C 4332 -76.04 15.07 31.98
CA SER C 4332 -74.72 15.13 31.34
C SER C 4332 -74.05 13.77 31.12
N ILE C 4333 -74.29 12.83 32.03
CA ILE C 4333 -73.63 11.53 31.95
C ILE C 4333 -74.14 10.64 30.82
N ASP C 4334 -73.23 9.90 30.20
CA ASP C 4334 -73.59 8.84 29.28
C ASP C 4334 -74.13 7.64 30.02
N VAL C 4335 -75.01 6.90 29.37
CA VAL C 4335 -75.66 5.76 30.02
C VAL C 4335 -74.86 4.47 29.84
N LYS C 4336 -74.59 4.09 28.61
CA LYS C 4336 -73.91 2.83 28.32
C LYS C 4336 -72.49 2.79 28.86
N TYR C 4337 -71.80 3.93 28.83
CA TYR C 4337 -70.43 3.95 29.31
C TYR C 4337 -70.34 3.70 30.81
N GLN C 4338 -71.36 4.12 31.54
CA GLN C 4338 -71.33 3.94 32.99
C GLN C 4338 -71.68 2.52 33.38
N ILE C 4339 -72.57 1.89 32.62
CA ILE C 4339 -72.90 0.50 32.86
C ILE C 4339 -71.73 -0.39 32.52
N TRP C 4340 -71.13 -0.10 31.37
CA TRP C 4340 -69.94 -0.82 30.94
C TRP C 4340 -68.79 -0.59 31.89
N LYS C 4341 -68.72 0.60 32.45
CA LYS C 4341 -67.66 0.94 33.39
C LYS C 4341 -67.87 0.18 34.69
N PHE C 4342 -69.11 0.08 35.13
CA PHE C 4342 -69.41 -0.69 36.32
C PHE C 4342 -69.10 -2.15 36.08
N GLY C 4343 -69.25 -2.60 34.85
CA GLY C 4343 -68.86 -3.97 34.56
C GLY C 4343 -67.35 -4.15 34.58
N VAL C 4344 -66.62 -3.14 34.08
CA VAL C 4344 -65.15 -3.25 34.09
C VAL C 4344 -64.65 -3.22 35.52
N ILE C 4345 -65.36 -2.48 36.36
CA ILE C 4345 -64.99 -2.34 37.76
C ILE C 4345 -65.27 -3.62 38.53
N PHE C 4346 -66.47 -4.16 38.33
CA PHE C 4346 -66.84 -5.40 39.02
C PHE C 4346 -66.02 -6.60 38.55
N THR C 4347 -65.65 -6.61 37.28
CA THR C 4347 -64.82 -7.71 36.78
C THR C 4347 -63.40 -7.66 37.36
N ASP C 4348 -62.95 -6.49 37.78
CA ASP C 4348 -61.62 -6.40 38.38
C ASP C 4348 -61.64 -7.22 39.66
N ASN C 4349 -60.60 -8.03 39.85
CA ASN C 4349 -60.55 -8.89 41.02
C ASN C 4349 -60.39 -8.11 42.32
N SER C 4350 -59.67 -7.00 42.26
CA SER C 4350 -59.33 -6.27 43.47
C SER C 4350 -60.54 -5.57 44.05
N PHE C 4351 -61.30 -4.88 43.20
CA PHE C 4351 -62.49 -4.20 43.67
C PHE C 4351 -63.53 -5.21 44.12
N LEU C 4352 -63.56 -6.37 43.49
CA LEU C 4352 -64.47 -7.41 43.91
C LEU C 4352 -64.08 -7.87 45.30
N TYR C 4353 -62.78 -7.87 45.57
CA TYR C 4353 -62.32 -8.30 46.89
C TYR C 4353 -62.63 -7.28 47.96
N LEU C 4354 -62.32 -6.01 47.70
CA LEU C 4354 -62.60 -4.97 48.68
C LEU C 4354 -64.09 -4.80 48.90
N GLY C 4355 -64.86 -5.03 47.85
CA GLY C 4355 -66.30 -4.94 47.95
C GLY C 4355 -66.87 -6.10 48.75
N TRP C 4356 -66.28 -7.28 48.58
CA TRP C 4356 -66.66 -8.42 49.39
C TRP C 4356 -66.30 -8.16 50.85
N TYR C 4357 -65.20 -7.45 51.04
CA TYR C 4357 -64.72 -7.08 52.36
C TYR C 4357 -65.71 -6.11 52.99
N MET C 4358 -66.33 -5.29 52.14
CA MET C 4358 -67.32 -4.35 52.62
C MET C 4358 -68.61 -5.05 52.99
N VAL C 4359 -69.09 -5.95 52.12
CA VAL C 4359 -70.36 -6.60 52.40
C VAL C 4359 -70.20 -7.49 53.62
N MET C 4360 -69.00 -8.04 53.83
CA MET C 4360 -68.70 -8.69 55.10
C MET C 4360 -68.63 -7.72 56.27
N SER C 4361 -68.24 -6.47 56.03
CA SER C 4361 -68.34 -5.49 57.11
C SER C 4361 -69.80 -5.22 57.47
N LEU C 4362 -70.68 -5.22 56.48
CA LEU C 4362 -72.10 -5.06 56.69
C LEU C 4362 -72.69 -6.26 57.41
N LEU C 4363 -72.16 -7.44 57.11
CA LEU C 4363 -72.57 -8.63 57.85
C LEU C 4363 -71.98 -8.55 59.25
N GLY C 4364 -70.96 -7.73 59.41
CA GLY C 4364 -70.43 -7.43 60.72
C GLY C 4364 -71.38 -6.54 61.47
N HIS C 4365 -72.06 -5.66 60.74
CA HIS C 4365 -73.17 -4.91 61.32
C HIS C 4365 -74.31 -5.85 61.68
N TYR C 4366 -74.44 -6.94 60.92
CA TYR C 4366 -75.45 -7.94 61.24
C TYR C 4366 -75.01 -8.87 62.37
N ASN C 4367 -73.74 -9.28 62.33
CA ASN C 4367 -73.21 -10.18 63.33
C ASN C 4367 -71.70 -10.07 63.39
N ASN C 4368 -71.14 -10.16 64.59
CA ASN C 4368 -69.73 -9.92 64.78
C ASN C 4368 -68.80 -11.00 64.23
N PHE C 4369 -69.31 -12.20 64.02
CA PHE C 4369 -68.45 -13.30 63.55
C PHE C 4369 -68.25 -13.40 62.05
N PHE C 4370 -69.23 -12.97 61.27
CA PHE C 4370 -68.98 -12.77 59.85
C PHE C 4370 -67.99 -11.64 59.67
N PHE C 4371 -67.99 -10.74 60.65
CA PHE C 4371 -67.08 -9.62 60.73
C PHE C 4371 -65.65 -10.09 60.93
N ALA C 4372 -65.53 -11.29 61.49
CA ALA C 4372 -64.25 -11.86 61.91
C ALA C 4372 -63.49 -12.47 60.74
N ALA C 4373 -64.12 -12.51 59.57
CA ALA C 4373 -63.51 -13.06 58.37
C ALA C 4373 -62.53 -12.05 57.78
N HIS C 4374 -62.51 -10.85 58.35
CA HIS C 4374 -61.65 -9.78 57.89
C HIS C 4374 -60.18 -10.00 58.20
N LEU C 4375 -59.88 -10.96 59.06
CA LEU C 4375 -58.49 -11.32 59.31
C LEU C 4375 -57.86 -11.85 58.04
N LEU C 4376 -58.69 -12.33 57.13
CA LEU C 4376 -58.25 -12.82 55.84
C LEU C 4376 -57.63 -11.70 55.03
N ASP C 4377 -57.91 -10.46 55.41
CA ASP C 4377 -57.32 -9.31 54.75
C ASP C 4377 -55.79 -9.37 54.88
N ILE C 4378 -55.31 -10.02 55.94
CA ILE C 4378 -53.86 -10.12 56.14
C ILE C 4378 -53.24 -10.94 55.02
N ALA C 4379 -54.03 -11.80 54.39
CA ALA C 4379 -53.55 -12.67 53.32
C ALA C 4379 -53.06 -11.85 52.14
N MET C 4380 -53.60 -10.66 51.97
CA MET C 4380 -53.10 -9.74 50.97
C MET C 4380 -52.89 -8.36 51.57
N GLY C 4381 -52.74 -8.32 52.90
CA GLY C 4381 -52.46 -7.08 53.60
C GLY C 4381 -50.96 -6.81 53.60
N VAL C 4382 -50.26 -7.44 54.52
CA VAL C 4382 -48.80 -7.29 54.58
C VAL C 4382 -48.16 -7.86 53.31
N LYS C 4383 -47.16 -7.16 52.80
CA LYS C 4383 -46.52 -7.59 51.56
C LYS C 4383 -45.76 -8.90 51.76
N THR C 4384 -45.24 -9.11 52.96
CA THR C 4384 -44.38 -10.27 53.23
C THR C 4384 -45.09 -11.61 53.17
N LEU C 4385 -46.38 -11.64 53.49
CA LEU C 4385 -47.10 -12.90 53.54
C LEU C 4385 -47.73 -13.21 52.20
N ARG C 4386 -47.94 -12.17 51.40
CA ARG C 4386 -48.55 -12.35 50.10
C ARG C 4386 -47.64 -13.20 49.25
N THR C 4387 -46.34 -13.06 49.47
CA THR C 4387 -45.37 -13.86 48.74
C THR C 4387 -45.53 -15.32 49.11
N ILE C 4388 -45.93 -15.58 50.35
CA ILE C 4388 -46.05 -16.94 50.83
C ILE C 4388 -47.32 -17.61 50.31
N LEU C 4389 -48.46 -16.93 50.47
CA LEU C 4389 -49.68 -17.51 49.91
C LEU C 4389 -49.67 -17.57 48.38
N SER C 4390 -49.03 -16.59 47.75
CA SER C 4390 -48.88 -16.63 46.31
C SER C 4390 -47.98 -17.78 45.94
N SER C 4391 -47.02 -18.06 46.82
CA SER C 4391 -46.14 -19.19 46.61
C SER C 4391 -46.98 -20.45 46.63
N VAL C 4392 -47.98 -20.44 47.51
CA VAL C 4392 -48.90 -21.55 47.59
C VAL C 4392 -49.78 -21.69 46.34
N THR C 4393 -50.11 -20.55 45.74
CA THR C 4393 -51.14 -20.58 44.70
C THR C 4393 -50.66 -20.64 43.26
N HIS C 4394 -49.48 -20.12 42.96
CA HIS C 4394 -49.08 -20.03 41.56
C HIS C 4394 -48.91 -21.42 41.00
N ASN C 4395 -48.54 -22.34 41.88
CA ASN C 4395 -48.41 -23.74 41.54
C ASN C 4395 -49.68 -24.48 41.92
N GLY C 4396 -50.69 -23.74 42.37
CA GLY C 4396 -51.80 -24.33 43.08
C GLY C 4396 -52.88 -25.07 42.31
N LYS C 4397 -52.93 -24.92 41.00
CA LYS C 4397 -53.89 -25.75 40.24
C LYS C 4397 -53.47 -27.20 40.37
N GLN C 4398 -52.16 -27.40 40.41
CA GLN C 4398 -51.57 -28.72 40.56
C GLN C 4398 -51.97 -29.24 41.92
N LEU C 4399 -52.09 -28.32 42.87
CA LEU C 4399 -52.38 -28.67 44.25
C LEU C 4399 -53.82 -29.08 44.46
N VAL C 4400 -54.74 -28.31 43.87
CA VAL C 4400 -56.14 -28.61 44.00
C VAL C 4400 -56.44 -29.90 43.26
N MET C 4401 -55.87 -30.04 42.07
CA MET C 4401 -56.14 -31.23 41.31
C MET C 4401 -55.52 -32.42 42.02
N THR C 4402 -54.42 -32.19 42.73
CA THR C 4402 -53.82 -33.24 43.55
C THR C 4402 -54.75 -33.63 44.69
N VAL C 4403 -55.46 -32.66 45.24
CA VAL C 4403 -56.45 -32.97 46.26
C VAL C 4403 -57.57 -33.82 45.69
N GLY C 4404 -57.91 -33.55 44.43
CA GLY C 4404 -58.97 -34.29 43.79
C GLY C 4404 -58.49 -35.72 43.59
N LEU C 4405 -57.21 -35.85 43.27
CA LEU C 4405 -56.61 -37.16 43.11
C LEU C 4405 -56.59 -37.91 44.44
N LEU C 4406 -56.44 -37.17 45.52
CA LEU C 4406 -56.50 -37.80 46.84
C LEU C 4406 -57.91 -38.32 47.07
N ALA C 4407 -58.90 -37.52 46.68
CA ALA C 4407 -60.27 -37.97 46.85
C ALA C 4407 -60.55 -39.21 46.01
N VAL C 4408 -59.92 -39.28 44.85
CA VAL C 4408 -60.15 -40.39 43.95
C VAL C 4408 -59.48 -41.68 44.44
N VAL C 4409 -58.23 -41.59 44.86
CA VAL C 4409 -57.55 -42.77 45.34
C VAL C 4409 -58.22 -43.28 46.60
N VAL C 4410 -58.62 -42.34 47.45
CA VAL C 4410 -59.31 -42.71 48.66
C VAL C 4410 -60.63 -43.35 48.30
N TYR C 4411 -61.23 -42.90 47.21
CA TYR C 4411 -62.44 -43.54 46.74
C TYR C 4411 -62.21 -44.96 46.20
N LEU C 4412 -61.04 -45.22 45.62
CA LEU C 4412 -60.78 -46.57 45.13
C LEU C 4412 -60.67 -47.47 46.35
N TYR C 4413 -59.98 -46.95 47.36
CA TYR C 4413 -59.88 -47.70 48.60
C TYR C 4413 -61.20 -47.86 49.34
N THR C 4414 -62.10 -46.90 49.23
CA THR C 4414 -63.42 -47.07 49.83
C THR C 4414 -64.21 -48.05 49.01
N VAL C 4415 -63.85 -48.25 47.74
CA VAL C 4415 -64.52 -49.29 46.97
C VAL C 4415 -64.08 -50.65 47.47
N VAL C 4416 -62.77 -50.85 47.53
CA VAL C 4416 -62.29 -52.18 47.93
C VAL C 4416 -62.69 -52.50 49.37
N ALA C 4417 -62.69 -51.46 50.21
CA ALA C 4417 -63.17 -51.61 51.58
C ALA C 4417 -64.66 -51.87 51.60
N PHE C 4418 -65.37 -51.29 50.65
CA PHE C 4418 -66.81 -51.48 50.57
C PHE C 4418 -67.11 -52.93 50.27
N ASN C 4419 -66.19 -53.55 49.55
CA ASN C 4419 -66.34 -54.97 49.31
C ASN C 4419 -65.75 -55.82 50.41
N PHE C 4420 -64.47 -56.13 50.26
CA PHE C 4420 -63.86 -57.24 50.98
C PHE C 4420 -63.77 -57.05 52.49
N PHE C 4421 -63.71 -55.79 52.91
CA PHE C 4421 -63.27 -55.47 54.28
C PHE C 4421 -64.38 -54.83 55.11
N ARG C 4422 -65.62 -55.05 54.68
CA ARG C 4422 -66.78 -54.38 55.27
C ARG C 4422 -67.03 -54.72 56.74
N LYS C 4423 -66.67 -55.93 57.15
CA LYS C 4423 -66.89 -56.39 58.52
C LYS C 4423 -66.05 -55.61 59.53
N PHE C 4424 -64.98 -55.00 59.03
CA PHE C 4424 -63.96 -54.37 59.86
C PHE C 4424 -64.28 -52.95 60.35
N TYR C 4425 -65.38 -52.37 59.89
CA TYR C 4425 -65.72 -50.99 60.26
C TYR C 4425 -66.72 -50.82 61.40
N ASN C 4426 -66.53 -51.58 62.47
CA ASN C 4426 -67.37 -51.42 63.65
C ASN C 4426 -67.20 -50.05 64.30
N LYS C 4427 -68.31 -49.46 64.73
CA LYS C 4427 -68.28 -48.22 65.50
C LYS C 4427 -68.52 -48.53 66.97
N SER C 4428 -68.45 -49.83 67.30
CA SER C 4428 -68.86 -50.30 68.62
C SER C 4428 -67.99 -49.78 69.75
N GLU C 4429 -68.48 -48.75 70.43
CA GLU C 4429 -67.84 -48.28 71.64
C GLU C 4429 -67.94 -49.40 72.67
N ASP C 4430 -66.85 -49.67 73.38
CA ASP C 4430 -66.78 -50.75 74.36
C ASP C 4430 -67.15 -52.12 73.76
N GLU C 4431 -67.19 -53.14 74.61
CA GLU C 4431 -67.50 -54.49 74.18
C GLU C 4431 -68.94 -54.73 73.70
N ASP C 4432 -69.06 -55.50 72.62
CA ASP C 4432 -70.29 -56.17 72.21
C ASP C 4432 -71.56 -55.33 72.14
N GLU C 4433 -71.43 -54.05 71.86
CA GLU C 4433 -72.60 -53.21 71.62
C GLU C 4433 -73.20 -53.49 70.24
N PRO C 4434 -74.52 -53.34 70.12
CA PRO C 4434 -75.02 -53.17 68.76
C PRO C 4434 -74.43 -51.86 68.25
N ASP C 4435 -74.11 -51.78 66.96
CA ASP C 4435 -73.25 -50.70 66.53
C ASP C 4435 -73.43 -50.26 65.09
N MET C 4436 -73.06 -49.01 64.83
CA MET C 4436 -72.88 -48.55 63.47
C MET C 4436 -71.70 -49.29 62.86
N LYS C 4437 -71.82 -49.60 61.59
CA LYS C 4437 -70.73 -50.15 60.81
C LYS C 4437 -70.99 -49.67 59.41
N CYS C 4438 -70.16 -48.76 58.92
CA CYS C 4438 -70.51 -48.04 57.71
C CYS C 4438 -70.68 -49.01 56.56
N ASP C 4439 -71.78 -48.84 55.83
CA ASP C 4439 -72.24 -49.78 54.85
C ASP C 4439 -72.80 -49.03 53.66
N ASP C 4440 -73.33 -47.84 53.92
CA ASP C 4440 -73.62 -46.95 52.83
C ASP C 4440 -72.27 -46.59 52.23
N MET C 4441 -72.18 -46.62 50.91
CA MET C 4441 -70.94 -46.33 50.24
C MET C 4441 -70.53 -44.90 50.51
N MET C 4442 -71.54 -44.04 50.64
CA MET C 4442 -71.32 -42.63 50.93
C MET C 4442 -70.78 -42.45 52.34
N THR C 4443 -71.38 -43.13 53.30
CA THR C 4443 -70.92 -43.01 54.68
C THR C 4443 -69.53 -43.62 54.83
N CYS C 4444 -69.25 -44.64 54.03
CA CYS C 4444 -67.95 -45.31 54.13
C CYS C 4444 -66.86 -44.42 53.57
N TYR C 4445 -67.08 -43.89 52.37
CA TYR C 4445 -66.13 -42.99 51.75
C TYR C 4445 -65.93 -41.73 52.57
N LEU C 4446 -67.02 -41.27 53.18
CA LEU C 4446 -66.93 -40.11 54.04
C LEU C 4446 -66.13 -40.46 55.27
N PHE C 4447 -66.23 -41.71 55.71
CA PHE C 4447 -65.42 -42.20 56.83
C PHE C 4447 -63.95 -42.27 56.46
N HIS C 4448 -63.67 -42.52 55.19
CA HIS C 4448 -62.28 -42.60 54.77
C HIS C 4448 -61.65 -41.22 54.62
N MET C 4449 -62.36 -40.28 54.02
CA MET C 4449 -61.83 -38.92 53.99
C MET C 4449 -61.77 -38.30 55.39
N TYR C 4450 -62.70 -38.68 56.27
CA TYR C 4450 -62.79 -38.05 57.58
C TYR C 4450 -61.81 -38.67 58.55
N VAL C 4451 -61.23 -39.81 58.18
CA VAL C 4451 -60.38 -40.54 59.10
C VAL C 4451 -59.10 -41.02 58.46
N GLY C 4452 -59.23 -41.80 57.39
CA GLY C 4452 -58.05 -42.43 56.81
C GLY C 4452 -57.10 -41.42 56.21
N VAL C 4453 -57.63 -40.37 55.61
CA VAL C 4453 -56.79 -39.25 55.17
C VAL C 4453 -56.21 -38.52 56.37
N ARG C 4454 -57.02 -38.41 57.41
CA ARG C 4454 -56.68 -37.65 58.62
C ARG C 4454 -55.99 -38.39 59.74
N ALA C 4455 -55.78 -39.69 59.50
CA ALA C 4455 -55.26 -40.64 60.44
C ALA C 4455 -53.87 -40.28 60.88
N GLY C 4456 -53.07 -39.73 59.97
CA GLY C 4456 -51.69 -39.47 60.31
C GLY C 4456 -51.06 -40.78 60.75
N GLY C 4457 -51.12 -41.76 59.85
CA GLY C 4457 -50.69 -43.10 60.14
C GLY C 4457 -51.72 -44.12 59.75
N GLY C 4458 -52.34 -43.86 58.60
CA GLY C 4458 -53.04 -44.87 57.85
C GLY C 4458 -54.45 -45.11 58.32
N ILE C 4459 -55.21 -45.83 57.52
CA ILE C 4459 -56.54 -46.23 57.91
C ILE C 4459 -56.52 -47.20 59.08
N GLY C 4460 -55.56 -48.12 59.08
CA GLY C 4460 -55.66 -49.28 59.93
C GLY C 4460 -55.60 -48.90 61.38
N ASP C 4461 -55.39 -47.62 61.62
CA ASP C 4461 -55.49 -47.03 62.94
C ASP C 4461 -56.92 -47.19 63.40
N GLU C 4462 -57.85 -47.06 62.48
CA GLU C 4462 -59.26 -47.06 62.81
C GLU C 4462 -59.96 -48.12 61.98
N ILE C 4463 -59.64 -49.36 62.28
CA ILE C 4463 -60.34 -50.50 61.76
C ILE C 4463 -59.94 -51.51 62.79
N GLU C 4464 -60.69 -52.59 62.93
CA GLU C 4464 -60.30 -53.58 63.92
C GLU C 4464 -59.30 -54.47 63.23
N ASP C 4465 -58.07 -54.44 63.74
CA ASP C 4465 -56.94 -54.96 63.01
C ASP C 4465 -57.19 -56.42 62.74
N PRO C 4466 -56.89 -56.84 61.44
CA PRO C 4466 -57.27 -58.24 61.22
C PRO C 4466 -56.48 -59.15 62.13
N ALA C 4467 -57.19 -60.05 62.79
CA ALA C 4467 -56.57 -61.14 63.49
C ALA C 4467 -57.23 -62.40 63.00
N GLY C 4468 -56.45 -63.34 62.50
CA GLY C 4468 -56.98 -64.62 62.13
C GLY C 4468 -57.81 -64.66 60.86
N ASP C 4469 -57.81 -63.58 60.07
CA ASP C 4469 -58.45 -63.69 58.77
C ASP C 4469 -57.41 -63.80 57.65
N GLU C 4470 -57.74 -64.50 56.57
CA GLU C 4470 -56.94 -64.40 55.36
C GLU C 4470 -57.10 -62.99 54.80
N TYR C 4471 -58.30 -62.45 55.01
CA TYR C 4471 -58.62 -61.08 54.64
C TYR C 4471 -57.88 -60.09 55.53
N GLU C 4472 -57.45 -60.57 56.69
CA GLU C 4472 -56.54 -59.82 57.54
C GLU C 4472 -55.23 -59.64 56.79
N LEU C 4473 -54.82 -60.69 56.08
CA LEU C 4473 -53.56 -60.69 55.38
C LEU C 4473 -53.66 -59.82 54.14
N TYR C 4474 -54.76 -59.93 53.41
CA TYR C 4474 -54.94 -59.03 52.27
C TYR C 4474 -55.07 -57.57 52.71
N ARG C 4475 -55.70 -57.34 53.84
CA ARG C 4475 -55.92 -55.94 54.17
C ARG C 4475 -54.71 -55.37 54.86
N VAL C 4476 -53.75 -56.20 55.22
CA VAL C 4476 -52.50 -55.57 55.64
C VAL C 4476 -51.90 -54.90 54.42
N VAL C 4477 -52.00 -55.56 53.27
CA VAL C 4477 -51.56 -54.98 52.02
C VAL C 4477 -52.42 -53.77 51.68
N PHE C 4478 -53.70 -53.85 52.03
CA PHE C 4478 -54.61 -52.72 51.78
C PHE C 4478 -54.22 -51.50 52.60
N ASP C 4479 -54.00 -51.73 53.88
CA ASP C 4479 -53.65 -50.70 54.84
C ASP C 4479 -52.29 -50.11 54.53
N ILE C 4480 -51.36 -50.93 54.04
CA ILE C 4480 -50.04 -50.43 53.71
C ILE C 4480 -50.04 -49.62 52.44
N THR C 4481 -50.72 -50.12 51.40
CA THR C 4481 -50.79 -49.35 50.18
C THR C 4481 -51.55 -48.06 50.40
N PHE C 4482 -52.55 -48.10 51.27
CA PHE C 4482 -53.26 -46.87 51.62
C PHE C 4482 -52.36 -45.93 52.40
N PHE C 4483 -51.53 -46.50 53.26
CA PHE C 4483 -50.64 -45.70 54.08
C PHE C 4483 -49.57 -45.03 53.24
N PHE C 4484 -49.22 -45.66 52.13
CA PHE C 4484 -48.25 -45.05 51.23
C PHE C 4484 -48.91 -44.05 50.30
N PHE C 4485 -49.82 -44.53 49.46
CA PHE C 4485 -50.35 -43.70 48.38
C PHE C 4485 -51.11 -42.48 48.88
N VAL C 4486 -51.83 -42.63 49.99
CA VAL C 4486 -52.64 -41.54 50.50
C VAL C 4486 -51.89 -40.67 51.50
N ILE C 4487 -51.06 -41.31 52.32
CA ILE C 4487 -50.38 -40.59 53.39
C ILE C 4487 -48.93 -40.30 53.03
N VAL C 4488 -48.15 -41.35 52.84
CA VAL C 4488 -46.73 -41.21 52.54
C VAL C 4488 -46.50 -40.53 51.19
N ILE C 4489 -47.45 -40.67 50.27
CA ILE C 4489 -47.24 -40.11 48.93
C ILE C 4489 -48.02 -38.82 48.65
N LEU C 4490 -49.33 -38.88 48.50
CA LEU C 4490 -50.07 -37.69 48.07
C LEU C 4490 -50.01 -36.52 49.04
N LEU C 4491 -49.98 -36.80 50.34
CA LEU C 4491 -49.79 -35.73 51.30
C LEU C 4491 -48.40 -35.17 51.12
N ALA C 4492 -47.44 -36.05 50.85
CA ALA C 4492 -46.09 -35.61 50.55
C ALA C 4492 -46.05 -34.86 49.23
N ILE C 4493 -46.90 -35.26 48.28
CA ILE C 4493 -46.95 -34.56 46.99
C ILE C 4493 -47.44 -33.15 47.20
N ILE C 4494 -48.34 -32.96 48.17
CA ILE C 4494 -48.74 -31.61 48.53
C ILE C 4494 -47.65 -30.82 49.21
N GLN C 4495 -47.05 -31.46 50.22
CA GLN C 4495 -46.09 -30.80 51.10
C GLN C 4495 -44.91 -30.33 50.29
N GLY C 4496 -44.56 -31.11 49.28
CA GLY C 4496 -43.49 -30.73 48.39
C GLY C 4496 -43.92 -29.97 47.16
N LEU C 4497 -45.21 -29.99 46.85
CA LEU C 4497 -45.69 -29.15 45.77
C LEU C 4497 -45.54 -27.72 46.22
N ILE C 4498 -45.81 -27.49 47.50
CA ILE C 4498 -45.64 -26.16 48.05
C ILE C 4498 -44.18 -25.75 48.01
N ILE C 4499 -43.30 -26.72 48.22
CA ILE C 4499 -41.88 -26.45 48.31
C ILE C 4499 -41.31 -26.12 46.96
N ASP C 4500 -41.70 -26.93 45.98
CA ASP C 4500 -41.22 -26.71 44.63
C ASP C 4500 -41.78 -25.38 44.18
N ALA C 4501 -42.97 -25.03 44.68
CA ALA C 4501 -43.49 -23.69 44.41
C ALA C 4501 -42.63 -22.60 45.04
N PHE C 4502 -42.06 -22.86 46.22
CA PHE C 4502 -41.15 -21.91 46.84
C PHE C 4502 -39.91 -21.70 46.00
N GLY C 4503 -39.32 -22.81 45.59
CA GLY C 4503 -38.07 -22.75 44.87
C GLY C 4503 -38.25 -22.16 43.49
N GLU C 4504 -39.38 -22.47 42.84
CA GLU C 4504 -39.66 -21.86 41.54
C GLU C 4504 -39.92 -20.37 41.68
N LEU C 4505 -40.61 -20.00 42.76
CA LEU C 4505 -40.96 -18.60 42.90
C LEU C 4505 -39.73 -17.76 43.15
N ARG C 4506 -38.87 -18.20 44.06
CA ARG C 4506 -37.63 -17.44 44.23
C ARG C 4506 -36.74 -17.55 42.99
N ASP C 4507 -36.77 -18.68 42.31
CA ASP C 4507 -35.88 -18.86 41.17
C ASP C 4507 -36.24 -17.87 40.09
N GLN C 4508 -37.52 -17.53 39.97
CA GLN C 4508 -37.90 -16.50 39.02
C GLN C 4508 -37.32 -15.15 39.42
N GLN C 4509 -37.25 -14.89 40.72
CA GLN C 4509 -36.64 -13.67 41.21
C GLN C 4509 -35.16 -13.66 40.87
N GLU C 4510 -34.58 -14.85 40.91
CA GLU C 4510 -33.17 -15.00 40.66
C GLU C 4510 -32.87 -14.75 39.20
N GLN C 4511 -33.69 -15.28 38.31
CA GLN C 4511 -33.52 -15.03 36.89
C GLN C 4511 -33.78 -13.57 36.54
N VAL C 4512 -34.69 -12.92 37.28
CA VAL C 4512 -34.91 -11.50 37.04
C VAL C 4512 -33.69 -10.70 37.44
N LYS C 4513 -33.13 -11.03 38.60
CA LYS C 4513 -31.92 -10.34 39.03
C LYS C 4513 -30.75 -10.63 38.12
N GLU C 4514 -30.69 -11.84 37.55
CA GLU C 4514 -29.61 -12.19 36.65
C GLU C 4514 -29.71 -11.45 35.34
N ASP C 4515 -30.90 -11.43 34.77
CA ASP C 4515 -31.09 -10.71 33.52
C ASP C 4515 -30.88 -9.22 33.73
N MET C 4516 -31.21 -8.71 34.91
CA MET C 4516 -30.81 -7.33 35.22
C MET C 4516 -29.29 -7.16 35.32
N GLU C 4517 -28.61 -8.16 35.87
CA GLU C 4517 -27.16 -8.08 36.02
C GLU C 4517 -26.41 -8.15 34.70
N THR C 4518 -27.00 -8.79 33.70
CA THR C 4518 -26.28 -9.07 32.46
C THR C 4518 -26.84 -8.32 31.28
N LYS C 4519 -27.82 -8.93 30.62
CA LYS C 4519 -28.44 -8.33 29.45
C LYS C 4519 -29.13 -7.02 29.81
N CYS C 4520 -28.94 -5.98 29.00
CA CYS C 4520 -29.70 -4.75 29.20
C CYS C 4520 -31.16 -5.04 28.90
N PHE C 4521 -32.07 -4.42 29.66
CA PHE C 4521 -33.47 -4.71 29.48
C PHE C 4521 -33.99 -4.28 28.12
N ILE C 4522 -33.35 -3.27 27.54
CA ILE C 4522 -33.84 -2.67 26.31
C ILE C 4522 -33.01 -3.10 25.10
N CYS C 4523 -31.81 -2.54 24.98
CA CYS C 4523 -30.93 -2.86 23.87
C CYS C 4523 -30.45 -4.30 23.94
N GLY C 4524 -30.42 -4.87 25.13
CA GLY C 4524 -29.94 -6.23 25.30
C GLY C 4524 -28.44 -6.29 25.47
N ILE C 4525 -27.75 -6.69 24.41
CA ILE C 4525 -26.29 -6.71 24.35
C ILE C 4525 -25.66 -7.61 25.42
N GLY C 4526 -25.85 -7.25 26.68
CA GLY C 4526 -25.24 -7.97 27.78
C GLY C 4526 -24.17 -7.17 28.48
N SER C 4527 -24.03 -7.40 29.78
CA SER C 4527 -23.18 -6.57 30.62
C SER C 4527 -21.72 -6.64 30.25
N ASP C 4528 -21.29 -7.79 29.73
CA ASP C 4528 -19.88 -8.00 29.46
C ASP C 4528 -19.34 -7.02 28.43
N TYR C 4529 -20.17 -6.65 27.46
CA TYR C 4529 -19.72 -5.72 26.44
C TYR C 4529 -19.44 -4.33 26.98
N PHE C 4530 -20.23 -3.90 27.96
CA PHE C 4530 -20.13 -2.52 28.44
C PHE C 4530 -19.11 -2.38 29.55
N ASP C 4531 -18.60 -3.49 30.04
CA ASP C 4531 -17.56 -3.43 31.05
C ASP C 4531 -16.20 -3.19 30.41
N THR C 4532 -16.14 -3.25 29.09
CA THR C 4532 -14.88 -3.02 28.40
C THR C 4532 -14.39 -1.59 28.64
N THR C 4533 -15.32 -0.64 28.74
CA THR C 4533 -15.02 0.64 29.36
C THR C 4533 -15.10 0.45 30.86
N PRO C 4534 -14.23 1.12 31.63
CA PRO C 4534 -14.32 0.86 33.07
C PRO C 4534 -15.66 1.26 33.66
N HIS C 4535 -16.14 0.47 34.62
CA HIS C 4535 -17.34 0.75 35.39
C HIS C 4535 -18.53 1.05 34.46
N GLY C 4536 -18.46 0.53 33.25
CA GLY C 4536 -19.37 0.98 32.22
C GLY C 4536 -20.81 0.51 32.17
N PHE C 4537 -21.11 -0.72 32.59
CA PHE C 4537 -22.46 -1.21 32.41
C PHE C 4537 -23.47 -0.47 33.28
N GLU C 4538 -23.04 -0.07 34.46
CA GLU C 4538 -23.93 0.65 35.35
C GLU C 4538 -24.31 1.99 34.74
N THR C 4539 -23.35 2.58 34.02
CA THR C 4539 -23.63 3.79 33.27
C THR C 4539 -24.51 3.51 32.06
N HIS C 4540 -24.32 2.35 31.43
CA HIS C 4540 -25.12 1.99 30.28
C HIS C 4540 -26.57 1.84 30.68
N THR C 4541 -26.78 1.46 31.93
CA THR C 4541 -28.14 1.46 32.45
C THR C 4541 -28.52 2.89 32.78
N LEU C 4542 -27.91 3.41 33.84
CA LEU C 4542 -28.34 4.66 34.45
C LEU C 4542 -28.27 5.87 33.52
N GLU C 4543 -27.40 5.82 32.53
CA GLU C 4543 -27.29 6.94 31.61
C GLU C 4543 -27.94 6.61 30.27
N GLU C 4544 -27.40 5.58 29.60
CA GLU C 4544 -27.79 5.26 28.23
C GLU C 4544 -29.25 4.83 28.09
N HIS C 4545 -29.81 4.22 29.12
CA HIS C 4545 -31.17 3.72 29.03
C HIS C 4545 -31.98 3.98 30.28
N ASN C 4546 -31.45 3.51 31.41
CA ASN C 4546 -32.14 3.43 32.71
C ASN C 4546 -33.65 3.40 32.59
N LEU C 4547 -34.11 2.69 31.57
CA LEU C 4547 -35.47 2.20 31.49
C LEU C 4547 -36.49 3.33 31.61
N ALA C 4548 -36.45 4.02 32.74
CA ALA C 4548 -37.38 5.10 33.03
C ALA C 4548 -37.26 6.31 32.10
N ASN C 4549 -36.08 6.59 31.56
CA ASN C 4549 -35.97 7.75 30.68
C ASN C 4549 -36.80 7.61 29.42
N TYR C 4550 -36.95 6.39 28.93
CA TYR C 4550 -37.87 6.16 27.84
C TYR C 4550 -39.27 6.49 28.30
N MET C 4551 -39.53 6.23 29.58
CA MET C 4551 -40.86 6.44 30.09
C MET C 4551 -41.18 7.93 30.13
N PHE C 4552 -40.27 8.72 30.68
CA PHE C 4552 -40.52 10.16 30.75
C PHE C 4552 -40.56 10.75 29.36
N PHE C 4553 -39.75 10.18 28.49
CA PHE C 4553 -39.73 10.63 27.13
C PHE C 4553 -41.07 10.37 26.50
N LEU C 4554 -41.73 9.31 26.93
CA LEU C 4554 -43.12 9.15 26.56
C LEU C 4554 -44.01 10.19 27.27
N MET C 4555 -43.63 10.62 28.49
CA MET C 4555 -44.47 11.58 29.21
C MET C 4555 -44.64 12.79 28.33
N TYR C 4556 -43.46 13.21 27.88
CA TYR C 4556 -43.19 14.31 27.00
C TYR C 4556 -43.78 14.16 25.61
N LEU C 4557 -43.62 12.99 25.00
CA LEU C 4557 -44.14 12.77 23.65
C LEU C 4557 -45.63 12.98 23.71
N ILE C 4558 -46.21 12.59 24.84
CA ILE C 4558 -47.60 12.90 25.02
C ILE C 4558 -47.81 14.39 25.31
N ASN C 4559 -46.91 14.97 26.08
CA ASN C 4559 -47.11 16.31 26.63
C ASN C 4559 -46.79 17.47 25.68
N LYS C 4560 -46.07 17.21 24.59
CA LYS C 4560 -45.80 18.25 23.61
C LYS C 4560 -47.05 18.57 22.80
N ASP C 4561 -47.20 19.83 22.39
CA ASP C 4561 -48.15 20.15 21.35
C ASP C 4561 -47.63 19.46 20.10
N GLU C 4562 -48.52 18.93 19.27
CA GLU C 4562 -48.07 18.20 18.10
C GLU C 4562 -47.28 19.11 17.17
N THR C 4563 -47.61 20.40 17.19
CA THR C 4563 -46.80 21.39 16.51
C THR C 4563 -45.39 21.51 17.10
N GLU C 4564 -45.29 21.26 18.41
CA GLU C 4564 -44.03 21.51 19.12
C GLU C 4564 -42.97 20.41 19.01
N HIS C 4565 -43.32 19.26 18.45
CA HIS C 4565 -42.36 18.17 18.36
C HIS C 4565 -41.14 18.53 17.53
N THR C 4566 -39.97 18.16 18.04
CA THR C 4566 -38.74 18.20 17.28
C THR C 4566 -38.76 17.01 16.32
N GLY C 4567 -38.01 17.11 15.23
CA GLY C 4567 -38.11 16.12 14.18
C GLY C 4567 -37.78 14.72 14.65
N GLN C 4568 -36.87 14.62 15.61
CA GLN C 4568 -36.66 13.35 16.29
C GLN C 4568 -37.86 12.96 17.13
N GLU C 4569 -38.34 13.90 17.94
CA GLU C 4569 -39.52 13.61 18.75
C GLU C 4569 -40.75 13.39 17.89
N SER C 4570 -40.87 14.11 16.78
CA SER C 4570 -41.98 13.87 15.87
C SER C 4570 -41.84 12.50 15.23
N TYR C 4571 -40.60 12.09 15.02
CA TYR C 4571 -40.36 10.80 14.39
C TYR C 4571 -40.73 9.67 15.31
N VAL C 4572 -40.27 9.75 16.56
CA VAL C 4572 -40.58 8.74 17.54
C VAL C 4572 -42.06 8.73 17.85
N TRP C 4573 -42.69 9.90 17.82
CA TRP C 4573 -44.12 9.99 18.02
C TRP C 4573 -44.86 9.35 16.86
N LYS C 4574 -44.26 9.40 15.68
CA LYS C 4574 -44.86 8.78 14.51
C LYS C 4574 -44.74 7.27 14.58
N MET C 4575 -43.57 6.80 15.01
CA MET C 4575 -43.29 5.37 15.13
C MET C 4575 -44.14 4.78 16.22
N TYR C 4576 -44.43 5.62 17.21
CA TYR C 4576 -45.20 5.24 18.39
C TYR C 4576 -46.69 5.20 18.13
N GLN C 4577 -47.17 6.20 17.41
CA GLN C 4577 -48.59 6.29 17.17
C GLN C 4577 -49.03 5.11 16.30
N GLU C 4578 -48.12 4.65 15.45
CA GLU C 4578 -48.43 3.56 14.56
C GLU C 4578 -48.06 2.23 15.24
N ARG C 4579 -47.43 2.33 16.41
CA ARG C 4579 -46.90 1.16 17.09
C ARG C 4579 -45.88 0.43 16.22
N CYS C 4580 -44.99 1.17 15.57
CA CYS C 4580 -43.91 0.53 14.83
C CYS C 4580 -42.94 -0.19 15.76
N TRP C 4581 -42.59 0.51 16.83
CA TRP C 4581 -41.67 0.04 17.87
C TRP C 4581 -40.34 -0.41 17.29
N ASP C 4582 -39.93 0.18 16.18
CA ASP C 4582 -38.57 -0.01 15.71
C ASP C 4582 -37.59 0.94 16.38
N PHE C 4583 -38.09 1.97 17.06
CA PHE C 4583 -37.22 3.05 17.49
C PHE C 4583 -36.44 2.74 18.77
N PHE C 4584 -36.81 1.68 19.49
CA PHE C 4584 -35.92 1.20 20.54
C PHE C 4584 -34.71 0.57 19.89
N PRO C 4585 -33.54 0.72 20.50
CA PRO C 4585 -32.47 -0.15 20.02
C PRO C 4585 -32.89 -1.57 20.29
N ALA C 4586 -32.57 -2.50 19.40
CA ALA C 4586 -32.93 -3.87 19.65
C ALA C 4586 -31.69 -4.72 19.79
N GLY C 4587 -30.55 -4.05 19.78
CA GLY C 4587 -29.27 -4.72 19.93
C GLY C 4587 -28.14 -3.95 19.29
N ASP C 4588 -28.20 -2.62 19.40
CA ASP C 4588 -27.17 -1.80 18.77
C ASP C 4588 -26.51 -0.82 19.73
N CYS C 4589 -27.30 -0.05 20.46
CA CYS C 4589 -26.85 0.98 21.41
C CYS C 4589 -25.83 1.97 20.84
N PHE C 4590 -25.65 3.09 21.53
CA PHE C 4590 -24.85 4.20 21.01
C PHE C 4590 -23.38 3.84 20.87
N ARG C 4591 -22.84 3.25 21.94
CA ARG C 4591 -21.41 2.97 22.00
C ARG C 4591 -21.00 1.93 20.97
N LYS C 4592 -21.80 0.88 20.83
CA LYS C 4592 -21.56 -0.10 19.79
C LYS C 4592 -21.84 0.50 18.41
N GLN C 4593 -22.75 1.46 18.36
CA GLN C 4593 -23.07 2.14 17.10
C GLN C 4593 -21.89 2.92 16.58
N TYR C 4594 -21.05 3.38 17.50
CA TYR C 4594 -19.93 4.19 17.10
C TYR C 4594 -18.58 3.58 17.44
N GLU C 4595 -18.36 3.35 18.74
CA GLU C 4595 -17.11 2.75 19.22
C GLU C 4595 -15.88 3.50 18.70
N GLY D 1 -65.88 89.55 -54.21
CA GLY D 1 -65.60 88.39 -53.37
C GLY D 1 -66.87 87.72 -52.89
N VAL D 2 -67.35 88.15 -51.73
CA VAL D 2 -68.61 87.64 -51.18
C VAL D 2 -69.75 88.02 -52.12
N GLN D 3 -70.66 87.07 -52.35
CA GLN D 3 -71.74 87.28 -53.29
C GLN D 3 -73.04 86.70 -52.76
N VAL D 4 -73.58 87.32 -51.72
CA VAL D 4 -74.82 86.87 -51.13
C VAL D 4 -75.94 86.93 -52.16
N GLU D 5 -76.73 85.88 -52.25
CA GLU D 5 -77.79 85.81 -53.24
C GLU D 5 -79.14 85.56 -52.58
N THR D 6 -80.15 86.32 -53.00
CA THR D 6 -81.49 86.15 -52.47
C THR D 6 -82.02 84.77 -52.85
N ILE D 7 -82.63 84.10 -51.89
CA ILE D 7 -83.34 82.86 -52.16
C ILE D 7 -84.83 83.18 -52.20
N SER D 8 -85.40 83.47 -51.03
CA SER D 8 -86.80 83.91 -50.99
C SER D 8 -86.90 85.21 -50.20
N PRO D 9 -87.81 86.10 -50.64
CA PRO D 9 -87.96 87.45 -50.07
C PRO D 9 -88.37 87.46 -48.61
N GLY D 10 -87.86 88.44 -47.87
CA GLY D 10 -88.27 88.68 -46.50
C GLY D 10 -89.21 89.88 -46.47
N ASP D 11 -89.15 90.66 -45.40
CA ASP D 11 -89.96 91.88 -45.31
C ASP D 11 -89.53 92.90 -46.36
N GLY D 12 -88.28 92.80 -46.81
CA GLY D 12 -87.74 93.73 -47.78
C GLY D 12 -87.38 95.05 -47.11
N ARG D 13 -87.33 95.03 -45.80
CA ARG D 13 -87.18 96.25 -45.02
C ARG D 13 -85.98 96.21 -44.07
N THR D 14 -86.15 95.50 -42.96
CA THR D 14 -85.23 95.62 -41.84
C THR D 14 -83.93 94.87 -42.07
N PHE D 15 -82.97 95.57 -42.66
CA PHE D 15 -81.62 95.06 -42.82
C PHE D 15 -80.86 95.16 -41.49
N PRO D 16 -79.91 94.25 -41.26
CA PRO D 16 -79.13 94.24 -40.02
C PRO D 16 -78.32 95.51 -39.80
N LYS D 17 -78.20 95.92 -38.54
CA LYS D 17 -77.48 97.13 -38.19
C LYS D 17 -76.42 96.84 -37.13
N ARG D 18 -75.69 97.87 -36.73
CA ARG D 18 -74.73 97.71 -35.65
C ARG D 18 -75.45 97.34 -34.36
N GLY D 19 -74.93 96.33 -33.67
CA GLY D 19 -75.37 96.00 -32.33
C GLY D 19 -76.62 95.16 -32.26
N GLN D 20 -77.27 94.94 -33.39
CA GLN D 20 -78.45 94.08 -33.42
C GLN D 20 -78.10 92.62 -33.20
N THR D 21 -78.95 91.92 -32.45
CA THR D 21 -78.77 90.49 -32.23
C THR D 21 -79.42 89.71 -33.37
N CYS D 22 -78.66 89.49 -34.43
CA CYS D 22 -79.14 88.76 -35.60
C CYS D 22 -79.48 87.31 -35.23
N VAL D 23 -80.62 86.83 -35.69
CA VAL D 23 -81.04 85.47 -35.36
C VAL D 23 -81.44 84.70 -36.63
N VAL D 24 -80.69 83.64 -36.91
CA VAL D 24 -80.84 82.87 -38.14
C VAL D 24 -80.73 81.36 -37.93
N HIS D 25 -81.63 80.60 -38.53
CA HIS D 25 -81.33 79.20 -38.85
C HIS D 25 -80.50 79.17 -40.12
N TYR D 26 -79.63 78.18 -40.24
CA TYR D 26 -78.80 78.08 -41.44
C TYR D 26 -78.15 76.72 -41.58
N THR D 27 -77.46 76.53 -42.68
CA THR D 27 -76.58 75.39 -42.88
C THR D 27 -75.35 75.88 -43.62
N GLY D 28 -74.28 75.11 -43.57
CA GLY D 28 -73.05 75.50 -44.23
C GLY D 28 -72.47 74.38 -45.07
N MET D 29 -72.35 74.62 -46.37
CA MET D 29 -71.77 73.63 -47.26
C MET D 29 -70.67 74.22 -48.14
N LEU D 30 -69.72 73.38 -48.53
CA LEU D 30 -68.62 73.80 -49.39
C LEU D 30 -69.06 73.96 -50.83
N GLU D 31 -68.13 74.41 -51.68
CA GLU D 31 -68.40 74.58 -53.10
C GLU D 31 -68.88 73.28 -53.72
N ASP D 32 -68.36 72.17 -53.19
CA ASP D 32 -68.63 70.86 -53.72
C ASP D 32 -70.08 70.45 -53.45
N GLY D 33 -70.69 71.12 -52.47
CA GLY D 33 -72.02 70.77 -52.02
C GLY D 33 -71.96 69.90 -50.77
N LYS D 34 -70.75 69.46 -50.42
CA LYS D 34 -70.56 68.78 -49.16
C LYS D 34 -70.88 69.73 -48.02
N LYS D 35 -71.66 69.26 -47.04
CA LYS D 35 -71.98 70.08 -45.89
C LYS D 35 -70.88 70.06 -44.84
N PHE D 36 -70.81 71.11 -44.04
CA PHE D 36 -69.95 71.12 -42.87
C PHE D 36 -70.68 71.68 -41.65
N ASP D 37 -71.82 72.31 -41.88
CA ASP D 37 -72.51 72.88 -40.75
C ASP D 37 -73.98 73.01 -40.97
N SER D 38 -74.77 72.77 -39.93
CA SER D 38 -76.20 73.03 -39.98
C SER D 38 -76.67 73.77 -38.75
N SER D 39 -77.34 74.89 -38.94
CA SER D 39 -78.00 75.54 -37.82
C SER D 39 -79.15 74.70 -37.29
N ARG D 40 -79.98 74.18 -38.20
CA ARG D 40 -81.19 73.44 -37.82
C ARG D 40 -80.98 72.11 -37.08
N ASP D 41 -80.00 71.33 -37.53
CA ASP D 41 -79.68 70.04 -36.94
C ASP D 41 -79.64 70.17 -35.43
N ARG D 42 -79.13 71.29 -34.97
CA ARG D 42 -79.16 71.66 -33.56
C ARG D 42 -80.59 72.01 -33.16
N ASN D 43 -81.36 72.46 -34.14
CA ASN D 43 -82.69 73.03 -33.96
C ASN D 43 -82.69 74.30 -33.10
N LYS D 44 -81.51 74.68 -32.64
CA LYS D 44 -81.30 75.95 -31.95
C LYS D 44 -81.10 77.07 -32.96
N PRO D 45 -81.89 78.14 -32.85
CA PRO D 45 -81.62 79.33 -33.67
C PRO D 45 -80.23 79.87 -33.35
N PHE D 46 -79.53 80.37 -34.36
CA PHE D 46 -78.19 80.88 -34.13
C PHE D 46 -78.24 82.40 -33.95
N LYS D 47 -77.54 82.90 -32.93
CA LYS D 47 -77.63 84.30 -32.58
C LYS D 47 -76.27 84.98 -32.57
N PHE D 48 -76.15 86.13 -33.23
CA PHE D 48 -74.89 86.87 -33.24
C PHE D 48 -75.12 88.36 -33.39
N MET D 49 -74.48 89.16 -32.54
CA MET D 49 -74.44 90.60 -32.78
C MET D 49 -73.63 90.86 -34.04
N LEU D 50 -74.12 91.72 -34.91
CA LEU D 50 -73.41 91.99 -36.16
C LEU D 50 -72.45 93.16 -35.96
N GLY D 51 -71.29 93.06 -36.60
CA GLY D 51 -70.26 94.06 -36.44
C GLY D 51 -69.42 93.83 -35.20
N LYS D 52 -69.73 92.74 -34.49
CA LYS D 52 -69.03 92.40 -33.25
C LYS D 52 -67.70 91.73 -33.57
N GLN D 53 -67.50 91.39 -34.84
CA GLN D 53 -66.29 90.72 -35.32
C GLN D 53 -66.06 89.39 -34.61
N GLU D 54 -67.15 88.78 -34.17
CA GLU D 54 -67.10 87.47 -33.54
C GLU D 54 -67.16 86.34 -34.57
N VAL D 55 -67.36 86.71 -35.83
CA VAL D 55 -67.55 85.73 -36.89
C VAL D 55 -66.60 85.98 -38.05
N ILE D 56 -66.64 85.10 -39.05
CA ILE D 56 -65.87 85.29 -40.27
C ILE D 56 -66.37 86.54 -40.98
N ARG D 57 -65.46 87.23 -41.65
CA ARG D 57 -65.75 88.55 -42.21
C ARG D 57 -66.89 88.55 -43.21
N GLY D 58 -67.00 87.47 -43.99
CA GLY D 58 -68.03 87.39 -44.99
C GLY D 58 -69.40 87.24 -44.36
N TRP D 59 -69.47 86.51 -43.26
CA TRP D 59 -70.70 86.38 -42.49
C TRP D 59 -71.04 87.72 -41.86
N GLU D 60 -70.03 88.44 -41.40
CA GLU D 60 -70.22 89.72 -40.74
C GLU D 60 -70.71 90.79 -41.73
N GLU D 61 -70.34 90.63 -42.99
CA GLU D 61 -70.66 91.64 -44.00
C GLU D 61 -71.94 91.32 -44.76
N GLY D 62 -72.03 90.10 -45.26
CA GLY D 62 -73.10 89.73 -46.18
C GLY D 62 -74.46 89.47 -45.58
N VAL D 63 -74.52 89.19 -44.28
CA VAL D 63 -75.81 89.00 -43.63
C VAL D 63 -76.56 90.33 -43.61
N ALA D 64 -75.81 91.42 -43.58
CA ALA D 64 -76.40 92.75 -43.52
C ALA D 64 -77.23 93.06 -44.75
N GLN D 65 -76.89 92.42 -45.87
CA GLN D 65 -77.64 92.59 -47.10
C GLN D 65 -79.03 91.97 -47.03
N MET D 66 -79.19 90.98 -46.16
CA MET D 66 -80.46 90.27 -46.03
C MET D 66 -81.53 91.06 -45.30
N SER D 67 -82.79 90.79 -45.64
CA SER D 67 -83.93 91.36 -44.93
C SER D 67 -84.44 90.37 -43.89
N VAL D 68 -85.21 90.85 -42.92
CA VAL D 68 -85.80 89.96 -41.92
C VAL D 68 -86.80 89.02 -42.59
N GLY D 69 -86.72 87.74 -42.24
CA GLY D 69 -87.62 86.74 -42.77
C GLY D 69 -87.16 86.22 -44.12
N GLN D 70 -86.12 86.85 -44.65
CA GLN D 70 -85.55 86.45 -45.92
C GLN D 70 -84.77 85.15 -45.81
N ARG D 71 -84.86 84.32 -46.84
CA ARG D 71 -83.93 83.23 -47.02
C ARG D 71 -82.94 83.64 -48.11
N ALA D 72 -81.66 83.37 -47.89
CA ALA D 72 -80.65 83.79 -48.84
C ALA D 72 -79.42 82.90 -48.80
N LYS D 73 -78.74 82.81 -49.94
CA LYS D 73 -77.52 82.03 -50.04
C LYS D 73 -76.29 82.91 -49.89
N LEU D 74 -75.43 82.56 -48.93
CA LEU D 74 -74.18 83.27 -48.74
C LEU D 74 -73.03 82.50 -49.39
N THR D 75 -72.67 82.90 -50.61
CA THR D 75 -71.53 82.30 -51.28
C THR D 75 -70.28 83.10 -50.89
N ILE D 76 -69.96 83.07 -49.60
CA ILE D 76 -68.86 83.87 -49.07
C ILE D 76 -67.51 83.44 -49.61
N SER D 77 -66.72 84.43 -50.01
CA SER D 77 -65.35 84.20 -50.49
C SER D 77 -64.46 83.78 -49.33
N PRO D 78 -63.52 82.86 -49.59
CA PRO D 78 -62.64 82.36 -48.53
C PRO D 78 -61.83 83.46 -47.85
N ASP D 79 -61.44 84.49 -48.60
CA ASP D 79 -60.69 85.59 -48.01
C ASP D 79 -61.54 86.31 -46.96
N TYR D 80 -62.84 86.29 -47.18
CA TYR D 80 -63.79 86.85 -46.23
C TYR D 80 -64.13 85.83 -45.15
N ALA D 81 -63.62 84.61 -45.32
CA ALA D 81 -63.75 83.57 -44.33
C ALA D 81 -62.39 83.20 -43.76
N TYR D 82 -62.20 81.92 -43.45
CA TYR D 82 -60.93 81.44 -42.92
C TYR D 82 -59.80 81.56 -43.95
N GLY D 83 -60.14 81.46 -45.22
CA GLY D 83 -59.19 81.63 -46.30
C GLY D 83 -58.03 80.65 -46.35
N ALA D 84 -56.84 81.18 -46.58
CA ALA D 84 -55.63 80.36 -46.69
C ALA D 84 -55.35 79.65 -45.38
N THR D 85 -55.80 80.24 -44.28
CA THR D 85 -55.69 79.59 -42.99
C THR D 85 -56.55 78.34 -42.95
N GLY D 86 -57.81 78.49 -43.35
CA GLY D 86 -58.77 77.41 -43.31
C GLY D 86 -59.29 77.26 -41.89
N HIS D 87 -60.42 76.61 -41.72
CA HIS D 87 -60.91 76.37 -40.38
C HIS D 87 -60.34 75.03 -39.97
N PRO D 88 -59.49 75.02 -38.94
CA PRO D 88 -58.73 73.80 -38.67
C PRO D 88 -59.64 72.63 -38.35
N GLY D 89 -59.34 71.48 -38.92
CA GLY D 89 -60.12 70.28 -38.68
C GLY D 89 -61.41 70.20 -39.47
N ILE D 90 -61.81 71.30 -40.10
CA ILE D 90 -63.08 71.33 -40.83
C ILE D 90 -62.90 71.81 -42.26
N ILE D 91 -62.68 73.10 -42.41
CA ILE D 91 -62.62 73.71 -43.72
C ILE D 91 -61.20 73.77 -44.24
N PRO D 92 -60.95 73.08 -45.36
CA PRO D 92 -59.67 73.14 -46.06
C PRO D 92 -59.39 74.55 -46.55
N PRO D 93 -58.12 74.96 -46.58
CA PRO D 93 -57.74 76.31 -46.99
C PRO D 93 -58.16 76.61 -48.42
N HIS D 94 -58.53 77.85 -48.68
CA HIS D 94 -59.01 78.30 -49.99
C HIS D 94 -60.26 77.56 -50.42
N ALA D 95 -61.34 77.76 -49.68
CA ALA D 95 -62.61 77.12 -50.00
C ALA D 95 -63.78 78.07 -49.77
N THR D 96 -64.43 78.47 -50.86
CA THR D 96 -65.60 79.34 -50.78
C THR D 96 -66.73 78.66 -50.03
N LEU D 97 -67.35 79.40 -49.12
CA LEU D 97 -68.44 78.84 -48.32
C LEU D 97 -69.79 79.15 -48.94
N VAL D 98 -70.75 78.27 -48.70
CA VAL D 98 -72.11 78.43 -49.21
C VAL D 98 -73.12 78.17 -48.10
N PHE D 99 -73.79 79.23 -47.67
CA PHE D 99 -74.72 79.13 -46.55
C PHE D 99 -76.17 79.26 -47.00
N ASP D 100 -77.03 78.37 -46.50
CA ASP D 100 -78.46 78.50 -46.72
C ASP D 100 -79.07 79.25 -45.54
N VAL D 101 -78.76 80.54 -45.45
CA VAL D 101 -79.19 81.35 -44.33
C VAL D 101 -80.68 81.66 -44.39
N GLU D 102 -81.32 81.73 -43.22
CA GLU D 102 -82.67 82.27 -43.11
C GLU D 102 -82.72 83.24 -41.93
N LEU D 103 -82.83 84.53 -42.21
CA LEU D 103 -82.81 85.54 -41.16
C LEU D 103 -84.13 85.56 -40.41
N LEU D 104 -84.21 84.78 -39.33
CA LEU D 104 -85.42 84.68 -38.54
C LEU D 104 -85.84 86.03 -37.99
N LYS D 105 -84.92 86.68 -37.29
CA LYS D 105 -85.25 87.95 -36.66
C LYS D 105 -84.04 88.74 -36.17
N LEU D 106 -83.95 89.99 -36.60
CA LEU D 106 -83.02 90.92 -35.99
C LEU D 106 -83.51 91.28 -34.59
N GLU D 107 -82.58 91.41 -33.65
CA GLU D 107 -82.94 91.71 -32.28
C GLU D 107 -81.96 92.69 -31.65
N GLN E 12 11.36 -25.75 -13.19
CA GLN E 12 12.11 -26.49 -12.18
C GLN E 12 12.69 -27.79 -12.72
N PHE E 13 11.82 -28.74 -13.04
CA PHE E 13 12.30 -30.05 -13.50
C PHE E 13 11.58 -30.53 -14.75
N LEU E 14 12.32 -31.23 -15.61
CA LEU E 14 11.74 -31.89 -16.77
C LEU E 14 11.05 -33.18 -16.35
N ARG E 15 10.01 -33.57 -17.09
CA ARG E 15 9.16 -34.69 -16.72
C ARG E 15 8.65 -35.41 -17.95
N THR E 16 8.03 -36.57 -17.76
CA THR E 16 7.49 -37.34 -18.86
C THR E 16 6.43 -36.53 -19.61
N ASP E 17 6.43 -36.65 -20.94
CA ASP E 17 5.55 -35.92 -21.84
C ASP E 17 5.76 -34.40 -21.81
N ASP E 18 6.82 -33.94 -21.15
CA ASP E 18 7.22 -32.55 -21.33
C ASP E 18 7.75 -32.37 -22.74
N GLU E 19 7.46 -31.24 -23.36
CA GLU E 19 7.95 -30.97 -24.69
C GLU E 19 9.19 -30.07 -24.61
N VAL E 20 10.29 -30.52 -25.19
CA VAL E 20 11.58 -29.85 -25.06
C VAL E 20 12.40 -29.94 -26.34
N VAL E 21 13.02 -28.84 -26.74
CA VAL E 21 14.02 -28.93 -27.78
C VAL E 21 15.34 -29.43 -27.21
N LEU E 22 16.09 -30.17 -28.01
CA LEU E 22 17.51 -30.34 -27.74
C LEU E 22 18.23 -29.08 -28.20
N GLN E 23 19.34 -28.75 -27.57
CA GLN E 23 20.09 -27.57 -27.97
C GLN E 23 21.53 -27.68 -27.52
N CYS E 24 22.45 -27.06 -28.26
CA CYS E 24 23.84 -27.09 -27.87
C CYS E 24 24.52 -25.78 -28.19
N SER E 25 25.42 -25.35 -27.32
CA SER E 25 26.25 -24.19 -27.58
C SER E 25 27.15 -24.49 -28.77
N ALA E 26 27.36 -23.50 -29.63
CA ALA E 26 28.14 -23.70 -30.84
C ALA E 26 28.79 -22.41 -31.29
N THR E 27 30.01 -22.17 -30.84
CA THR E 27 30.75 -21.00 -31.28
C THR E 27 31.02 -21.09 -32.78
N VAL E 28 30.88 -19.96 -33.47
CA VAL E 28 31.02 -19.91 -34.93
C VAL E 28 31.63 -18.59 -35.33
N LEU E 29 32.76 -18.64 -36.02
CA LEU E 29 33.49 -17.44 -36.45
C LEU E 29 33.74 -16.51 -35.26
N LYS E 30 34.28 -17.08 -34.19
CA LYS E 30 34.60 -16.35 -32.96
C LYS E 30 33.38 -15.66 -32.35
N GLU E 31 32.24 -16.33 -32.40
CA GLU E 31 31.04 -15.88 -31.70
C GLU E 31 30.11 -17.04 -31.43
N GLN E 32 29.38 -16.97 -30.32
CA GLN E 32 28.41 -18.01 -29.97
C GLN E 32 27.29 -18.06 -30.99
N LEU E 33 26.82 -19.28 -31.29
CA LEU E 33 25.70 -19.47 -32.18
C LEU E 33 24.98 -20.75 -31.77
N LYS E 34 24.26 -20.69 -30.66
CA LYS E 34 23.55 -21.85 -30.15
C LYS E 34 22.51 -22.31 -31.13
N LEU E 35 22.33 -23.62 -31.24
CA LEU E 35 21.43 -24.16 -32.24
C LEU E 35 20.73 -25.43 -31.77
N CYS E 36 19.44 -25.51 -32.08
CA CYS E 36 18.64 -26.69 -31.76
C CYS E 36 18.95 -27.87 -32.67
N LEU E 37 18.80 -29.07 -32.13
CA LEU E 37 18.70 -30.26 -32.97
C LEU E 37 17.38 -30.22 -33.71
N ALA E 38 17.35 -30.63 -34.99
CA ALA E 38 16.11 -30.56 -35.73
C ALA E 38 16.06 -31.51 -36.92
N ALA E 39 15.43 -32.66 -36.74
CA ALA E 39 14.99 -33.47 -37.86
C ALA E 39 13.81 -32.76 -38.54
N GLU E 40 13.73 -32.86 -39.85
CA GLU E 40 12.56 -32.35 -40.55
C GLU E 40 11.41 -33.35 -40.43
N GLY E 41 11.76 -34.56 -39.99
CA GLY E 41 10.78 -35.63 -39.89
C GLY E 41 10.64 -36.41 -41.18
N PHE E 42 9.47 -36.30 -41.80
CA PHE E 42 9.13 -37.08 -42.98
C PHE E 42 10.02 -36.73 -44.16
N GLY E 43 10.47 -37.76 -44.87
CA GLY E 43 11.14 -37.58 -46.13
C GLY E 43 12.60 -37.22 -45.92
N ASN E 44 12.98 -37.06 -44.67
CA ASN E 44 14.36 -36.88 -44.32
C ASN E 44 14.61 -37.48 -42.96
N ARG E 45 15.06 -38.73 -42.93
CA ARG E 45 15.23 -39.45 -41.67
C ARG E 45 16.26 -38.76 -40.78
N LEU E 46 17.32 -38.25 -41.38
CA LEU E 46 18.42 -37.67 -40.62
C LEU E 46 18.06 -36.36 -39.97
N CYS E 47 18.54 -36.16 -38.75
CA CYS E 47 18.42 -34.88 -38.08
C CYS E 47 19.40 -33.88 -38.65
N PHE E 48 19.08 -32.59 -38.56
CA PHE E 48 20.00 -31.58 -39.02
C PHE E 48 20.08 -30.41 -38.05
N LEU E 49 21.17 -29.65 -38.16
CA LEU E 49 21.42 -28.50 -37.31
C LEU E 49 20.40 -27.39 -37.54
N GLU E 50 20.02 -26.72 -36.46
CA GLU E 50 19.04 -25.65 -36.55
C GLU E 50 19.50 -24.39 -35.83
N PRO E 51 20.32 -23.58 -36.52
CA PRO E 51 20.75 -22.33 -35.86
C PRO E 51 19.54 -21.46 -35.55
N THR E 52 19.59 -20.77 -34.40
CA THR E 52 18.43 -20.05 -33.88
C THR E 52 18.84 -18.80 -33.13
N SER E 53 20.13 -18.62 -32.92
CA SER E 53 20.63 -17.57 -32.04
C SER E 53 20.29 -16.18 -32.55
N ASN E 54 20.16 -16.04 -33.87
CA ASN E 54 19.77 -14.77 -34.46
C ASN E 54 18.25 -14.72 -34.60
N ALA E 55 17.54 -14.80 -33.47
CA ALA E 55 16.10 -14.68 -33.49
C ALA E 55 15.67 -13.28 -33.96
N GLN E 56 16.53 -12.31 -33.69
CA GLN E 56 16.24 -10.91 -34.00
C GLN E 56 16.12 -10.63 -35.50
N ASN E 57 16.83 -11.40 -36.32
CA ASN E 57 16.89 -11.09 -37.74
C ASN E 57 16.74 -12.29 -38.66
N VAL E 58 17.15 -13.47 -38.20
CA VAL E 58 17.06 -14.68 -39.01
C VAL E 58 16.36 -15.74 -38.16
N PRO E 59 15.04 -15.61 -38.04
CA PRO E 59 14.21 -16.37 -37.10
C PRO E 59 14.20 -17.89 -37.33
N PRO E 60 14.14 -18.66 -36.23
CA PRO E 60 14.17 -20.13 -36.14
C PRO E 60 13.01 -20.87 -36.80
N ASP E 61 13.31 -22.03 -37.36
CA ASP E 61 12.26 -22.99 -37.71
C ASP E 61 11.97 -23.86 -36.49
N LEU E 62 11.36 -23.27 -35.47
CA LEU E 62 11.19 -23.92 -34.17
C LEU E 62 10.13 -25.03 -34.20
N ALA E 63 9.32 -25.05 -35.24
CA ALA E 63 8.17 -25.96 -35.31
C ALA E 63 8.55 -27.43 -35.26
N ILE E 64 9.71 -27.76 -35.81
CA ILE E 64 10.20 -29.13 -35.81
C ILE E 64 11.15 -29.43 -34.65
N CYS E 65 11.73 -28.39 -34.06
CA CYS E 65 12.78 -28.57 -33.07
C CYS E 65 12.30 -29.28 -31.82
N CYS E 66 11.00 -29.15 -31.52
CA CYS E 66 10.43 -29.73 -30.30
C CYS E 66 10.41 -31.26 -30.29
N PHE E 67 10.64 -31.82 -29.10
CA PHE E 67 10.53 -33.26 -28.87
C PHE E 67 9.64 -33.57 -27.68
N THR E 68 8.95 -34.70 -27.71
CA THR E 68 8.17 -35.13 -26.56
C THR E 68 8.87 -36.28 -25.84
N LEU E 69 8.87 -36.25 -24.52
CA LEU E 69 9.48 -37.30 -23.71
C LEU E 69 8.52 -38.46 -23.45
N GLU E 70 8.36 -39.36 -24.41
CA GLU E 70 7.35 -40.40 -24.30
C GLU E 70 7.57 -41.35 -23.12
N GLN E 71 8.82 -41.55 -22.72
CA GLN E 71 9.10 -42.45 -21.60
C GLN E 71 10.52 -42.30 -21.08
N SER E 72 10.69 -42.53 -19.77
CA SER E 72 12.01 -42.48 -19.17
C SER E 72 12.17 -43.61 -18.16
N LEU E 73 13.33 -44.26 -18.20
CA LEU E 73 13.55 -45.47 -17.40
C LEU E 73 15.03 -45.66 -17.07
N SER E 74 15.31 -46.27 -15.92
CA SER E 74 16.66 -46.63 -15.55
C SER E 74 17.17 -47.68 -16.52
N VAL E 75 18.48 -47.69 -16.78
CA VAL E 75 19.02 -48.48 -17.87
C VAL E 75 18.75 -49.96 -17.70
N ARG E 76 18.80 -50.43 -16.46
CA ARG E 76 18.49 -51.83 -16.21
C ARG E 76 17.00 -52.07 -16.46
N ALA E 77 16.18 -51.08 -16.10
CA ALA E 77 14.75 -51.15 -16.38
C ALA E 77 14.52 -51.13 -17.87
N LEU E 78 15.40 -50.45 -18.58
CA LEU E 78 15.30 -50.41 -20.03
C LEU E 78 15.59 -51.76 -20.62
N GLN E 79 16.63 -52.40 -20.12
CA GLN E 79 17.01 -53.72 -20.59
C GLN E 79 15.84 -54.65 -20.31
N GLU E 80 15.21 -54.46 -19.15
CA GLU E 80 14.06 -55.27 -18.80
C GLU E 80 12.86 -55.04 -19.73
N MET E 81 12.72 -53.81 -20.22
CA MET E 81 11.60 -53.50 -21.10
C MET E 81 11.84 -54.10 -22.47
N LEU E 82 13.06 -53.92 -22.96
CA LEU E 82 13.46 -54.42 -24.26
C LEU E 82 13.48 -55.94 -24.27
N ALA E 83 13.68 -56.52 -23.10
CA ALA E 83 13.64 -57.97 -22.97
C ALA E 83 12.25 -58.52 -23.26
N ASN E 84 11.24 -57.68 -23.05
CA ASN E 84 9.86 -58.08 -23.27
C ASN E 84 9.30 -57.51 -24.58
N GLY E 97 0.70 -39.47 -15.08
CA GLY E 97 1.77 -40.45 -15.15
C GLY E 97 3.08 -39.83 -15.61
N HIS E 98 3.27 -38.56 -15.28
CA HIS E 98 4.49 -37.86 -15.66
C HIS E 98 5.62 -38.12 -14.69
N ARG E 99 6.29 -39.26 -14.83
CA ARG E 99 7.44 -39.54 -14.00
C ARG E 99 8.50 -38.50 -14.33
N THR E 100 9.14 -37.96 -13.31
CA THR E 100 10.19 -36.98 -13.50
C THR E 100 11.39 -37.64 -14.17
N LEU E 101 12.06 -36.92 -15.06
CA LEU E 101 13.33 -37.43 -15.58
C LEU E 101 14.34 -37.53 -14.46
N LEU E 102 15.12 -38.59 -14.46
CA LEU E 102 16.24 -38.69 -13.54
C LEU E 102 17.48 -38.97 -14.35
N TYR E 103 18.61 -38.38 -13.95
CA TYR E 103 19.83 -38.52 -14.74
C TYR E 103 20.28 -39.97 -14.79
N GLY E 104 20.75 -40.36 -15.96
CA GLY E 104 21.20 -41.71 -16.21
C GLY E 104 20.07 -42.63 -16.64
N HIS E 105 18.84 -42.13 -16.62
CA HIS E 105 17.76 -42.84 -17.31
C HIS E 105 17.87 -42.74 -18.81
N ALA E 106 17.49 -43.81 -19.50
CA ALA E 106 17.25 -43.74 -20.93
C ALA E 106 15.93 -43.03 -21.17
N ILE E 107 15.82 -42.33 -22.29
CA ILE E 107 14.59 -41.61 -22.61
C ILE E 107 14.19 -41.78 -24.07
N LEU E 108 12.88 -41.79 -24.30
CA LEU E 108 12.33 -41.92 -25.65
C LEU E 108 11.91 -40.56 -26.20
N LEU E 109 12.74 -40.00 -27.07
CA LEU E 109 12.49 -38.69 -27.66
C LEU E 109 11.64 -38.72 -28.94
N ARG E 110 10.33 -38.64 -28.81
CA ARG E 110 9.46 -38.50 -29.96
C ARG E 110 9.67 -37.16 -30.66
N HIS E 111 9.65 -37.15 -31.99
CA HIS E 111 9.65 -35.90 -32.71
C HIS E 111 8.30 -35.23 -32.45
N ALA E 112 8.25 -33.92 -32.24
CA ALA E 112 6.96 -33.27 -31.99
C ALA E 112 6.04 -33.30 -33.19
N HIS E 113 6.65 -33.33 -34.37
CA HIS E 113 5.92 -33.28 -35.63
C HIS E 113 5.62 -34.66 -36.20
N SER E 114 6.61 -35.23 -36.85
CA SER E 114 6.49 -36.50 -37.55
C SER E 114 6.19 -37.61 -36.56
N ARG E 115 6.55 -37.36 -35.31
CA ARG E 115 6.37 -38.31 -34.23
C ARG E 115 7.16 -39.60 -34.45
N MET E 116 8.10 -39.56 -35.40
CA MET E 116 9.12 -40.58 -35.44
C MET E 116 10.01 -40.38 -34.22
N TYR E 117 10.36 -41.47 -33.55
CA TYR E 117 11.24 -41.40 -32.39
C TYR E 117 12.68 -41.10 -32.77
N LEU E 118 13.38 -40.29 -31.98
CA LEU E 118 14.78 -40.01 -32.25
C LEU E 118 15.64 -41.27 -32.04
N SER E 119 16.66 -41.46 -32.86
CA SER E 119 17.45 -42.69 -32.80
C SER E 119 18.85 -42.55 -33.38
N CYS E 120 19.73 -43.50 -33.04
CA CYS E 120 21.06 -43.56 -33.64
C CYS E 120 21.08 -44.47 -34.86
N LEU E 121 20.86 -43.89 -36.04
CA LEU E 121 20.83 -44.66 -37.28
C LEU E 121 22.18 -45.30 -37.64
N THR E 122 22.12 -46.50 -38.19
CA THR E 122 23.31 -47.27 -38.54
C THR E 122 24.13 -46.67 -39.69
N THR E 123 23.51 -45.84 -40.52
CA THR E 123 24.22 -45.25 -41.66
C THR E 123 25.37 -44.33 -41.23
N SER E 124 26.51 -44.49 -41.90
CA SER E 124 27.64 -43.56 -41.74
C SER E 124 27.43 -42.26 -42.52
N ARG E 125 28.00 -41.18 -42.02
CA ARG E 125 27.88 -39.88 -42.66
C ARG E 125 29.21 -39.13 -42.67
N LYS E 130 35.55 -39.89 -38.76
CA LYS E 130 34.11 -39.73 -38.85
C LYS E 130 33.41 -41.08 -39.02
N LEU E 131 33.87 -42.06 -38.23
CA LEU E 131 33.28 -43.39 -38.25
C LEU E 131 31.99 -43.43 -37.43
N ALA E 132 31.72 -42.36 -36.70
CA ALA E 132 30.55 -42.27 -35.84
C ALA E 132 29.24 -42.35 -36.63
N PHE E 133 28.27 -43.07 -36.08
CA PHE E 133 26.96 -43.22 -36.71
C PHE E 133 26.18 -41.92 -36.80
N ASP E 134 25.47 -41.75 -37.90
CA ASP E 134 24.55 -40.64 -38.05
C ASP E 134 23.36 -40.75 -37.10
N VAL E 135 23.00 -39.62 -36.50
CA VAL E 135 21.75 -39.52 -35.76
C VAL E 135 20.59 -39.37 -36.75
N GLY E 136 19.41 -39.87 -36.39
CA GLY E 136 18.23 -39.67 -37.21
C GLY E 136 17.01 -40.37 -36.65
N LEU E 137 15.85 -40.04 -37.21
CA LEU E 137 14.60 -40.62 -36.75
C LEU E 137 14.36 -42.07 -37.16
N GLN E 138 13.60 -42.77 -36.32
CA GLN E 138 13.13 -44.12 -36.57
C GLN E 138 11.61 -44.13 -36.44
N GLU E 139 10.94 -44.97 -37.23
CA GLU E 139 9.49 -44.92 -37.31
C GLU E 139 8.79 -45.61 -36.14
N ASP E 140 9.55 -46.31 -35.31
CA ASP E 140 8.94 -47.03 -34.19
C ASP E 140 9.89 -47.13 -33.01
N ALA E 141 9.29 -47.26 -31.82
CA ALA E 141 10.03 -47.28 -30.57
C ALA E 141 10.91 -48.52 -30.43
N THR E 142 10.57 -49.58 -31.16
CA THR E 142 11.26 -50.84 -30.99
C THR E 142 12.73 -50.70 -31.31
N GLY E 143 13.54 -51.38 -30.51
CA GLY E 143 14.99 -51.33 -30.64
C GLY E 143 15.63 -50.35 -29.69
N GLU E 144 16.89 -50.60 -29.38
CA GLU E 144 17.66 -49.79 -28.44
C GLU E 144 17.95 -48.39 -28.95
N ALA E 145 18.02 -48.24 -30.26
CA ALA E 145 18.52 -47.00 -30.85
C ALA E 145 17.66 -45.79 -30.50
N CYS E 146 16.36 -45.99 -30.35
CA CYS E 146 15.47 -44.89 -30.01
C CYS E 146 15.75 -44.30 -28.64
N TRP E 147 16.22 -45.14 -27.73
CA TRP E 147 16.48 -44.72 -26.37
C TRP E 147 17.75 -43.86 -26.23
N TRP E 148 17.75 -42.98 -25.24
CA TRP E 148 18.90 -42.12 -24.99
C TRP E 148 19.12 -41.89 -23.50
N THR E 149 20.10 -42.57 -22.92
CA THR E 149 20.47 -42.31 -21.53
C THR E 149 21.04 -40.90 -21.37
N MET E 150 20.60 -40.20 -20.34
CA MET E 150 21.18 -38.92 -19.97
C MET E 150 22.48 -39.06 -19.16
N HIS E 151 23.37 -38.07 -19.28
CA HIS E 151 24.57 -38.01 -18.45
C HIS E 151 25.00 -36.58 -18.18
N PRO E 152 24.66 -36.05 -16.99
CA PRO E 152 25.02 -34.66 -16.68
C PRO E 152 26.52 -34.45 -16.69
N ALA E 153 26.95 -33.29 -17.17
CA ALA E 153 28.38 -33.04 -17.37
C ALA E 153 29.11 -32.68 -16.08
N SER E 154 28.49 -31.79 -15.30
CA SER E 154 29.01 -31.36 -14.02
C SER E 154 29.06 -32.48 -12.99
N LYS E 155 30.14 -32.54 -12.24
CA LYS E 155 30.29 -33.56 -11.23
C LYS E 155 29.22 -33.42 -10.15
N GLN E 156 28.94 -32.18 -9.75
CA GLN E 156 28.12 -31.92 -8.59
C GLN E 156 26.70 -32.45 -8.78
N ARG E 157 26.15 -32.29 -9.97
CA ARG E 157 24.88 -32.93 -10.29
C ARG E 157 25.11 -34.44 -10.29
N SER E 158 24.14 -35.20 -9.79
CA SER E 158 24.33 -36.64 -9.68
C SER E 158 23.18 -37.42 -10.26
N GLU E 159 23.48 -38.63 -10.72
CA GLU E 159 22.50 -39.52 -11.32
C GLU E 159 21.45 -39.89 -10.29
N GLY E 160 20.20 -39.97 -10.75
CA GLY E 160 19.08 -40.19 -9.85
C GLY E 160 18.52 -38.92 -9.28
N GLU E 161 18.99 -37.78 -9.80
CA GLU E 161 18.55 -36.46 -9.37
C GLU E 161 17.68 -35.82 -10.45
N LYS E 162 16.53 -35.31 -10.03
CA LYS E 162 15.51 -34.83 -10.95
C LYS E 162 16.20 -33.90 -11.93
N VAL E 163 15.86 -33.98 -13.20
CA VAL E 163 16.59 -33.19 -14.19
C VAL E 163 16.15 -31.73 -14.18
N ARG E 164 17.08 -30.86 -13.80
CA ARG E 164 16.82 -29.42 -13.71
C ARG E 164 16.74 -28.72 -15.06
N VAL E 165 15.88 -27.72 -15.14
CA VAL E 165 15.68 -26.95 -16.36
C VAL E 165 16.96 -26.24 -16.81
N GLY E 166 17.23 -26.28 -18.10
CA GLY E 166 18.31 -25.49 -18.68
C GLY E 166 19.70 -26.10 -18.52
N ASP E 167 19.77 -27.26 -17.89
CA ASP E 167 21.07 -27.84 -17.58
C ASP E 167 21.84 -28.34 -18.79
N ASP E 168 23.15 -28.09 -18.80
CA ASP E 168 24.06 -28.79 -19.68
C ASP E 168 23.93 -30.28 -19.37
N LEU E 169 23.85 -31.11 -20.39
CA LEU E 169 23.87 -32.55 -20.17
C LEU E 169 24.21 -33.30 -21.46
N ILE E 170 25.05 -34.32 -21.32
CA ILE E 170 25.41 -35.20 -22.42
C ILE E 170 24.27 -36.19 -22.69
N LEU E 171 24.10 -36.60 -23.94
CA LEU E 171 23.18 -37.69 -24.26
C LEU E 171 23.92 -38.87 -24.87
N VAL E 172 23.45 -40.07 -24.58
CA VAL E 172 24.12 -41.29 -25.02
C VAL E 172 23.13 -42.31 -25.57
N SER E 173 23.34 -42.77 -26.80
CA SER E 173 22.50 -43.82 -27.35
C SER E 173 22.72 -45.11 -26.56
N VAL E 174 21.62 -45.79 -26.23
CA VAL E 174 21.71 -47.07 -25.56
C VAL E 174 22.27 -48.15 -26.50
N SER E 175 22.03 -47.99 -27.79
CA SER E 175 22.37 -49.04 -28.74
C SER E 175 23.82 -48.95 -29.19
N SER E 176 24.16 -47.81 -29.77
CA SER E 176 25.50 -47.61 -30.30
C SER E 176 26.49 -47.18 -29.23
N GLU E 177 25.98 -46.91 -28.03
CA GLU E 177 26.81 -46.46 -26.90
C GLU E 177 27.62 -45.23 -27.26
N ARG E 178 27.07 -44.42 -28.16
CA ARG E 178 27.77 -43.24 -28.63
C ARG E 178 27.08 -41.96 -28.21
N TYR E 179 27.90 -41.01 -27.76
CA TYR E 179 27.43 -39.73 -27.25
C TYR E 179 26.78 -38.93 -28.37
N LEU E 180 25.67 -38.26 -28.09
CA LEU E 180 25.08 -37.35 -29.05
C LEU E 180 26.08 -36.20 -29.25
N HIS E 181 26.25 -35.72 -30.48
CA HIS E 181 27.38 -34.85 -30.77
C HIS E 181 27.21 -33.86 -31.92
N LEU E 182 27.80 -32.67 -31.73
CA LEU E 182 27.84 -31.62 -32.73
C LEU E 182 29.07 -31.75 -33.64
N SER E 183 29.03 -32.66 -34.60
CA SER E 183 30.17 -32.81 -35.50
C SER E 183 30.33 -31.59 -36.39
N THR E 184 31.58 -31.23 -36.66
CA THR E 184 31.88 -30.09 -37.51
C THR E 184 31.81 -30.47 -38.99
N LEU E 189 28.05 -27.46 -39.56
CA LEU E 189 28.03 -28.33 -38.38
C LEU E 189 27.02 -29.46 -38.50
N GLN E 190 27.50 -30.67 -38.21
CA GLN E 190 26.78 -31.89 -38.43
C GLN E 190 26.59 -32.57 -37.10
N VAL E 191 25.40 -33.14 -36.93
CA VAL E 191 25.11 -33.81 -35.67
C VAL E 191 25.14 -35.29 -35.91
N ASP E 192 25.82 -36.04 -35.01
CA ASP E 192 26.11 -37.46 -35.15
C ASP E 192 26.41 -38.07 -33.79
N ALA E 193 26.35 -39.40 -33.71
CA ALA E 193 26.68 -40.08 -32.47
C ALA E 193 28.18 -40.34 -32.36
N SER E 194 28.94 -39.28 -32.10
CA SER E 194 30.39 -39.37 -31.97
C SER E 194 30.84 -39.97 -30.65
N PHE E 195 32.05 -40.50 -30.63
CA PHE E 195 32.61 -40.91 -29.37
C PHE E 195 32.72 -39.65 -28.54
N MET E 196 33.09 -38.55 -29.19
CA MET E 196 33.23 -37.28 -28.49
C MET E 196 31.94 -36.96 -27.73
N GLN E 197 32.06 -36.37 -26.55
CA GLN E 197 30.91 -35.77 -25.87
C GLN E 197 30.51 -34.43 -26.47
N THR E 198 29.24 -34.08 -26.34
CA THR E 198 28.78 -32.72 -26.59
C THR E 198 27.73 -32.32 -25.58
N LEU E 199 27.85 -31.11 -25.05
CA LEU E 199 26.85 -30.59 -24.12
C LEU E 199 25.53 -30.42 -24.87
N TRP E 200 24.43 -30.70 -24.19
CA TRP E 200 23.12 -30.48 -24.78
C TRP E 200 22.13 -29.92 -23.79
N ASN E 201 21.87 -28.62 -23.89
CA ASN E 201 20.77 -28.04 -23.14
C ASN E 201 19.47 -28.67 -23.61
N MET E 202 18.60 -29.00 -22.66
CA MET E 202 17.31 -29.57 -23.01
C MET E 202 16.25 -28.58 -22.58
N ASN E 203 16.21 -27.46 -23.28
CA ASN E 203 15.34 -26.37 -22.92
C ASN E 203 13.88 -26.77 -23.03
N PRO E 204 13.12 -26.59 -21.95
CA PRO E 204 11.69 -26.90 -22.01
C PRO E 204 10.99 -26.00 -23.01
N ILE E 205 9.99 -26.55 -23.69
CA ILE E 205 9.15 -25.74 -24.55
C ILE E 205 7.82 -25.56 -23.86
N CYS E 206 7.29 -26.67 -23.33
CA CYS E 206 6.12 -26.62 -22.47
C CYS E 206 5.98 -27.91 -21.68
N SER E 207 5.37 -27.80 -20.50
CA SER E 207 4.86 -28.97 -19.81
C SER E 207 3.45 -29.20 -20.32
N CYS E 208 2.64 -29.93 -19.57
CA CYS E 208 1.24 -30.03 -19.96
C CYS E 208 0.58 -28.67 -19.88
N CYS E 209 -0.19 -28.32 -20.90
CA CYS E 209 -0.97 -27.10 -20.88
C CYS E 209 -2.22 -27.25 -20.02
N GLU E 210 -2.68 -26.15 -19.43
CA GLU E 210 -4.01 -26.15 -18.85
C GLU E 210 -4.97 -26.37 -20.01
N GLU E 211 -5.99 -27.19 -19.81
CA GLU E 211 -6.80 -27.66 -20.92
C GLU E 211 -7.61 -26.56 -21.59
N GLY E 212 -7.65 -26.59 -22.92
CA GLY E 212 -8.51 -25.74 -23.70
C GLY E 212 -7.97 -24.34 -23.94
N TYR E 213 -6.78 -24.08 -23.42
CA TYR E 213 -6.16 -22.77 -23.56
C TYR E 213 -5.14 -22.74 -24.68
N VAL E 214 -5.10 -21.63 -25.42
CA VAL E 214 -4.10 -21.47 -26.47
C VAL E 214 -2.70 -21.41 -25.89
N THR E 215 -1.76 -22.05 -26.56
CA THR E 215 -0.36 -21.99 -26.20
C THR E 215 0.44 -21.52 -27.41
N GLY E 216 1.55 -20.85 -27.19
CA GLY E 216 2.39 -20.46 -28.30
C GLY E 216 3.00 -21.71 -28.89
N GLY E 217 3.25 -21.68 -30.19
CA GLY E 217 3.86 -22.80 -30.89
C GLY E 217 2.81 -23.81 -31.31
N HIS E 218 1.58 -23.58 -30.89
CA HIS E 218 0.46 -24.34 -31.37
C HIS E 218 0.17 -23.96 -32.80
N VAL E 219 -0.38 -24.87 -33.59
CA VAL E 219 -0.92 -24.49 -34.88
C VAL E 219 -2.44 -24.38 -34.77
N LEU E 220 -2.98 -23.27 -35.26
CA LEU E 220 -4.41 -23.00 -35.13
C LEU E 220 -4.91 -21.97 -36.14
N ARG E 221 -6.19 -22.08 -36.47
CA ARG E 221 -6.87 -21.07 -37.28
C ARG E 221 -7.23 -19.81 -36.49
N LEU E 222 -7.28 -18.68 -37.19
CA LEU E 222 -7.61 -17.41 -36.58
C LEU E 222 -8.97 -16.91 -37.06
N PHE E 223 -10.04 -17.43 -36.48
CA PHE E 223 -11.38 -17.07 -36.95
C PHE E 223 -11.76 -15.61 -36.76
N HIS E 224 -12.42 -15.09 -37.79
CA HIS E 224 -12.85 -13.70 -37.84
C HIS E 224 -14.18 -13.46 -37.13
N GLY E 225 -14.87 -14.54 -36.78
CA GLY E 225 -16.18 -14.44 -36.18
C GLY E 225 -17.17 -15.42 -36.79
N GLU E 229 -15.96 -17.66 -40.69
CA GLU E 229 -14.90 -16.94 -41.39
C GLU E 229 -13.60 -16.99 -40.58
N CYS E 230 -12.48 -17.05 -41.28
CA CYS E 230 -11.18 -17.15 -40.62
C CYS E 230 -10.06 -16.55 -41.45
N LEU E 231 -8.99 -16.13 -40.77
CA LEU E 231 -7.82 -15.56 -41.43
C LEU E 231 -7.15 -16.61 -42.30
N THR E 232 -6.67 -16.21 -43.48
CA THR E 232 -6.05 -17.12 -44.43
C THR E 232 -5.26 -16.37 -45.50
N ILE E 233 -4.48 -17.08 -46.31
CA ILE E 233 -3.85 -16.45 -47.45
C ILE E 233 -4.38 -17.02 -48.77
N SER E 234 -3.88 -16.50 -49.88
CA SER E 234 -4.37 -16.83 -51.21
C SER E 234 -4.08 -18.28 -51.63
N ALA E 235 -4.91 -18.80 -52.50
CA ALA E 235 -4.79 -20.17 -53.01
C ALA E 235 -3.52 -20.36 -53.82
N ALA E 236 -3.02 -21.58 -53.84
CA ALA E 236 -1.72 -21.89 -54.43
C ALA E 236 -1.66 -21.59 -55.91
N ASP E 237 -0.45 -21.27 -56.38
CA ASP E 237 -0.21 -20.80 -57.74
C ASP E 237 -0.96 -19.50 -57.99
N SER E 238 -1.06 -18.68 -56.95
CA SER E 238 -1.60 -17.34 -57.07
C SER E 238 -0.65 -16.42 -57.81
N ASP E 239 -1.20 -15.41 -58.47
CA ASP E 239 -0.40 -14.34 -59.04
C ASP E 239 0.28 -13.57 -57.91
N ASP E 240 -0.32 -13.65 -56.73
CA ASP E 240 0.18 -13.00 -55.51
C ASP E 240 1.53 -13.55 -55.09
N GLN E 241 1.83 -14.76 -55.55
CA GLN E 241 2.86 -15.61 -54.96
C GLN E 241 2.51 -15.83 -53.49
N ARG E 242 1.20 -15.88 -53.23
CA ARG E 242 0.67 -16.19 -51.91
C ARG E 242 1.21 -15.28 -50.81
N ARG E 243 1.48 -14.03 -51.17
CA ARG E 243 1.99 -13.05 -50.23
C ARG E 243 0.87 -12.26 -49.54
N LEU E 244 -0.23 -12.04 -50.26
CA LEU E 244 -1.35 -11.27 -49.75
C LEU E 244 -2.15 -12.00 -48.68
N VAL E 245 -2.72 -11.25 -47.75
CA VAL E 245 -3.48 -11.83 -46.65
C VAL E 245 -4.98 -11.52 -46.79
N TYR E 246 -5.82 -12.49 -46.46
CA TYR E 246 -7.28 -12.37 -46.62
C TYR E 246 -8.05 -12.96 -45.45
N TYR E 247 -8.95 -12.20 -44.84
CA TYR E 247 -10.03 -12.82 -44.08
C TYR E 247 -10.90 -13.56 -45.07
N GLU E 248 -11.37 -14.76 -44.73
CA GLU E 248 -12.28 -15.45 -45.64
C GLU E 248 -13.08 -16.56 -44.97
N GLY E 249 -14.34 -16.67 -45.36
CA GLY E 249 -15.20 -17.75 -44.91
C GLY E 249 -15.23 -18.91 -45.89
N GLY E 250 -16.21 -19.79 -45.72
CA GLY E 250 -16.37 -20.91 -46.62
C GLY E 250 -15.35 -22.03 -46.47
N ALA E 251 -15.08 -22.71 -47.58
CA ALA E 251 -14.33 -23.95 -47.60
C ALA E 251 -12.89 -23.78 -47.10
N VAL E 252 -12.41 -22.55 -47.12
CA VAL E 252 -11.06 -22.26 -46.64
C VAL E 252 -10.95 -22.61 -45.15
N CYS E 253 -12.09 -22.63 -44.47
CA CYS E 253 -12.12 -22.95 -43.06
C CYS E 253 -11.55 -24.34 -42.76
N THR E 254 -11.72 -25.26 -43.69
CA THR E 254 -11.12 -26.58 -43.56
C THR E 254 -9.75 -26.65 -44.22
N HIS E 255 -9.47 -25.71 -45.12
CA HIS E 255 -8.23 -25.72 -45.87
C HIS E 255 -7.02 -25.47 -44.99
N ALA E 256 -5.91 -26.12 -45.32
CA ALA E 256 -4.68 -26.03 -44.56
C ALA E 256 -4.06 -24.64 -44.60
N ARG E 257 -4.35 -23.90 -45.66
CA ARG E 257 -3.83 -22.54 -45.81
C ARG E 257 -4.35 -21.63 -44.71
N SER E 258 -5.52 -21.95 -44.19
CA SER E 258 -6.11 -21.19 -43.10
C SER E 258 -5.26 -21.25 -41.83
N LEU E 259 -4.50 -22.33 -41.67
CA LEU E 259 -3.73 -22.56 -40.46
C LEU E 259 -2.62 -21.53 -40.23
N TRP E 260 -2.37 -21.21 -38.96
CA TRP E 260 -1.26 -20.33 -38.61
C TRP E 260 -0.55 -20.88 -37.38
N ARG E 261 0.77 -20.84 -37.38
CA ARG E 261 1.55 -21.22 -36.20
C ARG E 261 2.04 -20.02 -35.40
N LEU E 262 1.61 -19.93 -34.15
CA LEU E 262 2.11 -18.90 -33.25
C LEU E 262 3.58 -19.15 -32.91
N GLU E 263 4.38 -18.09 -32.91
CA GLU E 263 5.79 -18.17 -32.58
C GLU E 263 6.25 -17.13 -31.56
N PRO E 264 6.04 -17.41 -30.27
CA PRO E 264 6.48 -16.44 -29.27
C PRO E 264 7.98 -16.22 -29.35
N LEU E 265 8.43 -15.00 -29.10
CA LEU E 265 9.81 -14.63 -29.40
C LEU E 265 10.77 -15.14 -28.34
N ARG E 266 10.81 -16.46 -28.19
CA ARG E 266 11.71 -17.12 -27.27
C ARG E 266 12.02 -18.51 -27.80
N ILE E 267 13.23 -18.99 -27.60
CA ILE E 267 13.48 -20.41 -27.84
C ILE E 267 12.94 -21.20 -26.65
N SER E 268 13.25 -20.72 -25.45
CA SER E 268 12.72 -21.33 -24.24
C SER E 268 11.23 -21.06 -24.10
N TRP E 269 10.50 -22.07 -23.63
CA TRP E 269 9.10 -21.94 -23.26
C TRP E 269 8.20 -21.27 -24.29
N SER E 270 8.44 -21.53 -25.56
CA SER E 270 7.53 -21.02 -26.60
C SER E 270 6.16 -21.68 -26.44
N GLY E 271 6.15 -22.89 -25.87
CA GLY E 271 4.93 -23.66 -25.71
C GLY E 271 4.20 -23.26 -24.45
N SER E 272 4.76 -22.30 -23.73
CA SER E 272 4.13 -21.75 -22.55
C SER E 272 2.84 -21.06 -22.96
N HIS E 273 1.88 -20.99 -22.05
CA HIS E 273 0.57 -20.45 -22.40
C HIS E 273 0.74 -19.05 -22.92
N LEU E 274 0.04 -18.74 -24.02
CA LEU E 274 0.15 -17.43 -24.61
C LEU E 274 -0.41 -16.38 -23.66
N ARG E 275 0.33 -15.29 -23.50
CA ARG E 275 -0.10 -14.20 -22.63
C ARG E 275 -0.55 -13.01 -23.45
N TRP E 276 -1.51 -12.26 -22.93
CA TRP E 276 -1.96 -11.09 -23.63
C TRP E 276 -0.81 -10.12 -23.72
N GLY E 277 -0.70 -9.49 -24.88
CA GLY E 277 0.23 -8.40 -25.10
C GLY E 277 1.68 -8.76 -25.35
N GLN E 278 2.02 -10.04 -25.29
CA GLN E 278 3.41 -10.45 -25.53
C GLN E 278 3.70 -10.61 -27.02
N PRO E 279 4.78 -9.96 -27.49
CA PRO E 279 5.13 -9.95 -28.92
C PRO E 279 5.46 -11.34 -29.45
N LEU E 280 5.10 -11.60 -30.71
CA LEU E 280 5.42 -12.88 -31.34
C LEU E 280 5.31 -12.85 -32.86
N ARG E 281 6.08 -13.70 -33.51
CA ARG E 281 5.92 -13.95 -34.94
C ARG E 281 4.68 -14.78 -35.20
N ILE E 282 4.02 -14.58 -36.34
CA ILE E 282 2.93 -15.47 -36.73
C ILE E 282 3.29 -16.18 -38.04
N ARG E 283 3.86 -17.37 -37.92
CA ARG E 283 4.23 -18.17 -39.07
C ARG E 283 3.00 -18.60 -39.86
N HIS E 284 3.03 -18.48 -41.18
CA HIS E 284 2.12 -19.27 -41.99
C HIS E 284 2.63 -20.69 -42.06
N VAL E 285 1.75 -21.68 -42.13
CA VAL E 285 2.22 -23.05 -42.08
C VAL E 285 2.60 -23.56 -43.45
N THR E 286 1.63 -23.55 -44.37
CA THR E 286 1.79 -24.20 -45.67
C THR E 286 2.86 -23.60 -46.59
N THR E 287 3.10 -22.30 -46.50
CA THR E 287 4.21 -21.69 -47.25
C THR E 287 5.44 -21.62 -46.39
N GLY E 288 5.21 -21.50 -45.08
CA GLY E 288 6.27 -21.43 -44.10
C GLY E 288 6.79 -20.01 -43.95
N ARG E 289 6.24 -19.09 -44.74
CA ARG E 289 6.57 -17.68 -44.63
C ARG E 289 5.97 -17.07 -43.38
N TYR E 290 6.67 -16.10 -42.78
CA TYR E 290 6.16 -15.41 -41.61
C TYR E 290 5.33 -14.19 -42.01
N LEU E 291 4.17 -14.03 -41.39
CA LEU E 291 3.36 -12.84 -41.58
C LEU E 291 4.11 -11.61 -41.04
N ALA E 292 4.09 -10.50 -41.78
CA ALA E 292 4.88 -9.35 -41.36
C ALA E 292 4.46 -8.02 -41.99
N LEU E 293 4.69 -6.94 -41.27
CA LEU E 293 4.58 -5.60 -41.85
C LEU E 293 5.68 -5.39 -42.87
N THR E 294 5.36 -4.69 -43.96
CA THR E 294 6.36 -4.26 -44.91
C THR E 294 6.04 -2.83 -45.33
N GLU E 295 6.99 -1.92 -45.14
CA GLU E 295 6.74 -0.52 -45.47
C GLU E 295 6.47 -0.36 -46.96
N ASP E 296 7.08 -1.23 -47.76
CA ASP E 296 6.94 -1.18 -49.21
C ASP E 296 5.54 -1.50 -49.74
N GLN E 297 4.79 -2.33 -49.01
CA GLN E 297 3.57 -2.90 -49.59
C GLN E 297 2.53 -3.26 -48.51
N GLY E 298 2.57 -2.55 -47.39
CA GLY E 298 1.64 -2.81 -46.31
C GLY E 298 1.94 -4.13 -45.62
N LEU E 299 0.97 -4.66 -44.89
CA LEU E 299 1.09 -6.00 -44.32
C LEU E 299 1.15 -7.06 -45.42
N VAL E 300 2.07 -8.00 -45.30
CA VAL E 300 2.20 -9.14 -46.20
C VAL E 300 2.89 -10.32 -45.50
N VAL E 301 2.51 -11.53 -45.86
CA VAL E 301 3.27 -12.71 -45.49
C VAL E 301 4.56 -12.68 -46.31
N VAL E 302 5.69 -13.13 -45.75
CA VAL E 302 6.97 -12.96 -46.43
C VAL E 302 8.01 -13.98 -45.97
N ASP E 303 9.03 -14.22 -46.80
CA ASP E 303 10.05 -15.23 -46.52
C ASP E 303 10.78 -14.96 -45.22
N ALA E 304 11.16 -16.04 -44.54
CA ALA E 304 11.68 -15.96 -43.19
C ALA E 304 12.97 -15.15 -43.06
N CYS E 305 13.82 -15.21 -44.08
CA CYS E 305 15.05 -14.43 -44.05
C CYS E 305 14.78 -12.93 -44.05
N LYS E 306 13.72 -12.53 -44.75
CA LYS E 306 13.29 -11.14 -44.74
C LYS E 306 12.67 -10.77 -43.40
N ALA E 307 12.16 -11.78 -42.69
CA ALA E 307 11.37 -11.53 -41.49
C ALA E 307 12.26 -11.28 -40.28
N HIS E 308 12.97 -10.16 -40.28
CA HIS E 308 13.64 -9.71 -39.08
C HIS E 308 12.57 -9.28 -38.08
N THR E 309 12.88 -9.40 -36.80
CA THR E 309 11.85 -9.37 -35.76
C THR E 309 11.07 -8.06 -35.73
N LYS E 310 11.72 -6.96 -36.10
CA LYS E 310 11.03 -5.67 -36.10
C LYS E 310 9.91 -5.62 -37.15
N ALA E 311 10.21 -6.12 -38.34
CA ALA E 311 9.22 -6.13 -39.42
C ALA E 311 8.05 -7.06 -39.14
N THR E 312 8.31 -8.12 -38.37
CA THR E 312 7.35 -9.19 -38.23
C THR E 312 6.72 -9.32 -36.85
N SER E 313 7.10 -8.45 -35.93
CA SER E 313 6.59 -8.55 -34.56
C SER E 313 5.09 -8.29 -34.50
N PHE E 314 4.39 -9.14 -33.75
CA PHE E 314 2.94 -9.08 -33.59
C PHE E 314 2.58 -9.45 -32.16
N CYS E 315 1.42 -8.98 -31.70
CA CYS E 315 0.95 -9.37 -30.38
C CYS E 315 -0.56 -9.24 -30.28
N PHE E 316 -1.17 -10.19 -29.58
CA PHE E 316 -2.60 -10.18 -29.35
C PHE E 316 -3.00 -9.14 -28.32
N ARG E 317 -4.21 -8.63 -28.45
CA ARG E 317 -4.71 -7.62 -27.54
C ARG E 317 -6.18 -7.90 -27.21
N VAL E 318 -6.56 -7.64 -25.96
CA VAL E 318 -7.95 -7.80 -25.51
C VAL E 318 -8.91 -6.82 -26.20
N SER E 319 -8.41 -5.65 -26.54
CA SER E 319 -9.24 -4.56 -27.04
C SER E 319 -8.40 -3.54 -27.78
N LYS E 320 -9.06 -2.55 -28.38
CA LYS E 320 -8.37 -1.54 -29.18
C LYS E 320 -7.61 -0.52 -28.34
N GLU E 321 -7.82 -0.56 -27.03
CA GLU E 321 -7.12 0.34 -26.12
C GLU E 321 -5.60 0.15 -26.18
N LYS E 322 -4.87 1.26 -26.25
CA LYS E 322 -3.41 1.22 -26.22
C LYS E 322 -2.87 0.75 -24.86
N LEU E 323 -3.67 0.98 -23.82
CA LEU E 323 -3.26 0.79 -22.41
C LEU E 323 -1.82 1.21 -22.15
N LYS E 328 6.23 -7.43 -20.40
CA LYS E 328 6.94 -7.81 -19.19
C LYS E 328 7.89 -8.97 -19.47
N ARG E 329 8.90 -9.13 -18.61
CA ARG E 329 9.86 -10.22 -18.74
C ARG E 329 9.16 -11.55 -18.56
N ASP E 330 9.57 -12.53 -19.37
CA ASP E 330 8.91 -13.83 -19.39
C ASP E 330 9.01 -14.62 -18.08
N VAL E 331 7.90 -15.26 -17.70
CA VAL E 331 7.93 -16.29 -16.68
C VAL E 331 8.67 -17.51 -17.24
N GLU E 332 9.50 -18.14 -16.42
CA GLU E 332 10.13 -19.39 -16.84
C GLU E 332 9.25 -20.56 -16.48
N GLY E 333 8.17 -20.73 -17.22
CA GLY E 333 7.18 -21.74 -16.94
C GLY E 333 6.06 -21.63 -17.96
N MET E 334 4.98 -22.37 -17.75
CA MET E 334 3.89 -22.37 -18.70
C MET E 334 3.36 -20.95 -18.78
N GLY E 335 3.33 -20.29 -17.63
CA GLY E 335 2.72 -18.98 -17.51
C GLY E 335 1.28 -19.15 -17.07
N PRO E 336 0.63 -18.04 -16.70
CA PRO E 336 -0.79 -18.16 -16.35
C PRO E 336 -1.62 -18.63 -17.54
N PRO E 337 -2.64 -19.46 -17.30
CA PRO E 337 -3.62 -19.79 -18.33
C PRO E 337 -4.38 -18.55 -18.76
N GLU E 338 -4.74 -18.44 -20.03
CA GLU E 338 -5.54 -17.30 -20.49
C GLU E 338 -6.46 -17.62 -21.66
N ILE E 339 -5.87 -17.70 -22.84
CA ILE E 339 -6.64 -17.64 -24.07
C ILE E 339 -7.28 -18.97 -24.42
N LYS E 340 -8.57 -19.08 -24.12
CA LYS E 340 -9.38 -20.22 -24.53
C LYS E 340 -9.44 -20.27 -26.04
N TYR E 341 -9.39 -21.46 -26.62
CA TYR E 341 -9.72 -21.57 -28.03
C TYR E 341 -11.19 -21.19 -28.16
N GLY E 342 -11.52 -20.39 -29.17
CA GLY E 342 -12.90 -19.98 -29.38
C GLY E 342 -13.39 -18.84 -28.50
N GLU E 343 -13.60 -19.12 -27.22
CA GLU E 343 -14.22 -18.12 -26.33
C GLU E 343 -13.38 -16.88 -26.06
N SER E 344 -12.07 -16.99 -26.21
CA SER E 344 -11.19 -15.85 -25.92
C SER E 344 -10.93 -14.97 -27.15
N LEU E 345 -11.70 -13.90 -27.30
CA LEU E 345 -11.53 -12.96 -28.41
C LEU E 345 -10.19 -12.22 -28.31
N CYS E 346 -9.60 -11.88 -29.46
CA CYS E 346 -8.28 -11.25 -29.47
C CYS E 346 -8.06 -10.28 -30.63
N PHE E 347 -7.10 -9.38 -30.45
CA PHE E 347 -6.77 -8.35 -31.43
C PHE E 347 -5.28 -8.29 -31.74
N VAL E 348 -4.91 -8.65 -32.97
CA VAL E 348 -3.52 -8.56 -33.42
C VAL E 348 -3.04 -7.11 -33.49
N GLN E 349 -1.78 -6.89 -33.10
CA GLN E 349 -1.18 -5.56 -33.23
C GLN E 349 0.33 -5.63 -33.46
N HIS E 350 0.78 -5.09 -34.59
CA HIS E 350 2.21 -5.06 -34.88
C HIS E 350 2.91 -4.17 -33.86
N VAL E 351 4.09 -4.58 -33.41
CA VAL E 351 4.78 -3.84 -32.36
C VAL E 351 5.55 -2.63 -32.87
N ALA E 352 6.31 -2.81 -33.95
CA ALA E 352 7.16 -1.75 -34.46
C ALA E 352 6.38 -0.54 -34.96
N SER E 353 5.21 -0.77 -35.53
CA SER E 353 4.37 0.33 -35.99
C SER E 353 3.26 0.69 -35.01
N GLY E 354 2.78 -0.31 -34.27
CA GLY E 354 1.67 -0.14 -33.36
C GLY E 354 0.35 -0.29 -34.08
N LEU E 355 0.40 -0.53 -35.39
CA LEU E 355 -0.80 -0.65 -36.20
C LEU E 355 -1.63 -1.87 -35.83
N TRP E 356 -2.94 -1.68 -35.77
CA TRP E 356 -3.87 -2.79 -35.58
C TRP E 356 -4.07 -3.59 -36.86
N LEU E 357 -4.31 -4.88 -36.73
CA LEU E 357 -4.67 -5.71 -37.87
C LEU E 357 -6.04 -5.33 -38.43
N THR E 358 -6.18 -5.30 -39.76
CA THR E 358 -7.48 -5.08 -40.39
C THR E 358 -7.52 -5.49 -41.86
N TYR E 359 -8.48 -4.92 -42.59
CA TYR E 359 -8.78 -5.37 -43.95
C TYR E 359 -9.22 -4.23 -44.87
N ALA E 360 -9.10 -4.47 -46.18
CA ALA E 360 -9.55 -3.51 -47.18
C ALA E 360 -11.05 -3.63 -47.40
N ALA E 361 -11.43 -4.11 -48.59
CA ALA E 361 -12.83 -4.28 -48.94
C ALA E 361 -12.99 -5.26 -50.10
N VAL E 371 -17.78 -15.26 -51.98
CA VAL E 371 -17.15 -14.41 -52.98
C VAL E 371 -16.19 -13.43 -52.31
N LEU E 372 -16.42 -13.15 -51.03
CA LEU E 372 -15.58 -12.22 -50.29
C LEU E 372 -14.16 -12.77 -50.19
N LYS E 373 -13.18 -11.88 -50.33
CA LYS E 373 -11.78 -12.26 -50.36
C LYS E 373 -11.01 -11.00 -50.04
N LYS E 374 -11.45 -10.32 -48.98
CA LYS E 374 -10.96 -8.99 -48.65
C LYS E 374 -9.47 -8.96 -48.33
N LYS E 375 -8.77 -7.98 -48.89
CA LYS E 375 -7.35 -7.81 -48.66
C LYS E 375 -7.12 -7.38 -47.21
N ALA E 376 -6.09 -7.92 -46.57
CA ALA E 376 -5.78 -7.53 -45.21
C ALA E 376 -4.58 -6.59 -45.16
N ILE E 377 -4.64 -5.61 -44.26
CA ILE E 377 -3.57 -4.63 -44.05
C ILE E 377 -3.53 -4.17 -42.61
N LEU E 378 -2.36 -3.72 -42.16
CA LEU E 378 -2.27 -3.02 -40.89
C LEU E 378 -2.81 -1.59 -41.03
N HIS E 379 -3.37 -1.06 -39.95
CA HIS E 379 -3.97 0.27 -39.97
C HIS E 379 -4.15 0.81 -38.55
N GLN E 380 -4.10 2.13 -38.40
CA GLN E 380 -4.09 2.76 -37.08
C GLN E 380 -5.34 2.52 -36.25
N GLU E 381 -6.49 2.39 -36.89
CA GLU E 381 -7.74 2.32 -36.15
C GLU E 381 -8.28 0.90 -36.06
N GLY E 382 -8.79 0.40 -37.17
CA GLY E 382 -9.31 -0.95 -37.24
C GLY E 382 -10.80 -1.01 -37.00
N HIS E 383 -11.48 -1.83 -37.78
CA HIS E 383 -12.92 -2.02 -37.66
C HIS E 383 -13.27 -2.89 -36.45
N MET E 384 -14.48 -2.71 -35.95
CA MET E 384 -14.96 -3.44 -34.77
C MET E 384 -15.04 -4.96 -34.99
N ASP E 385 -15.14 -5.38 -36.25
CA ASP E 385 -15.27 -6.80 -36.57
C ASP E 385 -13.93 -7.53 -36.51
N ASP E 386 -12.86 -6.77 -36.29
CA ASP E 386 -11.50 -7.30 -36.32
C ASP E 386 -11.20 -8.15 -35.11
N ALA E 387 -12.13 -8.19 -34.17
CA ALA E 387 -12.01 -9.13 -33.06
C ALA E 387 -11.91 -10.52 -33.63
N LEU E 388 -11.00 -11.31 -33.09
CA LEU E 388 -10.69 -12.62 -33.65
C LEU E 388 -10.72 -13.64 -32.54
N PHE E 389 -11.11 -14.87 -32.84
CA PHE E 389 -10.93 -15.92 -31.87
C PHE E 389 -10.16 -17.08 -32.47
N LEU E 390 -9.14 -17.49 -31.73
CA LEU E 390 -8.27 -18.58 -32.11
C LEU E 390 -9.02 -19.90 -31.98
N THR E 391 -8.76 -20.85 -32.87
CA THR E 391 -9.32 -22.19 -32.68
C THR E 391 -8.33 -23.24 -33.17
N ARG E 392 -8.16 -24.28 -32.35
CA ARG E 392 -7.10 -25.26 -32.53
C ARG E 392 -7.23 -26.13 -33.77
N CYS E 393 -6.11 -26.36 -34.44
CA CYS E 393 -6.01 -27.33 -35.52
C CYS E 393 -5.98 -28.76 -35.00
N GLN E 394 -6.49 -29.69 -35.81
CA GLN E 394 -6.31 -31.12 -35.52
C GLN E 394 -4.83 -31.47 -35.67
N GLN E 395 -4.32 -32.34 -34.80
CA GLN E 395 -2.92 -32.70 -34.84
C GLN E 395 -2.53 -33.37 -36.15
N GLU E 396 -3.44 -34.19 -36.67
CA GLU E 396 -3.21 -34.84 -37.95
C GLU E 396 -3.18 -33.81 -39.04
N GLU E 397 -3.97 -32.76 -38.86
CA GLU E 397 -4.13 -31.75 -39.88
C GLU E 397 -2.93 -30.82 -39.90
N SER E 398 -2.49 -30.39 -38.73
CA SER E 398 -1.28 -29.57 -38.65
C SER E 398 -0.06 -30.34 -39.09
N GLN E 399 -0.03 -31.63 -38.80
CA GLN E 399 1.05 -32.47 -39.27
C GLN E 399 1.02 -32.52 -40.79
N ALA E 400 -0.20 -32.59 -41.32
CA ALA E 400 -0.40 -32.66 -42.76
C ALA E 400 0.07 -31.38 -43.42
N ALA E 401 -0.11 -30.27 -42.72
CA ALA E 401 0.20 -28.97 -43.27
C ALA E 401 1.70 -28.67 -43.23
N ARG E 402 2.34 -28.99 -42.12
CA ARG E 402 3.77 -28.83 -42.04
C ARG E 402 4.43 -29.74 -43.07
N MET E 403 3.80 -30.90 -43.26
CA MET E 403 4.26 -31.77 -44.30
C MET E 403 4.03 -31.14 -45.67
N ILE E 404 2.97 -30.34 -45.81
CA ILE E 404 2.76 -29.66 -47.08
C ILE E 404 3.91 -28.73 -47.32
N HIS E 405 4.42 -28.15 -46.24
CA HIS E 405 5.53 -27.23 -46.39
C HIS E 405 6.81 -27.92 -46.81
N SER E 406 7.21 -28.95 -46.06
CA SER E 406 8.47 -29.60 -46.39
C SER E 406 8.41 -30.27 -47.75
N THR E 407 7.23 -30.79 -48.07
CA THR E 407 7.00 -31.49 -49.32
C THR E 407 7.08 -30.53 -50.50
N ALA E 408 6.38 -29.42 -50.37
CA ALA E 408 6.36 -28.44 -51.44
C ALA E 408 7.74 -27.84 -51.64
N GLY E 409 8.49 -27.61 -50.56
CA GLY E 409 9.78 -27.00 -50.72
C GLY E 409 10.76 -27.96 -51.36
N LEU E 410 10.63 -29.23 -50.98
CA LEU E 410 11.53 -30.23 -51.53
C LEU E 410 11.26 -30.43 -53.01
N TYR E 411 9.99 -30.53 -53.39
CA TYR E 411 9.70 -30.71 -54.80
C TYR E 411 9.96 -29.45 -55.62
N ASN E 412 9.90 -28.27 -55.00
CA ASN E 412 10.25 -27.07 -55.74
C ASN E 412 11.74 -26.99 -56.03
N GLN E 413 12.57 -27.24 -55.02
CA GLN E 413 14.00 -27.21 -55.29
C GLN E 413 14.37 -28.35 -56.23
N PHE E 414 13.62 -29.45 -56.15
CA PHE E 414 13.85 -30.56 -57.05
C PHE E 414 13.51 -30.20 -58.49
N ILE E 415 12.40 -29.50 -58.69
CA ILE E 415 12.03 -29.04 -60.03
C ILE E 415 13.03 -28.03 -60.55
N LYS E 416 13.59 -27.21 -59.66
CA LYS E 416 14.64 -26.30 -60.08
C LYS E 416 15.86 -27.11 -60.52
N GLY E 417 16.06 -28.26 -59.87
CA GLY E 417 17.17 -29.11 -60.24
C GLY E 417 16.95 -29.74 -61.60
N LEU E 418 15.71 -30.10 -61.90
CA LEU E 418 15.38 -30.60 -63.22
C LEU E 418 15.53 -29.52 -64.27
N ASP E 419 15.29 -28.27 -63.87
CA ASP E 419 15.54 -27.14 -64.75
C ASP E 419 17.03 -26.89 -64.93
N SER E 420 17.85 -27.37 -64.00
CA SER E 420 19.28 -27.12 -64.06
C SER E 420 19.97 -27.74 -65.27
N PHE E 421 19.42 -28.84 -65.79
CA PHE E 421 20.04 -29.54 -66.90
C PHE E 421 19.07 -29.83 -68.04
N SER E 422 17.90 -29.20 -68.01
CA SER E 422 16.90 -29.43 -69.04
C SER E 422 17.36 -28.95 -70.42
N GLY E 423 18.19 -27.90 -70.44
CA GLY E 423 18.71 -27.36 -71.69
C GLY E 423 20.14 -27.74 -71.97
N LYS E 424 20.79 -28.42 -71.03
CA LYS E 424 22.22 -28.70 -71.13
C LYS E 424 22.59 -30.16 -70.89
N PRO E 425 22.40 -31.02 -71.89
CA PRO E 425 22.87 -32.40 -71.78
C PRO E 425 24.38 -32.44 -71.60
N ARG E 426 24.88 -33.39 -70.82
CA ARG E 426 26.31 -33.48 -70.54
C ARG E 426 27.08 -34.09 -71.70
N LEU E 436 20.79 -32.13 -57.72
CA LEU E 436 19.59 -32.94 -57.63
C LEU E 436 19.49 -33.65 -56.29
N PRO E 437 18.47 -33.30 -55.49
CA PRO E 437 18.17 -34.01 -54.23
C PRO E 437 17.46 -35.33 -54.48
N ILE E 438 18.09 -36.26 -55.19
CA ILE E 438 17.40 -37.47 -55.62
C ILE E 438 16.88 -38.32 -54.46
N GLU E 439 17.78 -38.67 -53.55
CA GLU E 439 17.45 -39.59 -52.47
C GLU E 439 16.42 -39.03 -51.51
N ALA E 440 16.48 -37.73 -51.26
CA ALA E 440 15.50 -37.10 -50.39
C ALA E 440 14.12 -37.11 -51.04
N VAL E 441 14.09 -37.01 -52.36
CA VAL E 441 12.82 -37.02 -53.06
C VAL E 441 12.26 -38.43 -53.07
N ILE E 442 13.12 -39.42 -53.29
CA ILE E 442 12.65 -40.80 -53.28
C ILE E 442 12.12 -41.17 -51.89
N LEU E 443 12.77 -40.60 -50.88
CA LEU E 443 12.42 -40.92 -49.51
C LEU E 443 11.10 -40.26 -49.15
N SER E 444 10.93 -39.01 -49.58
CA SER E 444 9.67 -38.31 -49.37
C SER E 444 8.52 -38.94 -50.15
N LEU E 445 8.83 -39.53 -51.30
CA LEU E 445 7.84 -40.27 -52.05
C LEU E 445 7.40 -41.53 -51.32
N GLN E 446 8.37 -42.32 -50.86
CA GLN E 446 7.99 -43.54 -50.15
C GLN E 446 7.23 -43.20 -48.88
N ASP E 447 7.61 -42.09 -48.27
CA ASP E 447 7.11 -41.78 -46.96
C ASP E 447 5.71 -41.18 -47.07
N LEU E 448 5.49 -40.36 -48.09
CA LEU E 448 4.12 -39.95 -48.41
C LEU E 448 3.23 -41.10 -48.88
N ILE E 449 3.79 -42.06 -49.60
CA ILE E 449 2.96 -43.18 -50.02
C ILE E 449 2.55 -43.99 -48.81
N GLY E 450 3.42 -44.06 -47.80
CA GLY E 450 3.02 -44.72 -46.58
C GLY E 450 2.01 -43.86 -45.86
N TYR E 451 2.19 -42.56 -45.98
CA TYR E 451 1.35 -41.57 -45.32
C TYR E 451 -0.07 -41.58 -45.86
N PHE E 452 -0.22 -41.91 -47.14
CA PHE E 452 -1.54 -41.99 -47.76
C PHE E 452 -2.06 -43.39 -48.02
N GLU E 453 -1.36 -44.38 -47.51
CA GLU E 453 -1.73 -45.74 -47.85
C GLU E 453 -3.12 -46.05 -47.29
N PRO E 454 -4.02 -46.55 -48.16
CA PRO E 454 -5.43 -46.78 -47.87
C PRO E 454 -5.66 -47.81 -46.77
N PRO E 455 -6.71 -47.63 -45.96
CA PRO E 455 -6.98 -48.55 -44.86
C PRO E 455 -7.23 -49.97 -45.35
N SER E 456 -6.76 -50.95 -44.60
CA SER E 456 -6.96 -52.35 -44.94
C SER E 456 -8.40 -52.78 -44.69
N GLU E 457 -8.89 -53.71 -45.49
CA GLU E 457 -10.21 -54.29 -45.26
C GLU E 457 -10.22 -55.07 -43.95
N GLU E 458 -9.03 -55.52 -43.54
CA GLU E 458 -8.87 -56.32 -42.34
C GLU E 458 -9.27 -55.56 -41.08
N LEU E 459 -9.03 -54.25 -41.10
CA LEU E 459 -9.42 -53.40 -39.99
C LEU E 459 -10.94 -53.32 -39.91
N GLN E 460 -11.47 -53.26 -38.70
CA GLN E 460 -12.92 -53.22 -38.52
C GLN E 460 -13.52 -51.91 -39.03
N HIS E 461 -14.78 -51.98 -39.44
CA HIS E 461 -15.38 -50.95 -40.29
C HIS E 461 -15.42 -49.56 -39.69
N GLU E 462 -15.54 -49.45 -38.38
CA GLU E 462 -15.60 -48.13 -37.76
C GLU E 462 -14.25 -47.44 -37.82
N GLU E 463 -13.23 -48.17 -37.36
CA GLU E 463 -11.86 -47.68 -37.40
C GLU E 463 -11.39 -47.51 -38.83
N LYS E 464 -11.84 -48.40 -39.69
CA LYS E 464 -11.53 -48.31 -41.11
C LYS E 464 -12.14 -47.07 -41.72
N GLN E 465 -13.30 -46.69 -41.21
CA GLN E 465 -14.03 -45.60 -41.79
C GLN E 465 -13.48 -44.28 -41.31
N SER E 466 -13.11 -44.21 -40.03
CA SER E 466 -12.42 -43.04 -39.51
C SER E 466 -11.04 -42.86 -40.14
N LYS E 467 -10.38 -43.98 -40.41
CA LYS E 467 -9.05 -43.95 -41.01
C LYS E 467 -9.16 -43.46 -42.43
N LEU E 468 -10.17 -43.97 -43.12
CA LEU E 468 -10.48 -43.57 -44.47
C LEU E 468 -10.90 -42.11 -44.51
N ARG E 469 -11.53 -41.65 -43.45
CA ARG E 469 -11.97 -40.27 -43.35
C ARG E 469 -10.76 -39.37 -43.22
N SER E 470 -9.79 -39.82 -42.43
CA SER E 470 -8.55 -39.11 -42.28
C SER E 470 -7.79 -39.08 -43.59
N LEU E 471 -7.93 -40.12 -44.38
CA LEU E 471 -7.27 -40.16 -45.69
C LEU E 471 -7.92 -39.22 -46.70
N ARG E 472 -9.25 -39.20 -46.69
CA ARG E 472 -9.99 -38.34 -47.60
C ARG E 472 -9.54 -36.94 -47.27
N ASN E 473 -9.62 -36.64 -45.98
CA ASN E 473 -9.35 -35.29 -45.52
C ASN E 473 -7.92 -34.85 -45.73
N ARG E 474 -6.95 -35.74 -45.55
CA ARG E 474 -5.57 -35.38 -45.80
C ARG E 474 -5.27 -35.17 -47.28
N GLN E 475 -5.89 -35.98 -48.15
CA GLN E 475 -5.70 -35.77 -49.58
C GLN E 475 -6.30 -34.42 -49.96
N SER E 476 -7.41 -34.09 -49.31
CA SER E 476 -8.03 -32.81 -49.53
C SER E 476 -7.09 -31.71 -49.06
N LEU E 477 -6.36 -32.00 -47.99
CA LEU E 477 -5.38 -31.06 -47.46
C LEU E 477 -4.20 -30.84 -48.38
N PHE E 478 -3.78 -31.85 -49.13
CA PHE E 478 -2.77 -31.52 -50.14
C PHE E 478 -3.39 -30.90 -51.37
N GLN E 479 -4.71 -31.01 -51.52
CA GLN E 479 -5.34 -30.48 -52.72
C GLN E 479 -5.26 -28.97 -52.92
N GLU E 480 -5.50 -28.19 -51.88
CA GLU E 480 -5.61 -26.73 -52.05
C GLU E 480 -4.27 -26.11 -52.43
N GLU E 481 -3.18 -26.75 -52.00
CA GLU E 481 -1.84 -26.24 -52.25
C GLU E 481 -1.31 -26.66 -53.62
N GLY E 482 -2.13 -27.38 -54.38
CA GLY E 482 -1.77 -27.70 -55.74
C GLY E 482 -0.69 -28.75 -55.76
N MET E 483 -0.66 -29.58 -54.72
CA MET E 483 0.34 -30.64 -54.65
C MET E 483 0.17 -31.59 -55.82
N LEU E 484 -1.05 -31.78 -56.29
CA LEU E 484 -1.23 -32.55 -57.51
C LEU E 484 -0.58 -31.83 -58.68
N SER E 485 -0.67 -30.50 -58.68
CA SER E 485 -0.04 -29.73 -59.74
C SER E 485 1.48 -29.84 -59.66
N LEU E 486 1.99 -29.95 -58.45
CA LEU E 486 3.43 -30.02 -58.22
C LEU E 486 3.98 -31.37 -58.66
N VAL E 487 3.28 -32.41 -58.23
CA VAL E 487 3.63 -33.77 -58.58
C VAL E 487 3.52 -33.97 -60.08
N LEU E 488 2.50 -33.37 -60.68
CA LEU E 488 2.36 -33.40 -62.13
C LEU E 488 3.42 -32.63 -62.89
N ASN E 489 3.87 -31.49 -62.36
CA ASN E 489 4.99 -30.82 -63.00
C ASN E 489 6.24 -31.68 -62.92
N CYS E 490 6.38 -32.39 -61.81
CA CYS E 490 7.49 -33.34 -61.71
C CYS E 490 7.34 -34.46 -62.73
N ILE E 491 6.09 -34.85 -62.99
CA ILE E 491 5.84 -35.89 -63.97
C ILE E 491 6.20 -35.36 -65.36
N ASP E 492 6.04 -34.06 -65.53
CA ASP E 492 6.32 -33.45 -66.81
C ASP E 492 7.82 -33.45 -67.02
N ARG E 493 8.54 -32.73 -66.17
CA ARG E 493 9.97 -32.59 -66.36
C ARG E 493 10.76 -33.90 -66.24
N LEU E 494 10.32 -34.82 -65.38
CA LEU E 494 10.98 -36.14 -65.34
C LEU E 494 10.80 -37.01 -66.59
N ASN E 495 9.65 -36.90 -67.25
CA ASN E 495 9.31 -37.85 -68.30
C ASN E 495 9.71 -37.52 -69.72
N VAL E 496 10.40 -36.40 -69.92
CA VAL E 496 10.95 -36.13 -71.24
C VAL E 496 11.92 -37.25 -71.59
N TYR E 497 12.55 -37.80 -70.54
CA TYR E 497 13.51 -38.88 -70.68
C TYR E 497 12.85 -40.22 -70.97
N THR E 498 13.57 -41.08 -71.71
CA THR E 498 13.15 -42.47 -71.89
C THR E 498 14.17 -43.42 -71.26
N THR E 499 15.17 -42.85 -70.59
CA THR E 499 16.27 -43.62 -70.03
C THR E 499 16.37 -43.44 -68.52
N TYR E 506 22.77 -36.11 -70.15
CA TYR E 506 21.95 -35.16 -69.40
C TYR E 506 22.44 -35.06 -67.97
N ALA E 507 21.55 -35.40 -67.04
CA ALA E 507 21.94 -35.57 -65.64
C ALA E 507 22.89 -36.74 -65.55
N GLY E 508 23.80 -36.69 -64.59
CA GLY E 508 24.81 -37.73 -64.44
C GLY E 508 24.13 -39.07 -64.27
N GLU E 509 24.61 -40.07 -65.01
CA GLU E 509 23.88 -41.32 -65.15
C GLU E 509 23.66 -42.03 -63.83
N GLU E 510 24.60 -41.87 -62.90
CA GLU E 510 24.43 -42.46 -61.58
C GLU E 510 23.25 -41.84 -60.83
N ALA E 511 23.04 -40.55 -61.05
CA ALA E 511 21.84 -39.89 -60.54
C ALA E 511 20.59 -40.41 -61.23
N ALA E 512 20.74 -40.80 -62.49
CA ALA E 512 19.62 -41.25 -63.29
C ALA E 512 19.29 -42.71 -63.05
N GLU E 513 20.17 -43.40 -62.32
CA GLU E 513 19.94 -44.81 -62.02
C GLU E 513 18.68 -44.96 -61.18
N SER E 514 18.42 -43.95 -60.35
CA SER E 514 17.26 -43.96 -59.48
C SER E 514 15.98 -43.59 -60.20
N TRP E 515 16.10 -43.02 -61.40
CA TRP E 515 14.97 -42.38 -62.05
C TRP E 515 13.79 -43.29 -62.36
N LYS E 516 14.08 -44.54 -62.72
CA LYS E 516 13.00 -45.47 -63.00
C LYS E 516 12.20 -45.76 -61.73
N GLU E 517 12.91 -45.83 -60.60
CA GLU E 517 12.25 -45.94 -59.31
C GLU E 517 11.49 -44.66 -58.99
N ILE E 518 12.04 -43.53 -59.41
CA ILE E 518 11.51 -42.25 -58.99
C ILE E 518 10.17 -41.99 -59.64
N VAL E 519 10.14 -42.15 -60.96
CA VAL E 519 8.92 -41.86 -61.70
C VAL E 519 7.79 -42.83 -61.35
N ASN E 520 8.14 -44.09 -61.08
CA ASN E 520 7.14 -45.11 -60.80
C ASN E 520 6.59 -44.90 -59.41
N LEU E 521 7.50 -44.65 -58.49
CA LEU E 521 7.14 -44.42 -57.10
C LEU E 521 6.30 -43.16 -57.04
N LEU E 522 6.55 -42.26 -57.98
CA LEU E 522 5.90 -40.97 -57.98
C LEU E 522 4.49 -41.04 -58.55
N TYR E 523 4.28 -41.83 -59.61
CA TYR E 523 2.91 -42.07 -60.02
C TYR E 523 2.17 -42.86 -58.95
N GLU E 524 2.89 -43.72 -58.25
CA GLU E 524 2.24 -44.47 -57.18
C GLU E 524 1.76 -43.51 -56.10
N LEU E 525 2.57 -42.50 -55.85
CA LEU E 525 2.19 -41.45 -54.92
C LEU E 525 1.00 -40.69 -55.47
N LEU E 526 0.97 -40.55 -56.79
CA LEU E 526 -0.05 -39.72 -57.39
C LEU E 526 -1.40 -40.39 -57.24
N ALA E 527 -1.46 -41.65 -57.61
CA ALA E 527 -2.70 -42.41 -57.48
C ALA E 527 -3.05 -42.49 -56.01
N SER E 528 -2.03 -42.54 -55.16
CA SER E 528 -2.28 -42.61 -53.73
C SER E 528 -2.96 -41.35 -53.23
N LEU E 529 -2.72 -40.22 -53.91
CA LEU E 529 -3.48 -39.02 -53.61
C LEU E 529 -4.89 -39.06 -54.22
N ILE E 530 -4.98 -39.51 -55.47
CA ILE E 530 -6.27 -39.55 -56.16
C ILE E 530 -7.33 -40.54 -55.65
N ARG E 531 -6.93 -41.62 -55.00
CA ARG E 531 -7.88 -42.70 -54.72
C ARG E 531 -9.08 -42.29 -53.88
N GLY E 532 -8.88 -41.36 -52.96
CA GLY E 532 -9.95 -40.96 -52.06
C GLY E 532 -11.05 -40.01 -52.50
N ASN E 533 -10.76 -39.07 -53.39
CA ASN E 533 -11.72 -38.00 -53.62
C ASN E 533 -12.27 -37.96 -55.03
N ARG E 534 -13.56 -37.64 -55.13
CA ARG E 534 -14.12 -37.33 -56.42
C ARG E 534 -13.46 -36.04 -56.93
N ALA E 535 -13.11 -35.17 -55.99
CA ALA E 535 -12.59 -33.84 -56.33
C ALA E 535 -11.24 -33.83 -57.03
N ASN E 536 -10.33 -34.73 -56.62
CA ASN E 536 -9.02 -34.74 -57.25
C ASN E 536 -9.16 -35.17 -58.70
N CYS E 537 -10.03 -36.16 -58.90
CA CYS E 537 -10.31 -36.67 -60.24
C CYS E 537 -11.01 -35.60 -61.07
N ALA E 538 -11.82 -34.81 -60.40
CA ALA E 538 -12.53 -33.72 -61.04
C ALA E 538 -11.53 -32.67 -61.49
N LEU E 539 -10.43 -32.56 -60.74
CA LEU E 539 -9.36 -31.67 -61.16
C LEU E 539 -8.39 -32.31 -62.14
N PHE E 540 -8.50 -33.62 -62.35
CA PHE E 540 -7.96 -34.23 -63.57
C PHE E 540 -8.95 -34.29 -64.73
N SER E 541 -10.16 -33.78 -64.54
CA SER E 541 -11.19 -33.95 -65.56
C SER E 541 -10.78 -33.38 -66.92
N THR E 542 -10.33 -32.13 -66.94
CA THR E 542 -9.71 -31.58 -68.15
C THR E 542 -8.36 -32.21 -68.41
N ASN E 543 -7.72 -32.66 -67.34
CA ASN E 543 -6.31 -32.99 -67.34
C ASN E 543 -6.09 -34.44 -67.81
N LEU E 544 -7.17 -35.17 -68.02
CA LEU E 544 -7.05 -36.60 -68.36
C LEU E 544 -6.32 -36.87 -69.66
N ASP E 545 -6.43 -35.96 -70.62
CA ASP E 545 -5.79 -36.15 -71.91
C ASP E 545 -4.28 -36.26 -71.74
N TRP E 546 -3.78 -35.50 -70.77
CA TRP E 546 -2.41 -35.61 -70.34
C TRP E 546 -2.06 -36.95 -69.70
N VAL E 547 -3.02 -37.53 -68.98
CA VAL E 547 -2.77 -38.78 -68.28
C VAL E 547 -2.67 -39.92 -69.28
N VAL E 548 -3.60 -39.91 -70.23
CA VAL E 548 -3.57 -40.88 -71.30
C VAL E 548 -2.32 -40.65 -72.13
N SER E 549 -1.90 -39.40 -72.22
CA SER E 549 -0.68 -39.09 -72.95
C SER E 549 0.55 -39.68 -72.27
N LYS E 550 0.55 -39.72 -70.94
CA LYS E 550 1.70 -40.25 -70.20
C LYS E 550 1.57 -41.77 -70.10
N LEU E 551 0.40 -42.27 -70.45
CA LEU E 551 0.09 -43.69 -70.33
C LEU E 551 0.91 -44.60 -71.24
N ASP E 552 1.32 -44.10 -72.39
CA ASP E 552 1.98 -44.93 -73.38
C ASP E 552 3.51 -45.00 -73.15
N ARG E 553 3.99 -44.27 -72.15
CA ARG E 553 5.44 -44.20 -71.93
C ARG E 553 6.07 -45.52 -71.52
N LEU E 554 5.39 -46.30 -70.69
CA LEU E 554 5.90 -47.61 -70.33
C LEU E 554 7.32 -47.53 -69.77
N GLU E 555 7.63 -46.45 -69.04
CA GLU E 555 8.86 -46.42 -68.25
C GLU E 555 8.62 -47.23 -66.97
N ALA E 556 7.53 -46.87 -66.31
CA ALA E 556 6.89 -47.64 -65.26
C ALA E 556 5.40 -47.45 -65.47
N SER E 557 4.85 -48.06 -66.51
CA SER E 557 3.51 -47.74 -66.95
C SER E 557 2.43 -48.01 -65.91
N SER E 558 2.56 -49.10 -65.19
CA SER E 558 1.44 -49.61 -64.43
C SER E 558 0.97 -48.56 -63.45
N GLY E 559 1.92 -47.94 -62.77
CA GLY E 559 1.51 -46.89 -61.85
C GLY E 559 0.62 -45.85 -62.51
N ILE E 560 0.91 -45.53 -63.77
CA ILE E 560 0.08 -44.59 -64.52
C ILE E 560 -1.29 -45.22 -64.69
N LEU E 561 -1.27 -46.54 -64.81
CA LEU E 561 -2.45 -47.29 -65.10
C LEU E 561 -3.37 -47.28 -63.88
N GLU E 562 -2.76 -47.49 -62.72
CA GLU E 562 -3.52 -47.42 -61.48
C GLU E 562 -4.02 -46.00 -61.27
N VAL E 563 -3.23 -45.02 -61.72
CA VAL E 563 -3.64 -43.63 -61.58
C VAL E 563 -4.91 -43.39 -62.36
N LEU E 564 -4.89 -43.79 -63.62
CA LEU E 564 -6.01 -43.53 -64.51
C LEU E 564 -7.23 -44.33 -64.06
N TYR E 565 -7.00 -45.51 -63.51
CA TYR E 565 -8.10 -46.32 -63.02
C TYR E 565 -8.78 -45.66 -61.83
N CYS E 566 -7.96 -45.14 -60.92
CA CYS E 566 -8.49 -44.42 -59.78
C CYS E 566 -9.20 -43.14 -60.20
N VAL E 567 -8.70 -42.52 -61.26
CA VAL E 567 -9.34 -41.33 -61.81
C VAL E 567 -10.71 -41.67 -62.37
N LEU E 568 -10.84 -42.86 -62.92
CA LEU E 568 -12.10 -43.22 -63.55
C LEU E 568 -13.14 -43.70 -62.56
N ILE E 569 -12.73 -44.53 -61.62
CA ILE E 569 -13.67 -45.11 -60.68
C ILE E 569 -14.33 -44.06 -59.77
N GLU E 570 -13.59 -43.01 -59.45
CA GLU E 570 -14.08 -42.00 -58.52
C GLU E 570 -14.89 -40.86 -59.13
N SER E 571 -14.97 -40.78 -60.45
CA SER E 571 -15.48 -39.56 -61.08
C SER E 571 -16.29 -39.75 -62.36
N PRO E 572 -17.62 -39.77 -62.24
CA PRO E 572 -18.49 -39.89 -63.41
C PRO E 572 -18.34 -38.80 -64.47
N GLU E 573 -18.06 -37.57 -64.03
CA GLU E 573 -17.97 -36.45 -64.97
C GLU E 573 -16.77 -36.60 -65.89
N VAL E 574 -15.69 -37.14 -65.32
CA VAL E 574 -14.51 -37.42 -66.11
C VAL E 574 -14.82 -38.48 -67.15
N LEU E 575 -15.68 -39.42 -66.79
CA LEU E 575 -16.16 -40.40 -67.74
C LEU E 575 -17.00 -39.74 -68.82
N ASN E 576 -17.72 -38.68 -68.46
CA ASN E 576 -18.46 -37.95 -69.45
C ASN E 576 -17.53 -37.26 -70.45
N ILE E 577 -16.39 -36.78 -69.96
CA ILE E 577 -15.46 -36.06 -70.84
C ILE E 577 -14.78 -36.85 -71.96
N ILE E 578 -14.50 -38.14 -71.73
CA ILE E 578 -13.49 -38.85 -72.53
C ILE E 578 -13.79 -38.98 -74.03
N GLN E 579 -12.75 -38.79 -74.83
CA GLN E 579 -12.80 -38.88 -76.30
C GLN E 579 -12.31 -40.22 -76.85
N GLU E 580 -12.55 -40.44 -78.14
CA GLU E 580 -12.24 -41.72 -78.78
C GLU E 580 -10.77 -42.09 -78.73
N ASN E 581 -9.92 -41.08 -78.84
CA ASN E 581 -8.47 -41.31 -78.91
C ASN E 581 -7.94 -41.91 -77.63
N HIS E 582 -8.55 -41.53 -76.51
CA HIS E 582 -8.05 -41.94 -75.22
C HIS E 582 -8.32 -43.42 -75.03
N ILE E 583 -9.54 -43.81 -75.35
CA ILE E 583 -9.93 -45.21 -75.28
C ILE E 583 -9.14 -46.06 -76.26
N LYS E 584 -8.87 -45.49 -77.43
CA LYS E 584 -8.10 -46.22 -78.41
C LYS E 584 -6.67 -46.41 -77.89
N SER E 585 -6.21 -45.45 -77.09
CA SER E 585 -4.89 -45.54 -76.50
C SER E 585 -4.83 -46.58 -75.38
N ILE E 586 -5.85 -46.62 -74.54
CA ILE E 586 -5.89 -47.59 -73.45
C ILE E 586 -6.00 -49.00 -74.00
N ILE E 587 -6.85 -49.15 -75.01
CA ILE E 587 -6.99 -50.43 -75.66
C ILE E 587 -5.72 -50.79 -76.40
N SER E 588 -5.00 -49.79 -76.88
CA SER E 588 -3.70 -50.06 -77.46
C SER E 588 -2.75 -50.57 -76.39
N LEU E 589 -2.91 -50.06 -75.18
CA LEU E 589 -2.09 -50.54 -74.07
C LEU E 589 -2.44 -51.99 -73.78
N LEU E 590 -3.70 -52.34 -73.93
CA LEU E 590 -4.08 -53.73 -73.77
C LEU E 590 -3.48 -54.58 -74.87
N ASP E 591 -3.44 -54.05 -76.08
CA ASP E 591 -2.80 -54.79 -77.14
C ASP E 591 -1.32 -54.91 -76.82
N LYS E 592 -0.74 -53.81 -76.37
CA LYS E 592 0.67 -53.73 -76.07
C LYS E 592 1.14 -54.59 -74.90
N HIS E 593 0.39 -54.56 -73.80
CA HIS E 593 0.87 -55.15 -72.57
C HIS E 593 0.33 -56.54 -72.33
N GLY E 594 -0.39 -57.06 -73.31
CA GLY E 594 -0.99 -58.37 -73.17
C GLY E 594 -2.15 -58.12 -72.24
N ARG E 595 -2.79 -59.17 -71.74
CA ARG E 595 -3.82 -58.96 -70.75
C ARG E 595 -3.16 -58.42 -69.49
N ASN E 596 -3.80 -57.38 -68.97
CA ASN E 596 -3.71 -56.98 -67.58
C ASN E 596 -5.12 -56.91 -67.03
N HIS E 597 -5.35 -57.58 -65.91
CA HIS E 597 -6.69 -57.64 -65.36
C HIS E 597 -7.09 -56.23 -65.07
N LYS E 598 -6.16 -55.44 -64.56
CA LYS E 598 -6.48 -54.06 -64.24
C LYS E 598 -6.89 -53.37 -65.51
N VAL E 599 -6.18 -53.67 -66.59
CA VAL E 599 -6.43 -52.95 -67.82
C VAL E 599 -7.85 -53.19 -68.26
N LEU E 600 -8.31 -54.43 -68.17
CA LEU E 600 -9.68 -54.71 -68.57
C LEU E 600 -10.66 -53.97 -67.66
N ASP E 601 -10.35 -54.01 -66.38
CA ASP E 601 -11.12 -53.40 -65.31
C ASP E 601 -11.22 -51.89 -65.48
N VAL E 602 -10.19 -51.30 -66.07
CA VAL E 602 -10.21 -49.87 -66.32
C VAL E 602 -11.24 -49.55 -67.37
N LEU E 603 -11.29 -50.38 -68.40
CA LEU E 603 -12.30 -50.23 -69.44
C LEU E 603 -13.68 -50.45 -68.84
N CYS E 604 -13.74 -51.36 -67.88
CA CYS E 604 -15.00 -51.61 -67.19
C CYS E 604 -15.42 -50.38 -66.41
N SER E 605 -14.44 -49.67 -65.86
CA SER E 605 -14.72 -48.40 -65.19
C SER E 605 -15.14 -47.31 -66.16
N LEU E 606 -14.60 -47.34 -67.37
CA LEU E 606 -15.02 -46.41 -68.41
C LEU E 606 -16.46 -46.67 -68.78
N CYS E 607 -16.85 -47.93 -68.72
CA CYS E 607 -18.19 -48.30 -69.12
C CYS E 607 -19.29 -47.71 -68.24
N VAL E 608 -19.01 -47.57 -66.95
CA VAL E 608 -20.05 -47.22 -66.00
C VAL E 608 -19.50 -46.32 -64.89
N CYS E 609 -20.31 -45.35 -64.48
CA CYS E 609 -19.92 -44.40 -63.46
C CYS E 609 -20.10 -45.02 -62.08
N ASN E 610 -20.37 -44.18 -61.09
CA ASN E 610 -20.67 -44.66 -59.74
C ASN E 610 -21.93 -45.51 -59.75
N GLY E 611 -22.81 -45.21 -60.70
CA GLY E 611 -24.01 -45.99 -60.90
C GLY E 611 -24.57 -45.79 -62.30
N VAL E 612 -24.66 -44.53 -62.71
CA VAL E 612 -25.18 -44.20 -64.03
C VAL E 612 -24.30 -44.70 -65.16
N ALA E 613 -24.94 -45.20 -66.22
CA ALA E 613 -24.24 -45.59 -67.45
C ALA E 613 -23.86 -44.40 -68.31
N VAL E 614 -22.81 -44.56 -69.11
CA VAL E 614 -22.41 -43.57 -70.10
C VAL E 614 -22.32 -44.21 -71.49
N ARG E 615 -23.45 -44.19 -72.19
CA ARG E 615 -23.68 -45.09 -73.30
C ARG E 615 -22.69 -44.96 -74.46
N SER E 616 -22.38 -43.73 -74.88
CA SER E 616 -21.48 -43.55 -76.02
C SER E 616 -20.07 -44.05 -75.70
N ASN E 617 -19.70 -43.90 -74.44
CA ASN E 617 -18.40 -44.32 -73.97
C ASN E 617 -18.26 -45.82 -74.10
N GLN E 618 -19.40 -46.48 -73.98
CA GLN E 618 -19.50 -47.94 -74.01
C GLN E 618 -19.52 -48.45 -75.44
N ASP E 619 -20.34 -47.78 -76.24
CA ASP E 619 -20.51 -48.14 -77.63
C ASP E 619 -19.18 -47.97 -78.30
N LEU E 620 -18.41 -47.01 -77.83
CA LEU E 620 -17.09 -46.77 -78.38
C LEU E 620 -16.19 -47.97 -78.08
N ILE E 621 -16.36 -48.53 -76.89
CA ILE E 621 -15.59 -49.70 -76.49
C ILE E 621 -15.93 -50.84 -77.42
N THR E 622 -17.20 -50.91 -77.78
CA THR E 622 -17.62 -51.94 -78.73
C THR E 622 -17.11 -51.66 -80.12
N GLU E 623 -16.82 -50.39 -80.41
CA GLU E 623 -16.29 -50.02 -81.71
C GLU E 623 -14.79 -50.23 -81.76
N ASN E 624 -14.18 -50.48 -80.61
CA ASN E 624 -12.74 -50.77 -80.63
C ASN E 624 -12.36 -52.21 -80.25
N LEU E 625 -12.60 -52.61 -79.01
CA LEU E 625 -12.20 -53.95 -78.58
C LEU E 625 -12.85 -55.07 -79.37
N LEU E 626 -14.17 -55.12 -79.27
CA LEU E 626 -14.95 -56.24 -79.77
C LEU E 626 -14.80 -56.59 -81.26
N PRO E 627 -14.90 -55.60 -82.18
CA PRO E 627 -14.92 -55.99 -83.59
C PRO E 627 -13.68 -56.76 -84.03
N GLY E 628 -12.54 -56.44 -83.43
CA GLY E 628 -11.27 -56.96 -83.91
C GLY E 628 -10.98 -58.38 -83.49
N ARG E 629 -11.75 -58.91 -82.54
CA ARG E 629 -11.66 -60.31 -82.13
C ARG E 629 -10.28 -60.69 -81.56
N GLU E 630 -9.24 -60.16 -82.19
CA GLU E 630 -7.85 -60.58 -82.01
C GLU E 630 -7.27 -60.31 -80.61
N LEU E 631 -7.79 -59.31 -79.93
CA LEU E 631 -7.17 -58.85 -78.68
C LEU E 631 -7.60 -59.63 -77.45
N LEU E 632 -8.80 -59.34 -76.96
CA LEU E 632 -9.39 -60.07 -75.86
C LEU E 632 -9.80 -61.47 -76.29
N LEU E 633 -9.84 -62.40 -75.34
CA LEU E 633 -10.12 -63.80 -75.66
C LEU E 633 -11.46 -63.98 -76.33
N GLN E 634 -11.46 -64.78 -77.39
CA GLN E 634 -12.70 -65.15 -78.07
C GLN E 634 -13.08 -66.56 -77.67
N THR E 635 -14.36 -66.87 -77.66
CA THR E 635 -14.82 -68.16 -77.17
C THR E 635 -16.08 -68.67 -77.83
N ASN E 636 -16.14 -69.99 -78.03
CA ASN E 636 -17.33 -70.62 -78.59
C ASN E 636 -17.35 -72.12 -78.30
N LEU E 637 -18.55 -72.67 -78.13
CA LEU E 637 -18.70 -74.11 -77.94
C LEU E 637 -18.33 -74.82 -79.24
N ILE E 638 -17.70 -75.99 -79.10
CA ILE E 638 -17.21 -76.73 -80.26
C ILE E 638 -17.53 -78.21 -80.12
N ASN E 639 -17.92 -78.85 -81.22
CA ASN E 639 -18.06 -80.29 -81.25
C ASN E 639 -16.68 -80.95 -81.19
N TYR E 640 -16.55 -82.04 -80.44
CA TYR E 640 -15.29 -82.78 -80.42
C TYR E 640 -14.98 -83.49 -81.73
N VAL E 641 -13.71 -83.47 -82.12
CA VAL E 641 -13.22 -84.22 -83.27
C VAL E 641 -12.55 -85.51 -82.83
N THR E 642 -12.79 -86.59 -83.57
CA THR E 642 -12.24 -87.91 -83.21
C THR E 642 -11.85 -88.61 -84.51
N SER E 643 -10.85 -89.48 -84.49
CA SER E 643 -10.37 -90.06 -85.75
C SER E 643 -9.84 -91.47 -85.62
N ILE E 644 -9.86 -92.21 -86.73
CA ILE E 644 -9.27 -93.55 -86.75
C ILE E 644 -8.25 -93.80 -87.86
N ARG E 645 -7.12 -94.36 -87.46
CA ARG E 645 -6.19 -95.03 -88.37
C ARG E 645 -6.46 -96.55 -88.38
N PRO E 646 -6.74 -97.09 -89.57
CA PRO E 646 -6.74 -98.55 -89.72
C PRO E 646 -5.33 -99.08 -89.45
N ASN E 647 -5.24 -100.28 -88.88
CA ASN E 647 -4.15 -100.66 -87.98
C ASN E 647 -2.71 -100.57 -88.47
N ILE E 648 -2.44 -100.80 -89.75
CA ILE E 648 -1.04 -100.80 -90.16
C ILE E 648 -0.64 -99.63 -91.05
N PHE E 649 0.51 -99.06 -90.70
CA PHE E 649 1.05 -97.86 -91.31
C PHE E 649 1.53 -98.16 -92.72
N VAL E 650 1.34 -97.23 -93.64
CA VAL E 650 2.06 -97.27 -94.90
C VAL E 650 3.53 -96.89 -94.70
N GLY E 651 4.43 -97.54 -95.44
CA GLY E 651 5.86 -97.26 -95.32
C GLY E 651 6.47 -96.77 -96.61
N GLY E 660 6.31 -97.03 -101.31
CA GLY E 660 5.67 -97.42 -102.55
C GLY E 660 4.30 -96.82 -102.75
N LYS E 661 3.68 -97.16 -103.88
CA LYS E 661 2.31 -96.76 -104.17
C LYS E 661 1.33 -97.46 -103.22
N TRP E 662 0.28 -96.74 -102.82
CA TRP E 662 -0.73 -97.28 -101.91
C TRP E 662 -2.09 -96.61 -102.12
N TYR E 663 -3.14 -97.32 -101.72
CA TYR E 663 -4.52 -96.90 -101.97
C TYR E 663 -5.51 -97.54 -100.99
N PHE E 664 -6.58 -96.83 -100.66
CA PHE E 664 -7.64 -97.44 -99.86
C PHE E 664 -8.96 -96.72 -100.05
N GLU E 665 -10.05 -97.45 -99.86
CA GLU E 665 -11.37 -96.85 -99.95
C GLU E 665 -11.95 -96.50 -98.59
N VAL E 666 -12.88 -95.55 -98.62
CA VAL E 666 -13.63 -95.11 -97.47
C VAL E 666 -15.10 -94.99 -97.85
N MET E 667 -15.86 -96.05 -97.54
CA MET E 667 -17.31 -95.99 -97.60
C MET E 667 -17.77 -94.97 -96.57
N VAL E 668 -18.75 -94.15 -96.94
CA VAL E 668 -19.48 -93.40 -95.94
C VAL E 668 -20.72 -94.23 -95.63
N ASP E 669 -20.96 -94.51 -94.36
CA ASP E 669 -22.14 -95.27 -93.98
C ASP E 669 -23.36 -94.39 -93.78
N GLU E 670 -23.17 -93.27 -93.08
CA GLU E 670 -24.25 -92.34 -92.79
C GLU E 670 -23.70 -91.01 -92.29
N VAL E 671 -24.39 -89.92 -92.59
CA VAL E 671 -24.04 -88.60 -92.07
C VAL E 671 -25.28 -87.81 -91.75
N VAL E 672 -25.28 -87.13 -90.60
CA VAL E 672 -26.27 -86.10 -90.32
C VAL E 672 -25.49 -84.81 -90.10
N PRO E 673 -25.45 -83.95 -91.13
CA PRO E 673 -24.51 -82.84 -91.22
C PRO E 673 -24.59 -81.84 -90.07
N PHE E 674 -25.79 -81.62 -89.52
CA PHE E 674 -26.00 -80.56 -88.53
C PHE E 674 -26.67 -80.96 -87.23
N LEU E 675 -26.48 -82.19 -86.78
CA LEU E 675 -26.78 -82.44 -85.38
C LEU E 675 -25.70 -81.63 -84.66
N THR E 676 -26.08 -80.91 -83.60
CA THR E 676 -25.28 -79.79 -83.05
C THR E 676 -25.01 -78.71 -84.11
N ALA E 677 -24.64 -77.52 -83.65
CA ALA E 677 -24.58 -76.35 -84.52
C ALA E 677 -23.53 -76.43 -85.63
N GLN E 678 -22.40 -77.08 -85.37
CA GLN E 678 -21.37 -77.23 -86.40
C GLN E 678 -21.76 -78.23 -87.47
N ALA E 679 -21.25 -78.05 -88.65
CA ALA E 679 -21.34 -79.15 -89.52
C ALA E 679 -20.35 -80.11 -88.86
N THR E 680 -20.83 -81.34 -88.83
CA THR E 680 -20.02 -82.40 -88.30
C THR E 680 -19.04 -82.18 -89.38
N HIS E 681 -17.77 -82.35 -89.08
CA HIS E 681 -16.76 -82.21 -90.08
C HIS E 681 -16.32 -83.65 -90.27
N LEU E 682 -15.87 -83.98 -91.46
CA LEU E 682 -15.26 -85.27 -91.66
C LEU E 682 -14.08 -84.99 -92.58
N ARG E 683 -12.86 -85.35 -92.19
CA ARG E 683 -11.72 -85.17 -93.08
C ARG E 683 -11.05 -86.50 -93.33
N VAL E 684 -10.80 -86.85 -94.58
CA VAL E 684 -10.17 -88.15 -94.82
C VAL E 684 -8.80 -87.97 -95.43
N GLY E 685 -7.76 -88.53 -94.82
CA GLY E 685 -6.46 -88.40 -95.48
C GLY E 685 -5.27 -88.93 -94.71
N TRP E 686 -4.09 -88.85 -95.30
CA TRP E 686 -2.88 -89.43 -94.74
C TRP E 686 -2.29 -88.65 -93.56
N ALA E 687 -1.58 -89.34 -92.68
CA ALA E 687 -0.79 -88.69 -91.63
C ALA E 687 0.40 -89.53 -91.13
N LEU E 688 1.53 -88.84 -90.94
CA LEU E 688 2.75 -89.45 -90.42
C LEU E 688 2.72 -89.73 -88.93
N THR E 689 3.44 -90.76 -88.50
CA THR E 689 3.49 -91.16 -87.10
C THR E 689 4.13 -90.15 -86.15
N GLU E 690 5.05 -89.35 -86.66
CA GLU E 690 5.91 -88.54 -85.80
C GLU E 690 5.45 -87.09 -85.69
N GLY E 691 4.14 -86.88 -85.55
CA GLY E 691 3.63 -85.54 -85.40
C GLY E 691 2.14 -85.45 -85.18
N TYR E 692 1.39 -86.34 -85.82
CA TYR E 692 -0.06 -86.30 -85.68
C TYR E 692 -0.50 -86.86 -84.34
N SER E 693 -0.88 -85.97 -83.45
CA SER E 693 -1.30 -86.32 -82.11
C SER E 693 -2.64 -85.64 -81.81
N PRO E 694 -3.72 -86.21 -82.36
CA PRO E 694 -5.06 -85.62 -82.29
C PRO E 694 -5.65 -85.70 -80.90
N TYR E 695 -5.12 -84.92 -79.97
CA TYR E 695 -5.67 -84.92 -78.63
C TYR E 695 -7.10 -84.39 -78.71
N PRO E 696 -8.05 -85.11 -78.10
CA PRO E 696 -9.50 -84.95 -78.23
C PRO E 696 -10.00 -83.57 -77.85
N GLY E 697 -9.33 -82.92 -76.91
CA GLY E 697 -9.73 -81.57 -76.52
C GLY E 697 -9.31 -80.59 -77.59
N GLY E 698 -8.46 -81.05 -78.50
CA GLY E 698 -8.10 -80.29 -79.68
C GLY E 698 -6.96 -79.30 -79.52
N GLY E 699 -6.64 -78.62 -80.61
CA GLY E 699 -5.58 -77.63 -80.63
C GLY E 699 -5.67 -76.76 -81.86
N GLU E 700 -4.89 -75.69 -81.87
CA GLU E 700 -4.84 -74.74 -82.99
C GLU E 700 -6.22 -74.21 -83.39
N GLY E 701 -6.53 -74.30 -84.68
CA GLY E 701 -7.71 -73.66 -85.24
C GLY E 701 -9.01 -74.36 -84.95
N TRP E 702 -9.51 -74.18 -83.74
CA TRP E 702 -10.78 -74.75 -83.30
C TRP E 702 -10.77 -76.27 -83.49
N GLY E 703 -9.58 -76.87 -83.40
CA GLY E 703 -9.42 -78.31 -83.48
C GLY E 703 -9.55 -78.91 -84.87
N GLY E 704 -9.75 -80.23 -84.90
CA GLY E 704 -9.99 -80.96 -86.13
C GLY E 704 -8.78 -81.44 -86.90
N ASN E 705 -9.05 -82.15 -87.99
CA ASN E 705 -8.03 -82.70 -88.87
C ASN E 705 -7.37 -81.61 -89.70
N GLY E 706 -6.14 -81.86 -90.13
CA GLY E 706 -5.43 -80.96 -91.01
C GLY E 706 -4.69 -79.85 -90.28
N VAL E 707 -4.79 -79.84 -88.95
CA VAL E 707 -4.13 -78.81 -88.15
C VAL E 707 -2.62 -78.86 -88.26
N GLY E 708 -2.06 -80.04 -88.50
CA GLY E 708 -0.62 -80.14 -88.67
C GLY E 708 -0.19 -80.09 -90.13
N ASP E 709 1.04 -79.64 -90.35
CA ASP E 709 1.68 -79.83 -91.64
C ASP E 709 1.87 -81.33 -91.81
N ASP E 710 2.01 -82.02 -90.68
CA ASP E 710 2.11 -83.46 -90.64
C ASP E 710 0.84 -84.12 -91.16
N LEU E 711 -0.29 -83.47 -90.89
CA LEU E 711 -1.57 -83.87 -91.48
C LEU E 711 -1.75 -83.60 -92.96
N TYR E 712 -2.39 -84.54 -93.63
CA TYR E 712 -2.69 -84.44 -95.05
C TYR E 712 -4.12 -84.92 -95.25
N SER E 713 -5.05 -84.06 -95.68
CA SER E 713 -6.45 -84.45 -95.57
C SER E 713 -7.43 -83.89 -96.61
N TYR E 714 -8.58 -84.55 -96.68
CA TYR E 714 -9.61 -84.29 -97.67
C TYR E 714 -10.98 -84.69 -97.12
N GLY E 715 -12.05 -84.08 -97.63
CA GLY E 715 -13.39 -84.43 -97.19
C GLY E 715 -14.17 -83.24 -96.68
N PHE E 716 -15.11 -83.54 -95.79
CA PHE E 716 -15.91 -82.58 -95.04
C PHE E 716 -16.66 -81.60 -95.94
N ASP E 717 -16.53 -80.34 -95.59
CA ASP E 717 -17.12 -79.24 -96.33
C ASP E 717 -16.49 -79.11 -97.71
N GLY E 718 -17.33 -78.82 -98.70
CA GLY E 718 -16.82 -78.34 -99.98
C GLY E 718 -15.87 -79.34 -100.60
N LEU E 719 -15.82 -80.54 -100.03
CA LEU E 719 -14.76 -81.49 -100.30
C LEU E 719 -13.40 -80.82 -100.06
N HIS E 720 -12.56 -80.84 -101.09
CA HIS E 720 -11.25 -80.18 -101.12
C HIS E 720 -10.37 -80.48 -99.89
N LEU E 721 -9.26 -79.75 -99.76
CA LEU E 721 -8.16 -80.20 -98.88
C LEU E 721 -7.73 -79.28 -97.73
N TRP E 722 -7.18 -79.91 -96.69
CA TRP E 722 -6.74 -79.21 -95.47
C TRP E 722 -5.31 -79.53 -95.05
N THR E 723 -4.50 -78.49 -94.83
CA THR E 723 -3.18 -78.63 -94.21
C THR E 723 -2.79 -77.42 -93.38
N GLY E 724 -2.22 -77.64 -92.20
CA GLY E 724 -1.84 -76.52 -91.35
C GLY E 724 -3.11 -75.92 -90.77
N HIS E 725 -4.17 -76.71 -90.78
CA HIS E 725 -5.54 -76.24 -90.53
C HIS E 725 -5.86 -75.10 -91.48
N VAL E 726 -5.38 -75.22 -92.71
CA VAL E 726 -5.74 -74.31 -93.78
C VAL E 726 -6.50 -75.08 -94.84
N ALA E 727 -7.78 -74.78 -94.98
CA ALA E 727 -8.57 -75.29 -96.08
C ALA E 727 -8.11 -74.67 -97.38
N ARG E 728 -8.06 -75.49 -98.42
CA ARG E 728 -7.84 -75.00 -99.76
C ARG E 728 -8.88 -75.66 -100.65
N PRO E 729 -9.33 -74.94 -101.69
CA PRO E 729 -10.55 -75.35 -102.40
C PRO E 729 -10.36 -76.10 -103.71
N VAL E 730 -9.78 -77.30 -103.67
CA VAL E 730 -9.71 -78.13 -104.87
C VAL E 730 -11.12 -78.48 -105.34
N THR E 731 -11.36 -78.35 -106.64
CA THR E 731 -12.64 -78.72 -107.24
C THR E 731 -12.82 -80.23 -107.42
N SER E 732 -14.07 -80.67 -107.42
CA SER E 732 -14.39 -82.03 -107.84
C SER E 732 -15.53 -81.97 -108.86
N PRO E 733 -15.56 -82.93 -109.79
CA PRO E 733 -16.53 -82.89 -110.89
C PRO E 733 -18.00 -82.86 -110.44
N GLY E 734 -18.33 -83.54 -109.35
CA GLY E 734 -19.68 -83.50 -108.83
C GLY E 734 -19.87 -82.43 -107.78
N GLN E 735 -18.76 -81.84 -107.32
CA GLN E 735 -18.76 -80.87 -106.23
C GLN E 735 -19.48 -81.39 -104.99
N HIS E 736 -19.40 -82.70 -104.74
CA HIS E 736 -20.13 -83.30 -103.63
C HIS E 736 -19.32 -83.50 -102.35
N LEU E 737 -19.88 -83.08 -101.22
CA LEU E 737 -19.21 -83.22 -99.93
C LEU E 737 -19.04 -84.68 -99.65
N LEU E 738 -19.37 -85.08 -98.42
CA LEU E 738 -19.42 -86.49 -98.09
C LEU E 738 -20.83 -86.87 -97.71
N ALA E 739 -21.65 -87.07 -98.74
CA ALA E 739 -23.01 -87.57 -98.57
C ALA E 739 -22.93 -89.00 -98.07
N PRO E 740 -23.95 -89.45 -97.34
CA PRO E 740 -23.91 -90.80 -96.78
C PRO E 740 -23.69 -91.89 -97.83
N GLU E 741 -24.22 -91.69 -99.04
CA GLU E 741 -24.02 -92.65 -100.11
C GLU E 741 -22.66 -92.52 -100.80
N ASP E 742 -21.94 -91.44 -100.52
CA ASP E 742 -20.64 -91.19 -101.16
C ASP E 742 -19.55 -92.17 -100.73
N VAL E 743 -18.62 -92.44 -101.63
CA VAL E 743 -17.52 -93.34 -101.34
C VAL E 743 -16.18 -92.68 -101.70
N VAL E 744 -15.53 -92.10 -100.70
CA VAL E 744 -14.23 -91.46 -100.89
C VAL E 744 -13.21 -92.56 -101.10
N SER E 745 -12.12 -92.31 -101.82
CA SER E 745 -11.07 -93.32 -101.97
C SER E 745 -9.67 -92.71 -102.12
N CYS E 746 -8.92 -92.70 -101.02
CA CYS E 746 -7.61 -92.07 -100.96
C CYS E 746 -6.51 -92.85 -101.66
N CYS E 747 -5.50 -92.14 -102.18
CA CYS E 747 -4.34 -92.77 -102.79
C CYS E 747 -3.07 -91.93 -102.62
N LEU E 748 -1.92 -92.58 -102.45
CA LEU E 748 -0.64 -91.89 -102.34
C LEU E 748 0.57 -92.75 -102.68
N ASP E 749 1.52 -92.15 -103.41
CA ASP E 749 2.78 -92.80 -103.76
C ASP E 749 3.91 -92.37 -102.84
N LEU E 750 4.94 -93.21 -102.71
CA LEU E 750 6.23 -92.74 -102.22
C LEU E 750 7.04 -92.35 -103.46
N SER E 751 8.15 -91.64 -103.26
CA SER E 751 8.95 -91.01 -104.32
C SER E 751 8.13 -89.89 -104.93
N VAL E 752 7.13 -90.22 -105.74
CA VAL E 752 6.17 -89.22 -106.13
C VAL E 752 5.31 -88.92 -104.91
N PRO E 753 5.23 -87.64 -104.53
CA PRO E 753 4.52 -87.21 -103.31
C PRO E 753 3.08 -86.79 -103.55
N SER E 754 2.47 -87.32 -104.61
CA SER E 754 1.15 -86.88 -105.03
C SER E 754 0.01 -87.64 -104.38
N ILE E 755 -0.49 -87.15 -103.26
CA ILE E 755 -1.77 -87.66 -102.75
C ILE E 755 -2.85 -87.30 -103.76
N SER E 756 -3.80 -88.20 -103.94
CA SER E 756 -4.95 -87.91 -104.79
C SER E 756 -6.18 -88.63 -104.25
N PHE E 757 -7.34 -88.09 -104.56
CA PHE E 757 -8.57 -88.58 -103.97
C PHE E 757 -9.60 -88.86 -105.06
N ARG E 758 -10.46 -89.84 -104.81
CA ARG E 758 -11.49 -90.19 -105.78
C ARG E 758 -12.81 -90.53 -105.11
N ILE E 759 -13.70 -89.55 -105.00
CA ILE E 759 -15.04 -89.84 -104.50
C ILE E 759 -15.76 -90.75 -105.48
N ASN E 760 -16.41 -91.78 -104.98
CA ASN E 760 -17.27 -92.65 -105.78
C ASN E 760 -16.58 -93.18 -107.04
N GLY E 761 -15.27 -93.28 -107.00
CA GLY E 761 -14.48 -93.70 -108.14
C GLY E 761 -14.17 -92.57 -109.10
N CYS E 762 -14.67 -91.38 -108.78
CA CYS E 762 -14.45 -90.19 -109.59
C CYS E 762 -13.27 -89.36 -109.09
N PRO E 763 -12.25 -89.16 -109.94
CA PRO E 763 -11.02 -88.46 -109.55
C PRO E 763 -11.27 -87.01 -109.14
N VAL E 764 -10.50 -86.53 -108.16
CA VAL E 764 -10.72 -85.22 -107.59
C VAL E 764 -9.47 -84.36 -107.79
N GLN E 765 -8.79 -84.60 -108.92
CA GLN E 765 -7.68 -83.75 -109.38
C GLN E 765 -6.43 -83.85 -108.50
N GLY E 766 -5.26 -83.67 -109.10
CA GLY E 766 -4.01 -83.70 -108.37
C GLY E 766 -3.91 -82.59 -107.33
N VAL E 767 -3.40 -82.91 -106.15
CA VAL E 767 -3.39 -81.94 -105.07
C VAL E 767 -2.05 -81.89 -104.32
N PHE E 768 -1.89 -82.75 -103.31
CA PHE E 768 -0.76 -82.71 -102.40
C PHE E 768 0.59 -83.04 -103.06
N GLU E 769 1.65 -82.37 -102.61
CA GLU E 769 2.99 -82.50 -103.20
C GLU E 769 4.16 -82.25 -102.24
N ALA E 770 5.33 -82.73 -102.65
CA ALA E 770 6.63 -82.42 -102.05
C ALA E 770 6.74 -82.74 -100.56
N PHE E 771 6.10 -83.80 -100.12
CA PHE E 771 6.14 -84.20 -98.72
C PHE E 771 7.46 -84.80 -98.24
N ASN E 772 7.77 -84.51 -96.99
CA ASN E 772 8.83 -85.20 -96.25
C ASN E 772 8.42 -86.63 -95.94
N LEU E 773 9.38 -87.55 -95.97
CA LEU E 773 9.17 -88.85 -95.33
C LEU E 773 9.74 -88.82 -93.92
N ASP E 774 8.99 -89.38 -92.99
CA ASP E 774 9.50 -89.69 -91.66
C ASP E 774 8.55 -90.69 -91.03
N GLY E 775 9.08 -91.62 -90.25
CA GLY E 775 8.26 -92.66 -89.66
C GLY E 775 7.55 -93.47 -90.72
N LEU E 776 6.25 -93.68 -90.52
CA LEU E 776 5.41 -94.38 -91.49
C LEU E 776 4.07 -93.66 -91.63
N PHE E 777 3.47 -93.68 -92.81
CA PHE E 777 2.27 -92.88 -93.07
C PHE E 777 0.94 -93.62 -92.93
N PHE E 778 0.35 -93.57 -91.75
CA PHE E 778 -0.97 -94.16 -91.55
C PHE E 778 -2.09 -93.32 -92.18
N PRO E 779 -3.04 -93.99 -92.84
CA PRO E 779 -4.32 -93.45 -93.30
C PRO E 779 -5.21 -92.98 -92.15
N VAL E 780 -6.00 -91.94 -92.36
CA VAL E 780 -6.82 -91.37 -91.29
C VAL E 780 -8.24 -91.05 -91.74
N VAL E 781 -9.20 -91.32 -90.86
CA VAL E 781 -10.56 -90.83 -91.04
C VAL E 781 -11.00 -90.09 -89.78
N SER E 782 -10.87 -88.76 -89.85
CA SER E 782 -11.42 -87.87 -88.84
C SER E 782 -12.92 -87.70 -89.04
N PHE E 783 -13.62 -87.40 -87.95
CA PHE E 783 -15.07 -87.37 -87.96
C PHE E 783 -15.60 -86.79 -86.65
N SER E 784 -16.90 -86.61 -86.62
CA SER E 784 -17.59 -86.18 -85.42
C SER E 784 -19.07 -86.58 -85.44
N ALA E 785 -19.71 -86.50 -84.28
CA ALA E 785 -21.15 -86.70 -84.14
C ALA E 785 -21.64 -88.07 -84.58
N GLY E 786 -22.82 -88.08 -85.21
CA GLY E 786 -23.52 -89.30 -85.52
C GLY E 786 -23.03 -89.93 -86.79
N VAL E 787 -22.06 -89.28 -87.43
CA VAL E 787 -21.47 -89.75 -88.66
C VAL E 787 -20.80 -91.11 -88.46
N LYS E 788 -20.95 -91.98 -89.45
CA LYS E 788 -20.38 -93.31 -89.42
C LYS E 788 -19.91 -93.69 -90.81
N VAL E 789 -18.82 -94.46 -90.89
CA VAL E 789 -18.20 -94.81 -92.17
C VAL E 789 -17.53 -96.18 -92.14
N ARG E 790 -17.47 -96.85 -93.28
CA ARG E 790 -16.65 -98.05 -93.40
C ARG E 790 -15.28 -97.76 -93.99
N PHE E 791 -14.25 -98.41 -93.45
CA PHE E 791 -13.00 -98.58 -94.16
C PHE E 791 -13.11 -99.68 -95.22
N LEU E 792 -12.33 -99.53 -96.29
CA LEU E 792 -12.09 -100.61 -97.23
C LEU E 792 -10.63 -100.62 -97.65
N LEU E 793 -9.80 -101.13 -96.75
CA LEU E 793 -8.39 -101.33 -97.03
C LEU E 793 -8.21 -102.53 -97.95
N GLY E 794 -9.26 -103.34 -98.06
CA GLY E 794 -9.26 -104.49 -98.95
C GLY E 794 -9.43 -105.80 -98.21
N GLU E 799 -11.96 -105.59 -100.39
CA GLU E 799 -13.37 -105.38 -100.71
C GLU E 799 -13.59 -104.05 -101.42
N PHE E 800 -12.62 -103.64 -102.23
CA PHE E 800 -12.72 -102.37 -102.94
C PHE E 800 -13.90 -102.33 -103.90
N LYS E 801 -14.63 -101.23 -103.86
CA LYS E 801 -15.73 -100.99 -104.80
C LYS E 801 -15.18 -100.40 -106.10
N PHE E 802 -13.90 -100.00 -106.07
CA PHE E 802 -13.29 -99.30 -107.20
C PHE E 802 -11.77 -99.36 -107.15
N LEU E 803 -11.19 -100.22 -107.99
CA LEU E 803 -9.74 -100.34 -108.07
C LEU E 803 -9.16 -99.57 -109.25
N PRO E 804 -8.36 -98.56 -108.92
CA PRO E 804 -7.73 -97.71 -109.92
C PRO E 804 -6.50 -98.40 -110.46
N PRO E 805 -6.46 -98.61 -111.77
CA PRO E 805 -5.29 -99.21 -112.42
C PRO E 805 -4.00 -98.58 -111.89
N PRO E 806 -4.13 -97.37 -111.33
CA PRO E 806 -3.02 -96.68 -110.67
C PRO E 806 -2.18 -97.67 -109.88
N GLY E 807 -1.14 -98.18 -110.52
CA GLY E 807 -0.25 -99.17 -109.93
C GLY E 807 -0.02 -98.96 -108.45
N TYR E 808 -1.00 -99.37 -107.65
CA TYR E 808 -0.89 -99.23 -106.22
C TYR E 808 -0.77 -100.57 -105.51
N ALA E 809 -0.23 -100.54 -104.30
CA ALA E 809 -0.34 -101.65 -103.39
C ALA E 809 -1.55 -101.42 -102.48
N PRO E 810 -2.52 -102.34 -102.51
CA PRO E 810 -3.69 -102.21 -101.63
C PRO E 810 -3.31 -102.26 -100.16
N CYS E 811 -4.00 -101.51 -99.31
CA CYS E 811 -3.70 -101.47 -97.89
C CYS E 811 -3.96 -102.81 -97.22
N HIS E 812 -4.77 -103.65 -97.83
CA HIS E 812 -4.99 -105.00 -97.33
C HIS E 812 -3.68 -105.77 -97.37
N GLU E 813 -2.81 -105.37 -98.30
CA GLU E 813 -1.48 -105.97 -98.42
C GLU E 813 -0.50 -105.37 -97.41
N ALA E 814 -0.92 -104.34 -96.69
CA ALA E 814 -0.10 -103.78 -95.62
C ALA E 814 -0.20 -104.64 -94.36
N VAL E 815 -1.14 -105.57 -94.38
CA VAL E 815 -1.50 -106.38 -93.21
C VAL E 815 -0.39 -107.29 -92.71
N LEU E 816 0.60 -107.56 -93.56
CA LEU E 816 1.45 -108.73 -93.42
C LEU E 816 2.22 -108.98 -92.11
N PRO E 817 2.90 -107.95 -91.54
CA PRO E 817 4.00 -108.34 -90.64
C PRO E 817 3.66 -109.23 -89.43
N ARG E 818 2.50 -109.07 -88.80
CA ARG E 818 1.95 -110.06 -87.88
C ARG E 818 0.61 -109.63 -87.30
N GLU E 819 0.53 -108.37 -86.87
CA GLU E 819 -0.59 -107.89 -86.08
C GLU E 819 -1.92 -107.96 -86.82
N ARG E 820 -2.97 -108.33 -86.10
CA ARG E 820 -4.30 -108.35 -86.68
C ARG E 820 -4.74 -106.93 -87.04
N LEU E 821 -5.39 -106.80 -88.19
CA LEU E 821 -5.93 -105.51 -88.59
C LEU E 821 -7.07 -105.09 -87.67
N ARG E 822 -7.14 -103.80 -87.38
CA ARG E 822 -8.15 -103.26 -86.47
C ARG E 822 -8.10 -101.73 -86.46
N LEU E 823 -9.25 -101.11 -86.74
CA LEU E 823 -9.32 -99.65 -86.73
C LEU E 823 -9.08 -99.15 -85.31
N GLU E 824 -8.25 -98.11 -85.18
CA GLU E 824 -7.84 -97.61 -83.87
C GLU E 824 -7.75 -96.07 -83.77
N PRO E 825 -7.90 -95.53 -82.55
CA PRO E 825 -8.00 -94.10 -82.18
C PRO E 825 -6.85 -93.17 -82.57
N ILE E 826 -5.61 -93.68 -82.62
CA ILE E 826 -4.36 -92.90 -82.76
C ILE E 826 -3.92 -92.36 -81.42
N LYS E 827 -2.67 -92.62 -81.05
CA LYS E 827 -2.17 -92.64 -79.67
C LYS E 827 -3.26 -92.76 -78.59
N GLU E 828 -3.94 -91.68 -78.23
CA GLU E 828 -4.97 -91.81 -77.21
C GLU E 828 -4.42 -92.07 -75.81
N TYR E 829 -5.01 -91.40 -74.83
CA TYR E 829 -4.66 -91.60 -73.43
C TYR E 829 -5.69 -92.40 -72.64
N ARG E 830 -6.78 -92.81 -73.27
CA ARG E 830 -7.80 -93.56 -72.53
C ARG E 830 -8.70 -94.48 -73.35
N ARG E 831 -8.52 -95.79 -73.22
CA ARG E 831 -9.61 -96.70 -73.55
C ARG E 831 -10.70 -96.65 -72.49
N GLU E 832 -11.95 -96.79 -72.91
CA GLU E 832 -13.04 -96.95 -71.94
C GLU E 832 -13.23 -98.44 -71.60
N GLY E 833 -12.36 -98.93 -70.72
CA GLY E 833 -12.39 -100.32 -70.31
C GLY E 833 -13.59 -100.66 -69.44
N PRO E 834 -13.96 -101.95 -69.39
CA PRO E 834 -15.06 -102.42 -68.57
C PRO E 834 -14.90 -102.12 -67.08
N ARG E 835 -13.67 -102.16 -66.58
CA ARG E 835 -13.39 -101.78 -65.21
C ARG E 835 -13.64 -100.31 -64.97
N GLY E 836 -13.50 -99.53 -66.03
CA GLY E 836 -13.56 -98.09 -65.94
C GLY E 836 -12.62 -97.48 -66.97
N PRO E 837 -12.23 -96.22 -66.76
CA PRO E 837 -11.37 -95.53 -67.73
C PRO E 837 -9.94 -96.07 -67.77
N HIS E 838 -9.70 -97.12 -68.56
CA HIS E 838 -8.34 -97.61 -68.76
C HIS E 838 -7.50 -96.56 -69.46
N LEU E 839 -6.24 -96.43 -69.06
CA LEU E 839 -5.42 -95.31 -69.52
C LEU E 839 -4.25 -95.74 -70.40
N VAL E 840 -4.49 -95.69 -71.71
CA VAL E 840 -3.52 -96.13 -72.71
C VAL E 840 -2.42 -95.13 -73.06
N GLY E 841 -1.35 -95.64 -73.66
CA GLY E 841 -0.34 -94.83 -74.30
C GLY E 841 0.89 -94.47 -73.49
N PRO E 842 1.82 -93.72 -74.12
CA PRO E 842 1.75 -93.27 -75.51
C PRO E 842 2.20 -94.30 -76.57
N SER E 843 1.37 -95.30 -76.83
CA SER E 843 1.53 -96.21 -77.96
C SER E 843 2.92 -96.85 -78.07
N ARG E 844 3.54 -96.69 -79.23
CA ARG E 844 4.91 -97.18 -79.43
C ARG E 844 5.51 -96.57 -80.68
N CYS E 845 5.15 -97.14 -81.83
CA CYS E 845 5.64 -96.68 -83.11
C CYS E 845 4.72 -97.19 -84.23
N PHE E 851 12.13 -100.22 -88.54
CA PHE E 851 12.69 -99.24 -89.46
C PHE E 851 13.34 -99.92 -90.67
N VAL E 852 12.61 -99.93 -91.78
CA VAL E 852 13.10 -100.54 -93.01
C VAL E 852 14.26 -101.50 -92.69
N PRO E 853 14.16 -102.76 -93.12
CA PRO E 853 15.18 -103.77 -92.83
C PRO E 853 16.53 -103.45 -93.46
N CYS E 854 17.61 -103.80 -92.76
CA CYS E 854 18.97 -103.56 -93.24
C CYS E 854 19.96 -104.46 -92.54
N PRO E 855 20.43 -105.50 -93.24
CA PRO E 855 21.37 -106.49 -92.69
C PRO E 855 22.71 -105.89 -92.28
N VAL E 856 23.30 -106.43 -91.22
CA VAL E 856 24.68 -106.12 -90.86
C VAL E 856 25.60 -106.70 -91.93
N ASP E 857 26.69 -106.01 -92.23
CA ASP E 857 27.64 -106.47 -93.24
C ASP E 857 28.26 -107.80 -92.84
N THR E 858 28.41 -108.70 -93.80
CA THR E 858 28.90 -110.05 -93.52
C THR E 858 29.89 -110.56 -94.57
N VAL E 859 29.70 -110.17 -95.82
CA VAL E 859 30.49 -110.69 -96.92
C VAL E 859 31.96 -110.32 -96.77
N GLN E 860 32.21 -109.21 -96.09
CA GLN E 860 33.57 -108.74 -95.83
C GLN E 860 34.36 -109.71 -94.98
N ILE E 861 33.66 -110.45 -94.11
CA ILE E 861 34.30 -111.46 -93.28
C ILE E 861 34.88 -112.57 -94.14
N VAL E 862 36.06 -113.07 -93.76
CA VAL E 862 36.72 -114.13 -94.51
C VAL E 862 37.28 -115.20 -93.58
N LEU E 863 36.56 -116.31 -93.44
CA LEU E 863 36.99 -117.40 -92.57
C LEU E 863 38.22 -118.13 -93.10
N PRO E 864 39.21 -118.35 -92.21
CA PRO E 864 40.37 -119.20 -92.51
C PRO E 864 39.93 -120.62 -92.77
N PRO E 865 40.64 -121.34 -93.66
CA PRO E 865 40.21 -122.64 -94.18
C PRO E 865 40.00 -123.70 -93.09
N HIS E 866 40.79 -123.66 -92.02
CA HIS E 866 40.63 -124.63 -90.95
C HIS E 866 39.26 -124.50 -90.28
N LEU E 867 38.77 -123.28 -90.16
CA LEU E 867 37.39 -123.06 -89.73
C LEU E 867 36.42 -123.56 -90.78
N GLU E 868 36.83 -123.41 -92.04
CA GLU E 868 35.98 -123.75 -93.17
C GLU E 868 35.72 -125.25 -93.27
N ARG E 869 36.66 -126.06 -92.80
CA ARG E 869 36.44 -127.50 -92.79
C ARG E 869 35.31 -127.87 -91.83
N ILE E 870 35.34 -127.25 -90.65
CA ILE E 870 34.28 -127.45 -89.68
C ILE E 870 32.98 -126.89 -90.24
N ARG E 871 33.10 -125.85 -91.06
CA ARG E 871 31.92 -125.32 -91.73
C ARG E 871 31.35 -126.36 -92.68
N GLU E 872 32.25 -127.11 -93.34
CA GLU E 872 31.82 -128.18 -94.23
C GLU E 872 31.17 -129.32 -93.47
N LYS E 873 31.62 -129.55 -92.24
CA LYS E 873 31.06 -130.64 -91.45
C LYS E 873 29.68 -130.29 -90.92
N LEU E 874 29.58 -129.11 -90.33
CA LEU E 874 28.30 -128.65 -89.80
C LEU E 874 27.28 -128.45 -90.92
N ALA E 875 27.75 -127.99 -92.07
CA ALA E 875 26.90 -127.92 -93.24
C ALA E 875 26.49 -129.29 -93.74
N GLU E 876 27.38 -130.28 -93.58
CA GLU E 876 27.03 -131.64 -93.96
C GLU E 876 25.92 -132.16 -93.05
N ASN E 877 25.99 -131.77 -91.78
CA ASN E 877 24.99 -132.21 -90.82
C ASN E 877 23.65 -131.53 -91.08
N ILE E 878 23.69 -130.22 -91.32
CA ILE E 878 22.47 -129.49 -91.63
C ILE E 878 21.84 -129.96 -92.94
N HIS E 879 22.67 -130.33 -93.91
CA HIS E 879 22.17 -130.91 -95.15
C HIS E 879 21.55 -132.27 -94.88
N GLU E 880 22.11 -133.00 -93.91
CA GLU E 880 21.50 -134.25 -93.47
C GLU E 880 20.15 -133.98 -92.82
N LEU E 881 20.01 -132.81 -92.20
CA LEU E 881 18.75 -132.44 -91.56
C LEU E 881 17.68 -132.07 -92.59
N TRP E 882 18.07 -131.26 -93.58
CA TRP E 882 17.15 -130.91 -94.65
C TRP E 882 16.76 -132.13 -95.46
N ALA E 883 17.70 -133.07 -95.58
CA ALA E 883 17.42 -134.30 -96.29
C ALA E 883 16.45 -135.14 -95.49
N LEU E 884 16.68 -135.22 -94.18
CA LEU E 884 15.83 -136.02 -93.31
C LEU E 884 14.42 -135.47 -93.24
N THR E 885 14.31 -134.16 -93.37
CA THR E 885 13.01 -133.49 -93.25
C THR E 885 12.05 -133.95 -94.34
N ARG E 886 12.58 -134.26 -95.51
CA ARG E 886 11.74 -134.80 -96.58
C ARG E 886 11.75 -136.33 -96.62
N ILE E 887 12.90 -136.93 -96.30
CA ILE E 887 13.02 -138.39 -96.35
C ILE E 887 12.12 -139.05 -95.32
N GLU E 888 11.79 -138.31 -94.26
CA GLU E 888 10.82 -138.80 -93.28
C GLU E 888 9.46 -138.98 -93.95
N GLN E 889 9.22 -138.21 -95.01
CA GLN E 889 7.97 -138.23 -95.76
C GLN E 889 7.99 -139.24 -96.91
N GLY E 890 9.04 -140.05 -96.98
CA GLY E 890 9.22 -141.01 -98.08
C GLY E 890 9.93 -140.46 -99.31
N TRP E 891 10.36 -139.20 -99.23
CA TRP E 891 11.23 -138.59 -100.24
C TRP E 891 12.57 -139.35 -100.33
N THR E 892 13.11 -139.45 -101.54
CA THR E 892 14.34 -140.22 -101.76
C THR E 892 15.18 -139.64 -102.90
N TYR E 893 16.41 -140.13 -103.02
CA TYR E 893 17.34 -139.64 -104.03
C TYR E 893 16.87 -139.94 -105.46
N GLY E 894 17.13 -139.00 -106.36
CA GLY E 894 16.77 -139.14 -107.76
C GLY E 894 16.89 -137.82 -108.47
N PRO E 895 17.49 -137.81 -109.67
CA PRO E 895 17.93 -136.59 -110.38
C PRO E 895 16.82 -135.58 -110.67
N VAL E 896 15.60 -136.03 -110.92
CA VAL E 896 14.51 -135.11 -111.25
C VAL E 896 14.17 -134.20 -110.07
N ARG E 897 13.91 -132.94 -110.37
CA ARG E 897 13.64 -131.94 -109.34
C ARG E 897 12.21 -131.40 -109.42
N ASP E 898 11.33 -131.97 -108.61
CA ASP E 898 9.95 -131.49 -108.53
C ASP E 898 9.32 -131.93 -107.20
N ASP E 899 8.45 -131.09 -106.66
CA ASP E 899 7.71 -131.46 -105.46
C ASP E 899 6.77 -132.62 -105.73
N ASN E 900 6.26 -132.68 -106.95
CA ASN E 900 5.37 -133.77 -107.37
C ASN E 900 6.10 -135.11 -107.45
N LYS E 901 7.39 -135.06 -107.72
CA LYS E 901 8.19 -136.25 -107.99
C LYS E 901 8.30 -137.18 -106.79
N ARG E 902 8.19 -136.61 -105.59
CA ARG E 902 8.49 -137.32 -104.34
C ARG E 902 9.91 -137.88 -104.42
N LEU E 903 10.78 -137.13 -105.08
CA LEU E 903 12.16 -137.53 -105.31
C LEU E 903 12.98 -136.32 -105.74
N HIS E 904 14.07 -136.02 -105.02
CA HIS E 904 14.87 -134.86 -105.37
C HIS E 904 16.36 -135.22 -105.40
N PRO E 905 17.14 -134.62 -106.31
CA PRO E 905 18.58 -134.86 -106.44
C PRO E 905 19.40 -134.57 -105.19
N CYS E 906 18.99 -133.57 -104.42
CA CYS E 906 19.76 -133.14 -103.26
C CYS E 906 19.52 -134.03 -102.05
N LEU E 907 18.56 -134.95 -102.18
CA LEU E 907 18.23 -135.85 -101.09
C LEU E 907 19.27 -136.96 -100.99
N VAL E 908 20.46 -136.58 -100.54
CA VAL E 908 21.60 -137.48 -100.46
C VAL E 908 22.64 -136.89 -99.51
N ASN E 909 23.66 -137.66 -99.18
CA ASN E 909 24.73 -137.18 -98.32
C ASN E 909 25.45 -136.02 -98.97
N PHE E 910 25.85 -135.02 -98.17
CA PHE E 910 26.54 -133.86 -98.69
C PHE E 910 27.87 -134.23 -99.32
N HIS E 911 28.51 -135.27 -98.79
CA HIS E 911 29.73 -135.79 -99.40
C HIS E 911 29.46 -136.39 -100.78
N SER E 912 28.28 -136.99 -100.94
CA SER E 912 27.87 -137.51 -102.23
C SER E 912 27.59 -136.38 -103.21
N LEU E 913 27.19 -135.23 -102.67
CA LEU E 913 26.90 -134.05 -103.49
C LEU E 913 28.17 -133.46 -104.08
N PRO E 914 28.11 -133.06 -105.36
CA PRO E 914 29.22 -132.29 -105.95
C PRO E 914 29.41 -130.95 -105.24
N GLU E 915 30.66 -130.49 -105.16
CA GLU E 915 31.00 -129.30 -104.39
C GLU E 915 30.21 -128.06 -104.81
N PRO E 916 30.12 -127.81 -106.11
CA PRO E 916 29.31 -126.65 -106.54
C PRO E 916 27.86 -126.74 -106.07
N GLU E 917 27.33 -127.96 -106.00
CA GLU E 917 26.01 -128.18 -105.40
C GLU E 917 26.11 -128.30 -103.88
N ARG E 918 27.33 -128.46 -103.37
CA ARG E 918 27.55 -128.47 -101.92
C ARG E 918 27.57 -127.05 -101.40
N ASN E 919 27.64 -126.09 -102.31
CA ASN E 919 27.52 -124.68 -101.96
C ASN E 919 26.14 -124.39 -101.38
N TYR E 920 25.16 -125.19 -101.77
CA TYR E 920 23.77 -124.98 -101.39
C TYR E 920 23.58 -125.10 -99.88
N ASN E 921 24.49 -125.81 -99.22
CA ASN E 921 24.50 -125.88 -97.77
C ASN E 921 25.74 -125.21 -97.17
N LEU E 922 26.91 -125.61 -97.65
CA LEU E 922 28.16 -125.11 -97.11
C LEU E 922 28.37 -123.61 -97.30
N GLN E 923 27.90 -123.05 -98.40
CA GLN E 923 28.14 -121.63 -98.64
C GLN E 923 27.24 -120.77 -97.77
N MET E 924 25.97 -121.10 -97.69
CA MET E 924 25.05 -120.33 -96.85
C MET E 924 25.38 -120.46 -95.38
N SER E 925 25.77 -121.67 -94.96
CA SER E 925 26.19 -121.88 -93.58
C SER E 925 27.49 -121.15 -93.28
N GLY E 926 28.36 -121.07 -94.28
CA GLY E 926 29.62 -120.38 -94.09
C GLY E 926 29.41 -118.89 -93.99
N GLU E 927 28.46 -118.38 -94.78
CA GLU E 927 28.04 -117.00 -94.69
C GLU E 927 27.34 -116.73 -93.36
N THR E 928 26.74 -117.78 -92.81
CA THR E 928 26.07 -117.66 -91.52
C THR E 928 27.08 -117.51 -90.40
N LEU E 929 28.14 -118.34 -90.42
CA LEU E 929 29.22 -118.15 -89.45
C LEU E 929 29.99 -116.85 -89.68
N LYS E 930 30.08 -116.42 -90.94
CA LYS E 930 30.67 -115.12 -91.22
C LYS E 930 29.82 -114.04 -90.60
N THR E 931 28.51 -114.27 -90.61
CA THR E 931 27.58 -113.39 -89.92
C THR E 931 27.78 -113.45 -88.42
N LEU E 932 28.19 -114.62 -87.91
CA LEU E 932 28.50 -114.74 -86.49
C LEU E 932 29.70 -113.89 -86.13
N LEU E 933 30.68 -113.85 -87.05
CA LEU E 933 31.80 -112.93 -86.89
C LEU E 933 31.37 -111.47 -87.05
N ALA E 934 30.32 -111.27 -87.85
CA ALA E 934 29.87 -109.94 -88.22
C ALA E 934 29.33 -109.14 -87.03
N LEU E 935 28.75 -109.85 -86.06
CA LEU E 935 28.22 -109.21 -84.87
C LEU E 935 29.34 -108.93 -83.88
N GLY E 936 30.52 -109.46 -84.17
CA GLY E 936 31.65 -109.35 -83.27
C GLY E 936 31.61 -110.46 -82.24
N CYS E 937 30.60 -111.30 -82.34
CA CYS E 937 30.45 -112.43 -81.43
C CYS E 937 31.58 -113.43 -81.60
N HIS E 938 32.08 -113.97 -80.50
CA HIS E 938 33.14 -114.97 -80.56
C HIS E 938 32.63 -116.24 -81.23
N VAL E 939 33.46 -116.79 -82.12
CA VAL E 939 33.17 -118.09 -82.73
C VAL E 939 34.27 -119.08 -82.35
N GLY E 940 35.10 -118.69 -81.40
CA GLY E 940 36.29 -119.45 -81.07
C GLY E 940 36.01 -120.75 -80.35
N MET E 941 36.99 -121.66 -80.41
CA MET E 941 36.87 -122.99 -79.84
C MET E 941 36.70 -122.97 -78.32
N ALA E 942 35.85 -123.86 -77.82
CA ALA E 942 35.70 -124.07 -76.38
C ALA E 942 35.83 -125.55 -76.05
N ASP E 943 35.55 -126.38 -77.04
CA ASP E 943 35.59 -127.84 -76.89
C ASP E 943 35.93 -128.50 -78.22
N GLU E 944 36.38 -129.76 -78.15
CA GLU E 944 36.71 -130.52 -79.35
C GLU E 944 35.47 -130.75 -80.21
N LYS E 945 35.65 -130.72 -81.53
CA LYS E 945 34.54 -130.81 -82.46
C LYS E 945 34.06 -132.25 -82.64
N ALA E 946 32.86 -132.53 -82.14
CA ALA E 946 32.27 -133.85 -82.25
C ALA E 946 30.96 -133.78 -83.03
N TYR E 959 15.06 -144.70 -84.31
CA TYR E 959 15.31 -144.10 -85.61
C TYR E 959 14.85 -145.03 -86.73
N MET E 960 13.90 -144.56 -87.53
CA MET E 960 13.33 -145.37 -88.61
C MET E 960 14.35 -145.68 -89.70
N MET E 961 14.27 -146.88 -90.25
CA MET E 961 15.14 -147.29 -91.35
C MET E 961 14.57 -146.84 -92.69
N SER E 962 14.67 -145.53 -92.96
CA SER E 962 14.13 -144.95 -94.18
C SER E 962 14.92 -145.35 -95.43
N ASN E 963 14.24 -145.36 -96.57
CA ASN E 963 14.88 -145.67 -97.85
C ASN E 963 15.93 -144.63 -98.21
N GLY E 964 17.02 -145.07 -98.84
CA GLY E 964 18.11 -144.16 -99.17
C GLY E 964 19.00 -143.86 -97.98
N TYR E 965 19.83 -142.83 -98.10
CA TYR E 965 20.79 -142.47 -97.06
C TYR E 965 20.09 -142.12 -95.75
N LYS E 966 20.66 -142.60 -94.65
CA LYS E 966 20.02 -142.51 -93.34
C LYS E 966 20.96 -142.00 -92.25
N PRO E 967 21.24 -140.68 -92.22
CA PRO E 967 22.15 -140.18 -91.19
C PRO E 967 21.61 -140.41 -89.79
N ALA E 968 22.50 -140.69 -88.85
CA ALA E 968 22.13 -140.81 -87.45
C ALA E 968 23.08 -140.03 -86.56
N PRO E 969 22.97 -138.68 -86.59
CA PRO E 969 23.88 -137.81 -85.84
C PRO E 969 23.77 -138.01 -84.33
N LEU E 970 24.88 -137.87 -83.62
CA LEU E 970 24.84 -137.85 -82.17
C LEU E 970 24.02 -136.63 -81.77
N ASP E 971 23.19 -136.77 -80.75
CA ASP E 971 22.11 -135.82 -80.53
C ASP E 971 22.60 -134.39 -80.30
N LEU E 972 21.95 -133.45 -80.98
CA LEU E 972 22.26 -132.04 -80.85
C LEU E 972 21.41 -131.40 -79.75
N SER E 973 20.21 -131.95 -79.56
CA SER E 973 19.24 -131.42 -78.62
C SER E 973 19.70 -131.58 -77.17
N HIS E 974 20.57 -132.55 -76.92
CA HIS E 974 21.03 -132.83 -75.56
C HIS E 974 21.79 -131.64 -75.00
N VAL E 975 22.42 -130.88 -75.89
CA VAL E 975 23.11 -129.66 -75.49
C VAL E 975 22.12 -128.62 -74.96
N ARG E 976 22.48 -127.97 -73.87
CA ARG E 976 21.73 -126.82 -73.38
C ARG E 976 22.40 -125.54 -73.84
N LEU E 977 21.96 -125.01 -74.98
CA LEU E 977 22.55 -123.80 -75.52
C LEU E 977 22.35 -122.63 -74.58
N THR E 978 23.37 -121.79 -74.46
CA THR E 978 23.26 -120.57 -73.66
C THR E 978 22.27 -119.64 -74.36
N PRO E 979 21.48 -118.90 -73.59
CA PRO E 979 20.46 -118.03 -74.19
C PRO E 979 21.06 -117.01 -75.14
N ALA E 980 22.27 -116.56 -74.85
CA ALA E 980 22.96 -115.62 -75.72
C ALA E 980 23.27 -116.26 -77.07
N GLN E 981 23.50 -117.58 -77.07
CA GLN E 981 23.81 -118.28 -78.30
C GLN E 981 22.59 -118.38 -79.20
N THR E 982 21.45 -118.77 -78.63
CA THR E 982 20.22 -118.84 -79.39
C THR E 982 19.75 -117.46 -79.83
N THR E 983 20.02 -116.45 -79.00
CA THR E 983 19.68 -115.08 -79.37
C THR E 983 20.54 -114.62 -80.54
N LEU E 984 21.81 -115.03 -80.52
CA LEU E 984 22.70 -114.75 -81.63
C LEU E 984 22.22 -115.46 -82.89
N VAL E 985 21.67 -116.65 -82.71
CA VAL E 985 21.12 -117.40 -83.83
C VAL E 985 19.90 -116.70 -84.41
N ASP E 986 19.09 -116.11 -83.53
CA ASP E 986 17.94 -115.33 -83.99
C ASP E 986 18.41 -114.08 -84.73
N ARG E 987 19.53 -113.52 -84.28
CA ARG E 987 20.12 -112.39 -84.98
C ARG E 987 20.64 -112.80 -86.35
N LEU E 988 21.11 -114.05 -86.44
CA LEU E 988 21.60 -114.59 -87.70
C LEU E 988 20.43 -114.76 -88.65
N ALA E 989 19.33 -115.27 -88.12
CA ALA E 989 18.14 -115.47 -88.92
C ALA E 989 17.56 -114.14 -89.39
N GLU E 990 17.64 -113.13 -88.52
CA GLU E 990 17.21 -111.79 -88.90
C GLU E 990 18.11 -111.21 -89.96
N ASN E 991 19.38 -111.58 -89.90
CA ASN E 991 20.38 -111.05 -90.81
C ASN E 991 20.25 -111.63 -92.21
N GLY E 992 20.05 -112.95 -92.27
CA GLY E 992 19.86 -113.60 -93.54
C GLY E 992 18.48 -113.29 -94.08
N HIS E 993 17.54 -113.06 -93.19
CA HIS E 993 16.22 -112.58 -93.59
C HIS E 993 16.28 -111.16 -94.14
N ASN E 994 17.24 -110.37 -93.70
CA ASN E 994 17.40 -109.01 -94.19
C ASN E 994 18.16 -108.96 -95.52
N VAL E 995 19.19 -109.79 -95.66
CA VAL E 995 19.85 -109.89 -96.97
C VAL E 995 18.87 -110.47 -97.98
N TRP E 996 18.06 -111.41 -97.53
CA TRP E 996 17.00 -111.97 -98.35
C TRP E 996 15.96 -110.89 -98.62
N ALA E 997 15.81 -109.96 -97.68
CA ALA E 997 14.90 -108.85 -97.87
C ALA E 997 15.40 -107.91 -98.96
N ARG E 998 16.72 -107.75 -99.03
CA ARG E 998 17.31 -107.01 -100.15
C ARG E 998 17.10 -107.77 -101.45
N ASP E 999 17.13 -109.10 -101.33
CA ASP E 999 16.89 -109.96 -102.48
C ASP E 999 15.44 -109.86 -102.96
N ARG E 1000 14.55 -109.55 -102.03
CA ARG E 1000 13.12 -109.49 -102.32
C ARG E 1000 12.76 -108.11 -102.85
N VAL E 1001 13.48 -107.11 -102.36
CA VAL E 1001 13.41 -105.77 -102.92
C VAL E 1001 13.93 -105.82 -104.34
N ALA E 1002 14.86 -106.75 -104.56
CA ALA E 1002 15.35 -107.06 -105.90
C ALA E 1002 14.42 -108.01 -106.63
N GLN E 1003 13.43 -108.55 -105.91
CA GLN E 1003 12.51 -109.54 -106.47
C GLN E 1003 11.06 -109.07 -106.51
N ARG E 1016 3.36 -110.16 -106.29
CA ARG E 1016 2.22 -109.59 -105.56
C ARG E 1016 2.59 -108.76 -104.34
N ARG E 1017 2.87 -109.43 -103.24
CA ARG E 1017 3.39 -108.75 -102.04
C ARG E 1017 3.96 -109.76 -101.06
N ASN E 1018 5.28 -109.72 -100.88
CA ASN E 1018 5.90 -110.57 -99.88
C ASN E 1018 5.53 -110.12 -98.47
N PRO E 1019 5.09 -111.07 -97.66
CA PRO E 1019 4.91 -110.88 -96.22
C PRO E 1019 6.24 -110.61 -95.51
N ARG E 1020 7.28 -111.29 -95.96
CA ARG E 1020 8.55 -111.42 -95.23
C ARG E 1020 9.55 -110.28 -95.42
N LEU E 1021 9.18 -109.29 -96.23
CA LEU E 1021 10.04 -108.12 -96.46
C LEU E 1021 10.32 -107.35 -95.16
N VAL E 1022 9.31 -107.25 -94.31
CA VAL E 1022 9.43 -106.53 -93.05
C VAL E 1022 10.47 -107.15 -92.11
N PRO E 1023 11.24 -106.31 -91.42
CA PRO E 1023 12.31 -106.80 -90.57
C PRO E 1023 11.86 -108.03 -89.79
N TYR E 1024 12.80 -108.95 -89.56
CA TYR E 1024 12.48 -110.24 -88.96
C TYR E 1024 11.93 -110.10 -87.55
N ARG E 1025 12.33 -109.04 -86.86
CA ARG E 1025 11.84 -108.82 -85.50
C ARG E 1025 10.33 -108.55 -85.47
N LEU E 1026 9.80 -107.95 -86.52
CA LEU E 1026 8.38 -107.63 -86.56
C LEU E 1026 7.49 -108.75 -87.13
N LEU E 1027 8.10 -109.71 -87.81
CA LEU E 1027 7.31 -110.80 -88.38
C LEU E 1027 6.88 -111.78 -87.29
N ASP E 1028 5.76 -112.45 -87.52
CA ASP E 1028 5.15 -113.30 -86.51
C ASP E 1028 6.08 -114.42 -86.08
N GLU E 1029 6.03 -114.76 -84.79
CA GLU E 1029 6.95 -115.72 -84.21
C GLU E 1029 6.80 -117.10 -84.83
N ALA E 1030 5.59 -117.44 -85.25
CA ALA E 1030 5.39 -118.71 -85.94
C ALA E 1030 6.15 -118.72 -87.27
N THR E 1031 6.20 -117.56 -87.93
CA THR E 1031 7.07 -117.39 -89.09
C THR E 1031 8.54 -117.34 -88.69
N LYS E 1032 8.80 -116.91 -87.46
CA LYS E 1032 10.17 -116.92 -86.95
C LYS E 1032 10.65 -118.35 -86.77
N ARG E 1033 9.71 -119.26 -86.54
CA ARG E 1033 10.04 -120.59 -86.07
C ARG E 1033 10.89 -121.42 -87.04
N SER E 1034 10.77 -121.18 -88.34
CA SER E 1034 11.52 -121.97 -89.31
C SER E 1034 12.99 -121.57 -89.38
N ASN E 1035 13.23 -120.27 -89.57
CA ASN E 1035 14.59 -119.77 -89.59
C ASN E 1035 15.24 -119.95 -88.24
N ARG E 1036 14.43 -119.84 -87.19
CA ARG E 1036 14.90 -120.10 -85.84
C ARG E 1036 15.26 -121.57 -85.68
N ASP E 1037 14.52 -122.45 -86.34
CA ASP E 1037 14.84 -123.87 -86.27
C ASP E 1037 16.15 -124.16 -86.99
N SER E 1038 16.37 -123.47 -88.11
CA SER E 1038 17.59 -123.70 -88.89
C SER E 1038 18.82 -123.17 -88.16
N LEU E 1039 18.71 -121.94 -87.67
CA LEU E 1039 19.82 -121.29 -87.00
C LEU E 1039 20.12 -121.94 -85.66
N CYS E 1040 19.09 -122.23 -84.88
CA CYS E 1040 19.29 -122.91 -83.60
C CYS E 1040 19.77 -124.36 -83.78
N GLN E 1041 19.36 -125.01 -84.87
CA GLN E 1041 19.86 -126.36 -85.11
C GLN E 1041 21.34 -126.31 -85.49
N ALA E 1042 21.69 -125.34 -86.34
CA ALA E 1042 23.08 -125.21 -86.72
C ALA E 1042 23.95 -124.82 -85.53
N VAL E 1043 23.40 -124.01 -84.63
CA VAL E 1043 24.08 -123.68 -83.38
C VAL E 1043 24.20 -124.88 -82.46
N ARG E 1044 23.21 -125.77 -82.51
CA ARG E 1044 23.28 -127.02 -81.76
C ARG E 1044 24.40 -127.88 -82.31
N THR E 1045 24.61 -127.78 -83.62
CA THR E 1045 25.77 -128.41 -84.24
C THR E 1045 27.06 -127.72 -83.81
N LEU E 1046 26.97 -126.42 -83.54
CA LEU E 1046 28.16 -125.66 -83.16
C LEU E 1046 28.63 -125.98 -81.75
N LEU E 1047 27.69 -126.11 -80.81
CA LEU E 1047 28.04 -126.54 -79.47
C LEU E 1047 28.19 -128.05 -79.45
N GLY E 1048 27.74 -128.71 -80.52
CA GLY E 1048 28.03 -130.11 -80.72
C GLY E 1048 29.47 -130.21 -81.19
N TYR E 1049 29.96 -129.14 -81.80
CA TYR E 1049 31.38 -128.96 -82.06
C TYR E 1049 32.04 -128.36 -80.83
N GLY E 1050 31.21 -127.94 -79.88
CA GLY E 1050 31.66 -127.37 -78.63
C GLY E 1050 31.97 -125.89 -78.66
N TYR E 1051 31.81 -125.27 -79.83
CA TYR E 1051 32.18 -123.87 -79.99
C TYR E 1051 31.29 -122.91 -79.18
N ASN E 1052 31.92 -121.93 -78.55
CA ASN E 1052 31.21 -120.83 -77.89
C ASN E 1052 30.67 -119.82 -78.89
N ILE E 1053 29.59 -119.13 -78.52
CA ILE E 1053 29.05 -118.07 -79.38
C ILE E 1053 28.45 -116.92 -78.56
N GLU E 1054 29.30 -116.02 -78.10
CA GLU E 1054 28.86 -114.83 -77.39
C GLU E 1054 29.56 -113.58 -77.92
N PRO E 1055 28.92 -112.42 -77.77
CA PRO E 1055 29.43 -111.10 -78.21
C PRO E 1055 30.86 -110.82 -77.73
N ARG E 1071 7.03 -90.22 -75.79
CA ARG E 1071 7.65 -89.86 -74.53
C ARG E 1071 6.99 -90.60 -73.37
N VAL E 1072 6.63 -89.87 -72.32
CA VAL E 1072 5.94 -90.44 -71.16
C VAL E 1072 4.87 -89.49 -70.64
N ARG E 1073 3.58 -89.82 -70.83
CA ARG E 1073 2.52 -89.01 -70.23
C ARG E 1073 2.55 -89.05 -68.71
N ILE E 1074 2.21 -87.93 -68.07
CA ILE E 1074 2.03 -87.91 -66.63
C ILE E 1074 0.63 -87.45 -66.23
N PHE E 1075 -0.22 -88.44 -65.94
CA PHE E 1075 -1.55 -88.21 -65.42
C PHE E 1075 -1.55 -87.63 -64.02
N ARG E 1076 -2.44 -86.67 -63.78
CA ARG E 1076 -2.59 -86.10 -62.44
C ARG E 1076 -3.95 -85.44 -62.24
N ALA E 1077 -4.41 -85.44 -60.99
CA ALA E 1077 -5.69 -84.83 -60.61
C ALA E 1077 -5.63 -83.30 -60.68
N GLU E 1078 -6.79 -82.68 -60.87
CA GLU E 1078 -6.89 -81.23 -60.90
C GLU E 1078 -6.54 -80.58 -59.55
N LYS E 1079 -5.90 -79.42 -59.60
CA LYS E 1079 -5.38 -78.76 -58.40
C LYS E 1079 -6.48 -78.35 -57.42
N SER E 1080 -7.69 -78.15 -57.92
CA SER E 1080 -8.81 -77.86 -57.04
C SER E 1080 -9.09 -79.07 -56.15
N TYR E 1081 -8.71 -80.24 -56.62
CA TYR E 1081 -8.99 -81.49 -55.92
C TYR E 1081 -7.93 -81.89 -54.90
N THR E 1082 -6.90 -81.07 -54.70
CA THR E 1082 -5.81 -81.46 -53.81
C THR E 1082 -6.29 -81.75 -52.40
N VAL E 1083 -5.81 -82.86 -51.84
CA VAL E 1083 -5.98 -83.11 -50.43
C VAL E 1083 -5.00 -82.21 -49.69
N GLN E 1084 -5.34 -81.80 -48.49
CA GLN E 1084 -4.42 -80.96 -47.73
C GLN E 1084 -4.67 -81.14 -46.24
N SER E 1085 -5.66 -81.96 -45.91
CA SER E 1085 -5.94 -82.31 -44.53
C SER E 1085 -6.56 -83.69 -44.42
N GLY E 1086 -6.18 -84.42 -43.37
CA GLY E 1086 -6.77 -85.72 -43.08
C GLY E 1086 -6.14 -86.86 -43.85
N ARG E 1087 -6.51 -88.09 -43.47
CA ARG E 1087 -6.06 -89.27 -44.21
C ARG E 1087 -6.80 -89.37 -45.53
N TRP E 1088 -6.15 -89.93 -46.55
CA TRP E 1088 -6.71 -90.00 -47.90
C TRP E 1088 -6.15 -91.18 -48.67
N TYR E 1089 -6.81 -91.57 -49.75
CA TYR E 1089 -6.38 -92.76 -50.48
C TYR E 1089 -6.86 -92.86 -51.94
N PHE E 1090 -5.92 -93.00 -52.87
CA PHE E 1090 -6.34 -93.18 -54.26
C PHE E 1090 -5.78 -94.51 -54.78
N GLU E 1091 -6.06 -94.83 -56.04
CA GLU E 1091 -5.85 -96.19 -56.52
C GLU E 1091 -5.34 -96.33 -57.94
N PHE E 1092 -4.85 -97.52 -58.26
CA PHE E 1092 -4.37 -97.81 -59.59
C PHE E 1092 -4.51 -99.30 -59.94
N GLU E 1093 -5.57 -99.64 -60.66
CA GLU E 1093 -5.66 -100.97 -61.25
C GLU E 1093 -4.60 -101.10 -62.36
N ALA E 1094 -3.94 -102.24 -62.43
CA ALA E 1094 -2.84 -102.41 -63.39
C ALA E 1094 -3.28 -103.11 -64.67
N VAL E 1095 -3.68 -102.33 -65.67
CA VAL E 1095 -4.07 -102.89 -66.95
C VAL E 1095 -2.91 -103.58 -67.67
N THR E 1096 -1.69 -103.10 -67.44
CA THR E 1096 -0.53 -103.68 -68.10
C THR E 1096 0.74 -103.61 -67.26
N THR E 1097 1.53 -104.67 -67.30
CA THR E 1097 2.82 -104.71 -66.62
C THR E 1097 3.82 -103.77 -67.28
N GLY E 1098 4.67 -103.16 -66.46
CA GLY E 1098 5.70 -102.26 -66.96
C GLY E 1098 6.13 -101.24 -65.92
N GLU E 1099 6.92 -100.26 -66.36
CA GLU E 1099 7.41 -99.22 -65.46
C GLU E 1099 6.39 -98.11 -65.26
N MET E 1100 5.28 -98.44 -64.61
CA MET E 1100 4.32 -97.43 -64.18
C MET E 1100 4.87 -96.64 -63.01
N ARG E 1101 4.46 -95.38 -62.89
CA ARG E 1101 4.90 -94.56 -61.76
C ARG E 1101 3.72 -93.98 -61.01
N VAL E 1102 3.20 -94.74 -60.05
CA VAL E 1102 2.00 -94.35 -59.33
C VAL E 1102 2.30 -93.81 -57.93
N GLY E 1103 1.64 -92.72 -57.55
CA GLY E 1103 1.76 -92.18 -56.21
C GLY E 1103 1.35 -90.73 -56.10
N TRP E 1104 1.36 -90.21 -54.87
CA TRP E 1104 1.04 -88.82 -54.61
C TRP E 1104 2.12 -87.88 -55.16
N ALA E 1105 1.72 -86.71 -55.61
CA ALA E 1105 2.68 -85.70 -56.04
C ALA E 1105 2.10 -84.29 -55.98
N ARG E 1106 2.98 -83.33 -55.82
CA ARG E 1106 2.60 -81.93 -55.67
C ARG E 1106 2.07 -81.33 -56.98
N PRO E 1107 1.09 -80.42 -56.86
CA PRO E 1107 0.47 -79.73 -58.00
C PRO E 1107 1.49 -78.94 -58.82
N GLU E 1108 2.52 -78.44 -58.15
CA GLU E 1108 3.50 -77.56 -58.76
C GLU E 1108 4.29 -78.21 -59.90
N LEU E 1109 4.33 -79.54 -59.94
CA LEU E 1109 5.34 -80.25 -60.72
C LEU E 1109 5.35 -79.92 -62.21
N ARG E 1110 6.56 -79.81 -62.75
CA ARG E 1110 6.74 -79.68 -64.19
C ARG E 1110 6.46 -80.98 -64.90
N PRO E 1111 5.69 -80.91 -65.99
CA PRO E 1111 5.62 -82.04 -66.92
C PRO E 1111 6.98 -82.38 -67.48
N ASP E 1112 7.82 -81.35 -67.66
CA ASP E 1112 9.05 -81.47 -68.42
C ASP E 1112 10.19 -81.86 -67.49
N VAL E 1113 9.88 -82.81 -66.61
CA VAL E 1113 10.84 -83.37 -65.67
C VAL E 1113 10.50 -84.84 -65.51
N GLU E 1114 11.50 -85.68 -65.35
CA GLU E 1114 11.26 -87.11 -65.11
C GLU E 1114 10.50 -87.19 -63.81
N LEU E 1115 9.45 -88.01 -63.78
CA LEU E 1115 8.58 -88.03 -62.61
C LEU E 1115 9.36 -88.54 -61.41
N GLY E 1116 9.22 -87.87 -60.27
CA GLY E 1116 9.82 -88.31 -59.03
C GLY E 1116 11.28 -87.91 -58.90
N ALA E 1117 11.80 -87.27 -59.94
CA ALA E 1117 13.18 -86.78 -59.91
C ALA E 1117 13.33 -85.59 -58.98
N ASP E 1118 12.21 -84.92 -58.72
CA ASP E 1118 12.23 -83.66 -57.99
C ASP E 1118 11.54 -83.73 -56.63
N GLU E 1119 11.48 -82.59 -55.96
CA GLU E 1119 10.84 -82.46 -54.67
C GLU E 1119 9.33 -82.66 -54.79
N LEU E 1120 8.83 -82.53 -56.01
CA LEU E 1120 7.41 -82.39 -56.28
C LEU E 1120 6.63 -83.70 -56.39
N ALA E 1121 7.29 -84.85 -56.25
CA ALA E 1121 6.60 -86.13 -56.44
C ALA E 1121 6.97 -87.23 -55.45
N TYR E 1122 6.05 -88.16 -55.25
CA TYR E 1122 6.19 -89.30 -54.34
C TYR E 1122 5.56 -90.57 -54.93
N VAL E 1123 6.38 -91.45 -55.50
CA VAL E 1123 5.85 -92.63 -56.20
C VAL E 1123 6.79 -93.83 -56.06
N PHE E 1124 6.31 -95.03 -56.37
CA PHE E 1124 7.20 -96.16 -56.61
C PHE E 1124 6.95 -96.66 -58.03
N ASN E 1125 8.00 -97.08 -58.73
CA ASN E 1125 7.81 -97.65 -60.07
C ASN E 1125 7.05 -98.96 -60.01
N GLY E 1126 6.17 -99.19 -60.98
CA GLY E 1126 5.40 -100.43 -61.01
C GLY E 1126 6.28 -101.62 -61.32
N HIS E 1127 7.25 -101.42 -62.19
CA HIS E 1127 8.36 -102.34 -62.36
C HIS E 1127 9.36 -102.11 -61.23
N ARG E 1128 10.12 -103.15 -60.88
CA ARG E 1128 11.14 -103.07 -59.82
C ARG E 1128 10.55 -102.77 -58.45
N GLY E 1129 9.64 -101.81 -58.39
CA GLY E 1129 8.95 -101.47 -57.15
C GLY E 1129 9.69 -100.48 -56.27
N GLN E 1130 10.86 -100.03 -56.74
CA GLN E 1130 11.60 -98.99 -56.02
C GLN E 1130 10.83 -97.67 -56.01
N ARG E 1131 10.71 -97.10 -54.81
CA ARG E 1131 10.03 -95.85 -54.59
C ARG E 1131 10.88 -94.73 -55.15
N TRP E 1132 10.25 -93.72 -55.72
CA TRP E 1132 11.02 -92.61 -56.27
C TRP E 1132 10.65 -91.27 -55.66
N HIS E 1133 11.64 -90.62 -55.05
CA HIS E 1133 11.59 -89.21 -54.76
C HIS E 1133 13.00 -88.66 -54.81
N LEU E 1134 13.21 -87.53 -55.46
CA LEU E 1134 14.54 -86.92 -55.44
C LEU E 1134 15.58 -87.94 -55.90
N GLY E 1135 15.25 -88.69 -56.94
CA GLY E 1135 16.03 -89.83 -57.36
C GLY E 1135 15.62 -91.15 -56.73
N SER E 1136 16.01 -92.23 -57.37
CA SER E 1136 15.58 -93.57 -56.98
C SER E 1136 16.10 -94.07 -55.63
N GLU E 1137 15.23 -94.77 -54.91
CA GLU E 1137 15.65 -95.68 -53.86
C GLU E 1137 14.84 -96.97 -53.96
N PRO E 1138 15.44 -98.12 -53.57
CA PRO E 1138 14.74 -99.40 -53.51
C PRO E 1138 13.59 -99.40 -52.50
N PHE E 1139 12.51 -100.12 -52.80
CA PHE E 1139 11.39 -100.21 -51.87
C PHE E 1139 10.73 -101.60 -51.94
N GLY E 1140 9.63 -101.72 -52.68
CA GLY E 1140 8.90 -102.97 -52.73
C GLY E 1140 9.23 -103.87 -53.91
N ARG E 1141 8.75 -105.11 -53.83
CA ARG E 1141 8.80 -106.04 -54.96
C ARG E 1141 7.74 -105.66 -55.99
N PRO E 1142 8.11 -105.67 -57.28
CA PRO E 1142 7.13 -105.28 -58.31
C PRO E 1142 5.93 -106.22 -58.34
N TRP E 1143 4.76 -105.67 -58.63
CA TRP E 1143 3.55 -106.45 -58.81
C TRP E 1143 3.53 -107.33 -60.05
N GLN E 1144 2.88 -108.49 -59.90
CA GLN E 1144 2.51 -109.35 -61.01
C GLN E 1144 1.42 -108.64 -61.81
N SER E 1145 1.31 -108.97 -63.09
CA SER E 1145 0.36 -108.25 -63.93
C SER E 1145 -1.05 -108.38 -63.38
N GLY E 1146 -1.79 -107.27 -63.45
CA GLY E 1146 -3.17 -107.24 -63.04
C GLY E 1146 -3.39 -107.00 -61.55
N ASP E 1147 -2.30 -106.86 -60.79
CA ASP E 1147 -2.41 -106.55 -59.38
C ASP E 1147 -2.94 -105.13 -59.17
N VAL E 1148 -3.76 -104.96 -58.14
CA VAL E 1148 -4.38 -103.68 -57.87
C VAL E 1148 -3.52 -102.82 -56.93
N VAL E 1149 -2.72 -101.94 -57.52
CA VAL E 1149 -1.89 -101.02 -56.76
C VAL E 1149 -2.75 -100.01 -55.99
N GLY E 1150 -2.33 -99.65 -54.78
CA GLY E 1150 -3.04 -98.65 -54.00
C GLY E 1150 -2.10 -97.62 -53.40
N CYS E 1151 -2.61 -96.42 -53.17
CA CYS E 1151 -1.78 -95.34 -52.64
C CYS E 1151 -2.45 -94.51 -51.55
N MET E 1152 -2.19 -94.93 -50.31
CA MET E 1152 -2.57 -94.20 -49.11
C MET E 1152 -1.70 -92.99 -48.86
N ILE E 1153 -2.27 -92.01 -48.16
CA ILE E 1153 -1.47 -91.00 -47.48
C ILE E 1153 -2.11 -90.65 -46.14
N ASP E 1154 -1.27 -90.51 -45.13
CA ASP E 1154 -1.70 -90.03 -43.83
C ASP E 1154 -1.21 -88.61 -43.64
N LEU E 1155 -2.15 -87.66 -43.57
CA LEU E 1155 -1.82 -86.31 -43.17
C LEU E 1155 -1.92 -86.27 -41.65
N THR E 1156 -1.43 -85.16 -41.07
CA THR E 1156 -1.15 -85.03 -39.64
C THR E 1156 0.06 -85.89 -39.29
N GLU E 1157 -0.12 -87.21 -39.26
CA GLU E 1157 1.03 -88.11 -39.24
C GLU E 1157 1.47 -88.35 -40.67
N ASN E 1158 2.45 -87.58 -41.11
CA ASN E 1158 2.74 -87.43 -42.54
C ASN E 1158 3.53 -88.57 -43.15
N THR E 1159 2.82 -89.57 -43.67
CA THR E 1159 3.43 -90.73 -44.30
C THR E 1159 2.58 -91.21 -45.48
N ILE E 1160 3.21 -91.90 -46.42
CA ILE E 1160 2.52 -92.37 -47.62
C ILE E 1160 2.64 -93.87 -47.80
N ILE E 1161 1.63 -94.59 -47.33
CA ILE E 1161 1.54 -96.03 -47.50
C ILE E 1161 1.31 -96.41 -48.97
N PHE E 1162 1.89 -97.52 -49.41
CA PHE E 1162 1.61 -98.06 -50.74
C PHE E 1162 1.17 -99.52 -50.70
N THR E 1163 -0.13 -99.74 -50.56
CA THR E 1163 -0.68 -101.09 -50.55
C THR E 1163 -0.57 -101.78 -51.91
N LEU E 1164 -0.37 -103.10 -51.88
CA LEU E 1164 -0.45 -103.93 -53.07
C LEU E 1164 -1.41 -105.07 -52.81
N ASN E 1165 -2.64 -104.94 -53.31
CA ASN E 1165 -3.71 -105.89 -53.01
C ASN E 1165 -3.88 -106.07 -51.50
N GLY E 1166 -3.80 -104.96 -50.77
CA GLY E 1166 -3.96 -104.96 -49.33
C GLY E 1166 -2.67 -105.24 -48.57
N GLU E 1167 -1.58 -105.46 -49.31
CA GLU E 1167 -0.27 -105.62 -48.67
C GLU E 1167 0.47 -104.29 -48.55
N VAL E 1168 0.45 -103.71 -47.35
CA VAL E 1168 1.32 -102.59 -47.08
C VAL E 1168 2.75 -103.09 -47.18
N LEU E 1169 3.63 -102.29 -47.78
CA LEU E 1169 5.03 -102.66 -47.91
C LEU E 1169 5.85 -101.92 -46.87
N ALA E 1178 6.26 -95.93 -46.40
CA ALA E 1178 7.24 -95.52 -47.39
C ALA E 1178 7.78 -94.13 -47.09
N PHE E 1179 7.32 -93.16 -47.86
CA PHE E 1179 7.71 -91.77 -47.65
C PHE E 1179 7.17 -91.35 -46.30
N ARG E 1180 7.93 -90.54 -45.57
CA ARG E 1180 7.60 -90.25 -44.19
C ARG E 1180 7.94 -88.81 -43.81
N GLU E 1181 7.20 -88.29 -42.83
CA GLU E 1181 7.46 -86.97 -42.26
C GLU E 1181 7.44 -85.85 -43.30
N ILE E 1182 6.71 -86.08 -44.39
CA ILE E 1182 6.58 -85.09 -45.46
C ILE E 1182 5.80 -83.83 -45.05
N GLU E 1183 6.28 -82.67 -45.46
CA GLU E 1183 5.52 -81.43 -45.26
C GLU E 1183 4.35 -81.31 -46.23
N ILE E 1184 3.26 -80.68 -45.77
CA ILE E 1184 2.14 -80.39 -46.65
C ILE E 1184 2.32 -78.98 -47.22
N GLY E 1185 3.17 -78.84 -48.22
CA GLY E 1185 3.49 -77.52 -48.73
C GLY E 1185 2.34 -76.84 -49.47
N ASP E 1186 1.57 -77.61 -50.20
CA ASP E 1186 0.42 -77.10 -50.95
C ASP E 1186 -0.74 -78.08 -50.88
N GLY E 1187 -0.46 -79.26 -50.33
CA GLY E 1187 -1.38 -80.37 -50.44
C GLY E 1187 -1.03 -81.18 -51.68
N PHE E 1188 -1.57 -82.37 -51.80
CA PHE E 1188 -1.08 -83.34 -52.79
C PHE E 1188 -2.17 -83.88 -53.72
N LEU E 1189 -1.73 -84.46 -54.83
CA LEU E 1189 -2.61 -85.02 -55.84
C LEU E 1189 -2.25 -86.44 -56.19
N PRO E 1190 -3.24 -87.25 -56.58
CA PRO E 1190 -2.85 -88.51 -57.20
C PRO E 1190 -2.09 -88.25 -58.48
N VAL E 1191 -1.12 -89.08 -58.81
CA VAL E 1191 -0.36 -88.94 -60.04
C VAL E 1191 0.09 -90.32 -60.50
N CYS E 1192 0.08 -90.53 -61.81
CA CYS E 1192 0.58 -91.77 -62.39
C CYS E 1192 1.31 -91.44 -63.67
N SER E 1193 2.33 -92.21 -64.02
CA SER E 1193 2.84 -92.03 -65.37
C SER E 1193 3.05 -93.37 -66.06
N LEU E 1194 2.44 -93.45 -67.24
CA LEU E 1194 2.52 -94.59 -68.14
C LEU E 1194 3.90 -94.77 -68.76
N GLY E 1195 4.31 -96.02 -68.95
CA GLY E 1195 5.41 -96.30 -69.83
C GLY E 1195 4.85 -96.15 -71.24
N PRO E 1196 5.72 -96.04 -72.25
CA PRO E 1196 5.21 -95.78 -73.59
C PRO E 1196 4.23 -96.83 -74.10
N GLY E 1197 4.44 -98.10 -73.75
CA GLY E 1197 3.52 -99.14 -74.15
C GLY E 1197 2.53 -99.54 -73.07
N GLN E 1198 2.80 -99.09 -71.86
CA GLN E 1198 2.00 -99.46 -70.70
C GLN E 1198 0.67 -98.74 -70.61
N VAL E 1199 -0.29 -99.43 -69.99
CA VAL E 1199 -1.65 -98.93 -69.82
C VAL E 1199 -2.05 -99.18 -68.37
N GLY E 1200 -2.75 -98.24 -67.76
CA GLY E 1200 -3.08 -98.38 -66.35
C GLY E 1200 -4.34 -97.68 -65.88
N HIS E 1201 -5.35 -98.47 -65.52
CA HIS E 1201 -6.62 -97.95 -65.02
C HIS E 1201 -6.42 -97.23 -63.69
N LEU E 1202 -7.15 -96.14 -63.49
CA LEU E 1202 -7.12 -95.41 -62.24
C LEU E 1202 -8.53 -95.31 -61.66
N ASN E 1203 -8.61 -95.27 -60.33
CA ASN E 1203 -9.89 -95.17 -59.67
C ASN E 1203 -9.87 -94.15 -58.54
N LEU E 1204 -11.03 -93.55 -58.30
CA LEU E 1204 -11.20 -92.56 -57.25
C LEU E 1204 -12.59 -92.67 -56.66
N GLY E 1205 -12.72 -93.42 -55.58
CA GLY E 1205 -14.01 -93.61 -54.91
C GLY E 1205 -15.00 -94.52 -55.60
N GLN E 1206 -16.29 -94.30 -55.31
CA GLN E 1206 -17.37 -95.21 -55.67
C GLN E 1206 -17.14 -96.56 -55.02
N ASP E 1207 -17.88 -96.82 -53.94
CA ASP E 1207 -17.60 -97.94 -53.06
C ASP E 1207 -17.75 -99.31 -53.73
N VAL E 1208 -18.61 -99.40 -54.74
CA VAL E 1208 -18.72 -100.64 -55.51
C VAL E 1208 -17.42 -100.88 -56.26
N SER E 1209 -16.77 -99.78 -56.66
CA SER E 1209 -15.48 -99.86 -57.30
C SER E 1209 -14.37 -100.02 -56.28
N SER E 1210 -14.69 -99.88 -55.00
CA SER E 1210 -13.69 -100.02 -53.95
C SER E 1210 -13.43 -101.49 -53.69
N LEU E 1211 -12.62 -102.11 -54.54
CA LEU E 1211 -12.46 -103.55 -54.55
C LEU E 1211 -11.38 -103.98 -53.54
N ARG E 1212 -10.41 -104.78 -53.95
CA ARG E 1212 -9.45 -105.36 -53.02
C ARG E 1212 -8.62 -104.30 -52.31
N PHE E 1213 -8.40 -103.20 -53.00
CA PHE E 1213 -7.51 -102.16 -52.52
C PHE E 1213 -7.92 -101.40 -51.25
N PHE E 1214 -9.22 -101.26 -51.00
CA PHE E 1214 -9.66 -100.36 -49.94
C PHE E 1214 -10.35 -101.05 -48.77
N ALA E 1215 -11.41 -101.80 -49.06
CA ALA E 1215 -12.19 -102.40 -47.98
C ALA E 1215 -11.34 -103.38 -47.17
N ILE E 1216 -10.38 -104.03 -47.83
CA ILE E 1216 -9.44 -104.91 -47.15
C ILE E 1216 -8.51 -104.15 -46.20
N CYS E 1217 -8.24 -102.88 -46.52
CA CYS E 1217 -7.23 -102.14 -45.77
C CYS E 1217 -7.53 -100.65 -45.53
N GLY E 1218 -8.19 -100.00 -46.47
CA GLY E 1218 -8.41 -98.57 -46.36
C GLY E 1218 -9.45 -98.15 -45.34
N LEU E 1219 -10.44 -99.01 -45.09
CA LEU E 1219 -11.38 -98.79 -44.00
C LEU E 1219 -10.70 -98.90 -42.65
N GLN E 1220 -9.64 -99.71 -42.61
CA GLN E 1220 -9.02 -100.11 -41.36
C GLN E 1220 -8.44 -98.95 -40.56
N GLU E 1221 -7.90 -97.96 -41.27
CA GLU E 1221 -7.24 -96.83 -40.62
C GLU E 1221 -7.99 -95.53 -40.83
N GLY E 1222 -9.08 -95.58 -41.57
CA GLY E 1222 -9.79 -94.37 -41.92
C GLY E 1222 -9.17 -93.71 -43.14
N PHE E 1223 -9.81 -93.88 -44.29
CA PHE E 1223 -9.38 -93.22 -45.52
C PHE E 1223 -10.59 -92.84 -46.36
N GLU E 1224 -10.47 -91.73 -47.09
CA GLU E 1224 -11.52 -91.30 -47.99
C GLU E 1224 -11.08 -91.29 -49.45
N PRO E 1225 -11.56 -92.26 -50.22
CA PRO E 1225 -11.48 -92.17 -51.67
C PRO E 1225 -12.30 -90.97 -52.13
N PHE E 1226 -11.87 -90.29 -53.19
CA PHE E 1226 -12.39 -88.95 -53.49
C PHE E 1226 -13.87 -88.86 -53.85
N ALA E 1227 -14.45 -89.93 -54.37
CA ALA E 1227 -15.84 -89.87 -54.86
C ALA E 1227 -16.86 -89.64 -53.75
N ILE E 1228 -16.50 -89.98 -52.51
CA ILE E 1228 -17.39 -89.69 -51.40
C ILE E 1228 -17.60 -88.18 -51.29
N ASN E 1229 -16.56 -87.44 -51.63
CA ASN E 1229 -16.63 -85.98 -51.67
C ASN E 1229 -17.55 -85.47 -52.78
N MET E 1230 -17.64 -86.20 -53.89
CA MET E 1230 -18.07 -85.58 -55.13
C MET E 1230 -18.96 -86.46 -56.02
N GLN E 1231 -19.90 -85.84 -56.69
CA GLN E 1231 -20.74 -86.53 -57.67
C GLN E 1231 -20.07 -86.64 -59.03
N ARG E 1232 -19.44 -85.55 -59.45
CA ARG E 1232 -18.82 -85.49 -60.76
C ARG E 1232 -17.61 -86.41 -60.79
N PRO E 1233 -17.38 -87.08 -61.92
CA PRO E 1233 -16.13 -87.84 -61.99
C PRO E 1233 -14.96 -86.87 -61.85
N VAL E 1234 -13.91 -87.29 -61.17
CA VAL E 1234 -12.80 -86.38 -60.95
C VAL E 1234 -12.15 -86.04 -62.29
N THR E 1235 -11.88 -84.77 -62.53
CA THR E 1235 -11.09 -84.40 -63.69
C THR E 1235 -9.65 -84.74 -63.40
N THR E 1236 -8.92 -85.16 -64.43
CA THR E 1236 -7.50 -85.39 -64.28
C THR E 1236 -6.76 -84.61 -65.36
N TRP E 1237 -5.45 -84.74 -65.40
CA TRP E 1237 -4.64 -83.95 -66.33
C TRP E 1237 -3.64 -84.84 -67.01
N PHE E 1238 -3.13 -84.41 -68.16
CA PHE E 1238 -1.97 -85.10 -68.71
C PHE E 1238 -1.13 -84.16 -69.53
N SER E 1239 0.19 -84.32 -69.43
CA SER E 1239 1.10 -83.58 -70.27
C SER E 1239 0.93 -83.99 -71.73
N LYS E 1240 0.89 -83.02 -72.63
CA LYS E 1240 1.03 -83.34 -74.05
C LYS E 1240 2.48 -83.28 -74.50
N SER E 1241 2.84 -84.18 -75.41
CA SER E 1241 4.16 -84.21 -76.01
C SER E 1241 4.35 -83.02 -76.93
N LEU E 1242 3.24 -82.40 -77.33
CA LEU E 1242 3.29 -81.26 -78.24
C LEU E 1242 3.98 -80.08 -77.60
N PRO E 1243 4.99 -79.53 -78.28
CA PRO E 1243 5.54 -78.24 -77.86
C PRO E 1243 4.50 -77.15 -77.97
N GLN E 1244 4.54 -76.20 -77.03
CA GLN E 1244 3.71 -75.01 -77.05
C GLN E 1244 4.54 -73.94 -76.38
N PHE E 1245 4.33 -72.68 -76.72
CA PHE E 1245 5.20 -71.64 -76.17
C PHE E 1245 5.00 -71.51 -74.66
N GLU E 1246 6.10 -71.42 -73.94
CA GLU E 1246 6.08 -71.07 -72.53
C GLU E 1246 7.00 -69.87 -72.30
N PRO E 1247 6.43 -68.69 -71.98
CA PRO E 1247 7.28 -67.51 -71.87
C PRO E 1247 8.31 -67.71 -70.77
N VAL E 1248 9.53 -67.21 -70.97
CA VAL E 1248 10.62 -67.66 -70.13
C VAL E 1248 10.43 -67.20 -68.69
N PRO E 1249 10.42 -68.16 -67.76
CA PRO E 1249 10.47 -67.94 -66.31
C PRO E 1249 11.77 -67.29 -65.90
N PRO E 1250 11.75 -66.42 -64.87
CA PRO E 1250 13.01 -65.83 -64.42
C PRO E 1250 14.03 -66.89 -64.00
N GLU E 1251 13.54 -67.98 -63.41
CA GLU E 1251 14.35 -69.18 -63.22
C GLU E 1251 14.42 -69.98 -64.52
N HIS E 1252 15.53 -70.67 -64.74
CA HIS E 1252 15.61 -71.65 -65.81
C HIS E 1252 16.93 -72.38 -65.57
N PRO E 1253 17.17 -73.52 -66.24
CA PRO E 1253 18.55 -74.01 -66.19
C PRO E 1253 19.48 -72.92 -66.70
N HIS E 1254 18.97 -72.14 -67.66
CA HIS E 1254 19.12 -70.69 -67.70
C HIS E 1254 19.39 -70.20 -69.10
N TYR E 1255 18.38 -69.56 -69.68
CA TYR E 1255 18.51 -68.85 -70.94
C TYR E 1255 18.05 -67.42 -70.67
N GLU E 1256 19.00 -66.52 -70.46
CA GLU E 1256 18.69 -65.24 -69.83
C GLU E 1256 18.07 -64.22 -70.78
N VAL E 1257 16.75 -64.17 -70.78
CA VAL E 1257 16.04 -63.13 -71.52
C VAL E 1257 16.39 -61.75 -70.95
N ALA E 1258 16.54 -60.77 -71.82
CA ALA E 1258 16.94 -59.44 -71.38
C ALA E 1258 16.38 -58.35 -72.27
N ARG E 1259 15.32 -57.71 -71.81
CA ARG E 1259 14.73 -56.57 -72.51
C ARG E 1259 15.78 -55.46 -72.53
N MET E 1260 15.90 -54.77 -73.66
CA MET E 1260 16.99 -53.82 -73.84
C MET E 1260 16.67 -52.76 -74.88
N ASP E 1261 17.30 -51.59 -74.75
CA ASP E 1261 17.13 -50.52 -75.72
C ASP E 1261 18.43 -49.71 -75.83
N LEU E 1272 19.30 -48.34 -80.75
CA LEU E 1272 18.03 -48.93 -81.17
C LEU E 1272 17.60 -50.02 -80.21
N ALA E 1273 16.28 -50.18 -80.05
CA ALA E 1273 15.76 -51.25 -79.21
C ALA E 1273 16.09 -52.60 -79.81
N HIS E 1274 16.54 -53.51 -78.96
CA HIS E 1274 16.91 -54.85 -79.38
C HIS E 1274 17.04 -55.68 -78.12
N ARG E 1275 17.04 -57.01 -78.24
CA ARG E 1275 17.24 -57.81 -77.04
C ARG E 1275 18.42 -58.78 -77.19
N THR E 1276 19.22 -58.83 -76.12
CA THR E 1276 20.43 -59.65 -76.08
C THR E 1276 20.27 -60.82 -75.13
N TRP E 1277 20.76 -62.01 -75.53
CA TRP E 1277 20.85 -63.11 -74.59
C TRP E 1277 22.22 -63.76 -74.61
N GLY E 1278 22.67 -64.14 -73.41
CA GLY E 1278 23.74 -65.10 -73.23
C GLY E 1278 23.14 -66.38 -72.69
N SER E 1279 23.98 -67.20 -72.06
CA SER E 1279 23.51 -68.39 -71.36
C SER E 1279 24.46 -68.74 -70.23
N GLN E 1280 24.10 -68.34 -69.01
CA GLN E 1280 24.98 -68.44 -67.86
C GLN E 1280 25.33 -69.88 -67.47
N ASN E 1281 24.44 -70.82 -67.74
CA ASN E 1281 24.70 -72.20 -67.37
C ASN E 1281 24.47 -73.14 -68.55
N SER E 1282 25.30 -74.16 -68.65
CA SER E 1282 25.38 -74.98 -69.85
C SER E 1282 24.39 -76.14 -69.91
N LEU E 1283 23.09 -75.88 -70.10
CA LEU E 1283 22.20 -76.94 -70.53
C LEU E 1283 22.62 -77.27 -71.96
N VAL E 1284 22.64 -78.56 -72.29
CA VAL E 1284 23.30 -79.01 -73.51
C VAL E 1284 22.70 -78.59 -74.85
N GLU E 1285 21.39 -78.38 -74.95
CA GLU E 1285 20.80 -78.45 -76.28
C GLU E 1285 19.44 -77.75 -76.49
N MET E 1286 19.25 -77.27 -77.72
CA MET E 1286 17.96 -76.80 -78.25
C MET E 1286 17.32 -75.59 -77.59
N LEU E 1287 17.14 -74.54 -78.40
CA LEU E 1287 16.29 -73.40 -78.06
C LEU E 1287 15.35 -73.15 -79.23
N PHE E 1288 14.04 -73.20 -79.00
CA PHE E 1288 13.08 -72.96 -80.06
C PHE E 1288 12.32 -71.66 -79.82
N LEU E 1289 12.98 -70.56 -80.16
CA LEU E 1289 12.59 -69.25 -79.67
C LEU E 1289 11.57 -68.53 -80.55
N ARG E 1290 10.29 -68.89 -80.44
CA ARG E 1290 9.23 -68.07 -81.01
C ARG E 1290 9.03 -66.76 -80.25
N LEU E 1291 8.83 -65.67 -80.98
CA LEU E 1291 8.32 -64.46 -80.36
C LEU E 1291 6.82 -64.64 -80.17
N SER E 1292 6.23 -63.95 -79.20
CA SER E 1292 4.82 -64.17 -78.85
C SER E 1292 3.81 -63.50 -79.79
N LEU E 1293 4.32 -62.68 -80.70
CA LEU E 1293 3.47 -61.73 -81.44
C LEU E 1293 3.63 -61.77 -82.96
N PRO E 1294 2.96 -62.74 -83.61
CA PRO E 1294 2.99 -63.05 -85.05
C PRO E 1294 2.48 -61.94 -85.97
N VAL E 1295 3.09 -61.81 -87.14
CA VAL E 1295 2.67 -60.86 -88.16
C VAL E 1295 1.34 -61.22 -88.81
N GLN E 1296 0.63 -60.22 -89.30
CA GLN E 1296 -0.58 -60.44 -90.08
C GLN E 1296 -0.51 -59.80 -91.46
N PHE E 1297 -1.13 -60.41 -92.45
CA PHE E 1297 -1.14 -59.88 -93.81
C PHE E 1297 -2.51 -59.32 -94.19
N THR E 1432 8.13 -55.86 -96.19
CA THR E 1432 7.69 -54.54 -95.76
C THR E 1432 8.07 -54.35 -94.29
N TYR E 1433 8.48 -55.44 -93.64
CA TYR E 1433 8.92 -55.38 -92.25
C TYR E 1433 10.11 -56.31 -91.99
N TYR E 1434 11.27 -55.72 -91.72
CA TYR E 1434 12.49 -56.47 -91.45
C TYR E 1434 12.48 -57.08 -90.05
N TYR E 1435 13.19 -58.19 -89.89
CA TYR E 1435 13.39 -58.79 -88.58
C TYR E 1435 14.85 -59.19 -88.38
N SER E 1436 15.67 -58.21 -88.02
CA SER E 1436 17.09 -58.42 -87.84
C SER E 1436 17.39 -59.35 -86.66
N VAL E 1437 18.41 -60.19 -86.82
CA VAL E 1437 18.82 -61.12 -85.76
C VAL E 1437 20.33 -61.15 -85.64
N ARG E 1438 20.88 -60.36 -84.72
CA ARG E 1438 22.32 -60.36 -84.49
C ARG E 1438 22.74 -61.60 -83.70
N VAL E 1439 23.97 -62.06 -83.91
CA VAL E 1439 24.53 -63.16 -83.12
C VAL E 1439 25.96 -62.83 -82.71
N PHE E 1440 26.19 -62.73 -81.39
CA PHE E 1440 27.50 -62.33 -80.89
C PHE E 1440 28.59 -63.32 -81.26
N ALA E 1441 28.20 -64.59 -81.37
CA ALA E 1441 29.11 -65.67 -81.71
C ALA E 1441 28.36 -67.00 -81.67
N CYS E 1447 24.48 -75.12 -84.31
CA CYS E 1447 24.17 -73.93 -85.07
C CYS E 1447 22.94 -73.20 -84.54
N VAL E 1448 22.42 -72.26 -85.30
CA VAL E 1448 21.25 -71.50 -84.88
C VAL E 1448 20.41 -71.05 -86.06
N TRP E 1449 19.42 -71.86 -86.44
CA TRP E 1449 18.52 -71.53 -87.54
C TRP E 1449 17.67 -70.31 -87.21
N VAL E 1450 17.42 -69.48 -88.21
CA VAL E 1450 16.67 -68.24 -88.01
C VAL E 1450 15.55 -68.11 -89.04
N GLY E 1451 14.35 -67.72 -88.59
CA GLY E 1451 13.28 -67.47 -89.54
C GLY E 1451 11.86 -67.37 -89.00
N TRP E 1452 10.93 -67.11 -89.91
CA TRP E 1452 9.51 -67.05 -89.59
C TRP E 1452 8.92 -68.44 -89.38
N VAL E 1453 7.85 -68.51 -88.59
CA VAL E 1453 7.22 -69.80 -88.28
C VAL E 1453 5.70 -69.69 -88.29
N THR E 1454 5.06 -70.75 -88.78
CA THR E 1454 3.60 -70.86 -88.86
C THR E 1454 3.09 -70.92 -87.42
N PRO E 1455 1.90 -70.38 -87.12
CA PRO E 1455 1.51 -70.28 -85.72
C PRO E 1455 1.48 -71.60 -84.95
N ASP E 1456 1.10 -72.69 -85.60
CA ASP E 1456 1.39 -74.00 -85.03
C ASP E 1456 2.87 -74.34 -85.16
N TYR E 1457 3.41 -75.01 -84.15
CA TYR E 1457 4.70 -75.65 -84.30
C TYR E 1457 4.81 -76.68 -83.19
N HIS E 1458 5.38 -77.83 -83.50
CA HIS E 1458 5.40 -78.93 -82.55
C HIS E 1458 6.56 -79.88 -82.83
N GLN E 1459 7.51 -79.42 -83.63
CA GLN E 1459 8.59 -80.28 -84.10
C GLN E 1459 9.83 -80.19 -83.22
N HIS E 1460 9.70 -80.53 -81.94
CA HIS E 1460 10.86 -80.58 -81.09
C HIS E 1460 11.80 -81.66 -81.62
N ASP E 1461 13.09 -81.32 -81.73
CA ASP E 1461 14.12 -82.17 -82.34
C ASP E 1461 15.34 -81.34 -82.75
N MET E 1462 16.53 -81.94 -82.65
CA MET E 1462 17.73 -81.38 -83.23
C MET E 1462 17.64 -81.34 -84.74
N ASN E 1463 17.02 -82.39 -85.30
CA ASN E 1463 17.22 -82.84 -86.67
C ASN E 1463 16.70 -81.89 -87.74
N PHE E 1464 17.24 -80.67 -87.76
CA PHE E 1464 16.88 -79.69 -88.76
C PHE E 1464 17.56 -79.96 -90.11
N ASP E 1465 16.91 -79.57 -91.21
CA ASP E 1465 15.63 -78.89 -91.17
C ASP E 1465 14.66 -79.42 -92.21
N LEU E 1466 13.37 -79.17 -91.96
CA LEU E 1466 12.33 -79.71 -92.83
C LEU E 1466 11.01 -78.95 -92.69
N SER E 1467 10.19 -79.04 -93.74
CA SER E 1467 8.87 -78.40 -93.85
C SER E 1467 8.70 -77.13 -93.00
N VAL E 1472 5.49 -78.81 -97.63
CA VAL E 1472 4.12 -79.17 -97.90
C VAL E 1472 3.57 -78.25 -98.98
N THR E 1473 2.91 -78.83 -99.97
CA THR E 1473 2.51 -78.07 -101.16
C THR E 1473 1.22 -78.60 -101.77
N VAL E 1474 0.53 -77.75 -102.52
CA VAL E 1474 -0.77 -78.11 -103.06
C VAL E 1474 -0.94 -77.69 -104.52
N THR E 1475 -0.81 -78.66 -105.43
CA THR E 1475 -1.21 -78.48 -106.82
C THR E 1475 -2.73 -78.43 -106.91
N MET E 1476 -3.24 -77.70 -107.89
CA MET E 1476 -4.67 -77.68 -108.14
C MET E 1476 -4.95 -77.84 -109.63
N GLY E 1477 -4.75 -79.07 -110.12
CA GLY E 1477 -4.96 -79.37 -111.53
C GLY E 1477 -6.42 -79.16 -111.89
N ASP E 1478 -6.65 -78.62 -113.09
CA ASP E 1478 -8.01 -78.39 -113.56
C ASP E 1478 -8.30 -79.27 -114.78
N GLU E 1479 -9.17 -80.24 -114.52
CA GLU E 1479 -9.77 -81.15 -115.51
C GLU E 1479 -8.88 -81.51 -116.67
N GLN E 1480 -8.10 -80.54 -117.13
CA GLN E 1480 -7.20 -80.80 -118.22
C GLN E 1480 -6.22 -81.85 -117.72
N GLY E 1481 -5.82 -81.70 -116.46
CA GLY E 1481 -4.68 -82.38 -115.92
C GLY E 1481 -3.42 -81.62 -116.30
N ASN E 1482 -3.59 -80.53 -117.04
CA ASN E 1482 -2.53 -79.61 -117.37
C ASN E 1482 -2.06 -79.00 -116.08
N VAL E 1483 -3.00 -78.72 -115.18
CA VAL E 1483 -2.61 -78.13 -113.90
C VAL E 1483 -2.65 -76.60 -113.91
N HIS E 1484 -3.13 -76.04 -112.81
CA HIS E 1484 -3.14 -74.60 -112.60
C HIS E 1484 -1.83 -74.16 -111.98
N SER E 1485 -0.93 -75.13 -111.81
CA SER E 1485 0.29 -75.02 -111.00
C SER E 1485 -0.07 -74.91 -109.52
N SER E 1486 0.91 -75.14 -108.65
CA SER E 1486 0.64 -75.20 -107.22
C SER E 1486 0.14 -73.86 -106.71
N LEU E 1487 -0.90 -73.90 -105.90
CA LEU E 1487 -1.53 -72.67 -105.39
C LEU E 1487 -0.70 -72.02 -104.30
N LYS E 1488 -0.10 -72.85 -103.44
CA LYS E 1488 0.66 -72.38 -102.28
C LYS E 1488 1.75 -73.37 -101.92
N CYS E 1489 2.80 -72.88 -101.28
CA CYS E 1489 3.93 -73.71 -100.88
C CYS E 1489 4.43 -73.29 -99.49
N SER E 1490 5.47 -73.97 -99.01
CA SER E 1490 6.17 -73.57 -97.79
C SER E 1490 5.27 -73.46 -96.56
N ASN E 1491 4.38 -74.43 -96.39
CA ASN E 1491 3.49 -74.45 -95.24
C ASN E 1491 4.20 -75.03 -94.02
N UNK E 1492 8.99 -73.78 -90.77
CA UNK E 1492 8.95 -72.44 -91.32
C UNK E 1492 10.29 -72.04 -91.91
N UNK E 1493 10.47 -70.74 -92.14
CA UNK E 1493 11.70 -70.23 -92.72
C UNK E 1493 12.91 -70.49 -91.84
N UNK E 1494 14.04 -70.82 -92.46
CA UNK E 1494 15.24 -71.11 -91.70
C UNK E 1494 16.51 -70.92 -92.54
N UNK E 1495 17.62 -70.69 -91.86
CA UNK E 1495 18.94 -70.71 -92.47
C UNK E 1495 19.98 -71.03 -91.41
N UNK E 1496 20.95 -71.88 -91.75
CA UNK E 1496 21.95 -72.27 -90.77
C UNK E 1496 22.81 -71.08 -90.36
N SER E 1497 35.22 -65.40 -85.03
CA SER E 1497 34.16 -65.02 -84.12
C SER E 1497 33.43 -63.78 -84.60
N HIS E 1498 33.41 -63.57 -85.91
CA HIS E 1498 32.73 -62.42 -86.49
C HIS E 1498 31.22 -62.48 -86.25
N THR E 1499 30.64 -61.34 -85.93
CA THR E 1499 29.21 -61.23 -85.68
C THR E 1499 28.38 -61.41 -86.96
N ASP E 1500 27.26 -62.12 -86.84
CA ASP E 1500 26.29 -62.19 -87.94
C ASP E 1500 25.13 -61.23 -87.66
N LEU E 1501 24.47 -60.78 -88.72
CA LEU E 1501 23.30 -59.92 -88.58
C LEU E 1501 22.20 -60.35 -89.54
N VAL E 1502 21.58 -61.50 -89.23
CA VAL E 1502 20.63 -62.11 -90.15
C VAL E 1502 19.30 -61.36 -90.15
N ILE E 1503 19.17 -60.41 -91.08
CA ILE E 1503 17.90 -59.70 -91.25
C ILE E 1503 16.84 -60.62 -91.84
N GLY E 1504 15.59 -60.41 -91.43
CA GLY E 1504 14.50 -61.23 -91.92
C GLY E 1504 13.33 -60.40 -92.42
N CYS E 1505 13.46 -59.85 -93.62
CA CYS E 1505 12.40 -59.05 -94.22
C CYS E 1505 11.17 -59.89 -94.53
N LEU E 1506 10.00 -59.28 -94.41
CA LEU E 1506 8.75 -60.00 -94.69
C LEU E 1506 7.68 -59.05 -95.23
N VAL E 1507 6.70 -59.61 -95.95
CA VAL E 1507 5.59 -58.86 -96.54
C VAL E 1507 6.07 -57.79 -97.52
N GLY E 1512 2.41 -61.46 -99.86
CA GLY E 1512 3.61 -61.41 -99.02
C GLY E 1512 4.87 -61.92 -99.66
N LEU E 1513 5.98 -61.74 -98.96
CA LEU E 1513 7.29 -62.23 -99.37
C LEU E 1513 8.21 -62.28 -98.16
N MET E 1514 9.14 -63.22 -98.16
CA MET E 1514 10.12 -63.31 -97.10
C MET E 1514 11.50 -63.26 -97.74
N THR E 1515 12.33 -62.34 -97.27
CA THR E 1515 13.70 -62.30 -97.74
C THR E 1515 14.72 -62.21 -96.61
N PHE E 1516 15.58 -63.21 -96.51
CA PHE E 1516 16.72 -63.16 -95.59
C PHE E 1516 17.80 -62.23 -96.08
N THR E 1517 18.56 -61.68 -95.15
CA THR E 1517 19.69 -60.82 -95.48
C THR E 1517 20.83 -61.02 -94.49
N ALA E 1518 21.73 -61.95 -94.81
CA ALA E 1518 22.83 -62.28 -93.91
C ALA E 1518 23.78 -61.11 -93.71
N ASN E 1519 24.16 -60.88 -92.46
CA ASN E 1519 25.12 -59.85 -92.07
C ASN E 1519 24.67 -58.49 -92.63
N GLY E 1520 23.39 -58.39 -92.95
CA GLY E 1520 22.79 -57.15 -93.40
C GLY E 1520 22.87 -57.01 -94.92
N LYS E 1521 23.77 -57.78 -95.53
CA LYS E 1521 23.83 -57.88 -96.98
C LYS E 1521 22.66 -58.70 -97.49
N GLU E 1522 22.11 -58.35 -98.65
CA GLU E 1522 21.02 -59.12 -99.22
C GLU E 1522 21.48 -60.53 -99.60
N SER E 1523 20.65 -61.51 -99.27
CA SER E 1523 20.91 -62.90 -99.66
C SER E 1523 19.84 -63.34 -100.65
N ASN E 1524 19.04 -62.36 -101.10
CA ASN E 1524 17.85 -62.60 -101.91
C ASN E 1524 16.82 -63.46 -101.17
N THR E 1525 15.60 -63.48 -101.68
CA THR E 1525 14.54 -64.27 -101.05
C THR E 1525 14.86 -65.75 -101.12
N PHE E 1526 14.55 -66.44 -100.03
CA PHE E 1526 14.65 -67.88 -100.02
C PHE E 1526 13.36 -68.66 -100.29
N PHE E 1527 12.27 -68.34 -99.59
CA PHE E 1527 10.92 -68.83 -99.85
C PHE E 1527 10.13 -67.57 -99.46
N GLN E 1528 9.12 -67.18 -100.22
CA GLN E 1528 8.36 -65.99 -99.84
C GLN E 1528 6.87 -66.09 -100.07
N VAL E 1529 6.17 -66.91 -99.30
CA VAL E 1529 4.73 -67.03 -99.49
C VAL E 1529 3.86 -66.85 -98.24
N GLU E 1530 2.88 -65.96 -98.33
CA GLU E 1530 1.79 -65.92 -97.39
C GLU E 1530 0.49 -65.59 -98.12
N PRO E 1531 -0.55 -66.54 -97.95
CA PRO E 1531 -1.82 -66.10 -98.53
C PRO E 1531 -2.28 -64.84 -97.81
N ASN E 1532 -2.04 -64.81 -96.50
CA ASN E 1532 -2.36 -63.69 -95.61
C ASN E 1532 -2.55 -64.21 -94.20
N THR E 1533 -1.55 -64.92 -93.70
CA THR E 1533 -1.66 -65.67 -92.46
C THR E 1533 -0.61 -65.29 -91.44
N LYS E 1534 -0.94 -65.56 -90.18
CA LYS E 1534 -0.09 -65.24 -89.04
C LYS E 1534 1.26 -65.94 -89.11
N LEU E 1535 2.32 -65.28 -88.64
CA LEU E 1535 3.64 -65.89 -88.57
C LEU E 1535 4.48 -65.34 -87.42
N PHE E 1536 4.74 -66.16 -86.41
CA PHE E 1536 5.63 -65.77 -85.33
C PHE E 1536 7.03 -65.63 -85.88
N PRO E 1537 7.70 -64.50 -85.63
CA PRO E 1537 9.15 -64.51 -85.84
C PRO E 1537 9.80 -65.51 -84.89
N ALA E 1538 10.86 -66.19 -85.29
CA ALA E 1538 11.46 -67.20 -84.42
C ALA E 1538 12.91 -67.53 -84.75
N VAL E 1539 13.62 -68.05 -83.76
CA VAL E 1539 14.99 -68.53 -83.97
C VAL E 1539 15.27 -69.79 -83.17
N PHE E 1540 15.53 -70.88 -83.88
CA PHE E 1540 15.98 -72.12 -83.26
C PHE E 1540 17.47 -72.03 -82.99
N VAL E 1541 17.94 -72.60 -81.88
CA VAL E 1541 19.33 -72.43 -81.45
C VAL E 1541 19.88 -73.62 -80.67
N LEU E 1542 21.15 -73.91 -80.91
CA LEU E 1542 21.98 -74.66 -80.00
C LEU E 1542 22.98 -73.63 -79.55
N PRO E 1543 23.03 -73.36 -78.25
CA PRO E 1543 23.88 -72.28 -77.74
C PRO E 1543 25.39 -72.57 -77.72
N THR E 1544 26.18 -71.53 -77.98
CA THR E 1544 27.62 -71.56 -77.85
C THR E 1544 28.02 -71.23 -76.41
N HIS E 1545 27.00 -71.01 -75.58
CA HIS E 1545 27.09 -70.63 -74.17
C HIS E 1545 27.40 -69.14 -73.99
N GLN E 1546 28.46 -68.65 -74.63
CA GLN E 1546 28.76 -67.22 -74.54
C GLN E 1546 27.88 -66.39 -75.46
N ASN E 1547 27.19 -65.41 -74.88
CA ASN E 1547 26.40 -64.40 -75.62
C ASN E 1547 25.60 -64.97 -76.79
N VAL E 1548 24.65 -65.86 -76.49
CA VAL E 1548 24.05 -66.73 -77.48
C VAL E 1548 23.25 -66.09 -78.63
N ILE E 1549 22.56 -64.98 -78.41
CA ILE E 1549 21.62 -64.54 -79.45
C ILE E 1549 21.21 -63.07 -79.33
N GLN E 1550 20.67 -62.50 -80.41
CA GLN E 1550 20.13 -61.15 -80.40
C GLN E 1550 19.04 -60.90 -81.42
N PHE E 1551 18.02 -60.14 -81.00
CA PHE E 1551 16.95 -59.72 -81.92
C PHE E 1551 16.91 -58.21 -82.05
N GLU E 1552 16.49 -57.74 -83.21
CA GLU E 1552 16.40 -56.31 -83.48
C GLU E 1552 15.25 -56.00 -84.42
N ALA E 1564 11.42 -50.07 -94.63
CA ALA E 1564 10.45 -50.80 -93.84
C ALA E 1564 10.23 -50.18 -92.47
N ALA E 1565 8.96 -50.15 -92.07
CA ALA E 1565 8.59 -49.76 -90.73
C ALA E 1565 9.02 -50.87 -89.78
N MET E 1566 9.25 -50.50 -88.53
CA MET E 1566 9.69 -51.47 -87.54
C MET E 1566 8.67 -52.58 -87.36
N PHE E 1567 9.15 -53.77 -87.03
CA PHE E 1567 8.29 -54.92 -86.78
C PHE E 1567 7.32 -54.64 -85.65
N LEU E 1568 7.78 -53.80 -84.72
CA LEU E 1568 6.96 -53.36 -83.62
C LEU E 1568 5.76 -52.57 -84.12
N SER E 1569 5.97 -51.80 -85.18
CA SER E 1569 4.88 -51.09 -85.83
C SER E 1569 3.91 -52.05 -86.50
N GLU E 1570 4.43 -53.17 -86.99
CA GLU E 1570 3.60 -54.11 -87.74
C GLU E 1570 2.70 -54.86 -86.80
N ARG E 1571 3.27 -55.31 -85.69
CA ARG E 1571 2.53 -56.20 -84.82
C ARG E 1571 1.49 -55.45 -84.00
N LYS E 1572 1.90 -54.31 -83.46
CA LYS E 1572 1.00 -53.50 -82.67
C LYS E 1572 -0.03 -52.87 -83.59
N ASN E 1573 -1.22 -52.60 -83.04
CA ASN E 1573 -2.34 -52.07 -83.81
C ASN E 1573 -2.02 -50.76 -84.55
N PRO E 1574 -1.41 -49.77 -83.87
CA PRO E 1574 -1.25 -48.50 -84.58
C PRO E 1574 -0.37 -48.60 -85.83
N ALA E 1575 -0.73 -47.86 -86.86
CA ALA E 1575 0.05 -47.77 -88.08
C ALA E 1575 0.06 -46.33 -88.61
N PRO E 1576 1.10 -45.94 -89.36
CA PRO E 1576 2.38 -46.59 -89.61
C PRO E 1576 3.20 -46.87 -88.35
N GLN E 1577 3.10 -46.00 -87.34
CA GLN E 1577 3.80 -46.17 -86.08
C GLN E 1577 5.31 -46.39 -86.25
N CYS E 1578 5.94 -45.54 -87.06
CA CYS E 1578 7.29 -45.80 -87.56
C CYS E 1578 8.40 -46.09 -86.53
N PRO E 1579 8.51 -45.28 -85.44
CA PRO E 1579 9.62 -45.57 -84.52
C PRO E 1579 9.52 -46.93 -83.84
N PRO E 1580 10.68 -47.58 -83.59
CA PRO E 1580 10.73 -48.88 -82.90
C PRO E 1580 10.70 -48.75 -81.38
N ARG E 1581 9.67 -49.31 -80.75
CA ARG E 1581 9.57 -49.31 -79.30
C ARG E 1581 9.15 -50.67 -78.77
N LEU E 1582 10.10 -51.41 -78.19
CA LEU E 1582 9.79 -52.69 -77.58
C LEU E 1582 8.81 -52.51 -76.44
N GLU E 1583 7.90 -53.47 -76.30
CA GLU E 1583 6.80 -53.32 -75.35
C GLU E 1583 6.59 -54.65 -74.64
N VAL E 1584 5.98 -54.61 -73.46
CA VAL E 1584 6.16 -55.63 -72.46
C VAL E 1584 5.74 -57.04 -72.88
N GLN E 1585 4.77 -57.12 -73.77
CA GLN E 1585 4.27 -58.39 -74.26
C GLN E 1585 5.38 -59.13 -74.97
N MET E 1586 6.24 -58.38 -75.65
CA MET E 1586 7.20 -58.93 -76.60
C MET E 1586 8.02 -60.04 -75.95
N LEU E 1587 7.33 -61.08 -75.50
CA LEU E 1587 7.91 -62.22 -74.81
C LEU E 1587 8.67 -63.11 -75.78
N MET E 1588 9.62 -63.89 -75.25
CA MET E 1588 10.32 -64.89 -76.04
C MET E 1588 10.30 -66.27 -75.42
N PRO E 1589 9.15 -66.94 -75.51
CA PRO E 1589 8.99 -68.31 -75.00
C PRO E 1589 9.87 -69.33 -75.71
N VAL E 1590 10.37 -70.31 -74.96
CA VAL E 1590 10.83 -71.57 -75.54
C VAL E 1590 9.60 -72.42 -75.77
N SER E 1591 9.62 -73.30 -76.77
CA SER E 1591 8.53 -74.24 -76.96
C SER E 1591 8.77 -75.50 -76.13
N TRP E 1592 8.39 -75.46 -74.86
CA TRP E 1592 8.63 -76.58 -73.96
C TRP E 1592 7.90 -77.84 -74.40
N SER E 1593 8.58 -78.97 -74.21
CA SER E 1593 8.14 -80.25 -74.75
C SER E 1593 6.82 -80.77 -74.19
N ARG E 1594 6.45 -80.37 -72.97
CA ARG E 1594 5.34 -81.03 -72.31
C ARG E 1594 4.32 -80.06 -71.70
N MET E 1595 3.04 -80.31 -72.01
CA MET E 1595 1.94 -79.38 -71.70
C MET E 1595 0.73 -80.00 -71.00
N PRO E 1596 0.73 -80.07 -69.66
CA PRO E 1596 -0.40 -80.73 -69.00
C PRO E 1596 -1.70 -80.00 -69.30
N ASN E 1597 -2.79 -80.73 -69.47
CA ASN E 1597 -4.11 -80.18 -69.77
C ASN E 1597 -5.26 -81.13 -69.41
N HIS E 1598 -6.47 -80.59 -69.49
CA HIS E 1598 -7.69 -81.19 -68.92
C HIS E 1598 -8.02 -82.55 -69.56
N PHE E 1599 -8.53 -83.45 -68.74
CA PHE E 1599 -8.73 -84.85 -69.14
C PHE E 1599 -9.94 -85.08 -70.04
N LEU E 1600 -10.80 -84.06 -70.13
CA LEU E 1600 -12.08 -84.20 -70.83
C LEU E 1600 -12.95 -85.24 -70.14
N GLN E 1601 -13.79 -84.78 -69.23
CA GLN E 1601 -14.54 -85.66 -68.34
C GLN E 1601 -15.48 -86.59 -69.09
N VAL E 1602 -15.99 -86.11 -70.22
CA VAL E 1602 -16.85 -86.90 -71.10
C VAL E 1602 -16.45 -86.57 -72.53
N GLU E 1603 -15.85 -87.53 -73.23
CA GLU E 1603 -15.11 -87.19 -74.45
C GLU E 1603 -15.33 -88.07 -75.68
N THR E 1604 -15.57 -89.36 -75.52
CA THR E 1604 -15.56 -90.25 -76.67
C THR E 1604 -16.74 -91.22 -76.77
N ARG E 1605 -17.14 -91.51 -77.99
CA ARG E 1605 -18.22 -92.46 -78.27
C ARG E 1605 -17.89 -93.36 -79.46
N ARG E 1606 -16.61 -93.61 -79.69
CA ARG E 1606 -16.16 -94.37 -80.86
C ARG E 1606 -16.69 -95.81 -80.82
N ALA E 1607 -17.03 -96.36 -81.97
CA ALA E 1607 -17.56 -97.72 -82.04
C ALA E 1607 -17.32 -98.37 -83.41
N GLY E 1608 -16.12 -98.91 -83.61
CA GLY E 1608 -15.78 -99.62 -84.84
C GLY E 1608 -16.20 -101.08 -84.81
N GLU E 1609 -15.96 -101.79 -85.91
CA GLU E 1609 -16.33 -103.20 -86.02
C GLU E 1609 -15.31 -103.99 -86.84
N ARG E 1610 -15.10 -105.25 -86.47
CA ARG E 1610 -14.24 -106.16 -87.24
C ARG E 1610 -14.92 -106.73 -88.48
N LEU E 1611 -14.11 -107.12 -89.46
CA LEU E 1611 -14.59 -107.85 -90.65
C LEU E 1611 -15.68 -107.12 -91.42
N GLY E 1612 -15.46 -105.84 -91.67
CA GLY E 1612 -16.41 -105.00 -92.37
C GLY E 1612 -16.02 -103.56 -92.10
N TRP E 1613 -15.50 -103.37 -90.90
CA TRP E 1613 -14.86 -102.13 -90.48
C TRP E 1613 -15.73 -100.89 -90.61
N ALA E 1614 -17.03 -101.05 -90.41
CA ALA E 1614 -17.87 -99.90 -90.15
C ALA E 1614 -17.46 -99.32 -88.81
N VAL E 1615 -17.44 -97.99 -88.71
CA VAL E 1615 -17.17 -97.35 -87.44
C VAL E 1615 -18.25 -96.30 -87.23
N GLN E 1616 -18.62 -96.07 -85.97
CA GLN E 1616 -19.81 -95.29 -85.69
C GLN E 1616 -19.74 -94.56 -84.34
N CYS E 1617 -20.45 -93.44 -84.24
CA CYS E 1617 -20.65 -92.75 -82.98
C CYS E 1617 -22.08 -92.25 -82.90
N GLN E 1618 -22.65 -92.29 -81.70
CA GLN E 1618 -24.06 -91.93 -81.54
C GLN E 1618 -24.32 -90.44 -81.33
N ASP E 1619 -23.52 -89.82 -80.47
CA ASP E 1619 -23.74 -88.41 -80.14
C ASP E 1619 -22.43 -87.62 -80.14
N PRO E 1620 -22.53 -86.32 -80.48
CA PRO E 1620 -21.45 -85.34 -80.37
C PRO E 1620 -21.45 -84.56 -79.07
N LEU E 1621 -20.46 -84.87 -78.25
CA LEU E 1621 -20.16 -84.14 -77.04
C LEU E 1621 -19.63 -82.77 -77.47
N THR E 1622 -19.88 -81.75 -76.67
CA THR E 1622 -19.49 -80.41 -77.06
C THR E 1622 -18.42 -79.77 -76.18
N MET E 1623 -17.36 -79.29 -76.80
CA MET E 1623 -16.32 -78.55 -76.10
C MET E 1623 -16.88 -77.25 -75.58
N MET E 1624 -16.44 -76.83 -74.41
CA MET E 1624 -16.57 -75.43 -74.04
C MET E 1624 -15.24 -74.76 -74.35
N ALA E 1625 -14.93 -74.70 -75.65
CA ALA E 1625 -13.68 -74.15 -76.15
C ALA E 1625 -13.59 -72.63 -76.16
N LEU E 1626 -12.37 -72.14 -76.13
CA LEU E 1626 -12.04 -70.77 -76.51
C LEU E 1626 -10.66 -70.83 -77.13
N HIS E 1627 -10.19 -69.73 -77.70
CA HIS E 1627 -8.82 -69.69 -78.20
C HIS E 1627 -8.19 -68.37 -77.82
N ILE E 1628 -6.89 -68.26 -78.01
CA ILE E 1628 -6.22 -66.98 -77.95
C ILE E 1628 -5.64 -66.63 -79.31
N PRO E 1629 -6.34 -65.75 -80.03
CA PRO E 1629 -6.07 -65.40 -81.43
C PRO E 1629 -4.67 -64.84 -81.66
N GLU E 1630 -4.12 -64.12 -80.68
CA GLU E 1630 -2.78 -63.59 -80.84
C GLU E 1630 -1.76 -64.72 -80.93
N GLU E 1631 -2.11 -65.88 -80.39
CA GLU E 1631 -1.28 -67.08 -80.52
C GLU E 1631 -2.16 -68.31 -80.47
N ASN E 1632 -2.81 -68.62 -81.59
CA ASN E 1632 -3.98 -69.48 -81.61
C ASN E 1632 -3.74 -70.92 -81.13
N ARG E 1633 -4.66 -71.40 -80.30
CA ARG E 1633 -4.78 -72.81 -79.90
C ARG E 1633 -6.20 -73.07 -79.46
N CYS E 1634 -6.63 -74.34 -79.49
CA CYS E 1634 -7.82 -74.70 -78.74
C CYS E 1634 -7.52 -74.53 -77.26
N MET E 1635 -8.51 -74.07 -76.51
CA MET E 1635 -8.27 -73.68 -75.14
C MET E 1635 -9.58 -73.75 -74.37
N ASP E 1636 -10.11 -74.95 -74.20
CA ASP E 1636 -11.40 -75.09 -73.53
C ASP E 1636 -11.32 -74.60 -72.10
N ILE E 1637 -12.39 -73.94 -71.65
CA ILE E 1637 -12.36 -73.20 -70.40
C ILE E 1637 -12.14 -74.12 -69.20
N LEU E 1638 -12.57 -75.38 -69.31
CA LEU E 1638 -12.34 -76.31 -68.23
C LEU E 1638 -10.85 -76.51 -68.00
N GLU E 1639 -10.09 -76.57 -69.09
CA GLU E 1639 -8.63 -76.50 -68.98
C GLU E 1639 -8.16 -75.13 -68.53
N LEU E 1640 -8.92 -74.10 -68.87
CA LEU E 1640 -8.49 -72.74 -68.54
C LEU E 1640 -8.49 -72.54 -67.04
N SER E 1641 -9.31 -73.33 -66.36
CA SER E 1641 -9.36 -73.29 -64.90
C SER E 1641 -8.06 -73.71 -64.22
N GLU E 1642 -7.32 -74.63 -64.83
CA GLU E 1642 -6.14 -75.18 -64.16
C GLU E 1642 -5.04 -74.14 -64.00
N ARG E 1643 -4.99 -73.21 -64.94
CA ARG E 1643 -4.05 -72.11 -64.86
C ARG E 1643 -4.85 -70.82 -64.73
N LEU E 1644 -4.98 -70.40 -63.49
CA LEU E 1644 -5.98 -69.45 -63.06
C LEU E 1644 -5.80 -68.03 -63.57
N ASP E 1645 -4.60 -67.64 -63.98
CA ASP E 1645 -4.40 -66.25 -64.33
C ASP E 1645 -5.24 -65.85 -65.57
N LEU E 1646 -5.34 -66.77 -66.53
CA LEU E 1646 -6.22 -66.54 -67.66
C LEU E 1646 -7.68 -66.59 -67.22
N GLN E 1647 -7.94 -67.34 -66.16
CA GLN E 1647 -9.26 -67.35 -65.57
C GLN E 1647 -9.61 -65.99 -65.03
N ARG E 1648 -8.59 -65.29 -64.54
CA ARG E 1648 -8.77 -63.96 -64.00
C ARG E 1648 -9.02 -62.99 -65.14
N PHE E 1649 -8.17 -63.06 -66.17
CA PHE E 1649 -8.33 -62.15 -67.29
C PHE E 1649 -9.65 -62.35 -68.01
N HIS E 1650 -10.11 -63.58 -68.07
CA HIS E 1650 -11.30 -63.89 -68.82
C HIS E 1650 -12.52 -63.57 -67.97
N SER E 1651 -12.43 -63.80 -66.67
CA SER E 1651 -13.52 -63.42 -65.80
C SER E 1651 -13.70 -61.92 -65.81
N HIS E 1652 -12.60 -61.19 -65.92
CA HIS E 1652 -12.70 -59.76 -66.19
C HIS E 1652 -13.21 -59.44 -67.59
N THR E 1653 -12.97 -60.32 -68.58
CA THR E 1653 -13.59 -60.06 -69.88
C THR E 1653 -15.09 -60.15 -69.70
N LEU E 1654 -15.52 -61.06 -68.83
CA LEU E 1654 -16.92 -61.17 -68.46
C LEU E 1654 -17.41 -59.98 -67.63
N ARG E 1655 -16.50 -59.37 -66.86
CA ARG E 1655 -16.84 -58.14 -66.16
C ARG E 1655 -17.12 -57.08 -67.18
N LEU E 1656 -16.40 -57.14 -68.30
CA LEU E 1656 -16.56 -56.12 -69.32
C LEU E 1656 -17.81 -56.36 -70.14
N TYR E 1657 -18.08 -57.60 -70.52
CA TYR E 1657 -19.28 -57.87 -71.29
C TYR E 1657 -20.49 -57.57 -70.42
N ARG E 1658 -20.38 -57.88 -69.14
CA ARG E 1658 -21.44 -57.59 -68.18
C ARG E 1658 -21.63 -56.10 -68.03
N ALA E 1659 -20.52 -55.37 -68.12
CA ALA E 1659 -20.58 -53.94 -67.90
C ALA E 1659 -21.19 -53.22 -69.08
N VAL E 1660 -20.77 -53.60 -70.28
CA VAL E 1660 -21.10 -52.86 -71.49
C VAL E 1660 -22.59 -52.85 -71.81
N CYS E 1661 -23.30 -53.91 -71.44
CA CYS E 1661 -24.74 -53.91 -71.66
C CYS E 1661 -25.39 -52.89 -70.73
N ALA E 1662 -24.67 -52.54 -69.66
CA ALA E 1662 -24.82 -51.26 -68.99
C ALA E 1662 -26.22 -50.87 -68.55
N LEU E 1663 -26.95 -51.83 -67.98
CA LEU E 1663 -28.27 -51.59 -67.44
C LEU E 1663 -29.17 -50.96 -68.51
N GLY E 1664 -29.69 -51.81 -69.39
CA GLY E 1664 -30.62 -51.38 -70.42
C GLY E 1664 -30.00 -50.89 -71.72
N ASN E 1665 -28.68 -50.83 -71.82
CA ASN E 1665 -28.08 -50.61 -73.13
C ASN E 1665 -28.43 -51.83 -73.96
N ASN E 1666 -28.73 -51.63 -75.24
CA ASN E 1666 -29.36 -52.70 -76.00
C ASN E 1666 -28.78 -52.93 -77.39
N ARG E 1667 -28.73 -51.88 -78.20
CA ARG E 1667 -28.27 -52.03 -79.57
C ARG E 1667 -26.86 -52.55 -79.48
N VAL E 1668 -26.13 -52.01 -78.50
CA VAL E 1668 -24.80 -52.49 -78.17
C VAL E 1668 -24.76 -53.97 -77.76
N ALA E 1669 -25.83 -54.43 -77.11
CA ALA E 1669 -25.85 -55.78 -76.56
C ALA E 1669 -25.80 -56.87 -77.63
N HIS E 1670 -26.34 -56.55 -78.81
CA HIS E 1670 -26.41 -57.50 -79.90
C HIS E 1670 -25.00 -57.90 -80.34
N ALA E 1671 -24.09 -56.95 -80.23
CA ALA E 1671 -22.69 -57.23 -80.54
C ALA E 1671 -22.13 -58.27 -79.59
N LEU E 1672 -22.52 -58.15 -78.32
CA LEU E 1672 -22.11 -59.14 -77.34
C LEU E 1672 -22.74 -60.48 -77.65
N CYS E 1673 -23.95 -60.43 -78.21
CA CYS E 1673 -24.61 -61.67 -78.61
C CYS E 1673 -23.82 -62.33 -79.73
N SER E 1674 -23.23 -61.50 -80.59
CA SER E 1674 -22.31 -62.03 -81.59
C SER E 1674 -21.04 -62.59 -80.96
N HIS E 1675 -20.60 -61.97 -79.87
CA HIS E 1675 -19.35 -62.34 -79.23
C HIS E 1675 -19.39 -63.48 -78.23
N VAL E 1676 -20.58 -63.96 -77.87
CA VAL E 1676 -20.63 -65.04 -76.91
C VAL E 1676 -21.76 -66.01 -77.20
N ASP E 1677 -22.78 -65.55 -77.92
CA ASP E 1677 -23.80 -66.43 -78.51
C ASP E 1677 -24.72 -67.16 -77.51
N GLN E 1678 -25.98 -67.32 -77.89
CA GLN E 1678 -26.99 -67.88 -77.00
C GLN E 1678 -26.71 -69.30 -76.53
N ALA E 1679 -26.42 -70.18 -77.48
CA ALA E 1679 -26.23 -71.58 -77.18
C ALA E 1679 -25.02 -71.80 -76.28
N GLN E 1680 -24.00 -70.97 -76.46
CA GLN E 1680 -22.83 -71.04 -75.61
C GLN E 1680 -23.15 -70.63 -74.19
N LEU E 1681 -24.08 -69.69 -74.03
CA LEU E 1681 -24.57 -69.36 -72.71
C LEU E 1681 -25.36 -70.52 -72.13
N LEU E 1682 -26.15 -71.20 -72.95
CA LEU E 1682 -26.92 -72.31 -72.43
C LEU E 1682 -26.02 -73.46 -71.98
N HIS E 1683 -24.94 -73.67 -72.72
CA HIS E 1683 -23.92 -74.62 -72.29
C HIS E 1683 -23.21 -74.12 -71.04
N ALA E 1684 -23.11 -72.80 -70.91
CA ALA E 1684 -22.53 -72.22 -69.71
C ALA E 1684 -23.42 -72.51 -68.51
N LEU E 1685 -24.71 -72.68 -68.78
CA LEU E 1685 -25.63 -73.17 -67.76
C LEU E 1685 -25.43 -74.65 -67.48
N GLU E 1686 -25.37 -75.44 -68.56
CA GLU E 1686 -25.35 -76.89 -68.42
C GLU E 1686 -24.13 -77.47 -67.70
N ASP E 1687 -22.95 -76.87 -67.92
CA ASP E 1687 -21.73 -77.42 -67.36
C ASP E 1687 -21.60 -77.17 -65.85
N ALA E 1688 -20.93 -78.10 -65.17
CA ALA E 1688 -20.74 -77.99 -63.74
C ALA E 1688 -19.27 -78.16 -63.38
N HIS E 1689 -18.48 -78.55 -64.38
CA HIS E 1689 -17.04 -78.65 -64.18
C HIS E 1689 -16.42 -77.27 -64.33
N LEU E 1690 -17.26 -76.32 -64.74
CA LEU E 1690 -16.83 -74.96 -65.04
C LEU E 1690 -16.37 -74.25 -63.77
N PRO E 1691 -15.24 -73.53 -63.86
CA PRO E 1691 -14.70 -72.79 -62.72
C PRO E 1691 -15.63 -71.68 -62.25
N GLY E 1692 -15.64 -71.43 -60.94
CA GLY E 1692 -16.67 -70.62 -60.31
C GLY E 1692 -16.90 -69.21 -60.80
N PRO E 1693 -15.89 -68.33 -60.68
CA PRO E 1693 -16.12 -66.93 -61.07
C PRO E 1693 -16.54 -66.80 -62.52
N LEU E 1694 -16.02 -67.66 -63.39
CA LEU E 1694 -16.50 -67.72 -64.76
C LEU E 1694 -17.92 -68.22 -64.88
N ARG E 1695 -18.31 -69.16 -64.02
CA ARG E 1695 -19.67 -69.69 -64.02
C ARG E 1695 -20.70 -68.64 -63.62
N ALA E 1696 -20.34 -67.87 -62.60
CA ALA E 1696 -21.11 -66.73 -62.14
C ALA E 1696 -21.07 -65.64 -63.19
N GLY E 1697 -19.97 -65.59 -63.92
CA GLY E 1697 -19.79 -64.57 -64.93
C GLY E 1697 -20.70 -64.80 -66.10
N TYR E 1698 -20.72 -66.01 -66.65
CA TYR E 1698 -21.65 -66.29 -67.74
C TYR E 1698 -23.10 -66.21 -67.30
N TYR E 1699 -23.40 -66.62 -66.07
CA TYR E 1699 -24.77 -66.45 -65.63
C TYR E 1699 -25.12 -64.97 -65.55
N ASP E 1700 -24.14 -64.16 -65.13
CA ASP E 1700 -24.34 -62.73 -65.06
C ASP E 1700 -24.45 -62.12 -66.44
N LEU E 1701 -23.88 -62.78 -67.44
CA LEU E 1701 -24.01 -62.29 -68.80
C LEU E 1701 -25.41 -62.57 -69.30
N LEU E 1702 -25.87 -63.79 -69.05
CA LEU E 1702 -27.16 -64.19 -69.53
C LEU E 1702 -28.19 -63.31 -68.86
N ILE E 1703 -27.87 -62.84 -67.66
CA ILE E 1703 -28.74 -61.83 -67.07
C ILE E 1703 -28.58 -60.50 -67.80
N SER E 1704 -27.35 -60.06 -67.95
CA SER E 1704 -27.07 -58.71 -68.42
C SER E 1704 -27.34 -58.54 -69.90
N ILE E 1705 -26.82 -59.47 -70.69
CA ILE E 1705 -26.92 -59.39 -72.13
C ILE E 1705 -28.39 -59.50 -72.54
N HIS E 1706 -29.16 -60.16 -71.70
CA HIS E 1706 -30.54 -60.45 -72.05
C HIS E 1706 -31.56 -59.93 -71.03
N LEU E 1707 -31.70 -60.66 -69.93
CA LEU E 1707 -32.81 -60.48 -69.01
C LEU E 1707 -32.83 -59.12 -68.30
N GLU E 1708 -31.63 -58.55 -68.13
CA GLU E 1708 -31.46 -57.47 -67.18
C GLU E 1708 -32.27 -56.22 -67.50
N SER E 1709 -32.47 -55.92 -68.78
CA SER E 1709 -33.20 -54.70 -69.12
C SER E 1709 -34.68 -54.87 -68.83
N ALA E 1710 -35.22 -56.00 -69.27
CA ALA E 1710 -36.63 -56.27 -69.08
C ALA E 1710 -36.95 -56.35 -67.61
N CYS E 1711 -36.04 -56.93 -66.83
CA CYS E 1711 -36.22 -56.91 -65.38
C CYS E 1711 -36.10 -55.49 -64.85
N ARG E 1712 -35.23 -54.70 -65.47
CA ARG E 1712 -34.92 -53.37 -64.98
C ARG E 1712 -36.13 -52.46 -65.10
N SER E 1713 -36.93 -52.69 -66.13
CA SER E 1713 -38.18 -51.94 -66.23
C SER E 1713 -39.25 -52.60 -65.37
N ARG E 1714 -39.26 -53.93 -65.39
CA ARG E 1714 -40.33 -54.70 -64.79
C ARG E 1714 -40.41 -54.53 -63.28
N ARG E 1715 -39.25 -54.29 -62.66
CA ARG E 1715 -39.18 -54.07 -61.20
C ARG E 1715 -39.87 -52.79 -60.72
N SER E 1716 -39.68 -51.69 -61.44
CA SER E 1716 -40.36 -50.43 -61.17
C SER E 1716 -41.82 -50.47 -61.61
N MET E 1717 -42.08 -51.17 -62.72
CA MET E 1717 -43.45 -51.28 -63.18
C MET E 1717 -44.26 -52.11 -62.19
N LEU E 1718 -43.60 -53.06 -61.56
CA LEU E 1718 -44.22 -53.82 -60.49
C LEU E 1718 -44.47 -52.91 -59.30
N SER E 1719 -43.59 -51.93 -59.10
CA SER E 1719 -43.80 -50.97 -58.02
C SER E 1719 -44.95 -50.01 -58.29
N GLU E 1720 -45.30 -49.78 -59.55
CA GLU E 1720 -46.39 -48.85 -59.84
C GLU E 1720 -47.79 -49.31 -59.38
N TYR E 1721 -48.03 -50.62 -59.42
CA TYR E 1721 -49.26 -51.26 -58.94
C TYR E 1721 -50.61 -50.75 -59.48
N ILE E 1722 -50.63 -50.16 -60.67
CA ILE E 1722 -51.92 -49.73 -61.26
C ILE E 1722 -52.71 -50.94 -61.79
N VAL E 1723 -54.04 -50.85 -61.76
CA VAL E 1723 -54.87 -52.01 -62.11
C VAL E 1723 -56.05 -51.67 -63.05
N PRO E 1724 -56.37 -52.60 -63.97
CA PRO E 1724 -57.57 -52.72 -64.82
C PRO E 1724 -58.90 -52.97 -64.10
N LEU E 1725 -59.99 -52.46 -64.68
CA LEU E 1725 -61.35 -52.80 -64.24
C LEU E 1725 -61.99 -53.98 -64.99
N THR E 1726 -61.19 -54.80 -65.65
CA THR E 1726 -61.74 -55.94 -66.37
C THR E 1726 -62.41 -56.89 -65.38
N PRO E 1727 -63.49 -57.59 -65.80
CA PRO E 1727 -64.32 -58.32 -64.84
C PRO E 1727 -63.54 -59.38 -64.07
N GLU E 1728 -62.54 -59.96 -64.70
CA GLU E 1728 -61.71 -60.95 -64.03
C GLU E 1728 -60.97 -60.32 -62.85
N THR E 1729 -60.61 -59.04 -62.98
CA THR E 1729 -60.00 -58.34 -61.86
C THR E 1729 -60.99 -58.21 -60.71
N ARG E 1730 -62.28 -58.07 -61.04
CA ARG E 1730 -63.31 -58.11 -60.02
C ARG E 1730 -63.38 -59.50 -59.42
N ALA E 1731 -63.04 -60.48 -60.25
CA ALA E 1731 -63.14 -61.89 -59.87
C ALA E 1731 -61.94 -62.40 -59.08
N ILE E 1732 -60.89 -61.59 -58.96
CA ILE E 1732 -59.65 -62.05 -58.32
C ILE E 1732 -59.79 -62.48 -56.86
N THR E 1733 -60.66 -61.81 -56.10
CA THR E 1733 -60.81 -62.05 -54.66
C THR E 1733 -59.48 -61.98 -53.92
N LEU E 1734 -59.43 -62.53 -52.71
CA LEU E 1734 -58.21 -62.48 -51.91
C LEU E 1734 -57.84 -63.88 -51.44
N PHE E 1735 -58.56 -64.37 -50.42
CA PHE E 1735 -58.44 -65.76 -50.02
C PHE E 1735 -59.01 -66.68 -51.08
N PRO E 1736 -58.29 -67.78 -51.35
CA PRO E 1736 -58.81 -68.84 -52.21
C PRO E 1736 -60.05 -69.46 -51.58
N PRO E 1737 -61.03 -69.87 -52.39
CA PRO E 1737 -62.28 -70.45 -51.90
C PRO E 1737 -62.10 -71.88 -51.40
N GLY E 1748 -53.33 -68.91 -48.28
CA GLY E 1748 -52.62 -67.91 -49.06
C GLY E 1748 -51.92 -68.50 -50.27
N LEU E 1749 -50.60 -68.52 -50.23
CA LEU E 1749 -49.78 -69.00 -51.35
C LEU E 1749 -49.29 -67.83 -52.18
N PRO E 1750 -47.89 -67.72 -52.28
CA PRO E 1750 -47.45 -66.55 -53.08
C PRO E 1750 -47.88 -66.65 -54.54
N GLY E 1751 -47.81 -67.85 -55.09
CA GLY E 1751 -48.09 -68.08 -56.49
C GLY E 1751 -48.85 -67.71 -57.75
N VAL E 1752 -50.16 -67.60 -57.60
CA VAL E 1752 -51.12 -67.35 -58.69
C VAL E 1752 -50.94 -66.39 -59.85
N GLY E 1753 -51.39 -66.83 -61.02
CA GLY E 1753 -51.19 -66.12 -62.26
C GLY E 1753 -51.84 -64.77 -62.46
N VAL E 1754 -53.10 -64.61 -62.02
CA VAL E 1754 -53.85 -63.44 -62.45
C VAL E 1754 -53.12 -62.13 -62.25
N THR E 1755 -52.43 -62.00 -61.13
CA THR E 1755 -51.83 -60.73 -60.74
C THR E 1755 -52.09 -59.64 -61.76
N THR E 1756 -52.28 -60.04 -63.02
CA THR E 1756 -52.76 -59.15 -64.08
C THR E 1756 -52.09 -57.78 -64.09
N SER E 1757 -52.75 -56.83 -63.43
CA SER E 1757 -52.30 -55.43 -63.40
C SER E 1757 -52.11 -54.94 -64.82
N LEU E 1758 -51.01 -54.23 -65.05
CA LEU E 1758 -50.66 -53.84 -66.41
C LEU E 1758 -49.21 -54.19 -66.72
N ARG E 1759 -48.31 -53.23 -66.50
CA ARG E 1759 -46.87 -53.36 -66.73
C ARG E 1759 -46.54 -54.00 -68.09
N PRO E 1760 -46.07 -53.18 -69.03
CA PRO E 1760 -46.03 -53.60 -70.43
C PRO E 1760 -45.15 -54.82 -70.62
N PRO E 1761 -45.55 -55.73 -71.52
CA PRO E 1761 -44.84 -57.00 -71.64
C PRO E 1761 -43.40 -56.77 -72.07
N HIS E 1762 -42.49 -57.56 -71.53
CA HIS E 1762 -41.13 -57.56 -72.02
C HIS E 1762 -41.13 -58.11 -73.43
N HIS E 1763 -40.32 -57.51 -74.29
CA HIS E 1763 -40.28 -57.92 -75.68
C HIS E 1763 -38.90 -57.66 -76.24
N PHE E 1764 -38.52 -58.45 -77.24
CA PHE E 1764 -37.15 -58.37 -77.73
C PHE E 1764 -37.10 -58.59 -79.23
N SER E 1765 -36.27 -57.81 -79.91
CA SER E 1765 -35.95 -58.09 -81.30
C SER E 1765 -35.09 -59.33 -81.37
N PRO E 1766 -35.28 -60.16 -82.41
CA PRO E 1766 -34.34 -61.26 -82.59
C PRO E 1766 -32.95 -60.69 -82.85
N PRO E 1767 -31.90 -61.38 -82.35
CA PRO E 1767 -30.55 -60.86 -82.55
C PRO E 1767 -30.04 -61.12 -83.96
N CYS E 1768 -30.81 -60.68 -84.94
CA CYS E 1768 -30.39 -60.76 -86.34
C CYS E 1768 -29.18 -59.86 -86.56
N PHE E 1769 -28.22 -60.34 -87.34
CA PHE E 1769 -27.01 -59.56 -87.56
C PHE E 1769 -26.92 -58.95 -88.96
N VAL E 1770 -27.88 -59.27 -89.82
CA VAL E 1770 -27.99 -58.56 -91.08
C VAL E 1770 -29.10 -57.50 -91.01
N ALA E 1771 -28.91 -56.41 -91.74
CA ALA E 1771 -29.88 -55.31 -91.72
C ALA E 1771 -29.95 -54.63 -93.08
N LEU E 1785 -32.29 -53.29 -80.90
CA LEU E 1785 -32.49 -53.09 -79.47
C LEU E 1785 -33.15 -54.31 -78.82
N SER E 1786 -32.69 -54.65 -77.62
CA SER E 1786 -33.25 -55.75 -76.83
C SER E 1786 -33.19 -57.10 -77.56
N PRO E 1787 -32.08 -57.84 -77.39
CA PRO E 1787 -31.90 -59.17 -78.00
C PRO E 1787 -32.93 -60.20 -77.56
N ALA E 1788 -33.34 -61.07 -78.47
CA ALA E 1788 -34.27 -62.14 -78.18
C ALA E 1788 -33.64 -63.27 -77.39
N ILE E 1789 -34.47 -63.99 -76.64
CA ILE E 1789 -34.04 -65.16 -75.89
C ILE E 1789 -35.05 -66.28 -76.14
N PRO E 1790 -34.62 -67.54 -76.08
CA PRO E 1790 -35.64 -68.60 -75.95
C PRO E 1790 -36.18 -68.63 -74.53
N LEU E 1791 -37.35 -68.03 -74.32
CA LEU E 1791 -37.86 -67.80 -72.96
C LEU E 1791 -38.10 -69.09 -72.19
N GLU E 1792 -39.04 -69.90 -72.68
CA GLU E 1792 -39.43 -71.10 -71.97
C GLU E 1792 -38.30 -72.12 -71.89
N ALA E 1793 -37.45 -72.14 -72.90
CA ALA E 1793 -36.29 -73.01 -72.84
C ALA E 1793 -35.38 -72.59 -71.70
N LEU E 1794 -35.31 -71.27 -71.50
CA LEU E 1794 -34.43 -70.73 -70.49
C LEU E 1794 -34.98 -70.98 -69.09
N ARG E 1795 -36.29 -70.82 -68.94
CA ARG E 1795 -36.91 -71.11 -67.65
C ARG E 1795 -36.80 -72.60 -67.37
N ASP E 1796 -36.78 -73.40 -68.43
CA ASP E 1796 -36.67 -74.85 -68.24
C ASP E 1796 -35.29 -75.19 -67.72
N LYS E 1797 -34.26 -74.62 -68.37
CA LYS E 1797 -32.89 -74.91 -67.96
C LYS E 1797 -32.68 -74.43 -66.55
N ALA E 1798 -33.31 -73.29 -66.24
CA ALA E 1798 -33.10 -72.66 -64.94
C ALA E 1798 -33.74 -73.47 -63.85
N LEU E 1799 -35.00 -73.85 -64.05
CA LEU E 1799 -35.69 -74.61 -63.03
C LEU E 1799 -35.07 -75.99 -62.83
N ARG E 1800 -34.59 -76.59 -63.92
CA ARG E 1800 -33.95 -77.90 -63.76
C ARG E 1800 -32.64 -77.76 -63.00
N MET E 1801 -31.94 -76.67 -63.27
CA MET E 1801 -30.71 -76.38 -62.54
C MET E 1801 -31.00 -76.13 -61.07
N LEU E 1802 -32.19 -75.59 -60.79
CA LEU E 1802 -32.59 -75.35 -59.42
C LEU E 1802 -32.87 -76.61 -58.66
N GLY E 1803 -33.69 -77.48 -59.26
CA GLY E 1803 -34.10 -78.68 -58.55
C GLY E 1803 -32.90 -79.59 -58.40
N GLU E 1804 -32.07 -79.62 -59.43
CA GLU E 1804 -30.85 -80.39 -59.36
C GLU E 1804 -29.90 -79.79 -58.32
N ALA E 1805 -29.96 -78.46 -58.15
CA ALA E 1805 -29.07 -77.79 -57.20
C ALA E 1805 -29.44 -78.05 -55.75
N VAL E 1806 -30.73 -77.96 -55.43
CA VAL E 1806 -31.16 -78.31 -54.10
C VAL E 1806 -30.98 -79.81 -53.88
N ARG E 1807 -31.12 -80.58 -54.94
CA ARG E 1807 -31.07 -82.02 -54.78
C ARG E 1807 -29.66 -82.51 -54.48
N ASP E 1808 -28.69 -82.13 -55.31
CA ASP E 1808 -27.32 -82.52 -55.03
C ASP E 1808 -26.78 -81.74 -53.82
N GLY E 1809 -27.38 -80.59 -53.56
CA GLY E 1809 -26.96 -79.78 -52.43
C GLY E 1809 -27.34 -80.42 -51.11
N GLY E 1810 -28.49 -81.09 -51.08
CA GLY E 1810 -28.92 -81.78 -49.88
C GLY E 1810 -28.20 -83.10 -49.71
N GLN E 1811 -27.58 -83.56 -50.80
CA GLN E 1811 -26.77 -84.76 -50.77
C GLN E 1811 -25.40 -84.42 -50.20
N HIS E 1812 -25.14 -83.12 -50.08
CA HIS E 1812 -23.94 -82.58 -49.48
C HIS E 1812 -22.66 -83.12 -50.15
N ALA E 1813 -22.75 -83.39 -51.45
CA ALA E 1813 -21.54 -83.65 -52.23
C ALA E 1813 -20.75 -82.36 -52.31
N ARG E 1814 -19.42 -82.46 -52.27
CA ARG E 1814 -18.60 -81.26 -52.21
C ARG E 1814 -17.60 -81.11 -53.37
N ASP E 1815 -18.08 -81.19 -54.60
CA ASP E 1815 -17.25 -80.83 -55.75
C ASP E 1815 -16.77 -79.39 -55.55
N PRO E 1816 -17.68 -78.44 -55.22
CA PRO E 1816 -19.14 -78.37 -55.33
C PRO E 1816 -19.56 -77.57 -56.55
N VAL E 1817 -19.58 -78.22 -57.71
CA VAL E 1817 -19.93 -77.57 -58.98
C VAL E 1817 -19.04 -76.37 -59.27
N GLY E 1818 -19.31 -75.26 -58.61
CA GLY E 1818 -18.57 -74.03 -58.85
C GLY E 1818 -17.27 -73.94 -58.08
N GLY E 1819 -16.98 -74.96 -57.28
CA GLY E 1819 -15.82 -74.95 -56.41
C GLY E 1819 -16.17 -74.26 -55.10
N SER E 1820 -17.41 -73.81 -55.01
CA SER E 1820 -17.97 -73.27 -53.76
C SER E 1820 -19.48 -73.34 -53.85
N VAL E 1821 -20.13 -73.44 -52.70
CA VAL E 1821 -21.58 -73.46 -52.67
C VAL E 1821 -22.13 -72.13 -53.17
N GLU E 1822 -21.43 -71.05 -52.85
CA GLU E 1822 -21.90 -69.74 -53.22
C GLU E 1822 -21.97 -69.65 -54.72
N PHE E 1823 -20.94 -70.16 -55.38
CA PHE E 1823 -20.95 -70.23 -56.83
C PHE E 1823 -22.04 -71.16 -57.29
N GLN E 1824 -22.24 -72.25 -56.54
CA GLN E 1824 -23.18 -73.28 -56.93
C GLN E 1824 -24.61 -72.73 -57.00
N PHE E 1825 -24.95 -71.87 -56.05
CA PHE E 1825 -26.29 -71.26 -56.06
C PHE E 1825 -26.37 -69.79 -56.45
N VAL E 1826 -25.60 -68.95 -55.76
CA VAL E 1826 -25.78 -67.50 -55.91
C VAL E 1826 -26.04 -67.07 -57.36
N PRO E 1827 -25.19 -67.51 -58.31
CA PRO E 1827 -25.51 -67.15 -59.70
C PRO E 1827 -26.88 -67.65 -60.16
N VAL E 1828 -27.26 -68.83 -59.66
CA VAL E 1828 -28.45 -69.51 -60.14
C VAL E 1828 -29.69 -68.91 -59.51
N LEU E 1829 -29.62 -68.63 -58.22
CA LEU E 1829 -30.69 -67.93 -57.54
C LEU E 1829 -30.82 -66.52 -58.09
N LYS E 1830 -29.72 -65.96 -58.57
CA LYS E 1830 -29.76 -64.66 -59.21
C LYS E 1830 -30.51 -64.74 -60.53
N LEU E 1831 -30.15 -65.73 -61.33
CA LEU E 1831 -30.75 -65.87 -62.64
C LEU E 1831 -32.22 -66.13 -62.51
N VAL E 1832 -32.58 -66.96 -61.54
CA VAL E 1832 -33.98 -67.24 -61.27
C VAL E 1832 -34.68 -66.03 -60.68
N SER E 1833 -33.95 -65.19 -59.97
CA SER E 1833 -34.60 -64.02 -59.39
C SER E 1833 -34.98 -63.06 -60.50
N THR E 1834 -34.02 -62.75 -61.37
CA THR E 1834 -34.31 -61.85 -62.48
C THR E 1834 -35.32 -62.45 -63.45
N LEU E 1835 -35.26 -63.77 -63.63
CA LEU E 1835 -36.18 -64.46 -64.52
C LEU E 1835 -37.61 -64.42 -63.99
N LEU E 1836 -37.70 -64.44 -62.66
CA LEU E 1836 -38.98 -64.50 -61.97
C LEU E 1836 -39.61 -63.13 -61.84
N VAL E 1837 -38.79 -62.12 -61.58
CA VAL E 1837 -39.26 -60.75 -61.54
C VAL E 1837 -39.73 -60.34 -62.91
N MET E 1838 -39.12 -60.95 -63.92
CA MET E 1838 -39.34 -60.59 -65.32
C MET E 1838 -40.77 -60.80 -65.78
N GLY E 1839 -41.46 -61.77 -65.19
CA GLY E 1839 -42.80 -62.12 -65.60
C GLY E 1839 -42.82 -63.43 -66.36
N ILE E 1840 -42.12 -64.41 -65.82
CA ILE E 1840 -41.94 -65.68 -66.50
C ILE E 1840 -42.34 -66.82 -65.62
N PHE E 1841 -42.82 -67.88 -66.26
CA PHE E 1841 -43.31 -69.09 -65.63
C PHE E 1841 -44.77 -68.94 -65.34
N GLY E 1842 -45.45 -70.08 -65.25
CA GLY E 1842 -46.78 -70.13 -64.71
C GLY E 1842 -46.58 -70.12 -63.21
N ASP E 1843 -47.65 -69.96 -62.46
CA ASP E 1843 -47.55 -70.00 -61.03
C ASP E 1843 -46.98 -71.37 -60.77
N GLU E 1844 -47.40 -72.34 -61.59
CA GLU E 1844 -47.00 -73.72 -61.40
C GLU E 1844 -45.49 -73.86 -61.37
N ASP E 1845 -44.74 -73.19 -62.24
CA ASP E 1845 -43.30 -73.27 -61.98
C ASP E 1845 -42.97 -72.50 -60.72
N VAL E 1846 -43.71 -71.43 -60.45
CA VAL E 1846 -43.53 -70.72 -59.20
C VAL E 1846 -43.90 -71.64 -58.04
N LYS E 1847 -44.90 -72.49 -58.24
CA LYS E 1847 -45.23 -73.48 -57.24
C LYS E 1847 -44.07 -74.46 -57.09
N GLN E 1848 -43.38 -74.71 -58.19
CA GLN E 1848 -42.20 -75.55 -58.15
C GLN E 1848 -41.11 -74.88 -57.34
N ILE E 1849 -41.10 -73.55 -57.35
CA ILE E 1849 -40.11 -72.81 -56.59
C ILE E 1849 -40.44 -72.84 -55.10
N LEU E 1850 -41.71 -72.61 -54.80
CA LEU E 1850 -42.18 -72.57 -53.42
C LEU E 1850 -41.97 -73.93 -52.77
N LYS E 1851 -42.24 -74.98 -53.52
CA LYS E 1851 -42.01 -76.34 -53.03
C LYS E 1851 -40.53 -76.70 -53.06
N MET E 1852 -39.77 -75.96 -53.86
CA MET E 1852 -38.32 -75.96 -53.76
C MET E 1852 -37.86 -75.36 -52.45
N ILE E 1853 -38.67 -74.46 -51.89
CA ILE E 1853 -38.24 -73.67 -50.74
C ILE E 1853 -38.72 -74.14 -49.37
N GLU E 1854 -40.04 -74.19 -49.15
CA GLU E 1854 -40.55 -74.41 -47.79
C GLU E 1854 -40.02 -75.73 -47.19
N PRO E 1855 -40.11 -76.86 -47.91
CA PRO E 1855 -41.08 -77.32 -48.92
C PRO E 1855 -42.45 -77.50 -48.27
N GLU E 1856 -43.53 -77.22 -49.01
CA GLU E 1856 -44.89 -77.43 -48.52
C GLU E 1856 -45.90 -77.09 -49.61
N GLY E 1912 -35.94 -78.36 -49.13
CA GLY E 1912 -36.05 -76.91 -49.12
C GLY E 1912 -34.70 -76.22 -49.07
N LEU E 1913 -34.44 -75.38 -50.05
CA LEU E 1913 -33.19 -74.63 -50.07
C LEU E 1913 -33.07 -73.72 -48.86
N LEU E 1914 -34.21 -73.18 -48.44
CA LEU E 1914 -34.27 -72.31 -47.27
C LEU E 1914 -33.92 -73.08 -45.99
N GLN E 1915 -34.26 -74.36 -45.97
CA GLN E 1915 -33.91 -75.24 -44.86
C GLN E 1915 -32.40 -75.46 -44.75
N MET E 1916 -31.72 -75.36 -45.89
CA MET E 1916 -30.31 -75.72 -46.00
C MET E 1916 -29.39 -74.81 -45.21
N LYS E 1917 -28.27 -75.34 -44.76
CA LYS E 1917 -27.16 -74.51 -44.32
C LYS E 1917 -26.63 -73.74 -45.52
N LEU E 1918 -26.32 -72.46 -45.33
CA LEU E 1918 -25.86 -71.63 -46.43
C LEU E 1918 -24.64 -70.78 -46.09
N PRO E 1919 -23.78 -70.56 -47.10
CA PRO E 1919 -22.82 -69.45 -47.21
C PRO E 1919 -23.58 -68.14 -47.36
N GLU E 1920 -23.00 -67.03 -46.89
CA GLU E 1920 -23.74 -65.78 -46.79
C GLU E 1920 -24.38 -65.30 -48.10
N SER E 1921 -23.62 -65.32 -49.19
CA SER E 1921 -24.14 -64.72 -50.42
C SER E 1921 -25.38 -65.44 -50.92
N VAL E 1922 -25.43 -66.75 -50.71
CA VAL E 1922 -26.60 -67.50 -51.11
C VAL E 1922 -27.79 -67.05 -50.27
N LYS E 1923 -27.53 -66.71 -49.01
CA LYS E 1923 -28.59 -66.19 -48.15
C LYS E 1923 -29.05 -64.86 -48.68
N LEU E 1924 -28.12 -64.12 -49.28
CA LEU E 1924 -28.45 -62.79 -49.76
C LEU E 1924 -29.35 -62.86 -50.99
N GLN E 1925 -28.91 -63.60 -51.99
CA GLN E 1925 -29.68 -63.70 -53.21
C GLN E 1925 -31.01 -64.40 -52.96
N MET E 1926 -30.99 -65.38 -52.06
CA MET E 1926 -32.20 -66.09 -51.67
C MET E 1926 -33.15 -65.14 -50.99
N CYS E 1927 -32.57 -64.22 -50.23
CA CYS E 1927 -33.36 -63.21 -49.56
C CYS E 1927 -34.01 -62.30 -50.58
N ASN E 1928 -33.29 -62.02 -51.66
CA ASN E 1928 -33.88 -61.21 -52.72
C ASN E 1928 -35.03 -61.96 -53.40
N LEU E 1929 -34.88 -63.27 -53.50
CA LEU E 1929 -35.89 -64.09 -54.16
C LEU E 1929 -37.19 -64.09 -53.34
N LEU E 1930 -37.01 -64.32 -52.05
CA LEU E 1930 -38.11 -64.32 -51.11
C LEU E 1930 -38.73 -62.93 -51.08
N GLU E 1931 -37.88 -61.93 -51.32
CA GLU E 1931 -38.34 -60.56 -51.37
C GLU E 1931 -39.29 -60.37 -52.55
N TYR E 1932 -38.97 -61.00 -53.68
CA TYR E 1932 -39.91 -60.95 -54.78
C TYR E 1932 -41.19 -61.68 -54.44
N PHE E 1933 -41.09 -62.76 -53.67
CA PHE E 1933 -42.32 -63.45 -53.28
C PHE E 1933 -43.25 -62.62 -52.42
N CYS E 1934 -42.71 -62.04 -51.36
CA CYS E 1934 -43.54 -61.23 -50.50
C CYS E 1934 -44.05 -60.01 -51.23
N ASP E 1935 -43.24 -59.49 -52.16
CA ASP E 1935 -43.63 -58.30 -52.89
C ASP E 1935 -44.81 -58.60 -53.81
N GLN E 1936 -44.71 -59.72 -54.53
CA GLN E 1936 -45.80 -60.12 -55.42
C GLN E 1936 -47.05 -60.46 -54.61
N GLU E 1937 -46.84 -61.01 -53.42
CA GLU E 1937 -47.99 -61.32 -52.56
C GLU E 1937 -48.68 -60.03 -52.15
N LEU E 1938 -47.87 -58.99 -51.93
CA LEU E 1938 -48.44 -57.68 -51.64
C LEU E 1938 -49.19 -57.16 -52.85
N GLN E 1939 -48.71 -57.49 -54.04
CA GLN E 1939 -49.46 -57.09 -55.21
C GLN E 1939 -50.80 -57.80 -55.27
N HIS E 1940 -50.82 -59.05 -54.85
CA HIS E 1940 -52.08 -59.80 -54.83
C HIS E 1940 -53.02 -59.17 -53.82
N ARG E 1941 -52.44 -58.66 -52.74
CA ARG E 1941 -53.27 -58.12 -51.67
C ARG E 1941 -53.90 -56.79 -52.08
N VAL E 1942 -53.05 -55.89 -52.57
CA VAL E 1942 -53.54 -54.57 -52.96
C VAL E 1942 -54.49 -54.69 -54.14
N GLU E 1943 -54.16 -55.58 -55.06
CA GLU E 1943 -55.01 -55.78 -56.23
C GLU E 1943 -56.35 -56.37 -55.80
N SER E 1944 -56.33 -57.21 -54.78
CA SER E 1944 -57.58 -57.72 -54.25
C SER E 1944 -58.39 -56.60 -53.63
N LEU E 1945 -57.69 -55.64 -53.02
CA LEU E 1945 -58.40 -54.52 -52.43
C LEU E 1945 -59.03 -53.71 -53.54
N ALA E 1946 -58.38 -53.71 -54.70
CA ALA E 1946 -58.96 -53.12 -55.90
C ALA E 1946 -60.17 -53.92 -56.40
N ALA E 1947 -60.17 -55.24 -56.21
CA ALA E 1947 -61.35 -56.02 -56.54
C ALA E 1947 -62.51 -55.61 -55.64
N PHE E 1948 -62.16 -55.28 -54.40
CA PHE E 1948 -63.13 -54.72 -53.47
C PHE E 1948 -63.59 -53.40 -54.05
N ALA E 1949 -62.66 -52.66 -54.64
CA ALA E 1949 -62.99 -51.38 -55.25
C ALA E 1949 -63.96 -51.57 -56.41
N GLU E 1950 -63.81 -52.70 -57.10
CA GLU E 1950 -64.76 -53.14 -58.12
C GLU E 1950 -66.11 -53.50 -57.49
N ARG E 1951 -66.02 -54.29 -56.40
CA ARG E 1951 -67.16 -54.79 -55.60
C ARG E 1951 -68.04 -53.91 -54.66
N TYR E 1952 -67.44 -53.06 -53.83
CA TYR E 1952 -68.22 -52.14 -53.00
C TYR E 1952 -68.70 -50.94 -53.77
N VAL E 1953 -67.80 -50.40 -54.58
CA VAL E 1953 -68.13 -49.21 -55.35
C VAL E 1953 -69.35 -49.42 -56.22
N ASP E 1954 -69.46 -50.58 -56.87
CA ASP E 1954 -70.67 -50.82 -57.66
C ASP E 1954 -71.89 -50.86 -56.76
N LYS E 1955 -71.75 -51.54 -55.63
CA LYS E 1955 -72.85 -51.65 -54.69
C LYS E 1955 -73.24 -50.31 -54.05
N LEU E 1956 -72.26 -49.43 -53.92
CA LEU E 1956 -72.47 -48.15 -53.25
C LEU E 1956 -73.06 -47.13 -54.19
N GLN E 1957 -72.65 -47.13 -55.45
CA GLN E 1957 -73.36 -46.31 -56.43
C GLN E 1957 -74.78 -46.84 -56.59
N ALA E 1958 -74.92 -48.15 -56.45
CA ALA E 1958 -76.24 -48.76 -56.47
C ALA E 1958 -77.06 -48.29 -55.28
N ASN E 1959 -76.36 -47.99 -54.18
CA ASN E 1959 -77.04 -47.47 -53.00
C ASN E 1959 -77.43 -46.01 -53.19
N GLN E 1960 -76.54 -45.22 -53.79
CA GLN E 1960 -76.81 -43.81 -54.02
C GLN E 1960 -77.95 -43.60 -54.99
N ARG E 1961 -78.09 -44.51 -55.94
CA ARG E 1961 -79.15 -44.34 -56.93
C ARG E 1961 -80.51 -44.69 -56.34
N SER E 1962 -80.51 -45.40 -55.22
CA SER E 1962 -81.72 -45.59 -54.43
C SER E 1962 -82.16 -44.28 -53.78
N ARG E 1963 -81.20 -43.37 -53.61
CA ARG E 1963 -81.44 -42.13 -52.89
C ARG E 1963 -81.61 -40.95 -53.85
N UNK E 1964 -65.69 -35.18 -55.31
CA UNK E 1964 -66.28 -33.94 -54.83
C UNK E 1964 -67.15 -34.21 -53.60
N UNK E 1965 -68.43 -33.85 -53.69
CA UNK E 1965 -69.38 -34.20 -52.64
C UNK E 1965 -69.54 -35.71 -52.54
N UNK E 1966 -69.34 -36.39 -53.69
CA UNK E 1966 -69.36 -37.84 -53.69
C UNK E 1966 -68.19 -38.39 -52.89
N UNK E 1967 -67.09 -37.66 -52.86
CA UNK E 1967 -65.98 -38.02 -51.99
C UNK E 1967 -66.39 -37.88 -50.52
N UNK E 1968 -67.25 -36.90 -50.24
CA UNK E 1968 -67.82 -36.78 -48.92
C UNK E 1968 -68.74 -37.96 -48.62
N UNK E 1969 -69.38 -38.49 -49.66
CA UNK E 1969 -70.12 -39.74 -49.51
C UNK E 1969 -69.18 -40.90 -49.22
N UNK E 1970 -67.98 -40.83 -49.76
CA UNK E 1970 -66.97 -41.82 -49.42
C UNK E 1970 -66.57 -41.66 -47.96
N UNK E 1971 -66.64 -40.42 -47.47
CA UNK E 1971 -66.48 -40.18 -46.04
C UNK E 1971 -67.67 -40.75 -45.26
N UNK E 1972 -68.84 -40.80 -45.90
CA UNK E 1972 -69.97 -41.47 -45.29
C UNK E 1972 -69.68 -42.97 -45.20
N UNK E 1973 -68.95 -43.49 -46.18
CA UNK E 1973 -68.47 -44.87 -46.10
C UNK E 1973 -67.45 -44.99 -44.97
N UNK E 1974 -66.72 -43.90 -44.73
CA UNK E 1974 -65.75 -43.84 -43.64
C UNK E 1974 -66.44 -43.84 -42.28
N UNK E 1975 -67.70 -43.40 -42.27
CA UNK E 1975 -68.47 -43.30 -41.04
C UNK E 1975 -68.74 -44.67 -40.44
N UNK E 1976 -68.67 -45.69 -41.28
CA UNK E 1976 -69.02 -47.06 -40.90
C UNK E 1976 -68.05 -47.65 -39.87
N UNK E 1977 -66.87 -47.04 -39.73
CA UNK E 1977 -65.85 -47.56 -38.84
C UNK E 1977 -66.30 -47.61 -37.38
N UNK E 1978 -67.20 -46.71 -37.02
CA UNK E 1978 -67.73 -46.67 -35.66
C UNK E 1978 -69.11 -46.04 -35.62
N THR E 1979 -77.68 -50.92 -45.30
CA THR E 1979 -76.28 -50.64 -45.06
C THR E 1979 -75.55 -51.89 -44.56
N SER E 1980 -75.98 -53.05 -45.03
CA SER E 1980 -75.27 -54.30 -44.79
C SER E 1980 -73.93 -54.28 -45.52
N LEU E 1981 -73.85 -53.40 -46.51
CA LEU E 1981 -72.65 -53.28 -47.32
C LEU E 1981 -71.48 -52.88 -46.42
N SER E 1982 -71.79 -52.12 -45.37
CA SER E 1982 -70.77 -51.78 -44.39
C SER E 1982 -70.27 -53.02 -43.66
N SER E 1983 -71.17 -53.97 -43.42
CA SER E 1983 -70.76 -55.25 -42.85
C SER E 1983 -69.90 -56.02 -43.83
N ARG E 1984 -70.19 -55.85 -45.12
CA ARG E 1984 -69.41 -56.53 -46.14
C ARG E 1984 -67.99 -55.97 -46.21
N LEU E 1985 -67.89 -54.64 -46.09
CA LEU E 1985 -66.58 -54.01 -45.98
C LEU E 1985 -65.86 -54.40 -44.71
N ARG E 1986 -66.63 -54.58 -43.63
CA ARG E 1986 -66.03 -54.98 -42.36
C ARG E 1986 -65.44 -56.37 -42.51
N SER E 1987 -66.11 -57.18 -43.32
CA SER E 1987 -65.66 -58.55 -43.54
C SER E 1987 -64.43 -58.58 -44.41
N LEU E 1988 -64.46 -57.80 -45.48
CA LEU E 1988 -63.34 -57.74 -46.42
C LEU E 1988 -62.11 -57.22 -45.68
N LEU E 1989 -62.32 -56.23 -44.81
CA LEU E 1989 -61.24 -55.73 -43.98
C LEU E 1989 -60.75 -56.79 -43.01
N GLU E 1990 -61.67 -57.63 -42.55
CA GLU E 1990 -61.27 -58.67 -41.63
C GLU E 1990 -60.35 -59.62 -42.38
N THR E 1991 -60.62 -59.80 -43.68
CA THR E 1991 -59.71 -60.54 -44.53
C THR E 1991 -58.41 -59.78 -44.82
N VAL E 1992 -58.46 -58.45 -44.76
CA VAL E 1992 -57.27 -57.63 -45.01
C VAL E 1992 -56.37 -57.64 -43.78
N ARG E 1993 -56.90 -58.10 -42.65
CA ARG E 1993 -56.08 -58.26 -41.47
C ARG E 1993 -54.96 -59.27 -41.73
N LEU E 1994 -55.22 -60.21 -42.63
CA LEU E 1994 -54.21 -61.18 -43.04
C LEU E 1994 -54.27 -61.43 -44.53
N SER E 2015 -48.69 -69.72 -45.02
CA SER E 2015 -48.16 -68.99 -43.88
C SER E 2015 -46.75 -68.50 -44.17
N LEU E 2016 -46.57 -67.86 -45.32
CA LEU E 2016 -45.25 -67.39 -45.74
C LEU E 2016 -44.66 -66.36 -44.80
N GLN E 2017 -45.53 -65.57 -44.18
CA GLN E 2017 -45.07 -64.50 -43.31
C GLN E 2017 -44.30 -65.08 -42.14
N GLU E 2018 -44.76 -66.25 -41.70
CA GLU E 2018 -44.14 -66.91 -40.58
C GLU E 2018 -42.82 -67.56 -40.94
N LEU E 2019 -42.74 -68.21 -42.11
CA LEU E 2019 -41.46 -68.80 -42.49
C LEU E 2019 -40.44 -67.70 -42.70
N VAL E 2020 -40.90 -66.55 -43.19
CA VAL E 2020 -39.98 -65.46 -43.43
C VAL E 2020 -39.49 -64.90 -42.12
N SER E 2021 -40.42 -64.67 -41.20
CA SER E 2021 -40.02 -64.06 -39.94
C SER E 2021 -39.13 -64.99 -39.15
N HIS E 2022 -39.58 -66.23 -38.97
CA HIS E 2022 -38.80 -67.18 -38.19
C HIS E 2022 -37.46 -67.51 -38.84
N MET E 2023 -37.37 -67.54 -40.17
CA MET E 2023 -36.09 -67.90 -40.75
C MET E 2023 -35.14 -66.71 -40.83
N VAL E 2024 -35.65 -65.51 -41.05
CA VAL E 2024 -34.79 -64.35 -40.96
C VAL E 2024 -34.27 -64.21 -39.53
N VAL E 2025 -35.11 -64.57 -38.56
CA VAL E 2025 -34.63 -64.63 -37.19
C VAL E 2025 -33.57 -65.72 -37.03
N ARG E 2026 -33.71 -66.83 -37.77
CA ARG E 2026 -32.71 -67.89 -37.66
C ARG E 2026 -31.36 -67.42 -38.20
N TRP E 2027 -31.39 -66.76 -39.35
CA TRP E 2027 -30.17 -66.26 -39.98
C TRP E 2027 -29.51 -65.20 -39.14
N ALA E 2028 -30.34 -64.34 -38.55
CA ALA E 2028 -29.84 -63.26 -37.74
C ALA E 2028 -29.35 -63.78 -36.40
N GLN E 2029 -29.77 -64.98 -36.04
CA GLN E 2029 -29.41 -65.56 -34.75
C GLN E 2029 -28.14 -66.40 -34.84
N GLU E 2030 -28.23 -67.52 -35.56
CA GLU E 2030 -27.15 -68.50 -35.56
C GLU E 2030 -25.83 -68.00 -36.16
N ASP E 2031 -25.91 -67.09 -37.11
CA ASP E 2031 -24.75 -66.80 -37.96
C ASP E 2031 -23.89 -65.59 -37.61
N TYR E 2032 -24.48 -64.57 -36.98
CA TYR E 2032 -23.89 -63.23 -36.96
C TYR E 2032 -23.56 -62.84 -38.40
N VAL E 2033 -24.58 -62.47 -39.15
CA VAL E 2033 -24.41 -62.12 -40.55
C VAL E 2033 -23.56 -60.87 -40.72
N GLN E 2034 -22.81 -60.85 -41.82
CA GLN E 2034 -21.98 -59.70 -42.17
C GLN E 2034 -21.93 -59.58 -43.69
N SER E 2035 -21.38 -58.48 -44.17
CA SER E 2035 -21.64 -57.92 -45.51
C SER E 2035 -23.06 -57.40 -45.51
N PRO E 2036 -23.19 -56.07 -45.42
CA PRO E 2036 -24.38 -55.30 -45.05
C PRO E 2036 -25.62 -55.50 -45.92
N GLU E 2037 -25.44 -55.73 -47.21
CA GLU E 2037 -26.59 -55.78 -48.11
C GLU E 2037 -27.53 -56.89 -47.72
N LEU E 2038 -26.95 -57.99 -47.24
CA LEU E 2038 -27.72 -59.11 -46.76
C LEU E 2038 -28.54 -58.73 -45.54
N VAL E 2039 -27.97 -57.88 -44.72
CA VAL E 2039 -28.62 -57.48 -43.48
C VAL E 2039 -29.80 -56.60 -43.83
N ARG E 2040 -29.54 -55.64 -44.72
CA ARG E 2040 -30.55 -54.69 -45.14
C ARG E 2040 -31.70 -55.40 -45.84
N ALA E 2041 -31.37 -56.47 -46.54
CA ALA E 2041 -32.40 -57.22 -47.24
C ALA E 2041 -33.24 -58.02 -46.25
N MET E 2042 -32.55 -58.65 -45.30
CA MET E 2042 -33.23 -59.45 -44.29
C MET E 2042 -34.22 -58.61 -43.54
N PHE E 2043 -33.74 -57.50 -43.00
CA PHE E 2043 -34.59 -56.61 -42.23
C PHE E 2043 -35.63 -55.88 -43.06
N SER E 2044 -35.34 -55.68 -44.34
CA SER E 2044 -36.33 -55.09 -45.22
C SER E 2044 -37.52 -56.02 -45.28
N LEU E 2045 -37.23 -57.30 -45.53
CA LEU E 2045 -38.30 -58.29 -45.53
C LEU E 2045 -38.94 -58.51 -44.19
N LEU E 2046 -38.19 -58.27 -43.12
CA LEU E 2046 -38.67 -58.59 -41.80
C LEU E 2046 -39.71 -57.55 -41.39
N HIS E 2047 -39.41 -56.28 -41.63
CA HIS E 2047 -40.43 -55.27 -41.45
C HIS E 2047 -41.55 -55.49 -42.46
N ARG E 2048 -41.19 -55.97 -43.63
CA ARG E 2048 -42.17 -56.18 -44.68
C ARG E 2048 -43.17 -57.24 -44.24
N GLN E 2049 -42.75 -58.12 -43.33
CA GLN E 2049 -43.67 -59.10 -42.78
C GLN E 2049 -44.43 -58.62 -41.55
N TYR E 2050 -43.73 -57.97 -40.61
CA TYR E 2050 -44.44 -57.53 -39.39
C TYR E 2050 -45.51 -56.48 -39.62
N ASP E 2051 -45.38 -55.70 -40.70
CA ASP E 2051 -46.41 -54.72 -41.00
C ASP E 2051 -46.66 -54.64 -42.50
N GLY E 2052 -47.29 -55.66 -43.05
CA GLY E 2052 -47.64 -55.64 -44.44
C GLY E 2052 -48.89 -54.81 -44.66
N LEU E 2053 -49.58 -54.47 -43.57
CA LEU E 2053 -50.76 -53.63 -43.66
C LEU E 2053 -50.40 -52.17 -43.88
N GLY E 2054 -49.45 -51.67 -43.10
CA GLY E 2054 -49.00 -50.30 -43.29
C GLY E 2054 -48.12 -50.22 -44.51
N GLU E 2055 -47.52 -51.35 -44.86
CA GLU E 2055 -46.83 -51.45 -46.12
C GLU E 2055 -47.82 -51.36 -47.27
N LEU E 2056 -49.01 -51.89 -47.04
CA LEU E 2056 -50.09 -51.71 -48.00
C LEU E 2056 -50.46 -50.25 -48.01
N LEU E 2057 -50.32 -49.58 -46.86
CA LEU E 2057 -50.65 -48.17 -46.80
C LEU E 2057 -49.71 -47.34 -47.66
N ARG E 2058 -48.41 -47.60 -47.55
CA ARG E 2058 -47.45 -46.91 -48.40
C ARG E 2058 -47.64 -47.31 -49.86
N ALA E 2059 -48.10 -48.55 -50.08
CA ALA E 2059 -48.39 -49.03 -51.42
C ALA E 2059 -49.58 -48.34 -52.11
N LEU E 2060 -50.58 -47.95 -51.31
CA LEU E 2060 -51.84 -47.44 -51.87
C LEU E 2060 -51.75 -46.25 -52.82
N PRO E 2061 -50.98 -45.20 -52.44
CA PRO E 2061 -50.97 -44.04 -53.34
C PRO E 2061 -50.49 -44.38 -54.75
N ARG E 2062 -49.56 -45.33 -54.85
CA ARG E 2062 -49.14 -45.84 -56.15
C ARG E 2062 -50.26 -46.59 -56.87
N ALA E 2063 -51.14 -47.25 -56.13
CA ALA E 2063 -52.26 -47.97 -56.74
C ALA E 2063 -53.23 -47.00 -57.40
N TYR E 2064 -53.80 -47.38 -58.54
CA TYR E 2064 -54.76 -46.53 -59.21
C TYR E 2064 -55.56 -47.36 -60.21
N THR E 2065 -56.87 -47.45 -60.02
CA THR E 2065 -57.71 -48.26 -60.92
C THR E 2065 -57.85 -47.59 -62.29
N ILE E 2066 -58.08 -48.40 -63.33
CA ILE E 2066 -58.15 -47.88 -64.69
C ILE E 2066 -59.29 -48.51 -65.47
N SER E 2067 -60.00 -47.70 -66.26
CA SER E 2067 -61.09 -48.21 -67.08
C SER E 2067 -60.54 -49.18 -68.13
N PRO E 2068 -61.13 -50.38 -68.20
CA PRO E 2068 -60.53 -51.46 -68.99
C PRO E 2068 -60.34 -51.13 -70.47
N SER E 2069 -61.27 -50.38 -71.04
CA SER E 2069 -61.21 -50.11 -72.47
C SER E 2069 -59.96 -49.28 -72.77
N SER E 2070 -59.56 -48.50 -71.79
CA SER E 2070 -58.39 -47.64 -71.91
C SER E 2070 -57.07 -48.33 -71.60
N VAL E 2071 -57.10 -49.55 -71.07
CA VAL E 2071 -55.88 -50.05 -70.42
C VAL E 2071 -54.69 -50.14 -71.37
N GLU E 2072 -54.96 -50.43 -72.63
CA GLU E 2072 -53.87 -50.60 -73.57
C GLU E 2072 -53.08 -49.31 -73.71
N ASP E 2073 -53.79 -48.18 -73.68
CA ASP E 2073 -53.11 -46.90 -73.80
C ASP E 2073 -52.21 -46.73 -72.60
N THR E 2074 -52.70 -47.16 -71.44
CA THR E 2074 -51.93 -47.02 -70.22
C THR E 2074 -50.70 -47.87 -70.35
N MET E 2075 -50.85 -49.00 -71.04
CA MET E 2075 -49.72 -49.89 -71.19
C MET E 2075 -48.69 -49.15 -72.00
N SER E 2076 -49.15 -48.52 -73.07
CA SER E 2076 -48.24 -47.77 -73.92
C SER E 2076 -47.67 -46.63 -73.11
N LEU E 2077 -48.49 -46.10 -72.21
CA LEU E 2077 -48.04 -45.00 -71.38
C LEU E 2077 -46.93 -45.51 -70.50
N LEU E 2078 -47.15 -46.68 -69.92
CA LEU E 2078 -46.12 -47.30 -69.10
C LEU E 2078 -44.96 -47.67 -69.98
N GLU E 2079 -45.25 -47.96 -71.25
CA GLU E 2079 -44.17 -48.33 -72.15
C GLU E 2079 -43.26 -47.14 -72.32
N CYS E 2080 -43.85 -45.94 -72.25
CA CYS E 2080 -43.05 -44.73 -72.27
C CYS E 2080 -42.18 -44.58 -71.03
N LEU E 2081 -42.70 -45.06 -69.89
CA LEU E 2081 -41.90 -45.06 -68.67
C LEU E 2081 -40.89 -46.20 -68.69
N GLY E 2082 -41.08 -47.14 -69.59
CA GLY E 2082 -40.13 -48.22 -69.77
C GLY E 2082 -38.97 -47.68 -70.56
N GLN E 2083 -39.16 -46.48 -71.11
CA GLN E 2083 -38.13 -45.81 -71.86
C GLN E 2083 -37.43 -44.79 -70.99
N ILE E 2084 -38.17 -43.75 -70.60
CA ILE E 2084 -37.59 -42.64 -69.86
C ILE E 2084 -37.03 -42.99 -68.48
N ARG E 2085 -37.70 -43.88 -67.75
CA ARG E 2085 -37.16 -44.24 -66.46
C ARG E 2085 -35.82 -44.89 -66.70
N SER E 2086 -35.76 -45.74 -67.72
CA SER E 2086 -34.51 -46.40 -68.06
C SER E 2086 -33.45 -45.37 -68.42
N LEU E 2087 -33.91 -44.26 -69.01
CA LEU E 2087 -33.01 -43.18 -69.37
C LEU E 2087 -32.51 -42.44 -68.14
N LEU E 2088 -33.27 -42.54 -67.05
CA LEU E 2088 -32.95 -41.83 -65.81
C LEU E 2088 -31.60 -42.26 -65.27
N ILE E 2089 -31.27 -43.53 -65.47
CA ILE E 2089 -30.03 -44.10 -65.00
C ILE E 2089 -28.91 -43.85 -66.02
N VAL E 2090 -29.28 -43.34 -67.18
CA VAL E 2090 -28.30 -42.99 -68.20
C VAL E 2090 -27.83 -41.53 -68.06
N GLN E 2095 -28.42 -38.89 -79.29
CA GLN E 2095 -28.84 -40.28 -79.35
C GLN E 2095 -29.89 -40.57 -78.28
N GLU E 2096 -29.51 -40.31 -77.03
CA GLU E 2096 -30.37 -40.54 -75.89
C GLU E 2096 -31.61 -39.65 -75.97
N GLU E 2097 -31.33 -38.38 -76.18
CA GLU E 2097 -32.32 -37.32 -76.13
C GLU E 2097 -33.34 -37.35 -77.27
N ASN E 2098 -32.98 -37.90 -78.41
CA ASN E 2098 -33.96 -38.05 -79.48
C ASN E 2098 -34.99 -39.09 -79.09
N LEU E 2099 -34.53 -40.17 -78.49
CA LEU E 2099 -35.42 -41.20 -77.98
C LEU E 2099 -36.27 -40.63 -76.86
N MET E 2100 -35.66 -39.73 -76.08
CA MET E 2100 -36.42 -39.17 -74.97
C MET E 2100 -37.52 -38.27 -75.47
N ILE E 2101 -37.19 -37.38 -76.41
CA ILE E 2101 -38.16 -36.44 -76.94
C ILE E 2101 -39.27 -37.18 -77.69
N GLN E 2102 -38.89 -38.27 -78.35
CA GLN E 2102 -39.89 -39.07 -79.05
C GLN E 2102 -40.83 -39.75 -78.06
N SER E 2103 -40.27 -40.25 -76.95
CA SER E 2103 -41.09 -40.91 -75.95
C SER E 2103 -42.02 -39.91 -75.28
N ILE E 2104 -41.50 -38.72 -75.02
CA ILE E 2104 -42.26 -37.64 -74.41
C ILE E 2104 -43.37 -37.17 -75.34
N GLY E 2105 -43.11 -37.23 -76.65
CA GLY E 2105 -44.13 -36.85 -77.60
C GLY E 2105 -45.23 -37.89 -77.60
N ASN E 2106 -44.82 -39.15 -77.45
CA ASN E 2106 -45.81 -40.22 -77.37
C ASN E 2106 -46.65 -40.07 -76.11
N ILE E 2107 -46.03 -39.56 -75.05
CA ILE E 2107 -46.72 -39.26 -73.81
C ILE E 2107 -47.70 -38.11 -73.96
N MET E 2108 -47.32 -37.13 -74.76
CA MET E 2108 -48.21 -36.03 -75.08
C MET E 2108 -49.41 -36.55 -75.84
N ASN E 2109 -49.17 -37.57 -76.66
CA ASN E 2109 -50.23 -38.17 -77.45
C ASN E 2109 -51.30 -38.89 -76.64
N ASN E 2110 -50.92 -39.40 -75.47
CA ASN E 2110 -51.84 -40.22 -74.66
C ASN E 2110 -53.05 -39.47 -74.15
N LYS E 2111 -54.21 -40.13 -74.19
CA LYS E 2111 -55.44 -39.54 -73.69
C LYS E 2111 -55.64 -39.83 -72.21
N VAL E 2112 -55.09 -40.96 -71.76
CA VAL E 2112 -55.14 -41.36 -70.35
C VAL E 2112 -54.35 -40.35 -69.53
N PHE E 2113 -53.38 -39.72 -70.18
CA PHE E 2113 -52.59 -38.66 -69.56
C PHE E 2113 -53.49 -37.48 -69.18
N TYR E 2114 -54.57 -37.31 -69.94
CA TYR E 2114 -55.52 -36.25 -69.68
C TYR E 2114 -56.63 -36.76 -68.77
N GLN E 2115 -57.16 -37.92 -69.15
CA GLN E 2115 -58.26 -38.54 -68.44
C GLN E 2115 -57.91 -38.96 -67.03
N HIS E 2116 -56.65 -39.30 -66.80
CA HIS E 2116 -56.25 -39.73 -65.47
C HIS E 2116 -54.96 -39.05 -65.02
N PRO E 2117 -55.04 -37.74 -64.72
CA PRO E 2117 -53.85 -37.03 -64.21
C PRO E 2117 -53.30 -37.63 -62.91
N ASN E 2118 -54.21 -38.12 -62.08
CA ASN E 2118 -53.84 -38.64 -60.78
C ASN E 2118 -52.96 -39.85 -60.93
N LEU E 2119 -53.20 -40.60 -62.01
CA LEU E 2119 -52.34 -41.71 -62.35
C LEU E 2119 -50.95 -41.23 -62.64
N MET E 2120 -50.86 -40.05 -63.25
CA MET E 2120 -49.57 -39.56 -63.70
C MET E 2120 -48.77 -39.07 -62.51
N ARG E 2121 -49.41 -38.33 -61.63
CA ARG E 2121 -48.71 -37.89 -60.42
C ARG E 2121 -48.41 -39.08 -59.52
N ALA E 2122 -49.26 -40.11 -59.56
CA ALA E 2122 -49.02 -41.35 -58.82
C ALA E 2122 -47.82 -42.11 -59.37
N LEU E 2123 -47.57 -41.96 -60.67
CA LEU E 2123 -46.42 -42.60 -61.28
C LEU E 2123 -45.12 -42.04 -60.73
N GLY E 2124 -45.16 -40.80 -60.28
CA GLY E 2124 -43.96 -40.13 -59.82
C GLY E 2124 -43.19 -39.66 -61.03
N MET E 2125 -43.87 -39.66 -62.17
CA MET E 2125 -43.21 -39.43 -63.46
C MET E 2125 -42.56 -38.06 -63.53
N HIS E 2126 -43.22 -37.04 -62.99
CA HIS E 2126 -42.70 -35.69 -63.12
C HIS E 2126 -41.36 -35.56 -62.42
N GLU E 2127 -41.21 -36.28 -61.32
CA GLU E 2127 -39.95 -36.34 -60.60
C GLU E 2127 -38.88 -37.01 -61.45
N THR E 2128 -39.31 -37.96 -62.27
CA THR E 2128 -38.41 -38.66 -63.18
C THR E 2128 -37.91 -37.75 -64.28
N VAL E 2129 -38.85 -37.05 -64.92
CA VAL E 2129 -38.51 -36.19 -66.03
C VAL E 2129 -37.67 -35.02 -65.58
N MET E 2130 -38.02 -34.47 -64.42
CA MET E 2130 -37.22 -33.41 -63.83
C MET E 2130 -35.83 -33.91 -63.43
N GLU E 2131 -35.76 -35.16 -62.98
CA GLU E 2131 -34.47 -35.69 -62.57
C GLU E 2131 -33.59 -35.81 -63.80
N VAL E 2132 -34.20 -36.24 -64.90
CA VAL E 2132 -33.50 -36.38 -66.16
C VAL E 2132 -33.06 -35.01 -66.65
N MET E 2133 -33.87 -33.99 -66.36
CA MET E 2133 -33.47 -32.63 -66.64
C MET E 2133 -32.23 -32.20 -65.86
N VAL E 2134 -32.20 -32.60 -64.59
CA VAL E 2134 -31.06 -32.26 -63.74
C VAL E 2134 -29.82 -32.95 -64.27
N ASN E 2135 -30.00 -34.17 -64.78
CA ASN E 2135 -28.89 -34.87 -65.41
C ASN E 2135 -28.45 -34.21 -66.71
N VAL E 2136 -29.40 -33.65 -67.45
CA VAL E 2136 -29.06 -32.94 -68.69
C VAL E 2136 -28.27 -31.68 -68.39
N LEU E 2137 -28.56 -31.06 -67.25
CA LEU E 2137 -27.86 -29.85 -66.87
C LEU E 2137 -26.38 -30.08 -66.58
N GLY E 2138 -26.03 -31.30 -66.21
CA GLY E 2138 -24.65 -31.64 -65.92
C GLY E 2138 -23.80 -31.79 -67.17
N PRO E 2148 -29.55 -30.16 -74.84
CA PRO E 2148 -29.82 -29.04 -75.72
C PRO E 2148 -31.33 -28.88 -75.93
N LYS E 2149 -31.82 -29.38 -77.07
CA LYS E 2149 -33.24 -29.34 -77.37
C LYS E 2149 -34.03 -30.21 -76.39
N MET E 2150 -33.33 -31.17 -75.80
CA MET E 2150 -33.95 -32.07 -74.84
C MET E 2150 -34.48 -31.29 -73.66
N VAL E 2151 -33.77 -30.22 -73.29
CA VAL E 2151 -34.25 -29.34 -72.24
C VAL E 2151 -35.55 -28.68 -72.65
N THR E 2152 -35.67 -28.39 -73.94
CA THR E 2152 -36.84 -27.70 -74.43
C THR E 2152 -38.04 -28.61 -74.41
N SER E 2153 -37.90 -29.81 -74.97
CA SER E 2153 -39.03 -30.73 -74.99
C SER E 2153 -39.40 -31.16 -73.57
N CYS E 2154 -38.39 -31.25 -72.72
CA CYS E 2154 -38.60 -31.63 -71.33
C CYS E 2154 -39.44 -30.57 -70.64
N CYS E 2155 -39.08 -29.32 -70.87
CA CYS E 2155 -39.83 -28.21 -70.29
C CYS E 2155 -41.22 -28.07 -70.90
N ARG E 2156 -41.38 -28.51 -72.15
CA ARG E 2156 -42.70 -28.52 -72.76
C ARG E 2156 -43.56 -29.48 -71.97
N PHE E 2157 -43.04 -30.69 -71.78
CA PHE E 2157 -43.81 -31.69 -71.06
C PHE E 2157 -44.07 -31.32 -69.62
N LEU E 2158 -43.12 -30.62 -69.00
CA LEU E 2158 -43.30 -30.29 -67.60
C LEU E 2158 -44.29 -29.14 -67.43
N CYS E 2159 -44.22 -28.14 -68.29
CA CYS E 2159 -45.17 -27.04 -68.23
C CYS E 2159 -46.58 -27.54 -68.53
N TYR E 2160 -46.68 -28.39 -69.55
CA TYR E 2160 -47.98 -28.90 -69.95
C TYR E 2160 -48.48 -29.80 -68.84
N PHE E 2161 -47.53 -30.43 -68.15
CA PHE E 2161 -47.86 -31.30 -67.03
C PHE E 2161 -48.42 -30.47 -65.89
N CYS E 2162 -47.92 -29.24 -65.76
CA CYS E 2162 -48.51 -28.28 -64.84
C CYS E 2162 -49.90 -27.87 -65.29
N ARG E 2163 -50.12 -27.86 -66.60
CA ARG E 2163 -51.39 -27.36 -67.14
C ARG E 2163 -52.61 -28.20 -66.76
N ILE E 2164 -52.45 -29.51 -66.65
CA ILE E 2164 -53.61 -30.40 -66.61
C ILE E 2164 -54.51 -30.29 -65.37
N SER E 2165 -53.95 -29.98 -64.21
CA SER E 2165 -54.76 -29.79 -63.00
C SER E 2165 -53.94 -29.10 -61.90
N ARG E 2166 -54.61 -28.28 -61.09
CA ARG E 2166 -53.91 -27.57 -60.03
C ARG E 2166 -53.35 -28.51 -58.96
N GLN E 2167 -54.06 -29.60 -58.69
CA GLN E 2167 -53.59 -30.54 -57.68
C GLN E 2167 -52.28 -31.19 -58.11
N ASN E 2168 -52.16 -31.44 -59.42
CA ASN E 2168 -50.90 -31.87 -60.00
C ASN E 2168 -49.88 -30.75 -59.95
N GLN E 2169 -50.40 -29.54 -60.08
CA GLN E 2169 -49.57 -28.36 -60.14
C GLN E 2169 -48.89 -28.12 -58.81
N ARG E 2170 -49.50 -28.55 -57.72
CA ARG E 2170 -48.82 -28.52 -56.43
C ARG E 2170 -47.66 -29.50 -56.43
N SER E 2171 -47.89 -30.64 -57.06
CA SER E 2171 -46.87 -31.67 -57.09
C SER E 2171 -45.67 -31.18 -57.86
N MET E 2172 -45.91 -30.40 -58.92
CA MET E 2172 -44.79 -29.71 -59.54
C MET E 2172 -44.23 -28.61 -58.64
N PHE E 2173 -45.12 -28.01 -57.87
CA PHE E 2173 -44.81 -26.82 -57.09
C PHE E 2173 -43.81 -27.09 -55.98
N ASP E 2174 -43.81 -28.31 -55.47
CA ASP E 2174 -42.90 -28.67 -54.39
C ASP E 2174 -41.43 -28.62 -54.83
N HIS E 2175 -41.22 -28.80 -56.13
CA HIS E 2175 -39.88 -28.99 -56.68
C HIS E 2175 -39.18 -27.71 -57.12
N LEU E 2176 -39.79 -26.57 -56.83
CA LEU E 2176 -39.24 -25.30 -57.28
C LEU E 2176 -37.85 -25.08 -56.71
N SER E 2177 -37.54 -25.66 -55.56
CA SER E 2177 -36.20 -25.45 -55.02
C SER E 2177 -35.11 -25.98 -55.96
N TYR E 2178 -35.31 -27.21 -56.47
CA TYR E 2178 -34.41 -27.83 -57.45
C TYR E 2178 -34.42 -27.07 -58.78
N LEU E 2179 -35.65 -26.74 -59.19
CA LEU E 2179 -35.93 -26.18 -60.50
C LEU E 2179 -35.29 -24.82 -60.69
N LEU E 2180 -35.33 -23.99 -59.65
CA LEU E 2180 -34.77 -22.65 -59.82
C LEU E 2180 -33.26 -22.66 -59.84
N GLU E 2181 -32.69 -23.41 -58.90
CA GLU E 2181 -31.25 -23.51 -58.79
C GLU E 2181 -30.74 -24.17 -60.07
N ASN E 2182 -31.57 -25.06 -60.60
CA ASN E 2182 -31.36 -25.63 -61.91
C ASN E 2182 -31.49 -24.61 -63.04
N SER E 2183 -32.34 -23.60 -62.83
CA SER E 2183 -32.64 -22.62 -63.87
C SER E 2183 -31.74 -21.41 -63.78
N GLY E 2184 -30.75 -21.47 -62.89
CA GLY E 2184 -29.88 -20.33 -62.71
C GLY E 2184 -28.93 -20.15 -63.87
N ILE E 2185 -28.82 -21.17 -64.71
CA ILE E 2185 -28.06 -21.07 -65.96
C ILE E 2185 -28.90 -20.40 -67.05
N THR E 2193 -37.10 -23.97 -71.42
CA THR E 2193 -36.44 -23.37 -70.27
C THR E 2193 -37.03 -23.88 -68.96
N PRO E 2194 -36.17 -24.35 -68.05
CA PRO E 2194 -36.61 -24.91 -66.77
C PRO E 2194 -37.41 -23.92 -65.95
N LEU E 2195 -37.07 -22.65 -66.08
CA LEU E 2195 -37.78 -21.61 -65.35
C LEU E 2195 -39.23 -21.52 -65.78
N ASP E 2196 -39.48 -21.85 -67.05
CA ASP E 2196 -40.84 -21.82 -67.58
C ASP E 2196 -41.70 -22.84 -66.85
N VAL E 2197 -41.08 -23.94 -66.45
CA VAL E 2197 -41.78 -24.98 -65.73
C VAL E 2197 -42.25 -24.45 -64.37
N ALA E 2198 -41.42 -23.58 -63.80
CA ALA E 2198 -41.75 -22.99 -62.52
C ALA E 2198 -42.86 -21.97 -62.67
N ALA E 2199 -42.75 -21.13 -63.69
CA ALA E 2199 -43.76 -20.11 -63.90
C ALA E 2199 -45.11 -20.76 -64.19
N ALA E 2200 -45.09 -21.84 -64.95
CA ALA E 2200 -46.29 -22.60 -65.25
C ALA E 2200 -46.81 -23.25 -63.98
N SER E 2201 -45.89 -23.60 -63.09
CA SER E 2201 -46.27 -24.14 -61.80
C SER E 2201 -46.96 -23.08 -60.95
N VAL E 2202 -46.64 -21.82 -61.20
CA VAL E 2202 -47.17 -20.73 -60.38
C VAL E 2202 -48.48 -20.12 -60.88
N ILE E 2203 -48.65 -20.01 -62.20
CA ILE E 2203 -49.68 -19.11 -62.74
C ILE E 2203 -51.13 -19.40 -62.37
N ASP E 2204 -51.52 -20.68 -62.39
CA ASP E 2204 -52.93 -21.02 -62.24
C ASP E 2204 -53.48 -20.70 -60.86
N ASN E 2205 -52.64 -20.78 -59.83
CA ASN E 2205 -53.15 -20.81 -58.47
C ASN E 2205 -52.78 -19.62 -57.60
N ASN E 2206 -53.79 -18.92 -57.09
CA ASN E 2206 -53.55 -17.90 -56.08
C ASN E 2206 -53.03 -18.57 -54.82
N GLU E 2207 -53.51 -19.77 -54.56
CA GLU E 2207 -53.13 -20.48 -53.36
C GLU E 2207 -51.67 -20.91 -53.41
N LEU E 2208 -51.26 -21.46 -54.55
CA LEU E 2208 -49.87 -21.83 -54.72
C LEU E 2208 -48.98 -20.60 -54.77
N ALA E 2209 -49.52 -19.50 -55.30
CA ALA E 2209 -48.74 -18.27 -55.35
C ALA E 2209 -48.47 -17.78 -53.94
N LEU E 2210 -49.44 -17.95 -53.05
CA LEU E 2210 -49.19 -17.71 -51.64
C LEU E 2210 -48.22 -18.73 -51.06
N ALA E 2211 -48.26 -19.95 -51.58
CA ALA E 2211 -47.52 -21.05 -50.98
C ALA E 2211 -46.01 -20.91 -51.09
N LEU E 2212 -45.53 -20.22 -52.12
CA LEU E 2212 -44.11 -20.15 -52.38
C LEU E 2212 -43.33 -19.44 -51.28
N GLN E 2213 -42.15 -19.96 -50.98
CA GLN E 2213 -41.28 -19.38 -49.98
C GLN E 2213 -40.60 -18.12 -50.47
N GLU E 2214 -40.29 -17.22 -49.56
CA GLU E 2214 -39.56 -16.01 -49.92
C GLU E 2214 -38.15 -16.36 -50.41
N GLN E 2215 -37.65 -17.51 -49.96
CA GLN E 2215 -36.33 -17.97 -50.33
C GLN E 2215 -36.18 -18.24 -51.82
N ASP E 2216 -37.26 -18.69 -52.44
CA ASP E 2216 -37.25 -18.99 -53.87
C ASP E 2216 -37.11 -17.70 -54.67
N LEU E 2217 -37.93 -16.73 -54.30
CA LEU E 2217 -37.91 -15.43 -54.95
C LEU E 2217 -36.58 -14.79 -54.68
N GLU E 2218 -36.00 -15.11 -53.53
CA GLU E 2218 -34.68 -14.64 -53.18
C GLU E 2218 -33.62 -15.23 -54.10
N LYS E 2219 -33.80 -16.48 -54.48
CA LYS E 2219 -32.90 -17.08 -55.46
C LYS E 2219 -33.08 -16.41 -56.81
N VAL E 2220 -34.32 -16.02 -57.12
CA VAL E 2220 -34.57 -15.44 -58.42
C VAL E 2220 -33.97 -14.05 -58.53
N VAL E 2221 -34.18 -13.23 -57.52
CA VAL E 2221 -33.60 -11.90 -57.48
C VAL E 2221 -32.08 -11.98 -57.36
N SER E 2222 -31.57 -13.04 -56.73
CA SER E 2222 -30.14 -13.23 -56.71
C SER E 2222 -29.62 -13.51 -58.12
N TYR E 2223 -30.40 -14.26 -58.89
CA TYR E 2223 -30.04 -14.49 -60.27
C TYR E 2223 -30.11 -13.20 -61.07
N LEU E 2224 -31.04 -12.33 -60.70
CA LEU E 2224 -31.10 -11.00 -61.29
C LEU E 2224 -29.86 -10.20 -60.92
N ALA E 2225 -29.34 -10.44 -59.73
CA ALA E 2225 -28.09 -9.82 -59.32
C ALA E 2225 -26.98 -10.36 -60.19
N GLY E 2226 -27.15 -11.60 -60.65
CA GLY E 2226 -26.21 -12.15 -61.61
C GLY E 2226 -26.51 -11.69 -63.03
N CYS E 2227 -27.67 -11.08 -63.23
CA CYS E 2227 -28.07 -10.57 -64.53
C CYS E 2227 -27.58 -9.13 -64.76
N GLY E 2228 -26.92 -8.56 -63.77
CA GLY E 2228 -26.54 -7.17 -63.84
C GLY E 2228 -25.30 -6.95 -64.69
N LEU E 2229 -24.63 -8.05 -65.04
CA LEU E 2229 -23.47 -7.97 -65.92
C LEU E 2229 -23.89 -7.62 -67.35
N PRO E 2247 -29.64 -8.94 -69.39
CA PRO E 2247 -30.02 -9.48 -70.70
C PRO E 2247 -31.22 -10.43 -70.62
N CYS E 2248 -31.24 -11.44 -71.50
CA CYS E 2248 -32.40 -12.32 -71.64
C CYS E 2248 -32.70 -13.12 -70.37
N GLY E 2249 -31.66 -13.45 -69.62
CA GLY E 2249 -31.87 -14.23 -68.42
C GLY E 2249 -32.67 -13.39 -67.43
N GLY E 2250 -32.40 -12.10 -67.43
CA GLY E 2250 -33.12 -11.21 -66.54
C GLY E 2250 -34.56 -11.02 -66.95
N GLU E 2251 -34.84 -10.94 -68.24
CA GLU E 2251 -36.24 -10.82 -68.66
C GLU E 2251 -36.97 -12.11 -68.36
N ARG E 2252 -36.25 -13.23 -68.37
CA ARG E 2252 -36.87 -14.49 -67.98
C ARG E 2252 -37.21 -14.53 -66.51
N TYR E 2253 -36.25 -14.18 -65.67
CA TYR E 2253 -36.47 -14.25 -64.23
C TYR E 2253 -37.55 -13.25 -63.82
N LEU E 2254 -37.54 -12.09 -64.46
CA LEU E 2254 -38.57 -11.11 -64.24
C LEU E 2254 -39.90 -11.60 -64.74
N ASP E 2255 -39.90 -12.42 -65.79
CA ASP E 2255 -41.14 -13.01 -66.24
C ASP E 2255 -41.66 -13.97 -65.18
N PHE E 2256 -40.73 -14.65 -64.50
CA PHE E 2256 -41.14 -15.55 -63.45
C PHE E 2256 -41.73 -14.82 -62.26
N LEU E 2257 -41.13 -13.68 -61.89
CA LEU E 2257 -41.70 -12.89 -60.82
C LEU E 2257 -43.07 -12.35 -61.26
N ARG E 2258 -43.15 -12.06 -62.55
CA ARG E 2258 -44.31 -11.49 -63.19
C ARG E 2258 -45.49 -12.44 -63.13
N PHE E 2259 -45.20 -13.72 -63.22
CA PHE E 2259 -46.21 -14.74 -63.01
C PHE E 2259 -46.36 -15.06 -61.52
N ALA E 2260 -45.37 -14.66 -60.73
CA ALA E 2260 -45.37 -14.94 -59.30
C ALA E 2260 -46.14 -13.91 -58.47
N VAL E 2261 -46.53 -12.79 -59.07
CA VAL E 2261 -47.21 -11.77 -58.27
C VAL E 2261 -48.63 -11.41 -58.76
N PHE E 2262 -48.81 -11.23 -60.06
CA PHE E 2262 -50.10 -10.77 -60.57
C PHE E 2262 -51.18 -11.83 -60.37
N VAL E 2263 -50.74 -13.09 -60.40
CA VAL E 2263 -51.59 -14.28 -60.36
C VAL E 2263 -52.86 -14.07 -61.21
N ASN E 2264 -54.02 -14.56 -60.78
CA ASN E 2264 -55.23 -14.57 -61.60
C ASN E 2264 -55.76 -13.18 -61.96
N GLY E 2265 -55.53 -12.21 -61.09
CA GLY E 2265 -56.06 -10.88 -61.31
C GLY E 2265 -55.53 -9.86 -60.31
N GLU E 2266 -56.07 -9.89 -59.10
CA GLU E 2266 -55.56 -9.04 -58.05
C GLU E 2266 -54.12 -9.44 -57.76
N SER E 2267 -53.25 -8.46 -57.57
CA SER E 2267 -51.88 -8.76 -57.20
C SER E 2267 -51.85 -9.38 -55.81
N VAL E 2268 -50.98 -10.37 -55.61
CA VAL E 2268 -50.79 -10.90 -54.27
C VAL E 2268 -49.75 -10.08 -53.54
N GLU E 2269 -50.24 -9.16 -52.71
CA GLU E 2269 -49.36 -8.25 -51.98
C GLU E 2269 -48.45 -9.00 -51.02
N GLU E 2270 -48.89 -10.17 -50.57
CA GLU E 2270 -48.07 -10.98 -49.67
C GLU E 2270 -46.78 -11.43 -50.36
N ASN E 2271 -46.87 -11.67 -51.66
CA ASN E 2271 -45.67 -11.94 -52.46
C ASN E 2271 -45.04 -10.67 -52.98
N ALA E 2272 -45.87 -9.76 -53.47
CA ALA E 2272 -45.41 -8.59 -54.20
C ALA E 2272 -44.58 -7.70 -53.31
N ASN E 2273 -44.92 -7.66 -52.03
CA ASN E 2273 -44.16 -6.86 -51.09
C ASN E 2273 -42.75 -7.39 -50.96
N VAL E 2274 -42.61 -8.69 -50.73
CA VAL E 2274 -41.29 -9.30 -50.60
C VAL E 2274 -40.49 -9.20 -51.90
N VAL E 2275 -41.19 -9.27 -53.04
CA VAL E 2275 -40.50 -9.15 -54.31
C VAL E 2275 -39.92 -7.76 -54.47
N VAL E 2276 -40.72 -6.76 -54.11
CA VAL E 2276 -40.24 -5.38 -54.17
C VAL E 2276 -39.10 -5.14 -53.18
N ARG E 2277 -39.17 -5.79 -52.03
CA ARG E 2277 -38.15 -5.60 -51.01
C ARG E 2277 -36.83 -6.17 -51.52
N LEU E 2278 -36.89 -7.35 -52.12
CA LEU E 2278 -35.70 -7.95 -52.71
C LEU E 2278 -35.16 -7.17 -53.90
N LEU E 2279 -36.07 -6.59 -54.69
CA LEU E 2279 -35.66 -5.86 -55.88
C LEU E 2279 -35.15 -4.47 -55.57
N ILE E 2280 -35.39 -3.99 -54.36
CA ILE E 2280 -34.83 -2.71 -53.96
C ILE E 2280 -33.60 -2.93 -53.09
N ARG E 2281 -33.52 -4.07 -52.43
CA ARG E 2281 -32.31 -4.44 -51.72
C ARG E 2281 -31.25 -5.06 -52.63
N LYS E 2282 -31.61 -5.38 -53.88
CA LYS E 2282 -30.64 -5.98 -54.79
C LYS E 2282 -30.42 -5.39 -56.21
N PRO E 2283 -30.99 -4.20 -56.55
CA PRO E 2283 -30.57 -3.66 -57.86
C PRO E 2283 -29.06 -3.44 -57.91
N GLU E 2284 -28.52 -3.11 -56.73
CA GLU E 2284 -27.13 -2.78 -56.47
C GLU E 2284 -26.12 -3.40 -57.42
N GLY E 2297 -32.39 9.26 -67.23
CA GLY E 2297 -32.21 8.07 -66.44
C GLY E 2297 -32.49 6.81 -67.22
N LEU E 2298 -33.45 6.03 -66.74
CA LEU E 2298 -33.84 4.79 -67.42
C LEU E 2298 -34.38 5.09 -68.81
N LEU E 2299 -35.02 6.24 -68.94
CA LEU E 2299 -35.58 6.63 -70.23
C LEU E 2299 -34.48 6.85 -71.26
N ALA E 2300 -33.33 7.33 -70.82
CA ALA E 2300 -32.20 7.47 -71.73
C ALA E 2300 -31.74 6.10 -72.20
N ALA E 2301 -31.81 5.12 -71.31
CA ALA E 2301 -31.46 3.76 -71.67
C ALA E 2301 -32.48 3.23 -72.67
N ILE E 2302 -33.72 3.68 -72.53
CA ILE E 2302 -34.77 3.33 -73.45
C ILE E 2302 -34.53 3.91 -74.84
N GLU E 2303 -33.99 5.13 -74.88
CA GLU E 2303 -33.74 5.78 -76.16
C GLU E 2303 -32.54 5.14 -76.86
N GLU E 2304 -31.50 4.88 -76.07
CA GLU E 2304 -30.32 4.24 -76.61
C GLU E 2304 -30.66 2.83 -77.08
N ALA E 2305 -31.60 2.19 -76.40
CA ALA E 2305 -32.13 0.92 -76.86
C ALA E 2305 -32.93 1.06 -78.15
N ILE E 2306 -33.63 2.18 -78.30
CA ILE E 2306 -34.38 2.44 -79.53
C ILE E 2306 -33.44 2.64 -80.71
N ARG E 2307 -32.27 3.20 -80.44
CA ARG E 2307 -31.31 3.48 -81.51
C ARG E 2307 -30.46 2.26 -81.88
N ILE E 2308 -30.56 1.19 -81.11
CA ILE E 2308 -29.85 -0.04 -81.42
C ILE E 2308 -30.73 -1.01 -82.20
N GLY E 2341 -29.34 -5.87 -77.83
CA GLY E 2341 -29.89 -4.53 -77.73
C GLY E 2341 -31.35 -4.55 -77.35
N HIS E 2342 -32.16 -5.25 -78.13
CA HIS E 2342 -33.58 -5.40 -77.83
C HIS E 2342 -33.84 -6.14 -76.52
N ALA E 2343 -32.93 -7.02 -76.14
CA ALA E 2343 -33.08 -7.79 -74.92
C ALA E 2343 -33.05 -6.90 -73.69
N ILE E 2344 -32.30 -5.82 -73.77
CA ILE E 2344 -32.21 -4.88 -72.66
C ILE E 2344 -33.48 -4.06 -72.52
N MET E 2345 -33.97 -3.57 -73.67
CA MET E 2345 -35.20 -2.79 -73.68
C MET E 2345 -36.38 -3.64 -73.21
N SER E 2346 -36.35 -4.90 -73.61
CA SER E 2346 -37.33 -5.86 -73.12
C SER E 2346 -37.12 -6.17 -71.65
N PHE E 2347 -35.89 -6.05 -71.18
CA PHE E 2347 -35.58 -6.29 -69.78
C PHE E 2347 -36.17 -5.22 -68.88
N TYR E 2348 -35.93 -3.96 -69.24
CA TYR E 2348 -36.55 -2.86 -68.54
C TYR E 2348 -38.05 -2.84 -68.75
N ALA E 2349 -38.51 -3.38 -69.87
CA ALA E 2349 -39.94 -3.46 -70.10
C ALA E 2349 -40.59 -4.43 -69.11
N ALA E 2350 -40.00 -5.62 -69.00
CA ALA E 2350 -40.51 -6.62 -68.06
C ALA E 2350 -40.34 -6.13 -66.64
N LEU E 2351 -39.30 -5.34 -66.40
CA LEU E 2351 -39.01 -4.88 -65.06
C LEU E 2351 -40.01 -3.83 -64.61
N ILE E 2352 -40.26 -2.84 -65.47
CA ILE E 2352 -41.24 -1.83 -65.14
C ILE E 2352 -42.63 -2.45 -65.10
N ASP E 2353 -42.85 -3.44 -65.94
CA ASP E 2353 -44.14 -4.11 -65.97
C ASP E 2353 -44.34 -4.81 -64.65
N LEU E 2354 -43.24 -5.30 -64.10
CA LEU E 2354 -43.28 -6.03 -62.84
C LEU E 2354 -43.54 -5.07 -61.69
N LEU E 2355 -42.83 -3.96 -61.70
CA LEU E 2355 -42.99 -2.96 -60.66
C LEU E 2355 -44.38 -2.34 -60.67
N GLY E 2356 -45.02 -2.25 -61.84
CA GLY E 2356 -46.41 -1.85 -61.82
C GLY E 2356 -47.30 -2.98 -61.39
N ARG E 2357 -46.89 -4.19 -61.74
CA ARG E 2357 -47.70 -5.37 -61.53
C ARG E 2357 -47.83 -5.74 -60.07
N CYS E 2358 -46.82 -5.37 -59.29
CA CYS E 2358 -46.82 -5.64 -57.85
C CYS E 2358 -47.60 -4.60 -57.07
N ALA E 2359 -48.04 -3.55 -57.75
CA ALA E 2359 -48.75 -2.47 -57.08
C ALA E 2359 -50.08 -2.94 -56.48
N GLU E 2371 -50.30 -0.68 -45.12
CA GLU E 2371 -48.86 -0.56 -45.32
C GLU E 2371 -48.49 -0.64 -46.79
N ALA E 2372 -49.50 -0.85 -47.64
CA ALA E 2372 -49.29 -0.95 -49.07
C ALA E 2372 -49.03 0.42 -49.69
N LEU E 2373 -49.52 1.48 -49.05
CA LEU E 2373 -49.35 2.82 -49.59
C LEU E 2373 -47.88 3.25 -49.69
N ARG E 2374 -47.08 2.81 -48.73
CA ARG E 2374 -45.67 3.21 -48.72
C ARG E 2374 -44.90 2.50 -49.81
N ILE E 2375 -45.17 1.22 -50.00
CA ILE E 2375 -44.55 0.50 -51.10
C ILE E 2375 -45.08 1.04 -52.43
N ARG E 2376 -46.31 1.53 -52.44
CA ARG E 2376 -46.83 2.15 -53.64
C ARG E 2376 -46.04 3.41 -53.93
N ALA E 2377 -45.60 4.07 -52.86
CA ALA E 2377 -44.82 5.29 -53.01
C ALA E 2377 -43.41 4.98 -53.51
N ILE E 2378 -42.78 3.95 -52.94
CA ILE E 2378 -41.43 3.61 -53.34
C ILE E 2378 -41.47 3.12 -54.78
N LEU E 2379 -42.59 2.52 -55.17
CA LEU E 2379 -42.87 2.23 -56.57
C LEU E 2379 -43.04 3.49 -57.41
N ARG E 2380 -43.57 4.56 -56.81
CA ARG E 2380 -43.67 5.82 -57.54
C ARG E 2380 -42.29 6.41 -57.81
N SER E 2381 -41.31 6.04 -56.98
CA SER E 2381 -39.94 6.49 -57.12
C SER E 2381 -39.30 6.00 -58.41
N LEU E 2382 -39.78 4.87 -58.91
CA LEU E 2382 -39.19 4.22 -60.06
C LEU E 2382 -40.07 4.34 -61.29
N UNK E 2383 -44.62 9.77 -62.03
CA UNK E 2383 -44.46 9.79 -63.47
C UNK E 2383 -42.99 9.81 -63.86
N UNK E 2384 -42.18 9.04 -63.12
CA UNK E 2384 -40.76 8.94 -63.40
C UNK E 2384 -40.52 8.32 -64.77
N UNK E 2385 -41.47 7.47 -65.19
CA UNK E 2385 -41.46 6.94 -66.55
C UNK E 2385 -42.35 7.80 -67.43
N UNK E 2386 -43.61 7.40 -67.55
CA UNK E 2386 -44.64 8.21 -68.20
C UNK E 2386 -44.26 8.60 -69.62
N UNK E 2387 -43.33 9.54 -69.72
CA UNK E 2387 -42.85 10.04 -71.00
C UNK E 2387 -42.18 8.92 -71.80
N UNK E 2388 -41.71 7.90 -71.09
CA UNK E 2388 -41.12 6.75 -71.76
C UNK E 2388 -42.16 6.04 -72.62
N UNK E 2389 -43.42 6.05 -72.20
CA UNK E 2389 -44.46 5.51 -73.04
C UNK E 2389 -44.57 6.35 -74.30
N UNK E 2390 -44.38 7.65 -74.16
CA UNK E 2390 -44.32 8.53 -75.31
C UNK E 2390 -43.09 8.20 -76.13
N UNK E 2391 -42.01 7.80 -75.45
CA UNK E 2391 -40.83 7.33 -76.16
C UNK E 2391 -41.19 6.07 -76.92
N UNK E 2392 -42.06 5.26 -76.32
CA UNK E 2392 -42.53 4.07 -77.01
C UNK E 2392 -43.39 4.49 -78.20
N UNK E 2393 -44.04 5.64 -78.06
CA UNK E 2393 -44.77 6.21 -79.18
C UNK E 2393 -43.82 6.66 -80.28
N UNK E 2394 -42.60 7.02 -79.89
CA UNK E 2394 -41.60 7.44 -80.87
C UNK E 2394 -41.16 6.27 -81.74
N UNK E 2395 -41.30 5.06 -81.19
CA UNK E 2395 -40.92 3.85 -81.90
C UNK E 2395 -41.82 3.58 -83.10
N UNK E 2396 -43.03 4.14 -83.05
CA UNK E 2396 -44.00 3.96 -84.13
C UNK E 2396 -43.48 4.56 -85.44
N PHE E 2397 -41.52 -5.54 -81.23
CA PHE E 2397 -40.76 -4.54 -80.50
C PHE E 2397 -41.69 -3.53 -79.83
N VAL E 2398 -42.29 -2.66 -80.63
CA VAL E 2398 -42.98 -1.48 -80.11
C VAL E 2398 -44.12 -1.74 -79.11
N PRO E 2399 -45.09 -2.63 -79.44
CA PRO E 2399 -46.22 -2.78 -78.51
C PRO E 2399 -45.89 -3.21 -77.08
N ASP E 2400 -44.88 -4.05 -76.92
CA ASP E 2400 -44.64 -4.70 -75.64
C ASP E 2400 -44.23 -3.71 -74.56
N HIS E 2401 -43.32 -2.82 -74.93
CA HIS E 2401 -42.70 -1.96 -73.96
C HIS E 2401 -43.74 -0.97 -73.47
N LYS E 2402 -44.51 -0.43 -74.41
CA LYS E 2402 -45.58 0.48 -74.05
C LYS E 2402 -46.66 -0.26 -73.27
N ALA E 2403 -46.83 -1.55 -73.52
CA ALA E 2403 -47.81 -2.31 -72.75
C ALA E 2403 -47.37 -2.38 -71.29
N SER E 2404 -46.07 -2.51 -71.10
CA SER E 2404 -45.54 -2.51 -69.75
C SER E 2404 -45.72 -1.13 -69.13
N MET E 2405 -45.53 -0.10 -69.94
CA MET E 2405 -45.62 1.26 -69.45
C MET E 2405 -47.05 1.60 -69.05
N VAL E 2406 -48.01 1.00 -69.73
CA VAL E 2406 -49.41 1.26 -69.46
C VAL E 2406 -49.89 0.46 -68.27
N LEU E 2407 -49.45 -0.79 -68.13
CA LEU E 2407 -49.81 -1.50 -66.91
C LEU E 2407 -49.19 -0.84 -65.68
N PHE E 2408 -47.99 -0.30 -65.86
CA PHE E 2408 -47.34 0.38 -64.75
C PHE E 2408 -48.06 1.67 -64.42
N LEU E 2409 -48.39 2.42 -65.46
CA LEU E 2409 -49.05 3.70 -65.28
C LEU E 2409 -50.45 3.54 -64.69
N ASP E 2410 -51.11 2.45 -65.02
CA ASP E 2410 -52.46 2.24 -64.52
C ASP E 2410 -52.43 1.74 -63.09
N ARG E 2411 -51.61 0.72 -62.84
CA ARG E 2411 -51.55 0.15 -61.49
C ARG E 2411 -50.95 1.09 -60.45
N VAL E 2412 -49.99 1.94 -60.86
CA VAL E 2412 -49.32 2.80 -59.90
C VAL E 2412 -49.96 4.19 -59.84
N TYR E 2413 -50.51 4.62 -60.96
CA TYR E 2413 -51.02 5.98 -61.07
C TYR E 2413 -52.46 6.01 -61.55
N ASN E 2417 -56.39 15.37 -62.99
CA ASN E 2417 -55.98 14.11 -63.58
C ASN E 2417 -56.21 14.07 -65.08
N GLN E 2418 -57.32 14.66 -65.52
CA GLN E 2418 -57.71 14.57 -66.93
C GLN E 2418 -56.74 15.26 -67.87
N ASP E 2419 -56.05 16.30 -67.41
CA ASP E 2419 -55.04 16.92 -68.26
C ASP E 2419 -53.90 15.95 -68.55
N PHE E 2420 -53.59 15.14 -67.54
CA PHE E 2420 -52.59 14.10 -67.72
C PHE E 2420 -53.08 13.05 -68.70
N LEU E 2421 -54.40 12.83 -68.70
CA LEU E 2421 -55.00 11.82 -69.55
C LEU E 2421 -54.95 12.25 -71.00
N LEU E 2422 -55.30 13.51 -71.24
CA LEU E 2422 -55.22 14.08 -72.57
C LEU E 2422 -53.77 14.14 -73.01
N HIS E 2423 -52.88 14.35 -72.04
CA HIS E 2423 -51.46 14.34 -72.35
C HIS E 2423 -50.98 12.96 -72.79
N VAL E 2424 -51.59 11.91 -72.24
CA VAL E 2424 -51.23 10.54 -72.58
C VAL E 2424 -51.56 10.17 -74.03
N LEU E 2425 -52.61 10.80 -74.57
CA LEU E 2425 -53.19 10.42 -75.87
C LEU E 2425 -52.16 10.33 -76.99
N VAL E 2427 -50.09 9.55 -79.70
CA VAL E 2427 -49.82 8.64 -80.80
C VAL E 2427 -50.82 7.49 -80.90
N GLY E 2428 -51.74 7.37 -79.95
CA GLY E 2428 -52.70 6.29 -80.00
C GLY E 2428 -53.55 6.41 -81.27
N PHE E 2429 -53.79 7.64 -81.70
CA PHE E 2429 -54.44 7.87 -82.98
C PHE E 2429 -53.57 7.39 -84.14
N LEU E 2430 -52.24 7.50 -83.98
CA LEU E 2430 -51.34 6.97 -84.99
C LEU E 2430 -51.45 5.46 -85.02
N PRO E 2431 -51.71 4.85 -83.87
CA PRO E 2431 -52.00 3.42 -83.82
C PRO E 2431 -53.33 3.12 -84.51
N ASP E 2432 -54.27 4.06 -84.42
CA ASP E 2432 -55.52 3.90 -85.14
C ASP E 2432 -55.26 3.92 -86.64
N MET E 2433 -54.29 4.73 -87.06
CA MET E 2433 -53.84 4.70 -88.45
C MET E 2433 -53.16 3.38 -88.75
N ARG E 2434 -52.50 2.82 -87.74
CA ARG E 2434 -51.81 1.55 -87.88
C ARG E 2434 -52.81 0.42 -88.06
N ALA E 2435 -54.04 0.63 -87.61
CA ALA E 2435 -55.08 -0.37 -87.79
C ALA E 2435 -55.35 -0.59 -89.28
N ALA E 2436 -55.18 0.46 -90.07
CA ALA E 2436 -55.33 0.37 -91.52
C ALA E 2436 -54.22 -0.45 -92.16
N ALA E 2437 -53.07 -0.53 -91.49
CA ALA E 2437 -51.88 -1.18 -92.03
C ALA E 2437 -52.09 -2.67 -92.24
N SER E 2438 -52.99 -3.27 -91.46
CA SER E 2438 -53.30 -4.68 -91.58
C SER E 2438 -53.94 -4.99 -92.94
N LEU E 2439 -54.61 -3.99 -93.50
CA LEU E 2439 -55.24 -4.16 -94.81
C LEU E 2439 -54.35 -3.66 -95.93
N THR E 2447 -49.47 -8.23 -90.20
CA THR E 2447 -48.07 -8.24 -89.78
C THR E 2447 -47.95 -8.19 -88.28
N GLU E 2448 -46.73 -7.95 -87.79
CA GLU E 2448 -46.49 -7.84 -86.36
C GLU E 2448 -47.25 -6.65 -85.77
N MET E 2449 -47.41 -5.63 -86.60
CA MET E 2449 -48.07 -4.41 -86.17
C MET E 2449 -49.56 -4.64 -85.92
N ALA E 2450 -50.14 -5.65 -86.55
CA ALA E 2450 -51.52 -6.02 -86.25
C ALA E 2450 -51.64 -6.57 -84.83
N LEU E 2451 -50.65 -7.36 -84.43
CA LEU E 2451 -50.60 -7.86 -83.08
C LEU E 2451 -50.41 -6.67 -82.17
N ALA E 2452 -49.65 -5.70 -82.66
CA ALA E 2452 -49.42 -4.48 -81.93
C ALA E 2452 -50.69 -3.67 -81.75
N LEU E 2453 -51.61 -3.73 -82.72
CA LEU E 2453 -52.83 -2.96 -82.62
C LEU E 2453 -53.84 -3.68 -81.74
N ASN E 2454 -53.75 -5.00 -81.70
CA ASN E 2454 -54.56 -5.72 -80.71
C ASN E 2454 -54.10 -5.40 -79.30
N ARG E 2455 -52.78 -5.43 -79.10
CA ARG E 2455 -52.23 -5.16 -77.79
C ARG E 2455 -52.53 -3.71 -77.41
N TYR E 2456 -52.51 -2.83 -78.40
CA TYR E 2456 -52.92 -1.43 -78.21
C TYR E 2456 -54.41 -1.21 -78.03
N LEU E 2457 -55.23 -2.17 -78.45
CA LEU E 2457 -56.64 -1.97 -78.18
C LEU E 2457 -56.91 -2.42 -76.76
N CYS E 2458 -56.22 -3.46 -76.30
CA CYS E 2458 -56.36 -3.81 -74.88
C CYS E 2458 -55.79 -2.70 -73.99
N LEU E 2459 -54.67 -2.15 -74.43
CA LEU E 2459 -54.07 -1.02 -73.74
C LEU E 2459 -54.99 0.18 -73.84
N ALA E 2460 -55.78 0.26 -74.90
CA ALA E 2460 -56.82 1.27 -74.99
C ALA E 2460 -57.93 1.05 -73.99
N VAL E 2461 -58.23 -0.22 -73.70
CA VAL E 2461 -59.23 -0.56 -72.71
C VAL E 2461 -58.77 -0.18 -71.30
N LEU E 2462 -57.47 -0.29 -71.05
CA LEU E 2462 -56.95 0.01 -69.70
C LEU E 2462 -57.24 1.41 -69.10
N PRO E 2463 -56.99 2.51 -69.85
CA PRO E 2463 -57.15 3.89 -69.37
C PRO E 2463 -58.55 4.21 -68.89
N LEU E 2464 -59.54 3.54 -69.45
CA LEU E 2464 -60.93 3.98 -69.46
C LEU E 2464 -61.48 4.22 -68.06
N ILE E 2465 -60.96 3.47 -67.09
CA ILE E 2465 -61.40 3.63 -65.71
C ILE E 2465 -61.31 5.08 -65.23
N UNK E 2466 -58.37 22.42 -76.12
CA UNK E 2466 -58.54 21.56 -74.97
C UNK E 2466 -59.44 20.38 -75.30
N UNK E 2467 -60.75 20.65 -75.33
CA UNK E 2467 -61.73 19.61 -75.63
C UNK E 2467 -61.59 19.06 -77.05
N UNK E 2468 -61.08 19.90 -77.95
CA UNK E 2468 -60.92 19.49 -79.34
C UNK E 2468 -59.95 18.32 -79.50
N UNK E 2469 -58.93 18.27 -78.64
CA UNK E 2469 -58.04 17.13 -78.63
C UNK E 2469 -58.78 15.87 -78.20
N UNK E 2470 -59.73 16.03 -77.29
CA UNK E 2470 -60.59 14.92 -76.89
C UNK E 2470 -61.47 14.50 -78.05
N UNK E 2471 -61.83 15.47 -78.88
CA UNK E 2471 -62.57 15.19 -80.10
C UNK E 2471 -61.69 14.41 -81.07
N UNK E 2472 -60.39 14.67 -81.02
CA UNK E 2472 -59.45 13.97 -81.89
C UNK E 2472 -59.28 12.53 -81.44
N UNK E 2473 -59.12 12.33 -80.14
CA UNK E 2473 -59.01 10.98 -79.61
C UNK E 2473 -60.30 10.21 -79.81
N UNK E 2474 -61.44 10.91 -79.71
CA UNK E 2474 -62.72 10.30 -80.01
C UNK E 2474 -62.82 9.92 -81.47
N UNK E 2475 -62.21 10.73 -82.34
CA UNK E 2475 -62.14 10.42 -83.75
C UNK E 2475 -61.26 9.20 -83.99
N UNK E 2476 -60.27 9.03 -83.12
CA UNK E 2476 -59.35 7.91 -83.23
C UNK E 2476 -60.02 6.61 -82.82
N UNK E 2477 -60.72 6.65 -81.69
CA UNK E 2477 -61.45 5.48 -81.24
C UNK E 2477 -62.58 5.15 -82.20
N UNK E 2478 -63.18 6.19 -82.79
CA UNK E 2478 -64.19 5.97 -83.80
C UNK E 2478 -63.59 5.32 -85.03
N UNK E 2479 -62.33 5.68 -85.32
CA UNK E 2479 -61.61 5.05 -86.42
C UNK E 2479 -61.34 3.59 -86.10
N UNK E 2480 -61.10 3.30 -84.83
CA UNK E 2480 -60.91 1.93 -84.39
C UNK E 2480 -62.21 1.15 -84.53
N UNK E 2481 -63.33 1.84 -84.33
CA UNK E 2481 -64.63 1.22 -84.54
C UNK E 2481 -64.84 0.94 -86.01
N UNK E 2482 -64.38 1.86 -86.87
CA UNK E 2482 -64.48 1.67 -88.30
C UNK E 2482 -63.63 0.50 -88.76
N UNK E 2483 -62.48 0.32 -88.13
CA UNK E 2483 -61.66 -0.86 -88.36
C UNK E 2483 -62.37 -2.11 -87.85
N UNK E 2484 -63.16 -1.93 -86.80
CA UNK E 2484 -63.92 -3.02 -86.20
C UNK E 2484 -65.20 -3.31 -86.97
N UNK E 2485 -65.54 -2.41 -87.89
CA UNK E 2485 -66.79 -2.52 -88.63
C UNK E 2485 -66.68 -3.53 -89.77
N UNK E 2486 -59.10 -10.74 -80.93
CA UNK E 2486 -59.41 -9.92 -82.09
C UNK E 2486 -60.87 -9.48 -82.08
N UNK E 2487 -61.78 -10.39 -82.39
CA UNK E 2487 -63.20 -10.06 -82.46
C UNK E 2487 -63.78 -9.70 -81.10
N UNK E 2488 -63.52 -10.53 -80.10
CA UNK E 2488 -63.93 -10.19 -78.74
C UNK E 2488 -63.17 -8.96 -78.28
N UNK E 2489 -61.93 -8.85 -78.74
CA UNK E 2489 -61.13 -7.67 -78.49
C UNK E 2489 -61.74 -6.45 -79.16
N UNK E 2490 -62.34 -6.67 -80.32
CA UNK E 2490 -63.07 -5.61 -81.00
C UNK E 2490 -64.31 -5.23 -80.22
N UNK E 2491 -64.90 -6.19 -79.54
CA UNK E 2491 -66.02 -5.91 -78.64
C UNK E 2491 -65.54 -5.08 -77.47
N UNK E 2492 -64.30 -5.33 -77.04
CA UNK E 2492 -63.73 -4.53 -75.97
C UNK E 2492 -63.48 -3.08 -76.43
N UNK E 2493 -63.02 -2.92 -77.66
CA UNK E 2493 -62.86 -1.58 -78.21
C UNK E 2493 -64.20 -0.88 -78.38
N UNK E 2494 -65.23 -1.65 -78.71
CA UNK E 2494 -66.57 -1.11 -78.82
C UNK E 2494 -67.06 -0.67 -77.45
N UNK E 2495 -66.65 -1.41 -76.42
CA UNK E 2495 -66.93 -1.00 -75.06
C UNK E 2495 -66.18 0.26 -74.71
N UNK E 2496 -65.00 0.43 -75.29
CA UNK E 2496 -64.23 1.65 -75.09
C UNK E 2496 -64.95 2.83 -75.72
N UNK E 2497 -65.64 2.55 -76.83
CA UNK E 2497 -66.35 3.60 -77.52
C UNK E 2497 -67.62 3.99 -76.78
N UNK E 2498 -68.36 2.99 -76.32
CA UNK E 2498 -69.57 3.23 -75.55
C UNK E 2498 -69.26 3.91 -74.22
N UNK E 2499 -68.10 3.58 -73.67
CA UNK E 2499 -67.68 4.16 -72.39
C UNK E 2499 -67.22 5.59 -72.58
N UNK E 2500 -66.44 5.84 -73.63
CA UNK E 2500 -65.98 7.19 -73.90
C UNK E 2500 -67.17 8.08 -74.24
N UNK E 2501 -68.15 7.50 -74.92
CA UNK E 2501 -69.40 8.20 -75.19
C UNK E 2501 -70.16 8.46 -73.91
N UNK E 2502 -70.05 7.53 -72.95
CA UNK E 2502 -70.70 7.71 -71.66
C UNK E 2502 -70.05 8.87 -70.91
N UNK E 2503 -68.74 9.04 -71.15
CA UNK E 2503 -67.99 10.12 -70.52
C UNK E 2503 -68.40 11.48 -71.04
N UNK E 2504 -68.95 11.50 -72.25
CA UNK E 2504 -69.33 12.76 -72.89
C UNK E 2504 -70.30 12.50 -74.04
N UNK E 2505 -65.89 18.38 -77.90
CA UNK E 2505 -67.06 18.43 -77.04
C UNK E 2505 -68.11 17.43 -77.49
N UNK E 2506 -69.28 17.45 -76.84
CA UNK E 2506 -70.35 16.53 -77.17
C UNK E 2506 -70.86 16.73 -78.58
N UNK E 2507 -70.79 17.97 -79.07
CA UNK E 2507 -71.14 18.24 -80.46
C UNK E 2507 -70.14 17.59 -81.43
N UNK E 2508 -68.86 17.61 -81.05
CA UNK E 2508 -67.83 16.93 -81.84
C UNK E 2508 -68.07 15.44 -81.79
N UNK E 2509 -68.57 14.97 -80.65
CA UNK E 2509 -68.96 13.58 -80.49
C UNK E 2509 -70.13 13.27 -81.41
N UNK E 2510 -70.94 14.29 -81.68
CA UNK E 2510 -72.04 14.16 -82.63
C UNK E 2510 -71.56 14.29 -84.07
N UNK E 2511 -70.35 14.78 -84.26
CA UNK E 2511 -69.72 14.74 -85.58
C UNK E 2511 -69.16 13.36 -85.86
N UNK E 2512 -68.51 12.80 -84.84
CA UNK E 2512 -68.03 11.44 -84.93
C UNK E 2512 -69.21 10.50 -85.05
N UNK E 2513 -70.32 10.90 -84.44
CA UNK E 2513 -71.57 10.17 -84.53
C UNK E 2513 -72.32 10.52 -85.80
N UNK E 2514 -71.83 11.54 -86.51
CA UNK E 2514 -72.33 11.81 -87.85
C UNK E 2514 -71.67 10.85 -88.83
N UNK E 2515 -70.37 10.65 -88.65
CA UNK E 2515 -69.69 9.63 -89.43
C UNK E 2515 -70.22 8.24 -89.07
N UNK E 2516 -70.56 8.09 -87.79
CA UNK E 2516 -71.19 6.87 -87.31
C UNK E 2516 -72.62 6.78 -87.85
N UNK E 2517 -73.20 7.92 -88.18
CA UNK E 2517 -74.55 7.96 -88.71
C UNK E 2517 -74.57 7.48 -90.15
N UNK E 2518 -73.62 7.98 -90.94
CA UNK E 2518 -73.51 7.50 -92.31
C UNK E 2518 -73.07 6.04 -92.32
N UNK E 2519 -72.27 5.65 -91.34
CA UNK E 2519 -71.93 4.24 -91.19
C UNK E 2519 -73.18 3.43 -90.86
N UNK E 2520 -74.09 4.04 -90.11
CA UNK E 2520 -75.37 3.42 -89.83
C UNK E 2520 -76.21 3.29 -91.09
N UNK E 2521 -76.05 4.26 -91.99
CA UNK E 2521 -76.69 4.16 -93.30
C UNK E 2521 -76.08 3.01 -94.10
N UNK E 2522 -74.79 2.78 -93.87
CA UNK E 2522 -74.10 1.64 -94.48
C UNK E 2522 -74.55 0.32 -93.86
N UNK E 2523 -75.04 0.39 -92.63
CA UNK E 2523 -75.42 -0.81 -91.88
C UNK E 2523 -76.59 -1.55 -92.53
N UNK E 2524 -77.44 -0.80 -93.23
CA UNK E 2524 -78.60 -1.38 -93.89
C UNK E 2524 -79.23 -0.39 -94.86
N UNK E 2525 -69.84 -6.33 -90.53
CA UNK E 2525 -70.97 -5.47 -90.89
C UNK E 2525 -71.87 -5.24 -89.68
N UNK E 2526 -72.15 -6.31 -88.94
CA UNK E 2526 -73.00 -6.23 -87.76
C UNK E 2526 -72.36 -5.39 -86.66
N UNK E 2527 -71.03 -5.34 -86.64
CA UNK E 2527 -70.34 -4.54 -85.64
C UNK E 2527 -70.65 -3.06 -85.84
N UNK E 2528 -70.87 -2.67 -87.10
CA UNK E 2528 -71.32 -1.33 -87.39
C UNK E 2528 -72.70 -1.09 -86.80
N UNK E 2529 -73.53 -2.12 -86.79
CA UNK E 2529 -74.82 -2.05 -86.13
C UNK E 2529 -74.67 -1.92 -84.61
N UNK E 2530 -73.62 -2.54 -84.07
CA UNK E 2530 -73.32 -2.36 -82.65
C UNK E 2530 -72.89 -0.92 -82.38
N UNK E 2531 -72.19 -0.34 -83.35
CA UNK E 2531 -71.83 1.06 -83.26
C UNK E 2531 -73.07 1.93 -83.32
N UNK E 2532 -74.07 1.44 -84.07
CA UNK E 2532 -75.36 2.10 -84.12
C UNK E 2532 -76.11 1.95 -82.80
N UNK E 2533 -75.80 0.88 -82.06
CA UNK E 2533 -76.44 0.66 -80.77
C UNK E 2533 -75.84 1.58 -79.72
N UNK E 2534 -74.52 1.68 -79.69
CA UNK E 2534 -73.87 2.62 -78.77
C UNK E 2534 -74.24 4.04 -79.14
N UNK E 2535 -74.39 4.28 -80.44
CA UNK E 2535 -74.82 5.58 -80.94
C UNK E 2535 -76.28 5.82 -80.57
N UNK E 2536 -77.02 4.74 -80.35
CA UNK E 2536 -78.41 4.84 -79.99
C UNK E 2536 -78.59 5.19 -78.52
N UNK E 2537 -77.86 4.49 -77.65
CA UNK E 2537 -77.92 4.82 -76.23
C UNK E 2537 -77.35 6.22 -76.02
N UNK E 2538 -76.33 6.57 -76.80
CA UNK E 2538 -75.79 7.92 -76.77
C UNK E 2538 -76.83 8.93 -77.29
N UNK E 2539 -77.63 8.49 -78.25
CA UNK E 2539 -78.69 9.34 -78.79
C UNK E 2539 -79.78 9.57 -77.76
N UNK E 2540 -79.95 8.59 -76.88
CA UNK E 2540 -80.97 8.67 -75.85
C UNK E 2540 -80.50 9.55 -74.71
N UNK E 2541 -79.24 9.39 -74.32
CA UNK E 2541 -78.68 10.26 -73.29
C UNK E 2541 -78.62 11.69 -73.80
N UNK E 2542 -78.35 11.83 -75.09
CA UNK E 2542 -78.39 13.14 -75.74
C UNK E 2542 -79.82 13.67 -75.79
N UNK E 2543 -80.80 12.78 -75.89
CA UNK E 2543 -82.18 13.20 -75.83
C UNK E 2543 -82.49 13.71 -74.44
N UNK E 2544 -81.85 13.13 -73.44
CA UNK E 2544 -81.92 13.68 -72.09
C UNK E 2544 -81.25 15.05 -72.04
N UNK E 2545 -80.17 15.20 -72.82
CA UNK E 2545 -79.54 16.51 -73.00
C UNK E 2545 -80.44 17.44 -73.81
N UNK E 2546 -81.26 16.86 -74.68
CA UNK E 2546 -82.19 17.64 -75.47
C UNK E 2546 -83.44 17.97 -74.67
N UNK E 2547 -83.55 17.35 -73.50
CA UNK E 2547 -84.73 17.53 -72.65
C UNK E 2547 -84.38 17.30 -71.18
N UNK E 2548 -79.32 21.98 -86.80
CA UNK E 2548 -78.00 21.80 -87.38
C UNK E 2548 -77.84 20.39 -87.96
N UNK E 2549 -76.84 19.67 -87.46
CA UNK E 2549 -76.57 18.32 -87.92
C UNK E 2549 -77.62 17.34 -87.40
N UNK E 2550 -78.39 17.79 -86.40
CA UNK E 2550 -79.41 16.93 -85.82
C UNK E 2550 -80.49 16.57 -86.84
N UNK E 2551 -80.74 17.46 -87.79
CA UNK E 2551 -81.64 17.14 -88.89
C UNK E 2551 -81.05 16.04 -89.76
N UNK E 2552 -79.73 16.04 -89.90
CA UNK E 2552 -79.06 14.96 -90.61
C UNK E 2552 -79.18 13.67 -89.82
N UNK E 2553 -79.24 13.80 -88.50
CA UNK E 2553 -79.53 12.64 -87.66
C UNK E 2553 -80.95 12.14 -87.87
N UNK E 2554 -81.87 13.06 -88.15
CA UNK E 2554 -83.22 12.67 -88.51
C UNK E 2554 -83.23 11.95 -89.84
N UNK E 2555 -82.32 12.35 -90.73
CA UNK E 2555 -82.14 11.65 -91.99
C UNK E 2555 -81.60 10.26 -91.72
N UNK E 2556 -80.78 10.15 -90.69
CA UNK E 2556 -80.31 8.85 -90.22
C UNK E 2556 -81.45 8.02 -89.65
N UNK E 2557 -82.47 8.70 -89.14
CA UNK E 2557 -83.64 8.01 -88.61
C UNK E 2557 -84.53 7.49 -89.74
N UNK E 2558 -84.76 8.30 -90.76
CA UNK E 2558 -85.52 7.83 -91.91
C UNK E 2558 -84.75 6.72 -92.62
N UNK E 2559 -83.42 6.86 -92.62
CA UNK E 2559 -82.56 5.81 -93.15
C UNK E 2559 -82.66 4.55 -92.31
N UNK E 2560 -82.88 4.73 -91.01
CA UNK E 2560 -83.16 3.60 -90.14
C UNK E 2560 -84.49 2.95 -90.48
N UNK E 2561 -85.46 3.76 -90.92
CA UNK E 2561 -86.72 3.19 -91.41
C UNK E 2561 -86.47 2.39 -92.68
N UNK E 2562 -85.52 2.87 -93.48
CA UNK E 2562 -85.09 2.11 -94.65
C UNK E 2562 -84.43 0.82 -94.21
N UNK E 2563 -83.75 0.85 -93.07
CA UNK E 2563 -83.18 -0.35 -92.50
C UNK E 2563 -84.28 -1.31 -92.05
N UNK E 2564 -85.40 -0.75 -91.60
CA UNK E 2564 -86.55 -1.57 -91.25
C UNK E 2564 -87.12 -2.20 -92.51
N UNK E 2565 -87.02 -1.48 -93.62
CA UNK E 2565 -87.38 -2.04 -94.92
C UNK E 2565 -86.41 -3.14 -95.35
N UNK E 2566 -85.17 -3.02 -94.90
CA UNK E 2566 -84.10 -3.94 -95.31
C UNK E 2566 -84.33 -5.37 -94.82
N UNK E 2567 -85.05 -5.50 -93.71
CA UNK E 2567 -85.32 -6.80 -93.12
C UNK E 2567 -86.82 -7.04 -92.98
N UNK E 2568 -83.37 -11.95 -85.81
CA UNK E 2568 -83.46 -11.81 -84.37
C UNK E 2568 -82.64 -10.62 -83.88
N UNK E 2569 -81.43 -10.48 -84.41
CA UNK E 2569 -80.59 -9.33 -84.12
C UNK E 2569 -81.23 -8.07 -84.68
N UNK E 2570 -82.03 -8.26 -85.73
CA UNK E 2570 -82.76 -7.17 -86.35
C UNK E 2570 -83.77 -6.55 -85.38
N UNK E 2571 -84.21 -7.34 -84.41
CA UNK E 2571 -85.09 -6.82 -83.37
C UNK E 2571 -84.36 -5.85 -82.44
N UNK E 2572 -83.17 -6.23 -81.99
CA UNK E 2572 -82.37 -5.33 -81.17
C UNK E 2572 -81.97 -4.10 -81.97
N UNK E 2573 -81.72 -4.30 -83.26
CA UNK E 2573 -81.44 -3.19 -84.15
C UNK E 2573 -82.65 -2.28 -84.27
N UNK E 2574 -83.84 -2.89 -84.20
CA UNK E 2574 -85.09 -2.15 -84.19
C UNK E 2574 -85.25 -1.38 -82.88
N UNK E 2575 -84.66 -1.89 -81.81
CA UNK E 2575 -84.71 -1.21 -80.53
C UNK E 2575 -83.78 0.00 -80.54
N UNK E 2576 -82.58 -0.18 -81.07
CA UNK E 2576 -81.65 0.94 -81.19
C UNK E 2576 -82.18 1.98 -82.16
N UNK E 2577 -82.87 1.51 -83.20
CA UNK E 2577 -83.52 2.39 -84.15
C UNK E 2577 -84.67 3.13 -83.48
N UNK E 2578 -85.32 2.46 -82.52
CA UNK E 2578 -86.37 3.10 -81.74
C UNK E 2578 -85.80 4.19 -80.85
N UNK E 2579 -84.59 3.96 -80.34
CA UNK E 2579 -83.91 4.97 -79.55
C UNK E 2579 -83.53 6.16 -80.44
N UNK E 2580 -83.12 5.86 -81.67
CA UNK E 2580 -82.79 6.90 -82.62
C UNK E 2580 -84.04 7.70 -82.98
N UNK E 2581 -85.18 7.02 -83.00
CA UNK E 2581 -86.45 7.66 -83.30
C UNK E 2581 -86.87 8.56 -82.16
N UNK E 2582 -86.63 8.11 -80.94
CA UNK E 2582 -86.92 8.92 -79.77
C UNK E 2582 -86.02 10.15 -79.75
N UNK E 2583 -84.78 9.99 -80.21
CA UNK E 2583 -83.87 11.11 -80.30
C UNK E 2583 -84.31 12.09 -81.37
N UNK E 2584 -84.82 11.57 -82.49
CA UNK E 2584 -85.30 12.42 -83.56
C UNK E 2584 -86.54 13.20 -83.15
N UNK E 2585 -87.41 12.54 -82.38
CA UNK E 2585 -88.57 13.22 -81.82
C UNK E 2585 -88.14 14.24 -80.78
N UNK E 2586 -87.04 13.95 -80.09
CA UNK E 2586 -86.47 14.92 -79.15
C UNK E 2586 -85.97 16.15 -79.89
N UNK E 2587 -85.47 15.93 -81.11
CA UNK E 2587 -85.17 17.03 -82.00
C UNK E 2587 -86.44 17.73 -82.46
N UNK E 2588 -87.52 16.97 -82.53
CA UNK E 2588 -88.81 17.48 -82.98
C UNK E 2588 -89.57 18.21 -81.87
N UNK E 2589 -89.06 18.11 -80.65
CA UNK E 2589 -89.72 18.69 -79.49
C UNK E 2589 -89.67 20.21 -79.51
N ASN E 2590 -64.53 1.96 -96.39
CA ASN E 2590 -64.83 1.59 -97.77
C ASN E 2590 -65.72 2.64 -98.43
N PHE E 2591 -65.24 3.88 -98.45
CA PHE E 2591 -65.95 4.98 -99.06
C PHE E 2591 -66.14 4.81 -100.57
N ASP E 2592 -67.35 5.09 -101.04
CA ASP E 2592 -67.74 4.83 -102.42
C ASP E 2592 -68.43 6.03 -103.05
N PRO E 2593 -67.65 7.04 -103.45
CA PRO E 2593 -68.24 8.29 -103.96
C PRO E 2593 -69.03 8.06 -105.24
N ARG E 2594 -70.12 8.80 -105.41
CA ARG E 2594 -70.87 8.74 -106.66
C ARG E 2594 -71.24 10.14 -107.16
N PRO E 2595 -70.26 10.89 -107.67
CA PRO E 2595 -70.63 12.14 -108.34
C PRO E 2595 -71.49 11.86 -109.56
N VAL E 2596 -72.44 12.74 -109.85
CA VAL E 2596 -73.28 12.58 -111.04
C VAL E 2596 -72.42 12.76 -112.28
N GLU E 2597 -72.72 12.01 -113.35
CA GLU E 2597 -72.05 12.23 -114.62
C GLU E 2597 -72.39 13.62 -115.11
N THR E 2598 -71.40 14.31 -115.67
CA THR E 2598 -71.60 15.70 -116.07
C THR E 2598 -71.05 15.98 -117.47
N LEU E 2599 -70.01 15.25 -117.86
CA LEU E 2599 -69.36 15.52 -119.14
C LEU E 2599 -70.33 15.28 -120.31
N ASN E 2600 -71.22 14.32 -120.15
CA ASN E 2600 -72.28 14.08 -121.12
C ASN E 2600 -73.31 15.20 -121.20
N VAL E 2601 -73.48 15.93 -120.10
CA VAL E 2601 -74.53 16.94 -119.99
C VAL E 2601 -74.32 18.10 -120.97
N ILE E 2602 -75.41 18.57 -121.56
CA ILE E 2602 -75.34 19.65 -122.54
C ILE E 2602 -75.88 20.97 -122.01
N ILE E 2603 -74.97 21.87 -121.61
CA ILE E 2603 -75.37 23.22 -121.21
C ILE E 2603 -75.81 24.04 -122.42
N PRO E 2604 -76.98 24.69 -122.32
CA PRO E 2604 -77.45 25.62 -123.35
C PRO E 2604 -76.51 26.81 -123.51
N GLU E 2605 -76.35 27.30 -124.73
CA GLU E 2605 -75.43 28.40 -124.99
C GLU E 2605 -75.82 29.69 -124.27
N LYS E 2606 -77.12 29.85 -124.02
CA LYS E 2606 -77.60 31.05 -123.34
C LYS E 2606 -77.06 31.14 -121.92
N LEU E 2607 -76.84 29.99 -121.29
CA LEU E 2607 -76.20 29.95 -119.98
C LEU E 2607 -74.75 30.38 -120.02
N ASP E 2608 -74.10 30.21 -121.17
CA ASP E 2608 -72.70 30.55 -121.30
C ASP E 2608 -72.46 32.06 -121.15
N SER E 2609 -73.44 32.85 -121.57
CA SER E 2609 -73.36 34.30 -121.40
C SER E 2609 -73.36 34.68 -119.92
N PHE E 2610 -74.08 33.90 -119.14
CA PHE E 2610 -74.07 34.04 -117.69
C PHE E 2610 -72.77 33.50 -117.07
N ILE E 2611 -72.22 32.47 -117.71
CA ILE E 2611 -70.96 31.91 -117.27
C ILE E 2611 -69.88 32.96 -117.46
N ASN E 2612 -70.07 33.82 -118.44
CA ASN E 2612 -69.14 34.92 -118.64
C ASN E 2612 -69.14 35.83 -117.42
N LYS E 2613 -70.32 35.97 -116.82
CA LYS E 2613 -70.48 36.83 -115.66
C LYS E 2613 -69.91 36.20 -114.40
N PHE E 2614 -70.28 34.94 -114.14
CA PHE E 2614 -69.81 34.30 -112.92
C PHE E 2614 -68.31 34.04 -112.97
N ALA E 2615 -67.78 33.83 -114.18
CA ALA E 2615 -66.35 33.62 -114.34
C ALA E 2615 -65.58 34.93 -114.27
N GLU E 2616 -66.12 35.99 -114.88
CA GLU E 2616 -65.47 37.29 -114.77
C GLU E 2616 -65.45 37.72 -113.31
N TYR E 2617 -66.52 37.41 -112.59
CA TYR E 2617 -66.56 37.64 -111.15
C TYR E 2617 -65.58 36.75 -110.43
N THR E 2618 -65.38 35.54 -110.95
CA THR E 2618 -64.48 34.61 -110.30
C THR E 2618 -63.07 35.15 -110.38
N HIS E 2619 -62.73 35.74 -111.52
CA HIS E 2619 -61.46 36.43 -111.64
C HIS E 2619 -61.42 37.68 -110.78
N GLU E 2620 -62.58 38.33 -110.60
CA GLU E 2620 -62.61 39.52 -109.75
C GLU E 2620 -62.30 39.17 -108.30
N LYS E 2621 -62.73 38.00 -107.87
CA LYS E 2621 -62.55 37.60 -106.48
C LYS E 2621 -61.16 37.01 -106.30
N TRP E 2622 -60.72 36.25 -107.31
CA TRP E 2622 -59.39 35.64 -107.29
C TRP E 2622 -58.31 36.71 -107.34
N ALA E 2623 -58.60 37.81 -108.02
CA ALA E 2623 -57.66 38.91 -108.08
C ALA E 2623 -57.75 39.79 -106.86
N PHE E 2624 -58.98 40.11 -106.44
CA PHE E 2624 -59.17 40.99 -105.29
C PHE E 2624 -58.62 40.39 -104.00
N ASP E 2625 -58.73 39.07 -103.86
CA ASP E 2625 -58.20 38.43 -102.67
C ASP E 2625 -56.68 38.53 -102.62
N LYS E 2626 -56.04 38.42 -103.79
CA LYS E 2626 -54.61 38.65 -103.87
C LYS E 2626 -54.26 40.11 -103.60
N ILE E 2627 -55.16 41.02 -104.00
CA ILE E 2627 -54.99 42.44 -103.75
C ILE E 2627 -55.08 42.76 -102.26
N GLN E 2628 -55.86 41.97 -101.52
CA GLN E 2628 -55.99 42.18 -100.09
C GLN E 2628 -54.66 41.93 -99.38
N ASN E 2629 -53.84 41.05 -99.96
CA ASN E 2629 -52.51 40.79 -99.43
C ASN E 2629 -51.46 41.55 -100.25
N ASN E 2630 -51.95 42.48 -101.07
CA ASN E 2630 -51.12 43.33 -101.93
C ASN E 2630 -50.24 42.58 -102.93
N TRP E 2631 -50.77 41.48 -103.46
CA TRP E 2631 -50.13 40.80 -104.58
C TRP E 2631 -50.28 41.65 -105.85
N SER E 2632 -49.33 41.55 -106.78
CA SER E 2632 -49.32 42.41 -107.96
C SER E 2632 -48.73 41.74 -109.20
N TYR E 2633 -48.91 42.37 -110.35
CA TYR E 2633 -48.39 41.83 -111.61
C TYR E 2633 -46.87 41.73 -111.63
N GLY E 2634 -46.34 40.67 -112.24
CA GLY E 2634 -44.91 40.47 -112.33
C GLY E 2634 -44.49 39.43 -113.35
N GLU E 2635 -43.19 39.37 -113.63
CA GLU E 2635 -42.63 38.47 -114.64
C GLU E 2635 -42.77 36.99 -114.32
N ASN E 2636 -42.80 36.67 -113.02
CA ASN E 2636 -42.73 35.27 -112.58
C ASN E 2636 -43.43 35.02 -111.25
N VAL E 2637 -43.70 33.75 -110.95
CA VAL E 2637 -44.40 33.37 -109.73
C VAL E 2637 -43.40 33.37 -108.57
N ASP E 2638 -42.98 34.57 -108.17
CA ASP E 2638 -42.09 34.71 -107.03
C ASP E 2638 -42.93 35.06 -105.80
N GLU E 2639 -43.26 34.06 -104.99
CA GLU E 2639 -44.13 34.24 -103.84
C GLU E 2639 -43.49 35.18 -102.83
N GLU E 2640 -42.16 35.15 -102.73
CA GLU E 2640 -41.41 36.03 -101.85
C GLU E 2640 -41.51 37.50 -102.28
N LEU E 2641 -41.68 37.72 -103.58
CA LEU E 2641 -41.68 39.06 -104.14
C LEU E 2641 -43.03 39.74 -104.02
N LYS E 2642 -44.02 39.00 -103.52
CA LYS E 2642 -45.40 39.47 -103.43
C LYS E 2642 -45.93 39.88 -104.79
N THR E 2643 -45.70 39.04 -105.79
CA THR E 2643 -46.17 39.31 -107.15
C THR E 2643 -46.43 38.04 -107.95
N HIS E 2644 -47.45 38.07 -108.81
CA HIS E 2644 -47.74 36.94 -109.69
C HIS E 2644 -48.10 37.43 -111.10
N PRO E 2645 -47.72 36.68 -112.14
CA PRO E 2645 -48.04 36.96 -113.55
C PRO E 2645 -49.53 37.03 -113.91
N MET E 2646 -50.37 36.24 -113.24
CA MET E 2646 -51.76 36.11 -113.64
C MET E 2646 -52.64 37.25 -113.13
N LEU E 2647 -52.08 38.13 -112.32
CA LEU E 2647 -52.84 39.23 -111.76
C LEU E 2647 -53.04 40.31 -112.82
N ARG E 2648 -53.80 39.93 -113.85
CA ARG E 2648 -54.06 40.77 -115.01
C ARG E 2648 -55.55 40.71 -115.36
N PRO E 2649 -56.08 41.76 -116.02
CA PRO E 2649 -57.53 41.90 -116.19
C PRO E 2649 -58.18 40.77 -116.97
N TYR E 2650 -59.40 40.42 -116.58
CA TYR E 2650 -60.12 39.30 -117.18
C TYR E 2650 -60.38 39.55 -118.67
N LYS E 2651 -60.51 40.82 -119.04
CA LYS E 2651 -60.72 41.20 -120.43
C LYS E 2651 -59.50 40.86 -121.29
N THR E 2652 -58.32 40.90 -120.68
CA THR E 2652 -57.09 40.56 -121.40
C THR E 2652 -57.05 39.08 -121.79
N PHE E 2653 -57.77 38.26 -121.04
CA PHE E 2653 -57.75 36.82 -121.25
C PHE E 2653 -58.30 36.40 -122.61
N SER E 2654 -57.66 35.40 -123.20
CA SER E 2654 -58.25 34.62 -124.28
C SER E 2654 -59.32 33.75 -123.65
N GLU E 2655 -60.32 33.34 -124.43
CA GLU E 2655 -61.43 32.56 -123.89
C GLU E 2655 -60.94 31.26 -123.28
N LYS E 2656 -59.88 30.69 -123.85
CA LYS E 2656 -59.28 29.50 -123.28
C LYS E 2656 -58.69 29.74 -121.90
N ASP E 2657 -58.16 30.94 -121.66
CA ASP E 2657 -57.72 31.31 -120.31
C ASP E 2657 -58.91 31.42 -119.37
N LYS E 2658 -60.04 31.85 -119.93
CA LYS E 2658 -61.29 31.93 -119.19
C LYS E 2658 -61.79 30.54 -118.82
N GLU E 2659 -61.44 29.57 -119.65
CA GLU E 2659 -61.86 28.18 -119.44
C GLU E 2659 -61.26 27.61 -118.16
N ILE E 2660 -60.11 28.13 -117.76
CA ILE E 2660 -59.41 27.63 -116.58
C ILE E 2660 -60.26 27.83 -115.33
N TYR E 2661 -61.02 28.93 -115.31
CA TYR E 2661 -61.96 29.19 -114.22
C TYR E 2661 -63.33 28.62 -114.52
N ARG E 2662 -63.75 28.70 -115.78
CA ARG E 2662 -65.08 28.24 -116.18
C ARG E 2662 -65.31 26.75 -116.01
N TRP E 2663 -64.26 25.95 -116.17
CA TRP E 2663 -64.46 24.49 -116.27
C TRP E 2663 -65.12 23.86 -115.04
N PRO E 2664 -64.62 24.11 -113.81
CA PRO E 2664 -65.39 23.62 -112.66
C PRO E 2664 -66.81 24.16 -112.62
N ILE E 2665 -66.97 25.41 -113.06
CA ILE E 2665 -68.26 26.08 -113.03
C ILE E 2665 -69.21 25.41 -114.00
N LYS E 2666 -68.68 25.11 -115.19
CA LYS E 2666 -69.46 24.41 -116.19
C LYS E 2666 -69.81 23.00 -115.72
N GLU E 2667 -68.89 22.37 -114.99
CA GLU E 2667 -69.18 21.06 -114.42
C GLU E 2667 -70.26 21.16 -113.36
N SER E 2668 -70.35 22.31 -112.70
CA SER E 2668 -71.38 22.54 -111.70
C SER E 2668 -72.75 22.73 -112.36
N LEU E 2669 -72.79 23.54 -113.41
CA LEU E 2669 -74.05 23.75 -114.11
C LEU E 2669 -74.52 22.48 -114.81
N LYS E 2670 -73.56 21.68 -115.27
CA LYS E 2670 -73.88 20.36 -115.79
C LYS E 2670 -74.37 19.45 -114.67
N ALA E 2671 -73.84 19.66 -113.48
CA ALA E 2671 -74.28 18.90 -112.32
C ALA E 2671 -75.72 19.25 -111.96
N MET E 2672 -76.12 20.48 -112.24
CA MET E 2672 -77.49 20.89 -111.96
C MET E 2672 -78.44 20.43 -113.06
N ILE E 2673 -78.01 20.56 -114.31
CA ILE E 2673 -78.82 20.11 -115.44
C ILE E 2673 -79.02 18.60 -115.47
N ALA E 2674 -78.00 17.85 -115.02
CA ALA E 2674 -78.14 16.40 -114.89
C ALA E 2674 -79.16 16.06 -113.80
N TRP E 2675 -79.19 16.92 -112.79
CA TRP E 2675 -80.18 16.87 -111.72
C TRP E 2675 -81.44 17.61 -112.16
N GLU E 2676 -81.35 18.23 -113.34
CA GLU E 2676 -82.45 18.96 -113.96
C GLU E 2676 -82.99 20.06 -113.08
N TRP E 2677 -82.11 20.65 -112.27
CA TRP E 2677 -82.49 21.79 -111.44
C TRP E 2677 -82.80 23.02 -112.29
N THR E 2678 -83.87 23.71 -111.93
CA THR E 2678 -84.23 24.95 -112.61
C THR E 2678 -83.21 26.05 -112.36
N ILE E 2679 -82.87 26.76 -113.45
CA ILE E 2679 -81.98 27.92 -113.45
C ILE E 2679 -82.48 28.83 -114.57
N GLU E 2680 -83.51 29.62 -114.30
CA GLU E 2680 -84.21 30.28 -115.41
C GLU E 2680 -84.58 31.74 -115.12
N LYS E 2681 -84.74 32.51 -116.19
CA LYS E 2681 -84.87 33.96 -116.09
C LYS E 2681 -86.11 34.40 -115.32
N ALA E 2682 -85.96 35.45 -114.51
CA ALA E 2682 -87.05 36.00 -113.72
C ALA E 2682 -86.71 37.41 -113.25
N ARG E 2683 -86.25 37.50 -112.00
CA ARG E 2683 -85.85 38.78 -111.41
C ARG E 2683 -84.65 39.38 -112.13
N GLU E 2684 -84.63 40.70 -112.27
CA GLU E 2684 -83.53 41.42 -112.89
C GLU E 2684 -82.24 41.28 -112.08
N GLY E 2685 -81.11 41.21 -112.77
CA GLY E 2685 -79.82 41.08 -112.11
C GLY E 2685 -78.90 42.25 -112.34
N GLU E 2686 -78.48 42.90 -111.25
CA GLU E 2686 -77.58 44.04 -111.33
C GLU E 2686 -76.12 43.60 -111.32
N TYR E 2705 -59.07 50.25 -96.69
CA TYR E 2705 -58.65 49.57 -97.91
C TYR E 2705 -58.17 50.57 -98.97
N ASP E 2706 -56.88 50.81 -99.00
CA ASP E 2706 -56.26 51.61 -100.05
C ASP E 2706 -56.27 50.86 -101.38
N PRO E 2707 -56.55 51.56 -102.48
CA PRO E 2707 -56.49 50.94 -103.81
C PRO E 2707 -55.08 50.48 -104.17
N ARG E 2708 -54.96 49.37 -104.89
CA ARG E 2708 -53.68 48.86 -105.34
C ARG E 2708 -53.39 49.21 -106.80
N GLU E 2709 -52.11 49.26 -107.15
CA GLU E 2709 -51.70 49.46 -108.53
C GLU E 2709 -52.03 48.20 -109.34
N GLY E 2710 -52.26 48.36 -110.64
CA GLY E 2710 -52.69 47.25 -111.48
C GLY E 2710 -54.19 47.07 -111.43
N TYR E 2711 -54.68 45.98 -112.01
CA TYR E 2711 -56.12 45.73 -112.14
C TYR E 2711 -56.79 45.69 -110.77
N ASN E 2712 -57.94 46.36 -110.67
CA ASN E 2712 -58.62 46.58 -109.40
C ASN E 2712 -60.10 46.25 -109.42
N PRO E 2713 -60.43 44.95 -109.35
CA PRO E 2713 -61.82 44.53 -109.28
C PRO E 2713 -62.50 45.03 -108.02
N GLN E 2714 -63.79 45.35 -108.14
CA GLN E 2714 -64.58 45.81 -106.99
C GLN E 2714 -65.84 44.98 -106.94
N PRO E 2715 -65.70 43.73 -106.49
CA PRO E 2715 -66.74 42.70 -106.65
C PRO E 2715 -68.05 43.01 -105.94
N PRO E 2716 -69.18 42.60 -106.55
CA PRO E 2716 -70.49 42.62 -105.92
C PRO E 2716 -70.51 41.70 -104.71
N ASP E 2717 -71.24 42.07 -103.67
CA ASP E 2717 -71.22 41.31 -102.43
C ASP E 2717 -72.12 40.08 -102.48
N LEU E 2718 -71.64 39.03 -103.13
CA LEU E 2718 -72.36 37.76 -103.21
C LEU E 2718 -72.56 37.10 -101.86
N SER E 2719 -71.62 37.32 -100.95
CA SER E 2719 -71.66 36.69 -99.63
C SER E 2719 -72.85 37.16 -98.82
N GLY E 2720 -73.30 38.39 -99.07
CA GLY E 2720 -74.41 38.95 -98.33
C GLY E 2720 -75.76 38.48 -98.86
N VAL E 2721 -75.75 37.85 -100.03
CA VAL E 2721 -76.96 37.24 -100.55
C VAL E 2721 -77.34 36.10 -99.61
N THR E 2722 -78.63 35.92 -99.36
CA THR E 2722 -79.09 34.86 -98.47
C THR E 2722 -79.94 33.84 -99.21
N LEU E 2723 -79.38 32.66 -99.45
CA LEU E 2723 -80.14 31.57 -100.04
C LEU E 2723 -81.24 31.13 -99.10
N SER E 2724 -82.40 30.78 -99.67
CA SER E 2724 -83.47 30.15 -98.90
C SER E 2724 -83.02 28.74 -98.52
N ARG E 2725 -83.58 28.20 -97.45
CA ARG E 2725 -83.12 26.93 -96.91
C ARG E 2725 -83.23 25.81 -97.95
N GLU E 2726 -84.18 25.94 -98.86
CA GLU E 2726 -84.19 25.09 -100.05
C GLU E 2726 -82.95 25.28 -100.90
N LEU E 2727 -82.66 26.54 -101.24
CA LEU E 2727 -81.47 26.85 -102.02
C LEU E 2727 -80.18 26.58 -101.23
N GLN E 2728 -80.24 26.74 -99.91
CA GLN E 2728 -79.10 26.38 -99.07
C GLN E 2728 -78.85 24.87 -99.11
N ALA E 2729 -79.94 24.10 -99.18
CA ALA E 2729 -79.82 22.66 -99.38
C ALA E 2729 -79.26 22.36 -100.75
N MET E 2730 -79.60 23.20 -101.72
CA MET E 2730 -79.08 23.04 -103.07
C MET E 2730 -77.57 23.28 -103.12
N ALA E 2731 -77.11 24.27 -102.38
CA ALA E 2731 -75.68 24.51 -102.24
C ALA E 2731 -75.03 23.37 -101.47
N GLU E 2732 -75.77 22.79 -100.55
CA GLU E 2732 -75.29 21.66 -99.77
C GLU E 2732 -75.07 20.45 -100.69
N GLN E 2733 -75.93 20.34 -101.69
CA GLN E 2733 -75.91 19.19 -102.57
C GLN E 2733 -74.90 19.37 -103.70
N LEU E 2734 -74.76 20.60 -104.20
CA LEU E 2734 -73.69 20.88 -105.15
C LEU E 2734 -72.32 20.77 -104.51
N ALA E 2735 -72.22 21.17 -103.24
CA ALA E 2735 -70.99 20.96 -102.49
C ALA E 2735 -70.78 19.47 -102.26
N GLU E 2736 -71.88 18.74 -102.10
CA GLU E 2736 -71.80 17.30 -101.98
C GLU E 2736 -71.25 16.69 -103.26
N ASN E 2737 -71.62 17.29 -104.39
CA ASN E 2737 -71.06 16.86 -105.66
C ASN E 2737 -69.60 17.24 -105.81
N TYR E 2738 -69.19 18.36 -105.23
CA TYR E 2738 -67.77 18.72 -105.24
C TYR E 2738 -66.98 17.73 -104.40
N HIS E 2739 -67.63 17.24 -103.35
CA HIS E 2739 -67.00 16.29 -102.44
C HIS E 2739 -66.85 14.93 -103.11
N ASN E 2740 -67.94 14.46 -103.73
CA ASN E 2740 -67.91 13.20 -104.45
C ASN E 2740 -67.02 13.23 -105.69
N THR E 2741 -66.92 14.40 -106.32
CA THR E 2741 -66.10 14.51 -107.53
C THR E 2741 -64.62 14.62 -107.21
N TRP E 2742 -64.28 15.53 -106.30
CA TRP E 2742 -62.89 15.68 -105.93
C TRP E 2742 -62.41 14.43 -105.20
N GLY E 2743 -63.32 13.79 -104.48
CA GLY E 2743 -63.00 12.57 -103.76
C GLY E 2743 -62.91 11.33 -104.64
N ARG E 2744 -63.73 11.27 -105.69
CA ARG E 2744 -63.64 10.13 -106.60
C ARG E 2744 -62.41 10.26 -107.46
N LYS E 2745 -62.13 11.49 -107.89
CA LYS E 2745 -60.91 11.74 -108.63
C LYS E 2745 -59.69 11.49 -107.73
N LYS E 2746 -59.84 11.79 -106.44
CA LYS E 2746 -58.80 11.52 -105.47
C LYS E 2746 -58.58 10.02 -105.26
N LYS E 2747 -59.65 9.24 -105.33
CA LYS E 2747 -59.52 7.81 -105.12
C LYS E 2747 -58.96 7.11 -106.35
N GLN E 2748 -59.42 7.52 -107.51
CA GLN E 2748 -58.89 6.99 -108.76
C GLN E 2748 -57.44 7.42 -108.93
N GLU E 2749 -57.09 8.58 -108.37
CA GLU E 2749 -55.73 9.07 -108.43
C GLU E 2749 -54.81 8.30 -107.48
N LEU E 2750 -55.28 8.07 -106.26
CA LEU E 2750 -54.50 7.27 -105.31
C LEU E 2750 -54.35 5.83 -105.79
N GLU E 2751 -55.37 5.32 -106.48
CA GLU E 2751 -55.28 3.99 -107.06
C GLU E 2751 -54.48 3.99 -108.35
N ALA E 2752 -54.25 5.18 -108.91
CA ALA E 2752 -53.38 5.29 -110.08
C ALA E 2752 -51.92 5.31 -109.65
N LYS E 2753 -51.61 6.07 -108.60
CA LYS E 2753 -50.26 6.14 -108.07
C LYS E 2753 -49.94 4.99 -107.12
N GLY E 2754 -50.97 4.24 -106.72
CA GLY E 2754 -50.78 3.17 -105.76
C GLY E 2754 -50.65 3.70 -104.35
N GLY E 2755 -51.02 4.96 -104.16
CA GLY E 2755 -50.80 5.64 -102.90
C GLY E 2755 -51.80 5.33 -101.80
N GLY E 2756 -51.56 5.90 -100.63
CA GLY E 2756 -52.33 5.58 -99.44
C GLY E 2756 -53.75 6.13 -99.41
N THR E 2757 -53.98 7.12 -98.54
CA THR E 2757 -55.34 7.61 -98.30
C THR E 2757 -55.37 9.06 -97.82
N HIS E 2758 -56.55 9.68 -97.87
CA HIS E 2758 -56.71 11.08 -97.54
C HIS E 2758 -57.84 11.23 -96.52
N PRO E 2759 -57.75 12.23 -95.63
CA PRO E 2759 -58.77 12.51 -94.61
C PRO E 2759 -60.17 12.80 -95.16
N LEU E 2760 -60.24 13.43 -96.32
CA LEU E 2760 -61.52 13.81 -96.91
C LEU E 2760 -62.22 12.64 -97.60
N LEU E 2761 -61.56 11.50 -97.69
CA LEU E 2761 -62.17 10.34 -98.34
C LEU E 2761 -63.22 9.69 -97.45
N VAL E 2762 -64.19 10.51 -97.03
CA VAL E 2762 -65.32 10.07 -96.21
C VAL E 2762 -66.62 10.64 -96.79
N PRO E 2763 -67.76 9.98 -96.53
CA PRO E 2763 -69.05 10.41 -97.09
C PRO E 2763 -69.44 11.82 -96.64
N TYR E 2764 -70.09 12.57 -97.51
CA TYR E 2764 -70.25 14.01 -97.32
C TYR E 2764 -71.02 14.34 -96.05
N ASP E 2765 -71.96 13.48 -95.68
CA ASP E 2765 -72.66 13.60 -94.41
C ASP E 2765 -71.79 13.29 -93.18
N THR E 2766 -70.73 12.49 -93.37
CA THR E 2766 -69.79 12.20 -92.29
C THR E 2766 -69.00 13.44 -91.90
N LEU E 2767 -68.88 14.37 -92.84
CA LEU E 2767 -68.04 15.54 -92.66
C LEU E 2767 -68.53 16.39 -91.50
N THR E 2768 -67.59 16.93 -90.73
CA THR E 2768 -67.91 17.93 -89.73
C THR E 2768 -68.41 19.14 -90.51
N ALA E 2769 -69.30 19.93 -89.90
CA ALA E 2769 -69.96 20.99 -90.64
C ALA E 2769 -68.95 22.00 -91.18
N LYS E 2770 -67.85 22.19 -90.46
CA LYS E 2770 -66.76 23.01 -90.97
C LYS E 2770 -66.10 22.40 -92.22
N GLU E 2771 -65.98 21.07 -92.26
CA GLU E 2771 -65.49 20.40 -93.46
C GLU E 2771 -66.46 20.53 -94.63
N LYS E 2772 -67.74 20.57 -94.32
CA LYS E 2772 -68.76 20.79 -95.33
C LYS E 2772 -68.65 22.20 -95.90
N ALA E 2773 -68.19 23.14 -95.07
CA ALA E 2773 -68.20 24.54 -95.45
C ALA E 2773 -67.35 24.91 -96.67
N ARG E 2774 -66.16 24.34 -96.80
CA ARG E 2774 -65.19 24.82 -97.79
C ARG E 2774 -65.62 24.73 -99.26
N ASP E 2775 -66.14 23.57 -99.67
CA ASP E 2775 -66.74 23.43 -101.01
C ASP E 2775 -68.02 24.24 -101.08
N ARG E 2776 -68.75 24.21 -99.98
CA ARG E 2776 -70.05 24.84 -99.84
C ARG E 2776 -69.93 26.33 -100.11
N GLU E 2777 -68.85 26.93 -99.64
CA GLU E 2777 -68.65 28.35 -99.86
C GLU E 2777 -68.49 28.63 -101.34
N LYS E 2778 -67.96 27.66 -102.08
CA LYS E 2778 -67.94 27.79 -103.53
C LYS E 2778 -69.34 27.56 -104.09
N ALA E 2779 -70.02 26.54 -103.59
CA ALA E 2779 -71.34 26.23 -104.11
C ALA E 2779 -72.30 27.36 -103.79
N GLN E 2780 -72.18 27.90 -102.57
CA GLN E 2780 -72.97 29.05 -102.19
C GLN E 2780 -72.58 30.25 -103.04
N GLU E 2781 -71.32 30.30 -103.45
N GLU E 2781 -71.31 30.31 -103.45
CA GLU E 2781 -70.86 31.38 -104.31
CA GLU E 2781 -70.87 31.39 -104.31
C GLU E 2781 -71.56 31.29 -105.66
C GLU E 2781 -71.56 31.30 -105.67
N LEU E 2782 -71.93 30.08 -106.05
CA LEU E 2782 -72.60 29.87 -107.33
C LEU E 2782 -74.05 30.31 -107.24
N LEU E 2783 -74.82 29.63 -106.39
CA LEU E 2783 -76.26 29.86 -106.35
C LEU E 2783 -76.62 31.28 -105.93
N LYS E 2784 -75.84 31.86 -105.03
CA LYS E 2784 -76.11 33.24 -104.63
C LYS E 2784 -75.89 34.17 -105.81
N PHE E 2785 -74.92 33.84 -106.66
CA PHE E 2785 -74.65 34.67 -107.83
C PHE E 2785 -75.84 34.56 -108.76
N LEU E 2786 -76.51 33.41 -108.70
CA LEU E 2786 -77.77 33.25 -109.42
C LEU E 2786 -78.82 34.16 -108.81
N GLN E 2787 -78.91 34.14 -107.49
CA GLN E 2787 -79.91 34.93 -106.79
C GLN E 2787 -79.65 36.42 -106.96
N MET E 2788 -78.37 36.80 -107.05
CA MET E 2788 -78.02 38.18 -107.33
C MET E 2788 -78.45 38.56 -108.73
N ASN E 2789 -78.41 37.59 -109.65
CA ASN E 2789 -78.87 37.81 -111.01
C ASN E 2789 -80.37 37.62 -111.12
N GLY E 2790 -80.96 37.12 -110.04
CA GLY E 2790 -82.40 37.05 -109.92
C GLY E 2790 -83.07 35.85 -110.58
N TYR E 2791 -82.28 34.93 -111.13
CA TYR E 2791 -82.85 33.75 -111.75
C TYR E 2791 -83.59 32.90 -110.72
N ALA E 2792 -84.73 32.35 -111.11
CA ALA E 2792 -85.36 31.30 -110.32
C ALA E 2792 -84.43 30.10 -110.35
N VAL E 2793 -84.22 29.49 -109.18
CA VAL E 2793 -83.23 28.42 -109.05
C VAL E 2793 -83.72 27.40 -108.04
N THR E 2794 -84.09 26.21 -108.50
CA THR E 2794 -84.71 25.22 -107.60
C THR E 2794 -84.33 23.79 -107.97
N ARG E 2795 -84.50 22.86 -107.03
CA ARG E 2795 -84.24 21.45 -107.34
C ARG E 2795 -85.22 20.93 -108.39
N GLY E 2796 -86.40 21.54 -108.44
CA GLY E 2796 -87.41 21.18 -109.42
C GLY E 2796 -87.90 19.76 -109.28
N UNK E 2797 -88.60 17.23 -86.81
CA UNK E 2797 -89.67 18.22 -86.74
C UNK E 2797 -90.94 17.69 -87.38
N UNK E 2798 -91.62 18.54 -88.15
CA UNK E 2798 -92.85 18.15 -88.84
C UNK E 2798 -92.57 17.07 -89.88
N UNK E 2799 -91.34 17.04 -90.37
CA UNK E 2799 -90.95 16.04 -91.36
C UNK E 2799 -91.05 14.65 -90.77
N UNK E 2800 -90.83 14.55 -89.46
CA UNK E 2800 -91.05 13.29 -88.75
C UNK E 2800 -92.53 12.92 -88.74
N UNK E 2801 -93.39 13.93 -88.78
CA UNK E 2801 -94.83 13.69 -88.80
C UNK E 2801 -95.31 13.26 -90.19
N UNK E 2802 -94.79 13.90 -91.23
CA UNK E 2802 -95.09 13.44 -92.58
C UNK E 2802 -94.51 12.04 -92.81
N UNK E 2803 -93.38 11.78 -92.18
CA UNK E 2803 -92.80 10.44 -92.19
C UNK E 2803 -93.71 9.49 -91.45
N UNK E 2804 -94.39 10.00 -90.42
CA UNK E 2804 -95.39 9.21 -89.73
C UNK E 2804 -96.58 8.92 -90.63
N UNK E 2805 -96.90 9.84 -91.54
CA UNK E 2805 -97.90 9.57 -92.56
C UNK E 2805 -97.42 8.50 -93.54
N UNK E 2806 -96.12 8.49 -93.81
CA UNK E 2806 -95.56 7.43 -94.62
C UNK E 2806 -95.68 6.11 -93.88
N UNK E 2807 -95.57 6.17 -92.56
CA UNK E 2807 -95.79 5.02 -91.71
C UNK E 2807 -97.25 4.62 -91.73
N UNK E 2808 -98.15 5.58 -91.96
CA UNK E 2808 -99.55 5.27 -92.19
C UNK E 2808 -99.72 4.54 -93.52
N UNK E 2809 -98.88 4.87 -94.49
CA UNK E 2809 -98.94 4.16 -95.77
C UNK E 2809 -98.44 2.72 -95.61
N UNK E 2810 -97.38 2.57 -94.84
CA UNK E 2810 -96.85 1.25 -94.54
C UNK E 2810 -97.87 0.48 -93.72
N UNK E 2811 -98.64 1.19 -92.91
CA UNK E 2811 -99.77 0.61 -92.18
C UNK E 2811 -100.87 0.17 -93.12
N UNK E 2812 -101.05 0.89 -94.23
CA UNK E 2812 -102.01 0.44 -95.24
C UNK E 2812 -101.51 -0.84 -95.89
N UNK E 2813 -100.19 -0.93 -96.03
CA UNK E 2813 -99.59 -2.18 -96.50
C UNK E 2813 -99.81 -3.28 -95.47
N UNK E 2814 -99.82 -2.90 -94.19
CA UNK E 2814 -100.13 -3.84 -93.12
C UNK E 2814 -101.57 -4.31 -93.18
N UNK E 2815 -102.46 -3.44 -93.64
CA UNK E 2815 -103.84 -3.83 -93.90
C UNK E 2815 -103.90 -4.79 -95.07
N UNK E 2816 -103.03 -4.57 -96.06
CA UNK E 2816 -102.95 -5.49 -97.18
C UNK E 2816 -102.47 -6.86 -96.71
N UNK E 2817 -101.58 -6.86 -95.73
CA UNK E 2817 -101.20 -8.10 -95.06
C UNK E 2817 -102.36 -8.70 -94.27
N UNK E 2818 -103.21 -7.82 -93.73
CA UNK E 2818 -104.36 -8.25 -92.96
C UNK E 2818 -105.37 -8.95 -93.85
N UNK E 2819 -105.37 -8.57 -95.12
CA UNK E 2819 -106.22 -9.22 -96.11
C UNK E 2819 -105.81 -10.67 -96.30
N UNK E 2820 -104.53 -10.94 -96.05
CA UNK E 2820 -104.00 -12.30 -96.19
C UNK E 2820 -104.16 -13.09 -94.90
N UNK E 2821 -92.83 -11.83 -93.92
CA UNK E 2821 -91.60 -11.45 -93.26
C UNK E 2821 -91.62 -9.97 -92.89
N UNK E 2822 -92.22 -9.16 -93.75
CA UNK E 2822 -92.28 -7.71 -93.55
C UNK E 2822 -93.12 -7.35 -92.32
N UNK E 2823 -94.07 -8.21 -91.96
CA UNK E 2823 -95.01 -7.90 -90.90
C UNK E 2823 -94.36 -7.71 -89.54
N UNK E 2824 -93.29 -8.46 -89.27
CA UNK E 2824 -92.55 -8.24 -88.04
C UNK E 2824 -91.89 -6.87 -88.03
N UNK E 2825 -91.45 -6.41 -89.21
CA UNK E 2825 -90.92 -5.07 -89.36
C UNK E 2825 -92.02 -4.04 -89.15
N UNK E 2826 -93.24 -4.41 -89.54
CA UNK E 2826 -94.40 -3.56 -89.28
C UNK E 2826 -94.67 -3.49 -87.79
N UNK E 2827 -94.36 -4.56 -87.07
CA UNK E 2827 -94.55 -4.60 -85.63
C UNK E 2827 -93.51 -3.75 -84.92
N UNK E 2828 -92.26 -3.84 -85.37
CA UNK E 2828 -91.21 -3.00 -84.81
C UNK E 2828 -91.49 -1.54 -85.14
N UNK E 2829 -92.09 -1.31 -86.30
CA UNK E 2829 -92.54 0.02 -86.67
C UNK E 2829 -93.68 0.50 -85.79
N UNK E 2830 -94.52 -0.44 -85.34
CA UNK E 2830 -95.55 -0.10 -84.36
C UNK E 2830 -94.93 0.27 -83.03
N UNK E 2831 -93.81 -0.38 -82.71
CA UNK E 2831 -93.11 -0.08 -81.48
C UNK E 2831 -92.49 1.31 -81.55
N UNK E 2832 -91.92 1.63 -82.71
CA UNK E 2832 -91.38 2.96 -82.94
C UNK E 2832 -92.49 4.00 -82.91
N UNK E 2833 -93.66 3.61 -83.37
CA UNK E 2833 -94.84 4.48 -83.31
C UNK E 2833 -95.28 4.71 -81.87
N UNK E 2834 -95.06 3.70 -81.03
CA UNK E 2834 -95.41 3.82 -79.63
C UNK E 2834 -94.45 4.72 -78.89
N UNK E 2835 -93.16 4.53 -79.16
CA UNK E 2835 -92.15 5.39 -78.55
C UNK E 2835 -92.29 6.82 -79.03
N UNK E 2836 -92.68 6.98 -80.30
CA UNK E 2836 -92.95 8.30 -80.84
C UNK E 2836 -94.17 8.90 -80.18
N UNK E 2837 -95.13 8.05 -79.83
CA UNK E 2837 -96.32 8.49 -79.13
C UNK E 2837 -95.96 8.98 -77.73
N UNK E 2838 -94.96 8.34 -77.15
CA UNK E 2838 -94.47 8.76 -75.83
C UNK E 2838 -93.82 10.13 -75.93
N UNK E 2839 -93.27 10.43 -77.10
CA UNK E 2839 -92.59 11.69 -77.33
C UNK E 2839 -93.57 12.84 -77.57
N UNK E 2840 -94.83 12.49 -77.76
CA UNK E 2840 -95.86 13.49 -78.02
C UNK E 2840 -96.62 13.84 -76.74
N UNK E 2841 -99.97 21.26 -87.59
CA UNK E 2841 -100.37 20.53 -86.39
C UNK E 2841 -101.56 19.62 -86.69
N UNK E 2842 -102.37 20.00 -87.66
CA UNK E 2842 -103.51 19.20 -88.08
C UNK E 2842 -103.04 17.87 -88.67
N UNK E 2843 -101.84 17.86 -89.22
CA UNK E 2843 -101.28 16.64 -89.78
C UNK E 2843 -101.10 15.58 -88.70
N UNK E 2844 -100.83 16.02 -87.47
CA UNK E 2844 -100.78 15.11 -86.34
C UNK E 2844 -102.15 14.50 -86.05
N UNK E 2845 -103.19 15.30 -86.25
CA UNK E 2845 -104.55 14.78 -86.14
C UNK E 2845 -104.82 13.79 -87.26
N UNK E 2846 -104.21 14.01 -88.42
CA UNK E 2846 -104.31 13.04 -89.50
C UNK E 2846 -103.59 11.75 -89.13
N UNK E 2847 -102.51 11.87 -88.36
CA UNK E 2847 -101.84 10.69 -87.82
C UNK E 2847 -102.74 9.99 -86.82
N UNK E 2848 -103.54 10.77 -86.09
CA UNK E 2848 -104.55 10.18 -85.21
C UNK E 2848 -105.58 9.43 -86.03
N UNK E 2849 -105.89 9.95 -87.21
CA UNK E 2849 -106.79 9.25 -88.13
C UNK E 2849 -106.15 7.96 -88.64
N UNK E 2850 -104.84 7.98 -88.82
CA UNK E 2850 -104.12 6.77 -89.18
C UNK E 2850 -104.20 5.76 -88.04
N UNK E 2851 -104.19 6.28 -86.82
CA UNK E 2851 -104.36 5.44 -85.65
C UNK E 2851 -105.77 4.85 -85.63
N UNK E 2852 -106.73 5.62 -86.13
CA UNK E 2852 -108.09 5.12 -86.30
C UNK E 2852 -108.15 4.02 -87.35
N UNK E 2853 -107.30 4.13 -88.37
CA UNK E 2853 -107.27 3.12 -89.43
C UNK E 2853 -106.66 1.83 -88.94
N UNK E 2854 -105.56 1.94 -88.21
CA UNK E 2854 -104.95 0.77 -87.59
C UNK E 2854 -105.88 0.19 -86.55
N UNK E 2855 -106.68 1.05 -85.92
CA UNK E 2855 -107.71 0.63 -84.99
C UNK E 2855 -108.81 -0.14 -85.70
N UNK E 2856 -109.06 0.20 -86.96
CA UNK E 2856 -110.05 -0.50 -87.75
C UNK E 2856 -109.53 -1.87 -88.19
N UNK E 2857 -108.29 -1.91 -88.66
CA UNK E 2857 -107.70 -3.17 -89.08
C UNK E 2857 -107.56 -4.11 -87.88
N UNK E 2858 -107.27 -3.54 -86.72
CA UNK E 2858 -107.30 -4.29 -85.47
C UNK E 2858 -108.72 -4.71 -85.11
N UNK E 2859 -109.68 -3.87 -85.47
CA UNK E 2859 -111.09 -4.15 -85.19
C UNK E 2859 -111.57 -5.34 -85.99
N UNK E 2860 -110.97 -5.56 -87.16
CA UNK E 2860 -111.30 -6.72 -87.96
C UNK E 2860 -110.90 -8.01 -87.24
N UNK E 2861 -109.83 -7.95 -86.48
CA UNK E 2861 -109.35 -9.09 -85.71
C UNK E 2861 -110.05 -9.23 -84.36
N UNK E 2862 -110.82 -8.22 -83.98
CA UNK E 2862 -111.46 -8.18 -82.67
C UNK E 2862 -112.48 -9.30 -82.45
N UNK E 2863 -113.08 -9.76 -83.54
CA UNK E 2863 -114.09 -10.82 -83.48
C UNK E 2863 -114.28 -11.49 -84.84
N UNK E 2864 -96.89 -12.58 -84.35
CA UNK E 2864 -97.88 -13.48 -83.80
C UNK E 2864 -98.81 -12.76 -82.83
N UNK E 2865 -99.25 -13.47 -81.79
CA UNK E 2865 -100.11 -12.87 -80.78
C UNK E 2865 -99.42 -11.76 -80.01
N UNK E 2866 -98.10 -11.86 -79.88
CA UNK E 2866 -97.32 -10.82 -79.21
C UNK E 2866 -97.39 -9.53 -80.01
N UNK E 2867 -97.46 -9.66 -81.33
CA UNK E 2867 -97.67 -8.50 -82.19
C UNK E 2867 -99.05 -7.90 -81.95
N UNK E 2868 -100.02 -8.75 -81.64
CA UNK E 2868 -101.34 -8.25 -81.25
C UNK E 2868 -101.28 -7.50 -79.92
N UNK E 2869 -100.42 -7.97 -79.01
CA UNK E 2869 -100.21 -7.26 -77.77
C UNK E 2869 -99.56 -5.91 -78.03
N UNK E 2870 -98.69 -5.88 -79.03
CA UNK E 2870 -98.07 -4.64 -79.46
C UNK E 2870 -99.13 -3.72 -80.05
N UNK E 2871 -100.12 -4.32 -80.70
CA UNK E 2871 -101.25 -3.57 -81.22
C UNK E 2871 -102.10 -3.02 -80.08
N UNK E 2872 -102.09 -3.71 -78.95
CA UNK E 2872 -102.85 -3.25 -77.79
C UNK E 2872 -102.16 -2.07 -77.11
N UNK E 2873 -100.86 -2.19 -76.92
CA UNK E 2873 -100.10 -1.08 -76.34
C UNK E 2873 -100.12 0.12 -77.30
N UNK E 2874 -100.10 -0.18 -78.60
CA UNK E 2874 -100.23 0.86 -79.61
C UNK E 2874 -101.61 1.49 -79.57
N UNK E 2875 -102.61 0.69 -79.19
CA UNK E 2875 -103.95 1.22 -78.98
C UNK E 2875 -103.98 2.14 -77.78
N UNK E 2876 -103.18 1.83 -76.77
CA UNK E 2876 -103.04 2.74 -75.64
C UNK E 2876 -102.36 4.02 -76.10
N UNK E 2877 -101.44 3.88 -77.06
CA UNK E 2877 -100.80 5.05 -77.64
C UNK E 2877 -101.80 5.89 -78.44
N UNK E 2878 -102.77 5.21 -79.05
CA UNK E 2878 -103.86 5.91 -79.72
C UNK E 2878 -104.73 6.62 -78.70
N UNK E 2879 -104.84 6.05 -77.51
CA UNK E 2879 -105.56 6.71 -76.43
C UNK E 2879 -104.80 7.97 -76.01
N UNK E 2880 -103.47 7.89 -76.06
CA UNK E 2880 -102.66 9.06 -75.82
C UNK E 2880 -102.85 10.09 -76.92
N UNK E 2881 -103.08 9.62 -78.14
CA UNK E 2881 -103.38 10.52 -79.25
C UNK E 2881 -104.72 11.21 -79.05
N UNK E 2882 -105.64 10.50 -78.42
CA UNK E 2882 -106.90 11.10 -77.99
C UNK E 2882 -106.66 12.09 -76.87
N UNK E 2883 -105.61 11.85 -76.09
CA UNK E 2883 -105.25 12.74 -75.00
C UNK E 2883 -104.47 13.96 -75.48
N UNK E 2884 -104.04 13.91 -76.75
CA UNK E 2884 -103.24 14.99 -77.33
C UNK E 2884 -104.04 16.30 -77.42
N UNK E 2885 -105.36 16.18 -77.54
CA UNK E 2885 -106.23 17.34 -77.68
C UNK E 2885 -107.15 17.49 -76.46
N UNK E 2886 -112.85 9.41 -88.81
CA UNK E 2886 -113.39 10.46 -87.96
C UNK E 2886 -114.66 9.98 -87.25
N UNK E 2887 -115.78 10.06 -87.96
CA UNK E 2887 -117.05 9.62 -87.41
C UNK E 2887 -117.16 8.10 -87.42
N UNK E 2888 -116.26 7.45 -88.14
CA UNK E 2888 -116.32 6.00 -88.33
C UNK E 2888 -116.14 5.27 -87.01
N UNK E 2889 -115.44 5.91 -86.07
CA UNK E 2889 -115.22 5.32 -84.76
C UNK E 2889 -116.54 5.14 -84.03
N UNK E 2890 -117.51 6.01 -84.32
CA UNK E 2890 -118.81 5.89 -83.70
C UNK E 2890 -119.46 4.58 -84.12
N UNK E 2891 -119.19 4.18 -85.37
CA UNK E 2891 -119.73 2.93 -85.88
C UNK E 2891 -119.13 1.76 -85.12
N UNK E 2892 -117.92 1.95 -84.62
CA UNK E 2892 -117.28 0.91 -83.84
C UNK E 2892 -118.07 0.66 -82.55
N UNK E 2893 -118.71 1.69 -82.03
CA UNK E 2893 -119.58 1.49 -80.88
C UNK E 2893 -120.78 0.64 -81.27
N UNK E 2894 -121.26 0.84 -82.49
CA UNK E 2894 -122.49 0.22 -82.94
C UNK E 2894 -122.35 -1.30 -82.99
N UNK E 2895 -121.14 -1.75 -83.28
CA UNK E 2895 -120.84 -3.18 -83.22
C UNK E 2895 -120.55 -3.59 -81.79
N UNK E 2896 -119.85 -2.73 -81.06
CA UNK E 2896 -119.43 -3.07 -79.71
C UNK E 2896 -120.60 -3.25 -78.76
N UNK E 2897 -121.67 -2.49 -78.98
CA UNK E 2897 -122.84 -2.59 -78.12
C UNK E 2897 -123.75 -3.74 -78.52
N UNK E 2898 -124.01 -3.86 -79.82
CA UNK E 2898 -124.90 -4.91 -80.30
C UNK E 2898 -124.31 -6.29 -80.05
N UNK E 2899 -122.99 -6.41 -80.15
CA UNK E 2899 -122.33 -7.66 -79.84
C UNK E 2899 -122.50 -7.96 -78.36
N UNK E 2900 -122.53 -6.89 -77.56
CA UNK E 2900 -122.78 -7.04 -76.13
C UNK E 2900 -124.19 -7.57 -75.90
N UNK E 2901 -125.12 -7.22 -76.80
CA UNK E 2901 -126.45 -7.80 -76.69
C UNK E 2901 -126.35 -9.30 -76.93
N UNK E 2902 -125.46 -9.69 -77.84
CA UNK E 2902 -125.22 -11.11 -78.06
C UNK E 2902 -124.58 -11.71 -76.81
N UNK E 2903 -123.81 -10.87 -76.11
CA UNK E 2903 -123.18 -11.31 -74.86
C UNK E 2903 -124.26 -11.55 -73.81
N UNK E 2904 -125.42 -10.92 -73.97
CA UNK E 2904 -126.52 -11.17 -73.05
C UNK E 2904 -127.00 -12.62 -73.18
N UNK E 2905 -126.80 -13.21 -74.36
CA UNK E 2905 -127.17 -14.60 -74.57
C UNK E 2905 -126.32 -15.53 -73.71
N UNK E 2906 -125.11 -15.08 -73.39
CA UNK E 2906 -124.19 -15.88 -72.59
C UNK E 2906 -124.63 -15.94 -71.13
N UNK E 2907 -113.43 -13.18 -78.95
CA UNK E 2907 -114.57 -12.49 -78.36
C UNK E 2907 -114.13 -11.36 -77.44
N UNK E 2908 -113.18 -11.68 -76.55
CA UNK E 2908 -112.71 -10.72 -75.57
C UNK E 2908 -111.99 -9.54 -76.22
N UNK E 2909 -111.41 -9.77 -77.40
CA UNK E 2909 -110.64 -8.73 -78.06
C UNK E 2909 -111.49 -7.52 -78.42
N UNK E 2910 -112.76 -7.75 -78.74
CA UNK E 2910 -113.67 -6.63 -78.99
C UNK E 2910 -113.89 -5.83 -77.71
N UNK E 2911 -113.89 -6.53 -76.57
CA UNK E 2911 -113.96 -5.86 -75.28
C UNK E 2911 -112.68 -5.08 -75.00
N UNK E 2912 -111.57 -5.56 -75.55
CA UNK E 2912 -110.29 -4.89 -75.38
C UNK E 2912 -110.24 -3.60 -76.18
N UNK E 2913 -110.67 -3.66 -77.44
CA UNK E 2913 -110.74 -2.47 -78.26
C UNK E 2913 -111.77 -1.49 -77.70
N UNK E 2914 -112.82 -2.03 -77.11
CA UNK E 2914 -113.83 -1.21 -76.44
C UNK E 2914 -113.24 -0.55 -75.21
N UNK E 2915 -112.29 -1.23 -74.58
CA UNK E 2915 -111.66 -0.71 -73.37
C UNK E 2915 -110.69 0.41 -73.70
N UNK E 2916 -109.87 0.20 -74.74
CA UNK E 2916 -108.95 1.25 -75.17
C UNK E 2916 -109.73 2.44 -75.71
N UNK E 2917 -110.86 2.17 -76.37
CA UNK E 2917 -111.73 3.23 -76.83
C UNK E 2917 -112.35 3.96 -75.65
N UNK E 2918 -112.60 3.24 -74.56
CA UNK E 2918 -113.08 3.85 -73.34
C UNK E 2918 -112.02 4.76 -72.72
N UNK E 2919 -110.76 4.34 -72.84
CA UNK E 2919 -109.66 5.19 -72.39
C UNK E 2919 -109.58 6.43 -73.26
N UNK E 2920 -109.91 6.28 -74.54
CA UNK E 2920 -109.96 7.44 -75.42
C UNK E 2920 -111.11 8.36 -75.02
N UNK E 2921 -112.18 7.76 -74.51
CA UNK E 2921 -113.30 8.54 -73.98
C UNK E 2921 -112.88 9.29 -72.72
N UNK E 2922 -112.00 8.68 -71.92
CA UNK E 2922 -111.45 9.37 -70.77
C UNK E 2922 -110.57 10.52 -71.23
N UNK E 2923 -109.90 10.32 -72.36
CA UNK E 2923 -109.11 11.40 -72.95
C UNK E 2923 -110.02 12.53 -73.43
N UNK E 2924 -111.21 12.15 -73.88
CA UNK E 2924 -112.22 13.14 -74.22
C UNK E 2924 -112.69 13.88 -72.97
N UNK E 2925 -112.71 13.17 -71.84
CA UNK E 2925 -113.04 13.78 -70.57
C UNK E 2925 -111.95 14.77 -70.17
N UNK E 2926 -110.72 14.48 -70.58
CA UNK E 2926 -109.63 15.44 -70.39
C UNK E 2926 -109.84 16.68 -71.25
N UNK E 2927 -110.59 16.52 -72.34
CA UNK E 2927 -110.84 17.62 -73.27
C UNK E 2927 -112.22 18.23 -73.04
N UNK E 2928 -123.24 12.64 -83.54
CA UNK E 2928 -122.14 12.32 -82.64
C UNK E 2928 -122.64 11.79 -81.31
N UNK E 2929 -123.63 12.48 -80.75
CA UNK E 2929 -124.25 12.07 -79.49
C UNK E 2929 -124.99 10.73 -79.63
N UNK E 2930 -125.41 10.42 -80.86
CA UNK E 2930 -126.13 9.18 -81.11
C UNK E 2930 -125.26 7.97 -80.80
N UNK E 2931 -123.95 8.11 -81.00
CA UNK E 2931 -123.02 7.07 -80.61
C UNK E 2931 -123.04 6.88 -79.10
N UNK E 2932 -123.21 7.99 -78.38
CA UNK E 2932 -123.38 7.93 -76.93
C UNK E 2932 -124.70 7.27 -76.58
N UNK E 2933 -125.70 7.43 -77.44
CA UNK E 2933 -126.95 6.70 -77.27
C UNK E 2933 -126.72 5.20 -77.48
N UNK E 2934 -125.79 4.86 -78.37
CA UNK E 2934 -125.39 3.46 -78.52
C UNK E 2934 -124.67 2.99 -77.27
N UNK E 2935 -123.95 3.90 -76.63
CA UNK E 2935 -123.33 3.59 -75.35
C UNK E 2935 -124.41 3.35 -74.30
N UNK E 2936 -125.52 4.05 -74.43
CA UNK E 2936 -126.68 3.82 -73.58
C UNK E 2936 -127.27 2.44 -73.87
N UNK E 2937 -127.17 2.02 -75.13
CA UNK E 2937 -127.58 0.66 -75.48
C UNK E 2937 -126.66 -0.35 -74.83
N UNK E 2938 -125.39 0.01 -74.70
CA UNK E 2938 -124.47 -0.83 -73.94
C UNK E 2938 -124.84 -0.84 -72.46
N UNK E 2939 -125.37 0.28 -71.98
CA UNK E 2939 -125.82 0.37 -70.60
C UNK E 2939 -127.01 -0.53 -70.37
N UNK E 2940 -127.87 -0.63 -71.38
CA UNK E 2940 -128.96 -1.61 -71.35
C UNK E 2940 -128.41 -3.01 -71.42
N UNK E 2941 -127.30 -3.17 -72.14
CA UNK E 2941 -126.66 -4.47 -72.28
C UNK E 2941 -126.10 -4.97 -70.96
N UNK E 2942 -125.64 -4.05 -70.13
CA UNK E 2942 -125.09 -4.43 -68.82
C UNK E 2942 -126.16 -4.52 -67.74
N UNK E 2943 -127.08 -3.55 -67.71
CA UNK E 2943 -128.10 -3.50 -66.68
C UNK E 2943 -129.10 -4.65 -66.76
N UNK E 2944 -129.34 -5.14 -67.98
CA UNK E 2944 -130.34 -6.19 -68.19
C UNK E 2944 -129.93 -7.51 -67.55
N UNK E 2945 -128.64 -7.72 -67.42
CA UNK E 2945 -128.12 -8.97 -66.85
C UNK E 2945 -127.75 -8.80 -65.39
N UNK E 2946 -115.53 -9.98 -64.53
CA UNK E 2946 -115.25 -9.91 -65.96
C UNK E 2946 -116.04 -8.80 -66.63
N UNK E 2947 -117.35 -8.86 -66.49
CA UNK E 2947 -118.24 -7.85 -67.05
C UNK E 2947 -118.04 -6.49 -66.39
N UNK E 2948 -117.53 -6.51 -65.16
CA UNK E 2948 -117.33 -5.28 -64.40
C UNK E 2948 -116.29 -4.35 -65.03
N UNK E 2949 -115.29 -4.92 -65.69
CA UNK E 2949 -114.34 -4.10 -66.42
C UNK E 2949 -115.01 -3.38 -67.59
N UNK E 2950 -115.94 -4.08 -68.23
CA UNK E 2950 -116.76 -3.50 -69.29
C UNK E 2950 -117.67 -2.43 -68.70
N UNK E 2951 -118.02 -2.61 -67.44
CA UNK E 2951 -118.89 -1.66 -66.74
C UNK E 2951 -118.14 -0.37 -66.46
N UNK E 2952 -116.91 -0.50 -65.96
CA UNK E 2952 -116.07 0.66 -65.73
C UNK E 2952 -115.71 1.35 -67.04
N UNK E 2953 -115.53 0.56 -68.10
CA UNK E 2953 -115.30 1.13 -69.42
C UNK E 2953 -116.53 1.91 -69.90
N UNK E 2954 -117.71 1.41 -69.53
CA UNK E 2954 -118.95 2.11 -69.80
C UNK E 2954 -119.01 3.40 -69.00
N UNK E 2955 -118.44 3.38 -67.80
CA UNK E 2955 -118.35 4.59 -67.01
C UNK E 2955 -117.41 5.59 -67.67
N UNK E 2956 -116.38 5.09 -68.33
CA UNK E 2956 -115.52 5.96 -69.14
C UNK E 2956 -116.30 6.52 -70.31
N UNK E 2957 -117.22 5.72 -70.84
CA UNK E 2957 -118.07 6.16 -71.93
C UNK E 2957 -119.08 7.21 -71.47
N UNK E 2958 -119.39 7.19 -70.18
CA UNK E 2958 -120.44 8.03 -69.62
C UNK E 2958 -120.12 9.52 -69.72
N UNK E 2959 -118.84 9.85 -69.75
CA UNK E 2959 -118.42 11.25 -69.82
C UNK E 2959 -118.51 11.78 -71.24
N UNK E 2960 -130.70 14.08 -70.47
CA UNK E 2960 -130.28 12.93 -69.67
C UNK E 2960 -131.03 12.90 -68.34
N UNK E 2961 -132.22 13.47 -68.31
CA UNK E 2961 -133.05 13.45 -67.11
C UNK E 2961 -133.46 12.02 -66.77
N UNK E 2962 -133.60 11.19 -67.80
CA UNK E 2962 -133.92 9.79 -67.58
C UNK E 2962 -132.78 9.09 -66.85
N UNK E 2963 -131.55 9.53 -67.12
CA UNK E 2963 -130.39 9.07 -66.38
C UNK E 2963 -130.44 9.53 -64.94
N UNK E 2964 -131.09 10.67 -64.69
CA UNK E 2964 -131.20 11.18 -63.34
C UNK E 2964 -132.24 10.42 -62.53
N UNK E 2965 -133.39 10.15 -63.13
CA UNK E 2965 -134.40 9.33 -62.48
C UNK E 2965 -133.89 7.90 -62.28
N UNK E 2966 -133.11 7.43 -63.25
CA UNK E 2966 -132.48 6.13 -63.13
C UNK E 2966 -131.45 6.14 -62.01
N UNK E 2967 -130.79 7.29 -61.82
CA UNK E 2967 -129.88 7.46 -60.71
C UNK E 2967 -130.63 7.44 -59.38
N UNK E 2968 -131.85 7.96 -59.38
CA UNK E 2968 -132.69 7.88 -58.19
C UNK E 2968 -133.05 6.44 -57.92
N UNK E 2969 -133.27 5.68 -58.99
CA UNK E 2969 -133.49 4.25 -58.85
C UNK E 2969 -132.25 3.54 -58.31
N UNK E 2970 -131.09 4.04 -58.69
CA UNK E 2970 -129.82 3.54 -58.18
C UNK E 2970 -129.68 3.84 -56.69
N UNK E 2971 -130.26 4.96 -56.27
CA UNK E 2971 -130.22 5.36 -54.88
C UNK E 2971 -131.15 4.50 -54.04
N UNK E 2972 -132.35 4.26 -54.56
CA UNK E 2972 -133.28 3.40 -53.87
C UNK E 2972 -132.75 1.98 -53.82
N UNK E 2973 -132.05 1.56 -54.87
CA UNK E 2973 -131.38 0.27 -54.88
C UNK E 2973 -130.24 0.24 -53.86
N UNK E 2974 -129.60 1.38 -53.67
CA UNK E 2974 -128.56 1.49 -52.66
C UNK E 2974 -129.15 1.35 -51.27
N UNK E 2975 -130.38 1.82 -51.12
CA UNK E 2975 -131.09 1.73 -49.85
C UNK E 2975 -131.49 0.30 -49.53
N UNK E 2976 -131.60 -0.54 -50.56
CA UNK E 2976 -132.17 -1.87 -50.42
C UNK E 2976 -131.36 -2.80 -49.53
N UNK E 2977 -130.05 -2.56 -49.44
CA UNK E 2977 -129.19 -3.42 -48.65
C UNK E 2977 -128.73 -2.72 -47.38
N UNK E 2978 -126.54 -10.57 -52.73
CA UNK E 2978 -127.18 -9.42 -53.35
C UNK E 2978 -126.15 -8.38 -53.78
N UNK E 2979 -124.91 -8.57 -53.32
CA UNK E 2979 -123.85 -7.63 -53.63
C UNK E 2979 -123.55 -7.57 -55.12
N UNK E 2980 -123.76 -8.68 -55.82
CA UNK E 2980 -123.51 -8.72 -57.26
C UNK E 2980 -124.46 -7.79 -58.02
N UNK E 2981 -125.68 -7.68 -57.53
CA UNK E 2981 -126.62 -6.72 -58.11
C UNK E 2981 -126.17 -5.29 -57.87
N UNK E 2982 -125.57 -5.07 -56.70
CA UNK E 2982 -125.02 -3.76 -56.38
C UNK E 2982 -123.87 -3.44 -57.32
N UNK E 2983 -123.12 -4.46 -57.69
CA UNK E 2983 -122.08 -4.32 -58.70
C UNK E 2983 -122.70 -4.02 -60.07
N UNK E 2984 -123.87 -4.61 -60.32
CA UNK E 2984 -124.57 -4.36 -61.57
C UNK E 2984 -125.06 -2.91 -61.68
N UNK E 2985 -125.41 -2.33 -60.52
CA UNK E 2985 -125.81 -0.94 -60.47
C UNK E 2985 -124.61 -0.01 -60.34
N UNK E 2986 -123.45 -0.59 -60.03
CA UNK E 2986 -122.26 0.20 -59.76
C UNK E 2986 -121.79 0.97 -60.97
N UNK E 2987 -121.97 0.40 -62.15
CA UNK E 2987 -121.66 1.12 -63.38
C UNK E 2987 -122.56 2.33 -63.55
N UNK E 2988 -123.82 2.19 -63.14
CA UNK E 2988 -124.76 3.29 -63.14
C UNK E 2988 -124.35 4.35 -62.12
N UNK E 2989 -123.72 3.90 -61.03
CA UNK E 2989 -123.30 4.81 -60.00
C UNK E 2989 -122.10 5.62 -60.45
N UNK E 2990 -121.13 4.95 -61.05
CA UNK E 2990 -119.96 5.64 -61.60
C UNK E 2990 -120.36 6.55 -62.76
N UNK E 2991 -121.37 6.14 -63.52
CA UNK E 2991 -121.91 7.00 -64.56
C UNK E 2991 -122.58 8.22 -63.95
N UNK E 2992 -123.18 8.03 -62.77
CA UNK E 2992 -123.73 9.15 -62.04
C UNK E 2992 -122.62 10.08 -61.57
N UNK E 2993 -121.47 9.50 -61.26
CA UNK E 2993 -120.30 10.31 -60.92
C UNK E 2993 -119.83 11.09 -62.14
N UNK E 2994 -119.99 10.49 -63.31
CA UNK E 2994 -119.72 11.20 -64.56
C UNK E 2994 -120.72 12.32 -64.77
N UNK E 2995 -121.94 12.13 -64.27
CA UNK E 2995 -123.01 13.12 -64.40
C UNK E 2995 -122.70 14.38 -63.59
N UNK E 2996 -121.87 14.23 -62.57
CA UNK E 2996 -121.49 15.35 -61.71
C UNK E 2996 -120.73 16.42 -62.50
N UNK E 2997 -120.06 15.99 -63.56
CA UNK E 2997 -119.28 16.90 -64.39
C UNK E 2997 -120.16 17.68 -65.35
N UNK E 2998 -124.24 22.13 -56.72
CA UNK E 2998 -125.67 22.20 -57.04
C UNK E 2998 -126.36 20.88 -56.70
N UNK E 2999 -127.07 20.32 -57.68
CA UNK E 2999 -127.72 19.02 -57.52
C UNK E 2999 -126.67 17.94 -57.35
N UNK E 3000 -125.47 18.21 -57.88
CA UNK E 3000 -124.37 17.27 -57.80
C UNK E 3000 -123.92 17.04 -56.37
N UNK E 3001 -124.17 18.01 -55.50
CA UNK E 3001 -123.84 17.86 -54.09
C UNK E 3001 -124.76 16.88 -53.38
N UNK E 3002 -126.06 17.03 -53.58
CA UNK E 3002 -127.01 16.09 -52.99
C UNK E 3002 -126.87 14.71 -53.63
N UNK E 3003 -126.53 14.69 -54.91
CA UNK E 3003 -126.24 13.44 -55.58
C UNK E 3003 -124.99 12.81 -54.98
N UNK E 3004 -124.06 13.67 -54.55
CA UNK E 3004 -122.88 13.21 -53.84
C UNK E 3004 -123.26 12.64 -52.48
N UNK E 3005 -124.30 13.20 -51.86
CA UNK E 3005 -124.81 12.61 -50.63
C UNK E 3005 -125.43 11.25 -50.91
N UNK E 3006 -126.04 11.10 -52.09
CA UNK E 3006 -126.54 9.79 -52.49
C UNK E 3006 -125.39 8.83 -52.72
N UNK E 3007 -124.26 9.36 -53.18
CA UNK E 3007 -123.04 8.58 -53.32
C UNK E 3007 -122.51 8.18 -51.94
N UNK E 3008 -122.74 9.04 -50.96
CA UNK E 3008 -122.40 8.75 -49.57
C UNK E 3008 -123.31 7.65 -49.03
N UNK E 3009 -124.53 7.58 -49.56
CA UNK E 3009 -125.47 6.53 -49.18
C UNK E 3009 -125.07 5.19 -49.79
N UNK E 3010 -124.72 5.20 -51.06
CA UNK E 3010 -124.26 3.98 -51.72
C UNK E 3010 -122.95 3.52 -51.10
N UNK E 3011 -122.13 4.48 -50.69
CA UNK E 3011 -120.91 4.19 -49.96
C UNK E 3011 -121.23 3.62 -48.58
N UNK E 3012 -122.35 4.06 -47.99
CA UNK E 3012 -122.81 3.49 -46.74
C UNK E 3012 -123.26 2.05 -46.92
N UNK E 3013 -123.81 1.74 -48.10
CA UNK E 3013 -124.26 0.39 -48.38
C UNK E 3013 -123.08 -0.54 -48.65
N UNK E 3014 -122.12 -0.04 -49.41
CA UNK E 3014 -120.90 -0.78 -49.66
C UNK E 3014 -120.14 -0.96 -48.36
N UNK E 3015 -120.26 0.02 -47.46
CA UNK E 3015 -119.73 -0.12 -46.11
C UNK E 3015 -120.47 -1.17 -45.32
N UNK E 3016 -121.77 -1.32 -45.60
CA UNK E 3016 -122.53 -2.38 -44.96
C UNK E 3016 -122.04 -3.72 -45.45
N UNK E 3017 -121.60 -3.76 -46.71
CA UNK E 3017 -120.88 -4.92 -47.23
C UNK E 3017 -119.52 -5.06 -46.54
N UNK E 3018 -118.94 -3.94 -46.15
CA UNK E 3018 -117.62 -3.92 -45.53
C UNK E 3018 -117.67 -4.38 -44.09
N UNK E 3019 -118.88 -4.41 -43.53
CA UNK E 3019 -119.07 -4.93 -42.18
C UNK E 3019 -118.72 -6.42 -42.15
N UNK E 3020 -118.86 -7.06 -43.29
CA UNK E 3020 -118.52 -8.47 -43.43
C UNK E 3020 -117.14 -8.64 -44.06
N UNK E 3021 -114.45 -9.87 -53.44
CA UNK E 3021 -113.11 -10.12 -53.98
C UNK E 3021 -112.72 -9.04 -54.99
N UNK E 3022 -112.51 -9.45 -56.24
CA UNK E 3022 -112.17 -8.50 -57.29
C UNK E 3022 -113.33 -7.55 -57.57
N UNK E 3023 -114.56 -8.03 -57.37
CA UNK E 3023 -115.72 -7.16 -57.48
C UNK E 3023 -115.69 -6.09 -56.41
N UNK E 3024 -115.15 -6.44 -55.24
CA UNK E 3024 -114.94 -5.47 -54.18
C UNK E 3024 -113.87 -4.46 -54.60
N UNK E 3025 -112.91 -4.90 -55.40
CA UNK E 3025 -111.94 -3.98 -55.97
C UNK E 3025 -112.62 -3.05 -56.97
N UNK E 3026 -113.65 -3.56 -57.64
CA UNK E 3026 -114.47 -2.71 -58.51
C UNK E 3026 -115.24 -1.70 -57.66
N UNK E 3027 -115.60 -2.11 -56.44
CA UNK E 3027 -116.19 -1.18 -55.50
C UNK E 3027 -115.17 -0.13 -55.06
N UNK E 3028 -113.90 -0.53 -55.02
CA UNK E 3028 -112.82 0.43 -54.80
C UNK E 3028 -112.70 1.39 -55.97
N UNK E 3029 -112.99 0.90 -57.18
CA UNK E 3029 -113.04 1.78 -58.34
C UNK E 3029 -114.21 2.74 -58.19
N UNK E 3030 -115.27 2.28 -57.56
CA UNK E 3030 -116.39 3.14 -57.21
C UNK E 3030 -115.96 4.16 -56.16
N UNK E 3031 -115.01 3.78 -55.31
CA UNK E 3031 -114.42 4.71 -54.37
C UNK E 3031 -113.56 5.74 -55.09
N UNK E 3032 -113.01 5.36 -56.23
CA UNK E 3032 -112.23 6.29 -57.05
C UNK E 3032 -113.14 7.28 -57.75
N UNK E 3033 -114.26 6.79 -58.28
CA UNK E 3033 -115.24 7.67 -58.90
C UNK E 3033 -115.85 8.58 -57.83
N UNK E 3034 -115.94 8.06 -56.61
CA UNK E 3034 -116.35 8.87 -55.47
C UNK E 3034 -115.30 9.93 -55.15
N UNK E 3035 -114.03 9.58 -55.37
CA UNK E 3035 -112.96 10.55 -55.17
C UNK E 3035 -113.08 11.66 -56.21
N UNK E 3036 -113.55 11.29 -57.40
CA UNK E 3036 -113.93 12.29 -58.39
C UNK E 3036 -115.16 13.08 -57.94
N UNK E 3037 -116.00 12.42 -57.13
CA UNK E 3037 -117.28 12.99 -56.69
C UNK E 3037 -117.11 13.90 -55.48
N UNK E 3038 -115.90 13.93 -54.92
CA UNK E 3038 -115.60 14.71 -53.73
C UNK E 3038 -116.03 16.17 -53.87
N UNK E 3039 -122.97 17.57 -45.12
CA UNK E 3039 -121.77 16.77 -45.33
C UNK E 3039 -121.22 16.23 -44.02
N UNK E 3040 -121.29 17.04 -42.97
CA UNK E 3040 -120.80 16.63 -41.67
C UNK E 3040 -121.58 15.44 -41.11
N UNK E 3041 -122.88 15.37 -41.41
CA UNK E 3041 -123.67 14.21 -41.06
C UNK E 3041 -123.23 12.97 -41.84
N UNK E 3042 -122.83 13.20 -43.09
CA UNK E 3042 -122.31 12.13 -43.92
C UNK E 3042 -120.98 11.65 -43.35
N UNK E 3043 -120.27 12.57 -42.72
CA UNK E 3043 -119.03 12.25 -42.02
C UNK E 3043 -119.32 11.64 -40.67
N UNK E 3044 -120.57 11.73 -40.22
CA UNK E 3044 -120.97 11.08 -38.98
C UNK E 3044 -121.33 9.62 -39.26
N UNK E 3045 -122.08 9.37 -40.33
CA UNK E 3045 -122.31 8.00 -40.75
C UNK E 3045 -120.99 7.36 -41.18
N UNK E 3046 -120.12 8.17 -41.79
CA UNK E 3046 -118.79 7.73 -42.13
C UNK E 3046 -117.99 7.47 -40.87
N UNK E 3047 -118.28 8.23 -39.82
CA UNK E 3047 -117.65 7.98 -38.53
C UNK E 3047 -118.12 6.64 -37.98
N UNK E 3048 -119.38 6.30 -38.22
CA UNK E 3048 -119.87 4.98 -37.84
C UNK E 3048 -119.22 3.86 -38.65
N UNK E 3049 -118.89 4.17 -39.91
CA UNK E 3049 -118.30 3.18 -40.79
C UNK E 3049 -116.85 2.93 -40.44
N UNK E 3050 -116.11 4.02 -40.21
CA UNK E 3050 -114.74 3.95 -39.77
C UNK E 3050 -114.65 3.37 -38.37
N UNK E 3051 -115.67 3.61 -37.56
CA UNK E 3051 -115.76 2.96 -36.27
C UNK E 3051 -115.97 1.47 -36.42
N UNK E 3052 -116.70 1.08 -37.47
CA UNK E 3052 -116.82 -0.34 -37.78
C UNK E 3052 -115.48 -0.89 -38.21
N UNK E 3053 -114.70 -0.08 -38.91
CA UNK E 3053 -113.35 -0.46 -39.31
C UNK E 3053 -112.44 -0.58 -38.10
N UNK E 3054 -112.72 0.20 -37.06
CA UNK E 3054 -111.90 0.21 -35.86
C UNK E 3054 -112.23 -0.99 -34.98
N UNK E 3055 -113.52 -1.28 -34.83
CA UNK E 3055 -113.96 -2.46 -34.12
C UNK E 3055 -113.51 -3.72 -34.84
N UNK E 3056 -113.47 -3.65 -36.17
CA UNK E 3056 -113.02 -4.78 -36.97
C UNK E 3056 -111.51 -4.97 -36.88
N UNK E 3057 -110.78 -3.88 -36.90
CA UNK E 3057 -109.32 -3.93 -36.73
C UNK E 3057 -108.93 -4.38 -35.33
N UNK E 3058 -109.77 -4.05 -34.35
CA UNK E 3058 -109.52 -4.41 -32.96
C UNK E 3058 -109.87 -5.86 -32.71
N UNK E 3059 -110.98 -6.31 -33.28
CA UNK E 3059 -111.33 -7.71 -33.23
C UNK E 3059 -110.29 -8.54 -33.98
N UNK E 3060 -109.73 -7.95 -35.04
CA UNK E 3060 -108.62 -8.55 -35.75
C UNK E 3060 -107.37 -8.59 -34.88
N UNK E 3061 -107.21 -7.59 -34.01
CA UNK E 3061 -106.13 -7.60 -33.05
C UNK E 3061 -106.35 -8.72 -32.05
N UNK E 3062 -107.62 -8.99 -31.74
CA UNK E 3062 -107.98 -10.13 -30.92
C UNK E 3062 -107.71 -11.44 -31.65
N UNK E 3063 -107.75 -11.38 -32.99
CA UNK E 3063 -107.49 -12.55 -33.81
C UNK E 3063 -106.01 -12.87 -33.85
N UNK E 3064 -105.19 -11.83 -33.98
CA UNK E 3064 -103.75 -11.99 -33.86
C UNK E 3064 -103.38 -12.42 -32.44
N UNK E 3065 -104.18 -11.96 -31.47
CA UNK E 3065 -104.01 -12.41 -30.11
C UNK E 3065 -104.32 -13.89 -29.99
N UNK E 3066 -105.29 -14.36 -30.77
CA UNK E 3066 -105.56 -15.78 -30.87
C UNK E 3066 -104.41 -16.50 -31.54
N UNK E 3067 -103.74 -15.82 -32.47
CA UNK E 3067 -102.57 -16.37 -33.12
C UNK E 3067 -101.43 -16.51 -32.10
N UNK E 3068 -101.43 -15.64 -31.10
CA UNK E 3068 -100.42 -15.67 -30.05
C UNK E 3068 -100.54 -16.96 -29.24
N UNK E 3069 -101.74 -17.51 -29.19
CA UNK E 3069 -102.00 -18.74 -28.45
C UNK E 3069 -103.00 -19.63 -29.17
N UNK E 3070 -106.17 -17.38 -39.03
CA UNK E 3070 -106.80 -16.44 -38.12
C UNK E 3070 -106.81 -15.04 -38.70
N UNK E 3071 -105.68 -14.34 -38.59
CA UNK E 3071 -105.56 -12.98 -39.10
C UNK E 3071 -105.69 -12.91 -40.62
N UNK E 3072 -105.38 -14.01 -41.29
CA UNK E 3072 -105.40 -14.02 -42.75
C UNK E 3072 -106.80 -13.77 -43.29
N UNK E 3073 -107.82 -14.24 -42.56
CA UNK E 3073 -109.19 -13.93 -42.92
C UNK E 3073 -109.48 -12.44 -42.72
N UNK E 3074 -108.79 -11.84 -41.75
CA UNK E 3074 -108.97 -10.43 -41.46
C UNK E 3074 -108.16 -9.54 -42.40
N UNK E 3075 -107.27 -10.13 -43.17
CA UNK E 3075 -106.40 -9.35 -44.05
C UNK E 3075 -107.17 -8.66 -45.17
N UNK E 3076 -108.09 -9.40 -45.80
CA UNK E 3076 -108.92 -8.81 -46.85
C UNK E 3076 -109.83 -7.73 -46.28
N UNK E 3077 -110.29 -7.93 -45.05
CA UNK E 3077 -111.07 -6.91 -44.37
C UNK E 3077 -110.23 -5.68 -44.11
N UNK E 3078 -108.94 -5.88 -43.83
CA UNK E 3078 -108.00 -4.78 -43.67
C UNK E 3078 -107.79 -4.07 -44.99
N UNK E 3079 -107.91 -4.81 -46.10
CA UNK E 3079 -107.75 -4.22 -47.42
C UNK E 3079 -108.95 -3.36 -47.80
N UNK E 3080 -110.15 -3.89 -47.56
CA UNK E 3080 -111.35 -3.13 -47.81
C UNK E 3080 -111.41 -1.91 -46.89
N UNK E 3081 -110.89 -2.08 -45.68
CA UNK E 3081 -110.80 -0.97 -44.76
C UNK E 3081 -109.79 0.07 -45.26
N UNK E 3082 -108.75 -0.40 -45.94
CA UNK E 3082 -107.82 0.52 -46.59
C UNK E 3082 -108.49 1.26 -47.74
N UNK E 3083 -109.43 0.59 -48.40
CA UNK E 3083 -110.23 1.25 -49.42
C UNK E 3083 -111.13 2.31 -48.79
N UNK E 3084 -111.60 2.02 -47.58
CA UNK E 3084 -112.37 2.99 -46.83
C UNK E 3084 -111.49 4.17 -46.44
N UNK E 3085 -110.21 3.89 -46.19
CA UNK E 3085 -109.25 4.95 -45.95
C UNK E 3085 -109.03 5.78 -47.19
N UNK E 3086 -109.12 5.15 -48.36
CA UNK E 3086 -109.08 5.88 -49.61
C UNK E 3086 -110.32 6.75 -49.76
N UNK E 3087 -111.44 6.27 -49.25
CA UNK E 3087 -112.66 7.07 -49.23
C UNK E 3087 -112.48 8.27 -48.31
N UNK E 3088 -111.72 8.07 -47.23
CA UNK E 3088 -111.37 9.17 -46.36
C UNK E 3088 -110.45 10.15 -47.07
N UNK E 3089 -109.61 9.62 -47.95
CA UNK E 3089 -108.74 10.46 -48.76
C UNK E 3089 -109.56 11.30 -49.73
N UNK E 3090 -110.67 10.74 -50.19
CA UNK E 3090 -111.59 11.49 -51.02
C UNK E 3090 -112.24 12.60 -50.21
N UNK E 3091 -112.45 12.33 -48.92
CA UNK E 3091 -113.08 13.26 -48.01
C UNK E 3091 -112.10 14.23 -47.39
N UNK E 3092 -110.81 14.05 -47.66
CA UNK E 3092 -109.76 14.62 -46.81
C UNK E 3092 -109.59 16.14 -46.94
N UNK E 3093 -112.91 18.75 -45.46
CA UNK E 3093 -112.58 18.26 -44.10
C UNK E 3093 -111.53 19.05 -43.32
N UNK E 3094 -110.27 18.98 -43.71
CA UNK E 3094 -109.21 19.58 -42.90
C UNK E 3094 -109.36 21.09 -42.77
N UNK E 3095 -109.83 21.75 -43.82
CA UNK E 3095 -110.07 23.18 -43.72
C UNK E 3095 -111.21 23.42 -42.75
N UNK E 3096 -112.22 22.55 -42.80
CA UNK E 3096 -113.31 22.59 -41.84
C UNK E 3096 -112.76 22.26 -40.46
N UNK E 3097 -111.71 21.46 -40.41
CA UNK E 3097 -111.10 21.13 -39.13
C UNK E 3097 -110.49 22.39 -38.54
N UNK E 3098 -110.08 23.33 -39.39
CA UNK E 3098 -109.56 24.58 -38.88
C UNK E 3098 -110.66 25.36 -38.16
N UNK E 3099 -111.90 25.17 -38.62
CA UNK E 3099 -113.05 25.75 -37.94
C UNK E 3099 -113.30 25.07 -36.59
N UNK E 3100 -112.88 23.81 -36.47
CA UNK E 3100 -113.15 23.03 -35.28
C UNK E 3100 -112.45 23.59 -34.04
N UNK E 3101 -111.34 24.27 -34.27
CA UNK E 3101 -110.57 24.85 -33.17
C UNK E 3101 -111.29 26.04 -32.56
N UNK E 3102 -115.21 19.72 -32.95
CA UNK E 3102 -114.32 19.02 -32.03
C UNK E 3102 -114.51 17.51 -32.11
N UNK E 3103 -115.73 17.09 -32.41
CA UNK E 3103 -116.03 15.66 -32.54
C UNK E 3103 -115.29 15.05 -33.70
N UNK E 3104 -115.01 15.86 -34.72
CA UNK E 3104 -114.26 15.38 -35.88
C UNK E 3104 -112.85 14.98 -35.45
N UNK E 3105 -112.33 15.68 -34.46
CA UNK E 3105 -111.04 15.33 -33.87
C UNK E 3105 -111.12 14.00 -33.14
N UNK E 3106 -112.31 13.67 -32.63
CA UNK E 3106 -112.51 12.41 -31.94
C UNK E 3106 -112.61 11.25 -32.91
N UNK E 3107 -113.33 11.46 -34.01
CA UNK E 3107 -113.38 10.45 -35.06
C UNK E 3107 -111.99 10.26 -35.68
N UNK E 3108 -111.24 11.36 -35.74
CA UNK E 3108 -109.85 11.29 -36.17
C UNK E 3108 -109.03 10.52 -35.16
N UNK E 3109 -109.40 10.61 -33.89
CA UNK E 3109 -108.77 9.81 -32.85
C UNK E 3109 -109.09 8.34 -33.03
N UNK E 3110 -110.28 8.06 -33.57
CA UNK E 3110 -110.66 6.68 -33.84
C UNK E 3110 -109.88 6.11 -35.01
N UNK E 3111 -109.79 6.89 -36.09
CA UNK E 3111 -109.03 6.45 -37.25
C UNK E 3111 -107.54 6.33 -36.93
N UNK E 3112 -107.08 7.19 -36.03
CA UNK E 3112 -105.68 7.19 -35.61
C UNK E 3112 -105.37 6.01 -34.72
N UNK E 3113 -106.28 5.71 -33.79
CA UNK E 3113 -106.11 4.53 -32.94
C UNK E 3113 -106.16 3.26 -33.78
N UNK E 3114 -107.00 3.29 -34.81
CA UNK E 3114 -107.05 2.18 -35.76
C UNK E 3114 -105.74 2.07 -36.53
N UNK E 3115 -105.14 3.21 -36.81
CA UNK E 3115 -103.83 3.22 -37.46
C UNK E 3115 -102.77 2.66 -36.53
N UNK E 3116 -102.95 2.88 -35.23
CA UNK E 3116 -102.09 2.28 -34.24
C UNK E 3116 -102.28 0.78 -34.20
N UNK E 3117 -103.51 0.34 -34.46
CA UNK E 3117 -103.76 -1.08 -34.59
C UNK E 3117 -103.07 -1.63 -35.83
N UNK E 3118 -102.98 -0.81 -36.87
CA UNK E 3118 -102.22 -1.17 -38.06
C UNK E 3118 -100.72 -1.25 -37.74
N UNK E 3119 -100.30 -0.43 -36.79
CA UNK E 3119 -98.90 -0.38 -36.37
C UNK E 3119 -98.49 -1.65 -35.63
N UNK E 3120 -99.48 -2.32 -35.05
CA UNK E 3120 -99.23 -3.52 -34.26
C UNK E 3120 -98.70 -4.66 -35.12
N UNK E 3121 -98.76 -7.38 -36.78
CA UNK E 3121 -97.45 -7.17 -37.39
C UNK E 3121 -97.39 -7.79 -38.78
N UNK E 3122 -97.52 -9.12 -38.83
CA UNK E 3122 -97.47 -9.85 -40.09
C UNK E 3122 -98.65 -9.49 -40.98
N UNK E 3123 -99.75 -9.07 -40.36
CA UNK E 3123 -100.95 -8.74 -41.11
C UNK E 3123 -100.73 -7.55 -42.03
N UNK E 3124 -99.88 -6.61 -41.62
CA UNK E 3124 -99.50 -5.52 -42.51
C UNK E 3124 -98.74 -6.03 -43.72
N UNK E 3125 -97.94 -7.07 -43.50
CA UNK E 3125 -97.26 -7.72 -44.60
C UNK E 3125 -98.26 -8.42 -45.52
N UNK E 3126 -99.34 -8.92 -44.92
CA UNK E 3126 -100.42 -9.50 -45.71
C UNK E 3126 -101.10 -8.43 -46.54
N UNK E 3127 -101.17 -7.22 -46.01
CA UNK E 3127 -101.66 -6.08 -46.78
C UNK E 3127 -100.70 -5.75 -47.90
N UNK E 3128 -99.41 -5.96 -47.66
CA UNK E 3128 -98.39 -5.68 -48.67
C UNK E 3128 -98.49 -6.67 -49.82
N UNK E 3129 -98.70 -7.94 -49.50
CA UNK E 3129 -98.94 -8.96 -50.51
C UNK E 3129 -100.27 -8.71 -51.21
N UNK E 3130 -101.22 -8.15 -50.48
CA UNK E 3130 -102.50 -7.80 -51.05
C UNK E 3130 -102.34 -6.68 -52.07
N UNK E 3131 -101.35 -5.82 -51.84
CA UNK E 3131 -101.05 -4.75 -52.78
C UNK E 3131 -100.28 -5.28 -53.97
N UNK E 3132 -99.35 -6.19 -53.71
CA UNK E 3132 -98.54 -6.79 -54.76
C UNK E 3132 -99.40 -7.61 -55.70
N UNK E 3133 -100.48 -8.18 -55.17
CA UNK E 3133 -101.40 -8.98 -55.96
C UNK E 3133 -102.37 -8.10 -56.74
N UNK E 3134 -102.39 -6.81 -56.40
CA UNK E 3134 -103.30 -5.88 -57.04
C UNK E 3134 -102.57 -4.98 -58.03
N UNK E 3135 -102.69 9.41 -45.82
CA UNK E 3135 -102.70 8.41 -44.77
C UNK E 3135 -103.23 8.99 -43.46
N UNK E 3136 -102.55 8.68 -42.36
CA UNK E 3136 -102.99 9.11 -41.04
C UNK E 3136 -102.54 10.53 -40.72
N UNK E 3137 -101.76 11.13 -41.62
CA UNK E 3137 -101.12 12.40 -41.32
C UNK E 3137 -102.13 13.54 -41.09
N UNK E 3138 -103.26 13.48 -41.76
CA UNK E 3138 -104.31 14.46 -41.50
C UNK E 3138 -104.85 14.31 -40.08
N UNK E 3139 -104.90 13.06 -39.61
CA UNK E 3139 -105.26 12.79 -38.23
C UNK E 3139 -104.20 13.32 -37.28
N UNK E 3140 -102.95 13.33 -37.72
CA UNK E 3140 -101.89 13.99 -36.96
C UNK E 3140 -102.12 15.50 -36.92
N UNK E 3141 -102.69 16.04 -38.00
CA UNK E 3141 -103.07 17.45 -38.00
C UNK E 3141 -104.19 17.66 -37.00
N UNK E 3142 -105.04 16.65 -36.85
CA UNK E 3142 -106.05 16.67 -35.80
C UNK E 3142 -105.40 16.59 -34.42
N UNK E 3143 -104.25 15.92 -34.34
CA UNK E 3143 -103.49 15.91 -33.09
C UNK E 3143 -102.94 17.30 -32.81
N UNK E 3144 -102.62 18.04 -33.87
CA UNK E 3144 -102.25 19.45 -33.69
C UNK E 3144 -103.47 20.24 -33.24
N UNK E 3145 -104.65 19.82 -33.69
CA UNK E 3145 -105.90 20.43 -33.25
C UNK E 3145 -106.18 20.15 -31.77
N UNK E 3146 -105.65 19.02 -31.28
CA UNK E 3146 -105.91 18.58 -29.91
C UNK E 3146 -105.33 19.54 -28.88
N UNK E 3147 -104.28 20.25 -29.27
CA UNK E 3147 -103.63 21.21 -28.38
C UNK E 3147 -104.56 22.38 -28.03
N UNK E 3148 -105.49 22.68 -28.92
CA UNK E 3148 -106.43 23.78 -28.73
C UNK E 3148 -107.45 23.45 -27.63
N UNK E 3149 -109.83 28.51 -30.99
CA UNK E 3149 -108.93 28.66 -32.12
C UNK E 3149 -107.83 29.68 -31.82
N UNK E 3150 -108.20 30.75 -31.11
CA UNK E 3150 -107.25 31.79 -30.73
C UNK E 3150 -106.20 31.24 -29.77
N UNK E 3151 -106.56 30.18 -29.05
CA UNK E 3151 -105.63 29.57 -28.11
C UNK E 3151 -104.42 29.01 -28.84
N UNK E 3152 -104.61 28.57 -30.08
CA UNK E 3152 -103.48 28.17 -30.91
C UNK E 3152 -102.60 29.37 -31.26
N UNK E 3153 -103.21 30.54 -31.41
CA UNK E 3153 -102.42 31.75 -31.62
C UNK E 3153 -101.63 32.07 -30.36
N UNK E 3154 -102.21 31.75 -29.22
CA UNK E 3154 -101.51 31.86 -27.95
C UNK E 3154 -100.37 30.85 -27.89
N UNK E 3155 -100.55 29.72 -28.58
CA UNK E 3155 -99.51 28.70 -28.62
C UNK E 3155 -98.33 29.18 -29.46
N UNK E 3156 -98.63 29.80 -30.60
CA UNK E 3156 -97.56 30.38 -31.41
C UNK E 3156 -96.89 31.52 -30.67
N UNK E 3157 -97.67 32.25 -29.88
CA UNK E 3157 -97.14 33.32 -29.04
C UNK E 3157 -96.23 32.77 -27.94
N UNK E 3158 -96.52 31.54 -27.50
CA UNK E 3158 -95.78 30.93 -26.39
C UNK E 3158 -94.45 30.33 -26.85
N UNK E 3159 -94.26 30.25 -28.15
CA UNK E 3159 -93.05 29.66 -28.71
C UNK E 3159 -91.85 30.57 -28.49
N UNK E 3160 -99.78 26.51 -26.04
CA UNK E 3160 -98.68 26.21 -25.13
C UNK E 3160 -98.80 24.79 -24.59
N UNK E 3161 -100.01 24.26 -24.60
CA UNK E 3161 -100.28 22.92 -24.09
C UNK E 3161 -99.58 21.86 -24.93
N UNK E 3162 -99.33 22.17 -26.20
CA UNK E 3162 -98.77 21.20 -27.13
C UNK E 3162 -97.37 20.72 -26.71
N UNK E 3163 -96.60 21.60 -26.07
CA UNK E 3163 -95.32 21.16 -25.50
C UNK E 3163 -95.53 20.14 -24.39
N UNK E 3164 -96.60 20.33 -23.62
CA UNK E 3164 -96.96 19.36 -22.59
C UNK E 3164 -97.38 18.06 -23.25
N UNK E 3165 -97.98 18.18 -24.43
CA UNK E 3165 -98.28 17.00 -25.23
C UNK E 3165 -97.01 16.30 -25.70
N UNK E 3166 -95.96 17.08 -25.95
CA UNK E 3166 -94.66 16.50 -26.25
C UNK E 3166 -94.10 15.79 -25.03
N UNK E 3167 -94.40 16.33 -23.85
CA UNK E 3167 -94.05 15.63 -22.61
C UNK E 3167 -94.83 14.33 -22.51
N UNK E 3168 -96.05 14.35 -23.04
CA UNK E 3168 -96.84 13.13 -23.12
C UNK E 3168 -96.21 12.14 -24.10
N UNK E 3169 -95.55 12.67 -25.14
CA UNK E 3169 -94.75 11.82 -26.02
C UNK E 3169 -93.56 11.24 -25.27
N UNK E 3170 -93.03 12.01 -24.32
CA UNK E 3170 -91.97 11.49 -23.44
C UNK E 3170 -92.52 10.37 -22.58
N UNK E 3171 -93.80 10.48 -22.21
CA UNK E 3171 -94.49 9.38 -21.56
C UNK E 3171 -94.67 8.21 -22.52
N UNK E 3172 -94.76 8.52 -23.81
CA UNK E 3172 -94.95 7.52 -24.85
C UNK E 3172 -93.64 6.83 -25.19
N UNK E 3173 -92.54 7.39 -24.69
CA UNK E 3173 -91.23 6.78 -24.87
C UNK E 3173 -91.18 5.44 -24.18
N UNK E 3174 -92.00 5.29 -23.13
CA UNK E 3174 -92.09 4.03 -22.39
C UNK E 3174 -92.73 2.95 -23.24
N UNK E 3175 -101.40 3.85 -22.77
CA UNK E 3175 -100.88 5.16 -22.39
C UNK E 3175 -101.51 5.65 -21.10
N UNK E 3176 -102.14 4.74 -20.38
CA UNK E 3176 -102.80 5.07 -19.12
C UNK E 3176 -101.82 5.55 -18.06
N UNK E 3177 -100.57 5.09 -18.16
CA UNK E 3177 -99.54 5.49 -17.21
C UNK E 3177 -99.29 7.00 -17.31
N UNK E 3178 -99.45 7.54 -18.51
CA UNK E 3178 -99.37 8.99 -18.68
C UNK E 3178 -100.51 9.69 -17.95
N UNK E 3179 -101.68 9.05 -17.92
CA UNK E 3179 -102.79 9.57 -17.15
C UNK E 3179 -102.48 9.51 -15.66
N UNK E 3180 -101.73 8.49 -15.26
CA UNK E 3180 -101.26 8.40 -13.88
C UNK E 3180 -100.27 9.51 -13.57
N UNK E 3181 -99.52 9.91 -14.59
CA UNK E 3181 -98.49 10.94 -14.43
C UNK E 3181 -99.09 12.31 -14.10
N UNK E 3182 -100.33 12.53 -14.50
CA UNK E 3182 -101.00 13.80 -14.30
C UNK E 3182 -101.10 14.19 -12.83
N UNK E 3183 -109.18 15.82 -14.88
CA UNK E 3183 -108.40 16.20 -16.06
C UNK E 3183 -108.22 15.01 -17.00
N UNK E 3184 -109.19 14.10 -16.99
CA UNK E 3184 -109.10 12.90 -17.80
C UNK E 3184 -109.11 13.19 -19.29
N UNK E 3185 -109.78 14.26 -19.71
CA UNK E 3185 -109.79 14.62 -21.13
C UNK E 3185 -108.40 15.03 -21.61
N UNK E 3186 -107.66 15.71 -20.74
CA UNK E 3186 -106.28 16.06 -21.07
C UNK E 3186 -105.43 14.81 -21.19
N UNK E 3187 -105.77 13.82 -20.36
CA UNK E 3187 -105.11 12.51 -20.43
C UNK E 3187 -105.47 11.80 -21.73
N UNK E 3188 -106.65 12.10 -22.26
CA UNK E 3188 -107.10 11.47 -23.49
C UNK E 3188 -106.40 12.08 -24.69
N UNK E 3189 -106.32 13.40 -24.74
CA UNK E 3189 -105.59 14.06 -25.82
C UNK E 3189 -104.12 13.71 -25.74
N UNK E 3190 -103.61 13.58 -24.52
CA UNK E 3190 -102.23 13.16 -24.30
C UNK E 3190 -102.02 11.72 -24.75
N UNK E 3191 -103.08 10.93 -24.64
CA UNK E 3191 -103.01 9.52 -25.02
C UNK E 3191 -103.00 9.36 -26.53
N UNK E 3192 -103.90 10.09 -27.21
CA UNK E 3192 -103.91 10.07 -28.66
C UNK E 3192 -102.63 10.66 -29.24
N UNK E 3193 -102.10 11.68 -28.56
CA UNK E 3193 -100.81 12.25 -28.96
C UNK E 3193 -99.69 11.25 -28.74
N UNK E 3194 -99.84 10.43 -27.71
CA UNK E 3194 -98.84 9.41 -27.38
C UNK E 3194 -98.84 8.31 -28.42
N UNK E 3195 -100.04 7.88 -28.82
CA UNK E 3195 -100.18 6.89 -29.88
C UNK E 3195 -99.67 7.44 -31.20
N UNK E 3196 -99.85 8.75 -31.39
CA UNK E 3196 -99.31 9.42 -32.55
C UNK E 3196 -97.78 9.42 -32.49
N UNK E 3197 -97.25 9.45 -31.28
CA UNK E 3197 -95.81 9.46 -31.07
C UNK E 3197 -95.18 8.09 -31.34
N UNK E 3198 -95.81 7.04 -30.82
CA UNK E 3198 -95.37 5.69 -31.11
C UNK E 3198 -95.55 5.38 -32.59
N UNK E 3199 -96.58 5.95 -33.19
CA UNK E 3199 -96.78 5.83 -34.63
C UNK E 3199 -95.68 6.56 -35.38
N UNK E 3200 -95.20 7.66 -34.81
CA UNK E 3200 -94.03 8.34 -35.35
C UNK E 3200 -92.79 7.47 -35.21
N UNK E 3201 -92.74 6.67 -34.14
CA UNK E 3201 -91.66 5.71 -33.99
C UNK E 3201 -91.74 4.66 -35.07
N UNK E 3202 -92.97 4.33 -35.47
CA UNK E 3202 -93.17 3.48 -36.64
C UNK E 3202 -92.72 4.21 -37.91
N UNK E 3203 -92.86 5.53 -37.91
CA UNK E 3203 -92.46 6.35 -39.04
C UNK E 3203 -90.95 6.45 -39.14
N UNK E 3204 -90.26 6.17 -38.04
CA UNK E 3204 -88.80 6.18 -38.03
C UNK E 3204 -88.24 5.12 -38.96
N UNK E 3205 -89.01 4.06 -39.17
CA UNK E 3205 -88.63 3.01 -40.10
C UNK E 3205 -88.55 3.53 -41.53
N UNK E 3206 -89.32 4.57 -41.83
CA UNK E 3206 -89.32 5.16 -43.15
C UNK E 3206 -88.13 6.09 -43.35
N PRO E 3207 -68.75 -42.90 -63.77
CA PRO E 3207 -67.31 -43.17 -63.77
C PRO E 3207 -66.92 -44.12 -62.65
N THR E 3208 -67.17 -45.42 -62.83
CA THR E 3208 -66.95 -46.37 -61.76
C THR E 3208 -65.50 -46.47 -61.33
N HIS E 3209 -64.57 -46.33 -62.26
CA HIS E 3209 -63.15 -46.38 -61.92
C HIS E 3209 -62.70 -45.19 -61.07
N ARG E 3210 -63.30 -44.03 -61.33
CA ARG E 3210 -62.99 -42.85 -60.54
C ARG E 3210 -63.45 -43.05 -59.11
N ALA E 3211 -64.63 -43.65 -58.98
CA ALA E 3211 -65.18 -43.95 -57.67
C ALA E 3211 -64.36 -45.05 -57.00
N CYS E 3212 -63.71 -45.89 -57.80
CA CYS E 3212 -62.85 -46.92 -57.24
C CYS E 3212 -61.63 -46.28 -56.61
N ASN E 3213 -60.99 -45.38 -57.37
CA ASN E 3213 -59.82 -44.71 -56.84
C ASN E 3213 -60.12 -43.78 -55.67
N MET E 3214 -61.27 -43.11 -55.72
CA MET E 3214 -61.68 -42.29 -54.59
C MET E 3214 -62.00 -43.16 -53.39
N PHE E 3215 -62.51 -44.36 -53.64
CA PHE E 3215 -62.72 -45.32 -52.57
C PHE E 3215 -61.40 -45.78 -51.99
N LEU E 3216 -60.36 -45.79 -52.82
CA LEU E 3216 -59.03 -46.14 -52.33
C LEU E 3216 -58.52 -45.04 -51.42
N GLU E 3217 -58.67 -43.81 -51.90
CA GLU E 3217 -58.18 -42.63 -51.20
C GLU E 3217 -58.89 -42.42 -49.88
N SER E 3218 -60.16 -42.81 -49.84
CA SER E 3218 -60.94 -42.67 -48.62
C SER E 3218 -60.70 -43.83 -47.66
N TYR E 3219 -60.65 -45.04 -48.21
CA TYR E 3219 -60.45 -46.22 -47.38
C TYR E 3219 -59.08 -46.23 -46.74
N LYS E 3220 -58.10 -45.63 -47.41
CA LYS E 3220 -56.76 -45.56 -46.83
C LYS E 3220 -56.71 -44.73 -45.57
N ALA E 3221 -57.52 -43.68 -45.53
CA ALA E 3221 -57.52 -42.77 -44.39
C ALA E 3221 -58.50 -43.23 -43.33
N ALA E 3222 -59.56 -43.90 -43.78
CA ALA E 3222 -60.67 -44.22 -42.89
C ALA E 3222 -60.41 -45.42 -41.99
N TRP E 3223 -59.91 -46.51 -42.56
CA TRP E 3223 -59.90 -47.77 -41.81
C TRP E 3223 -58.52 -48.39 -41.67
N ILE E 3224 -57.61 -48.05 -42.57
CA ILE E 3224 -56.29 -48.65 -42.56
C ILE E 3224 -55.56 -48.29 -41.26
N LEU E 3225 -55.89 -47.12 -40.70
CA LEU E 3225 -55.35 -46.78 -39.38
C LEU E 3225 -55.92 -47.78 -38.38
N THR E 3226 -55.07 -48.31 -37.50
CA THR E 3226 -55.40 -49.49 -36.70
C THR E 3226 -54.60 -49.62 -35.41
N GLU E 3227 -54.97 -50.63 -34.62
CA GLU E 3227 -54.25 -51.03 -33.42
C GLU E 3227 -53.07 -51.91 -33.80
N ASP E 3228 -52.87 -52.08 -35.10
CA ASP E 3228 -51.90 -53.02 -35.67
C ASP E 3228 -50.46 -52.74 -35.24
N HIS E 3229 -50.13 -51.47 -35.04
CA HIS E 3229 -48.76 -51.04 -34.83
C HIS E 3229 -48.22 -51.63 -33.53
N SER E 3230 -49.11 -52.27 -32.79
CA SER E 3230 -48.79 -52.89 -31.52
C SER E 3230 -47.70 -53.92 -31.75
N PHE E 3231 -47.59 -54.38 -32.99
CA PHE E 3231 -46.72 -55.49 -33.33
C PHE E 3231 -45.27 -55.23 -32.96
N GLU E 3232 -44.84 -53.98 -33.03
CA GLU E 3232 -43.42 -53.72 -32.91
C GLU E 3232 -43.02 -54.34 -31.59
N ASP E 3233 -43.93 -54.34 -30.63
CA ASP E 3233 -43.62 -54.87 -29.32
C ASP E 3233 -43.37 -56.37 -29.45
N ARG E 3234 -44.13 -57.01 -30.34
CA ARG E 3234 -43.88 -58.41 -30.66
C ARG E 3234 -42.57 -58.56 -31.43
N MET E 3235 -42.23 -57.52 -32.19
CA MET E 3235 -41.12 -57.58 -33.10
C MET E 3235 -39.79 -57.34 -32.39
N ILE E 3236 -39.77 -56.30 -31.55
CA ILE E 3236 -38.57 -55.98 -30.78
C ILE E 3236 -38.24 -57.12 -29.85
N ASP E 3237 -39.27 -57.82 -29.38
CA ASP E 3237 -39.04 -59.00 -28.58
C ASP E 3237 -38.46 -60.10 -29.46
N ASP E 3238 -39.06 -60.29 -30.64
CA ASP E 3238 -38.67 -61.43 -31.47
C ASP E 3238 -37.22 -61.28 -31.93
N LEU E 3239 -36.79 -60.05 -32.18
CA LEU E 3239 -35.40 -59.77 -32.53
C LEU E 3239 -34.44 -59.93 -31.36
N SER E 3240 -34.97 -59.80 -30.14
CA SER E 3240 -34.16 -59.85 -28.94
C SER E 3240 -34.01 -61.25 -28.36
N LYS E 3241 -34.64 -62.24 -28.99
CA LYS E 3241 -34.74 -63.58 -28.42
C LYS E 3241 -33.40 -64.26 -28.21
N ALA E 3242 -32.42 -63.90 -29.05
CA ALA E 3242 -31.08 -64.47 -28.98
C ALA E 3242 -31.10 -65.99 -29.07
N LYS E 3256 -22.13 -63.70 -32.66
CA LYS E 3256 -22.21 -63.71 -31.20
C LYS E 3256 -23.35 -62.87 -30.63
N PRO E 3257 -23.57 -61.65 -31.16
CA PRO E 3257 -24.68 -60.88 -30.57
C PRO E 3257 -26.07 -61.32 -31.03
N ASP E 3258 -26.98 -60.36 -31.20
CA ASP E 3258 -28.40 -60.65 -31.34
C ASP E 3258 -28.97 -59.96 -32.58
N PRO E 3259 -30.06 -60.51 -33.14
CA PRO E 3259 -30.59 -59.90 -34.36
C PRO E 3259 -30.97 -58.43 -34.25
N LEU E 3260 -31.50 -58.03 -33.10
CA LEU E 3260 -31.79 -56.63 -32.92
C LEU E 3260 -30.48 -55.90 -32.83
N HIS E 3261 -29.50 -56.56 -32.19
CA HIS E 3261 -28.16 -56.01 -32.13
C HIS E 3261 -27.52 -55.99 -33.51
N GLN E 3262 -27.89 -56.94 -34.37
CA GLN E 3262 -27.37 -56.97 -35.73
C GLN E 3262 -27.89 -55.75 -36.45
N LEU E 3263 -29.10 -55.39 -36.09
CA LEU E 3263 -29.83 -54.36 -36.78
C LEU E 3263 -29.29 -53.00 -36.37
N VAL E 3264 -29.10 -52.85 -35.07
CA VAL E 3264 -28.51 -51.65 -34.51
C VAL E 3264 -27.09 -51.45 -35.00
N LEU E 3265 -26.29 -52.51 -34.97
CA LEU E 3265 -24.92 -52.41 -35.42
C LEU E 3265 -24.88 -52.11 -36.92
N HIS E 3266 -25.89 -52.59 -37.64
CA HIS E 3266 -25.96 -52.28 -39.05
C HIS E 3266 -26.25 -50.82 -39.30
N PHE E 3267 -27.21 -50.26 -38.58
CA PHE E 3267 -27.45 -48.83 -38.76
C PHE E 3267 -26.28 -48.01 -38.28
N SER E 3268 -25.55 -48.52 -37.31
CA SER E 3268 -24.35 -47.84 -36.88
C SER E 3268 -23.36 -47.82 -38.02
N ARG E 3269 -23.29 -48.93 -38.75
CA ARG E 3269 -22.43 -48.96 -39.92
C ARG E 3269 -22.91 -48.00 -40.99
N THR E 3270 -24.23 -47.86 -41.14
CA THR E 3270 -24.75 -46.92 -42.12
C THR E 3270 -24.44 -45.48 -41.74
N ALA E 3271 -24.37 -45.23 -40.43
CA ALA E 3271 -24.12 -43.89 -39.93
C ALA E 3271 -22.66 -43.53 -40.07
N LEU E 3272 -21.79 -44.48 -39.76
CA LEU E 3272 -20.36 -44.23 -39.81
C LEU E 3272 -19.84 -43.94 -41.22
N THR E 3273 -20.45 -44.56 -42.21
CA THR E 3273 -20.08 -44.28 -43.60
C THR E 3273 -20.43 -42.84 -43.94
N GLU E 3274 -19.58 -42.17 -44.70
CA GLU E 3274 -19.92 -40.80 -45.11
C GLU E 3274 -20.52 -40.77 -46.52
N LYS E 3275 -21.82 -40.57 -46.57
CA LYS E 3275 -22.52 -40.31 -47.81
C LYS E 3275 -22.58 -38.81 -48.04
N SER E 3276 -21.91 -38.06 -47.17
CA SER E 3276 -22.07 -36.61 -47.05
C SER E 3276 -23.52 -36.35 -46.68
N LYS E 3277 -24.33 -35.95 -47.64
CA LYS E 3277 -25.77 -35.94 -47.38
C LYS E 3277 -26.19 -37.38 -47.17
N LEU E 3278 -26.98 -37.64 -46.14
CA LEU E 3278 -27.36 -39.02 -45.85
C LEU E 3278 -28.43 -39.58 -46.76
N ASP E 3279 -28.37 -40.89 -46.95
CA ASP E 3279 -29.42 -41.61 -47.65
C ASP E 3279 -30.70 -41.50 -46.85
N GLU E 3280 -31.84 -41.41 -47.52
CA GLU E 3280 -33.12 -41.36 -46.82
C GLU E 3280 -33.36 -42.63 -46.00
N ASP E 3281 -32.87 -43.75 -46.53
CA ASP E 3281 -32.96 -45.05 -45.87
C ASP E 3281 -34.29 -45.27 -45.17
N TYR E 3282 -35.34 -45.52 -45.94
CA TYR E 3282 -36.69 -45.59 -45.38
C TYR E 3282 -36.76 -46.75 -44.41
N LEU E 3283 -35.91 -47.75 -44.62
CA LEU E 3283 -35.83 -48.87 -43.71
C LEU E 3283 -35.40 -48.38 -42.33
N TYR E 3284 -34.52 -47.38 -42.28
CA TYR E 3284 -34.17 -46.77 -41.01
C TYR E 3284 -35.33 -45.97 -40.42
N MET E 3285 -36.16 -45.40 -41.27
CA MET E 3285 -37.32 -44.67 -40.80
C MET E 3285 -38.17 -45.64 -40.04
N ALA E 3286 -38.32 -46.80 -40.67
CA ALA E 3286 -39.21 -47.81 -40.19
C ALA E 3286 -38.72 -48.39 -38.88
N TYR E 3287 -37.49 -48.89 -38.86
CA TYR E 3287 -36.98 -49.44 -37.60
C TYR E 3287 -36.77 -48.45 -36.48
N ALA E 3288 -36.42 -47.21 -36.81
CA ALA E 3288 -36.29 -46.23 -35.75
C ALA E 3288 -37.66 -45.92 -35.16
N ASP E 3289 -38.70 -45.87 -36.01
CA ASP E 3289 -40.05 -45.68 -35.50
C ASP E 3289 -40.52 -46.89 -34.70
N ILE E 3290 -40.04 -48.06 -35.09
CA ILE E 3290 -40.39 -49.30 -34.43
C ILE E 3290 -39.81 -49.37 -33.04
N MET E 3291 -38.51 -49.10 -32.93
CA MET E 3291 -37.89 -49.08 -31.63
C MET E 3291 -38.43 -47.93 -30.78
N ALA E 3292 -38.80 -46.83 -31.44
CA ALA E 3292 -39.41 -45.72 -30.71
C ALA E 3292 -40.76 -46.13 -30.13
N LYS E 3293 -41.47 -47.00 -30.85
CA LYS E 3293 -42.74 -47.53 -30.36
C LYS E 3293 -42.56 -48.72 -29.43
N SER E 3294 -41.34 -49.22 -29.32
CA SER E 3294 -41.06 -50.34 -28.43
C SER E 3294 -41.27 -49.92 -26.98
N CYS E 3295 -41.10 -48.64 -26.70
CA CYS E 3295 -41.25 -48.13 -25.35
C CYS E 3295 -42.66 -47.61 -25.11
N GLU E 3312 -51.81 -47.68 -2.42
CA GLU E 3312 -50.68 -47.36 -3.29
C GLU E 3312 -50.57 -48.34 -4.45
N VAL E 3313 -51.65 -49.03 -4.77
CA VAL E 3313 -51.63 -50.01 -5.85
C VAL E 3313 -51.34 -49.31 -7.18
N SER E 3314 -51.85 -48.09 -7.34
CA SER E 3314 -51.53 -47.27 -8.50
C SER E 3314 -50.06 -46.91 -8.51
N PHE E 3315 -49.50 -46.73 -7.31
CA PHE E 3315 -48.08 -46.43 -7.18
C PHE E 3315 -47.21 -47.63 -7.54
N GLU E 3316 -47.58 -48.80 -7.03
CA GLU E 3316 -46.82 -50.00 -7.35
C GLU E 3316 -46.93 -50.37 -8.82
N GLU E 3317 -48.11 -50.17 -9.41
CA GLU E 3317 -48.27 -50.37 -10.84
C GLU E 3317 -47.47 -49.35 -11.64
N LYS E 3318 -47.37 -48.13 -11.11
CA LYS E 3318 -46.55 -47.11 -11.75
C LYS E 3318 -45.09 -47.51 -11.70
N GLU E 3319 -44.70 -48.14 -10.61
CA GLU E 3319 -43.34 -48.66 -10.47
C GLU E 3319 -43.08 -49.82 -11.40
N MET E 3320 -44.08 -50.67 -11.60
CA MET E 3320 -43.91 -51.79 -12.51
C MET E 3320 -43.79 -51.27 -13.92
N GLU E 3321 -44.53 -50.21 -14.23
CA GLU E 3321 -44.41 -49.54 -15.51
C GLU E 3321 -43.06 -48.87 -15.67
N LYS E 3322 -42.50 -48.41 -14.56
CA LYS E 3322 -41.22 -47.71 -14.61
C LYS E 3322 -40.09 -48.70 -14.86
N GLN E 3323 -40.12 -49.81 -14.14
CA GLN E 3323 -39.16 -50.88 -14.33
C GLN E 3323 -39.33 -51.53 -15.70
N ARG E 3324 -40.56 -51.52 -16.21
CA ARG E 3324 -40.83 -52.07 -17.53
C ARG E 3324 -40.24 -51.18 -18.61
N LEU E 3325 -40.48 -49.88 -18.48
CA LEU E 3325 -39.91 -48.93 -19.43
C LEU E 3325 -38.41 -49.01 -19.35
N LEU E 3326 -37.92 -49.26 -18.14
CA LEU E 3326 -36.52 -49.47 -17.91
C LEU E 3326 -36.09 -50.72 -18.63
N TYR E 3327 -37.03 -51.64 -18.83
CA TYR E 3327 -36.69 -52.88 -19.52
C TYR E 3327 -36.66 -52.76 -21.03
N GLN E 3328 -37.64 -52.11 -21.66
CA GLN E 3328 -37.53 -51.96 -23.11
C GLN E 3328 -36.35 -51.06 -23.41
N GLN E 3329 -36.19 -50.02 -22.59
CA GLN E 3329 -35.06 -49.12 -22.79
C GLN E 3329 -33.76 -49.85 -22.56
N SER E 3330 -33.75 -50.81 -21.66
CA SER E 3330 -32.58 -51.64 -21.51
C SER E 3330 -32.35 -52.52 -22.72
N ARG E 3331 -33.46 -52.94 -23.34
CA ARG E 3331 -33.40 -53.79 -24.52
C ARG E 3331 -32.73 -53.06 -25.67
N LEU E 3332 -33.10 -51.80 -25.85
CA LEU E 3332 -32.45 -50.96 -26.84
C LEU E 3332 -31.03 -50.57 -26.40
N HIS E 3333 -30.85 -50.46 -25.08
CA HIS E 3333 -29.58 -50.04 -24.50
C HIS E 3333 -28.43 -51.02 -24.65
N THR E 3334 -28.65 -52.27 -24.31
CA THR E 3334 -27.59 -53.26 -24.31
C THR E 3334 -27.15 -53.56 -25.73
N ARG E 3335 -28.05 -53.29 -26.67
CA ARG E 3335 -27.83 -53.62 -28.07
C ARG E 3335 -27.09 -52.49 -28.78
N GLY E 3336 -26.80 -51.44 -28.02
CA GLY E 3336 -26.03 -50.32 -28.55
C GLY E 3336 -26.81 -49.28 -29.34
N ALA E 3337 -28.14 -49.33 -29.26
CA ALA E 3337 -28.97 -48.34 -29.94
C ALA E 3337 -28.70 -46.95 -29.39
N ALA E 3338 -28.26 -46.90 -28.12
CA ALA E 3338 -27.95 -45.64 -27.49
C ALA E 3338 -26.83 -44.94 -28.22
N GLU E 3339 -25.93 -45.72 -28.80
CA GLU E 3339 -24.84 -45.15 -29.58
C GLU E 3339 -25.29 -44.76 -30.99
N MET E 3340 -26.08 -45.62 -31.64
CA MET E 3340 -26.49 -45.34 -33.01
C MET E 3340 -27.38 -44.11 -33.07
N VAL E 3341 -28.13 -43.84 -32.00
CA VAL E 3341 -28.97 -42.65 -32.03
C VAL E 3341 -28.11 -41.43 -32.14
N LEU E 3342 -26.93 -41.51 -31.54
CA LEU E 3342 -26.02 -40.40 -31.54
C LEU E 3342 -25.28 -40.32 -32.87
N GLN E 3343 -24.86 -41.49 -33.36
CA GLN E 3343 -24.11 -41.54 -34.60
C GLN E 3343 -24.92 -41.09 -35.81
N MET E 3344 -26.21 -41.40 -35.80
CA MET E 3344 -27.07 -40.97 -36.90
C MET E 3344 -27.19 -39.46 -36.92
N ILE E 3345 -27.24 -38.86 -35.74
CA ILE E 3345 -27.33 -37.41 -35.66
C ILE E 3345 -26.03 -36.80 -36.11
N SER E 3346 -24.93 -37.43 -35.71
CA SER E 3346 -23.62 -36.90 -36.04
C SER E 3346 -23.40 -36.97 -37.55
N ALA E 3347 -24.02 -37.95 -38.19
CA ALA E 3347 -23.95 -38.04 -39.64
C ALA E 3347 -24.87 -37.02 -40.31
N CYS E 3348 -26.08 -36.85 -39.76
CA CYS E 3348 -27.10 -36.01 -40.38
C CYS E 3348 -26.70 -34.54 -40.43
N LYS E 3349 -25.77 -34.16 -39.56
CA LYS E 3349 -25.21 -32.81 -39.50
C LYS E 3349 -26.27 -31.72 -39.64
N GLY E 3350 -26.10 -30.80 -40.58
CA GLY E 3350 -26.94 -29.62 -40.64
C GLY E 3350 -28.32 -29.85 -41.24
N GLU E 3351 -28.53 -31.02 -41.83
CA GLU E 3351 -29.82 -31.36 -42.41
C GLU E 3351 -30.92 -31.47 -41.35
N THR E 3352 -32.13 -31.06 -41.73
CA THR E 3352 -33.30 -31.29 -40.91
C THR E 3352 -34.24 -32.28 -41.59
N GLY E 3353 -33.69 -33.40 -42.03
CA GLY E 3353 -34.47 -34.39 -42.73
C GLY E 3353 -35.44 -35.08 -41.79
N ALA E 3354 -36.46 -35.72 -42.36
CA ALA E 3354 -37.44 -36.44 -41.56
C ALA E 3354 -36.75 -37.59 -40.84
N MET E 3355 -35.69 -38.11 -41.44
CA MET E 3355 -34.96 -39.20 -40.82
C MET E 3355 -34.29 -38.74 -39.53
N VAL E 3356 -33.92 -37.47 -39.45
CA VAL E 3356 -33.37 -36.96 -38.21
C VAL E 3356 -34.43 -37.00 -37.12
N SER E 3357 -35.67 -36.71 -37.52
CA SER E 3357 -36.79 -36.82 -36.60
C SER E 3357 -36.97 -38.26 -36.19
N SER E 3358 -36.71 -39.16 -37.13
CA SER E 3358 -36.85 -40.58 -36.86
C SER E 3358 -35.79 -40.99 -35.85
N THR E 3359 -34.66 -40.31 -35.87
CA THR E 3359 -33.60 -40.59 -34.91
C THR E 3359 -34.00 -40.08 -33.55
N LEU E 3360 -34.43 -38.82 -33.47
CA LEU E 3360 -34.78 -38.24 -32.19
C LEU E 3360 -35.97 -38.89 -31.52
N LYS E 3361 -36.90 -39.44 -32.31
CA LYS E 3361 -37.98 -40.19 -31.71
C LYS E 3361 -37.39 -41.36 -30.95
N LEU E 3362 -36.43 -42.00 -31.58
CA LEU E 3362 -35.75 -43.12 -30.96
C LEU E 3362 -34.91 -42.72 -29.75
N GLY E 3363 -34.35 -41.52 -29.79
CA GLY E 3363 -33.53 -41.08 -28.67
C GLY E 3363 -34.41 -40.79 -27.46
N ILE E 3364 -35.50 -40.08 -27.71
CA ILE E 3364 -36.45 -39.75 -26.67
C ILE E 3364 -37.06 -41.02 -26.11
N SER E 3365 -37.23 -42.02 -26.98
CA SER E 3365 -37.82 -43.27 -26.53
C SER E 3365 -36.84 -44.05 -25.67
N ILE E 3366 -35.58 -44.14 -26.07
CA ILE E 3366 -34.59 -44.87 -25.30
C ILE E 3366 -34.33 -44.17 -23.97
N LEU E 3367 -34.50 -42.85 -23.93
CA LEU E 3367 -34.39 -42.13 -22.67
C LEU E 3367 -35.74 -42.04 -21.95
N ASN E 3368 -36.59 -41.17 -22.43
CA ASN E 3368 -37.91 -41.07 -21.86
C ASN E 3368 -37.77 -40.94 -20.37
N GLY E 3369 -36.94 -39.99 -19.98
CA GLY E 3369 -36.77 -39.70 -18.57
C GLY E 3369 -35.56 -40.32 -17.92
N GLY E 3370 -34.44 -39.65 -18.12
CA GLY E 3370 -33.27 -39.76 -17.28
C GLY E 3370 -32.67 -41.12 -17.01
N ASN E 3371 -32.55 -41.97 -18.02
CA ASN E 3371 -31.89 -43.24 -17.80
C ASN E 3371 -30.48 -42.90 -17.38
N ALA E 3372 -29.97 -43.51 -16.33
CA ALA E 3372 -28.57 -43.30 -16.02
C ALA E 3372 -27.69 -44.09 -16.97
N GLU E 3373 -28.17 -45.25 -17.39
CA GLU E 3373 -27.34 -46.15 -18.17
C GLU E 3373 -27.16 -45.63 -19.58
N VAL E 3374 -28.28 -45.27 -20.21
CA VAL E 3374 -28.23 -44.82 -21.59
C VAL E 3374 -27.48 -43.51 -21.67
N GLN E 3375 -27.75 -42.63 -20.72
CA GLN E 3375 -27.11 -41.33 -20.70
C GLN E 3375 -25.62 -41.47 -20.42
N GLN E 3376 -25.26 -42.50 -19.65
CA GLN E 3376 -23.87 -42.73 -19.31
C GLN E 3376 -23.07 -43.33 -20.47
N LYS E 3377 -23.63 -44.32 -21.16
CA LYS E 3377 -22.98 -44.77 -22.39
C LYS E 3377 -23.00 -43.70 -23.46
N MET E 3378 -23.98 -42.82 -23.38
CA MET E 3378 -24.09 -41.76 -24.37
C MET E 3378 -22.90 -40.84 -24.21
N LEU E 3379 -22.73 -40.36 -22.98
CA LEU E 3379 -21.64 -39.46 -22.67
C LEU E 3379 -20.29 -40.12 -22.82
N ASP E 3380 -20.24 -41.41 -22.51
CA ASP E 3380 -19.00 -42.15 -22.64
C ASP E 3380 -18.64 -42.25 -24.11
N TYR E 3381 -19.64 -42.43 -24.96
CA TYR E 3381 -19.39 -42.53 -26.38
C TYR E 3381 -18.89 -41.18 -26.87
N LEU E 3382 -19.46 -40.11 -26.32
CA LEU E 3382 -18.99 -38.78 -26.69
C LEU E 3382 -17.57 -38.45 -26.22
N LYS E 3383 -17.16 -39.02 -25.10
CA LYS E 3383 -15.78 -38.83 -24.65
C LYS E 3383 -14.82 -39.85 -25.25
N ASP E 3384 -15.35 -40.82 -25.97
CA ASP E 3384 -14.49 -41.79 -26.62
C ASP E 3384 -14.20 -41.42 -28.06
N LYS E 3385 -15.19 -41.66 -28.92
CA LYS E 3385 -15.01 -41.41 -30.36
C LYS E 3385 -14.80 -39.94 -30.67
N LYS E 3386 -15.37 -39.07 -29.83
CA LYS E 3386 -15.10 -37.62 -29.83
C LYS E 3386 -15.09 -37.01 -31.24
N GLU E 3387 -16.12 -37.34 -32.01
CA GLU E 3387 -16.14 -37.03 -33.44
C GLU E 3387 -16.52 -35.59 -33.76
N VAL E 3388 -16.91 -34.83 -32.73
CA VAL E 3388 -17.08 -33.38 -32.81
C VAL E 3388 -18.30 -32.96 -33.63
N GLY E 3389 -18.61 -33.72 -34.67
CA GLY E 3389 -19.61 -33.30 -35.63
C GLY E 3389 -21.02 -33.58 -35.16
N PHE E 3390 -21.14 -34.24 -34.02
CA PHE E 3390 -22.46 -34.42 -33.42
C PHE E 3390 -23.03 -33.11 -32.87
N PHE E 3391 -22.24 -32.37 -32.09
CA PHE E 3391 -22.67 -31.05 -31.68
C PHE E 3391 -22.67 -30.05 -32.82
N GLN E 3392 -21.84 -30.30 -33.82
CA GLN E 3392 -21.92 -29.49 -35.03
C GLN E 3392 -23.26 -29.75 -35.67
N SER E 3393 -23.75 -30.96 -35.51
CA SER E 3393 -25.03 -31.35 -36.08
C SER E 3393 -26.16 -30.68 -35.35
N ILE E 3394 -26.14 -30.78 -34.03
CA ILE E 3394 -27.21 -30.18 -33.24
C ILE E 3394 -27.20 -28.66 -33.38
N GLN E 3395 -26.01 -28.08 -33.54
CA GLN E 3395 -25.94 -26.65 -33.71
C GLN E 3395 -26.45 -26.20 -35.06
N ALA E 3396 -25.93 -26.83 -36.10
CA ALA E 3396 -26.29 -26.40 -37.44
C ALA E 3396 -27.77 -26.65 -37.68
N LEU E 3397 -28.27 -27.73 -37.09
CA LEU E 3397 -29.69 -28.02 -37.16
C LEU E 3397 -30.50 -26.99 -36.38
N MET E 3398 -29.97 -26.56 -35.24
CA MET E 3398 -30.67 -25.61 -34.39
C MET E 3398 -30.73 -24.24 -35.06
N GLN E 3399 -29.78 -23.97 -35.93
CA GLN E 3399 -29.82 -22.71 -36.64
C GLN E 3399 -31.12 -22.76 -37.41
N THR E 3400 -31.41 -23.92 -37.96
CA THR E 3400 -32.56 -24.09 -38.83
C THR E 3400 -33.75 -24.80 -38.21
N CYS E 3401 -33.74 -25.02 -36.90
CA CYS E 3401 -34.73 -25.93 -36.35
C CYS E 3401 -36.12 -25.45 -36.66
N SER E 3402 -36.37 -24.16 -36.46
CA SER E 3402 -37.65 -23.57 -36.84
C SER E 3402 -37.79 -22.17 -36.27
N VAL E 3403 -38.93 -21.58 -36.57
CA VAL E 3403 -39.37 -20.33 -35.96
C VAL E 3403 -40.86 -20.25 -36.18
N LEU E 3404 -41.49 -19.28 -35.55
CA LEU E 3404 -42.93 -19.09 -35.66
C LEU E 3404 -43.25 -18.31 -36.93
N ASP E 3405 -42.31 -17.46 -37.33
CA ASP E 3405 -42.29 -16.83 -38.65
C ASP E 3405 -43.63 -16.21 -39.01
N LEU E 3406 -43.83 -14.97 -38.55
CA LEU E 3406 -45.11 -14.30 -38.74
C LEU E 3406 -45.52 -14.10 -40.19
N ASN E 3407 -44.53 -13.86 -41.04
CA ASN E 3407 -44.83 -13.54 -42.43
C ASN E 3407 -45.47 -14.76 -43.07
N ALA E 3408 -45.02 -15.93 -42.64
CA ALA E 3408 -45.62 -17.18 -43.06
C ALA E 3408 -47.05 -17.30 -42.59
N PHE E 3409 -47.33 -16.70 -41.44
CA PHE E 3409 -48.67 -16.82 -40.88
C PHE E 3409 -49.65 -15.89 -41.58
N GLU E 3410 -49.21 -14.68 -41.90
CA GLU E 3410 -50.06 -13.80 -42.70
C GLU E 3410 -50.23 -14.39 -44.09
N ARG E 3411 -49.18 -15.05 -44.57
CA ARG E 3411 -49.19 -15.69 -45.87
C ARG E 3411 -50.15 -16.87 -45.93
N GLN E 3412 -50.31 -17.55 -44.80
CA GLN E 3412 -51.17 -18.73 -44.75
C GLN E 3412 -52.60 -18.36 -44.36
N ASN E 3413 -52.75 -17.18 -43.78
CA ASN E 3413 -54.03 -16.71 -43.30
C ASN E 3413 -55.00 -16.51 -44.47
N LYS E 3414 -54.44 -16.22 -45.64
CA LYS E 3414 -55.24 -15.92 -46.82
C LYS E 3414 -55.21 -17.04 -47.83
N ASP E 3439 -44.15 -27.33 -38.44
CA ASP E 3439 -42.99 -28.19 -38.59
C ASP E 3439 -42.03 -28.03 -37.42
N ASP E 3440 -42.57 -27.63 -36.26
CA ASP E 3440 -41.77 -27.43 -35.07
C ASP E 3440 -41.84 -28.59 -34.07
N GLU E 3441 -42.67 -29.58 -34.37
CA GLU E 3441 -42.82 -30.72 -33.47
C GLU E 3441 -41.49 -31.46 -33.34
N PHE E 3442 -40.72 -31.45 -34.42
CA PHE E 3442 -39.36 -31.93 -34.43
C PHE E 3442 -38.43 -31.16 -33.51
N THR E 3443 -38.70 -29.86 -33.39
CA THR E 3443 -37.86 -29.02 -32.57
C THR E 3443 -38.14 -29.33 -31.12
N GLN E 3444 -39.41 -29.47 -30.81
CA GLN E 3444 -39.84 -29.81 -29.47
C GLN E 3444 -39.27 -31.18 -29.12
N ASP E 3445 -39.18 -32.05 -30.11
CA ASP E 3445 -38.51 -33.33 -29.93
C ASP E 3445 -37.04 -33.18 -29.67
N LEU E 3446 -36.43 -32.16 -30.27
CA LEU E 3446 -35.00 -32.01 -30.11
C LEU E 3446 -34.65 -31.49 -28.73
N PHE E 3447 -35.34 -30.44 -28.31
CA PHE E 3447 -35.10 -29.92 -26.97
C PHE E 3447 -35.55 -30.89 -25.90
N ARG E 3448 -36.57 -31.68 -26.20
CA ARG E 3448 -36.96 -32.75 -25.30
C ARG E 3448 -35.82 -33.74 -25.23
N PHE E 3449 -35.15 -33.92 -26.36
CA PHE E 3449 -34.05 -34.87 -26.43
C PHE E 3449 -32.91 -34.42 -25.56
N LEU E 3450 -32.52 -33.16 -25.69
CA LEU E 3450 -31.43 -32.65 -24.85
C LEU E 3450 -31.81 -32.63 -23.38
N GLN E 3451 -33.08 -32.35 -23.10
CA GLN E 3451 -33.51 -32.30 -21.72
C GLN E 3451 -33.40 -33.68 -21.11
N LEU E 3452 -33.73 -34.69 -21.90
CA LEU E 3452 -33.55 -36.07 -21.50
C LEU E 3452 -32.07 -36.41 -21.37
N LEU E 3453 -31.25 -35.75 -22.17
CA LEU E 3453 -29.80 -35.88 -22.00
C LEU E 3453 -29.30 -35.31 -20.69
N CYS E 3454 -29.99 -34.33 -20.12
CA CYS E 3454 -29.53 -33.80 -18.84
C CYS E 3454 -30.28 -34.26 -17.59
N GLU E 3455 -31.37 -35.02 -17.75
CA GLU E 3455 -32.11 -35.49 -16.57
C GLU E 3455 -31.33 -36.56 -15.82
N GLY E 3456 -31.59 -36.68 -14.53
CA GLY E 3456 -30.77 -37.49 -13.65
C GLY E 3456 -29.60 -36.69 -13.10
N HIS E 3457 -29.55 -35.42 -13.50
CA HIS E 3457 -28.56 -34.46 -13.00
C HIS E 3457 -27.10 -34.89 -13.21
N ASN E 3458 -26.76 -35.33 -14.41
CA ASN E 3458 -25.36 -35.67 -14.70
C ASN E 3458 -24.53 -34.43 -14.94
N ASN E 3459 -23.93 -33.92 -13.86
CA ASN E 3459 -23.22 -32.65 -13.90
C ASN E 3459 -22.07 -32.70 -14.88
N ASP E 3460 -21.45 -33.86 -15.00
CA ASP E 3460 -20.37 -34.05 -15.96
C ASP E 3460 -20.89 -33.92 -17.37
N PHE E 3461 -22.14 -34.33 -17.57
CA PHE E 3461 -22.68 -34.30 -18.91
C PHE E 3461 -23.13 -32.89 -19.25
N GLN E 3462 -23.67 -32.18 -18.26
CA GLN E 3462 -24.08 -30.80 -18.49
C GLN E 3462 -22.86 -29.94 -18.79
N ASN E 3463 -21.79 -30.18 -18.04
CA ASN E 3463 -20.55 -29.49 -18.32
C ASN E 3463 -20.04 -29.90 -19.68
N TYR E 3464 -20.29 -31.15 -20.04
CA TYR E 3464 -19.85 -31.59 -21.35
C TYR E 3464 -20.57 -30.82 -22.43
N LEU E 3465 -21.84 -30.50 -22.20
CA LEU E 3465 -22.58 -29.68 -23.14
C LEU E 3465 -22.03 -28.26 -23.13
N ARG E 3466 -21.50 -27.85 -21.99
CA ARG E 3466 -20.91 -26.52 -21.92
C ARG E 3466 -19.65 -26.37 -22.75
N THR E 3467 -18.74 -27.32 -22.57
CA THR E 3467 -17.35 -27.05 -22.91
C THR E 3467 -16.69 -28.10 -23.79
N GLN E 3468 -17.30 -29.27 -23.90
CA GLN E 3468 -16.96 -30.22 -24.96
C GLN E 3468 -15.46 -30.49 -24.97
N THR E 3469 -14.91 -30.79 -23.79
CA THR E 3469 -13.46 -30.70 -23.57
C THR E 3469 -12.56 -31.55 -24.44
N GLY E 3470 -13.00 -32.75 -24.80
CA GLY E 3470 -12.15 -33.59 -25.63
C GLY E 3470 -12.07 -33.08 -27.06
N ASN E 3471 -13.18 -32.53 -27.54
CA ASN E 3471 -13.29 -32.13 -28.93
C ASN E 3471 -12.49 -30.87 -29.26
N THR E 3472 -11.98 -30.81 -30.48
CA THR E 3472 -11.15 -29.68 -30.90
C THR E 3472 -11.92 -28.37 -30.93
N THR E 3473 -13.22 -28.43 -31.19
CA THR E 3473 -14.04 -27.23 -31.19
C THR E 3473 -15.09 -27.31 -30.08
N THR E 3474 -15.00 -26.40 -29.13
CA THR E 3474 -15.88 -26.38 -27.97
C THR E 3474 -17.20 -25.63 -28.21
N ILE E 3475 -18.07 -26.24 -29.03
CA ILE E 3475 -19.38 -25.68 -29.27
C ILE E 3475 -20.20 -25.63 -27.98
N ASN E 3476 -20.93 -24.54 -27.77
CA ASN E 3476 -21.74 -24.41 -26.57
C ASN E 3476 -23.22 -24.47 -26.93
N ILE E 3477 -23.81 -25.65 -26.78
CA ILE E 3477 -25.19 -25.86 -27.15
C ILE E 3477 -26.11 -24.95 -26.33
N ILE E 3478 -25.69 -24.67 -25.10
CA ILE E 3478 -26.52 -23.87 -24.21
C ILE E 3478 -26.71 -22.45 -24.75
N ILE E 3479 -25.63 -21.88 -25.26
CA ILE E 3479 -25.72 -20.57 -25.88
C ILE E 3479 -26.59 -20.65 -27.12
N CYS E 3480 -26.56 -21.80 -27.78
CA CYS E 3480 -27.30 -21.97 -29.02
C CYS E 3480 -28.80 -22.00 -28.76
N THR E 3481 -29.21 -22.78 -27.77
CA THR E 3481 -30.61 -22.82 -27.39
C THR E 3481 -31.06 -21.50 -26.79
N VAL E 3482 -30.16 -20.78 -26.13
CA VAL E 3482 -30.53 -19.44 -25.68
C VAL E 3482 -30.82 -18.54 -26.87
N ASP E 3483 -30.01 -18.67 -27.91
CA ASP E 3483 -30.22 -17.88 -29.11
C ASP E 3483 -31.54 -18.28 -29.75
N TYR E 3484 -31.86 -19.57 -29.61
CA TYR E 3484 -33.12 -20.05 -30.12
C TYR E 3484 -34.27 -19.45 -29.34
N LEU E 3485 -34.07 -19.19 -28.05
CA LEU E 3485 -35.04 -18.39 -27.30
C LEU E 3485 -35.11 -16.99 -27.79
N LEU E 3486 -34.01 -16.50 -28.34
CA LEU E 3486 -34.04 -15.14 -28.84
C LEU E 3486 -34.90 -15.08 -30.09
N ARG E 3487 -34.63 -15.95 -31.07
CA ARG E 3487 -35.42 -15.90 -32.29
C ARG E 3487 -36.89 -16.29 -32.04
N LEU E 3488 -37.09 -17.28 -31.17
CA LEU E 3488 -38.43 -17.71 -30.86
C LEU E 3488 -39.15 -16.59 -30.12
N GLN E 3489 -38.37 -15.82 -29.36
CA GLN E 3489 -38.89 -14.61 -28.74
C GLN E 3489 -39.39 -13.63 -29.75
N GLU E 3490 -38.53 -13.31 -30.71
CA GLU E 3490 -38.85 -12.25 -31.65
C GLU E 3490 -40.07 -12.67 -32.44
N SER E 3491 -40.20 -13.99 -32.62
CA SER E 3491 -41.39 -14.53 -33.26
C SER E 3491 -42.65 -14.36 -32.42
N ILE E 3492 -42.59 -14.72 -31.14
CA ILE E 3492 -43.79 -14.61 -30.31
C ILE E 3492 -44.20 -13.15 -30.13
N SER E 3493 -43.22 -12.28 -30.06
CA SER E 3493 -43.44 -10.87 -29.79
C SER E 3493 -44.01 -10.18 -31.02
N ASP E 3494 -43.42 -10.48 -32.17
CA ASP E 3494 -43.95 -9.91 -33.39
C ASP E 3494 -45.35 -10.43 -33.60
N PHE E 3495 -45.57 -11.68 -33.21
CA PHE E 3495 -46.90 -12.27 -33.34
C PHE E 3495 -47.87 -11.49 -32.46
N TYR E 3496 -47.37 -11.06 -31.31
CA TYR E 3496 -48.19 -10.24 -30.43
C TYR E 3496 -48.56 -8.93 -31.09
N TRP E 3497 -47.56 -8.22 -31.58
CA TRP E 3497 -47.85 -6.91 -32.15
C TRP E 3497 -48.76 -7.05 -33.37
N TYR E 3498 -48.67 -8.17 -34.09
CA TYR E 3498 -49.66 -8.42 -35.13
C TYR E 3498 -51.05 -8.66 -34.57
N TYR E 3499 -51.15 -9.27 -33.39
CA TYR E 3499 -52.46 -9.33 -32.71
C TYR E 3499 -52.66 -8.32 -31.60
N SER E 3500 -51.72 -7.39 -31.43
CA SER E 3500 -51.88 -6.37 -30.41
C SER E 3500 -53.08 -5.47 -30.68
N GLY E 3501 -53.39 -5.24 -31.95
CA GLY E 3501 -54.51 -4.39 -32.30
C GLY E 3501 -55.82 -5.08 -32.64
N LYS E 3502 -55.75 -6.39 -32.88
CA LYS E 3502 -56.92 -7.12 -33.35
C LYS E 3502 -57.65 -7.92 -32.27
N ASP E 3503 -57.31 -7.63 -31.02
CA ASP E 3503 -57.82 -8.34 -29.82
C ASP E 3503 -58.33 -9.77 -30.06
N VAL E 3504 -59.48 -9.90 -30.71
CA VAL E 3504 -60.04 -11.23 -30.99
C VAL E 3504 -59.10 -12.02 -31.91
N ILE E 3505 -58.96 -13.32 -31.65
CA ILE E 3505 -57.95 -14.11 -32.33
C ILE E 3505 -58.52 -15.33 -33.05
N GLU E 3506 -57.92 -15.64 -34.21
CA GLU E 3506 -58.31 -16.78 -35.04
C GLU E 3506 -58.05 -18.10 -34.35
N GLU E 3507 -58.88 -19.09 -34.65
CA GLU E 3507 -58.64 -20.43 -34.14
C GLU E 3507 -57.33 -20.99 -34.68
N GLN E 3508 -56.98 -20.62 -35.91
CA GLN E 3508 -55.67 -20.97 -36.46
C GLN E 3508 -54.55 -20.27 -35.71
N GLY E 3509 -54.81 -19.06 -35.27
CA GLY E 3509 -53.80 -18.33 -34.51
C GLY E 3509 -53.76 -18.86 -33.10
N LYS E 3510 -54.86 -19.47 -32.68
CA LYS E 3510 -54.93 -20.08 -31.36
C LYS E 3510 -54.08 -21.33 -31.34
N ARG E 3511 -54.29 -22.19 -32.34
CA ARG E 3511 -53.51 -23.41 -32.45
C ARG E 3511 -52.05 -23.12 -32.73
N ASN E 3512 -51.79 -22.04 -33.48
CA ASN E 3512 -50.42 -21.72 -33.81
C ASN E 3512 -49.67 -21.17 -32.62
N PHE E 3513 -50.28 -20.21 -31.93
CA PHE E 3513 -49.64 -19.59 -30.79
C PHE E 3513 -49.51 -20.61 -29.66
N SER E 3514 -50.48 -21.51 -29.54
CA SER E 3514 -50.39 -22.60 -28.58
C SER E 3514 -49.29 -23.56 -28.94
N LYS E 3515 -49.06 -23.74 -30.24
CA LYS E 3515 -48.00 -24.63 -30.69
C LYS E 3515 -46.63 -24.06 -30.37
N ALA E 3516 -46.48 -22.77 -30.68
CA ALA E 3516 -45.22 -22.09 -30.40
C ALA E 3516 -44.99 -22.04 -28.91
N MET E 3517 -46.07 -21.94 -28.14
CA MET E 3517 -45.97 -22.12 -26.69
C MET E 3517 -45.63 -23.53 -26.26
N SER E 3518 -46.00 -24.55 -27.05
CA SER E 3518 -45.57 -25.89 -26.71
C SER E 3518 -44.06 -25.98 -26.87
N VAL E 3519 -43.58 -25.33 -27.93
CA VAL E 3519 -42.15 -25.38 -28.22
C VAL E 3519 -41.39 -24.64 -27.14
N ALA E 3520 -41.84 -23.43 -26.87
CA ALA E 3520 -41.17 -22.59 -25.89
C ALA E 3520 -41.28 -23.24 -24.52
N LYS E 3521 -42.35 -23.98 -24.29
CA LYS E 3521 -42.48 -24.69 -23.04
C LYS E 3521 -41.39 -25.75 -22.92
N GLN E 3522 -41.24 -26.52 -23.98
CA GLN E 3522 -40.27 -27.61 -23.95
C GLN E 3522 -38.86 -27.06 -23.82
N VAL E 3523 -38.65 -25.87 -24.38
CA VAL E 3523 -37.31 -25.32 -24.44
C VAL E 3523 -36.93 -24.58 -23.16
N PHE E 3524 -37.89 -23.87 -22.56
CA PHE E 3524 -37.70 -23.34 -21.23
C PHE E 3524 -37.51 -24.47 -20.24
N ASN E 3525 -38.16 -25.60 -20.46
CA ASN E 3525 -37.82 -26.77 -19.66
C ASN E 3525 -36.41 -27.23 -19.91
N SER E 3526 -35.95 -27.11 -21.15
CA SER E 3526 -34.59 -27.53 -21.44
C SER E 3526 -33.60 -26.63 -20.70
N LEU E 3527 -33.93 -25.36 -20.60
CA LEU E 3527 -33.08 -24.44 -19.86
C LEU E 3527 -33.30 -24.54 -18.37
N THR E 3528 -34.38 -25.17 -17.95
CA THR E 3528 -34.44 -25.56 -16.56
C THR E 3528 -33.37 -26.59 -16.41
N GLU E 3529 -33.24 -27.43 -17.44
CA GLU E 3529 -32.59 -28.70 -17.24
C GLU E 3529 -31.07 -28.63 -17.33
N TYR E 3530 -30.55 -27.77 -18.20
CA TYR E 3530 -29.11 -27.59 -18.29
C TYR E 3530 -28.60 -27.05 -16.98
N ILE E 3531 -29.46 -26.24 -16.36
CA ILE E 3531 -29.11 -25.43 -15.22
C ILE E 3531 -29.63 -26.09 -13.95
N GLN E 3532 -30.47 -27.10 -14.13
CA GLN E 3532 -31.26 -27.62 -13.03
C GLN E 3532 -30.29 -28.11 -12.04
N GLY E 3533 -29.26 -28.79 -12.51
CA GLY E 3533 -28.19 -29.20 -11.64
C GLY E 3533 -27.58 -27.90 -11.19
N PRO E 3534 -27.09 -27.87 -9.87
CA PRO E 3534 -26.51 -26.56 -9.52
C PRO E 3534 -25.14 -26.58 -10.11
N CYS E 3535 -25.08 -26.60 -11.43
CA CYS E 3535 -23.81 -26.61 -12.12
C CYS E 3535 -23.40 -25.16 -12.15
N THR E 3536 -22.37 -24.86 -11.38
CA THR E 3536 -21.96 -23.49 -11.20
C THR E 3536 -21.54 -22.90 -12.52
N GLY E 3537 -20.82 -23.68 -13.31
CA GLY E 3537 -20.22 -23.19 -14.52
C GLY E 3537 -21.22 -23.16 -15.65
N ASN E 3538 -22.30 -23.91 -15.51
CA ASN E 3538 -23.35 -23.89 -16.50
C ASN E 3538 -24.18 -22.64 -16.33
N GLN E 3539 -24.42 -22.27 -15.07
CA GLN E 3539 -25.13 -21.05 -14.79
C GLN E 3539 -24.32 -19.85 -15.21
N GLN E 3540 -23.03 -19.87 -14.85
CA GLN E 3540 -22.15 -18.76 -15.16
C GLN E 3540 -21.94 -18.63 -16.65
N SER E 3541 -21.93 -19.76 -17.36
CA SER E 3541 -21.82 -19.75 -18.82
C SER E 3541 -23.06 -19.16 -19.46
N LEU E 3542 -24.20 -19.36 -18.83
CA LEU E 3542 -25.46 -18.88 -19.36
C LEU E 3542 -25.80 -17.47 -18.88
N ALA E 3543 -25.32 -17.09 -17.70
CA ALA E 3543 -25.61 -15.75 -17.21
C ALA E 3543 -24.97 -14.69 -18.11
N HIS E 3544 -23.80 -15.01 -18.65
CA HIS E 3544 -23.20 -14.18 -19.68
C HIS E 3544 -23.92 -14.30 -21.01
N SER E 3545 -24.64 -15.41 -21.20
CA SER E 3545 -25.35 -15.67 -22.45
C SER E 3545 -26.51 -14.70 -22.58
N ARG E 3546 -26.92 -14.46 -23.82
CA ARG E 3546 -27.80 -13.36 -24.14
C ARG E 3546 -29.24 -13.76 -23.80
N LEU E 3547 -29.36 -14.53 -22.73
CA LEU E 3547 -30.64 -15.00 -22.26
C LEU E 3547 -31.53 -13.86 -21.82
N TRP E 3548 -30.92 -12.82 -21.29
CA TRP E 3548 -31.67 -11.80 -20.59
C TRP E 3548 -32.59 -11.06 -21.53
N ASP E 3549 -32.10 -10.83 -22.75
CA ASP E 3549 -32.86 -10.12 -23.76
C ASP E 3549 -34.10 -10.92 -24.10
N ALA E 3550 -34.02 -12.23 -23.92
CA ALA E 3550 -35.19 -13.05 -24.01
C ALA E 3550 -36.05 -12.99 -22.76
N VAL E 3551 -35.43 -13.15 -21.59
CA VAL E 3551 -36.24 -13.29 -20.39
C VAL E 3551 -36.97 -11.99 -20.06
N VAL E 3552 -36.34 -10.86 -20.41
CA VAL E 3552 -37.04 -9.59 -20.30
C VAL E 3552 -38.17 -9.61 -21.29
N GLY E 3553 -37.82 -9.95 -22.53
CA GLY E 3553 -38.72 -9.77 -23.63
C GLY E 3553 -39.91 -10.70 -23.64
N PHE E 3554 -39.73 -11.88 -23.11
CA PHE E 3554 -40.84 -12.80 -23.00
C PHE E 3554 -41.89 -12.18 -22.12
N LEU E 3555 -41.43 -11.48 -21.10
CA LEU E 3555 -42.38 -10.90 -20.17
C LEU E 3555 -43.21 -9.86 -20.91
N HIS E 3556 -42.59 -9.19 -21.90
CA HIS E 3556 -43.31 -8.18 -22.65
C HIS E 3556 -44.43 -8.82 -23.45
N VAL E 3557 -44.21 -10.07 -23.82
CA VAL E 3557 -45.27 -10.89 -24.38
C VAL E 3557 -46.18 -11.40 -23.29
N PHE E 3558 -45.60 -11.89 -22.19
CA PHE E 3558 -46.43 -12.52 -21.16
C PHE E 3558 -47.17 -11.50 -20.36
N ALA E 3559 -46.82 -10.24 -20.47
CA ALA E 3559 -47.63 -9.22 -19.82
C ALA E 3559 -48.95 -9.06 -20.56
N HIS E 3560 -48.89 -8.45 -21.74
CA HIS E 3560 -50.10 -8.04 -22.44
C HIS E 3560 -50.94 -9.24 -22.85
N MET E 3561 -50.27 -10.33 -23.22
CA MET E 3561 -50.96 -11.54 -23.56
C MET E 3561 -51.72 -12.11 -22.38
N MET E 3562 -51.22 -11.89 -21.16
CA MET E 3562 -51.88 -12.49 -20.02
C MET E 3562 -52.97 -11.51 -19.59
N MET E 3563 -53.03 -10.39 -20.30
CA MET E 3563 -54.06 -9.39 -20.06
C MET E 3563 -55.18 -9.42 -21.11
N LYS E 3564 -54.86 -9.12 -22.36
CA LYS E 3564 -55.89 -9.11 -23.40
C LYS E 3564 -56.47 -10.49 -23.68
N LEU E 3565 -55.73 -11.56 -23.40
CA LEU E 3565 -56.33 -12.88 -23.48
C LEU E 3565 -57.21 -13.20 -22.27
N ALA E 3566 -57.10 -12.40 -21.20
CA ALA E 3566 -57.84 -12.67 -19.97
C ALA E 3566 -59.35 -12.53 -20.15
N GLN E 3567 -59.71 -11.73 -21.15
CA GLN E 3567 -61.03 -11.15 -21.32
C GLN E 3567 -62.15 -12.15 -21.53
N ASP E 3568 -61.90 -13.17 -22.31
CA ASP E 3568 -62.99 -14.09 -22.66
C ASP E 3568 -62.65 -15.52 -22.36
N SER E 3569 -63.68 -16.31 -22.14
CA SER E 3569 -63.51 -17.71 -21.77
C SER E 3569 -62.79 -18.51 -22.84
N SER E 3570 -63.19 -18.29 -24.09
CA SER E 3570 -62.55 -18.95 -25.20
C SER E 3570 -61.11 -18.50 -25.20
N GLN E 3571 -60.92 -17.22 -24.88
CA GLN E 3571 -59.61 -16.62 -24.90
C GLN E 3571 -58.66 -17.28 -23.92
N ILE E 3572 -59.18 -17.63 -22.73
CA ILE E 3572 -58.30 -18.18 -21.69
C ILE E 3572 -57.63 -19.53 -21.94
N GLU E 3573 -58.37 -20.54 -22.42
CA GLU E 3573 -57.74 -21.85 -22.51
C GLU E 3573 -56.30 -21.72 -22.98
N LEU E 3574 -56.10 -20.91 -24.01
CA LEU E 3574 -54.76 -20.61 -24.47
C LEU E 3574 -53.98 -19.85 -23.43
N LEU E 3575 -54.67 -18.99 -22.70
CA LEU E 3575 -54.01 -18.20 -21.69
C LEU E 3575 -53.49 -19.14 -20.62
N LYS E 3576 -54.20 -20.24 -20.42
CA LYS E 3576 -53.73 -21.25 -19.48
C LYS E 3576 -52.43 -21.90 -19.93
N GLU E 3577 -52.26 -22.07 -21.24
CA GLU E 3577 -51.03 -22.63 -21.78
C GLU E 3577 -49.93 -21.63 -21.53
N LEU E 3578 -50.29 -20.37 -21.70
CA LEU E 3578 -49.34 -19.29 -21.50
C LEU E 3578 -48.92 -19.22 -20.04
N LEU E 3579 -49.84 -19.59 -19.15
CA LEU E 3579 -49.59 -19.54 -17.72
C LEU E 3579 -48.66 -20.66 -17.33
N ASP E 3580 -48.94 -21.85 -17.85
CA ASP E 3580 -48.09 -22.99 -17.53
C ASP E 3580 -46.68 -22.71 -18.06
N LEU E 3581 -46.61 -22.12 -19.24
CA LEU E 3581 -45.30 -21.82 -19.79
C LEU E 3581 -44.61 -20.79 -18.93
N GLN E 3582 -45.39 -19.87 -18.39
CA GLN E 3582 -44.82 -18.85 -17.52
C GLN E 3582 -44.28 -19.48 -16.27
N LYS E 3583 -44.94 -20.54 -15.83
CA LYS E 3583 -44.48 -21.29 -14.68
C LYS E 3583 -43.18 -21.95 -15.02
N ASP E 3584 -43.05 -22.46 -16.24
CA ASP E 3584 -41.77 -23.06 -16.64
C ASP E 3584 -40.66 -22.03 -16.79
N MET E 3585 -41.05 -20.79 -17.09
CA MET E 3585 -40.09 -19.72 -17.24
C MET E 3585 -39.52 -19.30 -15.90
N VAL E 3586 -40.43 -19.03 -14.97
CA VAL E 3586 -40.02 -18.66 -13.63
C VAL E 3586 -39.31 -19.84 -12.99
N VAL E 3587 -39.66 -21.06 -13.38
CA VAL E 3587 -38.92 -22.22 -12.92
C VAL E 3587 -37.52 -22.34 -13.49
N MET E 3588 -37.30 -22.03 -14.77
CA MET E 3588 -35.92 -22.10 -15.26
C MET E 3588 -35.12 -21.03 -14.58
N LEU E 3589 -35.81 -19.96 -14.22
CA LEU E 3589 -35.13 -18.79 -13.69
C LEU E 3589 -34.75 -19.01 -12.22
N LEU E 3590 -35.68 -19.60 -11.47
CA LEU E 3590 -35.42 -20.07 -10.11
C LEU E 3590 -34.36 -21.15 -10.06
N SER E 3591 -34.34 -21.99 -11.08
CA SER E 3591 -33.34 -23.05 -11.15
C SER E 3591 -32.07 -22.45 -11.67
N LEU E 3592 -32.16 -21.21 -12.11
CA LEU E 3592 -30.98 -20.47 -12.52
C LEU E 3592 -30.32 -19.85 -11.29
N LEU E 3593 -31.13 -19.40 -10.33
CA LEU E 3593 -30.56 -18.73 -9.15
C LEU E 3593 -29.97 -19.57 -8.02
N GLU E 3594 -30.19 -20.88 -8.00
CA GLU E 3594 -30.11 -21.59 -6.72
C GLU E 3594 -28.69 -21.57 -6.16
N GLY E 3595 -27.72 -21.31 -7.03
CA GLY E 3595 -26.32 -21.29 -6.67
C GLY E 3595 -25.79 -20.00 -6.09
N ASN E 3596 -26.65 -19.00 -5.91
CA ASN E 3596 -26.21 -17.65 -5.55
C ASN E 3596 -25.39 -17.50 -4.27
N VAL E 3597 -24.42 -16.59 -4.35
CA VAL E 3597 -23.78 -16.02 -3.18
C VAL E 3597 -24.65 -14.80 -2.88
N VAL E 3598 -24.22 -13.86 -2.04
CA VAL E 3598 -25.00 -12.65 -1.83
C VAL E 3598 -25.09 -11.86 -3.12
N ASN E 3599 -24.07 -11.06 -3.39
CA ASN E 3599 -24.09 -10.28 -4.62
C ASN E 3599 -23.57 -11.12 -5.77
N GLY E 3600 -24.29 -12.18 -6.07
CA GLY E 3600 -23.99 -13.00 -7.23
C GLY E 3600 -24.15 -12.15 -8.46
N MET E 3601 -23.19 -12.24 -9.37
CA MET E 3601 -23.21 -11.41 -10.57
C MET E 3601 -24.44 -11.73 -11.39
N ILE E 3602 -24.85 -12.99 -11.33
CA ILE E 3602 -26.06 -13.43 -12.02
C ILE E 3602 -27.31 -12.77 -11.44
N ALA E 3603 -27.39 -12.69 -10.11
CA ALA E 3603 -28.53 -12.04 -9.48
C ALA E 3603 -28.52 -10.56 -9.82
N ARG E 3604 -27.33 -9.99 -9.98
CA ARG E 3604 -27.22 -8.61 -10.43
C ARG E 3604 -27.75 -8.46 -11.84
N GLN E 3605 -27.49 -9.46 -12.67
CA GLN E 3605 -27.97 -9.43 -14.04
C GLN E 3605 -29.47 -9.43 -14.00
N MET E 3606 -30.01 -10.10 -12.98
CA MET E 3606 -31.45 -10.23 -12.89
C MET E 3606 -32.18 -9.03 -12.29
N VAL E 3607 -31.58 -8.40 -11.29
CA VAL E 3607 -32.18 -7.18 -10.80
C VAL E 3607 -32.12 -6.19 -11.94
N ASP E 3608 -31.06 -6.29 -12.74
CA ASP E 3608 -30.94 -5.44 -13.90
C ASP E 3608 -32.04 -5.70 -14.92
N MET E 3609 -32.35 -6.96 -15.17
CA MET E 3609 -33.43 -7.22 -16.13
C MET E 3609 -34.76 -6.76 -15.58
N LEU E 3610 -34.97 -6.91 -14.28
CA LEU E 3610 -36.23 -6.48 -13.68
C LEU E 3610 -36.39 -4.97 -13.74
N VAL E 3611 -35.28 -4.24 -13.64
CA VAL E 3611 -35.34 -2.80 -13.90
C VAL E 3611 -35.61 -2.53 -15.37
N GLU E 3612 -35.01 -3.35 -16.22
CA GLU E 3612 -35.23 -3.24 -17.66
C GLU E 3612 -36.65 -3.65 -18.04
N SER E 3613 -37.26 -4.48 -17.20
CA SER E 3613 -38.62 -4.96 -17.45
C SER E 3613 -39.59 -4.44 -16.40
N SER E 3614 -39.26 -3.29 -15.80
CA SER E 3614 -39.97 -2.84 -14.62
C SER E 3614 -41.45 -2.55 -14.82
N SER E 3615 -41.80 -1.79 -15.84
CA SER E 3615 -43.21 -1.50 -16.13
C SER E 3615 -43.92 -2.76 -16.60
N ASN E 3616 -43.14 -3.65 -17.20
CA ASN E 3616 -43.63 -4.89 -17.74
C ASN E 3616 -44.02 -5.92 -16.65
N VAL E 3617 -43.09 -6.13 -15.73
CA VAL E 3617 -43.36 -7.01 -14.61
C VAL E 3617 -44.37 -6.28 -13.75
N GLU E 3618 -44.39 -4.96 -13.87
CA GLU E 3618 -45.42 -4.17 -13.23
C GLU E 3618 -46.77 -4.64 -13.72
N MET E 3619 -46.91 -4.75 -15.04
CA MET E 3619 -48.19 -5.20 -15.59
C MET E 3619 -48.52 -6.63 -15.19
N ILE E 3620 -47.52 -7.51 -15.12
CA ILE E 3620 -47.91 -8.88 -14.76
C ILE E 3620 -48.35 -8.93 -13.30
N LEU E 3621 -47.62 -8.24 -12.43
CA LEU E 3621 -47.95 -8.22 -11.02
C LEU E 3621 -49.29 -7.56 -10.79
N LYS E 3622 -49.63 -6.60 -11.65
CA LYS E 3622 -50.95 -6.04 -11.62
C LYS E 3622 -51.97 -7.10 -12.00
N PHE E 3623 -51.62 -8.00 -12.92
CA PHE E 3623 -52.55 -9.08 -13.20
C PHE E 3623 -52.65 -10.10 -12.06
N PHE E 3624 -51.61 -10.27 -11.25
CA PHE E 3624 -51.67 -11.35 -10.26
C PHE E 3624 -52.56 -11.02 -9.07
N ASP E 3625 -52.94 -9.76 -8.93
CA ASP E 3625 -53.80 -9.35 -7.82
C ASP E 3625 -55.24 -9.82 -8.01
N MET E 3626 -55.59 -10.20 -9.23
CA MET E 3626 -56.89 -10.78 -9.55
C MET E 3626 -57.31 -11.86 -8.56
N ILE E 3633 -59.88 -15.73 -4.27
CA ILE E 3633 -61.25 -16.08 -3.95
C ILE E 3633 -61.80 -15.21 -2.82
N VAL E 3634 -60.96 -14.32 -2.31
CA VAL E 3634 -61.39 -13.34 -1.32
C VAL E 3634 -62.41 -12.40 -1.94
N GLY E 3635 -62.30 -12.23 -3.26
CA GLY E 3635 -63.21 -11.34 -3.96
C GLY E 3635 -64.57 -11.98 -4.09
N SER E 3636 -64.64 -13.30 -3.95
CA SER E 3636 -65.94 -13.96 -3.84
C SER E 3636 -66.63 -13.56 -2.55
N GLU E 3637 -65.83 -13.41 -1.49
CA GLU E 3637 -66.34 -12.88 -0.24
C GLU E 3637 -66.71 -11.41 -0.45
N ALA E 3638 -66.00 -10.74 -1.35
CA ALA E 3638 -66.39 -9.38 -1.71
C ALA E 3638 -67.75 -9.37 -2.40
N PHE E 3639 -68.05 -10.42 -3.17
CA PHE E 3639 -69.41 -10.60 -3.68
C PHE E 3639 -70.39 -10.88 -2.55
N GLN E 3640 -69.91 -11.57 -1.51
CA GLN E 3640 -70.75 -11.84 -0.34
C GLN E 3640 -71.10 -10.55 0.38
N ASP E 3641 -70.22 -9.56 0.26
CA ASP E 3641 -70.41 -8.27 0.91
C ASP E 3641 -71.65 -7.54 0.37
N TYR E 3642 -71.99 -7.79 -0.88
CA TYR E 3642 -73.14 -7.13 -1.49
C TYR E 3642 -73.92 -8.02 -2.45
N VAL E 3643 -73.99 -9.32 -2.15
CA VAL E 3643 -74.70 -10.24 -3.03
C VAL E 3643 -76.18 -9.89 -3.05
N THR E 3644 -76.79 -9.92 -4.24
CA THR E 3644 -78.22 -9.61 -4.33
C THR E 3644 -79.09 -10.73 -4.91
N ASP E 3645 -78.80 -11.14 -6.14
CA ASP E 3645 -79.63 -12.13 -6.84
C ASP E 3645 -79.64 -13.48 -6.14
N PRO E 3646 -78.47 -13.89 -5.68
CA PRO E 3646 -78.26 -15.17 -5.00
C PRO E 3646 -78.19 -16.35 -5.97
N ARG E 3647 -78.19 -16.04 -7.26
CA ARG E 3647 -77.93 -17.04 -8.29
C ARG E 3647 -76.42 -17.21 -8.47
N GLY E 3648 -75.67 -16.38 -7.75
CA GLY E 3648 -74.24 -16.24 -7.93
C GLY E 3648 -73.97 -15.22 -9.01
N LEU E 3649 -75.05 -14.72 -9.59
CA LEU E 3649 -75.01 -13.60 -10.53
C LEU E 3649 -74.84 -12.28 -9.78
N ILE E 3650 -74.29 -11.28 -10.45
CA ILE E 3650 -74.20 -9.95 -9.87
C ILE E 3650 -74.19 -8.87 -10.96
N SER E 3651 -74.84 -7.75 -10.67
CA SER E 3651 -74.84 -6.61 -11.58
C SER E 3651 -73.43 -6.05 -11.73
N LYS E 3652 -73.07 -5.69 -12.96
CA LYS E 3652 -71.74 -5.18 -13.24
C LYS E 3652 -71.55 -3.75 -12.78
N LYS E 3653 -72.50 -2.88 -13.15
CA LYS E 3653 -72.41 -1.47 -12.78
C LYS E 3653 -72.50 -1.30 -11.27
N ASP E 3654 -73.31 -2.14 -10.63
CA ASP E 3654 -73.35 -2.15 -9.17
C ASP E 3654 -72.03 -2.65 -8.61
N PHE E 3655 -71.42 -3.60 -9.33
CA PHE E 3655 -70.15 -4.17 -8.89
C PHE E 3655 -69.04 -3.14 -8.95
N GLN E 3656 -69.14 -2.20 -9.88
CA GLN E 3656 -68.07 -1.22 -10.05
C GLN E 3656 -67.98 -0.32 -8.82
N LYS E 3657 -69.12 0.21 -8.40
CA LYS E 3657 -69.16 1.07 -7.23
C LYS E 3657 -68.99 0.30 -5.93
N ALA E 3658 -69.60 -0.89 -5.85
CA ALA E 3658 -69.50 -1.69 -4.65
C ALA E 3658 -68.07 -2.16 -4.39
N MET E 3659 -67.32 -2.39 -5.47
CA MET E 3659 -65.96 -2.88 -5.31
C MET E 3659 -64.93 -1.76 -5.33
N ASP E 3660 -65.29 -0.59 -5.87
CA ASP E 3660 -64.37 0.55 -5.80
C ASP E 3660 -64.20 1.02 -4.36
N SER E 3661 -65.21 0.77 -3.54
CA SER E 3661 -65.21 1.21 -2.15
C SER E 3661 -64.15 0.52 -1.29
N GLN E 3662 -63.78 -0.71 -1.66
CA GLN E 3662 -62.86 -1.48 -0.84
C GLN E 3662 -61.42 -1.11 -1.17
N GLN E 3664 -58.68 -0.46 -2.67
CA GLN E 3664 -58.51 0.68 -3.58
C GLN E 3664 -58.17 0.24 -4.99
N PHE E 3665 -58.77 -0.86 -5.45
CA PHE E 3665 -58.63 -1.29 -6.82
C PHE E 3665 -59.23 -0.22 -7.73
N THR E 3666 -58.52 0.11 -8.81
CA THR E 3666 -59.01 1.12 -9.75
C THR E 3666 -60.28 0.61 -10.40
N GLY E 3667 -61.22 1.52 -10.64
CA GLY E 3667 -62.49 1.11 -11.19
C GLY E 3667 -62.32 0.57 -12.59
N PRO E 3668 -61.39 1.16 -13.37
CA PRO E 3668 -61.09 0.51 -14.65
C PRO E 3668 -60.58 -0.92 -14.47
N GLU E 3669 -59.82 -1.19 -13.42
CA GLU E 3669 -59.38 -2.55 -13.18
C GLU E 3669 -60.54 -3.45 -12.84
N ILE E 3670 -61.51 -2.92 -12.09
CA ILE E 3670 -62.68 -3.72 -11.73
C ILE E 3670 -63.49 -4.01 -12.98
N GLN E 3671 -63.48 -3.07 -13.91
CA GLN E 3671 -64.08 -3.27 -15.21
C GLN E 3671 -63.32 -4.36 -15.96
N PHE E 3672 -62.01 -4.42 -15.72
CA PHE E 3672 -61.22 -5.52 -16.26
C PHE E 3672 -61.61 -6.85 -15.61
N LEU E 3673 -62.03 -6.81 -14.36
CA LEU E 3673 -62.49 -8.02 -13.67
C LEU E 3673 -63.76 -8.51 -14.32
N LEU E 3674 -64.70 -7.59 -14.51
CA LEU E 3674 -65.99 -7.94 -15.07
C LEU E 3674 -65.80 -8.41 -16.50
N SER E 3675 -64.85 -7.79 -17.18
CA SER E 3675 -64.47 -8.18 -18.52
C SER E 3675 -63.83 -9.57 -18.51
N CYS E 3676 -63.15 -9.88 -17.41
CA CYS E 3676 -62.48 -11.17 -17.25
C CYS E 3676 -63.49 -12.22 -16.83
N SER E 3677 -64.69 -11.76 -16.48
CA SER E 3677 -65.73 -12.64 -16.00
C SER E 3677 -66.55 -13.21 -17.15
N GLU E 3678 -67.72 -12.64 -17.37
CA GLU E 3678 -68.59 -13.08 -18.46
C GLU E 3678 -69.45 -11.94 -18.98
N ALA E 3679 -70.00 -11.16 -18.05
CA ALA E 3679 -70.92 -10.07 -18.39
C ALA E 3679 -72.06 -10.59 -19.26
N ASP E 3680 -72.58 -11.75 -18.90
CA ASP E 3680 -73.59 -12.42 -19.72
C ASP E 3680 -74.87 -11.60 -19.84
N GLU E 3681 -75.45 -11.63 -21.05
CA GLU E 3681 -76.66 -10.88 -21.36
C GLU E 3681 -76.53 -9.42 -20.95
N ASN E 3682 -77.23 -9.04 -19.88
CA ASN E 3682 -77.13 -7.70 -19.34
C ASN E 3682 -75.93 -7.56 -18.41
N GLU E 3683 -76.21 -7.21 -17.15
CA GLU E 3683 -75.17 -7.02 -16.14
C GLU E 3683 -74.73 -8.31 -15.47
N MET E 3684 -75.42 -9.41 -15.78
CA MET E 3684 -75.27 -10.67 -15.05
C MET E 3684 -73.86 -11.25 -15.12
N ILE E 3685 -73.36 -11.72 -13.98
CA ILE E 3685 -71.98 -12.21 -13.85
C ILE E 3685 -71.82 -13.27 -12.74
N ASN E 3686 -71.48 -14.50 -13.14
CA ASN E 3686 -71.19 -15.55 -12.16
C ASN E 3686 -69.93 -15.24 -11.37
N PHE E 3687 -69.99 -15.45 -10.06
CA PHE E 3687 -68.82 -15.34 -9.20
C PHE E 3687 -67.76 -16.42 -9.42
N GLU E 3688 -68.19 -17.62 -9.80
CA GLU E 3688 -67.30 -18.77 -9.77
C GLU E 3688 -66.44 -18.91 -11.03
N GLU E 3689 -67.06 -18.71 -12.19
CA GLU E 3689 -66.32 -18.76 -13.45
C GLU E 3689 -65.27 -17.66 -13.44
N PHE E 3690 -65.63 -16.53 -12.84
CA PHE E 3690 -64.66 -15.49 -12.56
C PHE E 3690 -63.64 -15.93 -11.52
N ALA E 3691 -64.07 -16.77 -10.57
CA ALA E 3691 -63.19 -17.24 -9.51
C ALA E 3691 -62.07 -18.13 -10.05
N ASN E 3692 -62.35 -18.80 -11.17
CA ASN E 3692 -61.35 -19.66 -11.79
C ASN E 3692 -60.16 -18.89 -12.30
N ARG E 3693 -60.36 -17.61 -12.62
CA ARG E 3693 -59.29 -16.76 -13.13
C ARG E 3693 -59.41 -15.35 -12.58
N PRO E 3697 -54.79 -22.26 -9.64
CA PRO E 3697 -54.70 -22.22 -11.10
C PRO E 3697 -53.48 -21.44 -11.60
N ALA E 3698 -53.63 -20.13 -11.77
CA ALA E 3698 -52.52 -19.30 -12.21
C ALA E 3698 -51.55 -19.03 -11.06
N ARG E 3699 -51.98 -19.37 -9.85
CA ARG E 3699 -51.27 -19.01 -8.63
C ARG E 3699 -49.86 -19.58 -8.59
N ASP E 3700 -49.65 -20.72 -9.24
CA ASP E 3700 -48.35 -21.36 -9.21
C ASP E 3700 -47.31 -20.44 -9.83
N ILE E 3701 -47.73 -19.59 -10.76
CA ILE E 3701 -46.80 -18.61 -11.28
C ILE E 3701 -46.43 -17.59 -10.24
N GLY E 3702 -47.44 -17.03 -9.59
CA GLY E 3702 -47.26 -15.85 -8.76
C GLY E 3702 -46.42 -16.22 -7.57
N PHE E 3703 -46.65 -17.42 -7.07
CA PHE E 3703 -45.86 -17.92 -5.97
C PHE E 3703 -44.40 -17.88 -6.36
N ASN E 3704 -44.10 -18.44 -7.52
CA ASN E 3704 -42.73 -18.46 -7.97
C ASN E 3704 -42.25 -17.05 -8.18
N VAL E 3705 -43.15 -16.18 -8.63
CA VAL E 3705 -42.74 -14.80 -8.85
C VAL E 3705 -42.44 -14.20 -7.50
N ALA E 3706 -43.29 -14.55 -6.53
CA ALA E 3706 -43.08 -14.04 -5.19
C ALA E 3706 -41.77 -14.59 -4.70
N VAL E 3707 -41.48 -15.83 -5.07
CA VAL E 3707 -40.26 -16.45 -4.60
C VAL E 3707 -39.12 -15.62 -5.12
N LEU E 3708 -39.21 -15.21 -6.38
CA LEU E 3708 -38.14 -14.44 -6.98
C LEU E 3708 -37.97 -13.12 -6.27
N LEU E 3709 -39.10 -12.52 -5.91
CA LEU E 3709 -39.04 -11.20 -5.33
C LEU E 3709 -38.39 -11.35 -3.98
N THR E 3710 -38.58 -12.52 -3.37
CA THR E 3710 -37.85 -12.83 -2.16
C THR E 3710 -36.46 -13.27 -2.53
N ASN E 3711 -36.37 -14.13 -3.54
CA ASN E 3711 -35.14 -14.86 -3.80
C ASN E 3711 -34.02 -13.93 -4.21
N LEU E 3712 -34.36 -12.80 -4.80
CA LEU E 3712 -33.35 -11.78 -5.01
C LEU E 3712 -33.15 -10.92 -3.77
N SER E 3713 -34.26 -10.48 -3.18
CA SER E 3713 -34.20 -9.47 -2.13
C SER E 3713 -33.44 -10.00 -0.95
N GLU E 3714 -33.51 -11.31 -0.76
CA GLU E 3714 -32.73 -11.97 0.26
C GLU E 3714 -31.30 -12.23 -0.21
N HIS E 3715 -31.12 -12.76 -1.42
CA HIS E 3715 -29.76 -12.90 -1.93
C HIS E 3715 -29.06 -11.58 -2.21
N VAL E 3716 -29.79 -10.55 -2.61
CA VAL E 3716 -29.09 -9.30 -2.88
C VAL E 3716 -29.73 -8.09 -2.20
N PRO E 3717 -29.51 -7.98 -0.88
CA PRO E 3717 -29.83 -6.79 -0.10
C PRO E 3717 -28.99 -5.61 -0.59
N HIS E 3718 -29.53 -4.40 -0.49
CA HIS E 3718 -28.89 -3.14 -0.89
C HIS E 3718 -29.05 -2.93 -2.39
N ASP E 3719 -30.28 -3.11 -2.84
CA ASP E 3719 -30.73 -2.79 -4.20
C ASP E 3719 -31.98 -1.93 -4.14
N PRO E 3720 -31.80 -0.62 -3.97
CA PRO E 3720 -32.92 0.32 -3.78
C PRO E 3720 -33.88 0.23 -4.95
N ARG E 3721 -33.36 -0.03 -6.14
CA ARG E 3721 -34.22 -0.37 -7.27
C ARG E 3721 -35.05 -1.64 -7.03
N LEU E 3722 -34.38 -2.72 -6.63
CA LEU E 3722 -35.08 -3.94 -6.29
C LEU E 3722 -35.92 -3.76 -5.05
N ARG E 3723 -35.46 -2.89 -4.16
CA ARG E 3723 -36.20 -2.63 -2.93
C ARG E 3723 -37.52 -1.98 -3.25
N ASN E 3724 -37.50 -1.02 -4.18
CA ASN E 3724 -38.73 -0.37 -4.62
C ASN E 3724 -39.61 -1.34 -5.36
N PHE E 3725 -38.96 -2.26 -6.06
CA PHE E 3725 -39.71 -3.14 -6.93
C PHE E 3725 -40.50 -4.14 -6.09
N LEU E 3726 -39.84 -4.69 -5.09
CA LEU E 3726 -40.51 -5.52 -4.10
C LEU E 3726 -41.50 -4.70 -3.30
N GLU E 3727 -41.19 -3.43 -3.09
CA GLU E 3727 -42.07 -2.58 -2.30
C GLU E 3727 -43.41 -2.44 -3.01
N LEU E 3728 -43.36 -2.40 -4.33
CA LEU E 3728 -44.61 -2.45 -5.10
C LEU E 3728 -45.15 -3.87 -5.14
N ALA E 3729 -44.27 -4.86 -4.97
CA ALA E 3729 -44.67 -6.27 -5.10
C ALA E 3729 -45.31 -6.83 -3.83
N GLU E 3730 -45.30 -6.02 -2.77
CA GLU E 3730 -45.62 -6.50 -1.44
C GLU E 3730 -47.06 -6.99 -1.37
N SER E 3731 -47.92 -6.42 -2.21
CA SER E 3731 -49.31 -6.85 -2.27
C SER E 3731 -49.43 -8.30 -2.73
N ILE E 3732 -48.50 -8.73 -3.57
CA ILE E 3732 -48.44 -10.12 -3.99
C ILE E 3732 -47.73 -10.94 -2.93
N LEU E 3733 -46.68 -10.38 -2.35
CA LEU E 3733 -45.93 -11.12 -1.35
C LEU E 3733 -46.72 -11.45 -0.09
N GLU E 3734 -47.68 -10.62 0.28
CA GLU E 3734 -48.43 -10.86 1.50
C GLU E 3734 -49.26 -12.13 1.45
N TYR E 3735 -49.78 -12.44 0.27
CA TYR E 3735 -50.59 -13.63 0.11
C TYR E 3735 -49.76 -14.91 0.24
N PHE E 3736 -48.49 -14.83 -0.13
CA PHE E 3736 -47.64 -16.00 -0.15
C PHE E 3736 -46.69 -16.06 1.03
N ARG E 3737 -46.72 -15.01 1.85
CA ARG E 3737 -45.98 -15.01 3.10
C ARG E 3737 -46.34 -16.17 4.02
N PRO E 3738 -47.64 -16.43 4.24
CA PRO E 3738 -47.95 -17.49 5.22
C PRO E 3738 -47.35 -18.84 4.89
N TYR E 3739 -47.23 -19.17 3.61
CA TYR E 3739 -46.81 -20.52 3.26
C TYR E 3739 -45.83 -20.67 2.10
N LEU E 3740 -44.87 -19.77 2.00
CA LEU E 3740 -43.65 -20.11 1.29
C LEU E 3740 -42.65 -20.20 2.40
N GLY E 3741 -42.07 -21.39 2.59
CA GLY E 3741 -41.16 -21.62 3.68
C GLY E 3741 -39.83 -21.92 3.07
N ARG E 3742 -38.79 -21.29 3.65
CA ARG E 3742 -37.41 -21.41 3.21
C ARG E 3742 -36.56 -22.16 4.23
N ILE E 3743 -35.85 -23.16 3.74
CA ILE E 3743 -34.92 -23.90 4.58
C ILE E 3743 -33.52 -23.62 4.08
N GLU E 3744 -32.65 -23.31 5.04
CA GLU E 3744 -31.27 -23.01 4.78
C GLU E 3744 -30.48 -24.28 5.00
N ILE E 3745 -29.83 -24.70 3.93
CA ILE E 3745 -29.06 -25.94 3.88
C ILE E 3745 -27.72 -25.77 3.17
N MET E 3746 -26.67 -26.42 3.66
CA MET E 3746 -25.40 -26.37 2.94
C MET E 3746 -25.48 -27.08 1.60
N GLY E 3747 -24.91 -26.46 0.58
CA GLY E 3747 -24.96 -26.99 -0.76
C GLY E 3747 -23.82 -27.95 -1.04
N ALA E 3748 -23.78 -28.47 -2.27
CA ALA E 3748 -22.66 -29.27 -2.71
C ALA E 3748 -21.41 -28.40 -2.76
N SER E 3749 -21.63 -27.10 -2.94
CA SER E 3749 -20.53 -26.13 -2.94
C SER E 3749 -20.11 -25.82 -1.51
N ARG E 3750 -20.91 -26.33 -0.56
CA ARG E 3750 -20.65 -26.25 0.87
C ARG E 3750 -20.90 -24.83 1.42
N ARG E 3751 -20.95 -23.85 0.55
CA ARG E 3751 -21.49 -22.56 0.96
C ARG E 3751 -22.98 -22.79 1.19
N ILE E 3752 -23.53 -22.23 2.27
CA ILE E 3752 -24.94 -22.41 2.54
C ILE E 3752 -25.81 -21.79 1.47
N GLU E 3753 -26.82 -22.55 1.07
CA GLU E 3753 -27.87 -22.08 0.19
C GLU E 3753 -29.17 -22.17 0.97
N ARG E 3754 -29.74 -21.02 1.34
CA ARG E 3754 -31.11 -21.04 1.83
C ARG E 3754 -31.96 -21.34 0.62
N ILE E 3755 -33.05 -22.07 0.77
CA ILE E 3755 -33.81 -22.44 -0.40
C ILE E 3755 -35.30 -22.28 -0.17
N TYR E 3756 -36.00 -21.83 -1.20
CA TYR E 3756 -37.38 -21.39 -1.06
C TYR E 3756 -38.40 -22.46 -1.43
N PHE E 3757 -38.60 -23.37 -0.48
CA PHE E 3757 -39.59 -24.45 -0.60
C PHE E 3757 -41.03 -23.93 -0.48
N GLU E 3758 -41.95 -24.66 -1.11
CA GLU E 3758 -43.37 -24.33 -1.09
C GLU E 3758 -44.17 -25.13 -0.05
N ILE E 3759 -44.50 -24.52 1.08
CA ILE E 3759 -45.39 -25.15 2.07
C ILE E 3759 -46.83 -25.24 1.57
N SER E 3760 -47.50 -26.36 1.81
CA SER E 3760 -48.95 -26.43 1.57
C SER E 3760 -49.74 -25.61 2.58
N GLU E 3761 -50.80 -24.95 2.12
CA GLU E 3761 -51.72 -24.29 3.03
C GLU E 3761 -52.44 -25.31 3.91
N THR E 3762 -52.70 -26.48 3.34
CA THR E 3762 -53.28 -27.56 4.11
C THR E 3762 -52.33 -28.03 5.21
N ASN E 3763 -51.04 -28.01 4.90
CA ASN E 3763 -50.04 -28.39 5.87
C ASN E 3763 -49.84 -27.29 6.90
N ARG E 3764 -49.80 -26.05 6.41
CA ARG E 3764 -49.58 -24.91 7.28
C ARG E 3764 -50.71 -24.79 8.28
N ALA E 3765 -51.90 -25.19 7.85
CA ALA E 3765 -53.06 -25.24 8.73
C ALA E 3765 -52.97 -26.45 9.66
N GLN E 3766 -52.51 -27.56 9.10
CA GLN E 3766 -52.45 -28.81 9.86
C GLN E 3766 -51.45 -28.80 11.01
N TRP E 3767 -50.42 -27.99 10.89
CA TRP E 3767 -49.34 -28.01 11.87
C TRP E 3767 -49.68 -27.20 13.12
N GLU E 3768 -50.78 -26.47 13.06
CA GLU E 3768 -51.10 -25.52 14.13
C GLU E 3768 -51.97 -26.10 15.24
N MET E 3769 -53.23 -26.32 14.91
CA MET E 3769 -54.29 -26.63 15.89
C MET E 3769 -54.12 -27.84 16.82
N PRO E 3770 -53.74 -29.01 16.28
CA PRO E 3770 -54.13 -30.21 17.02
C PRO E 3770 -53.15 -30.69 18.08
N GLN E 3771 -53.06 -32.01 18.18
CA GLN E 3771 -52.10 -32.69 19.04
C GLN E 3771 -50.68 -32.39 18.62
N VAL E 3772 -50.49 -32.07 17.35
CA VAL E 3772 -49.16 -32.01 16.75
C VAL E 3772 -48.25 -30.96 17.39
N LYS E 3773 -48.81 -29.83 17.80
CA LYS E 3773 -47.98 -28.82 18.44
C LYS E 3773 -47.48 -29.33 19.79
N GLU E 3774 -48.35 -30.06 20.48
CA GLU E 3774 -47.97 -30.67 21.74
C GLU E 3774 -46.93 -31.76 21.48
N SER E 3775 -47.01 -32.38 20.31
CA SER E 3775 -45.98 -33.33 19.93
C SER E 3775 -44.66 -32.63 19.72
N LYS E 3776 -44.72 -31.39 19.25
CA LYS E 3776 -43.52 -30.57 19.14
C LYS E 3776 -42.98 -30.24 20.51
N ARG E 3777 -43.89 -30.06 21.47
CA ARG E 3777 -43.46 -29.75 22.83
C ARG E 3777 -42.75 -30.94 23.44
N GLN E 3778 -43.37 -32.11 23.34
CA GLN E 3778 -42.79 -33.33 23.87
C GLN E 3778 -41.52 -33.69 23.15
N PHE E 3779 -41.46 -33.37 21.87
CA PHE E 3779 -40.23 -33.61 21.11
C PHE E 3779 -39.07 -32.76 21.55
N ILE E 3780 -39.29 -31.45 21.58
CA ILE E 3780 -38.20 -30.55 21.92
C ILE E 3780 -37.79 -30.79 23.35
N PHE E 3781 -38.76 -31.13 24.19
CA PHE E 3781 -38.43 -31.53 25.55
C PHE E 3781 -37.67 -32.85 25.61
N ASP E 3782 -37.91 -33.76 24.67
CA ASP E 3782 -37.21 -35.04 24.66
C ASP E 3782 -35.84 -34.96 24.00
N VAL E 3783 -35.55 -33.83 23.36
CA VAL E 3783 -34.24 -33.67 22.73
C VAL E 3783 -33.36 -32.77 23.58
N VAL E 3784 -33.87 -31.62 23.98
CA VAL E 3784 -33.08 -30.68 24.75
C VAL E 3784 -32.68 -31.30 26.09
N ASN E 3785 -33.60 -32.08 26.63
CA ASN E 3785 -33.35 -32.81 27.86
C ASN E 3785 -32.24 -33.83 27.67
N GLU E 3786 -32.27 -34.56 26.55
CA GLU E 3786 -31.33 -35.65 26.38
C GLU E 3786 -30.45 -35.55 25.14
N GLY E 3787 -31.07 -35.36 23.98
CA GLY E 3787 -30.35 -35.38 22.71
C GLY E 3787 -29.32 -34.28 22.62
N GLY E 3788 -28.15 -34.60 22.08
CA GLY E 3788 -27.06 -33.63 22.03
C GLY E 3788 -26.37 -33.51 20.69
N GLU E 3789 -25.85 -34.62 20.19
CA GLU E 3789 -25.06 -34.62 18.96
C GLU E 3789 -25.83 -35.12 17.73
N ALA E 3790 -25.54 -36.32 17.24
CA ALA E 3790 -26.23 -36.84 16.08
C ALA E 3790 -27.72 -36.99 16.36
N GLU E 3791 -28.05 -37.25 17.62
CA GLU E 3791 -29.44 -37.38 18.02
C GLU E 3791 -30.21 -36.08 17.86
N LYS E 3792 -29.53 -34.96 17.99
CA LYS E 3792 -30.18 -33.65 18.00
C LYS E 3792 -30.87 -33.40 16.67
N MET E 3793 -30.39 -34.05 15.63
CA MET E 3793 -30.94 -33.89 14.30
C MET E 3793 -31.61 -35.16 13.78
N GLU E 3794 -30.97 -36.31 13.98
CA GLU E 3794 -31.57 -37.56 13.52
C GLU E 3794 -32.87 -37.86 14.24
N LEU E 3795 -32.91 -37.58 15.54
CA LEU E 3795 -34.17 -37.71 16.25
C LEU E 3795 -35.13 -36.67 15.75
N PHE E 3796 -34.59 -35.53 15.34
CA PHE E 3796 -35.46 -34.51 14.83
C PHE E 3796 -36.16 -34.87 13.55
N VAL E 3797 -35.48 -35.61 12.69
CA VAL E 3797 -36.09 -35.93 11.42
C VAL E 3797 -36.88 -37.21 11.61
N SER E 3798 -36.60 -37.88 12.71
CA SER E 3798 -37.45 -38.99 13.12
C SER E 3798 -38.81 -38.40 13.48
N PHE E 3799 -38.78 -37.32 14.27
CA PHE E 3799 -39.98 -36.58 14.59
C PHE E 3799 -40.63 -35.94 13.38
N CYS E 3800 -39.83 -35.52 12.42
CA CYS E 3800 -40.40 -34.91 11.23
C CYS E 3800 -41.17 -35.94 10.46
N GLU E 3801 -40.61 -37.13 10.35
CA GLU E 3801 -41.29 -38.24 9.68
C GLU E 3801 -42.53 -38.74 10.44
N ASP E 3802 -42.49 -38.63 11.77
CA ASP E 3802 -43.65 -38.96 12.56
C ASP E 3802 -44.77 -37.94 12.31
N THR E 3803 -44.38 -36.67 12.24
CA THR E 3803 -45.35 -35.63 11.98
C THR E 3803 -45.87 -35.77 10.56
N ILE E 3804 -45.04 -36.30 9.67
CA ILE E 3804 -45.48 -36.57 8.31
C ILE E 3804 -46.55 -37.60 8.32
N PHE E 3805 -46.31 -38.68 9.05
CA PHE E 3805 -47.26 -39.76 9.01
C PHE E 3805 -48.55 -39.27 9.64
N GLU E 3806 -48.43 -38.37 10.61
CA GLU E 3806 -49.61 -37.80 11.24
C GLU E 3806 -50.41 -36.92 10.29
N MET E 3807 -49.74 -36.04 9.57
CA MET E 3807 -50.45 -35.18 8.63
C MET E 3807 -51.06 -36.02 7.51
N GLN E 3808 -50.38 -37.10 7.16
CA GLN E 3808 -50.94 -38.03 6.19
C GLN E 3808 -52.20 -38.67 6.76
N ILE E 3809 -52.21 -38.91 8.08
CA ILE E 3809 -53.41 -39.40 8.73
C ILE E 3809 -54.51 -38.36 8.66
N ALA E 3810 -54.12 -37.09 8.74
CA ALA E 3810 -55.11 -36.02 8.60
C ALA E 3810 -55.67 -35.98 7.19
N ALA E 3811 -54.82 -36.32 6.23
CA ALA E 3811 -55.25 -36.43 4.84
C ALA E 3811 -56.22 -37.60 4.69
N GLN E 3812 -56.02 -38.61 5.53
CA GLN E 3812 -56.88 -39.78 5.54
C GLN E 3812 -58.16 -39.48 6.31
N ILE E 3813 -58.19 -38.35 6.99
CA ILE E 3813 -59.36 -37.89 7.72
C ILE E 3813 -59.80 -36.52 7.23
N GLU E 4107 -69.22 -50.46 2.02
CA GLU E 4107 -68.15 -50.58 2.99
C GLU E 4107 -67.47 -49.22 3.22
N VAL E 4108 -67.68 -48.30 2.29
CA VAL E 4108 -67.09 -46.97 2.39
C VAL E 4108 -67.61 -46.25 3.63
N GLN E 4109 -68.85 -46.53 3.98
CA GLN E 4109 -69.46 -45.94 5.17
C GLN E 4109 -68.72 -46.37 6.42
N ARG E 4110 -68.16 -47.58 6.38
CA ARG E 4110 -67.39 -48.08 7.50
C ARG E 4110 -66.14 -47.25 7.69
N VAL E 4111 -65.42 -47.03 6.59
CA VAL E 4111 -64.21 -46.25 6.63
C VAL E 4111 -64.48 -44.80 7.02
N LYS E 4112 -65.63 -44.28 6.60
CA LYS E 4112 -65.97 -42.90 6.88
C LYS E 4112 -66.32 -42.69 8.34
N PHE E 4113 -67.20 -43.56 8.85
CA PHE E 4113 -67.58 -43.49 10.25
C PHE E 4113 -66.40 -43.79 11.15
N LEU E 4114 -65.52 -44.65 10.68
CA LEU E 4114 -64.27 -44.95 11.37
C LEU E 4114 -63.34 -43.75 11.39
N ASN E 4115 -63.38 -42.95 10.33
CA ASN E 4115 -62.56 -41.74 10.26
C ASN E 4115 -63.07 -40.64 11.17
N TYR E 4116 -64.38 -40.42 11.17
CA TYR E 4116 -64.93 -39.47 12.12
C TYR E 4116 -64.72 -39.97 13.53
N LEU E 4117 -64.75 -41.28 13.68
CA LEU E 4117 -64.54 -41.91 14.97
C LEU E 4117 -63.10 -41.68 15.42
N SER E 4118 -62.20 -41.58 14.44
CA SER E 4118 -60.80 -41.38 14.73
C SER E 4118 -60.46 -39.92 15.06
N ARG E 4119 -61.04 -39.00 14.30
CA ARG E 4119 -60.78 -37.58 14.53
C ARG E 4119 -61.40 -37.10 15.85
N ASN E 4120 -62.43 -37.80 16.31
CA ASN E 4120 -63.15 -37.42 17.51
C ASN E 4120 -62.57 -38.09 18.77
N PHE E 4121 -61.45 -38.77 18.59
CA PHE E 4121 -60.92 -39.69 19.61
C PHE E 4121 -60.62 -39.07 20.97
N TYR E 4122 -60.19 -37.81 21.01
CA TYR E 4122 -59.89 -37.19 22.30
C TYR E 4122 -61.15 -36.77 23.04
N THR E 4123 -62.10 -36.20 22.31
CA THR E 4123 -63.38 -35.85 22.90
C THR E 4123 -64.07 -37.13 23.34
N LEU E 4124 -63.81 -38.19 22.59
CA LEU E 4124 -64.31 -39.52 22.93
C LEU E 4124 -63.71 -40.07 24.21
N ARG E 4125 -62.42 -39.82 24.39
CA ARG E 4125 -61.71 -40.31 25.56
C ARG E 4125 -62.19 -39.55 26.79
N PHE E 4126 -62.32 -38.24 26.62
CA PHE E 4126 -62.78 -37.38 27.70
C PHE E 4126 -64.21 -37.74 28.05
N LEU E 4127 -64.98 -38.13 27.04
CA LEU E 4127 -66.33 -38.62 27.26
C LEU E 4127 -66.33 -39.92 28.04
N ALA E 4128 -65.34 -40.77 27.80
CA ALA E 4128 -65.25 -42.01 28.56
C ALA E 4128 -64.94 -41.70 30.02
N LEU E 4129 -64.07 -40.72 30.23
CA LEU E 4129 -63.74 -40.31 31.59
C LEU E 4129 -64.95 -39.70 32.30
N PHE E 4130 -65.78 -38.99 31.53
CA PHE E 4130 -66.99 -38.40 32.06
C PHE E 4130 -67.99 -39.47 32.47
N LEU E 4131 -68.08 -40.50 31.64
CA LEU E 4131 -68.94 -41.62 31.96
C LEU E 4131 -68.42 -42.31 33.20
N ALA E 4132 -67.10 -42.29 33.38
CA ALA E 4132 -66.53 -42.91 34.56
C ALA E 4132 -66.93 -42.14 35.81
N PHE E 4133 -66.77 -40.82 35.79
CA PHE E 4133 -67.18 -40.04 36.96
C PHE E 4133 -68.65 -40.16 37.26
N ALA E 4134 -69.48 -40.15 36.22
CA ALA E 4134 -70.91 -40.13 36.46
C ALA E 4134 -71.39 -41.48 36.97
N ILE E 4135 -70.98 -42.54 36.27
CA ILE E 4135 -71.44 -43.87 36.63
C ILE E 4135 -70.92 -44.24 38.00
N ASN E 4136 -69.63 -44.00 38.23
CA ASN E 4136 -69.07 -44.40 39.51
C ASN E 4136 -69.68 -43.54 40.63
N PHE E 4137 -70.05 -42.32 40.28
CA PHE E 4137 -70.76 -41.48 41.25
C PHE E 4137 -72.11 -42.09 41.59
N ILE E 4138 -72.72 -42.75 40.61
CA ILE E 4138 -73.93 -43.52 40.91
C ILE E 4138 -73.58 -44.73 41.77
N LEU E 4139 -72.35 -45.24 41.63
CA LEU E 4139 -71.86 -46.32 42.48
C LEU E 4139 -71.69 -45.87 43.91
N LEU E 4140 -71.56 -44.56 44.11
CA LEU E 4140 -71.38 -44.02 45.45
C LEU E 4140 -72.60 -44.28 46.34
N PHE E 4141 -73.75 -44.57 45.73
CA PHE E 4141 -74.98 -44.83 46.46
C PHE E 4141 -75.24 -46.25 47.01
N TYR E 4142 -74.32 -47.18 46.79
CA TYR E 4142 -74.51 -48.58 47.18
C TYR E 4142 -74.67 -48.81 48.68
N LYS E 4143 -75.42 -49.86 49.02
CA LYS E 4143 -75.80 -50.14 50.41
C LYS E 4143 -76.04 -51.65 50.57
N VAL E 4144 -76.05 -52.16 51.80
CA VAL E 4144 -76.24 -53.58 52.04
C VAL E 4144 -77.29 -53.85 53.12
N SER E 4145 -78.01 -54.97 52.98
CA SER E 4145 -78.99 -55.38 53.98
C SER E 4145 -78.77 -56.83 54.40
N VAL E 4190 -75.78 -59.30 51.02
CA VAL E 4190 -76.64 -58.96 49.90
C VAL E 4190 -76.43 -57.50 49.48
N TYR E 4191 -75.65 -57.29 48.43
CA TYR E 4191 -75.39 -55.95 47.91
C TYR E 4191 -76.67 -55.35 47.36
N TYR E 4192 -76.83 -54.04 47.54
CA TYR E 4192 -78.07 -53.38 47.13
C TYR E 4192 -77.81 -51.96 46.66
N PHE E 4193 -78.63 -51.49 45.73
CA PHE E 4193 -78.50 -50.14 45.20
C PHE E 4193 -79.50 -49.20 45.86
N LEU E 4194 -79.07 -48.51 46.91
CA LEU E 4194 -79.96 -47.64 47.67
C LEU E 4194 -80.08 -46.27 47.02
N GLU E 4195 -80.83 -46.22 45.92
CA GLU E 4195 -81.09 -44.98 45.22
C GLU E 4195 -81.91 -44.00 46.06
N GLU E 4196 -81.48 -42.74 46.04
CA GLU E 4196 -82.28 -41.65 46.59
C GLU E 4196 -83.34 -41.27 45.55
N SER E 4197 -84.50 -40.81 46.01
CA SER E 4197 -85.58 -40.34 45.13
C SER E 4197 -85.95 -41.31 44.01
N THR E 4198 -85.58 -40.95 42.78
CA THR E 4198 -86.04 -41.65 41.58
C THR E 4198 -85.60 -43.11 41.50
N GLY E 4199 -86.51 -43.96 41.04
CA GLY E 4199 -86.23 -45.37 40.83
C GLY E 4199 -85.63 -45.77 39.49
N TYR E 4200 -85.66 -44.88 38.51
CA TYR E 4200 -85.17 -45.21 37.18
C TYR E 4200 -83.66 -45.02 37.02
N MET E 4201 -83.05 -44.41 38.03
CA MET E 4201 -81.62 -44.17 37.96
C MET E 4201 -80.82 -45.47 37.98
N GLU E 4202 -81.34 -46.51 38.65
CA GLU E 4202 -80.69 -47.82 38.60
C GLU E 4202 -80.63 -48.36 37.16
N PRO E 4203 -81.76 -48.33 36.42
CA PRO E 4203 -81.64 -48.62 34.99
C PRO E 4203 -80.70 -47.67 34.27
N ALA E 4204 -80.64 -46.41 34.72
CA ALA E 4204 -79.74 -45.46 34.09
C ALA E 4204 -78.29 -45.91 34.26
N LEU E 4205 -77.99 -46.59 35.37
CA LEU E 4205 -76.67 -47.17 35.57
C LEU E 4205 -76.40 -48.25 34.54
N TRP E 4206 -77.45 -48.97 34.15
CA TRP E 4206 -77.34 -50.03 33.16
C TRP E 4206 -77.06 -49.45 31.79
N CYS E 4207 -77.79 -48.40 31.46
CA CYS E 4207 -77.66 -47.76 30.16
C CYS E 4207 -76.30 -47.11 30.03
N LEU E 4208 -75.91 -46.37 31.07
CA LEU E 4208 -74.61 -45.73 31.10
C LEU E 4208 -73.48 -46.75 31.12
N SER E 4209 -73.71 -47.90 31.71
CA SER E 4209 -72.66 -48.92 31.78
C SER E 4209 -72.45 -49.55 30.42
N LEU E 4210 -73.53 -49.95 29.77
CA LEU E 4210 -73.38 -50.54 28.44
C LEU E 4210 -72.82 -49.53 27.48
N LEU E 4211 -73.25 -48.29 27.67
CA LEU E 4211 -72.79 -47.20 26.83
C LEU E 4211 -71.31 -46.94 27.09
N HIS E 4212 -70.87 -47.23 28.30
CA HIS E 4212 -69.49 -47.01 28.66
C HIS E 4212 -68.60 -48.07 28.07
N THR E 4213 -69.04 -49.33 28.13
CA THR E 4213 -68.26 -50.39 27.51
C THR E 4213 -68.21 -50.13 26.02
N LEU E 4214 -69.30 -49.57 25.51
CA LEU E 4214 -69.38 -49.21 24.11
C LEU E 4214 -68.37 -48.14 23.76
N VAL E 4215 -68.26 -47.12 24.61
CA VAL E 4215 -67.28 -46.06 24.40
C VAL E 4215 -65.86 -46.59 24.55
N ALA E 4216 -65.69 -47.63 25.37
CA ALA E 4216 -64.38 -48.18 25.58
C ALA E 4216 -63.90 -48.94 24.36
N PHE E 4217 -64.73 -49.84 23.86
CA PHE E 4217 -64.35 -50.55 22.65
C PHE E 4217 -64.26 -49.60 21.46
N LEU E 4218 -65.13 -48.60 21.45
CA LEU E 4218 -65.15 -47.65 20.37
C LEU E 4218 -63.89 -46.79 20.38
N CYS E 4219 -63.34 -46.56 21.57
CA CYS E 4219 -62.16 -45.72 21.63
C CYS E 4219 -60.91 -46.55 21.40
N ILE E 4220 -60.89 -47.81 21.84
CA ILE E 4220 -59.72 -48.62 21.47
C ILE E 4220 -59.69 -48.88 19.97
N ILE E 4221 -60.86 -49.09 19.37
CA ILE E 4221 -60.90 -49.29 17.92
C ILE E 4221 -60.58 -47.98 17.22
N GLY E 4222 -60.86 -46.85 17.87
CA GLY E 4222 -60.46 -45.59 17.29
C GLY E 4222 -58.97 -45.36 17.37
N TYR E 4223 -58.37 -45.84 18.46
CA TYR E 4223 -56.94 -45.77 18.65
C TYR E 4223 -56.26 -46.66 17.64
N ASN E 4224 -56.96 -47.73 17.27
CA ASN E 4224 -56.44 -48.71 16.33
C ASN E 4224 -56.22 -48.13 14.95
N CYS E 4225 -57.00 -47.12 14.61
CA CYS E 4225 -56.93 -46.54 13.28
C CYS E 4225 -56.34 -45.13 13.31
N LEU E 4226 -55.76 -44.77 14.44
CA LEU E 4226 -55.15 -43.45 14.57
C LEU E 4226 -53.67 -43.57 14.90
N LYS E 4227 -53.34 -43.58 16.18
CA LYS E 4227 -51.94 -43.68 16.61
C LYS E 4227 -51.28 -45.03 16.29
N VAL E 4228 -52.06 -46.10 16.25
CA VAL E 4228 -51.49 -47.42 15.97
C VAL E 4228 -50.74 -47.49 14.63
N PRO E 4229 -51.36 -46.97 13.55
CA PRO E 4229 -50.56 -46.94 12.32
C PRO E 4229 -49.28 -46.14 12.49
N LEU E 4230 -49.30 -45.09 13.30
CA LEU E 4230 -48.06 -44.38 13.58
C LEU E 4230 -47.04 -45.23 14.33
N VAL E 4231 -47.49 -46.10 15.22
CA VAL E 4231 -46.55 -46.94 15.95
C VAL E 4231 -45.93 -47.95 15.01
N ILE E 4232 -46.78 -48.49 14.14
CA ILE E 4232 -46.30 -49.42 13.14
C ILE E 4232 -45.32 -48.71 12.24
N PHE E 4233 -45.61 -47.44 12.00
CA PHE E 4233 -44.73 -46.62 11.20
C PHE E 4233 -43.38 -46.41 11.85
N LYS E 4234 -43.38 -46.33 13.17
CA LYS E 4234 -42.14 -46.07 13.86
C LYS E 4234 -41.30 -47.32 13.90
N ARG E 4235 -41.90 -48.46 14.24
CA ARG E 4235 -41.10 -49.68 14.27
C ARG E 4235 -40.66 -50.12 12.87
N GLU E 4236 -41.50 -49.90 11.86
CA GLU E 4236 -41.07 -50.16 10.48
C GLU E 4236 -39.97 -49.20 10.07
N LYS E 4237 -40.01 -47.99 10.62
CA LYS E 4237 -39.01 -47.00 10.27
C LYS E 4237 -37.67 -47.36 10.84
N GLU E 4238 -37.67 -47.65 12.14
CA GLU E 4238 -36.45 -48.02 12.81
C GLU E 4238 -35.91 -49.32 12.25
N LEU E 4239 -36.82 -50.22 11.88
CA LEU E 4239 -36.38 -51.52 11.42
C LEU E 4239 -35.75 -51.39 10.06
N ALA E 4240 -36.43 -50.66 9.17
CA ALA E 4240 -35.94 -50.50 7.82
C ALA E 4240 -34.64 -49.72 7.80
N ARG E 4241 -34.51 -48.76 8.72
CA ARG E 4241 -33.25 -48.06 8.84
C ARG E 4241 -32.15 -48.98 9.35
N LYS E 4242 -32.52 -49.89 10.26
CA LYS E 4242 -31.57 -50.87 10.77
C LYS E 4242 -31.11 -51.87 9.73
N LEU E 4243 -31.96 -52.19 8.77
CA LEU E 4243 -31.54 -53.06 7.67
C LEU E 4243 -30.72 -52.31 6.65
N GLU E 4244 -31.18 -51.11 6.32
CA GLU E 4244 -30.57 -50.32 5.26
C GLU E 4244 -29.17 -49.85 5.63
N PHE E 4245 -28.94 -49.62 6.92
CA PHE E 4245 -27.63 -49.21 7.41
C PHE E 4245 -27.08 -50.15 8.47
N ASP E 4246 -27.90 -50.44 9.48
CA ASP E 4246 -27.50 -51.26 10.62
C ASP E 4246 -27.14 -52.69 10.21
N GLY E 4247 -27.93 -53.26 9.32
CA GLY E 4247 -27.72 -54.64 8.92
C GLY E 4247 -27.76 -55.57 10.11
N LEU E 4248 -28.67 -55.30 11.04
CA LEU E 4248 -28.79 -56.09 12.26
C LEU E 4248 -29.15 -57.53 11.93
N TYR E 4249 -30.06 -57.71 10.97
CA TYR E 4249 -30.42 -59.03 10.52
C TYR E 4249 -29.41 -59.51 9.51
N ILE E 4250 -28.99 -58.62 8.62
CA ILE E 4250 -27.96 -58.97 7.66
C ILE E 4250 -26.66 -59.26 8.36
N THR E 4251 -26.32 -58.45 9.35
CA THR E 4251 -25.14 -58.74 10.18
C THR E 4251 -25.41 -58.95 11.68
N GLU E 4252 -26.05 -57.98 12.31
CA GLU E 4252 -26.12 -57.90 13.78
C GLU E 4252 -26.84 -59.03 14.52
N GLN E 4253 -28.00 -59.44 14.04
CA GLN E 4253 -28.78 -60.51 14.67
C GLN E 4253 -29.56 -60.01 15.91
N PRO E 4254 -30.29 -61.00 16.60
CA PRO E 4254 -30.95 -60.50 17.81
C PRO E 4254 -30.33 -61.10 19.07
N GLY E 4255 -30.00 -60.28 20.06
CA GLY E 4255 -29.31 -60.77 21.24
C GLY E 4255 -29.89 -60.53 22.62
N ASP E 4256 -29.95 -61.60 23.41
CA ASP E 4256 -30.16 -61.56 24.86
C ASP E 4256 -31.00 -60.36 25.27
N ASP E 4257 -30.92 -59.30 24.47
CA ASP E 4257 -31.77 -58.13 24.64
C ASP E 4257 -32.45 -57.85 23.31
N ASP E 4258 -33.16 -56.72 23.22
CA ASP E 4258 -33.87 -56.34 22.01
C ASP E 4258 -34.86 -57.44 21.60
N VAL E 4259 -35.60 -57.95 22.57
CA VAL E 4259 -36.51 -59.07 22.31
C VAL E 4259 -37.59 -58.68 21.32
N LYS E 4260 -37.96 -57.41 21.29
CA LYS E 4260 -38.88 -56.92 20.27
C LYS E 4260 -38.21 -56.98 18.90
N GLY E 4261 -36.90 -56.82 18.88
CA GLY E 4261 -36.16 -56.95 17.64
C GLY E 4261 -36.04 -58.41 17.23
N GLN E 4262 -36.01 -59.29 18.23
CA GLN E 4262 -36.07 -60.72 17.94
C GLN E 4262 -37.43 -61.05 17.35
N TRP E 4263 -38.44 -60.31 17.81
CA TRP E 4263 -39.79 -60.37 17.26
C TRP E 4263 -39.83 -59.82 15.84
N ASP E 4264 -38.90 -58.92 15.55
CA ASP E 4264 -38.92 -58.19 14.28
C ASP E 4264 -38.52 -59.04 13.08
N ARG E 4265 -37.97 -60.21 13.32
CA ARG E 4265 -37.55 -61.07 12.23
C ARG E 4265 -38.78 -61.42 11.41
N LEU E 4266 -39.90 -61.61 12.11
CA LEU E 4266 -41.12 -62.10 11.49
C LEU E 4266 -41.64 -61.24 10.35
N VAL E 4267 -41.39 -59.94 10.39
CA VAL E 4267 -42.02 -59.05 9.42
C VAL E 4267 -41.19 -58.86 8.15
N LEU E 4268 -39.88 -59.05 8.26
CA LEU E 4268 -38.99 -58.82 7.13
C LEU E 4268 -39.27 -59.77 5.97
N ASN E 4269 -39.82 -60.94 6.30
CA ASN E 4269 -40.21 -61.91 5.28
C ASN E 4269 -41.37 -61.36 4.44
N THR E 4270 -42.18 -60.50 5.04
CA THR E 4270 -43.43 -60.03 4.44
C THR E 4270 -43.26 -59.12 3.22
N PRO E 4271 -43.97 -59.43 2.13
CA PRO E 4271 -44.08 -58.59 0.94
C PRO E 4271 -44.66 -57.19 1.21
N SER E 4272 -45.54 -57.10 2.19
CA SER E 4272 -46.25 -55.86 2.52
C SER E 4272 -45.51 -55.01 3.54
N PHE E 4273 -44.23 -55.31 3.74
CA PHE E 4273 -43.46 -54.76 4.85
C PHE E 4273 -43.46 -53.22 4.96
N PRO E 4274 -43.24 -52.49 3.86
CA PRO E 4274 -43.41 -51.03 4.05
C PRO E 4274 -44.88 -50.60 3.99
N SER E 4275 -45.74 -51.21 4.81
CA SER E 4275 -47.19 -50.95 4.72
C SER E 4275 -47.60 -49.53 5.08
N ASN E 4276 -46.84 -48.87 5.93
CA ASN E 4276 -47.19 -47.53 6.39
C ASN E 4276 -46.02 -46.58 6.31
N TYR E 4277 -44.89 -47.11 5.90
CA TYR E 4277 -43.65 -46.35 5.88
C TYR E 4277 -43.56 -45.55 4.58
N TRP E 4278 -44.57 -45.70 3.72
CA TRP E 4278 -44.73 -44.93 2.48
C TRP E 4278 -43.51 -44.88 1.57
N ASP E 4279 -42.62 -45.85 1.70
CA ASP E 4279 -41.43 -45.87 0.86
C ASP E 4279 -41.09 -47.31 0.53
N LYS E 4280 -41.82 -47.85 -0.45
CA LYS E 4280 -41.85 -49.28 -0.72
C LYS E 4280 -40.51 -49.83 -1.19
N PHE E 4281 -39.68 -48.96 -1.75
CA PHE E 4281 -38.46 -49.38 -2.45
C PHE E 4281 -37.46 -50.07 -1.53
N VAL E 4282 -37.51 -49.74 -0.25
CA VAL E 4282 -36.41 -49.99 0.67
C VAL E 4282 -35.98 -51.44 0.62
N LYS E 4283 -36.96 -52.31 0.52
CA LYS E 4283 -36.70 -53.73 0.60
C LYS E 4283 -35.69 -54.12 -0.47
N ARG E 4284 -36.00 -53.81 -1.72
CA ARG E 4284 -35.09 -54.21 -2.77
C ARG E 4284 -33.76 -53.50 -2.59
N LYS E 4285 -33.85 -52.25 -2.14
CA LYS E 4285 -32.66 -51.44 -2.05
C LYS E 4285 -31.75 -52.04 -1.00
N VAL E 4286 -32.33 -52.74 -0.03
CA VAL E 4286 -31.49 -53.29 1.02
C VAL E 4286 -30.52 -54.31 0.44
N LEU E 4287 -30.95 -55.08 -0.55
CA LEU E 4287 -30.03 -56.08 -1.08
C LEU E 4287 -28.88 -55.37 -1.77
N ASP E 4288 -29.17 -54.22 -2.38
CA ASP E 4288 -28.13 -53.45 -3.03
C ASP E 4288 -27.12 -52.96 -2.01
N LYS E 4289 -27.59 -52.71 -0.80
CA LYS E 4289 -26.71 -52.25 0.25
C LYS E 4289 -25.96 -53.42 0.87
N HIS E 4290 -26.42 -54.64 0.61
CA HIS E 4290 -25.95 -55.76 1.41
C HIS E 4290 -25.77 -57.09 0.70
N GLY E 4291 -26.37 -57.26 -0.48
CA GLY E 4291 -26.31 -58.55 -1.13
C GLY E 4291 -24.93 -58.82 -1.69
N ASP E 4292 -24.18 -57.75 -1.93
CA ASP E 4292 -22.79 -57.85 -2.33
C ASP E 4292 -21.91 -58.43 -1.22
N ILE E 4293 -22.30 -58.17 0.03
CA ILE E 4293 -21.44 -58.48 1.17
C ILE E 4293 -21.22 -59.98 1.35
N PHE E 4294 -22.22 -60.79 1.01
CA PHE E 4294 -22.10 -62.23 1.22
C PHE E 4294 -23.09 -63.09 0.43
N GLY E 4295 -24.33 -62.62 0.28
CA GLY E 4295 -25.33 -63.43 -0.38
C GLY E 4295 -26.46 -62.64 -0.98
N ARG E 4296 -26.39 -62.43 -2.29
CA ARG E 4296 -27.46 -61.75 -3.01
C ARG E 4296 -28.75 -62.55 -2.93
N GLU E 4297 -28.66 -63.84 -3.26
CA GLU E 4297 -29.82 -64.72 -3.17
C GLU E 4297 -30.28 -64.92 -1.74
N ARG E 4298 -29.34 -64.87 -0.80
CA ARG E 4298 -29.70 -65.10 0.59
C ARG E 4298 -30.60 -64.00 1.10
N ILE E 4299 -30.20 -62.75 0.84
CA ILE E 4299 -31.02 -61.60 1.20
C ILE E 4299 -32.28 -61.58 0.34
N ALA E 4300 -32.18 -62.09 -0.88
CA ALA E 4300 -33.31 -62.11 -1.78
C ALA E 4300 -34.40 -63.01 -1.22
N GLU E 4301 -33.98 -64.04 -0.50
CA GLU E 4301 -34.90 -64.93 0.19
C GLU E 4301 -35.35 -64.31 1.50
N LEU E 4302 -34.42 -63.66 2.19
CA LEU E 4302 -34.70 -63.10 3.50
C LEU E 4302 -35.77 -62.02 3.43
N LEU E 4303 -35.78 -61.26 2.35
CA LEU E 4303 -36.80 -60.25 2.14
C LEU E 4303 -37.89 -60.73 1.20
N GLY E 4304 -37.77 -61.98 0.75
CA GLY E 4304 -38.73 -62.56 -0.17
C GLY E 4304 -38.64 -61.97 -1.56
N LEU E 4327 -65.28 -62.54 0.39
CA LEU E 4327 -64.83 -62.04 -0.91
C LEU E 4327 -63.37 -62.42 -1.16
N THR E 4328 -62.77 -61.77 -2.15
CA THR E 4328 -61.36 -61.98 -2.48
C THR E 4328 -60.47 -61.51 -1.33
N TRP E 4329 -61.00 -60.59 -0.54
CA TRP E 4329 -60.26 -59.96 0.56
C TRP E 4329 -59.80 -61.01 1.56
N LEU E 4330 -60.57 -62.09 1.66
CA LEU E 4330 -60.27 -63.15 2.62
C LEU E 4330 -58.91 -63.75 2.33
N MET E 4331 -58.51 -63.74 1.06
CA MET E 4331 -57.18 -64.22 0.70
C MET E 4331 -56.14 -63.11 0.66
N SER E 4332 -56.60 -61.86 0.51
CA SER E 4332 -55.70 -60.76 0.19
C SER E 4332 -54.67 -60.43 1.27
N ILE E 4333 -55.04 -60.60 2.53
CA ILE E 4333 -54.16 -60.24 3.63
C ILE E 4333 -52.96 -61.16 3.80
N ASP E 4334 -51.82 -60.58 4.16
CA ASP E 4334 -50.66 -61.35 4.57
C ASP E 4334 -50.86 -61.91 5.97
N VAL E 4335 -50.23 -63.04 6.24
CA VAL E 4335 -50.42 -63.71 7.52
C VAL E 4335 -49.42 -63.23 8.57
N LYS E 4336 -48.14 -63.35 8.27
CA LYS E 4336 -47.10 -63.01 9.24
C LYS E 4336 -47.09 -61.53 9.60
N TYR E 4337 -47.40 -60.66 8.64
CA TYR E 4337 -47.39 -59.24 8.92
C TYR E 4337 -48.48 -58.84 9.90
N GLN E 4338 -49.60 -59.55 9.87
CA GLN E 4338 -50.69 -59.21 10.77
C GLN E 4338 -50.44 -59.71 12.17
N ILE E 4339 -49.79 -60.86 12.30
CA ILE E 4339 -49.42 -61.38 13.60
C ILE E 4339 -48.37 -60.51 14.23
N TRP E 4340 -47.37 -60.16 13.42
CA TRP E 4340 -46.31 -59.27 13.86
C TRP E 4340 -46.85 -57.90 14.20
N LYS E 4341 -47.87 -57.48 13.46
CA LYS E 4341 -48.48 -56.17 13.69
C LYS E 4341 -49.26 -56.20 15.00
N PHE E 4342 -49.94 -57.30 15.26
CA PHE E 4342 -50.65 -57.44 16.52
C PHE E 4342 -49.66 -57.47 17.67
N GLY E 4343 -48.48 -58.00 17.41
CA GLY E 4343 -47.46 -57.95 18.46
C GLY E 4343 -46.94 -56.54 18.67
N VAL E 4344 -46.78 -55.77 17.59
CA VAL E 4344 -46.30 -54.40 17.74
C VAL E 4344 -47.34 -53.56 18.47
N ILE E 4345 -48.60 -53.90 18.23
CA ILE E 4345 -49.71 -53.18 18.84
C ILE E 4345 -49.82 -53.51 20.32
N PHE E 4346 -49.77 -54.80 20.64
CA PHE E 4346 -49.85 -55.21 22.04
C PHE E 4346 -48.65 -54.78 22.86
N THR E 4347 -47.47 -54.73 22.24
CA THR E 4347 -46.29 -54.26 22.96
C THR E 4347 -46.35 -52.76 23.27
N ASP E 4348 -47.13 -52.01 22.49
CA ASP E 4348 -47.27 -50.58 22.77
C ASP E 4348 -47.93 -50.44 24.13
N ASN E 4349 -47.38 -49.56 24.96
CA ASN E 4349 -47.93 -49.39 26.30
C ASN E 4349 -49.33 -48.78 26.30
N SER E 4350 -49.59 -47.90 25.34
CA SER E 4350 -50.83 -47.15 25.35
C SER E 4350 -52.01 -48.03 25.00
N PHE E 4351 -51.87 -48.83 23.94
CA PHE E 4351 -52.94 -49.72 23.56
C PHE E 4351 -53.15 -50.79 24.61
N LEU E 4352 -52.08 -51.19 25.28
CA LEU E 4352 -52.20 -52.14 26.35
C LEU E 4352 -53.01 -51.52 27.48
N TYR E 4353 -52.84 -50.22 27.67
CA TYR E 4353 -53.58 -49.54 28.72
C TYR E 4353 -55.05 -49.39 28.38
N LEU E 4354 -55.35 -48.92 27.18
CA LEU E 4354 -56.74 -48.75 26.77
C LEU E 4354 -57.45 -50.10 26.68
N GLY E 4355 -56.71 -51.13 26.31
CA GLY E 4355 -57.27 -52.46 26.23
C GLY E 4355 -57.55 -53.02 27.61
N TRP E 4356 -56.67 -52.71 28.56
CA TRP E 4356 -56.91 -53.09 29.94
C TRP E 4356 -58.13 -52.35 30.48
N TYR E 4357 -58.28 -51.13 30.01
CA TYR E 4357 -59.41 -50.28 30.38
C TYR E 4357 -60.69 -50.89 29.83
N MET E 4358 -60.57 -51.53 28.67
CA MET E 4358 -61.71 -52.19 28.07
C MET E 4358 -62.07 -53.46 28.82
N VAL E 4359 -61.08 -54.29 29.12
CA VAL E 4359 -61.37 -55.55 29.77
C VAL E 4359 -61.91 -55.27 31.17
N MET E 4360 -61.46 -54.18 31.79
CA MET E 4360 -62.10 -53.70 33.01
C MET E 4360 -63.51 -53.17 32.78
N SER E 4361 -63.79 -52.63 31.60
CA SER E 4361 -65.18 -52.28 31.30
C SER E 4361 -66.06 -53.53 31.20
N LEU E 4362 -65.50 -54.61 30.66
CA LEU E 4362 -66.18 -55.89 30.58
C LEU E 4362 -66.38 -56.50 31.96
N LEU E 4363 -65.41 -56.28 32.84
CA LEU E 4363 -65.57 -56.71 34.22
C LEU E 4363 -66.59 -55.80 34.89
N GLY E 4364 -66.80 -54.63 34.30
CA GLY E 4364 -67.86 -53.76 34.74
C GLY E 4364 -69.20 -54.32 34.32
N HIS E 4365 -69.22 -54.98 33.16
CA HIS E 4365 -70.39 -55.75 32.78
C HIS E 4365 -70.58 -56.93 33.73
N TYR E 4366 -69.48 -57.45 34.26
CA TYR E 4366 -69.57 -58.51 35.25
C TYR E 4366 -69.92 -57.99 36.65
N ASN E 4367 -69.31 -56.87 37.02
CA ASN E 4367 -69.54 -56.29 38.33
C ASN E 4367 -69.19 -54.81 38.33
N ASN E 4368 -69.97 -54.01 39.03
CA ASN E 4368 -69.81 -52.57 38.98
C ASN E 4368 -68.56 -52.02 39.66
N PHE E 4369 -67.97 -52.78 40.56
CA PHE E 4369 -66.80 -52.28 41.30
C PHE E 4369 -65.45 -52.47 40.63
N PHE E 4370 -65.31 -53.51 39.82
CA PHE E 4370 -64.15 -53.58 38.93
C PHE E 4370 -64.25 -52.47 37.91
N PHE E 4371 -65.49 -52.07 37.64
CA PHE E 4371 -65.82 -50.99 36.74
C PHE E 4371 -65.32 -49.65 37.31
N ALA E 4372 -65.17 -49.63 38.63
CA ALA E 4372 -64.86 -48.41 39.38
C ALA E 4372 -63.37 -48.08 39.34
N ALA E 4373 -62.58 -48.98 38.75
CA ALA E 4373 -61.14 -48.78 38.63
C ALA E 4373 -60.84 -47.80 37.51
N HIS E 4374 -61.88 -47.43 36.77
CA HIS E 4374 -61.75 -46.52 35.64
C HIS E 4374 -61.46 -45.08 36.05
N LEU E 4375 -61.61 -44.77 37.32
CA LEU E 4375 -61.23 -43.45 37.81
C LEU E 4375 -59.74 -43.25 37.64
N LEU E 4376 -59.01 -44.36 37.56
CA LEU E 4376 -57.58 -44.35 37.34
C LEU E 4376 -57.26 -43.74 35.98
N ASP E 4377 -58.25 -43.68 35.10
CA ASP E 4377 -58.08 -43.07 33.80
C ASP E 4377 -57.69 -41.60 33.97
N ILE E 4378 -58.11 -41.00 35.09
CA ILE E 4378 -57.79 -39.59 35.34
C ILE E 4378 -56.28 -39.42 35.49
N ALA E 4379 -55.59 -40.48 35.87
CA ALA E 4379 -54.15 -40.45 36.09
C ALA E 4379 -53.41 -40.11 34.80
N MET E 4380 -54.02 -40.45 33.68
CA MET E 4380 -53.48 -40.05 32.39
C MET E 4380 -54.57 -39.44 31.53
N GLY E 4381 -55.63 -38.98 32.17
CA GLY E 4381 -56.71 -38.30 31.48
C GLY E 4381 -56.40 -36.83 31.30
N VAL E 4382 -56.63 -36.05 32.35
CA VAL E 4382 -56.32 -34.63 32.30
C VAL E 4382 -54.81 -34.43 32.17
N LYS E 4383 -54.41 -33.47 31.34
CA LYS E 4383 -52.99 -33.24 31.11
C LYS E 4383 -52.30 -32.71 32.36
N THR E 4384 -53.04 -31.96 33.18
CA THR E 4384 -52.45 -31.30 34.34
C THR E 4384 -51.96 -32.24 35.43
N LEU E 4385 -52.61 -33.39 35.57
CA LEU E 4385 -52.27 -34.30 36.65
C LEU E 4385 -51.20 -35.28 36.21
N ARG E 4386 -51.11 -35.48 34.90
CA ARG E 4386 -50.13 -36.41 34.36
C ARG E 4386 -48.75 -35.90 34.70
N THR E 4387 -48.60 -34.59 34.74
CA THR E 4387 -47.32 -33.99 35.09
C THR E 4387 -46.97 -34.33 36.53
N ILE E 4388 -48.00 -34.45 37.37
CA ILE E 4388 -47.78 -34.71 38.78
C ILE E 4388 -47.42 -36.16 39.03
N LEU E 4389 -48.22 -37.09 38.49
CA LEU E 4389 -47.85 -38.49 38.66
C LEU E 4389 -46.56 -38.86 37.93
N SER E 4390 -46.31 -38.22 36.79
CA SER E 4390 -45.06 -38.44 36.09
C SER E 4390 -43.93 -37.88 36.92
N SER E 4391 -44.24 -36.81 37.66
CA SER E 4391 -43.26 -36.23 38.55
C SER E 4391 -42.93 -37.26 39.60
N VAL E 4392 -43.95 -37.99 40.01
CA VAL E 4392 -43.77 -39.06 40.98
C VAL E 4392 -42.95 -40.23 40.42
N THR E 4393 -43.09 -40.48 39.12
CA THR E 4393 -42.54 -41.71 38.58
C THR E 4393 -41.17 -41.62 37.91
N HIS E 4394 -40.82 -40.46 37.35
CA HIS E 4394 -39.58 -40.41 36.57
C HIS E 4394 -38.41 -40.65 37.49
N ASN E 4395 -38.58 -40.25 38.74
CA ASN E 4395 -37.59 -40.47 39.78
C ASN E 4395 -37.93 -41.72 40.56
N GLY E 4396 -38.97 -42.43 40.12
CA GLY E 4396 -39.61 -43.43 40.95
C GLY E 4396 -38.94 -44.77 41.15
N LYS E 4397 -37.95 -45.13 40.35
CA LYS E 4397 -37.22 -46.37 40.63
C LYS E 4397 -36.50 -46.21 41.97
N GLN E 4398 -36.04 -44.99 42.20
CA GLN E 4398 -35.36 -44.64 43.43
C GLN E 4398 -36.35 -44.79 44.56
N LEU E 4399 -37.61 -44.51 44.25
CA LEU E 4399 -38.67 -44.51 45.25
C LEU E 4399 -39.09 -45.91 45.65
N VAL E 4400 -39.25 -46.78 44.66
CA VAL E 4400 -39.63 -48.14 44.92
C VAL E 4400 -38.50 -48.85 45.64
N MET E 4401 -37.28 -48.62 45.17
CA MET E 4401 -36.16 -49.28 45.80
C MET E 4401 -35.99 -48.74 47.21
N THR E 4402 -36.36 -47.47 47.41
CA THR E 4402 -36.35 -46.90 48.76
C THR E 4402 -37.39 -47.58 49.65
N VAL E 4403 -38.51 -47.95 49.06
CA VAL E 4403 -39.52 -48.70 49.81
C VAL E 4403 -38.97 -50.07 50.20
N GLY E 4404 -38.16 -50.64 49.32
CA GLY E 4404 -37.61 -51.94 49.59
C GLY E 4404 -36.62 -51.80 50.73
N LEU E 4405 -35.90 -50.69 50.72
CA LEU E 4405 -34.96 -50.39 51.79
C LEU E 4405 -35.69 -50.19 53.11
N LEU E 4406 -36.90 -49.65 53.04
CA LEU E 4406 -37.70 -49.51 54.25
C LEU E 4406 -38.07 -50.88 54.77
N ALA E 4407 -38.42 -51.78 53.84
CA ALA E 4407 -38.77 -53.13 54.25
C ALA E 4407 -37.57 -53.83 54.89
N VAL E 4408 -36.39 -53.52 54.37
CA VAL E 4408 -35.18 -54.16 54.86
C VAL E 4408 -34.77 -53.65 56.24
N VAL E 4409 -34.78 -52.33 56.43
CA VAL E 4409 -34.41 -51.79 57.71
C VAL E 4409 -35.40 -52.22 58.77
N VAL E 4410 -36.67 -52.22 58.38
CA VAL E 4410 -37.70 -52.65 59.30
C VAL E 4410 -37.50 -54.11 59.60
N TYR E 4411 -37.00 -54.87 58.64
CA TYR E 4411 -36.68 -56.25 58.91
C TYR E 4411 -35.48 -56.43 59.86
N LEU E 4412 -34.52 -55.51 59.82
CA LEU E 4412 -33.40 -55.62 60.75
C LEU E 4412 -33.94 -55.38 62.15
N TYR E 4413 -34.81 -54.39 62.25
CA TYR E 4413 -35.44 -54.14 63.53
C TYR E 4413 -36.38 -55.25 63.99
N THR E 4414 -37.02 -55.95 63.07
CA THR E 4414 -37.83 -57.09 63.48
C THR E 4414 -36.92 -58.23 63.87
N VAL E 4415 -35.68 -58.23 63.41
CA VAL E 4415 -34.74 -59.24 63.88
C VAL E 4415 -34.38 -58.96 65.32
N VAL E 4416 -33.94 -57.73 65.58
CA VAL E 4416 -33.48 -57.43 66.94
C VAL E 4416 -34.64 -57.52 67.93
N ALA E 4417 -35.83 -57.12 67.47
CA ALA E 4417 -37.03 -57.28 68.28
C ALA E 4417 -37.38 -58.74 68.46
N PHE E 4418 -37.08 -59.54 67.45
CA PHE E 4418 -37.37 -60.97 67.52
C PHE E 4418 -36.52 -61.59 68.60
N ASN E 4419 -35.35 -61.01 68.80
CA ASN E 4419 -34.51 -61.47 69.89
C ASN E 4419 -34.84 -60.80 71.20
N PHE E 4420 -34.18 -59.67 71.44
CA PHE E 4420 -34.06 -59.13 72.79
C PHE E 4420 -35.37 -58.64 73.39
N PHE E 4421 -36.30 -58.24 72.53
CA PHE E 4421 -37.45 -57.44 72.97
C PHE E 4421 -38.78 -58.17 72.81
N ARG E 4422 -38.69 -59.50 72.73
CA ARG E 4422 -39.85 -60.34 72.41
C ARG E 4422 -40.97 -60.29 73.45
N LYS E 4423 -40.63 -60.06 74.70
CA LYS E 4423 -41.60 -60.04 75.79
C LYS E 4423 -42.55 -58.84 75.67
N PHE E 4424 -42.10 -57.83 74.93
CA PHE E 4424 -42.78 -56.54 74.85
C PHE E 4424 -43.96 -56.46 73.88
N TYR E 4425 -44.20 -57.52 73.10
CA TYR E 4425 -45.26 -57.49 72.09
C TYR E 4425 -46.58 -58.13 72.49
N ASN E 4426 -47.04 -57.83 73.70
CA ASN E 4426 -48.35 -58.33 74.13
C ASN E 4426 -49.49 -57.75 73.29
N LYS E 4427 -50.46 -58.59 72.96
CA LYS E 4427 -51.68 -58.15 72.29
C LYS E 4427 -52.82 -58.07 73.30
N SER E 4428 -52.45 -58.17 74.58
CA SER E 4428 -53.44 -58.33 75.65
C SER E 4428 -54.35 -57.13 75.81
N GLU E 4429 -55.55 -57.24 75.25
CA GLU E 4429 -56.59 -56.25 75.50
C GLU E 4429 -56.92 -56.31 76.98
N ASP E 4430 -57.05 -55.15 77.61
CA ASP E 4430 -57.32 -55.04 79.05
C ASP E 4430 -56.29 -55.80 79.91
N GLU E 4431 -56.52 -55.82 81.21
CA GLU E 4431 -55.60 -56.47 82.14
C GLU E 4431 -55.53 -58.00 82.04
N ASP E 4432 -54.31 -58.53 82.15
CA ASP E 4432 -54.03 -59.92 82.47
C ASP E 4432 -54.76 -60.98 81.66
N GLU E 4433 -55.09 -60.69 80.42
CA GLU E 4433 -55.65 -61.70 79.54
C GLU E 4433 -54.57 -62.66 79.05
N PRO E 4434 -54.94 -63.92 78.82
CA PRO E 4434 -54.05 -64.70 77.95
C PRO E 4434 -54.07 -64.02 76.58
N ASP E 4435 -52.95 -64.01 75.87
CA ASP E 4435 -52.85 -63.09 74.75
C ASP E 4435 -51.93 -63.53 73.64
N MET E 4436 -52.19 -63.01 72.44
CA MET E 4436 -51.24 -63.08 71.36
C MET E 4436 -50.03 -62.24 71.73
N LYS E 4437 -48.87 -62.72 71.34
CA LYS E 4437 -47.63 -61.98 71.46
C LYS E 4437 -46.79 -62.47 70.32
N CYS E 4438 -46.56 -61.63 69.32
CA CYS E 4438 -46.02 -62.12 68.07
C CYS E 4438 -44.65 -62.74 68.31
N ASP E 4439 -44.47 -63.93 67.75
CA ASP E 4439 -43.35 -64.78 68.04
C ASP E 4439 -42.89 -65.46 66.76
N ASP E 4440 -43.84 -65.69 65.85
CA ASP E 4440 -43.45 -66.06 64.52
C ASP E 4440 -42.72 -64.85 63.96
N MET E 4441 -41.59 -65.09 63.32
CA MET E 4441 -40.80 -64.02 62.77
C MET E 4441 -41.59 -63.30 61.69
N MET E 4442 -42.41 -64.07 60.98
CA MET E 4442 -43.25 -63.52 59.93
C MET E 4442 -44.34 -62.63 60.51
N THR E 4443 -44.99 -63.10 61.57
CA THR E 4443 -46.04 -62.30 62.19
C THR E 4443 -45.45 -61.06 62.84
N CYS E 4444 -44.22 -61.18 63.32
CA CYS E 4444 -43.60 -60.05 63.99
C CYS E 4444 -43.23 -58.97 62.98
N TYR E 4445 -42.56 -59.38 61.91
CA TYR E 4445 -42.19 -58.45 60.85
C TYR E 4445 -43.40 -57.83 60.21
N LEU E 4446 -44.46 -58.63 60.07
CA LEU E 4446 -45.69 -58.13 59.52
C LEU E 4446 -46.30 -57.13 60.48
N PHE E 4447 -46.10 -57.35 61.78
CA PHE E 4447 -46.54 -56.40 62.79
C PHE E 4447 -45.75 -55.11 62.72
N HIS E 4448 -44.50 -55.19 62.30
CA HIS E 4448 -43.70 -53.98 62.20
C HIS E 4448 -44.04 -53.16 60.97
N MET E 4449 -44.21 -53.81 59.83
CA MET E 4449 -44.67 -53.05 58.67
C MET E 4449 -46.11 -52.55 58.85
N TYR E 4450 -46.93 -53.29 59.59
CA TYR E 4450 -48.34 -52.94 59.72
C TYR E 4450 -48.55 -51.88 60.78
N VAL E 4451 -47.53 -51.64 61.59
CA VAL E 4451 -47.68 -50.74 62.72
C VAL E 4451 -46.53 -49.77 62.86
N GLY E 4452 -45.31 -50.30 62.97
CA GLY E 4452 -44.18 -49.43 63.26
C GLY E 4452 -43.88 -48.48 62.13
N VAL E 4453 -44.04 -48.94 60.89
CA VAL E 4453 -43.97 -48.04 59.75
C VAL E 4453 -45.12 -47.05 59.76
N ARG E 4454 -46.28 -47.55 60.16
CA ARG E 4454 -47.54 -46.80 60.14
C ARG E 4454 -47.90 -46.00 61.37
N ALA E 4455 -47.02 -46.11 62.37
CA ALA E 4455 -47.19 -45.56 63.69
C ALA E 4455 -47.30 -44.06 63.66
N GLY E 4456 -46.56 -43.42 62.75
CA GLY E 4456 -46.55 -41.98 62.76
C GLY E 4456 -46.10 -41.52 64.13
N GLY E 4457 -44.91 -41.97 64.50
CA GLY E 4457 -44.38 -41.73 65.82
C GLY E 4457 -43.88 -43.01 66.46
N GLY E 4458 -43.24 -43.83 65.63
CA GLY E 4458 -42.35 -44.86 66.08
C GLY E 4458 -43.05 -46.13 66.47
N ILE E 4459 -42.28 -47.19 66.65
CA ILE E 4459 -42.81 -48.43 67.14
C ILE E 4459 -43.31 -48.31 68.58
N GLY E 4460 -42.59 -47.57 69.40
CA GLY E 4460 -42.75 -47.67 70.83
C GLY E 4460 -44.12 -47.19 71.25
N ASP E 4461 -44.86 -46.69 70.28
CA ASP E 4461 -46.26 -46.36 70.45
C ASP E 4461 -47.00 -47.64 70.76
N GLU E 4462 -46.58 -48.73 70.14
CA GLU E 4462 -47.29 -50.00 70.27
C GLU E 4462 -46.31 -51.05 70.72
N ILE E 4463 -45.86 -50.90 71.95
CA ILE E 4463 -45.10 -51.91 72.64
C ILE E 4463 -45.35 -51.47 74.05
N GLU E 4464 -45.18 -52.35 75.02
CA GLU E 4464 -45.40 -51.93 76.39
C GLU E 4464 -44.11 -51.30 76.83
N ASP E 4465 -44.17 -50.01 77.12
CA ASP E 4465 -42.97 -49.20 77.24
C ASP E 4465 -42.13 -49.78 78.34
N PRO E 4466 -40.77 -49.89 78.05
CA PRO E 4466 -40.03 -50.56 79.12
C PRO E 4466 -40.11 -49.75 80.40
N ALA E 4467 -40.44 -50.44 81.48
CA ALA E 4467 -40.31 -49.88 82.80
C ALA E 4467 -39.50 -50.88 83.60
N GLY E 4468 -38.41 -50.42 84.19
CA GLY E 4468 -37.65 -51.25 85.08
C GLY E 4468 -36.83 -52.35 84.43
N ASP E 4469 -36.70 -52.34 83.10
CA ASP E 4469 -35.77 -53.30 82.50
C ASP E 4469 -34.47 -52.59 82.07
N GLU E 4470 -33.35 -53.29 82.11
CA GLU E 4470 -32.15 -52.81 81.43
C GLU E 4470 -32.42 -52.83 79.93
N TYR E 4471 -33.21 -53.83 79.53
CA TYR E 4471 -33.65 -53.97 78.15
C TYR E 4471 -34.64 -52.86 77.79
N GLU E 4472 -35.24 -52.26 78.80
CA GLU E 4472 -36.02 -51.05 78.63
C GLU E 4472 -35.09 -49.95 78.14
N LEU E 4473 -33.88 -49.93 78.69
CA LEU E 4473 -32.92 -48.89 78.38
C LEU E 4473 -32.34 -49.13 77.00
N TYR E 4474 -32.02 -50.38 76.68
CA TYR E 4474 -31.57 -50.65 75.31
C TYR E 4474 -32.66 -50.40 74.29
N ARG E 4475 -33.91 -50.70 74.63
CA ARG E 4475 -34.91 -50.56 73.59
C ARG E 4475 -35.38 -49.13 73.51
N VAL E 4476 -34.99 -48.28 74.45
CA VAL E 4476 -35.26 -46.87 74.16
C VAL E 4476 -34.39 -46.47 72.99
N VAL E 4477 -33.16 -46.97 72.97
CA VAL E 4477 -32.28 -46.74 71.84
C VAL E 4477 -32.83 -47.42 70.60
N PHE E 4478 -33.47 -48.57 70.79
CA PHE E 4478 -34.07 -49.28 69.66
C PHE E 4478 -35.21 -48.48 69.04
N ASP E 4479 -36.10 -48.02 69.90
CA ASP E 4479 -37.27 -47.26 69.53
C ASP E 4479 -36.89 -45.92 68.91
N ILE E 4480 -35.81 -45.31 69.40
CA ILE E 4480 -35.38 -44.04 68.85
C ILE E 4480 -34.72 -44.20 67.50
N THR E 4481 -33.83 -45.19 67.38
CA THR E 4481 -33.21 -45.41 66.09
C THR E 4481 -34.24 -45.84 65.07
N PHE E 4482 -35.24 -46.59 65.51
CA PHE E 4482 -36.32 -46.95 64.61
C PHE E 4482 -37.15 -45.73 64.24
N PHE E 4483 -37.33 -44.83 65.19
CA PHE E 4483 -38.12 -43.64 64.96
C PHE E 4483 -37.43 -42.70 64.00
N PHE E 4484 -36.11 -42.75 63.98
CA PHE E 4484 -35.36 -41.94 63.03
C PHE E 4484 -35.27 -42.60 61.68
N PHE E 4485 -34.61 -43.76 61.63
CA PHE E 4485 -34.29 -44.37 60.33
C PHE E 4485 -35.52 -44.75 59.52
N VAL E 4486 -36.57 -45.19 60.19
CA VAL E 4486 -37.76 -45.64 59.48
C VAL E 4486 -38.77 -44.52 59.27
N ILE E 4487 -38.89 -43.65 60.27
CA ILE E 4487 -39.91 -42.61 60.23
C ILE E 4487 -39.32 -41.27 59.85
N VAL E 4488 -38.42 -40.76 60.69
CA VAL E 4488 -37.81 -39.46 60.46
C VAL E 4488 -36.96 -39.44 59.20
N ILE E 4489 -36.41 -40.59 58.81
CA ILE E 4489 -35.52 -40.61 57.66
C ILE E 4489 -36.14 -41.18 56.37
N LEU E 4490 -36.38 -42.48 56.30
CA LEU E 4490 -36.82 -43.07 55.03
C LEU E 4490 -38.15 -42.55 54.52
N LEU E 4491 -39.09 -42.27 55.43
CA LEU E 4491 -40.34 -41.65 55.01
C LEU E 4491 -40.03 -40.27 54.49
N ALA E 4492 -39.09 -39.58 55.15
CA ALA E 4492 -38.65 -38.29 54.66
C ALA E 4492 -37.91 -38.43 53.34
N ILE E 4493 -37.19 -39.54 53.17
CA ILE E 4493 -36.47 -39.76 51.92
C ILE E 4493 -37.48 -39.92 50.79
N ILE E 4494 -38.63 -40.51 51.08
CA ILE E 4494 -39.69 -40.56 50.09
C ILE E 4494 -40.31 -39.20 49.81
N GLN E 4495 -40.65 -38.51 50.89
CA GLN E 4495 -41.40 -37.26 50.81
C GLN E 4495 -40.60 -36.24 50.04
N GLY E 4496 -39.29 -36.29 50.21
CA GLY E 4496 -38.41 -35.42 49.46
C GLY E 4496 -37.89 -35.99 48.17
N LEU E 4497 -38.01 -37.29 47.99
CA LEU E 4497 -37.67 -37.85 46.69
C LEU E 4497 -38.68 -37.34 45.70
N ILE E 4498 -39.92 -37.24 46.14
CA ILE E 4498 -40.96 -36.71 45.29
C ILE E 4498 -40.68 -35.25 44.97
N ILE E 4499 -40.13 -34.54 45.95
CA ILE E 4499 -39.90 -33.12 45.81
C ILE E 4499 -38.77 -32.84 44.86
N ASP E 4500 -37.70 -33.59 45.04
CA ASP E 4500 -36.54 -33.43 44.18
C ASP E 4500 -36.97 -33.82 42.78
N ALA E 4501 -37.91 -34.77 42.69
CA ALA E 4501 -38.49 -35.07 41.39
C ALA E 4501 -39.27 -33.90 40.80
N PHE E 4502 -39.94 -33.13 41.66
CA PHE E 4502 -40.64 -31.93 41.19
C PHE E 4502 -39.67 -30.91 40.63
N GLY E 4503 -38.62 -30.66 41.40
CA GLY E 4503 -37.68 -29.63 41.02
C GLY E 4503 -36.87 -30.03 39.80
N GLU E 4504 -36.54 -31.31 39.70
CA GLU E 4504 -35.83 -31.78 38.50
C GLU E 4504 -36.74 -31.72 37.28
N LEU E 4505 -38.02 -32.05 37.48
CA LEU E 4505 -38.91 -32.09 36.34
C LEU E 4505 -39.14 -30.70 35.80
N ARG E 4506 -39.42 -29.74 36.67
CA ARG E 4506 -39.55 -28.38 36.15
C ARG E 4506 -38.21 -27.85 35.64
N ASP E 4507 -37.11 -28.26 36.27
CA ASP E 4507 -35.81 -27.71 35.88
C ASP E 4507 -35.51 -28.14 34.45
N GLN E 4508 -35.96 -29.32 34.06
CA GLN E 4508 -35.78 -29.72 32.67
C GLN E 4508 -36.58 -28.82 31.74
N GLN E 4509 -37.76 -28.39 32.18
CA GLN E 4509 -38.56 -27.46 31.41
C GLN E 4509 -37.84 -26.14 31.28
N GLU E 4510 -37.12 -25.80 32.34
CA GLU E 4510 -36.42 -24.54 32.40
C GLU E 4510 -35.24 -24.56 31.45
N GLN E 4511 -34.50 -25.66 31.42
CA GLN E 4511 -33.40 -25.79 30.48
C GLN E 4511 -33.89 -25.86 29.05
N VAL E 4512 -35.08 -26.42 28.83
CA VAL E 4512 -35.63 -26.42 27.48
C VAL E 4512 -35.97 -25.01 27.05
N LYS E 4513 -36.60 -24.26 27.94
CA LYS E 4513 -36.93 -22.88 27.61
C LYS E 4513 -35.68 -22.04 27.44
N GLU E 4514 -34.61 -22.35 28.19
CA GLU E 4514 -33.37 -21.59 28.08
C GLU E 4514 -32.68 -21.87 26.76
N ASP E 4515 -32.58 -23.14 26.41
CA ASP E 4515 -31.95 -23.48 25.15
C ASP E 4515 -32.77 -22.97 23.98
N MET E 4516 -34.09 -22.89 24.14
CA MET E 4516 -34.88 -22.18 23.12
C MET E 4516 -34.59 -20.68 23.09
N GLU E 4517 -34.35 -20.08 24.26
CA GLU E 4517 -34.07 -18.65 24.32
C GLU E 4517 -32.73 -18.27 23.72
N THR E 4518 -31.77 -19.19 23.75
CA THR E 4518 -30.41 -18.86 23.38
C THR E 4518 -29.96 -19.54 22.11
N LYS E 4519 -29.42 -20.75 22.26
CA LYS E 4519 -28.93 -21.51 21.12
C LYS E 4519 -30.06 -21.84 20.15
N CYS E 4520 -29.83 -21.66 18.86
CA CYS E 4520 -30.81 -22.11 17.88
C CYS E 4520 -30.87 -23.62 17.91
N PHE E 4521 -32.07 -24.18 17.74
CA PHE E 4521 -32.21 -25.62 17.84
C PHE E 4521 -31.44 -26.36 16.75
N ILE E 4522 -31.26 -25.70 15.62
CA ILE E 4522 -30.67 -26.35 14.45
C ILE E 4522 -29.23 -25.94 14.24
N CYS E 4523 -29.03 -24.72 13.74
CA CYS E 4523 -27.69 -24.21 13.48
C CYS E 4523 -26.92 -24.01 14.78
N GLY E 4524 -27.62 -23.80 15.87
CA GLY E 4524 -26.96 -23.55 17.14
C GLY E 4524 -26.62 -22.09 17.34
N ILE E 4525 -25.34 -21.76 17.16
CA ILE E 4525 -24.84 -20.39 17.21
C ILE E 4525 -25.10 -19.70 18.55
N GLY E 4526 -26.37 -19.51 18.88
CA GLY E 4526 -26.75 -18.80 20.08
C GLY E 4526 -27.39 -17.46 19.79
N SER E 4527 -28.30 -17.05 20.66
CA SER E 4527 -29.14 -15.89 20.41
C SER E 4527 -28.36 -14.60 20.34
N ASP E 4528 -27.26 -14.53 21.07
CA ASP E 4528 -26.50 -13.29 21.17
C ASP E 4528 -25.95 -12.84 19.82
N TYR E 4529 -25.58 -13.80 18.98
CA TYR E 4529 -25.05 -13.45 17.67
C TYR E 4529 -26.07 -12.80 16.76
N PHE E 4530 -27.33 -13.23 16.86
CA PHE E 4530 -28.35 -12.76 15.94
C PHE E 4530 -29.03 -11.49 16.42
N ASP E 4531 -28.74 -11.08 17.65
CA ASP E 4531 -29.29 -9.84 18.15
C ASP E 4531 -28.47 -8.66 17.66
N THR E 4532 -27.33 -8.94 17.04
CA THR E 4532 -26.49 -7.86 16.54
C THR E 4532 -27.23 -7.07 15.45
N THR E 4533 -28.04 -7.75 14.66
CA THR E 4533 -29.07 -7.08 13.88
C THR E 4533 -30.24 -6.83 14.82
N PRO E 4534 -30.94 -5.69 14.66
CA PRO E 4534 -32.03 -5.48 15.62
C PRO E 4534 -33.11 -6.53 15.53
N HIS E 4535 -33.67 -6.91 16.68
CA HIS E 4535 -34.80 -7.81 16.78
C HIS E 4535 -34.54 -9.11 16.01
N GLY E 4536 -33.27 -9.43 15.84
CA GLY E 4536 -32.91 -10.47 14.89
C GLY E 4536 -33.08 -11.94 15.21
N PHE E 4537 -32.93 -12.35 16.47
CA PHE E 4537 -32.96 -13.77 16.75
C PHE E 4537 -34.33 -14.39 16.52
N GLU E 4538 -35.37 -13.62 16.80
CA GLU E 4538 -36.72 -14.11 16.60
C GLU E 4538 -36.96 -14.37 15.12
N THR E 4539 -36.37 -13.53 14.28
CA THR E 4539 -36.41 -13.75 12.85
C THR E 4539 -35.54 -14.93 12.44
N HIS E 4540 -34.41 -15.12 13.12
CA HIS E 4540 -33.53 -16.23 12.81
C HIS E 4540 -34.23 -17.54 13.09
N THR E 4541 -35.14 -17.51 14.04
CA THR E 4541 -35.98 -18.67 14.26
C THR E 4541 -37.05 -18.69 13.19
N LEU E 4542 -37.99 -17.76 13.31
CA LEU E 4542 -39.22 -17.78 12.53
C LEU E 4542 -39.01 -17.72 11.02
N GLU E 4543 -37.90 -17.13 10.59
CA GLU E 4543 -37.65 -17.05 9.16
C GLU E 4543 -36.58 -18.05 8.73
N GLU E 4544 -35.38 -17.89 9.29
CA GLU E 4544 -34.21 -18.65 8.85
C GLU E 4544 -34.33 -20.16 9.10
N HIS E 4545 -35.06 -20.55 10.13
CA HIS E 4545 -35.16 -21.97 10.46
C HIS E 4545 -36.56 -22.39 10.85
N ASN E 4546 -37.11 -21.70 11.85
CA ASN E 4546 -38.35 -22.06 12.55
C ASN E 4546 -38.70 -23.52 12.46
N LEU E 4547 -37.65 -24.34 12.53
CA LEU E 4547 -37.77 -25.75 12.86
C LEU E 4547 -38.71 -26.48 11.91
N ALA E 4548 -39.97 -26.04 11.90
CA ALA E 4548 -41.00 -26.65 11.08
C ALA E 4548 -40.78 -26.54 9.57
N ASN E 4549 -40.10 -25.49 9.10
CA ASN E 4549 -39.90 -25.39 7.66
C ASN E 4549 -39.04 -26.51 7.11
N TYR E 4550 -38.10 -26.99 7.90
CA TYR E 4550 -37.38 -28.18 7.50
C TYR E 4550 -38.33 -29.34 7.40
N MET E 4551 -39.34 -29.33 8.26
CA MET E 4551 -40.27 -30.43 8.30
C MET E 4551 -41.11 -30.45 7.02
N PHE E 4552 -41.67 -29.31 6.66
CA PHE E 4552 -42.49 -29.25 5.45
C PHE E 4552 -41.64 -29.52 4.23
N PHE E 4553 -40.40 -29.06 4.31
CA PHE E 4553 -39.48 -29.29 3.23
C PHE E 4553 -39.25 -30.77 3.08
N LEU E 4554 -39.30 -31.49 4.18
CA LEU E 4554 -39.34 -32.93 4.08
C LEU E 4554 -40.69 -33.42 3.52
N MET E 4555 -41.79 -32.68 3.79
CA MET E 4555 -43.09 -33.12 3.30
C MET E 4555 -42.99 -33.27 1.80
N TYR E 4556 -42.47 -32.18 1.26
CA TYR E 4556 -42.18 -31.94 -0.13
C TYR E 4556 -41.14 -32.86 -0.73
N LEU E 4557 -40.03 -33.07 -0.03
CA LEU E 4557 -38.97 -33.94 -0.55
C LEU E 4557 -39.58 -35.30 -0.76
N ILE E 4558 -40.49 -35.65 0.12
CA ILE E 4558 -41.22 -36.88 -0.10
C ILE E 4558 -42.23 -36.73 -1.23
N ASN E 4559 -42.87 -35.57 -1.31
CA ASN E 4559 -44.02 -35.38 -2.18
C ASN E 4559 -43.69 -35.09 -3.65
N LYS E 4560 -42.46 -34.72 -3.96
CA LYS E 4560 -42.06 -34.51 -5.35
C LYS E 4560 -41.92 -35.84 -6.08
N ASP E 4561 -42.23 -35.84 -7.37
CA ASP E 4561 -41.82 -36.94 -8.22
C ASP E 4561 -40.30 -36.87 -8.24
N GLU E 4562 -39.63 -38.02 -8.25
CA GLU E 4562 -38.17 -38.01 -8.20
C GLU E 4562 -37.61 -37.32 -9.43
N THR E 4563 -38.34 -37.38 -10.54
CA THR E 4563 -38.01 -36.59 -11.71
C THR E 4563 -38.13 -35.09 -11.45
N GLU E 4564 -39.05 -34.72 -10.57
CA GLU E 4564 -39.37 -33.30 -10.37
C GLU E 4564 -38.44 -32.52 -9.45
N HIS E 4565 -37.53 -33.21 -8.75
CA HIS E 4565 -36.65 -32.51 -7.83
C HIS E 4565 -35.77 -31.48 -8.51
N THR E 4566 -35.66 -30.32 -7.89
CA THR E 4566 -34.67 -29.32 -8.27
C THR E 4566 -33.32 -29.80 -7.74
N GLY E 4567 -32.25 -29.33 -8.35
CA GLY E 4567 -30.94 -29.87 -8.04
C GLY E 4567 -30.55 -29.69 -6.59
N GLN E 4568 -31.02 -28.60 -5.97
CA GLN E 4568 -30.91 -28.49 -4.53
C GLN E 4568 -31.79 -29.49 -3.81
N GLU E 4569 -33.05 -29.58 -4.22
CA GLU E 4569 -33.94 -30.56 -3.61
C GLU E 4569 -33.49 -31.99 -3.90
N SER E 4570 -32.95 -32.23 -5.09
CA SER E 4570 -32.42 -33.55 -5.39
C SER E 4570 -31.21 -33.83 -4.54
N TYR E 4571 -30.46 -32.77 -4.25
CA TYR E 4571 -29.25 -32.94 -3.45
C TYR E 4571 -29.58 -33.28 -2.02
N VAL E 4572 -30.51 -32.53 -1.44
CA VAL E 4572 -30.93 -32.77 -0.08
C VAL E 4572 -31.63 -34.11 0.03
N TRP E 4573 -32.35 -34.49 -1.01
CA TRP E 4573 -32.99 -35.79 -1.04
C TRP E 4573 -31.96 -36.90 -1.11
N LYS E 4574 -30.83 -36.61 -1.74
CA LYS E 4574 -29.75 -37.57 -1.83
C LYS E 4574 -29.05 -37.72 -0.48
N MET E 4575 -28.82 -36.59 0.18
CA MET E 4575 -28.15 -36.56 1.48
C MET E 4575 -29.03 -37.22 2.51
N TYR E 4576 -30.34 -37.10 2.28
CA TYR E 4576 -31.36 -37.62 3.18
C TYR E 4576 -31.58 -39.10 3.03
N GLN E 4577 -31.61 -39.55 1.78
CA GLN E 4577 -31.88 -40.95 1.53
C GLN E 4577 -30.74 -41.79 2.08
N GLU E 4578 -29.54 -41.22 2.07
CA GLU E 4578 -28.37 -41.93 2.55
C GLU E 4578 -28.19 -41.67 4.04
N ARG E 4579 -29.01 -40.76 4.59
CA ARG E 4579 -28.86 -40.31 5.96
C ARG E 4579 -27.48 -39.68 6.18
N CYS E 4580 -27.03 -38.85 5.24
CA CYS E 4580 -25.78 -38.13 5.46
C CYS E 4580 -25.91 -37.11 6.59
N TRP E 4581 -27.02 -36.39 6.55
CA TRP E 4581 -27.38 -35.35 7.52
C TRP E 4581 -26.28 -34.31 7.66
N ASP E 4582 -25.52 -34.08 6.60
CA ASP E 4582 -24.63 -32.93 6.58
C ASP E 4582 -25.35 -31.66 6.13
N PHE E 4583 -26.55 -31.78 5.58
CA PHE E 4583 -27.15 -30.64 4.91
C PHE E 4583 -27.83 -29.65 5.86
N PHE E 4584 -28.03 -30.02 7.12
CA PHE E 4584 -28.39 -29.01 8.10
C PHE E 4584 -27.19 -28.13 8.35
N PRO E 4585 -27.41 -26.84 8.59
CA PRO E 4585 -26.27 -26.10 9.12
C PRO E 4585 -25.94 -26.70 10.47
N ALA E 4586 -24.67 -26.78 10.83
CA ALA E 4586 -24.33 -27.33 12.12
C ALA E 4586 -23.66 -26.27 12.96
N GLY E 4587 -23.64 -25.05 12.43
CA GLY E 4587 -23.05 -23.93 13.13
C GLY E 4587 -22.55 -22.87 12.18
N ASP E 4588 -23.29 -22.64 11.09
CA ASP E 4588 -22.85 -21.66 10.10
C ASP E 4588 -23.91 -20.61 9.78
N CYS E 4589 -25.11 -21.06 9.46
CA CYS E 4589 -26.26 -20.21 9.08
C CYS E 4589 -25.95 -19.19 7.97
N PHE E 4590 -27.00 -18.64 7.38
CA PHE E 4590 -26.86 -17.80 6.18
C PHE E 4590 -26.13 -16.50 6.48
N ARG E 4591 -26.56 -15.84 7.55
CA ARG E 4591 -26.05 -14.52 7.88
C ARG E 4591 -24.58 -14.57 8.27
N LYS E 4592 -24.21 -15.56 9.06
CA LYS E 4592 -22.80 -15.76 9.38
C LYS E 4592 -22.04 -16.25 8.15
N GLN E 4593 -22.73 -16.95 7.26
CA GLN E 4593 -22.12 -17.43 6.03
C GLN E 4593 -21.70 -16.29 5.13
N TYR E 4594 -22.43 -15.18 5.25
CA TYR E 4594 -22.14 -14.06 4.38
C TYR E 4594 -21.73 -12.81 5.13
N GLU E 4595 -22.61 -12.32 6.00
CA GLU E 4595 -22.35 -11.13 6.81
C GLU E 4595 -21.91 -9.95 5.95
N GLY F 1 -17.99 -59.18 -107.10
CA GLY F 1 -18.05 -58.94 -105.67
C GLY F 1 -18.52 -60.16 -104.90
N VAL F 2 -19.83 -60.25 -104.69
CA VAL F 2 -20.41 -61.41 -104.02
C VAL F 2 -20.16 -62.65 -104.86
N GLN F 3 -19.80 -63.74 -104.20
CA GLN F 3 -19.45 -64.97 -104.91
C GLN F 3 -20.00 -66.19 -104.18
N VAL F 4 -21.32 -66.33 -104.21
CA VAL F 4 -21.96 -67.46 -103.57
C VAL F 4 -21.48 -68.76 -104.19
N GLU F 5 -21.15 -69.73 -103.36
CA GLU F 5 -20.62 -70.99 -103.84
C GLU F 5 -21.46 -72.17 -103.35
N THR F 6 -21.77 -73.08 -104.25
CA THR F 6 -22.53 -74.26 -103.88
C THR F 6 -21.73 -75.12 -102.92
N ILE F 7 -22.39 -75.59 -101.87
CA ILE F 7 -21.78 -76.57 -100.98
C ILE F 7 -22.36 -77.94 -101.32
N SER F 8 -23.63 -78.14 -101.00
CA SER F 8 -24.30 -79.38 -101.41
C SER F 8 -25.60 -79.05 -102.12
N PRO F 9 -25.94 -79.85 -103.15
CA PRO F 9 -27.10 -79.60 -104.02
C PRO F 9 -28.43 -79.64 -103.29
N GLY F 10 -29.35 -78.79 -103.74
CA GLY F 10 -30.72 -78.81 -103.27
C GLY F 10 -31.60 -79.47 -104.32
N ASP F 11 -32.84 -79.01 -104.43
CA ASP F 11 -33.75 -79.53 -105.47
C ASP F 11 -33.24 -79.18 -106.87
N GLY F 12 -32.44 -78.12 -106.96
CA GLY F 12 -31.92 -77.67 -108.23
C GLY F 12 -32.99 -76.93 -109.01
N ARG F 13 -34.05 -76.56 -108.32
CA ARG F 13 -35.23 -76.00 -108.97
C ARG F 13 -35.63 -74.64 -108.40
N THR F 14 -36.25 -74.66 -107.23
CA THR F 14 -36.97 -73.50 -106.73
C THR F 14 -36.02 -72.45 -106.15
N PHE F 15 -35.58 -71.55 -107.01
CA PHE F 15 -34.79 -70.39 -106.61
C PHE F 15 -35.70 -69.34 -105.99
N PRO F 16 -35.17 -68.54 -105.06
CA PRO F 16 -35.96 -67.50 -104.38
C PRO F 16 -36.50 -66.44 -105.33
N LYS F 17 -37.70 -65.94 -105.03
CA LYS F 17 -38.34 -64.95 -105.86
C LYS F 17 -38.76 -63.74 -105.03
N ARG F 18 -39.36 -62.75 -105.68
CA ARG F 18 -39.89 -61.60 -104.96
C ARG F 18 -40.99 -62.05 -104.01
N GLY F 19 -40.92 -61.57 -102.77
CA GLY F 19 -42.00 -61.73 -101.82
C GLY F 19 -42.04 -63.06 -101.10
N GLN F 20 -41.19 -63.99 -101.52
CA GLN F 20 -41.12 -65.29 -100.85
C GLN F 20 -40.49 -65.17 -99.47
N THR F 21 -41.04 -65.92 -98.51
CA THR F 21 -40.48 -65.97 -97.17
C THR F 21 -39.36 -67.01 -97.11
N CYS F 22 -38.15 -66.58 -97.43
CA CYS F 22 -36.99 -67.46 -97.41
C CYS F 22 -36.70 -67.96 -96.00
N VAL F 23 -36.44 -69.25 -95.86
CA VAL F 23 -36.18 -69.83 -94.54
C VAL F 23 -34.90 -70.65 -94.55
N VAL F 24 -33.93 -70.21 -93.75
CA VAL F 24 -32.59 -70.79 -93.73
C VAL F 24 -32.01 -70.92 -92.31
N HIS F 25 -31.43 -72.06 -92.00
CA HIS F 25 -30.41 -72.11 -90.95
C HIS F 25 -29.09 -71.64 -91.54
N TYR F 26 -28.25 -71.03 -90.73
CA TYR F 26 -26.97 -70.53 -91.22
C TYR F 26 -26.01 -70.20 -90.09
N THR F 27 -24.80 -69.85 -90.47
CA THR F 27 -23.83 -69.27 -89.56
C THR F 27 -23.08 -68.19 -90.32
N GLY F 28 -22.42 -67.30 -89.58
CA GLY F 28 -21.69 -66.22 -90.21
C GLY F 28 -20.29 -66.07 -89.65
N MET F 29 -19.30 -66.23 -90.52
CA MET F 29 -17.91 -66.08 -90.10
C MET F 29 -17.13 -65.13 -91.01
N LEU F 30 -16.12 -64.48 -90.46
CA LEU F 30 -15.28 -63.56 -91.22
C LEU F 30 -14.30 -64.30 -92.11
N GLU F 31 -13.54 -63.54 -92.89
CA GLU F 31 -12.53 -64.11 -93.78
C GLU F 31 -11.54 -64.95 -92.99
N ASP F 32 -11.29 -64.54 -91.75
CA ASP F 32 -10.31 -65.17 -90.90
C ASP F 32 -10.78 -66.56 -90.47
N GLY F 33 -12.09 -66.78 -90.57
CA GLY F 33 -12.69 -68.00 -90.09
C GLY F 33 -13.29 -67.80 -88.70
N LYS F 34 -13.01 -66.65 -88.10
CA LYS F 34 -13.66 -66.28 -86.86
C LYS F 34 -15.15 -66.14 -87.11
N LYS F 35 -15.97 -66.73 -86.23
CA LYS F 35 -17.42 -66.61 -86.36
C LYS F 35 -17.93 -65.31 -85.76
N PHE F 36 -19.08 -64.85 -86.26
CA PHE F 36 -19.79 -63.75 -85.64
C PHE F 36 -21.28 -64.05 -85.52
N ASP F 37 -21.73 -65.07 -86.22
CA ASP F 37 -23.15 -65.35 -86.16
C ASP F 37 -23.48 -66.78 -86.44
N SER F 38 -24.46 -67.32 -85.73
CA SER F 38 -24.97 -68.65 -86.03
C SER F 38 -26.48 -68.66 -86.06
N SER F 39 -27.07 -69.14 -87.15
CA SER F 39 -28.50 -69.37 -87.16
C SER F 39 -28.89 -70.50 -86.21
N ARG F 40 -28.14 -71.60 -86.26
CA ARG F 40 -28.46 -72.80 -85.48
C ARG F 40 -28.37 -72.67 -83.94
N ASP F 41 -27.34 -71.99 -83.47
CA ASP F 41 -27.11 -71.78 -82.04
C ASP F 41 -28.40 -71.36 -81.38
N ARG F 42 -29.16 -70.55 -82.10
CA ARG F 42 -30.51 -70.17 -81.69
C ARG F 42 -31.44 -71.36 -81.84
N ASN F 43 -31.08 -72.26 -82.76
CA ASN F 43 -31.91 -73.37 -83.21
C ASN F 43 -33.22 -72.92 -83.86
N LYS F 44 -33.43 -71.62 -83.90
CA LYS F 44 -34.53 -71.02 -84.63
C LYS F 44 -34.17 -70.86 -86.10
N PRO F 45 -35.01 -71.39 -87.00
CA PRO F 45 -34.83 -71.11 -88.42
C PRO F 45 -34.93 -69.61 -88.67
N PHE F 46 -34.12 -69.09 -89.59
CA PHE F 46 -34.15 -67.67 -89.87
C PHE F 46 -35.03 -67.39 -91.08
N LYS F 47 -35.90 -66.38 -90.96
CA LYS F 47 -36.89 -66.12 -91.98
C LYS F 47 -36.81 -64.69 -92.51
N PHE F 48 -36.78 -64.53 -93.83
CA PHE F 48 -36.75 -63.19 -94.42
C PHE F 48 -37.40 -63.17 -95.80
N MET F 49 -38.29 -62.21 -96.02
CA MET F 49 -38.77 -61.95 -97.38
C MET F 49 -37.61 -61.44 -98.22
N LEU F 50 -37.45 -61.96 -99.41
CA LEU F 50 -36.33 -61.54 -100.26
C LEU F 50 -36.76 -60.36 -101.12
N GLY F 51 -35.84 -59.43 -101.32
CA GLY F 51 -36.14 -58.22 -102.06
C GLY F 51 -36.80 -57.17 -101.19
N LYS F 52 -36.95 -57.49 -99.91
CA LYS F 52 -37.60 -56.59 -98.96
C LYS F 52 -36.62 -55.52 -98.49
N GLN F 53 -35.35 -55.70 -98.84
CA GLN F 53 -34.26 -54.79 -98.46
C GLN F 53 -34.14 -54.65 -96.96
N GLU F 54 -34.54 -55.70 -96.25
CA GLU F 54 -34.42 -55.74 -94.80
C GLU F 54 -33.05 -56.25 -94.36
N VAL F 55 -32.25 -56.68 -95.33
CA VAL F 55 -30.97 -57.30 -95.03
C VAL F 55 -29.84 -56.63 -95.80
N ILE F 56 -28.61 -57.07 -95.56
CA ILE F 56 -27.46 -56.59 -96.32
C ILE F 56 -27.62 -57.02 -97.77
N ARG F 57 -27.12 -56.18 -98.68
CA ARG F 57 -27.38 -56.34 -100.11
C ARG F 57 -26.89 -57.67 -100.66
N GLY F 58 -25.77 -58.17 -100.14
CA GLY F 58 -25.22 -59.41 -100.62
C GLY F 58 -26.09 -60.59 -100.21
N TRP F 59 -26.67 -60.52 -99.03
CA TRP F 59 -27.62 -61.53 -98.57
C TRP F 59 -28.88 -61.46 -99.42
N GLU F 60 -29.29 -60.25 -99.76
CA GLU F 60 -30.50 -60.03 -100.53
C GLU F 60 -30.35 -60.54 -101.97
N GLU F 61 -29.12 -60.52 -102.46
CA GLU F 61 -28.87 -60.88 -103.86
C GLU F 61 -28.47 -62.34 -104.02
N GLY F 62 -27.50 -62.78 -103.23
CA GLY F 62 -26.90 -64.08 -103.42
C GLY F 62 -27.68 -65.29 -102.95
N VAL F 63 -28.63 -65.08 -102.04
CA VAL F 63 -29.47 -66.19 -101.60
C VAL F 63 -30.35 -66.65 -102.76
N ALA F 64 -30.67 -65.73 -103.65
CA ALA F 64 -31.53 -66.02 -104.79
C ALA F 64 -30.91 -67.06 -105.71
N GLN F 65 -29.58 -67.12 -105.72
CA GLN F 65 -28.87 -68.10 -106.53
C GLN F 65 -29.06 -69.52 -106.01
N MET F 66 -29.35 -69.65 -104.72
CA MET F 66 -29.51 -70.96 -104.09
C MET F 66 -30.81 -71.66 -104.44
N SER F 67 -30.78 -72.99 -104.43
CA SER F 67 -31.99 -73.79 -104.60
C SER F 67 -32.52 -74.22 -103.24
N VAL F 68 -33.79 -74.62 -103.18
CA VAL F 68 -34.36 -75.11 -101.93
C VAL F 68 -33.67 -76.40 -101.50
N GLY F 69 -33.32 -76.47 -100.22
CA GLY F 69 -32.68 -77.65 -99.66
C GLY F 69 -31.18 -77.63 -99.90
N GLN F 70 -30.73 -76.65 -100.67
CA GLN F 70 -29.31 -76.49 -100.95
C GLN F 70 -28.55 -75.96 -99.75
N ARG F 71 -27.33 -76.46 -99.57
CA ARG F 71 -26.37 -75.82 -98.69
C ARG F 71 -25.38 -75.06 -99.56
N ALA F 72 -25.04 -73.84 -99.17
CA ALA F 72 -24.15 -73.02 -99.97
C ALA F 72 -23.39 -72.01 -99.14
N LYS F 73 -22.20 -71.65 -99.62
CA LYS F 73 -21.37 -70.66 -98.96
C LYS F 73 -21.54 -69.29 -99.59
N LEU F 74 -21.91 -68.31 -98.77
CA LEU F 74 -22.02 -66.94 -99.23
C LEU F 74 -20.77 -66.14 -98.86
N THR F 75 -19.85 -66.02 -99.81
CA THR F 75 -18.66 -65.21 -99.60
C THR F 75 -18.99 -63.78 -100.04
N ILE F 76 -19.94 -63.17 -99.33
CA ILE F 76 -20.43 -61.84 -99.71
C ILE F 76 -19.37 -60.76 -99.56
N SER F 77 -19.27 -59.92 -100.59
CA SER F 77 -18.36 -58.78 -100.59
C SER F 77 -18.84 -57.73 -99.60
N PRO F 78 -17.90 -57.07 -98.91
CA PRO F 78 -18.27 -56.07 -97.90
C PRO F 78 -19.11 -54.93 -98.46
N ASP F 79 -18.86 -54.55 -99.72
CA ASP F 79 -19.66 -53.49 -100.34
C ASP F 79 -21.11 -53.90 -100.45
N TYR F 80 -21.32 -55.20 -100.60
CA TYR F 80 -22.66 -55.77 -100.63
C TYR F 80 -23.16 -56.02 -99.21
N ALA F 81 -22.28 -55.80 -98.23
CA ALA F 81 -22.65 -55.89 -96.83
C ALA F 81 -22.53 -54.52 -96.18
N TYR F 82 -22.12 -54.50 -94.91
CA TYR F 82 -21.94 -53.25 -94.19
C TYR F 82 -20.81 -52.40 -94.76
N GLY F 83 -19.81 -53.05 -95.34
CA GLY F 83 -18.72 -52.37 -96.01
C GLY F 83 -17.86 -51.47 -95.15
N ALA F 84 -17.56 -50.29 -95.67
CA ALA F 84 -16.71 -49.32 -94.98
C ALA F 84 -17.37 -48.87 -93.69
N THR F 85 -18.69 -48.92 -93.65
CA THR F 85 -19.41 -48.62 -92.43
C THR F 85 -19.11 -49.67 -91.37
N GLY F 86 -19.23 -50.93 -91.75
CA GLY F 86 -19.04 -52.03 -90.83
C GLY F 86 -20.29 -52.22 -90.00
N HIS F 87 -20.47 -53.38 -89.40
CA HIS F 87 -21.61 -53.56 -88.52
C HIS F 87 -21.13 -53.17 -87.14
N PRO F 88 -21.72 -52.10 -86.57
CA PRO F 88 -21.13 -51.55 -85.36
C PRO F 88 -21.11 -52.56 -84.24
N GLY F 89 -20.00 -52.63 -83.52
CA GLY F 89 -19.86 -53.53 -82.39
C GLY F 89 -19.56 -54.96 -82.78
N ILE F 90 -19.69 -55.29 -84.06
CA ILE F 90 -19.49 -56.68 -84.51
C ILE F 90 -18.48 -56.76 -85.64
N ILE F 91 -18.91 -56.34 -86.82
CA ILE F 91 -18.10 -56.50 -88.02
C ILE F 91 -17.27 -55.26 -88.28
N PRO F 92 -15.94 -55.42 -88.25
CA PRO F 92 -15.00 -54.36 -88.61
C PRO F 92 -15.19 -53.95 -90.06
N PRO F 93 -14.97 -52.67 -90.38
CA PRO F 93 -15.17 -52.15 -91.73
C PRO F 93 -14.25 -52.84 -92.74
N HIS F 94 -14.75 -53.03 -93.95
CA HIS F 94 -14.03 -53.72 -95.02
C HIS F 94 -13.69 -55.15 -94.65
N ALA F 95 -14.73 -55.97 -94.49
CA ALA F 95 -14.55 -57.37 -94.15
C ALA F 95 -15.54 -58.26 -94.90
N THR F 96 -15.04 -59.06 -95.82
CA THR F 96 -15.86 -59.99 -96.57
C THR F 96 -16.50 -61.02 -95.64
N LEU F 97 -17.79 -61.25 -95.84
CA LEU F 97 -18.52 -62.19 -94.99
C LEU F 97 -18.57 -63.57 -95.63
N VAL F 98 -18.63 -64.60 -94.78
CA VAL F 98 -18.70 -65.98 -95.24
C VAL F 98 -19.80 -66.73 -94.49
N PHE F 99 -20.86 -67.06 -95.20
CA PHE F 99 -22.02 -67.69 -94.58
C PHE F 99 -22.15 -69.16 -94.97
N ASP F 100 -22.39 -70.02 -93.98
CA ASP F 100 -22.71 -71.42 -94.26
C ASP F 100 -24.22 -71.57 -94.33
N VAL F 101 -24.82 -71.02 -95.38
CA VAL F 101 -26.27 -71.00 -95.52
C VAL F 101 -26.81 -72.37 -95.87
N GLU F 102 -28.00 -72.69 -95.36
CA GLU F 102 -28.77 -73.85 -95.81
C GLU F 102 -30.22 -73.43 -96.05
N LEU F 103 -30.63 -73.36 -97.31
CA LEU F 103 -31.97 -72.90 -97.63
C LEU F 103 -33.00 -73.97 -97.32
N LEU F 104 -33.54 -73.93 -96.10
CA LEU F 104 -34.52 -74.91 -95.65
C LEU F 104 -35.74 -74.93 -96.55
N LYS F 105 -36.35 -73.76 -96.72
CA LYS F 105 -37.58 -73.68 -97.49
C LYS F 105 -37.99 -72.27 -97.87
N LEU F 106 -38.21 -72.06 -99.16
CA LEU F 106 -38.88 -70.85 -99.62
C LEU F 106 -40.35 -70.91 -99.23
N GLU F 107 -40.90 -69.77 -98.82
CA GLU F 107 -42.29 -69.73 -98.39
C GLU F 107 -42.97 -68.46 -98.88
N GLN G 12 26.62 2.84 15.80
CA GLN G 12 26.36 3.66 16.98
C GLN G 12 27.61 3.84 17.85
N PHE G 13 28.06 2.75 18.47
CA PHE G 13 29.21 2.85 19.37
C PHE G 13 30.26 1.78 19.12
N LEU G 14 31.52 2.14 19.30
CA LEU G 14 32.61 1.18 19.25
C LEU G 14 32.67 0.39 20.55
N ARG G 15 33.16 -0.85 20.47
CA ARG G 15 33.13 -1.78 21.59
C ARG G 15 34.34 -2.70 21.56
N THR G 16 34.54 -3.46 22.63
CA THR G 16 35.66 -4.38 22.71
C THR G 16 35.56 -5.42 21.59
N ASP G 17 36.72 -5.76 21.02
CA ASP G 17 36.84 -6.69 19.90
C ASP G 17 36.16 -6.20 18.61
N ASP G 18 35.71 -4.94 18.60
CA ASP G 18 35.32 -4.34 17.33
C ASP G 18 36.56 -4.15 16.47
N GLU G 19 36.44 -4.36 15.17
CA GLU G 19 37.56 -4.16 14.28
C GLU G 19 37.44 -2.80 13.59
N VAL G 20 38.47 -1.97 13.73
CA VAL G 20 38.43 -0.59 13.27
C VAL G 20 39.78 -0.14 12.72
N VAL G 21 39.77 0.56 11.60
CA VAL G 21 40.97 1.25 11.17
C VAL G 21 41.14 2.54 11.95
N LEU G 22 42.38 2.93 12.21
CA LEU G 22 42.67 4.31 12.54
C LEU G 22 42.67 5.12 11.25
N GLN G 23 42.33 6.40 11.34
CA GLN G 23 42.32 7.24 10.15
C GLN G 23 42.44 8.69 10.53
N CYS G 24 43.02 9.50 9.65
CA CYS G 24 43.14 10.92 9.92
C CYS G 24 42.99 11.73 8.66
N SER G 25 42.34 12.88 8.77
CA SER G 25 42.25 13.82 7.67
C SER G 25 43.65 14.34 7.36
N ALA G 26 43.94 14.51 6.08
CA ALA G 26 45.28 14.92 5.66
C ALA G 26 45.23 15.67 4.34
N THR G 27 45.11 16.99 4.42
CA THR G 27 45.15 17.81 3.21
C THR G 27 46.51 17.68 2.54
N VAL G 28 46.49 17.59 1.21
CA VAL G 28 47.71 17.38 0.43
C VAL G 28 47.60 18.11 -0.90
N LEU G 29 48.53 19.02 -1.16
CA LEU G 29 48.53 19.82 -2.38
C LEU G 29 47.18 20.52 -2.56
N LYS G 30 46.74 21.19 -1.50
CA LYS G 30 45.47 21.93 -1.49
C LYS G 30 44.27 21.05 -1.81
N GLU G 31 44.29 19.82 -1.31
CA GLU G 31 43.13 18.94 -1.39
C GLU G 31 43.18 17.90 -0.28
N GLN G 32 42.01 17.49 0.19
CA GLN G 32 41.93 16.46 1.22
C GLN G 32 42.45 15.13 0.71
N LEU G 33 43.13 14.38 1.59
CA LEU G 33 43.62 13.07 1.25
C LEU G 33 43.68 12.24 2.53
N LYS G 34 42.52 11.83 3.01
CA LYS G 34 42.43 11.07 4.25
C LYS G 34 43.15 9.75 4.10
N LEU G 35 43.81 9.31 5.16
CA LEU G 35 44.62 8.11 5.09
C LEU G 35 44.62 7.32 6.39
N CYS G 36 44.53 6.00 6.25
CA CYS G 36 44.58 5.10 7.40
C CYS G 36 45.99 4.95 7.96
N LEU G 37 46.08 4.72 9.26
CA LEU G 37 47.31 4.20 9.84
C LEU G 37 47.50 2.77 9.38
N ALA G 38 48.74 2.36 9.08
CA ALA G 38 48.94 1.00 8.60
C ALA G 38 50.36 0.50 8.80
N ALA G 39 50.57 -0.27 9.86
CA ALA G 39 51.75 -1.12 9.96
C ALA G 39 51.61 -2.27 8.96
N GLU G 40 52.72 -2.69 8.37
CA GLU G 40 52.70 -3.87 7.53
C GLU G 40 52.73 -5.12 8.41
N GLY G 41 53.05 -4.91 9.69
CA GLY G 41 53.18 -6.02 10.62
C GLY G 41 54.57 -6.61 10.62
N PHE G 42 54.67 -7.85 10.17
CA PHE G 42 55.93 -8.60 10.22
C PHE G 42 57.00 -7.98 9.36
N GLY G 43 58.21 -7.92 9.89
CA GLY G 43 59.37 -7.54 9.12
C GLY G 43 59.47 -6.04 8.97
N ASN G 44 58.47 -5.35 9.49
CA ASN G 44 58.51 -3.91 9.56
C ASN G 44 57.75 -3.46 10.79
N ARG G 45 58.46 -3.25 11.89
CA ARG G 45 57.82 -2.92 13.16
C ARG G 45 57.07 -1.60 13.06
N LEU G 46 57.64 -0.63 12.35
CA LEU G 46 57.07 0.71 12.29
C LEU G 46 55.80 0.76 11.48
N CYS G 47 54.84 1.55 11.95
CA CYS G 47 53.64 1.83 11.20
C CYS G 47 53.93 2.82 10.09
N PHE G 48 53.15 2.78 9.01
CA PHE G 48 53.32 3.73 7.94
C PHE G 48 51.99 4.26 7.42
N LEU G 49 52.05 5.40 6.77
CA LEU G 49 50.87 6.07 6.22
C LEU G 49 50.22 5.25 5.11
N GLU G 50 48.89 5.27 5.07
CA GLU G 50 48.16 4.51 4.07
C GLU G 50 47.11 5.36 3.37
N PRO G 51 47.53 6.13 2.36
CA PRO G 51 46.52 6.93 1.64
C PRO G 51 45.48 6.02 1.00
N THR G 52 44.22 6.46 1.00
CA THR G 52 43.10 5.62 0.60
C THR G 52 42.00 6.42 -0.07
N SER G 53 42.14 7.74 -0.07
CA SER G 53 41.06 8.62 -0.51
C SER G 53 40.72 8.43 -1.98
N ASN G 54 41.70 8.02 -2.77
CA ASN G 54 41.46 7.74 -4.17
C ASN G 54 41.09 6.27 -4.35
N ALA G 55 39.99 5.85 -3.73
CA ALA G 55 39.51 4.49 -3.90
C ALA G 55 39.10 4.24 -5.35
N GLN G 56 38.67 5.30 -6.02
CA GLN G 56 38.17 5.21 -7.39
C GLN G 56 39.24 4.79 -8.41
N ASN G 57 40.49 5.12 -8.13
CA ASN G 57 41.54 4.88 -9.12
C ASN G 57 42.83 4.30 -8.57
N VAL G 58 43.13 4.58 -7.31
CA VAL G 58 44.35 4.07 -6.68
C VAL G 58 43.95 3.42 -5.37
N PRO G 59 43.38 2.21 -5.47
CA PRO G 59 42.72 1.51 -4.36
C PRO G 59 43.63 1.17 -3.18
N PRO G 60 43.08 1.23 -1.96
CA PRO G 60 43.71 1.00 -0.64
C PRO G 60 44.26 -0.40 -0.39
N ASP G 61 45.37 -0.47 0.33
CA ASP G 61 45.80 -1.73 0.93
C ASP G 61 45.12 -1.87 2.30
N LEU G 62 43.81 -2.10 2.29
CA LEU G 62 43.00 -2.07 3.50
C LEU G 62 43.23 -3.28 4.40
N ALA G 63 43.85 -4.31 3.85
CA ALA G 63 43.99 -5.60 4.56
C ALA G 63 44.77 -5.49 5.86
N ILE G 64 45.73 -4.58 5.91
CA ILE G 64 46.53 -4.37 7.10
C ILE G 64 46.01 -3.25 7.99
N CYS G 65 45.20 -2.35 7.42
CA CYS G 65 44.78 -1.15 8.12
C CYS G 65 43.95 -1.44 9.35
N CYS G 66 43.25 -2.58 9.35
CA CYS G 66 42.35 -2.93 10.44
C CYS G 66 43.06 -3.23 11.76
N PHE G 67 42.42 -2.83 12.86
CA PHE G 67 42.88 -3.14 14.21
C PHE G 67 41.77 -3.77 15.05
N THR G 68 42.14 -4.64 15.98
CA THR G 68 41.15 -5.18 16.90
C THR G 68 41.32 -4.56 18.29
N LEU G 69 40.21 -4.23 18.94
CA LEU G 69 40.24 -3.65 20.27
C LEU G 69 40.28 -4.73 21.36
N GLU G 70 41.46 -5.27 21.64
CA GLU G 70 41.56 -6.40 22.56
C GLU G 70 41.11 -6.08 23.98
N GLN G 71 41.25 -4.83 24.41
CA GLN G 71 40.84 -4.46 25.75
C GLN G 71 40.77 -2.96 25.95
N SER G 72 39.85 -2.52 26.82
CA SER G 72 39.73 -1.10 27.14
C SER G 72 39.49 -0.92 28.63
N LEU G 73 40.18 0.05 29.22
CA LEU G 73 40.16 0.23 30.67
C LEU G 73 40.44 1.68 31.06
N SER G 74 39.86 2.11 32.18
CA SER G 74 40.14 3.43 32.73
C SER G 74 41.59 3.48 33.16
N VAL G 75 42.21 4.66 33.08
CA VAL G 75 43.65 4.76 33.22
C VAL G 75 44.14 4.27 34.57
N ARG G 76 43.35 4.53 35.61
CA ARG G 76 43.72 4.04 36.92
C ARG G 76 43.59 2.52 36.95
N ALA G 77 42.57 2.01 36.25
CA ALA G 77 42.40 0.56 36.11
C ALA G 77 43.55 -0.01 35.33
N LEU G 78 44.08 0.78 34.41
CA LEU G 78 45.22 0.34 33.64
C LEU G 78 46.45 0.23 34.50
N GLN G 79 46.65 1.22 35.35
CA GLN G 79 47.79 1.22 36.25
C GLN G 79 47.64 0.00 37.15
N GLU G 80 46.41 -0.29 37.55
CA GLU G 80 46.16 -1.44 38.39
C GLU G 80 46.45 -2.77 37.67
N MET G 81 46.22 -2.79 36.36
CA MET G 81 46.46 -4.01 35.60
C MET G 81 47.95 -4.23 35.43
N LEU G 82 48.64 -3.16 35.07
CA LEU G 82 50.07 -3.18 34.84
C LEU G 82 50.81 -3.45 36.14
N ALA G 83 50.18 -3.08 37.25
CA ALA G 83 50.76 -3.35 38.56
C ALA G 83 50.84 -4.85 38.83
N ASN G 84 49.96 -5.61 38.18
CA ASN G 84 49.91 -7.05 38.35
C ASN G 84 50.55 -7.79 37.17
N GLY G 97 31.50 -10.32 26.22
CA GLY G 97 32.34 -9.50 27.06
C GLY G 97 32.82 -8.26 26.35
N HIS G 98 32.00 -7.76 25.43
CA HIS G 98 32.35 -6.56 24.68
C HIS G 98 32.02 -5.29 25.44
N ARG G 99 32.88 -4.91 26.37
CA ARG G 99 32.68 -3.66 27.08
C ARG G 99 32.78 -2.54 26.06
N THR G 100 31.87 -1.58 26.14
CA THR G 100 31.88 -0.44 25.24
C THR G 100 33.11 0.42 25.52
N LEU G 101 33.71 0.97 24.47
CA LEU G 101 34.76 1.96 24.68
C LEU G 101 34.19 3.18 25.38
N LEU G 102 34.93 3.72 26.33
CA LEU G 102 34.56 4.99 26.92
C LEU G 102 35.74 5.93 26.79
N TYR G 103 35.47 7.20 26.53
CA TYR G 103 36.55 8.15 26.30
C TYR G 103 37.42 8.29 27.53
N GLY G 104 38.72 8.39 27.29
CA GLY G 104 39.70 8.50 28.34
C GLY G 104 40.16 7.16 28.87
N HIS G 105 39.53 6.08 28.39
CA HIS G 105 40.11 4.76 28.62
C HIS G 105 41.33 4.51 27.76
N ALA G 106 42.30 3.79 28.32
CA ALA G 106 43.37 3.22 27.52
C ALA G 106 42.83 2.04 26.74
N ILE G 107 43.38 1.79 25.56
CA ILE G 107 42.93 0.68 24.73
C ILE G 107 44.10 -0.09 24.12
N LEU G 108 43.90 -1.39 23.95
CA LEU G 108 44.90 -2.26 23.36
C LEU G 108 44.58 -2.55 21.89
N LEU G 109 45.28 -1.86 21.00
CA LEU G 109 45.07 -2.00 19.56
C LEU G 109 45.89 -3.12 18.90
N ARG G 110 45.34 -4.32 18.85
CA ARG G 110 45.96 -5.41 18.11
C ARG G 110 45.96 -5.12 16.61
N HIS G 111 47.04 -5.47 15.92
CA HIS G 111 47.04 -5.41 14.47
C HIS G 111 46.10 -6.51 13.98
N ALA G 112 45.29 -6.25 12.96
CA ALA G 112 44.38 -7.30 12.48
C ALA G 112 45.10 -8.47 11.86
N HIS G 113 46.27 -8.19 11.31
CA HIS G 113 47.07 -9.18 10.60
C HIS G 113 48.11 -9.86 11.47
N SER G 114 49.22 -9.17 11.67
CA SER G 114 50.36 -9.69 12.40
C SER G 114 49.99 -9.95 13.84
N ARG G 115 48.94 -9.26 14.29
CA ARG G 115 48.45 -9.34 15.65
C ARG G 115 49.49 -8.89 16.67
N MET G 116 50.54 -8.21 16.19
CA MET G 116 51.37 -7.44 17.08
C MET G 116 50.54 -6.27 17.57
N TYR G 117 50.62 -5.97 18.86
CA TYR G 117 49.88 -4.84 19.42
C TYR G 117 50.49 -3.51 19.02
N LEU G 118 49.66 -2.50 18.77
CA LEU G 118 50.18 -1.17 18.44
C LEU G 118 50.87 -0.54 19.66
N SER G 119 51.95 0.19 19.43
CA SER G 119 52.72 0.74 20.56
C SER G 119 53.56 1.96 20.20
N CYS G 120 53.99 2.70 21.22
CA CYS G 120 54.92 3.81 21.01
C CYS G 120 56.37 3.37 21.17
N LEU G 121 57.00 2.98 20.06
CA LEU G 121 58.38 2.50 20.09
C LEU G 121 59.39 3.58 20.51
N THR G 122 60.40 3.17 21.25
CA THR G 122 61.42 4.08 21.78
C THR G 122 62.33 4.69 20.71
N THR G 123 62.43 4.05 19.55
CA THR G 123 63.30 4.57 18.49
C THR G 123 62.85 5.93 17.96
N SER G 124 63.82 6.83 17.80
CA SER G 124 63.60 8.11 17.12
C SER G 124 63.55 7.97 15.60
N ARG G 125 62.80 8.84 14.95
CA ARG G 125 62.67 8.80 13.50
C ARG G 125 62.73 10.21 12.91
N LYS G 130 61.78 17.05 15.79
CA LYS G 130 61.35 15.69 15.55
C LYS G 130 61.92 14.73 16.61
N LEU G 131 61.88 15.18 17.87
CA LEU G 131 62.35 14.36 18.98
C LEU G 131 61.30 13.33 19.38
N ALA G 132 60.10 13.44 18.82
CA ALA G 132 59.00 12.55 19.14
C ALA G 132 59.29 11.11 18.76
N PHE G 133 58.88 10.17 19.62
CA PHE G 133 59.09 8.75 19.38
C PHE G 133 58.29 8.22 18.19
N ASP G 134 58.91 7.31 17.45
CA ASP G 134 58.22 6.61 16.38
C ASP G 134 57.13 5.69 16.92
N VAL G 135 55.99 5.69 16.24
CA VAL G 135 54.95 4.71 16.49
C VAL G 135 55.34 3.39 15.81
N GLY G 136 54.93 2.26 16.38
CA GLY G 136 55.15 0.98 15.74
C GLY G 136 54.65 -0.18 16.58
N LEU G 137 54.61 -1.36 15.97
CA LEU G 137 54.12 -2.55 16.66
C LEU G 137 55.08 -3.15 17.68
N GLN G 138 54.50 -3.79 18.69
CA GLN G 138 55.21 -4.55 19.70
C GLN G 138 54.65 -5.97 19.71
N GLU G 139 55.49 -6.96 20.00
CA GLU G 139 55.10 -8.35 19.87
C GLU G 139 54.25 -8.87 21.03
N ASP G 140 54.12 -8.07 22.08
CA ASP G 140 53.37 -8.51 23.25
C ASP G 140 52.72 -7.35 23.97
N ALA G 141 51.63 -7.65 24.67
CA ALA G 141 50.83 -6.64 25.36
C ALA G 141 51.57 -6.00 26.52
N THR G 142 52.57 -6.69 27.05
CA THR G 142 53.24 -6.24 28.25
C THR G 142 53.89 -4.89 28.02
N GLY G 143 53.80 -4.04 29.04
CA GLY G 143 54.32 -2.69 28.99
C GLY G 143 53.26 -1.67 28.65
N GLU G 144 53.51 -0.44 29.08
CA GLU G 144 52.58 0.67 28.89
C GLU G 144 52.41 1.09 27.44
N ALA G 145 53.45 0.86 26.64
CA ALA G 145 53.49 1.43 25.30
C ALA G 145 52.37 0.92 24.41
N CYS G 146 51.95 -0.31 24.61
CA CYS G 146 50.87 -0.89 23.80
C CYS G 146 49.54 -0.18 24.01
N TRP G 147 49.34 0.34 25.21
CA TRP G 147 48.09 1.00 25.55
C TRP G 147 47.96 2.39 24.93
N TRP G 148 46.71 2.80 24.69
CA TRP G 148 46.45 4.11 24.11
C TRP G 148 45.18 4.72 24.69
N THR G 149 45.32 5.67 25.61
CA THR G 149 44.16 6.41 26.11
C THR G 149 43.53 7.26 24.99
N MET G 150 42.21 7.21 24.90
CA MET G 150 41.47 8.10 24.02
C MET G 150 41.26 9.51 24.60
N HIS G 151 41.15 10.50 23.73
CA HIS G 151 40.81 11.86 24.14
C HIS G 151 40.03 12.60 23.07
N PRO G 152 38.70 12.66 23.21
CA PRO G 152 37.88 13.34 22.19
C PRO G 152 38.25 14.80 22.06
N ALA G 153 38.22 15.32 20.83
CA ALA G 153 38.69 16.67 20.57
C ALA G 153 37.68 17.75 20.95
N SER G 154 36.43 17.52 20.56
CA SER G 154 35.32 18.40 20.87
C SER G 154 35.03 18.48 22.35
N LYS G 155 34.76 19.69 22.83
CA LYS G 155 34.46 19.88 24.23
C LYS G 155 33.18 19.15 24.62
N GLN G 156 32.17 19.22 23.75
CA GLN G 156 30.84 18.76 24.08
C GLN G 156 30.82 17.26 24.40
N ARG G 157 31.56 16.48 23.63
CA ARG G 157 31.75 15.08 23.96
C ARG G 157 32.53 15.02 25.27
N SER G 158 32.19 14.07 26.14
CA SER G 158 32.85 14.01 27.44
C SER G 158 33.35 12.62 27.77
N GLU G 159 34.40 12.58 28.59
CA GLU G 159 35.02 11.33 29.00
C GLU G 159 34.03 10.51 29.80
N GLY G 160 34.07 9.20 29.60
CA GLY G 160 33.10 8.31 30.20
C GLY G 160 31.84 8.15 29.38
N GLU G 161 31.88 8.69 28.16
CA GLU G 161 30.76 8.61 27.23
C GLU G 161 31.08 7.65 26.09
N LYS G 162 30.14 6.75 25.82
CA LYS G 162 30.36 5.64 24.90
C LYS G 162 30.93 6.23 23.63
N VAL G 163 31.92 5.59 23.03
CA VAL G 163 32.58 6.19 21.88
C VAL G 163 31.74 6.05 20.61
N ARG G 164 31.29 7.18 20.09
CA ARG G 164 30.46 7.22 18.90
C ARG G 164 31.21 6.95 17.60
N VAL G 165 30.54 6.30 16.67
CA VAL G 165 31.11 5.96 15.38
C VAL G 165 31.53 7.20 14.59
N GLY G 166 32.70 7.14 13.97
CA GLY G 166 33.13 8.17 13.04
C GLY G 166 33.70 9.42 13.69
N ASP G 167 33.76 9.42 15.01
CA ASP G 167 34.17 10.63 15.73
C ASP G 167 35.65 10.98 15.57
N ASP G 168 35.93 12.27 15.39
CA ASP G 168 37.27 12.79 15.58
C ASP G 168 37.68 12.47 17.01
N LEU G 169 38.90 11.99 17.20
CA LEU G 169 39.41 11.80 18.55
C LEU G 169 40.93 11.67 18.55
N ILE G 170 41.56 12.31 19.53
CA ILE G 170 42.99 12.22 19.73
C ILE G 170 43.34 10.89 20.40
N LEU G 171 44.52 10.35 20.11
CA LEU G 171 45.03 9.19 20.84
C LEU G 171 46.32 9.53 21.57
N VAL G 172 46.51 8.93 22.74
CA VAL G 172 47.66 9.23 23.59
C VAL G 172 48.30 7.97 24.14
N SER G 173 49.60 7.79 23.92
CA SER G 173 50.30 6.66 24.51
C SER G 173 50.33 6.81 26.03
N VAL G 174 50.05 5.72 26.73
CA VAL G 174 50.14 5.73 28.18
C VAL G 174 51.59 5.84 28.65
N SER G 175 52.51 5.32 27.84
CA SER G 175 53.90 5.23 28.27
C SER G 175 54.66 6.51 28.02
N SER G 176 54.70 6.91 26.76
CA SER G 176 55.45 8.10 26.37
C SER G 176 54.65 9.37 26.58
N GLU G 177 53.38 9.23 26.94
CA GLU G 177 52.50 10.38 27.16
C GLU G 177 52.45 11.29 25.96
N ARG G 178 52.64 10.70 24.78
CA ARG G 178 52.67 11.47 23.56
C ARG G 178 51.50 11.16 22.64
N TYR G 179 50.93 12.22 22.09
CA TYR G 179 49.76 12.14 21.24
C TYR G 179 50.10 11.40 19.95
N LEU G 180 49.21 10.53 19.47
CA LEU G 180 49.39 9.91 18.18
C LEU G 180 49.31 11.02 17.13
N HIS G 181 50.15 10.97 16.09
CA HIS G 181 50.31 12.13 15.23
C HIS G 181 50.74 11.89 13.80
N LEU G 182 50.19 12.71 12.89
CA LEU G 182 50.52 12.71 11.48
C LEU G 182 51.71 13.64 11.18
N SER G 183 52.92 13.20 11.47
CA SER G 183 54.09 14.03 11.18
C SER G 183 54.29 14.20 9.68
N THR G 184 54.72 15.39 9.28
CA THR G 184 54.96 15.69 7.88
C THR G 184 56.34 15.18 7.45
N LEU G 189 54.24 12.03 4.43
CA LEU G 189 53.67 12.13 5.78
C LEU G 189 54.01 10.93 6.64
N GLN G 190 54.49 11.23 7.85
CA GLN G 190 55.04 10.27 8.75
C GLN G 190 54.21 10.29 10.02
N VAL G 191 53.98 9.09 10.55
CA VAL G 191 53.17 8.99 11.76
C VAL G 191 54.09 8.69 12.90
N ASP G 192 53.90 9.41 14.04
CA ASP G 192 54.79 9.39 15.19
C ASP G 192 54.05 9.89 16.43
N ALA G 193 54.59 9.60 17.61
CA ALA G 193 54.00 10.09 18.84
C ALA G 193 54.49 11.50 19.18
N SER G 194 54.00 12.48 18.43
CA SER G 194 54.37 13.87 18.63
C SER G 194 53.71 14.51 19.83
N PHE G 195 54.30 15.57 20.34
CA PHE G 195 53.64 16.34 21.36
C PHE G 195 52.38 16.88 20.70
N MET G 196 52.50 17.27 19.44
CA MET G 196 51.36 17.81 18.72
C MET G 196 50.19 16.83 18.78
N GLN G 197 48.98 17.34 18.88
CA GLN G 197 47.78 16.52 18.67
C GLN G 197 47.52 16.25 17.19
N THR G 198 46.85 15.13 16.91
CA THR G 198 46.28 14.89 15.60
C THR G 198 44.93 14.20 15.74
N LEU G 199 43.96 14.67 14.97
CA LEU G 199 42.63 14.04 14.96
C LEU G 199 42.77 12.63 14.38
N TRP G 200 42.01 11.70 14.92
CA TRP G 200 41.99 10.35 14.39
C TRP G 200 40.61 9.76 14.38
N ASN G 201 39.99 9.72 13.19
CA ASN G 201 38.77 8.96 13.04
C ASN G 201 39.07 7.49 13.29
N MET G 202 38.17 6.84 14.03
CA MET G 202 38.34 5.42 14.30
C MET G 202 37.20 4.69 13.62
N ASN G 203 37.23 4.69 12.30
CA ASN G 203 36.14 4.15 11.51
C ASN G 203 35.98 2.66 11.74
N PRO G 204 34.77 2.24 12.12
CA PRO G 204 34.54 0.80 12.29
C PRO G 204 34.72 0.06 10.98
N ILE G 205 35.24 -1.16 11.07
CA ILE G 205 35.30 -2.02 9.90
C ILE G 205 34.25 -3.09 10.06
N CYS G 206 34.19 -3.66 11.25
CA CYS G 206 33.10 -4.56 11.61
C CYS G 206 33.02 -4.75 13.11
N SER G 207 31.81 -5.02 13.60
CA SER G 207 31.64 -5.55 14.94
C SER G 207 31.75 -7.06 14.82
N CYS G 208 31.23 -7.79 15.80
CA CYS G 208 31.18 -9.24 15.63
C CYS G 208 30.26 -9.60 14.48
N CYS G 209 30.71 -10.51 13.63
CA CYS G 209 29.87 -11.02 12.56
C CYS G 209 28.85 -12.02 13.08
N GLU G 210 27.70 -12.12 12.42
CA GLU G 210 26.82 -13.25 12.67
C GLU G 210 27.59 -14.48 12.22
N GLU G 211 27.51 -15.56 12.99
CA GLU G 211 28.40 -16.69 12.80
C GLU G 211 28.18 -17.42 11.48
N GLY G 212 29.29 -17.78 10.83
CA GLY G 212 29.26 -18.63 9.66
C GLY G 212 28.95 -17.91 8.36
N TYR G 213 28.77 -16.60 8.45
CA TYR G 213 28.44 -15.81 7.28
C TYR G 213 29.66 -15.10 6.71
N VAL G 214 29.75 -15.03 5.39
CA VAL G 214 30.85 -14.30 4.75
C VAL G 214 30.76 -12.82 5.05
N THR G 215 31.90 -12.20 5.29
CA THR G 215 32.00 -10.77 5.48
C THR G 215 33.01 -10.22 4.49
N GLY G 216 32.85 -8.98 4.06
CA GLY G 216 33.83 -8.38 3.20
C GLY G 216 35.10 -8.17 4.00
N GLY G 217 36.24 -8.25 3.31
CA GLY G 217 37.53 -8.04 3.94
C GLY G 217 38.04 -9.33 4.55
N HIS G 218 37.21 -10.36 4.52
CA HIS G 218 37.64 -11.69 4.89
C HIS G 218 38.54 -12.24 3.81
N VAL G 219 39.46 -13.12 4.18
CA VAL G 219 40.18 -13.88 3.17
C VAL G 219 39.58 -15.28 3.07
N LEU G 220 39.29 -15.70 1.85
CA LEU G 220 38.63 -16.98 1.63
C LEU G 220 38.81 -17.51 0.21
N ARG G 221 38.75 -18.83 0.09
CA ARG G 221 38.72 -19.48 -1.22
C ARG G 221 37.36 -19.40 -1.91
N LEU G 222 37.39 -19.41 -3.24
CA LEU G 222 36.17 -19.34 -4.03
C LEU G 222 35.92 -20.66 -4.76
N PHE G 223 35.37 -21.64 -4.05
CA PHE G 223 35.18 -22.95 -4.66
C PHE G 223 34.21 -23.00 -5.82
N HIS G 224 34.61 -23.78 -6.83
CA HIS G 224 33.86 -23.94 -8.06
C HIS G 224 32.76 -24.99 -7.95
N GLY G 225 32.78 -25.76 -6.87
CA GLY G 225 31.84 -26.85 -6.70
C GLY G 225 32.51 -28.12 -6.21
N GLU G 229 37.16 -28.33 -6.24
CA GLU G 229 37.71 -27.36 -7.17
C GLU G 229 37.46 -25.93 -6.67
N CYS G 230 38.41 -25.04 -6.93
CA CYS G 230 38.31 -23.66 -6.45
C CYS G 230 39.04 -22.69 -7.35
N LEU G 231 38.61 -21.43 -7.33
CA LEU G 231 39.23 -20.37 -8.11
C LEU G 231 40.66 -20.14 -7.62
N THR G 232 41.58 -19.89 -8.56
CA THR G 232 42.99 -19.70 -8.23
C THR G 232 43.75 -19.06 -9.39
N ILE G 233 44.99 -18.65 -9.17
CA ILE G 233 45.83 -18.21 -10.27
C ILE G 233 47.02 -19.14 -10.47
N SER G 234 47.85 -18.83 -11.47
CA SER G 234 48.95 -19.69 -11.88
C SER G 234 50.07 -19.77 -10.84
N ALA G 235 50.80 -20.88 -10.87
CA ALA G 235 51.90 -21.14 -9.95
C ALA G 235 53.05 -20.16 -10.16
N ALA G 236 53.80 -19.92 -9.10
CA ALA G 236 54.82 -18.88 -9.08
C ALA G 236 55.92 -19.13 -10.09
N ASP G 237 56.52 -18.03 -10.56
CA ASP G 237 57.49 -18.04 -11.65
C ASP G 237 56.85 -18.57 -12.93
N SER G 238 55.57 -18.27 -13.10
CA SER G 238 54.86 -18.56 -14.34
C SER G 238 55.33 -17.65 -15.46
N ASP G 239 55.22 -18.15 -16.69
CA ASP G 239 55.42 -17.33 -17.87
C ASP G 239 54.32 -16.27 -17.93
N ASP G 240 53.21 -16.57 -17.28
CA ASP G 240 52.05 -15.68 -17.20
C ASP G 240 52.37 -14.40 -16.46
N GLN G 241 53.42 -14.45 -15.64
CA GLN G 241 53.65 -13.48 -14.57
C GLN G 241 52.44 -13.50 -13.64
N ARG G 242 51.85 -14.69 -13.52
CA ARG G 242 50.75 -14.94 -12.60
C ARG G 242 49.57 -13.99 -12.80
N ARG G 243 49.35 -13.58 -14.05
CA ARG G 243 48.26 -12.69 -14.39
C ARG G 243 46.98 -13.44 -14.76
N LEU G 244 47.14 -14.62 -15.35
CA LEU G 244 46.00 -15.42 -15.80
C LEU G 244 45.23 -16.07 -14.66
N VAL G 245 43.94 -16.24 -14.85
CA VAL G 245 43.07 -16.80 -13.81
C VAL G 245 42.58 -18.21 -14.21
N TYR G 246 42.52 -19.11 -13.24
CA TYR G 246 42.15 -20.51 -13.48
C TYR G 246 41.23 -21.08 -12.41
N TYR G 247 40.10 -21.65 -12.78
CA TYR G 247 39.44 -22.60 -11.90
C TYR G 247 40.34 -23.81 -11.80
N GLU G 248 40.50 -24.39 -10.62
CA GLU G 248 41.31 -25.61 -10.52
C GLU G 248 41.04 -26.41 -9.26
N GLY G 249 41.02 -27.74 -9.41
CA GLY G 249 40.91 -28.65 -8.28
C GLY G 249 42.26 -29.13 -7.80
N GLY G 250 42.25 -30.18 -6.99
CA GLY G 250 43.48 -30.76 -6.49
C GLY G 250 44.20 -29.96 -5.41
N ALA G 251 45.53 -30.10 -5.38
CA ALA G 251 46.36 -29.62 -4.30
C ALA G 251 46.30 -28.10 -4.14
N VAL G 252 45.87 -27.41 -5.19
CA VAL G 252 45.74 -25.96 -5.14
C VAL G 252 44.72 -25.56 -4.07
N CYS G 253 43.83 -26.48 -3.75
CA CYS G 253 42.80 -26.23 -2.75
C CYS G 253 43.39 -25.88 -1.39
N THR G 254 44.55 -26.43 -1.08
CA THR G 254 45.26 -26.07 0.14
C THR G 254 46.24 -24.94 -0.08
N HIS G 255 46.62 -24.72 -1.34
CA HIS G 255 47.62 -23.72 -1.67
C HIS G 255 47.14 -22.31 -1.39
N ALA G 256 48.06 -21.45 -0.96
CA ALA G 256 47.76 -20.08 -0.59
C ALA G 256 47.32 -19.24 -1.79
N ARG G 257 47.75 -19.64 -2.98
CA ARG G 257 47.39 -18.92 -4.20
C ARG G 257 45.89 -18.98 -4.44
N SER G 258 45.25 -20.04 -3.94
CA SER G 258 43.82 -20.19 -4.06
C SER G 258 43.05 -19.09 -3.33
N LEU G 259 43.67 -18.52 -2.29
CA LEU G 259 43.02 -17.54 -1.44
C LEU G 259 42.67 -16.24 -2.17
N TRP G 260 41.54 -15.63 -1.79
CA TRP G 260 41.17 -14.32 -2.32
C TRP G 260 40.63 -13.45 -1.19
N ARG G 261 41.01 -12.18 -1.18
CA ARG G 261 40.46 -11.24 -0.22
C ARG G 261 39.37 -10.35 -0.82
N LEU G 262 38.17 -10.44 -0.28
CA LEU G 262 37.09 -9.55 -0.68
C LEU G 262 37.37 -8.12 -0.24
N GLU G 263 37.10 -7.16 -1.12
CA GLU G 263 37.30 -5.75 -0.83
C GLU G 263 36.10 -4.88 -1.19
N PRO G 264 35.11 -4.81 -0.29
CA PRO G 264 33.95 -3.97 -0.60
C PRO G 264 34.37 -2.52 -0.77
N LEU G 265 33.72 -1.80 -1.67
CA LEU G 265 34.21 -0.49 -2.09
C LEU G 265 33.87 0.58 -1.08
N ARG G 266 34.39 0.41 0.13
CA ARG G 266 34.21 1.37 1.21
C ARG G 266 35.41 1.28 2.14
N ILE G 267 35.84 2.39 2.71
CA ILE G 267 36.79 2.30 3.81
C ILE G 267 36.02 1.93 5.07
N SER G 268 34.90 2.60 5.29
CA SER G 268 34.03 2.28 6.41
C SER G 268 33.33 0.94 6.20
N TRP G 269 33.21 0.17 7.28
CA TRP G 269 32.41 -1.05 7.30
C TRP G 269 32.67 -2.03 6.16
N SER G 270 33.92 -2.16 5.75
CA SER G 270 34.26 -3.18 4.75
C SER G 270 34.03 -4.56 5.34
N GLY G 271 34.13 -4.66 6.67
CA GLY G 271 33.99 -5.92 7.37
C GLY G 271 32.55 -6.24 7.64
N SER G 272 31.66 -5.36 7.20
CA SER G 272 30.23 -5.57 7.31
C SER G 272 29.85 -6.77 6.45
N HIS G 273 28.78 -7.45 6.83
CA HIS G 273 28.41 -8.69 6.14
C HIS G 273 28.22 -8.39 4.67
N LEU G 274 28.77 -9.26 3.82
CA LEU G 274 28.67 -9.05 2.39
C LEU G 274 27.21 -9.15 1.97
N ARG G 275 26.78 -8.22 1.13
CA ARG G 275 25.42 -8.21 0.63
C ARG G 275 25.38 -8.62 -0.83
N TRP G 276 24.31 -9.27 -1.25
CA TRP G 276 24.19 -9.65 -2.63
C TRP G 276 24.15 -8.40 -3.47
N GLY G 277 24.84 -8.46 -4.60
CA GLY G 277 24.79 -7.42 -5.61
C GLY G 277 25.60 -6.16 -5.37
N GLN G 278 26.27 -6.06 -4.22
CA GLN G 278 27.08 -4.87 -3.94
C GLN G 278 28.48 -4.99 -4.56
N PRO G 279 28.88 -3.95 -5.32
CA PRO G 279 30.16 -3.96 -6.04
C PRO G 279 31.36 -4.04 -5.11
N LEU G 280 32.41 -4.73 -5.54
CA LEU G 280 33.64 -4.82 -4.75
C LEU G 280 34.84 -5.29 -5.56
N ARG G 281 36.02 -4.87 -5.13
CA ARG G 281 37.27 -5.41 -5.65
C ARG G 281 37.51 -6.81 -5.12
N ILE G 282 38.15 -7.68 -5.89
CA ILE G 282 38.57 -8.97 -5.37
C ILE G 282 40.09 -9.08 -5.42
N ARG G 283 40.74 -8.73 -4.31
CA ARG G 283 42.18 -8.81 -4.20
C ARG G 283 42.67 -10.25 -4.28
N HIS G 284 43.71 -10.52 -5.06
CA HIS G 284 44.48 -11.73 -4.83
C HIS G 284 45.37 -11.52 -3.62
N VAL G 285 45.63 -12.56 -2.85
CA VAL G 285 46.38 -12.36 -1.63
C VAL G 285 47.88 -12.43 -1.87
N THR G 286 48.33 -13.56 -2.39
CA THR G 286 49.77 -13.85 -2.50
C THR G 286 50.56 -12.94 -3.44
N THR G 287 49.94 -12.45 -4.50
CA THR G 287 50.60 -11.46 -5.36
C THR G 287 50.23 -10.07 -4.93
N GLY G 288 49.02 -9.95 -4.38
CA GLY G 288 48.51 -8.69 -3.90
C GLY G 288 47.86 -7.89 -5.03
N ARG G 289 47.91 -8.44 -6.23
CA ARG G 289 47.25 -7.83 -7.38
C ARG G 289 45.73 -7.99 -7.28
N TYR G 290 45.00 -7.00 -7.78
CA TYR G 290 43.54 -7.07 -7.80
C TYR G 290 43.04 -7.73 -9.08
N LEU G 291 42.10 -8.66 -8.94
CA LEU G 291 41.44 -9.25 -10.10
C LEU G 291 40.64 -8.18 -10.84
N ALA G 292 40.71 -8.17 -12.18
CA ALA G 292 40.05 -7.10 -12.92
C ALA G 292 39.81 -7.41 -14.40
N LEU G 293 38.77 -6.81 -14.96
CA LEU G 293 38.58 -6.81 -16.40
C LEU G 293 39.66 -5.97 -17.07
N THR G 294 40.12 -6.41 -18.23
CA THR G 294 41.00 -5.61 -19.05
C THR G 294 40.57 -5.74 -20.51
N GLU G 295 40.27 -4.63 -21.15
CA GLU G 295 39.80 -4.68 -22.53
C GLU G 295 40.87 -5.27 -23.45
N ASP G 296 42.12 -5.04 -23.08
CA ASP G 296 43.25 -5.52 -23.87
C ASP G 296 43.42 -7.04 -23.92
N GLN G 297 42.99 -7.73 -22.87
CA GLN G 297 43.37 -9.13 -22.72
C GLN G 297 42.33 -9.93 -21.90
N GLY G 298 41.08 -9.49 -21.93
CA GLY G 298 40.03 -10.16 -21.19
C GLY G 298 40.19 -9.96 -19.69
N LEU G 299 39.55 -10.81 -18.91
CA LEU G 299 39.75 -10.80 -17.46
C LEU G 299 41.18 -11.21 -17.11
N VAL G 300 41.81 -10.48 -16.20
CA VAL G 300 43.13 -10.79 -15.67
C VAL G 300 43.33 -10.18 -14.29
N VAL G 301 44.09 -10.85 -13.44
CA VAL G 301 44.58 -10.25 -12.21
C VAL G 301 45.64 -9.22 -12.61
N VAL G 302 45.73 -8.10 -11.89
CA VAL G 302 46.60 -7.01 -12.34
C VAL G 302 47.01 -6.10 -11.18
N ASP G 303 48.12 -5.37 -11.37
CA ASP G 303 48.68 -4.52 -10.32
C ASP G 303 47.70 -3.46 -9.86
N ALA G 304 47.78 -3.13 -8.57
CA ALA G 304 46.78 -2.29 -7.92
C ALA G 304 46.68 -0.89 -8.50
N CYS G 305 47.80 -0.34 -8.95
CA CYS G 305 47.78 0.99 -9.55
C CYS G 305 46.99 1.01 -10.85
N LYS G 306 47.05 -0.09 -11.59
CA LYS G 306 46.24 -0.24 -12.79
C LYS G 306 44.78 -0.45 -12.45
N ALA G 307 44.52 -0.94 -11.24
CA ALA G 307 43.17 -1.36 -10.88
C ALA G 307 42.33 -0.17 -10.43
N HIS G 308 42.00 0.71 -11.37
CA HIS G 308 41.00 1.73 -11.12
C HIS G 308 39.65 1.03 -11.01
N THR G 309 38.74 1.61 -10.24
CA THR G 309 37.56 0.89 -9.78
C THR G 309 36.67 0.40 -10.92
N LYS G 310 36.65 1.13 -12.03
CA LYS G 310 35.83 0.71 -13.16
C LYS G 310 36.33 -0.59 -13.78
N ALA G 311 37.64 -0.70 -13.95
CA ALA G 311 38.23 -1.90 -14.53
C ALA G 311 38.09 -3.12 -13.63
N THR G 312 38.04 -2.88 -12.32
CA THR G 312 38.15 -3.97 -11.36
C THR G 312 36.87 -4.25 -10.58
N SER G 313 35.82 -3.50 -10.84
CA SER G 313 34.59 -3.68 -10.07
C SER G 313 33.96 -5.04 -10.32
N PHE G 314 33.53 -5.69 -9.23
CA PHE G 314 32.93 -7.02 -9.25
C PHE G 314 31.82 -7.09 -8.22
N CYS G 315 30.86 -7.98 -8.43
CA CYS G 315 29.82 -8.20 -7.45
C CYS G 315 29.21 -9.58 -7.56
N PHE G 316 28.91 -10.17 -6.41
CA PHE G 316 28.28 -11.48 -6.36
C PHE G 316 26.81 -11.41 -6.73
N ARG G 317 26.31 -12.50 -7.29
CA ARG G 317 24.92 -12.57 -7.71
C ARG G 317 24.34 -13.94 -7.36
N VAL G 318 23.07 -13.95 -6.96
CA VAL G 318 22.36 -15.19 -6.64
C VAL G 318 22.17 -16.10 -7.87
N SER G 319 22.04 -15.48 -9.03
CA SER G 319 21.68 -16.19 -10.26
C SER G 319 22.05 -15.38 -11.48
N LYS G 320 21.88 -15.97 -12.65
CA LYS G 320 22.27 -15.32 -13.91
C LYS G 320 21.32 -14.20 -14.33
N GLU G 321 20.19 -14.09 -13.63
CA GLU G 321 19.22 -13.03 -13.91
C GLU G 321 19.83 -11.64 -13.72
N LYS G 322 19.58 -10.75 -14.68
CA LYS G 322 20.01 -9.37 -14.57
C LYS G 322 19.28 -8.61 -13.46
N LEU G 323 18.07 -9.07 -13.15
CA LEU G 323 17.12 -8.38 -12.25
C LEU G 323 17.14 -6.87 -12.43
N LYS G 328 22.26 -0.39 -3.81
CA LYS G 328 21.66 0.51 -2.84
C LYS G 328 22.73 1.13 -1.95
N ARG G 329 22.41 2.28 -1.34
CA ARG G 329 23.32 2.96 -0.43
C ARG G 329 23.60 2.08 0.78
N ASP G 330 24.86 2.10 1.23
CA ASP G 330 25.29 1.22 2.31
C ASP G 330 24.62 1.48 3.65
N VAL G 331 24.27 0.40 4.36
CA VAL G 331 23.93 0.49 5.77
C VAL G 331 25.20 0.82 6.55
N GLU G 332 25.08 1.69 7.55
CA GLU G 332 26.21 1.97 8.43
C GLU G 332 26.21 1.00 9.59
N GLY G 333 26.58 -0.24 9.31
CA GLY G 333 26.52 -1.31 10.29
C GLY G 333 26.97 -2.60 9.63
N MET G 334 26.83 -3.71 10.33
CA MET G 334 27.28 -4.98 9.80
C MET G 334 26.51 -5.24 8.52
N GLY G 335 25.24 -4.87 8.54
CA GLY G 335 24.33 -5.18 7.45
C GLY G 335 23.61 -6.47 7.77
N PRO G 336 22.58 -6.80 6.98
CA PRO G 336 21.91 -8.09 7.20
C PRO G 336 22.87 -9.26 6.97
N PRO G 337 22.76 -10.32 7.77
CA PRO G 337 23.47 -11.56 7.48
C PRO G 337 23.00 -12.16 6.17
N GLU G 338 23.89 -12.80 5.41
CA GLU G 338 23.48 -13.45 4.17
C GLU G 338 24.32 -14.67 3.81
N ILE G 339 25.51 -14.41 3.31
CA ILE G 339 26.27 -15.43 2.59
C ILE G 339 27.00 -16.38 3.53
N LYS G 340 26.42 -17.54 3.74
CA LYS G 340 27.04 -18.63 4.48
C LYS G 340 28.30 -19.06 3.74
N TYR G 341 29.36 -19.37 4.46
CA TYR G 341 30.48 -20.05 3.83
C TYR G 341 29.96 -21.41 3.38
N GLY G 342 30.31 -21.82 2.17
CA GLY G 342 29.87 -23.11 1.65
C GLY G 342 28.45 -23.16 1.10
N GLU G 343 27.46 -23.09 1.99
CA GLU G 343 26.06 -23.29 1.57
C GLU G 343 25.50 -22.19 0.67
N SER G 344 26.07 -20.99 0.73
CA SER G 344 25.56 -19.88 -0.06
C SER G 344 26.23 -19.76 -1.44
N LEU G 345 25.61 -20.33 -2.46
CA LEU G 345 26.13 -20.27 -3.82
C LEU G 345 26.10 -18.84 -4.37
N CYS G 346 27.06 -18.48 -5.22
CA CYS G 346 27.17 -17.11 -5.72
C CYS G 346 27.73 -17.00 -7.13
N PHE G 347 27.45 -15.87 -7.78
CA PHE G 347 27.86 -15.61 -9.15
C PHE G 347 28.54 -14.25 -9.30
N VAL G 348 29.84 -14.26 -9.61
CA VAL G 348 30.58 -13.03 -9.86
C VAL G 348 30.09 -12.32 -11.12
N GLN G 349 30.05 -10.99 -11.07
CA GLN G 349 29.71 -10.20 -12.25
C GLN G 349 30.39 -8.83 -12.25
N HIS G 350 31.19 -8.57 -13.27
CA HIS G 350 31.85 -7.28 -13.40
C HIS G 350 30.80 -6.20 -13.61
N VAL G 351 30.99 -5.04 -12.98
CA VAL G 351 29.97 -4.00 -13.06
C VAL G 351 30.05 -3.16 -14.33
N ALA G 352 31.26 -2.73 -14.70
CA ALA G 352 31.42 -1.84 -15.83
C ALA G 352 31.02 -2.48 -17.16
N SER G 353 31.25 -3.78 -17.30
CA SER G 353 30.85 -4.48 -18.51
C SER G 353 29.53 -5.23 -18.36
N GLY G 354 29.26 -5.69 -17.14
CA GLY G 354 28.09 -6.51 -16.87
C GLY G 354 28.36 -7.97 -17.15
N LEU G 355 29.56 -8.28 -17.61
CA LEU G 355 29.93 -9.64 -17.97
C LEU G 355 29.95 -10.57 -16.77
N TRP G 356 29.42 -11.77 -16.95
CA TRP G 356 29.50 -12.81 -15.93
C TRP G 356 30.89 -13.46 -15.91
N LEU G 357 31.32 -13.90 -14.75
CA LEU G 357 32.55 -14.67 -14.63
C LEU G 357 32.41 -16.04 -15.29
N THR G 358 33.45 -16.49 -16.00
CA THR G 358 33.48 -17.84 -16.56
C THR G 358 34.87 -18.31 -16.96
N TYR G 359 34.91 -19.29 -17.86
CA TYR G 359 36.15 -20.00 -18.18
C TYR G 359 36.24 -20.42 -19.65
N ALA G 360 37.47 -20.67 -20.11
CA ALA G 360 37.70 -21.16 -21.46
C ALA G 360 37.48 -22.67 -21.53
N ALA G 361 38.57 -23.41 -21.73
CA ALA G 361 38.52 -24.86 -21.82
C ALA G 361 39.90 -25.47 -21.58
N VAL G 371 44.77 -32.35 -14.13
CA VAL G 371 45.38 -31.83 -15.35
C VAL G 371 44.65 -30.56 -15.80
N LEU G 372 43.39 -30.43 -15.41
CA LEU G 372 42.60 -29.28 -15.80
C LEU G 372 43.21 -28.01 -15.22
N LYS G 373 43.19 -26.94 -16.02
CA LYS G 373 43.83 -25.69 -15.66
C LYS G 373 43.19 -24.63 -16.54
N LYS G 374 41.85 -24.67 -16.60
CA LYS G 374 41.10 -23.88 -17.56
C LYS G 374 41.27 -22.38 -17.36
N LYS G 375 41.47 -21.67 -18.47
CA LYS G 375 41.63 -20.23 -18.44
C LYS G 375 40.30 -19.58 -18.06
N ALA G 376 40.35 -18.54 -17.23
CA ALA G 376 39.13 -17.84 -16.86
C ALA G 376 39.00 -16.51 -17.59
N ILE G 377 37.78 -16.17 -17.98
CA ILE G 377 37.47 -14.92 -18.67
C ILE G 377 36.06 -14.45 -18.33
N LEU G 378 35.83 -13.15 -18.44
CA LEU G 378 34.48 -12.62 -18.39
C LEU G 378 33.75 -12.89 -19.70
N HIS G 379 32.44 -13.08 -19.64
CA HIS G 379 31.63 -13.40 -20.81
C HIS G 379 30.15 -13.13 -20.56
N GLN G 380 29.42 -12.80 -21.61
CA GLN G 380 28.03 -12.35 -21.48
C GLN G 380 27.08 -13.39 -20.89
N GLU G 381 27.32 -14.66 -21.15
CA GLU G 381 26.36 -15.69 -20.75
C GLU G 381 26.80 -16.44 -19.51
N GLY G 382 27.81 -17.29 -19.67
CA GLY G 382 28.35 -18.05 -18.56
C GLY G 382 27.73 -19.42 -18.45
N HIS G 383 28.56 -20.41 -18.17
CA HIS G 383 28.11 -21.79 -18.00
C HIS G 383 27.43 -21.99 -16.65
N MET G 384 26.56 -23.00 -16.59
CA MET G 384 25.79 -23.30 -15.38
C MET G 384 26.67 -23.71 -14.20
N ASP G 385 27.88 -24.19 -14.47
CA ASP G 385 28.78 -24.65 -13.43
C ASP G 385 29.49 -23.50 -12.72
N ASP G 386 29.27 -22.29 -13.22
CA ASP G 386 29.96 -21.10 -12.73
C ASP G 386 29.46 -20.68 -11.37
N ALA G 387 28.42 -21.34 -10.89
CA ALA G 387 27.99 -21.14 -9.51
C ALA G 387 29.16 -21.44 -8.60
N LEU G 388 29.37 -20.58 -7.62
CA LEU G 388 30.54 -20.67 -6.76
C LEU G 388 30.10 -20.62 -5.32
N PHE G 389 30.82 -21.29 -4.44
CA PHE G 389 30.57 -21.08 -3.03
C PHE G 389 31.86 -20.71 -2.31
N LEU G 390 31.76 -19.64 -1.54
CA LEU G 390 32.85 -19.11 -0.77
C LEU G 390 33.15 -20.04 0.41
N THR G 391 34.41 -20.18 0.78
CA THR G 391 34.72 -20.91 2.00
C THR G 391 35.93 -20.28 2.69
N ARG G 392 35.80 -20.12 4.01
CA ARG G 392 36.74 -19.33 4.80
C ARG G 392 38.14 -19.92 4.91
N CYS G 393 39.14 -19.06 4.80
CA CYS G 393 40.52 -19.40 5.09
C CYS G 393 40.79 -19.52 6.59
N GLN G 394 41.75 -20.37 6.95
CA GLN G 394 42.24 -20.39 8.33
C GLN G 394 42.98 -19.08 8.61
N GLN G 395 42.84 -18.55 9.83
CA GLN G 395 43.47 -17.29 10.16
C GLN G 395 44.99 -17.36 10.08
N GLU G 396 45.53 -18.51 10.49
CA GLU G 396 46.96 -18.72 10.41
C GLU G 396 47.38 -18.77 8.95
N GLU G 397 46.49 -19.29 8.12
CA GLU G 397 46.80 -19.49 6.72
C GLU G 397 46.74 -18.18 5.96
N SER G 398 45.70 -17.39 6.21
CA SER G 398 45.61 -16.07 5.59
C SER G 398 46.71 -15.16 6.07
N GLN G 399 47.10 -15.30 7.33
CA GLN G 399 48.22 -14.54 7.85
C GLN G 399 49.48 -14.95 7.12
N ALA G 400 49.58 -16.25 6.87
CA ALA G 400 50.74 -16.80 6.18
C ALA G 400 50.82 -16.28 4.77
N ALA G 401 49.65 -16.08 4.16
CA ALA G 401 49.58 -15.67 2.77
C ALA G 401 49.86 -14.18 2.59
N ARG G 402 49.29 -13.36 3.46
CA ARG G 402 49.58 -11.95 3.42
C ARG G 402 51.06 -11.74 3.69
N MET G 403 51.59 -12.61 4.56
CA MET G 403 53.00 -12.57 4.81
C MET G 403 53.76 -13.01 3.56
N ILE G 404 53.17 -13.89 2.76
CA ILE G 404 53.82 -14.28 1.51
C ILE G 404 53.93 -13.07 0.64
N HIS G 405 52.92 -12.22 0.71
CA HIS G 405 52.93 -11.02 -0.12
C HIS G 405 54.00 -10.04 0.31
N SER G 406 54.00 -9.67 1.59
CA SER G 406 54.97 -8.66 2.03
C SER G 406 56.39 -9.18 1.90
N THR G 407 56.54 -10.48 2.15
CA THR G 407 57.83 -11.13 2.10
C THR G 407 58.37 -11.15 0.68
N ALA G 408 57.52 -11.59 -0.24
CA ALA G 408 57.94 -11.68 -1.62
C ALA G 408 58.23 -10.30 -2.19
N GLY G 409 57.45 -9.29 -1.80
CA GLY G 409 57.69 -7.98 -2.37
C GLY G 409 58.97 -7.38 -1.83
N LEU G 410 59.23 -7.65 -0.55
CA LEU G 410 60.43 -7.12 0.07
C LEU G 410 61.66 -7.77 -0.54
N TYR G 411 61.64 -9.09 -0.68
CA TYR G 411 62.80 -9.74 -1.27
C TYR G 411 62.95 -9.45 -2.76
N ASN G 412 61.86 -9.14 -3.45
CA ASN G 412 62.00 -8.76 -4.85
C ASN G 412 62.66 -7.40 -5.01
N GLN G 413 62.19 -6.41 -4.25
CA GLN G 413 62.83 -5.11 -4.36
C GLN G 413 64.27 -5.20 -3.85
N PHE G 414 64.49 -6.10 -2.89
CA PHE G 414 65.84 -6.30 -2.39
C PHE G 414 66.76 -6.91 -3.44
N ILE G 415 66.25 -7.88 -4.19
CA ILE G 415 67.02 -8.47 -5.28
C ILE G 415 67.27 -7.46 -6.38
N LYS G 416 66.31 -6.56 -6.61
CA LYS G 416 66.55 -5.48 -7.55
C LYS G 416 67.66 -4.59 -7.05
N GLY G 417 67.74 -4.45 -5.72
CA GLY G 417 68.78 -3.64 -5.14
C GLY G 417 70.15 -4.29 -5.30
N LEU G 418 70.18 -5.62 -5.19
CA LEU G 418 71.41 -6.35 -5.45
C LEU G 418 71.81 -6.26 -6.91
N ASP G 419 70.81 -6.16 -7.78
CA ASP G 419 71.07 -5.92 -9.19
C ASP G 419 71.56 -4.50 -9.44
N SER G 420 71.27 -3.58 -8.52
CA SER G 420 71.62 -2.18 -8.72
C SER G 420 73.13 -1.94 -8.77
N PHE G 421 73.91 -2.80 -8.12
CA PHE G 421 75.36 -2.60 -8.07
C PHE G 421 76.14 -3.86 -8.43
N SER G 422 75.46 -4.85 -9.00
CA SER G 422 76.12 -6.09 -9.37
C SER G 422 77.16 -5.89 -10.47
N GLY G 423 76.93 -4.92 -11.35
CA GLY G 423 77.86 -4.62 -12.43
C GLY G 423 78.71 -3.39 -12.19
N LYS G 424 78.46 -2.68 -11.10
CA LYS G 424 79.10 -1.39 -10.86
C LYS G 424 79.71 -1.26 -9.47
N PRO G 425 80.89 -1.84 -9.25
CA PRO G 425 81.60 -1.62 -7.99
C PRO G 425 81.92 -0.14 -7.81
N ARG G 426 81.89 0.35 -6.58
CA ARG G 426 82.14 1.76 -6.30
C ARG G 426 83.62 2.10 -6.34
N LEU G 436 69.25 -0.14 -1.12
CA LEU G 436 69.19 -1.42 -0.42
C LEU G 436 68.40 -1.33 0.87
N PRO G 437 67.26 -2.03 0.94
CA PRO G 437 66.47 -2.15 2.17
C PRO G 437 67.09 -3.13 3.17
N ILE G 438 68.32 -2.88 3.62
CA ILE G 438 69.03 -3.86 4.42
C ILE G 438 68.32 -4.24 5.71
N GLU G 439 68.02 -3.22 6.51
CA GLU G 439 67.47 -3.44 7.84
C GLU G 439 66.09 -4.09 7.82
N ALA G 440 65.28 -3.73 6.82
CA ALA G 440 63.97 -4.34 6.69
C ALA G 440 64.10 -5.81 6.32
N VAL G 441 65.12 -6.14 5.56
CA VAL G 441 65.33 -7.52 5.16
C VAL G 441 65.83 -8.32 6.34
N ILE G 442 66.74 -7.74 7.11
CA ILE G 442 67.26 -8.44 8.29
C ILE G 442 66.13 -8.68 9.29
N LEU G 443 65.22 -7.71 9.35
CA LEU G 443 64.13 -7.77 10.30
C LEU G 443 63.13 -8.81 9.88
N SER G 444 62.83 -8.85 8.58
CA SER G 444 61.94 -9.87 8.03
C SER G 444 62.54 -11.27 8.14
N LEU G 445 63.86 -11.36 8.07
CA LEU G 445 64.53 -12.62 8.28
C LEU G 445 64.40 -13.10 9.71
N GLN G 446 64.69 -12.21 10.67
CA GLN G 446 64.57 -12.62 12.06
C GLN G 446 63.14 -12.98 12.39
N ASP G 447 62.22 -12.26 11.77
CA ASP G 447 60.83 -12.37 12.15
C ASP G 447 60.22 -13.62 11.52
N LEU G 448 60.60 -13.92 10.29
CA LEU G 448 60.25 -15.23 9.72
C LEU G 448 60.91 -16.40 10.44
N ILE G 449 62.14 -16.22 10.91
CA ILE G 449 62.77 -17.31 11.64
C ILE G 449 62.04 -17.57 12.93
N GLY G 450 61.50 -16.51 13.54
CA GLY G 450 60.69 -16.72 14.71
C GLY G 450 59.38 -17.35 14.30
N TYR G 451 58.91 -16.96 13.13
CA TYR G 451 57.64 -17.41 12.59
C TYR G 451 57.65 -18.91 12.26
N PHE G 452 58.82 -19.42 11.89
CA PHE G 452 58.98 -20.84 11.60
C PHE G 452 59.70 -21.65 12.64
N GLU G 453 59.97 -21.05 13.78
CA GLU G 453 60.78 -21.74 14.76
C GLU G 453 60.05 -22.98 15.25
N PRO G 454 60.73 -24.14 15.21
CA PRO G 454 60.17 -25.46 15.50
C PRO G 454 59.69 -25.61 16.93
N PRO G 455 58.62 -26.38 17.15
CA PRO G 455 58.07 -26.53 18.50
C PRO G 455 59.07 -27.16 19.46
N SER G 456 59.06 -26.71 20.71
CA SER G 456 59.95 -27.25 21.73
C SER G 456 59.52 -28.64 22.16
N GLU G 457 60.48 -29.47 22.54
CA GLU G 457 60.16 -30.78 23.10
C GLU G 457 59.44 -30.61 24.44
N GLU G 458 59.69 -29.47 25.08
CA GLU G 458 59.13 -29.17 26.39
C GLU G 458 57.60 -29.11 26.36
N LEU G 459 57.07 -28.64 25.24
CA LEU G 459 55.62 -28.59 25.05
C LEU G 459 55.07 -30.00 24.98
N GLN G 460 53.88 -30.20 25.52
CA GLN G 460 53.27 -31.53 25.52
C GLN G 460 52.88 -31.97 24.12
N HIS G 461 52.87 -33.29 23.92
CA HIS G 461 52.90 -33.87 22.58
C HIS G 461 51.73 -33.51 21.69
N GLU G 462 50.55 -33.29 22.26
CA GLU G 462 49.40 -32.95 21.44
C GLU G 462 49.53 -31.55 20.87
N GLU G 463 49.81 -30.60 21.77
CA GLU G 463 50.02 -29.22 21.38
C GLU G 463 51.26 -29.08 20.52
N LYS G 464 52.26 -29.89 20.83
CA LYS G 464 53.49 -29.91 20.04
C LYS G 464 53.21 -30.41 18.64
N GLN G 465 52.25 -31.32 18.53
CA GLN G 465 51.99 -31.96 17.27
C GLN G 465 51.13 -31.08 16.40
N SER G 466 50.16 -30.40 17.01
CA SER G 466 49.38 -29.39 16.29
C SER G 466 50.23 -28.20 15.87
N LYS G 467 51.19 -27.85 16.72
CA LYS G 467 52.07 -26.72 16.44
C LYS G 467 52.97 -27.07 15.28
N LEU G 468 53.48 -28.30 15.34
CA LEU G 468 54.31 -28.85 14.29
C LEU G 468 53.52 -28.99 13.00
N ARG G 469 52.23 -29.25 13.12
CA ARG G 469 51.36 -29.39 11.97
C ARG G 469 51.18 -28.03 11.31
N SER G 470 51.05 -27.00 12.13
CA SER G 470 50.95 -25.64 11.65
C SER G 470 52.25 -25.23 10.98
N LEU G 471 53.36 -25.75 11.47
CA LEU G 471 54.66 -25.45 10.86
C LEU G 471 54.84 -26.13 9.52
N ARG G 472 54.43 -27.40 9.45
CA ARG G 472 54.54 -28.16 8.22
C ARG G 472 53.74 -27.39 7.20
N ASN G 473 52.51 -27.10 7.61
CA ASN G 473 51.56 -26.49 6.69
C ASN G 473 51.96 -25.09 6.26
N ARG G 474 52.53 -24.29 7.15
CA ARG G 474 52.98 -22.97 6.76
C ARG G 474 54.20 -23.01 5.84
N GLN G 475 55.11 -23.95 6.07
CA GLN G 475 56.24 -24.08 5.16
C GLN G 475 55.74 -24.50 3.79
N SER G 476 54.70 -25.33 3.79
CA SER G 476 54.09 -25.73 2.56
C SER G 476 53.46 -24.52 1.89
N LEU G 477 52.93 -23.62 2.72
CA LEU G 477 52.35 -22.39 2.21
C LEU G 477 53.36 -21.45 1.60
N PHE G 478 54.59 -21.41 2.10
CA PHE G 478 55.57 -20.64 1.34
C PHE G 478 56.09 -21.41 0.15
N GLN G 479 55.87 -22.72 0.12
CA GLN G 479 56.42 -23.51 -0.97
C GLN G 479 55.89 -23.20 -2.37
N GLU G 480 54.58 -23.04 -2.52
CA GLU G 480 53.99 -22.91 -3.85
C GLU G 480 54.42 -21.61 -4.53
N GLU G 481 54.70 -20.58 -3.73
CA GLU G 481 55.07 -19.28 -4.24
C GLU G 481 56.55 -19.18 -4.56
N GLY G 482 57.27 -20.28 -4.36
CA GLY G 482 58.66 -20.33 -4.76
C GLY G 482 59.51 -19.50 -3.83
N MET G 483 59.06 -19.37 -2.59
CA MET G 483 59.81 -18.60 -1.61
C MET G 483 61.17 -19.22 -1.39
N LEU G 484 61.28 -20.54 -1.51
CA LEU G 484 62.61 -21.14 -1.48
C LEU G 484 63.42 -20.68 -2.68
N SER G 485 62.76 -20.51 -3.82
CA SER G 485 63.46 -20.02 -5.00
C SER G 485 63.90 -18.58 -4.80
N LEU G 486 63.11 -17.82 -4.07
CA LEU G 486 63.39 -16.41 -3.85
C LEU G 486 64.57 -16.25 -2.89
N VAL G 487 64.49 -16.99 -1.80
CA VAL G 487 65.54 -17.00 -0.80
C VAL G 487 66.84 -17.51 -1.40
N LEU G 488 66.73 -18.51 -2.26
CA LEU G 488 67.91 -19.00 -2.98
C LEU G 488 68.49 -18.03 -3.99
N ASN G 489 67.65 -17.26 -4.68
CA ASN G 489 68.19 -16.23 -5.54
C ASN G 489 68.91 -15.19 -4.72
N CYS G 490 68.38 -14.90 -3.53
CA CYS G 490 69.09 -14.01 -2.63
C CYS G 490 70.41 -14.60 -2.19
N ILE G 491 70.44 -15.92 -2.03
CA ILE G 491 71.67 -16.59 -1.66
C ILE G 491 72.67 -16.49 -2.80
N ASP G 492 72.14 -16.45 -4.02
CA ASP G 492 72.99 -16.37 -5.18
C ASP G 492 73.62 -14.99 -5.23
N ARG G 493 72.79 -13.97 -5.38
CA ARG G 493 73.31 -12.63 -5.55
C ARG G 493 74.07 -12.09 -4.33
N LEU G 494 73.68 -12.47 -3.12
CA LEU G 494 74.47 -12.08 -1.94
C LEU G 494 75.86 -12.72 -1.84
N ASN G 495 76.01 -13.95 -2.32
CA ASN G 495 77.23 -14.70 -2.04
C ASN G 495 78.36 -14.61 -3.04
N VAL G 496 78.21 -13.78 -4.08
CA VAL G 496 79.32 -13.53 -4.97
C VAL G 496 80.44 -12.90 -4.15
N TYR G 497 80.03 -12.15 -3.12
CA TYR G 497 80.95 -11.48 -2.22
C TYR G 497 81.63 -12.42 -1.24
N THR G 498 82.86 -12.08 -0.86
CA THR G 498 83.55 -12.77 0.23
C THR G 498 83.79 -11.83 1.40
N THR G 499 83.27 -10.61 1.29
CA THR G 499 83.51 -9.57 2.29
C THR G 499 82.22 -9.07 2.90
N TYR G 506 81.99 -2.01 -3.98
CA TYR G 506 80.68 -2.43 -4.44
C TYR G 506 79.60 -1.60 -3.78
N ALA G 507 78.73 -2.28 -3.05
CA ALA G 507 77.77 -1.61 -2.17
C ALA G 507 78.54 -0.90 -1.08
N GLY G 508 78.00 0.21 -0.60
CA GLY G 508 78.68 1.01 0.41
C GLY G 508 78.97 0.16 1.62
N GLU G 509 80.20 0.25 2.12
CA GLU G 509 80.70 -0.72 3.09
C GLU G 509 79.88 -0.74 4.37
N GLU G 510 79.32 0.41 4.74
CA GLU G 510 78.46 0.46 5.92
C GLU G 510 77.19 -0.36 5.72
N ALA G 511 76.69 -0.38 4.50
CA ALA G 511 75.60 -1.27 4.15
C ALA G 511 76.03 -2.73 4.19
N ALA G 512 77.30 -2.96 3.88
CA ALA G 512 77.84 -4.31 3.82
C ALA G 512 78.23 -4.84 5.19
N GLU G 513 78.23 -3.95 6.18
CA GLU G 513 78.58 -4.36 7.54
C GLU G 513 77.58 -5.38 8.06
N SER G 514 76.34 -5.24 7.60
CA SER G 514 75.28 -6.14 8.00
C SER G 514 75.31 -7.46 7.27
N TRP G 515 76.06 -7.53 6.17
CA TRP G 515 75.95 -8.64 5.25
C TRP G 515 76.29 -10.01 5.83
N LYS G 516 77.26 -10.06 6.73
CA LYS G 516 77.61 -11.32 7.34
C LYS G 516 76.46 -11.83 8.21
N GLU G 517 75.78 -10.90 8.87
CA GLU G 517 74.57 -11.23 9.60
C GLU G 517 73.46 -11.64 8.64
N ILE G 518 73.43 -11.01 7.47
CA ILE G 518 72.31 -11.18 6.57
C ILE G 518 72.32 -12.56 5.97
N VAL G 519 73.48 -12.95 5.42
CA VAL G 519 73.58 -14.22 4.75
C VAL G 519 73.41 -15.39 5.72
N ASN G 520 73.90 -15.23 6.95
CA ASN G 520 73.85 -16.31 7.93
C ASN G 520 72.43 -16.46 8.44
N LEU G 521 71.84 -15.32 8.74
CA LEU G 521 70.47 -15.28 9.23
C LEU G 521 69.56 -15.83 8.15
N LEU G 522 69.99 -15.65 6.90
CA LEU G 522 69.17 -16.03 5.77
C LEU G 522 69.25 -17.52 5.49
N TYR G 523 70.43 -18.13 5.62
CA TYR G 523 70.47 -19.59 5.56
C TYR G 523 69.75 -20.18 6.76
N GLU G 524 69.79 -19.48 7.89
CA GLU G 524 69.08 -19.98 9.05
C GLU G 524 67.58 -19.99 8.76
N LEU G 525 67.13 -18.98 8.05
CA LEU G 525 65.75 -18.91 7.61
C LEU G 525 65.48 -20.04 6.63
N LEU G 526 66.49 -20.36 5.83
CA LEU G 526 66.29 -21.33 4.77
C LEU G 526 66.07 -22.70 5.37
N ALA G 527 66.96 -23.08 6.27
CA ALA G 527 66.84 -24.37 6.94
C ALA G 527 65.56 -24.37 7.75
N SER G 528 65.20 -23.19 8.26
CA SER G 528 63.97 -23.10 9.04
C SER G 528 62.75 -23.40 8.19
N LEU G 529 62.84 -23.12 6.89
CA LEU G 529 61.79 -23.55 5.97
C LEU G 529 61.89 -25.04 5.65
N ILE G 530 63.11 -25.51 5.39
CA ILE G 530 63.31 -26.92 5.03
C ILE G 530 63.03 -27.99 6.09
N ARG G 531 63.14 -27.65 7.37
CA ARG G 531 63.13 -28.69 8.40
C ARG G 531 61.88 -29.56 8.43
N GLY G 532 60.74 -28.97 8.11
CA GLY G 532 59.48 -29.69 8.19
C GLY G 532 59.05 -30.67 7.11
N ASN G 533 59.43 -30.44 5.86
CA ASN G 533 58.82 -31.20 4.79
C ASN G 533 59.79 -32.06 4.01
N ARG G 534 59.34 -33.26 3.64
CA ARG G 534 60.08 -34.04 2.68
C ARG G 534 60.09 -33.30 1.35
N ALA G 535 59.00 -32.58 1.09
CA ALA G 535 58.80 -31.92 -0.21
C ALA G 535 59.79 -30.80 -0.52
N ASN G 536 60.15 -30.00 0.49
CA ASN G 536 61.08 -28.91 0.23
C ASN G 536 62.44 -29.47 -0.14
N CYS G 537 62.81 -30.54 0.57
CA CYS G 537 64.07 -31.22 0.31
C CYS G 537 64.03 -31.89 -1.05
N ALA G 538 62.86 -32.35 -1.43
CA ALA G 538 62.65 -32.97 -2.72
C ALA G 538 62.83 -31.93 -3.80
N LEU G 539 62.49 -30.69 -3.48
CA LEU G 539 62.73 -29.60 -4.42
C LEU G 539 64.14 -29.04 -4.33
N PHE G 540 64.90 -29.44 -3.31
CA PHE G 540 66.36 -29.33 -3.40
C PHE G 540 67.05 -30.56 -3.98
N SER G 541 66.29 -31.57 -4.36
CA SER G 541 66.90 -32.84 -4.78
C SER G 541 67.87 -32.67 -5.94
N THR G 542 67.43 -32.02 -7.01
CA THR G 542 68.34 -31.62 -8.08
C THR G 542 69.27 -30.51 -7.62
N ASN G 543 68.79 -29.73 -6.66
CA ASN G 543 69.39 -28.44 -6.32
C ASN G 543 70.53 -28.61 -5.31
N LEU G 544 70.73 -29.84 -4.83
CA LEU G 544 71.72 -30.06 -3.77
C LEU G 544 73.15 -29.73 -4.18
N ASP G 545 73.47 -29.91 -5.46
CA ASP G 545 74.82 -29.64 -5.93
C ASP G 545 75.18 -28.18 -5.69
N TRP G 546 74.18 -27.33 -5.83
CA TRP G 546 74.29 -25.94 -5.46
C TRP G 546 74.51 -25.70 -3.97
N VAL G 547 73.90 -26.55 -3.14
CA VAL G 547 74.00 -26.37 -1.69
C VAL G 547 75.39 -26.74 -1.23
N VAL G 548 75.89 -27.85 -1.76
CA VAL G 548 77.25 -28.26 -1.47
C VAL G 548 78.20 -27.22 -2.04
N SER G 549 77.80 -26.62 -3.15
CA SER G 549 78.62 -25.58 -3.74
C SER G 549 78.72 -24.34 -2.84
N LYS G 550 77.64 -24.04 -2.13
CA LYS G 550 77.64 -22.86 -1.25
C LYS G 550 78.24 -23.24 0.10
N LEU G 551 78.41 -24.53 0.31
CA LEU G 551 78.90 -25.06 1.58
C LEU G 551 80.33 -24.67 1.93
N ASP G 552 81.16 -24.46 0.93
CA ASP G 552 82.58 -24.23 1.16
C ASP G 552 82.88 -22.73 1.39
N ARG G 553 81.85 -21.89 1.30
CA ARG G 553 82.07 -20.45 1.40
C ARG G 553 82.56 -20.00 2.77
N LEU G 554 82.05 -20.59 3.84
CA LEU G 554 82.53 -20.26 5.16
C LEU G 554 82.45 -18.76 5.44
N GLU G 555 81.43 -18.08 4.89
CA GLU G 555 81.14 -16.72 5.32
C GLU G 555 80.40 -16.78 6.66
N ALA G 556 79.35 -17.60 6.65
CA ALA G 556 78.66 -18.10 7.82
C ALA G 556 78.29 -19.53 7.49
N SER G 557 79.27 -20.42 7.47
CA SER G 557 79.08 -21.74 6.91
C SER G 557 78.02 -22.57 7.63
N SER G 558 77.99 -22.47 8.95
CA SER G 558 77.27 -23.45 9.73
C SER G 558 75.82 -23.46 9.31
N GLY G 559 75.24 -22.28 9.16
CA GLY G 559 73.86 -22.26 8.72
C GLY G 559 73.64 -23.06 7.45
N ILE G 560 74.61 -23.03 6.55
CA ILE G 560 74.53 -23.83 5.32
C ILE G 560 74.56 -25.30 5.72
N LEU G 561 75.29 -25.55 6.79
CA LEU G 561 75.53 -26.89 7.24
C LEU G 561 74.25 -27.46 7.83
N GLU G 562 73.57 -26.65 8.62
CA GLU G 562 72.28 -27.05 9.17
C GLU G 562 71.28 -27.21 8.03
N VAL G 563 71.42 -26.39 7.00
CA VAL G 563 70.52 -26.48 5.86
C VAL G 563 70.67 -27.84 5.21
N LEU G 564 71.90 -28.20 4.91
CA LEU G 564 72.17 -29.43 4.19
C LEU G 564 71.82 -30.63 5.05
N TYR G 565 72.00 -30.50 6.36
CA TYR G 565 71.64 -31.58 7.27
C TYR G 565 70.14 -31.81 7.27
N CYS G 566 69.39 -30.72 7.33
CA CYS G 566 67.94 -30.82 7.27
C CYS G 566 67.47 -31.35 5.93
N VAL G 567 68.20 -31.02 4.87
CA VAL G 567 67.89 -31.54 3.55
C VAL G 567 68.10 -33.04 3.50
N LEU G 568 69.08 -33.52 4.24
CA LEU G 568 69.39 -34.94 4.18
C LEU G 568 68.48 -35.78 5.05
N ILE G 569 68.23 -35.31 6.27
CA ILE G 569 67.45 -36.10 7.20
C ILE G 569 66.00 -36.31 6.75
N GLU G 570 65.45 -35.32 6.04
CA GLU G 570 64.06 -35.37 5.63
C GLU G 570 63.77 -36.09 4.30
N SER G 571 64.80 -36.47 3.56
CA SER G 571 64.58 -36.88 2.17
C SER G 571 65.48 -37.99 1.65
N PRO G 572 64.98 -39.24 1.68
CA PRO G 572 65.75 -40.37 1.15
C PRO G 572 66.14 -40.28 -0.33
N GLU G 573 65.28 -39.68 -1.15
CA GLU G 573 65.54 -39.62 -2.59
C GLU G 573 66.74 -38.72 -2.88
N VAL G 574 66.86 -37.66 -2.08
CA VAL G 574 68.00 -36.77 -2.21
C VAL G 574 69.27 -37.52 -1.84
N LEU G 575 69.16 -38.43 -0.88
CA LEU G 575 70.27 -39.30 -0.55
C LEU G 575 70.59 -40.23 -1.69
N ASN G 576 69.57 -40.63 -2.44
CA ASN G 576 69.81 -41.45 -3.61
C ASN G 576 70.58 -40.68 -4.67
N ILE G 577 70.31 -39.38 -4.79
CA ILE G 577 70.97 -38.57 -5.82
C ILE G 577 72.47 -38.34 -5.69
N ILE G 578 72.98 -38.26 -4.46
CA ILE G 578 74.28 -37.63 -4.22
C ILE G 578 75.50 -38.30 -4.88
N GLN G 579 76.38 -37.46 -5.42
CA GLN G 579 77.62 -37.88 -6.09
C GLN G 579 78.86 -37.80 -5.20
N GLU G 580 79.96 -38.38 -5.68
CA GLU G 580 81.19 -38.48 -4.90
C GLU G 580 81.77 -37.14 -4.50
N ASN G 581 81.64 -36.16 -5.38
CA ASN G 581 82.24 -34.85 -5.18
C ASN G 581 81.63 -34.14 -3.99
N HIS G 582 80.35 -34.38 -3.77
CA HIS G 582 79.63 -33.67 -2.73
C HIS G 582 80.10 -34.15 -1.37
N ILE G 583 80.18 -35.47 -1.25
CA ILE G 583 80.67 -36.08 -0.03
C ILE G 583 82.12 -35.74 0.22
N LYS G 584 82.90 -35.65 -0.85
CA LYS G 584 84.29 -35.28 -0.68
C LYS G 584 84.38 -33.83 -0.20
N SER G 585 83.40 -33.02 -0.61
CA SER G 585 83.36 -31.64 -0.17
C SER G 585 82.95 -31.50 1.29
N ILE G 586 81.97 -32.28 1.72
CA ILE G 586 81.52 -32.24 3.10
C ILE G 586 82.61 -32.74 4.03
N ILE G 587 83.26 -33.81 3.62
CA ILE G 587 84.37 -34.35 4.37
C ILE G 587 85.54 -33.38 4.36
N SER G 588 85.67 -32.63 3.28
CA SER G 588 86.67 -31.58 3.26
C SER G 588 86.32 -30.51 4.28
N LEU G 589 85.02 -30.27 4.45
CA LEU G 589 84.59 -29.32 5.46
C LEU G 589 84.94 -29.85 6.84
N LEU G 590 84.85 -31.16 7.02
CA LEU G 590 85.26 -31.73 8.28
C LEU G 590 86.76 -31.59 8.48
N ASP G 591 87.52 -31.74 7.40
CA ASP G 591 88.94 -31.53 7.52
C ASP G 591 89.18 -30.06 7.85
N LYS G 592 88.46 -29.21 7.14
CA LYS G 592 88.60 -27.77 7.29
C LYS G 592 88.18 -27.20 8.65
N HIS G 593 87.04 -27.64 9.15
CA HIS G 593 86.45 -26.99 10.30
C HIS G 593 86.76 -27.71 11.60
N GLY G 594 87.60 -28.73 11.52
CA GLY G 594 87.92 -29.51 12.70
C GLY G 594 86.68 -30.34 12.91
N ARG G 595 86.58 -31.02 14.04
CA ARG G 595 85.35 -31.73 14.33
C ARG G 595 84.25 -30.70 14.53
N ASN G 596 83.13 -30.98 13.89
CA ASN G 596 81.82 -30.49 14.25
C ASN G 596 80.90 -31.68 14.42
N HIS G 597 80.24 -31.76 15.56
CA HIS G 597 79.41 -32.91 15.84
C HIS G 597 78.37 -32.96 14.76
N LYS G 598 77.85 -31.81 14.37
CA LYS G 598 76.83 -31.77 13.34
C LYS G 598 77.43 -32.35 12.09
N VAL G 599 78.68 -31.99 11.82
CA VAL G 599 79.27 -32.39 10.57
C VAL G 599 79.32 -33.89 10.50
N LEU G 600 79.70 -34.54 11.59
CA LEU G 600 79.74 -35.99 11.57
C LEU G 600 78.34 -36.56 11.36
N ASP G 601 77.40 -35.96 12.06
CA ASP G 601 75.99 -36.33 12.06
C ASP G 601 75.39 -36.18 10.68
N VAL G 602 75.91 -35.24 9.90
CA VAL G 602 75.42 -35.05 8.54
C VAL G 602 75.82 -36.22 7.69
N LEU G 603 77.05 -36.68 7.88
CA LEU G 603 77.53 -37.86 7.18
C LEU G 603 76.72 -39.07 7.62
N CYS G 604 76.35 -39.07 8.89
CA CYS G 604 75.52 -40.15 9.41
C CYS G 604 74.16 -40.12 8.74
N SER G 605 73.66 -38.93 8.44
CA SER G 605 72.42 -38.80 7.69
C SER G 605 72.57 -39.23 6.24
N LEU G 606 73.75 -39.01 5.67
CA LEU G 606 74.04 -39.50 4.32
C LEU G 606 74.02 -41.00 4.30
N CYS G 607 74.46 -41.59 5.40
CA CYS G 607 74.56 -43.03 5.46
C CYS G 607 73.22 -43.75 5.36
N VAL G 608 72.18 -43.15 5.92
CA VAL G 608 70.91 -43.85 6.06
C VAL G 608 69.73 -42.89 5.87
N CYS G 609 68.69 -43.38 5.22
CA CYS G 609 67.50 -42.59 4.94
C CYS G 609 66.61 -42.53 6.17
N ASN G 610 65.31 -42.40 5.95
CA ASN G 610 64.34 -42.45 7.03
C ASN G 610 64.36 -43.81 7.71
N GLY G 611 64.75 -44.82 6.94
CA GLY G 611 64.92 -46.16 7.46
C GLY G 611 65.81 -46.99 6.55
N VAL G 612 65.51 -46.94 5.25
CA VAL G 612 66.29 -47.70 4.28
C VAL G 612 67.73 -47.22 4.16
N ALA G 613 68.65 -48.18 4.02
CA ALA G 613 70.06 -47.89 3.76
C ALA G 613 70.31 -47.51 2.31
N VAL G 614 71.37 -46.73 2.08
CA VAL G 614 71.83 -46.40 0.74
C VAL G 614 73.31 -46.78 0.59
N ARG G 615 73.54 -48.02 0.16
CA ARG G 615 74.82 -48.68 0.36
C ARG G 615 76.01 -47.99 -0.31
N SER G 616 75.86 -47.56 -1.56
CA SER G 616 76.99 -46.95 -2.27
C SER G 616 77.39 -45.63 -1.63
N ASN G 617 76.40 -44.94 -1.09
CA ASN G 617 76.60 -43.67 -0.45
C ASN G 617 77.47 -43.85 0.78
N GLN G 618 77.34 -45.03 1.37
CA GLN G 618 78.02 -45.39 2.60
C GLN G 618 79.45 -45.85 2.31
N ASP G 619 79.54 -46.70 1.30
CA ASP G 619 80.80 -47.27 0.89
C ASP G 619 81.68 -46.14 0.45
N LEU G 620 81.06 -45.11 -0.11
CA LEU G 620 81.80 -43.95 -0.54
C LEU G 620 82.40 -43.23 0.67
N ILE G 621 81.64 -43.21 1.76
CA ILE G 621 82.10 -42.61 3.00
C ILE G 621 83.31 -43.36 3.49
N THR G 622 83.26 -44.67 3.32
CA THR G 622 84.40 -45.49 3.70
C THR G 622 85.57 -45.29 2.76
N GLU G 623 85.29 -44.85 1.54
CA GLU G 623 86.34 -44.60 0.58
C GLU G 623 86.94 -43.22 0.79
N ASN G 624 86.30 -42.40 1.62
CA ASN G 624 86.89 -41.09 1.91
C ASN G 624 87.38 -40.90 3.35
N LEU G 625 86.47 -40.91 4.33
CA LEU G 625 86.88 -40.67 5.71
C LEU G 625 87.87 -41.69 6.25
N LEU G 626 87.41 -42.93 6.28
CA LEU G 626 88.12 -44.01 6.96
C LEU G 626 89.56 -44.29 6.51
N PRO G 627 89.81 -44.42 5.19
CA PRO G 627 91.15 -44.86 4.79
C PRO G 627 92.27 -43.92 5.28
N GLY G 628 91.97 -42.63 5.35
CA GLY G 628 92.99 -41.64 5.60
C GLY G 628 93.41 -41.52 7.05
N ARG G 629 92.65 -42.13 7.95
CA ARG G 629 93.00 -42.19 9.38
C ARG G 629 93.13 -40.81 10.04
N GLU G 630 93.72 -39.87 9.32
CA GLU G 630 94.19 -38.59 9.82
C GLU G 630 93.09 -37.66 10.32
N LEU G 631 91.88 -37.79 9.79
CA LEU G 631 90.83 -36.81 10.05
C LEU G 631 90.05 -37.07 11.34
N LEU G 632 89.14 -38.05 11.28
CA LEU G 632 88.40 -38.47 12.46
C LEU G 632 89.31 -39.23 13.42
N LEU G 633 88.96 -39.21 14.71
CA LEU G 633 89.80 -39.81 15.74
C LEU G 633 90.04 -41.29 15.50
N GLN G 634 91.29 -41.70 15.65
CA GLN G 634 91.65 -43.10 15.56
C GLN G 634 91.88 -43.63 16.98
N THR G 635 91.63 -44.91 17.19
CA THR G 635 91.71 -45.46 18.53
C THR G 635 92.11 -46.92 18.58
N ASN G 636 92.89 -47.28 19.61
CA ASN G 636 93.29 -48.66 19.83
C ASN G 636 93.76 -48.89 21.25
N LEU G 637 93.52 -50.09 21.77
CA LEU G 637 94.01 -50.46 23.09
C LEU G 637 95.53 -50.55 23.06
N ILE G 638 96.16 -50.13 24.15
CA ILE G 638 97.62 -50.08 24.22
C ILE G 638 98.12 -50.63 25.55
N ASN G 639 99.21 -51.38 25.52
CA ASN G 639 99.88 -51.80 26.74
C ASN G 639 100.56 -50.59 27.39
N TYR G 640 100.51 -50.49 28.72
CA TYR G 640 101.23 -49.42 29.41
C TYR G 640 102.74 -49.58 29.36
N VAL G 641 103.44 -48.45 29.20
CA VAL G 641 104.89 -48.41 29.26
C VAL G 641 105.35 -47.91 30.62
N THR G 642 106.40 -48.52 31.16
CA THR G 642 106.90 -48.15 32.50
C THR G 642 108.43 -48.23 32.45
N SER G 643 109.13 -47.42 33.25
CA SER G 643 110.59 -47.38 33.12
C SER G 643 111.32 -47.11 34.42
N ILE G 644 112.57 -47.53 34.49
CA ILE G 644 113.41 -47.23 35.65
C ILE G 644 114.76 -46.57 35.33
N ARG G 645 115.03 -45.50 36.06
CA ARG G 645 116.38 -44.96 36.21
C ARG G 645 117.04 -45.50 37.49
N PRO G 646 118.20 -46.16 37.35
CA PRO G 646 119.01 -46.46 38.52
C PRO G 646 119.47 -45.16 39.17
N ASN G 647 119.60 -45.15 40.49
CA ASN G 647 119.37 -43.97 41.32
C ASN G 647 120.17 -42.70 41.05
N ILE G 648 121.41 -42.80 40.60
CA ILE G 648 122.18 -41.56 40.45
C ILE G 648 122.48 -41.18 39.00
N PHE G 649 122.26 -39.90 38.73
CA PHE G 649 122.36 -39.31 37.41
C PHE G 649 123.81 -39.24 36.96
N VAL G 650 124.06 -39.47 35.69
CA VAL G 650 125.35 -39.10 35.11
C VAL G 650 125.44 -37.58 34.94
N GLY G 651 126.63 -37.03 35.15
CA GLY G 651 126.83 -35.58 35.03
C GLY G 651 127.84 -35.22 33.97
N GLY G 660 131.80 -36.56 31.78
CA GLY G 660 132.82 -37.54 31.46
C GLY G 660 132.28 -38.78 30.79
N LYS G 661 133.19 -39.71 30.48
CA LYS G 661 132.82 -41.02 29.94
C LYS G 661 132.07 -41.85 30.99
N TRP G 662 131.09 -42.61 30.54
CA TRP G 662 130.28 -43.45 31.42
C TRP G 662 129.72 -44.67 30.69
N TYR G 663 129.41 -45.71 31.47
CA TYR G 663 129.00 -47.01 30.93
C TYR G 663 128.21 -47.83 31.94
N PHE G 664 127.26 -48.64 31.46
CA PHE G 664 126.58 -49.57 32.35
C PHE G 664 125.99 -50.74 31.58
N GLU G 665 125.85 -51.87 32.27
CA GLU G 665 125.24 -53.03 31.65
C GLU G 665 123.77 -53.19 32.02
N VAL G 666 123.06 -53.90 31.16
CA VAL G 666 121.67 -54.26 31.34
C VAL G 666 121.49 -55.74 31.00
N MET G 667 121.51 -56.58 32.03
CA MET G 667 121.09 -57.96 31.89
C MET G 667 119.62 -57.97 31.53
N VAL G 668 119.23 -58.83 30.60
CA VAL G 668 117.83 -59.15 30.44
C VAL G 668 117.59 -60.41 31.26
N ASP G 669 116.60 -60.38 32.14
CA ASP G 669 116.30 -61.55 32.94
C ASP G 669 115.34 -62.50 32.24
N GLU G 670 114.29 -61.94 31.64
CA GLU G 670 113.28 -62.72 30.95
C GLU G 670 112.39 -61.83 30.09
N VAL G 671 111.91 -62.36 28.97
CA VAL G 671 110.97 -61.65 28.13
C VAL G 671 109.94 -62.62 27.55
N VAL G 672 108.68 -62.21 27.56
CA VAL G 672 107.65 -62.89 26.78
C VAL G 672 107.09 -61.86 25.82
N PRO G 673 107.54 -61.90 24.55
CA PRO G 673 107.36 -60.82 23.59
C PRO G 673 105.91 -60.44 23.31
N PHE G 674 104.99 -61.41 23.37
CA PHE G 674 103.62 -61.17 22.95
C PHE G 674 102.53 -61.56 23.93
N LEU G 675 102.80 -61.51 25.22
CA LEU G 675 101.68 -61.50 26.14
C LEU G 675 101.02 -60.15 25.85
N THR G 676 99.69 -60.12 25.77
CA THR G 676 98.94 -59.01 25.12
C THR G 676 99.38 -58.82 23.66
N ALA G 677 98.54 -58.13 22.88
CA ALA G 677 98.73 -58.06 21.44
C ALA G 677 99.99 -57.34 20.98
N GLN G 678 100.43 -56.33 21.72
CA GLN G 678 101.67 -55.63 21.35
C GLN G 678 102.91 -56.44 21.65
N ALA G 679 103.95 -56.21 20.91
CA ALA G 679 105.16 -56.71 21.41
C ALA G 679 105.38 -55.79 22.61
N THR G 680 105.80 -56.47 23.66
CA THR G 680 106.10 -55.76 24.87
C THR G 680 107.19 -55.05 24.17
N HIS G 681 107.41 -53.80 24.52
CA HIS G 681 108.48 -53.05 23.93
C HIS G 681 109.45 -52.94 25.08
N LEU G 682 110.73 -52.87 24.77
CA LEU G 682 111.69 -52.58 25.80
C LEU G 682 112.67 -51.62 25.14
N ARG G 683 112.90 -50.44 25.69
CA ARG G 683 113.88 -49.53 25.12
C ARG G 683 114.93 -49.20 26.17
N VAL G 684 116.21 -49.33 25.83
CA VAL G 684 117.21 -49.03 26.86
C VAL G 684 118.05 -47.84 26.44
N GLY G 685 118.13 -46.80 27.27
CA GLY G 685 119.01 -45.71 26.87
C GLY G 685 118.98 -44.49 27.77
N TRP G 686 119.79 -43.49 27.44
CA TRP G 686 119.97 -42.30 28.27
C TRP G 686 118.80 -41.32 28.23
N ALA G 687 118.62 -40.55 29.29
CA ALA G 687 117.68 -39.43 29.30
C ALA G 687 118.03 -38.33 30.32
N LEU G 688 117.89 -37.08 29.88
CA LEU G 688 118.12 -35.90 30.71
C LEU G 688 117.01 -35.63 31.71
N THR G 689 117.38 -35.02 32.84
CA THR G 689 116.42 -34.72 33.90
C THR G 689 115.35 -33.69 33.54
N GLU G 690 115.67 -32.78 32.64
CA GLU G 690 114.83 -31.61 32.41
C GLU G 690 113.91 -31.75 31.20
N GLY G 691 113.30 -32.92 31.04
CA GLY G 691 112.38 -33.12 29.95
C GLY G 691 111.70 -34.48 29.92
N TYR G 692 112.42 -35.51 30.33
CA TYR G 692 111.85 -36.84 30.32
C TYR G 692 110.89 -37.04 31.47
N SER G 693 109.61 -37.04 31.13
CA SER G 693 108.55 -37.17 32.11
C SER G 693 107.57 -38.24 31.63
N PRO G 694 107.96 -39.51 31.80
CA PRO G 694 107.22 -40.66 31.28
C PRO G 694 105.94 -40.90 32.03
N TYR G 695 104.95 -40.02 31.86
CA TYR G 695 103.68 -40.23 32.52
C TYR G 695 103.07 -41.51 31.97
N PRO G 696 102.61 -42.40 32.87
CA PRO G 696 102.21 -43.78 32.61
C PRO G 696 101.08 -43.91 31.60
N GLY G 697 100.20 -42.93 31.54
CA GLY G 697 99.11 -42.96 30.58
C GLY G 697 99.65 -42.63 29.20
N GLY G 698 100.88 -42.14 29.16
CA GLY G 698 101.60 -41.94 27.92
C GLY G 698 101.35 -40.62 27.20
N GLY G 699 102.02 -40.46 26.07
CA GLY G 699 101.88 -39.27 25.25
C GLY G 699 102.45 -39.49 23.87
N GLU G 700 102.19 -38.55 22.97
CA GLU G 700 102.67 -38.60 21.59
C GLU G 700 102.33 -39.91 20.87
N GLY G 701 103.34 -40.53 20.29
CA GLY G 701 103.14 -41.67 19.40
C GLY G 701 102.84 -42.97 20.10
N TRP G 702 101.60 -43.12 20.54
CA TRP G 702 101.13 -44.33 21.21
C TRP G 702 102.02 -44.65 22.42
N GLY G 703 102.59 -43.60 23.02
CA GLY G 703 103.39 -43.74 24.23
C GLY G 703 104.78 -44.32 24.03
N GLY G 704 105.38 -44.76 25.13
CA GLY G 704 106.67 -45.42 25.13
C GLY G 704 107.90 -44.54 25.19
N ASN G 705 109.05 -45.20 25.24
CA ASN G 705 110.36 -44.54 25.30
C ASN G 705 110.72 -43.91 23.96
N GLY G 706 111.56 -42.89 24.00
CA GLY G 706 112.07 -42.26 22.80
C GLY G 706 111.16 -41.17 22.26
N VAL G 707 110.03 -40.94 22.92
CA VAL G 707 109.09 -39.93 22.47
C VAL G 707 109.66 -38.52 22.51
N GLY G 708 110.59 -38.27 23.43
CA GLY G 708 111.22 -36.96 23.48
C GLY G 708 112.52 -36.89 22.71
N ASP G 709 112.86 -35.69 22.25
CA ASP G 709 114.21 -35.43 21.78
C ASP G 709 115.12 -35.56 22.99
N ASP G 710 114.56 -35.29 24.17
CA ASP G 710 115.26 -35.45 25.43
C ASP G 710 115.60 -36.91 25.68
N LEU G 711 114.73 -37.80 25.22
CA LEU G 711 115.02 -39.24 25.21
C LEU G 711 116.06 -39.71 24.22
N TYR G 712 116.87 -40.67 24.66
CA TYR G 712 117.90 -41.27 23.83
C TYR G 712 117.86 -42.77 24.09
N SER G 713 117.53 -43.60 23.10
CA SER G 713 117.19 -44.98 23.43
C SER G 713 117.49 -46.06 22.38
N TYR G 714 117.51 -47.30 22.87
CA TYR G 714 117.89 -48.47 22.10
C TYR G 714 117.21 -49.72 22.68
N GLY G 715 117.02 -50.75 21.85
CA GLY G 715 116.42 -51.98 22.32
C GLY G 715 115.19 -52.38 21.53
N PHE G 716 114.32 -53.12 22.22
CA PHE G 716 113.00 -53.51 21.73
C PHE G 716 113.05 -54.26 20.41
N ASP G 717 112.19 -53.82 19.51
CA ASP G 717 112.10 -54.36 18.17
C ASP G 717 113.37 -54.07 17.37
N GLY G 718 113.79 -55.05 16.59
CA GLY G 718 114.77 -54.78 15.54
C GLY G 718 116.05 -54.22 16.11
N LEU G 719 116.17 -54.26 17.44
CA LEU G 719 117.17 -53.49 18.16
C LEU G 719 117.06 -52.02 17.76
N HIS G 720 118.17 -51.46 17.29
CA HIS G 720 118.28 -50.10 16.75
C HIS G 720 117.67 -49.02 17.66
N LEU G 721 117.56 -47.79 17.16
CA LEU G 721 117.38 -46.62 18.03
C LEU G 721 116.12 -45.76 17.84
N TRP G 722 115.73 -45.10 18.93
CA TRP G 722 114.52 -44.26 18.97
C TRP G 722 114.76 -42.86 19.52
N THR G 723 114.33 -41.84 18.77
CA THR G 723 114.29 -40.46 19.26
C THR G 723 113.14 -39.65 18.65
N GLY G 724 112.44 -38.87 19.46
CA GLY G 724 111.32 -38.10 18.96
C GLY G 724 110.17 -39.05 18.69
N HIS G 725 110.24 -40.21 19.32
CA HIS G 725 109.39 -41.36 19.00
C HIS G 725 109.53 -41.68 17.51
N VAL G 726 110.76 -41.55 17.01
CA VAL G 726 111.09 -41.98 15.67
C VAL G 726 112.11 -43.11 15.76
N ALA G 727 111.69 -44.31 15.38
CA ALA G 727 112.60 -45.42 15.23
C ALA G 727 113.51 -45.18 14.05
N ARG G 728 114.78 -45.54 14.22
CA ARG G 728 115.72 -45.56 13.12
C ARG G 728 116.45 -46.89 13.20
N PRO G 729 116.83 -47.44 12.03
CA PRO G 729 117.24 -48.85 11.97
C PRO G 729 118.73 -49.12 11.95
N VAL G 730 119.45 -48.79 13.03
CA VAL G 730 120.85 -49.16 13.13
C VAL G 730 120.99 -50.68 13.14
N THR G 731 121.92 -51.20 12.36
CA THR G 731 122.21 -52.63 12.31
C THR G 731 123.02 -53.12 13.51
N SER G 732 122.85 -54.40 13.84
CA SER G 732 123.76 -55.06 14.78
C SER G 732 124.22 -56.38 14.17
N PRO G 733 125.44 -56.82 14.52
CA PRO G 733 126.03 -58.00 13.88
C PRO G 733 125.20 -59.28 14.02
N GLY G 734 124.53 -59.46 15.16
CA GLY G 734 123.67 -60.60 15.35
C GLY G 734 122.24 -60.34 14.95
N GLN G 735 121.91 -59.07 14.72
CA GLN G 735 120.54 -58.62 14.44
C GLN G 735 119.56 -59.10 15.50
N HIS G 736 120.00 -59.20 16.75
CA HIS G 736 119.15 -59.75 17.81
C HIS G 736 118.44 -58.70 18.66
N LEU G 737 117.13 -58.88 18.86
CA LEU G 737 116.34 -57.96 19.66
C LEU G 737 116.86 -58.00 21.07
N LEU G 738 115.94 -58.09 22.03
CA LEU G 738 116.32 -58.32 23.41
C LEU G 738 115.76 -59.65 23.87
N ALA G 739 116.46 -60.71 23.49
CA ALA G 739 116.14 -62.06 23.95
C ALA G 739 116.44 -62.12 25.44
N PRO G 740 115.75 -63.01 26.16
CA PRO G 740 115.94 -63.08 27.61
C PRO G 740 117.39 -63.33 28.01
N GLU G 741 118.13 -64.09 27.20
CA GLU G 741 119.53 -64.34 27.49
C GLU G 741 120.45 -63.19 27.07
N ASP G 742 119.92 -62.23 26.32
CA ASP G 742 120.73 -61.10 25.83
C ASP G 742 121.16 -60.14 26.93
N VAL G 743 122.32 -59.52 26.74
CA VAL G 743 122.85 -58.57 27.70
C VAL G 743 123.23 -57.26 27.00
N VAL G 744 122.32 -56.29 27.04
CA VAL G 744 122.58 -54.99 26.44
C VAL G 744 123.59 -54.26 27.32
N SER G 745 124.38 -53.35 26.77
CA SER G 745 125.31 -52.58 27.61
C SER G 745 125.57 -51.17 27.06
N CYS G 746 124.88 -50.19 27.64
CA CYS G 746 124.92 -48.81 27.18
C CYS G 746 126.21 -48.08 27.53
N CYS G 747 126.60 -47.11 26.70
CA CYS G 747 127.77 -46.26 26.97
C CYS G 747 127.60 -44.86 26.38
N LEU G 748 128.12 -43.85 27.08
CA LEU G 748 128.09 -42.47 26.58
C LEU G 748 129.15 -41.56 27.20
N ASP G 749 129.75 -40.72 26.34
CA ASP G 749 130.73 -39.73 26.77
C ASP G 749 130.11 -38.34 26.91
N LEU G 750 130.72 -37.49 27.73
CA LEU G 750 130.48 -36.06 27.63
C LEU G 750 131.56 -35.51 26.69
N SER G 751 131.39 -34.28 26.23
CA SER G 751 132.20 -33.66 25.18
C SER G 751 131.92 -34.37 23.87
N VAL G 752 132.45 -35.58 23.71
CA VAL G 752 132.00 -36.42 22.60
C VAL G 752 130.59 -36.88 22.94
N PRO G 753 129.64 -36.62 22.04
CA PRO G 753 128.22 -36.92 22.27
C PRO G 753 127.78 -38.28 21.73
N SER G 754 128.72 -39.21 21.61
CA SER G 754 128.46 -40.48 20.97
C SER G 754 127.94 -41.56 21.91
N ILE G 755 126.63 -41.67 22.05
CA ILE G 755 126.07 -42.86 22.70
C ILE G 755 126.40 -44.06 21.83
N SER G 756 126.69 -45.18 22.47
CA SER G 756 126.91 -46.43 21.75
C SER G 756 126.43 -47.60 22.59
N PHE G 757 126.07 -48.68 21.92
CA PHE G 757 125.46 -49.80 22.61
C PHE G 757 126.17 -51.09 22.25
N ARG G 758 126.18 -52.04 23.18
CA ARG G 758 126.83 -53.32 22.95
C ARG G 758 126.04 -54.48 23.54
N ILE G 759 125.21 -55.12 22.72
CA ILE G 759 124.53 -56.33 23.17
C ILE G 759 125.56 -57.42 23.42
N ASN G 760 125.44 -58.11 24.55
CA ASN G 760 126.26 -59.28 24.85
C ASN G 760 127.75 -59.03 24.68
N GLY G 761 128.16 -57.79 24.84
CA GLY G 761 129.55 -57.39 24.65
C GLY G 761 129.89 -57.12 23.20
N CYS G 762 128.91 -57.29 22.32
CA CYS G 762 129.08 -57.06 20.90
C CYS G 762 128.63 -55.66 20.48
N PRO G 763 129.54 -54.86 19.91
CA PRO G 763 129.26 -53.46 19.56
C PRO G 763 128.15 -53.33 18.51
N VAL G 764 127.35 -52.27 18.63
CA VAL G 764 126.18 -52.10 17.79
C VAL G 764 126.32 -50.79 17.00
N GLN G 765 127.57 -50.47 16.66
CA GLN G 765 127.88 -49.37 15.73
C GLN G 765 127.58 -47.98 16.31
N GLY G 766 128.34 -46.98 15.89
CA GLY G 766 128.13 -45.61 16.34
C GLY G 766 126.78 -45.06 15.92
N VAL G 767 126.11 -44.35 16.82
CA VAL G 767 124.76 -43.90 16.54
C VAL G 767 124.52 -42.43 16.93
N PHE G 768 124.15 -42.20 18.19
CA PHE G 768 123.72 -40.89 18.66
C PHE G 768 124.83 -39.83 18.66
N GLU G 769 124.46 -38.58 18.36
CA GLU G 769 125.42 -37.47 18.22
C GLU G 769 124.86 -36.08 18.54
N ALA G 770 125.79 -35.16 18.78
CA ALA G 770 125.54 -33.72 18.87
C ALA G 770 124.49 -33.31 19.91
N PHE G 771 124.44 -34.01 21.03
CA PHE G 771 123.49 -33.71 22.09
C PHE G 771 123.77 -32.45 22.90
N ASN G 772 122.70 -31.79 23.30
CA ASN G 772 122.74 -30.73 24.30
C ASN G 772 123.04 -31.31 25.68
N LEU G 773 123.80 -30.58 26.50
CA LEU G 773 123.83 -30.87 27.92
C LEU G 773 122.82 -29.98 28.64
N ASP G 774 122.09 -30.57 29.57
CA ASP G 774 121.31 -29.82 30.53
C ASP G 774 120.97 -30.76 31.68
N GLY G 775 120.94 -30.24 32.90
CA GLY G 775 120.69 -31.07 34.06
C GLY G 775 121.74 -32.15 34.19
N LEU G 776 121.29 -33.38 34.43
CA LEU G 776 122.17 -34.54 34.50
C LEU G 776 121.52 -35.72 33.75
N PHE G 777 122.34 -36.58 33.15
CA PHE G 777 121.80 -37.64 32.28
C PHE G 777 121.64 -39.01 32.93
N PHE G 778 120.46 -39.28 33.48
CA PHE G 778 120.18 -40.60 34.03
C PHE G 778 119.95 -41.66 32.95
N PRO G 779 120.53 -42.85 33.15
CA PRO G 779 120.26 -44.08 32.40
C PRO G 779 118.82 -44.56 32.56
N VAL G 780 118.25 -45.17 31.52
CA VAL G 780 116.86 -45.59 31.55
C VAL G 780 116.65 -46.99 30.99
N VAL G 781 115.76 -47.74 31.63
CA VAL G 781 115.26 -48.99 31.07
C VAL G 781 113.73 -48.96 31.06
N SER G 782 113.20 -48.61 29.89
CA SER G 782 111.77 -48.72 29.62
C SER G 782 111.40 -50.17 29.32
N PHE G 783 110.15 -50.52 29.59
CA PHE G 783 109.70 -51.89 29.50
C PHE G 783 108.19 -51.97 29.66
N SER G 784 107.67 -53.17 29.46
CA SER G 784 106.27 -53.45 29.68
C SER G 784 106.04 -54.94 29.96
N ALA G 785 104.84 -55.26 30.46
CA ALA G 785 104.39 -56.63 30.65
C ALA G 785 105.26 -57.46 31.59
N GLY G 786 105.42 -58.74 31.23
CA GLY G 786 106.05 -59.71 32.09
C GLY G 786 107.55 -59.67 32.00
N VAL G 787 108.06 -58.77 31.15
CA VAL G 787 109.48 -58.60 30.94
C VAL G 787 110.16 -58.17 32.24
N LYS G 788 111.35 -58.71 32.47
CA LYS G 788 112.13 -58.40 33.66
C LYS G 788 113.61 -58.36 33.29
N VAL G 789 114.37 -57.50 33.95
CA VAL G 789 115.78 -57.28 33.62
C VAL G 789 116.61 -56.88 34.84
N ARG G 790 117.89 -57.23 34.84
CA ARG G 790 118.81 -56.70 35.84
C ARG G 790 119.57 -55.48 35.34
N PHE G 791 119.74 -54.49 36.21
CA PHE G 791 120.80 -53.50 36.04
C PHE G 791 122.16 -54.07 36.43
N LEU G 792 123.21 -53.56 35.79
CA LEU G 792 124.57 -53.76 36.25
C LEU G 792 125.36 -52.47 36.10
N LEU G 793 125.12 -51.56 37.03
CA LEU G 793 125.87 -50.32 37.11
C LEU G 793 127.26 -50.59 37.67
N GLY G 794 127.42 -51.77 38.27
CA GLY G 794 128.70 -52.21 38.80
C GLY G 794 128.67 -52.43 40.30
N GLU G 799 129.59 -55.33 38.92
CA GLU G 799 129.33 -56.71 38.52
C GLU G 799 129.22 -56.85 37.01
N PHE G 800 129.99 -56.04 36.28
CA PHE G 800 129.93 -56.07 34.82
C PHE G 800 130.34 -57.42 34.25
N LYS G 801 129.57 -57.90 33.29
CA LYS G 801 129.90 -59.13 32.57
C LYS G 801 130.86 -58.81 31.42
N PHE G 802 131.03 -57.51 31.14
CA PHE G 802 131.80 -57.07 29.99
C PHE G 802 132.26 -55.63 30.12
N LEU G 803 133.53 -55.44 30.45
CA LEU G 803 134.09 -54.10 30.57
C LEU G 803 134.88 -53.69 29.32
N PRO G 804 134.37 -52.66 28.65
CA PRO G 804 134.97 -52.14 27.43
C PRO G 804 136.12 -51.22 27.81
N PRO G 805 137.32 -51.55 27.32
CA PRO G 805 138.49 -50.70 27.54
C PRO G 805 138.14 -49.23 27.32
N PRO G 806 137.06 -48.99 26.57
CA PRO G 806 136.53 -47.64 26.35
C PRO G 806 136.61 -46.84 27.64
N GLY G 807 137.69 -46.09 27.79
CA GLY G 807 137.95 -45.30 28.97
C GLY G 807 136.69 -44.68 29.55
N TYR G 808 135.94 -45.50 30.28
CA TYR G 808 134.72 -45.01 30.89
C TYR G 808 134.81 -44.98 32.41
N ALA G 809 133.97 -44.15 33.03
CA ALA G 809 133.71 -44.26 34.45
C ALA G 809 132.48 -45.15 34.66
N PRO G 810 132.65 -46.24 35.40
CA PRO G 810 131.51 -47.13 35.69
C PRO G 810 130.44 -46.41 36.50
N CYS G 811 129.17 -46.73 36.26
CA CYS G 811 128.07 -46.10 36.97
C CYS G 811 128.08 -46.41 38.46
N HIS G 812 128.74 -47.50 38.83
CA HIS G 812 128.90 -47.84 40.24
C HIS G 812 129.70 -46.75 40.93
N GLU G 813 130.53 -46.07 40.14
CA GLU G 813 131.32 -44.94 40.64
C GLU G 813 130.51 -43.65 40.68
N ALA G 814 129.29 -43.69 40.15
CA ALA G 814 128.39 -42.55 40.25
C ALA G 814 127.73 -42.49 41.62
N VAL G 815 127.90 -43.57 42.38
CA VAL G 815 127.22 -43.77 43.66
C VAL G 815 127.57 -42.77 44.74
N LEU G 816 128.70 -42.09 44.58
CA LEU G 816 129.41 -41.45 45.68
C LEU G 816 128.68 -40.45 46.60
N PRO G 817 127.93 -39.47 46.03
CA PRO G 817 127.69 -38.28 46.86
C PRO G 817 127.03 -38.48 48.24
N ARG G 818 126.07 -39.40 48.37
CA ARG G 818 125.63 -39.89 49.68
C ARG G 818 124.53 -40.94 49.56
N GLU G 819 123.55 -40.68 48.69
CA GLU G 819 122.33 -41.47 48.64
C GLU G 819 122.58 -42.92 48.27
N ARG G 820 121.84 -43.82 48.91
CA ARG G 820 121.92 -45.23 48.58
C ARG G 820 121.41 -45.47 47.16
N LEU G 821 122.10 -46.34 46.44
CA LEU G 821 121.66 -46.71 45.10
C LEU G 821 120.35 -47.50 45.18
N ARG G 822 119.47 -47.26 44.21
CA ARG G 822 118.15 -47.89 44.17
C ARG G 822 117.43 -47.57 42.86
N LEU G 823 117.02 -48.61 42.14
CA LEU G 823 116.30 -48.40 40.89
C LEU G 823 114.95 -47.74 41.20
N GLU G 824 114.60 -46.73 40.40
CA GLU G 824 113.41 -45.92 40.66
C GLU G 824 112.62 -45.53 39.39
N PRO G 825 111.31 -45.28 39.54
CA PRO G 825 110.29 -45.01 38.50
C PRO G 825 110.51 -43.83 37.55
N ILE G 826 111.18 -42.76 38.01
CA ILE G 826 111.30 -41.46 37.32
C ILE G 826 110.06 -40.61 37.55
N LYS G 827 110.26 -39.39 38.01
CA LYS G 827 109.29 -38.59 38.75
C LYS G 827 108.12 -39.38 39.36
N GLU G 828 107.10 -39.74 38.60
CA GLU G 828 106.01 -40.50 39.19
C GLU G 828 105.15 -39.68 40.15
N TYR G 829 103.84 -39.89 40.06
CA TYR G 829 102.89 -39.25 40.96
C TYR G 829 102.30 -40.19 42.00
N ARG G 830 102.69 -41.46 41.99
CA ARG G 830 102.13 -42.39 42.98
C ARG G 830 102.97 -43.62 43.31
N ARG G 831 103.55 -43.65 44.51
CA ARG G 831 103.93 -44.95 45.08
C ARG G 831 102.69 -45.72 45.54
N GLU G 832 102.73 -47.03 45.40
CA GLU G 832 101.68 -47.87 45.99
C GLU G 832 102.05 -48.24 47.44
N GLY G 833 101.82 -47.29 48.34
CA GLY G 833 102.14 -47.48 49.74
C GLY G 833 101.22 -48.47 50.44
N PRO G 834 101.69 -49.05 51.55
CA PRO G 834 100.90 -50.00 52.34
C PRO G 834 99.58 -49.43 52.85
N ARG G 835 99.55 -48.14 53.17
CA ARG G 835 98.33 -47.47 53.57
C ARG G 835 97.35 -47.37 52.42
N GLY G 836 97.90 -47.36 51.21
CA GLY G 836 97.12 -47.12 50.02
C GLY G 836 97.96 -46.37 49.00
N PRO G 837 97.31 -45.71 48.04
CA PRO G 837 98.03 -44.99 46.99
C PRO G 837 98.76 -43.74 47.48
N HIS G 838 99.98 -43.89 47.99
CA HIS G 838 100.79 -42.74 48.36
C HIS G 838 101.13 -41.91 47.13
N LEU G 839 101.12 -40.59 47.28
CA LEU G 839 101.20 -39.72 46.11
C LEU G 839 102.49 -38.90 46.07
N VAL G 840 103.48 -39.43 45.35
CA VAL G 840 104.81 -38.83 45.25
C VAL G 840 104.95 -37.68 44.27
N GLY G 841 106.02 -36.91 44.44
CA GLY G 841 106.45 -35.95 43.45
C GLY G 841 105.99 -34.51 43.60
N PRO G 842 106.43 -33.64 42.67
CA PRO G 842 107.35 -33.96 41.57
C PRO G 842 108.84 -33.98 41.93
N SER G 843 109.29 -35.02 42.62
CA SER G 843 110.70 -35.31 42.84
C SER G 843 111.52 -34.13 43.38
N ARG G 844 112.58 -33.79 42.67
CA ARG G 844 113.40 -32.63 43.05
C ARG G 844 114.32 -32.24 41.91
N CYS G 845 115.43 -32.97 41.79
CA CYS G 845 116.42 -32.73 40.77
C CYS G 845 117.30 -33.96 40.59
N PHE G 851 124.56 -28.52 41.27
CA PHE G 851 125.02 -28.02 39.98
C PHE G 851 126.53 -27.83 39.98
N VAL G 852 127.24 -28.79 39.38
CA VAL G 852 128.69 -28.74 39.30
C VAL G 852 129.23 -27.73 40.33
N PRO G 853 130.16 -28.17 41.19
CA PRO G 853 130.71 -27.31 42.24
C PRO G 853 131.49 -26.12 41.70
N CYS G 854 131.41 -24.99 42.40
CA CYS G 854 132.09 -23.77 42.00
C CYS G 854 132.25 -22.82 43.17
N PRO G 855 133.47 -22.73 43.73
CA PRO G 855 133.77 -21.89 44.88
C PRO G 855 133.55 -20.41 44.63
N VAL G 856 133.11 -19.69 45.66
CA VAL G 856 133.08 -18.23 45.63
C VAL G 856 134.52 -17.72 45.62
N ASP G 857 134.77 -16.63 44.91
CA ASP G 857 136.11 -16.05 44.82
C ASP G 857 136.60 -15.60 46.20
N THR G 858 137.87 -15.87 46.48
CA THR G 858 138.44 -15.59 47.81
C THR G 858 139.84 -15.00 47.75
N VAL G 859 140.63 -15.41 46.76
CA VAL G 859 142.03 -15.01 46.67
C VAL G 859 142.17 -13.51 46.49
N GLN G 860 141.15 -12.90 45.89
CA GLN G 860 141.13 -11.45 45.67
C GLN G 860 141.13 -10.68 46.98
N ILE G 861 140.56 -11.27 48.02
CA ILE G 861 140.54 -10.64 49.35
C ILE G 861 141.96 -10.51 49.88
N VAL G 862 142.25 -9.39 50.54
CA VAL G 862 143.57 -9.14 51.10
C VAL G 862 143.48 -8.58 52.52
N LEU G 863 143.68 -9.44 53.51
CA LEU G 863 143.61 -9.02 54.91
C LEU G 863 144.76 -8.11 55.31
N PRO G 864 144.44 -7.00 55.99
CA PRO G 864 145.44 -6.12 56.62
C PRO G 864 146.20 -6.87 57.69
N PRO G 865 147.50 -6.54 57.87
CA PRO G 865 148.41 -7.32 58.71
C PRO G 865 147.96 -7.46 60.17
N HIS G 866 147.30 -6.44 60.71
CA HIS G 866 146.83 -6.51 62.08
C HIS G 866 145.80 -7.62 62.27
N LEU G 867 144.97 -7.84 61.26
CA LEU G 867 144.09 -9.00 61.24
C LEU G 867 144.91 -10.27 61.10
N GLU G 868 145.99 -10.17 60.33
CA GLU G 868 146.83 -11.31 60.02
C GLU G 868 147.55 -11.86 61.24
N ARG G 869 147.84 -11.00 62.22
CA ARG G 869 148.45 -11.49 63.44
C ARG G 869 147.48 -12.39 64.21
N ILE G 870 146.23 -11.96 64.29
CA ILE G 870 145.20 -12.77 64.91
C ILE G 870 145.00 -14.04 64.10
N ARG G 871 145.22 -13.94 62.79
CA ARG G 871 145.16 -15.12 61.95
C ARG G 871 146.27 -16.08 62.34
N GLU G 872 147.44 -15.53 62.67
CA GLU G 872 148.56 -16.35 63.13
C GLU G 872 148.28 -17.00 64.47
N LYS G 873 147.51 -16.31 65.31
CA LYS G 873 147.22 -16.86 66.62
C LYS G 873 146.19 -17.98 66.54
N LEU G 874 145.11 -17.72 65.83
CA LEU G 874 144.06 -18.72 65.66
C LEU G 874 144.58 -19.92 64.88
N ALA G 875 145.46 -19.67 63.91
CA ALA G 875 146.13 -20.75 63.22
C ALA G 875 147.07 -21.51 64.13
N GLU G 876 147.68 -20.81 65.09
CA GLU G 876 148.53 -21.49 66.05
C GLU G 876 147.70 -22.42 66.92
N ASN G 877 146.49 -21.98 67.23
CA ASN G 877 145.61 -22.78 68.07
C ASN G 877 145.09 -23.99 67.30
N ILE G 878 144.68 -23.77 66.05
CA ILE G 878 144.21 -24.87 65.23
C ILE G 878 145.33 -25.87 64.93
N HIS G 879 146.55 -25.38 64.78
CA HIS G 879 147.70 -26.27 64.63
C HIS G 879 147.94 -27.05 65.91
N GLU G 880 147.65 -26.41 67.06
CA GLU G 880 147.70 -27.12 68.33
C GLU G 880 146.63 -28.20 68.38
N LEU G 881 145.52 -27.97 67.69
CA LEU G 881 144.44 -28.94 67.64
C LEU G 881 144.78 -30.14 66.76
N TRP G 882 145.33 -29.86 65.58
CA TRP G 882 145.77 -30.94 64.69
C TRP G 882 146.90 -31.72 65.32
N ALA G 883 147.73 -31.03 66.10
CA ALA G 883 148.82 -31.70 66.78
C ALA G 883 148.26 -32.59 67.87
N LEU G 884 147.30 -32.06 68.62
CA LEU G 884 146.70 -32.81 69.72
C LEU G 884 145.95 -34.04 69.23
N THR G 885 145.40 -33.93 68.03
CA THR G 885 144.59 -35.02 67.47
C THR G 885 145.42 -36.28 67.27
N ARG G 886 146.69 -36.12 66.95
CA ARG G 886 147.58 -37.27 66.84
C ARG G 886 148.34 -37.56 68.14
N ILE G 887 148.71 -36.50 68.86
CA ILE G 887 149.49 -36.66 70.10
C ILE G 887 148.68 -37.39 71.15
N GLU G 888 147.35 -37.32 71.04
CA GLU G 888 146.49 -38.09 71.92
C GLU G 888 146.72 -39.59 71.69
N GLN G 889 147.15 -39.92 70.48
CA GLN G 889 147.39 -41.30 70.07
C GLN G 889 148.83 -41.75 70.35
N GLY G 890 149.60 -40.91 71.05
CA GLY G 890 151.01 -41.19 71.31
C GLY G 890 151.98 -40.71 70.24
N TRP G 891 151.44 -40.05 69.21
CA TRP G 891 152.25 -39.35 68.21
C TRP G 891 153.09 -38.25 68.86
N THR G 892 154.30 -38.03 68.35
CA THR G 892 155.22 -37.06 68.95
C THR G 892 156.15 -36.42 67.90
N TYR G 893 156.85 -35.38 68.31
CA TYR G 893 157.73 -34.64 67.40
C TYR G 893 158.91 -35.49 66.92
N GLY G 894 159.28 -35.29 65.66
CA GLY G 894 160.39 -36.00 65.05
C GLY G 894 160.38 -35.80 63.55
N PRO G 895 161.55 -35.52 62.96
CA PRO G 895 161.69 -35.05 61.57
C PRO G 895 161.11 -35.99 60.51
N VAL G 896 161.17 -37.30 60.72
CA VAL G 896 160.66 -38.24 59.72
C VAL G 896 159.16 -38.11 59.53
N ARG G 897 158.72 -38.20 58.27
CA ARG G 897 157.31 -38.02 57.93
C ARG G 897 156.69 -39.30 57.38
N ASP G 898 156.02 -40.05 58.25
CA ASP G 898 155.31 -41.25 57.83
C ASP G 898 154.24 -41.61 58.86
N ASP G 899 153.12 -42.16 58.38
CA ASP G 899 152.09 -42.64 59.28
C ASP G 899 152.58 -43.80 60.12
N ASN G 900 153.46 -44.61 59.51
CA ASN G 900 154.05 -45.75 60.20
C ASN G 900 154.98 -45.33 61.34
N LYS G 901 155.57 -44.16 61.20
CA LYS G 901 156.61 -43.69 62.13
C LYS G 901 156.09 -43.46 63.54
N ARG G 902 154.80 -43.18 63.66
CA ARG G 902 154.20 -42.72 64.92
C ARG G 902 154.96 -41.49 65.42
N LEU G 903 155.41 -40.67 64.47
CA LEU G 903 156.21 -39.49 64.75
C LEU G 903 156.23 -38.59 63.51
N HIS G 904 155.83 -37.32 63.66
CA HIS G 904 155.81 -36.43 62.52
C HIS G 904 156.45 -35.09 62.87
N PRO G 905 157.15 -34.45 61.92
CA PRO G 905 157.81 -33.16 62.12
C PRO G 905 156.89 -32.02 62.53
N CYS G 906 155.65 -32.04 62.06
CA CYS G 906 154.72 -30.94 62.31
C CYS G 906 154.08 -31.05 63.68
N LEU G 907 154.34 -32.16 64.37
CA LEU G 907 153.77 -32.38 65.69
C LEU G 907 154.52 -31.57 66.73
N VAL G 908 154.33 -30.26 66.68
CA VAL G 908 155.04 -29.32 67.54
C VAL G 908 154.29 -27.99 67.55
N ASN G 909 154.70 -27.08 68.43
CA ASN G 909 154.08 -25.77 68.49
C ASN G 909 154.29 -25.02 67.19
N PHE G 910 153.27 -24.26 66.76
CA PHE G 910 153.35 -23.52 65.52
C PHE G 910 154.46 -22.47 65.57
N HIS G 911 154.70 -21.93 66.75
CA HIS G 911 155.82 -21.01 66.94
C HIS G 911 157.17 -21.71 66.74
N SER G 912 157.23 -22.98 67.13
CA SER G 912 158.42 -23.79 66.90
C SER G 912 158.60 -24.08 65.41
N LEU G 913 157.49 -24.11 64.69
CA LEU G 913 157.51 -24.37 63.25
C LEU G 913 158.10 -23.19 62.48
N PRO G 914 158.94 -23.48 61.49
CA PRO G 914 159.40 -22.43 60.57
C PRO G 914 158.23 -21.83 59.78
N GLU G 915 158.32 -20.53 59.47
CA GLU G 915 157.22 -19.80 58.86
C GLU G 915 156.74 -20.42 57.55
N PRO G 916 157.67 -20.79 56.66
CA PRO G 916 157.22 -21.43 55.42
C PRO G 916 156.44 -22.72 55.68
N GLU G 917 156.80 -23.44 56.75
CA GLU G 917 156.01 -24.58 57.19
C GLU G 917 154.85 -24.14 58.07
N ARG G 918 154.87 -22.89 58.52
CA ARG G 918 153.75 -22.33 59.28
C ARG G 918 152.65 -21.92 58.32
N ASN G 919 152.96 -21.90 57.04
CA ASN G 919 151.96 -21.67 56.00
C ASN G 919 150.93 -22.78 56.00
N TYR G 920 151.34 -23.96 56.45
CA TYR G 920 150.50 -25.15 56.41
C TYR G 920 149.26 -24.99 57.27
N ASN G 921 149.32 -24.10 58.26
CA ASN G 921 148.17 -23.75 59.06
C ASN G 921 147.73 -22.30 58.83
N LEU G 922 148.66 -21.38 58.98
CA LEU G 922 148.36 -19.96 58.88
C LEU G 922 147.86 -19.53 57.50
N GLN G 923 148.36 -20.14 56.44
CA GLN G 923 147.95 -19.71 55.11
C GLN G 923 146.55 -20.18 54.78
N MET G 924 146.27 -21.45 55.05
CA MET G 924 144.92 -21.97 54.78
C MET G 924 143.87 -21.32 55.66
N SER G 925 144.22 -21.08 56.93
CA SER G 925 143.31 -20.38 57.83
C SER G 925 143.10 -18.94 57.41
N GLY G 926 144.15 -18.33 56.86
CA GLY G 926 144.06 -16.96 56.41
C GLY G 926 143.19 -16.86 55.17
N GLU G 927 143.31 -17.86 54.30
CA GLU G 927 142.45 -17.98 53.14
C GLU G 927 141.02 -18.27 53.56
N THR G 928 140.88 -18.91 54.72
CA THR G 928 139.56 -19.21 55.25
C THR G 928 138.87 -17.95 55.74
N LEU G 929 139.60 -17.11 56.47
CA LEU G 929 139.04 -15.81 56.85
C LEU G 929 138.84 -14.89 55.65
N LYS G 930 139.70 -15.03 54.64
CA LYS G 930 139.49 -14.28 53.41
C LYS G 930 138.21 -14.75 52.75
N THR G 931 137.93 -16.04 52.90
CA THR G 931 136.66 -16.59 52.46
C THR G 931 135.51 -16.05 53.29
N LEU G 932 135.78 -15.75 54.57
CA LEU G 932 134.75 -15.14 55.41
C LEU G 932 134.42 -13.75 54.91
N LEU G 933 135.44 -13.03 54.44
CA LEU G 933 135.22 -11.76 53.78
C LEU G 933 134.53 -11.93 52.43
N ALA G 934 134.77 -13.09 51.80
CA ALA G 934 134.30 -13.36 50.46
C ALA G 934 132.78 -13.44 50.36
N LEU G 935 132.14 -13.88 51.44
CA LEU G 935 130.69 -13.99 51.48
C LEU G 935 130.08 -12.63 51.79
N GLY G 936 130.93 -11.67 52.14
CA GLY G 936 130.48 -10.35 52.55
C GLY G 936 130.14 -10.35 54.02
N CYS G 937 130.32 -11.50 54.66
CA CYS G 937 130.07 -11.63 56.09
C CYS G 937 131.03 -10.78 56.90
N HIS G 938 130.53 -10.14 57.94
CA HIS G 938 131.38 -9.33 58.82
C HIS G 938 132.39 -10.20 59.55
N VAL G 939 133.63 -9.74 59.59
CA VAL G 939 134.67 -10.40 60.39
C VAL G 939 135.15 -9.46 61.47
N GLY G 940 134.44 -8.36 61.66
CA GLY G 940 134.89 -7.28 62.52
C GLY G 940 134.83 -7.61 64.00
N MET G 941 135.61 -6.87 64.78
CA MET G 941 135.74 -7.10 66.21
C MET G 941 134.43 -6.89 66.96
N ALA G 942 134.18 -7.74 67.95
CA ALA G 942 133.05 -7.57 68.86
C ALA G 942 133.53 -7.64 70.31
N ASP G 943 134.65 -8.31 70.51
CA ASP G 943 135.24 -8.50 71.83
C ASP G 943 136.75 -8.62 71.74
N GLU G 944 137.43 -8.41 72.86
CA GLU G 944 138.89 -8.53 72.92
C GLU G 944 139.33 -9.96 72.63
N LYS G 945 140.46 -10.10 71.94
CA LYS G 945 140.93 -11.40 71.50
C LYS G 945 141.62 -12.17 72.63
N ALA G 946 140.98 -13.24 73.07
CA ALA G 946 141.52 -14.08 74.13
C ALA G 946 141.73 -15.51 73.63
N TYR G 959 143.19 -32.98 81.75
CA TYR G 959 144.06 -32.95 80.57
C TYR G 959 145.28 -33.83 80.77
N MET G 960 145.42 -34.84 79.94
CA MET G 960 146.53 -35.80 80.05
C MET G 960 147.88 -35.14 79.80
N MET G 961 148.89 -35.59 80.55
CA MET G 961 150.25 -35.10 80.37
C MET G 961 150.97 -35.88 79.28
N SER G 962 150.60 -35.61 78.02
CA SER G 962 151.17 -36.31 76.88
C SER G 962 152.63 -35.93 76.62
N ASN G 963 153.37 -36.85 76.01
CA ASN G 963 154.77 -36.61 75.65
C ASN G 963 154.88 -35.50 74.61
N GLY G 964 155.94 -34.70 74.71
CA GLY G 964 156.11 -33.58 73.80
C GLY G 964 155.26 -32.38 74.19
N TYR G 965 155.11 -31.43 73.27
CA TYR G 965 154.38 -30.19 73.53
C TYR G 965 152.92 -30.48 73.87
N LYS G 966 152.41 -29.77 74.87
CA LYS G 966 151.09 -30.04 75.43
C LYS G 966 150.24 -28.78 75.59
N PRO G 967 149.67 -28.27 74.48
CA PRO G 967 148.86 -27.06 74.62
C PRO G 967 147.64 -27.28 75.51
N ALA G 968 147.27 -26.25 76.26
CA ALA G 968 146.06 -26.29 77.07
C ALA G 968 145.24 -25.02 76.88
N PRO G 969 144.60 -24.88 75.71
CA PRO G 969 143.83 -23.68 75.38
C PRO G 969 142.65 -23.45 76.31
N LEU G 970 142.34 -22.20 76.60
CA LEU G 970 141.12 -21.88 77.32
C LEU G 970 139.96 -22.34 76.45
N ASP G 971 138.92 -22.90 77.06
CA ASP G 971 137.97 -23.71 76.31
C ASP G 971 137.24 -22.92 75.22
N LEU G 972 137.16 -23.52 74.05
CA LEU G 972 136.47 -22.94 72.91
C LEU G 972 135.00 -23.36 72.89
N SER G 973 134.75 -24.56 73.42
CA SER G 973 133.42 -25.15 73.41
C SER G 973 132.44 -24.39 74.30
N HIS G 974 132.96 -23.69 75.29
CA HIS G 974 132.11 -22.98 76.24
C HIS G 974 131.31 -21.89 75.54
N VAL G 975 131.87 -21.37 74.46
CA VAL G 975 131.17 -20.39 73.64
C VAL G 975 129.94 -21.01 72.98
N ARG G 976 128.84 -20.27 72.99
CA ARG G 976 127.66 -20.66 72.23
C ARG G 976 127.63 -19.89 70.92
N LEU G 977 128.18 -20.49 69.87
CA LEU G 977 128.23 -19.84 68.57
C LEU G 977 126.83 -19.58 68.04
N THR G 978 126.65 -18.42 67.41
CA THR G 978 125.37 -18.11 66.77
C THR G 978 125.21 -19.05 65.58
N PRO G 979 123.98 -19.48 65.31
CA PRO G 979 123.74 -20.43 64.22
C PRO G 979 124.22 -19.90 62.88
N ALA G 980 124.13 -18.60 62.69
CA ALA G 980 124.61 -17.97 61.46
C ALA G 980 126.13 -18.12 61.33
N GLN G 981 126.82 -18.15 62.47
CA GLN G 981 128.27 -18.28 62.46
C GLN G 981 128.69 -19.68 62.03
N THR G 982 128.06 -20.70 62.63
CA THR G 982 128.35 -22.07 62.25
C THR G 982 127.91 -22.36 60.82
N THR G 983 126.83 -21.73 60.38
CA THR G 983 126.37 -21.88 59.01
C THR G 983 127.38 -21.26 58.04
N LEU G 984 127.95 -20.12 58.46
CA LEU G 984 128.99 -19.49 57.68
C LEU G 984 130.23 -20.38 57.63
N VAL G 985 130.48 -21.09 58.73
CA VAL G 985 131.60 -22.02 58.77
C VAL G 985 131.37 -23.19 57.83
N ASP G 986 130.12 -23.64 57.74
CA ASP G 986 129.78 -24.70 56.79
C ASP G 986 129.93 -24.20 55.36
N ARG G 987 129.64 -22.92 55.15
CA ARG G 987 129.85 -22.32 53.85
C ARG G 987 131.33 -22.23 53.52
N LEU G 988 132.14 -22.04 54.57
CA LEU G 988 133.58 -21.99 54.39
C LEU G 988 134.10 -23.35 54.01
N ALA G 989 133.57 -24.37 54.68
CA ALA G 989 133.97 -25.73 54.40
C ALA G 989 133.54 -26.14 53.00
N GLU G 990 132.37 -25.68 52.57
CA GLU G 990 131.91 -25.93 51.21
C GLU G 990 132.79 -25.21 50.21
N ASN G 991 133.29 -24.06 50.61
CA ASN G 991 134.09 -23.23 49.73
C ASN G 991 135.49 -23.80 49.51
N GLY G 992 136.11 -24.25 50.59
CA GLY G 992 137.41 -24.86 50.50
C GLY G 992 137.29 -26.24 49.91
N HIS G 993 136.16 -26.89 50.13
CA HIS G 993 135.85 -28.14 49.46
C HIS G 993 135.66 -27.96 47.96
N ASN G 994 135.20 -26.79 47.55
CA ASN G 994 135.01 -26.51 46.13
C ASN G 994 136.31 -26.09 45.44
N VAL G 995 137.13 -25.30 46.12
CA VAL G 995 138.46 -25.01 45.56
C VAL G 995 139.28 -26.29 45.50
N TRP G 996 139.11 -27.13 46.52
CA TRP G 996 139.73 -28.44 46.53
C TRP G 996 139.12 -29.30 45.43
N ALA G 997 137.86 -29.04 45.11
CA ALA G 997 137.21 -29.75 44.02
C ALA G 997 137.81 -29.36 42.68
N ARG G 998 138.19 -28.09 42.55
CA ARG G 998 138.93 -27.66 41.37
C ARG G 998 140.31 -28.32 41.35
N ASP G 999 140.86 -28.50 42.55
CA ASP G 999 142.15 -29.18 42.70
C ASP G 999 142.05 -30.65 42.31
N ARG G 1000 140.87 -31.22 42.48
CA ARG G 1000 140.65 -32.64 42.23
C ARG G 1000 140.31 -32.85 40.76
N VAL G 1001 139.65 -31.86 40.18
CA VAL G 1001 139.45 -31.81 38.74
C VAL G 1001 140.80 -31.67 38.08
N ALA G 1002 141.72 -31.01 38.80
CA ALA G 1002 143.11 -30.93 38.40
C ALA G 1002 143.88 -32.17 38.80
N GLN G 1003 143.25 -33.04 39.60
CA GLN G 1003 143.91 -34.23 40.12
C GLN G 1003 143.27 -35.53 39.65
N ARG G 1016 141.28 -43.02 40.41
CA ARG G 1016 140.07 -43.82 40.25
C ARG G 1016 138.77 -43.01 40.17
N ARG G 1017 138.27 -42.60 41.32
CA ARG G 1017 137.12 -41.70 41.37
C ARG G 1017 136.96 -41.10 42.76
N ASN G 1018 137.20 -39.80 42.87
CA ASN G 1018 136.96 -39.13 44.13
C ASN G 1018 135.47 -39.05 44.45
N PRO G 1019 135.13 -39.45 45.66
CA PRO G 1019 133.79 -39.23 46.23
C PRO G 1019 133.48 -37.76 46.40
N ARG G 1020 134.49 -36.99 46.80
CA ARG G 1020 134.34 -35.64 47.34
C ARG G 1020 134.25 -34.52 46.30
N LEU G 1021 134.33 -34.88 45.02
CA LEU G 1021 134.22 -33.90 43.93
C LEU G 1021 132.87 -33.18 43.94
N VAL G 1022 131.81 -33.91 44.25
CA VAL G 1022 130.47 -33.35 44.28
C VAL G 1022 130.31 -32.26 45.34
N PRO G 1023 129.57 -31.21 44.99
CA PRO G 1023 129.43 -30.07 45.90
C PRO G 1023 129.24 -30.53 47.33
N TYR G 1024 129.77 -29.76 48.28
CA TYR G 1024 129.79 -30.15 49.68
C TYR G 1024 128.40 -30.31 50.26
N ARG G 1025 127.44 -29.57 49.71
CA ARG G 1025 126.06 -29.66 50.20
C ARG G 1025 125.45 -31.04 49.93
N LEU G 1026 125.87 -31.69 48.85
CA LEU G 1026 125.32 -33.00 48.51
C LEU G 1026 126.05 -34.18 49.14
N LEU G 1027 127.26 -33.95 49.64
CA LEU G 1027 128.02 -35.04 50.26
C LEU G 1027 127.45 -35.37 51.64
N ASP G 1028 127.63 -36.62 52.06
CA ASP G 1028 127.01 -37.11 53.28
C ASP G 1028 127.47 -36.33 54.50
N GLU G 1029 126.55 -36.13 55.44
CA GLU G 1029 126.82 -35.29 56.60
C GLU G 1029 127.94 -35.84 57.46
N ALA G 1030 128.08 -37.16 57.49
CA ALA G 1030 129.20 -37.75 58.22
C ALA G 1030 130.53 -37.35 57.58
N THR G 1031 130.53 -37.24 56.25
CA THR G 1031 131.67 -36.67 55.54
C THR G 1031 131.76 -35.17 55.77
N LYS G 1032 130.62 -34.53 56.03
CA LYS G 1032 130.62 -33.11 56.35
C LYS G 1032 131.30 -32.87 57.69
N ARG G 1033 131.27 -33.88 58.55
CA ARG G 1033 131.61 -33.70 59.95
C ARG G 1033 133.07 -33.29 60.20
N SER G 1034 133.98 -33.67 59.32
CA SER G 1034 135.39 -33.33 59.54
C SER G 1034 135.70 -31.87 59.21
N ASN G 1035 135.31 -31.45 58.01
CA ASN G 1035 135.50 -30.07 57.62
C ASN G 1035 134.67 -29.15 58.48
N ARG G 1036 133.51 -29.65 58.90
CA ARG G 1036 132.66 -28.93 59.83
C ARG G 1036 133.34 -28.82 61.19
N ASP G 1037 134.08 -29.85 61.58
CA ASP G 1037 134.80 -29.79 62.84
C ASP G 1037 135.92 -28.77 62.77
N SER G 1038 136.58 -28.70 61.62
CA SER G 1038 137.70 -27.78 61.47
C SER G 1038 137.23 -26.33 61.43
N LEU G 1039 136.20 -26.09 60.62
CA LEU G 1039 135.67 -24.75 60.44
C LEU G 1039 134.97 -24.26 61.70
N CYS G 1040 134.15 -25.10 62.31
CA CYS G 1040 133.48 -24.73 63.55
C CYS G 1040 134.46 -24.59 64.71
N GLN G 1041 135.55 -25.36 64.71
CA GLN G 1041 136.55 -25.19 65.76
C GLN G 1041 137.28 -23.87 65.59
N ALA G 1042 137.63 -23.56 64.33
CA ALA G 1042 138.30 -22.30 64.07
C ALA G 1042 137.40 -21.11 64.39
N VAL G 1043 136.11 -21.27 64.13
CA VAL G 1043 135.12 -20.26 64.51
C VAL G 1043 134.97 -20.15 66.01
N ARG G 1044 135.14 -21.27 66.71
CA ARG G 1044 135.13 -21.24 68.17
C ARG G 1044 136.33 -20.48 68.68
N THR G 1045 137.43 -20.58 67.93
CA THR G 1045 138.60 -19.74 68.19
C THR G 1045 138.30 -18.28 67.87
N LEU G 1046 137.43 -18.05 66.89
CA LEU G 1046 137.12 -16.69 66.48
C LEU G 1046 136.24 -15.96 67.49
N LEU G 1047 135.25 -16.66 68.04
CA LEU G 1047 134.46 -16.07 69.11
C LEU G 1047 135.21 -16.20 70.42
N GLY G 1048 136.27 -17.02 70.42
CA GLY G 1048 137.19 -17.05 71.54
C GLY G 1048 138.06 -15.81 71.44
N TYR G 1049 138.21 -15.30 70.23
CA TYR G 1049 138.76 -13.97 70.00
C TYR G 1049 137.66 -12.94 70.14
N GLY G 1050 136.43 -13.43 70.22
CA GLY G 1050 135.26 -12.58 70.39
C GLY G 1050 134.67 -12.02 69.12
N TYR G 1051 135.29 -12.33 67.98
CA TYR G 1051 134.87 -11.76 66.71
C TYR G 1051 133.47 -12.23 66.27
N ASN G 1052 132.68 -11.30 65.77
CA ASN G 1052 131.39 -11.61 65.14
C ASN G 1052 131.57 -12.18 63.74
N ILE G 1053 130.61 -12.99 63.29
CA ILE G 1053 130.65 -13.52 61.93
C ILE G 1053 129.24 -13.68 61.34
N GLU G 1054 128.69 -12.58 60.83
CA GLU G 1054 127.40 -12.61 60.16
C GLU G 1054 127.46 -11.84 58.83
N PRO G 1055 126.58 -12.19 57.89
CA PRO G 1055 126.47 -11.57 56.56
C PRO G 1055 126.38 -10.04 56.61
N ARG G 1071 107.71 -28.44 39.00
CA ARG G 1071 106.70 -27.47 39.37
C ARG G 1071 105.90 -27.95 40.57
N VAL G 1072 104.57 -27.91 40.47
CA VAL G 1072 103.68 -28.39 41.52
C VAL G 1072 102.47 -29.10 40.93
N ARG G 1073 102.39 -30.44 41.07
CA ARG G 1073 101.19 -31.16 40.64
C ARG G 1073 99.96 -30.77 41.45
N ILE G 1074 98.80 -30.73 40.81
CA ILE G 1074 97.54 -30.55 41.51
C ILE G 1074 96.57 -31.70 41.27
N PHE G 1075 96.55 -32.62 42.24
CA PHE G 1075 95.60 -33.72 42.26
C PHE G 1075 94.17 -33.28 42.47
N ARG G 1076 93.25 -33.89 41.74
CA ARG G 1076 91.83 -33.61 41.92
C ARG G 1076 90.93 -34.72 41.41
N ALA G 1077 89.76 -34.86 42.03
CA ALA G 1077 88.77 -35.87 41.65
C ALA G 1077 88.12 -35.54 40.31
N GLU G 1078 87.63 -36.58 39.64
CA GLU G 1078 86.93 -36.41 38.37
C GLU G 1078 85.61 -35.63 38.52
N LYS G 1079 85.29 -34.82 37.52
CA LYS G 1079 84.14 -33.91 37.58
C LYS G 1079 82.81 -34.64 37.70
N SER G 1080 82.75 -35.88 37.22
CA SER G 1080 81.56 -36.68 37.38
C SER G 1080 81.31 -36.95 38.86
N TYR G 1081 82.37 -36.92 39.64
CA TYR G 1081 82.31 -37.26 41.05
C TYR G 1081 81.98 -36.07 41.96
N THR G 1082 81.74 -34.90 41.39
CA THR G 1082 81.51 -33.71 42.23
C THR G 1082 80.34 -33.88 43.19
N VAL G 1083 80.56 -33.49 44.44
CA VAL G 1083 79.47 -33.36 45.37
C VAL G 1083 78.73 -32.08 45.01
N GLN G 1084 77.43 -32.03 45.26
CA GLN G 1084 76.69 -30.82 44.96
C GLN G 1084 75.47 -30.73 45.87
N SER G 1085 75.29 -31.75 46.70
CA SER G 1085 74.23 -31.74 47.70
C SER G 1085 74.61 -32.57 48.92
N GLY G 1086 74.21 -32.09 50.09
CA GLY G 1086 74.41 -32.82 51.33
C GLY G 1086 75.78 -32.62 51.95
N ARG G 1087 75.94 -33.10 53.18
CA ARG G 1087 77.25 -33.08 53.84
C ARG G 1087 78.17 -34.12 53.21
N TRP G 1088 79.47 -33.85 53.20
CA TRP G 1088 80.45 -34.73 52.55
C TRP G 1088 81.82 -34.60 53.19
N TYR G 1089 82.69 -35.56 52.95
CA TYR G 1089 83.99 -35.55 53.61
C TYR G 1089 85.10 -36.38 52.94
N PHE G 1090 86.22 -35.74 52.62
CA PHE G 1090 87.33 -36.50 52.05
C PHE G 1090 88.55 -36.35 52.94
N GLU G 1091 89.67 -36.98 52.57
CA GLU G 1091 90.78 -37.15 53.50
C GLU G 1091 92.17 -37.03 52.91
N PHE G 1092 93.14 -36.86 53.78
CA PHE G 1092 94.53 -36.77 53.38
C PHE G 1092 95.49 -37.27 54.46
N GLU G 1093 95.92 -38.53 54.35
CA GLU G 1093 97.02 -39.00 55.19
C GLU G 1093 98.31 -38.28 54.77
N ALA G 1094 99.12 -37.87 55.75
CA ALA G 1094 100.32 -37.10 55.44
C ALA G 1094 101.58 -37.96 55.37
N VAL G 1095 101.91 -38.44 54.17
CA VAL G 1095 103.12 -39.23 53.98
C VAL G 1095 104.39 -38.42 54.26
N THR G 1096 104.34 -37.11 54.00
CA THR G 1096 105.52 -36.27 54.21
C THR G 1096 105.17 -34.85 54.62
N THR G 1097 105.95 -34.31 55.55
CA THR G 1097 105.80 -32.92 55.97
C THR G 1097 106.20 -31.95 54.87
N GLY G 1098 105.48 -30.83 54.80
CA GLY G 1098 105.78 -29.81 53.81
C GLY G 1098 104.57 -28.96 53.48
N GLU G 1099 104.70 -28.12 52.45
CA GLU G 1099 103.61 -27.25 52.03
C GLU G 1099 102.61 -27.96 51.14
N MET G 1100 101.89 -28.93 51.71
CA MET G 1100 100.76 -29.54 51.03
C MET G 1100 99.59 -28.59 50.97
N ARG G 1101 98.76 -28.71 49.94
CA ARG G 1101 97.57 -27.87 49.82
C ARG G 1101 96.32 -28.71 49.67
N VAL G 1102 95.73 -29.11 50.79
CA VAL G 1102 94.59 -30.01 50.78
C VAL G 1102 93.27 -29.28 51.04
N GLY G 1103 92.24 -29.62 50.27
CA GLY G 1103 90.91 -29.07 50.50
C GLY G 1103 90.00 -29.17 49.29
N TRP G 1104 88.75 -28.77 49.48
CA TRP G 1104 87.76 -28.75 48.40
C TRP G 1104 88.10 -27.68 47.36
N ALA G 1105 87.79 -27.95 46.10
CA ALA G 1105 87.96 -26.96 45.06
C ALA G 1105 87.05 -27.23 43.86
N ARG G 1106 86.73 -26.17 43.14
CA ARG G 1106 85.83 -26.24 42.00
C ARG G 1106 86.45 -26.95 40.80
N PRO G 1107 85.63 -27.69 40.04
CA PRO G 1107 86.05 -28.42 38.84
C PRO G 1107 86.66 -27.50 37.78
N GLU G 1108 86.18 -26.27 37.74
CA GLU G 1108 86.56 -25.32 36.70
C GLU G 1108 88.05 -24.96 36.71
N LEU G 1109 88.72 -25.18 37.83
CA LEU G 1109 90.02 -24.54 38.09
C LEU G 1109 91.09 -24.83 37.04
N ARG G 1110 91.85 -23.79 36.71
CA ARG G 1110 93.03 -23.93 35.87
C ARG G 1110 94.15 -24.62 36.62
N PRO G 1111 94.78 -25.61 35.97
CA PRO G 1111 96.06 -26.11 36.46
C PRO G 1111 97.11 -25.01 36.52
N ASP G 1112 97.01 -24.06 35.58
CA ASP G 1112 98.08 -23.09 35.34
C ASP G 1112 97.84 -21.86 36.19
N VAL G 1113 97.47 -22.12 37.45
CA VAL G 1113 97.26 -21.08 38.44
C VAL G 1113 97.72 -21.64 39.77
N GLU G 1114 98.30 -20.80 40.62
CA GLU G 1114 98.71 -21.24 41.95
C GLU G 1114 97.44 -21.67 42.67
N LEU G 1115 97.49 -22.81 43.34
CA LEU G 1115 96.27 -23.36 43.92
C LEU G 1115 95.76 -22.42 45.00
N GLY G 1116 94.46 -22.15 45.00
CA GLY G 1116 93.83 -21.36 46.04
C GLY G 1116 93.97 -19.87 45.82
N ALA G 1117 94.68 -19.50 44.76
CA ALA G 1117 94.84 -18.10 44.40
C ALA G 1117 93.55 -17.50 43.86
N ASP G 1118 92.68 -18.38 43.38
CA ASP G 1118 91.48 -17.95 42.67
C ASP G 1118 90.19 -18.29 43.40
N GLU G 1119 89.07 -17.98 42.76
CA GLU G 1119 87.75 -18.25 43.28
C GLU G 1119 87.48 -19.75 43.33
N LEU G 1120 88.27 -20.50 42.58
CA LEU G 1120 88.00 -21.89 42.27
C LEU G 1120 88.48 -22.91 43.31
N ALA G 1121 89.11 -22.46 44.40
CA ALA G 1121 89.68 -23.40 45.37
C ALA G 1121 89.49 -23.01 46.83
N TYR G 1122 89.50 -24.02 47.70
CA TYR G 1122 89.33 -23.87 49.15
C TYR G 1122 90.23 -24.85 49.91
N VAL G 1123 91.38 -24.38 50.41
CA VAL G 1123 92.35 -25.26 51.04
C VAL G 1123 93.09 -24.55 52.18
N PHE G 1124 93.78 -25.32 53.03
CA PHE G 1124 94.79 -24.74 53.92
C PHE G 1124 96.12 -25.41 53.61
N ASN G 1125 97.22 -24.66 53.66
CA ASN G 1125 98.54 -25.27 53.45
C ASN G 1125 98.88 -26.22 54.58
N GLY G 1126 99.53 -27.34 54.25
CA GLY G 1126 99.91 -28.31 55.26
C GLY G 1126 101.00 -27.77 56.17
N HIS G 1127 101.91 -27.01 55.58
CA HIS G 1127 102.83 -26.16 56.33
C HIS G 1127 102.10 -24.90 56.75
N ARG G 1128 102.53 -24.28 57.85
CA ARG G 1128 101.93 -23.04 58.36
C ARG G 1128 100.47 -23.22 58.78
N GLY G 1129 99.69 -23.89 57.95
CA GLY G 1129 98.29 -24.18 58.27
C GLY G 1129 97.32 -23.08 57.89
N GLN G 1130 97.85 -22.00 57.31
CA GLN G 1130 96.99 -20.94 56.81
C GLN G 1130 96.11 -21.42 55.65
N ARG G 1131 94.81 -21.13 55.78
CA ARG G 1131 93.82 -21.50 54.78
C ARG G 1131 94.01 -20.61 53.58
N TRP G 1132 93.81 -21.16 52.39
CA TRP G 1132 93.96 -20.36 51.18
C TRP G 1132 92.71 -20.31 50.33
N HIS G 1133 92.20 -19.10 50.13
CA HIS G 1133 91.27 -18.81 49.05
C HIS G 1133 91.48 -17.38 48.62
N LEU G 1134 91.53 -17.13 47.32
CA LEU G 1134 91.64 -15.74 46.86
C LEU G 1134 92.81 -15.05 47.54
N GLY G 1135 93.93 -15.76 47.64
CA GLY G 1135 95.06 -15.33 48.43
C GLY G 1135 95.04 -15.81 49.87
N SER G 1136 96.20 -15.79 50.49
CA SER G 1136 96.40 -16.36 51.82
C SER G 1136 95.67 -15.64 52.96
N GLU G 1137 95.16 -16.42 53.90
CA GLU G 1137 94.85 -15.93 55.24
C GLU G 1137 95.30 -16.97 56.26
N PRO G 1138 95.71 -16.52 57.46
CA PRO G 1138 96.07 -17.41 58.57
C PRO G 1138 94.88 -18.26 59.05
N PHE G 1139 95.14 -19.49 59.47
CA PHE G 1139 94.08 -20.35 59.98
C PHE G 1139 94.60 -21.26 61.11
N GLY G 1140 94.93 -22.51 60.79
CA GLY G 1140 95.35 -23.45 61.81
C GLY G 1140 96.85 -23.58 62.00
N ARG G 1141 97.24 -24.25 63.08
CA ARG G 1141 98.63 -24.65 63.31
C ARG G 1141 98.98 -25.84 62.41
N PRO G 1142 100.16 -25.80 61.77
CA PRO G 1142 100.52 -26.91 60.88
C PRO G 1142 100.63 -28.24 61.62
N TRP G 1143 100.25 -29.31 60.96
CA TRP G 1143 100.41 -30.66 61.49
C TRP G 1143 101.84 -31.14 61.62
N GLN G 1144 102.08 -31.94 62.66
CA GLN G 1144 103.30 -32.72 62.82
C GLN G 1144 103.28 -33.82 61.76
N SER G 1145 104.46 -34.30 61.38
CA SER G 1145 104.53 -35.27 60.30
C SER G 1145 103.71 -36.50 60.64
N GLY G 1146 103.01 -37.02 59.62
CA GLY G 1146 102.23 -38.23 59.75
C GLY G 1146 100.83 -38.03 60.30
N ASP G 1147 100.47 -36.78 60.61
CA ASP G 1147 99.12 -36.49 61.06
C ASP G 1147 98.11 -36.67 59.93
N VAL G 1148 96.94 -37.18 60.28
CA VAL G 1148 95.91 -37.46 59.29
C VAL G 1148 94.99 -36.26 59.07
N VAL G 1149 95.29 -35.48 58.04
CA VAL G 1149 94.48 -34.33 57.67
C VAL G 1149 93.10 -34.77 57.17
N GLY G 1150 92.06 -34.02 57.49
CA GLY G 1150 90.73 -34.31 57.00
C GLY G 1150 90.02 -33.09 56.46
N CYS G 1151 89.10 -33.29 55.52
CA CYS G 1151 88.40 -32.17 54.90
C CYS G 1151 86.90 -32.39 54.73
N MET G 1152 86.16 -31.93 55.72
CA MET G 1152 84.71 -31.86 55.69
C MET G 1152 84.18 -30.75 54.81
N ILE G 1153 82.97 -30.94 54.32
CA ILE G 1153 82.17 -29.83 53.82
C ILE G 1153 80.70 -30.04 54.18
N ASP G 1154 80.06 -28.97 54.61
CA ASP G 1154 78.62 -28.98 54.85
C ASP G 1154 77.93 -28.20 53.74
N LEU G 1155 77.14 -28.91 52.93
CA LEU G 1155 76.27 -28.24 51.98
C LEU G 1155 74.96 -27.96 52.72
N THR G 1156 74.10 -27.15 52.08
CA THR G 1156 72.94 -26.51 52.72
C THR G 1156 73.44 -25.43 53.68
N GLU G 1157 73.98 -25.84 54.82
CA GLU G 1157 74.75 -24.91 55.65
C GLU G 1157 76.17 -24.88 55.14
N ASN G 1158 76.47 -23.91 54.29
CA ASN G 1158 77.66 -23.95 53.45
C ASN G 1158 78.95 -23.56 54.14
N THR G 1159 79.64 -24.55 54.71
CA THR G 1159 80.90 -24.34 55.40
C THR G 1159 81.85 -25.52 55.18
N ILE G 1160 83.14 -25.27 55.32
CA ILE G 1160 84.14 -26.31 55.07
C ILE G 1160 85.04 -26.52 56.28
N ILE G 1161 84.69 -27.50 57.10
CA ILE G 1161 85.50 -27.89 58.25
C ILE G 1161 86.82 -28.54 57.81
N PHE G 1162 87.89 -28.30 58.56
CA PHE G 1162 89.16 -28.99 58.33
C PHE G 1162 89.69 -29.67 59.59
N THR G 1163 89.28 -30.92 59.80
CA THR G 1163 89.76 -31.69 60.94
C THR G 1163 91.24 -32.05 60.85
N LEU G 1164 91.90 -32.09 62.01
CA LEU G 1164 93.26 -32.61 62.11
C LEU G 1164 93.30 -33.67 63.19
N ASN G 1165 93.28 -34.94 62.77
CA ASN G 1165 93.16 -36.06 63.70
C ASN G 1165 91.95 -35.89 64.62
N GLY G 1166 90.85 -35.44 64.04
CA GLY G 1166 89.61 -35.23 64.78
C GLY G 1166 89.50 -33.88 65.44
N GLU G 1167 90.54 -33.05 65.30
CA GLU G 1167 90.49 -31.68 65.81
C GLU G 1167 89.98 -30.71 64.76
N VAL G 1168 88.71 -30.33 64.87
CA VAL G 1168 88.21 -29.22 64.08
C VAL G 1168 88.97 -27.98 64.52
N LEU G 1169 89.35 -27.14 63.56
CA LEU G 1169 90.05 -25.91 63.87
C LEU G 1169 89.09 -24.74 63.79
N ALA G 1178 85.97 -23.12 58.90
CA ALA G 1178 86.89 -22.35 58.08
C ALA G 1178 86.14 -21.50 57.06
N PHE G 1179 86.17 -21.95 55.81
CA PHE G 1179 85.46 -21.27 54.75
C PHE G 1179 83.97 -21.37 55.05
N ARG G 1180 83.22 -20.32 54.76
CA ARG G 1180 81.84 -20.25 55.21
C ARG G 1180 80.95 -19.57 54.18
N GLU G 1181 79.66 -19.94 54.20
CA GLU G 1181 78.64 -19.31 53.37
C GLU G 1181 78.96 -19.36 51.87
N ILE G 1182 79.75 -20.36 51.49
CA ILE G 1182 80.12 -20.56 50.08
C ILE G 1182 78.94 -20.97 49.18
N GLU G 1183 78.87 -20.40 47.99
CA GLU G 1183 77.88 -20.84 47.01
C GLU G 1183 78.27 -22.17 46.36
N ILE G 1184 77.26 -22.98 46.02
CA ILE G 1184 77.51 -24.21 45.27
C ILE G 1184 77.35 -23.91 43.78
N GLY G 1185 78.38 -23.32 43.17
CA GLY G 1185 78.27 -22.89 41.80
C GLY G 1185 78.20 -24.04 40.79
N ASP G 1186 78.94 -25.10 41.05
CA ASP G 1186 78.97 -26.27 40.19
C ASP G 1186 79.02 -27.54 41.01
N GLY G 1187 79.22 -27.37 42.32
CA GLY G 1187 79.56 -28.47 43.19
C GLY G 1187 81.07 -28.59 43.26
N PHE G 1188 81.58 -29.36 44.21
CA PHE G 1188 83.01 -29.31 44.54
C PHE G 1188 83.70 -30.67 44.49
N LEU G 1189 85.03 -30.63 44.44
CA LEU G 1189 85.86 -31.82 44.37
C LEU G 1189 86.93 -31.82 45.43
N PRO G 1190 87.35 -33.01 45.88
CA PRO G 1190 88.58 -33.03 46.67
C PRO G 1190 89.74 -32.57 45.81
N VAL G 1191 90.70 -31.87 46.40
CA VAL G 1191 91.88 -31.42 45.68
C VAL G 1191 93.06 -31.36 46.64
N CYS G 1192 94.23 -31.73 46.15
CA CYS G 1192 95.45 -31.62 46.94
C CYS G 1192 96.57 -31.18 46.03
N SER G 1193 97.54 -30.43 46.56
CA SER G 1193 98.72 -30.24 45.73
C SER G 1193 99.99 -30.46 46.54
N LEU G 1194 100.82 -31.34 45.98
CA LEU G 1194 102.13 -31.69 46.49
C LEU G 1194 103.14 -30.56 46.39
N GLY G 1195 104.01 -30.46 47.37
CA GLY G 1195 105.22 -29.66 47.21
C GLY G 1195 106.13 -30.51 46.34
N PRO G 1196 107.18 -29.91 45.77
CA PRO G 1196 108.01 -30.67 44.84
C PRO G 1196 108.64 -31.93 45.44
N GLY G 1197 109.01 -31.87 46.72
CA GLY G 1197 109.56 -33.04 47.37
C GLY G 1197 108.56 -33.79 48.23
N GLN G 1198 107.43 -33.15 48.47
CA GLN G 1198 106.40 -33.71 49.35
C GLN G 1198 105.59 -34.82 48.73
N VAL G 1199 105.11 -35.72 49.61
CA VAL G 1199 104.33 -36.88 49.21
C VAL G 1199 103.13 -36.95 50.15
N GLY G 1200 101.96 -37.29 49.63
CA GLY G 1200 100.77 -37.30 50.45
C GLY G 1200 99.66 -38.25 50.05
N HIS G 1201 99.44 -39.27 50.87
CA HIS G 1201 98.39 -40.26 50.63
C HIS G 1201 97.01 -39.61 50.70
N LEU G 1202 96.11 -40.07 49.84
CA LEU G 1202 94.73 -39.59 49.85
C LEU G 1202 93.78 -40.78 50.01
N ASN G 1203 92.64 -40.52 50.65
CA ASN G 1203 91.66 -41.57 50.85
C ASN G 1203 90.25 -41.09 50.56
N LEU G 1204 89.41 -42.02 50.12
CA LEU G 1204 88.02 -41.74 49.80
C LEU G 1204 87.16 -42.94 50.14
N GLY G 1205 86.59 -42.95 51.34
CA GLY G 1205 85.74 -44.05 51.79
C GLY G 1205 86.45 -45.33 52.18
N GLN G 1206 85.72 -46.44 52.09
CA GLN G 1206 86.12 -47.73 52.65
C GLN G 1206 86.29 -47.60 54.15
N ASP G 1207 85.31 -48.10 54.89
CA ASP G 1207 85.20 -47.83 56.32
C ASP G 1207 86.36 -48.39 57.14
N VAL G 1208 86.98 -49.47 56.68
CA VAL G 1208 88.17 -49.98 57.34
C VAL G 1208 89.29 -48.97 57.21
N SER G 1209 89.29 -48.24 56.10
CA SER G 1209 90.26 -47.19 55.88
C SER G 1209 89.83 -45.91 56.58
N SER G 1210 88.61 -45.89 57.10
CA SER G 1210 88.11 -44.70 57.80
C SER G 1210 88.68 -44.67 59.21
N LEU G 1211 89.92 -44.22 59.33
CA LEU G 1211 90.66 -44.34 60.57
C LEU G 1211 90.36 -43.14 61.49
N ARG G 1212 91.38 -42.47 62.01
CA ARG G 1212 91.18 -41.43 63.03
C ARG G 1212 90.33 -40.27 62.50
N PHE G 1213 90.45 -40.03 61.21
CA PHE G 1213 89.82 -38.87 60.60
C PHE G 1213 88.29 -38.82 60.58
N PHE G 1214 87.62 -39.96 60.55
CA PHE G 1214 86.18 -39.96 60.30
C PHE G 1214 85.34 -40.46 61.46
N ALA G 1215 85.62 -41.68 61.92
CA ALA G 1215 84.78 -42.27 62.95
C ALA G 1215 84.84 -41.45 64.24
N ILE G 1216 85.98 -40.81 64.49
CA ILE G 1216 86.12 -39.92 65.63
C ILE G 1216 85.26 -38.67 65.50
N CYS G 1217 84.99 -38.25 64.26
CA CYS G 1217 84.33 -36.96 64.05
C CYS G 1217 83.34 -36.92 62.88
N GLY G 1218 83.60 -37.65 61.81
CA GLY G 1218 82.75 -37.57 60.63
C GLY G 1218 81.40 -38.23 60.76
N LEU G 1219 81.31 -39.27 61.59
CA LEU G 1219 80.02 -39.86 61.92
C LEU G 1219 79.16 -38.91 62.73
N GLN G 1220 79.84 -38.04 63.48
CA GLN G 1220 79.18 -37.23 64.49
C GLN G 1220 78.14 -36.27 63.92
N GLU G 1221 78.42 -35.74 62.73
CA GLU G 1221 77.54 -34.74 62.12
C GLU G 1221 76.87 -35.26 60.87
N GLY G 1222 77.17 -36.50 60.49
CA GLY G 1222 76.67 -37.03 59.24
C GLY G 1222 77.55 -36.60 58.08
N PHE G 1223 78.38 -37.52 57.61
CA PHE G 1223 79.21 -37.29 56.43
C PHE G 1223 79.36 -38.58 55.63
N GLU G 1224 79.47 -38.43 54.31
CA GLU G 1224 79.68 -39.57 53.44
C GLU G 1224 81.01 -39.50 52.71
N PRO G 1225 81.97 -40.33 53.12
CA PRO G 1225 83.14 -40.59 52.30
C PRO G 1225 82.71 -41.25 51.01
N PHE G 1226 83.39 -40.98 49.89
CA PHE G 1226 82.84 -41.29 48.58
C PHE G 1226 82.64 -42.78 48.26
N ALA G 1227 83.41 -43.65 48.89
CA ALA G 1227 83.36 -45.08 48.54
C ALA G 1227 82.03 -45.74 48.87
N ILE G 1228 81.28 -45.17 49.81
CA ILE G 1228 79.95 -45.69 50.09
C ILE G 1228 79.08 -45.58 48.85
N ASN G 1229 79.32 -44.52 48.08
CA ASN G 1229 78.64 -44.34 46.80
C ASN G 1229 79.03 -45.38 45.75
N MET G 1230 80.26 -45.88 45.82
CA MET G 1230 80.86 -46.48 44.63
C MET G 1230 81.75 -47.70 44.90
N GLN G 1231 81.72 -48.64 43.98
CA GLN G 1231 82.60 -49.80 44.05
C GLN G 1231 83.98 -49.51 43.47
N ARG G 1232 83.99 -48.81 42.34
CA ARG G 1232 85.23 -48.54 41.65
C ARG G 1232 86.06 -47.56 42.47
N PRO G 1233 87.39 -47.74 42.47
CA PRO G 1233 88.19 -46.71 43.13
C PRO G 1233 87.96 -45.38 42.42
N VAL G 1234 87.92 -44.29 43.17
CA VAL G 1234 87.64 -43.01 42.54
C VAL G 1234 88.78 -42.65 41.59
N THR G 1235 88.45 -42.21 40.39
CA THR G 1235 89.47 -41.68 39.50
C THR G 1235 89.83 -40.30 40.00
N THR G 1236 91.10 -39.93 39.86
CA THR G 1236 91.52 -38.59 40.19
C THR G 1236 92.26 -38.00 39.00
N TRP G 1237 92.75 -36.78 39.14
CA TRP G 1237 93.39 -36.10 38.01
C TRP G 1237 94.68 -35.46 38.47
N PHE G 1238 95.58 -35.19 37.53
CA PHE G 1238 96.71 -34.34 37.89
C PHE G 1238 97.19 -33.56 36.69
N SER G 1239 97.58 -32.31 36.94
CA SER G 1239 98.20 -31.50 35.90
C SER G 1239 99.55 -32.10 35.50
N LYS G 1240 99.82 -32.18 34.21
CA LYS G 1240 101.18 -32.45 33.76
C LYS G 1240 101.96 -31.16 33.53
N SER G 1241 103.25 -31.21 33.86
CA SER G 1241 104.16 -30.10 33.63
C SER G 1241 104.41 -29.92 32.14
N LEU G 1242 104.11 -30.96 31.36
CA LEU G 1242 104.33 -30.92 29.92
C LEU G 1242 103.44 -29.89 29.26
N PRO G 1243 104.05 -28.99 28.48
CA PRO G 1243 103.25 -28.13 27.60
C PRO G 1243 102.50 -28.94 26.58
N GLN G 1244 101.30 -28.49 26.24
CA GLN G 1244 100.50 -29.07 25.18
C GLN G 1244 99.67 -27.92 24.64
N PHE G 1245 99.29 -27.96 23.37
CA PHE G 1245 98.61 -26.81 22.79
C PHE G 1245 97.24 -26.61 23.44
N GLU G 1246 96.94 -25.37 23.77
CA GLU G 1246 95.60 -24.98 24.19
C GLU G 1246 95.11 -23.83 23.31
N PRO G 1247 94.12 -24.07 22.44
CA PRO G 1247 93.71 -23.02 21.52
C PRO G 1247 93.22 -21.81 22.29
N VAL G 1248 93.51 -20.60 21.80
CA VAL G 1248 93.36 -19.45 22.66
C VAL G 1248 91.90 -19.19 23.00
N PRO G 1249 91.59 -19.16 24.30
CA PRO G 1249 90.30 -18.72 24.85
C PRO G 1249 90.04 -17.26 24.55
N PRO G 1250 88.78 -16.87 24.33
CA PRO G 1250 88.51 -15.45 24.10
C PRO G 1250 88.97 -14.57 25.26
N GLU G 1251 88.86 -15.10 26.48
CA GLU G 1251 89.52 -14.51 27.64
C GLU G 1251 90.99 -14.90 27.67
N HIS G 1252 91.84 -14.03 28.20
CA HIS G 1252 93.22 -14.40 28.49
C HIS G 1252 93.77 -13.21 29.29
N PRO G 1253 94.94 -13.37 29.93
CA PRO G 1253 95.55 -12.13 30.43
C PRO G 1253 95.74 -11.16 29.27
N HIS G 1254 96.00 -11.73 28.09
CA HIS G 1254 95.38 -11.33 26.83
C HIS G 1254 96.39 -11.32 25.70
N TYR G 1255 96.25 -12.30 24.82
CA TYR G 1255 96.99 -12.35 23.57
C TYR G 1255 95.95 -12.45 22.47
N GLU G 1256 95.63 -11.33 21.84
CA GLU G 1256 94.41 -11.24 21.04
C GLU G 1256 94.51 -11.87 19.66
N VAL G 1257 94.09 -13.11 19.56
CA VAL G 1257 93.99 -13.78 18.27
C VAL G 1257 92.97 -13.05 17.39
N ALA G 1258 93.26 -12.93 16.11
CA ALA G 1258 92.39 -12.19 15.21
C ALA G 1258 92.43 -12.74 13.79
N ARG G 1259 91.42 -13.53 13.44
CA ARG G 1259 91.27 -14.04 12.08
C ARG G 1259 91.08 -12.85 11.15
N MET G 1260 91.71 -12.88 9.99
CA MET G 1260 91.75 -11.70 9.13
C MET G 1260 92.00 -12.06 7.67
N ASP G 1261 91.52 -11.21 6.76
CA ASP G 1261 91.76 -11.41 5.33
C ASP G 1261 91.87 -10.05 4.64
N LEU G 1272 95.53 -10.15 0.97
CA LEU G 1272 95.78 -11.57 1.21
C LEU G 1272 95.37 -11.96 2.63
N ALA G 1273 94.91 -13.20 2.80
CA ALA G 1273 94.57 -13.70 4.13
C ALA G 1273 95.81 -13.78 4.99
N HIS G 1274 95.68 -13.31 6.22
CA HIS G 1274 96.78 -13.31 7.18
C HIS G 1274 96.18 -13.03 8.54
N ARG G 1275 96.91 -13.31 9.61
CA ARG G 1275 96.37 -12.98 10.92
C ARG G 1275 97.30 -12.07 11.73
N THR G 1276 96.70 -11.06 12.35
CA THR G 1276 97.41 -10.05 13.12
C THR G 1276 97.15 -10.19 14.60
N TRP G 1277 98.19 -10.05 15.44
CA TRP G 1277 97.97 -9.94 16.87
C TRP G 1277 98.71 -8.76 17.47
N GLY G 1278 98.04 -8.11 18.42
CA GLY G 1278 98.68 -7.22 19.38
C GLY G 1278 98.66 -7.90 20.73
N SER G 1279 98.78 -7.10 21.80
CA SER G 1279 98.63 -7.61 23.15
C SER G 1279 98.16 -6.49 24.07
N GLN G 1280 96.85 -6.47 24.33
CA GLN G 1280 96.21 -5.36 25.04
C GLN G 1280 96.68 -5.21 26.48
N ASN G 1281 97.09 -6.30 27.12
CA ASN G 1281 97.52 -6.22 28.51
C ASN G 1281 98.88 -6.90 28.70
N SER G 1282 99.69 -6.32 29.56
CA SER G 1282 101.10 -6.70 29.64
C SER G 1282 101.40 -7.86 30.59
N LEU G 1283 101.04 -9.09 30.21
CA LEU G 1283 101.63 -10.24 30.87
C LEU G 1283 103.10 -10.25 30.44
N VAL G 1284 103.99 -10.55 31.38
CA VAL G 1284 105.41 -10.30 31.16
C VAL G 1284 106.14 -11.12 30.10
N GLU G 1285 105.72 -12.35 29.81
CA GLU G 1285 106.67 -13.25 29.17
C GLU G 1285 106.10 -14.46 28.42
N MET G 1286 106.82 -14.85 27.37
CA MET G 1286 106.65 -16.12 26.64
C MET G 1286 105.33 -16.35 25.91
N LEU G 1287 105.44 -16.52 24.60
CA LEU G 1287 104.37 -17.03 23.76
C LEU G 1287 104.92 -18.17 22.91
N PHE G 1288 104.36 -19.37 23.01
CA PHE G 1288 104.83 -20.50 22.23
C PHE G 1288 103.78 -20.92 21.21
N LEU G 1289 103.74 -20.17 20.12
CA LEU G 1289 102.59 -20.18 19.23
C LEU G 1289 102.67 -21.23 18.12
N ARG G 1290 102.35 -22.48 18.44
CA ARG G 1290 102.12 -23.48 17.40
C ARG G 1290 100.80 -23.24 16.66
N LEU G 1291 100.82 -23.41 15.34
CA LEU G 1291 99.58 -23.51 14.60
C LEU G 1291 99.05 -24.93 14.80
N SER G 1292 97.74 -25.14 14.67
CA SER G 1292 97.14 -26.43 14.99
C SER G 1292 97.29 -27.49 13.89
N LEU G 1293 97.79 -27.08 12.74
CA LEU G 1293 97.69 -27.89 11.52
C LEU G 1293 99.02 -28.11 10.78
N PRO G 1294 99.82 -29.09 11.25
CA PRO G 1294 101.16 -29.46 10.79
C PRO G 1294 101.23 -29.96 9.35
N VAL G 1295 102.32 -29.64 8.67
CA VAL G 1295 102.58 -30.11 7.31
C VAL G 1295 102.88 -31.60 7.23
N GLN G 1296 102.60 -32.21 6.10
CA GLN G 1296 102.98 -33.60 5.85
C GLN G 1296 103.83 -33.74 4.59
N PHE G 1297 104.76 -34.69 4.59
CA PHE G 1297 105.62 -34.93 3.44
C PHE G 1297 105.25 -36.22 2.71
N THR G 1432 108.47 -25.93 -0.88
CA THR G 1432 107.35 -26.00 -1.81
C THR G 1432 106.16 -25.25 -1.21
N TYR G 1433 106.28 -24.90 0.07
CA TYR G 1433 105.24 -24.13 0.75
C TYR G 1433 105.83 -23.11 1.72
N TYR G 1434 105.67 -21.83 1.40
CA TYR G 1434 106.18 -20.74 2.23
C TYR G 1434 105.31 -20.53 3.47
N TYR G 1435 105.92 -20.01 4.53
CA TYR G 1435 105.18 -19.62 5.73
C TYR G 1435 105.66 -18.26 6.23
N SER G 1436 105.14 -17.22 5.59
CA SER G 1436 105.52 -15.85 5.93
C SER G 1436 105.09 -15.46 7.34
N VAL G 1437 105.92 -14.68 8.02
CA VAL G 1437 105.62 -14.21 9.37
C VAL G 1437 105.99 -12.74 9.52
N ARG G 1438 105.02 -11.85 9.33
CA ARG G 1438 105.27 -10.42 9.50
C ARG G 1438 105.34 -10.06 10.98
N VAL G 1439 106.10 -9.03 11.32
CA VAL G 1439 106.14 -8.50 12.69
C VAL G 1439 106.08 -6.98 12.67
N PHE G 1440 105.02 -6.43 13.27
CA PHE G 1440 104.80 -4.98 13.23
C PHE G 1440 105.92 -4.22 13.93
N ALA G 1441 106.49 -4.85 14.95
CA ALA G 1441 107.57 -4.27 15.74
C ALA G 1441 107.94 -5.22 16.87
N CYS G 1447 112.82 -11.06 22.35
CA CYS G 1447 112.79 -11.33 20.92
C CYS G 1447 111.63 -12.23 20.53
N VAL G 1448 111.65 -12.74 19.31
CA VAL G 1448 110.59 -13.61 18.83
C VAL G 1448 111.09 -14.61 17.80
N TRP G 1449 111.49 -15.79 18.27
CA TRP G 1449 111.97 -16.85 17.39
C TRP G 1449 110.85 -17.35 16.48
N VAL G 1450 111.21 -17.68 15.24
CA VAL G 1450 110.22 -18.12 14.26
C VAL G 1450 110.67 -19.41 13.58
N GLY G 1451 109.75 -20.37 13.42
CA GLY G 1451 110.09 -21.57 12.69
C GLY G 1451 109.17 -22.78 12.82
N TRP G 1452 109.51 -23.84 12.10
CA TRP G 1452 108.79 -25.10 12.15
C TRP G 1452 109.10 -25.86 13.43
N VAL G 1453 108.16 -26.71 13.86
CA VAL G 1453 108.33 -27.47 15.10
C VAL G 1453 107.82 -28.90 14.94
N THR G 1454 108.53 -29.83 15.57
CA THR G 1454 108.22 -31.26 15.57
C THR G 1454 106.90 -31.40 16.35
N PRO G 1455 106.04 -32.37 15.98
CA PRO G 1455 104.72 -32.37 16.61
C PRO G 1455 104.71 -32.47 18.13
N ASP G 1456 105.64 -33.19 18.72
CA ASP G 1456 105.89 -33.02 20.14
C ASP G 1456 106.60 -31.70 20.43
N TYR G 1457 106.25 -31.07 21.53
CA TYR G 1457 107.07 -29.99 22.06
C TYR G 1457 106.68 -29.82 23.51
N HIS G 1458 107.66 -29.56 24.37
CA HIS G 1458 107.41 -29.52 25.80
C HIS G 1458 108.45 -28.66 26.51
N GLN G 1459 109.18 -27.86 25.75
CA GLN G 1459 110.30 -27.11 26.28
C GLN G 1459 109.91 -25.70 26.71
N HIS G 1460 108.97 -25.58 27.64
CA HIS G 1460 108.65 -24.27 28.17
C HIS G 1460 109.89 -23.70 28.86
N ASP G 1461 110.20 -22.45 28.56
CA ASP G 1461 111.42 -21.76 29.02
C ASP G 1461 111.74 -20.55 28.14
N MET G 1462 112.30 -19.51 28.76
CA MET G 1462 112.87 -18.40 28.02
C MET G 1462 114.08 -18.85 27.21
N ASN G 1463 114.85 -19.76 27.80
CA ASN G 1463 116.26 -19.98 27.50
C ASN G 1463 116.52 -20.56 26.11
N PHE G 1464 116.12 -19.83 25.08
CA PHE G 1464 116.38 -20.23 23.71
C PHE G 1464 117.82 -19.96 23.28
N ASP G 1465 118.34 -20.77 22.35
CA ASP G 1465 117.60 -21.85 21.75
C ASP G 1465 118.41 -23.13 21.63
N LEU G 1466 117.70 -24.25 21.50
CA LEU G 1466 118.36 -25.55 21.48
C LEU G 1466 117.48 -26.63 20.84
N SER G 1467 118.14 -27.69 20.36
CA SER G 1467 117.52 -28.85 19.70
C SER G 1467 116.17 -28.57 19.04
N VAL G 1472 119.81 -33.05 17.99
CA VAL G 1472 119.79 -34.50 18.11
C VAL G 1472 120.08 -35.10 16.75
N THR G 1473 120.98 -36.08 16.71
CA THR G 1473 121.47 -36.61 15.44
C THR G 1473 121.84 -38.09 15.53
N VAL G 1474 121.84 -38.77 14.40
CA VAL G 1474 122.06 -40.20 14.37
C VAL G 1474 123.02 -40.65 13.26
N THR G 1475 124.27 -40.92 13.64
CA THR G 1475 125.20 -41.60 12.76
C THR G 1475 124.80 -43.06 12.61
N MET G 1476 125.11 -43.65 11.46
CA MET G 1476 124.87 -45.07 11.26
C MET G 1476 126.09 -45.73 10.63
N GLY G 1477 127.14 -45.88 11.44
CA GLY G 1477 128.38 -46.48 10.97
C GLY G 1477 128.14 -47.91 10.55
N ASP G 1478 128.80 -48.33 9.47
CA ASP G 1478 128.67 -49.69 8.98
C ASP G 1478 130.00 -50.43 9.10
N GLU G 1479 130.00 -51.37 10.03
CA GLU G 1479 131.06 -52.35 10.29
C GLU G 1479 132.46 -51.85 10.03
N GLN G 1480 132.61 -51.05 9.00
CA GLN G 1480 133.90 -50.50 8.70
C GLN G 1480 134.29 -49.64 9.88
N GLY G 1481 133.30 -48.93 10.42
CA GLY G 1481 133.53 -47.83 11.33
C GLY G 1481 133.86 -46.58 10.53
N ASN G 1482 133.89 -46.73 9.21
CA ASN G 1482 134.05 -45.63 8.29
C ASN G 1482 132.83 -44.75 8.44
N VAL G 1483 131.68 -45.38 8.62
CA VAL G 1483 130.46 -44.58 8.78
C VAL G 1483 129.73 -44.34 7.47
N HIS G 1484 128.40 -44.43 7.53
CA HIS G 1484 127.55 -44.12 6.40
C HIS G 1484 127.22 -42.64 6.38
N SER G 1485 127.81 -41.92 7.34
CA SER G 1485 127.46 -40.54 7.71
C SER G 1485 126.08 -40.50 8.36
N SER G 1486 125.77 -39.40 9.04
CA SER G 1486 124.53 -39.32 9.81
C SER G 1486 123.32 -39.43 8.90
N LEU G 1487 122.35 -40.24 9.30
CA LEU G 1487 121.16 -40.48 8.49
C LEU G 1487 120.20 -39.30 8.52
N LYS G 1488 120.07 -38.68 9.69
CA LYS G 1488 119.12 -37.59 9.91
C LYS G 1488 119.62 -36.65 10.99
N CYS G 1489 119.18 -35.40 10.93
CA CYS G 1489 119.59 -34.38 11.90
C CYS G 1489 118.39 -33.50 12.25
N SER G 1490 118.63 -32.52 13.12
CA SER G 1490 117.65 -31.48 13.43
C SER G 1490 116.31 -32.02 13.93
N ASN G 1491 116.37 -33.01 14.82
CA ASN G 1491 115.15 -33.57 15.39
C ASN G 1491 114.64 -32.71 16.54
N UNK G 1492 112.82 -27.13 17.31
CA UNK G 1492 112.62 -27.05 15.88
C UNK G 1492 113.32 -25.84 15.28
N UNK G 1493 112.94 -25.49 14.06
CA UNK G 1493 113.55 -24.37 13.36
C UNK G 1493 113.32 -23.05 14.09
N UNK G 1494 114.32 -22.18 14.10
CA UNK G 1494 114.21 -20.90 14.78
C UNK G 1494 115.19 -19.87 14.23
N UNK G 1495 114.85 -18.60 14.43
CA UNK G 1495 115.77 -17.50 14.18
C UNK G 1495 115.36 -16.31 15.04
N UNK G 1496 116.34 -15.63 15.63
CA UNK G 1496 116.03 -14.51 16.50
C UNK G 1496 115.37 -13.36 15.72
N SER G 1497 112.03 0.80 14.04
CA SER G 1497 110.77 0.08 14.14
C SER G 1497 110.35 -0.51 12.81
N HIS G 1498 111.33 -0.81 11.95
CA HIS G 1498 111.06 -1.38 10.64
C HIS G 1498 110.43 -2.77 10.76
N THR G 1499 109.44 -3.03 9.92
CA THR G 1499 108.75 -4.31 9.90
C THR G 1499 109.64 -5.44 9.37
N ASP G 1500 109.55 -6.61 10.00
CA ASP G 1500 110.19 -7.81 9.46
C ASP G 1500 109.15 -8.68 8.74
N LEU G 1501 109.60 -9.47 7.78
CA LEU G 1501 108.73 -10.39 7.07
C LEU G 1501 109.39 -11.76 6.91
N VAL G 1502 109.50 -12.48 8.03
CA VAL G 1502 110.26 -13.72 8.05
C VAL G 1502 109.50 -14.86 7.35
N ILE G 1503 109.77 -15.03 6.06
CA ILE G 1503 109.19 -16.14 5.31
C ILE G 1503 109.79 -17.47 5.76
N GLY G 1504 108.98 -18.52 5.75
CA GLY G 1504 109.44 -19.83 6.15
C GLY G 1504 109.11 -20.91 5.14
N CYS G 1505 109.87 -20.97 4.06
CA CYS G 1505 109.66 -21.97 3.03
C CYS G 1505 109.94 -23.38 3.54
N LEU G 1506 109.20 -24.36 3.04
CA LEU G 1506 109.40 -25.74 3.46
C LEU G 1506 109.06 -26.72 2.33
N VAL G 1507 109.64 -27.93 2.41
CA VAL G 1507 109.42 -28.99 1.42
C VAL G 1507 109.87 -28.56 0.02
N GLY G 1512 112.44 -33.30 1.84
CA GLY G 1512 112.08 -31.95 2.27
C GLY G 1512 113.24 -31.00 2.42
N LEU G 1513 112.91 -29.74 2.68
CA LEU G 1513 113.88 -28.68 2.93
C LEU G 1513 113.19 -27.52 3.63
N MET G 1514 113.92 -26.81 4.47
CA MET G 1514 113.38 -25.63 5.12
C MET G 1514 114.30 -24.47 4.81
N THR G 1515 113.73 -23.40 4.29
CA THR G 1515 114.51 -22.19 4.07
C THR G 1515 113.84 -20.93 4.61
N PHE G 1516 114.50 -20.28 5.55
CA PHE G 1516 114.07 -18.97 6.02
C PHE G 1516 114.35 -17.88 5.01
N THR G 1517 113.55 -16.83 5.04
CA THR G 1517 113.76 -15.67 4.18
C THR G 1517 113.38 -14.39 4.90
N ALA G 1518 114.36 -13.78 5.57
CA ALA G 1518 114.11 -12.57 6.36
C ALA G 1518 113.68 -11.40 5.49
N ASN G 1519 112.65 -10.69 5.95
CA ASN G 1519 112.12 -9.50 5.30
C ASN G 1519 111.80 -9.80 3.82
N GLY G 1520 111.62 -11.08 3.53
CA GLY G 1520 111.23 -11.53 2.21
C GLY G 1520 112.44 -11.79 1.32
N LYS G 1521 113.58 -11.23 1.70
CA LYS G 1521 114.85 -11.54 1.04
C LYS G 1521 115.30 -12.93 1.45
N GLU G 1522 115.92 -13.67 0.53
CA GLU G 1522 116.44 -14.99 0.86
C GLU G 1522 117.55 -14.91 1.90
N SER G 1523 117.51 -15.80 2.87
CA SER G 1523 118.56 -15.92 3.87
C SER G 1523 119.27 -17.25 3.70
N ASN G 1524 118.93 -17.94 2.61
CA ASN G 1524 119.35 -19.31 2.35
C ASN G 1524 118.84 -20.27 3.43
N THR G 1525 118.90 -21.56 3.14
CA THR G 1525 118.44 -22.56 4.10
C THR G 1525 119.30 -22.55 5.34
N PHE G 1526 118.64 -22.71 6.48
CA PHE G 1526 119.34 -22.88 7.74
C PHE G 1526 119.55 -24.32 8.22
N PHE G 1527 118.49 -25.13 8.26
CA PHE G 1527 118.53 -26.57 8.49
C PHE G 1527 117.36 -26.99 7.58
N GLN G 1528 117.50 -28.07 6.81
CA GLN G 1528 116.39 -28.47 5.96
C GLN G 1528 116.18 -29.97 5.87
N VAL G 1529 115.72 -30.60 6.95
CA VAL G 1529 115.50 -32.04 6.90
C VAL G 1529 114.12 -32.53 7.35
N GLU G 1530 113.47 -33.32 6.50
CA GLU G 1530 112.34 -34.13 6.90
C GLU G 1530 112.40 -35.48 6.20
N PRO G 1531 112.39 -36.59 7.07
CA PRO G 1531 112.27 -37.87 6.34
C PRO G 1531 110.94 -37.90 5.61
N ASN G 1532 109.92 -37.35 6.26
CA ASN G 1532 108.55 -37.23 5.74
C ASN G 1532 107.58 -37.17 6.90
N THR G 1533 107.81 -36.22 7.80
CA THR G 1533 107.11 -36.17 9.07
C THR G 1533 106.41 -34.86 9.31
N LYS G 1534 105.40 -34.91 10.18
CA LYS G 1534 104.56 -33.77 10.52
C LYS G 1534 105.36 -32.63 11.14
N LEU G 1535 104.98 -31.39 10.85
CA LEU G 1535 105.62 -30.22 11.46
C LEU G 1535 104.66 -29.04 11.60
N PHE G 1536 104.30 -28.71 12.83
CA PHE G 1536 103.49 -27.53 13.08
C PHE G 1536 104.30 -26.30 12.74
N PRO G 1537 103.76 -25.39 11.92
CA PRO G 1537 104.37 -24.06 11.88
C PRO G 1537 104.26 -23.40 13.24
N ALA G 1538 105.25 -22.61 13.67
CA ALA G 1538 105.18 -22.01 15.00
C ALA G 1538 106.06 -20.78 15.17
N VAL G 1539 105.70 -19.95 16.15
CA VAL G 1539 106.52 -18.79 16.50
C VAL G 1539 106.55 -18.57 18.00
N PHE G 1540 107.73 -18.69 18.59
CA PHE G 1540 107.94 -18.35 19.99
C PHE G 1540 108.13 -16.85 20.11
N VAL G 1541 107.63 -16.24 21.18
CA VAL G 1541 107.62 -14.78 21.31
C VAL G 1541 107.71 -14.28 22.74
N LEU G 1542 108.43 -13.19 22.92
CA LEU G 1542 108.29 -12.32 24.06
C LEU G 1542 107.73 -11.06 23.44
N PRO G 1543 106.54 -10.65 23.88
CA PRO G 1543 105.87 -9.52 23.25
C PRO G 1543 106.44 -8.13 23.56
N THR G 1544 106.40 -7.25 22.56
CA THR G 1544 106.74 -5.85 22.72
C THR G 1544 105.52 -5.06 23.18
N HIS G 1545 104.42 -5.79 23.38
CA HIS G 1545 103.10 -5.29 23.77
C HIS G 1545 102.34 -4.68 22.60
N GLN G 1546 102.95 -3.73 21.89
CA GLN G 1546 102.29 -3.15 20.72
C GLN G 1546 102.38 -4.07 19.50
N ASN G 1547 101.23 -4.41 18.93
CA ASN G 1547 101.12 -5.14 17.66
C ASN G 1547 102.11 -6.30 17.51
N VAL G 1548 102.00 -7.28 18.40
CA VAL G 1548 103.05 -8.26 18.62
C VAL G 1548 103.45 -9.18 17.45
N ILE G 1549 102.53 -9.58 16.58
CA ILE G 1549 102.89 -10.65 15.63
C ILE G 1549 101.97 -10.73 14.42
N GLN G 1550 102.43 -11.40 13.36
CA GLN G 1550 101.61 -11.66 12.19
C GLN G 1550 102.00 -12.91 11.41
N PHE G 1551 100.99 -13.64 10.93
CA PHE G 1551 101.21 -14.79 10.06
C PHE G 1551 100.59 -14.58 8.70
N GLU G 1552 101.20 -15.17 7.68
CA GLU G 1552 100.71 -15.06 6.32
C GLU G 1552 100.99 -16.33 5.52
N ALA G 1564 105.42 -21.34 -4.93
CA ALA G 1564 104.82 -22.20 -3.93
C ALA G 1564 103.33 -21.97 -3.78
N ALA G 1565 102.60 -23.08 -3.65
CA ALA G 1565 101.19 -23.03 -3.31
C ALA G 1565 101.07 -22.61 -1.86
N MET G 1566 99.93 -22.01 -1.52
CA MET G 1566 99.71 -21.53 -0.17
C MET G 1566 99.78 -22.67 0.83
N PHE G 1567 100.23 -22.35 2.04
CA PHE G 1567 100.31 -23.32 3.12
C PHE G 1567 98.95 -23.92 3.43
N LEU G 1568 97.92 -23.10 3.20
CA LEU G 1568 96.55 -23.53 3.35
C LEU G 1568 96.22 -24.65 2.37
N SER G 1569 96.80 -24.56 1.17
CA SER G 1569 96.66 -25.63 0.20
C SER G 1569 97.38 -26.89 0.64
N GLU G 1570 98.48 -26.72 1.37
CA GLU G 1570 99.30 -27.87 1.76
C GLU G 1570 98.60 -28.64 2.85
N ARG G 1571 98.08 -27.91 3.83
CA ARG G 1571 97.56 -28.57 5.01
C ARG G 1571 96.21 -29.22 4.75
N LYS G 1572 95.34 -28.49 4.06
CA LYS G 1572 94.03 -29.01 3.73
C LYS G 1572 94.17 -30.10 2.68
N ASN G 1573 93.24 -31.04 2.69
CA ASN G 1573 93.28 -32.19 1.79
C ASN G 1573 93.36 -31.83 0.30
N PRO G 1574 92.51 -30.90 -0.18
CA PRO G 1574 92.54 -30.68 -1.63
C PRO G 1574 93.88 -30.17 -2.15
N ALA G 1575 94.28 -30.62 -3.32
CA ALA G 1575 95.47 -30.15 -3.99
C ALA G 1575 95.22 -30.01 -5.50
N PRO G 1576 95.97 -29.13 -6.18
CA PRO G 1576 96.87 -28.08 -5.69
C PRO G 1576 96.22 -27.06 -4.78
N GLN G 1577 94.94 -26.75 -5.02
CA GLN G 1577 94.19 -25.80 -4.20
C GLN G 1577 94.90 -24.45 -4.04
N CYS G 1578 95.35 -23.88 -5.16
CA CYS G 1578 96.29 -22.77 -5.14
C CYS G 1578 95.92 -21.51 -4.33
N PRO G 1579 94.67 -21.00 -4.46
CA PRO G 1579 94.38 -19.77 -3.70
C PRO G 1579 94.45 -19.95 -2.18
N PRO G 1580 94.90 -18.92 -1.46
CA PRO G 1580 94.97 -18.94 0.01
C PRO G 1580 93.64 -18.57 0.68
N ARG G 1581 93.08 -19.51 1.44
CA ARG G 1581 91.85 -19.25 2.18
C ARG G 1581 91.93 -19.77 3.61
N LEU G 1582 92.09 -18.87 4.57
CA LEU G 1582 92.11 -19.26 5.97
C LEU G 1582 90.79 -19.88 6.37
N GLU G 1583 90.85 -20.89 7.22
CA GLU G 1583 89.67 -21.68 7.54
C GLU G 1583 89.65 -21.95 9.04
N VAL G 1584 88.48 -22.25 9.58
CA VAL G 1584 88.19 -22.02 10.98
C VAL G 1584 89.08 -22.78 11.96
N GLN G 1585 89.56 -23.94 11.53
CA GLN G 1585 90.42 -24.77 12.35
C GLN G 1585 91.70 -24.02 12.67
N MET G 1586 92.16 -23.24 11.70
CA MET G 1586 93.50 -22.65 11.73
C MET G 1586 93.74 -21.91 13.05
N LEU G 1587 93.66 -22.66 14.14
CA LEU G 1587 93.81 -22.14 15.49
C LEU G 1587 95.26 -21.82 15.80
N MET G 1588 95.48 -20.93 16.77
CA MET G 1588 96.82 -20.64 17.25
C MET G 1588 96.97 -20.77 18.76
N PRO G 1589 97.01 -22.01 19.24
CA PRO G 1589 97.20 -22.30 20.67
C PRO G 1589 98.54 -21.82 21.22
N VAL G 1590 98.54 -21.35 22.46
CA VAL G 1590 99.75 -21.28 23.26
C VAL G 1590 99.98 -22.68 23.83
N SER G 1591 101.23 -23.06 24.07
CA SER G 1591 101.51 -24.31 24.74
C SER G 1591 101.50 -24.11 26.25
N TRP G 1592 100.31 -24.17 26.86
CA TRP G 1592 100.19 -23.93 28.29
C TRP G 1592 100.92 -24.96 29.12
N SER G 1593 101.52 -24.48 30.21
CA SER G 1593 102.43 -25.27 31.02
C SER G 1593 101.82 -26.49 31.70
N ARG G 1594 100.52 -26.47 31.97
CA ARG G 1594 99.95 -27.49 32.83
C ARG G 1594 98.67 -28.14 32.27
N MET G 1595 98.66 -29.48 32.28
CA MET G 1595 97.63 -30.27 31.60
C MET G 1595 96.98 -31.37 32.44
N PRO G 1596 95.91 -31.06 33.19
CA PRO G 1596 95.33 -32.10 34.05
C PRO G 1596 94.84 -33.27 33.22
N ASN G 1597 95.00 -34.49 33.72
CA ASN G 1597 94.58 -35.72 33.03
C ASN G 1597 94.39 -36.90 34.00
N HIS G 1598 93.83 -37.97 33.45
CA HIS G 1598 93.29 -39.10 34.21
C HIS G 1598 94.36 -39.83 35.03
N PHE G 1599 93.96 -40.29 36.20
CA PHE G 1599 94.89 -40.83 37.20
C PHE G 1599 95.38 -42.24 36.89
N LEU G 1600 94.71 -42.90 35.94
CA LEU G 1600 94.96 -44.31 35.64
C LEU G 1600 94.63 -45.16 36.86
N GLN G 1601 93.40 -45.66 36.90
CA GLN G 1601 92.86 -46.32 38.09
C GLN G 1601 93.64 -47.57 38.46
N VAL G 1602 94.19 -48.24 37.45
CA VAL G 1602 95.03 -49.42 37.65
C VAL G 1602 96.17 -49.33 36.65
N GLU G 1603 97.39 -49.11 37.14
CA GLU G 1603 98.46 -48.63 36.26
C GLU G 1603 99.83 -49.30 36.37
N THR G 1604 100.24 -49.73 37.55
CA THR G 1604 101.62 -50.16 37.73
C THR G 1604 101.80 -51.49 38.46
N ARG G 1605 102.83 -52.22 38.08
CA ARG G 1605 103.18 -53.50 38.71
C ARG G 1605 104.70 -53.64 38.88
N ARG G 1606 105.40 -52.52 39.03
CA ARG G 1606 106.86 -52.52 39.11
C ARG G 1606 107.35 -53.27 40.34
N ALA G 1607 108.46 -53.99 40.21
CA ALA G 1607 109.01 -54.76 41.33
C ALA G 1607 110.52 -54.98 41.19
N GLY G 1608 111.31 -53.99 41.60
CA GLY G 1608 112.76 -54.10 41.59
C GLY G 1608 113.31 -54.75 42.85
N GLU G 1609 114.63 -54.93 42.90
CA GLU G 1609 115.28 -55.57 44.04
C GLU G 1609 116.64 -54.94 44.34
N ARG G 1610 117.00 -54.89 45.61
CA ARG G 1610 118.33 -54.43 46.04
C ARG G 1610 119.42 -55.48 45.87
N LEU G 1611 120.66 -55.02 45.73
CA LEU G 1611 121.85 -55.89 45.74
C LEU G 1611 121.80 -56.98 44.67
N GLY G 1612 121.46 -56.59 43.45
CA GLY G 1612 121.35 -57.52 42.34
C GLY G 1612 120.56 -56.81 41.26
N TRP G 1613 119.63 -55.99 41.72
CA TRP G 1613 118.89 -55.05 40.90
C TRP G 1613 118.14 -55.68 39.73
N ALA G 1614 117.66 -56.90 39.93
CA ALA G 1614 116.65 -57.42 39.04
C ALA G 1614 115.38 -56.59 39.24
N VAL G 1615 114.68 -56.31 38.15
CA VAL G 1615 113.40 -55.62 38.26
C VAL G 1615 112.40 -56.41 37.43
N GLN G 1616 111.14 -56.41 37.86
CA GLN G 1616 110.17 -57.33 37.28
C GLN G 1616 108.74 -56.80 37.35
N CYS G 1617 107.91 -57.25 36.41
CA CYS G 1617 106.47 -57.00 36.45
C CYS G 1617 105.74 -58.25 36.01
N GLN G 1618 104.59 -58.51 36.63
CA GLN G 1618 103.86 -59.75 36.36
C GLN G 1618 102.90 -59.67 35.18
N ASP G 1619 102.13 -58.59 35.11
CA ASP G 1619 101.12 -58.44 34.06
C ASP G 1619 101.14 -57.06 33.43
N PRO G 1620 100.77 -56.99 32.14
CA PRO G 1620 100.54 -55.75 31.39
C PRO G 1620 99.09 -55.30 31.39
N LEU G 1621 98.87 -54.21 32.12
CA LEU G 1621 97.61 -53.49 32.11
C LEU G 1621 97.47 -52.84 30.75
N THR G 1622 96.24 -52.70 30.27
CA THR G 1622 96.05 -52.17 28.92
C THR G 1622 95.34 -50.81 28.87
N MET G 1623 95.95 -49.87 28.18
CA MET G 1623 95.33 -48.57 27.94
C MET G 1623 94.11 -48.74 27.07
N MET G 1624 93.07 -47.96 27.33
CA MET G 1624 92.06 -47.73 26.31
C MET G 1624 92.40 -46.42 25.63
N ALA G 1625 93.54 -46.42 24.92
CA ALA G 1625 94.07 -45.25 24.24
C ALA G 1625 93.38 -44.89 22.93
N LEU G 1626 93.49 -43.62 22.57
CA LEU G 1626 93.25 -43.14 21.22
C LEU G 1626 94.21 -41.99 21.00
N HIS G 1627 94.29 -41.48 19.78
CA HIS G 1627 95.11 -40.29 19.55
C HIS G 1627 94.35 -39.35 18.63
N ILE G 1628 94.85 -38.14 18.49
CA ILE G 1628 94.39 -37.24 17.45
C ILE G 1628 95.52 -36.96 16.47
N PRO G 1629 95.48 -37.64 15.32
CA PRO G 1629 96.55 -37.65 14.32
C PRO G 1629 96.90 -36.28 13.77
N GLU G 1630 95.91 -35.38 13.67
CA GLU G 1630 96.19 -34.04 13.19
C GLU G 1630 97.12 -33.30 14.15
N GLU G 1631 97.12 -33.72 15.41
CA GLU G 1631 98.05 -33.18 16.40
C GLU G 1631 98.33 -34.24 17.45
N ASN G 1632 99.21 -35.19 17.12
CA ASN G 1632 99.28 -36.46 17.81
C ASN G 1632 99.65 -36.39 19.30
N ARG G 1633 98.91 -37.16 20.10
CA ARG G 1633 99.21 -37.43 21.51
C ARG G 1633 98.55 -38.73 21.91
N CYS G 1634 99.05 -39.37 22.96
CA CYS G 1634 98.24 -40.40 23.61
C CYS G 1634 97.03 -39.73 24.23
N MET G 1635 95.90 -40.40 24.19
CA MET G 1635 94.65 -39.77 24.56
C MET G 1635 93.65 -40.84 24.96
N ASP G 1636 93.92 -41.53 26.05
CA ASP G 1636 93.05 -42.63 26.47
C ASP G 1636 91.66 -42.11 26.79
N ILE G 1637 90.65 -42.90 26.40
CA ILE G 1637 89.28 -42.43 26.41
C ILE G 1637 88.80 -42.09 27.82
N LEU G 1638 89.35 -42.77 28.83
CA LEU G 1638 88.98 -42.46 30.19
C LEU G 1638 89.33 -41.02 30.53
N GLU G 1639 90.49 -40.57 30.06
CA GLU G 1639 90.81 -39.14 30.12
C GLU G 1639 89.92 -38.34 29.18
N LEU G 1640 89.48 -38.94 28.10
CA LEU G 1640 88.70 -38.21 27.11
C LEU G 1640 87.36 -37.81 27.71
N SER G 1641 86.92 -38.57 28.70
CA SER G 1641 85.69 -38.26 29.41
C SER G 1641 85.72 -36.93 30.17
N GLU G 1642 86.89 -36.54 30.67
CA GLU G 1642 86.96 -35.37 31.53
C GLU G 1642 86.66 -34.08 30.76
N ARG G 1643 87.01 -34.09 29.49
CA ARG G 1643 86.70 -32.97 28.62
C ARG G 1643 85.74 -33.46 27.55
N LEU G 1644 84.47 -33.20 27.82
CA LEU G 1644 83.36 -33.87 27.19
C LEU G 1644 83.16 -33.57 25.71
N ASP G 1645 83.68 -32.45 25.21
CA ASP G 1645 83.36 -32.09 23.84
C ASP G 1645 83.93 -33.11 22.84
N LEU G 1646 85.13 -33.61 23.13
CA LEU G 1646 85.69 -34.69 22.32
C LEU G 1646 84.91 -35.97 22.54
N GLN G 1647 84.31 -36.10 23.71
CA GLN G 1647 83.43 -37.22 23.98
C GLN G 1647 82.23 -37.17 23.07
N ARG G 1648 81.81 -35.95 22.76
CA ARG G 1648 80.67 -35.74 21.88
C ARG G 1648 81.07 -36.07 20.46
N PHE G 1649 82.21 -35.53 20.03
CA PHE G 1649 82.65 -35.78 18.67
C PHE G 1649 82.95 -37.24 18.41
N HIS G 1650 83.44 -37.93 19.43
CA HIS G 1650 83.84 -39.31 19.26
C HIS G 1650 82.63 -40.20 19.38
N SER G 1651 81.69 -39.84 20.25
CA SER G 1651 80.46 -40.60 20.32
C SER G 1651 79.70 -40.49 19.02
N HIS G 1652 79.78 -39.33 18.38
CA HIS G 1652 79.28 -39.23 17.01
C HIS G 1652 80.13 -40.00 16.00
N THR G 1653 81.44 -40.17 16.25
CA THR G 1653 82.19 -41.02 15.35
C THR G 1653 81.64 -42.43 15.46
N LEU G 1654 81.23 -42.80 16.66
CA LEU G 1654 80.54 -44.06 16.90
C LEU G 1654 79.15 -44.10 16.29
N ARG G 1655 78.50 -42.93 16.19
CA ARG G 1655 77.23 -42.86 15.48
C ARG G 1655 77.48 -43.18 14.03
N LEU G 1656 78.65 -42.78 13.54
CA LEU G 1656 78.95 -42.99 12.14
C LEU G 1656 79.37 -44.42 11.87
N TYR G 1657 80.20 -44.99 12.74
CA TYR G 1657 80.59 -46.38 12.53
C TYR G 1657 79.36 -47.27 12.67
N ARG G 1658 78.49 -46.90 13.60
CA ARG G 1658 77.24 -47.63 13.80
C ARG G 1658 76.34 -47.49 12.59
N ALA G 1659 76.41 -46.33 11.96
CA ALA G 1659 75.53 -46.06 10.84
C ALA G 1659 75.98 -46.80 9.59
N VAL G 1660 77.27 -46.76 9.32
CA VAL G 1660 77.81 -47.23 8.06
C VAL G 1660 77.62 -48.72 7.82
N CYS G 1661 77.61 -49.51 8.90
CA CYS G 1661 77.36 -50.93 8.74
C CYS G 1661 75.90 -51.13 8.30
N ALA G 1662 75.07 -50.12 8.58
CA ALA G 1662 73.86 -49.87 7.81
C ALA G 1662 72.89 -51.03 7.66
N LEU G 1663 72.66 -51.76 8.75
CA LEU G 1663 71.70 -52.84 8.76
C LEU G 1663 72.00 -53.84 7.64
N GLY G 1664 72.98 -54.70 7.90
CA GLY G 1664 73.35 -55.75 6.98
C GLY G 1664 74.37 -55.40 5.90
N ASN G 1665 74.82 -54.15 5.86
CA ASN G 1665 75.98 -53.86 5.03
C ASN G 1665 77.14 -54.61 5.63
N ASN G 1666 78.01 -55.17 4.80
CA ASN G 1666 78.96 -56.15 5.30
C ASN G 1666 80.39 -55.98 4.81
N ARG G 1667 80.57 -55.94 3.50
CA ARG G 1667 81.91 -55.86 2.94
C ARG G 1667 82.51 -54.58 3.49
N VAL G 1668 81.67 -53.56 3.56
CA VAL G 1668 82.03 -52.30 4.18
C VAL G 1668 82.40 -52.44 5.66
N ALA G 1669 81.76 -53.38 6.36
CA ALA G 1669 81.95 -53.52 7.80
C ALA G 1669 83.37 -53.94 8.18
N HIS G 1670 84.02 -54.68 7.28
CA HIS G 1670 85.36 -55.18 7.54
C HIS G 1670 86.34 -54.02 7.71
N ALA G 1671 86.07 -52.95 6.99
CA ALA G 1671 86.88 -51.75 7.12
C ALA G 1671 86.76 -51.18 8.52
N LEU G 1672 85.55 -51.22 9.06
CA LEU G 1672 85.33 -50.77 10.42
C LEU G 1672 86.04 -51.70 11.39
N CYS G 1673 86.11 -52.98 11.02
CA CYS G 1673 86.83 -53.93 11.85
C CYS G 1673 88.30 -53.58 11.87
N SER G 1674 88.80 -53.07 10.74
CA SER G 1674 90.16 -52.53 10.73
C SER G 1674 90.29 -51.27 11.57
N HIS G 1675 89.23 -50.48 11.61
CA HIS G 1675 89.25 -49.20 12.31
C HIS G 1675 88.96 -49.21 13.80
N VAL G 1676 88.53 -50.34 14.35
CA VAL G 1676 88.24 -50.35 15.77
C VAL G 1676 88.60 -51.69 16.40
N ASP G 1677 88.67 -52.75 15.61
CA ASP G 1677 89.26 -54.02 16.02
C ASP G 1677 88.51 -54.79 17.12
N GLN G 1678 88.52 -56.11 17.01
CA GLN G 1678 87.74 -56.97 17.91
C GLN G 1678 88.12 -56.85 19.38
N ALA G 1679 89.41 -56.96 19.66
CA ALA G 1679 89.89 -56.96 21.03
C ALA G 1679 89.62 -55.65 21.72
N GLN G 1680 89.68 -54.56 20.96
CA GLN G 1680 89.37 -53.25 21.49
C GLN G 1680 87.90 -53.14 21.86
N LEU G 1681 87.04 -53.81 21.10
CA LEU G 1681 85.65 -53.90 21.47
C LEU G 1681 85.48 -54.72 22.73
N LEU G 1682 86.24 -55.80 22.86
CA LEU G 1682 86.11 -56.62 24.06
C LEU G 1682 86.56 -55.87 25.31
N HIS G 1683 87.60 -55.05 25.16
CA HIS G 1683 88.01 -54.16 26.22
C HIS G 1683 86.96 -53.08 26.46
N ALA G 1684 86.25 -52.71 25.40
CA ALA G 1684 85.16 -51.76 25.54
C ALA G 1684 84.04 -52.37 26.37
N LEU G 1685 83.95 -53.70 26.32
CA LEU G 1685 83.06 -54.42 27.24
C LEU G 1685 83.60 -54.43 28.65
N GLU G 1686 84.88 -54.78 28.78
CA GLU G 1686 85.47 -55.00 30.10
C GLU G 1686 85.52 -53.78 31.01
N ASP G 1687 85.77 -52.60 30.43
CA ASP G 1687 85.95 -51.40 31.24
C ASP G 1687 84.62 -50.87 31.80
N ALA G 1688 84.70 -50.24 32.96
CA ALA G 1688 83.53 -49.68 33.61
C ALA G 1688 83.76 -48.23 33.99
N HIS G 1689 85.00 -47.79 33.85
CA HIS G 1689 85.33 -46.39 34.09
C HIS G 1689 84.98 -45.58 32.85
N LEU G 1690 84.61 -46.30 31.80
CA LEU G 1690 84.34 -45.72 30.49
C LEU G 1690 83.09 -44.84 30.55
N PRO G 1691 83.16 -43.64 29.93
CA PRO G 1691 82.03 -42.73 29.89
C PRO G 1691 80.83 -43.29 29.14
N GLY G 1692 79.64 -42.93 29.60
CA GLY G 1692 78.42 -43.60 29.20
C GLY G 1692 78.08 -43.68 27.72
N PRO G 1693 77.86 -42.53 27.06
CA PRO G 1693 77.44 -42.59 25.66
C PRO G 1693 78.45 -43.30 24.78
N LEU G 1694 79.73 -43.18 25.10
CA LEU G 1694 80.75 -43.98 24.43
C LEU G 1694 80.65 -45.46 24.74
N ARG G 1695 80.28 -45.79 25.98
CA ARG G 1695 80.12 -47.19 26.38
C ARG G 1695 78.98 -47.88 25.65
N ALA G 1696 77.87 -47.15 25.51
CA ALA G 1696 76.72 -47.56 24.74
C ALA G 1696 77.08 -47.57 23.28
N GLY G 1697 77.99 -46.69 22.90
CA GLY G 1697 78.39 -46.57 21.52
C GLY G 1697 79.19 -47.77 21.08
N TYR G 1698 80.22 -48.14 21.84
CA TYR G 1698 80.96 -49.34 21.49
C TYR G 1698 80.13 -50.60 21.59
N TYR G 1699 79.22 -50.67 22.55
CA TYR G 1699 78.35 -51.83 22.58
C TYR G 1699 77.47 -51.87 21.34
N ASP G 1700 77.04 -50.69 20.89
CA ASP G 1700 76.24 -50.59 19.69
C ASP G 1700 77.06 -50.92 18.46
N LEU G 1701 78.37 -50.74 18.54
CA LEU G 1701 79.22 -51.11 17.42
C LEU G 1701 79.34 -52.60 17.35
N LEU G 1702 79.58 -53.21 18.51
CA LEU G 1702 79.77 -54.64 18.55
C LEU G 1702 78.48 -55.28 18.11
N ILE G 1703 77.36 -54.61 18.33
CA ILE G 1703 76.14 -55.10 17.72
C ILE G 1703 76.15 -54.88 16.22
N SER G 1704 76.44 -53.66 15.81
CA SER G 1704 76.27 -53.26 14.42
C SER G 1704 77.32 -53.84 13.52
N ILE G 1705 78.58 -53.71 13.93
CA ILE G 1705 79.69 -54.14 13.12
C ILE G 1705 79.64 -55.65 12.94
N HIS G 1706 79.04 -56.31 13.91
CA HIS G 1706 79.03 -57.77 13.93
C HIS G 1706 77.64 -58.39 13.97
N LEU G 1707 77.04 -58.40 15.15
CA LEU G 1707 75.86 -59.20 15.42
C LEU G 1707 74.62 -58.79 14.62
N GLU G 1708 74.57 -57.51 14.25
CA GLU G 1708 73.32 -56.91 13.82
C GLU G 1708 72.75 -57.52 12.55
N SER G 1709 73.60 -57.97 11.64
CA SER G 1709 73.08 -58.52 10.39
C SER G 1709 72.47 -59.89 10.63
N ALA G 1710 73.20 -60.72 11.35
CA ALA G 1710 72.75 -62.07 11.63
C ALA G 1710 71.48 -62.03 12.44
N CYS G 1711 71.39 -61.08 13.37
CA CYS G 1711 70.13 -60.90 14.08
C CYS G 1711 69.05 -60.39 13.14
N ARG G 1712 69.45 -59.57 12.18
CA ARG G 1712 68.51 -58.90 11.29
C ARG G 1712 67.80 -59.91 10.41
N SER G 1713 68.51 -60.98 10.05
CA SER G 1713 67.86 -62.05 9.31
C SER G 1713 67.14 -62.98 10.27
N ARG G 1714 67.80 -63.24 11.40
CA ARG G 1714 67.34 -64.26 12.33
C ARG G 1714 66.00 -63.94 12.95
N ARG G 1715 65.71 -62.64 13.11
CA ARG G 1715 64.43 -62.18 13.66
C ARG G 1715 63.21 -62.48 12.79
N SER G 1716 63.34 -62.28 11.48
CA SER G 1716 62.31 -62.62 10.52
C SER G 1716 62.25 -64.12 10.27
N MET G 1717 63.42 -64.77 10.29
CA MET G 1717 63.43 -66.21 10.10
C MET G 1717 62.77 -66.89 11.29
N LEU G 1718 62.90 -66.29 12.46
CA LEU G 1718 62.20 -66.76 13.63
C LEU G 1718 60.71 -66.54 13.44
N SER G 1719 60.34 -65.47 12.74
CA SER G 1719 58.93 -65.23 12.46
C SER G 1719 58.34 -66.21 11.45
N GLU G 1720 59.17 -66.81 10.59
CA GLU G 1720 58.63 -67.75 9.60
C GLU G 1720 58.05 -69.05 10.19
N TYR G 1721 58.63 -69.53 11.28
CA TYR G 1721 58.17 -70.71 12.03
C TYR G 1721 57.96 -72.03 11.26
N ILE G 1722 58.66 -72.23 10.15
CA ILE G 1722 58.55 -73.51 9.43
C ILE G 1722 59.32 -74.62 10.16
N VAL G 1723 58.85 -75.87 10.05
CA VAL G 1723 59.44 -76.96 10.84
C VAL G 1723 59.70 -78.25 10.02
N PRO G 1724 60.81 -78.95 10.34
CA PRO G 1724 61.20 -80.32 9.97
C PRO G 1724 60.32 -81.46 10.49
N LEU G 1725 60.22 -82.54 9.72
CA LEU G 1725 59.62 -83.79 10.18
C LEU G 1725 60.60 -84.80 10.79
N THR G 1726 61.78 -84.35 11.19
CA THR G 1726 62.76 -85.26 11.78
C THR G 1726 62.18 -85.84 13.07
N PRO G 1727 62.54 -87.09 13.41
CA PRO G 1727 61.85 -87.79 14.50
C PRO G 1727 61.95 -87.06 15.83
N GLU G 1728 63.06 -86.37 16.05
CA GLU G 1728 63.22 -85.60 17.28
C GLU G 1728 62.18 -84.49 17.37
N THR G 1729 61.78 -83.95 16.21
CA THR G 1729 60.71 -82.96 16.20
C THR G 1729 59.39 -83.60 16.64
N ARG G 1730 59.20 -84.88 16.31
CA ARG G 1730 58.07 -85.62 16.82
C ARG G 1730 58.22 -85.80 18.33
N ALA G 1731 59.48 -85.86 18.76
CA ALA G 1731 59.81 -86.13 20.15
C ALA G 1731 59.76 -84.89 21.04
N ILE G 1732 59.59 -83.71 20.45
CA ILE G 1732 59.66 -82.47 21.21
C ILE G 1732 58.62 -82.32 22.33
N THR G 1733 57.42 -82.84 22.11
CA THR G 1733 56.29 -82.68 23.05
C THR G 1733 56.06 -81.22 23.41
N LEU G 1734 55.33 -80.98 24.50
CA LEU G 1734 55.01 -79.62 24.92
C LEU G 1734 55.41 -79.42 26.38
N PHE G 1735 54.58 -79.94 27.29
CA PHE G 1735 54.96 -79.99 28.69
C PHE G 1735 56.10 -80.96 28.92
N PRO G 1736 57.06 -80.55 29.75
CA PRO G 1736 58.12 -81.45 30.20
C PRO G 1736 57.52 -82.59 31.01
N PRO G 1737 58.09 -83.79 30.91
CA PRO G 1737 57.58 -84.98 31.61
C PRO G 1737 57.90 -84.95 33.10
N GLY G 1748 56.57 -75.29 32.48
CA GLY G 1748 56.95 -74.62 31.25
C GLY G 1748 58.44 -74.36 31.16
N LEU G 1749 58.82 -73.09 31.25
CA LEU G 1749 60.22 -72.67 31.12
C LEU G 1749 60.50 -72.18 29.71
N PRO G 1750 60.95 -70.85 29.62
CA PRO G 1750 61.18 -70.41 28.23
C PRO G 1750 62.30 -71.19 27.54
N GLY G 1751 63.35 -71.48 28.30
CA GLY G 1751 64.53 -72.13 27.77
C GLY G 1751 65.16 -73.09 26.78
N VAL G 1752 64.59 -74.29 26.71
CA VAL G 1752 65.08 -75.41 25.90
C VAL G 1752 65.63 -75.34 24.49
N GLY G 1753 66.67 -76.13 24.26
CA GLY G 1753 67.41 -76.12 23.02
C GLY G 1753 66.74 -76.53 21.73
N VAL G 1754 65.92 -77.59 21.77
CA VAL G 1754 65.49 -78.20 20.52
C VAL G 1754 64.92 -77.21 19.52
N THR G 1755 64.15 -76.26 20.01
CA THR G 1755 63.40 -75.35 19.15
C THR G 1755 63.64 -75.65 17.67
N THR G 1756 64.81 -76.20 17.37
CA THR G 1756 65.12 -76.76 16.04
C THR G 1756 64.67 -75.87 14.89
N SER G 1757 63.48 -76.14 14.39
CA SER G 1757 62.92 -75.46 13.22
C SER G 1757 63.91 -75.53 12.07
N LEU G 1758 64.10 -74.41 11.38
CA LEU G 1758 65.14 -74.33 10.38
C LEU G 1758 66.00 -73.09 10.57
N ARG G 1759 65.63 -72.00 9.89
CA ARG G 1759 66.32 -70.71 9.94
C ARG G 1759 67.85 -70.84 9.81
N PRO G 1760 68.38 -70.47 8.64
CA PRO G 1760 69.75 -70.85 8.29
C PRO G 1760 70.75 -70.29 9.27
N PRO G 1761 71.80 -71.05 9.58
CA PRO G 1761 72.72 -70.64 10.63
C PRO G 1761 73.40 -69.33 10.27
N HIS G 1762 73.61 -68.48 11.26
CA HIS G 1762 74.43 -67.31 11.06
C HIS G 1762 75.85 -67.75 10.81
N HIS G 1763 76.53 -67.08 9.89
CA HIS G 1763 77.88 -67.45 9.53
C HIS G 1763 78.63 -66.23 9.07
N PHE G 1764 79.95 -66.25 9.25
CA PHE G 1764 80.73 -65.05 8.99
C PHE G 1764 82.09 -65.41 8.41
N SER G 1765 82.53 -64.63 7.43
CA SER G 1765 83.90 -64.72 6.97
C SER G 1765 84.81 -64.15 8.04
N PRO G 1766 86.01 -64.73 8.20
CA PRO G 1766 86.97 -64.08 9.09
C PRO G 1766 87.33 -62.71 8.54
N PRO G 1767 87.57 -61.73 9.41
CA PRO G 1767 87.90 -60.39 8.92
C PRO G 1767 89.33 -60.30 8.44
N CYS G 1768 89.70 -61.19 7.53
CA CYS G 1768 91.02 -61.13 6.90
C CYS G 1768 91.14 -59.87 6.06
N PHE G 1769 92.30 -59.23 6.11
CA PHE G 1769 92.48 -57.99 5.37
C PHE G 1769 93.37 -58.13 4.14
N VAL G 1770 93.94 -59.31 3.93
CA VAL G 1770 94.61 -59.58 2.68
C VAL G 1770 93.70 -60.43 1.77
N ALA G 1771 93.84 -60.22 0.46
CA ALA G 1771 93.01 -60.94 -0.51
C ALA G 1771 93.78 -61.21 -1.79
N LEU G 1785 82.39 -60.24 3.19
CA LEU G 1785 81.06 -60.04 3.75
C LEU G 1785 80.91 -60.74 5.10
N SER G 1786 80.21 -60.08 6.02
CA SER G 1786 79.92 -60.63 7.35
C SER G 1786 81.18 -61.00 8.13
N PRO G 1787 81.74 -60.04 8.90
CA PRO G 1787 82.92 -60.26 9.74
C PRO G 1787 82.74 -61.33 10.81
N ALA G 1788 83.79 -62.10 11.07
CA ALA G 1788 83.77 -63.12 12.10
C ALA G 1788 83.85 -62.53 13.50
N ILE G 1789 83.32 -63.28 14.47
CA ILE G 1789 83.39 -62.91 15.88
C ILE G 1789 83.83 -64.15 16.67
N PRO G 1790 84.52 -63.95 17.81
CA PRO G 1790 84.61 -65.08 18.75
C PRO G 1790 83.28 -65.26 19.47
N LEU G 1791 82.47 -66.21 19.02
CA LEU G 1791 81.08 -66.32 19.49
C LEU G 1791 81.00 -66.60 20.99
N GLU G 1792 81.49 -67.77 21.40
CA GLU G 1792 81.36 -68.19 22.78
C GLU G 1792 82.13 -67.29 23.74
N ALA G 1793 83.23 -66.72 23.27
CA ALA G 1793 83.95 -65.77 24.09
C ALA G 1793 83.08 -64.56 24.34
N LEU G 1794 82.31 -64.18 23.32
CA LEU G 1794 81.48 -63.01 23.41
C LEU G 1794 80.28 -63.24 24.32
N ARG G 1795 79.68 -64.42 24.21
CA ARG G 1795 78.58 -64.75 25.09
C ARG G 1795 79.08 -64.86 26.52
N ASP G 1796 80.35 -65.24 26.67
CA ASP G 1796 80.92 -65.36 28.00
C ASP G 1796 81.07 -63.98 28.62
N LYS G 1797 81.64 -63.05 27.84
CA LYS G 1797 81.86 -61.71 28.34
C LYS G 1797 80.52 -61.08 28.66
N ALA G 1798 79.54 -61.38 27.82
CA ALA G 1798 78.23 -60.75 27.95
C ALA G 1798 77.52 -61.25 29.18
N LEU G 1799 77.48 -62.57 29.35
CA LEU G 1799 76.80 -63.13 30.51
C LEU G 1799 77.48 -62.74 31.81
N ARG G 1800 78.81 -62.65 31.79
CA ARG G 1800 79.50 -62.26 33.02
C ARG G 1800 79.20 -60.80 33.34
N MET G 1801 79.12 -59.99 32.29
CA MET G 1801 78.75 -58.59 32.46
C MET G 1801 77.33 -58.47 32.98
N LEU G 1802 76.49 -59.43 32.62
CA LEU G 1802 75.11 -59.43 33.10
C LEU G 1802 75.01 -59.75 34.56
N GLY G 1803 75.67 -60.84 34.97
CA GLY G 1803 75.53 -61.28 36.35
C GLY G 1803 76.20 -60.27 37.25
N GLU G 1804 77.32 -59.73 36.78
CA GLU G 1804 78.00 -58.69 37.53
C GLU G 1804 77.14 -57.43 37.58
N ALA G 1805 76.35 -57.20 36.53
CA ALA G 1805 75.52 -56.00 36.47
C ALA G 1805 74.34 -56.05 37.41
N VAL G 1806 73.64 -57.18 37.45
CA VAL G 1806 72.57 -57.34 38.42
C VAL G 1806 73.16 -57.39 39.83
N ARG G 1807 74.36 -57.92 39.94
CA ARG G 1807 74.93 -58.10 41.26
C ARG G 1807 75.35 -56.78 41.89
N ASP G 1808 76.15 -55.99 41.17
CA ASP G 1808 76.52 -54.69 41.70
C ASP G 1808 75.31 -53.74 41.67
N GLY G 1809 74.37 -54.03 40.79
CA GLY G 1809 73.17 -53.21 40.69
C GLY G 1809 72.27 -53.36 41.91
N GLY G 1810 72.22 -54.58 42.45
CA GLY G 1810 71.43 -54.82 43.63
C GLY G 1810 72.14 -54.36 44.88
N GLN G 1811 73.44 -54.11 44.75
CA GLN G 1811 74.24 -53.55 45.83
C GLN G 1811 74.02 -52.04 45.88
N HIS G 1812 73.38 -51.52 44.83
CA HIS G 1812 72.99 -50.13 44.72
C HIS G 1812 74.18 -49.18 44.89
N ALA G 1813 75.37 -49.63 44.45
CA ALA G 1813 76.50 -48.72 44.32
C ALA G 1813 76.18 -47.74 43.20
N ARG G 1814 76.61 -46.49 43.36
CA ARG G 1814 76.23 -45.47 42.39
C ARG G 1814 77.42 -44.76 41.71
N ASP G 1815 78.32 -45.54 41.13
CA ASP G 1815 79.35 -44.96 40.26
C ASP G 1815 78.64 -44.18 39.14
N PRO G 1816 77.65 -44.80 38.47
CA PRO G 1816 77.26 -46.20 38.30
C PRO G 1816 77.76 -46.75 36.97
N VAL G 1817 79.02 -47.17 36.93
CA VAL G 1817 79.65 -47.69 35.72
C VAL G 1817 79.59 -46.68 34.57
N GLY G 1818 78.42 -46.57 33.94
CA GLY G 1818 78.27 -45.70 32.79
C GLY G 1818 77.98 -44.26 33.16
N GLY G 1819 77.89 -43.98 34.45
CA GLY G 1819 77.52 -42.66 34.93
C GLY G 1819 76.01 -42.55 35.00
N SER G 1820 75.34 -43.63 34.61
CA SER G 1820 73.89 -43.75 34.76
C SER G 1820 73.53 -45.23 34.72
N VAL G 1821 72.43 -45.59 35.37
CA VAL G 1821 71.98 -46.97 35.34
C VAL G 1821 71.59 -47.36 33.92
N GLU G 1822 71.02 -46.41 33.19
CA GLU G 1822 70.56 -46.71 31.86
C GLU G 1822 71.74 -47.13 31.01
N PHE G 1823 72.83 -46.40 31.15
CA PHE G 1823 74.06 -46.77 30.47
C PHE G 1823 74.55 -48.09 30.99
N GLN G 1824 74.40 -48.30 32.30
CA GLN G 1824 74.92 -49.49 32.95
C GLN G 1824 74.28 -50.76 32.39
N PHE G 1825 72.99 -50.70 32.13
CA PHE G 1825 72.30 -51.86 31.54
C PHE G 1825 71.90 -51.76 30.08
N VAL G 1826 71.15 -50.70 29.74
CA VAL G 1826 70.53 -50.64 28.41
C VAL G 1826 71.44 -51.16 27.29
N PRO G 1827 72.70 -50.66 27.21
CA PRO G 1827 73.57 -51.23 26.19
C PRO G 1827 73.78 -52.74 26.33
N VAL G 1828 73.82 -53.20 27.58
CA VAL G 1828 74.17 -54.58 27.87
C VAL G 1828 73.00 -55.50 27.63
N LEU G 1829 71.82 -55.06 28.05
CA LEU G 1829 70.60 -55.79 27.76
C LEU G 1829 70.34 -55.79 26.27
N LYS G 1830 70.80 -54.75 25.59
CA LYS G 1830 70.70 -54.70 24.14
C LYS G 1830 71.59 -55.75 23.50
N LEU G 1831 72.84 -55.78 23.96
CA LEU G 1831 73.81 -56.69 23.38
C LEU G 1831 73.38 -58.12 23.62
N VAL G 1832 72.86 -58.37 24.81
CA VAL G 1832 72.35 -59.69 25.14
C VAL G 1832 71.08 -60.00 24.38
N SER G 1833 70.31 -58.97 24.04
CA SER G 1833 69.07 -59.23 23.31
C SER G 1833 69.41 -59.68 21.90
N THR G 1834 70.27 -58.92 21.23
CA THR G 1834 70.67 -59.30 19.88
C THR G 1834 71.46 -60.61 19.86
N LEU G 1835 72.25 -60.84 20.90
CA LEU G 1835 73.04 -62.07 21.00
C LEU G 1835 72.15 -63.27 21.20
N LEU G 1836 71.03 -63.05 21.88
CA LEU G 1836 70.11 -64.11 22.24
C LEU G 1836 69.15 -64.43 21.10
N VAL G 1837 68.71 -63.40 20.40
CA VAL G 1837 67.87 -63.58 19.23
C VAL G 1837 68.67 -64.29 18.16
N MET G 1838 69.97 -64.06 18.19
CA MET G 1838 70.89 -64.54 17.15
C MET G 1838 70.94 -66.06 17.05
N GLY G 1839 70.70 -66.74 18.16
CA GLY G 1839 70.81 -68.19 18.19
C GLY G 1839 72.05 -68.64 18.93
N ILE G 1840 72.28 -68.02 20.07
CA ILE G 1840 73.51 -68.25 20.82
C ILE G 1840 73.20 -68.63 22.24
N PHE G 1841 74.09 -69.44 22.80
CA PHE G 1841 74.01 -69.98 24.15
C PHE G 1841 73.25 -71.28 24.11
N GLY G 1842 73.52 -72.11 25.10
CA GLY G 1842 72.69 -73.26 25.38
C GLY G 1842 71.51 -72.70 26.14
N ASP G 1843 70.49 -73.51 26.35
CA ASP G 1843 69.36 -73.07 27.12
C ASP G 1843 69.97 -72.72 28.45
N GLU G 1844 70.98 -73.50 28.84
CA GLU G 1844 71.61 -73.34 30.14
C GLU G 1844 72.11 -71.91 30.33
N ASP G 1845 72.73 -71.28 29.34
CA ASP G 1845 72.99 -69.87 29.60
C ASP G 1845 71.69 -69.10 29.59
N VAL G 1846 70.73 -69.55 28.78
CA VAL G 1846 69.41 -68.94 28.82
C VAL G 1846 68.78 -69.18 30.19
N LYS G 1847 69.05 -70.34 30.78
CA LYS G 1847 68.60 -70.59 32.13
C LYS G 1847 69.29 -69.63 33.09
N GLN G 1848 70.53 -69.29 32.77
CA GLN G 1848 71.26 -68.31 33.56
C GLN G 1848 70.59 -66.96 33.44
N ILE G 1849 69.97 -66.70 32.29
CA ILE G 1849 69.29 -65.43 32.09
C ILE G 1849 67.98 -65.39 32.85
N LEU G 1850 67.23 -66.49 32.76
CA LEU G 1850 65.94 -66.60 33.42
C LEU G 1850 66.12 -66.49 34.92
N LYS G 1851 67.15 -67.13 35.44
CA LYS G 1851 67.47 -67.04 36.86
C LYS G 1851 68.11 -65.70 37.21
N MET G 1852 68.64 -65.04 36.19
CA MET G 1852 69.01 -63.63 36.30
C MET G 1852 67.77 -62.77 36.47
N ILE G 1853 66.64 -63.24 35.96
CA ILE G 1853 65.44 -62.40 35.88
C ILE G 1853 64.39 -62.62 36.97
N GLU G 1854 63.83 -63.82 37.07
CA GLU G 1854 62.66 -64.03 37.93
C GLU G 1854 62.95 -63.62 39.40
N PRO G 1855 64.07 -64.09 39.99
CA PRO G 1855 64.82 -65.34 39.84
C PRO G 1855 63.96 -66.53 40.27
N GLU G 1856 64.11 -67.67 39.61
CA GLU G 1856 63.39 -68.90 39.99
C GLU G 1856 63.82 -70.06 39.11
N GLY G 1912 67.05 -60.69 40.82
CA GLY G 1912 66.32 -60.53 39.57
C GLY G 1912 66.36 -59.11 39.06
N LEU G 1913 66.84 -58.93 37.85
CA LEU G 1913 66.88 -57.61 37.24
C LEU G 1913 65.48 -57.04 37.08
N LEU G 1914 64.53 -57.92 36.78
CA LEU G 1914 63.14 -57.53 36.64
C LEU G 1914 62.55 -57.03 37.96
N GLN G 1915 63.04 -57.58 39.07
CA GLN G 1915 62.65 -57.15 40.40
C GLN G 1915 63.13 -55.73 40.70
N MET G 1916 64.22 -55.33 40.06
CA MET G 1916 64.91 -54.08 40.36
C MET G 1916 64.11 -52.85 40.02
N LYS G 1917 64.33 -51.77 40.75
CA LYS G 1917 63.91 -50.45 40.30
C LYS G 1917 64.69 -50.09 39.05
N LEU G 1918 64.01 -49.52 38.06
CA LEU G 1918 64.66 -49.19 36.80
C LEU G 1918 64.35 -47.78 36.29
N PRO G 1919 65.34 -47.17 35.62
CA PRO G 1919 65.18 -46.08 34.65
C PRO G 1919 64.46 -46.59 33.41
N GLU G 1920 63.71 -45.73 32.72
CA GLU G 1920 62.81 -46.16 31.67
C GLU G 1920 63.47 -47.00 30.57
N SER G 1921 64.60 -46.55 30.05
CA SER G 1921 65.18 -47.23 28.90
C SER G 1921 65.56 -48.67 29.21
N VAL G 1922 66.00 -48.90 30.43
CA VAL G 1922 66.33 -50.26 30.83
C VAL G 1922 65.06 -51.11 30.83
N LYS G 1923 63.94 -50.49 31.19
CA LYS G 1923 62.66 -51.19 31.14
C LYS G 1923 62.32 -51.51 29.71
N LEU G 1924 62.75 -50.63 28.80
CA LEU G 1924 62.41 -50.82 27.41
C LEU G 1924 63.18 -51.98 26.80
N GLN G 1925 64.49 -51.95 26.95
CA GLN G 1925 65.31 -52.99 26.38
C GLN G 1925 65.03 -54.33 27.06
N MET G 1926 64.77 -54.26 28.37
CA MET G 1926 64.42 -55.46 29.12
C MET G 1926 63.11 -56.02 28.62
N CYS G 1927 62.22 -55.12 28.24
CA CYS G 1927 60.95 -55.53 27.68
C CYS G 1927 61.17 -56.21 26.36
N ASN G 1928 62.14 -55.74 25.59
CA ASN G 1928 62.45 -56.41 24.33
C ASN G 1928 63.02 -57.81 24.58
N LEU G 1929 63.77 -57.94 25.66
CA LEU G 1929 64.40 -59.21 26.00
C LEU G 1929 63.33 -60.24 26.36
N LEU G 1930 62.44 -59.80 27.23
CA LEU G 1930 61.32 -60.63 27.66
C LEU G 1930 60.45 -60.95 26.46
N GLU G 1931 60.43 -60.01 25.52
CA GLU G 1931 59.68 -60.21 24.30
C GLU G 1931 60.27 -61.36 23.50
N TYR G 1932 61.60 -61.45 23.47
CA TYR G 1932 62.20 -62.60 22.82
C TYR G 1932 61.87 -63.88 23.58
N PHE G 1933 61.79 -63.79 24.91
CA PHE G 1933 61.43 -65.00 25.65
C PHE G 1933 60.04 -65.52 25.35
N CYS G 1934 59.05 -64.64 25.41
CA CYS G 1934 57.70 -65.07 25.12
C CYS G 1934 57.57 -65.51 23.67
N ASP G 1935 58.33 -64.87 22.79
CA ASP G 1935 58.25 -65.20 21.38
C ASP G 1935 58.79 -66.59 21.12
N GLN G 1936 59.95 -66.88 21.71
CA GLN G 1936 60.54 -68.21 21.57
C GLN G 1936 59.67 -69.27 22.23
N GLU G 1937 59.01 -68.89 23.32
CA GLU G 1937 58.10 -69.82 23.97
C GLU G 1937 56.94 -70.15 23.05
N LEU G 1938 56.49 -69.13 22.30
CA LEU G 1938 55.47 -69.36 21.30
C LEU G 1938 55.98 -70.27 20.21
N GLN G 1939 57.27 -70.15 19.90
CA GLN G 1939 57.82 -71.09 18.93
C GLN G 1939 57.79 -72.51 19.46
N HIS G 1940 58.04 -72.66 20.75
CA HIS G 1940 58.00 -73.98 21.35
C HIS G 1940 56.59 -74.53 21.30
N ARG G 1941 55.63 -73.62 21.43
CA ARG G 1941 54.23 -74.04 21.48
C ARG G 1941 53.75 -74.49 20.11
N VAL G 1942 53.98 -73.64 19.11
CA VAL G 1942 53.53 -73.95 17.76
C VAL G 1942 54.27 -75.16 17.23
N GLU G 1943 55.55 -75.24 17.54
CA GLU G 1943 56.35 -76.37 17.08
C GLU G 1943 55.87 -77.65 17.75
N SER G 1944 55.43 -77.54 19.00
CA SER G 1944 54.87 -78.70 19.66
C SER G 1944 53.57 -79.11 18.98
N LEU G 1945 52.83 -78.12 18.50
CA LEU G 1945 51.58 -78.44 17.81
C LEU G 1945 51.93 -79.16 16.52
N ALA G 1946 53.08 -78.82 15.95
CA ALA G 1946 53.62 -79.56 14.81
C ALA G 1946 54.04 -80.98 15.19
N ALA G 1947 54.51 -81.18 16.42
CA ALA G 1947 54.80 -82.53 16.88
C ALA G 1947 53.51 -83.33 16.94
N PHE G 1948 52.44 -82.64 17.32
CA PHE G 1948 51.10 -83.23 17.27
C PHE G 1948 50.82 -83.57 15.82
N ALA G 1949 51.24 -82.69 14.92
CA ALA G 1949 51.03 -82.91 13.49
C ALA G 1949 51.78 -84.16 13.03
N GLU G 1950 52.93 -84.40 13.64
CA GLU G 1950 53.69 -85.62 13.48
C GLU G 1950 52.94 -86.82 14.05
N ARG G 1951 52.45 -86.62 15.29
CA ARG G 1951 51.68 -87.60 16.09
C ARG G 1951 50.21 -88.05 15.77
N TYR G 1952 49.31 -87.12 15.50
CA TYR G 1952 47.95 -87.49 15.10
C TYR G 1952 47.87 -87.91 13.65
N VAL G 1953 48.55 -87.15 12.81
CA VAL G 1953 48.52 -87.43 11.39
C VAL G 1953 48.97 -88.84 11.07
N ASP G 1954 50.02 -89.31 11.74
CA ASP G 1954 50.42 -90.70 11.49
C ASP G 1954 49.32 -91.66 11.94
N LYS G 1955 48.76 -91.37 13.11
CA LYS G 1955 47.70 -92.22 13.64
C LYS G 1955 46.42 -92.18 12.81
N LEU G 1956 46.18 -91.06 12.15
CA LEU G 1956 44.96 -90.86 11.39
C LEU G 1956 45.07 -91.46 10.00
N GLN G 1957 46.24 -91.37 9.38
CA GLN G 1957 46.44 -92.13 8.15
C GLN G 1957 46.39 -93.62 8.46
N ALA G 1958 46.86 -93.96 9.66
CA ALA G 1958 46.77 -95.34 10.12
C ALA G 1958 45.31 -95.74 10.29
N ASN G 1959 44.47 -94.77 10.61
CA ASN G 1959 43.04 -95.02 10.76
C ASN G 1959 42.39 -95.17 9.38
N GLN G 1960 42.78 -94.31 8.44
CA GLN G 1960 42.21 -94.36 7.10
C GLN G 1960 42.57 -95.65 6.38
N ARG G 1961 43.74 -96.18 6.67
CA ARG G 1961 44.15 -97.40 5.98
C ARG G 1961 43.43 -98.62 6.53
N SER G 1962 42.84 -98.48 7.71
CA SER G 1962 41.91 -99.48 8.23
C SER G 1962 40.62 -99.49 7.42
N ARG G 1963 40.34 -98.37 6.76
CA ARG G 1963 39.07 -98.19 6.05
C ARG G 1963 39.25 -98.36 4.55
N UNK G 1964 42.53 -82.48 -0.55
CA UNK G 1964 41.36 -82.70 -1.39
C UNK G 1964 40.21 -83.28 -0.57
N UNK G 1965 39.72 -84.46 -0.96
CA UNK G 1965 38.73 -85.17 -0.17
C UNK G 1965 39.33 -85.58 1.18
N UNK G 1966 40.65 -85.80 1.18
CA UNK G 1966 41.35 -86.08 2.42
C UNK G 1966 41.30 -84.88 3.35
N UNK G 1967 41.26 -83.68 2.78
CA UNK G 1967 41.05 -82.49 3.58
C UNK G 1967 39.65 -82.50 4.19
N UNK G 1968 38.69 -83.06 3.46
CA UNK G 1968 37.37 -83.27 4.01
C UNK G 1968 37.40 -84.29 5.14
N UNK G 1969 38.32 -85.24 5.04
CA UNK G 1969 38.57 -86.15 6.16
C UNK G 1969 39.17 -85.40 7.34
N UNK G 1970 39.95 -84.37 7.05
CA UNK G 1970 40.45 -83.51 8.11
C UNK G 1970 39.28 -82.75 8.73
N UNK G 1971 38.27 -82.46 7.92
CA UNK G 1971 37.03 -81.92 8.45
C UNK G 1971 36.30 -82.97 9.30
N UNK G 1972 36.49 -84.24 8.97
CA UNK G 1972 35.96 -85.30 9.81
C UNK G 1972 36.70 -85.29 11.16
N UNK G 1973 37.97 -84.93 11.13
CA UNK G 1973 38.70 -84.70 12.37
C UNK G 1973 38.14 -83.48 13.09
N UNK G 1974 37.64 -82.53 12.31
CA UNK G 1974 37.01 -81.33 12.85
C UNK G 1974 35.69 -81.66 13.52
N UNK G 1975 35.08 -82.77 13.10
CA UNK G 1975 33.79 -83.19 13.61
C UNK G 1975 33.86 -83.55 15.09
N UNK G 1976 35.07 -83.88 15.54
CA UNK G 1976 35.30 -84.38 16.89
C UNK G 1976 35.03 -83.32 17.96
N UNK G 1977 34.98 -82.05 17.55
CA UNK G 1977 34.80 -80.96 18.50
C UNK G 1977 33.48 -81.04 19.26
N UNK G 1978 32.48 -81.65 18.64
CA UNK G 1978 31.18 -81.81 19.28
C UNK G 1978 30.43 -83.00 18.71
N THR G 1979 38.15 -94.41 17.62
CA THR G 1979 38.24 -92.96 17.57
C THR G 1979 38.65 -92.38 18.92
N SER G 1980 39.46 -93.12 19.66
CA SER G 1980 40.07 -92.62 20.89
C SER G 1980 41.07 -91.51 20.54
N LEU G 1981 41.49 -91.51 19.29
CA LEU G 1981 42.46 -90.55 18.82
C LEU G 1981 41.89 -89.14 18.97
N SER G 1982 40.56 -89.04 18.85
CA SER G 1982 39.90 -87.77 19.09
C SER G 1982 40.04 -87.35 20.55
N SER G 1983 40.02 -88.32 21.45
CA SER G 1983 40.29 -88.03 22.86
C SER G 1983 41.73 -87.60 23.05
N ARG G 1984 42.62 -88.15 22.24
CA ARG G 1984 44.03 -87.78 22.33
C ARG G 1984 44.25 -86.35 21.87
N LEU G 1985 43.55 -85.97 20.79
CA LEU G 1985 43.55 -84.58 20.35
C LEU G 1985 42.90 -83.66 21.37
N ARG G 1986 41.87 -84.16 22.04
CA ARG G 1986 41.19 -83.36 23.05
C ARG G 1986 42.15 -83.09 24.20
N SER G 1987 43.01 -84.07 24.46
CA SER G 1987 43.97 -83.96 25.54
C SER G 1987 45.08 -83.00 25.16
N LEU G 1988 45.59 -83.14 23.94
CA LEU G 1988 46.67 -82.29 23.46
C LEU G 1988 46.19 -80.85 23.44
N LEU G 1989 44.93 -80.65 23.02
CA LEU G 1989 44.34 -79.33 23.05
C LEU G 1989 44.19 -78.83 24.48
N GLU G 1990 43.93 -79.74 25.40
CA GLU G 1990 43.79 -79.34 26.79
C GLU G 1990 45.15 -78.81 27.25
N THR G 1991 46.22 -79.41 26.73
CA THR G 1991 47.55 -78.90 26.96
C THR G 1991 47.82 -77.59 26.21
N VAL G 1992 47.12 -77.38 25.10
CA VAL G 1992 47.30 -76.16 24.31
C VAL G 1992 46.56 -75.00 24.99
N ARG G 1993 45.68 -75.32 25.94
CA ARG G 1993 45.03 -74.28 26.71
C ARG G 1993 46.07 -73.47 27.48
N LEU G 1994 47.18 -74.10 27.83
CA LEU G 1994 48.29 -73.42 28.48
C LEU G 1994 49.62 -73.89 27.93
N SER G 2015 55.67 -70.24 35.02
CA SER G 2015 54.55 -69.31 34.99
C SER G 2015 54.97 -67.95 34.47
N LEU G 2016 55.68 -67.94 33.34
CA LEU G 2016 56.20 -66.70 32.78
C LEU G 2016 55.11 -65.72 32.40
N GLN G 2017 53.96 -66.25 32.00
CA GLN G 2017 52.87 -65.40 31.55
C GLN G 2017 52.42 -64.50 32.67
N GLU G 2018 52.47 -65.04 33.88
CA GLU G 2018 52.04 -64.31 35.05
C GLU G 2018 53.06 -63.26 35.47
N LEU G 2019 54.35 -63.58 35.43
CA LEU G 2019 55.34 -62.57 35.79
C LEU G 2019 55.30 -61.44 34.78
N VAL G 2020 55.02 -61.78 33.53
CA VAL G 2020 54.97 -60.76 32.50
C VAL G 2020 53.77 -59.87 32.71
N SER G 2021 52.62 -60.49 32.95
CA SER G 2021 51.41 -59.70 33.07
C SER G 2021 51.47 -58.83 34.31
N HIS G 2022 51.77 -59.44 35.45
CA HIS G 2022 51.83 -58.69 36.70
C HIS G 2022 52.92 -57.63 36.70
N MET G 2023 54.06 -57.88 36.05
CA MET G 2023 55.10 -56.86 36.11
C MET G 2023 54.89 -55.76 35.09
N VAL G 2024 54.34 -56.07 33.92
CA VAL G 2024 53.97 -55.01 33.01
C VAL G 2024 52.88 -54.15 33.64
N VAL G 2025 52.00 -54.77 34.41
CA VAL G 2025 51.05 -54.00 35.18
C VAL G 2025 51.76 -53.15 36.24
N ARG G 2026 52.85 -53.67 36.81
CA ARG G 2026 53.57 -52.89 37.81
C ARG G 2026 54.20 -51.65 37.18
N TRP G 2027 54.82 -51.83 36.03
CA TRP G 2027 55.47 -50.74 35.33
C TRP G 2027 54.48 -49.71 34.87
N ALA G 2028 53.33 -50.19 34.40
CA ALA G 2028 52.30 -49.32 33.90
C ALA G 2028 51.59 -48.62 35.05
N GLN G 2029 51.74 -49.16 36.25
CA GLN G 2029 51.06 -48.61 37.42
C GLN G 2029 51.92 -47.58 38.15
N GLU G 2030 53.02 -48.05 38.74
CA GLU G 2030 53.81 -47.20 39.62
C GLU G 2030 54.47 -46.00 38.94
N ASP G 2031 54.79 -46.14 37.66
CA ASP G 2031 55.71 -45.19 37.03
C ASP G 2031 55.10 -44.05 36.19
N TYR G 2032 53.92 -44.28 35.62
CA TYR G 2032 53.44 -43.46 34.50
C TYR G 2032 54.54 -43.42 33.45
N VAL G 2033 54.67 -44.50 32.71
CA VAL G 2033 55.71 -44.62 31.69
C VAL G 2033 55.52 -43.62 30.56
N GLN G 2034 56.64 -43.16 30.01
CA GLN G 2034 56.63 -42.24 28.88
C GLN G 2034 57.84 -42.54 28.01
N SER G 2035 57.88 -41.92 26.83
CA SER G 2035 58.64 -42.39 25.66
C SER G 2035 57.95 -43.65 25.16
N PRO G 2036 57.21 -43.50 24.06
CA PRO G 2036 56.18 -44.41 23.54
C PRO G 2036 56.61 -45.83 23.22
N GLU G 2037 57.84 -46.02 22.76
CA GLU G 2037 58.26 -47.34 22.30
C GLU G 2037 58.18 -48.35 23.42
N LEU G 2038 58.49 -47.88 24.63
CA LEU G 2038 58.40 -48.71 25.81
C LEU G 2038 56.96 -49.12 26.08
N VAL G 2039 56.05 -48.22 25.79
CA VAL G 2039 54.64 -48.47 26.05
C VAL G 2039 54.15 -49.52 25.07
N ARG G 2040 54.51 -49.31 23.80
CA ARG G 2040 54.09 -50.19 22.73
C ARG G 2040 54.66 -51.58 22.94
N ALA G 2041 55.85 -51.64 23.52
CA ALA G 2041 56.47 -52.93 23.76
C ALA G 2041 55.78 -53.65 24.93
N MET G 2042 55.51 -52.87 25.98
CA MET G 2042 54.85 -53.42 27.15
C MET G 2042 53.53 -54.04 26.77
N PHE G 2043 52.70 -53.24 26.12
CA PHE G 2043 51.38 -53.68 25.73
C PHE G 2043 51.41 -54.75 24.63
N SER G 2044 52.45 -54.74 23.82
CA SER G 2044 52.60 -55.79 22.82
C SER G 2044 52.74 -57.11 23.54
N LEU G 2045 53.64 -57.14 24.53
CA LEU G 2045 53.79 -58.33 25.33
C LEU G 2045 52.59 -58.66 26.18
N LEU G 2046 51.82 -57.64 26.55
CA LEU G 2046 50.75 -57.84 27.48
C LEU G 2046 49.59 -58.54 26.76
N HIS G 2047 49.28 -58.07 25.55
CA HIS G 2047 48.33 -58.82 24.74
C HIS G 2047 48.93 -60.17 24.37
N ARG G 2048 50.24 -60.19 24.21
CA ARG G 2048 50.90 -61.42 23.81
C ARG G 2048 50.74 -62.46 24.91
N GLN G 2049 50.54 -62.01 26.14
CA GLN G 2049 50.28 -62.93 27.23
C GLN G 2049 48.80 -63.27 27.42
N TYR G 2050 47.93 -62.27 27.36
CA TYR G 2050 46.50 -62.55 27.58
C TYR G 2050 45.86 -63.43 26.52
N ASP G 2051 46.42 -63.43 25.31
CA ASP G 2051 45.89 -64.29 24.27
C ASP G 2051 47.01 -64.89 23.43
N GLY G 2052 47.76 -65.80 24.01
CA GLY G 2052 48.80 -66.47 23.26
C GLY G 2052 48.20 -67.56 22.39
N LEU G 2053 46.93 -67.89 22.63
CA LEU G 2053 46.25 -68.89 21.82
C LEU G 2053 45.83 -68.32 20.46
N GLY G 2054 45.24 -67.13 20.47
CA GLY G 2054 44.88 -66.50 19.22
C GLY G 2054 46.12 -65.94 18.56
N GLU G 2055 47.13 -65.66 19.36
CA GLU G 2055 48.43 -65.33 18.83
C GLU G 2055 49.03 -66.54 18.13
N LEU G 2056 48.73 -67.71 18.66
CA LEU G 2056 49.11 -68.93 17.98
C LEU G 2056 48.30 -69.02 16.70
N LEU G 2057 47.08 -68.48 16.72
CA LEU G 2057 46.25 -68.52 15.52
C LEU G 2057 46.86 -67.68 14.41
N ARG G 2058 47.29 -66.46 14.74
CA ARG G 2058 47.94 -65.63 13.74
C ARG G 2058 49.28 -66.24 13.33
N ALA G 2059 49.92 -66.94 14.28
CA ALA G 2059 51.17 -67.65 13.99
C ALA G 2059 51.04 -68.82 13.00
N LEU G 2060 49.90 -69.51 13.04
CA LEU G 2060 49.74 -70.74 12.26
C LEU G 2060 49.97 -70.66 10.76
N PRO G 2061 49.40 -69.64 10.08
CA PRO G 2061 49.58 -69.64 8.63
C PRO G 2061 51.05 -69.58 8.21
N ARG G 2062 51.87 -68.90 9.01
CA ARG G 2062 53.31 -68.92 8.80
C ARG G 2062 53.93 -70.29 9.04
N ALA G 2063 53.37 -71.07 9.95
CA ALA G 2063 53.88 -72.42 10.21
C ALA G 2063 53.67 -73.32 9.00
N TYR G 2064 54.61 -74.21 8.73
CA TYR G 2064 54.47 -75.14 7.62
C TYR G 2064 55.45 -76.29 7.79
N THR G 2065 54.94 -77.51 7.92
CA THR G 2065 55.80 -78.68 8.12
C THR G 2065 56.58 -79.01 6.83
N ILE G 2066 57.75 -79.64 6.99
CA ILE G 2066 58.60 -79.94 5.85
C ILE G 2066 59.20 -81.33 5.94
N SER G 2067 59.25 -82.04 4.83
CA SER G 2067 59.84 -83.38 4.80
C SER G 2067 61.34 -83.29 5.12
N PRO G 2068 61.79 -84.09 6.09
CA PRO G 2068 63.14 -83.91 6.64
C PRO G 2068 64.26 -84.03 5.61
N SER G 2069 64.10 -84.91 4.63
CA SER G 2069 65.16 -85.14 3.67
C SER G 2069 65.39 -83.88 2.85
N SER G 2070 64.33 -83.11 2.70
CA SER G 2070 64.37 -81.87 1.94
C SER G 2070 64.85 -80.67 2.74
N VAL G 2071 64.99 -80.79 4.06
CA VAL G 2071 65.05 -79.56 4.87
C VAL G 2071 66.24 -78.68 4.51
N GLU G 2072 67.34 -79.29 4.11
CA GLU G 2072 68.53 -78.52 3.81
C GLU G 2072 68.26 -77.57 2.65
N ASP G 2073 67.48 -78.02 1.67
CA ASP G 2073 67.18 -77.16 0.54
C ASP G 2073 66.38 -75.98 1.05
N THR G 2074 65.48 -76.25 1.99
CA THR G 2074 64.64 -75.19 2.52
C THR G 2074 65.52 -74.21 3.23
N MET G 2075 66.59 -74.73 3.84
CA MET G 2075 67.48 -73.86 4.57
C MET G 2075 68.10 -72.94 3.56
N SER G 2076 68.55 -73.51 2.45
CA SER G 2076 69.17 -72.72 1.41
C SER G 2076 68.13 -71.76 0.87
N LEU G 2077 66.89 -72.23 0.85
CA LEU G 2077 65.81 -71.40 0.34
C LEU G 2077 65.66 -70.21 1.27
N LEU G 2078 65.68 -70.50 2.57
CA LEU G 2078 65.60 -69.44 3.55
C LEU G 2078 66.86 -68.62 3.47
N GLU G 2079 67.96 -69.26 3.06
CA GLU G 2079 69.21 -68.51 2.96
C GLU G 2079 69.05 -67.47 1.88
N CYS G 2080 68.25 -67.79 0.87
CA CYS G 2080 67.93 -66.80 -0.16
C CYS G 2080 67.09 -65.65 0.38
N LEU G 2081 66.23 -65.96 1.36
CA LEU G 2081 65.46 -64.90 2.01
C LEU G 2081 66.32 -64.16 3.02
N GLY G 2082 67.46 -64.73 3.35
CA GLY G 2082 68.41 -64.07 4.23
C GLY G 2082 69.17 -63.06 3.41
N GLN G 2083 68.98 -63.15 2.09
CA GLN G 2083 69.60 -62.22 1.17
C GLN G 2083 68.60 -61.16 0.76
N ILE G 2084 67.56 -61.58 0.04
CA ILE G 2084 66.59 -60.63 -0.51
C ILE G 2084 65.79 -59.83 0.52
N ARG G 2085 65.41 -60.46 1.62
CA ARG G 2085 64.68 -59.70 2.62
C ARG G 2085 65.60 -58.60 3.10
N SER G 2086 66.87 -58.95 3.32
CA SER G 2086 67.84 -57.96 3.75
C SER G 2086 67.96 -56.85 2.72
N LEU G 2087 67.78 -57.23 1.46
CA LEU G 2087 67.84 -56.25 0.37
C LEU G 2087 66.61 -55.34 0.39
N LEU G 2088 65.54 -55.82 1.01
CA LEU G 2088 64.28 -55.08 1.04
C LEU G 2088 64.44 -53.74 1.74
N ILE G 2089 65.32 -53.72 2.74
CA ILE G 2089 65.57 -52.52 3.52
C ILE G 2089 66.63 -51.66 2.82
N VAL G 2090 67.24 -52.21 1.76
CA VAL G 2090 68.21 -51.45 0.98
C VAL G 2090 67.53 -50.70 -0.17
N GLN G 2095 75.36 -53.49 -8.21
CA GLN G 2095 75.94 -54.16 -7.06
C GLN G 2095 74.88 -54.95 -6.30
N GLU G 2096 73.84 -54.24 -5.87
CA GLU G 2096 72.75 -54.82 -5.12
C GLU G 2096 72.02 -55.86 -5.97
N GLU G 2097 71.66 -55.41 -7.16
CA GLU G 2097 70.82 -56.15 -8.09
C GLU G 2097 71.46 -57.39 -8.68
N ASN G 2098 72.78 -57.43 -8.78
CA ASN G 2098 73.44 -58.65 -9.23
C ASN G 2098 73.30 -59.73 -8.18
N LEU G 2099 73.46 -59.34 -6.92
CA LEU G 2099 73.26 -60.27 -5.82
C LEU G 2099 71.81 -60.69 -5.76
N MET G 2100 70.92 -59.76 -6.11
CA MET G 2100 69.50 -60.11 -6.06
C MET G 2100 69.16 -61.11 -7.13
N ILE G 2101 69.60 -60.86 -8.36
CA ILE G 2101 69.30 -61.74 -9.48
C ILE G 2101 69.93 -63.11 -9.27
N GLN G 2102 71.12 -63.12 -8.65
CA GLN G 2102 71.77 -64.39 -8.36
C GLN G 2102 70.99 -65.17 -7.30
N SER G 2103 70.49 -64.46 -6.29
CA SER G 2103 69.73 -65.12 -5.25
C SER G 2103 68.42 -65.66 -5.79
N ILE G 2104 67.79 -64.88 -6.67
CA ILE G 2104 66.55 -65.25 -7.31
C ILE G 2104 66.76 -66.45 -8.23
N GLY G 2105 67.94 -66.53 -8.84
CA GLY G 2105 68.23 -67.66 -9.69
C GLY G 2105 68.40 -68.90 -8.83
N ASN G 2106 69.00 -68.70 -7.65
CA ASN G 2106 69.14 -69.83 -6.74
C ASN G 2106 67.78 -70.30 -6.26
N ILE G 2107 66.85 -69.35 -6.13
CA ILE G 2107 65.48 -69.65 -5.78
C ILE G 2107 64.75 -70.41 -6.88
N MET G 2108 65.06 -70.06 -8.12
CA MET G 2108 64.52 -70.78 -9.26
C MET G 2108 65.04 -72.20 -9.25
N ASN G 2109 66.28 -72.36 -8.78
CA ASN G 2109 66.89 -73.68 -8.71
C ASN G 2109 66.25 -74.63 -7.71
N ASN G 2110 65.63 -74.08 -6.67
CA ASN G 2110 65.08 -74.91 -5.59
C ASN G 2110 63.94 -75.81 -6.02
N LYS G 2111 63.93 -77.04 -5.51
CA LYS G 2111 62.87 -77.99 -5.81
C LYS G 2111 61.73 -77.87 -4.81
N VAL G 2112 62.06 -77.45 -3.59
CA VAL G 2112 61.07 -77.23 -2.54
C VAL G 2112 60.15 -76.09 -2.95
N PHE G 2113 60.68 -75.21 -3.79
CA PHE G 2113 59.91 -74.11 -4.35
C PHE G 2113 58.76 -74.65 -5.20
N TYR G 2114 58.97 -75.82 -5.77
CA TYR G 2114 57.96 -76.47 -6.59
C TYR G 2114 57.12 -77.40 -5.73
N GLN G 2115 57.82 -78.22 -4.95
CA GLN G 2115 57.21 -79.22 -4.10
C GLN G 2115 56.35 -78.62 -2.99
N HIS G 2116 56.70 -77.42 -2.53
CA HIS G 2116 55.94 -76.80 -1.47
C HIS G 2116 55.63 -75.34 -1.78
N PRO G 2117 54.73 -75.09 -2.76
CA PRO G 2117 54.33 -73.71 -3.06
C PRO G 2117 53.72 -72.98 -1.86
N ASN G 2118 52.99 -73.74 -1.04
CA ASN G 2118 52.27 -73.17 0.07
C ASN G 2118 53.24 -72.59 1.08
N LEU G 2119 54.42 -73.22 1.15
CA LEU G 2119 55.49 -72.70 1.96
C LEU G 2119 55.93 -71.34 1.46
N MET G 2120 55.89 -71.19 0.14
CA MET G 2120 56.42 -69.98 -0.46
C MET G 2120 55.45 -68.84 -0.25
N ARG G 2121 54.16 -69.10 -0.46
CA ARG G 2121 53.17 -68.06 -0.19
C ARG G 2121 53.09 -67.77 1.31
N ALA G 2122 53.36 -68.79 2.13
CA ALA G 2122 53.41 -68.61 3.58
C ALA G 2122 54.59 -67.74 4.00
N LEU G 2123 55.67 -67.79 3.23
CA LEU G 2123 56.83 -66.96 3.50
C LEU G 2123 56.50 -65.49 3.35
N GLY G 2124 55.53 -65.19 2.52
CA GLY G 2124 55.19 -63.81 2.22
C GLY G 2124 56.19 -63.28 1.23
N MET G 2125 56.93 -64.20 0.62
CA MET G 2125 58.08 -63.84 -0.21
C MET G 2125 57.68 -62.98 -1.40
N HIS G 2126 56.55 -63.29 -2.03
CA HIS G 2126 56.17 -62.57 -3.23
C HIS G 2126 55.94 -61.11 -2.93
N GLU G 2127 55.42 -60.82 -1.74
CA GLU G 2127 55.23 -59.47 -1.28
C GLU G 2127 56.58 -58.78 -1.10
N THR G 2128 57.59 -59.57 -0.72
CA THR G 2128 58.93 -59.06 -0.55
C THR G 2128 59.56 -58.68 -1.87
N VAL G 2129 59.47 -59.59 -2.84
CA VAL G 2129 60.08 -59.39 -4.13
C VAL G 2129 59.40 -58.26 -4.87
N MET G 2130 58.08 -58.21 -4.76
CA MET G 2130 57.33 -57.09 -5.34
C MET G 2130 57.66 -55.78 -4.66
N GLU G 2131 57.90 -55.83 -3.35
CA GLU G 2131 58.21 -54.60 -2.64
C GLU G 2131 59.55 -54.08 -3.13
N VAL G 2132 60.48 -55.02 -3.34
CA VAL G 2132 61.79 -54.68 -3.85
C VAL G 2132 61.67 -54.13 -5.25
N MET G 2133 60.71 -54.63 -6.01
CA MET G 2133 60.41 -54.07 -7.31
C MET G 2133 59.93 -52.62 -7.23
N VAL G 2134 59.08 -52.36 -6.24
CA VAL G 2134 58.57 -51.01 -6.05
C VAL G 2134 59.71 -50.08 -5.68
N ASN G 2135 60.66 -50.61 -4.91
CA ASN G 2135 61.85 -49.83 -4.58
C ASN G 2135 62.74 -49.60 -5.79
N VAL G 2136 62.80 -50.58 -6.69
CA VAL G 2136 63.58 -50.42 -7.92
C VAL G 2136 62.98 -49.36 -8.82
N LEU G 2137 61.65 -49.25 -8.78
CA LEU G 2137 60.97 -48.26 -9.60
C LEU G 2137 61.29 -46.83 -9.20
N GLY G 2138 61.67 -46.63 -7.95
CA GLY G 2138 62.01 -45.31 -7.45
C GLY G 2138 63.37 -44.84 -7.94
N PRO G 2148 67.18 -51.86 -13.47
CA PRO G 2148 67.28 -52.12 -14.89
C PRO G 2148 66.93 -53.59 -15.19
N LYS G 2149 67.96 -54.42 -15.37
CA LYS G 2149 67.76 -55.84 -15.61
C LYS G 2149 67.12 -56.51 -14.39
N MET G 2150 67.31 -55.88 -13.24
CA MET G 2150 66.76 -56.40 -12.00
C MET G 2150 65.25 -56.48 -12.08
N VAL G 2151 64.65 -55.52 -12.78
CA VAL G 2151 63.22 -55.55 -13.02
C VAL G 2151 62.85 -56.77 -13.85
N THR G 2152 63.74 -57.14 -14.76
CA THR G 2152 63.46 -58.24 -15.65
C THR G 2152 63.51 -59.55 -14.90
N SER G 2153 64.59 -59.78 -14.16
CA SER G 2153 64.70 -61.03 -13.41
C SER G 2153 63.62 -61.12 -12.34
N CYS G 2154 63.28 -59.97 -11.78
CA CYS G 2154 62.24 -59.90 -10.76
C CYS G 2154 60.92 -60.34 -11.35
N CYS G 2155 60.62 -59.82 -12.53
CA CYS G 2155 59.38 -60.18 -13.20
C CYS G 2155 59.40 -61.63 -13.69
N ARG G 2156 60.59 -62.16 -13.96
CA ARG G 2156 60.69 -63.57 -14.31
C ARG G 2156 60.24 -64.38 -13.12
N PHE G 2157 60.82 -64.06 -11.96
CA PHE G 2157 60.48 -64.81 -10.76
C PHE G 2157 59.03 -64.64 -10.36
N LEU G 2158 58.48 -63.46 -10.60
CA LEU G 2158 57.10 -63.23 -10.18
C LEU G 2158 56.11 -63.91 -11.12
N CYS G 2159 56.37 -63.87 -12.42
CA CYS G 2159 55.51 -64.55 -13.37
C CYS G 2159 55.57 -66.06 -13.14
N TYR G 2160 56.78 -66.56 -12.94
CA TYR G 2160 56.96 -67.99 -12.76
C TYR G 2160 56.33 -68.36 -11.42
N PHE G 2161 56.34 -67.42 -10.50
CA PHE G 2161 55.73 -67.62 -9.20
C PHE G 2161 54.22 -67.72 -9.34
N CYS G 2162 53.68 -66.99 -10.31
CA CYS G 2162 52.29 -67.14 -10.69
C CYS G 2162 52.04 -68.50 -11.33
N ARG G 2163 53.05 -69.02 -12.01
CA ARG G 2163 52.88 -70.27 -12.76
C ARG G 2163 52.59 -71.50 -11.90
N ILE G 2164 53.18 -71.57 -10.71
CA ILE G 2164 53.22 -72.82 -9.97
C ILE G 2164 51.87 -73.36 -9.47
N SER G 2165 50.94 -72.49 -9.12
CA SER G 2165 49.60 -72.93 -8.69
C SER G 2165 48.60 -71.77 -8.70
N ARG G 2166 47.35 -72.05 -9.01
CA ARG G 2166 46.35 -70.99 -9.05
C ARG G 2166 46.08 -70.38 -7.68
N GLN G 2167 46.17 -71.19 -6.63
CA GLN G 2167 45.92 -70.68 -5.29
C GLN G 2167 46.99 -69.65 -4.90
N ASN G 2168 48.22 -69.90 -5.35
CA ASN G 2168 49.28 -68.92 -5.23
C ASN G 2168 49.02 -67.73 -6.12
N GLN G 2169 48.39 -68.03 -7.25
CA GLN G 2169 48.13 -67.04 -8.26
C GLN G 2169 47.13 -66.01 -7.76
N ARG G 2170 46.24 -66.42 -6.85
CA ARG G 2170 45.37 -65.45 -6.20
C ARG G 2170 46.19 -64.53 -5.32
N SER G 2171 47.19 -65.11 -4.67
CA SER G 2171 48.02 -64.34 -3.76
C SER G 2171 48.78 -63.30 -4.53
N MET G 2172 49.21 -63.63 -5.74
CA MET G 2172 49.72 -62.58 -6.62
C MET G 2172 48.63 -61.63 -7.08
N PHE G 2173 47.44 -62.18 -7.23
CA PHE G 2173 46.32 -61.47 -7.84
C PHE G 2173 45.84 -60.30 -7.00
N ASP G 2174 46.00 -60.41 -5.69
CA ASP G 2174 45.56 -59.34 -4.80
C ASP G 2174 46.34 -58.05 -5.01
N HIS G 2175 47.57 -58.19 -5.52
CA HIS G 2175 48.52 -57.09 -5.59
C HIS G 2175 48.48 -56.29 -6.89
N LEU G 2176 47.51 -56.58 -7.74
CA LEU G 2176 47.44 -55.93 -9.04
C LEU G 2176 47.29 -54.44 -8.88
N SER G 2177 46.71 -53.96 -7.78
CA SER G 2177 46.57 -52.52 -7.63
C SER G 2177 47.93 -51.81 -7.62
N TYR G 2178 48.87 -52.35 -6.84
CA TYR G 2178 50.25 -51.85 -6.77
C TYR G 2178 50.98 -52.04 -8.10
N LEU G 2179 50.79 -53.24 -8.64
CA LEU G 2179 51.52 -53.72 -9.80
C LEU G 2179 51.22 -52.90 -11.03
N LEU G 2180 49.95 -52.54 -11.22
CA LEU G 2180 49.63 -51.80 -12.44
C LEU G 2180 50.10 -50.37 -12.38
N GLU G 2181 49.86 -49.73 -11.24
CA GLU G 2181 50.25 -48.36 -11.04
C GLU G 2181 51.77 -48.30 -11.11
N ASN G 2182 52.38 -49.39 -10.65
CA ASN G 2182 53.80 -49.61 -10.82
C ASN G 2182 54.21 -49.82 -12.28
N SER G 2183 53.30 -50.39 -13.07
CA SER G 2183 53.60 -50.75 -14.46
C SER G 2183 53.21 -49.64 -15.41
N GLY G 2184 52.81 -48.49 -14.87
CA GLY G 2184 52.38 -47.41 -15.73
C GLY G 2184 53.54 -46.75 -16.44
N ILE G 2185 54.76 -47.04 -15.98
CA ILE G 2185 55.96 -46.60 -16.68
C ILE G 2185 56.29 -47.54 -17.84
N THR G 2193 59.11 -57.07 -17.33
CA THR G 2193 58.08 -56.05 -17.23
C THR G 2193 57.07 -56.40 -16.14
N PRO G 2194 56.80 -55.44 -15.24
CA PRO G 2194 55.88 -55.65 -14.12
C PRO G 2194 54.48 -56.03 -14.59
N LEU G 2195 54.09 -55.50 -15.73
CA LEU G 2195 52.78 -55.81 -16.28
C LEU G 2195 52.65 -57.28 -16.62
N ASP G 2196 53.77 -57.88 -17.00
CA ASP G 2196 53.78 -59.30 -17.34
C ASP G 2196 53.42 -60.13 -16.13
N VAL G 2197 53.80 -59.65 -14.96
CA VAL G 2197 53.48 -60.34 -13.73
C VAL G 2197 51.97 -60.36 -13.50
N ALA G 2198 51.33 -59.27 -13.93
CA ALA G 2198 49.90 -59.16 -13.79
C ALA G 2198 49.20 -60.07 -14.79
N ALA G 2199 49.68 -60.05 -16.02
CA ALA G 2199 49.05 -60.88 -17.04
C ALA G 2199 49.19 -62.35 -16.69
N ALA G 2200 50.35 -62.72 -16.15
CA ALA G 2200 50.59 -64.07 -15.69
C ALA G 2200 49.69 -64.38 -14.51
N SER G 2201 49.41 -63.36 -13.72
CA SER G 2201 48.48 -63.50 -12.60
C SER G 2201 47.07 -63.76 -13.11
N VAL G 2202 46.77 -63.28 -14.31
CA VAL G 2202 45.41 -63.39 -14.84
C VAL G 2202 45.13 -64.64 -15.67
N ILE G 2203 46.12 -65.11 -16.45
CA ILE G 2203 45.83 -66.05 -17.54
C ILE G 2203 45.22 -67.39 -17.15
N ASP G 2204 45.73 -68.00 -16.08
CA ASP G 2204 45.34 -69.38 -15.77
C ASP G 2204 43.88 -69.51 -15.35
N ASN G 2205 43.33 -68.47 -14.73
CA ASN G 2205 42.06 -68.63 -14.03
C ASN G 2205 40.89 -67.85 -14.59
N ASN G 2206 39.83 -68.55 -14.97
CA ASN G 2206 38.58 -67.90 -15.32
C ASN G 2206 38.02 -67.22 -14.09
N GLU G 2207 38.23 -67.83 -12.94
CA GLU G 2207 37.70 -67.31 -11.69
C GLU G 2207 38.39 -66.02 -11.30
N LEU G 2208 39.72 -66.01 -11.39
CA LEU G 2208 40.46 -64.79 -11.11
C LEU G 2208 40.17 -63.73 -12.16
N ALA G 2209 39.92 -64.16 -13.39
CA ALA G 2209 39.61 -63.21 -14.44
C ALA G 2209 38.30 -62.51 -14.14
N LEU G 2210 37.35 -63.25 -13.57
CA LEU G 2210 36.15 -62.64 -13.05
C LEU G 2210 36.46 -61.76 -11.84
N ALA G 2211 37.45 -62.15 -11.06
CA ALA G 2211 37.71 -61.51 -9.78
C ALA G 2211 38.19 -60.07 -9.90
N LEU G 2212 38.85 -59.73 -11.00
CA LEU G 2212 39.46 -58.43 -11.14
C LEU G 2212 38.45 -57.29 -11.16
N GLN G 2213 38.82 -56.19 -10.51
CA GLN G 2213 37.97 -55.01 -10.46
C GLN G 2213 37.98 -54.25 -11.77
N GLU G 2214 36.89 -53.57 -12.08
CA GLU G 2214 36.84 -52.73 -13.27
C GLU G 2214 37.83 -51.57 -13.16
N GLN G 2215 38.16 -51.20 -11.93
CA GLN G 2215 39.09 -50.10 -11.67
C GLN G 2215 40.50 -50.39 -12.19
N ASP G 2216 40.89 -51.65 -12.16
CA ASP G 2216 42.22 -52.05 -12.64
C ASP G 2216 42.30 -51.86 -14.14
N LEU G 2217 41.29 -52.38 -14.83
CA LEU G 2217 41.20 -52.27 -16.27
C LEU G 2217 41.08 -50.82 -16.63
N GLU G 2218 40.46 -50.05 -15.75
CA GLU G 2218 40.35 -48.62 -15.92
C GLU G 2218 41.71 -47.94 -15.85
N LYS G 2219 42.57 -48.43 -14.97
CA LYS G 2219 43.93 -47.93 -14.92
C LYS G 2219 44.67 -48.30 -16.20
N VAL G 2220 44.37 -49.48 -16.74
CA VAL G 2220 45.08 -49.93 -17.91
C VAL G 2220 44.70 -49.13 -19.14
N VAL G 2221 43.41 -48.93 -19.33
CA VAL G 2221 42.92 -48.12 -20.43
C VAL G 2221 43.31 -46.66 -20.24
N SER G 2222 43.45 -46.22 -18.99
CA SER G 2222 43.96 -44.88 -18.76
C SER G 2222 45.42 -44.78 -19.22
N TYR G 2223 46.17 -45.85 -19.01
CA TYR G 2223 47.53 -45.88 -19.50
C TYR G 2223 47.56 -45.90 -21.02
N LEU G 2224 46.55 -46.54 -21.61
CA LEU G 2224 46.39 -46.49 -23.06
C LEU G 2224 46.08 -45.08 -23.51
N ALA G 2225 45.37 -44.33 -22.67
CA ALA G 2225 45.11 -42.93 -22.95
C ALA G 2225 46.42 -42.19 -22.89
N GLY G 2226 47.34 -42.69 -22.06
CA GLY G 2226 48.68 -42.13 -22.05
C GLY G 2226 49.54 -42.67 -23.18
N CYS G 2227 49.06 -43.71 -23.84
CA CYS G 2227 49.77 -44.31 -24.97
C CYS G 2227 49.43 -43.63 -26.29
N GLY G 2228 48.53 -42.66 -26.26
CA GLY G 2228 48.04 -42.05 -27.48
C GLY G 2228 49.01 -41.04 -28.04
N LEU G 2229 50.03 -40.70 -27.27
CA LEU G 2229 51.07 -39.78 -27.73
C LEU G 2229 51.95 -40.47 -28.78
N PRO G 2247 52.52 -46.68 -28.92
CA PRO G 2247 53.75 -47.46 -29.13
C PRO G 2247 53.77 -48.76 -28.32
N CYS G 2248 54.97 -49.17 -27.90
CA CYS G 2248 55.15 -50.48 -27.26
C CYS G 2248 54.40 -50.61 -25.94
N GLY G 2249 54.25 -49.50 -25.23
CA GLY G 2249 53.57 -49.55 -23.95
C GLY G 2249 52.12 -49.92 -24.20
N GLY G 2250 51.58 -49.42 -25.30
CA GLY G 2250 50.21 -49.72 -25.63
C GLY G 2250 50.01 -51.16 -26.07
N GLU G 2251 50.96 -51.73 -26.80
CA GLU G 2251 50.82 -53.14 -27.17
C GLU G 2251 50.97 -54.00 -25.94
N ARG G 2252 51.72 -53.52 -24.96
CA ARG G 2252 51.83 -54.25 -23.70
C ARG G 2252 50.53 -54.23 -22.92
N TYR G 2253 49.95 -53.04 -22.76
CA TYR G 2253 48.73 -52.92 -21.97
C TYR G 2253 47.59 -53.66 -22.66
N LEU G 2254 47.57 -53.59 -23.99
CA LEU G 2254 46.61 -54.34 -24.76
C LEU G 2254 46.85 -55.82 -24.64
N ASP G 2255 48.11 -56.23 -24.48
CA ASP G 2255 48.39 -57.63 -24.24
C ASP G 2255 47.81 -58.05 -22.89
N PHE G 2256 47.86 -57.12 -21.93
CA PHE G 2256 47.29 -57.42 -20.64
C PHE G 2256 45.78 -57.56 -20.68
N LEU G 2257 45.13 -56.69 -21.44
CA LEU G 2257 43.69 -56.83 -21.60
C LEU G 2257 43.38 -58.14 -22.33
N ARG G 2258 44.28 -58.46 -23.25
CA ARG G 2258 44.18 -59.62 -24.11
C ARG G 2258 44.23 -60.91 -23.31
N PHE G 2259 45.01 -60.89 -22.24
CA PHE G 2259 45.01 -62.00 -21.29
C PHE G 2259 43.89 -61.84 -20.27
N ALA G 2260 43.35 -60.63 -20.16
CA ALA G 2260 42.30 -60.33 -19.20
C ALA G 2260 40.90 -60.67 -19.69
N VAL G 2261 40.74 -60.98 -20.98
CA VAL G 2261 39.38 -61.25 -21.47
C VAL G 2261 39.18 -62.65 -22.07
N PHE G 2262 40.11 -63.10 -22.90
CA PHE G 2262 39.93 -64.37 -23.60
C PHE G 2262 39.94 -65.55 -22.64
N VAL G 2263 40.70 -65.37 -21.55
CA VAL G 2263 40.98 -66.39 -20.54
C VAL G 2263 41.20 -67.77 -21.21
N ASN G 2264 40.72 -68.86 -20.61
CA ASN G 2264 41.04 -70.21 -21.07
C ASN G 2264 40.51 -70.55 -22.46
N GLY G 2265 39.40 -69.93 -22.85
CA GLY G 2265 38.78 -70.24 -24.12
C GLY G 2265 37.64 -69.31 -24.46
N GLU G 2266 36.49 -69.53 -23.84
CA GLU G 2266 35.36 -68.64 -24.01
C GLU G 2266 35.76 -67.27 -23.47
N SER G 2267 35.39 -66.21 -24.17
CA SER G 2267 35.65 -64.88 -23.68
C SER G 2267 34.81 -64.63 -22.44
N VAL G 2268 35.38 -63.93 -21.45
CA VAL G 2268 34.58 -63.53 -20.30
C VAL G 2268 33.90 -62.20 -20.59
N GLU G 2269 32.63 -62.30 -20.98
CA GLU G 2269 31.86 -61.12 -21.36
C GLU G 2269 31.71 -60.16 -20.19
N GLU G 2270 31.76 -60.68 -18.97
CA GLU G 2270 31.65 -59.83 -17.78
C GLU G 2270 32.83 -58.86 -17.70
N ASN G 2271 33.99 -59.30 -18.16
CA ASN G 2271 35.13 -58.41 -18.29
C ASN G 2271 35.15 -57.69 -19.63
N ALA G 2272 34.87 -58.44 -20.69
CA ALA G 2272 35.05 -57.95 -22.04
C ALA G 2272 34.14 -56.78 -22.33
N ASN G 2273 32.96 -56.79 -21.72
CA ASN G 2273 32.03 -55.69 -21.90
C ASN G 2273 32.61 -54.41 -21.32
N VAL G 2274 33.09 -54.47 -20.08
CA VAL G 2274 33.67 -53.30 -19.44
C VAL G 2274 34.93 -52.83 -20.16
N VAL G 2275 35.69 -53.78 -20.71
CA VAL G 2275 36.90 -53.41 -21.44
C VAL G 2275 36.54 -52.64 -22.69
N VAL G 2276 35.53 -53.13 -23.39
CA VAL G 2276 35.06 -52.43 -24.59
C VAL G 2276 34.48 -51.06 -24.25
N ARG G 2277 33.81 -50.96 -23.10
CA ARG G 2277 33.20 -49.71 -22.70
C ARG G 2277 34.28 -48.69 -22.43
N LEU G 2278 35.33 -49.11 -21.73
CA LEU G 2278 36.45 -48.23 -21.46
C LEU G 2278 37.23 -47.86 -22.72
N LEU G 2279 37.33 -48.81 -23.66
CA LEU G 2279 38.09 -48.57 -24.88
C LEU G 2279 37.33 -47.75 -25.90
N ILE G 2280 36.02 -47.60 -25.69
CA ILE G 2280 35.26 -46.73 -26.57
C ILE G 2280 35.01 -45.38 -25.89
N ARG G 2281 35.04 -45.36 -24.57
CA ARG G 2281 34.99 -44.10 -23.85
C ARG G 2281 36.36 -43.44 -23.74
N LYS G 2282 37.43 -44.14 -24.12
CA LYS G 2282 38.77 -43.54 -24.03
C LYS G 2282 39.72 -43.57 -25.25
N PRO G 2283 39.26 -43.97 -26.47
CA PRO G 2283 40.21 -43.79 -27.59
C PRO G 2283 40.61 -42.33 -27.74
N GLU G 2284 39.64 -41.47 -27.40
CA GLU G 2284 39.69 -40.02 -27.50
C GLU G 2284 41.08 -39.40 -27.42
N GLY G 2297 41.22 -45.39 -43.54
CA GLY G 2297 41.19 -45.25 -42.10
C GLY G 2297 42.35 -45.93 -41.43
N LEU G 2298 42.04 -46.89 -40.56
CA LEU G 2298 43.07 -47.65 -39.85
C LEU G 2298 43.91 -48.44 -40.84
N LEU G 2299 43.28 -48.87 -41.92
CA LEU G 2299 43.98 -49.64 -42.94
C LEU G 2299 45.06 -48.81 -43.61
N ALA G 2300 44.82 -47.51 -43.75
CA ALA G 2300 45.84 -46.63 -44.29
C ALA G 2300 47.03 -46.56 -43.34
N ALA G 2301 46.74 -46.60 -42.05
CA ALA G 2301 47.79 -46.60 -41.05
C ALA G 2301 48.56 -47.91 -41.14
N ILE G 2302 47.85 -48.97 -41.50
CA ILE G 2302 48.46 -50.26 -41.71
C ILE G 2302 49.40 -50.26 -42.92
N GLU G 2303 49.02 -49.53 -43.97
CA GLU G 2303 49.83 -49.48 -45.17
C GLU G 2303 51.08 -48.63 -44.92
N GLU G 2304 50.87 -47.50 -44.26
CA GLU G 2304 51.98 -46.62 -43.94
C GLU G 2304 52.94 -47.32 -42.98
N ALA G 2305 52.40 -48.17 -42.12
CA ALA G 2305 53.22 -49.03 -41.29
C ALA G 2305 53.98 -50.08 -42.10
N ILE G 2306 53.36 -50.56 -43.16
CA ILE G 2306 54.02 -51.53 -44.05
C ILE G 2306 55.18 -50.88 -44.78
N ARG G 2307 55.05 -49.59 -45.08
CA ARG G 2307 56.09 -48.89 -45.83
C ARG G 2307 57.23 -48.40 -44.95
N ILE G 2308 57.08 -48.51 -43.63
CA ILE G 2308 58.13 -48.13 -42.71
C ILE G 2308 58.97 -49.34 -42.31
N GLY G 2341 58.11 -47.87 -35.85
CA GLY G 2341 57.22 -48.12 -36.96
C GLY G 2341 56.47 -49.42 -36.82
N HIS G 2342 57.21 -50.51 -36.64
CA HIS G 2342 56.60 -51.81 -36.41
C HIS G 2342 55.80 -51.88 -35.11
N ALA G 2343 56.18 -51.09 -34.13
CA ALA G 2343 55.49 -51.08 -32.85
C ALA G 2343 54.06 -50.59 -32.99
N ILE G 2344 53.84 -49.69 -33.93
CA ILE G 2344 52.50 -49.16 -34.16
C ILE G 2344 51.61 -50.19 -34.85
N MET G 2345 52.18 -50.84 -35.87
CA MET G 2345 51.44 -51.87 -36.60
C MET G 2345 51.11 -53.04 -35.67
N SER G 2346 52.04 -53.34 -34.79
CA SER G 2346 51.80 -54.33 -33.75
C SER G 2346 50.80 -53.84 -32.73
N PHE G 2347 50.73 -52.52 -32.55
CA PHE G 2347 49.78 -51.94 -31.61
C PHE G 2347 48.35 -52.08 -32.10
N TYR G 2348 48.12 -51.70 -33.35
CA TYR G 2348 46.82 -51.92 -33.96
C TYR G 2348 46.53 -53.40 -34.14
N ALA G 2349 47.58 -54.20 -34.26
CA ALA G 2349 47.37 -55.64 -34.37
C ALA G 2349 46.83 -56.20 -33.06
N ALA G 2350 47.48 -55.83 -31.95
CA ALA G 2350 47.03 -56.27 -30.64
C ALA G 2350 45.67 -55.68 -30.32
N LEU G 2351 45.42 -54.48 -30.84
CA LEU G 2351 44.18 -53.80 -30.54
C LEU G 2351 43.00 -54.45 -31.25
N ILE G 2352 43.16 -54.71 -32.54
CA ILE G 2352 42.11 -55.38 -33.28
C ILE G 2352 41.95 -56.80 -32.78
N ASP G 2353 43.05 -57.40 -32.37
CA ASP G 2353 43.01 -58.76 -31.86
C ASP G 2353 42.19 -58.76 -30.59
N LEU G 2354 42.30 -57.67 -29.85
CA LEU G 2354 41.59 -57.55 -28.58
C LEU G 2354 40.12 -57.33 -28.82
N LEU G 2355 39.81 -56.46 -29.76
CA LEU G 2355 38.43 -56.17 -30.09
C LEU G 2355 37.72 -57.38 -30.68
N GLY G 2356 38.45 -58.25 -31.37
CA GLY G 2356 37.82 -59.50 -31.77
C GLY G 2356 37.73 -60.45 -30.61
N ARG G 2357 38.72 -60.37 -29.74
CA ARG G 2357 38.86 -61.32 -28.65
C ARG G 2357 37.80 -61.15 -27.58
N CYS G 2358 37.29 -59.93 -27.46
CA CYS G 2358 36.23 -59.63 -26.50
C CYS G 2358 34.85 -59.99 -27.02
N ALA G 2359 34.77 -60.38 -28.29
CA ALA G 2359 33.49 -60.70 -28.90
C ALA G 2359 32.82 -61.90 -28.24
N GLU G 2371 22.30 -58.94 -24.38
CA GLU G 2371 22.85 -57.59 -24.53
C GLU G 2371 24.21 -57.62 -25.21
N ALA G 2372 24.71 -58.82 -25.49
CA ALA G 2372 26.00 -58.98 -26.14
C ALA G 2372 25.93 -58.64 -27.62
N LEU G 2373 24.75 -58.76 -28.22
CA LEU G 2373 24.61 -58.47 -29.63
C LEU G 2373 24.93 -57.02 -30.00
N ARG G 2374 24.59 -56.10 -29.10
CA ARG G 2374 24.81 -54.68 -29.39
C ARG G 2374 26.29 -54.34 -29.31
N ILE G 2375 26.98 -54.89 -28.32
CA ILE G 2375 28.42 -54.70 -28.24
C ILE G 2375 29.09 -55.42 -29.40
N ARG G 2376 28.49 -56.50 -29.87
CA ARG G 2376 29.03 -57.18 -31.03
C ARG G 2376 28.91 -56.26 -32.24
N ALA G 2377 27.84 -55.46 -32.24
CA ALA G 2377 27.62 -54.53 -33.33
C ALA G 2377 28.61 -53.36 -33.27
N ILE G 2378 28.82 -52.81 -32.07
CA ILE G 2378 29.72 -51.68 -31.93
C ILE G 2378 31.14 -52.15 -32.24
N LEU G 2379 31.40 -53.43 -31.98
CA LEU G 2379 32.61 -54.09 -32.45
C LEU G 2379 32.65 -54.23 -33.97
N ARG G 2380 31.48 -54.38 -34.60
CA ARG G 2380 31.46 -54.42 -36.05
C ARG G 2380 31.81 -53.06 -36.65
N SER G 2381 31.60 -52.01 -35.87
CA SER G 2381 31.91 -50.65 -36.28
C SER G 2381 33.41 -50.45 -36.50
N LEU G 2382 34.21 -51.23 -35.80
CA LEU G 2382 35.65 -51.06 -35.80
C LEU G 2382 36.34 -52.18 -36.57
N UNK G 2383 32.98 -55.69 -41.78
CA UNK G 2383 34.21 -55.88 -42.53
C UNK G 2383 34.96 -54.57 -42.69
N UNK G 2384 34.97 -53.76 -41.62
CA UNK G 2384 35.68 -52.49 -41.62
C UNK G 2384 37.18 -52.71 -41.78
N UNK G 2385 37.65 -53.87 -41.31
CA UNK G 2385 39.02 -54.29 -41.54
C UNK G 2385 39.06 -55.19 -42.76
N UNK G 2386 38.97 -56.50 -42.53
CA UNK G 2386 38.82 -57.49 -43.60
C UNK G 2386 39.91 -57.40 -44.64
N UNK G 2387 39.83 -56.36 -45.46
CA UNK G 2387 40.79 -56.12 -46.53
C UNK G 2387 42.18 -55.88 -45.95
N UNK G 2388 42.23 -55.45 -44.70
CA UNK G 2388 43.51 -55.27 -44.03
C UNK G 2388 44.25 -56.60 -43.90
N UNK G 2389 43.51 -57.69 -43.74
CA UNK G 2389 44.14 -58.99 -43.74
C UNK G 2389 44.76 -59.24 -45.11
N UNK G 2390 44.07 -58.78 -46.15
CA UNK G 2390 44.62 -58.84 -47.49
C UNK G 2390 45.83 -57.92 -47.58
N UNK G 2391 45.78 -56.81 -46.85
CA UNK G 2391 46.95 -55.95 -46.77
C UNK G 2391 48.07 -56.70 -46.09
N UNK G 2392 47.70 -57.54 -45.11
CA UNK G 2392 48.69 -58.38 -44.46
C UNK G 2392 49.21 -59.41 -45.47
N UNK G 2393 48.35 -59.78 -46.41
CA UNK G 2393 48.78 -60.64 -47.50
C UNK G 2393 49.77 -59.91 -48.41
N UNK G 2394 49.64 -58.59 -48.48
CA UNK G 2394 50.55 -57.80 -49.30
C UNK G 2394 51.96 -57.80 -48.72
N UNK G 2395 52.04 -58.03 -47.41
CA UNK G 2395 53.32 -58.06 -46.71
C UNK G 2395 54.16 -59.26 -47.13
N UNK G 2396 53.49 -60.31 -47.63
CA UNK G 2396 54.18 -61.52 -48.07
C UNK G 2396 55.12 -61.23 -49.23
N PHE G 2397 57.07 -60.22 -38.33
CA PHE G 2397 56.22 -59.14 -38.79
C PHE G 2397 54.90 -59.67 -39.34
N VAL G 2398 54.96 -60.28 -40.53
CA VAL G 2398 53.77 -60.59 -41.30
C VAL G 2398 52.72 -61.48 -40.61
N PRO G 2399 53.12 -62.65 -40.05
CA PRO G 2399 52.08 -63.53 -39.49
C PRO G 2399 51.20 -62.95 -38.38
N ASP G 2400 51.78 -62.10 -37.53
CA ASP G 2400 51.11 -61.68 -36.31
C ASP G 2400 49.87 -60.85 -36.59
N HIS G 2401 50.03 -59.91 -37.52
CA HIS G 2401 49.00 -58.92 -37.74
C HIS G 2401 47.81 -59.61 -38.37
N LYS G 2402 48.10 -60.46 -39.34
CA LYS G 2402 47.04 -61.23 -39.98
C LYS G 2402 46.42 -62.20 -38.99
N ALA G 2403 47.20 -62.67 -38.02
CA ALA G 2403 46.63 -63.56 -37.01
C ALA G 2403 45.59 -62.80 -36.19
N SER G 2404 45.89 -61.54 -35.93
CA SER G 2404 44.93 -60.71 -35.22
C SER G 2404 43.71 -60.47 -36.09
N MET G 2405 43.95 -60.29 -37.38
CA MET G 2405 42.87 -60.02 -38.31
C MET G 2405 41.94 -61.22 -38.45
N VAL G 2406 42.50 -62.40 -38.31
CA VAL G 2406 41.73 -63.62 -38.45
C VAL G 2406 40.98 -63.95 -37.18
N LEU G 2407 41.59 -63.72 -36.02
CA LEU G 2407 40.82 -63.90 -34.79
C LEU G 2407 39.68 -62.89 -34.71
N PHE G 2408 39.93 -61.69 -35.22
CA PHE G 2408 38.88 -60.68 -35.22
C PHE G 2408 37.78 -61.05 -36.18
N LEU G 2409 38.17 -61.47 -37.37
CA LEU G 2409 37.22 -61.82 -38.40
C LEU G 2409 36.38 -63.04 -38.02
N ASP G 2410 36.98 -63.95 -37.27
CA ASP G 2410 36.26 -65.15 -36.89
C ASP G 2410 35.32 -64.86 -35.73
N ARG G 2411 35.86 -64.22 -34.69
CA ARG G 2411 35.03 -63.94 -33.51
C ARG G 2411 33.91 -62.94 -33.76
N VAL G 2412 34.13 -61.97 -34.66
CA VAL G 2412 33.13 -60.94 -34.89
C VAL G 2412 32.22 -61.27 -36.07
N TYR G 2413 32.78 -61.99 -37.04
CA TYR G 2413 32.06 -62.25 -38.28
C TYR G 2413 32.00 -63.73 -38.60
N ASN G 2417 27.54 -66.08 -47.53
CA ASN G 2417 28.75 -66.07 -46.73
C ASN G 2417 29.93 -66.66 -47.48
N GLN G 2418 29.68 -67.72 -48.25
CA GLN G 2418 30.77 -68.44 -48.90
C GLN G 2418 31.51 -67.61 -49.94
N ASP G 2419 30.85 -66.65 -50.57
CA ASP G 2419 31.55 -65.78 -51.51
C ASP G 2419 32.59 -64.95 -50.77
N PHE G 2420 32.25 -64.56 -49.55
CA PHE G 2420 33.19 -63.85 -48.71
C PHE G 2420 34.35 -64.74 -48.33
N LEU G 2421 34.06 -66.03 -48.19
CA LEU G 2421 35.06 -67.00 -47.78
C LEU G 2421 36.07 -67.23 -48.89
N LEU G 2422 35.55 -67.39 -50.11
CA LEU G 2422 36.41 -67.53 -51.27
C LEU G 2422 37.18 -66.24 -51.49
N HIS G 2423 36.55 -65.12 -51.15
CA HIS G 2423 37.24 -63.84 -51.24
C HIS G 2423 38.41 -63.75 -50.26
N VAL G 2424 38.27 -64.39 -49.10
CA VAL G 2424 39.32 -64.38 -48.08
C VAL G 2424 40.59 -65.12 -48.52
N LEU G 2425 40.41 -66.13 -49.37
CA LEU G 2425 41.49 -67.07 -49.74
C LEU G 2425 42.77 -66.38 -50.20
N VAL G 2427 46.00 -65.20 -50.83
CA VAL G 2427 47.43 -65.39 -50.60
C VAL G 2427 47.76 -66.57 -49.70
N GLY G 2428 46.75 -67.24 -49.15
CA GLY G 2428 47.02 -68.37 -48.28
C GLY G 2428 47.75 -69.47 -49.06
N PHE G 2429 47.45 -69.57 -50.35
CA PHE G 2429 48.20 -70.45 -51.23
C PHE G 2429 49.65 -69.99 -51.38
N LEU G 2430 49.87 -68.68 -51.34
CA LEU G 2430 51.22 -68.16 -51.37
C LEU G 2430 51.94 -68.55 -50.09
N PRO G 2431 51.19 -68.63 -48.99
CA PRO G 2431 51.75 -69.17 -47.75
C PRO G 2431 52.06 -70.65 -47.89
N ASP G 2432 51.25 -71.35 -48.68
CA ASP G 2432 51.55 -72.75 -48.96
C ASP G 2432 52.85 -72.86 -49.75
N MET G 2433 53.10 -71.88 -50.61
CA MET G 2433 54.40 -71.80 -51.28
C MET G 2433 55.49 -71.47 -50.28
N ARG G 2434 55.12 -70.70 -49.26
CA ARG G 2434 56.05 -70.32 -48.21
C ARG G 2434 56.44 -71.52 -47.37
N ALA G 2435 55.59 -72.54 -47.36
CA ALA G 2435 55.91 -73.76 -46.64
C ALA G 2435 57.15 -74.42 -47.22
N ALA G 2436 57.36 -74.25 -48.52
CA ALA G 2436 58.55 -74.76 -49.19
C ALA G 2436 59.81 -74.01 -48.77
N ALA G 2437 59.64 -72.77 -48.31
CA ALA G 2437 60.76 -71.90 -47.99
C ALA G 2437 61.58 -72.42 -46.82
N SER G 2438 60.95 -73.20 -45.94
CA SER G 2438 61.63 -73.79 -44.80
C SER G 2438 62.70 -74.78 -45.25
N LEU G 2439 62.49 -75.37 -46.43
CA LEU G 2439 63.45 -76.32 -46.98
C LEU G 2439 64.41 -75.65 -47.95
N THR G 2447 63.34 -70.46 -40.91
CA THR G 2447 63.43 -69.03 -40.63
C THR G 2447 62.20 -68.54 -39.90
N GLU G 2448 62.05 -67.22 -39.81
CA GLU G 2448 60.89 -66.62 -39.16
C GLU G 2448 59.61 -66.99 -39.91
N MET G 2449 59.75 -67.15 -41.22
CA MET G 2449 58.62 -67.45 -42.07
C MET G 2449 58.07 -68.85 -41.81
N ALA G 2450 58.90 -69.74 -41.28
CA ALA G 2450 58.41 -71.05 -40.86
C ALA G 2450 57.46 -70.92 -39.67
N LEU G 2451 57.81 -70.03 -38.75
CA LEU G 2451 56.95 -69.75 -37.62
C LEU G 2451 55.69 -69.12 -38.17
N ALA G 2452 55.86 -68.34 -39.23
CA ALA G 2452 54.74 -67.71 -39.90
C ALA G 2452 53.82 -68.74 -40.55
N LEU G 2453 54.38 -69.86 -41.02
CA LEU G 2453 53.55 -70.86 -41.69
C LEU G 2453 52.87 -71.73 -40.66
N ASN G 2454 53.49 -71.88 -39.50
CA ASN G 2454 52.78 -72.55 -38.41
C ASN G 2454 51.60 -71.71 -37.94
N ARG G 2455 51.85 -70.41 -37.76
CA ARG G 2455 50.81 -69.53 -37.31
C ARG G 2455 49.71 -69.44 -38.36
N TYR G 2456 50.11 -69.50 -39.63
CA TYR G 2456 49.16 -69.58 -40.75
C TYR G 2456 48.46 -70.92 -40.90
N LEU G 2457 49.01 -71.98 -40.33
CA LEU G 2457 48.27 -73.22 -40.41
C LEU G 2457 47.23 -73.22 -39.31
N CYS G 2458 47.55 -72.64 -38.15
CA CYS G 2458 46.51 -72.49 -37.13
C CYS G 2458 45.41 -71.54 -37.61
N LEU G 2459 45.86 -70.47 -38.26
CA LEU G 2459 44.93 -69.53 -38.86
C LEU G 2459 44.16 -70.20 -39.97
N ALA G 2460 44.76 -71.19 -40.62
CA ALA G 2460 44.03 -72.02 -41.58
C ALA G 2460 42.98 -72.88 -40.91
N VAL G 2461 43.26 -73.32 -39.68
CA VAL G 2461 42.30 -74.10 -38.92
C VAL G 2461 41.10 -73.25 -38.51
N LEU G 2462 41.34 -71.98 -38.24
CA LEU G 2462 40.24 -71.10 -37.79
C LEU G 2462 38.99 -70.96 -38.70
N PRO G 2463 39.15 -70.72 -40.02
CA PRO G 2463 38.05 -70.48 -40.96
C PRO G 2463 37.08 -71.64 -41.04
N LEU G 2464 37.56 -72.85 -40.79
CA LEU G 2464 36.93 -74.08 -41.23
C LEU G 2464 35.50 -74.23 -40.74
N ILE G 2465 35.21 -73.64 -39.58
CA ILE G 2465 33.87 -73.69 -39.02
C ILE G 2465 32.81 -73.23 -40.02
N UNK G 2466 34.40 -69.83 -60.37
CA UNK G 2466 33.81 -69.87 -59.05
C UNK G 2466 34.37 -71.03 -58.24
N UNK G 2467 33.88 -72.23 -58.53
CA UNK G 2467 34.32 -73.43 -57.83
C UNK G 2467 35.79 -73.74 -58.08
N UNK G 2468 36.29 -73.33 -59.24
CA UNK G 2468 37.68 -73.58 -59.59
C UNK G 2468 38.66 -72.92 -58.63
N UNK G 2469 38.29 -71.74 -58.12
CA UNK G 2469 39.10 -71.10 -57.09
C UNK G 2469 39.12 -71.95 -55.82
N UNK G 2470 38.00 -72.60 -55.52
CA UNK G 2470 37.95 -73.53 -54.41
C UNK G 2470 38.83 -74.72 -54.67
N UNK G 2471 38.94 -75.09 -55.94
CA UNK G 2471 39.86 -76.14 -56.35
C UNK G 2471 41.30 -75.69 -56.14
N UNK G 2472 41.53 -74.38 -56.29
CA UNK G 2472 42.86 -73.83 -56.11
C UNK G 2472 43.23 -73.83 -54.63
N UNK G 2473 42.30 -73.39 -53.78
CA UNK G 2473 42.54 -73.41 -52.35
C UNK G 2473 42.69 -74.84 -51.84
N UNK G 2474 41.93 -75.76 -52.44
CA UNK G 2474 42.08 -77.17 -52.11
C UNK G 2474 43.43 -77.69 -52.54
N UNK G 2475 43.94 -77.17 -53.65
CA UNK G 2475 45.28 -77.50 -54.10
C UNK G 2475 46.33 -76.94 -53.15
N UNK G 2476 46.00 -75.82 -52.52
CA UNK G 2476 46.90 -75.19 -51.58
C UNK G 2476 46.97 -75.97 -50.28
N UNK G 2477 45.81 -76.35 -49.76
CA UNK G 2477 45.77 -77.16 -48.56
C UNK G 2477 46.39 -78.52 -48.81
N UNK G 2478 46.19 -79.05 -50.02
CA UNK G 2478 46.83 -80.29 -50.39
C UNK G 2478 48.33 -80.13 -50.43
N UNK G 2479 48.78 -78.94 -50.85
CA UNK G 2479 50.21 -78.64 -50.84
C UNK G 2479 50.72 -78.58 -49.41
N UNK G 2480 49.88 -78.09 -48.50
CA UNK G 2480 50.23 -78.06 -47.09
C UNK G 2480 50.33 -79.48 -46.55
N UNK G 2481 49.49 -80.37 -47.08
CA UNK G 2481 49.58 -81.77 -46.71
C UNK G 2481 50.85 -82.39 -47.23
N UNK G 2482 51.26 -81.98 -48.43
CA UNK G 2482 52.50 -82.46 -49.01
C UNK G 2482 53.70 -81.98 -48.20
N UNK G 2483 53.61 -80.77 -47.68
CA UNK G 2483 54.61 -80.25 -46.75
C UNK G 2483 54.58 -81.04 -45.45
N UNK G 2484 53.39 -81.50 -45.09
CA UNK G 2484 53.18 -82.29 -43.88
C UNK G 2484 53.57 -83.74 -44.08
N UNK G 2485 53.79 -84.13 -45.33
CA UNK G 2485 54.08 -85.52 -45.67
C UNK G 2485 55.54 -85.88 -45.38
N UNK G 2486 53.98 -77.86 -34.38
CA UNK G 2486 54.45 -78.29 -35.69
C UNK G 2486 53.79 -79.59 -36.12
N UNK G 2487 54.20 -80.70 -35.53
CA UNK G 2487 53.68 -82.01 -35.90
C UNK G 2487 52.20 -82.17 -35.54
N UNK G 2488 51.85 -81.83 -34.30
CA UNK G 2488 50.45 -81.83 -33.92
C UNK G 2488 49.71 -80.76 -34.70
N UNK G 2489 50.42 -79.68 -34.99
CA UNK G 2489 49.88 -78.63 -35.84
C UNK G 2489 49.67 -79.15 -37.26
N UNK G 2490 50.56 -80.04 -37.69
CA UNK G 2490 50.39 -80.70 -38.97
C UNK G 2490 49.18 -81.62 -38.94
N UNK G 2491 48.90 -82.20 -37.79
CA UNK G 2491 47.69 -83.00 -37.62
C UNK G 2491 46.47 -82.10 -37.71
N UNK G 2492 46.61 -80.87 -37.24
CA UNK G 2492 45.52 -79.91 -37.36
C UNK G 2492 45.28 -79.52 -38.82
N UNK G 2493 46.36 -79.35 -39.57
CA UNK G 2493 46.23 -79.08 -41.00
C UNK G 2493 45.62 -80.27 -41.74
N UNK G 2494 45.96 -81.47 -41.28
CA UNK G 2494 45.38 -82.67 -41.85
C UNK G 2494 43.89 -82.72 -41.56
N UNK G 2495 43.52 -82.22 -40.38
CA UNK G 2495 42.11 -82.08 -40.03
C UNK G 2495 41.45 -81.05 -40.92
N UNK G 2496 42.21 -80.03 -41.31
CA UNK G 2496 41.69 -79.03 -42.23
C UNK G 2496 41.44 -79.64 -43.59
N UNK G 2497 42.27 -80.62 -43.94
CA UNK G 2497 42.12 -81.27 -45.23
C UNK G 2497 40.94 -82.22 -45.23
N UNK G 2498 40.82 -83.01 -44.17
CA UNK G 2498 39.70 -83.93 -44.03
C UNK G 2498 38.37 -83.19 -43.92
N UNK G 2499 38.43 -82.01 -43.31
CA UNK G 2499 37.22 -81.20 -43.14
C UNK G 2499 36.83 -80.54 -44.44
N UNK G 2500 37.82 -79.99 -45.16
CA UNK G 2500 37.54 -79.37 -46.44
C UNK G 2500 37.03 -80.42 -47.42
N UNK G 2501 37.57 -81.63 -47.32
CA UNK G 2501 37.08 -82.75 -48.10
C UNK G 2501 35.67 -83.12 -47.70
N UNK G 2502 35.36 -82.96 -46.40
CA UNK G 2502 34.01 -83.23 -45.93
C UNK G 2502 33.04 -82.21 -46.51
N UNK G 2503 33.55 -80.99 -46.73
CA UNK G 2503 32.74 -79.92 -47.30
C UNK G 2503 32.39 -80.19 -48.76
N UNK G 2504 33.22 -81.00 -49.42
CA UNK G 2504 33.03 -81.28 -50.84
C UNK G 2504 33.80 -82.54 -51.24
N UNK G 2505 35.53 -78.17 -58.09
CA UNK G 2505 34.43 -79.08 -57.74
C UNK G 2505 34.96 -80.37 -57.15
N UNK G 2506 34.06 -81.32 -56.88
CA UNK G 2506 34.45 -82.58 -56.29
C UNK G 2506 35.36 -83.37 -57.22
N UNK G 2507 35.20 -83.20 -58.52
CA UNK G 2507 36.11 -83.82 -59.48
C UNK G 2507 37.52 -83.22 -59.38
N UNK G 2508 37.58 -81.91 -59.16
CA UNK G 2508 38.87 -81.25 -58.94
C UNK G 2508 39.48 -81.74 -57.64
N UNK G 2509 38.61 -82.03 -56.68
CA UNK G 2509 39.02 -82.62 -55.41
C UNK G 2509 39.57 -84.01 -55.66
N UNK G 2510 39.06 -84.66 -56.71
CA UNK G 2510 39.57 -85.96 -57.12
C UNK G 2510 40.85 -85.83 -57.95
N UNK G 2511 41.13 -84.63 -58.43
CA UNK G 2511 42.43 -84.36 -59.04
C UNK G 2511 43.49 -84.14 -57.97
N UNK G 2512 43.12 -83.39 -56.95
CA UNK G 2512 43.98 -83.20 -55.80
C UNK G 2512 44.18 -84.53 -55.10
N UNK G 2513 43.14 -85.36 -55.18
CA UNK G 2513 43.19 -86.72 -54.65
C UNK G 2513 43.84 -87.67 -55.63
N UNK G 2514 44.09 -87.19 -56.84
CA UNK G 2514 44.91 -87.94 -57.78
C UNK G 2514 46.38 -87.72 -57.43
N UNK G 2515 46.72 -86.48 -57.12
CA UNK G 2515 48.06 -86.21 -56.61
C UNK G 2515 48.26 -86.89 -55.26
N UNK G 2516 47.18 -86.93 -54.49
CA UNK G 2516 47.17 -87.64 -53.22
C UNK G 2516 47.22 -89.14 -53.47
N UNK G 2517 46.78 -89.57 -54.64
CA UNK G 2517 46.79 -90.98 -54.99
C UNK G 2517 48.20 -91.43 -55.33
N UNK G 2518 48.90 -90.63 -56.12
CA UNK G 2518 50.29 -90.94 -56.40
C UNK G 2518 51.13 -90.80 -55.14
N UNK G 2519 50.75 -89.87 -54.27
CA UNK G 2519 51.40 -89.77 -52.97
C UNK G 2519 51.14 -91.03 -52.15
N UNK G 2520 49.96 -91.60 -52.33
CA UNK G 2520 49.63 -92.87 -51.70
C UNK G 2520 50.48 -94.00 -52.27
N UNK G 2521 50.81 -93.89 -53.56
CA UNK G 2521 51.74 -94.83 -54.16
C UNK G 2521 53.13 -94.65 -53.56
N UNK G 2522 53.45 -93.41 -53.20
CA UNK G 2522 54.70 -93.12 -52.51
C UNK G 2522 54.68 -93.64 -51.07
N UNK G 2523 53.49 -93.80 -50.52
CA UNK G 2523 53.33 -94.20 -49.12
C UNK G 2523 53.86 -95.62 -48.86
N UNK G 2524 53.82 -96.45 -49.89
CA UNK G 2524 54.29 -97.82 -49.78
C UNK G 2524 54.43 -98.48 -51.15
N UNK G 2525 56.54 -89.59 -43.48
CA UNK G 2525 56.08 -90.59 -44.45
C UNK G 2525 54.70 -91.12 -44.06
N UNK G 2526 54.52 -91.40 -42.78
CA UNK G 2526 53.26 -91.91 -42.27
C UNK G 2526 52.13 -90.88 -42.40
N UNK G 2527 52.50 -89.60 -42.38
CA UNK G 2527 51.50 -88.54 -42.54
C UNK G 2527 50.86 -88.62 -43.93
N UNK G 2528 51.65 -89.06 -44.91
CA UNK G 2528 51.11 -89.31 -46.23
C UNK G 2528 50.09 -90.44 -46.18
N UNK G 2529 50.33 -91.42 -45.32
CA UNK G 2529 49.35 -92.47 -45.10
C UNK G 2529 48.09 -91.93 -44.43
N UNK G 2530 48.26 -90.92 -43.58
CA UNK G 2530 47.09 -90.26 -43.00
C UNK G 2530 46.31 -89.52 -44.08
N UNK G 2531 47.05 -88.98 -45.05
CA UNK G 2531 46.41 -88.35 -46.18
C UNK G 2531 45.67 -89.39 -47.01
N UNK G 2532 46.22 -90.60 -47.01
CA UNK G 2532 45.55 -91.73 -47.66
C UNK G 2532 44.31 -92.15 -46.88
N UNK G 2533 44.30 -91.87 -45.57
CA UNK G 2533 43.15 -92.21 -44.74
C UNK G 2533 42.02 -91.22 -44.97
N UNK G 2534 42.36 -89.93 -45.00
CA UNK G 2534 41.35 -88.92 -45.31
C UNK G 2534 40.86 -89.10 -46.73
N UNK G 2535 41.77 -89.51 -47.61
CA UNK G 2535 41.43 -89.80 -48.99
C UNK G 2535 40.57 -91.05 -49.07
N UNK G 2536 40.68 -91.90 -48.05
CA UNK G 2536 39.92 -93.12 -48.01
C UNK G 2536 38.48 -92.87 -47.56
N UNK G 2537 38.32 -92.09 -46.50
CA UNK G 2537 36.97 -91.74 -46.06
C UNK G 2537 36.30 -90.89 -47.12
N UNK G 2538 37.09 -90.05 -47.79
CA UNK G 2538 36.58 -89.28 -48.92
C UNK G 2538 36.21 -90.20 -50.08
N UNK G 2539 36.97 -91.28 -50.23
CA UNK G 2539 36.69 -92.26 -51.27
C UNK G 2539 35.40 -93.01 -50.98
N UNK G 2540 35.09 -93.13 -49.70
CA UNK G 2540 33.90 -93.85 -49.28
C UNK G 2540 32.68 -92.96 -49.44
N UNK G 2541 32.81 -91.70 -49.05
CA UNK G 2541 31.72 -90.75 -49.25
C UNK G 2541 31.48 -90.55 -50.73
N UNK G 2542 32.56 -90.58 -51.51
CA UNK G 2542 32.45 -90.53 -52.96
C UNK G 2542 31.81 -91.80 -53.50
N UNK G 2543 32.02 -92.92 -52.82
CA UNK G 2543 31.35 -94.15 -53.21
C UNK G 2543 29.87 -94.02 -52.94
N UNK G 2544 29.51 -93.27 -51.91
CA UNK G 2544 28.12 -92.90 -51.70
C UNK G 2544 27.63 -92.00 -52.82
N UNK G 2545 28.52 -91.14 -53.31
CA UNK G 2545 28.24 -90.34 -54.50
C UNK G 2545 28.19 -91.21 -55.75
N UNK G 2546 28.93 -92.31 -55.73
CA UNK G 2546 28.93 -93.25 -56.84
C UNK G 2546 27.73 -94.18 -56.76
N UNK G 2547 27.03 -94.12 -55.64
CA UNK G 2547 25.89 -95.00 -55.39
C UNK G 2547 24.89 -94.37 -54.44
N UNK G 2548 37.07 -92.45 -66.25
CA UNK G 2548 38.04 -91.37 -66.33
C UNK G 2548 39.23 -91.61 -65.42
N UNK G 2549 39.47 -90.67 -64.50
CA UNK G 2549 40.58 -90.79 -63.56
C UNK G 2549 40.30 -91.84 -62.50
N UNK G 2550 39.03 -92.25 -62.40
CA UNK G 2550 38.65 -93.23 -61.41
C UNK G 2550 39.34 -94.57 -61.66
N UNK G 2551 39.62 -94.88 -62.92
CA UNK G 2551 40.41 -96.06 -63.24
C UNK G 2551 41.83 -95.92 -62.72
N UNK G 2552 42.34 -94.70 -62.74
CA UNK G 2552 43.65 -94.43 -62.15
C UNK G 2552 43.57 -94.60 -60.65
N UNK G 2553 42.41 -94.31 -60.08
CA UNK G 2553 42.18 -94.59 -58.67
C UNK G 2553 42.16 -96.10 -58.40
N UNK G 2554 41.68 -96.86 -59.37
CA UNK G 2554 41.75 -98.31 -59.27
C UNK G 2554 43.19 -98.77 -59.33
N UNK G 2555 44.00 -98.04 -60.10
CA UNK G 2555 45.43 -98.31 -60.13
C UNK G 2555 46.04 -97.99 -58.78
N UNK G 2556 45.49 -96.98 -58.12
CA UNK G 2556 45.86 -96.66 -56.76
C UNK G 2556 45.45 -97.76 -55.80
N UNK G 2557 44.39 -98.48 -56.15
CA UNK G 2557 43.93 -99.60 -55.33
C UNK G 2557 44.84 -100.82 -55.50
N UNK G 2558 45.22 -101.13 -56.73
CA UNK G 2558 46.16 -102.22 -56.94
C UNK G 2558 47.51 -101.86 -56.32
N UNK G 2559 47.85 -100.58 -56.39
CA UNK G 2559 49.05 -100.08 -55.72
C UNK G 2559 48.93 -100.21 -54.22
N UNK G 2560 47.71 -100.07 -53.72
CA UNK G 2560 47.44 -100.34 -52.31
C UNK G 2560 47.63 -101.80 -51.97
N UNK G 2561 47.31 -102.68 -52.93
CA UNK G 2561 47.60 -104.10 -52.74
C UNK G 2561 49.11 -104.32 -52.70
N UNK G 2562 49.83 -103.52 -53.48
CA UNK G 2562 51.29 -103.55 -53.42
C UNK G 2562 51.75 -103.05 -52.05
N UNK G 2563 50.99 -102.12 -51.47
CA UNK G 2563 51.27 -101.66 -50.13
C UNK G 2563 51.02 -102.77 -49.12
N UNK G 2564 50.05 -103.62 -49.40
CA UNK G 2564 49.80 -104.79 -48.57
C UNK G 2564 50.97 -105.76 -48.69
N UNK G 2565 51.57 -105.80 -49.88
CA UNK G 2565 52.80 -106.56 -50.07
C UNK G 2565 53.98 -105.94 -49.31
N UNK G 2566 53.92 -104.63 -49.13
CA UNK G 2566 55.02 -103.89 -48.52
C UNK G 2566 55.23 -104.25 -47.05
N UNK G 2567 54.15 -104.69 -46.40
CA UNK G 2567 54.21 -105.05 -44.98
C UNK G 2567 53.75 -106.49 -44.77
N UNK G 2568 51.24 -102.38 -36.75
CA UNK G 2568 49.95 -102.09 -36.15
C UNK G 2568 49.22 -100.97 -36.88
N UNK G 2569 49.97 -99.91 -37.22
CA UNK G 2569 49.43 -98.83 -38.04
C UNK G 2569 49.09 -99.34 -39.43
N UNK G 2570 49.81 -100.40 -39.84
CA UNK G 2570 49.58 -101.04 -41.11
C UNK G 2570 48.18 -101.65 -41.19
N UNK G 2571 47.62 -101.98 -40.03
CA UNK G 2571 46.24 -102.47 -39.98
C UNK G 2571 45.24 -101.37 -40.30
N UNK G 2572 45.41 -100.20 -39.71
CA UNK G 2572 44.54 -99.07 -40.03
C UNK G 2572 44.74 -98.65 -41.48
N UNK G 2573 45.98 -98.77 -41.95
CA UNK G 2573 46.27 -98.50 -43.36
C UNK G 2573 45.57 -99.52 -44.25
N UNK G 2574 45.43 -100.75 -43.73
CA UNK G 2574 44.69 -101.80 -44.41
C UNK G 2574 43.20 -101.49 -44.41
N UNK G 2575 42.74 -100.77 -43.40
CA UNK G 2575 41.34 -100.37 -43.33
C UNK G 2575 41.05 -99.28 -44.35
N UNK G 2576 41.94 -98.29 -44.41
CA UNK G 2576 41.79 -97.22 -45.39
C UNK G 2576 41.93 -97.77 -46.81
N UNK G 2577 42.80 -98.77 -46.96
CA UNK G 2577 42.97 -99.45 -48.22
C UNK G 2577 41.71 -100.24 -48.56
N UNK G 2578 41.04 -100.76 -47.52
CA UNK G 2578 39.78 -101.45 -47.71
C UNK G 2578 38.70 -100.48 -48.17
N UNK G 2579 38.75 -99.26 -47.67
CA UNK G 2579 37.83 -98.23 -48.11
C UNK G 2579 38.11 -97.86 -49.56
N UNK G 2580 39.39 -97.82 -49.92
CA UNK G 2580 39.77 -97.55 -51.29
C UNK G 2580 39.31 -98.67 -52.21
N UNK G 2581 39.31 -99.89 -51.68
CA UNK G 2581 38.87 -101.05 -52.43
C UNK G 2581 37.37 -101.01 -52.63
N UNK G 2582 36.65 -100.57 -51.61
CA UNK G 2582 35.21 -100.41 -51.72
C UNK G 2582 34.88 -99.32 -52.73
N UNK G 2583 35.71 -98.29 -52.78
CA UNK G 2583 35.53 -97.23 -53.76
C UNK G 2583 35.81 -97.73 -55.17
N UNK G 2584 36.83 -98.58 -55.31
CA UNK G 2584 37.16 -99.14 -56.60
C UNK G 2584 36.06 -100.07 -57.11
N UNK G 2585 35.49 -100.84 -56.19
CA UNK G 2585 34.35 -101.68 -56.52
C UNK G 2585 33.13 -100.83 -56.86
N UNK G 2586 33.03 -99.67 -56.21
CA UNK G 2586 31.97 -98.72 -56.54
C UNK G 2586 32.15 -98.18 -57.95
N UNK G 2587 33.41 -98.06 -58.38
CA UNK G 2587 33.71 -97.77 -59.76
C UNK G 2587 33.37 -98.97 -60.65
N UNK G 2588 33.46 -100.16 -60.07
CA UNK G 2588 33.20 -101.40 -60.79
C UNK G 2588 31.71 -101.72 -60.88
N UNK G 2589 30.90 -100.96 -60.14
CA UNK G 2589 29.46 -101.20 -60.08
C UNK G 2589 28.77 -100.87 -61.39
N ASN G 2590 59.02 -84.40 -53.39
CA ASN G 2590 60.24 -85.10 -53.79
C ASN G 2590 60.02 -85.91 -55.07
N PHE G 2591 59.59 -85.22 -56.11
CA PHE G 2591 59.35 -85.85 -57.41
C PHE G 2591 60.62 -86.42 -58.03
N ASP G 2592 60.51 -87.63 -58.56
CA ASP G 2592 61.65 -88.39 -59.06
C ASP G 2592 61.39 -88.98 -60.44
N PRO G 2593 61.47 -88.14 -61.48
CA PRO G 2593 61.12 -88.59 -62.83
C PRO G 2593 62.04 -89.70 -63.32
N ARG G 2594 61.51 -90.65 -64.08
CA ARG G 2594 62.34 -91.67 -64.71
C ARG G 2594 61.96 -91.89 -66.17
N PRO G 2595 62.32 -90.94 -67.04
CA PRO G 2595 62.17 -91.21 -68.48
C PRO G 2595 63.05 -92.38 -68.89
N VAL G 2596 62.58 -93.19 -69.83
CA VAL G 2596 63.38 -94.30 -70.33
C VAL G 2596 64.58 -93.76 -71.09
N GLU G 2597 65.73 -94.44 -71.00
CA GLU G 2597 66.87 -94.07 -71.81
C GLU G 2597 66.52 -94.25 -73.27
N THR G 2598 66.94 -93.31 -74.11
CA THR G 2598 66.56 -93.34 -75.52
C THR G 2598 67.74 -93.10 -76.45
N LEU G 2599 68.73 -92.35 -75.99
CA LEU G 2599 69.85 -91.99 -76.85
C LEU G 2599 70.64 -93.24 -77.28
N ASN G 2600 70.69 -94.23 -76.40
CA ASN G 2600 71.28 -95.52 -76.73
C ASN G 2600 70.51 -96.31 -77.78
N VAL G 2601 69.19 -96.07 -77.84
CA VAL G 2601 68.30 -96.86 -78.70
C VAL G 2601 68.62 -96.68 -80.18
N ILE G 2602 68.55 -97.77 -80.93
CA ILE G 2602 68.87 -97.74 -82.36
C ILE G 2602 67.64 -97.87 -83.24
N ILE G 2603 67.15 -96.75 -83.77
CA ILE G 2603 66.06 -96.78 -84.74
C ILE G 2603 66.53 -97.34 -86.09
N PRO G 2604 65.79 -98.31 -86.63
CA PRO G 2604 66.05 -98.84 -87.98
C PRO G 2604 65.89 -97.75 -89.04
N GLU G 2605 66.72 -97.81 -90.09
CA GLU G 2605 66.69 -96.79 -91.12
C GLU G 2605 65.36 -96.75 -91.88
N LYS G 2606 64.68 -97.89 -91.94
CA LYS G 2606 63.40 -97.97 -92.64
C LYS G 2606 62.35 -97.09 -91.97
N LEU G 2607 62.45 -96.94 -90.65
CA LEU G 2607 61.58 -96.03 -89.92
C LEU G 2607 61.85 -94.57 -90.26
N ASP G 2608 63.07 -94.26 -90.67
CA ASP G 2608 63.44 -92.89 -90.99
C ASP G 2608 62.67 -92.35 -92.19
N SER G 2609 62.34 -93.24 -93.12
CA SER G 2609 61.53 -92.84 -94.27
C SER G 2609 60.14 -92.42 -93.85
N PHE G 2610 59.64 -93.07 -92.80
CA PHE G 2610 58.38 -92.68 -92.18
C PHE G 2610 58.52 -91.39 -91.36
N ILE G 2611 59.70 -91.21 -90.78
CA ILE G 2611 60.00 -90.01 -90.02
C ILE G 2611 59.98 -88.83 -90.98
N ASN G 2612 60.32 -89.09 -92.23
CA ASN G 2612 60.24 -88.05 -93.24
C ASN G 2612 58.80 -87.59 -93.40
N LYS G 2613 57.88 -88.53 -93.26
CA LYS G 2613 56.47 -88.25 -93.41
C LYS G 2613 55.89 -87.52 -92.20
N PHE G 2614 56.17 -88.05 -91.00
CA PHE G 2614 55.61 -87.41 -89.81
C PHE G 2614 56.24 -86.05 -89.55
N ALA G 2615 57.49 -85.88 -89.98
CA ALA G 2615 58.16 -84.59 -89.82
C ALA G 2615 57.71 -83.60 -90.89
N GLU G 2616 57.54 -84.06 -92.12
CA GLU G 2616 57.03 -83.17 -93.15
C GLU G 2616 55.62 -82.73 -92.78
N TYR G 2617 54.86 -83.63 -92.19
CA TYR G 2617 53.55 -83.27 -91.65
C TYR G 2617 53.68 -82.33 -90.48
N THR G 2618 54.75 -82.49 -89.70
CA THR G 2618 54.92 -81.65 -88.53
C THR G 2618 55.15 -80.22 -88.98
N HIS G 2619 55.92 -80.07 -90.06
CA HIS G 2619 56.08 -78.75 -90.66
C HIS G 2619 54.78 -78.29 -91.31
N GLU G 2620 53.97 -79.22 -91.81
CA GLU G 2620 52.69 -78.83 -92.40
C GLU G 2620 51.76 -78.24 -91.35
N LYS G 2621 51.83 -78.77 -90.13
CA LYS G 2621 50.93 -78.33 -89.08
C LYS G 2621 51.49 -77.07 -88.42
N TRP G 2622 52.81 -77.05 -88.27
CA TRP G 2622 53.49 -75.89 -87.69
C TRP G 2622 53.34 -74.66 -88.59
N ALA G 2623 53.29 -74.90 -89.89
CA ALA G 2623 53.11 -73.82 -90.83
C ALA G 2623 51.64 -73.45 -90.97
N PHE G 2624 50.78 -74.45 -91.08
CA PHE G 2624 49.35 -74.20 -91.26
C PHE G 2624 48.74 -73.47 -90.06
N ASP G 2625 49.22 -73.79 -88.86
CA ASP G 2625 48.71 -73.11 -87.68
C ASP G 2625 49.08 -71.63 -87.68
N LYS G 2626 50.28 -71.33 -88.16
CA LYS G 2626 50.68 -69.94 -88.35
C LYS G 2626 49.87 -69.27 -89.45
N ILE G 2627 49.48 -70.06 -90.46
CA ILE G 2627 48.65 -69.58 -91.55
C ILE G 2627 47.25 -69.24 -91.07
N GLN G 2628 46.78 -69.94 -90.04
CA GLN G 2628 45.46 -69.69 -89.49
C GLN G 2628 45.39 -68.29 -88.86
N ASN G 2629 46.54 -67.82 -88.38
CA ASN G 2629 46.63 -66.47 -87.84
C ASN G 2629 47.26 -65.53 -88.87
N ASN G 2630 47.35 -66.02 -90.10
CA ASN G 2630 47.90 -65.28 -91.24
C ASN G 2630 49.35 -64.83 -91.07
N TRP G 2631 50.15 -65.66 -90.42
CA TRP G 2631 51.60 -65.45 -90.39
C TRP G 2631 52.19 -65.74 -91.77
N SER G 2632 53.29 -65.08 -92.12
CA SER G 2632 53.85 -65.20 -93.46
C SER G 2632 55.38 -65.06 -93.49
N TYR G 2633 55.98 -65.39 -94.63
CA TYR G 2633 57.42 -65.30 -94.79
C TYR G 2633 57.95 -63.88 -94.66
N GLY G 2634 59.12 -63.72 -94.04
CA GLY G 2634 59.73 -62.41 -93.87
C GLY G 2634 61.19 -62.46 -93.48
N GLU G 2635 61.84 -61.30 -93.52
CA GLU G 2635 63.28 -61.18 -93.24
C GLU G 2635 63.67 -61.51 -91.81
N ASN G 2636 62.75 -61.28 -90.87
CA ASN G 2636 63.08 -61.37 -89.44
C ASN G 2636 61.89 -61.76 -88.58
N VAL G 2637 62.16 -62.18 -87.34
CA VAL G 2637 61.13 -62.62 -86.42
C VAL G 2637 60.47 -61.39 -85.79
N ASP G 2638 59.70 -60.67 -86.60
CA ASP G 2638 58.95 -59.52 -86.10
C ASP G 2638 57.52 -59.96 -85.80
N GLU G 2639 57.23 -60.27 -84.54
CA GLU G 2639 55.93 -60.78 -84.15
C GLU G 2639 54.84 -59.75 -84.41
N GLU G 2640 55.18 -58.47 -84.28
CA GLU G 2640 54.26 -57.38 -84.56
C GLU G 2640 53.88 -57.30 -86.04
N LEU G 2641 54.80 -57.73 -86.90
CA LEU G 2641 54.62 -57.62 -88.34
C LEU G 2641 53.78 -58.75 -88.92
N LYS G 2642 53.43 -59.71 -88.06
CA LYS G 2642 52.71 -60.92 -88.48
C LYS G 2642 53.48 -61.67 -89.54
N THR G 2643 54.78 -61.85 -89.32
CA THR G 2643 55.62 -62.57 -90.27
C THR G 2643 56.81 -63.26 -89.60
N HIS G 2644 57.20 -64.42 -90.10
CA HIS G 2644 58.37 -65.12 -89.59
C HIS G 2644 59.19 -65.72 -90.75
N PRO G 2645 60.53 -65.75 -90.62
CA PRO G 2645 61.46 -66.34 -91.59
C PRO G 2645 61.27 -67.84 -91.89
N MET G 2646 60.84 -68.62 -90.91
CA MET G 2646 60.81 -70.08 -91.05
C MET G 2646 59.58 -70.57 -91.80
N LEU G 2647 58.66 -69.67 -92.11
CA LEU G 2647 57.45 -70.07 -92.81
C LEU G 2647 57.74 -70.31 -94.28
N ARG G 2648 58.55 -71.35 -94.51
CA ARG G 2648 59.02 -71.72 -95.84
C ARG G 2648 58.88 -73.23 -96.02
N PRO G 2649 58.77 -73.70 -97.28
CA PRO G 2649 58.40 -75.10 -97.54
C PRO G 2649 59.39 -76.12 -96.99
N TYR G 2650 58.87 -77.25 -96.54
CA TYR G 2650 59.68 -78.29 -95.91
C TYR G 2650 60.70 -78.86 -96.89
N LYS G 2651 60.36 -78.83 -98.18
CA LYS G 2651 61.27 -79.29 -99.23
C LYS G 2651 62.51 -78.41 -99.33
N THR G 2652 62.35 -77.13 -99.01
CA THR G 2652 63.48 -76.19 -99.04
C THR G 2652 64.52 -76.53 -97.97
N PHE G 2653 64.07 -77.18 -96.90
CA PHE G 2653 64.94 -77.48 -95.77
C PHE G 2653 66.09 -78.41 -96.13
N SER G 2654 67.25 -78.13 -95.55
CA SER G 2654 68.33 -79.10 -95.45
C SER G 2654 67.91 -80.13 -94.43
N GLU G 2655 68.44 -81.35 -94.51
CA GLU G 2655 68.03 -82.41 -93.61
C GLU G 2655 68.30 -82.04 -92.16
N LYS G 2656 69.35 -81.28 -91.92
CA LYS G 2656 69.64 -80.80 -90.58
C LYS G 2656 68.56 -79.85 -90.06
N ASP G 2657 67.95 -79.06 -90.95
CA ASP G 2657 66.81 -78.25 -90.56
C ASP G 2657 65.61 -79.14 -90.22
N LYS G 2658 65.52 -80.27 -90.92
CA LYS G 2658 64.50 -81.26 -90.66
C LYS G 2658 64.71 -81.91 -89.29
N GLU G 2659 65.96 -81.96 -88.87
CA GLU G 2659 66.32 -82.57 -87.59
C GLU G 2659 65.73 -81.79 -86.42
N ILE G 2660 65.49 -80.50 -86.62
CA ILE G 2660 64.97 -79.65 -85.55
C ILE G 2660 63.58 -80.11 -85.13
N TYR G 2661 62.81 -80.62 -86.08
CA TYR G 2661 61.51 -81.21 -85.79
C TYR G 2661 61.61 -82.70 -85.50
N ARG G 2662 62.49 -83.38 -86.24
CA ARG G 2662 62.63 -84.83 -86.09
C ARG G 2662 63.13 -85.29 -84.74
N TRP G 2663 63.97 -84.47 -84.09
CA TRP G 2663 64.68 -84.95 -82.89
C TRP G 2663 63.77 -85.41 -81.75
N PRO G 2664 62.78 -84.59 -81.32
CA PRO G 2664 61.84 -85.14 -80.34
C PRO G 2664 61.12 -86.38 -80.83
N ILE G 2665 60.84 -86.40 -82.14
CA ILE G 2665 60.10 -87.50 -82.75
C ILE G 2665 60.93 -88.76 -82.71
N LYS G 2666 62.22 -88.61 -83.04
CA LYS G 2666 63.14 -89.72 -82.97
C LYS G 2666 63.32 -90.20 -81.54
N GLU G 2667 63.30 -89.27 -80.59
CA GLU G 2667 63.37 -89.65 -79.18
C GLU G 2667 62.11 -90.40 -78.77
N SER G 2668 61.00 -90.11 -79.43
CA SER G 2668 59.75 -90.81 -79.15
C SER G 2668 59.79 -92.24 -79.70
N LEU G 2669 60.25 -92.37 -80.93
CA LEU G 2669 60.35 -93.70 -81.52
C LEU G 2669 61.39 -94.56 -80.80
N LYS G 2670 62.44 -93.90 -80.31
CA LYS G 2670 63.41 -94.58 -79.46
C LYS G 2670 62.77 -94.95 -78.13
N ALA G 2671 61.84 -94.12 -77.68
CA ALA G 2671 61.11 -94.40 -76.46
C ALA G 2671 60.22 -95.62 -76.62
N MET G 2672 59.74 -95.83 -77.83
CA MET G 2672 58.90 -97.00 -78.09
C MET G 2672 59.73 -98.25 -78.30
N ILE G 2673 60.84 -98.12 -79.03
CA ILE G 2673 61.73 -99.25 -79.26
C ILE G 2673 62.43 -99.72 -77.97
N ALA G 2674 62.72 -98.79 -77.07
CA ALA G 2674 63.26 -99.16 -75.76
C ALA G 2674 62.22 -99.93 -74.95
N TRP G 2675 60.96 -99.55 -75.18
CA TRP G 2675 59.81 -100.24 -74.62
C TRP G 2675 59.44 -101.41 -75.53
N GLU G 2676 60.14 -101.49 -76.66
CA GLU G 2676 59.97 -102.56 -77.65
C GLU G 2676 58.55 -102.65 -78.17
N TRP G 2677 57.87 -101.51 -78.22
CA TRP G 2677 56.53 -101.46 -78.79
C TRP G 2677 56.55 -101.73 -80.29
N THR G 2678 55.60 -102.54 -80.75
CA THR G 2678 55.45 -102.82 -82.17
C THR G 2678 55.03 -101.58 -82.95
N ILE G 2679 55.69 -101.38 -84.10
CA ILE G 2679 55.42 -100.33 -85.06
C ILE G 2679 55.75 -100.90 -86.44
N GLU G 2680 54.84 -101.67 -87.02
CA GLU G 2680 55.22 -102.48 -88.18
C GLU G 2680 54.18 -102.49 -89.30
N LYS G 2681 54.64 -102.76 -90.51
CA LYS G 2681 53.82 -102.59 -91.71
C LYS G 2681 52.61 -103.50 -91.74
N ALA G 2682 51.49 -102.97 -92.22
CA ALA G 2682 50.25 -103.72 -92.33
C ALA G 2682 49.29 -103.01 -93.29
N ARG G 2683 48.35 -102.26 -92.72
CA ARG G 2683 47.37 -101.50 -93.50
C ARG G 2683 48.04 -100.41 -94.33
N GLU G 2684 47.53 -100.18 -95.54
CA GLU G 2684 48.04 -99.15 -96.43
C GLU G 2684 47.82 -97.75 -95.85
N GLY G 2685 48.77 -96.85 -96.10
CA GLY G 2685 48.68 -95.50 -95.60
C GLY G 2685 48.59 -94.45 -96.69
N GLU G 2686 47.51 -93.67 -96.67
CA GLU G 2686 47.30 -92.62 -97.66
C GLU G 2686 47.94 -91.31 -97.22
N TYR G 2705 37.86 -70.29 -94.81
CA TYR G 2705 39.32 -70.32 -94.83
C TYR G 2705 39.87 -69.93 -96.21
N ASP G 2706 40.17 -68.66 -96.38
CA ASP G 2706 40.84 -68.18 -97.59
C ASP G 2706 42.29 -68.64 -97.62
N PRO G 2707 42.78 -69.06 -98.80
CA PRO G 2707 44.19 -69.44 -98.94
C PRO G 2707 45.13 -68.26 -98.67
N ARG G 2708 46.29 -68.54 -98.09
CA ARG G 2708 47.29 -67.51 -97.83
C ARG G 2708 48.42 -67.53 -98.86
N GLU G 2709 49.08 -66.38 -99.03
CA GLU G 2709 50.24 -66.29 -99.90
C GLU G 2709 51.41 -67.03 -99.25
N GLY G 2710 52.34 -67.54 -100.05
CA GLY G 2710 53.42 -68.35 -99.55
C GLY G 2710 53.02 -69.81 -99.42
N TYR G 2711 53.87 -70.62 -98.80
CA TYR G 2711 53.66 -72.06 -98.71
C TYR G 2711 52.34 -72.38 -98.00
N ASN G 2712 51.60 -73.32 -98.57
CA ASN G 2712 50.23 -73.62 -98.13
C ASN G 2712 49.96 -75.10 -97.92
N PRO G 2713 50.43 -75.64 -96.78
CA PRO G 2713 50.15 -77.03 -96.43
C PRO G 2713 48.67 -77.28 -96.24
N GLN G 2714 48.22 -78.47 -96.62
CA GLN G 2714 46.81 -78.86 -96.47
C GLN G 2714 46.79 -80.21 -95.77
N PRO G 2715 47.05 -80.20 -94.46
CA PRO G 2715 47.36 -81.41 -93.70
C PRO G 2715 46.23 -82.43 -93.66
N PRO G 2716 46.59 -83.73 -93.66
CA PRO G 2716 45.66 -84.83 -93.40
C PRO G 2716 45.10 -84.72 -92.00
N ASP G 2717 43.84 -85.10 -91.81
CA ASP G 2717 43.18 -84.92 -90.52
C ASP G 2717 43.54 -86.01 -89.53
N LEU G 2718 44.73 -85.91 -88.94
CA LEU G 2718 45.18 -86.86 -87.92
C LEU G 2718 44.32 -86.84 -86.67
N SER G 2719 43.75 -85.68 -86.35
CA SER G 2719 42.96 -85.52 -85.14
C SER G 2719 41.70 -86.37 -85.18
N GLY G 2720 41.19 -86.63 -86.38
CA GLY G 2720 39.97 -87.40 -86.53
C GLY G 2720 40.22 -88.90 -86.44
N VAL G 2721 41.49 -89.29 -86.50
CA VAL G 2721 41.84 -90.69 -86.28
C VAL G 2721 41.50 -91.04 -84.84
N THR G 2722 40.98 -92.24 -84.60
CA THR G 2722 40.62 -92.65 -83.26
C THR G 2722 41.46 -93.83 -82.80
N LEU G 2723 42.39 -93.58 -81.88
CA LEU G 2723 43.16 -94.65 -81.28
C LEU G 2723 42.27 -95.55 -80.46
N SER G 2724 42.55 -96.85 -80.49
CA SER G 2724 41.89 -97.80 -79.60
C SER G 2724 42.39 -97.55 -78.18
N ARG G 2725 41.60 -97.93 -77.19
CA ARG G 2725 41.90 -97.59 -75.80
C ARG G 2725 43.26 -98.16 -75.38
N GLU G 2726 43.66 -99.26 -76.00
CA GLU G 2726 45.04 -99.71 -75.86
C GLU G 2726 46.03 -98.70 -76.42
N LEU G 2727 45.79 -98.27 -77.66
CA LEU G 2727 46.65 -97.26 -78.28
C LEU G 2727 46.52 -95.90 -77.60
N GLN G 2728 45.33 -95.61 -77.06
CA GLN G 2728 45.16 -94.39 -76.28
C GLN G 2728 45.99 -94.44 -75.00
N ALA G 2729 46.09 -95.64 -74.42
CA ALA G 2729 46.97 -95.84 -73.28
C ALA G 2729 48.42 -95.70 -73.70
N MET G 2730 48.71 -96.09 -74.93
CA MET G 2730 50.05 -95.96 -75.46
C MET G 2730 50.44 -94.49 -75.63
N ALA G 2731 49.50 -93.68 -76.09
CA ALA G 2731 49.70 -92.25 -76.17
C ALA G 2731 49.81 -91.65 -74.77
N GLU G 2732 49.10 -92.24 -73.83
CA GLU G 2732 49.15 -91.81 -72.44
C GLU G 2732 50.54 -92.04 -71.87
N GLN G 2733 51.16 -93.12 -72.31
CA GLN G 2733 52.45 -93.53 -71.78
C GLN G 2733 53.60 -92.81 -72.47
N LEU G 2734 53.47 -92.57 -73.77
CA LEU G 2734 54.44 -91.73 -74.46
C LEU G 2734 54.38 -90.29 -73.98
N ALA G 2735 53.17 -89.82 -73.68
CA ALA G 2735 53.02 -88.50 -73.07
C ALA G 2735 53.61 -88.52 -71.67
N GLU G 2736 53.50 -89.66 -71.00
CA GLU G 2736 54.10 -89.83 -69.69
C GLU G 2736 55.62 -89.73 -69.81
N ASN G 2737 56.16 -90.25 -70.91
CA ASN G 2737 57.58 -90.10 -71.17
C ASN G 2737 57.96 -88.67 -71.52
N TYR G 2738 57.07 -87.94 -72.17
CA TYR G 2738 57.33 -86.52 -72.43
C TYR G 2738 57.35 -85.75 -71.12
N HIS G 2739 56.53 -86.20 -70.19
CA HIS G 2739 56.42 -85.55 -68.88
C HIS G 2739 57.66 -85.83 -68.05
N ASN G 2740 58.07 -87.10 -68.00
CA ASN G 2740 59.28 -87.48 -67.29
C ASN G 2740 60.55 -86.93 -67.92
N THR G 2741 60.55 -86.77 -69.24
CA THR G 2741 61.74 -86.27 -69.92
C THR G 2741 61.87 -84.76 -69.79
N TRP G 2742 60.79 -84.04 -70.09
CA TRP G 2742 60.84 -82.60 -69.98
C TRP G 2742 60.98 -82.20 -68.52
N GLY G 2743 60.41 -83.02 -67.64
CA GLY G 2743 60.50 -82.76 -66.21
C GLY G 2743 61.84 -83.12 -65.59
N ARG G 2744 62.49 -84.16 -66.11
CA ARG G 2744 63.81 -84.52 -65.59
C ARG G 2744 64.83 -83.52 -66.09
N LYS G 2745 64.68 -83.13 -67.36
CA LYS G 2745 65.54 -82.09 -67.90
C LYS G 2745 65.29 -80.77 -67.19
N LYS G 2746 64.04 -80.55 -66.80
CA LYS G 2746 63.68 -79.37 -66.02
C LYS G 2746 64.29 -79.39 -64.62
N LYS G 2747 64.40 -80.57 -64.03
CA LYS G 2747 64.95 -80.66 -62.68
C LYS G 2747 66.46 -80.56 -62.69
N GLN G 2748 67.09 -81.20 -63.66
CA GLN G 2748 68.53 -81.09 -63.82
C GLN G 2748 68.91 -79.68 -64.22
N GLU G 2749 68.00 -79.00 -64.91
CA GLU G 2749 68.22 -77.61 -65.32
C GLU G 2749 68.09 -76.66 -64.13
N LEU G 2750 67.05 -76.85 -63.33
CA LEU G 2750 66.89 -76.03 -62.13
C LEU G 2750 68.01 -76.27 -61.13
N GLU G 2751 68.51 -77.50 -61.09
CA GLU G 2751 69.65 -77.81 -60.23
C GLU G 2751 70.96 -77.35 -60.87
N ALA G 2752 70.93 -77.05 -62.16
CA ALA G 2752 72.10 -76.48 -62.82
C ALA G 2752 72.18 -74.98 -62.57
N LYS G 2753 71.05 -74.29 -62.68
CA LYS G 2753 70.99 -72.87 -62.41
C LYS G 2753 70.84 -72.55 -60.92
N GLY G 2754 70.56 -73.58 -60.12
CA GLY G 2754 70.34 -73.35 -58.70
C GLY G 2754 68.96 -72.79 -58.42
N GLY G 2755 68.09 -72.87 -59.43
CA GLY G 2755 66.79 -72.22 -59.36
C GLY G 2755 65.73 -72.97 -58.57
N GLY G 2756 64.57 -72.35 -58.45
CA GLY G 2756 63.51 -72.85 -57.60
C GLY G 2756 62.78 -74.09 -58.11
N THR G 2757 61.53 -73.92 -58.52
CA THR G 2757 60.69 -75.07 -58.87
C THR G 2757 59.58 -74.71 -59.87
N HIS G 2758 58.98 -75.73 -60.47
CA HIS G 2758 57.98 -75.54 -61.51
C HIS G 2758 56.73 -76.35 -61.16
N PRO G 2759 55.54 -75.85 -61.57
CA PRO G 2759 54.26 -76.53 -61.32
C PRO G 2759 54.15 -77.94 -61.91
N LEU G 2760 54.79 -78.17 -63.04
CA LEU G 2760 54.70 -79.47 -63.72
C LEU G 2760 55.62 -80.52 -63.09
N LEU G 2761 56.44 -80.12 -62.14
CA LEU G 2761 57.34 -81.07 -61.49
C LEU G 2761 56.60 -81.98 -60.52
N VAL G 2762 55.57 -82.65 -61.05
CA VAL G 2762 54.77 -83.61 -60.30
C VAL G 2762 54.58 -84.88 -61.13
N PRO G 2763 54.33 -86.03 -60.47
CA PRO G 2763 54.19 -87.31 -61.18
C PRO G 2763 53.04 -87.31 -62.17
N TYR G 2764 53.20 -88.00 -63.29
CA TYR G 2764 52.31 -87.83 -64.43
C TYR G 2764 50.87 -88.20 -64.10
N ASP G 2765 50.69 -89.16 -63.20
CA ASP G 2765 49.36 -89.50 -62.68
C ASP G 2765 48.77 -88.43 -61.76
N THR G 2766 49.62 -87.62 -61.13
CA THR G 2766 49.15 -86.52 -60.29
C THR G 2766 48.48 -85.45 -61.13
N LEU G 2767 48.85 -85.38 -62.40
CA LEU G 2767 48.40 -84.32 -63.28
C LEU G 2767 46.89 -84.35 -63.44
N THR G 2768 46.28 -83.17 -63.47
CA THR G 2768 44.88 -83.04 -63.83
C THR G 2768 44.79 -83.48 -65.29
N ALA G 2769 43.65 -84.03 -65.69
CA ALA G 2769 43.55 -84.65 -67.00
C ALA G 2769 43.82 -83.63 -68.11
N LYS G 2770 43.46 -82.37 -67.86
CA LYS G 2770 43.83 -81.31 -68.78
C LYS G 2770 45.34 -81.09 -68.87
N GLU G 2771 46.05 -81.24 -67.75
CA GLU G 2771 47.51 -81.18 -67.76
C GLU G 2771 48.12 -82.36 -68.51
N LYS G 2772 47.45 -83.50 -68.44
CA LYS G 2772 47.88 -84.68 -69.18
C LYS G 2772 47.70 -84.45 -70.68
N ALA G 2773 46.72 -83.63 -71.04
CA ALA G 2773 46.35 -83.47 -72.44
C ALA G 2773 47.45 -82.89 -73.35
N ARG G 2774 48.18 -81.89 -72.88
CA ARG G 2774 49.06 -81.13 -73.77
C ARG G 2774 50.19 -81.91 -74.45
N ASP G 2775 50.92 -82.71 -73.69
CA ASP G 2775 51.91 -83.63 -74.27
C ASP G 2775 51.20 -84.72 -75.06
N ARG G 2776 50.08 -85.16 -74.49
CA ARG G 2776 49.27 -86.25 -75.02
C ARG G 2776 48.82 -85.92 -76.43
N GLU G 2777 48.48 -84.65 -76.65
CA GLU G 2777 48.04 -84.26 -77.99
C GLU G 2777 49.17 -84.41 -78.98
N LYS G 2778 50.41 -84.27 -78.50
CA LYS G 2778 51.54 -84.58 -79.35
C LYS G 2778 51.69 -86.08 -79.49
N ALA G 2779 51.56 -86.80 -78.39
CA ALA G 2779 51.74 -88.25 -78.44
C ALA G 2779 50.64 -88.87 -79.28
N GLN G 2780 49.42 -88.36 -79.12
CA GLN G 2780 48.31 -88.80 -79.94
C GLN G 2780 48.56 -88.42 -81.39
N GLU G 2781 49.26 -87.31 -81.59
N GLU G 2781 49.25 -87.30 -81.60
CA GLU G 2781 49.59 -86.88 -82.94
CA GLU G 2781 49.59 -86.89 -82.95
C GLU G 2781 50.53 -87.89 -83.58
C GLU G 2781 50.54 -87.89 -83.60
N LEU G 2782 51.32 -88.56 -82.75
CA LEU G 2782 52.28 -89.55 -83.26
C LEU G 2782 51.55 -90.83 -83.65
N LEU G 2783 50.94 -91.48 -82.65
CA LEU G 2783 50.36 -92.80 -82.89
C LEU G 2783 49.23 -92.78 -83.90
N LYS G 2784 48.44 -91.70 -83.91
CA LYS G 2784 47.37 -91.60 -84.90
C LYS G 2784 47.97 -91.52 -86.30
N PHE G 2785 49.12 -90.85 -86.41
CA PHE G 2785 49.78 -90.72 -87.71
C PHE G 2785 50.24 -92.11 -88.13
N LEU G 2786 50.53 -92.95 -87.14
CA LEU G 2786 50.82 -94.34 -87.42
C LEU G 2786 49.57 -95.02 -87.93
N GLN G 2787 48.46 -94.80 -87.24
CA GLN G 2787 47.19 -95.43 -87.60
C GLN G 2787 46.70 -94.95 -88.96
N MET G 2788 46.99 -93.68 -89.28
CA MET G 2788 46.67 -93.17 -90.60
C MET G 2788 47.51 -93.84 -91.66
N ASN G 2789 48.74 -94.20 -91.29
CA ASN G 2789 49.62 -94.93 -92.20
C ASN G 2789 49.35 -96.42 -92.14
N GLY G 2790 48.51 -96.82 -91.18
CA GLY G 2790 48.02 -98.17 -91.11
C GLY G 2790 48.92 -99.19 -90.45
N TYR G 2791 50.06 -98.74 -89.91
CA TYR G 2791 50.96 -99.65 -89.23
C TYR G 2791 50.29 -100.27 -88.01
N ALA G 2792 50.53 -101.56 -87.77
CA ALA G 2792 50.19 -102.15 -86.50
C ALA G 2792 51.07 -101.50 -85.44
N VAL G 2793 50.47 -101.13 -84.32
CA VAL G 2793 51.17 -100.35 -83.29
C VAL G 2793 50.67 -100.76 -81.92
N THR G 2794 51.50 -101.45 -81.15
CA THR G 2794 51.05 -102.01 -79.86
C THR G 2794 52.15 -102.00 -78.81
N ARG G 2795 51.77 -102.11 -77.53
CA ARG G 2795 52.78 -102.20 -76.47
C ARG G 2795 53.60 -103.48 -76.60
N GLY G 2796 52.99 -104.51 -77.19
CA GLY G 2796 53.66 -105.77 -77.42
C GLY G 2796 54.08 -106.47 -76.15
N UNK G 2797 36.54 -102.17 -62.52
CA UNK G 2797 35.68 -102.98 -63.37
C UNK G 2797 36.08 -104.45 -63.30
N UNK G 2798 36.11 -105.13 -64.44
CA UNK G 2798 36.48 -106.53 -64.51
C UNK G 2798 37.94 -106.73 -64.11
N UNK G 2799 38.74 -105.68 -64.29
CA UNK G 2799 40.15 -105.73 -63.92
C UNK G 2799 40.30 -105.94 -62.42
N UNK G 2800 39.33 -105.44 -61.66
CA UNK G 2800 39.28 -105.70 -60.22
C UNK G 2800 39.00 -107.18 -59.95
N UNK G 2801 38.29 -107.82 -60.87
CA UNK G 2801 37.99 -109.24 -60.74
C UNK G 2801 39.19 -110.11 -61.09
N UNK G 2802 39.90 -109.75 -62.16
CA UNK G 2802 41.14 -110.46 -62.46
C UNK G 2802 42.17 -110.23 -61.36
N UNK G 2803 42.12 -109.04 -60.77
CA UNK G 2803 42.95 -108.73 -59.60
C UNK G 2803 42.51 -109.60 -58.44
N UNK G 2804 41.22 -109.91 -58.38
CA UNK G 2804 40.72 -110.83 -57.38
C UNK G 2804 41.24 -112.24 -57.64
N UNK G 2805 41.45 -112.59 -58.91
CA UNK G 2805 42.12 -113.85 -59.24
C UNK G 2805 43.58 -113.82 -58.80
N UNK G 2806 44.21 -112.65 -58.88
CA UNK G 2806 45.55 -112.51 -58.36
C UNK G 2806 45.54 -112.70 -56.85
N UNK G 2807 44.45 -112.25 -56.23
CA UNK G 2807 44.23 -112.47 -54.82
C UNK G 2807 44.00 -113.95 -54.54
N UNK G 2808 43.45 -114.68 -55.51
CA UNK G 2808 43.37 -116.12 -55.41
C UNK G 2808 44.76 -116.75 -55.47
N UNK G 2809 45.66 -116.13 -56.22
CA UNK G 2809 47.04 -116.61 -56.27
C UNK G 2809 47.74 -116.37 -54.94
N UNK G 2810 47.50 -115.20 -54.37
CA UNK G 2810 48.04 -114.87 -53.06
C UNK G 2810 47.43 -115.79 -52.02
N UNK G 2811 46.19 -116.20 -52.25
CA UNK G 2811 45.52 -117.19 -51.42
C UNK G 2811 46.17 -118.56 -51.56
N UNK G 2812 46.69 -118.87 -52.75
CA UNK G 2812 47.45 -120.10 -52.92
C UNK G 2812 48.74 -120.02 -52.13
N UNK G 2813 49.30 -118.82 -52.08
CA UNK G 2813 50.47 -118.59 -51.23
C UNK G 2813 50.08 -118.76 -49.76
N UNK G 2814 48.84 -118.39 -49.44
CA UNK G 2814 48.31 -118.60 -48.09
C UNK G 2814 48.15 -120.07 -47.78
N UNK G 2815 47.84 -120.87 -48.79
CA UNK G 2815 47.82 -122.31 -48.64
C UNK G 2815 49.23 -122.84 -48.42
N UNK G 2816 50.21 -122.20 -49.08
CA UNK G 2816 51.59 -122.57 -48.86
C UNK G 2816 52.01 -122.25 -47.42
N UNK G 2817 51.47 -121.17 -46.88
CA UNK G 2817 51.62 -120.88 -45.47
C UNK G 2817 50.91 -121.90 -44.59
N UNK G 2818 49.78 -122.42 -45.10
CA UNK G 2818 49.00 -123.41 -44.38
C UNK G 2818 49.76 -124.72 -44.27
N UNK G 2819 50.63 -124.96 -45.25
CA UNK G 2819 51.50 -126.12 -45.23
C UNK G 2819 52.48 -126.04 -44.06
N UNK G 2820 52.79 -124.81 -43.65
CA UNK G 2820 53.71 -124.60 -42.55
C UNK G 2820 52.97 -124.59 -41.21
N UNK G 2821 55.00 -113.33 -41.36
CA UNK G 2821 54.64 -111.92 -41.30
C UNK G 2821 53.62 -111.58 -42.39
N UNK G 2822 53.77 -112.21 -43.54
CA UNK G 2822 52.89 -111.95 -44.68
C UNK G 2822 51.45 -112.38 -44.40
N UNK G 2823 51.28 -113.36 -43.51
CA UNK G 2823 49.97 -113.94 -43.28
C UNK G 2823 48.96 -112.94 -42.72
N UNK G 2824 49.41 -112.01 -41.90
CA UNK G 2824 48.52 -110.96 -41.43
C UNK G 2824 48.06 -110.08 -42.58
N UNK G 2825 48.94 -109.86 -43.55
CA UNK G 2825 48.59 -109.15 -44.76
C UNK G 2825 47.59 -109.95 -45.58
N UNK G 2826 47.72 -111.27 -45.51
CA UNK G 2826 46.75 -112.16 -46.15
C UNK G 2826 45.40 -112.05 -45.46
N UNK G 2827 45.41 -111.77 -44.16
CA UNK G 2827 44.19 -111.61 -43.40
C UNK G 2827 43.51 -110.29 -43.73
N UNK G 2828 44.30 -109.23 -43.83
CA UNK G 2828 43.76 -107.94 -44.23
C UNK G 2828 43.25 -108.01 -45.66
N UNK G 2829 43.92 -108.82 -46.47
CA UNK G 2829 43.45 -109.10 -47.82
C UNK G 2829 42.15 -109.87 -47.83
N UNK G 2830 41.97 -110.74 -46.82
CA UNK G 2830 40.69 -111.43 -46.65
C UNK G 2830 39.60 -110.44 -46.27
N UNK G 2831 39.99 -109.42 -45.50
CA UNK G 2831 39.04 -108.39 -45.10
C UNK G 2831 38.62 -107.57 -46.31
N UNK G 2832 39.60 -107.25 -47.15
CA UNK G 2832 39.32 -106.53 -48.39
C UNK G 2832 38.46 -107.39 -49.32
N UNK G 2833 38.67 -108.69 -49.26
CA UNK G 2833 37.85 -109.64 -50.03
C UNK G 2833 36.42 -109.66 -49.50
N UNK G 2834 36.27 -109.44 -48.20
CA UNK G 2834 34.95 -109.42 -47.59
C UNK G 2834 34.21 -108.15 -47.96
N UNK G 2835 34.91 -107.03 -47.88
CA UNK G 2835 34.30 -105.76 -48.26
C UNK G 2835 33.98 -105.74 -49.75
N UNK G 2836 34.83 -106.39 -50.55
CA UNK G 2836 34.56 -106.53 -51.97
C UNK G 2836 33.35 -107.42 -52.19
N UNK G 2837 33.19 -108.41 -51.32
CA UNK G 2837 32.03 -109.29 -51.39
C UNK G 2837 30.76 -108.52 -51.07
N UNK G 2838 30.89 -107.54 -50.19
CA UNK G 2838 29.75 -106.68 -49.86
C UNK G 2838 29.37 -105.83 -51.07
N UNK G 2839 30.36 -105.54 -51.90
CA UNK G 2839 30.15 -104.70 -53.07
C UNK G 2839 29.51 -105.48 -54.22
N UNK G 2840 29.45 -106.79 -54.07
CA UNK G 2840 28.87 -107.65 -55.09
C UNK G 2840 27.42 -108.00 -54.77
N UNK G 2841 31.82 -112.43 -66.81
CA UNK G 2841 31.06 -112.66 -65.59
C UNK G 2841 31.37 -114.04 -65.00
N UNK G 2842 31.75 -114.97 -65.86
CA UNK G 2842 32.13 -116.31 -65.42
C UNK G 2842 33.40 -116.26 -64.57
N UNK G 2843 34.21 -115.24 -64.80
CA UNK G 2843 35.43 -115.07 -64.01
C UNK G 2843 35.09 -114.84 -62.55
N UNK G 2844 33.96 -114.20 -62.28
CA UNK G 2844 33.48 -114.05 -60.92
C UNK G 2844 33.11 -115.40 -60.30
N UNK G 2845 32.58 -116.29 -61.13
CA UNK G 2845 32.33 -117.66 -60.69
C UNK G 2845 33.64 -118.37 -60.41
N UNK G 2846 34.68 -118.02 -61.17
CA UNK G 2846 36.00 -118.56 -60.89
C UNK G 2846 36.53 -118.02 -59.57
N UNK G 2847 36.16 -116.79 -59.24
CA UNK G 2847 36.48 -116.24 -57.93
C UNK G 2847 35.72 -116.99 -56.84
N UNK G 2848 34.51 -117.43 -57.18
CA UNK G 2848 33.76 -118.28 -56.26
C UNK G 2848 34.47 -119.60 -56.07
N UNK G 2849 35.11 -120.09 -57.13
CA UNK G 2849 35.93 -121.30 -57.03
C UNK G 2849 37.16 -121.05 -56.16
N UNK G 2850 37.69 -119.84 -56.22
CA UNK G 2850 38.79 -119.47 -55.33
C UNK G 2850 38.31 -119.46 -53.89
N UNK G 2851 37.05 -119.06 -53.71
CA UNK G 2851 36.44 -119.09 -52.40
C UNK G 2851 36.27 -120.54 -51.94
N UNK G 2852 36.03 -121.43 -52.89
CA UNK G 2852 36.00 -122.86 -52.60
C UNK G 2852 37.37 -123.38 -52.19
N UNK G 2853 38.42 -122.80 -52.77
CA UNK G 2853 39.78 -123.21 -52.45
C UNK G 2853 40.18 -122.75 -51.07
N UNK G 2854 39.86 -121.51 -50.75
CA UNK G 2854 40.09 -120.99 -49.40
C UNK G 2854 39.22 -121.74 -48.41
N UNK G 2855 38.06 -122.18 -48.86
CA UNK G 2855 37.18 -123.02 -48.06
C UNK G 2855 37.80 -124.38 -47.80
N UNK G 2856 38.60 -124.86 -48.75
CA UNK G 2856 39.29 -126.13 -48.59
C UNK G 2856 40.46 -125.99 -47.62
N UNK G 2857 41.23 -124.93 -47.78
CA UNK G 2857 42.37 -124.71 -46.89
C UNK G 2857 41.87 -124.45 -45.47
N UNK G 2858 40.72 -123.79 -45.35
CA UNK G 2858 40.04 -123.66 -44.07
C UNK G 2858 39.52 -125.00 -43.58
N UNK G 2859 39.12 -125.85 -44.52
CA UNK G 2859 38.60 -127.17 -44.19
C UNK G 2859 39.69 -128.04 -43.59
N UNK G 2860 40.93 -127.79 -43.97
CA UNK G 2860 42.05 -128.52 -43.40
C UNK G 2860 42.19 -128.21 -41.91
N UNK G 2861 41.86 -126.99 -41.54
CA UNK G 2861 41.91 -126.56 -40.14
C UNK G 2861 40.66 -126.93 -39.36
N UNK G 2862 39.63 -127.39 -40.06
CA UNK G 2862 38.33 -127.66 -39.45
C UNK G 2862 38.38 -128.80 -38.42
N UNK G 2863 39.32 -129.72 -38.60
CA UNK G 2863 39.46 -130.86 -37.70
C UNK G 2863 40.85 -131.49 -37.82
N UNK G 2864 46.23 -115.01 -35.98
CA UNK G 2864 45.91 -116.00 -34.96
C UNK G 2864 44.48 -116.51 -35.12
N UNK G 2865 43.83 -116.81 -34.00
CA UNK G 2865 42.45 -117.28 -34.03
C UNK G 2865 41.50 -116.22 -34.56
N UNK G 2866 41.84 -114.95 -34.36
CA UNK G 2866 41.03 -113.86 -34.88
C UNK G 2866 41.04 -113.87 -36.40
N UNK G 2867 42.18 -114.29 -36.97
CA UNK G 2867 42.27 -114.48 -38.41
C UNK G 2867 41.37 -115.62 -38.86
N UNK G 2868 41.22 -116.63 -38.00
CA UNK G 2868 40.26 -117.70 -38.29
C UNK G 2868 38.82 -117.18 -38.25
N UNK G 2869 38.56 -116.24 -37.35
CA UNK G 2869 37.26 -115.60 -37.31
C UNK G 2869 37.03 -114.79 -38.58
N UNK G 2870 38.10 -114.19 -39.08
CA UNK G 2870 38.05 -113.48 -40.35
C UNK G 2870 37.78 -114.46 -41.48
N UNK G 2871 38.30 -115.67 -41.33
CA UNK G 2871 38.03 -116.74 -42.28
C UNK G 2871 36.57 -117.17 -42.21
N UNK G 2872 35.97 -117.02 -41.03
CA UNK G 2872 34.56 -117.38 -40.87
C UNK G 2872 33.65 -116.33 -41.51
N UNK G 2873 33.94 -115.06 -41.26
CA UNK G 2873 33.16 -114.00 -41.88
C UNK G 2873 33.38 -114.03 -43.40
N UNK G 2874 34.60 -114.38 -43.81
CA UNK G 2874 34.89 -114.55 -45.22
C UNK G 2874 34.14 -115.74 -45.79
N UNK G 2875 33.91 -116.75 -44.96
CA UNK G 2875 33.08 -117.88 -45.35
C UNK G 2875 31.64 -117.44 -45.54
N UNK G 2876 31.19 -116.49 -44.72
CA UNK G 2876 29.87 -115.92 -44.92
C UNK G 2876 29.85 -115.14 -46.23
N UNK G 2877 30.98 -114.52 -46.57
CA UNK G 2877 31.10 -113.83 -47.84
C UNK G 2877 31.05 -114.82 -49.00
N UNK G 2878 31.59 -116.02 -48.77
CA UNK G 2878 31.47 -117.09 -49.75
C UNK G 2878 30.03 -117.55 -49.88
N UNK G 2879 29.29 -117.47 -48.78
CA UNK G 2879 27.86 -117.77 -48.83
C UNK G 2879 27.14 -116.71 -49.67
N UNK G 2880 27.63 -115.47 -49.57
CA UNK G 2880 27.11 -114.42 -50.42
C UNK G 2880 27.47 -114.68 -51.88
N UNK G 2881 28.64 -115.28 -52.10
CA UNK G 2881 29.03 -115.67 -53.46
C UNK G 2881 28.14 -116.76 -54.00
N UNK G 2882 27.67 -117.62 -53.10
CA UNK G 2882 26.65 -118.61 -53.44
C UNK G 2882 25.32 -117.92 -53.71
N UNK G 2883 25.12 -116.77 -53.07
CA UNK G 2883 23.90 -116.00 -53.26
C UNK G 2883 23.95 -115.15 -54.52
N UNK G 2884 25.15 -115.05 -55.11
CA UNK G 2884 25.35 -114.24 -56.31
C UNK G 2884 24.56 -114.77 -57.51
N UNK G 2885 24.32 -116.09 -57.52
CA UNK G 2885 23.61 -116.73 -58.62
C UNK G 2885 22.26 -117.28 -58.16
N UNK G 2886 34.58 -127.20 -57.74
CA UNK G 2886 33.21 -127.31 -58.24
C UNK G 2886 32.47 -128.44 -57.51
N UNK G 2887 32.68 -129.67 -57.98
CA UNK G 2887 32.05 -130.83 -57.37
C UNK G 2887 32.75 -131.22 -56.08
N UNK G 2888 33.93 -130.66 -55.85
CA UNK G 2888 34.76 -131.02 -54.70
C UNK G 2888 34.07 -130.67 -53.40
N UNK G 2889 33.21 -129.66 -53.44
CA UNK G 2889 32.47 -129.25 -52.26
C UNK G 2889 31.55 -130.36 -51.78
N UNK G 2890 31.08 -131.19 -52.71
CA UNK G 2890 30.23 -132.30 -52.34
C UNK G 2890 31.02 -133.26 -51.45
N UNK G 2891 32.32 -133.38 -51.74
CA UNK G 2891 33.18 -134.25 -50.95
C UNK G 2891 33.28 -133.72 -49.54
N UNK G 2892 33.15 -132.40 -49.39
CA UNK G 2892 33.19 -131.79 -48.07
C UNK G 2892 32.02 -132.29 -47.23
N UNK G 2893 30.89 -132.57 -47.88
CA UNK G 2893 29.78 -133.17 -47.15
C UNK G 2893 30.14 -134.56 -46.66
N UNK G 2894 30.91 -135.28 -47.48
CA UNK G 2894 31.20 -136.68 -47.22
C UNK G 2894 32.01 -136.83 -45.94
N UNK G 2895 32.84 -135.84 -45.65
CA UNK G 2895 33.56 -135.80 -44.39
C UNK G 2895 32.66 -135.26 -43.29
N UNK G 2896 31.86 -134.25 -43.63
CA UNK G 2896 31.04 -133.59 -42.63
C UNK G 2896 29.98 -134.50 -42.03
N UNK G 2897 29.48 -135.44 -42.84
CA UNK G 2897 28.47 -136.36 -42.36
C UNK G 2897 29.07 -137.53 -41.61
N UNK G 2898 30.12 -138.12 -42.18
CA UNK G 2898 30.75 -139.28 -41.56
C UNK G 2898 31.38 -138.92 -40.23
N UNK G 2899 31.92 -137.71 -40.13
CA UNK G 2899 32.46 -137.23 -38.87
C UNK G 2899 31.33 -137.09 -37.86
N UNK G 2900 30.15 -136.74 -38.37
CA UNK G 2900 28.97 -136.66 -37.52
C UNK G 2900 28.61 -138.04 -37.00
N UNK G 2901 28.89 -139.07 -37.80
CA UNK G 2901 28.68 -140.42 -37.29
C UNK G 2901 29.62 -140.67 -36.13
N UNK G 2902 30.83 -140.11 -36.21
CA UNK G 2902 31.76 -140.20 -35.10
C UNK G 2902 31.21 -139.40 -33.93
N UNK G 2903 30.46 -138.34 -34.26
CA UNK G 2903 29.84 -137.52 -33.23
C UNK G 2903 28.76 -138.33 -32.51
N UNK G 2904 28.24 -139.36 -33.19
CA UNK G 2904 27.27 -140.23 -32.54
C UNK G 2904 27.92 -140.98 -31.38
N UNK G 2905 29.24 -141.20 -31.47
CA UNK G 2905 29.96 -141.86 -30.39
C UNK G 2905 29.96 -141.02 -29.13
N UNK G 2906 29.84 -139.70 -29.31
CA UNK G 2906 29.84 -138.78 -28.17
C UNK G 2906 28.53 -138.86 -27.39
N UNK G 2907 37.05 -129.57 -33.33
CA UNK G 2907 35.90 -130.39 -33.67
C UNK G 2907 34.73 -129.53 -34.15
N UNK G 2908 34.43 -128.48 -33.39
CA UNK G 2908 33.31 -127.61 -33.69
C UNK G 2908 33.50 -126.86 -35.01
N UNK G 2909 34.76 -126.64 -35.39
CA UNK G 2909 35.04 -125.87 -36.60
C UNK G 2909 34.50 -126.54 -37.85
N UNK G 2910 34.49 -127.88 -37.86
CA UNK G 2910 33.89 -128.59 -38.99
C UNK G 2910 32.38 -128.34 -39.02
N UNK G 2911 31.78 -128.19 -37.85
CA UNK G 2911 30.37 -127.83 -37.76
C UNK G 2911 30.16 -126.40 -38.24
N UNK G 2912 31.18 -125.56 -38.07
CA UNK G 2912 31.10 -124.18 -38.51
C UNK G 2912 31.16 -124.08 -40.02
N UNK G 2913 32.10 -124.81 -40.63
CA UNK G 2913 32.19 -124.85 -42.08
C UNK G 2913 30.94 -125.51 -42.67
N UNK G 2914 30.40 -126.48 -41.95
CA UNK G 2914 29.15 -127.12 -42.35
C UNK G 2914 28.00 -126.14 -42.26
N UNK G 2915 28.09 -125.21 -41.32
CA UNK G 2915 27.04 -124.21 -41.12
C UNK G 2915 27.07 -123.16 -42.22
N UNK G 2916 28.27 -122.67 -42.54
CA UNK G 2916 28.41 -121.71 -43.63
C UNK G 2916 28.05 -122.36 -44.96
N UNK G 2917 28.38 -123.64 -45.10
CA UNK G 2917 27.99 -124.38 -46.27
C UNK G 2917 26.48 -124.56 -46.33
N UNK G 2918 25.85 -124.66 -45.15
CA UNK G 2918 24.40 -124.71 -45.08
C UNK G 2918 23.78 -123.39 -45.50
N UNK G 2919 24.46 -122.30 -45.16
CA UNK G 2919 24.02 -120.98 -45.61
C UNK G 2919 24.16 -120.88 -47.12
N UNK G 2920 25.20 -121.53 -47.65
CA UNK G 2920 25.35 -121.58 -49.10
C UNK G 2920 24.24 -122.40 -49.73
N UNK G 2921 23.78 -123.41 -49.00
CA UNK G 2921 22.63 -124.20 -49.44
C UNK G 2921 21.35 -123.36 -49.42
N UNK G 2922 21.25 -122.45 -48.46
CA UNK G 2922 20.14 -121.51 -48.44
C UNK G 2922 20.24 -120.57 -49.63
N UNK G 2923 21.47 -120.23 -50.01
CA UNK G 2923 21.68 -119.43 -51.21
C UNK G 2923 21.26 -120.19 -52.45
N UNK G 2924 21.45 -121.52 -52.42
CA UNK G 2924 20.95 -122.37 -53.47
C UNK G 2924 19.43 -122.39 -53.48
N UNK G 2925 18.83 -122.27 -52.30
CA UNK G 2925 17.39 -122.16 -52.19
C UNK G 2925 16.91 -120.84 -52.79
N UNK G 2926 17.76 -119.82 -52.71
CA UNK G 2926 17.48 -118.56 -53.39
C UNK G 2926 17.53 -118.74 -54.91
N UNK G 2927 18.29 -119.74 -55.35
CA UNK G 2927 18.45 -120.00 -56.78
C UNK G 2927 17.55 -121.15 -57.24
N UNK G 2928 25.54 -135.22 -58.23
CA UNK G 2928 25.29 -134.01 -57.45
C UNK G 2928 24.29 -134.27 -56.33
N UNK G 2929 23.19 -134.95 -56.68
CA UNK G 2929 22.17 -135.31 -55.70
C UNK G 2929 22.70 -136.30 -54.66
N UNK G 2930 23.73 -137.05 -55.03
CA UNK G 2930 24.31 -138.03 -54.12
C UNK G 2930 24.90 -137.35 -52.89
N UNK G 2931 25.40 -136.13 -53.06
CA UNK G 2931 25.85 -135.34 -51.93
C UNK G 2931 24.68 -135.03 -51.00
N UNK G 2932 23.51 -134.81 -51.59
CA UNK G 2932 22.30 -134.63 -50.81
C UNK G 2932 21.92 -135.93 -50.11
N UNK G 2933 22.26 -137.05 -50.72
CA UNK G 2933 22.08 -138.34 -50.05
C UNK G 2933 23.04 -138.46 -48.87
N UNK G 2934 24.22 -137.85 -48.99
CA UNK G 2934 25.13 -137.76 -47.86
C UNK G 2934 24.55 -136.86 -46.79
N UNK G 2935 23.80 -135.85 -47.21
CA UNK G 2935 23.08 -135.01 -46.27
C UNK G 2935 22.00 -135.82 -45.56
N UNK G 2936 21.44 -136.79 -46.28
CA UNK G 2936 20.50 -137.72 -45.68
C UNK G 2936 21.21 -138.61 -44.68
N UNK G 2937 22.49 -138.90 -44.95
CA UNK G 2937 23.29 -139.63 -43.98
C UNK G 2937 23.53 -138.79 -42.75
N UNK G 2938 23.63 -137.48 -42.94
CA UNK G 2938 23.68 -136.57 -41.80
C UNK G 2938 22.35 -136.57 -41.04
N UNK G 2939 21.26 -136.75 -41.78
CA UNK G 2939 19.95 -136.83 -41.17
C UNK G 2939 19.83 -138.08 -40.33
N UNK G 2940 20.45 -139.16 -40.79
CA UNK G 2940 20.56 -140.37 -39.97
C UNK G 2940 21.46 -140.12 -38.78
N UNK G 2941 22.46 -139.27 -38.98
CA UNK G 2941 23.39 -138.94 -37.91
C UNK G 2941 22.71 -138.17 -36.78
N UNK G 2942 21.72 -137.37 -37.13
CA UNK G 2942 20.99 -136.60 -36.12
C UNK G 2942 19.82 -137.37 -35.52
N UNK G 2943 19.06 -138.06 -36.38
CA UNK G 2943 17.87 -138.77 -35.93
C UNK G 2943 18.18 -139.96 -35.03
N UNK G 2944 19.35 -140.57 -35.24
CA UNK G 2944 19.72 -141.77 -34.48
C UNK G 2944 19.95 -141.47 -33.01
N UNK G 2945 20.33 -140.25 -32.70
CA UNK G 2945 20.61 -139.85 -31.32
C UNK G 2945 19.44 -139.11 -30.70
N UNK G 2946 23.00 -127.50 -28.80
CA UNK G 2946 24.24 -127.54 -29.57
C UNK G 2946 24.01 -128.26 -30.90
N UNK G 2947 23.53 -129.49 -30.83
CA UNK G 2947 23.24 -130.28 -32.01
C UNK G 2947 22.11 -129.67 -32.83
N UNK G 2948 21.25 -128.90 -32.17
CA UNK G 2948 20.10 -128.30 -32.83
C UNK G 2948 20.49 -127.29 -33.91
N UNK G 2949 21.61 -126.60 -33.72
CA UNK G 2949 22.11 -125.72 -34.76
C UNK G 2949 22.53 -126.50 -36.01
N UNK G 2950 23.11 -127.67 -35.76
CA UNK G 2950 23.46 -128.60 -36.84
C UNK G 2950 22.19 -129.13 -37.49
N UNK G 2951 21.12 -129.20 -36.70
CA UNK G 2951 19.83 -129.67 -37.20
C UNK G 2951 19.21 -128.65 -38.12
N UNK G 2952 19.24 -127.38 -37.72
CA UNK G 2952 18.75 -126.31 -38.56
C UNK G 2952 19.60 -126.15 -39.81
N UNK G 2953 20.91 -126.39 -39.66
CA UNK G 2953 21.79 -126.38 -40.82
C UNK G 2953 21.45 -127.52 -41.78
N UNK G 2954 21.02 -128.65 -41.21
CA UNK G 2954 20.54 -129.77 -42.00
C UNK G 2954 19.24 -129.39 -42.70
N UNK G 2955 18.44 -128.56 -42.05
CA UNK G 2955 17.23 -128.06 -42.67
C UNK G 2955 17.58 -127.14 -43.84
N UNK G 2956 18.68 -126.41 -43.71
CA UNK G 2956 19.19 -125.63 -44.83
C UNK G 2956 19.66 -126.54 -45.95
N UNK G 2957 20.19 -127.70 -45.56
CA UNK G 2957 20.62 -128.70 -46.53
C UNK G 2957 19.44 -129.35 -47.24
N UNK G 2958 18.29 -129.33 -46.57
CA UNK G 2958 17.11 -130.04 -47.04
C UNK G 2958 16.58 -129.49 -48.36
N UNK G 2959 16.83 -128.21 -48.61
CA UNK G 2959 16.35 -127.57 -49.83
C UNK G 2959 17.24 -127.90 -51.02
N UNK G 2960 11.81 -138.90 -53.06
CA UNK G 2960 11.83 -138.51 -51.66
C UNK G 2960 10.52 -138.91 -50.97
N UNK G 2961 9.86 -139.93 -51.50
CA UNK G 2961 8.64 -140.43 -50.90
C UNK G 2961 8.91 -141.01 -49.51
N UNK G 2962 10.11 -141.55 -49.33
CA UNK G 2962 10.50 -142.06 -48.02
C UNK G 2962 10.59 -140.93 -47.01
N UNK G 2963 10.97 -139.74 -47.48
CA UNK G 2963 10.93 -138.54 -46.66
C UNK G 2963 9.50 -138.15 -46.32
N UNK G 2964 8.56 -138.50 -47.20
CA UNK G 2964 7.17 -138.18 -46.95
C UNK G 2964 6.55 -139.12 -45.92
N UNK G 2965 6.83 -140.41 -46.04
CA UNK G 2965 6.37 -141.37 -45.04
C UNK G 2965 7.05 -141.10 -43.70
N UNK G 2966 8.31 -140.67 -43.76
CA UNK G 2966 9.02 -140.29 -42.56
C UNK G 2966 8.40 -139.04 -41.95
N UNK G 2967 7.90 -138.15 -42.81
CA UNK G 2967 7.17 -136.98 -42.36
C UNK G 2967 5.86 -137.37 -41.69
N UNK G 2968 5.24 -138.45 -42.18
CA UNK G 2968 4.05 -138.97 -41.54
C UNK G 2968 4.40 -139.52 -40.18
N UNK G 2969 5.58 -140.12 -40.08
CA UNK G 2969 6.08 -140.57 -38.79
C UNK G 2969 6.35 -139.39 -37.86
N UNK G 2970 6.78 -138.28 -38.44
CA UNK G 2970 6.98 -137.04 -37.69
C UNK G 2970 5.65 -136.49 -37.19
N UNK G 2971 4.59 -136.73 -37.96
CA UNK G 2971 3.26 -136.28 -37.59
C UNK G 2971 2.71 -137.13 -36.46
N UNK G 2972 2.89 -138.44 -36.57
CA UNK G 2972 2.44 -139.32 -35.51
C UNK G 2972 3.24 -139.07 -34.24
N UNK G 2973 4.52 -138.73 -34.39
CA UNK G 2973 5.34 -138.34 -33.27
C UNK G 2973 4.86 -137.02 -32.67
N UNK G 2974 4.35 -136.14 -33.53
CA UNK G 2974 3.79 -134.88 -33.07
C UNK G 2974 2.53 -135.14 -32.26
N UNK G 2975 1.80 -136.19 -32.64
CA UNK G 2975 0.59 -136.58 -31.94
C UNK G 2975 0.88 -137.14 -30.56
N UNK G 2976 2.10 -137.65 -30.37
CA UNK G 2976 2.45 -138.41 -29.17
C UNK G 2976 2.40 -137.59 -27.89
N UNK G 2977 2.61 -136.29 -28.00
CA UNK G 2977 2.64 -135.43 -26.83
C UNK G 2977 1.39 -134.56 -26.76
N UNK G 2978 10.21 -135.23 -22.68
CA UNK G 2978 9.98 -135.77 -24.01
C UNK G 2978 10.15 -134.70 -25.08
N UNK G 2979 10.24 -133.45 -24.63
CA UNK G 2979 10.37 -132.33 -25.55
C UNK G 2979 11.66 -132.40 -26.36
N UNK G 2980 12.70 -132.98 -25.77
CA UNK G 2980 13.98 -133.09 -26.46
C UNK G 2980 13.88 -134.00 -27.68
N UNK G 2981 13.05 -135.03 -27.58
CA UNK G 2981 12.79 -135.89 -28.73
C UNK G 2981 12.04 -135.14 -29.82
N UNK G 2982 11.15 -134.24 -29.39
CA UNK G 2982 10.44 -133.40 -30.33
C UNK G 2982 11.40 -132.47 -31.04
N UNK G 2983 12.42 -132.03 -30.32
CA UNK G 2983 13.50 -131.26 -30.93
C UNK G 2983 14.30 -132.12 -31.90
N UNK G 2984 14.43 -133.41 -31.57
CA UNK G 2984 15.13 -134.33 -32.45
C UNK G 2984 14.38 -134.55 -33.76
N UNK G 2985 13.05 -134.51 -33.68
CA UNK G 2985 12.22 -134.61 -34.88
C UNK G 2985 12.03 -133.26 -35.56
N UNK G 2986 12.40 -132.19 -34.85
CA UNK G 2986 12.16 -130.85 -35.35
C UNK G 2986 12.93 -130.55 -36.62
N UNK G 2987 14.13 -131.12 -36.74
CA UNK G 2987 14.89 -130.98 -37.97
C UNK G 2987 14.18 -131.65 -39.13
N UNK G 2988 13.53 -132.78 -38.84
CA UNK G 2988 12.72 -133.47 -39.83
C UNK G 2988 11.50 -132.64 -40.20
N UNK G 2989 11.00 -131.86 -39.23
CA UNK G 2989 9.84 -131.04 -39.47
C UNK G 2989 10.19 -129.85 -40.35
N UNK G 2990 11.31 -129.20 -40.05
CA UNK G 2990 11.78 -128.10 -40.87
C UNK G 2990 12.18 -128.58 -42.26
N UNK G 2991 12.70 -129.81 -42.34
CA UNK G 2991 12.98 -130.41 -43.63
C UNK G 2991 11.69 -130.68 -44.39
N UNK G 2992 10.63 -130.99 -43.65
CA UNK G 2992 9.33 -131.13 -44.26
C UNK G 2992 8.83 -129.79 -44.77
N UNK G 2993 9.20 -128.73 -44.07
CA UNK G 2993 8.89 -127.38 -44.55
C UNK G 2993 9.66 -127.08 -45.82
N UNK G 2994 10.86 -127.63 -45.92
CA UNK G 2994 11.64 -127.55 -47.16
C UNK G 2994 10.97 -128.35 -48.27
N UNK G 2995 10.28 -129.41 -47.89
CA UNK G 2995 9.59 -130.28 -48.84
C UNK G 2995 8.42 -129.56 -49.50
N UNK G 2996 7.90 -128.54 -48.82
CA UNK G 2996 6.77 -127.77 -49.33
C UNK G 2996 7.14 -127.04 -50.62
N UNK G 2997 8.43 -126.74 -50.77
CA UNK G 2997 8.91 -126.02 -51.95
C UNK G 2997 9.07 -126.95 -53.14
N UNK G 2998 -1.41 -127.92 -52.70
CA UNK G 2998 -1.62 -129.34 -52.98
C UNK G 2998 -1.47 -130.17 -51.70
N UNK G 2999 -0.62 -131.18 -51.75
CA UNK G 2999 -0.32 -132.00 -50.58
C UNK G 2999 0.38 -131.16 -49.52
N UNK G 3000 1.04 -130.10 -49.98
CA UNK G 3000 1.76 -129.20 -49.09
C UNK G 3000 0.83 -128.48 -48.14
N UNK G 3001 -0.43 -128.32 -48.54
CA UNK G 3001 -1.42 -127.69 -47.68
C UNK G 3001 -1.82 -128.58 -46.51
N UNK G 3002 -2.12 -129.84 -46.79
CA UNK G 3002 -2.44 -130.78 -45.71
C UNK G 3002 -1.22 -131.06 -44.85
N UNK G 3003 -0.05 -131.04 -45.48
CA UNK G 3003 1.19 -131.16 -44.73
C UNK G 3003 1.38 -129.94 -43.84
N UNK G 3004 0.89 -128.80 -44.33
CA UNK G 3004 0.88 -127.58 -43.52
C UNK G 3004 -0.08 -127.72 -42.35
N UNK G 3005 -1.17 -128.47 -42.55
CA UNK G 3005 -2.06 -128.76 -41.45
C UNK G 3005 -1.37 -129.67 -40.44
N UNK G 3006 -0.51 -130.56 -40.93
CA UNK G 3006 0.29 -131.38 -40.04
C UNK G 3006 1.29 -130.52 -39.28
N UNK G 3007 1.76 -129.46 -39.93
CA UNK G 3007 2.61 -128.48 -39.28
C UNK G 3007 1.83 -127.71 -38.22
N UNK G 3008 0.54 -127.53 -38.46
CA UNK G 3008 -0.36 -126.93 -37.49
C UNK G 3008 -0.56 -127.86 -36.31
N UNK G 3009 -0.45 -129.17 -36.56
CA UNK G 3009 -0.56 -130.16 -35.51
C UNK G 3009 0.71 -130.18 -34.64
N UNK G 3010 1.86 -130.16 -35.30
CA UNK G 3010 3.12 -130.10 -34.57
C UNK G 3010 3.23 -128.79 -33.80
N UNK G 3011 2.68 -127.73 -34.39
CA UNK G 3011 2.58 -126.45 -33.72
C UNK G 3011 1.62 -126.53 -32.53
N UNK G 3012 0.59 -127.36 -32.65
CA UNK G 3012 -0.32 -127.61 -31.55
C UNK G 3012 0.39 -128.35 -30.41
N UNK G 3013 1.34 -129.21 -30.77
CA UNK G 3013 2.09 -129.97 -29.77
C UNK G 3013 3.11 -129.08 -29.07
N UNK G 3014 3.79 -128.25 -29.85
CA UNK G 3014 4.72 -127.29 -29.30
C UNK G 3014 3.96 -126.28 -28.45
N UNK G 3015 2.71 -126.01 -28.83
CA UNK G 3015 1.82 -125.20 -28.01
C UNK G 3015 1.45 -125.91 -26.72
N UNK G 3016 1.35 -127.24 -26.79
CA UNK G 3016 1.11 -128.01 -25.58
C UNK G 3016 2.31 -127.90 -24.67
N UNK G 3017 3.49 -127.80 -25.25
CA UNK G 3017 4.69 -127.45 -24.50
C UNK G 3017 4.60 -126.02 -23.97
N UNK G 3018 3.92 -125.16 -24.72
CA UNK G 3018 3.80 -123.75 -24.36
C UNK G 3018 2.82 -123.54 -23.24
N UNK G 3019 2.00 -124.56 -22.97
CA UNK G 3019 1.08 -124.52 -21.85
C UNK G 3019 1.87 -124.44 -20.54
N UNK G 3020 3.08 -124.98 -20.57
CA UNK G 3020 3.97 -124.95 -19.42
C UNK G 3020 4.99 -123.81 -19.55
N UNK G 3021 14.13 -123.75 -23.18
CA UNK G 3021 15.10 -122.66 -23.19
C UNK G 3021 15.54 -122.33 -24.62
N UNK G 3022 16.82 -122.50 -24.89
CA UNK G 3022 17.34 -122.26 -26.24
C UNK G 3022 16.77 -123.25 -27.24
N UNK G 3023 16.45 -124.47 -26.77
CA UNK G 3023 15.79 -125.44 -27.62
C UNK G 3023 14.40 -124.95 -27.98
N UNK G 3024 13.76 -124.22 -27.07
CA UNK G 3024 12.49 -123.59 -27.36
C UNK G 3024 12.67 -122.48 -28.39
N UNK G 3025 13.83 -121.84 -28.39
CA UNK G 3025 14.16 -120.89 -29.43
C UNK G 3025 14.33 -121.60 -30.77
N UNK G 3026 14.82 -122.84 -30.72
CA UNK G 3026 14.88 -123.67 -31.92
C UNK G 3026 13.47 -124.01 -32.38
N UNK G 3027 12.55 -124.14 -31.42
CA UNK G 3027 11.15 -124.30 -31.76
C UNK G 3027 10.59 -123.03 -32.39
N UNK G 3028 11.13 -121.88 -31.99
CA UNK G 3028 10.83 -120.62 -32.65
C UNK G 3028 11.37 -120.61 -34.07
N UNK G 3029 12.51 -121.27 -34.28
CA UNK G 3029 13.03 -121.43 -35.63
C UNK G 3029 12.10 -122.33 -36.43
N UNK G 3030 11.47 -123.28 -35.74
CA UNK G 3030 10.43 -124.09 -36.35
C UNK G 3030 9.22 -123.24 -36.68
N UNK G 3031 8.98 -122.20 -35.87
CA UNK G 3031 7.94 -121.24 -36.17
C UNK G 3031 8.30 -120.40 -37.39
N UNK G 3032 9.59 -120.23 -37.63
CA UNK G 3032 10.06 -119.51 -38.81
C UNK G 3032 9.89 -120.36 -40.06
N UNK G 3033 10.22 -121.64 -39.95
CA UNK G 3033 10.01 -122.57 -41.06
C UNK G 3033 8.52 -122.72 -41.32
N UNK G 3034 7.73 -122.61 -40.25
CA UNK G 3034 6.27 -122.57 -40.38
C UNK G 3034 5.82 -121.30 -41.08
N UNK G 3035 6.56 -120.20 -40.85
CA UNK G 3035 6.26 -118.95 -41.54
C UNK G 3035 6.55 -119.11 -43.02
N UNK G 3036 7.55 -119.92 -43.34
CA UNK G 3036 7.78 -120.34 -44.72
C UNK G 3036 6.66 -121.25 -45.21
N UNK G 3037 6.06 -121.98 -44.26
CA UNK G 3037 5.03 -122.98 -44.58
C UNK G 3037 3.65 -122.36 -44.73
N UNK G 3038 3.55 -121.07 -44.43
CA UNK G 3038 2.28 -120.34 -44.48
C UNK G 3038 1.57 -120.52 -45.81
N UNK G 3039 -8.42 -124.75 -42.81
CA UNK G 3039 -7.50 -123.80 -42.19
C UNK G 3039 -8.15 -123.07 -41.03
N UNK G 3040 -9.43 -122.72 -41.20
CA UNK G 3040 -10.16 -122.02 -40.15
C UNK G 3040 -10.29 -122.86 -38.88
N UNK G 3041 -10.40 -124.18 -39.03
CA UNK G 3041 -10.38 -125.06 -37.88
C UNK G 3041 -9.00 -125.06 -37.20
N UNK G 3042 -7.96 -124.94 -38.01
CA UNK G 3042 -6.61 -124.84 -37.50
C UNK G 3042 -6.45 -123.53 -36.74
N UNK G 3043 -7.20 -122.53 -37.19
CA UNK G 3043 -7.24 -121.24 -36.51
C UNK G 3043 -8.15 -121.30 -35.31
N UNK G 3044 -8.95 -122.36 -35.20
CA UNK G 3044 -9.78 -122.57 -34.02
C UNK G 3044 -8.96 -123.25 -32.93
N UNK G 3045 -8.19 -124.26 -33.29
CA UNK G 3045 -7.26 -124.84 -32.33
C UNK G 3045 -6.19 -123.81 -31.96
N UNK G 3046 -5.82 -122.98 -32.93
CA UNK G 3046 -4.92 -121.88 -32.68
C UNK G 3046 -5.59 -120.85 -31.78
N UNK G 3047 -6.91 -120.74 -31.90
CA UNK G 3047 -7.66 -119.88 -31.01
C UNK G 3047 -7.62 -120.44 -29.59
N UNK G 3048 -7.64 -121.76 -29.47
CA UNK G 3048 -7.47 -122.38 -28.17
C UNK G 3048 -6.07 -122.16 -27.59
N UNK G 3049 -5.09 -122.10 -28.49
CA UNK G 3049 -3.71 -121.93 -28.07
C UNK G 3049 -3.44 -120.51 -27.62
N UNK G 3050 -3.92 -119.55 -28.41
CA UNK G 3050 -3.83 -118.15 -28.07
C UNK G 3050 -4.68 -117.84 -26.85
N UNK G 3051 -5.78 -118.57 -26.68
CA UNK G 3051 -6.56 -118.46 -25.47
C UNK G 3051 -5.78 -118.98 -24.28
N UNK G 3052 -4.96 -119.99 -24.50
CA UNK G 3052 -4.06 -120.45 -23.45
C UNK G 3052 -3.03 -119.37 -23.14
N UNK G 3053 -2.61 -118.66 -24.18
CA UNK G 3053 -1.69 -117.54 -24.00
C UNK G 3053 -2.35 -116.40 -23.24
N UNK G 3054 -3.66 -116.27 -23.39
CA UNK G 3054 -4.42 -115.20 -22.75
C UNK G 3054 -4.67 -115.52 -21.28
N UNK G 3055 -5.04 -116.77 -21.01
CA UNK G 3055 -5.20 -117.24 -19.65
C UNK G 3055 -3.87 -117.22 -18.92
N UNK G 3056 -2.79 -117.48 -19.66
CA UNK G 3056 -1.45 -117.46 -19.07
C UNK G 3056 -0.98 -116.04 -18.81
N UNK G 3057 -1.27 -115.14 -19.73
CA UNK G 3057 -0.94 -113.72 -19.55
C UNK G 3057 -1.76 -113.09 -18.43
N UNK G 3058 -2.98 -113.60 -18.24
CA UNK G 3058 -3.88 -113.09 -17.22
C UNK G 3058 -3.51 -113.63 -15.86
N UNK G 3059 -3.15 -114.91 -15.80
CA UNK G 3059 -2.63 -115.50 -14.58
C UNK G 3059 -1.30 -114.84 -14.22
N UNK G 3060 -0.54 -114.45 -15.24
CA UNK G 3060 0.67 -113.68 -15.05
C UNK G 3060 0.35 -112.28 -14.52
N UNK G 3061 -0.80 -111.75 -14.94
CA UNK G 3061 -1.26 -110.47 -14.39
C UNK G 3061 -1.61 -110.65 -12.92
N UNK G 3062 -2.12 -111.83 -12.59
CA UNK G 3062 -2.36 -112.19 -11.20
C UNK G 3062 -1.05 -112.35 -10.44
N UNK G 3063 0.00 -112.71 -11.17
CA UNK G 3063 1.33 -112.88 -10.58
C UNK G 3063 1.96 -111.54 -10.27
N UNK G 3064 1.82 -110.59 -11.20
CA UNK G 3064 2.24 -109.22 -10.94
C UNK G 3064 1.37 -108.62 -9.85
N UNK G 3065 0.12 -109.05 -9.77
CA UNK G 3065 -0.74 -108.65 -8.68
C UNK G 3065 -0.22 -109.18 -7.36
N UNK G 3066 0.34 -110.38 -7.39
CA UNK G 3066 1.03 -110.93 -6.23
C UNK G 3066 2.27 -110.13 -5.91
N UNK G 3067 2.91 -109.59 -6.94
CA UNK G 3067 4.07 -108.73 -6.76
C UNK G 3067 3.64 -107.43 -6.08
N UNK G 3068 2.40 -107.03 -6.32
CA UNK G 3068 1.86 -105.82 -5.71
C UNK G 3068 1.77 -105.97 -4.19
N UNK G 3069 1.62 -107.20 -3.74
CA UNK G 3069 1.52 -107.50 -2.32
C UNK G 3069 2.23 -108.79 -1.96
N UNK G 3070 8.34 -113.78 -9.05
CA UNK G 3070 6.94 -113.99 -9.41
C UNK G 3070 6.75 -113.88 -10.92
N UNK G 3071 6.67 -112.65 -11.42
CA UNK G 3071 6.48 -112.40 -12.84
C UNK G 3071 7.65 -112.88 -13.68
N UNK G 3072 8.82 -112.95 -13.07
CA UNK G 3072 10.03 -113.32 -13.81
C UNK G 3072 9.94 -114.74 -14.35
N UNK G 3073 9.25 -115.62 -13.61
CA UNK G 3073 8.98 -116.96 -14.12
C UNK G 3073 8.02 -116.91 -15.30
N UNK G 3074 7.14 -115.91 -15.30
CA UNK G 3074 6.17 -115.75 -16.37
C UNK G 3074 6.76 -115.03 -17.58
N UNK G 3075 7.96 -114.47 -17.43
CA UNK G 3075 8.57 -113.72 -18.52
C UNK G 3075 8.93 -114.60 -19.71
N UNK G 3076 9.52 -115.76 -19.43
CA UNK G 3076 9.86 -116.69 -20.51
C UNK G 3076 8.60 -117.22 -21.18
N UNK G 3077 7.54 -117.40 -20.40
CA UNK G 3077 6.26 -117.79 -20.95
C UNK G 3077 5.70 -116.70 -21.85
N UNK G 3078 5.96 -115.44 -21.48
CA UNK G 3078 5.59 -114.30 -22.31
C UNK G 3078 6.40 -114.30 -23.60
N UNK G 3079 7.63 -114.81 -23.52
CA UNK G 3079 8.49 -114.86 -24.69
C UNK G 3079 8.03 -115.94 -25.67
N UNK G 3080 7.72 -117.12 -25.14
CA UNK G 3080 7.20 -118.19 -25.97
C UNK G 3080 5.85 -117.79 -26.55
N UNK G 3081 5.08 -117.05 -25.77
CA UNK G 3081 3.82 -116.52 -26.25
C UNK G 3081 4.04 -115.49 -27.35
N UNK G 3082 5.14 -114.75 -27.26
CA UNK G 3082 5.52 -113.85 -28.34
C UNK G 3082 5.91 -114.63 -29.59
N UNK G 3083 6.49 -115.81 -29.39
CA UNK G 3083 6.78 -116.69 -30.51
C UNK G 3083 5.49 -117.20 -31.13
N UNK G 3084 4.48 -117.41 -30.28
CA UNK G 3084 3.17 -117.78 -30.76
C UNK G 3084 2.54 -116.63 -31.54
N UNK G 3085 2.86 -115.41 -31.13
CA UNK G 3085 2.44 -114.23 -31.88
C UNK G 3085 3.14 -114.17 -33.22
N UNK G 3086 4.37 -114.65 -33.28
CA UNK G 3086 5.07 -114.79 -34.54
C UNK G 3086 4.41 -115.84 -35.41
N UNK G 3087 3.87 -116.87 -34.78
CA UNK G 3087 3.11 -117.88 -35.51
C UNK G 3087 1.83 -117.26 -36.05
N UNK G 3088 1.26 -116.32 -35.30
CA UNK G 3088 0.13 -115.56 -35.80
C UNK G 3088 0.52 -114.68 -36.96
N UNK G 3089 1.76 -114.19 -36.93
CA UNK G 3089 2.29 -113.40 -38.03
C UNK G 3089 2.44 -114.26 -39.27
N UNK G 3090 2.75 -115.53 -39.07
CA UNK G 3090 2.80 -116.48 -40.18
C UNK G 3090 1.40 -116.69 -40.74
N UNK G 3091 0.41 -116.62 -39.85
CA UNK G 3091 -0.98 -116.83 -40.21
C UNK G 3091 -1.66 -115.57 -40.70
N UNK G 3092 -0.96 -114.44 -40.62
CA UNK G 3092 -1.61 -113.13 -40.65
C UNK G 3092 -2.18 -112.72 -42.01
N UNK G 3093 -5.65 -115.04 -43.62
CA UNK G 3093 -6.44 -114.48 -42.49
C UNK G 3093 -7.15 -113.15 -42.74
N UNK G 3094 -6.41 -112.05 -42.82
CA UNK G 3094 -7.05 -110.74 -42.88
C UNK G 3094 -7.92 -110.56 -44.12
N UNK G 3095 -7.50 -111.14 -45.24
CA UNK G 3095 -8.34 -111.09 -46.43
C UNK G 3095 -9.61 -111.89 -46.17
N UNK G 3096 -9.45 -113.02 -45.50
CA UNK G 3096 -10.59 -113.82 -45.08
C UNK G 3096 -11.41 -113.03 -44.07
N UNK G 3097 -10.75 -112.16 -43.32
CA UNK G 3097 -11.46 -111.33 -42.36
C UNK G 3097 -12.37 -110.38 -43.12
N UNK G 3098 -11.99 -110.02 -44.34
CA UNK G 3098 -12.85 -109.16 -45.14
C UNK G 3098 -14.15 -109.89 -45.48
N UNK G 3099 -14.05 -111.22 -45.60
CA UNK G 3099 -15.24 -112.05 -45.79
C UNK G 3099 -16.11 -112.08 -44.53
N UNK G 3100 -15.48 -111.89 -43.37
CA UNK G 3100 -16.17 -112.00 -42.09
C UNK G 3100 -17.24 -110.93 -41.93
N UNK G 3101 -17.04 -109.80 -42.58
CA UNK G 3101 -18.00 -108.69 -42.48
C UNK G 3101 -19.28 -109.01 -43.23
N UNK G 3102 -17.13 -114.01 -38.14
CA UNK G 3102 -17.29 -113.08 -37.04
C UNK G 3102 -16.56 -113.55 -35.79
N UNK G 3103 -16.48 -114.87 -35.63
CA UNK G 3103 -15.79 -115.45 -34.48
C UNK G 3103 -14.30 -115.14 -34.52
N UNK G 3104 -13.77 -114.97 -35.73
CA UNK G 3104 -12.35 -114.62 -35.88
C UNK G 3104 -12.09 -113.26 -35.26
N UNK G 3105 -13.09 -112.39 -35.34
CA UNK G 3105 -13.02 -111.08 -34.69
C UNK G 3105 -13.00 -111.23 -33.17
N UNK G 3106 -13.63 -112.30 -32.68
CA UNK G 3106 -13.66 -112.55 -31.25
C UNK G 3106 -12.33 -113.10 -30.76
N UNK G 3107 -11.74 -114.01 -31.52
CA UNK G 3107 -10.41 -114.50 -31.20
C UNK G 3107 -9.39 -113.37 -31.30
N UNK G 3108 -9.64 -112.47 -32.24
CA UNK G 3108 -8.83 -111.26 -32.35
C UNK G 3108 -9.04 -110.37 -31.14
N UNK G 3109 -10.25 -110.40 -30.58
CA UNK G 3109 -10.53 -109.70 -29.34
C UNK G 3109 -9.78 -110.33 -28.18
N UNK G 3110 -9.56 -111.64 -28.27
CA UNK G 3110 -8.80 -112.32 -27.23
C UNK G 3110 -7.32 -111.97 -27.31
N UNK G 3111 -6.77 -112.00 -28.52
CA UNK G 3111 -5.38 -111.63 -28.71
C UNK G 3111 -5.13 -110.17 -28.39
N UNK G 3112 -6.15 -109.35 -28.65
CA UNK G 3112 -6.07 -107.92 -28.38
C UNK G 3112 -6.15 -107.62 -26.90
N UNK G 3113 -7.05 -108.32 -26.20
CA UNK G 3113 -7.13 -108.17 -24.75
C UNK G 3113 -5.85 -108.67 -24.10
N UNK G 3114 -5.27 -109.71 -24.68
CA UNK G 3114 -3.97 -110.19 -24.21
C UNK G 3114 -2.89 -109.15 -24.46
N UNK G 3115 -3.02 -108.43 -25.56
CA UNK G 3115 -2.09 -107.34 -25.84
C UNK G 3115 -2.27 -106.21 -24.85
N UNK G 3116 -3.50 -106.03 -24.38
CA UNK G 3116 -3.77 -105.06 -23.33
C UNK G 3116 -3.14 -105.53 -22.03
N UNK G 3117 -3.09 -106.84 -21.83
CA UNK G 3117 -2.38 -107.37 -20.69
C UNK G 3117 -0.89 -107.12 -20.82
N UNK G 3118 -0.39 -107.13 -22.06
CA UNK G 3118 0.99 -106.76 -22.32
C UNK G 3118 1.22 -105.28 -22.03
N UNK G 3119 0.17 -104.49 -22.24
CA UNK G 3119 0.23 -103.05 -22.01
C UNK G 3119 0.35 -102.72 -20.53
N UNK G 3120 -0.11 -103.64 -19.69
CA UNK G 3120 -0.12 -103.44 -18.25
C UNK G 3120 1.29 -103.35 -17.69
N UNK G 3121 3.95 -104.31 -16.21
CA UNK G 3121 4.75 -103.18 -16.65
C UNK G 3121 6.20 -103.57 -16.82
N UNK G 3122 6.84 -103.95 -15.72
CA UNK G 3122 8.25 -104.35 -15.73
C UNK G 3122 8.45 -105.63 -16.54
N UNK G 3123 7.41 -106.45 -16.62
CA UNK G 3123 7.50 -107.71 -17.34
C UNK G 3123 7.77 -107.49 -18.82
N UNK G 3124 7.24 -106.41 -19.39
CA UNK G 3124 7.56 -106.06 -20.76
C UNK G 3124 9.03 -105.73 -20.91
N UNK G 3125 9.59 -105.10 -19.88
CA UNK G 3125 11.02 -104.84 -19.85
C UNK G 3125 11.80 -106.15 -19.76
N UNK G 3126 11.22 -107.13 -19.07
CA UNK G 3126 11.83 -108.45 -19.01
C UNK G 3126 11.79 -109.10 -20.38
N UNK G 3127 10.75 -108.81 -21.15
CA UNK G 3127 10.70 -109.26 -22.54
C UNK G 3127 11.76 -108.55 -23.36
N UNK G 3128 12.04 -107.30 -23.01
CA UNK G 3128 13.05 -106.53 -23.72
C UNK G 3128 14.45 -107.09 -23.47
N UNK G 3129 14.72 -107.44 -22.22
CA UNK G 3129 15.97 -108.11 -21.87
C UNK G 3129 16.03 -109.49 -22.49
N UNK G 3130 14.87 -110.12 -22.64
CA UNK G 3130 14.78 -111.42 -23.29
C UNK G 3130 15.14 -111.30 -24.76
N UNK G 3131 14.84 -110.14 -25.34
CA UNK G 3131 15.19 -109.88 -26.73
C UNK G 3131 16.66 -109.54 -26.86
N UNK G 3132 17.16 -108.75 -25.90
CA UNK G 3132 18.56 -108.35 -25.89
C UNK G 3132 19.47 -109.56 -25.70
N UNK G 3133 18.97 -110.56 -24.98
CA UNK G 3133 19.74 -111.77 -24.74
C UNK G 3133 19.66 -112.72 -25.93
N UNK G 3134 18.76 -112.41 -26.86
CA UNK G 3134 18.56 -113.27 -28.02
C UNK G 3134 19.18 -112.65 -29.28
N UNK G 3135 2.20 -107.13 -35.39
CA UNK G 3135 1.81 -107.07 -33.99
C UNK G 3135 0.28 -107.15 -33.84
N UNK G 3136 -0.26 -106.30 -32.99
CA UNK G 3136 -1.69 -106.31 -32.71
C UNK G 3136 -2.50 -105.54 -33.74
N UNK G 3137 -1.81 -104.90 -34.69
CA UNK G 3137 -2.47 -103.98 -35.60
C UNK G 3137 -3.51 -104.68 -36.50
N UNK G 3138 -3.27 -105.93 -36.84
CA UNK G 3138 -4.27 -106.69 -37.59
C UNK G 3138 -5.53 -106.88 -36.74
N UNK G 3139 -5.34 -107.05 -35.44
CA UNK G 3139 -6.46 -107.11 -34.52
C UNK G 3139 -7.18 -105.77 -34.45
N UNK G 3140 -6.44 -104.68 -34.63
CA UNK G 3140 -7.06 -103.38 -34.77
C UNK G 3140 -7.88 -103.30 -36.05
N UNK G 3141 -7.42 -103.99 -37.09
CA UNK G 3141 -8.21 -104.10 -38.31
C UNK G 3141 -9.48 -104.88 -38.03
N UNK G 3142 -9.37 -105.84 -37.12
CA UNK G 3142 -10.56 -106.55 -36.64
C UNK G 3142 -11.46 -105.61 -35.84
N UNK G 3143 -10.86 -104.62 -35.17
CA UNK G 3143 -11.65 -103.59 -34.50
C UNK G 3143 -12.38 -102.74 -35.53
N UNK G 3144 -11.76 -102.56 -36.69
CA UNK G 3144 -12.47 -101.91 -37.80
C UNK G 3144 -13.59 -102.81 -38.29
N UNK G 3145 -13.37 -104.12 -38.21
CA UNK G 3145 -14.41 -105.09 -38.55
C UNK G 3145 -15.58 -105.05 -37.57
N UNK G 3146 -15.28 -104.65 -36.33
CA UNK G 3146 -16.28 -104.63 -35.26
C UNK G 3146 -17.41 -103.65 -35.53
N UNK G 3147 -17.12 -102.62 -36.30
CA UNK G 3147 -18.11 -101.61 -36.65
C UNK G 3147 -19.24 -102.18 -37.51
N UNK G 3148 -18.93 -103.24 -38.26
CA UNK G 3148 -19.89 -103.87 -39.13
C UNK G 3148 -20.95 -104.64 -38.34
N UNK G 3149 -21.32 -106.79 -44.49
CA UNK G 3149 -20.18 -106.17 -45.16
C UNK G 3149 -20.59 -104.86 -45.84
N UNK G 3150 -21.79 -104.85 -46.41
CA UNK G 3150 -22.31 -103.65 -47.07
C UNK G 3150 -22.53 -102.52 -46.07
N UNK G 3151 -22.72 -102.88 -44.81
CA UNK G 3151 -22.93 -101.89 -43.77
C UNK G 3151 -21.69 -101.01 -43.62
N UNK G 3152 -20.52 -101.58 -43.88
CA UNK G 3152 -19.30 -100.78 -43.92
C UNK G 3152 -19.32 -99.80 -45.09
N UNK G 3153 -19.93 -100.20 -46.19
CA UNK G 3153 -20.10 -99.27 -47.31
C UNK G 3153 -21.05 -98.16 -46.91
N UNK G 3154 -22.02 -98.49 -46.07
CA UNK G 3154 -22.90 -97.50 -45.49
C UNK G 3154 -22.13 -96.59 -44.56
N UNK G 3155 -21.07 -97.14 -43.95
CA UNK G 3155 -20.24 -96.35 -43.05
C UNK G 3155 -19.42 -95.34 -43.84
N UNK G 3156 -18.86 -95.78 -44.97
CA UNK G 3156 -18.15 -94.85 -45.84
C UNK G 3156 -19.10 -93.82 -46.42
N UNK G 3157 -20.34 -94.24 -46.67
CA UNK G 3157 -21.38 -93.33 -47.13
C UNK G 3157 -21.75 -92.30 -46.07
N UNK G 3158 -21.61 -92.70 -44.80
CA UNK G 3158 -22.01 -91.84 -43.68
C UNK G 3158 -20.94 -90.80 -43.35
N UNK G 3159 -19.77 -90.94 -43.94
CA UNK G 3159 -18.66 -90.04 -43.67
C UNK G 3159 -18.92 -88.67 -44.30
N UNK G 3160 -21.40 -96.38 -39.86
CA UNK G 3160 -21.68 -95.17 -39.09
C UNK G 3160 -21.48 -95.42 -37.60
N UNK G 3161 -21.58 -96.68 -37.20
CA UNK G 3161 -21.45 -97.06 -35.79
C UNK G 3161 -20.03 -96.80 -35.29
N UNK G 3162 -19.06 -96.80 -36.20
CA UNK G 3162 -17.66 -96.67 -35.82
C UNK G 3162 -17.35 -95.33 -35.14
N UNK G 3163 -18.07 -94.28 -35.53
CA UNK G 3163 -17.94 -93.01 -34.82
C UNK G 3163 -18.43 -93.13 -33.38
N UNK G 3164 -19.48 -93.92 -33.19
CA UNK G 3164 -19.98 -94.20 -31.85
C UNK G 3164 -18.95 -95.00 -31.09
N UNK G 3165 -18.20 -95.83 -31.81
CA UNK G 3165 -17.07 -96.53 -31.22
C UNK G 3165 -15.97 -95.56 -30.82
N UNK G 3166 -15.82 -94.48 -31.57
CA UNK G 3166 -14.90 -93.43 -31.18
C UNK G 3166 -15.39 -92.73 -29.92
N UNK G 3167 -16.72 -92.63 -29.79
CA UNK G 3167 -17.30 -92.13 -28.55
C UNK G 3167 -17.00 -93.08 -27.41
N UNK G 3168 -16.94 -94.37 -27.74
CA UNK G 3168 -16.53 -95.37 -26.77
C UNK G 3168 -15.06 -95.19 -26.39
N UNK G 3169 -14.25 -94.71 -27.34
CA UNK G 3169 -12.88 -94.33 -27.04
C UNK G 3169 -12.86 -93.12 -26.11
N UNK G 3170 -13.85 -92.24 -26.27
CA UNK G 3170 -14.01 -91.12 -25.34
C UNK G 3170 -14.35 -91.64 -23.96
N UNK G 3171 -15.09 -92.75 -23.91
CA UNK G 3171 -15.31 -93.45 -22.66
C UNK G 3171 -14.02 -94.07 -22.15
N UNK G 3172 -13.13 -94.41 -23.08
CA UNK G 3172 -11.85 -95.03 -22.75
C UNK G 3172 -10.85 -93.99 -22.29
N UNK G 3173 -11.19 -92.72 -22.47
CA UNK G 3173 -10.36 -91.63 -22.00
C UNK G 3173 -10.27 -91.66 -20.48
N UNK G 3174 -11.31 -92.22 -19.85
CA UNK G 3174 -11.35 -92.36 -18.40
C UNK G 3174 -10.32 -93.38 -17.92
N UNK G 3175 -13.77 -101.35 -18.80
CA UNK G 3175 -14.55 -100.52 -19.71
C UNK G 3175 -16.04 -100.72 -19.49
N UNK G 3176 -16.39 -101.31 -18.36
CA UNK G 3176 -17.79 -101.58 -18.03
C UNK G 3176 -18.59 -100.30 -17.86
N UNK G 3177 -17.91 -99.22 -17.47
CA UNK G 3177 -18.58 -97.94 -17.29
C UNK G 3177 -19.14 -97.44 -18.62
N UNK G 3178 -18.45 -97.78 -19.71
CA UNK G 3178 -18.98 -97.47 -21.04
C UNK G 3178 -20.26 -98.25 -21.31
N UNK G 3179 -20.33 -99.48 -20.79
CA UNK G 3179 -21.56 -100.25 -20.89
C UNK G 3179 -22.67 -99.61 -20.06
N UNK G 3180 -22.28 -98.99 -18.95
CA UNK G 3180 -23.23 -98.23 -18.15
C UNK G 3180 -23.72 -97.00 -18.90
N UNK G 3181 -22.84 -96.45 -19.75
CA UNK G 3181 -23.15 -95.25 -20.51
C UNK G 3181 -24.26 -95.48 -21.53
N UNK G 3182 -24.41 -96.72 -21.97
CA UNK G 3182 -25.38 -97.07 -23.00
C UNK G 3182 -26.81 -96.74 -22.58
N UNK G 3183 -28.34 -104.63 -25.33
CA UNK G 3183 -27.32 -104.10 -26.23
C UNK G 3183 -25.93 -104.37 -25.68
N UNK G 3184 -25.79 -105.47 -24.94
CA UNK G 3184 -24.52 -105.80 -24.31
C UNK G 3184 -23.43 -106.11 -25.33
N UNK G 3185 -23.80 -106.66 -26.49
CA UNK G 3185 -22.81 -106.94 -27.52
C UNK G 3185 -22.18 -105.66 -28.07
N UNK G 3186 -23.00 -104.61 -28.18
CA UNK G 3186 -22.48 -103.32 -28.59
C UNK G 3186 -21.53 -102.77 -27.54
N UNK G 3187 -21.84 -103.08 -26.28
CA UNK G 3187 -20.96 -102.71 -25.18
C UNK G 3187 -19.66 -103.50 -25.24
N UNK G 3188 -19.72 -104.70 -25.82
CA UNK G 3188 -18.54 -105.54 -25.92
C UNK G 3188 -17.63 -105.05 -27.03
N UNK G 3189 -18.20 -104.74 -28.18
CA UNK G 3189 -17.40 -104.19 -29.27
C UNK G 3189 -16.85 -102.83 -28.88
N UNK G 3190 -17.64 -102.07 -28.13
CA UNK G 3190 -17.20 -100.78 -27.60
C UNK G 3190 -16.08 -100.96 -26.58
N UNK G 3191 -16.11 -102.09 -25.89
CA UNK G 3191 -15.11 -102.38 -24.87
C UNK G 3191 -13.78 -102.77 -25.51
N UNK G 3192 -13.84 -103.64 -26.52
CA UNK G 3192 -12.64 -104.01 -27.23
C UNK G 3192 -12.06 -102.82 -27.99
N UNK G 3193 -12.95 -101.96 -28.50
CA UNK G 3193 -12.50 -100.73 -29.15
C UNK G 3193 -11.86 -99.79 -28.13
N UNK G 3194 -12.37 -99.84 -26.91
CA UNK G 3194 -11.85 -99.00 -25.83
C UNK G 3194 -10.46 -99.45 -25.41
N UNK G 3195 -10.29 -100.77 -25.29
CA UNK G 3195 -8.99 -101.34 -24.99
C UNK G 3195 -8.01 -101.08 -26.12
N UNK G 3196 -8.53 -101.05 -27.34
CA UNK G 3196 -7.73 -100.69 -28.49
C UNK G 3196 -7.31 -99.23 -28.41
N UNK G 3197 -8.17 -98.42 -27.79
CA UNK G 3197 -7.91 -96.99 -27.64
C UNK G 3197 -6.85 -96.72 -26.58
N UNK G 3198 -6.96 -97.39 -25.43
CA UNK G 3198 -5.94 -97.28 -24.40
C UNK G 3198 -4.62 -97.87 -24.90
N UNK G 3199 -4.72 -98.90 -25.73
CA UNK G 3199 -3.54 -99.45 -26.38
C UNK G 3199 -2.93 -98.45 -27.35
N UNK G 3200 -3.78 -97.65 -27.98
CA UNK G 3200 -3.30 -96.55 -28.80
C UNK G 3200 -2.63 -95.49 -27.93
N UNK G 3201 -3.11 -95.33 -26.70
CA UNK G 3201 -2.46 -94.44 -25.75
C UNK G 3201 -1.09 -94.99 -25.41
N UNK G 3202 -0.97 -96.31 -25.37
CA UNK G 3202 0.34 -96.94 -25.25
C UNK G 3202 1.18 -96.68 -26.50
N UNK G 3203 0.50 -96.57 -27.64
CA UNK G 3203 1.16 -96.32 -28.91
C UNK G 3203 1.66 -94.88 -28.99
N UNK G 3204 1.09 -94.01 -28.16
CA UNK G 3204 1.52 -92.61 -28.11
C UNK G 3204 2.96 -92.50 -27.66
N UNK G 3205 3.41 -93.49 -26.88
CA UNK G 3205 4.80 -93.54 -26.44
C UNK G 3205 5.75 -93.72 -27.61
N UNK G 3206 5.27 -94.32 -28.68
CA UNK G 3206 6.07 -94.53 -29.87
C UNK G 3206 6.16 -93.28 -30.73
N PRO G 3207 52.26 -88.88 1.64
CA PRO G 3207 52.82 -87.56 1.93
C PRO G 3207 52.47 -87.09 3.33
N THR G 3208 53.16 -87.62 4.34
CA THR G 3208 52.80 -87.33 5.72
C THR G 3208 52.93 -85.86 6.08
N HIS G 3209 53.92 -85.17 5.52
CA HIS G 3209 54.09 -83.75 5.78
C HIS G 3209 52.96 -82.89 5.22
N ARG G 3210 52.44 -83.31 4.07
CA ARG G 3210 51.32 -82.61 3.47
C ARG G 3210 50.09 -82.74 4.35
N ALA G 3211 49.91 -83.94 4.89
CA ALA G 3211 48.81 -84.20 5.80
C ALA G 3211 49.03 -83.46 7.11
N CYS G 3212 50.29 -83.20 7.45
CA CYS G 3212 50.58 -82.43 8.66
C CYS G 3212 50.12 -81.00 8.47
N ASN G 3213 50.51 -80.40 7.34
CA ASN G 3213 50.11 -79.03 7.07
C ASN G 3213 48.61 -78.87 6.86
N MET G 3214 47.99 -79.85 6.22
CA MET G 3214 46.54 -79.81 6.08
C MET G 3214 45.86 -79.99 7.42
N PHE G 3215 46.49 -80.76 8.31
CA PHE G 3215 46.01 -80.88 9.67
C PHE G 3215 46.15 -79.57 10.41
N LEU G 3216 47.15 -78.78 10.04
CA LEU G 3216 47.32 -77.46 10.64
C LEU G 3216 46.19 -76.55 10.18
N GLU G 3217 45.95 -76.58 8.87
CA GLU G 3217 44.97 -75.72 8.23
C GLU G 3217 43.56 -76.04 8.70
N SER G 3218 43.33 -77.31 9.01
CA SER G 3218 42.02 -77.73 9.48
C SER G 3218 41.85 -77.50 10.97
N TYR G 3219 42.90 -77.80 11.74
CA TYR G 3219 42.83 -77.63 13.18
C TYR G 3219 42.73 -76.17 13.57
N LYS G 3220 43.30 -75.29 12.75
CA LYS G 3220 43.19 -73.86 13.04
C LYS G 3220 41.76 -73.35 12.97
N ALA G 3221 40.98 -73.92 12.06
CA ALA G 3221 39.61 -73.47 11.86
C ALA G 3221 38.66 -74.24 12.76
N ALA G 3222 39.03 -75.48 13.06
CA ALA G 3222 38.12 -76.38 13.75
C ALA G 3222 38.03 -76.14 15.25
N TRP G 3223 39.17 -76.01 15.92
CA TRP G 3223 39.15 -76.05 17.38
C TRP G 3223 39.75 -74.82 18.04
N ILE G 3224 40.61 -74.10 17.32
CA ILE G 3224 41.28 -72.94 17.90
C ILE G 3224 40.26 -71.87 18.27
N LEU G 3225 39.14 -71.83 17.55
CA LEU G 3225 38.05 -70.94 17.94
C LEU G 3225 37.53 -71.43 19.30
N THR G 3226 37.31 -70.51 20.23
CA THR G 3226 37.12 -70.85 21.64
C THR G 3226 36.36 -69.80 22.44
N GLU G 3227 36.08 -70.14 23.70
CA GLU G 3227 35.50 -69.24 24.68
C GLU G 3227 36.59 -68.37 25.29
N ASP G 3228 37.80 -68.53 24.78
CA ASP G 3228 39.01 -67.91 25.33
C ASP G 3228 38.96 -66.40 25.37
N HIS G 3229 38.30 -65.80 24.39
CA HIS G 3229 38.33 -64.36 24.18
C HIS G 3229 37.70 -63.64 25.37
N SER G 3230 37.13 -64.43 26.26
CA SER G 3230 36.47 -63.93 27.46
C SER G 3230 37.49 -63.14 28.26
N PHE G 3231 38.76 -63.42 28.03
CA PHE G 3231 39.83 -62.88 28.84
C PHE G 3231 39.84 -61.36 28.87
N GLU G 3232 39.44 -60.74 27.77
CA GLU G 3232 39.64 -59.31 27.66
C GLU G 3232 38.97 -58.72 28.88
N ASP G 3233 37.90 -59.36 29.34
CA ASP G 3233 37.17 -58.85 30.48
C ASP G 3233 38.07 -58.92 31.71
N ARG G 3234 38.88 -59.98 31.78
CA ARG G 3234 39.89 -60.07 32.82
C ARG G 3234 40.99 -59.04 32.61
N MET G 3235 41.23 -58.71 31.34
CA MET G 3235 42.34 -57.88 30.97
C MET G 3235 42.04 -56.40 31.17
N ILE G 3236 40.86 -55.98 30.72
CA ILE G 3236 40.44 -54.60 30.88
C ILE G 3236 40.31 -54.27 32.35
N ASP G 3237 39.95 -55.27 33.15
CA ASP G 3237 39.92 -55.07 34.58
C ASP G 3237 41.35 -54.94 35.10
N ASP G 3238 42.23 -55.82 34.63
CA ASP G 3238 43.58 -55.87 35.20
C ASP G 3238 44.32 -54.57 34.89
N LEU G 3239 44.07 -54.00 33.71
CA LEU G 3239 44.64 -52.71 33.35
C LEU G 3239 44.05 -51.54 34.13
N SER G 3240 42.82 -51.72 34.62
CA SER G 3240 42.10 -50.67 35.31
C SER G 3240 42.33 -50.65 36.82
N LYS G 3241 43.14 -51.59 37.32
CA LYS G 3241 43.28 -51.79 38.76
C LYS G 3241 43.84 -50.59 39.49
N ALA G 3242 44.65 -49.79 38.80
CA ALA G 3242 45.27 -48.61 39.37
C ALA G 3242 46.06 -48.92 40.63
N LYS G 3256 50.65 -40.83 37.17
CA LYS G 3256 49.43 -40.56 37.92
C LYS G 3256 48.21 -41.35 37.44
N PRO G 3257 47.99 -41.45 36.12
CA PRO G 3257 46.81 -42.23 35.72
C PRO G 3257 46.97 -43.75 35.81
N ASP G 3258 46.38 -44.47 34.86
CA ASP G 3258 46.21 -45.92 34.99
C ASP G 3258 46.72 -46.63 33.74
N PRO G 3259 47.12 -47.91 33.88
CA PRO G 3259 47.68 -48.59 32.72
C PRO G 3259 46.77 -48.65 31.49
N LEU G 3260 45.47 -48.79 31.72
CA LEU G 3260 44.56 -48.77 30.60
C LEU G 3260 44.54 -47.37 30.07
N HIS G 3261 44.62 -46.41 31.00
CA HIS G 3261 44.72 -45.02 30.61
C HIS G 3261 46.04 -44.73 29.91
N GLN G 3262 47.09 -45.47 30.28
CA GLN G 3262 48.38 -45.31 29.62
C GLN G 3262 48.23 -45.75 28.19
N LEU G 3263 47.40 -46.75 28.02
CA LEU G 3263 47.26 -47.42 26.75
C LEU G 3263 46.43 -46.56 25.81
N VAL G 3264 45.35 -46.03 26.36
CA VAL G 3264 44.49 -45.11 25.64
C VAL G 3264 45.23 -43.84 25.27
N LEU G 3265 45.96 -43.27 26.22
CA LEU G 3265 46.69 -42.05 25.96
C LEU G 3265 47.79 -42.32 24.94
N HIS G 3266 48.31 -43.55 24.95
CA HIS G 3266 49.31 -43.90 23.95
C HIS G 3266 48.73 -43.96 22.56
N PHE G 3267 47.57 -44.60 22.41
CA PHE G 3267 46.97 -44.61 21.08
C PHE G 3267 46.54 -43.22 20.66
N SER G 3268 46.20 -42.39 21.63
CA SER G 3268 45.88 -41.01 21.31
C SER G 3268 47.12 -40.34 20.75
N ARG G 3269 48.27 -40.66 21.33
CA ARG G 3269 49.51 -40.13 20.79
C ARG G 3269 49.79 -40.67 19.40
N THR G 3270 49.44 -41.94 19.15
CA THR G 3270 49.64 -42.49 17.82
C THR G 3270 48.74 -41.84 16.79
N ALA G 3271 47.56 -41.41 17.25
CA ALA G 3271 46.58 -40.80 16.37
C ALA G 3271 46.97 -39.38 16.04
N LEU G 3272 47.43 -38.65 17.05
CA LEU G 3272 47.79 -37.25 16.86
C LEU G 3272 48.97 -37.04 15.92
N THR G 3273 49.90 -37.98 15.92
CA THR G 3273 51.02 -37.91 14.98
C THR G 3273 50.51 -38.06 13.55
N GLU G 3274 51.07 -37.31 12.62
CA GLU G 3274 50.66 -37.47 11.23
C GLU G 3274 51.63 -38.38 10.46
N LYS G 3275 51.17 -39.60 10.21
CA LYS G 3275 51.86 -40.52 9.32
C LYS G 3275 51.32 -40.35 7.91
N SER G 3276 50.45 -39.36 7.75
CA SER G 3276 49.61 -39.21 6.56
C SER G 3276 48.73 -40.45 6.46
N LYS G 3277 49.09 -41.39 5.60
CA LYS G 3277 48.43 -42.69 5.67
C LYS G 3277 48.82 -43.30 7.01
N LEU G 3278 47.86 -43.87 7.72
CA LEU G 3278 48.16 -44.41 9.03
C LEU G 3278 48.85 -45.75 9.01
N ASP G 3279 49.65 -46.00 10.04
CA ASP G 3279 50.26 -47.28 10.26
C ASP G 3279 49.16 -48.29 10.53
N GLU G 3280 49.32 -49.52 10.06
CA GLU G 3280 48.33 -50.56 10.33
C GLU G 3280 48.19 -50.83 11.83
N ASP G 3281 49.31 -50.70 12.54
CA ASP G 3281 49.36 -50.87 13.99
C ASP G 3281 48.48 -52.00 14.49
N TYR G 3282 48.93 -53.24 14.27
CA TYR G 3282 48.09 -54.40 14.56
C TYR G 3282 47.82 -54.46 16.05
N LEU G 3283 48.73 -53.88 16.83
CA LEU G 3283 48.54 -53.79 18.27
C LEU G 3283 47.29 -52.95 18.57
N TYR G 3284 47.04 -51.92 17.77
CA TYR G 3284 45.80 -51.16 17.90
C TYR G 3284 44.59 -51.98 17.48
N MET G 3285 44.76 -52.87 16.52
CA MET G 3285 43.67 -53.72 16.09
C MET G 3285 43.26 -54.53 17.28
N ALA G 3286 44.28 -55.04 17.95
CA ALA G 3286 44.10 -55.96 19.03
C ALA G 3286 43.45 -55.29 20.22
N TYR G 3287 44.04 -54.20 20.70
CA TYR G 3287 43.42 -53.52 21.84
C TYR G 3287 42.09 -52.85 21.56
N ALA G 3288 41.87 -52.38 20.35
CA ALA G 3288 40.57 -51.82 20.05
C ALA G 3288 39.52 -52.92 20.03
N ASP G 3289 39.88 -54.10 19.52
CA ASP G 3289 38.96 -55.23 19.57
C ASP G 3289 38.74 -55.71 21.00
N ILE G 3290 39.77 -55.57 21.82
CA ILE G 3290 39.70 -55.97 23.20
C ILE G 3290 38.76 -55.09 24.00
N MET G 3291 38.94 -53.78 23.87
CA MET G 3291 38.04 -52.87 24.54
C MET G 3291 36.63 -52.96 23.97
N ALA G 3292 36.54 -53.27 22.68
CA ALA G 3292 35.22 -53.47 22.07
C ALA G 3292 34.53 -54.69 22.67
N LYS G 3293 35.33 -55.70 23.02
CA LYS G 3293 34.79 -56.89 23.68
C LYS G 3293 34.64 -56.72 25.18
N SER G 3294 35.17 -55.62 25.72
CA SER G 3294 35.05 -55.35 27.14
C SER G 3294 33.59 -55.12 27.52
N CYS G 3295 32.80 -54.65 26.56
CA CYS G 3295 31.39 -54.38 26.81
C CYS G 3295 30.52 -55.56 26.43
N GLU G 3312 9.07 -58.79 37.74
CA GLU G 3312 9.98 -57.87 37.07
C GLU G 3312 11.44 -58.23 37.32
N VAL G 3313 11.70 -59.47 37.71
CA VAL G 3313 13.07 -59.89 37.99
C VAL G 3313 13.92 -59.81 36.72
N SER G 3314 13.31 -60.10 35.57
CA SER G 3314 13.98 -59.92 34.29
C SER G 3314 14.25 -58.46 34.03
N PHE G 3315 13.35 -57.60 34.51
CA PHE G 3315 13.53 -56.16 34.38
C PHE G 3315 14.65 -55.65 35.25
N GLU G 3316 14.69 -56.10 36.51
CA GLU G 3316 15.76 -55.67 37.40
C GLU G 3316 17.11 -56.20 36.97
N GLU G 3317 17.15 -57.42 36.45
CA GLU G 3317 18.38 -57.95 35.89
C GLU G 3317 18.79 -57.20 34.63
N LYS G 3318 17.80 -56.76 33.86
CA LYS G 3318 18.09 -55.94 32.68
C LYS G 3318 18.68 -54.61 33.10
N GLU G 3319 18.20 -54.09 34.22
CA GLU G 3319 18.74 -52.86 34.79
C GLU G 3319 20.14 -53.05 35.32
N MET G 3320 20.41 -54.21 35.91
CA MET G 3320 21.75 -54.48 36.41
C MET G 3320 22.70 -54.61 35.25
N GLU G 3321 22.23 -55.19 34.16
CA GLU G 3321 23.00 -55.26 32.93
C GLU G 3321 23.22 -53.89 32.32
N LYS G 3322 22.26 -53.00 32.52
CA LYS G 3322 22.35 -51.67 31.94
C LYS G 3322 23.36 -50.84 32.70
N GLN G 3323 23.29 -50.90 34.02
CA GLN G 3323 24.25 -50.23 34.88
C GLN G 3323 25.64 -50.84 34.73
N ARG G 3324 25.68 -52.14 34.42
CA ARG G 3324 26.95 -52.82 34.20
C ARG G 3324 27.60 -52.35 32.91
N LEU G 3325 26.80 -52.30 31.85
CA LEU G 3325 27.30 -51.81 30.57
C LEU G 3325 27.73 -50.38 30.74
N LEU G 3326 27.00 -49.67 31.59
CA LEU G 3326 27.33 -48.30 31.94
C LEU G 3326 28.65 -48.31 32.66
N TYR G 3327 28.97 -49.42 33.31
CA TYR G 3327 30.23 -49.50 34.04
C TYR G 3327 31.43 -49.82 33.17
N GLN G 3328 31.35 -50.78 32.25
CA GLN G 3328 32.50 -51.00 31.39
C GLN G 3328 32.68 -49.78 30.50
N GLN G 3329 31.56 -49.23 30.04
CA GLN G 3329 31.63 -48.05 29.20
C GLN G 3329 32.19 -46.88 29.99
N SER G 3330 31.90 -46.84 31.28
CA SER G 3330 32.53 -45.84 32.12
C SER G 3330 34.02 -46.08 32.26
N ARG G 3331 34.40 -47.36 32.26
CA ARG G 3331 35.79 -47.75 32.39
C ARG G 3331 36.59 -47.25 31.20
N LEU G 3332 36.03 -47.40 30.02
CA LEU G 3332 36.64 -46.88 28.81
C LEU G 3332 36.52 -45.35 28.75
N HIS G 3333 35.44 -44.84 29.34
CA HIS G 3333 35.14 -43.41 29.33
C HIS G 3333 36.08 -42.53 30.13
N THR G 3334 36.33 -42.90 31.38
CA THR G 3334 37.13 -42.07 32.27
C THR G 3334 38.57 -42.04 31.81
N ARG G 3335 38.95 -43.08 31.07
CA ARG G 3335 40.32 -43.27 30.64
C ARG G 3335 40.60 -42.53 29.34
N GLY G 3336 39.56 -41.87 28.83
CA GLY G 3336 39.69 -41.06 27.63
C GLY G 3336 39.61 -41.79 26.31
N ALA G 3337 39.17 -43.06 26.34
CA ALA G 3337 39.01 -43.83 25.11
C ALA G 3337 37.97 -43.18 24.21
N ALA G 3338 37.03 -42.45 24.83
CA ALA G 3338 36.00 -41.76 24.09
C ALA G 3338 36.61 -40.74 23.16
N GLU G 3339 37.73 -40.17 23.55
CA GLU G 3339 38.43 -39.22 22.71
C GLU G 3339 39.27 -39.91 21.64
N MET G 3340 39.98 -40.98 22.01
CA MET G 3340 40.85 -41.65 21.06
C MET G 3340 40.05 -42.28 19.94
N VAL G 3341 38.81 -42.69 20.22
CA VAL G 3341 38.01 -43.28 19.16
C VAL G 3341 37.78 -42.25 18.08
N LEU G 3342 37.68 -41.00 18.51
CA LEU G 3342 37.42 -39.93 17.59
C LEU G 3342 38.71 -39.53 16.87
N GLN G 3343 39.79 -39.47 17.63
CA GLN G 3343 41.08 -39.05 17.08
C GLN G 3343 41.60 -40.04 16.04
N MET G 3344 41.35 -41.33 16.26
CA MET G 3344 41.80 -42.33 15.30
C MET G 3344 41.06 -42.17 13.99
N ILE G 3345 39.78 -41.81 14.07
CA ILE G 3345 39.00 -41.62 12.87
C ILE G 3345 39.47 -40.37 12.16
N SER G 3346 39.77 -39.35 12.95
CA SER G 3346 40.20 -38.08 12.37
C SER G 3346 41.54 -38.24 11.67
N ALA G 3347 42.34 -39.18 12.16
CA ALA G 3347 43.61 -39.48 11.50
C ALA G 3347 43.39 -40.33 10.25
N CYS G 3348 42.50 -41.31 10.34
CA CYS G 3348 42.29 -42.27 9.26
C CYS G 3348 41.75 -41.64 7.98
N LYS G 3349 41.13 -40.47 8.14
CA LYS G 3349 40.61 -39.67 7.03
C LYS G 3349 39.88 -40.51 5.98
N GLY G 3350 40.28 -40.41 4.72
CA GLY G 3350 39.51 -41.00 3.64
C GLY G 3350 39.69 -42.51 3.48
N GLU G 3351 40.67 -43.06 4.18
CA GLU G 3351 40.92 -44.49 4.12
C GLU G 3351 39.77 -45.31 4.72
N THR G 3352 39.52 -46.47 4.13
CA THR G 3352 38.60 -47.44 4.70
C THR G 3352 39.35 -48.67 5.16
N GLY G 3353 40.41 -48.47 5.92
CA GLY G 3353 41.23 -49.57 6.39
C GLY G 3353 40.49 -50.39 7.42
N ALA G 3354 40.95 -51.62 7.64
CA ALA G 3354 40.34 -52.48 8.64
C ALA G 3354 40.50 -51.88 10.02
N MET G 3355 41.56 -51.11 10.20
CA MET G 3355 41.80 -50.45 11.47
C MET G 3355 40.72 -49.42 11.77
N VAL G 3356 40.16 -48.82 10.73
CA VAL G 3356 39.06 -47.90 10.94
C VAL G 3356 37.85 -48.66 11.49
N SER G 3357 37.67 -49.88 10.99
CA SER G 3357 36.63 -50.74 11.52
C SER G 3357 36.92 -51.08 12.96
N SER G 3358 38.21 -51.23 13.26
CA SER G 3358 38.62 -51.56 14.61
C SER G 3358 38.30 -50.39 15.52
N THR G 3359 38.33 -49.19 14.97
CA THR G 3359 38.00 -48.00 15.73
C THR G 3359 36.51 -47.96 15.98
N LEU G 3360 35.72 -48.11 14.92
CA LEU G 3360 34.27 -48.02 15.06
C LEU G 3360 33.67 -49.12 15.93
N LYS G 3361 34.31 -50.29 15.96
CA LYS G 3361 33.84 -51.32 16.86
C LYS G 3361 33.95 -50.79 18.27
N LEU G 3362 35.07 -50.15 18.55
CA LEU G 3362 35.30 -49.56 19.85
C LEU G 3362 34.36 -48.39 20.15
N GLY G 3363 33.99 -47.64 19.13
CA GLY G 3363 33.10 -46.51 19.35
C GLY G 3363 31.71 -47.00 19.69
N ILE G 3364 31.24 -47.97 18.91
CA ILE G 3364 29.94 -48.56 19.12
C ILE G 3364 29.90 -49.24 20.47
N SER G 3365 31.04 -49.80 20.89
CA SER G 3365 31.09 -50.48 22.16
C SER G 3365 31.05 -49.48 23.32
N ILE G 3366 31.80 -48.41 23.22
CA ILE G 3366 31.82 -47.41 24.29
C ILE G 3366 30.46 -46.71 24.38
N LEU G 3367 29.75 -46.61 23.26
CA LEU G 3367 28.40 -46.07 23.29
C LEU G 3367 27.36 -47.17 23.53
N ASN G 3368 27.07 -47.94 22.50
CA ASN G 3368 26.16 -49.03 22.66
C ASN G 3368 24.92 -48.51 23.31
N GLY G 3369 24.39 -47.44 22.74
CA GLY G 3369 23.14 -46.89 23.20
C GLY G 3369 23.26 -45.70 24.11
N GLY G 3370 23.44 -44.56 23.48
CA GLY G 3370 23.15 -43.26 24.05
C GLY G 3370 23.77 -42.88 25.38
N ASN G 3371 25.05 -43.16 25.59
CA ASN G 3371 25.67 -42.72 26.82
C ASN G 3371 25.59 -41.21 26.80
N ALA G 3372 25.16 -40.59 27.88
CA ALA G 3372 25.23 -39.14 27.91
C ALA G 3372 26.66 -38.68 28.14
N GLU G 3373 27.42 -39.46 28.90
CA GLU G 3373 28.74 -39.02 29.30
C GLU G 3373 29.71 -39.09 28.15
N VAL G 3374 29.72 -40.24 27.47
CA VAL G 3374 30.65 -40.45 26.39
C VAL G 3374 30.33 -39.51 25.24
N GLN G 3375 29.04 -39.38 24.96
CA GLN G 3375 28.60 -38.51 23.89
C GLN G 3375 28.88 -37.05 24.21
N GLN G 3376 28.85 -36.72 25.50
CA GLN G 3376 29.10 -35.35 25.92
C GLN G 3376 30.59 -34.98 25.87
N LYS G 3377 31.46 -35.87 26.35
CA LYS G 3377 32.89 -35.63 26.13
C LYS G 3377 33.25 -35.71 24.67
N MET G 3378 32.47 -36.46 23.91
CA MET G 3378 32.74 -36.61 22.49
C MET G 3378 32.53 -35.27 21.82
N LEU G 3379 31.34 -34.72 22.05
CA LEU G 3379 30.98 -33.43 21.47
C LEU G 3379 31.83 -32.31 22.02
N ASP G 3380 32.21 -32.43 23.29
CA ASP G 3380 33.04 -31.41 23.90
C ASP G 3380 34.42 -31.44 23.25
N TYR G 3381 34.89 -32.64 22.93
CA TYR G 3381 36.19 -32.76 22.30
C TYR G 3381 36.10 -32.16 20.91
N LEU G 3382 34.97 -32.36 20.25
CA LEU G 3382 34.78 -31.75 18.94
C LEU G 3382 34.67 -30.23 18.95
N LYS G 3383 34.13 -29.67 20.03
CA LYS G 3383 34.09 -28.22 20.15
C LYS G 3383 35.37 -27.64 20.75
N ASP G 3384 36.27 -28.50 21.20
CA ASP G 3384 37.52 -28.01 21.73
C ASP G 3384 38.62 -28.02 20.69
N LYS G 3385 39.15 -29.22 20.41
CA LYS G 3385 40.27 -29.34 19.48
C LYS G 3385 39.88 -28.95 18.06
N LYS G 3386 38.60 -29.13 17.72
CA LYS G 3386 37.99 -28.60 16.48
C LYS G 3386 38.87 -28.82 15.25
N GLU G 3387 39.35 -30.04 15.09
CA GLU G 3387 40.37 -30.36 14.09
C GLU G 3387 39.83 -30.53 12.68
N VAL G 3388 38.51 -30.51 12.54
CA VAL G 3388 37.83 -30.41 11.25
C VAL G 3388 37.93 -31.70 10.43
N GLY G 3389 39.06 -32.39 10.53
CA GLY G 3389 39.35 -33.49 9.64
C GLY G 3389 38.66 -34.77 10.07
N PHE G 3390 38.00 -34.74 11.22
CA PHE G 3390 37.20 -35.88 11.63
C PHE G 3390 35.94 -36.05 10.76
N PHE G 3391 35.19 -34.97 10.55
CA PHE G 3391 34.09 -35.03 9.61
C PHE G 3391 34.55 -35.12 8.18
N GLN G 3392 35.75 -34.62 7.90
CA GLN G 3392 36.33 -34.84 6.59
C GLN G 3392 36.58 -36.31 6.43
N SER G 3393 36.88 -36.97 7.54
CA SER G 3393 37.15 -38.39 7.53
C SER G 3393 35.88 -39.17 7.29
N ILE G 3394 34.84 -38.85 8.05
CA ILE G 3394 33.58 -39.57 7.90
C ILE G 3394 32.98 -39.31 6.52
N GLN G 3395 33.19 -38.11 5.99
CA GLN G 3395 32.67 -37.82 4.66
C GLN G 3395 33.42 -38.54 3.57
N ALA G 3396 34.73 -38.43 3.60
CA ALA G 3396 35.53 -39.01 2.54
C ALA G 3396 35.39 -40.52 2.57
N LEU G 3397 35.27 -41.06 3.78
CA LEU G 3397 35.04 -42.47 3.95
C LEU G 3397 33.66 -42.87 3.43
N MET G 3398 32.67 -42.01 3.67
CA MET G 3398 31.30 -42.29 3.25
C MET G 3398 31.19 -42.25 1.73
N GLN G 3399 32.06 -41.51 1.09
CA GLN G 3399 32.03 -41.49 -0.35
C GLN G 3399 32.29 -42.92 -0.75
N THR G 3400 33.21 -43.55 -0.05
CA THR G 3400 33.67 -44.89 -0.40
C THR G 3400 33.14 -46.00 0.48
N CYS G 3401 32.16 -45.72 1.34
CA CYS G 3401 31.84 -46.69 2.37
C CYS G 3401 31.44 -48.00 1.75
N SER G 3402 30.59 -47.95 0.73
CA SER G 3402 30.23 -49.14 -0.01
C SER G 3402 29.06 -48.88 -0.93
N VAL G 3403 28.67 -49.94 -1.64
CA VAL G 3403 27.45 -49.98 -2.41
C VAL G 3403 27.13 -51.43 -2.65
N LEU G 3404 25.96 -51.70 -3.19
CA LEU G 3404 25.52 -53.06 -3.46
C LEU G 3404 26.10 -53.53 -4.79
N ASP G 3405 26.31 -52.57 -5.69
CA ASP G 3405 27.11 -52.76 -6.91
C ASP G 3405 26.70 -54.00 -7.68
N LEU G 3406 25.67 -53.86 -8.51
CA LEU G 3406 25.11 -54.99 -9.23
C LEU G 3406 26.09 -55.69 -10.16
N ASN G 3407 26.98 -54.91 -10.77
CA ASN G 3407 27.88 -55.47 -11.76
C ASN G 3407 28.80 -56.46 -11.06
N ALA G 3408 29.14 -56.16 -9.82
CA ALA G 3408 29.91 -57.06 -8.98
C ALA G 3408 29.14 -58.33 -8.69
N PHE G 3409 27.82 -58.22 -8.64
CA PHE G 3409 27.01 -59.37 -8.30
C PHE G 3409 26.85 -60.30 -9.49
N GLU G 3410 26.66 -59.73 -10.68
CA GLU G 3410 26.65 -60.57 -11.88
C GLU G 3410 28.03 -61.18 -12.08
N ARG G 3411 29.05 -60.42 -11.72
CA ARG G 3411 30.43 -60.87 -11.83
C ARG G 3411 30.75 -62.01 -10.89
N GLN G 3412 30.10 -62.02 -9.73
CA GLN G 3412 30.36 -63.04 -8.72
C GLN G 3412 29.42 -64.24 -8.90
N ASN G 3413 28.33 -64.02 -9.62
CA ASN G 3413 27.32 -65.04 -9.83
C ASN G 3413 27.90 -66.21 -10.64
N LYS G 3414 28.90 -65.90 -11.46
CA LYS G 3414 29.48 -66.90 -12.35
C LYS G 3414 30.87 -67.32 -11.91
N ASP G 3439 31.38 -56.43 2.15
CA ASP G 3439 32.27 -55.52 2.85
C ASP G 3439 31.51 -54.29 3.35
N ASP G 3440 30.21 -54.46 3.57
CA ASP G 3440 29.37 -53.37 4.05
C ASP G 3440 29.08 -53.41 5.55
N GLU G 3441 29.55 -54.45 6.22
CA GLU G 3441 29.31 -54.59 7.65
C GLU G 3441 29.95 -53.43 8.40
N PHE G 3442 31.07 -52.96 7.87
CA PHE G 3442 31.72 -51.75 8.33
C PHE G 3442 30.88 -50.50 8.17
N THR G 3443 30.08 -50.49 7.11
CA THR G 3443 29.25 -49.33 6.84
C THR G 3443 28.12 -49.30 7.83
N GLN G 3444 27.55 -50.47 8.07
CA GLN G 3444 26.47 -50.62 9.03
C GLN G 3444 27.01 -50.24 10.40
N ASP G 3445 28.28 -50.56 10.65
CA ASP G 3445 28.94 -50.11 11.86
C ASP G 3445 29.10 -48.62 11.92
N LEU G 3446 29.28 -47.99 10.76
CA LEU G 3446 29.52 -46.57 10.77
C LEU G 3446 28.24 -45.81 11.04
N PHE G 3447 27.18 -46.16 10.33
CA PHE G 3447 25.91 -45.52 10.58
C PHE G 3447 25.35 -45.87 11.94
N ARG G 3448 25.66 -47.06 12.42
CA ARG G 3448 25.31 -47.41 13.79
C ARG G 3448 26.07 -46.49 14.72
N PHE G 3449 27.29 -46.16 14.32
CA PHE G 3449 28.13 -45.31 15.15
C PHE G 3449 27.55 -43.93 15.25
N LEU G 3450 27.18 -43.35 14.11
CA LEU G 3450 26.56 -42.02 14.15
C LEU G 3450 25.23 -42.02 14.87
N GLN G 3451 24.48 -43.11 14.72
CA GLN G 3451 23.19 -43.18 15.37
C GLN G 3451 23.37 -43.18 16.86
N LEU G 3452 24.41 -43.87 17.32
CA LEU G 3452 24.79 -43.86 18.71
C LEU G 3452 25.30 -42.49 19.13
N LEU G 3453 25.89 -41.77 18.19
CA LEU G 3453 26.25 -40.37 18.44
C LEU G 3453 25.05 -39.48 18.63
N CYS G 3454 23.90 -39.82 18.06
CA CYS G 3454 22.73 -38.97 18.27
C CYS G 3454 21.70 -39.47 19.28
N GLU G 3455 21.86 -40.68 19.81
CA GLU G 3455 20.89 -41.19 20.79
C GLU G 3455 21.02 -40.46 22.12
N GLY G 3456 19.93 -40.42 22.88
CA GLY G 3456 19.84 -39.58 24.05
C GLY G 3456 19.36 -38.18 23.69
N HIS G 3457 19.09 -37.99 22.40
CA HIS G 3457 18.52 -36.75 21.87
C HIS G 3457 19.34 -35.50 22.18
N ASN G 3458 20.64 -35.55 21.96
CA ASN G 3458 21.47 -34.36 22.15
C ASN G 3458 21.34 -33.38 21.00
N ASN G 3459 20.38 -32.45 21.14
CA ASN G 3459 20.02 -31.55 20.06
C ASN G 3459 21.20 -30.70 19.63
N ASP G 3460 22.04 -30.35 20.60
CA ASP G 3460 23.25 -29.59 20.31
C ASP G 3460 24.20 -30.41 19.46
N PHE G 3461 24.18 -31.72 19.66
CA PHE G 3461 25.10 -32.56 18.93
C PHE G 3461 24.58 -32.80 17.53
N GLN G 3462 23.26 -32.95 17.40
CA GLN G 3462 22.66 -33.13 16.09
C GLN G 3462 22.87 -31.88 15.24
N ASN G 3463 22.69 -30.73 15.87
CA ASN G 3463 22.97 -29.48 15.18
C ASN G 3463 24.44 -29.41 14.86
N TYR G 3464 25.25 -29.97 15.74
CA TYR G 3464 26.68 -29.94 15.47
C TYR G 3464 26.98 -30.76 14.22
N LEU G 3465 26.26 -31.85 14.02
CA LEU G 3465 26.42 -32.62 12.80
C LEU G 3465 25.90 -31.83 11.62
N ARG G 3466 24.92 -30.98 11.86
CA ARG G 3466 24.41 -30.15 10.78
C ARG G 3466 25.40 -29.13 10.28
N THR G 3467 25.98 -28.39 11.21
CA THR G 3467 26.55 -27.10 10.86
C THR G 3467 27.98 -26.88 11.34
N GLN G 3468 28.45 -27.71 12.27
CA GLN G 3468 29.87 -27.82 12.55
C GLN G 3468 30.47 -26.43 12.84
N THR G 3469 29.81 -25.68 13.73
CA THR G 3469 30.02 -24.24 13.80
C THR G 3469 31.42 -23.74 14.13
N GLY G 3470 32.16 -24.48 14.95
CA GLY G 3470 33.50 -24.02 15.28
C GLY G 3470 34.46 -24.20 14.12
N ASN G 3471 34.25 -25.27 13.36
CA ASN G 3471 35.18 -25.63 12.30
C ASN G 3471 35.09 -24.72 11.08
N THR G 3472 36.23 -24.51 10.43
CA THR G 3472 36.28 -23.62 9.28
C THR G 3472 35.45 -24.11 8.10
N THR G 3473 35.30 -25.43 7.97
CA THR G 3473 34.47 -25.99 6.91
C THR G 3473 33.28 -26.74 7.50
N THR G 3474 32.08 -26.25 7.21
CA THR G 3474 30.86 -26.80 7.75
C THR G 3474 30.29 -27.98 6.95
N ILE G 3475 31.00 -29.11 7.01
CA ILE G 3475 30.53 -30.32 6.36
C ILE G 3475 29.19 -30.78 6.94
N ASN G 3476 28.28 -31.21 6.09
CA ASN G 3476 26.99 -31.68 6.56
C ASN G 3476 26.86 -33.18 6.37
N ILE G 3477 27.13 -33.92 7.44
CA ILE G 3477 27.11 -35.37 7.37
C ILE G 3477 25.72 -35.87 6.99
N ILE G 3478 24.70 -35.14 7.38
CA ILE G 3478 23.33 -35.56 7.11
C ILE G 3478 23.04 -35.60 5.62
N ILE G 3479 23.52 -34.59 4.90
CA ILE G 3479 23.38 -34.58 3.46
C ILE G 3479 24.18 -35.72 2.87
N CYS G 3480 25.28 -36.07 3.52
CA CYS G 3480 26.15 -37.11 3.00
C CYS G 3480 25.50 -38.48 3.10
N THR G 3481 24.93 -38.78 4.26
CA THR G 3481 24.21 -40.02 4.43
C THR G 3481 22.95 -40.06 3.60
N VAL G 3482 22.34 -38.90 3.34
CA VAL G 3482 21.22 -38.90 2.41
C VAL G 3482 21.68 -39.30 1.02
N ASP G 3483 22.85 -38.79 0.63
CA ASP G 3483 23.40 -39.15 -0.67
C ASP G 3483 23.72 -40.63 -0.70
N TYR G 3484 24.12 -41.14 0.46
CA TYR G 3484 24.39 -42.56 0.57
C TYR G 3484 23.11 -43.35 0.41
N LEU G 3485 21.98 -42.81 0.85
CA LEU G 3485 20.68 -43.39 0.51
C LEU G 3485 20.40 -43.32 -0.95
N LEU G 3486 20.96 -42.31 -1.61
CA LEU G 3486 20.70 -42.21 -3.03
C LEU G 3486 21.45 -43.32 -3.75
N ARG G 3487 22.75 -43.47 -3.49
CA ARG G 3487 23.49 -44.50 -4.19
C ARG G 3487 23.03 -45.91 -3.79
N LEU G 3488 22.73 -46.08 -2.50
CA LEU G 3488 22.27 -47.36 -2.02
C LEU G 3488 20.90 -47.65 -2.63
N GLN G 3489 20.15 -46.59 -2.88
CA GLN G 3489 18.90 -46.71 -3.62
C GLN G 3489 19.11 -47.25 -5.00
N GLU G 3490 20.01 -46.60 -5.73
CA GLU G 3490 20.18 -46.93 -7.13
C GLU G 3490 20.67 -48.36 -7.21
N SER G 3491 21.41 -48.78 -6.18
CA SER G 3491 21.83 -50.16 -6.09
C SER G 3491 20.67 -51.13 -5.86
N ILE G 3492 19.81 -50.84 -4.89
CA ILE G 3492 18.71 -51.75 -4.61
C ILE G 3492 17.74 -51.83 -5.78
N SER G 3493 17.56 -50.71 -6.46
CA SER G 3493 16.60 -50.60 -7.54
C SER G 3493 17.11 -51.31 -8.78
N ASP G 3494 18.38 -51.08 -9.09
CA ASP G 3494 18.96 -51.77 -10.22
C ASP G 3494 18.96 -53.25 -9.94
N PHE G 3495 19.16 -53.61 -8.67
CA PHE G 3495 19.15 -55.01 -8.28
C PHE G 3495 17.76 -55.58 -8.53
N TYR G 3496 16.75 -54.74 -8.30
CA TYR G 3496 15.39 -55.16 -8.59
C TYR G 3496 15.20 -55.42 -10.05
N TRP G 3497 15.57 -54.46 -10.89
CA TRP G 3497 15.33 -54.64 -12.31
C TRP G 3497 16.12 -55.82 -12.85
N TYR G 3498 17.27 -56.11 -12.25
CA TYR G 3498 17.96 -57.34 -12.60
C TYR G 3498 17.18 -58.59 -12.17
N TYR G 3499 16.47 -58.52 -11.05
CA TYR G 3499 15.55 -59.60 -10.69
C TYR G 3499 14.08 -59.34 -11.00
N SER G 3500 13.79 -58.23 -11.68
CA SER G 3500 12.41 -57.95 -12.04
C SER G 3500 11.84 -58.99 -12.99
N GLY G 3501 12.68 -59.54 -13.86
CA GLY G 3501 12.23 -60.54 -14.81
C GLY G 3501 12.44 -62.00 -14.43
N LYS G 3502 13.29 -62.24 -13.44
CA LYS G 3502 13.67 -63.60 -13.09
C LYS G 3502 12.94 -64.18 -11.88
N ASP G 3503 11.87 -63.50 -11.47
CA ASP G 3503 11.07 -63.82 -10.27
C ASP G 3503 11.79 -64.64 -9.18
N VAL G 3504 12.04 -65.91 -9.45
CA VAL G 3504 12.74 -66.77 -8.48
C VAL G 3504 14.16 -66.24 -8.23
N ILE G 3505 14.61 -66.29 -6.97
CA ILE G 3505 15.85 -65.63 -6.61
C ILE G 3505 16.86 -66.57 -5.94
N GLU G 3506 18.14 -66.34 -6.25
CA GLU G 3506 19.25 -67.13 -5.71
C GLU G 3506 19.39 -66.96 -4.21
N GLU G 3507 19.86 -68.01 -3.55
CA GLU G 3507 20.15 -67.90 -2.13
C GLU G 3507 21.26 -66.89 -1.88
N GLN G 3508 22.21 -66.78 -2.81
CA GLN G 3508 23.22 -65.74 -2.74
C GLN G 3508 22.61 -64.36 -2.91
N GLY G 3509 21.59 -64.27 -3.74
CA GLY G 3509 20.92 -63.00 -3.93
C GLY G 3509 20.02 -62.71 -2.76
N LYS G 3510 19.64 -63.78 -2.06
CA LYS G 3510 18.82 -63.63 -0.87
C LYS G 3510 19.66 -63.06 0.25
N ARG G 3511 20.82 -63.66 0.46
CA ARG G 3511 21.73 -63.17 1.49
C ARG G 3511 22.27 -61.79 1.15
N ASN G 3512 22.45 -61.52 -0.15
CA ASN G 3512 22.98 -60.23 -0.54
C ASN G 3512 21.97 -59.13 -0.38
N PHE G 3513 20.76 -59.37 -0.88
CA PHE G 3513 19.71 -58.37 -0.80
C PHE G 3513 19.31 -58.15 0.66
N SER G 3514 19.35 -59.22 1.46
CA SER G 3514 19.10 -59.11 2.89
C SER G 3514 20.19 -58.32 3.58
N LYS G 3515 21.42 -58.45 3.07
CA LYS G 3515 22.53 -57.72 3.64
C LYS G 3515 22.41 -56.23 3.37
N ALA G 3516 22.10 -55.92 2.11
CA ALA G 3516 21.92 -54.54 1.71
C ALA G 3516 20.74 -53.94 2.44
N MET G 3517 19.73 -54.76 2.71
CA MET G 3517 18.65 -54.35 3.61
C MET G 3517 19.08 -54.19 5.06
N SER G 3518 20.10 -54.92 5.51
CA SER G 3518 20.59 -54.67 6.85
C SER G 3518 21.23 -53.29 6.90
N VAL G 3519 21.93 -52.97 5.82
CA VAL G 3519 22.63 -51.69 5.77
C VAL G 3519 21.62 -50.56 5.72
N ALA G 3520 20.68 -50.70 4.80
CA ALA G 3520 19.67 -49.68 4.60
C ALA G 3520 18.82 -49.57 5.85
N LYS G 3521 18.66 -50.67 6.58
CA LYS G 3521 17.92 -50.62 7.82
C LYS G 3521 18.66 -49.76 8.82
N GLN G 3522 19.95 -50.01 8.95
CA GLN G 3522 20.74 -49.28 9.94
C GLN G 3522 20.80 -47.80 9.59
N VAL G 3523 20.76 -47.52 8.29
CA VAL G 3523 20.95 -46.15 7.83
C VAL G 3523 19.65 -45.35 7.87
N PHE G 3524 18.53 -45.99 7.53
CA PHE G 3524 17.24 -45.37 7.77
C PHE G 3524 17.01 -45.17 9.24
N ASN G 3525 17.54 -46.06 10.08
CA ASN G 3525 17.54 -45.76 11.51
C ASN G 3525 18.40 -44.55 11.83
N SER G 3526 19.50 -44.40 11.11
CA SER G 3526 20.35 -43.24 11.37
C SER G 3526 19.61 -41.96 11.01
N LEU G 3527 18.82 -42.02 9.96
CA LEU G 3527 18.03 -40.86 9.58
C LEU G 3527 16.78 -40.72 10.42
N THR G 3528 16.41 -41.77 11.14
CA THR G 3528 15.43 -41.55 12.18
C THR G 3528 16.13 -40.69 13.18
N GLU G 3529 17.41 -40.98 13.38
CA GLU G 3529 18.05 -40.55 14.60
C GLU G 3529 18.55 -39.11 14.54
N TYR G 3530 19.02 -38.67 13.38
CA TYR G 3530 19.44 -37.28 13.25
C TYR G 3530 18.26 -36.38 13.46
N ILE G 3531 17.10 -36.90 13.06
CA ILE G 3531 15.88 -36.13 12.96
C ILE G 3531 14.99 -36.45 14.15
N GLN G 3532 15.36 -37.48 14.90
CA GLN G 3532 14.47 -38.06 15.87
C GLN G 3532 14.18 -36.98 16.84
N GLY G 3533 15.20 -36.25 17.22
CA GLY G 3533 15.00 -35.09 18.06
C GLY G 3533 14.20 -34.16 17.19
N PRO G 3534 13.25 -33.37 17.86
CA PRO G 3534 12.50 -32.50 16.93
C PRO G 3534 13.41 -31.33 16.70
N CYS G 3535 14.53 -31.60 16.04
CA CYS G 3535 15.49 -30.55 15.76
C CYS G 3535 14.95 -29.91 14.51
N THR G 3536 14.48 -28.68 14.68
CA THR G 3536 13.80 -27.99 13.61
C THR G 3536 14.74 -27.80 12.45
N GLY G 3537 15.97 -27.45 12.74
CA GLY G 3537 16.92 -27.08 11.72
C GLY G 3537 17.54 -28.31 11.08
N ASN G 3538 17.45 -29.44 11.76
CA ASN G 3538 17.95 -30.67 11.20
C ASN G 3538 16.95 -31.19 10.18
N GLN G 3539 15.67 -31.04 10.50
CA GLN G 3539 14.63 -31.43 9.56
C GLN G 3539 14.66 -30.53 8.35
N GLN G 3540 14.76 -29.22 8.60
CA GLN G 3540 14.75 -28.26 7.53
C GLN G 3540 15.98 -28.39 6.66
N SER G 3541 17.11 -28.76 7.26
CA SER G 3541 18.34 -29.01 6.52
C SER G 3541 18.22 -30.23 5.63
N LEU G 3542 17.44 -31.21 6.08
CA LEU G 3542 17.27 -32.44 5.35
C LEU G 3542 16.10 -32.39 4.38
N ALA G 3543 15.09 -31.57 4.67
CA ALA G 3543 13.96 -31.48 3.76
C ALA G 3543 14.39 -30.90 2.41
N HIS G 3544 15.34 -29.97 2.46
CA HIS G 3544 15.98 -29.49 1.23
C HIS G 3544 16.91 -30.53 0.63
N SER G 3545 17.39 -31.46 1.47
CA SER G 3545 18.32 -32.49 1.02
C SER G 3545 17.61 -33.44 0.08
N ARG G 3546 18.40 -34.08 -0.78
CA ARG G 3546 17.87 -34.80 -1.92
C ARG G 3546 17.34 -36.16 -1.46
N LEU G 3547 16.79 -36.16 -0.26
CA LEU G 3547 16.24 -37.36 0.34
C LEU G 3547 15.07 -37.89 -0.45
N TRP G 3548 14.32 -36.98 -1.05
CA TRP G 3548 13.03 -37.33 -1.59
C TRP G 3548 13.17 -38.30 -2.75
N ASP G 3549 14.22 -38.09 -3.55
CA ASP G 3549 14.48 -38.92 -4.70
C ASP G 3549 14.76 -40.34 -4.23
N ALA G 3550 15.26 -40.46 -3.01
CA ALA G 3550 15.38 -41.75 -2.40
C ALA G 3550 14.05 -42.25 -1.85
N VAL G 3551 13.36 -41.41 -1.09
CA VAL G 3551 12.19 -41.91 -0.38
C VAL G 3551 11.08 -42.29 -1.36
N VAL G 3552 11.01 -41.57 -2.48
CA VAL G 3552 10.10 -41.97 -3.54
C VAL G 3552 10.59 -43.29 -4.07
N GLY G 3553 11.88 -43.32 -4.40
CA GLY G 3553 12.43 -44.41 -5.16
C GLY G 3553 12.52 -45.72 -4.41
N PHE G 3554 12.70 -45.63 -3.11
CA PHE G 3554 12.72 -46.84 -2.31
C PHE G 3554 11.38 -47.51 -2.43
N LEU G 3555 10.33 -46.69 -2.49
CA LEU G 3555 9.01 -47.26 -2.55
C LEU G 3555 8.87 -48.04 -3.86
N HIS G 3556 9.55 -47.57 -4.91
CA HIS G 3556 9.47 -48.25 -6.19
C HIS G 3556 10.10 -49.62 -6.10
N VAL G 3557 11.07 -49.73 -5.20
CA VAL G 3557 11.59 -51.03 -4.83
C VAL G 3557 10.67 -51.73 -3.86
N PHE G 3558 10.17 -51.01 -2.86
CA PHE G 3558 9.37 -51.66 -1.83
C PHE G 3558 7.99 -51.99 -2.32
N ALA G 3559 7.59 -51.45 -3.45
CA ALA G 3559 6.32 -51.87 -4.02
C ALA G 3559 6.46 -53.28 -4.59
N HIS G 3560 7.15 -53.39 -5.71
CA HIS G 3560 7.17 -54.63 -6.46
C HIS G 3560 7.83 -55.76 -5.68
N MET G 3561 8.86 -55.41 -4.91
CA MET G 3561 9.51 -56.38 -4.06
C MET G 3561 8.57 -56.92 -3.00
N MET G 3562 7.61 -56.11 -2.55
CA MET G 3562 6.76 -56.57 -1.47
C MET G 3562 5.61 -57.32 -2.13
N MET G 3563 5.64 -57.35 -3.46
CA MET G 3563 4.65 -58.08 -4.24
C MET G 3563 5.19 -59.41 -4.79
N LYS G 3564 6.18 -59.35 -5.68
CA LYS G 3564 6.72 -60.58 -6.26
C LYS G 3564 7.44 -61.46 -5.24
N LEU G 3565 7.94 -60.89 -4.15
CA LEU G 3565 8.45 -61.72 -3.08
C LEU G 3565 7.34 -62.33 -2.22
N ALA G 3566 6.12 -61.81 -2.36
CA ALA G 3566 5.01 -62.27 -1.52
C ALA G 3566 4.63 -63.72 -1.79
N GLN G 3567 4.96 -64.16 -3.00
CA GLN G 3567 4.42 -65.35 -3.64
C GLN G 3567 4.73 -66.65 -2.93
N ASP G 3568 5.94 -66.80 -2.44
CA ASP G 3568 6.34 -68.08 -1.88
C ASP G 3568 6.88 -67.96 -0.47
N SER G 3569 6.76 -69.03 0.27
CA SER G 3569 7.17 -69.05 1.67
C SER G 3569 8.66 -68.77 1.84
N SER G 3570 9.47 -69.40 1.00
CA SER G 3570 10.89 -69.19 1.02
C SER G 3570 11.11 -67.73 0.68
N GLN G 3571 10.29 -67.24 -0.24
CA GLN G 3571 10.42 -65.88 -0.72
C GLN G 3571 10.21 -64.87 0.39
N ILE G 3572 9.25 -65.13 1.28
CA ILE G 3572 8.91 -64.15 2.31
C ILE G 3572 9.97 -63.82 3.37
N GLU G 3573 10.62 -64.83 3.96
CA GLU G 3573 11.51 -64.49 5.07
C GLU G 3573 12.27 -63.22 4.78
N LEU G 3574 12.79 -63.12 3.56
CA LEU G 3574 13.44 -61.90 3.11
C LEU G 3574 12.45 -60.76 3.03
N LEU G 3575 11.23 -61.09 2.63
CA LEU G 3575 10.22 -60.07 2.50
C LEU G 3575 9.95 -59.49 3.87
N LYS G 3576 10.09 -60.31 4.89
CA LYS G 3576 9.94 -59.83 6.26
C LYS G 3576 11.02 -58.81 6.64
N GLU G 3577 12.23 -59.02 6.12
CA GLU G 3577 13.31 -58.08 6.37
C GLU G 3577 12.96 -56.78 5.68
N LEU G 3578 12.39 -56.93 4.49
CA LEU G 3578 12.00 -55.78 3.71
C LEU G 3578 10.89 -55.01 4.41
N LEU G 3579 10.05 -55.74 5.14
CA LEU G 3579 8.93 -55.15 5.84
C LEU G 3579 9.42 -54.38 7.03
N ASP G 3580 10.33 -54.98 7.79
CA ASP G 3580 10.87 -54.31 8.96
C ASP G 3580 11.60 -53.05 8.50
N LEU G 3581 12.31 -53.15 7.40
CA LEU G 3581 13.03 -51.98 6.91
C LEU G 3581 12.03 -50.93 6.48
N GLN G 3582 10.91 -51.37 5.93
CA GLN G 3582 9.88 -50.44 5.53
C GLN G 3582 9.31 -49.72 6.74
N LYS G 3583 9.25 -50.45 7.85
CA LYS G 3583 8.80 -49.87 9.09
C LYS G 3583 9.79 -48.83 9.53
N ASP G 3584 11.08 -49.10 9.35
CA ASP G 3584 12.08 -48.10 9.71
C ASP G 3584 12.05 -46.88 8.80
N MET G 3585 11.59 -47.09 7.56
CA MET G 3585 11.49 -46.01 6.60
C MET G 3585 10.36 -45.07 6.95
N VAL G 3586 9.19 -45.67 7.16
CA VAL G 3586 8.03 -44.88 7.54
C VAL G 3586 8.28 -44.27 8.90
N VAL G 3587 9.08 -44.93 9.75
CA VAL G 3587 9.48 -44.32 11.00
C VAL G 3587 10.42 -43.15 10.86
N MET G 3588 11.40 -43.19 9.95
CA MET G 3588 12.26 -42.01 9.82
C MET G 3588 11.43 -40.89 9.28
N LEU G 3589 10.41 -41.25 8.51
CA LEU G 3589 9.62 -40.26 7.80
C LEU G 3589 8.63 -39.59 8.76
N LEU G 3590 8.01 -40.39 9.62
CA LEU G 3590 7.19 -39.91 10.72
C LEU G 3590 7.99 -39.08 11.72
N SER G 3591 9.24 -39.47 11.91
CA SER G 3591 10.11 -38.75 12.82
C SER G 3591 10.63 -37.53 12.11
N LEU G 3592 10.37 -37.50 10.81
CA LEU G 3592 10.71 -36.34 10.00
C LEU G 3592 9.61 -35.29 10.12
N LEU G 3593 8.35 -35.75 10.20
CA LEU G 3593 7.23 -34.80 10.25
C LEU G 3593 6.88 -34.12 11.57
N GLU G 3594 7.42 -34.57 12.70
CA GLU G 3594 6.73 -34.32 13.97
C GLU G 3594 6.69 -32.83 14.28
N GLY G 3595 7.58 -32.07 13.65
CA GLY G 3595 7.70 -30.64 13.88
C GLY G 3595 6.76 -29.75 13.08
N ASN G 3596 5.87 -30.35 12.29
CA ASN G 3596 5.07 -29.58 11.33
C ASN G 3596 4.19 -28.47 11.88
N VAL G 3597 4.11 -27.40 11.10
CA VAL G 3597 3.07 -26.39 11.23
C VAL G 3597 1.97 -26.92 10.30
N VAL G 3598 0.97 -26.13 9.95
CA VAL G 3598 -0.02 -26.61 8.98
C VAL G 3598 0.64 -26.85 7.64
N ASN G 3599 0.79 -25.80 6.85
CA ASN G 3599 1.42 -25.97 5.55
C ASN G 3599 2.93 -25.91 5.70
N GLY G 3600 3.47 -26.87 6.44
CA GLY G 3600 4.90 -27.01 6.56
C GLY G 3600 5.47 -27.30 5.19
N MET G 3601 6.55 -26.63 4.84
CA MET G 3601 7.14 -26.78 3.52
C MET G 3601 7.59 -28.21 3.33
N ILE G 3602 8.02 -28.82 4.42
CA ILE G 3602 8.43 -30.22 4.40
C ILE G 3602 7.26 -31.15 4.08
N ALA G 3603 6.11 -30.89 4.69
CA ALA G 3603 4.93 -31.69 4.41
C ALA G 3603 4.51 -31.50 2.97
N ARG G 3604 4.73 -30.30 2.44
CA ARG G 3604 4.47 -30.05 1.03
C ARG G 3604 5.39 -30.87 0.16
N GLN G 3605 6.64 -31.00 0.61
CA GLN G 3605 7.62 -31.78 -0.14
C GLN G 3605 7.12 -33.20 -0.17
N MET G 3606 6.44 -33.60 0.90
CA MET G 3606 5.99 -34.98 1.00
C MET G 3606 4.70 -35.30 0.26
N VAL G 3607 3.76 -34.37 0.24
CA VAL G 3607 2.59 -34.59 -0.57
C VAL G 3607 3.07 -34.63 -2.01
N ASP G 3608 4.10 -33.83 -2.29
CA ASP G 3608 4.69 -33.84 -3.61
C ASP G 3608 5.32 -35.18 -3.95
N MET G 3609 6.04 -35.78 -3.00
CA MET G 3609 6.63 -37.08 -3.31
C MET G 3609 5.55 -38.13 -3.47
N LEU G 3610 4.48 -38.04 -2.69
CA LEU G 3610 3.41 -39.02 -2.80
C LEU G 3610 2.68 -38.90 -4.13
N VAL G 3611 2.59 -37.69 -4.67
CA VAL G 3611 2.10 -37.55 -6.05
C VAL G 3611 3.10 -38.10 -7.03
N GLU G 3612 4.38 -37.89 -6.75
CA GLU G 3612 5.44 -38.43 -7.58
C GLU G 3612 5.52 -39.95 -7.48
N SER G 3613 5.05 -40.48 -6.36
CA SER G 3613 5.06 -41.92 -6.12
C SER G 3613 3.65 -42.49 -6.07
N SER G 3614 2.72 -41.82 -6.74
CA SER G 3614 1.30 -42.13 -6.55
C SER G 3614 0.89 -43.53 -6.95
N SER G 3615 1.26 -43.97 -8.15
CA SER G 3615 0.93 -45.33 -8.59
C SER G 3615 1.71 -46.35 -7.78
N ASN G 3616 2.86 -45.91 -7.29
CA ASN G 3616 3.75 -46.75 -6.52
C ASN G 3616 3.23 -47.05 -5.10
N VAL G 3617 2.85 -45.98 -4.41
CA VAL G 3617 2.26 -46.13 -3.09
C VAL G 3617 0.90 -46.75 -3.32
N GLU G 3618 0.36 -46.55 -4.51
CA GLU G 3618 -0.86 -47.23 -4.90
C GLU G 3618 -0.64 -48.72 -4.81
N MET G 3619 0.46 -49.19 -5.39
CA MET G 3619 0.75 -50.62 -5.32
C MET G 3619 1.00 -51.11 -3.91
N ILE G 3620 1.67 -50.30 -3.08
CA ILE G 3620 1.91 -50.84 -1.74
C ILE G 3620 0.59 -50.92 -0.97
N LEU G 3621 -0.23 -49.89 -1.09
CA LEU G 3621 -1.51 -49.86 -0.39
C LEU G 3621 -2.41 -50.96 -0.89
N LYS G 3622 -2.27 -51.30 -2.17
CA LYS G 3622 -2.97 -52.45 -2.69
C LYS G 3622 -2.45 -53.71 -2.01
N PHE G 3623 -1.16 -53.76 -1.69
CA PHE G 3623 -0.70 -54.93 -0.95
C PHE G 3623 -1.18 -54.94 0.51
N PHE G 3624 -1.45 -53.79 1.11
CA PHE G 3624 -1.77 -53.80 2.55
C PHE G 3624 -3.18 -54.30 2.84
N ASP G 3625 -4.01 -54.39 1.81
CA ASP G 3625 -5.38 -54.87 1.99
C ASP G 3625 -5.44 -56.37 2.24
N MET G 3626 -4.35 -57.07 1.93
CA MET G 3626 -4.20 -58.49 2.22
C MET G 3626 -4.64 -58.85 3.64
N ILE G 3633 -7.10 -60.98 9.05
CA ILE G 3633 -7.61 -62.28 9.46
C ILE G 3633 -9.13 -62.35 9.28
N VAL G 3634 -9.72 -61.27 8.80
CA VAL G 3634 -11.13 -61.26 8.44
C VAL G 3634 -11.38 -62.20 7.28
N GLY G 3635 -10.34 -62.39 6.47
CA GLY G 3635 -10.47 -63.26 5.32
C GLY G 3635 -10.47 -64.71 5.75
N SER G 3636 -9.97 -64.99 6.95
CA SER G 3636 -10.13 -66.32 7.52
C SER G 3636 -11.60 -66.59 7.82
N GLU G 3637 -12.30 -65.55 8.26
CA GLU G 3637 -13.74 -65.63 8.42
C GLU G 3637 -14.39 -65.75 7.04
N ALA G 3638 -13.75 -65.17 6.03
CA ALA G 3638 -14.22 -65.38 4.66
C ALA G 3638 -14.06 -66.84 4.25
N PHE G 3639 -13.02 -67.51 4.74
CA PHE G 3639 -12.93 -68.96 4.59
C PHE G 3639 -14.02 -69.67 5.37
N GLN G 3640 -14.40 -69.09 6.51
CA GLN G 3640 -15.49 -69.66 7.31
C GLN G 3640 -16.81 -69.58 6.56
N ASP G 3641 -16.91 -68.58 5.68
CA ASP G 3641 -18.13 -68.37 4.90
C ASP G 3641 -18.41 -69.54 3.95
N TYR G 3642 -17.36 -70.22 3.51
CA TYR G 3642 -17.52 -71.34 2.58
C TYR G 3642 -16.54 -72.47 2.83
N VAL G 3643 -16.19 -72.71 4.10
CA VAL G 3643 -15.23 -73.78 4.41
C VAL G 3643 -15.83 -75.12 4.05
N THR G 3644 -15.03 -76.00 3.44
CA THR G 3644 -15.53 -77.33 3.07
C THR G 3644 -14.78 -78.50 3.71
N ASP G 3645 -13.48 -78.60 3.43
CA ASP G 3645 -12.68 -79.74 3.90
C ASP G 3645 -12.62 -79.83 5.41
N PRO G 3646 -12.45 -78.68 6.04
CA PRO G 3646 -12.34 -78.56 7.50
C PRO G 3646 -10.95 -78.94 8.02
N ARG G 3647 -10.03 -79.20 7.10
CA ARG G 3647 -8.63 -79.39 7.43
C ARG G 3647 -7.94 -78.02 7.55
N GLY G 3648 -8.71 -76.98 7.24
CA GLY G 3648 -8.19 -75.64 7.08
C GLY G 3648 -7.71 -75.45 5.66
N LEU G 3649 -7.79 -76.52 4.89
CA LEU G 3649 -7.54 -76.51 3.45
C LEU G 3649 -8.73 -75.92 2.71
N ILE G 3650 -8.49 -75.37 1.53
CA ILE G 3650 -9.58 -74.90 0.68
C ILE G 3650 -9.20 -74.95 -0.80
N SER G 3651 -10.16 -75.29 -1.64
CA SER G 3651 -9.96 -75.30 -3.08
C SER G 3651 -9.68 -73.89 -3.59
N LYS G 3652 -8.72 -73.78 -4.51
CA LYS G 3652 -8.33 -72.48 -5.04
C LYS G 3652 -9.34 -71.93 -6.04
N LYS G 3653 -9.74 -72.75 -7.00
CA LYS G 3653 -10.69 -72.32 -8.01
C LYS G 3653 -12.04 -72.01 -7.39
N ASP G 3654 -12.42 -72.78 -6.37
CA ASP G 3654 -13.63 -72.47 -5.62
C ASP G 3654 -13.45 -71.17 -4.85
N PHE G 3655 -12.22 -70.94 -4.39
CA PHE G 3655 -11.93 -69.73 -3.63
C PHE G 3655 -12.03 -68.50 -4.50
N GLN G 3656 -11.74 -68.64 -5.78
CA GLN G 3656 -11.75 -67.48 -6.68
C GLN G 3656 -13.16 -66.93 -6.81
N LYS G 3657 -14.10 -67.82 -7.10
CA LYS G 3657 -15.49 -67.41 -7.24
C LYS G 3657 -16.15 -67.08 -5.90
N ALA G 3658 -15.83 -67.86 -4.87
CA ALA G 3658 -16.41 -67.62 -3.56
C ALA G 3658 -15.97 -66.28 -2.98
N MET G 3659 -14.74 -65.88 -3.30
CA MET G 3659 -14.22 -64.63 -2.75
C MET G 3659 -14.43 -63.45 -3.68
N ASP G 3660 -14.65 -63.71 -4.97
CA ASP G 3660 -14.97 -62.60 -5.88
C ASP G 3660 -16.33 -62.00 -5.54
N SER G 3661 -17.20 -62.81 -4.94
CA SER G 3661 -18.55 -62.40 -4.61
C SER G 3661 -18.62 -61.30 -3.54
N GLN G 3662 -17.61 -61.27 -2.66
CA GLN G 3662 -17.64 -60.33 -1.54
C GLN G 3662 -17.10 -58.98 -1.98
N GLN G 3664 -15.35 -56.61 -3.20
CA GLN G 3664 -15.09 -56.46 -4.63
C GLN G 3664 -13.62 -56.56 -4.97
N PHE G 3665 -12.90 -57.45 -4.28
CA PHE G 3665 -11.51 -57.72 -4.61
C PHE G 3665 -11.45 -58.31 -6.01
N THR G 3666 -10.51 -57.83 -6.81
CA THR G 3666 -10.37 -58.34 -8.19
C THR G 3666 -9.97 -59.80 -8.13
N GLY G 3667 -10.49 -60.59 -9.06
CA GLY G 3667 -10.23 -62.01 -9.05
C GLY G 3667 -8.76 -62.29 -9.29
N PRO G 3668 -8.13 -61.49 -10.16
CA PRO G 3668 -6.67 -61.63 -10.24
C PRO G 3668 -5.97 -61.36 -8.90
N GLU G 3669 -6.48 -60.44 -8.11
CA GLU G 3669 -5.90 -60.21 -6.80
C GLU G 3669 -6.10 -61.40 -5.89
N ILE G 3670 -7.26 -62.04 -6.00
CA ILE G 3670 -7.53 -63.22 -5.18
C ILE G 3670 -6.61 -64.35 -5.60
N GLN G 3671 -6.29 -64.38 -6.88
CA GLN G 3671 -5.30 -65.31 -7.39
C GLN G 3671 -3.94 -64.97 -6.81
N PHE G 3672 -3.71 -63.68 -6.59
CA PHE G 3672 -2.50 -63.26 -5.89
C PHE G 3672 -2.52 -63.72 -4.43
N LEU G 3673 -3.69 -63.81 -3.84
CA LEU G 3673 -3.82 -64.30 -2.48
C LEU G 3673 -3.44 -65.77 -2.43
N LEU G 3674 -4.01 -66.53 -3.35
CA LEU G 3674 -3.76 -67.96 -3.38
C LEU G 3674 -2.31 -68.22 -3.70
N SER G 3675 -1.75 -67.36 -4.55
CA SER G 3675 -0.34 -67.40 -4.88
C SER G 3675 0.51 -67.04 -3.66
N CYS G 3676 -0.05 -66.19 -2.81
CA CYS G 3676 0.64 -65.76 -1.60
C CYS G 3676 0.49 -66.82 -0.52
N SER G 3677 -0.39 -67.78 -0.78
CA SER G 3677 -0.68 -68.82 0.19
C SER G 3677 0.30 -69.98 0.05
N GLU G 3678 -0.15 -71.05 -0.60
CA GLU G 3678 0.70 -72.22 -0.81
C GLU G 3678 0.32 -72.95 -2.08
N ALA G 3679 -0.99 -73.11 -2.29
CA ALA G 3679 -1.51 -73.86 -3.44
C ALA G 3679 -0.88 -75.24 -3.48
N ASP G 3680 -0.78 -75.88 -2.32
CA ASP G 3680 -0.09 -77.16 -2.20
C ASP G 3680 -0.77 -78.25 -3.02
N GLU G 3681 0.06 -79.11 -3.64
CA GLU G 3681 -0.40 -80.19 -4.48
C GLU G 3681 -1.40 -79.70 -5.52
N ASN G 3682 -2.67 -80.04 -5.33
CA ASN G 3682 -3.73 -79.56 -6.20
C ASN G 3682 -4.21 -78.17 -5.80
N GLU G 3683 -5.50 -78.07 -5.47
CA GLU G 3683 -6.11 -76.80 -5.07
C GLU G 3683 -5.90 -76.45 -3.60
N MET G 3684 -5.34 -77.39 -2.84
CA MET G 3684 -5.29 -77.31 -1.38
C MET G 3684 -4.53 -76.09 -0.87
N ILE G 3685 -5.09 -75.42 0.14
CA ILE G 3685 -4.55 -74.17 0.68
C ILE G 3685 -4.91 -73.95 2.16
N ASN G 3686 -3.89 -73.95 3.02
CA ASN G 3686 -4.10 -73.63 4.44
C ASN G 3686 -4.52 -72.18 4.63
N PHE G 3687 -5.52 -71.96 5.47
CA PHE G 3687 -5.93 -70.62 5.86
C PHE G 3687 -4.92 -69.86 6.71
N GLU G 3688 -4.16 -70.59 7.53
CA GLU G 3688 -3.36 -69.95 8.57
C GLU G 3688 -2.00 -69.46 8.09
N GLU G 3689 -1.33 -70.29 7.29
CA GLU G 3689 -0.04 -69.90 6.72
C GLU G 3689 -0.25 -68.70 5.82
N PHE G 3690 -1.40 -68.68 5.14
CA PHE G 3690 -1.83 -67.50 4.43
C PHE G 3690 -2.17 -66.35 5.38
N ALA G 3691 -2.68 -66.69 6.56
CA ALA G 3691 -3.06 -65.68 7.54
C ALA G 3691 -1.86 -64.92 8.08
N ASN G 3692 -0.70 -65.58 8.07
CA ASN G 3692 0.53 -64.95 8.53
C ASN G 3692 0.94 -63.78 7.65
N ARG G 3693 0.54 -63.81 6.38
CA ARG G 3693 0.88 -62.75 5.43
C ARG G 3693 -0.29 -62.46 4.50
N PRO G 3697 1.99 -58.64 12.11
CA PRO G 3697 3.20 -58.91 11.33
C PRO G 3697 3.61 -57.72 10.46
N ALA G 3698 3.08 -57.66 9.23
CA ALA G 3698 3.38 -56.56 8.34
C ALA G 3698 2.59 -55.30 8.73
N ARG G 3699 1.63 -55.49 9.62
CA ARG G 3699 0.67 -54.45 9.96
C ARG G 3699 1.33 -53.20 10.53
N ASP G 3700 2.47 -53.37 11.19
CA ASP G 3700 3.15 -52.25 11.80
C ASP G 3700 3.54 -51.24 10.74
N ILE G 3701 3.77 -51.70 9.51
CA ILE G 3701 4.02 -50.76 8.44
C ILE G 3701 2.78 -49.96 8.11
N GLY G 3702 1.67 -50.67 7.93
CA GLY G 3702 0.48 -50.07 7.34
C GLY G 3702 -0.07 -49.06 8.29
N PHE G 3703 0.02 -49.37 9.57
CA PHE G 3703 -0.41 -48.45 10.59
C PHE G 3703 0.34 -47.15 10.42
N ASN G 3704 1.65 -47.25 10.32
CA ASN G 3704 2.45 -46.06 10.16
C ASN G 3704 2.09 -45.39 8.86
N VAL G 3705 1.78 -46.19 7.84
CA VAL G 3705 1.42 -45.60 6.57
C VAL G 3705 0.11 -44.88 6.75
N ALA G 3706 -0.78 -45.51 7.51
CA ALA G 3706 -2.06 -44.89 7.77
C ALA G 3706 -1.81 -43.62 8.54
N VAL G 3707 -0.82 -43.68 9.43
CA VAL G 3707 -0.54 -42.52 10.24
C VAL G 3707 -0.17 -41.40 9.31
N LEU G 3708 0.65 -41.72 8.32
CA LEU G 3708 1.10 -40.69 7.39
C LEU G 3708 -0.06 -40.12 6.62
N LEU G 3709 -0.99 -40.99 6.25
CA LEU G 3709 -2.08 -40.55 5.41
C LEU G 3709 -2.93 -39.63 6.25
N THR G 3710 -2.93 -39.89 7.56
CA THR G 3710 -3.55 -38.96 8.48
C THR G 3710 -2.62 -37.80 8.72
N ASN G 3711 -1.35 -38.12 8.95
CA ASN G 3711 -0.41 -37.15 9.49
C ASN G 3711 -0.18 -36.01 8.52
N LEU G 3712 -0.34 -36.27 7.23
CA LEU G 3712 -0.34 -35.17 6.29
C LEU G 3712 -1.71 -34.52 6.19
N SER G 3713 -2.75 -35.35 6.07
CA SER G 3713 -4.08 -34.85 5.74
C SER G 3713 -4.57 -33.93 6.84
N GLU G 3714 -4.12 -34.20 8.06
CA GLU G 3714 -4.41 -33.33 9.17
C GLU G 3714 -3.47 -32.13 9.21
N HIS G 3715 -2.16 -32.35 9.05
CA HIS G 3715 -1.26 -31.20 8.96
C HIS G 3715 -1.45 -30.37 7.71
N VAL G 3716 -1.84 -30.96 6.59
CA VAL G 3716 -1.99 -30.13 5.41
C VAL G 3716 -3.33 -30.35 4.70
N PRO G 3717 -4.40 -29.80 5.28
CA PRO G 3717 -5.71 -29.69 4.65
C PRO G 3717 -5.61 -28.79 3.42
N HIS G 3718 -6.44 -29.06 2.41
CA HIS G 3718 -6.52 -28.31 1.15
C HIS G 3718 -5.43 -28.78 0.19
N ASP G 3719 -5.34 -30.10 0.07
CA ASP G 3719 -4.51 -30.79 -0.92
C ASP G 3719 -5.35 -31.82 -1.68
N PRO G 3720 -6.07 -31.36 -2.71
CA PRO G 3720 -7.01 -32.20 -3.45
C PRO G 3720 -6.29 -33.42 -4.01
N ARG G 3721 -5.02 -33.27 -4.39
CA ARG G 3721 -4.19 -34.42 -4.70
C ARG G 3721 -4.03 -35.38 -3.51
N LEU G 3722 -3.64 -34.85 -2.36
CA LEU G 3722 -3.56 -35.66 -1.16
C LEU G 3722 -4.92 -36.13 -0.72
N ARG G 3723 -5.93 -35.31 -0.99
CA ARG G 3723 -7.29 -35.67 -0.61
C ARG G 3723 -7.74 -36.89 -1.39
N ASN G 3724 -7.42 -36.91 -2.68
CA ASN G 3724 -7.74 -38.06 -3.51
C ASN G 3724 -6.93 -39.27 -3.10
N PHE G 3725 -5.72 -38.99 -2.64
CA PHE G 3725 -4.81 -40.07 -2.35
C PHE G 3725 -5.27 -40.81 -1.09
N LEU G 3726 -5.63 -40.04 -0.08
CA LEU G 3726 -6.25 -40.59 1.11
C LEU G 3726 -7.61 -41.19 0.78
N GLU G 3727 -8.29 -40.61 -0.20
CA GLU G 3727 -9.61 -41.09 -0.55
C GLU G 3727 -9.50 -42.51 -1.09
N LEU G 3728 -8.41 -42.78 -1.80
CA LEU G 3728 -8.14 -44.17 -2.20
C LEU G 3728 -7.58 -44.96 -1.01
N ALA G 3729 -6.99 -44.27 -0.04
CA ALA G 3729 -6.33 -44.94 1.08
C ALA G 3729 -7.30 -45.34 2.19
N GLU G 3730 -8.56 -44.93 2.03
CA GLU G 3730 -9.53 -45.00 3.11
C GLU G 3730 -9.78 -46.44 3.52
N SER G 3731 -9.63 -47.36 2.56
CA SER G 3731 -9.79 -48.78 2.85
C SER G 3731 -8.76 -49.28 3.85
N ILE G 3732 -7.57 -48.67 3.83
CA ILE G 3732 -6.55 -48.97 4.81
C ILE G 3732 -6.81 -48.20 6.09
N LEU G 3733 -7.25 -46.95 5.94
CA LEU G 3733 -7.49 -46.13 7.12
C LEU G 3733 -8.61 -46.64 8.02
N GLU G 3734 -9.61 -47.31 7.45
CA GLU G 3734 -10.72 -47.78 8.25
C GLU G 3734 -10.32 -48.81 9.28
N TYR G 3735 -9.36 -49.66 8.93
CA TYR G 3735 -8.90 -50.69 9.84
C TYR G 3735 -8.16 -50.10 11.04
N PHE G 3736 -7.50 -48.97 10.83
CA PHE G 3736 -6.66 -48.38 11.86
C PHE G 3736 -7.33 -47.20 12.54
N ARG G 3737 -8.51 -46.83 12.07
CA ARG G 3737 -9.32 -45.83 12.72
C ARG G 3737 -9.63 -46.16 14.18
N PRO G 3738 -10.08 -47.40 14.47
CA PRO G 3738 -10.48 -47.65 15.86
C PRO G 3738 -9.38 -47.41 16.88
N TYR G 3739 -8.13 -47.67 16.51
CA TYR G 3739 -7.07 -47.61 17.51
C TYR G 3739 -5.74 -46.98 17.08
N LEU G 3740 -5.80 -45.92 16.30
CA LEU G 3740 -4.68 -45.00 16.27
C LEU G 3740 -5.25 -43.79 16.96
N GLY G 3741 -4.67 -43.42 18.09
CA GLY G 3741 -5.18 -42.33 18.89
C GLY G 3741 -4.13 -41.26 18.88
N ARG G 3742 -4.59 -40.02 18.67
CA ARG G 3742 -3.76 -38.83 18.61
C ARG G 3742 -3.98 -37.91 19.80
N ILE G 3743 -2.88 -37.54 20.44
CA ILE G 3743 -2.95 -36.60 21.53
C ILE G 3743 -2.24 -35.33 21.09
N GLU G 3744 -2.92 -34.21 21.36
CA GLU G 3744 -2.43 -32.90 21.01
C GLU G 3744 -1.76 -32.34 22.24
N ILE G 3745 -0.48 -32.05 22.09
CA ILE G 3745 0.39 -31.56 23.15
C ILE G 3745 1.29 -30.43 22.70
N MET G 3746 1.52 -29.43 23.55
CA MET G 3746 2.47 -28.38 23.18
C MET G 3746 3.89 -28.92 23.11
N GLY G 3747 4.61 -28.51 22.08
CA GLY G 3747 5.96 -28.97 21.84
C GLY G 3747 6.99 -28.14 22.57
N ALA G 3748 8.26 -28.49 22.39
CA ALA G 3748 9.35 -27.68 22.89
C ALA G 3748 9.35 -26.35 22.16
N SER G 3749 8.81 -26.35 20.95
CA SER G 3749 8.68 -25.13 20.15
C SER G 3749 7.48 -24.32 20.64
N ARG G 3750 6.70 -24.94 21.53
CA ARG G 3750 5.56 -24.34 22.20
C ARG G 3750 4.35 -24.18 21.26
N ARG G 3751 4.58 -24.26 19.96
CA ARG G 3751 3.48 -24.43 19.05
C ARG G 3751 2.94 -25.83 19.31
N ILE G 3752 1.62 -25.99 19.36
CA ILE G 3752 1.05 -27.31 19.60
C ILE G 3752 1.38 -28.27 18.48
N GLU G 3753 1.76 -29.48 18.89
CA GLU G 3753 1.94 -30.60 18.00
C GLU G 3753 0.95 -31.67 18.43
N ARG G 3754 -0.07 -31.91 17.61
CA ARG G 3754 -0.89 -33.10 17.82
C ARG G 3754 0.00 -34.25 17.42
N ILE G 3755 -0.11 -35.38 18.10
CA ILE G 3755 0.81 -36.47 17.78
C ILE G 3755 0.08 -37.81 17.71
N TYR G 3756 0.51 -38.63 16.76
CA TYR G 3756 -0.23 -39.83 16.41
C TYR G 3756 0.27 -41.09 17.10
N PHE G 3757 -0.14 -41.22 18.36
CA PHE G 3757 0.18 -42.39 19.18
C PHE G 3757 -0.61 -43.64 18.75
N GLU G 3758 -0.02 -44.80 19.02
CA GLU G 3758 -0.62 -46.09 18.68
C GLU G 3758 -1.33 -46.75 19.88
N ILE G 3759 -2.66 -46.68 19.92
CA ILE G 3759 -3.45 -47.40 20.94
C ILE G 3759 -3.42 -48.91 20.70
N SER G 3760 -3.30 -49.70 21.76
CA SER G 3760 -3.50 -51.15 21.64
C SER G 3760 -4.97 -51.51 21.43
N GLU G 3761 -5.22 -52.51 20.58
CA GLU G 3761 -6.57 -53.04 20.44
C GLU G 3761 -7.02 -53.70 21.74
N THR G 3762 -6.07 -54.30 22.45
CA THR G 3762 -6.37 -54.87 23.75
C THR G 3762 -6.76 -53.79 24.74
N ASN G 3763 -6.12 -52.63 24.62
CA ASN G 3763 -6.44 -51.51 25.48
C ASN G 3763 -7.76 -50.87 25.07
N ARG G 3764 -7.93 -50.72 23.76
CA ARG G 3764 -9.12 -50.08 23.23
C ARG G 3764 -10.35 -50.90 23.60
N ALA G 3765 -10.17 -52.21 23.67
CA ALA G 3765 -11.22 -53.10 24.13
C ALA G 3765 -11.38 -53.03 25.64
N GLN G 3766 -10.25 -52.93 26.32
CA GLN G 3766 -10.26 -52.92 27.79
C GLN G 3766 -10.92 -51.69 28.40
N TRP G 3767 -10.89 -50.58 27.68
CA TRP G 3767 -11.36 -49.33 28.25
C TRP G 3767 -12.88 -49.20 28.18
N GLU G 3768 -13.52 -50.12 27.48
CA GLU G 3768 -14.94 -49.99 27.20
C GLU G 3768 -15.84 -50.66 28.23
N MET G 3769 -15.86 -51.98 28.20
CA MET G 3769 -16.83 -52.81 28.92
C MET G 3769 -16.97 -52.65 30.45
N PRO G 3770 -15.85 -52.64 31.19
CA PRO G 3770 -16.01 -53.05 32.59
C PRO G 3770 -16.36 -51.95 33.57
N GLN G 3771 -15.78 -52.08 34.76
CA GLN G 3771 -15.88 -51.10 35.82
C GLN G 3771 -15.24 -49.78 35.40
N VAL G 3772 -14.29 -49.85 34.48
CA VAL G 3772 -13.42 -48.72 34.18
C VAL G 3772 -14.17 -47.50 33.64
N LYS G 3773 -15.22 -47.73 32.85
CA LYS G 3773 -15.98 -46.59 32.35
C LYS G 3773 -16.70 -45.89 33.49
N GLU G 3774 -17.18 -46.68 34.44
CA GLU G 3774 -17.81 -46.13 35.63
C GLU G 3774 -16.77 -45.40 36.46
N SER G 3775 -15.53 -45.88 36.41
CA SER G 3775 -14.45 -45.17 37.06
C SER G 3775 -14.21 -43.83 36.40
N LYS G 3776 -14.43 -43.77 35.10
CA LYS G 3776 -14.37 -42.50 34.38
C LYS G 3776 -15.50 -41.60 34.81
N ARG G 3777 -16.65 -42.18 35.13
CA ARG G 3777 -17.79 -41.39 35.57
C ARG G 3777 -17.51 -40.79 36.93
N GLN G 3778 -17.05 -41.63 37.85
CA GLN G 3778 -16.73 -41.18 39.19
C GLN G 3778 -15.58 -40.21 39.18
N PHE G 3779 -14.66 -40.39 38.26
CA PHE G 3779 -13.55 -39.46 38.13
C PHE G 3779 -13.97 -38.09 37.66
N ILE G 3780 -14.68 -38.04 36.54
CA ILE G 3780 -15.06 -36.76 35.98
C ILE G 3780 -16.00 -36.06 36.94
N PHE G 3781 -16.82 -36.85 37.62
CA PHE G 3781 -17.66 -36.28 38.68
C PHE G 3781 -16.85 -35.79 39.87
N ASP G 3782 -15.71 -36.41 40.16
CA ASP G 3782 -14.88 -35.99 41.28
C ASP G 3782 -13.96 -34.83 40.92
N VAL G 3783 -13.88 -34.50 39.64
CA VAL G 3783 -13.05 -33.37 39.23
C VAL G 3783 -13.90 -32.16 38.93
N VAL G 3784 -14.93 -32.34 38.12
CA VAL G 3784 -15.78 -31.22 37.74
C VAL G 3784 -16.47 -30.63 38.97
N ASN G 3785 -16.83 -31.52 39.88
CA ASN G 3785 -17.41 -31.12 41.14
C ASN G 3785 -16.44 -30.30 41.97
N GLU G 3786 -15.18 -30.74 42.02
CA GLU G 3786 -14.22 -30.08 42.90
C GLU G 3786 -12.98 -29.53 42.22
N GLY G 3787 -12.31 -30.36 41.44
CA GLY G 3787 -11.03 -29.99 40.84
C GLY G 3787 -11.17 -28.82 39.88
N GLY G 3788 -10.21 -27.90 39.93
CA GLY G 3788 -10.31 -26.70 39.12
C GLY G 3788 -9.06 -26.34 38.35
N GLU G 3789 -7.95 -26.17 39.06
CA GLU G 3789 -6.70 -25.72 38.47
C GLU G 3789 -5.68 -26.84 38.24
N ALA G 3790 -4.62 -26.91 39.03
CA ALA G 3790 -3.62 -27.96 38.85
C ALA G 3790 -4.23 -29.32 39.08
N GLU G 3791 -5.24 -29.38 39.93
CA GLU G 3791 -5.93 -30.63 40.20
C GLU G 3791 -6.65 -31.17 38.97
N LYS G 3792 -7.09 -30.27 38.09
CA LYS G 3792 -7.92 -30.65 36.94
C LYS G 3792 -7.15 -31.58 36.02
N MET G 3793 -5.84 -31.49 36.07
CA MET G 3793 -4.99 -32.31 35.24
C MET G 3793 -4.15 -33.31 36.03
N GLU G 3794 -3.58 -32.86 37.15
CA GLU G 3794 -2.78 -33.78 37.96
C GLU G 3794 -3.63 -34.90 38.54
N LEU G 3795 -4.84 -34.57 38.96
CA LEU G 3795 -5.75 -35.62 39.39
C LEU G 3795 -6.12 -36.47 38.20
N PHE G 3796 -6.17 -35.84 37.04
CA PHE G 3796 -6.49 -36.60 35.87
C PHE G 3796 -5.48 -37.65 35.50
N VAL G 3797 -4.21 -37.34 35.72
CA VAL G 3797 -3.19 -38.29 35.32
C VAL G 3797 -2.98 -39.23 36.48
N SER G 3798 -3.48 -38.83 37.64
CA SER G 3798 -3.55 -39.74 38.76
C SER G 3798 -4.54 -40.84 38.39
N PHE G 3799 -5.69 -40.42 37.87
CA PHE G 3799 -6.68 -41.35 37.35
C PHE G 3799 -6.19 -42.14 36.16
N CYS G 3800 -5.34 -41.54 35.34
CA CYS G 3800 -4.83 -42.25 34.18
C CYS G 3800 -3.94 -43.36 34.65
N GLU G 3801 -3.11 -43.08 35.64
CA GLU G 3801 -2.23 -44.09 36.22
C GLU G 3801 -3.00 -45.18 36.99
N ASP G 3802 -4.13 -44.80 37.57
CA ASP G 3802 -4.98 -45.79 38.21
C ASP G 3802 -5.59 -46.71 37.17
N THR G 3803 -6.03 -46.12 36.06
CA THR G 3803 -6.61 -46.91 35.00
C THR G 3803 -5.53 -47.79 34.36
N ILE G 3804 -4.28 -47.30 34.41
CA ILE G 3804 -3.17 -48.10 33.93
C ILE G 3804 -3.00 -49.31 34.77
N PHE G 3805 -3.02 -49.10 36.09
CA PHE G 3805 -2.76 -50.23 36.95
C PHE G 3805 -3.91 -51.20 36.81
N GLU G 3806 -5.10 -50.69 36.53
CA GLU G 3806 -6.25 -51.56 36.32
C GLU G 3806 -6.13 -52.39 35.05
N MET G 3807 -5.75 -51.76 33.95
CA MET G 3807 -5.60 -52.50 32.71
C MET G 3807 -4.46 -53.50 32.83
N GLN G 3808 -3.45 -53.15 33.61
CA GLN G 3808 -2.38 -54.09 33.89
C GLN G 3808 -2.93 -55.27 34.68
N ILE G 3809 -3.89 -55.00 35.56
CA ILE G 3809 -4.56 -56.08 36.27
C ILE G 3809 -5.34 -56.95 35.29
N ALA G 3810 -5.89 -56.33 34.25
CA ALA G 3810 -6.59 -57.10 33.24
C ALA G 3810 -5.62 -57.97 32.46
N ALA G 3811 -4.40 -57.46 32.29
CA ALA G 3811 -3.33 -58.22 31.66
C ALA G 3811 -2.94 -59.40 32.55
N GLN G 3812 -3.10 -59.20 33.85
CA GLN G 3812 -2.80 -60.23 34.83
C GLN G 3812 -3.97 -61.21 34.92
N ILE G 3813 -5.08 -60.85 34.30
CA ILE G 3813 -6.25 -61.71 34.23
C ILE G 3813 -6.64 -61.99 32.79
N GLU G 4107 1.47 -74.82 41.73
CA GLU G 4107 1.04 -73.59 42.37
C GLU G 4107 0.41 -72.63 41.36
N VAL G 4108 0.67 -72.89 40.08
CA VAL G 4108 0.14 -72.05 39.01
C VAL G 4108 -1.39 -72.11 39.00
N GLN G 4109 -1.93 -73.26 39.38
CA GLN G 4109 -3.37 -73.45 39.45
C GLN G 4109 -3.96 -72.51 40.50
N ARG G 4110 -3.19 -72.22 41.54
CA ARG G 4110 -3.64 -71.30 42.57
C ARG G 4110 -3.81 -69.92 42.00
N VAL G 4111 -2.79 -69.46 41.27
CA VAL G 4111 -2.83 -68.14 40.66
C VAL G 4111 -3.93 -68.04 39.61
N LYS G 4112 -4.18 -69.14 38.91
CA LYS G 4112 -5.17 -69.14 37.85
C LYS G 4112 -6.59 -69.08 38.41
N PHE G 4113 -6.85 -69.95 39.38
CA PHE G 4113 -8.16 -69.97 40.02
C PHE G 4113 -8.39 -68.68 40.78
N LEU G 4114 -7.33 -68.12 41.31
CA LEU G 4114 -7.39 -66.82 41.97
C LEU G 4114 -7.69 -65.70 40.98
N ASN G 4115 -7.21 -65.86 39.75
CA ASN G 4115 -7.48 -64.86 38.71
C ASN G 4115 -8.91 -64.92 38.21
N TYR G 4116 -9.41 -66.13 37.98
CA TYR G 4116 -10.82 -66.24 37.62
C TYR G 4116 -11.68 -65.79 38.78
N LEU G 4117 -11.18 -66.03 39.98
CA LEU G 4117 -11.89 -65.63 41.19
C LEU G 4117 -11.93 -64.12 41.28
N SER G 4118 -10.89 -63.48 40.73
CA SER G 4118 -10.81 -62.03 40.76
C SER G 4118 -11.67 -61.36 39.68
N ARG G 4119 -11.66 -61.93 38.48
CA ARG G 4119 -12.45 -61.37 37.38
C ARG G 4119 -13.95 -61.54 37.63
N ASN G 4120 -14.31 -62.53 38.43
CA ASN G 4120 -15.70 -62.86 38.68
C ASN G 4120 -16.24 -62.13 39.92
N PHE G 4121 -15.43 -61.23 40.46
CA PHE G 4121 -15.67 -60.65 41.79
C PHE G 4121 -17.00 -59.92 41.96
N TYR G 4122 -17.50 -59.27 40.92
CA TYR G 4122 -18.77 -58.56 41.06
C TYR G 4122 -19.97 -59.50 41.03
N THR G 4123 -19.93 -60.48 40.13
CA THR G 4123 -20.97 -61.49 40.09
C THR G 4123 -20.92 -62.27 41.38
N LEU G 4124 -19.73 -62.40 41.92
CA LEU G 4124 -19.52 -63.05 43.21
C LEU G 4124 -20.13 -62.27 44.36
N ARG G 4125 -20.01 -60.95 44.29
CA ARG G 4125 -20.53 -60.08 45.33
C ARG G 4125 -22.05 -60.10 45.29
N PHE G 4126 -22.57 -60.02 44.08
CA PHE G 4126 -24.02 -60.04 43.87
C PHE G 4126 -24.56 -61.39 44.31
N LEU G 4127 -23.77 -62.43 44.10
CA LEU G 4127 -24.14 -63.76 44.58
C LEU G 4127 -24.16 -63.81 46.09
N ALA G 4128 -23.26 -63.08 46.74
CA ALA G 4128 -23.27 -63.04 48.19
C ALA G 4128 -24.52 -62.34 48.69
N LEU G 4129 -24.90 -61.28 47.99
CA LEU G 4129 -26.12 -60.56 48.34
C LEU G 4129 -27.36 -61.43 48.13
N PHE G 4130 -27.31 -62.27 47.10
CA PHE G 4130 -28.40 -63.18 46.82
C PHE G 4130 -28.52 -64.23 47.90
N LEU G 4131 -27.38 -64.71 48.37
CA LEU G 4131 -27.36 -65.67 49.46
C LEU G 4131 -27.91 -64.99 50.70
N ALA G 4132 -27.66 -63.69 50.83
CA ALA G 4132 -28.17 -62.98 51.99
C ALA G 4132 -29.68 -62.91 51.95
N PHE G 4133 -30.25 -62.52 50.81
CA PHE G 4133 -31.71 -62.48 50.72
C PHE G 4133 -32.35 -63.83 50.92
N ALA G 4134 -31.75 -64.87 50.35
CA ALA G 4134 -32.39 -66.17 50.41
C ALA G 4134 -32.31 -66.76 51.80
N ILE G 4135 -31.10 -66.73 52.37
CA ILE G 4135 -30.90 -67.33 53.68
C ILE G 4135 -31.70 -66.57 54.72
N ASN G 4136 -31.61 -65.25 54.68
CA ASN G 4136 -32.31 -64.47 55.70
C ASN G 4136 -33.82 -64.62 55.51
N PHE G 4137 -34.23 -64.83 54.27
CA PHE G 4137 -35.64 -65.12 54.02
C PHE G 4137 -36.04 -66.43 54.66
N ILE G 4138 -35.11 -67.38 54.70
CA ILE G 4138 -35.35 -68.60 55.47
C ILE G 4138 -35.38 -68.28 56.97
N LEU G 4139 -34.65 -67.25 57.37
CA LEU G 4139 -34.69 -66.77 58.76
C LEU G 4139 -36.03 -66.18 59.11
N LEU G 4140 -36.78 -65.77 58.10
CA LEU G 4140 -38.09 -65.16 58.32
C LEU G 4140 -39.06 -66.16 58.95
N PHE G 4141 -38.77 -67.46 58.84
CA PHE G 4141 -39.63 -68.51 59.40
C PHE G 4141 -39.48 -68.88 60.88
N TYR G 4142 -38.58 -68.23 61.60
CA TYR G 4142 -38.29 -68.58 63.00
C TYR G 4142 -39.46 -68.41 63.96
N LYS G 4143 -39.47 -69.24 65.01
CA LYS G 4143 -40.59 -69.31 65.94
C LYS G 4143 -40.08 -69.79 67.32
N VAL G 4144 -40.86 -69.59 68.37
CA VAL G 4144 -40.43 -69.98 69.71
C VAL G 4144 -41.51 -70.77 70.46
N SER G 4145 -41.08 -71.70 71.32
CA SER G 4145 -42.01 -72.46 72.15
C SER G 4145 -41.59 -72.41 73.62
N VAL G 4190 -36.72 -70.85 74.12
CA VAL G 4190 -36.22 -71.88 73.22
C VAL G 4190 -36.51 -71.51 71.76
N TYR G 4191 -35.50 -70.99 71.08
CA TYR G 4191 -35.63 -70.61 69.67
C TYR G 4191 -35.86 -71.85 68.83
N TYR G 4192 -36.68 -71.72 67.78
CA TYR G 4192 -37.03 -72.87 66.96
C TYR G 4192 -37.24 -72.48 65.51
N PHE G 4193 -36.94 -73.39 64.60
CA PHE G 4193 -37.12 -73.15 63.17
C PHE G 4193 -38.42 -73.76 62.67
N LEU G 4194 -39.48 -72.97 62.63
CA LEU G 4194 -40.79 -73.47 62.23
C LEU G 4194 -40.94 -73.49 60.72
N GLU G 4195 -40.29 -74.46 60.09
CA GLU G 4195 -40.38 -74.65 58.66
C GLU G 4195 -41.79 -75.04 58.21
N GLU G 4196 -42.25 -74.41 57.14
CA GLU G 4196 -43.46 -74.83 56.45
C GLU G 4196 -43.10 -76.02 55.56
N SER G 4197 -44.06 -76.93 55.35
CA SER G 4197 -43.89 -78.08 54.45
C SER G 4197 -42.61 -78.88 54.70
N THR G 4198 -41.65 -78.76 53.78
CA THR G 4198 -40.47 -79.62 53.75
C THR G 4198 -39.57 -79.49 54.98
N GLY G 4199 -39.06 -80.64 55.44
CA GLY G 4199 -38.13 -80.68 56.55
C GLY G 4199 -36.66 -80.50 56.24
N TYR G 4200 -36.28 -80.61 54.97
CA TYR G 4200 -34.87 -80.52 54.59
C TYR G 4200 -34.38 -79.09 54.41
N MET G 4201 -35.32 -78.15 54.42
CA MET G 4201 -34.94 -76.76 54.23
C MET G 4201 -34.09 -76.23 55.39
N GLU G 4202 -34.30 -76.76 56.60
CA GLU G 4202 -33.45 -76.40 57.73
C GLU G 4202 -31.98 -76.79 57.46
N PRO G 4203 -31.73 -78.04 57.01
CA PRO G 4203 -30.38 -78.33 56.54
C PRO G 4203 -29.95 -77.42 55.38
N ALA G 4204 -30.90 -77.03 54.54
CA ALA G 4204 -30.56 -76.14 53.43
C ALA G 4204 -30.05 -74.80 53.96
N LEU G 4205 -30.55 -74.38 55.12
CA LEU G 4205 -30.04 -73.18 55.77
C LEU G 4205 -28.59 -73.38 56.18
N TRP G 4206 -28.25 -74.60 56.56
CA TRP G 4206 -26.89 -74.93 56.97
C TRP G 4206 -25.95 -74.89 55.78
N CYS G 4207 -26.40 -75.48 54.69
CA CYS G 4207 -25.59 -75.54 53.48
C CYS G 4207 -25.39 -74.16 52.90
N LEU G 4208 -26.47 -73.40 52.82
CA LEU G 4208 -26.41 -72.03 52.33
C LEU G 4208 -25.60 -71.14 53.26
N SER G 4209 -25.61 -71.43 54.55
CA SER G 4209 -24.87 -70.61 55.49
C SER G 4209 -23.37 -70.85 55.35
N LEU G 4210 -22.97 -72.11 55.31
CA LEU G 4210 -21.55 -72.40 55.15
C LEU G 4210 -21.07 -71.91 53.81
N LEU G 4211 -21.95 -72.05 52.82
CA LEU G 4211 -21.64 -71.61 51.48
C LEU G 4211 -21.53 -70.10 51.44
N HIS G 4212 -22.26 -69.43 52.33
CA HIS G 4212 -22.24 -67.98 52.38
C HIS G 4212 -20.97 -67.48 53.02
N THR G 4213 -20.56 -68.12 54.11
CA THR G 4213 -19.31 -67.72 54.74
C THR G 4213 -18.18 -67.99 53.75
N LEU G 4214 -18.37 -69.05 52.97
CA LEU G 4214 -17.41 -69.39 51.95
C LEU G 4214 -17.32 -68.32 50.89
N VAL G 4215 -18.47 -67.81 50.45
CA VAL G 4215 -18.51 -66.74 49.47
C VAL G 4215 -17.95 -65.45 50.05
N ALA G 4216 -18.08 -65.28 51.37
CA ALA G 4216 -17.59 -64.08 52.00
C ALA G 4216 -16.08 -64.07 52.05
N PHE G 4217 -15.49 -65.14 52.54
CA PHE G 4217 -14.04 -65.21 52.54
C PHE G 4217 -13.48 -65.22 51.12
N LEU G 4218 -14.21 -65.87 50.23
CA LEU G 4218 -13.78 -65.98 48.86
C LEU G 4218 -13.82 -64.61 48.17
N CYS G 4219 -14.75 -63.76 48.60
CA CYS G 4219 -14.84 -62.46 47.95
C CYS G 4219 -13.88 -61.48 48.60
N ILE G 4220 -13.62 -61.59 49.90
CA ILE G 4220 -12.58 -60.72 50.46
C ILE G 4220 -11.21 -61.10 49.92
N ILE G 4221 -10.97 -62.40 49.74
CA ILE G 4221 -9.69 -62.82 49.18
C ILE G 4221 -9.65 -62.45 47.70
N GLY G 4222 -10.80 -62.35 47.06
CA GLY G 4222 -10.81 -61.87 45.69
C GLY G 4222 -10.53 -60.39 45.60
N TYR G 4223 -11.01 -59.65 46.58
CA TYR G 4223 -10.77 -58.22 46.67
C TYR G 4223 -9.31 -57.99 46.95
N ASN G 4224 -8.70 -58.95 47.65
CA ASN G 4224 -7.31 -58.86 48.04
C ASN G 4224 -6.37 -58.88 46.84
N CYS G 4225 -6.82 -59.51 45.77
CA CYS G 4225 -5.98 -59.66 44.59
C CYS G 4225 -6.50 -58.83 43.42
N LEU G 4226 -7.42 -57.93 43.71
CA LEU G 4226 -7.98 -57.08 42.67
C LEU G 4226 -7.74 -55.61 42.99
N LYS G 4227 -8.69 -54.99 43.67
CA LYS G 4227 -8.57 -53.57 44.03
C LYS G 4227 -7.47 -53.27 45.05
N VAL G 4228 -7.16 -54.22 45.92
CA VAL G 4228 -6.12 -53.99 46.93
C VAL G 4228 -4.77 -53.62 46.33
N PRO G 4229 -4.30 -54.37 45.31
CA PRO G 4229 -3.06 -53.90 44.69
C PRO G 4229 -3.19 -52.50 44.13
N LEU G 4230 -4.37 -52.12 43.65
CA LEU G 4230 -4.56 -50.74 43.23
C LEU G 4230 -4.47 -49.74 44.38
N VAL G 4231 -4.92 -50.12 45.56
CA VAL G 4231 -4.84 -49.21 46.69
C VAL G 4231 -3.40 -49.02 47.10
N ILE G 4232 -2.68 -50.15 47.09
CA ILE G 4232 -1.26 -50.10 47.40
C ILE G 4232 -0.57 -49.26 46.36
N PHE G 4233 -1.06 -49.35 45.14
CA PHE G 4233 -0.53 -48.56 44.06
C PHE G 4233 -0.75 -47.08 44.27
N LYS G 4234 -1.88 -46.74 44.87
CA LYS G 4234 -2.19 -45.34 45.05
C LYS G 4234 -1.38 -44.77 46.17
N ARG G 4235 -1.30 -45.47 47.30
CA ARG G 4235 -0.50 -44.93 48.39
C ARG G 4235 1.00 -44.94 48.07
N GLU G 4236 1.48 -45.94 47.34
CA GLU G 4236 2.86 -45.91 46.87
C GLU G 4236 3.08 -44.78 45.88
N LYS G 4237 2.04 -44.46 45.12
CA LYS G 4237 2.16 -43.41 44.12
C LYS G 4237 2.26 -42.06 44.78
N GLU G 4238 1.34 -41.80 45.69
CA GLU G 4238 1.32 -40.54 46.40
C GLU G 4238 2.57 -40.41 47.25
N LEU G 4239 3.02 -41.53 47.80
CA LEU G 4239 4.16 -41.47 48.70
C LEU G 4239 5.41 -41.17 47.91
N ALA G 4240 5.59 -41.90 46.81
CA ALA G 4240 6.78 -41.73 46.00
C ALA G 4240 6.81 -40.35 45.37
N ARG G 4241 5.64 -39.82 45.02
CA ARG G 4241 5.58 -38.47 44.52
C ARG G 4241 5.93 -37.47 45.62
N LYS G 4242 5.51 -37.77 46.85
CA LYS G 4242 5.84 -36.93 47.99
C LYS G 4242 7.32 -36.92 48.33
N LEU G 4243 8.00 -38.02 48.08
CA LEU G 4243 9.45 -38.05 48.29
C LEU G 4243 10.19 -37.39 47.14
N GLU G 4244 9.75 -37.67 45.93
CA GLU G 4244 10.43 -37.20 44.74
C GLU G 4244 10.32 -35.69 44.58
N PHE G 4245 9.22 -35.12 45.05
CA PHE G 4245 9.01 -33.68 44.99
C PHE G 4245 8.76 -33.07 46.37
N ASP G 4246 7.81 -33.66 47.10
CA ASP G 4246 7.39 -33.15 48.40
C ASP G 4246 8.51 -33.17 49.43
N GLY G 4247 9.28 -34.25 49.44
CA GLY G 4247 10.34 -34.41 50.42
C GLY G 4247 9.79 -34.33 51.83
N LEU G 4248 8.62 -34.92 52.04
CA LEU G 4248 7.95 -34.88 53.34
C LEU G 4248 8.80 -35.58 54.40
N TYR G 4249 9.40 -36.71 54.02
CA TYR G 4249 10.29 -37.41 54.91
C TYR G 4249 11.66 -36.78 54.84
N ILE G 4250 12.10 -36.43 53.64
CA ILE G 4250 13.38 -35.75 53.49
C ILE G 4250 13.33 -34.39 54.15
N THR G 4251 12.22 -33.67 53.97
CA THR G 4251 12.04 -32.41 54.69
C THR G 4251 10.82 -32.34 55.63
N GLU G 4252 9.64 -32.62 55.09
CA GLU G 4252 8.37 -32.31 55.77
C GLU G 4252 8.08 -33.03 57.09
N GLN G 4253 8.32 -34.33 57.14
CA GLN G 4253 8.07 -35.11 58.37
C GLN G 4253 6.58 -35.46 58.55
N PRO G 4254 6.26 -36.18 59.72
CA PRO G 4254 4.83 -36.42 59.88
C PRO G 4254 4.26 -35.64 61.06
N GLY G 4255 3.15 -34.93 60.88
CA GLY G 4255 2.62 -34.08 61.93
C GLY G 4255 1.19 -34.25 62.40
N ASP G 4256 1.03 -34.32 63.73
CA ASP G 4256 -0.25 -34.16 64.42
C ASP G 4256 -1.41 -34.64 63.56
N ASP G 4257 -1.24 -34.56 62.25
CA ASP G 4257 -2.19 -35.11 61.30
C ASP G 4257 -1.44 -36.03 60.36
N ASP G 4258 -2.12 -36.52 59.32
CA ASP G 4258 -1.51 -37.41 58.35
C ASP G 4258 -0.94 -38.66 59.04
N VAL G 4259 -1.72 -39.22 59.94
CA VAL G 4259 -1.26 -40.36 60.74
C VAL G 4259 -0.95 -41.56 59.86
N LYS G 4260 -1.64 -41.68 58.74
CA LYS G 4260 -1.32 -42.71 57.76
C LYS G 4260 0.05 -42.42 57.14
N GLY G 4261 0.38 -41.14 57.04
CA GLY G 4261 1.69 -40.76 56.56
C GLY G 4261 2.76 -41.02 57.60
N GLN G 4262 2.37 -40.91 58.86
CA GLN G 4262 3.27 -41.30 59.95
C GLN G 4262 3.50 -42.81 59.87
N TRP G 4263 2.47 -43.52 59.43
CA TRP G 4263 2.54 -44.94 59.16
C TRP G 4263 3.43 -45.23 57.95
N ASP G 4264 3.53 -44.25 57.07
CA ASP G 4264 4.21 -44.43 55.79
C ASP G 4264 5.73 -44.51 55.92
N ARG G 4265 6.26 -44.14 57.07
CA ARG G 4265 7.70 -44.16 57.27
C ARG G 4265 8.17 -45.59 57.10
N LEU G 4266 7.34 -46.53 57.58
CA LEU G 4266 7.72 -47.93 57.64
C LEU G 4266 8.09 -48.55 56.29
N VAL G 4267 7.51 -48.06 55.21
CA VAL G 4267 7.70 -48.73 53.92
C VAL G 4267 8.91 -48.20 53.14
N LEU G 4268 9.30 -46.96 53.41
CA LEU G 4268 10.40 -46.35 52.67
C LEU G 4268 11.72 -47.08 52.88
N ASN G 4269 11.84 -47.73 54.03
CA ASN G 4269 13.02 -48.54 54.33
C ASN G 4269 13.10 -49.74 53.39
N THR G 4270 11.95 -50.20 52.92
CA THR G 4270 11.85 -51.45 52.17
C THR G 4270 12.47 -51.41 50.77
N PRO G 4271 13.30 -52.42 50.46
CA PRO G 4271 13.85 -52.65 49.11
C PRO G 4271 12.79 -52.88 48.04
N SER G 4272 11.66 -53.46 48.42
CA SER G 4272 10.59 -53.83 47.50
C SER G 4272 9.56 -52.72 47.31
N PHE G 4273 9.93 -51.51 47.73
CA PHE G 4273 8.99 -50.40 47.85
C PHE G 4273 8.15 -50.09 46.59
N PRO G 4274 8.78 -50.01 45.40
CA PRO G 4274 7.88 -49.86 44.25
C PRO G 4274 7.27 -51.19 43.79
N SER G 4275 6.63 -51.92 44.69
CA SER G 4275 6.14 -53.27 44.37
C SER G 4275 5.04 -53.32 43.32
N ASN G 4276 4.25 -52.27 43.22
CA ASN G 4276 3.13 -52.24 42.29
C ASN G 4276 3.10 -50.97 41.47
N TYR G 4277 4.03 -50.08 41.76
CA TYR G 4277 4.06 -48.77 41.15
C TYR G 4277 4.78 -48.85 39.80
N TRP G 4278 5.26 -50.05 39.46
CA TRP G 4278 5.86 -50.36 38.15
C TRP G 4278 6.96 -49.40 37.70
N ASP G 4279 7.58 -48.70 38.63
CA ASP G 4279 8.64 -47.78 38.25
C ASP G 4279 9.71 -47.81 39.34
N LYS G 4280 10.55 -48.83 39.27
CA LYS G 4280 11.45 -49.20 40.35
C LYS G 4280 12.50 -48.14 40.65
N PHE G 4281 12.80 -47.32 39.65
CA PHE G 4281 13.95 -46.41 39.70
C PHE G 4281 13.83 -45.36 40.79
N VAL G 4282 12.59 -45.03 41.16
CA VAL G 4282 12.29 -43.82 41.89
C VAL G 4282 13.15 -43.68 43.12
N LYS G 4283 13.35 -44.81 43.79
CA LYS G 4283 14.05 -44.80 45.05
C LYS G 4283 15.42 -44.17 44.88
N ARG G 4284 16.21 -44.71 43.96
CA ARG G 4284 17.55 -44.17 43.80
C ARG G 4284 17.45 -42.73 43.34
N LYS G 4285 16.46 -42.48 42.49
CA LYS G 4285 16.36 -41.18 41.88
C LYS G 4285 16.05 -40.16 42.97
N VAL G 4286 15.41 -40.60 44.05
CA VAL G 4286 15.06 -39.66 45.09
C VAL G 4286 16.32 -39.06 45.71
N LEU G 4287 17.38 -39.86 45.84
CA LEU G 4287 18.57 -39.30 46.47
C LEU G 4287 19.15 -38.24 45.54
N ASP G 4288 19.02 -38.45 44.24
CA ASP G 4288 19.50 -37.47 43.28
C ASP G 4288 18.73 -36.17 43.42
N LYS G 4289 17.47 -36.28 43.81
CA LYS G 4289 16.65 -35.10 43.98
C LYS G 4289 16.92 -34.45 45.33
N HIS G 4290 17.59 -35.18 46.22
CA HIS G 4290 17.60 -34.74 47.62
C HIS G 4290 18.88 -35.00 48.40
N GLY G 4291 19.75 -35.89 47.93
CA GLY G 4291 20.92 -36.23 48.70
C GLY G 4291 21.93 -35.10 48.70
N ASP G 4292 21.84 -34.24 47.69
CA ASP G 4292 22.65 -33.03 47.62
C ASP G 4292 22.27 -32.04 48.72
N ILE G 4293 21.00 -32.05 49.12
CA ILE G 4293 20.46 -31.02 50.00
C ILE G 4293 21.10 -31.04 51.39
N PHE G 4294 21.46 -32.22 51.87
CA PHE G 4294 22.01 -32.33 53.22
C PHE G 4294 22.77 -33.62 53.52
N GLY G 4295 22.30 -34.75 52.99
CA GLY G 4295 22.93 -36.02 53.31
C GLY G 4295 22.70 -37.09 52.28
N ARG G 4296 23.71 -37.30 51.43
CA ARG G 4296 23.64 -38.37 50.45
C ARG G 4296 23.57 -39.73 51.12
N GLU G 4297 24.49 -39.96 52.07
CA GLU G 4297 24.49 -41.21 52.82
C GLU G 4297 23.26 -41.33 53.71
N ARG G 4298 22.75 -40.21 54.19
CA ARG G 4298 21.60 -40.25 55.08
C ARG G 4298 20.39 -40.78 54.36
N ILE G 4299 20.12 -40.23 53.17
CA ILE G 4299 19.03 -40.71 52.33
C ILE G 4299 19.34 -42.12 51.82
N ALA G 4300 20.63 -42.40 51.65
CA ALA G 4300 21.04 -43.71 51.16
C ALA G 4300 20.67 -44.78 52.18
N GLU G 4301 20.70 -44.40 53.45
CA GLU G 4301 20.27 -45.27 54.53
C GLU G 4301 18.76 -45.27 54.65
N LEU G 4302 18.16 -44.09 54.48
CA LEU G 4302 16.73 -43.94 54.66
C LEU G 4302 15.95 -44.77 53.65
N LEU G 4303 16.48 -44.90 52.44
CA LEU G 4303 15.85 -45.74 51.43
C LEU G 4303 16.54 -47.09 51.32
N GLY G 4304 17.54 -47.32 52.18
CA GLY G 4304 18.28 -48.57 52.16
C GLY G 4304 19.17 -48.70 50.95
N LEU G 4327 9.77 -73.71 51.43
CA LEU G 4327 10.74 -73.50 50.35
C LEU G 4327 11.57 -72.24 50.60
N THR G 4328 12.26 -71.79 49.56
CA THR G 4328 13.05 -70.56 49.63
C THR G 4328 12.15 -69.35 49.85
N TRP G 4329 10.90 -69.49 49.44
CA TRP G 4329 9.92 -68.41 49.49
C TRP G 4329 9.73 -67.92 50.91
N LEU G 4330 9.93 -68.83 51.86
CA LEU G 4330 9.74 -68.51 53.28
C LEU G 4330 10.68 -67.40 53.70
N MET G 4331 11.84 -67.32 53.05
CA MET G 4331 12.77 -66.24 53.33
C MET G 4331 12.58 -65.04 52.40
N SER G 4332 11.97 -65.29 51.24
CA SER G 4332 11.98 -64.31 50.16
C SER G 4332 11.25 -63.00 50.46
N ILE G 4333 10.18 -63.08 51.24
CA ILE G 4333 9.36 -61.91 51.53
C ILE G 4333 10.03 -60.89 52.45
N ASP G 4334 9.80 -59.61 52.18
CA ASP G 4334 10.18 -58.55 53.09
C ASP G 4334 9.23 -58.51 54.28
N VAL G 4335 9.74 -58.06 55.42
CA VAL G 4335 8.95 -58.05 56.64
C VAL G 4335 8.15 -56.75 56.80
N LYS G 4336 8.85 -55.63 56.80
CA LYS G 4336 8.20 -54.34 57.04
C LYS G 4336 7.20 -53.97 55.96
N TYR G 4337 7.48 -54.34 54.71
CA TYR G 4337 6.57 -54.00 53.62
C TYR G 4337 5.25 -54.72 53.75
N GLN G 4338 5.27 -55.92 54.30
CA GLN G 4338 4.04 -56.68 54.43
C GLN G 4338 3.19 -56.20 55.58
N ILE G 4339 3.84 -55.76 56.65
CA ILE G 4339 3.12 -55.20 57.78
C ILE G 4339 2.50 -53.87 57.40
N TRP G 4340 3.31 -53.05 56.72
CA TRP G 4340 2.84 -51.78 56.22
C TRP G 4340 1.74 -51.96 55.20
N LYS G 4341 1.84 -53.02 54.42
CA LYS G 4341 0.85 -53.30 53.40
C LYS G 4341 -0.45 -53.74 54.05
N PHE G 4342 -0.35 -54.53 55.11
CA PHE G 4342 -1.54 -54.92 55.85
C PHE G 4342 -2.17 -53.71 56.49
N GLY G 4343 -1.35 -52.75 56.87
CA GLY G 4343 -1.93 -51.51 57.39
C GLY G 4343 -2.62 -50.70 56.32
N VAL G 4344 -2.05 -50.67 55.11
CA VAL G 4344 -2.68 -49.93 54.02
C VAL G 4344 -3.99 -50.58 53.64
N ILE G 4345 -4.02 -51.90 53.76
CA ILE G 4345 -5.21 -52.68 53.41
C ILE G 4345 -6.30 -52.48 54.44
N PHE G 4346 -5.93 -52.59 55.72
CA PHE G 4346 -6.92 -52.41 56.79
C PHE G 4346 -7.43 -50.99 56.87
N THR G 4347 -6.59 -50.01 56.56
CA THR G 4347 -7.05 -48.62 56.57
C THR G 4347 -8.04 -48.33 55.44
N ASP G 4348 -7.99 -49.12 54.37
CA ASP G 4348 -8.94 -48.91 53.28
C ASP G 4348 -10.34 -49.19 53.83
N ASN G 4349 -11.28 -48.31 53.52
CA ASN G 4349 -12.63 -48.47 54.03
C ASN G 4349 -13.34 -49.68 53.46
N SER G 4350 -13.05 -50.00 52.20
CA SER G 4350 -13.79 -51.04 51.51
C SER G 4350 -13.44 -52.42 52.04
N PHE G 4351 -12.14 -52.68 52.20
CA PHE G 4351 -11.72 -53.96 52.73
C PHE G 4351 -12.14 -54.11 54.18
N LEU G 4352 -12.18 -53.00 54.90
CA LEU G 4352 -12.65 -53.04 56.26
C LEU G 4352 -14.12 -53.42 56.27
N TYR G 4353 -14.85 -52.97 55.26
CA TYR G 4353 -16.26 -53.30 55.19
C TYR G 4353 -16.50 -54.75 54.82
N LEU G 4354 -15.82 -55.24 53.79
CA LEU G 4354 -15.98 -56.62 53.39
C LEU G 4354 -15.49 -57.57 54.48
N GLY G 4355 -14.46 -57.15 55.20
CA GLY G 4355 -13.94 -57.95 56.28
C GLY G 4355 -14.89 -57.99 57.45
N TRP G 4356 -15.55 -56.86 57.71
CA TRP G 4356 -16.58 -56.82 58.73
C TRP G 4356 -17.75 -57.72 58.32
N TYR G 4357 -17.99 -57.75 57.03
CA TYR G 4357 -19.04 -58.58 56.45
C TYR G 4357 -18.69 -60.05 56.64
N MET G 4358 -17.39 -60.34 56.60
CA MET G 4358 -16.92 -61.68 56.82
C MET G 4358 -17.04 -62.09 58.28
N VAL G 4359 -16.60 -61.22 59.18
CA VAL G 4359 -16.62 -61.58 60.59
C VAL G 4359 -18.07 -61.70 61.04
N MET G 4360 -18.97 -60.91 60.44
CA MET G 4360 -20.39 -61.14 60.63
C MET G 4360 -20.88 -62.44 60.00
N SER G 4361 -20.25 -62.90 58.92
CA SER G 4361 -20.60 -64.22 58.42
C SER G 4361 -20.18 -65.31 59.41
N LEU G 4362 -19.05 -65.11 60.08
CA LEU G 4362 -18.58 -66.02 61.11
C LEU G 4362 -19.49 -65.99 62.33
N LEU G 4363 -20.02 -64.82 62.63
CA LEU G 4363 -21.00 -64.72 63.70
C LEU G 4363 -22.30 -65.36 63.22
N GLY G 4364 -22.44 -65.48 61.91
CA GLY G 4364 -23.54 -66.22 61.34
C GLY G 4364 -23.33 -67.70 61.56
N HIS G 4365 -22.07 -68.13 61.53
CA HIS G 4365 -21.74 -69.47 61.96
C HIS G 4365 -22.02 -69.65 63.44
N TYR G 4366 -21.87 -68.56 64.20
CA TYR G 4366 -22.21 -68.60 65.63
C TYR G 4366 -23.72 -68.51 65.87
N ASN G 4367 -24.38 -67.63 65.12
CA ASN G 4367 -25.80 -67.42 65.28
C ASN G 4367 -26.40 -66.82 64.03
N ASN G 4368 -27.60 -67.24 63.67
CA ASN G 4368 -28.19 -66.83 62.41
C ASN G 4368 -28.63 -65.37 62.34
N PHE G 4369 -28.84 -64.73 63.47
CA PHE G 4369 -29.33 -63.35 63.47
C PHE G 4369 -28.28 -62.26 63.34
N PHE G 4370 -27.07 -62.52 63.82
CA PHE G 4370 -25.96 -61.64 63.47
C PHE G 4370 -25.67 -61.78 61.99
N PHE G 4371 -26.02 -62.95 61.46
CA PHE G 4371 -25.89 -63.27 60.06
C PHE G 4371 -26.85 -62.41 59.23
N ALA G 4372 -27.91 -61.95 59.88
CA ALA G 4372 -29.01 -61.24 59.24
C ALA G 4372 -28.69 -59.78 58.99
N ALA G 4373 -27.53 -59.33 59.49
CA ALA G 4373 -27.09 -57.96 59.31
C ALA G 4373 -26.55 -57.76 57.90
N HIS G 4374 -26.42 -58.86 57.17
CA HIS G 4374 -25.89 -58.84 55.82
C HIS G 4374 -26.82 -58.19 54.81
N LEU G 4375 -28.07 -57.97 55.18
CA LEU G 4375 -28.99 -57.25 54.31
C LEU G 4375 -28.48 -55.83 54.11
N LEU G 4376 -27.67 -55.36 55.05
CA LEU G 4376 -27.06 -54.05 54.98
C LEU G 4376 -26.14 -53.96 53.78
N ASP G 4377 -25.74 -55.10 53.24
CA ASP G 4377 -24.90 -55.14 52.05
C ASP G 4377 -25.64 -54.46 50.89
N ILE G 4378 -26.96 -54.47 50.94
CA ILE G 4378 -27.74 -53.85 49.86
C ILE G 4378 -27.50 -52.34 49.85
N ALA G 4379 -27.09 -51.79 50.99
CA ALA G 4379 -26.86 -50.36 51.12
C ALA G 4379 -25.73 -49.91 50.21
N MET G 4380 -24.82 -50.82 49.90
CA MET G 4380 -23.79 -50.54 48.91
C MET G 4380 -23.70 -51.67 47.91
N GLY G 4381 -24.77 -52.44 47.81
CA GLY G 4381 -24.85 -53.52 46.83
C GLY G 4381 -25.31 -52.98 45.48
N VAL G 4382 -26.62 -52.82 45.33
CA VAL G 4382 -27.17 -52.26 44.10
C VAL G 4382 -26.69 -50.81 43.93
N LYS G 4383 -26.35 -50.45 42.70
CA LYS G 4383 -25.84 -49.12 42.43
C LYS G 4383 -26.91 -48.06 42.64
N THR G 4384 -28.17 -48.42 42.39
CA THR G 4384 -29.26 -47.46 42.43
C THR G 4384 -29.57 -46.91 43.82
N LEU G 4385 -29.32 -47.70 44.85
CA LEU G 4385 -29.68 -47.29 46.20
C LEU G 4385 -28.53 -46.56 46.86
N ARG G 4386 -27.32 -46.83 46.36
CA ARG G 4386 -26.14 -46.20 46.92
C ARG G 4386 -26.24 -44.70 46.72
N THR G 4387 -26.86 -44.31 45.61
CA THR G 4387 -27.05 -42.90 45.32
C THR G 4387 -27.96 -42.28 46.36
N ILE G 4388 -28.91 -43.08 46.86
CA ILE G 4388 -29.88 -42.58 47.81
C ILE G 4388 -29.29 -42.44 49.20
N LEU G 4389 -28.64 -43.50 49.69
CA LEU G 4389 -28.00 -43.37 50.99
C LEU G 4389 -26.83 -42.40 50.99
N SER G 4390 -26.12 -42.31 49.87
CA SER G 4390 -25.06 -41.33 49.74
C SER G 4390 -25.67 -39.95 49.73
N SER G 4391 -26.88 -39.86 49.17
CA SER G 4391 -27.60 -38.61 49.17
C SER G 4391 -27.87 -38.23 50.61
N VAL G 4392 -28.17 -39.25 51.41
CA VAL G 4392 -28.41 -39.03 52.82
C VAL G 4392 -27.14 -38.60 53.57
N THR G 4393 -25.99 -39.10 53.12
CA THR G 4393 -24.78 -38.93 53.92
C THR G 4393 -23.86 -37.78 53.55
N HIS G 4394 -23.85 -37.36 52.29
CA HIS G 4394 -22.86 -36.36 51.89
C HIS G 4394 -23.15 -35.06 52.61
N ASN G 4395 -24.42 -34.86 52.90
CA ASN G 4395 -24.87 -33.70 53.65
C ASN G 4395 -25.02 -34.07 55.12
N GLY G 4396 -24.64 -35.29 55.46
CA GLY G 4396 -25.03 -35.89 56.71
C GLY G 4396 -24.36 -35.46 58.00
N LYS G 4397 -23.22 -34.77 57.93
CA LYS G 4397 -22.65 -34.24 59.17
C LYS G 4397 -23.60 -33.20 59.74
N GLN G 4398 -24.24 -32.48 58.83
CA GLN G 4398 -25.22 -31.47 59.18
C GLN G 4398 -26.38 -32.17 59.85
N LEU G 4399 -26.64 -33.39 59.41
CA LEU G 4399 -27.78 -34.16 59.88
C LEU G 4399 -27.57 -34.72 61.27
N VAL G 4400 -26.39 -35.28 61.49
CA VAL G 4400 -26.07 -35.83 62.79
C VAL G 4400 -25.99 -34.71 63.81
N MET G 4401 -25.33 -33.62 63.42
CA MET G 4401 -25.20 -32.52 64.35
C MET G 4401 -26.57 -31.92 64.61
N THR G 4402 -27.45 -31.99 63.61
CA THR G 4402 -28.83 -31.55 63.81
C THR G 4402 -29.55 -32.44 64.81
N VAL G 4403 -29.24 -33.73 64.78
CA VAL G 4403 -29.80 -34.64 65.77
C VAL G 4403 -29.30 -34.28 67.17
N GLY G 4404 -28.06 -33.83 67.24
CA GLY G 4404 -27.49 -33.48 68.52
C GLY G 4404 -28.20 -32.23 69.02
N LEU G 4405 -28.50 -31.34 68.09
CA LEU G 4405 -29.25 -30.14 68.41
C LEU G 4405 -30.65 -30.47 68.89
N LEU G 4406 -31.22 -31.54 68.34
CA LEU G 4406 -32.52 -31.98 68.80
C LEU G 4406 -32.41 -32.47 70.24
N ALA G 4407 -31.32 -33.20 70.52
CA ALA G 4407 -31.12 -33.68 71.88
C ALA G 4407 -30.95 -32.51 72.84
N VAL G 4408 -30.31 -31.45 72.37
CA VAL G 4408 -30.04 -30.30 73.21
C VAL G 4408 -31.30 -29.49 73.49
N VAL G 4409 -32.08 -29.20 72.46
CA VAL G 4409 -33.29 -28.44 72.66
C VAL G 4409 -34.26 -29.21 73.53
N VAL G 4410 -34.32 -30.51 73.28
CA VAL G 4410 -35.19 -31.35 74.08
C VAL G 4410 -34.68 -31.36 75.50
N TYR G 4411 -33.38 -31.25 75.68
CA TYR G 4411 -32.83 -31.14 77.02
C TYR G 4411 -33.18 -29.81 77.70
N LEU G 4412 -33.30 -28.73 76.93
CA LEU G 4412 -33.66 -27.46 77.54
C LEU G 4412 -35.10 -27.58 78.04
N TYR G 4413 -35.92 -28.21 77.20
CA TYR G 4413 -37.28 -28.45 77.61
C TYR G 4413 -37.42 -29.44 78.76
N THR G 4414 -36.52 -30.41 78.88
CA THR G 4414 -36.56 -31.29 80.03
C THR G 4414 -36.06 -30.54 81.25
N VAL G 4415 -35.30 -29.47 81.05
CA VAL G 4415 -34.92 -28.65 82.20
C VAL G 4415 -36.14 -27.90 82.71
N VAL G 4416 -36.80 -27.19 81.80
CA VAL G 4416 -37.93 -26.37 82.25
C VAL G 4416 -39.06 -27.25 82.80
N ALA G 4417 -39.23 -28.42 82.17
CA ALA G 4417 -40.19 -29.40 82.68
C ALA G 4417 -39.74 -29.96 84.01
N PHE G 4418 -38.43 -30.07 84.19
CA PHE G 4418 -37.90 -30.59 85.44
C PHE G 4418 -38.23 -29.64 86.56
N ASN G 4419 -38.32 -28.37 86.21
CA ASN G 4419 -38.75 -27.39 87.19
C ASN G 4419 -40.25 -27.27 87.27
N PHE G 4420 -40.78 -26.37 86.45
CA PHE G 4420 -42.12 -25.82 86.68
C PHE G 4420 -43.25 -26.84 86.52
N PHE G 4421 -43.01 -27.86 85.70
CA PHE G 4421 -44.10 -28.69 85.20
C PHE G 4421 -44.02 -30.13 85.69
N ARG G 4422 -43.29 -30.32 86.79
CA ARG G 4422 -42.98 -31.65 87.30
C ARG G 4422 -44.20 -32.47 87.75
N LYS G 4423 -45.24 -31.79 88.21
CA LYS G 4423 -46.44 -32.45 88.71
C LYS G 4423 -47.20 -33.15 87.59
N PHE G 4424 -46.94 -32.72 86.35
CA PHE G 4424 -47.70 -33.15 85.18
C PHE G 4424 -47.29 -34.50 84.57
N TYR G 4425 -46.22 -35.10 85.07
CA TYR G 4425 -45.72 -36.35 84.49
C TYR G 4425 -46.15 -37.63 85.19
N ASN G 4426 -47.42 -37.73 85.54
CA ASN G 4426 -47.94 -38.96 86.13
C ASN G 4426 -47.87 -40.14 85.16
N LYS G 4427 -47.48 -41.30 85.68
CA LYS G 4427 -47.51 -42.54 84.91
C LYS G 4427 -48.73 -43.37 85.33
N SER G 4428 -49.63 -42.73 86.08
CA SER G 4428 -50.73 -43.44 86.72
C SER G 4428 -51.71 -44.05 85.74
N GLU G 4429 -51.56 -45.35 85.50
CA GLU G 4429 -52.55 -46.09 84.74
C GLU G 4429 -53.85 -46.06 85.54
N ASP G 4430 -54.96 -45.81 84.85
CA ASP G 4430 -56.28 -45.70 85.49
C ASP G 4430 -56.31 -44.65 86.61
N GLU G 4431 -57.45 -44.56 87.29
CA GLU G 4431 -57.63 -43.58 88.36
C GLU G 4431 -56.80 -43.82 89.62
N ASP G 4432 -56.26 -42.73 90.18
CA ASP G 4432 -55.78 -42.65 91.55
C ASP G 4432 -54.82 -43.73 92.02
N GLU G 4433 -54.04 -44.31 91.12
CA GLU G 4433 -52.99 -45.23 91.52
C GLU G 4433 -51.81 -44.50 92.14
N PRO G 4434 -51.13 -45.14 93.08
CA PRO G 4434 -49.77 -44.65 93.34
C PRO G 4434 -48.98 -44.87 92.06
N ASP G 4435 -48.05 -43.98 91.73
CA ASP G 4435 -47.54 -43.98 90.37
C ASP G 4435 -46.13 -43.45 90.21
N MET G 4436 -45.48 -43.90 89.14
CA MET G 4436 -44.26 -43.27 88.69
C MET G 4436 -44.60 -41.87 88.20
N LYS G 4437 -43.69 -40.94 88.47
CA LYS G 4437 -43.77 -39.60 87.93
C LYS G 4437 -42.34 -39.16 87.80
N CYS G 4438 -41.85 -39.03 86.58
CA CYS G 4438 -40.42 -38.91 86.38
C CYS G 4438 -39.91 -37.67 87.09
N ASP G 4439 -38.82 -37.86 87.82
CA ASP G 4439 -38.32 -36.86 88.76
C ASP G 4439 -36.80 -36.87 88.71
N ASP G 4440 -36.22 -38.04 88.40
CA ASP G 4440 -34.83 -38.06 88.05
C ASP G 4440 -34.73 -37.28 86.76
N MET G 4441 -33.74 -36.40 86.67
CA MET G 4441 -33.56 -35.58 85.50
C MET G 4441 -33.25 -36.45 84.30
N MET G 4442 -32.55 -37.55 84.57
CA MET G 4442 -32.20 -38.51 83.54
C MET G 4442 -33.44 -39.24 83.03
N THR G 4443 -34.28 -39.69 83.94
CA THR G 4443 -35.49 -40.38 83.53
C THR G 4443 -36.44 -39.44 82.83
N CYS G 4444 -36.41 -38.17 83.21
CA CYS G 4444 -37.31 -37.21 82.61
C CYS G 4444 -36.88 -36.90 81.18
N TYR G 4445 -35.60 -36.59 81.01
CA TYR G 4445 -35.06 -36.33 79.69
C TYR G 4445 -35.19 -37.52 78.78
N LEU G 4446 -35.02 -38.71 79.36
CA LEU G 4446 -35.18 -39.93 78.60
C LEU G 4446 -36.63 -40.09 78.21
N PHE G 4447 -37.53 -39.62 79.07
CA PHE G 4447 -38.96 -39.62 78.76
C PHE G 4447 -39.28 -38.65 77.64
N HIS G 4448 -38.51 -37.57 77.54
CA HIS G 4448 -38.77 -36.61 76.48
C HIS G 4448 -38.24 -37.07 75.14
N MET G 4449 -37.04 -37.64 75.11
CA MET G 4449 -36.59 -38.22 73.84
C MET G 4449 -37.41 -39.45 73.45
N TYR G 4450 -37.92 -40.19 74.43
CA TYR G 4450 -38.61 -41.44 74.15
C TYR G 4450 -40.06 -41.18 73.77
N VAL G 4451 -40.54 -39.96 74.02
CA VAL G 4451 -41.95 -39.67 73.82
C VAL G 4451 -42.17 -38.36 73.10
N GLY G 4452 -41.65 -37.27 73.65
CA GLY G 4452 -41.96 -35.96 73.10
C GLY G 4452 -41.38 -35.77 71.71
N VAL G 4453 -40.20 -36.32 71.47
CA VAL G 4453 -39.66 -36.35 70.12
C VAL G 4453 -40.49 -37.27 69.23
N ARG G 4454 -40.93 -38.37 69.82
CA ARG G 4454 -41.65 -39.42 69.12
C ARG G 4454 -43.16 -39.32 69.05
N ALA G 4455 -43.66 -38.27 69.68
CA ALA G 4455 -45.06 -38.00 69.88
C ALA G 4455 -45.79 -37.84 68.57
N GLY G 4456 -45.13 -37.24 67.58
CA GLY G 4456 -45.82 -36.96 66.35
C GLY G 4456 -47.03 -36.11 66.67
N GLY G 4457 -46.77 -34.97 67.30
CA GLY G 4457 -47.80 -34.10 67.79
C GLY G 4457 -47.57 -33.70 69.23
N GLY G 4458 -46.30 -33.46 69.53
CA GLY G 4458 -45.91 -32.69 70.69
C GLY G 4458 -45.84 -33.50 71.95
N ILE G 4459 -45.25 -32.92 72.98
CA ILE G 4459 -45.22 -33.53 74.28
C ILE G 4459 -46.62 -33.65 74.88
N GLY G 4460 -47.43 -32.61 74.70
CA GLY G 4460 -48.61 -32.45 75.51
C GLY G 4460 -49.60 -33.55 75.26
N ASP G 4461 -49.26 -34.40 74.31
CA ASP G 4461 -49.98 -35.63 74.06
C ASP G 4461 -49.85 -36.50 75.29
N GLU G 4462 -48.69 -36.46 75.93
CA GLU G 4462 -48.41 -37.33 77.05
C GLU G 4462 -47.98 -36.48 78.22
N ILE G 4463 -48.93 -35.74 78.74
CA ILE G 4463 -48.78 -35.03 79.99
C ILE G 4463 -50.23 -34.84 80.32
N GLU G 4464 -50.56 -34.61 81.57
CA GLU G 4464 -51.96 -34.41 81.91
C GLU G 4464 -52.24 -32.96 81.65
N ASP G 4465 -53.11 -32.70 80.68
CA ASP G 4465 -53.23 -31.39 80.09
C ASP G 4465 -53.61 -30.43 81.18
N PRO G 4466 -52.90 -29.22 81.18
CA PRO G 4466 -53.24 -28.38 82.33
C PRO G 4466 -54.71 -28.00 82.29
N ALA G 4467 -55.37 -28.18 83.42
CA ALA G 4467 -56.68 -27.63 83.62
C ALA G 4467 -56.63 -26.86 84.91
N GLY G 4468 -57.00 -25.59 84.86
CA GLY G 4468 -57.11 -24.80 86.06
C GLY G 4468 -55.80 -24.39 86.71
N ASP G 4469 -54.66 -24.58 86.02
CA ASP G 4469 -53.43 -24.02 86.57
C ASP G 4469 -53.02 -22.76 85.80
N GLU G 4470 -52.38 -21.81 86.46
CA GLU G 4470 -51.69 -20.74 85.74
C GLU G 4470 -50.52 -21.37 84.99
N TYR G 4471 -49.95 -22.40 85.61
CA TYR G 4471 -48.88 -23.18 85.01
C TYR G 4471 -49.41 -24.00 83.83
N GLU G 4472 -50.72 -24.21 83.81
CA GLU G 4472 -51.38 -24.77 82.65
C GLU G 4472 -51.23 -23.80 81.50
N LEU G 4473 -51.33 -22.51 81.81
CA LEU G 4473 -51.27 -21.48 80.79
C LEU G 4473 -49.85 -21.31 80.32
N TYR G 4474 -48.89 -21.31 81.23
CA TYR G 4474 -47.49 -21.26 80.79
C TYR G 4474 -47.10 -22.51 80.01
N ARG G 4475 -47.62 -23.66 80.39
CA ARG G 4475 -47.13 -24.84 79.70
C ARG G 4475 -47.88 -25.05 78.41
N VAL G 4476 -48.95 -24.29 78.17
CA VAL G 4476 -49.47 -24.35 76.81
C VAL G 4476 -48.43 -23.74 75.90
N VAL G 4477 -47.80 -22.66 76.36
CA VAL G 4477 -46.71 -22.05 75.63
C VAL G 4477 -45.53 -23.01 75.55
N PHE G 4478 -45.34 -23.78 76.62
CA PHE G 4478 -44.25 -24.76 76.63
C PHE G 4478 -44.46 -25.85 75.58
N ASP G 4479 -45.66 -26.40 75.59
CA ASP G 4479 -46.07 -27.46 74.70
C ASP G 4479 -46.08 -27.00 73.25
N ILE G 4480 -46.45 -25.74 73.02
CA ILE G 4480 -46.48 -25.23 71.66
C ILE G 4480 -45.09 -24.95 71.14
N THR G 4481 -44.24 -24.32 71.96
CA THR G 4481 -42.89 -24.08 71.51
C THR G 4481 -42.15 -25.39 71.32
N PHE G 4482 -42.46 -26.38 72.15
CA PHE G 4482 -41.87 -27.70 71.96
C PHE G 4482 -42.40 -28.34 70.69
N PHE G 4483 -43.67 -28.12 70.40
CA PHE G 4483 -44.28 -28.71 69.22
C PHE G 4483 -43.73 -28.10 67.96
N PHE G 4484 -43.29 -26.86 68.04
CA PHE G 4484 -42.67 -26.23 66.89
C PHE G 4484 -41.21 -26.59 66.77
N PHE G 4485 -40.42 -26.19 67.76
CA PHE G 4485 -38.96 -26.31 67.63
C PHE G 4485 -38.48 -27.74 67.50
N VAL G 4486 -39.14 -28.67 68.18
CA VAL G 4486 -38.70 -30.06 68.16
C VAL G 4486 -39.37 -30.86 67.05
N ILE G 4487 -40.65 -30.58 66.81
CA ILE G 4487 -41.42 -31.36 65.86
C ILE G 4487 -41.57 -30.64 64.52
N VAL G 4488 -42.23 -29.49 64.56
CA VAL G 4488 -42.48 -28.72 63.35
C VAL G 4488 -41.19 -28.21 62.72
N ILE G 4489 -40.16 -28.00 63.53
CA ILE G 4489 -38.92 -27.43 62.99
C ILE G 4489 -37.78 -28.43 62.80
N LEU G 4490 -37.17 -28.92 63.87
CA LEU G 4490 -35.98 -29.76 63.71
C LEU G 4490 -36.21 -31.06 62.96
N LEU G 4491 -37.38 -31.67 63.14
CA LEU G 4491 -37.70 -32.85 62.35
C LEU G 4491 -37.84 -32.43 60.90
N ALA G 4492 -38.43 -31.25 60.69
CA ALA G 4492 -38.50 -30.70 59.35
C ALA G 4492 -37.13 -30.34 58.82
N ILE G 4493 -36.24 -29.91 59.71
CA ILE G 4493 -34.88 -29.57 59.30
C ILE G 4493 -34.18 -30.83 58.81
N ILE G 4494 -34.49 -31.97 59.42
CA ILE G 4494 -33.97 -33.23 58.92
C ILE G 4494 -34.57 -33.62 57.59
N GLN G 4495 -35.90 -33.56 57.53
CA GLN G 4495 -36.66 -34.06 56.39
C GLN G 4495 -36.27 -33.30 55.15
N GLY G 4496 -35.98 -32.02 55.33
CA GLY G 4496 -35.52 -31.20 54.24
C GLY G 4496 -34.02 -31.12 54.08
N LEU G 4497 -33.29 -31.53 55.10
CA LEU G 4497 -31.85 -31.62 54.94
C LEU G 4497 -31.57 -32.73 53.95
N ILE G 4498 -32.37 -33.78 54.05
CA ILE G 4498 -32.23 -34.89 53.10
C ILE G 4498 -32.58 -34.42 51.70
N ILE G 4499 -33.56 -33.52 51.62
CA ILE G 4499 -34.06 -33.08 50.33
C ILE G 4499 -33.07 -32.17 49.65
N ASP G 4500 -32.52 -31.25 50.43
CA ASP G 4500 -31.54 -30.33 49.90
C ASP G 4500 -30.34 -31.15 49.50
N ALA G 4501 -30.10 -32.24 50.23
CA ALA G 4501 -29.05 -33.17 49.81
C ALA G 4501 -29.36 -33.83 48.47
N PHE G 4502 -30.64 -34.12 48.22
CA PHE G 4502 -31.03 -34.67 46.93
C PHE G 4502 -30.77 -33.70 45.80
N GLY G 4503 -31.20 -32.46 46.02
CA GLY G 4503 -31.10 -31.47 44.98
C GLY G 4503 -29.66 -31.07 44.73
N GLU G 4504 -28.86 -31.01 45.79
CA GLU G 4504 -27.43 -30.72 45.61
C GLU G 4504 -26.73 -31.87 44.89
N LEU G 4505 -27.13 -33.10 45.23
CA LEU G 4505 -26.43 -34.23 44.65
C LEU G 4505 -26.72 -34.32 43.17
N ARG G 4506 -27.99 -34.20 42.78
CA ARG G 4506 -28.24 -34.19 41.35
C ARG G 4506 -27.68 -32.94 40.68
N ASP G 4507 -27.66 -31.83 41.39
CA ASP G 4507 -27.20 -30.58 40.77
C ASP G 4507 -25.74 -30.71 40.42
N GLN G 4508 -24.99 -31.46 41.22
CA GLN G 4508 -23.60 -31.70 40.86
C GLN G 4508 -23.50 -32.52 39.58
N GLN G 4509 -24.43 -33.45 39.39
CA GLN G 4509 -24.47 -34.23 38.17
C GLN G 4509 -24.78 -33.33 36.99
N GLU G 4510 -25.60 -32.33 37.27
CA GLU G 4510 -26.04 -31.41 36.25
C GLU G 4510 -24.89 -30.52 35.82
N GLN G 4511 -24.12 -30.03 36.78
CA GLN G 4511 -22.94 -29.23 36.46
C GLN G 4511 -21.88 -30.06 35.76
N VAL G 4512 -21.79 -31.35 36.09
CA VAL G 4512 -20.84 -32.20 35.38
C VAL G 4512 -21.26 -32.37 33.94
N LYS G 4513 -22.54 -32.61 33.72
CA LYS G 4513 -23.04 -32.74 32.36
C LYS G 4513 -22.92 -31.44 31.59
N GLU G 4514 -23.07 -30.31 32.28
CA GLU G 4514 -22.96 -29.00 31.62
C GLU G 4514 -21.53 -28.71 31.22
N ASP G 4515 -20.60 -28.94 32.13
CA ASP G 4515 -19.21 -28.71 31.80
C ASP G 4515 -18.74 -29.67 30.73
N MET G 4516 -19.30 -30.88 30.70
CA MET G 4516 -19.04 -31.74 29.54
C MET G 4516 -19.64 -31.20 28.25
N GLU G 4517 -20.82 -30.58 28.34
CA GLU G 4517 -21.47 -30.03 27.15
C GLU G 4517 -20.76 -28.82 26.57
N THR G 4518 -20.04 -28.08 27.41
CA THR G 4518 -19.49 -26.81 26.99
C THR G 4518 -17.98 -26.81 26.94
N LYS G 4519 -17.36 -26.49 28.08
CA LYS G 4519 -15.92 -26.44 28.17
C LYS G 4519 -15.30 -27.81 27.91
N CYS G 4520 -14.25 -27.87 27.10
CA CYS G 4520 -13.52 -29.13 26.95
C CYS G 4520 -12.84 -29.45 28.27
N PHE G 4521 -12.80 -30.74 28.62
CA PHE G 4521 -12.24 -31.12 29.90
C PHE G 4521 -10.75 -30.79 30.00
N ILE G 4522 -10.08 -30.77 28.86
CA ILE G 4522 -8.63 -30.61 28.85
C ILE G 4522 -8.21 -29.21 28.44
N CYS G 4523 -8.32 -28.92 27.15
CA CYS G 4523 -7.95 -27.61 26.63
C CYS G 4523 -8.88 -26.52 27.14
N GLY G 4524 -10.09 -26.89 27.50
CA GLY G 4524 -11.06 -25.91 27.96
C GLY G 4524 -11.82 -25.26 26.82
N ILE G 4525 -11.44 -24.03 26.49
CA ILE G 4525 -11.98 -23.29 25.36
C ILE G 4525 -13.49 -23.08 25.44
N GLY G 4526 -14.25 -24.18 25.41
CA GLY G 4526 -15.69 -24.11 25.39
C GLY G 4526 -16.28 -24.54 24.07
N SER G 4527 -17.47 -25.13 24.13
CA SER G 4527 -18.08 -25.76 22.97
C SER G 4527 -18.39 -24.79 21.86
N ASP G 4528 -18.70 -23.56 22.21
CA ASP G 4528 -19.14 -22.59 21.22
C ASP G 4528 -18.08 -22.31 20.17
N TYR G 4529 -16.82 -22.34 20.58
CA TYR G 4529 -15.74 -22.08 19.63
C TYR G 4529 -15.61 -23.16 18.56
N PHE G 4530 -15.87 -24.41 18.94
CA PHE G 4530 -15.64 -25.52 18.03
C PHE G 4530 -16.85 -25.82 17.15
N ASP G 4531 -17.97 -25.16 17.44
CA ASP G 4531 -19.14 -25.33 16.62
C ASP G 4531 -19.05 -24.45 15.39
N THR G 4532 -18.07 -23.57 15.35
CA THR G 4532 -17.91 -22.69 14.20
C THR G 4532 -17.62 -23.49 12.94
N THR G 4533 -16.88 -24.59 13.08
CA THR G 4533 -16.87 -25.65 12.08
C THR G 4533 -18.12 -26.48 12.29
N PRO G 4534 -18.74 -26.97 11.21
CA PRO G 4534 -19.97 -27.74 11.47
C PRO G 4534 -19.72 -28.99 12.29
N HIS G 4535 -20.65 -29.31 13.18
CA HIS G 4535 -20.65 -30.53 13.97
C HIS G 4535 -19.31 -30.71 14.69
N GLY G 4536 -18.64 -29.60 14.94
CA GLY G 4536 -17.25 -29.68 15.35
C GLY G 4536 -16.87 -30.04 16.77
N PHE G 4537 -17.66 -29.67 17.77
CA PHE G 4537 -17.22 -29.90 19.13
C PHE G 4537 -17.16 -31.37 19.49
N GLU G 4538 -18.07 -32.15 18.94
CA GLU G 4538 -18.07 -33.58 19.21
C GLU G 4538 -16.81 -34.21 18.67
N THR G 4539 -16.34 -33.70 17.53
CA THR G 4539 -15.06 -34.12 16.99
C THR G 4539 -13.90 -33.61 17.83
N HIS G 4540 -14.03 -32.41 18.38
CA HIS G 4540 -12.97 -31.85 19.21
C HIS G 4540 -12.79 -32.69 20.45
N THR G 4541 -13.87 -33.33 20.88
CA THR G 4541 -13.74 -34.29 21.96
C THR G 4541 -13.18 -35.57 21.38
N LEU G 4542 -14.00 -36.26 20.61
CA LEU G 4542 -13.72 -37.63 20.18
C LEU G 4542 -12.45 -37.78 19.37
N GLU G 4543 -12.03 -36.72 18.69
CA GLU G 4543 -10.82 -36.81 17.89
C GLU G 4543 -9.66 -36.08 18.58
N GLU G 4544 -9.83 -34.77 18.77
CA GLU G 4544 -8.76 -33.91 19.24
C GLU G 4544 -8.27 -34.24 20.66
N HIS G 4545 -9.16 -34.77 21.49
CA HIS G 4545 -8.79 -35.04 22.87
C HIS G 4545 -9.33 -36.36 23.38
N ASN G 4546 -10.65 -36.51 23.28
CA ASN G 4546 -11.44 -37.59 23.90
C ASN G 4546 -10.76 -38.22 25.10
N LEU G 4547 -10.12 -37.35 25.88
CA LEU G 4547 -9.75 -37.64 27.25
C LEU G 4547 -8.90 -38.91 27.36
N ALA G 4548 -9.48 -40.02 26.92
CA ALA G 4548 -8.83 -41.32 26.99
C ALA G 4548 -7.57 -41.45 26.13
N ASN G 4549 -7.48 -40.73 25.02
CA ASN G 4549 -6.28 -40.87 24.20
C ASN G 4549 -5.03 -40.39 24.91
N TYR G 4550 -5.17 -39.40 25.77
CA TYR G 4550 -4.05 -39.02 26.62
C TYR G 4550 -3.70 -40.18 27.51
N MET G 4551 -4.73 -40.92 27.92
CA MET G 4551 -4.51 -42.01 28.84
C MET G 4551 -3.70 -43.11 28.18
N PHE G 4552 -4.12 -43.52 26.99
CA PHE G 4552 -3.40 -44.59 26.30
C PHE G 4552 -2.00 -44.12 25.93
N PHE G 4553 -1.91 -42.84 25.63
CA PHE G 4553 -0.64 -42.26 25.30
C PHE G 4553 0.27 -42.35 26.50
N LEU G 4554 -0.31 -42.27 27.69
CA LEU G 4554 0.45 -42.60 28.87
C LEU G 4554 0.73 -44.11 28.95
N MET G 4555 -0.17 -44.96 28.41
CA MET G 4555 0.04 -46.40 28.49
C MET G 4555 1.38 -46.70 27.86
N TYR G 4556 1.47 -46.12 26.67
CA TYR G 4556 2.58 -46.14 25.76
C TYR G 4556 3.84 -45.47 26.28
N LEU G 4557 3.69 -44.28 26.86
CA LEU G 4557 4.86 -43.56 27.38
C LEU G 4557 5.49 -44.44 28.42
N ILE G 4558 4.65 -45.16 29.14
CA ILE G 4558 5.20 -46.13 30.05
C ILE G 4558 5.76 -47.34 29.31
N ASN G 4559 5.08 -47.76 28.25
CA ASN G 4559 5.36 -49.04 27.60
C ASN G 4559 6.54 -49.02 26.61
N LYS G 4560 6.98 -47.85 26.18
CA LYS G 4560 8.15 -47.77 25.31
C LYS G 4560 9.43 -48.06 26.08
N ASP G 4561 10.40 -48.67 25.41
CA ASP G 4561 11.75 -48.68 25.93
C ASP G 4561 12.20 -47.23 25.92
N GLU G 4562 12.96 -46.81 26.93
CA GLU G 4562 13.35 -45.41 27.00
C GLU G 4562 14.21 -45.04 25.80
N THR G 4563 14.93 -46.02 25.26
CA THR G 4563 15.62 -45.83 24.00
C THR G 4563 14.65 -45.61 22.83
N GLU G 4564 13.47 -46.20 22.93
CA GLU G 4564 12.53 -46.20 21.80
C GLU G 4564 11.68 -44.94 21.64
N HIS G 4565 11.71 -44.04 22.62
CA HIS G 4565 10.88 -42.85 22.52
C HIS G 4565 11.22 -41.98 21.33
N THR G 4566 10.18 -41.51 20.64
CA THR G 4566 10.32 -40.47 19.64
C THR G 4566 10.52 -39.15 20.37
N GLY G 4567 11.12 -38.18 19.70
CA GLY G 4567 11.53 -36.97 20.37
C GLY G 4567 10.36 -36.22 20.97
N GLN G 4568 9.19 -36.31 20.33
CA GLN G 4568 7.98 -35.83 20.97
C GLN G 4568 7.60 -36.68 22.17
N GLU G 4569 7.60 -38.00 21.99
CA GLU G 4569 7.29 -38.87 23.11
C GLU G 4569 8.35 -38.79 24.20
N SER G 4570 9.61 -38.61 23.83
CA SER G 4570 10.65 -38.42 24.82
C SER G 4570 10.45 -37.11 25.55
N TYR G 4571 9.93 -36.13 24.82
CA TYR G 4571 9.71 -34.82 25.41
C TYR G 4571 8.60 -34.85 26.42
N VAL G 4572 7.48 -35.45 26.04
CA VAL G 4572 6.34 -35.57 26.93
C VAL G 4572 6.68 -36.46 28.11
N TRP G 4573 7.50 -37.47 27.87
CA TRP G 4573 7.96 -38.33 28.95
C TRP G 4573 8.86 -37.57 29.91
N LYS G 4574 9.58 -36.59 29.37
CA LYS G 4574 10.44 -35.76 30.20
C LYS G 4574 9.61 -34.80 31.04
N MET G 4575 8.60 -34.21 30.42
CA MET G 4575 7.71 -33.25 31.09
C MET G 4575 6.90 -33.96 32.15
N TYR G 4576 6.64 -35.24 31.87
CA TYR G 4576 5.84 -36.09 32.74
C TYR G 4576 6.61 -36.61 33.93
N GLN G 4577 7.84 -37.03 33.68
CA GLN G 4577 8.64 -37.61 34.73
C GLN G 4577 8.93 -36.54 35.78
N GLU G 4578 9.03 -35.30 35.33
CA GLU G 4578 9.33 -34.19 36.24
C GLU G 4578 8.02 -33.62 36.78
N ARG G 4579 6.89 -34.10 36.25
CA ARG G 4579 5.59 -33.54 36.57
C ARG G 4579 5.53 -32.06 36.19
N CYS G 4580 6.04 -31.70 35.02
CA CYS G 4580 5.89 -30.33 34.55
C CYS G 4580 4.44 -29.99 34.25
N TRP G 4581 3.79 -30.92 33.57
CA TRP G 4581 2.39 -30.84 33.16
C TRP G 4581 2.11 -29.56 32.38
N ASP G 4582 3.10 -29.05 31.67
CA ASP G 4582 2.84 -27.99 30.70
C ASP G 4582 2.38 -28.54 29.36
N PHE G 4583 2.53 -29.84 29.14
CA PHE G 4583 2.36 -30.37 27.79
C PHE G 4583 0.90 -30.60 27.39
N PHE G 4584 -0.03 -30.55 28.35
CA PHE G 4584 -1.43 -30.47 27.98
C PHE G 4584 -1.69 -29.11 27.40
N PRO G 4585 -2.57 -29.02 26.40
CA PRO G 4585 -3.02 -27.67 26.08
C PRO G 4585 -3.75 -27.14 27.30
N ALA G 4586 -3.61 -25.86 27.59
CA ALA G 4586 -4.31 -25.32 28.74
C ALA G 4586 -5.32 -24.28 28.28
N GLY G 4587 -5.45 -24.16 26.97
CA GLY G 4587 -6.38 -23.23 26.38
C GLY G 4587 -5.95 -22.78 25.01
N ASP G 4588 -5.39 -23.71 24.23
CA ASP G 4588 -4.91 -23.35 22.90
C ASP G 4588 -5.47 -24.23 21.79
N CYS G 4589 -5.36 -25.54 21.97
CA CYS G 4589 -5.79 -26.57 21.00
C CYS G 4589 -5.27 -26.36 19.57
N PHE G 4590 -5.36 -27.39 18.75
CA PHE G 4590 -4.74 -27.39 17.43
C PHE G 4590 -5.39 -26.38 16.49
N ARG G 4591 -6.71 -26.42 16.45
CA ARG G 4591 -7.46 -25.60 15.50
C ARG G 4591 -7.31 -24.12 15.80
N LYS G 4592 -7.38 -23.75 17.07
CA LYS G 4592 -7.12 -22.38 17.46
C LYS G 4592 -5.64 -22.04 17.28
N GLN G 4593 -4.78 -23.04 17.40
CA GLN G 4593 -3.34 -22.85 17.21
C GLN G 4593 -3.03 -22.46 15.79
N TYR G 4594 -3.87 -22.91 14.87
CA TYR G 4594 -3.60 -22.64 13.47
C TYR G 4594 -4.70 -21.83 12.80
N GLU G 4595 -5.92 -22.37 12.79
CA GLU G 4595 -7.07 -21.70 12.20
C GLU G 4595 -6.80 -21.27 10.75
N GLY H 1 111.14 -54.06 -4.59
CA GLY H 1 109.83 -53.72 -4.07
C GLY H 1 109.63 -54.21 -2.65
N VAL H 2 109.11 -55.42 -2.52
CA VAL H 2 108.93 -56.03 -1.20
C VAL H 2 110.30 -56.23 -0.55
N GLN H 3 110.38 -55.92 0.73
CA GLN H 3 111.66 -55.99 1.44
C GLN H 3 111.47 -56.57 2.84
N VAL H 4 111.16 -57.86 2.90
CA VAL H 4 110.98 -58.53 4.17
C VAL H 4 112.26 -58.46 4.98
N GLU H 5 112.14 -58.13 6.25
CA GLU H 5 113.30 -57.97 7.11
C GLU H 5 113.20 -58.87 8.34
N THR H 6 114.29 -59.56 8.65
CA THR H 6 114.32 -60.41 9.83
C THR H 6 114.17 -59.57 11.09
N ILE H 7 113.34 -60.03 12.00
CA ILE H 7 113.25 -59.43 13.32
C ILE H 7 114.01 -60.31 14.30
N SER H 8 113.46 -61.48 14.59
CA SER H 8 114.18 -62.45 15.42
C SER H 8 114.22 -63.80 14.72
N PRO H 9 115.34 -64.52 14.87
CA PRO H 9 115.59 -65.79 14.17
C PRO H 9 114.61 -66.90 14.52
N GLY H 10 114.29 -67.72 13.53
CA GLY H 10 113.50 -68.92 13.73
C GLY H 10 114.41 -70.12 13.73
N ASP H 11 113.92 -71.25 13.23
CA ASP H 11 114.74 -72.45 13.11
C ASP H 11 115.89 -72.24 12.12
N GLY H 12 115.70 -71.31 11.19
CA GLY H 12 116.68 -71.04 10.17
C GLY H 12 116.65 -72.11 9.10
N ARG H 13 115.59 -72.88 9.10
CA ARG H 13 115.50 -74.06 8.24
C ARG H 13 114.26 -74.04 7.34
N THR H 14 113.11 -74.36 7.94
CA THR H 14 111.92 -74.70 7.17
C THR H 14 111.23 -73.47 6.60
N PHE H 15 111.65 -73.09 5.40
CA PHE H 15 111.00 -72.03 4.65
C PHE H 15 109.71 -72.55 4.02
N PRO H 16 108.72 -71.67 3.83
CA PRO H 16 107.43 -72.06 3.26
C PRO H 16 107.55 -72.60 1.84
N LYS H 17 106.69 -73.58 1.52
CA LYS H 17 106.71 -74.21 0.22
C LYS H 17 105.32 -74.18 -0.41
N ARG H 18 105.21 -74.73 -1.61
CA ARG H 18 103.91 -74.84 -2.25
C ARG H 18 103.00 -75.75 -1.43
N GLY H 19 101.77 -75.29 -1.20
CA GLY H 19 100.74 -76.12 -0.62
C GLY H 19 100.77 -76.23 0.89
N GLN H 20 101.81 -75.70 1.51
CA GLN H 20 101.90 -75.71 2.97
C GLN H 20 100.89 -74.75 3.60
N THR H 21 100.30 -75.18 4.71
CA THR H 21 99.38 -74.33 5.45
C THR H 21 100.17 -73.45 6.43
N CYS H 22 100.59 -72.29 5.94
CA CYS H 22 101.35 -71.35 6.75
C CYS H 22 100.51 -70.82 7.91
N VAL H 23 101.09 -70.78 9.10
CA VAL H 23 100.36 -70.33 10.27
C VAL H 23 101.15 -69.26 11.02
N VAL H 24 100.57 -68.06 11.09
CA VAL H 24 101.23 -66.89 11.65
C VAL H 24 100.30 -66.02 12.51
N HIS H 25 100.77 -65.60 13.67
CA HIS H 25 100.24 -64.38 14.29
C HIS H 25 100.90 -63.18 13.63
N TYR H 26 100.19 -62.07 13.56
CA TYR H 26 100.74 -60.88 12.93
C TYR H 26 99.95 -59.63 13.26
N THR H 27 100.46 -58.50 12.80
CA THR H 27 99.73 -57.25 12.81
C THR H 27 100.06 -56.52 11.53
N GLY H 28 99.23 -55.55 11.16
CA GLY H 28 99.45 -54.80 9.94
C GLY H 28 99.34 -53.31 10.15
N MET H 29 100.43 -52.60 9.88
CA MET H 29 100.45 -51.16 10.02
C MET H 29 100.98 -50.46 8.77
N LEU H 30 100.52 -49.24 8.53
CA LEU H 30 100.95 -48.44 7.39
C LEU H 30 102.35 -47.88 7.60
N GLU H 31 102.86 -47.19 6.57
CA GLU H 31 104.16 -46.55 6.65
C GLU H 31 104.22 -45.58 7.81
N ASP H 32 103.07 -44.96 8.10
CA ASP H 32 102.97 -43.94 9.12
C ASP H 32 103.13 -44.54 10.51
N GLY H 33 102.93 -45.85 10.61
CA GLY H 33 102.93 -46.54 11.88
C GLY H 33 101.51 -46.74 12.39
N LYS H 34 100.55 -46.11 11.72
CA LYS H 34 99.15 -46.36 12.01
C LYS H 34 98.84 -47.82 11.71
N LYS H 35 98.15 -48.49 12.63
CA LYS H 35 97.76 -49.88 12.40
C LYS H 35 96.49 -49.98 11.57
N PHE H 36 96.33 -51.11 10.89
CA PHE H 36 95.08 -51.43 10.23
C PHE H 36 94.68 -52.87 10.49
N ASP H 37 95.60 -53.67 10.99
CA ASP H 37 95.26 -55.05 11.20
C ASP H 37 96.07 -55.69 12.28
N SER H 38 95.45 -56.56 13.06
CA SER H 38 96.18 -57.37 14.03
C SER H 38 95.74 -58.82 13.97
N SER H 39 96.69 -59.73 13.81
CA SER H 39 96.38 -61.13 13.95
C SER H 39 96.01 -61.49 15.39
N ARG H 40 96.81 -60.99 16.34
CA ARG H 40 96.64 -61.33 17.75
C ARG H 40 95.34 -60.85 18.42
N ASP H 41 94.94 -59.62 18.13
CA ASP H 41 93.73 -59.02 18.68
C ASP H 41 92.59 -60.02 18.61
N ARG H 42 92.56 -60.76 17.52
CA ARG H 42 91.64 -61.87 17.36
C ARG H 42 92.05 -63.02 18.26
N ASN H 43 93.35 -63.07 18.57
CA ASN H 43 94.00 -64.17 19.27
C ASN H 43 93.92 -65.49 18.51
N LYS H 44 93.27 -65.46 17.35
CA LYS H 44 93.25 -66.58 16.43
C LYS H 44 94.50 -66.56 15.55
N PRO H 45 95.24 -67.68 15.51
CA PRO H 45 96.33 -67.79 14.55
C PRO H 45 95.80 -67.67 13.14
N PHE H 46 96.55 -67.02 12.25
CA PHE H 46 96.09 -66.86 10.89
C PHE H 46 96.68 -67.94 9.99
N LYS H 47 95.84 -68.55 9.16
CA LYS H 47 96.26 -69.69 8.37
C LYS H 47 96.04 -69.47 6.88
N PHE H 48 97.07 -69.74 6.07
CA PHE H 48 96.92 -69.59 4.62
C PHE H 48 97.85 -70.55 3.87
N MET H 49 97.30 -71.27 2.89
CA MET H 49 98.15 -72.01 1.97
C MET H 49 98.95 -71.01 1.14
N LEU H 50 100.24 -71.25 0.98
CA LEU H 50 101.07 -70.31 0.23
C LEU H 50 101.09 -70.71 -1.24
N GLY H 51 101.09 -69.71 -2.11
CA GLY H 51 101.03 -69.94 -3.54
C GLY H 51 99.61 -70.17 -4.03
N LYS H 52 98.66 -70.06 -3.10
CA LYS H 52 97.25 -70.28 -3.40
C LYS H 52 96.65 -69.03 -4.05
N GLN H 53 97.42 -67.94 -4.02
CA GLN H 53 96.99 -66.65 -4.57
C GLN H 53 95.72 -66.14 -3.92
N GLU H 54 95.51 -66.55 -2.67
CA GLU H 54 94.38 -66.09 -1.89
C GLU H 54 94.68 -64.77 -1.17
N VAL H 55 95.92 -64.32 -1.27
CA VAL H 55 96.36 -63.14 -0.54
C VAL H 55 97.02 -62.13 -1.47
N ILE H 56 97.40 -60.99 -0.91
CA ILE H 56 98.15 -59.99 -1.67
C ILE H 56 99.50 -60.57 -2.05
N ARG H 57 100.00 -60.16 -3.21
CA ARG H 57 101.18 -60.78 -3.82
C ARG H 57 102.42 -60.70 -2.94
N GLY H 58 102.56 -59.59 -2.20
CA GLY H 58 103.72 -59.42 -1.36
C GLY H 58 103.68 -60.36 -0.18
N TRP H 59 102.50 -60.62 0.35
CA TRP H 59 102.32 -61.60 1.41
C TRP H 59 102.60 -62.99 0.87
N GLU H 60 102.18 -63.24 -0.36
CA GLU H 60 102.34 -64.54 -0.99
C GLU H 60 103.82 -64.84 -1.28
N GLU H 61 104.59 -63.78 -1.50
CA GLU H 61 105.99 -63.95 -1.90
C GLU H 61 106.94 -63.88 -0.71
N GLY H 62 106.79 -62.85 0.11
CA GLY H 62 107.76 -62.56 1.16
C GLY H 62 107.70 -63.42 2.40
N VAL H 63 106.57 -64.06 2.65
CA VAL H 63 106.48 -64.96 3.80
C VAL H 63 107.39 -66.17 3.57
N ALA H 64 107.59 -66.51 2.31
CA ALA H 64 108.40 -67.67 1.94
C ALA H 64 109.85 -67.50 2.39
N GLN H 65 110.28 -66.25 2.49
CA GLN H 65 111.64 -65.94 2.94
C GLN H 65 111.83 -66.26 4.42
N MET H 66 110.74 -66.25 5.18
CA MET H 66 110.80 -66.49 6.62
C MET H 66 111.03 -67.94 6.99
N SER H 67 111.66 -68.16 8.14
CA SER H 67 111.82 -69.50 8.70
C SER H 67 110.74 -69.76 9.74
N VAL H 68 110.50 -71.03 10.06
CA VAL H 68 109.53 -71.36 11.10
C VAL H 68 110.00 -70.84 12.45
N GLY H 69 109.08 -70.21 13.19
CA GLY H 69 109.38 -69.68 14.50
C GLY H 69 110.02 -68.31 14.43
N GLN H 70 110.32 -67.88 13.21
CA GLN H 70 110.91 -66.57 12.98
C GLN H 70 109.90 -65.45 13.17
N ARG H 71 110.35 -64.34 13.73
CA ARG H 71 109.61 -63.10 13.67
C ARG H 71 110.27 -62.22 12.61
N ALA H 72 109.46 -61.58 11.78
CA ALA H 72 110.01 -60.77 10.70
C ALA H 72 109.07 -59.66 10.28
N LYS H 73 109.65 -58.58 9.78
CA LYS H 73 108.89 -57.44 9.30
C LYS H 73 108.70 -57.50 7.79
N LEU H 74 107.44 -57.48 7.35
CA LEU H 74 107.13 -57.44 5.94
C LEU H 74 106.83 -56.01 5.49
N THR H 75 107.83 -55.34 4.93
CA THR H 75 107.63 -54.01 4.39
C THR H 75 107.21 -54.16 2.92
N ILE H 76 106.05 -54.78 2.72
CA ILE H 76 105.58 -55.09 1.37
C ILE H 76 105.26 -53.84 0.56
N SER H 77 105.74 -53.84 -0.68
CA SER H 77 105.47 -52.76 -1.62
C SER H 77 104.01 -52.78 -2.04
N PRO H 78 103.41 -51.59 -2.22
CA PRO H 78 101.99 -51.52 -2.58
C PRO H 78 101.65 -52.24 -3.88
N ASP H 79 102.58 -52.24 -4.84
CA ASP H 79 102.34 -52.95 -6.09
C ASP H 79 102.19 -54.44 -5.85
N TYR H 80 102.87 -54.92 -4.82
CA TYR H 80 102.76 -56.30 -4.40
C TYR H 80 101.56 -56.49 -3.47
N ALA H 81 100.92 -55.37 -3.13
CA ALA H 81 99.69 -55.40 -2.35
C ALA H 81 98.53 -54.87 -3.19
N TYR H 82 97.61 -54.17 -2.54
CA TYR H 82 96.47 -53.59 -3.24
C TYR H 82 96.88 -52.49 -4.22
N GLY H 83 97.97 -51.81 -3.92
CA GLY H 83 98.52 -50.80 -4.80
C GLY H 83 97.64 -49.60 -5.10
N ALA H 84 97.60 -49.23 -6.38
CA ALA H 84 96.83 -48.07 -6.82
C ALA H 84 95.35 -48.30 -6.58
N THR H 85 94.94 -49.56 -6.56
CA THR H 85 93.57 -49.90 -6.22
C THR H 85 93.29 -49.54 -4.77
N GLY H 86 94.17 -49.99 -3.88
CA GLY H 86 94.00 -49.79 -2.46
C GLY H 86 93.02 -50.82 -1.93
N HIS H 87 93.02 -51.06 -0.63
CA HIS H 87 92.04 -51.96 -0.07
C HIS H 87 90.86 -51.10 0.33
N PRO H 88 89.70 -51.33 -0.32
CA PRO H 88 88.62 -50.37 -0.16
C PRO H 88 88.18 -50.26 1.28
N GLY H 89 87.96 -49.05 1.75
CA GLY H 89 87.50 -48.81 3.11
C GLY H 89 88.59 -48.89 4.15
N ILE H 90 89.77 -49.38 3.77
CA ILE H 90 90.86 -49.55 4.74
C ILE H 90 92.14 -48.88 4.27
N ILE H 91 92.79 -49.50 3.29
CA ILE H 91 94.09 -49.05 2.85
C ILE H 91 93.97 -48.08 1.68
N PRO H 92 94.42 -46.85 1.89
CA PRO H 92 94.49 -45.84 0.83
C PRO H 92 95.44 -46.29 -0.27
N PRO H 93 95.16 -45.92 -1.53
CA PRO H 93 95.97 -46.35 -2.67
C PRO H 93 97.41 -45.85 -2.56
N HIS H 94 98.34 -46.65 -3.03
CA HIS H 94 99.77 -46.35 -2.97
C HIS H 94 100.26 -46.20 -1.53
N ALA H 95 100.19 -47.30 -0.79
CA ALA H 95 100.64 -47.31 0.60
C ALA H 95 101.38 -48.60 0.94
N THR H 96 102.68 -48.49 1.18
CA THR H 96 103.49 -49.63 1.56
C THR H 96 103.02 -50.21 2.89
N LEU H 97 102.91 -51.53 2.95
CA LEU H 97 102.43 -52.19 4.16
C LEU H 97 103.60 -52.65 5.02
N VAL H 98 103.38 -52.70 6.32
CA VAL H 98 104.39 -53.13 7.28
C VAL H 98 103.80 -54.13 8.26
N PHE H 99 104.22 -55.38 8.14
CA PHE H 99 103.66 -56.45 8.96
C PHE H 99 104.64 -56.94 10.01
N ASP H 100 104.17 -57.09 11.25
CA ASP H 100 104.97 -57.73 12.29
C ASP H 100 104.64 -59.21 12.33
N VAL H 101 105.06 -59.93 11.30
CA VAL H 101 104.73 -61.34 11.16
C VAL H 101 105.51 -62.20 12.14
N GLU H 102 104.88 -63.27 12.63
CA GLU H 102 105.58 -64.32 13.36
C GLU H 102 105.13 -65.68 12.82
N LEU H 103 106.01 -66.37 12.11
CA LEU H 103 105.65 -67.63 11.50
C LEU H 103 105.60 -68.73 12.54
N LEU H 104 104.40 -68.95 13.10
CA LEU H 104 104.21 -69.95 14.14
C LEU H 104 104.58 -71.34 13.65
N LYS H 105 103.98 -71.74 12.53
CA LYS H 105 104.21 -73.09 12.03
C LYS H 105 103.73 -73.30 10.60
N LEU H 106 104.62 -73.79 9.75
CA LEU H 106 104.22 -74.31 8.45
C LEU H 106 103.49 -75.62 8.65
N GLU H 107 102.44 -75.84 7.86
CA GLU H 107 101.64 -77.05 7.99
C GLU H 107 101.23 -77.58 6.62
ZN ZN I . -8.56 -9.17 37.37
ZN ZN J . -29.03 -0.82 26.65
ZN ZN K . -30.38 -21.35 13.22
ZN ZN L . -9.91 -29.70 23.94
#